data_7O0V
#
_entry.id   7O0V
#
_cell.length_a   1.00
_cell.length_b   1.00
_cell.length_c   1.00
_cell.angle_alpha   90.00
_cell.angle_beta   90.00
_cell.angle_gamma   90.00
#
_symmetry.space_group_name_H-M   'P 1'
#
loop_
_entity.id
_entity.type
_entity.pdbx_description
1 polymer LHh-alpha
2 polymer LHh-alpha
3 polymer 'Light-harvesting protein B:885 subunit beta'
4 polymer 'Light-harvesting protein B:885 subunit beta'
5 polymer 'MULTIHEME_CYTC domain-containing protein'
6 polymer RC-S
7 polymer 'PRCH domain-containing protein'
8 polymer RC-Hc
9 polymer 'Photosynthetic reaction center L subunit'
10 polymer RC-M
11 polymer 'LHC domain-containing protein'
12 polymer 'LHC domain-containing protein'
13 branched alpha-L-rhamnopyranose-(1-4)-alpha-D-mannopyranose
14 non-polymer 'BACTERIOCHLOROPHYLL A'
15 non-polymer DODECYL-BETA-D-MALTOSIDE
16 non-polymer '(2~{E},4~{E},6~{E},10~{E},12~{E},14~{E},16~{E},18~{E},20~{E},22~{Z},24~{E},26~{E},28~{E})-23-methanoyl-31-methoxy-2,6,10,14,19,27,31-heptamethyl-dotriaconta-2,4,6,10,12,14,16,18,20,22,24,26,28-tridecaenoic acid'
17 non-polymer 'HEME C'
18 non-polymer '(2~{S},3~{S},4~{S},5~{S})-4,5-diacetyloxy-3-oxidanyl-oxane-2-carboxylic acid'
19 non-polymer 2-acetamido-2-deoxy-alpha-D-glucopyranose
20 non-polymer '(19R,22S)-25-amino-22-hydroxy-22-oxido-16-oxo-17,21,23-trioxa-22lambda~5~-phosphapentacosan-19-yl (9Z)-hexadec-9-enoate'
21 non-polymer '(2R,5R,11R,14R)-5,8,11-trihydroxy-5,11-dioxido-17-oxo-2,14-bis(tetradecanoyloxy)-4,6,10,12,16-pentaoxa-5,11-diphosphatriacont-1-yl tetradecanoate'
22 non-polymer '(1R)-2-{[(S)-{[(2S)-2,3-dihydroxypropyl]oxy}(hydroxy)phosphoryl]oxy}-1-[(hexadecanoyloxy)methyl]ethyl (9Z)-octadec-9-enoate'
23 non-polymer 'MENAQUINONE 8'
24 non-polymer '[(2~{S})-3-[(2~{R},3~{R},4~{R},5~{S},6~{R})-6-(hydroxymethyl)-5-[(2~{R},3~{R},4~{S},5~{S},6~{R})-6-(hydroxymethyl)-3,4,5-tris(oxidanyl)oxan-2-yl]oxy-3,4-bis(oxidanyl)oxan-2-yl]oxy-2-(12-methyltridecanoyloxy)propyl] 12-methyltridecanoate'
25 non-polymer 'BACTERIOPHEOPHYTIN A'
26 non-polymer 'FE (III) ION'
27 non-polymer SPIRILLOXANTHIN
28 non-polymer '[(2~{S})-3-[(2~{R},3~{R},4~{S},5~{S},6~{R})-6-(hydroxymethyl)-3,4,5-tris(oxidanyl)oxan-2-yl]oxy-2-octadecanoyloxy-propyl] octadecanoate'
29 water water
#
loop_
_entity_poly.entity_id
_entity_poly.type
_entity_poly.pdbx_seq_one_letter_code
_entity_poly.pdbx_strand_id
1 'polypeptide(L)' (FME)HRIWMGTDPHIIMSALGSFLVGAVLVMHIWAYGQFNWPATLKAKYATPPAATR AA,AB,AE,AF,AG,AH,AI,AJ,AK,AL,AM,AN,AO,AP,AQ,AR,AS,AT,AU,AV,AW,AX
2 'polypeptide(L)' (FME)HRIWMGTDPHIIMSALGSFLVGAVLVMHIWAYGQFNWPATLKAKYATPPAART AC,AD
3 'polypeptide(L)' MSEKGGMTEEEARRFHGYMVTGTLGYVVVASVAHFLAWSWRPWF BA,BC,BF,BG,BH,BJ,BK,BL,BM,BN,BO,BP,BU,BX,ba,bb,bc,bd,be,bf,bg,bh,bi,bj,bk,bl,bm,bo,bp
4 'polypeptide(L)' MSEGGMTEEEARRFHGYMVTGTLGYVVVASVAHFLAWSWRPWF BB,BD,BE,BI,BQ,BR,BS,BT,BV,BW,bn
5 'polypeptide(L)'
;MVPVSLLTLGACGDAATDTVQVGYRGTAMEQNYDHGDLKTKFAQVKLPQSPPPAGESPPGPLPWKNVQVLNDISIAEFNR
TMIAMSTWVAGTGNCAYCHNVAAFQDDTLPNGKPLYTKIVARRMLQMTRNINGNYSQHVKNTGVTCYTCHMGKPLPNGLW
FYSSQTDYLRHYLDRDGARVITQGVAPSNANRSSTKQAEWTYALMISQSRSLGVNCTYCHNTRQFASWREAPPARVTAYH
GILMLRDVNQNYLAPLQPVYPAVRLGAMGDAPKAQCVTCHNGAYKPLYGAQMAKDFPAMWGRADWNGVPFPGIMRVAADS
TKTDSTVVAAPAAAPAQRTSARPGSVTTPVGGVN
;
C
6 'polypeptide(L)'
;MPASPSPLPRSSRVRNAAVVVALVAVGLAARGRDAQGTQPPVAPPAAPTATAAPDLAVQDSTKADSTAVADTLMDLSMVM
AAEAAAATVTTAPVAVAPTAWPVDPTTGQTLINGRPVVGRVFIMRKTDGTVKYPNVADVVAHEALAPLPPVVGSSYQQAP
ITNQRRMRGIMIQSTLWDMDRKRSATRQRYYPASTPANQLGQ
;
C1
7 'polypeptide(L)' (FME)MEYIDGAQIALYAFWLFFFGLIIYLRREDKREGYPLESPQGPRDGWPKGAPKKTYVHRDHGGEGTH H1
8 'polypeptide(L)'
;MSDVKFVPADNYNGSPIIPTGNPMIDGVGPASWAEDRRDEPDLTYHGSHKIVPMRLDPTFSIAKGDPDPRGLPVIAADKQ
VAGTVVELWVNRSEPQVSYYEVQLASGERRVLLPTGYVQWPNFGLWGNDKLLVKSITAAQFANVPATKRDDQITLLEEDK
ICAYYAGGHMYAFAERSQPII
;
H2
9 'polypeptide(L)'
;MAMLSFEKKYRVRGGTLIGGDLFDFWFGPFYVGFFGVTTIFFVTLGTLLCVWGAAMGPTWNLWQINIAPPDLKYGLGLAP
LREGGLWQIITLCALGAFGSWALRQAEIARKLGMGMHIPWAYGGAILAYTTLVVIRPFLLGAWGHGFPYGIFSHLDWVSN
VGYQYLHFHYNPAHMIAVTFFFTNCLALAMHGSLILSVTNPPKGTPTGTSEQENVFFRDLLGYSIGAIGIHRLGLFLAVG
AAVWSAICIVISGPFWTQGWPEWWNWWLNLPIWK
;
L
10 'polypeptide(L)'
;MLEYQNLFTRVQVRTVPEPGIPIDESTGTRYGTGTFSYLAGKFGDAQIGPIYLGWAGVLSLIFGFIAIEIIGLNMWASVG
WDPVEFIRQLPWLALEPPPPQYGLRVPPLNQGGWYLMAGFFLTVSIILWWIRIYRRARALQMGSHLPWAFASAIFLYSTF
FFQPLLVGSWSEMVPFGIFPHLDWTSAFSIRYGNLYYNPFHALSIAFLYGSAVLFAMHGATILAVARMGGEREIEQITDR
GTAAERSMLFWRWCMGFNATMESIHRWAWWFAVLTTFTGGIGILLTGTVVDNWYLWGVKHGLVAPYPAQNQLTPEQQDLL
RGRYQGTAPDSFPSYVVPQNATMPDTAAAPIVTDSITTDSTKTGGTQ
;
M
11 'polypeptide(L)' MHRIWLMYDPRRVMVALVGFLAVLALVIHFVLLSSQRYSWIENGTLGADQAPVGASAPAAAAEMSPLPPGR aa
12 'polypeptide(L)' (FME)HRIWLMYDPRRVMVALVGFLAVLALVIHFVLLSSQRYSWIENGTLGADQAPVGASAPAAAAEMSPLPPGR ab,ac,ad,ae,af,ag,ah,ai,aj,ak,al,am,an,ao,ap
#
loop_
_chem_comp.id
_chem_comp.type
_chem_comp.name
_chem_comp.formula
0V9 non-polymer '(19R,22S)-25-amino-22-hydroxy-22-oxido-16-oxo-17,21,23-trioxa-22lambda~5~-phosphapentacosan-19-yl (9Z)-hexadec-9-enoate' 'C37 H72 N O8 P'
BCL non-polymer 'BACTERIOCHLOROPHYLL A' 'C55 H74 Mg N4 O6'
BPH non-polymer 'BACTERIOPHEOPHYTIN A' 'C55 H76 N4 O6'
CD4 non-polymer '(2R,5R,11R,14R)-5,8,11-trihydroxy-5,11-dioxido-17-oxo-2,14-bis(tetradecanoyloxy)-4,6,10,12,16-pentaoxa-5,11-diphosphatriacont-1-yl tetradecanoate' 'C65 H126 O17 P2'
CRT non-polymer SPIRILLOXANTHIN 'C42 H60 O2'
FE non-polymer 'FE (III) ION' 'Fe 3'
HEC non-polymer 'HEME C' 'C34 H34 Fe N4 O4'
LMT D-saccharide DODECYL-BETA-D-MALTOSIDE 'C24 H46 O11'
MAN D-saccharide, alpha linking alpha-D-mannopyranose 'C6 H12 O6'
MQ8 non-polymer 'MENAQUINONE 8' 'C51 H72 O2'
NDG D-saccharide, alpha linking 2-acetamido-2-deoxy-alpha-D-glucopyranose 'C8 H15 N O6'
PGW non-polymer '(1R)-2-{[(S)-{[(2S)-2,3-dihydroxypropyl]oxy}(hydroxy)phosphoryl]oxy}-1-[(hexadecanoyloxy)methyl]ethyl (9Z)-octadec-9-enoate' 'C40 H77 O10 P'
RAM L-saccharide, alpha linking alpha-L-rhamnopyranose 'C6 H12 O5'
UYH non-polymer '[(2~{S})-3-[(2~{R},3~{R},4~{S},5~{S},6~{R})-6-(hydroxymethyl)-3,4,5-tris(oxidanyl)oxan-2-yl]oxy-2-octadecanoyloxy-propyl] octadecanoate' 'C45 H86 O10'
V75 non-polymer '(2~{S},3~{S},4~{S},5~{S})-4,5-diacetyloxy-3-oxidanyl-oxane-2-carboxylic acid' 'C10 H14 O8'
V7B non-polymer '[(2~{S})-3-[(2~{R},3~{R},4~{R},5~{S},6~{R})-6-(hydroxymethyl)-5-[(2~{R},3~{R},4~{S},5~{S},6~{R})-6-(hydroxymethyl)-3,4,5-tris(oxidanyl)oxan-2-yl]oxy-3,4-bis(oxidanyl)oxan-2-yl]oxy-2-(12-methyltridecanoyloxy)propyl] 12-methyltridecanoate' 'C43 H80 O15'
V7N non-polymer '(2~{E},4~{E},6~{E},10~{E},12~{E},14~{E},16~{E},18~{E},20~{E},22~{Z},24~{E},26~{E},28~{E})-23-methanoyl-31-methoxy-2,6,10,14,19,27,31-heptamethyl-dotriaconta-2,4,6,10,12,14,16,18,20,22,24,26,28-tridecaenoic acid' 'C41 H54 O4'
#
# COMPACT_ATOMS: atom_id res chain seq x y z
N FME A 1 -56.07 -2.15 -53.66
CN FME A 1 -55.36 -1.53 -54.67
O1 FME A 1 -54.22 -1.07 -54.52
CA FME A 1 -55.56 -2.33 -52.32
CB FME A 1 -56.58 -3.05 -51.43
CG FME A 1 -56.14 -3.12 -49.99
SD FME A 1 -57.45 -3.78 -49.00
CE FME A 1 -56.69 -3.90 -47.43
C FME A 1 -54.24 -3.11 -52.27
O FME A 1 -53.38 -2.93 -51.42
N HIS A 2 -54.09 -4.01 -53.25
CA HIS A 2 -52.91 -4.86 -53.36
C HIS A 2 -51.59 -4.11 -53.51
N ARG A 3 -51.67 -2.86 -53.96
CA ARG A 3 -50.47 -2.06 -54.17
C ARG A 3 -49.66 -1.87 -52.90
N ILE A 4 -50.31 -1.98 -51.74
CA ILE A 4 -49.62 -1.88 -50.44
C ILE A 4 -48.51 -2.91 -50.29
N TRP A 5 -48.66 -4.10 -50.89
CA TRP A 5 -47.65 -5.15 -50.78
C TRP A 5 -46.46 -4.95 -51.70
N MET A 6 -46.51 -4.00 -52.64
CA MET A 6 -45.37 -3.80 -53.53
C MET A 6 -44.12 -3.44 -52.73
N GLY A 7 -42.99 -4.02 -53.14
CA GLY A 7 -41.74 -3.84 -52.43
C GLY A 7 -41.57 -4.59 -51.13
N THR A 8 -42.61 -5.27 -50.65
CA THR A 8 -42.50 -6.13 -49.47
C THR A 8 -41.87 -7.47 -49.84
N ASP A 9 -41.44 -8.21 -48.82
CA ASP A 9 -41.05 -9.61 -48.97
C ASP A 9 -42.11 -10.49 -48.33
N PRO A 10 -42.75 -11.39 -49.09
CA PRO A 10 -43.79 -12.26 -48.52
C PRO A 10 -43.39 -13.01 -47.26
N HIS A 11 -42.13 -13.43 -47.16
CA HIS A 11 -41.68 -14.19 -45.99
C HIS A 11 -41.62 -13.30 -44.75
N ILE A 12 -41.16 -12.06 -44.89
CA ILE A 12 -41.19 -11.13 -43.78
C ILE A 12 -42.62 -10.83 -43.35
N ILE A 13 -43.53 -10.67 -44.32
CA ILE A 13 -44.94 -10.43 -43.99
C ILE A 13 -45.54 -11.62 -43.25
N MET A 14 -45.39 -12.83 -43.80
CA MET A 14 -45.94 -14.01 -43.15
C MET A 14 -45.27 -14.30 -41.81
N SER A 15 -43.99 -13.95 -41.66
CA SER A 15 -43.32 -14.10 -40.37
C SER A 15 -43.92 -13.20 -39.31
N ALA A 16 -44.01 -11.90 -39.59
CA ALA A 16 -44.57 -10.96 -38.63
C ALA A 16 -46.04 -11.20 -38.35
N LEU A 17 -46.81 -11.57 -39.39
CA LEU A 17 -48.20 -11.95 -39.17
C LEU A 17 -48.31 -13.14 -38.24
N GLY A 18 -47.61 -14.24 -38.55
CA GLY A 18 -47.69 -15.42 -37.71
C GLY A 18 -47.20 -15.18 -36.29
N SER A 19 -46.15 -14.37 -36.14
CA SER A 19 -45.64 -14.05 -34.81
C SER A 19 -46.65 -13.25 -33.99
N PHE A 20 -47.26 -12.24 -34.60
CA PHE A 20 -48.36 -11.52 -33.95
C PHE A 20 -49.48 -12.45 -33.50
N LEU A 21 -49.94 -13.32 -34.40
CA LEU A 21 -51.01 -14.25 -34.05
C LEU A 21 -50.66 -15.14 -32.87
N VAL A 22 -49.43 -15.69 -32.84
CA VAL A 22 -49.03 -16.50 -31.69
C VAL A 22 -49.06 -15.68 -30.41
N GLY A 23 -48.50 -14.46 -30.44
CA GLY A 23 -48.51 -13.61 -29.26
C GLY A 23 -49.92 -13.27 -28.79
N ALA A 24 -50.75 -12.76 -29.71
CA ALA A 24 -52.11 -12.38 -29.38
C ALA A 24 -52.93 -13.56 -28.86
N VAL A 25 -52.84 -14.71 -29.52
CA VAL A 25 -53.62 -15.88 -29.12
C VAL A 25 -53.21 -16.40 -27.75
N LEU A 26 -51.92 -16.41 -27.44
CA LEU A 26 -51.50 -16.85 -26.11
C LEU A 26 -51.99 -15.91 -25.02
N VAL A 27 -51.87 -14.59 -25.23
CA VAL A 27 -52.42 -13.63 -24.29
C VAL A 27 -53.92 -13.83 -24.12
N MET A 28 -54.65 -13.91 -25.24
CA MET A 28 -56.10 -14.09 -25.20
C MET A 28 -56.51 -15.36 -24.44
N HIS A 29 -55.78 -16.46 -24.61
CA HIS A 29 -56.13 -17.68 -23.89
C HIS A 29 -55.84 -17.61 -22.39
N ILE A 30 -54.68 -17.07 -21.99
CA ILE A 30 -54.43 -16.92 -20.54
C ILE A 30 -55.52 -16.07 -19.91
N TRP A 31 -55.82 -14.94 -20.54
CA TRP A 31 -56.89 -14.06 -20.07
C TRP A 31 -58.23 -14.79 -19.98
N ALA A 32 -58.62 -15.45 -21.07
CA ALA A 32 -59.89 -16.18 -21.10
C ALA A 32 -59.96 -17.28 -20.06
N TYR A 33 -58.89 -18.05 -19.89
CA TYR A 33 -58.89 -19.09 -18.86
C TYR A 33 -59.14 -18.51 -17.47
N GLY A 34 -58.60 -17.33 -17.20
CA GLY A 34 -58.89 -16.65 -15.95
C GLY A 34 -60.34 -16.24 -15.78
N GLN A 35 -60.90 -15.54 -16.78
CA GLN A 35 -62.26 -15.03 -16.65
C GLN A 35 -63.30 -16.15 -16.64
N PHE A 36 -63.16 -17.13 -17.52
CA PHE A 36 -64.21 -18.15 -17.67
C PHE A 36 -64.14 -19.27 -16.64
N ASN A 37 -63.10 -19.33 -15.80
CA ASN A 37 -62.92 -20.39 -14.81
C ASN A 37 -62.80 -21.77 -15.46
N TRP A 38 -62.22 -21.82 -16.65
CA TRP A 38 -61.95 -23.05 -17.37
C TRP A 38 -60.49 -23.02 -17.80
N PRO A 39 -59.73 -24.12 -17.64
CA PRO A 39 -60.06 -25.51 -17.31
C PRO A 39 -60.22 -25.82 -15.82
N ALA A 40 -60.31 -24.81 -14.95
CA ALA A 40 -60.41 -25.09 -13.52
C ALA A 40 -61.64 -25.92 -13.17
N THR A 41 -62.78 -25.65 -13.82
CA THR A 41 -63.94 -26.53 -13.65
C THR A 41 -63.71 -27.91 -14.25
N LEU A 42 -62.97 -28.00 -15.36
CA LEU A 42 -62.59 -29.31 -15.90
C LEU A 42 -61.75 -30.10 -14.92
N LYS A 43 -60.74 -29.47 -14.32
CA LYS A 43 -59.90 -30.15 -13.34
C LYS A 43 -60.72 -30.62 -12.14
N ALA A 44 -61.55 -29.73 -11.59
CA ALA A 44 -62.41 -30.08 -10.47
C ALA A 44 -63.43 -31.16 -10.80
N LYS A 45 -63.77 -31.33 -12.08
CA LYS A 45 -64.69 -32.39 -12.48
C LYS A 45 -64.09 -33.79 -12.31
N TYR A 46 -62.83 -33.96 -12.72
CA TYR A 46 -62.21 -35.29 -12.71
C TYR A 46 -61.26 -35.52 -11.54
N ALA A 47 -61.03 -34.52 -10.69
CA ALA A 47 -60.20 -34.70 -9.51
C ALA A 47 -60.78 -35.78 -8.58
N THR A 48 -59.90 -36.39 -7.79
CA THR A 48 -60.20 -37.47 -6.85
C THR A 48 -60.30 -36.89 -5.43
N PRO A 49 -61.30 -37.30 -4.64
CA PRO A 49 -61.52 -36.80 -3.27
C PRO A 49 -60.28 -36.83 -2.39
N FME B 1 -56.62 17.57 -51.21
CN FME B 1 -55.93 17.96 -52.34
O1 FME B 1 -54.69 18.12 -52.35
CA FME B 1 -56.00 17.33 -49.94
CB FME B 1 -57.05 17.12 -48.82
CG FME B 1 -56.45 17.29 -47.44
SD FME B 1 -57.77 17.55 -46.29
CE FME B 1 -58.75 16.12 -46.48
C FME B 1 -55.06 16.12 -49.93
O FME B 1 -54.21 15.93 -49.06
N HIS B 2 -55.21 15.29 -50.96
CA HIS B 2 -54.29 14.19 -51.20
C HIS B 2 -52.83 14.59 -51.34
N ARG B 3 -52.58 15.86 -51.69
CA ARG B 3 -51.22 16.36 -51.82
C ARG B 3 -50.44 16.34 -50.50
N ILE B 4 -51.10 16.14 -49.36
CA ILE B 4 -50.38 15.96 -48.10
C ILE B 4 -49.50 14.71 -48.13
N TRP B 5 -49.89 13.68 -48.89
CA TRP B 5 -49.10 12.46 -48.98
C TRP B 5 -47.91 12.56 -49.92
N MET B 6 -47.78 13.67 -50.67
CA MET B 6 -46.67 13.87 -51.59
C MET B 6 -45.32 13.62 -50.93
N GLY B 7 -44.46 12.87 -51.62
CA GLY B 7 -43.12 12.57 -51.15
C GLY B 7 -43.02 11.69 -49.93
N THR B 8 -44.14 11.21 -49.38
CA THR B 8 -44.13 10.24 -48.30
C THR B 8 -44.13 8.82 -48.86
N ASP B 9 -43.65 7.88 -48.05
CA ASP B 9 -43.66 6.46 -48.39
C ASP B 9 -44.85 5.81 -47.72
N PRO B 10 -45.74 5.16 -48.46
CA PRO B 10 -46.95 4.57 -47.82
C PRO B 10 -46.65 3.50 -46.79
N HIS B 11 -45.53 2.80 -46.89
CA HIS B 11 -45.15 1.85 -45.84
C HIS B 11 -44.88 2.57 -44.52
N ILE B 12 -44.26 3.74 -44.58
CA ILE B 12 -44.06 4.55 -43.39
C ILE B 12 -45.38 5.05 -42.82
N ILE B 13 -46.27 5.54 -43.70
CA ILE B 13 -47.60 5.98 -43.24
C ILE B 13 -48.36 4.84 -42.57
N MET B 14 -48.38 3.66 -43.20
CA MET B 14 -49.13 2.54 -42.63
C MET B 14 -48.48 2.01 -41.36
N SER B 15 -47.15 2.10 -41.25
CA SER B 15 -46.49 1.76 -39.99
C SER B 15 -46.85 2.75 -38.88
N ALA B 16 -46.83 4.05 -39.20
CA ALA B 16 -47.17 5.06 -38.22
C ALA B 16 -48.63 4.98 -37.79
N LEU B 17 -49.55 4.90 -38.75
CA LEU B 17 -50.97 4.74 -38.43
C LEU B 17 -51.23 3.44 -37.67
N GLY B 18 -50.61 2.34 -38.11
CA GLY B 18 -50.85 1.07 -37.46
C GLY B 18 -50.40 1.03 -36.01
N SER B 19 -49.17 1.50 -35.75
CA SER B 19 -48.69 1.57 -34.37
C SER B 19 -49.54 2.51 -33.51
N PHE B 20 -49.91 3.68 -34.04
CA PHE B 20 -50.83 4.55 -33.30
C PHE B 20 -52.14 3.85 -32.94
N LEU B 21 -52.76 3.18 -33.91
CA LEU B 21 -54.03 2.53 -33.65
C LEU B 21 -53.92 1.43 -32.59
N VAL B 22 -52.88 0.61 -32.65
CA VAL B 22 -52.66 -0.40 -31.61
C VAL B 22 -52.51 0.26 -30.24
N GLY B 23 -51.73 1.33 -30.15
CA GLY B 23 -51.56 2.02 -28.88
C GLY B 23 -52.87 2.56 -28.33
N ALA B 24 -53.60 3.31 -29.15
CA ALA B 24 -54.86 3.91 -28.70
C ALA B 24 -55.88 2.86 -28.29
N VAL B 25 -56.02 1.80 -29.09
CA VAL B 25 -57.00 0.75 -28.79
C VAL B 25 -56.67 0.04 -27.48
N LEU B 26 -55.41 -0.33 -27.27
CA LEU B 26 -55.03 -0.99 -26.03
C LEU B 26 -55.27 -0.10 -24.81
N VAL B 27 -54.84 1.16 -24.88
CA VAL B 27 -55.07 2.09 -23.79
C VAL B 27 -56.57 2.22 -23.50
N MET B 28 -57.38 2.41 -24.54
CA MET B 28 -58.82 2.54 -24.34
C MET B 28 -59.45 1.32 -23.69
N HIS B 29 -58.99 0.11 -24.04
CA HIS B 29 -59.52 -1.09 -23.39
C HIS B 29 -59.07 -1.21 -21.95
N ILE B 30 -57.78 -1.02 -21.69
CA ILE B 30 -57.28 -1.10 -20.32
C ILE B 30 -58.01 -0.10 -19.43
N TRP B 31 -58.27 1.10 -19.95
CA TRP B 31 -59.04 2.10 -19.23
C TRP B 31 -60.50 1.66 -19.04
N ALA B 32 -61.16 1.25 -20.12
CA ALA B 32 -62.56 0.85 -20.06
C ALA B 32 -62.78 -0.31 -19.10
N TYR B 33 -61.89 -1.29 -19.08
CA TYR B 33 -62.04 -2.42 -18.16
C TYR B 33 -62.00 -1.98 -16.70
N GLY B 34 -61.28 -0.90 -16.39
CA GLY B 34 -61.34 -0.34 -15.04
C GLY B 34 -62.67 0.32 -14.71
N GLN B 35 -63.20 1.11 -15.63
CA GLN B 35 -64.41 1.87 -15.35
C GLN B 35 -65.67 1.02 -15.37
N PHE B 36 -65.82 0.15 -16.36
CA PHE B 36 -67.11 -0.52 -16.59
C PHE B 36 -67.33 -1.76 -15.74
N ASN B 37 -66.37 -2.17 -14.91
CA ASN B 37 -66.46 -3.39 -14.11
C ASN B 37 -66.64 -4.64 -14.96
N TRP B 38 -66.08 -4.64 -16.17
CA TRP B 38 -66.03 -5.80 -17.03
C TRP B 38 -64.59 -5.97 -17.51
N PRO B 39 -64.05 -7.20 -17.49
CA PRO B 39 -64.62 -8.53 -17.26
C PRO B 39 -64.88 -8.92 -15.81
N ALA B 40 -64.70 -8.00 -14.85
CA ALA B 40 -64.87 -8.36 -13.45
C ALA B 40 -66.24 -8.97 -13.15
N THR B 41 -67.31 -8.47 -13.77
CA THR B 41 -68.61 -9.12 -13.62
C THR B 41 -68.70 -10.45 -14.37
N LEU B 42 -67.98 -10.59 -15.49
CA LEU B 42 -67.87 -11.89 -16.15
C LEU B 42 -67.21 -12.93 -15.26
N LYS B 43 -66.07 -12.57 -14.66
CA LYS B 43 -65.37 -13.50 -13.79
C LYS B 43 -66.22 -13.91 -12.59
N ALA B 44 -66.85 -12.93 -11.93
CA ALA B 44 -67.74 -13.21 -10.81
C ALA B 44 -68.92 -14.10 -11.20
N LYS B 45 -69.34 -14.06 -12.47
CA LYS B 45 -70.43 -14.91 -12.93
C LYS B 45 -70.09 -16.40 -12.96
N TYR B 46 -68.82 -16.75 -13.17
CA TYR B 46 -68.43 -18.15 -13.30
C TYR B 46 -67.46 -18.64 -12.24
N ALA B 47 -66.99 -17.77 -11.35
CA ALA B 47 -66.05 -18.18 -10.31
C ALA B 47 -66.63 -19.27 -9.42
N THR B 48 -65.74 -20.16 -8.97
CA THR B 48 -66.12 -21.20 -8.01
C THR B 48 -66.31 -20.60 -6.62
N PRO B 49 -67.42 -20.87 -5.93
CA PRO B 49 -67.70 -20.36 -4.58
C PRO B 49 -66.59 -20.67 -3.57
N FME C 1 -52.34 36.35 -45.27
CN FME C 1 -51.67 37.01 -46.27
O1 FME C 1 -50.43 37.10 -46.32
CA FME C 1 -51.67 35.67 -44.19
CB FME C 1 -52.67 35.12 -43.15
CG FME C 1 -53.31 36.22 -42.34
SD FME C 1 -54.86 35.63 -41.76
CE FME C 1 -55.94 36.07 -43.07
C FME C 1 -50.82 34.49 -44.65
O FME C 1 -49.90 34.04 -43.96
N HIS C 2 -51.12 33.98 -45.84
CA HIS C 2 -50.51 32.76 -46.34
C HIS C 2 -48.99 32.81 -46.44
N ARG C 3 -48.44 33.97 -46.80
CA ARG C 3 -47.01 34.10 -46.99
C ARG C 3 -46.20 33.97 -45.69
N ILE C 4 -46.85 33.88 -44.53
CA ILE C 4 -46.15 33.40 -43.34
C ILE C 4 -45.63 31.98 -43.55
N TRP C 5 -46.33 31.16 -44.32
CA TRP C 5 -45.93 29.78 -44.54
C TRP C 5 -44.76 29.65 -45.51
N MET C 6 -44.42 30.70 -46.24
CA MET C 6 -43.26 30.65 -47.13
C MET C 6 -41.99 30.38 -46.33
N GLY C 7 -41.13 29.52 -46.88
CA GLY C 7 -39.92 29.09 -46.22
C GLY C 7 -40.12 28.09 -45.10
N THR C 8 -41.35 27.66 -44.83
CA THR C 8 -41.63 26.58 -43.90
C THR C 8 -41.81 25.26 -44.66
N ASP C 9 -41.82 24.16 -43.92
CA ASP C 9 -42.06 22.84 -44.47
C ASP C 9 -43.40 22.32 -43.95
N PRO C 10 -44.35 21.98 -44.83
CA PRO C 10 -45.66 21.48 -44.33
C PRO C 10 -45.58 20.27 -43.42
N HIS C 11 -44.61 19.38 -43.62
CA HIS C 11 -44.50 18.21 -42.76
C HIS C 11 -43.89 18.52 -41.39
N ILE C 12 -43.07 19.57 -41.29
CA ILE C 12 -42.71 20.09 -39.97
C ILE C 12 -43.93 20.71 -39.30
N ILE C 13 -44.63 21.60 -40.01
CA ILE C 13 -45.76 22.33 -39.44
C ILE C 13 -46.81 21.37 -38.90
N MET C 14 -47.20 20.38 -39.71
CA MET C 14 -48.20 19.41 -39.25
C MET C 14 -47.68 18.53 -38.11
N SER C 15 -46.37 18.26 -38.06
CA SER C 15 -45.82 17.56 -36.90
C SER C 15 -45.89 18.41 -35.64
N ALA C 16 -45.56 19.70 -35.76
CA ALA C 16 -45.63 20.59 -34.61
C ALA C 16 -47.06 20.78 -34.12
N LEU C 17 -47.97 21.10 -35.04
CA LEU C 17 -49.38 21.25 -34.69
C LEU C 17 -49.95 19.94 -34.13
N GLY C 18 -49.66 18.83 -34.80
CA GLY C 18 -50.16 17.54 -34.33
C GLY C 18 -49.69 17.19 -32.93
N SER C 19 -48.43 17.45 -32.63
CA SER C 19 -47.90 17.18 -31.29
C SER C 19 -48.48 18.10 -30.24
N PHE C 20 -48.68 19.38 -30.58
CA PHE C 20 -49.37 20.29 -29.67
C PHE C 20 -50.80 19.82 -29.36
N LEU C 21 -51.56 19.48 -30.40
CA LEU C 21 -52.93 19.06 -30.19
C LEU C 21 -53.01 17.80 -29.33
N VAL C 22 -52.15 16.81 -29.61
CA VAL C 22 -52.16 15.60 -28.79
C VAL C 22 -51.86 15.93 -27.33
N GLY C 23 -50.81 16.73 -27.10
CA GLY C 23 -50.49 17.13 -25.73
C GLY C 23 -51.60 17.90 -25.06
N ALA C 24 -52.11 18.93 -25.73
CA ALA C 24 -53.16 19.77 -25.15
C ALA C 24 -54.42 18.98 -24.84
N VAL C 25 -54.85 18.12 -25.76
CA VAL C 25 -56.04 17.30 -25.54
C VAL C 25 -55.86 16.38 -24.34
N LEU C 26 -54.72 15.68 -24.27
CA LEU C 26 -54.49 14.78 -23.14
C LEU C 26 -54.43 15.51 -21.81
N VAL C 27 -53.70 16.62 -21.76
CA VAL C 27 -53.68 17.47 -20.57
C VAL C 27 -55.08 17.90 -20.17
N MET C 28 -55.86 18.36 -21.15
CA MET C 28 -57.23 18.82 -20.88
C MET C 28 -58.12 17.71 -20.36
N HIS C 29 -57.99 16.49 -20.86
CA HIS C 29 -58.82 15.40 -20.35
C HIS C 29 -58.44 14.97 -18.93
N ILE C 30 -57.15 14.78 -18.64
CA ILE C 30 -56.79 14.39 -17.28
C ILE C 30 -57.18 15.47 -16.28
N TRP C 31 -57.06 16.75 -16.69
CA TRP C 31 -57.55 17.84 -15.87
C TRP C 31 -59.07 17.75 -15.68
N ALA C 32 -59.81 17.62 -16.78
CA ALA C 32 -61.27 17.62 -16.71
C ALA C 32 -61.80 16.44 -15.89
N TYR C 33 -61.19 15.27 -16.03
CA TYR C 33 -61.60 14.13 -15.21
C TYR C 33 -61.47 14.41 -13.72
N GLY C 34 -60.45 15.17 -13.34
CA GLY C 34 -60.28 15.55 -11.94
C GLY C 34 -61.39 16.45 -11.43
N GLN C 35 -61.80 17.43 -12.23
CA GLN C 35 -62.81 18.38 -11.76
C GLN C 35 -64.23 17.81 -11.84
N PHE C 36 -64.59 17.19 -12.96
CA PHE C 36 -66.00 16.88 -13.21
C PHE C 36 -66.50 15.63 -12.47
N ASN C 37 -65.63 14.92 -11.75
CA ASN C 37 -65.98 13.65 -11.10
C ASN C 37 -66.50 12.62 -12.10
N TRP C 38 -65.96 12.64 -13.32
CA TRP C 38 -66.25 11.63 -14.33
C TRP C 38 -64.92 11.19 -14.92
N PRO C 39 -64.67 9.88 -15.08
CA PRO C 39 -65.55 8.70 -15.01
C PRO C 39 -65.85 8.16 -13.60
N ALA C 40 -65.44 8.86 -12.54
CA ALA C 40 -65.66 8.36 -11.19
C ALA C 40 -67.13 8.03 -10.90
N THR C 41 -68.07 8.86 -11.35
CA THR C 41 -69.48 8.49 -11.25
C THR C 41 -69.83 7.30 -12.13
N LEU C 42 -69.20 7.16 -13.30
CA LEU C 42 -69.40 5.96 -14.11
C LEU C 42 -68.90 4.71 -13.41
N LYS C 43 -67.68 4.76 -12.86
CA LYS C 43 -67.15 3.62 -12.13
C LYS C 43 -68.06 3.22 -10.97
N ALA C 44 -68.51 4.20 -10.19
CA ALA C 44 -69.41 3.93 -9.08
C ALA C 44 -70.74 3.33 -9.53
N LYS C 45 -71.23 3.72 -10.71
CA LYS C 45 -72.51 3.19 -11.20
C LYS C 45 -72.49 1.68 -11.36
N TYR C 46 -71.41 1.13 -11.90
CA TYR C 46 -71.32 -0.31 -12.16
C TYR C 46 -70.43 -1.07 -11.18
N ALA C 47 -69.81 -0.39 -10.22
CA ALA C 47 -69.02 -1.08 -9.20
C ALA C 47 -69.88 -2.04 -8.41
N THR C 48 -69.28 -3.15 -8.00
CA THR C 48 -70.02 -4.27 -7.41
C THR C 48 -70.59 -3.92 -6.05
N FME D 1 -44.06 53.05 -37.96
CN FME D 1 -43.30 53.48 -39.03
O1 FME D 1 -42.15 53.08 -39.23
CA FME D 1 -43.57 52.11 -36.98
CB FME D 1 -44.59 51.87 -35.85
CG FME D 1 -44.74 53.11 -34.99
SD FME D 1 -45.45 52.62 -33.43
CE FME D 1 -45.62 54.17 -32.61
C FME D 1 -43.23 50.74 -37.57
O FME D 1 -42.51 49.93 -37.00
N HIS D 2 -43.77 50.48 -38.76
CA HIS D 2 -43.51 49.24 -39.48
C HIS D 2 -42.04 48.98 -39.77
N ARG D 3 -41.26 50.06 -39.91
CA ARG D 3 -39.83 49.92 -40.20
C ARG D 3 -39.05 49.24 -39.07
N ILE D 4 -39.62 49.10 -37.87
CA ILE D 4 -38.96 48.36 -36.80
C ILE D 4 -38.70 46.90 -37.20
N TRP D 5 -39.55 46.32 -38.04
CA TRP D 5 -39.44 44.91 -38.38
C TRP D 5 -38.35 44.59 -39.39
N MET D 6 -37.71 45.59 -39.99
CA MET D 6 -36.66 45.34 -40.96
C MET D 6 -35.51 44.58 -40.33
N GLY D 7 -34.88 43.71 -41.13
CA GLY D 7 -33.78 42.89 -40.68
C GLY D 7 -34.14 41.72 -39.80
N THR D 8 -35.40 41.58 -39.40
CA THR D 8 -35.86 40.45 -38.61
C THR D 8 -36.30 39.30 -39.50
N ASP D 9 -36.43 38.11 -38.89
CA ASP D 9 -37.08 36.97 -39.52
C ASP D 9 -38.48 36.81 -38.95
N PRO D 10 -39.52 36.80 -39.80
CA PRO D 10 -40.90 36.64 -39.29
C PRO D 10 -41.09 35.48 -38.34
N HIS D 11 -40.45 34.35 -38.61
CA HIS D 11 -40.65 33.15 -37.81
C HIS D 11 -39.99 33.26 -36.43
N ILE D 12 -38.85 33.95 -36.34
CA ILE D 12 -38.25 34.19 -35.05
C ILE D 12 -39.14 35.07 -34.19
N ILE D 13 -39.74 36.12 -34.78
CA ILE D 13 -40.72 36.94 -34.06
C ILE D 13 -41.90 36.10 -33.60
N MET D 14 -42.52 35.35 -34.52
CA MET D 14 -43.70 34.57 -34.17
C MET D 14 -43.37 33.45 -33.20
N SER D 15 -42.14 32.93 -33.22
CA SER D 15 -41.70 32.00 -32.18
C SER D 15 -41.61 32.67 -30.83
N ALA D 16 -40.92 33.81 -30.76
CA ALA D 16 -40.78 34.54 -29.51
C ALA D 16 -42.13 34.96 -28.94
N LEU D 17 -42.96 35.63 -29.76
CA LEU D 17 -44.28 36.05 -29.29
C LEU D 17 -45.15 34.86 -28.89
N GLY D 18 -45.16 33.80 -29.70
CA GLY D 18 -45.95 32.63 -29.36
C GLY D 18 -45.55 32.02 -28.02
N SER D 19 -44.25 32.01 -27.73
CA SER D 19 -43.75 31.44 -26.48
C SER D 19 -44.02 32.35 -25.28
N PHE D 20 -43.87 33.66 -25.47
CA PHE D 20 -44.28 34.61 -24.44
C PHE D 20 -45.75 34.45 -24.05
N LEU D 21 -46.63 34.38 -25.05
CA LEU D 21 -48.06 34.24 -24.76
C LEU D 21 -48.37 32.94 -24.02
N VAL D 22 -47.77 31.82 -24.43
CA VAL D 22 -47.96 30.57 -23.71
C VAL D 22 -47.53 30.71 -22.25
N GLY D 23 -46.33 31.25 -22.02
CA GLY D 23 -45.85 31.39 -20.65
C GLY D 23 -46.71 32.31 -19.81
N ALA D 24 -47.01 33.50 -20.34
CA ALA D 24 -47.84 34.47 -19.64
C ALA D 24 -49.23 33.91 -19.31
N VAL D 25 -49.88 33.30 -20.30
CA VAL D 25 -51.23 32.76 -20.10
C VAL D 25 -51.25 31.64 -19.06
N LEU D 26 -50.25 30.77 -19.07
CA LEU D 26 -50.17 29.74 -18.03
C LEU D 26 -49.99 30.35 -16.65
N VAL D 27 -49.08 31.32 -16.50
CA VAL D 27 -48.92 32.02 -15.23
C VAL D 27 -50.24 32.66 -14.79
N MET D 28 -50.85 33.43 -15.69
CA MET D 28 -52.11 34.10 -15.37
C MET D 28 -53.20 33.14 -14.91
N HIS D 29 -53.35 32.00 -15.60
CA HIS D 29 -54.39 31.04 -15.22
C HIS D 29 -54.10 30.38 -13.87
N ILE D 30 -52.86 29.95 -13.63
CA ILE D 30 -52.55 29.34 -12.33
C ILE D 30 -52.82 30.34 -11.21
N TRP D 31 -52.44 31.60 -11.43
CA TRP D 31 -52.72 32.65 -10.46
C TRP D 31 -54.22 32.86 -10.29
N ALA D 32 -54.95 33.01 -11.40
CA ALA D 32 -56.38 33.29 -11.34
C ALA D 32 -57.17 32.13 -10.72
N TYR D 33 -56.80 30.88 -11.02
CA TYR D 33 -57.44 29.75 -10.37
C TYR D 33 -57.31 29.82 -8.85
N GLY D 34 -56.13 30.21 -8.36
CA GLY D 34 -55.95 30.40 -6.93
C GLY D 34 -56.81 31.50 -6.34
N GLN D 35 -56.81 32.67 -6.99
CA GLN D 35 -57.54 33.81 -6.44
C GLN D 35 -59.05 33.63 -6.52
N PHE D 36 -59.56 33.12 -7.63
CA PHE D 36 -61.01 33.07 -7.84
C PHE D 36 -61.69 31.83 -7.27
N ASN D 37 -60.95 30.88 -6.70
CA ASN D 37 -61.51 29.65 -6.15
C ASN D 37 -62.29 28.85 -7.19
N TRP D 38 -61.84 28.90 -8.45
CA TRP D 38 -62.35 28.07 -9.54
C TRP D 38 -61.15 27.43 -10.22
N PRO D 39 -61.18 26.13 -10.52
CA PRO D 39 -62.26 25.13 -10.55
C PRO D 39 -62.65 24.51 -9.22
N ALA D 40 -62.08 24.98 -8.11
CA ALA D 40 -62.40 24.40 -6.81
C ALA D 40 -63.90 24.37 -6.50
N THR D 41 -64.63 25.45 -6.80
CA THR D 41 -66.08 25.40 -6.64
C THR D 41 -66.75 24.48 -7.64
N LEU D 42 -66.21 24.37 -8.86
CA LEU D 42 -66.70 23.38 -9.82
C LEU D 42 -66.54 21.96 -9.29
N LYS D 43 -65.34 21.62 -8.81
CA LYS D 43 -65.10 20.30 -8.24
C LYS D 43 -66.02 20.02 -7.05
N ALA D 44 -66.19 21.01 -6.18
CA ALA D 44 -67.10 20.86 -5.04
C ALA D 44 -68.56 20.64 -5.47
N LYS D 45 -68.97 21.22 -6.61
CA LYS D 45 -70.33 21.01 -7.09
C LYS D 45 -70.61 19.55 -7.41
N TYR D 46 -69.69 18.88 -8.11
CA TYR D 46 -69.93 17.51 -8.58
C TYR D 46 -69.28 16.42 -7.73
N ALA D 47 -68.41 16.76 -6.78
CA ALA D 47 -67.80 15.77 -5.91
C ALA D 47 -68.86 14.99 -5.12
N THR D 48 -68.43 13.83 -4.61
CA THR D 48 -69.32 12.88 -3.94
C THR D 48 -68.66 12.30 -2.70
N FME E 1 -32.06 66.74 -29.49
CN FME E 1 -31.15 66.98 -30.49
O1 FME E 1 -30.14 66.29 -30.67
CA FME E 1 -31.96 65.68 -28.53
CB FME E 1 -33.12 65.69 -27.52
CG FME E 1 -34.44 65.93 -28.21
SD FME E 1 -35.73 65.93 -26.99
CE FME E 1 -35.93 67.64 -26.68
C FME E 1 -31.91 64.29 -29.16
O FME E 1 -31.34 63.32 -28.67
N HIS E 2 -32.53 64.21 -30.34
CA HIS E 2 -32.58 62.99 -31.15
C HIS E 2 -31.23 62.47 -31.62
N ARG E 3 -30.24 63.36 -31.67
CA ARG E 3 -28.89 62.98 -32.04
C ARG E 3 -28.28 61.93 -31.11
N ILE E 4 -28.81 61.78 -29.90
CA ILE E 4 -28.38 60.71 -29.00
C ILE E 4 -28.49 59.32 -29.63
N TRP E 5 -29.47 59.12 -30.51
CA TRP E 5 -29.71 57.81 -31.12
C TRP E 5 -28.76 57.44 -32.26
N MET E 6 -27.94 58.37 -32.74
CA MET E 6 -27.20 58.15 -33.98
C MET E 6 -26.22 56.99 -33.91
N GLY E 7 -25.59 56.75 -32.77
CA GLY E 7 -24.74 55.58 -32.65
C GLY E 7 -25.45 54.24 -32.61
N THR E 8 -26.78 54.23 -32.50
CA THR E 8 -27.50 53.10 -31.92
C THR E 8 -28.26 52.32 -32.98
N ASP E 9 -28.25 50.99 -32.84
CA ASP E 9 -29.19 50.13 -33.55
C ASP E 9 -30.57 50.19 -32.88
N PRO E 10 -31.65 50.37 -33.64
CA PRO E 10 -32.97 50.52 -33.02
C PRO E 10 -33.47 49.28 -32.28
N HIS E 11 -33.01 48.07 -32.65
CA HIS E 11 -33.43 46.87 -31.93
C HIS E 11 -32.72 46.73 -30.59
N ILE E 12 -31.44 47.08 -30.55
CA ILE E 12 -30.72 47.21 -29.29
C ILE E 12 -31.46 48.14 -28.33
N ILE E 13 -31.91 49.29 -28.83
CA ILE E 13 -32.66 50.23 -27.99
C ILE E 13 -33.98 49.64 -27.53
N MET E 14 -34.76 49.07 -28.46
CA MET E 14 -36.04 48.47 -28.08
C MET E 14 -35.87 47.27 -27.15
N SER E 15 -34.77 46.53 -27.28
CA SER E 15 -34.50 45.44 -26.37
C SER E 15 -34.19 45.94 -24.96
N ALA E 16 -33.37 46.97 -24.85
CA ALA E 16 -33.04 47.55 -23.55
C ALA E 16 -34.27 48.15 -22.88
N LEU E 17 -34.99 49.00 -23.60
CA LEU E 17 -36.22 49.60 -23.07
C LEU E 17 -37.25 48.52 -22.72
N GLY E 18 -37.44 47.54 -23.61
CA GLY E 18 -38.39 46.48 -23.32
C GLY E 18 -38.04 45.66 -22.09
N SER E 19 -36.75 45.35 -21.92
CA SER E 19 -36.31 44.65 -20.72
C SER E 19 -36.57 45.46 -19.46
N PHE E 20 -36.16 46.74 -19.48
CA PHE E 20 -36.35 47.61 -18.32
C PHE E 20 -37.82 47.71 -17.91
N LEU E 21 -38.70 47.94 -18.87
CA LEU E 21 -40.12 48.07 -18.57
C LEU E 21 -40.71 46.80 -17.95
N VAL E 22 -40.36 45.64 -18.49
CA VAL E 22 -40.85 44.38 -17.92
C VAL E 22 -40.34 44.21 -16.48
N GLY E 23 -39.07 44.53 -16.23
CA GLY E 23 -38.56 44.45 -14.87
C GLY E 23 -39.27 45.38 -13.91
N ALA E 24 -39.35 46.66 -14.27
CA ALA E 24 -39.98 47.66 -13.42
C ALA E 24 -41.44 47.31 -13.13
N VAL E 25 -42.21 46.99 -14.17
CA VAL E 25 -43.64 46.68 -14.00
C VAL E 25 -43.84 45.49 -13.07
N LEU E 26 -43.07 44.41 -13.25
CA LEU E 26 -43.23 43.27 -12.37
C LEU E 26 -42.83 43.58 -10.93
N VAL E 27 -41.72 44.29 -10.72
CA VAL E 27 -41.34 44.70 -9.37
C VAL E 27 -42.45 45.55 -8.74
N MET E 28 -42.97 46.53 -9.49
CA MET E 28 -44.02 47.39 -8.98
C MET E 28 -45.29 46.61 -8.60
N HIS E 29 -45.67 45.61 -9.40
CA HIS E 29 -46.84 44.80 -9.06
C HIS E 29 -46.60 43.90 -7.86
N ILE E 30 -45.44 43.21 -7.83
CA ILE E 30 -45.14 42.35 -6.68
C ILE E 30 -45.11 43.17 -5.40
N TRP E 31 -44.54 44.38 -5.47
CA TRP E 31 -44.54 45.29 -4.33
C TRP E 31 -45.96 45.74 -3.97
N ALA E 32 -46.73 46.21 -4.97
CA ALA E 32 -48.07 46.73 -4.73
C ALA E 32 -49.02 45.67 -4.17
N TYR E 33 -48.94 44.43 -4.66
CA TYR E 33 -49.76 43.36 -4.10
C TYR E 33 -49.49 43.13 -2.62
N GLY E 34 -48.27 43.38 -2.17
CA GLY E 34 -47.97 43.28 -0.75
C GLY E 34 -48.51 44.43 0.08
N GLN E 35 -48.53 45.65 -0.49
CA GLN E 35 -48.97 46.80 0.28
C GLN E 35 -50.48 46.96 0.29
N PHE E 36 -51.14 46.83 -0.86
CA PHE E 36 -52.55 47.19 -0.96
C PHE E 36 -53.52 46.10 -0.47
N ASN E 37 -53.03 44.94 -0.03
CA ASN E 37 -53.89 43.83 0.40
C ASN E 37 -54.82 43.36 -0.72
N TRP E 38 -54.38 43.50 -1.97
CA TRP E 38 -55.08 42.95 -3.12
C TRP E 38 -54.06 42.19 -3.96
N PRO E 39 -54.35 40.95 -4.39
CA PRO E 39 -55.63 40.22 -4.47
C PRO E 39 -56.10 39.50 -3.20
N ALA E 40 -55.48 39.76 -2.05
CA ALA E 40 -55.88 39.08 -0.83
C ALA E 40 -57.34 39.29 -0.47
N THR E 41 -57.87 40.50 -0.65
CA THR E 41 -59.31 40.71 -0.46
C THR E 41 -60.14 39.99 -1.53
N LEU E 42 -59.65 39.94 -2.77
CA LEU E 42 -60.31 39.16 -3.81
C LEU E 42 -60.39 37.68 -3.43
N LYS E 43 -59.28 37.10 -2.97
CA LYS E 43 -59.28 35.70 -2.57
C LYS E 43 -60.19 35.45 -1.37
N ALA E 44 -60.21 36.38 -0.41
CA ALA E 44 -61.10 36.25 0.74
C ALA E 44 -62.57 36.33 0.35
N LYS E 45 -62.89 37.14 -0.68
CA LYS E 45 -64.28 37.28 -1.11
C LYS E 45 -64.87 35.96 -1.61
N TYR E 46 -64.11 35.18 -2.36
CA TYR E 46 -64.61 33.95 -2.96
C TYR E 46 -64.15 32.66 -2.28
N ALA E 47 -63.30 32.75 -1.26
CA ALA E 47 -62.88 31.56 -0.52
C ALA E 47 -64.08 30.78 0.02
N THR E 48 -63.93 29.46 0.07
CA THR E 48 -64.93 28.60 0.69
C THR E 48 -64.89 28.74 2.21
N PRO E 49 -66.03 28.90 2.89
CA PRO E 49 -66.10 29.11 4.34
C PRO E 49 -65.34 28.06 5.14
N FME F 1 -16.64 75.45 -19.65
CN FME F 1 -15.67 75.58 -20.61
O1 FME F 1 -14.82 74.72 -20.85
CA FME F 1 -16.79 74.29 -18.80
CB FME F 1 -17.94 74.47 -17.78
CG FME F 1 -18.16 73.27 -16.91
SD FME F 1 -19.16 73.75 -15.54
CE FME F 1 -18.00 74.50 -14.46
C FME F 1 -17.04 73.00 -19.60
O FME F 1 -16.67 71.89 -19.22
N HIS F 2 -17.68 73.19 -20.75
CA HIS F 2 -17.94 72.11 -21.69
C HIS F 2 -16.71 71.30 -22.08
N ARG F 3 -15.55 71.95 -22.06
CA ARG F 3 -14.32 71.32 -22.55
C ARG F 3 -13.92 70.08 -21.75
N ILE F 4 -14.47 69.90 -20.55
CA ILE F 4 -14.25 68.67 -19.79
C ILE F 4 -14.75 67.44 -20.55
N TRP F 5 -15.78 67.60 -21.40
CA TRP F 5 -16.30 66.48 -22.17
C TRP F 5 -15.43 66.07 -23.35
N MET F 6 -14.48 66.91 -23.76
CA MET F 6 -13.58 66.54 -24.86
C MET F 6 -12.84 65.25 -24.54
N GLY F 7 -12.66 64.42 -25.57
CA GLY F 7 -11.97 63.15 -25.41
C GLY F 7 -12.75 62.10 -24.66
N THR F 8 -14.05 62.31 -24.45
CA THR F 8 -14.94 61.32 -23.86
C THR F 8 -16.03 60.97 -24.84
N ASP F 9 -16.54 59.75 -24.72
CA ASP F 9 -17.64 59.27 -25.56
C ASP F 9 -18.95 59.48 -24.81
N PRO F 10 -19.92 60.17 -25.40
CA PRO F 10 -21.11 60.56 -24.62
C PRO F 10 -21.93 59.38 -24.10
N HIS F 11 -21.92 58.24 -24.79
CA HIS F 11 -22.70 57.09 -24.33
C HIS F 11 -22.15 56.49 -23.04
N ILE F 12 -20.83 56.45 -22.86
CA ILE F 12 -20.31 56.01 -21.56
C ILE F 12 -20.58 57.06 -20.47
N ILE F 13 -20.56 58.35 -20.81
CA ILE F 13 -20.96 59.38 -19.86
C ILE F 13 -22.39 59.17 -19.39
N MET F 14 -23.33 59.00 -20.33
CA MET F 14 -24.72 58.79 -19.96
C MET F 14 -24.92 57.43 -19.27
N SER F 15 -24.21 56.40 -19.71
CA SER F 15 -24.28 55.10 -19.03
C SER F 15 -23.79 55.19 -17.60
N ALA F 16 -22.74 55.96 -17.35
CA ALA F 16 -22.26 56.16 -15.98
C ALA F 16 -23.23 57.00 -15.15
N LEU F 17 -23.65 58.15 -15.68
CA LEU F 17 -24.62 58.99 -14.98
C LEU F 17 -25.93 58.24 -14.74
N GLY F 18 -26.40 57.49 -15.74
CA GLY F 18 -27.61 56.70 -15.56
C GLY F 18 -27.48 55.65 -14.47
N SER F 19 -26.36 54.93 -14.44
CA SER F 19 -26.12 53.93 -13.41
C SER F 19 -26.00 54.56 -12.02
N PHE F 20 -25.35 55.72 -11.92
CA PHE F 20 -25.31 56.43 -10.65
C PHE F 20 -26.70 56.79 -10.14
N LEU F 21 -27.53 57.37 -11.01
CA LEU F 21 -28.85 57.81 -10.58
C LEU F 21 -29.74 56.65 -10.14
N VAL F 22 -29.72 55.54 -10.88
CA VAL F 22 -30.50 54.38 -10.49
C VAL F 22 -30.08 53.86 -9.13
N GLY F 23 -28.78 53.78 -8.88
CA GLY F 23 -28.25 53.43 -7.58
C GLY F 23 -28.66 54.37 -6.46
N ALA F 24 -28.38 55.66 -6.65
CA ALA F 24 -28.72 56.67 -5.65
C ALA F 24 -30.21 56.68 -5.32
N VAL F 25 -31.07 56.65 -6.34
CA VAL F 25 -32.50 56.70 -6.11
C VAL F 25 -32.99 55.49 -5.31
N LEU F 26 -32.49 54.29 -5.63
CA LEU F 26 -32.94 53.11 -4.91
C LEU F 26 -32.44 53.09 -3.46
N VAL F 27 -31.17 53.46 -3.25
CA VAL F 27 -30.66 53.63 -1.89
C VAL F 27 -31.54 54.59 -1.10
N MET F 28 -31.78 55.77 -1.67
CA MET F 28 -32.55 56.80 -0.97
C MET F 28 -33.98 56.36 -0.67
N HIS F 29 -34.66 55.70 -1.61
CA HIS F 29 -36.02 55.24 -1.33
C HIS F 29 -36.07 54.18 -0.24
N ILE F 30 -35.15 53.21 -0.27
CA ILE F 30 -35.23 52.12 0.69
C ILE F 30 -34.82 52.60 2.07
N TRP F 31 -33.83 53.50 2.14
CA TRP F 31 -33.56 54.24 3.38
C TRP F 31 -34.81 54.99 3.85
N ALA F 32 -35.40 55.81 2.97
CA ALA F 32 -36.56 56.61 3.35
C ALA F 32 -37.74 55.77 3.83
N TYR F 33 -37.99 54.62 3.19
CA TYR F 33 -39.05 53.75 3.65
C TYR F 33 -38.83 53.25 5.08
N GLY F 34 -37.57 53.14 5.51
CA GLY F 34 -37.32 52.82 6.91
C GLY F 34 -37.60 53.94 7.87
N GLN F 35 -37.25 55.17 7.51
CA GLN F 35 -37.38 56.29 8.42
C GLN F 35 -38.81 56.83 8.51
N PHE F 36 -39.50 56.92 7.37
CA PHE F 36 -40.78 57.62 7.32
C PHE F 36 -41.99 56.76 7.65
N ASN F 37 -41.82 55.47 7.94
CA ASN F 37 -42.92 54.56 8.25
C ASN F 37 -43.96 54.51 7.13
N TRP F 38 -43.53 54.73 5.90
CA TRP F 38 -44.34 54.51 4.71
C TRP F 38 -43.54 53.61 3.78
N PRO F 39 -44.18 52.65 3.11
CA PRO F 39 -45.60 52.28 3.00
C PRO F 39 -46.20 51.49 4.17
N ALA F 40 -45.51 51.38 5.30
CA ALA F 40 -46.06 50.63 6.43
C ALA F 40 -47.38 51.19 6.94
N THR F 41 -47.54 52.52 6.97
CA THR F 41 -48.85 53.09 7.27
C THR F 41 -49.89 52.80 6.18
N LEU F 42 -49.46 52.74 4.92
CA LEU F 42 -50.35 52.33 3.84
C LEU F 42 -50.86 50.90 4.04
N LYS F 43 -49.93 49.97 4.31
CA LYS F 43 -50.32 48.58 4.55
C LYS F 43 -51.30 48.46 5.72
N ALA F 44 -51.00 49.13 6.83
CA ALA F 44 -51.89 49.11 7.98
C ALA F 44 -53.28 49.69 7.68
N LYS F 45 -53.37 50.61 6.73
CA LYS F 45 -54.68 51.15 6.33
C LYS F 45 -55.59 50.08 5.73
N TYR F 46 -55.02 49.13 4.97
CA TYR F 46 -55.83 48.17 4.24
C TYR F 46 -55.70 46.73 4.71
N ALA F 47 -54.80 46.43 5.64
CA ALA F 47 -54.63 45.07 6.14
C ALA F 47 -55.90 44.53 6.80
N THR F 48 -56.10 43.23 6.67
CA THR F 48 -57.26 42.53 7.25
C THR F 48 -57.16 42.51 8.77
N PRO F 49 -58.16 43.04 9.51
CA PRO F 49 -58.16 43.07 10.97
C PRO F 49 -57.95 41.71 11.62
N FME G 1 0.14 79.48 -9.88
CN FME G 1 1.01 79.63 -10.95
O1 FME G 1 1.70 78.70 -11.39
CA FME G 1 -0.07 78.25 -9.17
CB FME G 1 -1.05 78.46 -8.00
CG FME G 1 -1.08 77.27 -7.07
SD FME G 1 -2.15 77.66 -5.71
CE FME G 1 -1.05 78.49 -4.62
C FME G 1 -0.61 77.13 -10.05
O FME G 1 -0.43 75.93 -9.83
N HIS G 2 -1.30 77.56 -11.11
CA HIS G 2 -1.97 76.66 -12.05
C HIS G 2 -1.08 75.62 -12.72
N ARG G 3 0.22 75.93 -12.83
CA ARG G 3 1.16 75.03 -13.48
C ARG G 3 1.34 73.71 -12.72
N ILE G 4 0.84 73.61 -11.49
CA ILE G 4 0.76 72.32 -10.81
C ILE G 4 -0.06 71.30 -11.60
N TRP G 5 -1.06 71.75 -12.37
CA TRP G 5 -1.84 70.84 -13.18
C TRP G 5 -1.16 70.42 -14.48
N MET G 6 -0.05 71.03 -14.86
CA MET G 6 0.64 70.65 -16.08
C MET G 6 1.08 69.17 -16.02
N GLY G 7 0.98 68.50 -17.15
CA GLY G 7 1.31 67.09 -17.26
C GLY G 7 0.28 66.13 -16.71
N THR G 8 -0.65 66.59 -15.89
CA THR G 8 -1.71 65.75 -15.38
C THR G 8 -2.79 65.53 -16.44
N ASP G 9 -3.68 64.58 -16.18
CA ASP G 9 -4.84 64.33 -17.02
C ASP G 9 -6.09 64.81 -16.30
N PRO G 10 -6.86 65.74 -16.90
CA PRO G 10 -8.05 66.28 -16.23
C PRO G 10 -9.05 65.22 -15.75
N HIS G 11 -9.20 64.13 -16.50
CA HIS G 11 -10.16 63.10 -16.13
C HIS G 11 -9.70 62.28 -14.94
N ILE G 12 -8.39 62.05 -14.81
CA ILE G 12 -7.86 61.44 -13.60
C ILE G 12 -8.11 62.35 -12.40
N ILE G 13 -7.86 63.65 -12.56
CA ILE G 13 -8.06 64.60 -11.45
C ILE G 13 -9.51 64.59 -10.99
N MET G 14 -10.46 64.73 -11.92
CA MET G 14 -11.88 64.71 -11.53
C MET G 14 -12.28 63.36 -10.95
N SER G 15 -11.72 62.27 -11.48
CA SER G 15 -12.01 60.94 -10.94
C SER G 15 -11.51 60.81 -9.52
N ALA G 16 -10.26 61.22 -9.26
CA ALA G 16 -9.70 61.16 -7.92
C ALA G 16 -10.45 62.07 -6.95
N LEU G 17 -10.64 63.34 -7.32
CA LEU G 17 -11.36 64.28 -6.46
C LEU G 17 -12.76 63.79 -6.14
N GLY G 18 -13.52 63.40 -7.18
CA GLY G 18 -14.88 62.93 -6.95
C GLY G 18 -14.95 61.71 -6.05
N SER G 19 -14.00 60.78 -6.20
CA SER G 19 -14.02 59.56 -5.40
C SER G 19 -13.63 59.82 -3.95
N PHE G 20 -12.71 60.75 -3.72
CA PHE G 20 -12.44 61.21 -2.36
C PHE G 20 -13.69 61.84 -1.72
N LEU G 21 -14.35 62.75 -2.44
CA LEU G 21 -15.53 63.41 -1.89
C LEU G 21 -16.63 62.43 -1.53
N VAL G 22 -16.88 61.42 -2.39
CA VAL G 22 -17.88 60.41 -2.06
C VAL G 22 -17.51 59.67 -0.79
N GLY G 23 -16.24 59.27 -0.64
CA GLY G 23 -15.83 58.59 0.57
C GLY G 23 -15.92 59.46 1.81
N ALA G 24 -15.39 60.68 1.72
CA ALA G 24 -15.47 61.64 2.83
C ALA G 24 -16.92 61.92 3.24
N VAL G 25 -17.79 62.18 2.27
CA VAL G 25 -19.18 62.54 2.57
C VAL G 25 -19.92 61.39 3.24
N LEU G 26 -19.72 60.16 2.77
CA LEU G 26 -20.37 59.02 3.42
C LEU G 26 -19.88 58.84 4.84
N VAL G 27 -18.56 58.90 5.06
CA VAL G 27 -18.02 58.80 6.41
C VAL G 27 -18.57 59.89 7.31
N MET G 28 -18.59 61.12 6.84
CA MET G 28 -19.12 62.23 7.63
C MET G 28 -20.59 62.06 7.98
N HIS G 29 -21.42 61.57 7.03
CA HIS G 29 -22.83 61.36 7.35
C HIS G 29 -23.04 60.21 8.31
N ILE G 30 -22.33 59.10 8.14
CA ILE G 30 -22.48 57.99 9.09
C ILE G 30 -22.10 58.46 10.49
N TRP G 31 -20.99 59.20 10.59
CA TRP G 31 -20.56 59.75 11.87
C TRP G 31 -21.59 60.72 12.42
N ALA G 32 -22.03 61.68 11.61
CA ALA G 32 -22.96 62.70 12.08
C ALA G 32 -24.33 62.11 12.45
N TYR G 33 -24.81 61.12 11.71
CA TYR G 33 -26.07 60.48 12.08
C TYR G 33 -26.00 59.87 13.47
N GLY G 34 -24.82 59.44 13.90
CA GLY G 34 -24.60 58.94 15.24
C GLY G 34 -24.65 60.01 16.31
N GLN G 35 -23.82 61.04 16.16
CA GLN G 35 -23.71 62.07 17.18
C GLN G 35 -25.02 62.84 17.34
N PHE G 36 -25.64 63.24 16.23
CA PHE G 36 -26.77 64.15 16.28
C PHE G 36 -28.11 63.46 16.52
N ASN G 37 -28.14 62.13 16.66
CA ASN G 37 -29.38 61.38 16.91
C ASN G 37 -30.43 61.61 15.83
N TRP G 38 -30.01 61.87 14.60
CA TRP G 38 -30.91 62.00 13.46
C TRP G 38 -30.38 61.11 12.35
N PRO G 39 -31.24 60.32 11.66
CA PRO G 39 -32.70 60.28 11.61
C PRO G 39 -33.42 59.52 12.73
N ALA G 40 -32.72 59.12 13.79
CA ALA G 40 -33.38 58.38 14.86
C ALA G 40 -34.57 59.12 15.46
N THR G 41 -34.45 60.43 15.66
CA THR G 41 -35.62 61.21 16.10
C THR G 41 -36.69 61.32 15.02
N LEU G 42 -36.30 61.36 13.74
CA LEU G 42 -37.28 61.31 12.66
C LEU G 42 -38.06 60.00 12.68
N LYS G 43 -37.36 58.87 12.82
CA LYS G 43 -38.03 57.58 12.87
C LYS G 43 -38.99 57.48 14.04
N ALA G 44 -38.56 57.91 15.22
CA ALA G 44 -39.42 57.89 16.40
C ALA G 44 -40.67 58.75 16.21
N LYS G 45 -40.55 59.88 15.51
CA LYS G 45 -41.69 60.75 15.30
C LYS G 45 -42.83 60.06 14.55
N TYR G 46 -42.50 59.25 13.54
CA TYR G 46 -43.53 58.59 12.73
C TYR G 46 -43.75 57.12 13.07
N ALA G 47 -42.97 56.54 13.96
CA ALA G 47 -43.10 55.12 14.29
C ALA G 47 -44.47 54.81 14.90
N THR G 48 -45.02 53.64 14.55
CA THR G 48 -46.30 53.20 15.07
C THR G 48 -46.14 52.72 16.51
N PRO G 49 -47.03 53.14 17.44
CA PRO G 49 -46.97 52.74 18.85
C PRO G 49 -46.94 51.23 19.06
N FME H 1 17.63 78.41 0.11
CN FME H 1 18.49 78.42 -0.95
O1 FME H 1 18.83 77.41 -1.58
CA FME H 1 17.01 77.22 0.65
CB FME H 1 16.01 77.56 1.77
CG FME H 1 15.50 76.34 2.50
SD FME H 1 14.33 76.87 3.70
CE FME H 1 13.56 75.35 4.16
C FME H 1 16.25 76.40 -0.41
O FME H 1 16.18 75.17 -0.39
N HIS H 2 15.70 77.13 -1.38
CA HIS H 2 14.94 76.54 -2.48
C HIS H 2 15.70 75.51 -3.31
N ARG H 3 17.03 75.58 -3.27
CA ARG H 3 17.85 74.65 -4.04
C ARG H 3 17.60 73.19 -3.66
N ILE H 4 17.02 72.94 -2.48
CA ILE H 4 16.64 71.59 -2.07
C ILE H 4 15.65 70.95 -3.03
N TRP H 5 14.78 71.73 -3.68
CA TRP H 5 13.79 71.14 -4.58
C TRP H 5 14.37 70.71 -5.92
N MET H 6 15.57 71.15 -6.27
CA MET H 6 16.13 70.82 -7.58
C MET H 6 16.30 69.32 -7.76
N GLY H 7 16.05 68.84 -8.98
CA GLY H 7 16.07 67.44 -9.30
C GLY H 7 14.86 66.64 -8.86
N THR H 8 14.02 67.18 -7.98
CA THR H 8 12.78 66.53 -7.61
C THR H 8 11.65 66.91 -8.56
N ASP H 9 10.59 66.09 -8.57
CA ASP H 9 9.39 66.32 -9.35
C ASP H 9 8.31 66.90 -8.44
N PRO H 10 7.68 68.01 -8.83
CA PRO H 10 6.71 68.67 -7.92
C PRO H 10 5.50 67.82 -7.58
N HIS H 11 5.04 66.95 -8.48
CA HIS H 11 3.91 66.09 -8.17
C HIS H 11 4.28 65.06 -7.12
N ILE H 12 5.52 64.58 -7.15
CA ILE H 12 6.00 63.64 -6.14
C ILE H 12 6.16 64.32 -4.79
N ILE H 13 6.66 65.57 -4.78
CA ILE H 13 6.69 66.35 -3.55
C ILE H 13 5.28 66.59 -3.01
N MET H 14 4.35 67.03 -3.87
CA MET H 14 3.00 67.31 -3.41
C MET H 14 2.29 66.04 -2.94
N SER H 15 2.52 64.92 -3.62
CA SER H 15 1.97 63.64 -3.15
C SER H 15 2.51 63.27 -1.77
N ALA H 16 3.81 63.44 -1.56
CA ALA H 16 4.43 63.12 -0.28
C ALA H 16 3.88 64.00 0.84
N LEU H 17 3.88 65.33 0.61
CA LEU H 17 3.33 66.25 1.60
C LEU H 17 1.85 66.01 1.85
N GLY H 18 1.06 65.83 0.79
CA GLY H 18 -0.35 65.56 0.95
C GLY H 18 -0.64 64.31 1.76
N SER H 19 0.08 63.24 1.47
CA SER H 19 -0.05 62.01 2.25
C SER H 19 0.24 62.24 3.73
N PHE H 20 1.38 62.86 4.03
CA PHE H 20 1.75 63.14 5.41
C PHE H 20 0.70 63.97 6.14
N LEU H 21 0.24 65.06 5.53
CA LEU H 21 -0.74 65.92 6.17
C LEU H 21 -2.05 65.19 6.48
N VAL H 22 -2.56 64.40 5.52
CA VAL H 22 -3.76 63.61 5.78
C VAL H 22 -3.57 62.69 6.97
N GLY H 23 -2.44 61.98 7.01
CA GLY H 23 -2.16 61.09 8.12
C GLY H 23 -2.10 61.81 9.46
N ALA H 24 -1.29 62.87 9.53
CA ALA H 24 -1.11 63.61 10.78
C ALA H 24 -2.41 64.23 11.28
N VAL H 25 -3.19 64.83 10.37
CA VAL H 25 -4.48 65.40 10.76
C VAL H 25 -5.44 64.33 11.30
N LEU H 26 -5.51 63.18 10.64
CA LEU H 26 -6.38 62.11 11.12
C LEU H 26 -5.94 61.57 12.47
N VAL H 27 -4.64 61.34 12.65
CA VAL H 27 -4.13 60.87 13.95
C VAL H 27 -4.44 61.87 15.05
N MET H 28 -4.18 63.15 14.79
CA MET H 28 -4.47 64.19 15.78
C MET H 28 -5.96 64.25 16.17
N HIS H 29 -6.86 64.14 15.19
CA HIS H 29 -8.29 64.14 15.52
C HIS H 29 -8.72 62.90 16.29
N ILE H 30 -8.27 61.72 15.87
CA ILE H 30 -8.61 60.50 16.59
C ILE H 30 -8.10 60.59 18.03
N TRP H 31 -6.89 61.11 18.22
CA TRP H 31 -6.34 61.31 19.55
C TRP H 31 -7.12 62.34 20.34
N ALA H 32 -7.39 63.50 19.73
CA ALA H 32 -8.09 64.58 20.41
C ALA H 32 -9.51 64.18 20.83
N TYR H 33 -10.24 63.46 19.98
CA TYR H 33 -11.56 62.99 20.36
C TYR H 33 -11.52 62.06 21.57
N GLY H 34 -10.41 61.36 21.77
CA GLY H 34 -10.23 60.56 22.97
C GLY H 34 -10.03 61.38 24.24
N GLN H 35 -9.30 62.49 24.14
CA GLN H 35 -8.96 63.27 25.32
C GLN H 35 -10.04 64.28 25.72
N PHE H 36 -10.61 65.00 24.75
CA PHE H 36 -11.41 66.17 25.04
C PHE H 36 -12.88 65.86 25.37
N ASN H 37 -13.27 64.59 25.41
CA ASN H 37 -14.66 64.19 25.63
C ASN H 37 -15.61 64.78 24.59
N TRP H 38 -15.12 65.03 23.39
CA TRP H 38 -15.93 65.52 22.29
C TRP H 38 -15.63 64.65 21.07
N PRO H 39 -16.64 64.19 20.32
CA PRO H 39 -18.08 64.50 20.32
C PRO H 39 -18.93 63.87 21.43
N ALA H 40 -18.32 63.16 22.38
CA ALA H 40 -19.08 62.46 23.40
C ALA H 40 -20.06 63.36 24.16
N THR H 41 -19.69 64.60 24.45
CA THR H 41 -20.67 65.53 25.02
C THR H 41 -21.73 65.98 24.03
N LEU H 42 -21.36 66.15 22.76
CA LEU H 42 -22.37 66.41 21.72
C LEU H 42 -23.38 65.27 21.62
N LYS H 43 -22.92 64.02 21.61
CA LYS H 43 -23.82 62.89 21.54
C LYS H 43 -24.80 62.85 22.71
N ALA H 44 -24.28 63.06 23.92
CA ALA H 44 -25.13 63.09 25.11
C ALA H 44 -26.19 64.18 25.05
N LYS H 45 -25.82 65.36 24.54
CA LYS H 45 -26.75 66.48 24.43
C LYS H 45 -28.01 66.14 23.65
N TYR H 46 -27.92 65.30 22.62
CA TYR H 46 -29.08 64.94 21.81
C TYR H 46 -29.58 63.51 22.00
N ALA H 47 -28.94 62.71 22.85
CA ALA H 47 -29.35 61.33 23.04
C ALA H 47 -30.76 61.24 23.62
N THR H 48 -31.49 60.22 23.18
CA THR H 48 -32.86 59.99 23.65
C THR H 48 -32.86 59.33 25.02
N PRO H 49 -33.43 59.97 26.06
CA PRO H 49 -33.44 59.42 27.42
C PRO H 49 -34.30 58.16 27.55
N FME I 1 35.14 70.72 8.42
CN FME I 1 35.97 70.57 7.34
O1 FME I 1 36.01 69.55 6.63
CA FME I 1 34.23 69.71 8.86
CB FME I 1 33.44 70.18 10.12
CG FME I 1 32.39 69.19 10.54
SD FME I 1 31.74 69.66 12.12
CE FME I 1 30.48 68.46 12.34
C FME I 1 33.21 69.29 7.79
O FME I 1 32.73 68.16 7.70
N HIS I 2 32.90 70.24 6.92
CA HIS I 2 32.00 70.02 5.79
C HIS I 2 32.42 68.91 4.84
N ARG I 3 33.71 68.56 4.84
CA ARG I 3 34.21 67.51 3.95
C ARG I 3 33.58 66.15 4.21
N ILE I 4 33.01 65.92 5.41
CA ILE I 4 32.37 64.64 5.70
C ILE I 4 31.22 64.35 4.74
N TRP I 5 30.56 65.40 4.22
CA TRP I 5 29.48 65.21 3.26
C TRP I 5 29.95 64.81 1.87
N MET I 6 31.23 64.98 1.55
CA MET I 6 31.70 64.71 0.19
C MET I 6 31.53 63.23 -0.16
N GLY I 7 31.06 62.98 -1.38
CA GLY I 7 30.73 61.64 -1.84
C GLY I 7 29.43 61.07 -1.35
N THR I 8 28.75 61.74 -0.43
CA THR I 8 27.40 61.36 -0.03
C THR I 8 26.35 62.01 -0.93
N ASP I 9 25.13 61.46 -0.87
CA ASP I 9 23.96 62.05 -1.51
C ASP I 9 23.17 62.83 -0.46
N PRO I 10 22.89 64.12 -0.70
CA PRO I 10 22.10 64.89 0.27
C PRO I 10 20.72 64.33 0.54
N HIS I 11 20.06 63.72 -0.45
CA HIS I 11 18.72 63.20 -0.22
C HIS I 11 18.70 61.92 0.60
N ILE I 12 19.76 61.12 0.55
CA ILE I 12 19.89 60.02 1.51
C ILE I 12 19.98 60.57 2.93
N ILE I 13 20.87 61.54 3.14
CA ILE I 13 21.09 62.10 4.47
C ILE I 13 19.82 62.71 5.05
N MET I 14 19.16 63.58 4.28
CA MET I 14 17.92 64.19 4.76
C MET I 14 16.83 63.16 5.01
N SER I 15 16.75 62.14 4.17
CA SER I 15 15.79 61.06 4.40
C SER I 15 16.11 60.29 5.67
N ALA I 16 17.39 59.96 5.88
CA ALA I 16 17.81 59.26 7.10
C ALA I 16 17.60 60.12 8.34
N LEU I 17 18.01 61.39 8.28
CA LEU I 17 17.82 62.28 9.43
C LEU I 17 16.34 62.52 9.70
N GLY I 18 15.53 62.68 8.66
CA GLY I 18 14.10 62.79 8.85
C GLY I 18 13.49 61.56 9.51
N SER I 19 13.90 60.37 9.06
CA SER I 19 13.43 59.14 9.67
C SER I 19 13.84 59.03 11.14
N PHE I 20 15.10 59.35 11.44
CA PHE I 20 15.56 59.36 12.83
C PHE I 20 14.73 60.31 13.69
N LEU I 21 14.54 61.55 13.23
CA LEU I 21 13.81 62.53 14.03
C LEU I 21 12.36 62.12 14.26
N VAL I 22 11.68 61.62 13.23
CA VAL I 22 10.31 61.14 13.42
C VAL I 22 10.26 60.03 14.47
N GLY I 23 11.15 59.04 14.35
CA GLY I 23 11.17 57.95 15.31
C GLY I 23 11.49 58.41 16.73
N ALA I 24 12.53 59.23 16.87
CA ALA I 24 12.93 59.74 18.18
C ALA I 24 11.83 60.56 18.84
N VAL I 25 11.21 61.47 18.08
CA VAL I 25 10.17 62.34 18.64
C VAL I 25 8.94 61.54 19.07
N LEU I 26 8.52 60.55 18.28
CA LEU I 26 7.39 59.73 18.67
C LEU I 26 7.70 58.86 19.89
N VAL I 27 8.90 58.26 19.93
CA VAL I 27 9.34 57.54 21.11
C VAL I 27 9.33 58.45 22.35
N MET I 28 9.92 59.64 22.22
CA MET I 28 9.99 60.55 23.36
C MET I 28 8.62 61.02 23.85
N HIS I 29 7.70 61.32 22.93
CA HIS I 29 6.35 61.71 23.37
C HIS I 29 5.61 60.59 24.05
N ILE I 30 5.61 59.39 23.47
CA ILE I 30 4.88 58.28 24.08
C ILE I 30 5.45 57.96 25.45
N TRP I 31 6.78 57.97 25.57
CA TRP I 31 7.44 57.86 26.87
C TRP I 31 7.00 58.97 27.83
N ALA I 32 7.09 60.23 27.39
CA ALA I 32 6.74 61.36 28.24
C ALA I 32 5.28 61.30 28.70
N TYR I 33 4.36 60.94 27.81
CA TYR I 33 2.96 60.82 28.22
C TYR I 33 2.77 59.80 29.35
N GLY I 34 3.59 58.75 29.36
CA GLY I 34 3.55 57.79 30.45
C GLY I 34 4.03 58.34 31.79
N GLN I 35 5.09 59.14 31.78
CA GLN I 35 5.65 59.62 33.05
C GLN I 35 4.91 60.83 33.61
N PHE I 36 4.54 61.78 32.76
CA PHE I 36 4.05 63.08 33.24
C PHE I 36 2.57 63.09 33.58
N ASN I 37 1.85 61.98 33.39
CA ASN I 37 0.40 61.93 33.63
C ASN I 37 -0.37 62.94 32.79
N TRP I 38 0.15 63.27 31.61
CA TRP I 38 -0.55 64.10 30.65
C TRP I 38 -0.51 63.37 29.31
N PRO I 39 -1.62 63.29 28.57
CA PRO I 39 -2.92 63.96 28.67
C PRO I 39 -3.91 63.36 29.69
N ALA I 40 -3.48 62.42 30.51
CA ALA I 40 -4.40 61.79 31.47
C ALA I 40 -5.08 62.81 32.39
N THR I 41 -4.36 63.84 32.84
CA THR I 41 -5.03 64.92 33.57
C THR I 41 -5.97 65.72 32.68
N LEU I 42 -5.61 65.94 31.42
CA LEU I 42 -6.51 66.59 30.47
C LEU I 42 -7.80 65.80 30.30
N LYS I 43 -7.69 64.49 30.05
CA LYS I 43 -8.87 63.64 29.90
C LYS I 43 -9.73 63.65 31.16
N ALA I 44 -9.10 63.50 32.32
CA ALA I 44 -9.83 63.49 33.58
C ALA I 44 -10.57 64.79 33.87
N LYS I 45 -10.03 65.92 33.39
CA LYS I 45 -10.70 67.21 33.63
C LYS I 45 -12.04 67.30 32.90
N TYR I 46 -12.10 66.88 31.64
CA TYR I 46 -13.32 67.01 30.85
C TYR I 46 -14.18 65.76 30.85
N ALA I 47 -13.78 64.70 31.55
CA ALA I 47 -14.56 63.46 31.59
C ALA I 47 -15.95 63.70 32.17
N THR I 48 -16.93 62.98 31.62
CA THR I 48 -18.27 62.98 32.20
C THR I 48 -18.27 62.16 33.49
N PRO I 49 -18.82 62.70 34.59
CA PRO I 49 -18.85 62.03 35.91
C PRO I 49 -19.47 60.64 35.88
N FME J 1 49.86 59.68 14.93
CN FME J 1 50.69 59.52 13.86
O1 FME J 1 50.63 58.55 13.09
CA FME J 1 48.81 58.75 15.27
CB FME J 1 48.14 59.12 16.61
CG FME J 1 46.90 58.31 16.89
SD FME J 1 46.52 58.40 18.62
CE FME J 1 44.90 57.73 18.65
C FME J 1 47.73 58.66 14.19
O FME J 1 47.08 57.64 13.96
N HIS J 2 47.56 59.78 13.49
CA HIS J 2 46.59 59.89 12.40
C HIS J 2 46.72 58.84 11.29
N ARG J 3 47.91 58.26 11.15
CA ARG J 3 48.13 57.24 10.12
C ARG J 3 47.23 56.02 10.27
N ILE J 4 46.67 55.79 11.46
CA ILE J 4 45.72 54.70 11.65
C ILE J 4 44.50 54.82 10.72
N TRP J 5 44.13 56.02 10.31
CA TRP J 5 42.97 56.22 9.46
C TRP J 5 43.21 55.96 7.97
N MET J 6 44.46 55.84 7.53
CA MET J 6 44.79 55.94 6.11
C MET J 6 44.01 54.96 5.24
N GLY J 7 44.10 53.65 5.53
CA GLY J 7 43.45 52.67 4.67
C GLY J 7 41.93 52.69 4.62
N THR J 8 41.26 53.63 5.29
CA THR J 8 39.90 53.44 5.76
C THR J 8 38.94 54.46 5.15
N ASP J 9 37.68 54.05 5.00
CA ASP J 9 36.62 54.91 4.49
C ASP J 9 35.99 55.67 5.64
N PRO J 10 36.01 57.01 5.63
CA PRO J 10 35.53 57.77 6.81
C PRO J 10 34.05 57.58 7.10
N HIS J 11 33.22 57.28 6.09
CA HIS J 11 31.81 57.04 6.35
C HIS J 11 31.59 55.75 7.13
N ILE J 12 32.37 54.71 6.83
CA ILE J 12 32.32 53.50 7.64
C ILE J 12 32.71 53.79 9.08
N ILE J 13 33.79 54.55 9.26
CA ILE J 13 34.24 54.93 10.60
C ILE J 13 33.12 55.65 11.36
N MET J 14 32.52 56.67 10.76
CA MET J 14 31.43 57.38 11.43
C MET J 14 30.22 56.48 11.65
N SER J 15 29.94 55.57 10.72
CA SER J 15 28.81 54.65 10.88
C SER J 15 29.05 53.70 12.06
N ALA J 16 30.24 53.10 12.11
CA ALA J 16 30.59 52.20 13.21
C ALA J 16 30.55 52.92 14.56
N LEU J 17 31.24 54.05 14.66
CA LEU J 17 31.26 54.82 15.90
C LEU J 17 29.85 55.26 16.31
N GLY J 18 29.09 55.81 15.37
CA GLY J 18 27.74 56.26 15.68
C GLY J 18 26.84 55.14 16.19
N SER J 19 26.96 53.95 15.59
CA SER J 19 26.14 52.82 16.00
C SER J 19 26.56 52.26 17.35
N PHE J 20 27.87 52.19 17.61
CA PHE J 20 28.34 51.86 18.94
C PHE J 20 27.79 52.80 20.01
N LEU J 21 27.85 54.10 19.77
CA LEU J 21 27.35 55.07 20.73
C LEU J 21 25.86 54.88 21.02
N VAL J 22 25.04 54.66 19.98
CA VAL J 22 23.62 54.41 20.21
C VAL J 22 23.41 53.18 21.09
N GLY J 23 24.08 52.07 20.74
CA GLY J 23 23.94 50.86 21.54
C GLY J 23 24.38 51.03 22.99
N ALA J 24 25.56 51.62 23.19
CA ALA J 24 26.06 51.87 24.54
C ALA J 24 25.16 52.80 25.34
N VAL J 25 24.72 53.90 24.73
CA VAL J 25 23.87 54.87 25.44
C VAL J 25 22.54 54.27 25.83
N LEU J 26 21.91 53.49 24.96
CA LEU J 26 20.66 52.82 25.31
C LEU J 26 20.85 51.84 26.47
N VAL J 27 21.89 51.02 26.41
CA VAL J 27 22.19 50.11 27.52
C VAL J 27 22.44 50.88 28.82
N MET J 28 23.25 51.94 28.74
CA MET J 28 23.53 52.72 29.94
C MET J 28 22.29 53.37 30.54
N HIS J 29 21.39 53.92 29.72
CA HIS J 29 20.18 54.52 30.26
C HIS J 29 19.22 53.49 30.84
N ILE J 30 19.01 52.37 30.15
CA ILE J 30 18.07 51.38 30.66
C ILE J 30 18.61 50.74 31.94
N TRP J 31 19.94 50.61 32.05
CA TRP J 31 20.57 50.25 33.32
C TRP J 31 20.39 51.34 34.37
N ALA J 32 20.74 52.58 34.03
CA ALA J 32 20.70 53.68 35.00
C ALA J 32 19.30 53.93 35.53
N TYR J 33 18.28 53.87 34.66
CA TYR J 33 16.91 54.03 35.14
C TYR J 33 16.55 52.99 36.20
N GLY J 34 17.09 51.78 36.08
CA GLY J 34 16.86 50.77 37.09
C GLY J 34 17.51 51.10 38.42
N GLN J 35 18.79 51.44 38.41
CA GLN J 35 19.51 51.67 39.66
C GLN J 35 19.06 52.96 40.35
N PHE J 36 18.88 54.04 39.61
CA PHE J 36 18.62 55.34 40.21
C PHE J 36 17.15 55.60 40.53
N ASN J 37 16.25 54.64 40.26
CA ASN J 37 14.83 54.79 40.54
C ASN J 37 14.21 56.01 39.85
N TRP J 38 14.69 56.34 38.67
CA TRP J 38 14.16 57.43 37.87
C TRP J 38 13.98 56.93 36.45
N PRO J 39 12.85 57.24 35.79
CA PRO J 39 11.74 58.16 36.08
C PRO J 39 10.70 57.66 37.06
N ALA J 40 10.93 56.52 37.72
CA ALA J 40 9.94 55.98 38.65
C ALA J 40 9.51 56.99 39.71
N THR J 41 10.45 57.77 40.25
CA THR J 41 10.05 58.86 41.17
C THR J 41 9.34 59.99 40.46
N LEU J 42 9.71 60.29 39.21
CA LEU J 42 8.97 61.28 38.43
C LEU J 42 7.52 60.85 38.19
N LYS J 43 7.32 59.59 37.83
CA LYS J 43 5.96 59.07 37.63
C LYS J 43 5.15 59.16 38.93
N ALA J 44 5.73 58.73 40.04
CA ALA J 44 5.05 58.80 41.33
C ALA J 44 4.72 60.23 41.75
N LYS J 45 5.56 61.21 41.38
CA LYS J 45 5.28 62.60 41.72
C LYS J 45 3.97 63.10 41.10
N TYR J 46 3.71 62.77 39.84
CA TYR J 46 2.56 63.31 39.13
C TYR J 46 1.39 62.33 39.02
N ALA J 47 1.55 61.09 39.47
CA ALA J 47 0.46 60.12 39.39
C ALA J 47 -0.76 60.57 40.18
N THR J 48 -1.93 60.06 39.77
CA THR J 48 -3.22 60.35 40.42
C THR J 48 -3.59 59.19 41.34
N PRO J 49 -3.98 59.45 42.60
CA PRO J 49 -4.31 58.41 43.58
C PRO J 49 -5.38 57.43 43.10
N FME K 1 61.85 44.73 19.38
CN FME K 1 62.66 44.48 18.30
O1 FME K 1 62.36 43.71 17.38
CA FME K 1 60.55 44.13 19.58
CB FME K 1 59.84 44.67 20.83
CG FME K 1 60.60 44.38 22.09
SD FME K 1 59.88 45.35 23.39
CE FME K 1 60.79 46.85 23.28
C FME K 1 59.60 44.36 18.40
O FME K 1 58.77 43.53 18.05
N HIS K 2 59.74 45.52 17.78
CA HIS K 2 58.86 45.96 16.71
C HIS K 2 58.83 45.04 15.49
N ARG K 3 59.85 44.21 15.34
CA ARG K 3 59.87 43.23 14.25
C ARG K 3 58.67 42.29 14.26
N ILE K 4 58.05 42.07 15.43
CA ILE K 4 56.85 41.25 15.51
C ILE K 4 55.71 41.80 14.66
N TRP K 5 55.65 43.13 14.48
CA TRP K 5 54.59 43.75 13.68
C TRP K 5 54.81 43.65 12.19
N MET K 6 56.02 43.31 11.73
CA MET K 6 56.28 43.24 10.30
C MET K 6 55.37 42.19 9.64
N GLY K 7 54.85 42.54 8.47
CA GLY K 7 53.92 41.71 7.72
C GLY K 7 52.47 41.78 8.17
N THR K 8 52.17 42.33 9.34
CA THR K 8 50.80 42.46 9.80
C THR K 8 50.12 43.67 9.14
N ASP K 9 48.79 43.64 9.13
CA ASP K 9 48.01 44.84 8.84
C ASP K 9 47.69 45.55 10.15
N PRO K 10 48.04 46.82 10.32
CA PRO K 10 47.74 47.51 11.59
C PRO K 10 46.27 47.55 11.96
N HIS K 11 45.37 47.61 10.98
CA HIS K 11 43.94 47.58 11.29
C HIS K 11 43.49 46.23 11.83
N ILE K 12 44.10 45.14 11.36
CA ILE K 12 43.84 43.84 11.94
C ILE K 12 44.32 43.78 13.38
N ILE K 13 45.52 44.31 13.65
CA ILE K 13 46.04 44.34 15.02
C ILE K 13 45.11 45.12 15.94
N MET K 14 44.70 46.32 15.51
CA MET K 14 43.80 47.13 16.32
C MET K 14 42.40 46.51 16.44
N SER K 15 41.96 45.73 15.46
CA SER K 15 40.68 45.06 15.58
C SER K 15 40.77 43.90 16.58
N ALA K 16 41.84 43.13 16.51
CA ALA K 16 42.05 42.04 17.45
C ALA K 16 42.16 42.55 18.88
N LEU K 17 43.03 43.52 19.12
CA LEU K 17 43.19 44.08 20.46
C LEU K 17 41.92 44.80 20.91
N GLY K 18 41.28 45.54 20.02
CA GLY K 18 40.03 46.19 20.37
C GLY K 18 38.97 45.21 20.83
N SER K 19 38.82 44.10 20.11
CA SER K 19 37.91 43.04 20.53
C SER K 19 38.27 42.51 21.91
N PHE K 20 39.53 42.14 22.11
CA PHE K 20 39.95 41.54 23.37
C PHE K 20 39.68 42.46 24.56
N LEU K 21 40.03 43.74 24.43
CA LEU K 21 39.84 44.67 25.55
C LEU K 21 38.37 44.85 25.88
N VAL K 22 37.51 45.02 24.88
CA VAL K 22 36.07 45.12 25.13
C VAL K 22 35.58 43.87 25.87
N GLY K 23 35.97 42.69 25.39
CA GLY K 23 35.59 41.45 26.05
C GLY K 23 36.06 41.36 27.49
N ALA K 24 37.35 41.60 27.71
CA ALA K 24 37.92 41.53 29.05
C ALA K 24 37.28 42.54 30.00
N VAL K 25 37.11 43.79 29.56
CA VAL K 25 36.48 44.81 30.39
C VAL K 25 35.06 44.42 30.77
N LEU K 26 34.27 43.94 29.81
CA LEU K 26 32.91 43.52 30.12
C LEU K 26 32.87 42.38 31.13
N VAL K 27 33.68 41.34 30.90
CA VAL K 27 33.76 40.23 31.85
C VAL K 27 34.15 40.72 33.24
N MET K 28 35.18 41.56 33.33
CA MET K 28 35.61 42.07 34.63
C MET K 28 34.51 42.85 35.35
N HIS K 29 33.75 43.68 34.63
CA HIS K 29 32.66 44.40 35.28
C HIS K 29 31.51 43.49 35.71
N ILE K 30 31.14 42.53 34.86
CA ILE K 30 30.08 41.59 35.23
C ILE K 30 30.49 40.81 36.47
N TRP K 31 31.75 40.40 36.53
CA TRP K 31 32.29 39.73 37.71
C TRP K 31 32.33 40.66 38.92
N ALA K 32 32.90 41.86 38.76
CA ALA K 32 33.05 42.78 39.88
C ALA K 32 31.73 43.19 40.51
N TYR K 33 30.68 43.37 39.69
CA TYR K 33 29.37 43.71 40.25
C TYR K 33 28.81 42.61 41.15
N GLY K 34 29.11 41.35 40.86
CA GLY K 34 28.69 40.28 41.75
C GLY K 34 29.42 40.28 43.09
N GLN K 35 30.72 40.54 43.06
CA GLN K 35 31.55 40.47 44.26
C GLN K 35 31.37 41.69 45.18
N PHE K 36 31.41 42.89 44.61
CA PHE K 36 31.54 44.09 45.43
C PHE K 36 30.22 44.62 45.98
N ASN K 37 29.10 43.95 45.70
CA ASN K 37 27.76 44.40 46.09
C ASN K 37 27.40 45.78 45.56
N TRP K 38 28.03 46.20 44.46
CA TRP K 38 27.68 47.42 43.78
C TRP K 38 27.35 47.08 42.33
N PRO K 39 26.29 47.65 41.74
CA PRO K 39 25.38 48.72 42.15
C PRO K 39 24.23 48.33 43.08
N ALA K 40 24.25 47.13 43.66
CA ALA K 40 23.14 46.72 44.52
C ALA K 40 22.97 47.64 45.73
N THR K 41 24.07 48.11 46.33
CA THR K 41 23.95 49.10 47.39
C THR K 41 23.43 50.44 46.89
N LEU K 42 23.79 50.82 45.66
CA LEU K 42 23.24 52.01 45.03
C LEU K 42 21.73 51.93 44.85
N LYS K 43 21.26 50.82 44.27
CA LYS K 43 19.82 50.64 44.06
C LYS K 43 19.05 50.66 45.39
N ALA K 44 19.57 49.98 46.40
CA ALA K 44 18.94 50.00 47.73
C ALA K 44 18.88 51.40 48.33
N LYS K 45 19.88 52.24 48.08
CA LYS K 45 19.84 53.60 48.60
C LYS K 45 18.69 54.42 48.03
N TYR K 46 18.35 54.24 46.76
CA TYR K 46 17.31 55.05 46.13
C TYR K 46 15.99 54.33 45.92
N ALA K 47 15.90 53.04 46.27
CA ALA K 47 14.65 52.31 46.11
C ALA K 47 13.54 52.93 46.95
N THR K 48 12.31 52.87 46.42
CA THR K 48 11.10 53.17 47.19
C THR K 48 10.65 51.92 47.94
N PRO K 49 10.38 52.00 49.25
CA PRO K 49 9.89 50.88 50.05
C PRO K 49 8.68 50.16 49.45
N FME L 1 70.46 26.32 20.42
CN FME L 1 71.02 26.09 19.18
O1 FME L 1 70.38 25.63 18.21
CA FME L 1 69.10 26.03 20.77
CB FME L 1 68.78 26.50 22.21
CG FME L 1 67.72 25.65 22.86
SD FME L 1 67.07 26.51 24.27
CE FME L 1 68.51 26.90 25.16
C FME L 1 68.06 26.67 19.85
O FME L 1 66.97 26.17 19.58
N HIS L 2 68.43 27.85 19.35
CA HIS L 2 67.58 28.63 18.45
C HIS L 2 67.19 27.96 17.14
N ARG L 3 67.96 26.95 16.73
CA ARG L 3 67.67 26.24 15.48
C ARG L 3 66.33 25.52 15.49
N ILE L 4 65.74 25.26 16.66
CA ILE L 4 64.41 24.63 16.71
C ILE L 4 63.37 25.48 15.99
N TRP L 5 63.56 26.80 15.93
CA TRP L 5 62.62 27.72 15.28
C TRP L 5 62.72 27.75 13.75
N MET L 6 63.78 27.20 13.16
CA MET L 6 64.06 27.48 11.75
C MET L 6 62.94 27.03 10.82
N GLY L 7 62.29 25.90 11.11
CA GLY L 7 61.17 25.44 10.32
C GLY L 7 59.80 25.99 10.66
N THR L 8 59.71 27.23 11.15
CA THR L 8 58.48 27.73 11.75
C THR L 8 58.15 29.13 11.29
N ASP L 9 56.89 29.51 11.46
CA ASP L 9 56.40 30.88 11.32
C ASP L 9 56.21 31.48 12.70
N PRO L 10 56.87 32.58 13.04
CA PRO L 10 56.77 33.10 14.42
C PRO L 10 55.39 33.57 14.83
N HIS L 11 54.55 33.99 13.89
CA HIS L 11 53.17 34.33 14.23
C HIS L 11 52.36 33.10 14.64
N ILE L 12 52.71 31.92 14.11
CA ILE L 12 52.11 30.70 14.63
C ILE L 12 52.63 30.38 16.03
N ILE L 13 53.94 30.55 16.26
CA ILE L 13 54.52 30.27 17.57
C ILE L 13 53.87 31.15 18.64
N MET L 14 53.78 32.45 18.38
CA MET L 14 53.13 33.36 19.33
C MET L 14 51.64 33.06 19.48
N SER L 15 50.97 32.68 18.39
CA SER L 15 49.56 32.35 18.47
C SER L 15 49.30 31.11 19.33
N ALA L 16 50.08 30.05 19.11
CA ALA L 16 49.92 28.83 19.89
C ALA L 16 50.33 29.02 21.34
N LEU L 17 51.43 29.75 21.58
CA LEU L 17 51.81 30.07 22.96
C LEU L 17 50.76 30.92 23.66
N GLY L 18 50.27 31.96 22.98
CA GLY L 18 49.24 32.79 23.58
C GLY L 18 47.98 32.03 23.90
N SER L 19 47.56 31.13 23.01
CA SER L 19 46.38 30.30 23.26
C SER L 19 46.57 29.39 24.46
N PHE L 20 47.74 28.76 24.58
CA PHE L 20 48.05 27.97 25.77
C PHE L 20 48.01 28.81 27.05
N LEU L 21 48.69 29.96 27.04
CA LEU L 21 48.75 30.79 28.24
C LEU L 21 47.38 31.27 28.69
N VAL L 22 46.51 31.67 27.75
CA VAL L 22 45.15 32.05 28.12
C VAL L 22 44.42 30.88 28.76
N GLY L 23 44.46 29.71 28.11
CA GLY L 23 43.81 28.53 28.68
C GLY L 23 44.33 28.19 30.06
N ALA L 24 45.65 28.08 30.19
CA ALA L 24 46.27 27.68 31.46
C ALA L 24 45.94 28.66 32.58
N VAL L 25 46.09 29.96 32.31
CA VAL L 25 45.80 30.99 33.32
C VAL L 25 44.34 30.94 33.76
N LEU L 26 43.40 30.79 32.83
CA LEU L 26 42.00 30.70 33.20
C LEU L 26 41.68 29.44 34.00
N VAL L 27 42.20 28.28 33.58
CA VAL L 27 42.04 27.06 34.37
C VAL L 27 42.61 27.26 35.78
N MET L 28 43.82 27.83 35.88
CA MET L 28 44.45 28.00 37.19
C MET L 28 43.66 28.94 38.10
N HIS L 29 43.13 30.04 37.55
CA HIS L 29 42.33 30.94 38.37
C HIS L 29 41.01 30.32 38.82
N ILE L 30 40.30 29.65 37.91
CA ILE L 30 39.01 29.08 38.28
C ILE L 30 39.20 27.93 39.25
N TRP L 31 40.28 27.16 39.11
CA TRP L 31 40.64 26.19 40.13
C TRP L 31 40.97 26.88 41.45
N ALA L 32 41.82 27.90 41.41
CA ALA L 32 42.27 28.57 42.64
C ALA L 32 41.13 29.23 43.40
N TYR L 33 40.18 29.85 42.70
CA TYR L 33 39.03 30.42 43.38
C TYR L 33 38.22 29.40 44.15
N GLY L 34 38.21 28.14 43.69
CA GLY L 34 37.58 27.08 44.45
C GLY L 34 38.32 26.70 45.71
N GLN L 35 39.64 26.59 45.64
CA GLN L 35 40.42 26.15 46.78
C GLN L 35 40.58 27.23 47.85
N PHE L 36 40.86 28.47 47.45
CA PHE L 36 41.29 29.48 48.40
C PHE L 36 40.15 30.20 49.11
N ASN L 37 38.90 29.93 48.76
CA ASN L 37 37.74 30.67 49.28
C ASN L 37 37.84 32.17 49.02
N TRP L 38 38.46 32.55 47.91
CA TRP L 38 38.46 33.91 47.44
C TRP L 38 38.04 33.88 45.97
N PRO L 39 37.12 34.74 45.53
CA PRO L 39 36.56 35.95 46.15
C PRO L 39 35.39 35.75 47.11
N ALA L 40 35.07 34.51 47.48
CA ALA L 40 33.94 34.28 48.38
C ALA L 40 34.05 35.07 49.69
N THR L 41 35.25 35.18 50.26
CA THR L 41 35.41 36.06 51.43
C THR L 41 35.22 37.52 51.08
N LEU L 42 35.63 37.94 49.88
CA LEU L 42 35.35 39.30 49.43
C LEU L 42 33.85 39.56 49.31
N LYS L 43 33.12 38.61 48.72
CA LYS L 43 31.67 38.77 48.60
C LYS L 43 31.01 38.87 49.98
N ALA L 44 31.39 37.97 50.90
CA ALA L 44 30.82 37.99 52.24
C ALA L 44 31.15 39.27 53.00
N LYS L 45 32.31 39.87 52.73
CA LYS L 45 32.69 41.10 53.41
C LYS L 45 31.72 42.25 53.13
N TYR L 46 31.23 42.36 51.89
CA TYR L 46 30.37 43.47 51.50
C TYR L 46 28.91 43.11 51.33
N ALA L 47 28.55 41.83 51.40
CA ALA L 47 27.16 41.42 51.23
C ALA L 47 26.27 42.05 52.31
N THR L 48 25.05 42.40 51.91
CA THR L 48 24.12 43.07 52.82
C THR L 48 23.53 42.05 53.80
N PRO L 49 23.73 42.23 55.12
CA PRO L 49 23.33 41.27 56.16
C PRO L 49 21.83 41.00 56.17
N FME M 1 74.87 7.39 19.67
CN FME M 1 75.35 7.29 18.38
O1 FME M 1 74.62 7.05 17.41
CA FME M 1 73.49 7.20 20.01
CB FME M 1 73.27 7.17 21.54
CG FME M 1 72.04 6.39 21.91
SD FME M 1 72.03 6.13 23.66
CE FME M 1 71.55 7.70 24.28
C FME M 1 72.58 8.28 19.43
O FME M 1 71.36 8.13 19.28
N HIS M 2 73.20 9.41 19.07
CA HIS M 2 72.54 10.48 18.34
C HIS M 2 71.95 10.07 16.99
N ARG M 3 72.50 9.02 16.40
CA ARG M 3 72.13 8.64 15.05
C ARG M 3 70.70 8.12 14.93
N ILE M 4 70.05 7.79 16.05
CA ILE M 4 68.64 7.41 16.05
C ILE M 4 67.74 8.53 15.51
N TRP M 5 68.16 9.79 15.65
CA TRP M 5 67.34 10.90 15.20
C TRP M 5 67.40 11.14 13.68
N MET M 6 68.35 10.53 12.98
CA MET M 6 68.41 10.69 11.53
C MET M 6 67.10 10.30 10.88
N GLY M 7 66.65 11.11 9.91
CA GLY M 7 65.40 10.89 9.21
C GLY M 7 64.16 11.35 9.92
N THR M 8 64.23 11.74 11.19
CA THR M 8 63.08 12.27 11.90
C THR M 8 62.91 13.76 11.60
N ASP M 9 61.69 14.26 11.82
CA ASP M 9 61.45 15.69 11.83
C ASP M 9 61.45 16.17 13.28
N PRO M 10 62.37 17.07 13.65
CA PRO M 10 62.41 17.59 15.03
C PRO M 10 61.08 18.11 15.56
N HIS M 11 60.24 18.67 14.70
CA HIS M 11 58.95 19.19 15.15
C HIS M 11 57.96 18.08 15.46
N ILE M 12 58.00 16.97 14.72
CA ILE M 12 57.21 15.80 15.13
C ILE M 12 57.72 15.27 16.47
N ILE M 13 59.04 15.22 16.66
CA ILE M 13 59.59 14.72 17.91
C ILE M 13 59.12 15.57 19.08
N MET M 14 59.32 16.88 19.00
CA MET M 14 58.93 17.80 20.07
C MET M 14 57.41 17.81 20.28
N SER M 15 56.64 17.62 19.21
CA SER M 15 55.19 17.56 19.34
C SER M 15 54.75 16.29 20.07
N ALA M 16 55.34 15.15 19.70
CA ALA M 16 55.00 13.89 20.37
C ALA M 16 55.44 13.88 21.83
N LEU M 17 56.69 14.28 22.08
CA LEU M 17 57.18 14.36 23.45
C LEU M 17 56.35 15.33 24.28
N GLY M 18 56.07 16.51 23.74
CA GLY M 18 55.24 17.47 24.45
C GLY M 18 53.85 16.94 24.77
N SER M 19 53.25 16.22 23.84
CA SER M 19 51.93 15.65 24.07
C SER M 19 51.96 14.57 25.14
N PHE M 20 52.95 13.68 25.08
CA PHE M 20 53.13 12.69 26.15
C PHE M 20 53.29 13.34 27.52
N LEU M 21 54.17 14.34 27.62
CA LEU M 21 54.40 14.99 28.90
C LEU M 21 53.16 15.67 29.45
N VAL M 22 52.35 16.31 28.59
CA VAL M 22 51.10 16.89 29.06
C VAL M 22 50.17 15.81 29.60
N GLY M 23 49.94 14.75 28.80
CA GLY M 23 49.07 13.67 29.24
C GLY M 23 49.54 13.02 30.53
N ALA M 24 50.82 12.64 30.59
CA ALA M 24 51.37 11.99 31.77
C ALA M 24 51.29 12.87 33.01
N VAL M 25 51.67 14.14 32.88
CA VAL M 25 51.62 15.06 34.02
C VAL M 25 50.19 15.24 34.54
N LEU M 26 49.21 15.37 33.65
CA LEU M 26 47.83 15.51 34.10
C LEU M 26 47.34 14.25 34.83
N VAL M 27 47.63 13.07 34.29
CA VAL M 27 47.29 11.83 34.99
C VAL M 27 47.93 11.78 36.36
N MET M 28 49.24 12.04 36.43
CA MET M 28 49.95 12.01 37.70
C MET M 28 49.38 12.99 38.73
N HIS M 29 48.98 14.19 38.30
CA HIS M 29 48.37 15.12 39.26
C HIS M 29 47.00 14.67 39.73
N ILE M 30 46.13 14.21 38.84
CA ILE M 30 44.82 13.73 39.30
C ILE M 30 45.00 12.62 40.31
N TRP M 31 45.90 11.68 39.99
CA TRP M 31 46.20 10.57 40.89
C TRP M 31 46.75 11.08 42.22
N ALA M 32 47.80 11.92 42.16
CA ALA M 32 48.42 12.43 43.37
C ALA M 32 47.45 13.23 44.24
N TYR M 33 46.62 14.08 43.62
CA TYR M 33 45.65 14.84 44.40
C TYR M 33 44.71 13.94 45.18
N GLY M 34 44.33 12.80 44.60
CA GLY M 34 43.50 11.85 45.31
C GLY M 34 44.22 11.15 46.45
N GLN M 35 45.43 10.66 46.20
CA GLN M 35 46.17 9.92 47.23
C GLN M 35 46.61 10.82 48.37
N PHE M 36 47.11 12.02 48.08
CA PHE M 36 47.70 12.87 49.10
C PHE M 36 46.69 13.76 49.85
N ASN M 37 45.41 13.74 49.48
CA ASN M 37 44.39 14.58 50.11
C ASN M 37 44.71 16.06 50.01
N TRP M 38 45.37 16.48 48.93
CA TRP M 38 45.65 17.87 48.66
C TRP M 38 45.22 18.15 47.22
N PRO M 39 44.52 19.27 46.95
CA PRO M 39 44.20 20.45 47.75
C PRO M 39 43.01 20.34 48.72
N ALA M 40 42.50 19.14 48.98
CA ALA M 40 41.37 19.02 49.88
C ALA M 40 41.67 19.54 51.28
N THR M 41 42.89 19.34 51.78
CA THR M 41 43.27 19.98 53.04
C THR M 41 43.48 21.48 52.90
N LEU M 42 43.95 21.95 51.75
CA LEU M 42 43.99 23.39 51.49
C LEU M 42 42.60 24.00 51.53
N LYS M 43 41.64 23.38 50.84
CA LYS M 43 40.28 23.91 50.84
C LYS M 43 39.70 23.97 52.24
N ALA M 44 39.84 22.88 53.02
CA ALA M 44 39.34 22.85 54.39
C ALA M 44 40.02 23.90 55.28
N LYS M 45 41.28 24.24 55.01
CA LYS M 45 41.95 25.26 55.82
C LYS M 45 41.26 26.62 55.73
N TYR M 46 40.85 27.03 54.53
CA TYR M 46 40.25 28.34 54.33
C TYR M 46 38.73 28.32 54.19
N ALA M 47 38.10 27.16 54.26
CA ALA M 47 36.65 27.07 54.12
C ALA M 47 35.94 27.91 55.19
N THR M 48 34.79 28.46 54.81
CA THR M 48 33.96 29.22 55.74
C THR M 48 33.28 28.27 56.73
N PRO M 49 33.49 28.42 58.04
CA PRO M 49 32.86 27.52 59.02
C PRO M 49 31.35 27.69 59.08
N FME N 1 76.01 -12.14 16.46
CN FME N 1 75.95 -12.35 15.11
O1 FME N 1 74.91 -12.30 14.45
CA FME N 1 74.87 -11.84 17.29
CB FME N 1 75.29 -11.56 18.75
CG FME N 1 74.14 -11.69 19.71
SD FME N 1 74.72 -11.14 21.30
CE FME N 1 75.58 -12.56 21.89
C FME N 1 74.06 -10.64 16.80
O FME N 1 72.83 -10.56 16.86
N HIS N 2 74.80 -9.67 16.26
CA HIS N 2 74.22 -8.43 15.73
C HIS N 2 73.44 -8.58 14.42
N ARG N 3 73.71 -9.65 13.67
CA ARG N 3 73.22 -9.73 12.29
C ARG N 3 71.71 -9.83 12.21
N ILE N 4 71.05 -10.20 13.31
CA ILE N 4 69.58 -10.24 13.37
C ILE N 4 68.95 -8.89 13.07
N TRP N 5 69.65 -7.79 13.37
CA TRP N 5 69.13 -6.46 13.07
C TRP N 5 69.22 -6.08 11.59
N MET N 6 69.98 -6.82 10.80
CA MET N 6 70.11 -6.49 9.37
C MET N 6 68.76 -6.60 8.67
N GLY N 7 68.53 -5.69 7.73
CA GLY N 7 67.26 -5.57 7.04
C GLY N 7 66.13 -4.95 7.83
N THR N 8 66.36 -4.54 9.07
CA THR N 8 65.36 -3.84 9.86
C THR N 8 65.55 -2.32 9.73
N ASP N 9 64.56 -1.58 10.21
CA ASP N 9 64.67 -0.14 10.39
C ASP N 9 64.76 0.15 11.89
N PRO N 10 65.80 0.85 12.36
CA PRO N 10 65.93 1.10 13.80
C PRO N 10 64.76 1.86 14.42
N HIS N 11 64.06 2.69 13.63
CA HIS N 11 62.85 3.33 14.15
C HIS N 11 61.74 2.32 14.39
N ILE N 12 61.55 1.38 13.47
CA ILE N 12 60.56 0.33 13.63
C ILE N 12 60.85 -0.51 14.88
N ILE N 13 62.12 -0.83 15.11
CA ILE N 13 62.50 -1.55 16.33
C ILE N 13 62.21 -0.72 17.58
N MET N 14 62.66 0.53 17.61
CA MET N 14 62.44 1.36 18.79
C MET N 14 60.96 1.65 19.03
N SER N 15 60.17 1.75 17.97
CA SER N 15 58.72 1.88 18.13
C SER N 15 58.12 0.63 18.77
N ALA N 16 58.48 -0.55 18.26
CA ALA N 16 57.96 -1.80 18.80
C ALA N 16 58.44 -2.03 20.24
N LEU N 17 59.74 -1.86 20.49
CA LEU N 17 60.27 -2.01 21.84
C LEU N 17 59.67 -1.00 22.81
N GLY N 18 59.57 0.25 22.40
CA GLY N 18 58.95 1.26 23.25
C GLY N 18 57.50 0.97 23.59
N SER N 19 56.73 0.50 22.61
CA SER N 19 55.35 0.10 22.85
C SER N 19 55.27 -1.05 23.87
N PHE N 20 56.07 -2.10 23.66
CA PHE N 20 56.09 -3.21 24.61
C PHE N 20 56.43 -2.75 26.03
N LEU N 21 57.46 -1.93 26.19
CA LEU N 21 57.86 -1.48 27.52
C LEU N 21 56.77 -0.67 28.21
N VAL N 22 56.16 0.28 27.49
CA VAL N 22 55.03 1.03 28.07
C VAL N 22 53.92 0.08 28.49
N GLY N 23 53.59 -0.89 27.66
CA GLY N 23 52.59 -1.87 28.00
C GLY N 23 52.90 -2.68 29.23
N ALA N 24 54.07 -3.34 29.23
CA ALA N 24 54.49 -4.17 30.35
C ALA N 24 54.59 -3.39 31.65
N VAL N 25 55.21 -2.20 31.62
CA VAL N 25 55.36 -1.39 32.82
C VAL N 25 54.00 -0.99 33.41
N LEU N 26 53.07 -0.54 32.56
CA LEU N 26 51.74 -0.20 33.06
C LEU N 26 51.02 -1.40 33.65
N VAL N 27 51.01 -2.52 32.93
CA VAL N 27 50.38 -3.74 33.45
C VAL N 27 50.99 -4.15 34.79
N MET N 28 52.32 -4.12 34.89
CA MET N 28 52.97 -4.48 36.16
C MET N 28 52.60 -3.55 37.30
N HIS N 29 52.53 -2.24 37.04
CA HIS N 29 52.12 -1.32 38.11
C HIS N 29 50.67 -1.49 38.51
N ILE N 30 49.77 -1.64 37.54
CA ILE N 30 48.35 -1.81 37.88
C ILE N 30 48.16 -3.09 38.69
N TRP N 31 48.85 -4.15 38.29
CA TRP N 31 48.85 -5.38 39.07
C TRP N 31 49.45 -5.17 40.46
N ALA N 32 50.63 -4.55 40.53
CA ALA N 32 51.33 -4.39 41.81
C ALA N 32 50.52 -3.56 42.81
N TYR N 33 49.87 -2.50 42.35
CA TYR N 33 49.05 -1.71 43.27
C TYR N 33 47.92 -2.53 43.90
N GLY N 34 47.42 -3.54 43.17
CA GLY N 34 46.40 -4.40 43.72
C GLY N 34 46.90 -5.36 44.80
N GLN N 35 48.12 -5.88 44.62
CA GLN N 35 48.64 -6.84 45.59
C GLN N 35 49.28 -6.18 46.80
N PHE N 36 50.09 -5.15 46.60
CA PHE N 36 50.91 -4.60 47.68
C PHE N 36 50.15 -3.68 48.63
N ASN N 37 48.86 -3.43 48.41
CA ASN N 37 48.07 -2.50 49.20
C ASN N 37 48.62 -1.08 49.19
N TRP N 38 49.41 -0.72 48.18
CA TRP N 38 49.91 0.63 48.00
C TRP N 38 49.47 1.11 46.62
N PRO N 39 48.92 2.32 46.49
CA PRO N 39 48.87 3.46 47.39
C PRO N 39 47.74 3.51 48.42
N ALA N 40 46.98 2.42 48.59
CA ALA N 40 45.87 2.43 49.53
C ALA N 40 46.33 2.76 50.96
N THR N 41 47.47 2.23 51.40
CA THR N 41 48.01 2.62 52.69
C THR N 41 48.48 4.08 52.72
N LEU N 42 48.95 4.60 51.58
CA LEU N 42 49.26 6.02 51.49
C LEU N 42 48.03 6.88 51.64
N LYS N 43 46.96 6.55 50.93
CA LYS N 43 45.71 7.30 51.02
C LYS N 43 45.15 7.29 52.44
N ALA N 44 45.18 6.13 53.09
CA ALA N 44 44.72 6.02 54.46
C ALA N 44 45.56 6.83 55.45
N LYS N 45 46.86 7.01 55.19
CA LYS N 45 47.67 7.85 56.06
C LYS N 45 47.18 9.29 56.10
N TYR N 46 46.86 9.88 54.95
CA TYR N 46 46.53 11.29 54.87
C TYR N 46 45.04 11.58 54.76
N ALA N 47 44.19 10.56 54.77
CA ALA N 47 42.75 10.79 54.71
C ALA N 47 42.28 11.65 55.89
N THR N 48 41.24 12.43 55.65
CA THR N 48 40.59 13.19 56.71
C THR N 48 39.78 12.27 57.61
N PRO N 49 40.00 12.30 58.94
CA PRO N 49 39.28 11.46 59.90
C PRO N 49 37.76 11.62 59.82
N FME O 1 71.35 -30.67 11.05
CN FME O 1 71.64 -30.75 9.71
O1 FME O 1 70.79 -30.54 8.82
CA FME O 1 70.06 -30.33 11.58
CB FME O 1 70.03 -30.40 13.12
CG FME O 1 68.63 -30.33 13.66
SD FME O 1 68.65 -30.63 15.41
CE FME O 1 67.01 -30.18 15.84
C FME O 1 69.57 -28.94 11.18
O FME O 1 68.38 -28.62 11.10
N HIS O 2 70.54 -28.07 10.90
CA HIS O 2 70.27 -26.70 10.47
C HIS O 2 69.53 -26.55 9.14
N ARG O 3 69.54 -27.59 8.31
CA ARG O 3 68.93 -27.50 6.99
C ARG O 3 67.43 -27.23 7.03
N ILE O 4 66.75 -27.50 8.15
CA ILE O 4 65.35 -27.15 8.30
C ILE O 4 65.10 -25.63 8.22
N TRP O 5 66.11 -24.82 8.49
CA TRP O 5 66.00 -23.36 8.38
C TRP O 5 66.13 -22.82 6.95
N MET O 6 66.57 -23.62 5.98
CA MET O 6 66.96 -23.05 4.69
C MET O 6 65.81 -22.35 3.97
N GLY O 7 64.64 -23.00 3.90
CA GLY O 7 63.50 -22.37 3.28
C GLY O 7 62.75 -21.34 4.10
N THR O 8 63.44 -20.63 5.01
CA THR O 8 62.77 -19.82 6.02
C THR O 8 63.45 -18.46 6.13
N ASP O 9 62.70 -17.49 6.70
CA ASP O 9 63.16 -16.15 7.03
C ASP O 9 63.38 -16.06 8.54
N PRO O 10 64.56 -15.66 8.99
CA PRO O 10 64.84 -15.67 10.44
C PRO O 10 63.94 -14.75 11.25
N HIS O 11 63.45 -13.66 10.67
CA HIS O 11 62.50 -12.80 11.36
C HIS O 11 61.14 -13.45 11.54
N ILE O 12 60.73 -14.29 10.59
CA ILE O 12 59.50 -15.06 10.78
C ILE O 12 59.68 -16.13 11.84
N ILE O 13 60.84 -16.78 11.87
CA ILE O 13 61.11 -17.78 12.91
C ILE O 13 61.11 -17.13 14.30
N MET O 14 61.87 -16.05 14.46
CA MET O 14 61.90 -15.36 15.76
C MET O 14 60.55 -14.75 16.13
N SER O 15 59.78 -14.27 15.16
CA SER O 15 58.43 -13.81 15.45
C SER O 15 57.54 -14.96 15.94
N ALA O 16 57.60 -16.10 15.26
CA ALA O 16 56.78 -17.24 15.65
C ALA O 16 57.19 -17.79 17.01
N LEU O 17 58.49 -17.95 17.23
CA LEU O 17 58.97 -18.38 18.54
C LEU O 17 58.59 -17.39 19.64
N GLY O 18 58.78 -16.10 19.39
CA GLY O 18 58.40 -15.10 20.39
C GLY O 18 56.92 -15.10 20.68
N SER O 19 56.09 -15.26 19.65
CA SER O 19 54.64 -15.35 19.85
C SER O 19 54.27 -16.58 20.67
N PHE O 20 54.89 -17.72 20.38
CA PHE O 20 54.67 -18.93 21.19
C PHE O 20 55.09 -18.71 22.65
N LEU O 21 56.28 -18.18 22.87
CA LEU O 21 56.78 -18.03 24.24
C LEU O 21 55.94 -17.04 25.04
N VAL O 22 55.56 -15.90 24.46
CA VAL O 22 54.71 -14.95 25.17
C VAL O 22 53.40 -15.61 25.57
N GLY O 23 52.76 -16.30 24.62
CA GLY O 23 51.50 -16.98 24.92
C GLY O 23 51.64 -18.07 25.97
N ALA O 24 52.64 -18.93 25.80
CA ALA O 24 52.84 -20.04 26.73
C ALA O 24 53.16 -19.55 28.15
N VAL O 25 54.03 -18.55 28.26
CA VAL O 25 54.41 -18.05 29.58
C VAL O 25 53.22 -17.41 30.30
N LEU O 26 52.42 -16.62 29.58
CA LEU O 26 51.24 -16.00 30.20
C LEU O 26 50.22 -17.05 30.64
N VAL O 27 49.96 -18.04 29.80
CA VAL O 27 49.08 -19.15 30.19
C VAL O 27 49.63 -19.88 31.42
N MET O 28 50.93 -20.16 31.44
CA MET O 28 51.51 -20.83 32.61
C MET O 28 51.42 -20.00 33.88
N HIS O 29 51.61 -18.68 33.79
CA HIS O 29 51.50 -17.84 34.99
C HIS O 29 50.08 -17.75 35.51
N ILE O 30 49.10 -17.47 34.63
CA ILE O 30 47.73 -17.37 35.12
C ILE O 30 47.24 -18.71 35.68
N TRP O 31 47.71 -19.82 35.10
CA TRP O 31 47.43 -21.13 35.67
C TRP O 31 48.08 -21.29 37.03
N ALA O 32 49.39 -21.03 37.12
CA ALA O 32 50.13 -21.18 38.36
C ALA O 32 49.57 -20.30 39.49
N TYR O 33 49.22 -19.05 39.17
CA TYR O 33 48.64 -18.18 40.20
C TYR O 33 47.38 -18.77 40.82
N GLY O 34 46.59 -19.50 40.03
CA GLY O 34 45.41 -20.15 40.57
C GLY O 34 45.72 -21.34 41.47
N GLN O 35 46.70 -22.15 41.09
CA GLN O 35 47.02 -23.34 41.87
C GLN O 35 47.80 -23.02 43.14
N PHE O 36 48.82 -22.15 43.05
CA PHE O 36 49.77 -21.98 44.15
C PHE O 36 49.31 -21.04 45.25
N ASN O 37 48.14 -20.41 45.12
CA ASN O 37 47.67 -19.42 46.09
C ASN O 37 48.61 -18.23 46.22
N TRP O 38 49.28 -17.86 45.13
CA TRP O 38 50.13 -16.67 45.10
C TRP O 38 49.80 -15.92 43.81
N PRO O 39 49.63 -14.58 43.86
CA PRO O 39 49.88 -13.59 44.92
C PRO O 39 48.83 -13.49 46.03
N ALA O 40 47.84 -14.38 46.05
CA ALA O 40 46.77 -14.28 47.05
C ALA O 40 47.30 -14.26 48.48
N THR O 41 48.36 -15.03 48.79
CA THR O 41 49.02 -14.88 50.08
C THR O 41 49.75 -13.54 50.22
N LEU O 42 50.39 -13.08 49.16
CA LEU O 42 51.01 -11.75 49.18
C LEU O 42 49.99 -10.66 49.47
N LYS O 43 48.83 -10.71 48.80
CA LYS O 43 47.79 -9.73 49.03
C LYS O 43 47.30 -9.77 50.46
N ALA O 44 46.91 -10.96 50.93
CA ALA O 44 46.45 -11.14 52.31
C ALA O 44 47.50 -10.73 53.34
N LYS O 45 48.78 -10.86 53.01
CA LYS O 45 49.83 -10.44 53.94
C LYS O 45 49.81 -8.94 54.21
N TYR O 46 49.56 -8.12 53.19
CA TYR O 46 49.61 -6.67 53.35
C TYR O 46 48.24 -6.00 53.40
N ALA O 47 47.16 -6.74 53.22
CA ALA O 47 45.82 -6.16 53.28
C ALA O 47 45.57 -5.53 54.64
N THR O 48 44.72 -4.50 54.65
CA THR O 48 44.39 -3.78 55.88
C THR O 48 43.35 -4.55 56.68
N PRO O 49 43.66 -5.03 57.90
CA PRO O 49 42.73 -5.79 58.73
C PRO O 49 41.47 -5.00 59.08
N FME P 1 63.10 -47.02 4.06
CN FME P 1 63.49 -47.00 2.74
O1 FME P 1 62.82 -46.47 1.84
CA FME P 1 61.89 -46.42 4.55
CB FME P 1 61.69 -46.66 6.06
CG FME P 1 60.29 -46.35 6.52
SD FME P 1 60.21 -46.60 8.27
CE FME P 1 58.97 -45.45 8.75
C FME P 1 61.81 -44.91 4.31
O FME P 1 60.75 -44.30 4.20
N HIS P 2 62.99 -44.30 4.20
CA HIS P 2 63.11 -42.86 3.96
C HIS P 2 62.42 -42.38 2.69
N ARG P 3 62.24 -43.29 1.74
CA ARG P 3 61.69 -42.94 0.44
C ARG P 3 60.25 -42.43 0.52
N ILE P 4 59.57 -42.68 1.64
CA ILE P 4 58.25 -42.10 1.89
C ILE P 4 58.27 -40.57 1.91
N TRP P 5 59.38 -39.95 2.30
CA TRP P 5 59.42 -38.50 2.44
C TRP P 5 59.59 -37.75 1.12
N MET P 6 59.83 -38.43 0.02
CA MET P 6 60.07 -37.76 -1.26
C MET P 6 58.82 -37.02 -1.73
N GLY P 7 59.04 -35.91 -2.44
CA GLY P 7 57.98 -35.07 -2.95
C GLY P 7 57.30 -34.18 -1.94
N THR P 8 57.53 -34.38 -0.64
CA THR P 8 56.93 -33.59 0.42
C THR P 8 57.66 -32.27 0.62
N ASP P 9 57.07 -31.40 1.42
CA ASP P 9 57.75 -30.23 1.96
C ASP P 9 58.07 -30.47 3.43
N PRO P 10 59.35 -30.38 3.83
CA PRO P 10 59.70 -30.55 5.26
C PRO P 10 58.90 -29.67 6.22
N HIS P 11 58.62 -28.43 5.81
CA HIS P 11 57.91 -27.50 6.69
C HIS P 11 56.44 -27.89 6.88
N ILE P 12 55.81 -28.43 5.85
CA ILE P 12 54.46 -28.99 6.02
C ILE P 12 54.49 -30.15 7.01
N ILE P 13 55.44 -31.06 6.85
CA ILE P 13 55.55 -32.20 7.76
C ILE P 13 55.74 -31.73 9.20
N MET P 14 56.70 -30.82 9.41
CA MET P 14 56.95 -30.32 10.75
C MET P 14 55.80 -29.49 11.31
N SER P 15 55.06 -28.78 10.45
CA SER P 15 53.82 -28.15 10.90
C SER P 15 52.81 -29.20 11.34
N ALA P 16 52.58 -30.21 10.50
CA ALA P 16 51.57 -31.22 10.78
C ALA P 16 51.90 -31.99 12.05
N LEU P 17 53.13 -32.50 12.14
CA LEU P 17 53.57 -33.22 13.33
C LEU P 17 53.51 -32.32 14.57
N GLY P 18 54.03 -31.11 14.47
CA GLY P 18 54.02 -30.21 15.61
C GLY P 18 52.61 -29.89 16.10
N SER P 19 51.66 -29.78 15.17
CA SER P 19 50.28 -29.46 15.54
C SER P 19 49.57 -30.67 16.13
N PHE P 20 49.77 -31.86 15.55
CA PHE P 20 49.31 -33.09 16.18
C PHE P 20 49.81 -33.21 17.62
N LEU P 21 51.12 -33.04 17.83
CA LEU P 21 51.69 -33.17 19.16
C LEU P 21 51.07 -32.18 20.15
N VAL P 22 50.91 -30.92 19.75
CA VAL P 22 50.24 -29.95 20.62
C VAL P 22 48.84 -30.42 20.99
N GLY P 23 48.06 -30.85 20.00
CA GLY P 23 46.71 -31.30 20.28
C GLY P 23 46.66 -32.53 21.16
N ALA P 24 47.47 -33.55 20.82
CA ALA P 24 47.53 -34.77 21.61
C ALA P 24 47.98 -34.49 23.05
N VAL P 25 49.04 -33.71 23.22
CA VAL P 25 49.56 -33.43 24.55
C VAL P 25 48.56 -32.63 25.40
N LEU P 26 47.84 -31.69 24.79
CA LEU P 26 46.83 -30.96 25.55
C LEU P 26 45.68 -31.87 25.97
N VAL P 27 45.21 -32.74 25.08
CA VAL P 27 44.16 -33.69 25.44
C VAL P 27 44.61 -34.61 26.56
N MET P 28 45.81 -35.18 26.42
CA MET P 28 46.35 -36.07 27.45
C MET P 28 46.51 -35.39 28.81
N HIS P 29 46.95 -34.13 28.85
CA HIS P 29 47.05 -33.44 30.14
C HIS P 29 45.69 -33.12 30.76
N ILE P 30 44.72 -32.65 29.97
CA ILE P 30 43.42 -32.34 30.57
C ILE P 30 42.78 -33.62 31.10
N TRP P 31 42.87 -34.70 30.34
CA TRP P 31 42.39 -36.00 30.79
C TRP P 31 43.13 -36.43 32.05
N ALA P 32 44.46 -36.40 32.02
CA ALA P 32 45.26 -36.86 33.15
C ALA P 32 45.01 -36.02 34.41
N TYR P 33 44.88 -34.70 34.25
CA TYR P 33 44.59 -33.87 35.42
C TYR P 33 43.28 -34.27 36.08
N GLY P 34 42.30 -34.70 35.30
CA GLY P 34 41.07 -35.25 35.83
C GLY P 34 41.24 -36.53 36.62
N GLN P 35 41.85 -37.54 35.99
CA GLN P 35 41.92 -38.86 36.61
C GLN P 35 42.82 -38.87 37.84
N PHE P 36 43.95 -38.17 37.79
CA PHE P 36 44.94 -38.25 38.86
C PHE P 36 44.70 -37.31 40.02
N ASN P 37 43.66 -36.47 39.98
CA ASN P 37 43.36 -35.51 41.03
C ASN P 37 44.50 -34.53 41.27
N TRP P 38 45.30 -34.24 40.24
CA TRP P 38 46.35 -33.24 40.32
C TRP P 38 46.18 -32.31 39.13
N PRO P 39 46.25 -30.99 39.32
CA PRO P 39 46.72 -30.17 40.45
C PRO P 39 45.73 -29.93 41.59
N ALA P 40 44.60 -30.64 41.62
CA ALA P 40 43.63 -30.44 42.70
C ALA P 40 44.25 -30.67 44.08
N THR P 41 45.07 -31.71 44.25
CA THR P 41 45.76 -31.89 45.53
C THR P 41 46.83 -30.83 45.76
N LEU P 42 47.45 -30.31 44.70
CA LEU P 42 48.34 -29.17 44.85
C LEU P 42 47.60 -27.94 45.36
N LYS P 43 46.47 -27.61 44.72
CA LYS P 43 45.69 -26.45 45.14
C LYS P 43 45.23 -26.57 46.59
N ALA P 44 44.71 -27.74 46.96
CA ALA P 44 44.30 -27.98 48.34
C ALA P 44 45.45 -27.91 49.34
N LYS P 45 46.67 -28.28 48.94
CA LYS P 45 47.80 -28.17 49.86
C LYS P 45 48.06 -26.73 50.29
N TYR P 46 48.02 -25.78 49.35
CA TYR P 46 48.35 -24.39 49.66
C TYR P 46 47.15 -23.47 49.81
N ALA P 47 45.93 -23.95 49.59
CA ALA P 47 44.74 -23.13 49.82
C ALA P 47 44.68 -22.66 51.27
N THR P 48 44.11 -21.46 51.46
CA THR P 48 43.90 -20.93 52.79
C THR P 48 42.65 -21.54 53.42
N PRO P 49 42.71 -21.97 54.70
CA PRO P 49 41.55 -22.53 55.41
C PRO P 49 40.28 -21.69 55.32
N FME Q 1 51.36 -60.62 -5.01
CN FME Q 1 51.73 -60.36 -6.31
O1 FME Q 1 51.22 -59.45 -6.99
CA FME Q 1 50.35 -59.91 -4.30
CB FME Q 1 50.13 -60.48 -2.88
CG FME Q 1 51.40 -60.48 -2.08
SD FME Q 1 51.09 -61.30 -0.53
CE FME Q 1 49.78 -60.37 0.16
C FME Q 1 50.64 -58.41 -4.14
O FME Q 1 49.76 -57.58 -3.93
N HIS Q 2 51.92 -58.08 -4.28
CA HIS Q 2 52.38 -56.69 -4.27
C HIS Q 2 51.81 -55.83 -5.41
N ARG Q 3 51.39 -56.47 -6.49
CA ARG Q 3 50.91 -55.73 -7.67
C ARG Q 3 49.66 -54.91 -7.39
N ILE Q 4 48.93 -55.21 -6.31
CA ILE Q 4 47.76 -54.41 -5.94
C ILE Q 4 48.13 -52.93 -5.73
N TRP Q 5 49.36 -52.64 -5.29
CA TRP Q 5 49.79 -51.26 -5.09
C TRP Q 5 50.11 -50.50 -6.36
N MET Q 6 50.21 -51.18 -7.52
CA MET Q 6 50.49 -50.48 -8.76
C MET Q 6 49.41 -49.44 -9.08
N GLY Q 7 49.85 -48.33 -9.67
CA GLY Q 7 48.98 -47.22 -10.00
C GLY Q 7 48.51 -46.38 -8.84
N THR Q 8 48.65 -46.85 -7.61
CA THR Q 8 48.36 -46.05 -6.43
C THR Q 8 49.49 -45.05 -6.18
N ASP Q 9 49.23 -44.10 -5.27
CA ASP Q 9 50.24 -43.19 -4.77
C ASP Q 9 50.52 -43.52 -3.31
N PRO Q 10 51.79 -43.68 -2.92
CA PRO Q 10 52.08 -44.11 -1.54
C PRO Q 10 51.58 -43.14 -0.46
N HIS Q 11 51.57 -41.83 -0.75
CA HIS Q 11 51.05 -40.88 0.24
C HIS Q 11 49.54 -40.99 0.38
N ILE Q 12 48.84 -41.29 -0.70
CA ILE Q 12 47.41 -41.59 -0.61
C ILE Q 12 47.18 -42.81 0.27
N ILE Q 13 47.93 -43.89 0.03
CA ILE Q 13 47.77 -45.11 0.82
C ILE Q 13 48.07 -44.86 2.30
N MET Q 14 49.16 -44.13 2.58
CA MET Q 14 49.50 -43.84 3.97
C MET Q 14 48.52 -42.88 4.64
N SER Q 15 47.91 -41.96 3.87
CA SER Q 15 46.83 -41.15 4.41
C SER Q 15 45.63 -42.01 4.78
N ALA Q 16 45.22 -42.90 3.89
CA ALA Q 16 44.05 -43.73 4.12
C ALA Q 16 44.27 -44.72 5.25
N LEU Q 17 45.42 -45.41 5.25
CA LEU Q 17 45.76 -46.31 6.35
C LEU Q 17 45.89 -45.55 7.68
N GLY Q 18 46.59 -44.42 7.67
CA GLY Q 18 46.75 -43.64 8.89
C GLY Q 18 45.45 -43.13 9.47
N SER Q 19 44.53 -42.71 8.59
CA SER Q 19 43.19 -42.32 9.06
C SER Q 19 42.43 -43.49 9.68
N PHE Q 20 42.39 -44.63 8.99
CA PHE Q 20 41.71 -45.79 9.55
C PHE Q 20 42.27 -46.21 10.91
N LEU Q 21 43.59 -46.20 11.06
CA LEU Q 21 44.18 -46.60 12.34
C LEU Q 21 43.85 -45.61 13.45
N VAL Q 22 43.95 -44.30 13.19
CA VAL Q 22 43.56 -43.33 14.20
C VAL Q 22 42.11 -43.50 14.60
N GLY Q 23 41.22 -43.69 13.62
CA GLY Q 23 39.82 -43.91 13.93
C GLY Q 23 39.57 -45.18 14.72
N ALA Q 24 40.10 -46.30 14.23
CA ALA Q 24 39.88 -47.59 14.88
C ALA Q 24 40.43 -47.62 16.30
N VAL Q 25 41.64 -47.12 16.50
CA VAL Q 25 42.25 -47.10 17.83
C VAL Q 25 41.43 -46.26 18.80
N LEU Q 26 41.01 -45.07 18.38
CA LEU Q 26 40.23 -44.21 19.26
C LEU Q 26 38.88 -44.84 19.60
N VAL Q 27 38.17 -45.38 18.61
CA VAL Q 27 36.91 -46.03 18.87
C VAL Q 27 37.09 -47.20 19.84
N MET Q 28 38.12 -48.02 19.65
CA MET Q 28 38.38 -49.13 20.55
C MET Q 28 38.68 -48.68 21.97
N HIS Q 29 39.45 -47.60 22.14
CA HIS Q 29 39.73 -47.11 23.50
C HIS Q 29 38.50 -46.53 24.17
N ILE Q 30 37.70 -45.74 23.46
CA ILE Q 30 36.48 -45.21 24.05
C ILE Q 30 35.55 -46.33 24.45
N TRP Q 31 35.46 -47.38 23.63
CA TRP Q 31 34.65 -48.54 23.97
C TRP Q 31 35.22 -49.26 25.19
N ALA Q 32 36.53 -49.55 25.17
CA ALA Q 32 37.15 -50.30 26.26
C ALA Q 32 37.04 -49.58 27.61
N TYR Q 33 37.18 -48.25 27.62
CA TYR Q 33 37.02 -47.52 28.87
C TYR Q 33 35.64 -47.69 29.47
N GLY Q 34 34.61 -47.82 28.64
CA GLY Q 34 33.27 -48.08 29.14
C GLY Q 34 33.10 -49.45 29.76
N GLN Q 35 33.65 -50.48 29.12
CA GLN Q 35 33.42 -51.85 29.59
C GLN Q 35 34.31 -52.23 30.77
N PHE Q 36 35.58 -51.81 30.77
CA PHE Q 36 36.54 -52.33 31.74
C PHE Q 36 36.55 -51.58 33.07
N ASN Q 37 35.76 -50.53 33.23
CA ASN Q 37 35.77 -49.70 34.45
C ASN Q 37 37.14 -49.11 34.73
N TRP Q 38 37.90 -48.80 33.68
CA TRP Q 38 39.15 -48.08 33.79
C TRP Q 38 39.14 -46.97 32.75
N PRO Q 39 39.51 -45.73 33.10
CA PRO Q 39 40.18 -45.20 34.29
C PRO Q 39 39.31 -44.93 35.51
N ALA Q 40 38.06 -45.40 35.53
CA ALA Q 40 37.18 -45.14 36.66
C ALA Q 40 37.76 -45.65 37.99
N THR Q 41 38.38 -46.83 38.00
CA THR Q 41 39.07 -47.26 39.21
C THR Q 41 40.30 -46.42 39.53
N LEU Q 42 41.00 -45.93 38.50
CA LEU Q 42 42.10 -45.00 38.73
C LEU Q 42 41.63 -43.71 39.37
N LYS Q 43 40.54 -43.14 38.87
CA LYS Q 43 40.00 -41.91 39.46
C LYS Q 43 39.57 -42.11 40.90
N ALA Q 44 38.89 -43.22 41.19
CA ALA Q 44 38.49 -43.52 42.56
C ALA Q 44 39.70 -43.69 43.48
N LYS Q 45 40.78 -44.28 42.99
CA LYS Q 45 41.96 -44.53 43.83
C LYS Q 45 42.57 -43.23 44.37
N TYR Q 46 42.53 -42.14 43.62
CA TYR Q 46 43.16 -40.89 44.05
C TYR Q 46 42.17 -39.77 44.38
N ALA Q 47 40.87 -40.00 44.22
CA ALA Q 47 39.89 -38.99 44.61
C ALA Q 47 39.93 -38.74 46.12
N THR Q 48 39.53 -37.52 46.51
CA THR Q 48 39.45 -37.11 47.91
C THR Q 48 38.00 -37.00 48.35
N PRO Q 49 37.65 -37.52 49.53
CA PRO Q 49 36.25 -37.62 50.00
C PRO Q 49 35.49 -36.30 49.95
N FME R 1 36.03 -69.18 -14.44
CN FME R 1 36.18 -68.99 -15.79
O1 FME R 1 35.69 -68.03 -16.39
CA FME R 1 35.29 -68.26 -13.61
CB FME R 1 35.14 -68.78 -12.16
CG FME R 1 34.10 -68.00 -11.41
SD FME R 1 33.67 -68.89 -9.94
CE FME R 1 33.09 -67.60 -8.92
C FME R 1 35.94 -66.88 -13.52
O FME R 1 35.31 -65.84 -13.30
N HIS R 2 37.24 -66.87 -13.75
CA HIS R 2 38.05 -65.64 -13.77
C HIS R 2 37.58 -64.61 -14.80
N ARG R 3 36.88 -65.10 -15.83
CA ARG R 3 36.35 -64.22 -16.87
C ARG R 3 35.46 -63.12 -16.31
N ILE R 4 34.81 -63.35 -15.17
CA ILE R 4 33.92 -62.37 -14.57
C ILE R 4 34.62 -61.06 -14.26
N TRP R 5 35.93 -61.09 -13.96
CA TRP R 5 36.66 -59.87 -13.61
C TRP R 5 37.09 -59.05 -14.83
N MET R 6 37.08 -59.62 -16.03
CA MET R 6 37.48 -58.87 -17.21
C MET R 6 36.64 -57.60 -17.36
N GLY R 7 37.27 -56.52 -17.81
CA GLY R 7 36.61 -55.24 -17.94
C GLY R 7 36.32 -54.52 -16.64
N THR R 8 36.64 -55.10 -15.49
CA THR R 8 36.55 -54.39 -14.21
C THR R 8 37.90 -53.81 -13.81
N ASP R 9 37.85 -52.80 -12.93
CA ASP R 9 39.03 -52.26 -12.29
C ASP R 9 39.25 -52.98 -10.96
N PRO R 10 40.41 -53.60 -10.74
CA PRO R 10 40.62 -54.35 -9.48
C PRO R 10 40.53 -53.51 -8.23
N HIS R 11 40.82 -52.20 -8.32
CA HIS R 11 40.65 -51.32 -7.16
C HIS R 11 39.18 -51.06 -6.87
N ILE R 12 38.34 -50.95 -7.90
CA ILE R 12 36.91 -50.82 -7.67
C ILE R 12 36.35 -52.07 -6.98
N ILE R 13 36.79 -53.24 -7.43
CA ILE R 13 36.35 -54.50 -6.81
C ILE R 13 36.77 -54.57 -5.35
N MET R 14 38.06 -54.32 -5.07
CA MET R 14 38.51 -54.36 -3.68
C MET R 14 37.85 -53.30 -2.83
N SER R 15 37.61 -52.11 -3.38
CA SER R 15 36.98 -51.04 -2.61
C SER R 15 35.56 -51.41 -2.23
N ALA R 16 34.78 -51.92 -3.18
CA ALA R 16 33.38 -52.25 -2.91
C ALA R 16 33.25 -53.51 -2.07
N LEU R 17 34.06 -54.53 -2.33
CA LEU R 17 34.10 -55.69 -1.44
C LEU R 17 34.53 -55.29 -0.04
N GLY R 18 35.56 -54.47 0.07
CA GLY R 18 36.00 -54.01 1.38
C GLY R 18 34.94 -53.22 2.12
N SER R 19 34.19 -52.39 1.39
CA SER R 19 33.08 -51.65 1.99
C SER R 19 31.96 -52.57 2.46
N PHE R 20 31.64 -53.61 1.69
CA PHE R 20 30.68 -54.61 2.14
C PHE R 20 31.10 -55.26 3.44
N LEU R 21 32.35 -55.74 3.50
CA LEU R 21 32.82 -56.47 4.68
C LEU R 21 32.80 -55.59 5.93
N VAL R 22 33.23 -54.34 5.82
CA VAL R 22 33.15 -53.42 6.96
C VAL R 22 31.71 -53.27 7.44
N GLY R 23 30.78 -53.04 6.53
CA GLY R 23 29.39 -52.93 6.92
C GLY R 23 28.83 -54.20 7.53
N ALA R 24 29.06 -55.33 6.87
CA ALA R 24 28.52 -56.60 7.34
C ALA R 24 29.08 -56.98 8.72
N VAL R 25 30.38 -56.78 8.93
CA VAL R 25 30.97 -57.11 10.22
C VAL R 25 30.42 -56.23 11.34
N LEU R 26 30.26 -54.93 11.09
CA LEU R 26 29.74 -54.04 12.13
C LEU R 26 28.27 -54.31 12.44
N VAL R 27 27.46 -54.58 11.41
CA VAL R 27 26.07 -55.01 11.64
C VAL R 27 26.04 -56.28 12.47
N MET R 28 26.80 -57.30 12.06
CA MET R 28 26.80 -58.57 12.78
C MET R 28 27.26 -58.43 14.24
N HIS R 29 28.32 -57.67 14.49
CA HIS R 29 28.81 -57.53 15.86
C HIS R 29 27.79 -56.84 16.76
N ILE R 30 27.16 -55.78 16.27
CA ILE R 30 26.25 -55.03 17.13
C ILE R 30 24.97 -55.82 17.36
N TRP R 31 24.49 -56.52 16.33
CA TRP R 31 23.45 -57.52 16.51
C TRP R 31 23.85 -58.57 17.54
N ALA R 32 25.05 -59.13 17.40
CA ALA R 32 25.51 -60.18 18.31
C ALA R 32 25.64 -59.68 19.75
N TYR R 33 26.16 -58.46 19.95
CA TYR R 33 26.21 -57.90 21.30
C TYR R 33 24.83 -57.83 21.94
N GLY R 34 23.82 -57.48 21.15
CA GLY R 34 22.45 -57.47 21.66
C GLY R 34 21.93 -58.83 22.09
N GLN R 35 22.28 -59.89 21.35
CA GLN R 35 21.75 -61.21 21.66
C GLN R 35 22.55 -61.92 22.76
N PHE R 36 23.87 -61.89 22.70
CA PHE R 36 24.70 -62.73 23.54
C PHE R 36 24.99 -62.17 24.93
N ASN R 37 24.47 -60.98 25.26
CA ASN R 37 24.72 -60.34 26.56
C ASN R 37 26.21 -60.12 26.83
N TRP R 38 26.99 -59.89 25.79
CA TRP R 38 28.39 -59.55 25.90
C TRP R 38 28.64 -58.35 25.02
N PRO R 39 29.33 -57.31 25.49
CA PRO R 39 30.16 -57.15 26.70
C PRO R 39 29.41 -56.80 27.99
N ALA R 40 28.07 -56.89 27.98
CA ALA R 40 27.31 -56.54 29.19
C ALA R 40 27.74 -57.36 30.41
N THR R 41 27.98 -58.66 30.26
CA THR R 41 28.50 -59.43 31.39
C THR R 41 29.93 -59.05 31.74
N LEU R 42 30.74 -58.67 30.76
CA LEU R 42 32.07 -58.12 31.04
C LEU R 42 31.99 -56.85 31.87
N LYS R 43 31.07 -55.95 31.52
CA LYS R 43 30.91 -54.71 32.29
C LYS R 43 30.54 -55.00 33.74
N ALA R 44 29.56 -55.88 33.95
CA ALA R 44 29.14 -56.23 35.31
C ALA R 44 30.25 -56.92 36.09
N LYS R 45 31.14 -57.66 35.41
CA LYS R 45 32.25 -58.31 36.09
C LYS R 45 33.16 -57.32 36.80
N TYR R 46 33.35 -56.12 36.27
CA TYR R 46 34.30 -55.17 36.81
C TYR R 46 33.70 -53.88 37.36
N ALA R 47 32.40 -53.67 37.20
CA ALA R 47 31.74 -52.51 37.79
C ALA R 47 31.82 -52.55 39.32
N THR R 48 31.91 -51.35 39.94
CA THR R 48 31.91 -51.21 41.39
C THR R 48 30.55 -50.73 41.87
N PRO R 49 29.97 -51.35 42.92
CA PRO R 49 28.61 -51.07 43.40
C PRO R 49 28.35 -49.59 43.68
N FME S 1 19.43 -73.01 -24.70
CN FME S 1 19.69 -72.39 -25.89
O1 FME S 1 19.60 -71.17 -26.06
CA FME S 1 19.02 -72.36 -23.49
CB FME S 1 18.94 -73.35 -22.31
CG FME S 1 18.58 -72.72 -20.99
SD FME S 1 17.02 -71.89 -21.17
CE FME S 1 15.93 -73.22 -21.46
C FME S 1 19.95 -71.21 -23.07
O FME S 1 19.54 -70.16 -22.56
N HIS S 2 21.23 -71.41 -23.34
CA HIS S 2 22.27 -70.42 -23.02
C HIS S 2 22.10 -69.07 -23.69
N ARG S 3 21.50 -69.05 -24.88
CA ARG S 3 21.54 -67.84 -25.69
C ARG S 3 20.54 -66.77 -25.25
N ILE S 4 19.76 -67.03 -24.20
CA ILE S 4 19.03 -65.96 -23.52
C ILE S 4 19.99 -64.91 -22.97
N TRP S 5 21.23 -65.29 -22.64
CA TRP S 5 22.22 -64.34 -22.15
C TRP S 5 22.83 -63.46 -23.23
N MET S 6 22.64 -63.79 -24.50
CA MET S 6 23.24 -63.00 -25.57
C MET S 6 22.75 -61.55 -25.52
N GLY S 7 23.63 -60.62 -25.89
CA GLY S 7 23.33 -59.21 -25.88
C GLY S 7 23.29 -58.55 -24.52
N THR S 8 23.30 -59.31 -23.43
CA THR S 8 23.31 -58.76 -22.09
C THR S 8 24.74 -58.58 -21.57
N ASP S 9 24.88 -57.74 -20.55
CA ASP S 9 26.15 -57.55 -19.87
C ASP S 9 26.20 -58.41 -18.62
N PRO S 10 27.17 -59.32 -18.49
CA PRO S 10 27.22 -60.19 -17.31
C PRO S 10 27.31 -59.45 -15.99
N HIS S 11 27.90 -58.27 -15.96
CA HIS S 11 28.00 -57.50 -14.72
C HIS S 11 26.65 -56.96 -14.27
N ILE S 12 25.78 -56.59 -15.20
CA ILE S 12 24.43 -56.20 -14.82
C ILE S 12 23.64 -57.40 -14.32
N ILE S 13 23.74 -58.54 -15.01
CA ILE S 13 23.05 -59.75 -14.56
C ILE S 13 23.46 -60.12 -13.14
N MET S 14 24.78 -60.12 -12.87
CA MET S 14 25.25 -60.41 -11.52
C MET S 14 24.84 -59.33 -10.52
N SER S 15 24.70 -58.08 -10.97
CA SER S 15 24.25 -57.02 -10.08
C SER S 15 22.78 -57.16 -9.74
N ALA S 16 21.95 -57.46 -10.73
CA ALA S 16 20.52 -57.67 -10.49
C ALA S 16 20.26 -58.90 -9.65
N LEU S 17 20.85 -60.04 -10.02
CA LEU S 17 20.74 -61.25 -9.21
C LEU S 17 21.28 -61.02 -7.80
N GLY S 18 22.45 -60.40 -7.68
CA GLY S 18 23.02 -60.17 -6.37
C GLY S 18 22.15 -59.32 -5.47
N SER S 19 21.60 -58.24 -6.01
CA SER S 19 20.76 -57.35 -5.20
C SER S 19 19.39 -57.97 -4.90
N PHE S 20 18.83 -58.72 -5.84
CA PHE S 20 17.62 -59.50 -5.54
C PHE S 20 17.84 -60.44 -4.36
N LEU S 21 18.91 -61.23 -4.39
CA LEU S 21 19.17 -62.19 -3.32
C LEU S 21 19.35 -61.50 -1.97
N VAL S 22 20.05 -60.37 -1.92
CA VAL S 22 20.18 -59.63 -0.67
C VAL S 22 18.82 -59.24 -0.11
N GLY S 23 17.96 -58.68 -0.96
CA GLY S 23 16.63 -58.29 -0.49
C GLY S 23 15.78 -59.46 -0.06
N ALA S 24 15.77 -60.52 -0.87
CA ALA S 24 15.00 -61.72 -0.54
C ALA S 24 15.47 -62.36 0.77
N VAL S 25 16.79 -62.53 0.91
CA VAL S 25 17.35 -63.15 2.11
C VAL S 25 17.08 -62.32 3.37
N LEU S 26 17.18 -61.00 3.27
CA LEU S 26 16.86 -60.16 4.42
C LEU S 26 15.39 -60.26 4.81
N VAL S 27 14.49 -60.24 3.82
CA VAL S 27 13.07 -60.43 4.10
C VAL S 27 12.80 -61.78 4.74
N MET S 28 13.37 -62.84 4.18
CA MET S 28 13.17 -64.17 4.73
C MET S 28 13.67 -64.30 6.17
N HIS S 29 14.84 -63.74 6.47
CA HIS S 29 15.33 -63.84 7.86
C HIS S 29 14.50 -63.01 8.83
N ILE S 30 14.09 -61.79 8.45
CA ILE S 30 13.23 -61.02 9.34
C ILE S 30 11.92 -61.76 9.60
N TRP S 31 11.33 -62.34 8.56
CA TRP S 31 10.12 -63.13 8.72
C TRP S 31 10.39 -64.37 9.58
N ALA S 32 11.42 -65.14 9.24
CA ALA S 32 11.71 -66.37 9.98
C ALA S 32 12.01 -66.10 11.45
N TYR S 33 12.78 -65.06 11.76
CA TYR S 33 13.05 -64.71 13.15
C TYR S 33 11.77 -64.45 13.93
N GLY S 34 10.73 -63.94 13.26
CA GLY S 34 9.47 -63.71 13.92
C GLY S 34 8.67 -64.98 14.20
N GLN S 35 8.63 -65.90 13.24
CA GLN S 35 7.86 -67.12 13.42
C GLN S 35 8.57 -68.08 14.37
N PHE S 36 9.87 -68.29 14.19
CA PHE S 36 10.58 -69.33 14.94
C PHE S 36 10.99 -68.92 16.34
N ASN S 37 10.72 -67.68 16.75
CA ASN S 37 11.09 -67.16 18.07
C ASN S 37 12.59 -67.27 18.35
N TRP S 38 13.41 -67.14 17.31
CA TRP S 38 14.85 -67.12 17.45
C TRP S 38 15.36 -65.89 16.70
N PRO S 39 16.28 -65.10 17.28
CA PRO S 39 17.11 -65.27 18.48
C PRO S 39 16.45 -64.96 19.83
N ALA S 40 15.13 -64.79 19.89
CA ALA S 40 14.49 -64.48 21.16
C ALA S 40 14.79 -65.52 22.24
N THR S 41 14.81 -66.80 21.89
CA THR S 41 15.23 -67.83 22.85
C THR S 41 16.73 -67.80 23.12
N LEU S 42 17.54 -67.40 22.14
CA LEU S 42 18.95 -67.15 22.41
C LEU S 42 19.15 -66.03 23.42
N LYS S 43 18.45 -64.91 23.24
CA LYS S 43 18.62 -63.78 24.15
C LYS S 43 18.20 -64.15 25.57
N ALA S 44 17.05 -64.80 25.71
CA ALA S 44 16.59 -65.25 27.02
C ALA S 44 17.55 -66.23 27.69
N LYS S 45 18.23 -67.08 26.92
CA LYS S 45 19.18 -68.02 27.52
C LYS S 45 20.32 -67.32 28.24
N TYR S 46 20.86 -66.24 27.68
CA TYR S 46 22.01 -65.57 28.27
C TYR S 46 21.67 -64.25 28.96
N ALA S 47 20.41 -63.81 28.91
CA ALA S 47 20.02 -62.58 29.58
C ALA S 47 20.30 -62.64 31.09
N THR S 48 20.67 -61.50 31.66
CA THR S 48 20.82 -61.39 33.10
C THR S 48 19.45 -61.31 33.76
N PRO S 49 19.15 -62.14 34.77
CA PRO S 49 17.86 -62.14 35.47
C PRO S 49 17.45 -60.77 36.01
N FME T 1 1.65 -72.08 -33.66
CN FME T 1 2.13 -71.81 -34.92
O1 FME T 1 2.33 -70.66 -35.34
CA FME T 1 1.30 -71.05 -32.71
CB FME T 1 0.57 -71.62 -31.48
CG FME T 1 1.46 -72.50 -30.62
SD FME T 1 1.97 -73.90 -31.58
CE FME T 1 0.51 -74.86 -31.70
C FME T 1 2.52 -70.25 -32.22
O FME T 1 2.42 -69.17 -31.65
N HIS T 2 3.69 -70.83 -32.46
CA HIS T 2 4.97 -70.15 -32.25
C HIS T 2 5.10 -68.82 -32.99
N ARG T 3 4.33 -68.64 -34.06
CA ARG T 3 4.33 -67.38 -34.81
C ARG T 3 3.97 -66.18 -33.95
N ILE T 4 3.30 -66.39 -32.82
CA ILE T 4 3.02 -65.28 -31.89
C ILE T 4 4.30 -64.59 -31.43
N TRP T 5 5.41 -65.33 -31.35
CA TRP T 5 6.66 -64.76 -30.85
C TRP T 5 7.42 -63.94 -31.88
N MET T 6 7.11 -64.10 -33.17
CA MET T 6 7.77 -63.30 -34.20
C MET T 6 7.61 -61.81 -33.92
N GLY T 7 8.65 -61.04 -34.25
CA GLY T 7 8.62 -59.61 -34.01
C GLY T 7 8.83 -59.17 -32.57
N THR T 8 8.69 -60.10 -31.62
CA THR T 8 8.99 -59.80 -30.22
C THR T 8 10.49 -59.92 -29.96
N ASP T 9 10.89 -59.60 -28.72
CA ASP T 9 12.24 -59.79 -28.23
C ASP T 9 12.21 -60.75 -27.04
N PRO T 10 13.01 -61.82 -27.05
CA PRO T 10 12.97 -62.80 -25.95
C PRO T 10 13.25 -62.23 -24.57
N HIS T 11 14.08 -61.19 -24.45
CA HIS T 11 14.32 -60.58 -23.14
C HIS T 11 13.09 -59.85 -22.64
N ILE T 12 12.34 -59.22 -23.54
CA ILE T 12 11.11 -58.56 -23.17
C ILE T 12 10.05 -59.57 -22.73
N ILE T 13 9.95 -60.70 -23.44
CA ILE T 13 9.04 -61.76 -23.02
C ILE T 13 9.41 -62.29 -21.64
N MET T 14 10.70 -62.55 -21.40
CA MET T 14 11.10 -63.05 -20.09
C MET T 14 10.91 -62.01 -18.99
N SER T 15 11.14 -60.73 -19.30
CA SER T 15 10.85 -59.68 -18.32
C SER T 15 9.37 -59.61 -18.01
N ALA T 16 8.52 -59.69 -19.04
CA ALA T 16 7.08 -59.63 -18.85
C ALA T 16 6.57 -60.84 -18.07
N LEU T 17 6.93 -62.04 -18.53
CA LEU T 17 6.49 -63.27 -17.85
C LEU T 17 7.07 -63.36 -16.44
N GLY T 18 8.35 -63.02 -16.28
CA GLY T 18 8.96 -63.04 -14.95
C GLY T 18 8.30 -62.08 -13.97
N SER T 19 7.94 -60.89 -14.43
CA SER T 19 7.19 -59.96 -13.58
C SER T 19 5.84 -60.53 -13.16
N PHE T 20 5.06 -61.03 -14.11
CA PHE T 20 3.77 -61.63 -13.78
C PHE T 20 3.89 -62.76 -12.77
N LEU T 21 4.83 -63.67 -12.98
CA LEU T 21 4.97 -64.80 -12.07
C LEU T 21 5.35 -64.36 -10.65
N VAL T 22 6.24 -63.39 -10.52
CA VAL T 22 6.57 -62.86 -9.20
C VAL T 22 5.34 -62.27 -8.53
N GLY T 23 4.58 -61.45 -9.27
CA GLY T 23 3.37 -60.86 -8.72
C GLY T 23 2.32 -61.88 -8.33
N ALA T 24 2.03 -62.82 -9.24
CA ALA T 24 1.03 -63.84 -8.99
C ALA T 24 1.39 -64.71 -7.78
N VAL T 25 2.64 -65.15 -7.70
CA VAL T 25 3.08 -66.01 -6.60
C VAL T 25 2.94 -65.30 -5.25
N LEU T 26 3.37 -64.05 -5.17
CA LEU T 26 3.30 -63.33 -3.90
C LEU T 26 1.87 -63.08 -3.45
N VAL T 27 1.00 -62.66 -4.38
CA VAL T 27 -0.41 -62.48 -4.04
C VAL T 27 -1.03 -63.77 -3.54
N MET T 28 -0.75 -64.89 -4.21
CA MET T 28 -1.26 -66.19 -3.75
C MET T 28 -0.76 -66.56 -2.36
N HIS T 29 0.51 -66.29 -2.04
CA HIS T 29 1.00 -66.60 -0.71
C HIS T 29 0.41 -65.69 0.36
N ILE T 30 0.37 -64.38 0.10
CA ILE T 30 -0.23 -63.45 1.06
C ILE T 30 -1.69 -63.85 1.33
N TRP T 31 -2.42 -64.24 0.29
CA TRP T 31 -3.78 -64.70 0.45
C TRP T 31 -3.85 -66.02 1.22
N ALA T 32 -3.02 -67.00 0.84
CA ALA T 32 -3.05 -68.31 1.48
C ALA T 32 -2.70 -68.23 2.96
N TYR T 33 -1.72 -67.41 3.34
CA TYR T 33 -1.40 -67.28 4.76
C TYR T 33 -2.57 -66.74 5.56
N GLY T 34 -3.44 -65.95 4.93
CA GLY T 34 -4.65 -65.50 5.61
C GLY T 34 -5.69 -66.58 5.82
N GLN T 35 -5.84 -67.50 4.86
CA GLN T 35 -6.87 -68.53 4.95
C GLN T 35 -6.44 -69.73 5.78
N PHE T 36 -5.24 -70.25 5.56
CA PHE T 36 -4.87 -71.55 6.10
C PHE T 36 -4.40 -71.53 7.55
N ASN T 37 -4.38 -70.36 8.21
CA ASN T 37 -3.87 -70.23 9.57
C ASN T 37 -2.41 -70.70 9.71
N TRP T 38 -1.65 -70.62 8.62
CA TRP T 38 -0.22 -70.87 8.65
C TRP T 38 0.48 -69.68 8.00
N PRO T 39 1.57 -69.17 8.60
CA PRO T 39 2.42 -69.65 9.69
C PRO T 39 1.93 -69.39 11.11
N ALA T 40 0.69 -68.94 11.28
CA ALA T 40 0.19 -68.63 12.62
C ALA T 40 0.27 -69.83 13.57
N THR T 41 -0.03 -71.04 13.09
CA THR T 41 0.18 -72.23 13.92
C THR T 41 1.66 -72.50 14.17
N LEU T 42 2.52 -72.26 13.17
CA LEU T 42 3.95 -72.37 13.39
C LEU T 42 4.43 -71.42 14.49
N LYS T 43 3.99 -70.16 14.44
CA LYS T 43 4.41 -69.18 15.44
C LYS T 43 3.94 -69.58 16.84
N ALA T 44 2.70 -70.07 16.95
CA ALA T 44 2.18 -70.52 18.24
C ALA T 44 2.91 -71.74 18.78
N LYS T 45 3.42 -72.62 17.90
CA LYS T 45 4.17 -73.78 18.36
C LYS T 45 5.41 -73.39 19.17
N TYR T 46 6.15 -72.38 18.72
CA TYR T 46 7.41 -71.99 19.35
C TYR T 46 7.32 -70.72 20.20
N ALA T 47 6.15 -70.10 20.31
CA ALA T 47 6.00 -68.93 21.16
C ALA T 47 6.32 -69.25 22.62
N THR T 48 6.66 -68.19 23.38
CA THR T 48 6.91 -68.30 24.81
C THR T 48 5.69 -67.82 25.59
N PRO T 49 5.20 -68.59 26.59
CA PRO T 49 4.00 -68.27 27.35
C PRO T 49 3.99 -66.86 27.95
N FME U 1 -15.40 -65.13 -41.92
CN FME U 1 -15.01 -64.67 -43.15
O1 FME U 1 -14.61 -63.51 -43.35
CA FME U 1 -15.42 -64.32 -40.73
CB FME U 1 -15.98 -65.10 -39.51
CG FME U 1 -16.23 -64.20 -38.33
SD FME U 1 -17.08 -65.15 -37.10
CE FME U 1 -16.78 -64.23 -35.66
C FME U 1 -14.04 -63.79 -40.33
O FME U 1 -13.86 -62.71 -39.77
N HIS U 2 -13.03 -64.58 -40.68
CA HIS U 2 -11.62 -64.24 -40.45
C HIS U 2 -11.19 -62.89 -41.02
N ARG U 3 -11.91 -62.42 -42.04
CA ARG U 3 -11.63 -61.12 -42.64
C ARG U 3 -11.74 -59.96 -41.64
N ILE U 4 -12.42 -60.16 -40.52
CA ILE U 4 -12.50 -59.13 -39.47
C ILE U 4 -11.11 -58.75 -38.94
N TRP U 5 -10.17 -59.69 -38.94
CA TRP U 5 -8.84 -59.41 -38.44
C TRP U 5 -7.96 -58.60 -39.41
N MET U 6 -8.34 -58.49 -40.67
CA MET U 6 -7.53 -57.75 -41.64
C MET U 6 -7.31 -56.31 -41.17
N GLY U 7 -6.07 -55.84 -41.27
CA GLY U 7 -5.70 -54.53 -40.79
C GLY U 7 -5.56 -54.39 -39.29
N THR U 8 -5.78 -55.45 -38.52
CA THR U 8 -5.47 -55.46 -37.10
C THR U 8 -4.08 -56.05 -36.86
N ASP U 9 -3.54 -55.78 -35.67
CA ASP U 9 -2.27 -56.35 -35.24
C ASP U 9 -2.53 -57.43 -34.19
N PRO U 10 -2.01 -58.65 -34.40
CA PRO U 10 -2.17 -59.72 -33.39
C PRO U 10 -1.82 -59.30 -31.97
N HIS U 11 -0.75 -58.53 -31.80
CA HIS U 11 -0.30 -58.17 -30.46
C HIS U 11 -1.22 -57.16 -29.81
N ILE U 12 -1.87 -56.29 -30.60
CA ILE U 12 -2.96 -55.48 -30.07
C ILE U 12 -4.10 -56.37 -29.60
N ILE U 13 -4.55 -57.29 -30.46
CA ILE U 13 -5.74 -58.10 -30.16
C ILE U 13 -5.51 -58.97 -28.92
N MET U 14 -4.36 -59.64 -28.85
CA MET U 14 -4.03 -60.42 -27.66
C MET U 14 -3.81 -59.56 -26.42
N SER U 15 -3.26 -58.36 -26.57
CA SER U 15 -3.12 -57.47 -25.42
C SER U 15 -4.47 -56.99 -24.91
N ALA U 16 -5.37 -56.64 -25.83
CA ALA U 16 -6.72 -56.25 -25.43
C ALA U 16 -7.49 -57.42 -24.81
N LEU U 17 -7.50 -58.56 -25.50
CA LEU U 17 -8.21 -59.73 -24.97
C LEU U 17 -7.61 -60.19 -23.65
N GLY U 18 -6.28 -60.15 -23.53
CA GLY U 18 -5.65 -60.49 -22.27
C GLY U 18 -6.06 -59.58 -21.12
N SER U 19 -6.07 -58.27 -21.38
CA SER U 19 -6.51 -57.31 -20.37
C SER U 19 -7.97 -57.52 -19.98
N PHE U 20 -8.83 -57.80 -20.96
CA PHE U 20 -10.23 -58.11 -20.64
C PHE U 20 -10.35 -59.34 -19.76
N LEU U 21 -9.69 -60.44 -20.13
CA LEU U 21 -9.83 -61.68 -19.39
C LEU U 21 -9.32 -61.55 -17.96
N VAL U 22 -8.17 -60.91 -17.77
CA VAL U 22 -7.65 -60.71 -16.41
C VAL U 22 -8.63 -59.89 -15.58
N GLY U 23 -9.14 -58.80 -16.14
CA GLY U 23 -10.12 -57.99 -15.43
C GLY U 23 -11.39 -58.75 -15.11
N ALA U 24 -11.98 -59.38 -16.12
CA ALA U 24 -13.21 -60.15 -15.92
C ALA U 24 -13.04 -61.27 -14.90
N VAL U 25 -11.96 -62.03 -15.00
CA VAL U 25 -11.75 -63.15 -14.08
C VAL U 25 -11.60 -62.67 -12.64
N LEU U 26 -10.83 -61.60 -12.42
CA LEU U 26 -10.67 -61.09 -11.06
C LEU U 26 -11.97 -60.52 -10.50
N VAL U 27 -12.70 -59.76 -11.30
CA VAL U 27 -14.01 -59.27 -10.89
C VAL U 27 -14.93 -60.43 -10.51
N MET U 28 -14.97 -61.47 -11.34
CA MET U 28 -15.84 -62.61 -11.07
C MET U 28 -15.46 -63.37 -9.81
N HIS U 29 -14.16 -63.58 -9.57
CA HIS U 29 -13.75 -64.28 -8.35
C HIS U 29 -14.05 -63.49 -7.11
N ILE U 30 -13.77 -62.18 -7.12
CA ILE U 30 -14.01 -61.36 -5.94
C ILE U 30 -15.51 -61.24 -5.67
N TRP U 31 -16.32 -61.15 -6.72
CA TRP U 31 -17.77 -61.26 -6.56
C TRP U 31 -18.16 -62.62 -5.99
N ALA U 32 -17.64 -63.69 -6.58
CA ALA U 32 -18.02 -65.04 -6.16
C ALA U 32 -17.63 -65.33 -4.72
N TYR U 33 -16.43 -64.90 -4.29
CA TYR U 33 -16.04 -65.11 -2.90
C TYR U 33 -16.99 -64.46 -1.92
N GLY U 34 -17.62 -63.35 -2.31
CA GLY U 34 -18.62 -62.73 -1.46
C GLY U 34 -19.91 -63.52 -1.35
N GLN U 35 -20.38 -64.07 -2.46
CA GLN U 35 -21.66 -64.78 -2.47
C GLN U 35 -21.57 -66.18 -1.87
N PHE U 36 -20.53 -66.95 -2.23
CA PHE U 36 -20.50 -68.38 -1.90
C PHE U 36 -19.98 -68.68 -0.50
N ASN U 37 -19.59 -67.67 0.28
CA ASN U 37 -19.01 -67.88 1.61
C ASN U 37 -17.75 -68.76 1.58
N TRP U 38 -16.99 -68.68 0.49
CA TRP U 38 -15.70 -69.35 0.41
C TRP U 38 -14.68 -68.34 -0.12
N PRO U 39 -13.48 -68.27 0.47
CA PRO U 39 -12.79 -69.12 1.45
C PRO U 39 -13.21 -68.95 2.91
N ALA U 40 -14.26 -68.17 3.19
CA ALA U 40 -14.64 -67.93 4.58
C ALA U 40 -14.94 -69.21 5.35
N THR U 41 -15.50 -70.24 4.69
CA THR U 41 -15.61 -71.54 5.36
C THR U 41 -14.27 -72.25 5.48
N LEU U 42 -13.38 -72.08 4.50
CA LEU U 42 -12.02 -72.63 4.60
C LEU U 42 -11.29 -72.02 5.79
N LYS U 43 -11.34 -70.70 5.93
CA LYS U 43 -10.68 -70.04 7.06
C LYS U 43 -11.23 -70.54 8.40
N ALA U 44 -12.57 -70.62 8.51
CA ALA U 44 -13.19 -71.11 9.74
C ALA U 44 -12.74 -72.52 10.11
N LYS U 45 -12.53 -73.39 9.11
CA LYS U 45 -12.14 -74.76 9.41
C LYS U 45 -10.80 -74.85 10.13
N TYR U 46 -9.84 -74.01 9.76
CA TYR U 46 -8.51 -74.05 10.34
C TYR U 46 -8.23 -72.97 11.38
N ALA U 47 -9.14 -72.02 11.57
CA ALA U 47 -8.96 -70.99 12.58
C ALA U 47 -8.75 -71.58 13.97
N THR U 48 -7.95 -70.87 14.77
CA THR U 48 -7.74 -71.22 16.17
C THR U 48 -8.96 -70.81 17.00
N PRO U 49 -9.46 -71.70 17.88
CA PRO U 49 -10.60 -71.34 18.75
C PRO U 49 -10.30 -70.17 19.69
N FME V 1 -30.32 -54.17 -47.85
CN FME V 1 -29.92 -53.78 -49.10
O1 FME V 1 -29.27 -52.75 -49.32
CA FME V 1 -30.06 -53.42 -46.66
CB FME V 1 -30.66 -54.07 -45.40
CG FME V 1 -32.16 -54.15 -45.50
SD FME V 1 -32.81 -54.39 -43.86
CE FME V 1 -32.29 -56.04 -43.51
C FME V 1 -28.56 -53.23 -46.39
O FME V 1 -28.11 -52.26 -45.76
N HIS V 2 -27.77 -54.16 -46.91
CA HIS V 2 -26.32 -54.16 -46.74
C HIS V 2 -25.62 -52.88 -47.21
N ARG V 3 -26.28 -52.19 -48.15
CA ARG V 3 -25.76 -50.92 -48.64
C ARG V 3 -25.53 -49.89 -47.53
N ILE V 4 -26.25 -50.01 -46.42
CA ILE V 4 -26.06 -49.12 -45.28
C ILE V 4 -24.63 -49.15 -44.74
N TRP V 5 -23.94 -50.29 -44.87
CA TRP V 5 -22.57 -50.37 -44.38
C TRP V 5 -21.55 -49.71 -45.29
N MET V 6 -21.91 -49.35 -46.52
CA MET V 6 -20.94 -48.78 -47.45
C MET V 6 -20.41 -47.45 -46.94
N GLY V 7 -19.10 -47.27 -47.05
CA GLY V 7 -18.39 -46.12 -46.51
C GLY V 7 -18.11 -46.15 -45.02
N THR V 8 -18.60 -47.16 -44.29
CA THR V 8 -18.24 -47.32 -42.88
C THR V 8 -16.90 -48.04 -42.74
N ASP V 9 -16.30 -47.92 -41.56
CA ASP V 9 -15.19 -48.78 -41.16
C ASP V 9 -15.72 -49.89 -40.25
N PRO V 10 -15.58 -51.16 -40.63
CA PRO V 10 -16.17 -52.24 -39.83
C PRO V 10 -15.59 -52.38 -38.42
N HIS V 11 -14.36 -51.92 -38.19
CA HIS V 11 -13.81 -51.95 -36.84
C HIS V 11 -14.51 -50.93 -35.94
N ILE V 12 -14.86 -49.77 -36.48
CA ILE V 12 -15.64 -48.80 -35.72
C ILE V 12 -17.03 -49.36 -35.40
N ILE V 13 -17.68 -50.00 -36.38
CA ILE V 13 -19.00 -50.58 -36.14
C ILE V 13 -18.95 -51.63 -35.03
N MET V 14 -17.98 -52.54 -35.09
CA MET V 14 -17.85 -53.56 -34.05
C MET V 14 -17.47 -52.95 -32.70
N SER V 15 -16.70 -51.87 -32.70
CA SER V 15 -16.37 -51.18 -31.45
C SER V 15 -17.59 -50.53 -30.82
N ALA V 16 -18.35 -49.77 -31.61
CA ALA V 16 -19.55 -49.11 -31.12
C ALA V 16 -20.59 -50.12 -30.64
N LEU V 17 -20.86 -51.15 -31.44
CA LEU V 17 -21.80 -52.20 -31.05
C LEU V 17 -21.35 -52.90 -29.77
N GLY V 18 -20.07 -53.27 -29.69
CA GLY V 18 -19.58 -53.95 -28.51
C GLY V 18 -19.65 -53.11 -27.25
N SER V 19 -19.41 -51.80 -27.38
CA SER V 19 -19.46 -50.91 -26.22
C SER V 19 -20.89 -50.68 -25.75
N PHE V 20 -21.84 -50.60 -26.68
CA PHE V 20 -23.25 -50.55 -26.31
C PHE V 20 -23.67 -51.82 -25.57
N LEU V 21 -23.29 -52.98 -26.10
CA LEU V 21 -23.68 -54.24 -25.47
C LEU V 21 -23.13 -54.39 -24.06
N VAL V 22 -21.90 -53.96 -23.82
CA VAL V 22 -21.36 -53.98 -22.46
C VAL V 22 -22.19 -53.09 -21.54
N GLY V 23 -22.42 -51.83 -21.95
CA GLY V 23 -23.17 -50.91 -21.11
C GLY V 23 -24.58 -51.38 -20.82
N ALA V 24 -25.29 -51.79 -21.87
CA ALA V 24 -26.66 -52.30 -21.72
C ALA V 24 -26.72 -53.50 -20.79
N VAL V 25 -25.84 -54.48 -20.99
CA VAL V 25 -25.88 -55.70 -20.18
C VAL V 25 -25.60 -55.41 -18.72
N LEU V 26 -24.65 -54.51 -18.42
CA LEU V 26 -24.36 -54.18 -17.03
C LEU V 26 -25.53 -53.47 -16.36
N VAL V 27 -26.15 -52.51 -17.03
CA VAL V 27 -27.34 -51.86 -16.50
C VAL V 27 -28.46 -52.87 -16.27
N MET V 28 -28.69 -53.76 -17.23
CA MET V 28 -29.71 -54.78 -17.08
C MET V 28 -29.43 -55.72 -15.90
N HIS V 29 -28.18 -56.09 -15.67
CA HIS V 29 -27.88 -56.99 -14.55
C HIS V 29 -28.00 -56.29 -13.19
N ILE V 30 -27.52 -55.05 -13.06
CA ILE V 30 -27.76 -54.33 -11.81
C ILE V 30 -29.25 -54.27 -11.52
N TRP V 31 -30.03 -53.90 -12.54
CA TRP V 31 -31.48 -53.79 -12.39
C TRP V 31 -32.10 -55.14 -12.04
N ALA V 32 -31.79 -56.18 -12.81
CA ALA V 32 -32.32 -57.52 -12.55
C ALA V 32 -31.92 -58.06 -11.19
N TYR V 33 -30.66 -57.86 -10.79
CA TYR V 33 -30.25 -58.31 -9.45
C TYR V 33 -31.07 -57.64 -8.36
N GLY V 34 -31.47 -56.39 -8.57
CA GLY V 34 -32.35 -55.73 -7.62
C GLY V 34 -33.76 -56.30 -7.59
N GLN V 35 -34.38 -56.46 -8.76
CA GLN V 35 -35.77 -56.91 -8.80
C GLN V 35 -35.93 -58.36 -8.36
N PHE V 36 -35.05 -59.25 -8.81
CA PHE V 36 -35.26 -60.68 -8.61
C PHE V 36 -34.74 -61.20 -7.28
N ASN V 37 -34.14 -60.35 -6.44
CA ASN V 37 -33.56 -60.75 -5.16
C ASN V 37 -32.48 -61.83 -5.32
N TRP V 38 -31.73 -61.79 -6.42
CA TRP V 38 -30.62 -62.70 -6.64
C TRP V 38 -29.42 -61.88 -7.08
N PRO V 39 -28.22 -62.14 -6.53
CA PRO V 39 -27.74 -63.25 -5.71
C PRO V 39 -28.02 -63.15 -4.21
N ALA V 40 -28.87 -62.22 -3.78
CA ALA V 40 -29.14 -62.08 -2.35
C ALA V 40 -29.68 -63.36 -1.72
N THR V 41 -30.53 -64.11 -2.43
CA THR V 41 -30.95 -65.42 -1.93
C THR V 41 -29.85 -66.46 -2.01
N LEU V 42 -28.88 -66.31 -2.93
CA LEU V 42 -27.72 -67.17 -2.94
C LEU V 42 -26.83 -66.95 -1.73
N LYS V 43 -26.50 -65.68 -1.44
CA LYS V 43 -25.68 -65.38 -0.27
C LYS V 43 -26.35 -65.86 1.02
N ALA V 44 -27.65 -65.63 1.15
CA ALA V 44 -28.39 -66.10 2.33
C ALA V 44 -28.33 -67.63 2.49
N LYS V 45 -28.31 -68.37 1.39
CA LYS V 45 -28.23 -69.82 1.49
C LYS V 45 -26.94 -70.28 2.17
N TYR V 46 -25.79 -69.82 1.69
CA TYR V 46 -24.51 -70.31 2.18
C TYR V 46 -23.94 -69.49 3.34
N ALA V 47 -24.63 -68.45 3.78
CA ALA V 47 -24.15 -67.63 4.89
C ALA V 47 -24.02 -68.45 6.17
N THR V 48 -23.10 -68.01 7.03
CA THR V 48 -22.98 -68.56 8.38
C THR V 48 -24.14 -68.06 9.24
N PRO V 49 -24.69 -68.92 10.13
CA PRO V 49 -25.83 -68.53 10.98
C PRO V 49 -25.62 -67.23 11.77
N FME W 1 -42.95 -39.34 -52.39
CN FME W 1 -42.48 -38.68 -53.50
O1 FME W 1 -41.63 -37.78 -53.46
CA FME W 1 -42.52 -39.09 -51.04
CB FME W 1 -43.15 -40.07 -50.03
CG FME W 1 -44.65 -40.09 -50.12
SD FME W 1 -45.23 -41.50 -49.22
CE FME W 1 -44.82 -41.09 -47.57
C FME W 1 -41.01 -39.15 -50.85
O FME W 1 -40.38 -38.41 -50.09
N HIS W 2 -40.42 -40.08 -51.58
CA HIS W 2 -38.98 -40.39 -51.48
C HIS W 2 -38.05 -39.22 -51.80
N ARG W 3 -38.56 -38.24 -52.54
CA ARG W 3 -37.78 -37.06 -52.88
C ARG W 3 -37.27 -36.31 -51.65
N ILE W 4 -37.92 -36.47 -50.50
CA ILE W 4 -37.47 -35.81 -49.27
C ILE W 4 -36.05 -36.24 -48.88
N TRP W 5 -35.64 -37.46 -49.25
CA TRP W 5 -34.30 -37.94 -48.91
C TRP W 5 -33.21 -37.39 -49.84
N MET W 6 -33.56 -36.83 -50.99
CA MET W 6 -32.55 -36.30 -51.88
C MET W 6 -31.73 -35.22 -51.19
N GLY W 7 -30.41 -35.28 -51.38
CA GLY W 7 -29.48 -34.38 -50.73
C GLY W 7 -29.14 -34.71 -49.30
N THR W 8 -29.83 -35.65 -48.66
CA THR W 8 -29.44 -36.15 -47.36
C THR W 8 -28.33 -37.19 -47.49
N ASP W 9 -27.74 -37.56 -46.35
CA ASP W 9 -26.87 -38.72 -46.24
C ASP W 9 -27.57 -39.80 -45.43
N PRO W 10 -27.60 -41.05 -45.92
CA PRO W 10 -28.33 -42.11 -45.19
C PRO W 10 -27.82 -42.39 -43.79
N HIS W 11 -26.52 -42.23 -43.53
CA HIS W 11 -25.99 -42.42 -42.18
C HIS W 11 -26.50 -41.33 -41.24
N ILE W 12 -26.55 -40.10 -41.72
CA ILE W 12 -27.09 -39.00 -40.92
C ILE W 12 -28.54 -39.26 -40.53
N ILE W 13 -29.36 -39.67 -41.51
CA ILE W 13 -30.76 -40.00 -41.23
C ILE W 13 -30.87 -41.14 -40.22
N MET W 14 -30.13 -42.23 -40.43
CA MET W 14 -30.19 -43.36 -39.52
C MET W 14 -29.69 -43.03 -38.13
N SER W 15 -28.68 -42.16 -38.02
CA SER W 15 -28.18 -41.77 -36.70
C SER W 15 -29.17 -40.87 -35.97
N ALA W 16 -29.80 -39.94 -36.70
CA ALA W 16 -30.82 -39.08 -36.11
C ALA W 16 -32.03 -39.89 -35.66
N LEU W 17 -32.56 -40.74 -36.54
CA LEU W 17 -33.69 -41.59 -36.19
C LEU W 17 -33.34 -42.53 -35.04
N GLY W 18 -32.18 -43.16 -35.10
CA GLY W 18 -31.75 -44.03 -34.01
C GLY W 18 -31.64 -43.31 -32.68
N SER W 19 -31.13 -42.08 -32.68
CA SER W 19 -31.10 -41.27 -31.47
C SER W 19 -32.50 -41.01 -30.93
N PHE W 20 -33.40 -40.50 -31.77
CA PHE W 20 -34.76 -40.20 -31.32
C PHE W 20 -35.45 -41.43 -30.74
N LEU W 21 -35.34 -42.58 -31.41
CA LEU W 21 -35.96 -43.80 -30.89
C LEU W 21 -35.42 -44.20 -29.53
N VAL W 22 -34.10 -44.15 -29.34
CA VAL W 22 -33.53 -44.48 -28.04
C VAL W 22 -34.02 -43.52 -26.96
N GLY W 23 -34.09 -42.23 -27.29
CA GLY W 23 -34.67 -41.27 -26.36
C GLY W 23 -36.12 -41.56 -26.02
N ALA W 24 -36.95 -41.72 -27.05
CA ALA W 24 -38.37 -41.96 -26.85
C ALA W 24 -38.64 -43.24 -26.06
N VAL W 25 -37.96 -44.33 -26.41
CA VAL W 25 -38.17 -45.60 -25.73
C VAL W 25 -37.77 -45.53 -24.26
N LEU W 26 -36.64 -44.91 -23.95
CA LEU W 26 -36.23 -44.79 -22.56
C LEU W 26 -37.21 -43.95 -21.74
N VAL W 27 -37.59 -42.79 -22.28
CA VAL W 27 -38.57 -41.93 -21.60
C VAL W 27 -39.87 -42.68 -21.36
N MET W 28 -40.37 -43.39 -22.38
CA MET W 28 -41.62 -44.14 -22.24
C MET W 28 -41.52 -45.24 -21.17
N HIS W 29 -40.40 -45.95 -21.10
CA HIS W 29 -40.26 -46.97 -20.06
C HIS W 29 -40.14 -46.35 -18.66
N ILE W 30 -39.34 -45.29 -18.51
CA ILE W 30 -39.22 -44.64 -17.21
C ILE W 30 -40.59 -44.15 -16.74
N TRP W 31 -41.34 -43.54 -17.65
CA TRP W 31 -42.71 -43.12 -17.35
C TRP W 31 -43.60 -44.31 -17.01
N ALA W 32 -43.59 -45.35 -17.84
CA ALA W 32 -44.44 -46.52 -17.62
C ALA W 32 -44.17 -47.19 -16.27
N TYR W 33 -42.90 -47.31 -15.87
CA TYR W 33 -42.62 -47.88 -14.56
C TYR W 33 -43.14 -47.03 -13.43
N GLY W 34 -43.34 -45.72 -13.65
CA GLY W 34 -43.96 -44.90 -12.63
C GLY W 34 -45.44 -45.13 -12.49
N GLN W 35 -46.16 -45.23 -13.62
CA GLN W 35 -47.61 -45.31 -13.58
C GLN W 35 -48.08 -46.73 -13.31
N PHE W 36 -47.63 -47.69 -14.11
CA PHE W 36 -47.92 -49.08 -13.81
C PHE W 36 -47.04 -49.50 -12.63
N ASN W 37 -47.58 -50.36 -11.77
CA ASN W 37 -46.90 -50.71 -10.53
C ASN W 37 -45.84 -51.79 -10.73
N TRP W 38 -45.07 -51.68 -11.82
CA TRP W 38 -44.12 -52.69 -12.26
C TRP W 38 -42.82 -52.01 -12.63
N PRO W 39 -41.66 -52.53 -12.21
CA PRO W 39 -41.36 -53.81 -11.57
C PRO W 39 -41.64 -53.88 -10.06
N ALA W 40 -42.26 -52.85 -9.48
CA ALA W 40 -42.49 -52.84 -8.04
C ALA W 40 -43.21 -54.09 -7.54
N THR W 41 -44.25 -54.54 -8.26
CA THR W 41 -44.89 -55.80 -7.88
C THR W 41 -43.99 -57.02 -8.08
N LEU W 42 -43.13 -57.00 -9.10
CA LEU W 42 -42.12 -58.04 -9.25
C LEU W 42 -41.16 -58.07 -8.08
N LYS W 43 -40.61 -56.92 -7.70
CA LYS W 43 -39.69 -56.86 -6.57
C LYS W 43 -40.32 -57.37 -5.28
N ALA W 44 -41.55 -56.94 -5.00
CA ALA W 44 -42.27 -57.40 -3.81
C ALA W 44 -42.60 -58.89 -3.87
N LYS W 45 -42.72 -59.45 -5.08
CA LYS W 45 -43.00 -60.89 -5.21
C LYS W 45 -41.86 -61.76 -4.68
N TYR W 46 -40.60 -61.32 -4.83
CA TYR W 46 -39.46 -62.12 -4.42
C TYR W 46 -38.68 -61.54 -3.24
N ALA W 47 -39.07 -60.37 -2.73
CA ALA W 47 -38.42 -59.82 -1.55
C ALA W 47 -38.57 -60.75 -0.35
N THR W 48 -37.49 -60.83 0.50
CA THR W 48 -37.54 -61.54 1.77
C THR W 48 -38.00 -60.61 2.89
N PRO W 49 -38.75 -61.13 3.87
CA PRO W 49 -39.19 -60.36 5.03
C PRO W 49 -38.04 -59.72 5.82
N FME X 1 -50.98 -20.81 -54.66
CN FME X 1 -50.26 -20.36 -55.75
O1 FME X 1 -49.18 -19.75 -55.65
CA FME X 1 -50.58 -20.65 -53.29
CB FME X 1 -51.58 -21.32 -52.32
CG FME X 1 -51.47 -20.76 -50.93
SD FME X 1 -52.51 -21.75 -49.87
CE FME X 1 -54.11 -21.45 -50.54
C FME X 1 -49.20 -21.21 -52.95
O FME X 1 -48.49 -20.77 -52.05
N HIS X 2 -48.81 -22.22 -53.73
CA HIS X 2 -47.51 -22.87 -53.58
C HIS X 2 -46.29 -21.96 -53.75
N ARG X 3 -46.46 -20.83 -54.44
CA ARG X 3 -45.35 -19.90 -54.61
C ARG X 3 -44.80 -19.32 -53.31
N ILE X 4 -45.54 -19.44 -52.20
CA ILE X 4 -44.97 -19.07 -50.90
C ILE X 4 -43.71 -19.88 -50.60
N TRP X 5 -43.64 -21.12 -51.11
CA TRP X 5 -42.48 -21.97 -50.89
C TRP X 5 -41.28 -21.64 -51.77
N MET X 6 -41.44 -20.78 -52.79
CA MET X 6 -40.28 -20.38 -53.58
C MET X 6 -39.24 -19.72 -52.70
N GLY X 7 -37.96 -19.95 -53.01
CA GLY X 7 -36.85 -19.36 -52.30
C GLY X 7 -36.58 -19.94 -50.93
N THR X 8 -37.51 -20.70 -50.36
CA THR X 8 -37.26 -21.50 -49.17
C THR X 8 -36.40 -22.71 -49.52
N ASP X 9 -36.19 -23.57 -48.52
CA ASP X 9 -35.62 -24.89 -48.73
C ASP X 9 -36.50 -25.90 -48.00
N PRO X 10 -36.88 -27.00 -48.64
CA PRO X 10 -37.73 -28.00 -47.96
C PRO X 10 -37.26 -28.41 -46.57
N HIS X 11 -35.96 -28.65 -46.41
CA HIS X 11 -35.45 -29.21 -45.15
C HIS X 11 -35.54 -28.24 -43.98
N ILE X 12 -35.38 -26.93 -44.19
CA ILE X 12 -35.61 -26.00 -43.08
C ILE X 12 -37.10 -25.92 -42.75
N ILE X 13 -37.98 -25.97 -43.75
CA ILE X 13 -39.41 -25.95 -43.48
C ILE X 13 -39.81 -27.16 -42.64
N MET X 14 -39.31 -28.35 -42.99
CA MET X 14 -39.57 -29.52 -42.17
C MET X 14 -38.92 -29.44 -40.79
N SER X 15 -37.75 -28.81 -40.69
CA SER X 15 -37.13 -28.60 -39.38
C SER X 15 -37.99 -27.72 -38.49
N ALA X 16 -38.47 -26.61 -39.02
CA ALA X 16 -39.28 -25.68 -38.23
C ALA X 16 -40.64 -26.28 -37.87
N LEU X 17 -41.29 -26.95 -38.82
CA LEU X 17 -42.57 -27.59 -38.52
C LEU X 17 -42.40 -28.75 -37.55
N GLY X 18 -41.36 -29.57 -37.73
CA GLY X 18 -41.13 -30.67 -36.82
C GLY X 18 -40.89 -30.23 -35.39
N SER X 19 -39.98 -29.26 -35.21
CA SER X 19 -39.69 -28.75 -33.87
C SER X 19 -40.88 -28.04 -33.24
N PHE X 20 -41.67 -27.32 -34.03
CA PHE X 20 -42.93 -26.77 -33.54
C PHE X 20 -43.87 -27.88 -33.04
N LEU X 21 -44.09 -28.92 -33.85
CA LEU X 21 -45.03 -29.96 -33.46
C LEU X 21 -44.56 -30.72 -32.23
N VAL X 22 -43.27 -31.05 -32.14
CA VAL X 22 -42.73 -31.68 -30.93
C VAL X 22 -42.98 -30.79 -29.71
N GLY X 23 -42.68 -29.51 -29.83
CA GLY X 23 -42.98 -28.58 -28.74
C GLY X 23 -44.46 -28.54 -28.37
N ALA X 24 -45.31 -28.28 -29.36
CA ALA X 24 -46.75 -28.14 -29.11
C ALA X 24 -47.36 -29.40 -28.51
N VAL X 25 -47.01 -30.57 -29.04
CA VAL X 25 -47.56 -31.83 -28.54
C VAL X 25 -47.14 -32.08 -27.09
N LEU X 26 -45.87 -31.85 -26.77
CA LEU X 26 -45.41 -32.08 -25.40
C LEU X 26 -46.08 -31.11 -24.42
N VAL X 27 -46.18 -29.84 -24.78
CA VAL X 27 -46.91 -28.88 -23.97
C VAL X 27 -48.36 -29.31 -23.77
N MET X 28 -49.03 -29.71 -24.86
CA MET X 28 -50.43 -30.13 -24.76
C MET X 28 -50.61 -31.36 -23.88
N HIS X 29 -49.74 -32.37 -24.00
CA HIS X 29 -49.89 -33.55 -23.15
C HIS X 29 -49.63 -33.25 -21.68
N ILE X 30 -48.57 -32.51 -21.38
CA ILE X 30 -48.27 -32.21 -19.98
C ILE X 30 -49.37 -31.37 -19.36
N TRP X 31 -49.90 -30.41 -20.12
CA TRP X 31 -51.08 -29.66 -19.68
C TRP X 31 -52.28 -30.57 -19.48
N ALA X 32 -52.51 -31.50 -20.42
CA ALA X 32 -53.67 -32.38 -20.34
C ALA X 32 -53.61 -33.32 -19.13
N TYR X 33 -52.42 -33.86 -18.82
CA TYR X 33 -52.31 -34.79 -17.69
C TYR X 33 -52.70 -34.14 -16.37
N GLY X 34 -52.35 -32.87 -16.18
CA GLY X 34 -52.79 -32.15 -14.99
C GLY X 34 -54.28 -31.88 -14.96
N GLN X 35 -54.91 -31.78 -16.12
CA GLN X 35 -56.31 -31.41 -16.21
C GLN X 35 -57.25 -32.61 -16.07
N PHE X 36 -56.97 -33.70 -16.79
CA PHE X 36 -57.88 -34.83 -16.89
C PHE X 36 -57.71 -35.85 -15.76
N ASN X 37 -56.76 -35.65 -14.85
CA ASN X 37 -56.46 -36.61 -13.78
C ASN X 37 -56.07 -37.98 -14.31
N TRP X 38 -55.42 -38.01 -15.48
CA TRP X 38 -54.85 -39.23 -16.04
C TRP X 38 -53.43 -38.91 -16.48
N PRO X 39 -52.45 -39.78 -16.20
CA PRO X 39 -52.45 -41.16 -15.70
C PRO X 39 -52.64 -41.35 -14.20
N ALA X 40 -52.99 -40.30 -13.45
CA ALA X 40 -53.17 -40.44 -12.01
C ALA X 40 -54.20 -41.50 -11.64
N THR X 41 -55.31 -41.59 -12.39
CA THR X 41 -56.24 -42.70 -12.14
C THR X 41 -55.68 -44.05 -12.55
N LEU X 42 -54.84 -44.09 -13.59
CA LEU X 42 -54.14 -45.33 -13.94
C LEU X 42 -53.19 -45.76 -12.83
N LYS X 43 -52.42 -44.82 -12.28
CA LYS X 43 -51.50 -45.14 -11.20
C LYS X 43 -52.22 -45.66 -9.97
N ALA X 44 -53.27 -44.95 -9.55
CA ALA X 44 -54.02 -45.35 -8.36
C ALA X 44 -54.74 -46.69 -8.54
N LYS X 45 -55.12 -47.04 -9.77
CA LYS X 45 -55.73 -48.34 -10.00
C LYS X 45 -54.82 -49.51 -9.64
N TYR X 46 -53.55 -49.44 -10.04
CA TYR X 46 -52.61 -50.53 -9.77
C TYR X 46 -51.74 -50.34 -8.53
N ALA X 47 -51.82 -49.19 -7.86
CA ALA X 47 -50.96 -48.93 -6.71
C ALA X 47 -51.26 -49.88 -5.55
N THR X 48 -50.24 -50.11 -4.71
CA THR X 48 -50.29 -50.97 -3.52
C THR X 48 -50.78 -50.18 -2.32
N PRO X 49 -51.61 -50.77 -1.44
CA PRO X 49 -52.05 -50.12 -0.20
C PRO X 49 -50.89 -49.66 0.69
N GLY Y 6 -38.01 -5.46 -54.43
CA GLY Y 6 -38.92 -6.35 -53.75
C GLY Y 6 -40.03 -6.87 -54.64
N MET Y 7 -41.14 -7.28 -54.01
CA MET Y 7 -42.27 -7.85 -54.72
C MET Y 7 -42.85 -6.88 -55.74
N THR Y 8 -43.01 -7.36 -56.98
CA THR Y 8 -43.55 -6.56 -58.08
C THR Y 8 -45.08 -6.50 -58.01
N GLU Y 9 -45.67 -5.64 -58.84
CA GLU Y 9 -47.10 -5.37 -58.77
C GLU Y 9 -47.95 -6.61 -59.08
N GLU Y 10 -47.56 -7.40 -60.09
CA GLU Y 10 -48.36 -8.58 -60.41
C GLU Y 10 -48.22 -9.66 -59.34
N GLU Y 11 -47.03 -9.78 -58.75
CA GLU Y 11 -46.85 -10.65 -57.58
C GLU Y 11 -47.69 -10.15 -56.41
N ALA Y 12 -47.66 -8.84 -56.16
CA ALA Y 12 -48.47 -8.24 -55.09
C ALA Y 12 -49.95 -8.48 -55.30
N ARG Y 13 -50.42 -8.41 -56.55
CA ARG Y 13 -51.82 -8.74 -56.84
C ARG Y 13 -52.17 -10.17 -56.45
N ARG Y 14 -51.31 -11.14 -56.79
CA ARG Y 14 -51.56 -12.52 -56.38
C ARG Y 14 -51.49 -12.68 -54.87
N PHE Y 15 -50.45 -12.12 -54.26
CA PHE Y 15 -50.28 -12.19 -52.80
C PHE Y 15 -51.51 -11.66 -52.07
N HIS Y 16 -52.03 -10.51 -52.52
CA HIS Y 16 -53.23 -9.93 -51.93
C HIS Y 16 -54.42 -10.88 -51.97
N GLY Y 17 -54.64 -11.55 -53.10
CA GLY Y 17 -55.79 -12.45 -53.19
C GLY Y 17 -55.78 -13.56 -52.16
N TYR Y 18 -54.65 -14.23 -52.02
CA TYR Y 18 -54.54 -15.28 -51.00
C TYR Y 18 -54.52 -14.71 -49.59
N MET Y 19 -53.82 -13.59 -49.39
CA MET Y 19 -53.76 -12.95 -48.08
C MET Y 19 -55.15 -12.54 -47.59
N VAL Y 20 -55.97 -12.01 -48.49
CA VAL Y 20 -57.38 -11.75 -48.17
C VAL Y 20 -58.11 -13.05 -47.85
N THR Y 21 -57.96 -14.05 -48.71
CA THR Y 21 -58.65 -15.32 -48.52
C THR Y 21 -58.31 -15.97 -47.17
N GLY Y 22 -57.03 -15.98 -46.82
CA GLY Y 22 -56.62 -16.52 -45.52
C GLY Y 22 -57.22 -15.77 -44.35
N THR Y 23 -57.20 -14.43 -44.42
CA THR Y 23 -57.81 -13.61 -43.38
C THR Y 23 -59.29 -13.92 -43.20
N LEU Y 24 -60.03 -14.03 -44.31
CA LEU Y 24 -61.45 -14.37 -44.22
C LEU Y 24 -61.67 -15.76 -43.64
N GLY Y 25 -60.87 -16.73 -44.05
CA GLY Y 25 -60.98 -18.07 -43.47
C GLY Y 25 -60.70 -18.08 -41.98
N TYR Y 26 -59.66 -17.36 -41.55
CA TYR Y 26 -59.37 -17.21 -40.13
C TYR Y 26 -60.54 -16.60 -39.36
N VAL Y 27 -61.13 -15.55 -39.91
CA VAL Y 27 -62.27 -14.89 -39.27
C VAL Y 27 -63.50 -15.79 -39.24
N VAL Y 28 -63.71 -16.59 -40.29
CA VAL Y 28 -64.83 -17.52 -40.30
C VAL Y 28 -64.70 -18.56 -39.19
N VAL Y 29 -63.53 -19.18 -39.06
CA VAL Y 29 -63.31 -20.14 -37.99
C VAL Y 29 -63.49 -19.48 -36.62
N ALA Y 30 -62.90 -18.29 -36.45
CA ALA Y 30 -63.07 -17.56 -35.19
C ALA Y 30 -64.52 -17.20 -34.90
N SER Y 31 -65.31 -16.93 -35.94
CA SER Y 31 -66.73 -16.67 -35.75
C SER Y 31 -67.46 -17.88 -35.18
N VAL Y 32 -67.19 -19.07 -35.73
CA VAL Y 32 -67.75 -20.30 -35.19
C VAL Y 32 -67.28 -20.52 -33.76
N ALA Y 33 -66.01 -20.23 -33.49
CA ALA Y 33 -65.48 -20.36 -32.13
C ALA Y 33 -66.27 -19.52 -31.14
N HIS Y 34 -66.51 -18.25 -31.46
CA HIS Y 34 -67.26 -17.37 -30.57
C HIS Y 34 -68.72 -17.78 -30.46
N PHE Y 35 -69.31 -18.27 -31.54
CA PHE Y 35 -70.67 -18.78 -31.50
C PHE Y 35 -70.79 -19.95 -30.52
N LEU Y 36 -69.85 -20.90 -30.58
CA LEU Y 36 -69.83 -21.99 -29.62
C LEU Y 36 -69.56 -21.51 -28.20
N ALA Y 37 -68.57 -20.63 -28.04
CA ALA Y 37 -68.26 -20.10 -26.71
C ALA Y 37 -69.46 -19.38 -26.09
N TRP Y 38 -70.17 -18.58 -26.89
CA TRP Y 38 -71.35 -17.90 -26.36
C TRP Y 38 -72.43 -18.89 -25.94
N SER Y 39 -72.67 -19.91 -26.77
CA SER Y 39 -73.63 -20.95 -26.41
C SER Y 39 -73.23 -21.66 -25.13
N TRP Y 40 -71.92 -21.84 -24.92
CA TRP Y 40 -71.42 -22.49 -23.71
C TRP Y 40 -71.49 -21.59 -22.48
N ARG Y 41 -70.80 -20.46 -22.51
CA ARG Y 41 -70.75 -19.54 -21.38
C ARG Y 41 -70.86 -18.10 -21.89
N PRO Y 42 -72.07 -17.58 -22.04
CA PRO Y 42 -72.21 -16.19 -22.51
C PRO Y 42 -71.63 -15.21 -21.50
N TRP Y 43 -71.04 -14.13 -22.02
CA TRP Y 43 -70.20 -13.26 -21.22
C TRP Y 43 -70.76 -11.87 -20.98
N PHE Y 44 -71.85 -11.49 -21.63
CA PHE Y 44 -72.61 -10.30 -21.23
C PHE Y 44 -73.92 -10.69 -20.56
N GLY Z 4 -37.55 10.28 -53.92
CA GLY Z 4 -38.66 9.36 -54.05
C GLY Z 4 -39.91 9.81 -53.33
N GLY Z 5 -40.73 8.84 -52.94
CA GLY Z 5 -42.03 9.10 -52.36
C GLY Z 5 -43.10 9.45 -53.39
N MET Z 6 -44.35 9.42 -52.93
CA MET Z 6 -45.50 9.39 -53.83
C MET Z 6 -45.62 10.64 -54.70
N THR Z 7 -45.82 10.40 -56.00
CA THR Z 7 -46.24 11.39 -56.98
C THR Z 7 -47.75 11.63 -56.85
N GLU Z 8 -48.21 12.78 -57.33
CA GLU Z 8 -49.59 13.20 -57.04
C GLU Z 8 -50.61 12.18 -57.52
N GLU Z 9 -50.36 11.52 -58.65
CA GLU Z 9 -51.26 10.45 -59.07
C GLU Z 9 -51.27 9.31 -58.07
N GLU Z 10 -50.09 8.94 -57.55
CA GLU Z 10 -50.00 7.88 -56.55
C GLU Z 10 -50.69 8.29 -55.26
N ALA Z 11 -50.37 9.51 -54.78
CA ALA Z 11 -51.05 10.07 -53.62
C ALA Z 11 -52.57 10.11 -53.79
N ARG Z 12 -53.05 10.38 -55.00
CA ARG Z 12 -54.49 10.43 -55.22
C ARG Z 12 -55.16 9.06 -55.11
N ARG Z 13 -54.51 8.00 -55.60
CA ARG Z 13 -55.00 6.66 -55.28
C ARG Z 13 -54.92 6.39 -53.78
N PHE Z 14 -53.75 6.63 -53.20
CA PHE Z 14 -53.51 6.32 -51.79
C PHE Z 14 -54.52 7.02 -50.88
N HIS Z 15 -54.74 8.32 -51.12
CA HIS Z 15 -55.75 9.07 -50.38
C HIS Z 15 -57.13 8.44 -50.47
N GLY Z 16 -57.55 8.00 -51.65
CA GLY Z 16 -58.88 7.43 -51.78
C GLY Z 16 -59.07 6.18 -50.95
N TYR Z 17 -58.08 5.27 -50.98
CA TYR Z 17 -58.11 4.10 -50.10
C TYR Z 17 -58.04 4.47 -48.63
N MET Z 18 -57.15 5.41 -48.27
CA MET Z 18 -57.03 5.86 -46.88
C MET Z 18 -58.35 6.41 -46.34
N VAL Z 19 -59.02 7.27 -47.11
CA VAL Z 19 -60.34 7.75 -46.72
C VAL Z 19 -61.32 6.59 -46.58
N THR Z 20 -61.28 5.65 -47.53
CA THR Z 20 -62.18 4.51 -47.49
C THR Z 20 -61.96 3.66 -46.24
N GLY Z 21 -60.70 3.38 -45.91
CA GLY Z 21 -60.40 2.64 -44.70
C GLY Z 21 -60.80 3.35 -43.42
N THR Z 22 -60.50 4.66 -43.35
CA THR Z 22 -60.93 5.46 -42.21
C THR Z 22 -62.44 5.44 -42.02
N LEU Z 23 -63.21 5.60 -43.10
CA LEU Z 23 -64.66 5.51 -42.99
C LEU Z 23 -65.09 4.12 -42.52
N GLY Z 24 -64.51 3.07 -43.09
CA GLY Z 24 -64.86 1.72 -42.65
C GLY Z 24 -64.62 1.51 -41.17
N TYR Z 25 -63.43 1.91 -40.70
CA TYR Z 25 -63.09 1.81 -39.29
C TYR Z 25 -64.07 2.57 -38.40
N VAL Z 26 -64.35 3.83 -38.74
CA VAL Z 26 -65.27 4.65 -37.95
C VAL Z 26 -66.68 4.06 -37.94
N VAL Z 27 -67.12 3.50 -39.07
CA VAL Z 27 -68.42 2.82 -39.10
C VAL Z 27 -68.47 1.66 -38.12
N VAL Z 28 -67.46 0.79 -38.15
CA VAL Z 28 -67.42 -0.33 -37.21
C VAL Z 28 -67.42 0.16 -35.76
N ALA Z 29 -66.56 1.15 -35.47
CA ALA Z 29 -66.51 1.71 -34.13
C ALA Z 29 -67.82 2.35 -33.70
N SER Z 30 -68.57 2.91 -34.65
CA SER Z 30 -69.89 3.47 -34.33
C SER Z 30 -70.85 2.39 -33.85
N VAL Z 31 -70.88 1.25 -34.55
CA VAL Z 31 -71.68 0.11 -34.10
C VAL Z 31 -71.24 -0.35 -32.71
N ALA Z 32 -69.92 -0.46 -32.51
CA ALA Z 32 -69.39 -0.85 -31.21
C ALA Z 32 -69.89 0.06 -30.08
N HIS Z 33 -69.89 1.37 -30.31
CA HIS Z 33 -70.36 2.30 -29.27
C HIS Z 33 -71.86 2.23 -29.06
N PHE Z 34 -72.63 2.06 -30.15
CA PHE Z 34 -74.07 1.89 -30.00
C PHE Z 34 -74.39 0.67 -29.15
N LEU Z 35 -73.73 -0.45 -29.42
CA LEU Z 35 -73.86 -1.64 -28.58
C LEU Z 35 -73.42 -1.36 -27.14
N ALA Z 36 -72.24 -0.77 -26.97
CA ALA Z 36 -71.74 -0.44 -25.64
C ALA Z 36 -72.71 0.46 -24.88
N TRP Z 37 -73.26 1.48 -25.53
CA TRP Z 37 -74.21 2.36 -24.87
C TRP Z 37 -75.46 1.61 -24.43
N SER Z 38 -76.02 0.78 -25.31
CA SER Z 38 -77.21 0.02 -24.95
C SER Z 38 -76.93 -0.97 -23.82
N TRP Z 39 -75.69 -1.45 -23.73
CA TRP Z 39 -75.32 -2.39 -22.66
C TRP Z 39 -75.09 -1.68 -21.33
N ARG Z 40 -74.22 -0.66 -21.30
CA ARG Z 40 -73.93 0.07 -20.07
C ARG Z 40 -73.76 1.55 -20.40
N PRO Z 41 -74.85 2.33 -20.35
CA PRO Z 41 -74.74 3.78 -20.56
C PRO Z 41 -73.80 4.42 -19.55
N TRP Z 42 -72.96 5.34 -20.02
CA TRP Z 42 -71.89 5.87 -19.20
C TRP Z 42 -72.10 7.31 -18.74
N PHE Z 43 -73.11 8.00 -19.25
CA PHE Z 43 -73.60 9.22 -18.61
C PHE Z 43 -74.84 8.94 -17.77
N GLY AA 6 -38.39 24.14 -49.31
CA GLY AA 6 -38.99 25.34 -48.74
C GLY AA 6 -40.22 25.80 -49.49
N MET AA 7 -41.31 25.98 -48.74
CA MET AA 7 -42.61 26.29 -49.34
C MET AA 7 -42.61 27.66 -50.02
N THR AA 8 -43.15 27.71 -51.23
CA THR AA 8 -43.21 28.93 -52.04
C THR AA 8 -44.60 29.56 -51.98
N GLU AA 9 -44.69 30.79 -52.49
CA GLU AA 9 -45.86 31.65 -52.26
C GLU AA 9 -47.15 31.03 -52.80
N GLU AA 10 -47.10 30.37 -53.95
CA GLU AA 10 -48.32 29.77 -54.49
C GLU AA 10 -48.70 28.49 -53.74
N GLU AA 11 -47.70 27.72 -53.31
CA GLU AA 11 -47.96 26.60 -52.42
C GLU AA 11 -48.56 27.08 -51.10
N ALA AA 12 -48.00 28.15 -50.53
CA ALA AA 12 -48.50 28.72 -49.28
C ALA AA 12 -49.97 29.11 -49.36
N ARG AA 13 -50.44 29.60 -50.52
CA ARG AA 13 -51.87 29.87 -50.66
C ARG AA 13 -52.70 28.61 -50.50
N ARG AA 14 -52.30 27.53 -51.15
CA ARG AA 14 -53.05 26.29 -51.09
C ARG AA 14 -52.96 25.64 -49.71
N PHE AA 15 -51.76 25.60 -49.13
CA PHE AA 15 -51.57 25.18 -47.75
C PHE AA 15 -52.46 25.97 -46.80
N HIS AA 16 -52.37 27.30 -46.85
CA HIS AA 16 -53.20 28.17 -46.00
C HIS AA 16 -54.69 27.88 -46.16
N GLY AA 17 -55.15 27.66 -47.40
CA GLY AA 17 -56.56 27.37 -47.62
C GLY AA 17 -57.04 26.15 -46.86
N TYR AA 18 -56.31 25.05 -46.95
CA TYR AA 18 -56.65 23.87 -46.16
C TYR AA 18 -56.44 24.10 -44.67
N MET AA 19 -55.34 24.76 -44.30
CA MET AA 19 -55.05 24.99 -42.88
C MET AA 19 -56.17 25.75 -42.19
N VAL AA 20 -56.69 26.80 -42.84
CA VAL AA 20 -57.85 27.53 -42.32
C VAL AA 20 -59.06 26.62 -42.25
N THR AA 21 -59.31 25.84 -43.31
CA THR AA 21 -60.48 24.98 -43.36
C THR AA 21 -60.45 23.92 -42.27
N GLY AA 22 -59.29 23.29 -42.06
CA GLY AA 22 -59.17 22.32 -40.99
C GLY AA 22 -59.33 22.91 -39.61
N THR AA 23 -58.71 24.08 -39.37
CA THR AA 23 -58.88 24.78 -38.11
C THR AA 23 -60.35 25.07 -37.81
N LEU AA 24 -61.07 25.61 -38.78
CA LEU AA 24 -62.48 25.91 -38.57
C LEU AA 24 -63.30 24.64 -38.30
N GLY AA 25 -63.03 23.57 -39.06
CA GLY AA 25 -63.70 22.30 -38.77
C GLY AA 25 -63.43 21.81 -37.37
N TYR AA 26 -62.17 21.87 -36.92
CA TYR AA 26 -61.82 21.45 -35.57
C TYR AA 26 -62.53 22.29 -34.50
N VAL AA 27 -62.52 23.61 -34.67
CA VAL AA 27 -63.21 24.50 -33.74
C VAL AA 27 -64.71 24.20 -33.69
N VAL AA 28 -65.33 23.94 -34.83
CA VAL AA 28 -66.76 23.66 -34.86
C VAL AA 28 -67.09 22.38 -34.09
N VAL AA 29 -66.33 21.32 -34.32
CA VAL AA 29 -66.50 20.07 -33.57
C VAL AA 29 -66.35 20.32 -32.07
N ALA AA 30 -65.29 21.04 -31.68
CA ALA AA 30 -65.08 21.34 -30.27
C ALA AA 30 -66.23 22.16 -29.69
N SER AA 31 -66.82 23.05 -30.48
CA SER AA 31 -67.92 23.88 -29.98
C SER AA 31 -69.14 23.03 -29.64
N VAL AA 32 -69.47 22.06 -30.50
CA VAL AA 32 -70.52 21.09 -30.19
C VAL AA 32 -70.17 20.27 -28.95
N ALA AA 33 -68.92 19.85 -28.84
CA ALA AA 33 -68.48 19.11 -27.64
C ALA AA 33 -68.71 19.91 -26.37
N HIS AA 34 -68.37 21.20 -26.38
CA HIS AA 34 -68.60 22.04 -25.20
C HIS AA 34 -70.08 22.26 -24.93
N PHE AA 35 -70.88 22.45 -25.97
CA PHE AA 35 -72.31 22.61 -25.80
C PHE AA 35 -72.93 21.38 -25.15
N LEU AA 36 -72.54 20.19 -25.62
CA LEU AA 36 -72.96 18.95 -24.97
C LEU AA 36 -72.50 18.88 -23.52
N ALA AA 37 -71.20 19.09 -23.28
CA ALA AA 37 -70.68 19.09 -21.91
C ALA AA 37 -71.39 20.10 -21.01
N TRP AA 38 -71.69 21.28 -21.53
CA TRP AA 38 -72.40 22.28 -20.73
C TRP AA 38 -73.81 21.80 -20.36
N SER AA 39 -74.54 21.26 -21.32
CA SER AA 39 -75.87 20.75 -21.05
C SER AA 39 -75.85 19.56 -20.09
N TRP AA 40 -74.76 18.79 -20.11
CA TRP AA 40 -74.59 17.68 -19.18
C TRP AA 40 -74.18 18.14 -17.78
N ARG AA 41 -73.05 18.83 -17.66
CA ARG AA 41 -72.58 19.32 -16.37
C ARG AA 41 -72.07 20.75 -16.51
N PRO AA 42 -72.95 21.74 -16.38
CA PRO AA 42 -72.49 23.14 -16.48
C PRO AA 42 -71.53 23.50 -15.36
N TRP AA 43 -70.49 24.27 -15.72
CA TRP AA 43 -69.36 24.46 -14.83
C TRP AA 43 -69.26 25.87 -14.23
N PHE AA 44 -70.08 26.82 -14.66
CA PHE AA 44 -70.23 28.08 -13.94
C PHE AA 44 -71.57 28.14 -13.21
N GLY BA 4 -30.61 41.04 -46.13
CA GLY BA 4 -30.67 40.19 -44.95
C GLY BA 4 -31.84 40.54 -44.05
N GLY BA 5 -32.62 39.53 -43.69
CA GLY BA 5 -33.90 39.77 -43.04
C GLY BA 5 -34.88 40.50 -43.95
N MET BA 6 -36.03 40.84 -43.34
CA MET BA 6 -37.10 41.52 -44.05
C MET BA 6 -36.67 42.86 -44.63
N THR BA 7 -37.14 43.16 -45.83
CA THR BA 7 -37.07 44.48 -46.45
C THR BA 7 -38.22 45.38 -45.96
N GLU BA 8 -38.11 46.67 -46.30
CA GLU BA 8 -39.15 47.63 -45.94
C GLU BA 8 -40.50 47.27 -46.54
N GLU BA 9 -40.51 46.70 -47.75
CA GLU BA 9 -41.74 46.17 -48.32
C GLU BA 9 -42.36 45.11 -47.42
N GLU BA 10 -41.58 44.10 -47.05
CA GLU BA 10 -42.09 43.02 -46.21
C GLU BA 10 -42.54 43.56 -44.86
N ALA BA 11 -41.70 44.39 -44.24
CA ALA BA 11 -42.02 44.99 -42.95
C ALA BA 11 -43.34 45.76 -42.98
N ARG BA 12 -43.61 46.47 -44.06
CA ARG BA 12 -44.84 47.26 -44.16
C ARG BA 12 -46.08 46.38 -44.05
N ARG BA 13 -46.17 45.33 -44.86
CA ARG BA 13 -47.35 44.46 -44.84
C ARG BA 13 -47.36 43.53 -43.63
N PHE BA 14 -46.18 43.06 -43.21
CA PHE BA 14 -46.08 42.29 -41.97
C PHE BA 14 -46.63 43.08 -40.78
N HIS BA 15 -46.27 44.36 -40.69
CA HIS BA 15 -46.77 45.21 -39.61
C HIS BA 15 -48.29 45.27 -39.58
N GLY BA 16 -48.92 45.45 -40.73
CA GLY BA 16 -50.38 45.52 -40.76
C GLY BA 16 -51.04 44.24 -40.28
N TYR BA 17 -50.46 43.08 -40.62
CA TYR BA 17 -50.92 41.82 -40.06
C TYR BA 17 -50.64 41.73 -38.56
N MET BA 18 -49.41 42.04 -38.15
CA MET BA 18 -49.06 42.02 -36.73
C MET BA 18 -50.00 42.88 -35.90
N VAL BA 19 -50.33 44.09 -36.39
CA VAL BA 19 -51.29 44.95 -35.71
C VAL BA 19 -52.70 44.34 -35.72
N THR BA 20 -53.11 43.77 -36.86
CA THR BA 20 -54.42 43.14 -36.93
C THR BA 20 -54.55 41.97 -35.96
N GLY BA 21 -53.51 41.12 -35.89
CA GLY BA 21 -53.52 40.02 -34.93
C GLY BA 21 -53.63 40.50 -33.49
N THR BA 22 -52.82 41.47 -33.13
CA THR BA 22 -52.82 42.01 -31.77
C THR BA 22 -54.16 42.65 -31.41
N LEU BA 23 -54.74 43.42 -32.32
CA LEU BA 23 -56.07 43.97 -32.10
C LEU BA 23 -57.11 42.86 -31.88
N GLY BA 24 -57.07 41.82 -32.72
CA GLY BA 24 -57.99 40.71 -32.54
C GLY BA 24 -57.87 40.05 -31.18
N TYR BA 25 -56.64 39.81 -30.74
CA TYR BA 25 -56.39 39.26 -29.41
C TYR BA 25 -56.97 40.14 -28.30
N VAL BA 26 -56.72 41.45 -28.37
CA VAL BA 26 -57.25 42.37 -27.36
C VAL BA 26 -58.78 42.38 -27.34
N VAL BA 27 -59.42 42.26 -28.51
CA VAL BA 27 -60.88 42.16 -28.56
C VAL BA 27 -61.37 40.91 -27.85
N VAL BA 28 -60.82 39.75 -28.21
CA VAL BA 28 -61.23 38.49 -27.59
C VAL BA 28 -61.00 38.50 -26.09
N ALA BA 29 -59.83 38.97 -25.66
CA ALA BA 29 -59.54 39.12 -24.24
C ALA BA 29 -60.47 40.12 -23.54
N SER BA 30 -60.90 41.16 -24.24
CA SER BA 30 -61.88 42.08 -23.66
C SER BA 30 -63.21 41.39 -23.34
N VAL BA 31 -63.71 40.58 -24.27
CA VAL BA 31 -64.92 39.81 -24.01
C VAL BA 31 -64.72 38.85 -22.84
N ALA BA 32 -63.56 38.20 -22.78
CA ALA BA 32 -63.24 37.33 -21.65
C ALA BA 32 -63.34 38.05 -20.31
N HIS BA 33 -62.79 39.27 -20.22
CA HIS BA 33 -62.88 40.04 -19.00
C HIS BA 33 -64.29 40.54 -18.71
N PHE BA 34 -65.05 40.91 -19.74
CA PHE BA 34 -66.43 41.33 -19.52
C PHE BA 34 -67.26 40.18 -18.95
N LEU BA 35 -67.10 38.98 -19.50
CA LEU BA 35 -67.79 37.81 -18.96
C LEU BA 35 -67.27 37.44 -17.57
N ALA BA 36 -65.95 37.47 -17.37
CA ALA BA 36 -65.39 37.20 -16.05
C ALA BA 36 -65.87 38.19 -15.00
N TRP BA 37 -65.95 39.48 -15.35
CA TRP BA 37 -66.45 40.45 -14.38
C TRP BA 37 -67.92 40.22 -14.07
N SER BA 38 -68.73 39.90 -15.08
CA SER BA 38 -70.13 39.55 -14.85
C SER BA 38 -70.25 38.35 -13.92
N TRP BA 39 -69.35 37.37 -14.06
CA TRP BA 39 -69.40 36.16 -13.25
C TRP BA 39 -68.89 36.40 -11.83
N ARG BA 40 -67.68 36.93 -11.67
CA ARG BA 40 -67.09 37.15 -10.35
C ARG BA 40 -66.30 38.46 -10.33
N PRO BA 41 -66.93 39.56 -9.97
CA PRO BA 41 -66.21 40.85 -9.88
C PRO BA 41 -65.06 40.77 -8.88
N TRP BA 42 -63.95 41.44 -9.22
CA TRP BA 42 -62.75 41.34 -8.41
C TRP BA 42 -62.37 42.62 -7.67
N PHE BA 43 -62.98 43.76 -7.98
CA PHE BA 43 -62.88 44.93 -7.11
C PHE BA 43 -64.16 45.11 -6.30
N GLY CA 4 -23.78 50.24 -39.89
CA GLY CA 4 -24.78 50.21 -38.84
C GLY CA 4 -25.16 51.57 -38.32
N GLY CA 5 -25.53 51.64 -37.05
CA GLY CA 5 -25.97 52.85 -36.38
C GLY CA 5 -27.26 53.41 -36.98
N MET CA 6 -27.46 54.70 -36.75
CA MET CA 6 -28.51 55.46 -37.42
C MET CA 6 -27.96 56.79 -37.92
N THR CA 7 -28.32 57.13 -39.16
CA THR CA 7 -28.09 58.47 -39.66
C THR CA 7 -28.91 59.48 -38.88
N GLU CA 8 -28.51 60.75 -38.98
CA GLU CA 8 -29.24 61.82 -38.29
C GLU CA 8 -30.69 61.88 -38.74
N GLU CA 9 -30.97 61.56 -40.00
CA GLU CA 9 -32.34 61.49 -40.48
C GLU CA 9 -33.11 60.33 -39.84
N GLU CA 10 -32.49 59.15 -39.78
CA GLU CA 10 -33.13 58.01 -39.13
C GLU CA 10 -33.36 58.27 -37.65
N ALA CA 11 -32.34 58.76 -36.95
CA ALA CA 11 -32.48 59.14 -35.55
C ALA CA 11 -33.59 60.17 -35.35
N ARG CA 12 -33.69 61.15 -36.24
CA ARG CA 12 -34.70 62.19 -36.11
C ARG CA 12 -36.13 61.63 -36.15
N ARG CA 13 -36.42 60.67 -37.02
CA ARG CA 13 -37.76 60.08 -37.04
C ARG CA 13 -37.94 58.97 -36.00
N PHE CA 14 -36.89 58.21 -35.72
CA PHE CA 14 -36.93 57.26 -34.61
C PHE CA 14 -37.28 57.96 -33.29
N HIS CA 15 -36.70 59.13 -33.07
CA HIS CA 15 -37.04 59.96 -31.91
C HIS CA 15 -38.52 60.32 -31.86
N GLY CA 16 -39.12 60.64 -33.02
CA GLY CA 16 -40.54 60.97 -33.04
C GLY CA 16 -41.43 59.84 -32.55
N TYR CA 17 -41.15 58.62 -33.00
CA TYR CA 17 -41.86 57.45 -32.49
C TYR CA 17 -41.57 57.21 -31.00
N MET CA 18 -40.30 57.33 -30.59
CA MET CA 18 -39.96 57.18 -29.18
C MET CA 18 -40.72 58.16 -28.30
N VAL CA 19 -40.77 59.44 -28.70
CA VAL CA 19 -41.53 60.42 -27.93
C VAL CA 19 -43.01 60.04 -27.89
N THR CA 20 -43.56 59.64 -29.04
CA THR CA 20 -44.98 59.26 -29.09
C THR CA 20 -45.26 58.07 -28.19
N GLY CA 21 -44.43 57.03 -28.27
CA GLY CA 21 -44.62 55.86 -27.43
C GLY CA 21 -44.51 56.16 -25.95
N THR CA 22 -43.48 56.94 -25.57
CA THR CA 22 -43.31 57.34 -24.18
C THR CA 22 -44.51 58.13 -23.66
N LEU CA 23 -45.00 59.10 -24.43
CA LEU CA 23 -46.15 59.88 -23.99
C LEU CA 23 -47.41 59.03 -23.91
N GLY CA 24 -47.66 58.18 -24.91
CA GLY CA 24 -48.78 57.26 -24.84
C GLY CA 24 -48.74 56.37 -23.62
N TYR CA 25 -47.56 55.81 -23.32
CA TYR CA 25 -47.39 54.95 -22.15
C TYR CA 25 -47.66 55.70 -20.85
N VAL CA 26 -47.12 56.91 -20.71
CA VAL CA 26 -47.35 57.71 -19.51
C VAL CA 26 -48.81 58.10 -19.37
N VAL CA 27 -49.50 58.37 -20.49
CA VAL CA 27 -50.93 58.68 -20.42
C VAL CA 27 -51.73 57.49 -19.89
N VAL CA 28 -51.46 56.29 -20.41
CA VAL CA 28 -52.15 55.10 -19.91
C VAL CA 28 -51.84 54.87 -18.44
N ALA CA 29 -50.58 55.05 -18.04
CA ALA CA 29 -50.22 54.93 -16.63
C ALA CA 29 -50.93 55.98 -15.77
N SER CA 30 -51.13 57.19 -16.31
CA SER CA 30 -51.82 58.23 -15.56
C SER CA 30 -53.27 57.86 -15.26
N VAL CA 31 -53.97 57.31 -16.25
CA VAL CA 31 -55.33 56.80 -16.02
C VAL CA 31 -55.32 55.71 -14.96
N ALA CA 32 -54.39 54.75 -15.09
CA ALA CA 32 -54.26 53.69 -14.09
C ALA CA 32 -54.10 54.22 -12.67
N HIS CA 33 -53.25 55.24 -12.49
CA HIS CA 33 -53.07 55.83 -11.16
C HIS CA 33 -54.32 56.56 -10.68
N PHE CA 34 -55.00 57.29 -11.56
CA PHE CA 34 -56.26 57.94 -11.15
C PHE CA 34 -57.26 56.91 -10.66
N LEU CA 35 -57.40 55.79 -11.37
CA LEU CA 35 -58.29 54.71 -10.93
C LEU CA 35 -57.84 54.11 -9.61
N ALA CA 36 -56.54 53.80 -9.50
CA ALA CA 36 -56.02 53.23 -8.26
C ALA CA 36 -56.21 54.17 -7.08
N TRP CA 37 -55.98 55.47 -7.26
CA TRP CA 37 -56.21 56.41 -6.18
C TRP CA 37 -57.67 56.46 -5.76
N SER CA 38 -58.57 56.49 -6.74
CA SER CA 38 -59.99 56.48 -6.44
C SER CA 38 -60.43 55.19 -5.75
N TRP CA 39 -59.75 54.08 -6.04
CA TRP CA 39 -60.05 52.80 -5.40
C TRP CA 39 -59.47 52.69 -4.00
N ARG CA 40 -58.16 52.88 -3.86
CA ARG CA 40 -57.49 52.78 -2.56
C ARG CA 40 -56.38 53.82 -2.48
N PRO CA 41 -56.69 55.03 -2.01
CA PRO CA 41 -55.66 56.06 -1.93
C PRO CA 41 -54.60 55.72 -0.90
N TRP CA 42 -53.36 56.13 -1.18
CA TRP CA 42 -52.22 55.66 -0.41
C TRP CA 42 -51.55 56.72 0.48
N PHE CA 43 -51.89 58.00 0.33
CA PHE CA 43 -51.42 59.01 1.27
C PHE CA 43 -52.58 59.55 2.13
N GLY DA 6 -13.02 60.47 -29.27
CA GLY DA 6 -13.84 61.20 -28.31
C GLY DA 6 -14.31 62.55 -28.82
N MET DA 7 -15.27 63.14 -28.11
CA MET DA 7 -15.91 64.37 -28.56
C MET DA 7 -14.90 65.50 -28.80
N THR DA 8 -15.13 66.25 -29.88
CA THR DA 8 -14.48 67.52 -30.12
C THR DA 8 -15.03 68.63 -29.23
N GLU DA 9 -14.38 69.79 -29.30
CA GLU DA 9 -14.82 70.97 -28.56
C GLU DA 9 -16.21 71.42 -28.99
N GLU DA 10 -16.52 71.29 -30.28
CA GLU DA 10 -17.85 71.59 -30.79
C GLU DA 10 -18.89 70.58 -30.29
N GLU DA 11 -18.58 69.29 -30.33
CA GLU DA 11 -19.48 68.29 -29.77
C GLU DA 11 -19.69 68.50 -28.28
N ALA DA 12 -18.61 68.76 -27.55
CA ALA DA 12 -18.70 69.08 -26.13
C ALA DA 12 -19.64 70.26 -25.87
N ARG DA 13 -19.61 71.28 -26.72
CA ARG DA 13 -20.48 72.44 -26.53
C ARG DA 13 -21.95 72.07 -26.60
N ARG DA 14 -22.34 71.23 -27.57
CA ARG DA 14 -23.73 70.81 -27.69
C ARG DA 14 -24.11 69.89 -26.54
N PHE DA 15 -23.28 68.87 -26.28
CA PHE DA 15 -23.54 67.92 -25.22
C PHE DA 15 -23.70 68.61 -23.87
N HIS DA 16 -22.83 69.58 -23.58
CA HIS DA 16 -22.94 70.37 -22.35
C HIS DA 16 -24.27 71.10 -22.23
N GLY DA 17 -24.74 71.71 -23.33
CA GLY DA 17 -26.03 72.41 -23.27
C GLY DA 17 -27.19 71.52 -22.87
N TYR DA 18 -27.24 70.30 -23.41
CA TYR DA 18 -28.29 69.37 -23.02
C TYR DA 18 -28.06 68.81 -21.62
N MET DA 19 -26.82 68.44 -21.31
CA MET DA 19 -26.49 67.92 -19.98
C MET DA 19 -26.85 68.92 -18.87
N VAL DA 20 -26.55 70.20 -19.08
CA VAL DA 20 -26.99 71.23 -18.14
C VAL DA 20 -28.52 71.29 -18.05
N THR DA 21 -29.20 71.24 -19.19
CA THR DA 21 -30.67 71.36 -19.16
C THR DA 21 -31.32 70.17 -18.46
N GLY DA 22 -30.86 68.96 -18.76
CA GLY DA 22 -31.38 67.78 -18.08
C GLY DA 22 -31.17 67.84 -16.58
N THR DA 23 -29.97 68.27 -16.15
CA THR DA 23 -29.69 68.42 -14.73
C THR DA 23 -30.63 69.43 -14.06
N LEU DA 24 -30.86 70.57 -14.70
CA LEU DA 24 -31.78 71.55 -14.14
C LEU DA 24 -33.21 71.03 -14.07
N GLY DA 25 -33.65 70.30 -15.10
CA GLY DA 25 -34.97 69.71 -15.06
C GLY DA 25 -35.12 68.69 -13.93
N TYR DA 26 -34.12 67.84 -13.77
CA TYR DA 26 -34.11 66.85 -12.69
C TYR DA 26 -34.19 67.50 -11.31
N VAL DA 27 -33.34 68.51 -11.06
CA VAL DA 27 -33.36 69.22 -9.79
C VAL DA 27 -34.71 69.91 -9.55
N VAL DA 28 -35.30 70.49 -10.59
CA VAL DA 28 -36.63 71.11 -10.43
C VAL DA 28 -37.67 70.09 -9.98
N VAL DA 29 -37.74 68.95 -10.67
CA VAL DA 29 -38.68 67.90 -10.29
C VAL DA 29 -38.42 67.43 -8.86
N ALA DA 30 -37.14 67.20 -8.53
CA ALA DA 30 -36.78 66.81 -7.17
C ALA DA 30 -37.20 67.85 -6.13
N SER DA 31 -37.11 69.14 -6.49
CA SER DA 31 -37.53 70.19 -5.57
C SER DA 31 -39.03 70.13 -5.28
N VAL DA 32 -39.85 69.90 -6.30
CA VAL DA 32 -41.27 69.66 -6.10
C VAL DA 32 -41.50 68.43 -5.24
N ALA DA 33 -40.79 67.35 -5.52
CA ALA DA 33 -40.94 66.12 -4.73
C ALA DA 33 -40.65 66.36 -3.25
N HIS DA 34 -39.57 67.07 -2.94
CA HIS DA 34 -39.26 67.40 -1.55
C HIS DA 34 -40.28 68.34 -0.93
N PHE DA 35 -40.75 69.35 -1.67
CA PHE DA 35 -41.78 70.24 -1.16
C PHE DA 35 -43.05 69.46 -0.80
N LEU DA 36 -43.46 68.51 -1.65
CA LEU DA 36 -44.58 67.66 -1.33
C LEU DA 36 -44.30 66.76 -0.12
N ALA DA 37 -43.14 66.10 -0.11
CA ALA DA 37 -42.78 65.27 1.03
C ALA DA 37 -42.72 66.06 2.33
N TRP DA 38 -42.18 67.28 2.29
CA TRP DA 38 -42.14 68.12 3.47
C TRP DA 38 -43.54 68.48 3.96
N SER DA 39 -44.43 68.85 3.04
CA SER DA 39 -45.80 69.15 3.41
C SER DA 39 -46.50 67.93 4.02
N TRP DA 40 -46.17 66.74 3.52
CA TRP DA 40 -46.78 65.51 4.02
C TRP DA 40 -46.20 65.07 5.36
N ARG DA 41 -44.88 64.88 5.44
CA ARG DA 41 -44.23 64.44 6.68
C ARG DA 41 -42.92 65.19 6.91
N PRO DA 42 -42.98 66.35 7.58
CA PRO DA 42 -41.74 67.08 7.86
C PRO DA 42 -40.76 66.26 8.68
N TRP DA 43 -39.48 66.33 8.30
CA TRP DA 43 -38.47 65.47 8.91
C TRP DA 43 -37.54 66.18 9.90
N PHE DA 44 -37.54 67.50 9.95
CA PHE DA 44 -36.99 68.21 11.10
C PHE DA 44 -38.10 68.73 12.01
N GLY EA 6 0.88 65.46 -21.81
CA GLY EA 6 -0.22 65.81 -20.91
C GLY EA 6 -0.62 67.26 -20.97
N MET EA 7 -1.42 67.68 -19.99
CA MET EA 7 -2.00 69.02 -19.95
C MET EA 7 -0.92 70.10 -20.04
N THR EA 8 -1.05 70.99 -21.02
CA THR EA 8 -0.11 72.07 -21.26
C THR EA 8 -0.34 73.24 -20.30
N GLU EA 9 0.63 74.17 -20.31
CA GLU EA 9 0.62 75.32 -19.42
C GLU EA 9 -0.64 76.18 -19.57
N GLU EA 10 -1.13 76.35 -20.81
CA GLU EA 10 -2.35 77.13 -21.00
C GLU EA 10 -3.61 76.34 -20.63
N GLU EA 11 -3.65 75.05 -21.00
CA GLU EA 11 -4.72 74.19 -20.53
C GLU EA 11 -4.78 74.16 -19.01
N ALA EA 12 -3.63 74.08 -18.34
CA ALA EA 12 -3.58 74.13 -16.89
C ALA EA 12 -4.13 75.43 -16.33
N ARG EA 13 -3.72 76.57 -16.90
CA ARG EA 13 -4.29 77.86 -16.50
C ARG EA 13 -5.81 77.87 -16.63
N ARG EA 14 -6.33 77.31 -17.72
CA ARG EA 14 -7.77 77.29 -17.95
C ARG EA 14 -8.47 76.35 -16.98
N PHE EA 15 -7.93 75.14 -16.83
CA PHE EA 15 -8.45 74.16 -15.88
C PHE EA 15 -8.44 74.69 -14.45
N HIS EA 16 -7.37 75.38 -14.06
CA HIS EA 16 -7.26 75.96 -12.72
C HIS EA 16 -8.42 76.90 -12.40
N GLY EA 17 -8.80 77.76 -13.34
CA GLY EA 17 -9.89 78.69 -13.08
C GLY EA 17 -11.20 78.02 -12.72
N TYR EA 18 -11.56 76.97 -13.45
CA TYR EA 18 -12.76 76.21 -13.11
C TYR EA 18 -12.59 75.42 -11.80
N MET EA 19 -11.44 74.80 -11.59
CA MET EA 19 -11.19 74.08 -10.34
C MET EA 19 -11.29 75.01 -9.12
N VAL EA 20 -10.73 76.22 -9.21
CA VAL EA 20 -10.92 77.22 -8.16
C VAL EA 20 -12.39 77.53 -7.97
N THR EA 21 -13.09 77.81 -9.07
CA THR EA 21 -14.51 78.19 -9.00
C THR EA 21 -15.36 77.08 -8.39
N GLY EA 22 -15.17 75.84 -8.83
CA GLY EA 22 -15.92 74.73 -8.28
C GLY EA 22 -15.63 74.49 -6.81
N THR EA 23 -14.35 74.55 -6.43
CA THR EA 23 -13.98 74.43 -5.02
C THR EA 23 -14.64 75.51 -4.17
N LEU EA 24 -14.60 76.76 -4.62
CA LEU EA 24 -15.22 77.85 -3.87
C LEU EA 24 -16.72 77.67 -3.75
N GLY EA 25 -17.38 77.28 -4.84
CA GLY EA 25 -18.82 76.99 -4.79
C GLY EA 25 -19.17 75.90 -3.79
N TYR EA 26 -18.41 74.81 -3.80
CA TYR EA 26 -18.60 73.73 -2.84
C TYR EA 26 -18.50 74.21 -1.40
N VAL EA 27 -17.49 75.04 -1.10
CA VAL EA 27 -17.33 75.59 0.25
C VAL EA 27 -18.49 76.51 0.62
N VAL EA 28 -18.99 77.30 -0.33
CA VAL EA 28 -20.16 78.14 -0.06
C VAL EA 28 -21.38 77.31 0.32
N VAL EA 29 -21.71 76.31 -0.51
CA VAL EA 29 -22.85 75.43 -0.21
C VAL EA 29 -22.67 74.73 1.13
N ALA EA 30 -21.45 74.30 1.45
CA ALA EA 30 -21.19 73.71 2.76
C ALA EA 30 -21.34 74.73 3.89
N SER EA 31 -20.93 75.98 3.68
CA SER EA 31 -21.08 77.01 4.71
C SER EA 31 -22.54 77.24 5.06
N VAL EA 32 -23.41 77.27 4.05
CA VAL EA 32 -24.85 77.34 4.29
C VAL EA 32 -25.34 76.11 5.07
N ALA EA 33 -24.91 74.92 4.65
CA ALA EA 33 -25.30 73.70 5.34
C ALA EA 33 -24.91 73.71 6.82
N HIS EA 34 -23.71 74.19 7.14
CA HIS EA 34 -23.29 74.27 8.53
C HIS EA 34 -24.07 75.33 9.31
N PHE EA 35 -24.30 76.50 8.71
CA PHE EA 35 -25.14 77.51 9.33
C PHE EA 35 -26.52 76.96 9.68
N LEU EA 36 -27.14 76.25 8.75
CA LEU EA 36 -28.43 75.61 9.03
C LEU EA 36 -28.31 74.57 10.12
N ALA EA 37 -27.36 73.64 10.00
CA ALA EA 37 -27.19 72.62 11.03
C ALA EA 37 -26.95 73.24 12.40
N TRP EA 38 -26.14 74.30 12.47
CA TRP EA 38 -25.89 74.96 13.74
C TRP EA 38 -27.16 75.55 14.33
N SER EA 39 -27.97 76.22 13.51
CA SER EA 39 -29.24 76.75 13.97
C SER EA 39 -30.21 75.66 14.42
N TRP EA 40 -30.03 74.44 13.93
CA TRP EA 40 -30.94 73.34 14.24
C TRP EA 40 -30.48 72.54 15.46
N ARG EA 41 -29.21 72.12 15.48
CA ARG EA 41 -28.65 71.40 16.62
C ARG EA 41 -27.21 71.85 16.83
N PRO EA 42 -26.99 72.89 17.65
CA PRO EA 42 -25.62 73.34 17.95
C PRO EA 42 -24.80 72.22 18.58
N TRP EA 43 -23.51 72.20 18.25
CA TRP EA 43 -22.63 71.12 18.67
C TRP EA 43 -21.53 71.52 19.65
N PHE EA 44 -21.41 72.81 19.97
CA PHE EA 44 -20.56 73.23 21.09
C PHE EA 44 -21.38 73.88 22.20
N GLY FA 6 14.35 66.50 -13.44
CA GLY FA 6 13.54 67.20 -12.46
C GLY FA 6 13.56 68.70 -12.59
N MET FA 7 13.25 69.40 -11.50
CA MET FA 7 13.23 70.86 -11.51
C MET FA 7 14.63 71.45 -11.67
N THR FA 8 14.72 72.47 -12.52
CA THR FA 8 15.84 73.39 -12.55
C THR FA 8 15.81 74.35 -11.36
N GLU FA 9 16.88 75.15 -11.26
CA GLU FA 9 17.00 76.13 -10.17
C GLU FA 9 15.90 77.19 -10.21
N GLU FA 10 15.53 77.65 -11.41
CA GLU FA 10 14.47 78.65 -11.54
C GLU FA 10 13.11 78.08 -11.14
N GLU FA 11 12.81 76.86 -11.60
CA GLU FA 11 11.58 76.19 -11.21
C GLU FA 11 11.52 75.98 -9.70
N ALA FA 12 12.61 75.46 -9.13
CA ALA FA 12 12.71 75.32 -7.68
C ALA FA 12 12.50 76.66 -6.96
N ARG FA 13 13.10 77.74 -7.49
CA ARG FA 13 13.01 79.04 -6.83
C ARG FA 13 11.57 79.55 -6.75
N ARG FA 14 10.79 79.42 -7.83
CA ARG FA 14 9.39 79.85 -7.77
C ARG FA 14 8.50 78.83 -7.07
N PHE FA 15 8.78 77.53 -7.24
CA PHE FA 15 8.08 76.50 -6.48
C PHE FA 15 8.20 76.75 -4.97
N HIS FA 16 9.39 77.08 -4.51
CA HIS FA 16 9.62 77.44 -3.11
C HIS FA 16 8.73 78.58 -2.64
N GLY FA 17 8.54 79.60 -3.49
CA GLY FA 17 7.66 80.70 -3.13
C GLY FA 17 6.23 80.27 -2.83
N TYR FA 18 5.65 79.44 -3.69
CA TYR FA 18 4.34 78.87 -3.41
C TYR FA 18 4.35 78.00 -2.16
N MET FA 19 5.32 77.09 -2.09
CA MET FA 19 5.41 76.16 -0.96
C MET FA 19 5.49 76.89 0.38
N VAL FA 20 6.31 77.93 0.45
CA VAL FA 20 6.39 78.76 1.66
C VAL FA 20 5.05 79.44 1.94
N THR FA 21 4.43 80.02 0.92
CA THR FA 21 3.16 80.70 1.11
C THR FA 21 2.07 79.75 1.58
N GLY FA 22 2.00 78.55 0.99
CA GLY FA 22 1.04 77.56 1.45
C GLY FA 22 1.28 77.13 2.88
N THR FA 23 2.54 76.89 3.24
CA THR FA 23 2.89 76.50 4.61
C THR FA 23 2.47 77.57 5.62
N LEU FA 24 2.77 78.83 5.35
CA LEU FA 24 2.40 79.90 6.29
C LEU FA 24 0.89 80.07 6.39
N GLY FA 25 0.18 79.97 5.26
CA GLY FA 25 -1.28 79.98 5.33
C GLY FA 25 -1.84 78.86 6.18
N TYR FA 26 -1.30 77.65 6.02
CA TYR FA 26 -1.71 76.51 6.82
C TYR FA 26 -1.45 76.73 8.32
N VAL FA 27 -0.28 77.25 8.66
CA VAL FA 27 0.06 77.55 10.06
C VAL FA 27 -0.85 78.63 10.65
N VAL FA 28 -1.21 79.64 9.84
CA VAL FA 28 -2.12 80.67 10.33
C VAL FA 28 -3.51 80.11 10.63
N VAL FA 29 -4.06 79.32 9.71
CA VAL FA 29 -5.37 78.69 9.95
C VAL FA 29 -5.32 77.80 11.19
N ALA FA 30 -4.27 77.00 11.33
CA ALA FA 30 -4.12 76.16 12.52
C ALA FA 30 -3.97 76.98 13.80
N SER FA 31 -3.28 78.13 13.72
CA SER FA 31 -3.17 79.00 14.88
C SER FA 31 -4.53 79.51 15.35
N VAL FA 32 -5.40 79.90 14.42
CA VAL FA 32 -6.78 80.24 14.77
C VAL FA 32 -7.50 79.06 15.40
N ALA FA 33 -7.36 77.88 14.79
CA ALA FA 33 -7.99 76.67 15.34
C ALA FA 33 -7.58 76.42 16.79
N HIS FA 34 -6.29 76.55 17.09
CA HIS FA 34 -5.82 76.35 18.46
C HIS FA 34 -6.29 77.45 19.41
N PHE FA 35 -6.34 78.70 18.93
CA PHE FA 35 -6.91 79.78 19.72
C PHE FA 35 -8.36 79.46 20.13
N LEU FA 36 -9.18 79.05 19.16
CA LEU FA 36 -10.54 78.64 19.47
C LEU FA 36 -10.59 77.46 20.44
N ALA FA 37 -9.83 76.41 20.13
CA ALA FA 37 -9.80 75.23 21.00
C ALA FA 37 -9.38 75.58 22.42
N TRP FA 38 -8.36 76.42 22.57
CA TRP FA 38 -7.91 76.80 23.91
C TRP FA 38 -8.98 77.57 24.66
N SER FA 39 -9.63 78.53 24.00
CA SER FA 39 -10.71 79.29 24.63
C SER FA 39 -11.91 78.41 24.96
N TRP FA 40 -12.07 77.30 24.25
CA TRP FA 40 -13.19 76.38 24.46
C TRP FA 40 -12.90 75.37 25.57
N ARG FA 41 -11.78 74.66 25.47
CA ARG FA 41 -11.40 73.64 26.47
C ARG FA 41 -9.88 73.66 26.63
N PRO FA 42 -9.35 74.56 27.46
CA PRO FA 42 -7.90 74.64 27.62
C PRO FA 42 -7.36 73.36 28.24
N TRP FA 43 -6.16 72.97 27.81
CA TRP FA 43 -5.65 71.64 28.10
C TRP FA 43 -4.49 71.59 29.09
N PHE FA 44 -3.82 72.70 29.36
CA PHE FA 44 -2.91 72.76 30.50
C PHE FA 44 -3.55 73.41 31.72
N GLY GA 4 30.73 59.81 -7.85
CA GLY GA 4 29.41 60.29 -7.49
C GLY GA 4 29.35 60.98 -6.14
N GLY GA 5 28.23 61.66 -5.89
CA GLY GA 5 28.02 62.39 -4.65
C GLY GA 5 28.58 63.80 -4.67
N MET GA 6 28.38 64.47 -3.53
CA MET GA 6 28.70 65.89 -3.41
C MET GA 6 30.19 66.18 -3.58
N THR GA 7 30.49 67.20 -4.37
CA THR GA 7 31.79 67.86 -4.39
C THR GA 7 31.96 68.76 -3.18
N GLU GA 8 33.19 69.26 -2.99
CA GLU GA 8 33.48 70.12 -1.85
C GLU GA 8 32.64 71.40 -1.86
N GLU GA 9 32.33 71.94 -3.05
CA GLU GA 9 31.49 73.13 -3.12
C GLU GA 9 30.06 72.82 -2.68
N GLU GA 10 29.51 71.71 -3.17
CA GLU GA 10 28.19 71.26 -2.73
C GLU GA 10 28.17 70.97 -1.24
N ALA GA 11 29.19 70.25 -0.76
CA ALA GA 11 29.29 69.90 0.66
C ALA GA 11 29.39 71.14 1.55
N ARG GA 12 30.08 72.18 1.07
CA ARG GA 12 30.23 73.39 1.88
C ARG GA 12 28.92 74.16 2.00
N ARG GA 13 28.13 74.25 0.92
CA ARG GA 13 26.80 74.83 1.04
C ARG GA 13 25.90 73.96 1.91
N PHE GA 14 25.91 72.65 1.65
CA PHE GA 14 25.09 71.70 2.40
C PHE GA 14 25.37 71.79 3.90
N HIS GA 15 26.65 71.85 4.28
CA HIS GA 15 27.03 72.02 5.68
C HIS GA 15 26.47 73.28 6.30
N GLY GA 16 26.50 74.40 5.57
CA GLY GA 16 25.96 75.64 6.12
C GLY GA 16 24.50 75.56 6.50
N TYR GA 17 23.68 74.98 5.62
CA TYR GA 17 22.27 74.79 5.94
C TYR GA 17 22.06 73.73 7.02
N MET GA 18 22.76 72.60 6.93
CA MET GA 18 22.67 71.56 7.95
C MET GA 18 22.98 72.11 9.35
N VAL GA 19 24.06 72.88 9.47
CA VAL GA 19 24.38 73.50 10.75
C VAL GA 19 23.28 74.47 11.20
N THR GA 20 22.76 75.28 10.26
CA THR GA 20 21.75 76.27 10.62
C THR GA 20 20.46 75.60 11.09
N GLY GA 21 19.99 74.59 10.35
CA GLY GA 21 18.78 73.88 10.74
C GLY GA 21 18.92 73.19 12.08
N THR GA 22 20.05 72.51 12.29
CA THR GA 22 20.34 71.88 13.57
C THR GA 22 20.27 72.87 14.72
N LEU GA 23 20.94 74.01 14.59
CA LEU GA 23 20.93 75.00 15.66
C LEU GA 23 19.51 75.53 15.92
N GLY GA 24 18.74 75.77 14.87
CA GLY GA 24 17.35 76.19 15.05
C GLY GA 24 16.51 75.16 15.78
N TYR GA 25 16.66 73.89 15.40
CA TYR GA 25 15.95 72.81 16.07
C TYR GA 25 16.29 72.73 17.56
N VAL GA 26 17.59 72.83 17.89
CA VAL GA 26 18.02 72.83 19.29
C VAL GA 26 17.45 74.02 20.06
N VAL GA 27 17.39 75.19 19.42
CA VAL GA 27 16.83 76.38 20.06
C VAL GA 27 15.36 76.16 20.40
N VAL GA 28 14.56 75.74 19.42
CA VAL GA 28 13.15 75.47 19.65
C VAL GA 28 12.96 74.43 20.75
N ALA GA 29 13.72 73.35 20.70
CA ALA GA 29 13.63 72.31 21.73
C ALA GA 29 14.00 72.86 23.11
N SER GA 30 14.98 73.77 23.19
CA SER GA 30 15.34 74.36 24.46
C SER GA 30 14.21 75.17 25.07
N VAL GA 31 13.50 75.95 24.24
CA VAL GA 31 12.30 76.65 24.70
C VAL GA 31 11.23 75.66 25.15
N ALA GA 32 11.00 74.61 24.37
CA ALA GA 32 10.03 73.59 24.75
C ALA GA 32 10.34 72.96 26.11
N HIS GA 33 11.60 72.67 26.38
CA HIS GA 33 11.97 72.15 27.71
C HIS GA 33 11.81 73.20 28.80
N PHE GA 34 12.17 74.46 28.53
CA PHE GA 34 11.99 75.49 29.55
C PHE GA 34 10.52 75.62 29.95
N LEU GA 35 9.63 75.60 28.97
CA LEU GA 35 8.19 75.61 29.27
C LEU GA 35 7.78 74.36 30.05
N ALA GA 36 8.16 73.18 29.56
CA ALA GA 36 7.82 71.94 30.26
C ALA GA 36 8.35 71.94 31.70
N TRP GA 37 9.58 72.40 31.91
CA TRP GA 37 10.13 72.48 33.25
C TRP GA 37 9.29 73.36 34.15
N SER GA 38 8.95 74.57 33.68
CA SER GA 38 8.14 75.48 34.47
C SER GA 38 6.74 74.94 34.74
N TRP GA 39 6.27 74.00 33.93
CA TRP GA 39 4.96 73.39 34.09
C TRP GA 39 4.97 72.18 35.01
N ARG GA 40 5.83 71.19 34.74
CA ARG GA 40 5.96 70.00 35.58
C ARG GA 40 7.43 69.60 35.66
N PRO GA 41 8.20 70.20 36.58
CA PRO GA 41 9.62 69.88 36.65
C PRO GA 41 9.85 68.45 37.09
N TRP GA 42 10.91 67.83 36.56
CA TRP GA 42 11.07 66.39 36.63
C TRP GA 42 12.18 65.91 37.55
N PHE GA 43 12.99 66.80 38.11
CA PHE GA 43 13.91 66.41 39.19
C PHE GA 43 13.49 67.04 40.52
N GLY HA 6 41.12 54.33 -0.30
CA GLY HA 6 40.98 54.86 1.04
C GLY HA 6 41.53 56.26 1.20
N MET HA 7 41.55 56.73 2.45
CA MET HA 7 42.13 58.04 2.75
C MET HA 7 43.63 58.07 2.42
N THR HA 8 44.07 59.22 1.90
CA THR HA 8 45.49 59.54 1.89
C THR HA 8 45.96 59.92 3.31
N GLU HA 9 47.28 60.00 3.48
CA GLU HA 9 47.81 60.51 4.73
C GLU HA 9 47.39 61.97 4.96
N GLU HA 10 47.16 62.71 3.87
CA GLU HA 10 46.64 64.07 3.96
C GLU HA 10 45.21 64.09 4.49
N GLU HA 11 44.33 63.26 3.92
CA GLU HA 11 42.97 63.15 4.44
C GLU HA 11 42.95 62.62 5.86
N ALA HA 12 43.77 61.61 6.16
CA ALA HA 12 43.84 61.06 7.51
C ALA HA 12 44.25 62.12 8.53
N ARG HA 13 45.23 62.95 8.18
CA ARG HA 13 45.67 64.01 9.09
C ARG HA 13 44.59 65.05 9.35
N ARG HA 14 43.78 65.37 8.35
CA ARG HA 14 42.61 66.23 8.60
C ARG HA 14 41.57 65.50 9.44
N PHE HA 15 41.20 64.30 9.02
CA PHE HA 15 40.15 63.52 9.69
C PHE HA 15 40.47 63.31 11.16
N HIS HA 16 41.72 62.96 11.46
CA HIS HA 16 42.15 62.76 12.86
C HIS HA 16 41.88 63.98 13.73
N GLY HA 17 42.16 65.18 13.23
CA GLY HA 17 41.95 66.38 14.03
C GLY HA 17 40.50 66.60 14.41
N TYR HA 18 39.59 66.36 13.48
CA TYR HA 18 38.17 66.47 13.77
C TYR HA 18 37.69 65.35 14.69
N MET HA 19 38.13 64.12 14.44
CA MET HA 19 37.78 63.00 15.32
C MET HA 19 38.23 63.26 16.77
N VAL HA 20 39.47 63.70 16.95
CA VAL HA 20 39.97 64.04 18.28
C VAL HA 20 39.13 65.15 18.90
N THR HA 21 38.80 66.17 18.12
CA THR HA 21 38.01 67.29 18.64
C THR HA 21 36.59 66.86 18.99
N GLY HA 22 35.93 66.11 18.12
CA GLY HA 22 34.60 65.62 18.42
C GLY HA 22 34.55 64.76 19.66
N THR HA 23 35.53 63.86 19.79
CA THR HA 23 35.65 63.04 20.99
C THR HA 23 35.81 63.88 22.26
N LEU HA 24 36.65 64.92 22.19
CA LEU HA 24 36.81 65.82 23.34
C LEU HA 24 35.52 66.55 23.68
N GLY HA 25 34.79 67.04 22.66
CA GLY HA 25 33.50 67.64 22.93
C GLY HA 25 32.52 66.68 23.59
N TYR HA 26 32.51 65.43 23.13
CA TYR HA 26 31.64 64.41 23.71
C TYR HA 26 32.00 64.15 25.17
N VAL HA 27 33.29 63.94 25.46
CA VAL HA 27 33.75 63.67 26.82
C VAL HA 27 33.49 64.85 27.74
N VAL HA 28 33.67 66.08 27.24
CA VAL HA 28 33.38 67.27 28.04
C VAL HA 28 31.90 67.34 28.41
N VAL HA 29 31.02 67.17 27.43
CA VAL HA 29 29.58 67.21 27.70
C VAL HA 29 29.17 66.08 28.64
N ALA HA 30 29.72 64.88 28.44
CA ALA HA 30 29.49 63.79 29.37
C ALA HA 30 29.99 64.12 30.79
N SER HA 31 31.12 64.81 30.89
CA SER HA 31 31.64 65.19 32.20
C SER HA 31 30.70 66.14 32.93
N VAL HA 32 30.15 67.12 32.23
CA VAL HA 32 29.09 67.97 32.79
C VAL HA 32 27.89 67.12 33.24
N ALA HA 33 27.45 66.20 32.38
CA ALA HA 33 26.35 65.31 32.72
C ALA HA 33 26.60 64.55 34.02
N HIS HA 34 27.81 64.01 34.19
CA HIS HA 34 28.12 63.25 35.41
C HIS HA 34 28.23 64.14 36.63
N PHE HA 35 28.78 65.36 36.48
CA PHE HA 35 28.83 66.28 37.59
C PHE HA 35 27.43 66.64 38.08
N LEU HA 36 26.50 66.92 37.15
CA LEU HA 36 25.12 67.16 37.52
C LEU HA 36 24.49 65.93 38.17
N ALA HA 37 24.67 64.77 37.56
CA ALA HA 37 24.12 63.53 38.14
C ALA HA 37 24.67 63.27 39.54
N TRP HA 38 25.98 63.48 39.75
CA TRP HA 38 26.56 63.29 41.07
C TRP HA 38 25.95 64.22 42.10
N SER HA 39 25.74 65.49 41.74
CA SER HA 39 25.12 66.44 42.65
C SER HA 39 23.66 66.11 42.92
N TRP HA 40 23.01 65.38 42.02
CA TRP HA 40 21.59 65.01 42.17
C TRP HA 40 21.43 63.73 42.99
N ARG HA 41 22.05 62.64 42.55
CA ARG HA 41 21.98 61.37 43.27
C ARG HA 41 23.34 60.68 43.25
N PRO HA 42 24.21 61.01 44.20
CA PRO HA 42 25.56 60.42 44.21
C PRO HA 42 25.52 58.92 44.48
N TRP HA 43 26.38 58.18 43.78
CA TRP HA 43 26.26 56.74 43.69
C TRP HA 43 27.33 55.95 44.44
N PHE HA 44 28.32 56.61 45.05
CA PHE HA 44 29.17 55.96 46.05
C PHE HA 44 28.88 56.48 47.46
N GLY IA 6 52.44 43.48 3.32
CA GLY IA 6 52.18 43.91 4.68
C GLY IA 6 53.14 44.95 5.22
N MET IA 7 52.99 45.26 6.51
CA MET IA 7 53.75 46.32 7.16
C MET IA 7 55.26 46.05 7.10
N THR IA 8 56.01 47.07 6.66
CA THR IA 8 57.46 47.00 6.54
C THR IA 8 58.13 47.29 7.89
N GLU IA 9 59.46 47.18 7.92
CA GLU IA 9 60.20 47.39 9.17
C GLU IA 9 60.06 48.82 9.69
N GLU IA 10 60.09 49.81 8.80
CA GLU IA 10 60.01 51.19 9.26
C GLU IA 10 58.59 51.55 9.68
N GLU IA 11 57.60 51.03 8.97
CA GLU IA 11 56.21 51.14 9.43
C GLU IA 11 56.04 50.45 10.78
N ALA IA 12 56.57 49.23 10.91
CA ALA IA 12 56.51 48.50 12.18
C ALA IA 12 57.23 49.26 13.31
N ARG IA 13 58.39 49.83 13.01
CA ARG IA 13 59.13 50.59 14.02
C ARG IA 13 58.31 51.79 14.50
N ARG IA 14 57.64 52.47 13.58
CA ARG IA 14 56.81 53.62 13.94
C ARG IA 14 55.55 53.18 14.67
N PHE IA 15 54.89 52.14 14.17
CA PHE IA 15 53.71 51.57 14.81
C PHE IA 15 53.99 51.16 16.27
N HIS IA 16 55.11 50.48 16.50
CA HIS IA 16 55.47 50.04 17.84
C HIS IA 16 55.56 51.18 18.85
N GLY IA 17 56.06 52.34 18.44
CA GLY IA 17 56.17 53.45 19.37
C GLY IA 17 54.84 53.94 19.91
N TYR IA 18 53.87 54.14 19.02
CA TYR IA 18 52.51 54.45 19.45
C TYR IA 18 51.89 53.32 20.25
N MET IA 19 52.09 52.08 19.81
CA MET IA 19 51.52 50.92 20.49
C MET IA 19 51.96 50.84 21.96
N VAL IA 20 53.26 50.99 22.21
CA VAL IA 20 53.74 51.04 23.59
C VAL IA 20 53.15 52.23 24.34
N THR IA 21 53.06 53.39 23.69
CA THR IA 21 52.53 54.58 24.35
C THR IA 21 51.07 54.39 24.76
N GLY IA 22 50.25 53.87 23.85
CA GLY IA 22 48.86 53.57 24.18
C GLY IA 22 48.72 52.57 25.32
N THR IA 23 49.51 51.49 25.27
CA THR IA 23 49.49 50.49 26.33
C THR IA 23 49.87 51.09 27.69
N LEU IA 24 50.91 51.92 27.74
CA LEU IA 24 51.27 52.56 29.00
C LEU IA 24 50.20 53.53 29.46
N GLY IA 25 49.64 54.33 28.55
CA GLY IA 25 48.54 55.21 28.91
C GLY IA 25 47.36 54.45 29.50
N TYR IA 26 46.99 53.34 28.87
CA TYR IA 26 45.92 52.49 29.37
C TYR IA 26 46.22 51.96 30.78
N VAL IA 27 47.42 51.42 30.99
CA VAL IA 27 47.81 50.91 32.30
C VAL IA 27 47.86 52.00 33.36
N VAL IA 28 48.26 53.22 32.99
CA VAL IA 28 48.20 54.34 33.94
C VAL IA 28 46.77 54.61 34.39
N VAL IA 29 45.84 54.75 33.44
CA VAL IA 29 44.44 54.99 33.77
C VAL IA 29 43.89 53.86 34.64
N ALA IA 30 44.20 52.62 34.28
CA ALA IA 30 43.74 51.47 35.07
C ALA IA 30 44.34 51.47 36.47
N SER IA 31 45.60 51.89 36.62
CA SER IA 31 46.20 51.98 37.94
C SER IA 31 45.48 52.98 38.84
N VAL IA 32 45.12 54.14 38.30
CA VAL IA 32 44.33 55.12 39.05
C VAL IA 32 42.98 54.53 39.43
N ALA IA 33 42.32 53.87 38.49
CA ALA IA 33 41.05 53.19 38.79
C ALA IA 33 41.17 52.19 39.93
N HIS IA 34 42.23 51.39 39.93
CA HIS IA 34 42.44 50.43 41.01
C HIS IA 34 42.73 51.10 42.35
N PHE IA 35 43.56 52.15 42.35
CA PHE IA 35 43.81 52.88 43.59
C PHE IA 35 42.52 53.45 44.17
N LEU IA 36 41.66 54.01 43.32
CA LEU IA 36 40.37 54.49 43.78
C LEU IA 36 39.50 53.36 44.31
N ALA IA 37 39.41 52.26 43.56
CA ALA IA 37 38.67 51.09 44.01
C ALA IA 37 39.18 50.57 45.35
N TRP IA 38 40.50 50.48 45.51
CA TRP IA 38 41.07 50.00 46.77
C TRP IA 38 40.73 50.93 47.93
N SER IA 39 40.81 52.24 47.71
CA SER IA 39 40.44 53.19 48.75
C SER IA 39 38.95 53.18 49.06
N TRP IA 40 38.12 52.58 48.20
CA TRP IA 40 36.68 52.53 48.42
C TRP IA 40 36.23 51.21 49.04
N ARG IA 41 36.60 50.08 48.45
CA ARG IA 41 36.24 48.76 48.97
C ARG IA 41 37.41 47.80 48.76
N PRO IA 42 38.39 47.81 49.68
CA PRO IA 42 39.54 46.92 49.53
C PRO IA 42 39.13 45.45 49.59
N TRP IA 43 39.80 44.63 48.78
CA TRP IA 43 39.34 43.28 48.52
C TRP IA 43 40.20 42.19 49.15
N PHE IA 44 41.36 42.53 49.71
CA PHE IA 44 42.09 41.61 50.59
C PHE IA 44 42.00 42.05 52.05
N GLY JA 6 60.03 29.38 6.04
CA GLY JA 6 60.33 29.24 7.45
C GLY JA 6 61.04 30.44 8.04
N MET JA 7 62.10 30.17 8.81
CA MET JA 7 62.96 31.22 9.34
C MET JA 7 64.42 30.86 9.12
N THR JA 8 65.21 31.84 8.67
CA THR JA 8 66.65 31.68 8.63
C THR JA 8 67.22 31.43 10.03
N GLU JA 9 68.38 30.79 10.08
CA GLU JA 9 69.03 30.57 11.37
C GLU JA 9 69.39 31.89 12.07
N GLU JA 10 69.60 32.96 11.31
CA GLU JA 10 69.82 34.26 11.97
C GLU JA 10 68.54 34.86 12.54
N GLU JA 11 67.46 34.88 11.78
CA GLU JA 11 66.23 35.42 12.36
C GLU JA 11 65.66 34.47 13.42
N ALA JA 12 65.98 33.18 13.33
CA ALA JA 12 65.73 32.27 14.45
C ALA JA 12 66.56 32.66 15.67
N ARG JA 13 67.85 32.95 15.46
CA ARG JA 13 68.70 33.41 16.56
C ARG JA 13 68.17 34.70 17.17
N ARG JA 14 67.70 35.62 16.31
CA ARG JA 14 67.14 36.89 16.75
C ARG JA 14 65.85 36.68 17.53
N PHE JA 15 64.93 35.89 16.97
CA PHE JA 15 63.66 35.55 17.62
C PHE JA 15 63.87 34.84 18.95
N HIS JA 16 64.76 33.86 18.98
CA HIS JA 16 65.07 33.12 20.22
C HIS JA 16 65.47 34.04 21.37
N GLY JA 17 66.26 35.07 21.09
CA GLY JA 17 66.69 35.97 22.16
C GLY JA 17 65.55 36.72 22.83
N TYR JA 18 64.59 37.19 22.06
CA TYR JA 18 63.38 37.78 22.64
C TYR JA 18 62.52 36.74 23.34
N MET JA 19 62.34 35.58 22.70
CA MET JA 19 61.52 34.52 23.26
C MET JA 19 62.00 34.07 24.63
N VAL JA 20 63.31 33.91 24.81
CA VAL JA 20 63.88 33.63 26.12
C VAL JA 20 63.62 34.78 27.09
N THR JA 21 63.87 36.01 26.64
CA THR JA 21 63.66 37.18 27.50
C THR JA 21 62.21 37.29 27.96
N GLY JA 22 61.26 37.07 27.06
CA GLY JA 22 59.86 37.08 27.45
C GLY JA 22 59.50 35.98 28.43
N THR JA 23 60.03 34.78 28.20
CA THR JA 23 59.78 33.67 29.11
C THR JA 23 60.31 33.94 30.52
N LEU JA 24 61.51 34.51 30.61
CA LEU JA 24 62.04 34.88 31.93
C LEU JA 24 61.23 35.99 32.57
N GLY JA 25 60.85 37.01 31.80
CA GLY JA 25 60.01 38.07 32.35
C GLY JA 25 58.71 37.54 32.93
N TYR JA 26 58.06 36.63 32.21
CA TYR JA 26 56.83 36.00 32.70
C TYR JA 26 57.06 35.25 34.01
N VAL JA 27 58.11 34.44 34.07
CA VAL JA 27 58.42 33.66 35.27
C VAL JA 27 58.76 34.57 36.45
N VAL JA 28 59.45 35.68 36.20
CA VAL JA 28 59.76 36.62 37.28
C VAL JA 28 58.48 37.24 37.84
N VAL JA 29 57.61 37.74 36.97
CA VAL JA 29 56.34 38.30 37.42
C VAL JA 29 55.52 37.26 38.17
N ALA JA 30 55.44 36.04 37.64
CA ALA JA 30 54.72 34.96 38.32
C ALA JA 30 55.34 34.61 39.67
N SER JA 31 56.66 34.67 39.78
CA SER JA 31 57.32 34.41 41.06
C SER JA 31 56.94 35.45 42.10
N VAL JA 32 56.85 36.72 41.71
CA VAL JA 32 56.33 37.75 42.61
C VAL JA 32 54.89 37.44 43.00
N ALA JA 33 54.05 37.12 42.02
CA ALA JA 33 52.66 36.78 42.30
C ALA JA 33 52.52 35.65 43.31
N HIS JA 34 53.33 34.61 43.17
CA HIS JA 34 53.30 33.50 44.12
C HIS JA 34 53.81 33.89 45.50
N PHE JA 35 54.86 34.71 45.57
CA PHE JA 35 55.33 35.18 46.86
C PHE JA 35 54.26 35.99 47.58
N LEU JA 36 53.58 36.86 46.85
CA LEU JA 36 52.44 37.60 47.41
C LEU JA 36 51.32 36.65 47.84
N ALA JA 37 50.97 35.68 46.99
CA ALA JA 37 49.95 34.72 47.35
C ALA JA 37 50.36 33.89 48.57
N TRP JA 38 51.62 33.46 48.63
CA TRP JA 38 52.06 32.67 49.77
C TRP JA 38 51.96 33.46 51.07
N SER JA 39 52.51 34.67 51.10
CA SER JA 39 52.47 35.50 52.29
C SER JA 39 51.06 35.94 52.66
N TRP JA 40 50.08 35.72 51.79
CA TRP JA 40 48.69 36.01 52.07
C TRP JA 40 47.90 34.79 52.56
N ARG JA 41 47.93 33.68 51.81
CA ARG JA 41 47.26 32.45 52.21
C ARG JA 41 48.15 31.26 51.89
N PRO JA 42 49.07 30.91 52.78
CA PRO JA 42 49.92 29.73 52.56
C PRO JA 42 49.09 28.47 52.32
N TRP JA 43 49.44 27.75 51.25
CA TRP JA 43 48.63 26.60 50.85
C TRP JA 43 49.19 25.25 51.33
N PHE JA 44 50.45 25.19 51.73
CA PHE JA 44 50.91 24.08 52.57
C PHE JA 44 50.93 24.51 54.03
N GLY KA 6 65.02 13.95 5.31
CA GLY KA 6 64.88 14.21 6.74
C GLY KA 6 66.18 14.67 7.40
N MET KA 7 66.15 14.75 8.74
CA MET KA 7 67.28 15.24 9.51
C MET KA 7 68.55 14.42 9.24
N THR KA 8 69.64 15.14 8.98
CA THR KA 8 70.94 14.54 8.65
C THR KA 8 71.74 14.20 9.91
N GLU KA 9 72.89 13.56 9.69
CA GLU KA 9 73.69 13.00 10.78
C GLU KA 9 74.28 14.08 11.70
N GLU KA 10 74.69 15.21 11.15
CA GLU KA 10 75.23 16.28 11.99
C GLU KA 10 74.12 17.11 12.63
N GLU KA 11 73.01 17.33 11.92
CA GLU KA 11 71.82 17.86 12.56
C GLU KA 11 71.38 16.98 13.72
N ALA KA 12 71.34 15.66 13.51
CA ALA KA 12 71.01 14.72 14.57
C ALA KA 12 71.98 14.81 15.74
N ARG KA 13 73.28 15.03 15.47
CA ARG KA 13 74.24 15.19 16.56
C ARG KA 13 73.96 16.43 17.39
N ARG KA 14 73.63 17.55 16.74
CA ARG KA 14 73.23 18.74 17.50
C ARG KA 14 71.93 18.50 18.26
N PHE KA 15 70.91 17.99 17.57
CA PHE KA 15 69.61 17.73 18.18
C PHE KA 15 69.73 16.83 19.40
N HIS KA 16 70.52 15.75 19.29
CA HIS KA 16 70.75 14.87 20.43
C HIS KA 16 71.35 15.57 21.63
N GLY KA 17 72.33 16.45 21.42
CA GLY KA 17 72.94 17.16 22.53
C GLY KA 17 71.95 18.00 23.32
N TYR KA 18 71.07 18.71 22.63
CA TYR KA 18 70.04 19.50 23.31
C TYR KA 18 68.96 18.61 23.93
N MET KA 19 68.55 17.55 23.23
CA MET KA 19 67.63 16.57 23.81
C MET KA 19 68.13 16.04 25.15
N VAL KA 20 69.39 15.60 25.19
CA VAL KA 20 69.99 15.16 26.45
C VAL KA 20 69.97 16.26 27.49
N THR KA 21 70.34 17.49 27.08
CA THR KA 21 70.39 18.61 28.01
C THR KA 21 69.02 18.94 28.58
N GLY KA 22 68.01 19.03 27.70
CA GLY KA 22 66.66 19.32 28.16
C GLY KA 22 66.08 18.23 29.06
N THR KA 23 66.24 16.97 28.66
CA THR KA 23 65.82 15.86 29.51
C THR KA 23 66.50 15.87 30.87
N LEU KA 24 67.81 16.11 30.90
CA LEU KA 24 68.53 16.12 32.17
C LEU KA 24 68.06 17.27 33.06
N GLY KA 25 67.81 18.44 32.48
CA GLY KA 25 67.23 19.53 33.25
C GLY KA 25 65.87 19.18 33.84
N TYR KA 26 64.99 18.62 33.01
CA TYR KA 26 63.66 18.22 33.46
C TYR KA 26 63.72 17.21 34.61
N VAL KA 27 64.64 16.26 34.55
CA VAL KA 27 64.85 15.31 35.65
C VAL KA 27 65.42 16.00 36.90
N VAL KA 28 66.28 17.01 36.72
CA VAL KA 28 66.76 17.78 37.86
C VAL KA 28 65.64 18.54 38.54
N VAL KA 29 64.82 19.26 37.78
CA VAL KA 29 63.68 19.95 38.36
C VAL KA 29 62.74 18.97 39.07
N ALA KA 30 62.44 17.84 38.42
CA ALA KA 30 61.60 16.83 39.05
C ALA KA 30 62.23 16.23 40.29
N SER KA 31 63.56 16.09 40.32
CA SER KA 31 64.24 15.63 41.53
C SER KA 31 64.04 16.59 42.69
N VAL KA 32 64.15 17.90 42.44
CA VAL KA 32 63.89 18.89 43.48
C VAL KA 32 62.43 18.81 43.93
N ALA KA 33 61.50 18.68 42.98
CA ALA KA 33 60.09 18.54 43.31
C ALA KA 33 59.84 17.36 44.26
N HIS KA 34 60.42 16.21 43.97
CA HIS KA 34 60.20 15.04 44.81
C HIS KA 34 60.84 15.18 46.19
N PHE KA 35 62.01 15.82 46.27
CA PHE KA 35 62.59 16.07 47.58
C PHE KA 35 61.69 16.93 48.45
N LEU KA 36 61.13 18.00 47.87
CA LEU KA 36 60.17 18.83 48.60
C LEU KA 36 58.92 18.04 48.98
N ALA KA 37 58.35 17.30 48.02
CA ALA KA 37 57.14 16.51 48.31
C ALA KA 37 57.40 15.48 49.40
N TRP KA 38 58.57 14.82 49.37
CA TRP KA 38 58.89 13.86 50.41
C TRP KA 38 59.02 14.52 51.78
N SER KA 39 59.65 15.70 51.83
CA SER KA 39 59.76 16.44 53.09
C SER KA 39 58.38 16.81 53.63
N TRP KA 40 57.46 17.19 52.74
CA TRP KA 40 56.13 17.62 53.15
C TRP KA 40 55.26 16.44 53.57
N ARG KA 41 55.10 15.44 52.70
CA ARG KA 41 54.28 14.28 53.01
C ARG KA 41 54.95 13.01 52.50
N PRO KA 42 55.72 12.33 53.35
CA PRO KA 42 56.34 11.06 52.92
C PRO KA 42 55.27 10.03 52.57
N TRP KA 43 55.54 9.25 51.52
CA TRP KA 43 54.54 8.33 50.99
C TRP KA 43 54.84 6.86 51.24
N PHE KA 44 56.03 6.51 51.72
CA PHE KA 44 56.28 5.16 52.25
C PHE KA 44 56.32 5.15 53.77
N GLY LA 6 67.00 -1.82 4.17
CA GLY LA 6 67.22 -1.86 5.59
C GLY LA 6 68.69 -1.89 6.00
N MET LA 7 68.93 -2.07 7.30
CA MET LA 7 70.26 -1.95 7.86
C MET LA 7 71.24 -2.95 7.28
N THR LA 8 72.44 -2.46 6.97
CA THR LA 8 73.60 -3.28 6.62
C THR LA 8 74.31 -3.76 7.88
N GLU LA 9 75.28 -4.66 7.71
CA GLU LA 9 75.89 -5.33 8.88
C GLU LA 9 76.64 -4.35 9.78
N GLU LA 10 77.36 -3.39 9.19
CA GLU LA 10 78.21 -2.53 10.01
C GLU LA 10 77.40 -1.61 10.90
N GLU LA 11 76.29 -1.07 10.38
CA GLU LA 11 75.39 -0.30 11.23
C GLU LA 11 74.59 -1.19 12.16
N ALA LA 12 74.23 -2.40 11.74
CA ALA LA 12 73.69 -3.39 12.68
C ALA LA 12 74.66 -3.68 13.81
N ARG LA 13 75.95 -3.74 13.51
CA ARG LA 13 76.97 -3.90 14.56
C ARG LA 13 77.08 -2.66 15.45
N ARG LA 14 76.80 -1.46 14.92
CA ARG LA 14 76.66 -0.29 15.79
C ARG LA 14 75.43 -0.40 16.67
N PHE LA 15 74.27 -0.63 16.04
CA PHE LA 15 72.99 -0.68 16.73
C PHE LA 15 72.97 -1.72 17.84
N HIS LA 16 73.53 -2.90 17.58
CA HIS LA 16 73.61 -3.94 18.60
C HIS LA 16 74.37 -3.47 19.84
N GLY LA 17 75.44 -2.71 19.64
CA GLY LA 17 76.18 -2.18 20.79
C GLY LA 17 75.34 -1.31 21.70
N TYR LA 18 74.62 -0.34 21.13
CA TYR LA 18 73.75 0.50 21.93
C TYR LA 18 72.56 -0.28 22.50
N MET LA 19 71.98 -1.18 21.71
CA MET LA 19 70.82 -1.93 22.18
C MET LA 19 71.18 -2.83 23.37
N VAL LA 20 72.34 -3.48 23.32
CA VAL LA 20 72.85 -4.20 24.48
C VAL LA 20 73.11 -3.25 25.64
N THR LA 21 73.72 -2.09 25.35
CA THR LA 21 74.02 -1.13 26.41
C THR LA 21 72.75 -0.65 27.11
N GLY LA 22 71.76 -0.21 26.34
CA GLY LA 22 70.52 0.27 26.94
C GLY LA 22 69.78 -0.80 27.71
N THR LA 23 69.72 -2.02 27.18
CA THR LA 23 69.11 -3.14 27.89
C THR LA 23 69.78 -3.38 29.24
N LEU LA 24 71.12 -3.40 29.26
CA LEU LA 24 71.82 -3.60 30.53
C LEU LA 24 71.54 -2.46 31.51
N GLY LA 25 71.52 -1.22 31.04
CA GLY LA 25 71.18 -0.11 31.90
C GLY LA 25 69.79 -0.24 32.51
N TYR LA 26 68.80 -0.58 31.68
CA TYR LA 26 67.44 -0.79 32.15
C TYR LA 26 67.36 -1.91 33.19
N VAL LA 27 68.02 -3.03 32.92
CA VAL LA 27 68.06 -4.14 33.87
C VAL LA 27 68.72 -3.74 35.19
N VAL LA 28 69.82 -2.99 35.12
CA VAL LA 28 70.48 -2.52 36.35
C VAL LA 28 69.53 -1.66 37.17
N VAL LA 29 68.88 -0.68 36.52
CA VAL LA 29 67.94 0.19 37.23
C VAL LA 29 66.78 -0.61 37.82
N ALA LA 30 66.23 -1.54 37.05
CA ALA LA 30 65.18 -2.40 37.57
C ALA LA 30 65.65 -3.31 38.70
N SER LA 31 66.90 -3.75 38.66
CA SER LA 31 67.46 -4.53 39.77
C SER LA 31 67.49 -3.72 41.06
N VAL LA 32 67.89 -2.45 40.98
CA VAL LA 32 67.84 -1.56 42.14
C VAL LA 32 66.41 -1.35 42.63
N ALA LA 33 65.47 -1.12 41.70
CA ALA LA 33 64.06 -1.01 42.07
C ALA LA 33 63.55 -2.22 42.83
N HIS LA 34 63.90 -3.42 42.38
CA HIS LA 34 63.46 -4.63 43.08
C HIS LA 34 64.13 -4.81 44.43
N PHE LA 35 65.43 -4.53 44.53
CA PHE LA 35 66.10 -4.56 45.83
C PHE LA 35 65.41 -3.63 46.82
N LEU LA 36 65.10 -2.39 46.39
CA LEU LA 36 64.37 -1.47 47.25
C LEU LA 36 62.97 -1.99 47.58
N ALA LA 37 62.22 -2.44 46.57
CA ALA LA 37 60.88 -2.98 46.82
C ALA LA 37 60.92 -4.15 47.79
N TRP LA 38 61.89 -5.06 47.63
CA TRP LA 38 62.00 -6.20 48.54
C TRP LA 38 62.28 -5.75 49.97
N SER LA 39 63.23 -4.83 50.14
CA SER LA 39 63.53 -4.28 51.46
C SER LA 39 62.32 -3.57 52.08
N TRP LA 40 61.36 -3.14 51.28
CA TRP LA 40 60.18 -2.44 51.78
C TRP LA 40 59.01 -3.38 52.08
N ARG LA 41 58.63 -4.24 51.13
CA ARG LA 41 57.54 -5.21 51.34
C ARG LA 41 57.90 -6.53 50.67
N PRO LA 42 58.65 -7.39 51.35
CA PRO LA 42 58.95 -8.73 50.80
C PRO LA 42 57.68 -9.48 50.40
N TRP LA 43 57.73 -10.13 49.23
CA TRP LA 43 56.52 -10.74 48.68
C TRP LA 43 56.49 -12.25 48.82
N PHE LA 44 57.62 -12.90 49.06
CA PHE LA 44 57.63 -14.32 49.43
C PHE LA 44 57.80 -14.51 50.93
N GLY MA 6 64.95 -17.56 0.15
CA GLY MA 6 64.83 -17.89 1.55
C GLY MA 6 66.08 -17.58 2.35
N MET MA 7 66.78 -18.62 2.78
CA MET MA 7 68.00 -18.50 3.57
C MET MA 7 68.98 -19.55 3.08
N THR MA 8 70.25 -19.15 2.90
CA THR MA 8 71.23 -20.08 2.35
C THR MA 8 71.57 -21.19 3.35
N GLU MA 9 72.16 -22.27 2.81
CA GLU MA 9 72.68 -23.35 3.65
C GLU MA 9 73.71 -22.86 4.67
N GLU MA 10 74.47 -21.82 4.32
CA GLU MA 10 75.43 -21.25 5.27
C GLU MA 10 74.77 -20.33 6.28
N GLU MA 11 73.82 -19.50 5.83
CA GLU MA 11 73.05 -18.68 6.76
C GLU MA 11 72.28 -19.54 7.74
N ALA MA 12 71.62 -20.59 7.24
CA ALA MA 12 70.98 -21.58 8.10
C ALA MA 12 71.94 -22.17 9.12
N ARG MA 13 73.15 -22.52 8.70
CA ARG MA 13 74.12 -23.09 9.63
C ARG MA 13 74.50 -22.12 10.74
N ARG MA 14 74.69 -20.84 10.40
CA ARG MA 14 75.05 -19.85 11.42
C ARG MA 14 73.86 -19.50 12.30
N PHE MA 15 72.68 -19.36 11.69
CA PHE MA 15 71.44 -19.13 12.43
C PHE MA 15 71.19 -20.23 13.46
N HIS MA 16 71.39 -21.48 13.06
CA HIS MA 16 71.18 -22.62 13.96
C HIS MA 16 72.05 -22.57 15.21
N GLY MA 17 73.30 -22.13 15.08
CA GLY MA 17 74.17 -22.06 16.25
C GLY MA 17 73.65 -21.12 17.32
N TYR MA 18 73.17 -19.95 16.92
CA TYR MA 18 72.55 -19.03 17.88
C TYR MA 18 71.25 -19.59 18.45
N MET MA 19 70.38 -20.14 17.60
CA MET MA 19 69.12 -20.71 18.07
C MET MA 19 69.35 -21.77 19.15
N VAL MA 20 70.32 -22.67 18.94
CA VAL MA 20 70.65 -23.65 19.97
C VAL MA 20 71.18 -22.98 21.23
N THR MA 21 72.05 -21.98 21.07
CA THR MA 21 72.60 -21.26 22.21
C THR MA 21 71.51 -20.57 23.02
N GLY MA 22 70.59 -19.89 22.34
CA GLY MA 22 69.49 -19.23 23.03
C GLY MA 22 68.56 -20.22 23.72
N THR MA 23 68.21 -21.31 23.03
CA THR MA 23 67.38 -22.35 23.63
C THR MA 23 68.00 -22.90 24.91
N LEU MA 24 69.29 -23.21 24.90
CA LEU MA 24 69.96 -23.69 26.11
C LEU MA 24 69.99 -22.63 27.20
N GLY MA 25 70.23 -21.37 26.83
CA GLY MA 25 70.19 -20.30 27.81
C GLY MA 25 68.84 -20.18 28.49
N TYR MA 26 67.77 -20.19 27.69
CA TYR MA 26 66.41 -20.14 28.21
C TYR MA 26 66.12 -21.30 29.16
N VAL MA 27 66.48 -22.52 28.76
CA VAL MA 27 66.21 -23.71 29.59
C VAL MA 27 67.00 -23.66 30.90
N VAL MA 28 68.24 -23.19 30.88
CA VAL MA 28 69.00 -23.05 32.12
C VAL MA 28 68.33 -22.07 33.08
N VAL MA 29 67.94 -20.91 32.58
CA VAL MA 29 67.25 -19.93 33.43
C VAL MA 29 65.96 -20.53 33.99
N ALA MA 30 65.18 -21.19 33.14
CA ALA MA 30 63.95 -21.83 33.59
C ALA MA 30 64.22 -22.94 34.61
N SER MA 31 65.34 -23.65 34.47
CA SER MA 31 65.72 -24.66 35.46
C SER MA 31 65.93 -24.04 36.84
N VAL MA 32 66.63 -22.90 36.90
CA VAL MA 32 66.83 -22.19 38.16
C VAL MA 32 65.49 -21.74 38.74
N ALA MA 33 64.61 -21.19 37.90
CA ALA MA 33 63.27 -20.81 38.34
C ALA MA 33 62.51 -21.97 38.99
N HIS MA 34 62.58 -23.17 38.39
CA HIS MA 34 61.89 -24.32 38.97
C HIS MA 34 62.55 -24.79 40.26
N PHE MA 35 63.89 -24.79 40.32
CA PHE MA 35 64.55 -25.13 41.57
C PHE MA 35 64.12 -24.19 42.69
N LEU MA 36 64.06 -22.90 42.40
CA LEU MA 36 63.58 -21.92 43.38
C LEU MA 36 62.12 -22.17 43.74
N ALA MA 37 61.26 -22.34 42.75
CA ALA MA 37 59.85 -22.57 43.02
C ALA MA 37 59.63 -23.85 43.83
N TRP MA 38 60.38 -24.91 43.51
CA TRP MA 38 60.28 -26.14 44.28
C TRP MA 38 60.70 -25.94 45.73
N SER MA 39 61.82 -25.24 45.94
CA SER MA 39 62.27 -24.92 47.28
C SER MA 39 61.23 -24.12 48.06
N TRP MA 40 60.47 -23.27 47.36
CA TRP MA 40 59.51 -22.39 48.02
C TRP MA 40 58.18 -23.10 48.30
N ARG MA 41 57.58 -23.73 47.29
CA ARG MA 41 56.30 -24.43 47.47
C ARG MA 41 56.28 -25.69 46.60
N PRO MA 42 56.88 -26.78 47.07
CA PRO MA 42 56.91 -28.01 46.24
C PRO MA 42 55.51 -28.51 45.96
N TRP MA 43 55.30 -29.00 44.73
CA TRP MA 43 53.95 -29.24 44.25
C TRP MA 43 53.51 -30.69 44.26
N PHE MA 44 54.43 -31.65 44.27
CA PHE MA 44 54.06 -33.04 44.55
C PHE MA 44 54.11 -33.35 46.04
N GLY NA 6 59.69 -30.78 -5.10
CA GLY NA 6 59.64 -31.27 -3.73
C GLY NA 6 60.90 -31.97 -3.27
N MET NA 7 60.85 -32.49 -2.05
CA MET NA 7 62.02 -33.11 -1.42
C MET NA 7 62.53 -34.31 -2.23
N THR NA 8 63.80 -34.26 -2.62
CA THR NA 8 64.42 -35.30 -3.43
C THR NA 8 64.77 -36.53 -2.57
N GLU NA 9 65.18 -37.61 -3.24
CA GLU NA 9 65.61 -38.80 -2.53
C GLU NA 9 66.85 -38.53 -1.68
N GLU NA 10 67.78 -37.71 -2.20
CA GLU NA 10 68.97 -37.35 -1.43
C GLU NA 10 68.58 -36.59 -0.16
N GLU NA 11 67.67 -35.62 -0.28
CA GLU NA 11 67.15 -34.92 0.87
C GLU NA 11 66.37 -35.84 1.80
N ALA NA 12 65.51 -36.70 1.22
CA ALA NA 12 64.71 -37.61 2.03
C ALA NA 12 65.57 -38.55 2.86
N ARG NA 13 66.61 -39.12 2.25
CA ARG NA 13 67.57 -39.95 2.97
C ARG NA 13 68.07 -39.25 4.23
N ARG NA 14 68.43 -37.99 4.10
CA ARG NA 14 69.03 -37.19 5.16
C ARG NA 14 67.98 -36.74 6.19
N PHE NA 15 66.82 -36.30 5.71
CA PHE NA 15 65.69 -35.92 6.56
C PHE NA 15 65.25 -37.06 7.46
N HIS NA 16 65.14 -38.27 6.91
CA HIS NA 16 64.70 -39.44 7.68
C HIS NA 16 65.57 -39.71 8.90
N GLY NA 17 66.89 -39.61 8.76
CA GLY NA 17 67.76 -39.82 9.91
C GLY NA 17 67.48 -38.88 11.08
N TYR NA 18 67.21 -37.61 10.79
CA TYR NA 18 66.84 -36.68 11.85
C TYR NA 18 65.45 -36.95 12.40
N MET NA 19 64.48 -37.25 11.54
CA MET NA 19 63.14 -37.56 12.00
C MET NA 19 63.10 -38.80 12.88
N VAL NA 20 63.87 -39.83 12.52
CA VAL NA 20 64.06 -40.98 13.41
C VAL NA 20 64.70 -40.55 14.73
N THR NA 21 65.79 -39.77 14.65
CA THR NA 21 66.49 -39.34 15.86
C THR NA 21 65.60 -38.52 16.77
N GLY NA 22 64.83 -37.58 16.21
CA GLY NA 22 63.92 -36.79 17.01
C GLY NA 22 62.85 -37.64 17.67
N THR NA 23 62.20 -38.51 16.90
CA THR NA 23 61.18 -39.39 17.45
C THR NA 23 61.73 -40.26 18.58
N LEU NA 24 62.90 -40.85 18.36
CA LEU NA 24 63.51 -41.70 19.37
C LEU NA 24 63.84 -40.92 20.65
N GLY NA 25 64.38 -39.72 20.50
CA GLY NA 25 64.59 -38.86 21.66
C GLY NA 25 63.30 -38.51 22.39
N TYR NA 26 62.26 -38.14 21.64
CA TYR NA 26 60.97 -37.83 22.23
C TYR NA 26 60.41 -38.99 23.05
N VAL NA 27 60.53 -40.20 22.53
CA VAL NA 27 60.09 -41.40 23.27
C VAL NA 27 60.96 -41.65 24.50
N VAL NA 28 62.28 -41.44 24.39
CA VAL NA 28 63.15 -41.53 25.55
C VAL NA 28 62.72 -40.58 26.66
N VAL NA 29 62.50 -39.30 26.33
CA VAL NA 29 62.05 -38.34 27.32
C VAL NA 29 60.71 -38.75 27.92
N ALA NA 30 59.76 -39.16 27.06
CA ALA NA 30 58.47 -39.61 27.55
C ALA NA 30 58.56 -40.87 28.41
N SER NA 31 59.54 -41.74 28.14
CA SER NA 31 59.74 -42.92 28.98
C SER NA 31 60.12 -42.53 30.41
N VAL NA 32 61.05 -41.59 30.55
CA VAL NA 32 61.39 -41.04 31.87
C VAL NA 32 60.16 -40.46 32.54
N ALA NA 33 59.37 -39.67 31.81
CA ALA NA 33 58.15 -39.08 32.35
C ALA NA 33 57.20 -40.14 32.92
N HIS NA 34 56.99 -41.24 32.20
CA HIS NA 34 56.11 -42.30 32.70
C HIS NA 34 56.73 -43.06 33.87
N PHE NA 35 58.04 -43.28 33.86
CA PHE NA 35 58.68 -43.91 35.01
C PHE NA 35 58.48 -43.08 36.27
N LEU NA 36 58.70 -41.78 36.18
CA LEU NA 36 58.42 -40.88 37.29
C LEU NA 36 56.94 -40.88 37.67
N ALA NA 37 56.05 -40.76 36.69
CA ALA NA 37 54.61 -40.77 36.97
C ALA NA 37 54.17 -42.06 37.65
N TRP NA 38 54.69 -43.21 37.20
CA TRP NA 38 54.35 -44.46 37.85
C TRP NA 38 54.80 -44.49 39.31
N SER NA 39 56.04 -44.09 39.56
CA SER NA 39 56.57 -44.09 40.92
C SER NA 39 55.81 -43.13 41.83
N TRP NA 40 55.23 -42.08 41.25
CA TRP NA 40 54.45 -41.11 42.03
C TRP NA 40 53.01 -41.58 42.29
N ARG NA 41 52.28 -41.95 41.24
CA ARG NA 41 50.90 -42.43 41.40
C ARG NA 41 50.62 -43.58 40.43
N PRO NA 42 50.86 -44.82 40.86
CA PRO NA 42 50.57 -45.97 39.99
C PRO NA 42 49.09 -45.99 39.60
N TRP NA 43 48.84 -46.29 38.32
CA TRP NA 43 47.47 -46.20 37.81
C TRP NA 43 46.78 -47.55 37.58
N PHE NA 44 47.51 -48.66 37.58
CA PHE NA 44 46.89 -49.97 37.67
C PHE NA 44 46.83 -50.48 39.10
N GLY OA 4 52.23 -41.21 -13.22
CA GLY OA 4 51.24 -42.18 -13.65
C GLY OA 4 50.88 -43.20 -12.58
N GLY OA 5 51.30 -42.93 -11.35
CA GLY OA 5 51.17 -43.87 -10.26
C GLY OA 5 52.33 -44.87 -10.15
N MET OA 6 52.33 -45.57 -9.01
CA MET OA 6 53.41 -46.46 -8.62
C MET OA 6 53.61 -47.62 -9.59
N THR OA 7 54.87 -47.83 -10.01
CA THR OA 7 55.26 -48.90 -10.92
C THR OA 7 55.33 -50.26 -10.22
N GLU OA 8 55.60 -51.31 -11.03
CA GLU OA 8 55.81 -52.66 -10.53
C GLU OA 8 56.90 -52.75 -9.46
N GLU OA 9 58.06 -52.17 -9.73
CA GLU OA 9 59.19 -52.36 -8.81
C GLU OA 9 59.09 -51.44 -7.60
N GLU OA 10 58.49 -50.26 -7.77
CA GLU OA 10 58.09 -49.47 -6.61
C GLU OA 10 57.08 -50.22 -5.75
N ALA OA 11 56.06 -50.82 -6.38
CA ALA OA 11 55.08 -51.61 -5.65
C ALA OA 11 55.70 -52.80 -4.93
N ARG OA 12 56.64 -53.50 -5.59
CA ARG OA 12 57.32 -54.62 -4.95
C ARG OA 12 58.11 -54.15 -3.72
N ARG OA 13 58.76 -53.00 -3.83
CA ARG OA 13 59.53 -52.44 -2.72
C ARG OA 13 58.61 -51.91 -1.63
N PHE OA 14 57.55 -51.20 -2.03
CA PHE OA 14 56.55 -50.70 -1.09
C PHE OA 14 55.89 -51.82 -0.29
N HIS OA 15 55.50 -52.90 -0.97
CA HIS OA 15 54.88 -54.04 -0.30
C HIS OA 15 55.75 -54.64 0.79
N GLY OA 16 57.06 -54.68 0.59
CA GLY OA 16 57.94 -55.21 1.63
C GLY OA 16 57.88 -54.42 2.92
N TYR OA 17 57.90 -53.09 2.83
CA TYR OA 17 57.77 -52.26 4.02
C TYR OA 17 56.36 -52.32 4.61
N MET OA 18 55.33 -52.26 3.76
CA MET OA 18 53.95 -52.33 4.23
C MET OA 18 53.66 -53.61 5.00
N VAL OA 19 54.17 -54.75 4.51
CA VAL OA 19 54.09 -55.99 5.29
C VAL OA 19 54.87 -55.88 6.58
N THR OA 20 56.10 -55.35 6.52
CA THR OA 20 56.95 -55.27 7.71
C THR OA 20 56.32 -54.40 8.79
N GLY OA 21 55.77 -53.24 8.42
CA GLY OA 21 55.07 -52.41 9.38
C GLY OA 21 53.84 -53.07 9.97
N THR OA 22 53.05 -53.75 9.12
CA THR OA 22 51.87 -54.46 9.62
C THR OA 22 52.24 -55.57 10.60
N LEU OA 23 53.25 -56.37 10.29
CA LEU OA 23 53.69 -57.40 11.23
C LEU OA 23 54.22 -56.81 12.53
N GLY OA 24 54.99 -55.72 12.45
CA GLY OA 24 55.41 -55.02 13.66
C GLY OA 24 54.25 -54.54 14.50
N TYR OA 25 53.25 -53.94 13.85
CA TYR OA 25 52.07 -53.44 14.55
C TYR OA 25 51.31 -54.55 15.26
N VAL OA 26 51.09 -55.68 14.56
CA VAL OA 26 50.40 -56.82 15.16
C VAL OA 26 51.19 -57.44 16.31
N VAL OA 27 52.52 -57.49 16.20
CA VAL OA 27 53.34 -57.96 17.33
C VAL OA 27 53.11 -57.10 18.57
N VAL OA 28 53.24 -55.77 18.43
CA VAL OA 28 53.02 -54.88 19.56
C VAL OA 28 51.63 -55.05 20.14
N ALA OA 29 50.61 -55.13 19.28
CA ALA OA 29 49.24 -55.33 19.75
C ALA OA 29 49.06 -56.66 20.47
N SER OA 30 49.79 -57.69 20.05
CA SER OA 30 49.72 -58.98 20.74
C SER OA 30 50.22 -58.89 22.17
N VAL OA 31 51.33 -58.17 22.38
CA VAL OA 31 51.83 -57.95 23.73
C VAL OA 31 50.82 -57.16 24.56
N ALA OA 32 50.24 -56.10 23.97
CA ALA OA 32 49.21 -55.33 24.65
C ALA OA 32 48.04 -56.18 25.12
N HIS OA 33 47.58 -57.10 24.28
CA HIS OA 33 46.48 -57.98 24.67
C HIS OA 33 46.88 -59.00 25.73
N PHE OA 34 48.09 -59.56 25.65
CA PHE OA 34 48.53 -60.45 26.71
C PHE OA 34 48.58 -59.75 28.07
N LEU OA 35 49.09 -58.53 28.10
CA LEU OA 35 49.07 -57.74 29.33
C LEU OA 35 47.65 -57.45 29.79
N ALA OA 36 46.79 -56.99 28.87
CA ALA OA 36 45.41 -56.70 29.23
C ALA OA 36 44.67 -57.93 29.72
N TRP OA 37 44.93 -59.09 29.11
CA TRP OA 37 44.29 -60.33 29.58
C TRP OA 37 44.77 -60.70 30.98
N SER OA 38 46.06 -60.55 31.26
CA SER OA 38 46.58 -60.79 32.61
C SER OA 38 45.92 -59.86 33.63
N TRP OA 39 45.67 -58.61 33.24
CA TRP OA 39 45.11 -57.61 34.14
C TRP OA 39 43.62 -57.81 34.40
N ARG OA 40 42.82 -57.87 33.34
CA ARG OA 40 41.36 -58.01 33.47
C ARG OA 40 40.82 -58.90 32.36
N PRO OA 41 40.90 -60.22 32.53
CA PRO OA 41 40.39 -61.13 31.48
C PRO OA 41 38.90 -60.92 31.24
N TRP OA 42 38.52 -60.96 29.96
CA TRP OA 42 37.19 -60.52 29.56
C TRP OA 42 36.26 -61.64 29.12
N PHE OA 43 36.73 -62.89 29.06
CA PHE OA 43 35.82 -64.03 28.94
C PHE OA 43 35.83 -64.89 30.20
N GLY PA 4 40.10 -48.63 -19.87
CA GLY PA 4 39.56 -49.97 -19.91
C GLY PA 4 39.85 -50.79 -18.66
N GLY PA 5 39.19 -51.94 -18.54
CA GLY PA 5 39.36 -52.82 -17.40
C GLY PA 5 40.40 -53.90 -17.62
N MET PA 6 40.41 -54.86 -16.69
CA MET PA 6 41.35 -55.97 -16.73
C MET PA 6 41.27 -56.77 -18.03
N THR PA 7 42.45 -57.08 -18.57
CA THR PA 7 42.60 -58.10 -19.61
C THR PA 7 42.42 -59.49 -19.02
N GLU PA 8 42.32 -60.48 -19.92
CA GLU PA 8 42.00 -61.85 -19.52
C GLU PA 8 43.09 -62.49 -18.67
N GLU PA 9 44.36 -62.16 -18.92
CA GLU PA 9 45.42 -62.70 -18.07
C GLU PA 9 45.50 -61.97 -16.73
N GLU PA 10 45.29 -60.65 -16.74
CA GLU PA 10 45.10 -59.93 -15.48
C GLU PA 10 43.95 -60.51 -14.67
N ALA PA 11 42.84 -60.82 -15.34
CA ALA PA 11 41.69 -61.43 -14.65
C ALA PA 11 42.03 -62.80 -14.07
N ARG PA 12 42.73 -63.64 -14.84
CA ARG PA 12 43.16 -64.94 -14.31
C ARG PA 12 44.03 -64.77 -13.08
N ARG PA 13 44.95 -63.81 -13.11
CA ARG PA 13 45.88 -63.61 -12.00
C ARG PA 13 45.15 -63.04 -10.77
N PHE PA 14 44.34 -62.01 -10.98
CA PHE PA 14 43.50 -61.45 -9.93
C PHE PA 14 42.61 -62.52 -9.28
N HIS PA 15 41.98 -63.36 -10.10
CA HIS PA 15 41.08 -64.39 -9.60
C HIS PA 15 41.76 -65.36 -8.63
N GLY PA 16 42.99 -65.77 -8.92
CA GLY PA 16 43.68 -66.68 -8.01
C GLY PA 16 43.89 -66.13 -6.62
N TYR PA 17 44.20 -64.84 -6.51
CA TYR PA 17 44.27 -64.21 -5.20
C TYR PA 17 42.91 -64.02 -4.56
N MET PA 18 41.91 -63.59 -5.34
CA MET PA 18 40.57 -63.42 -4.80
C MET PA 18 40.03 -64.71 -4.19
N VAL PA 19 40.26 -65.84 -4.86
CA VAL PA 19 39.94 -67.15 -4.27
C VAL PA 19 40.74 -67.38 -2.99
N THR PA 20 42.05 -67.13 -3.05
CA THR PA 20 42.91 -67.39 -1.90
C THR PA 20 42.50 -66.55 -0.69
N GLY PA 21 42.22 -65.26 -0.91
CA GLY PA 21 41.76 -64.40 0.18
C GLY PA 21 40.42 -64.82 0.73
N THR PA 22 39.45 -65.09 -0.14
CA THR PA 22 38.13 -65.53 0.30
C THR PA 22 38.22 -66.80 1.14
N LEU PA 23 38.95 -67.80 0.65
CA LEU PA 23 39.10 -69.05 1.39
C LEU PA 23 39.76 -68.84 2.75
N GLY PA 24 40.83 -68.04 2.79
CA GLY PA 24 41.45 -67.73 4.07
C GLY PA 24 40.52 -67.04 5.04
N TYR PA 25 39.76 -66.05 4.55
CA TYR PA 25 38.80 -65.34 5.39
C TYR PA 25 37.72 -66.26 5.95
N VAL PA 26 37.20 -67.17 5.12
CA VAL PA 26 36.25 -68.17 5.58
C VAL PA 26 36.87 -69.11 6.62
N VAL PA 27 38.13 -69.50 6.41
CA VAL PA 27 38.83 -70.32 7.40
C VAL PA 27 38.91 -69.61 8.75
N VAL PA 28 39.35 -68.35 8.77
CA VAL PA 28 39.45 -67.61 10.01
C VAL PA 28 38.08 -67.49 10.69
N ALA PA 29 37.05 -67.17 9.90
CA ALA PA 29 35.70 -67.05 10.46
C ALA PA 29 35.19 -68.39 11.00
N SER PA 30 35.55 -69.49 10.34
CA SER PA 30 35.16 -70.80 10.83
C SER PA 30 35.76 -71.11 12.20
N VAL PA 31 37.03 -70.77 12.39
CA VAL PA 31 37.63 -70.86 13.73
C VAL PA 31 36.90 -69.96 14.72
N ALA PA 32 36.64 -68.71 14.32
CA ALA PA 32 35.93 -67.78 15.20
C ALA PA 32 34.58 -68.32 15.66
N HIS PA 33 33.83 -68.97 14.76
CA HIS PA 33 32.55 -69.55 15.17
C HIS PA 33 32.73 -70.78 16.05
N PHE PA 34 33.74 -71.61 15.78
CA PHE PA 34 33.99 -72.75 16.66
C PHE PA 34 34.30 -72.29 18.08
N LEU PA 35 35.12 -71.25 18.23
CA LEU PA 35 35.36 -70.66 19.54
C LEU PA 35 34.07 -70.12 20.15
N ALA PA 36 33.32 -69.31 19.40
CA ALA PA 36 32.07 -68.76 19.91
C ALA PA 36 31.08 -69.85 20.32
N TRP PA 37 30.99 -70.93 19.53
CA TRP PA 37 30.08 -72.02 19.87
C TRP PA 37 30.50 -72.70 21.17
N SER PA 38 31.79 -72.98 21.33
CA SER PA 38 32.28 -73.57 22.56
C SER PA 38 32.09 -72.64 23.76
N TRP PA 39 32.00 -71.34 23.52
CA TRP PA 39 31.83 -70.35 24.59
C TRP PA 39 30.38 -70.13 24.98
N ARG PA 40 29.52 -69.78 24.01
CA ARG PA 40 28.09 -69.58 24.26
C ARG PA 40 27.29 -70.13 23.09
N PRO PA 41 27.00 -71.43 23.10
CA PRO PA 41 26.23 -72.02 21.99
C PRO PA 41 24.84 -71.41 21.91
N TRP PA 42 24.35 -71.22 20.68
CA TRP PA 42 23.17 -70.41 20.47
C TRP PA 42 21.92 -71.18 20.03
N PHE PA 43 22.04 -72.47 19.71
CA PHE PA 43 20.86 -73.31 19.57
C PHE PA 43 20.64 -74.17 20.82
N GLY QA 4 24.89 -55.93 -28.32
CA GLY QA 4 26.31 -55.65 -28.25
C GLY QA 4 26.98 -56.24 -27.03
N GLY QA 5 26.21 -56.97 -26.22
CA GLY QA 5 26.76 -57.71 -25.11
C GLY QA 5 27.35 -59.06 -25.49
N MET QA 6 27.15 -60.06 -24.64
CA MET QA 6 27.71 -61.39 -24.84
C MET QA 6 27.35 -61.96 -26.20
N THR QA 7 28.38 -62.46 -26.90
CA THR QA 7 28.21 -63.31 -28.07
C THR QA 7 27.85 -64.74 -27.63
N GLU QA 8 27.44 -65.55 -28.60
CA GLU QA 8 26.90 -66.88 -28.29
C GLU QA 8 27.89 -67.75 -27.52
N GLU QA 9 29.19 -67.65 -27.82
CA GLU QA 9 30.13 -68.47 -27.06
C GLU QA 9 30.40 -67.91 -25.68
N GLU QA 10 30.38 -66.59 -25.52
CA GLU QA 10 30.37 -66.01 -24.18
C GLU QA 10 29.14 -66.45 -23.40
N ALA QA 11 27.98 -66.41 -24.05
CA ALA QA 11 26.74 -66.85 -23.41
C ALA QA 11 26.74 -68.33 -23.06
N ARG QA 12 27.27 -69.18 -23.94
CA ARG QA 12 27.40 -70.59 -23.62
C ARG QA 12 28.30 -70.82 -22.40
N ARG QA 13 29.42 -70.10 -22.32
CA ARG QA 13 30.26 -70.12 -21.13
C ARG QA 13 29.50 -69.62 -19.91
N PHE QA 14 28.95 -68.40 -20.00
CA PHE QA 14 28.24 -67.77 -18.89
C PHE QA 14 27.11 -68.64 -18.37
N HIS QA 15 26.33 -69.25 -19.26
CA HIS QA 15 25.25 -70.14 -18.84
C HIS QA 15 25.73 -71.29 -17.96
N GLY QA 16 26.83 -71.95 -18.35
CA GLY QA 16 27.32 -73.07 -17.56
C GLY QA 16 27.70 -72.69 -16.14
N TYR QA 17 28.34 -71.54 -15.98
CA TYR QA 17 28.67 -71.05 -14.64
C TYR QA 17 27.43 -70.64 -13.86
N MET QA 18 26.49 -69.95 -14.50
CA MET QA 18 25.24 -69.59 -13.82
C MET QA 18 24.47 -70.83 -13.37
N VAL QA 19 24.41 -71.87 -14.20
CA VAL QA 19 23.80 -73.13 -13.78
C VAL QA 19 24.53 -73.69 -12.57
N THR QA 20 25.86 -73.72 -12.62
CA THR QA 20 26.65 -74.27 -11.52
C THR QA 20 26.44 -73.49 -10.23
N GLY QA 21 26.53 -72.16 -10.31
CA GLY QA 21 26.30 -71.34 -9.13
C GLY QA 21 24.92 -71.50 -8.53
N THR QA 22 23.89 -71.58 -9.40
CA THR QA 22 22.53 -71.81 -8.91
C THR QA 22 22.40 -73.16 -8.23
N LEU QA 23 22.96 -74.22 -8.82
CA LEU QA 23 22.96 -75.53 -8.15
C LEU QA 23 23.69 -75.48 -6.81
N GLY QA 24 24.84 -74.81 -6.76
CA GLY QA 24 25.56 -74.68 -5.50
C GLY QA 24 24.74 -73.97 -4.44
N TYR QA 25 24.11 -72.85 -4.80
CA TYR QA 25 23.25 -72.12 -3.89
C TYR QA 25 22.11 -73.00 -3.36
N VAL QA 26 21.44 -73.72 -4.26
CA VAL QA 26 20.33 -74.59 -3.87
C VAL QA 26 20.80 -75.74 -2.98
N VAL QA 27 21.99 -76.28 -3.25
CA VAL QA 27 22.53 -77.36 -2.42
C VAL QA 27 22.82 -76.86 -1.00
N VAL QA 28 23.50 -75.73 -0.87
CA VAL QA 28 23.74 -75.15 0.45
C VAL QA 28 22.42 -74.87 1.17
N ALA QA 29 21.44 -74.34 0.46
CA ALA QA 29 20.12 -74.10 1.04
C ALA QA 29 19.41 -75.39 1.43
N SER QA 30 19.65 -76.48 0.70
CA SER QA 30 19.05 -77.76 1.06
C SER QA 30 19.59 -78.29 2.38
N VAL QA 31 20.90 -78.15 2.60
CA VAL QA 31 21.48 -78.48 3.91
C VAL QA 31 20.90 -77.57 5.00
N ALA QA 32 20.78 -76.28 4.71
CA ALA QA 32 20.19 -75.34 5.66
C ALA QA 32 18.78 -75.75 6.07
N HIS QA 33 17.93 -76.08 5.10
CA HIS QA 33 16.57 -76.51 5.42
C HIS QA 33 16.53 -77.85 6.15
N PHE QA 34 17.45 -78.76 5.83
CA PHE QA 34 17.49 -80.02 6.56
C PHE QA 34 17.85 -79.79 8.04
N LEU QA 35 18.85 -78.95 8.29
CA LEU QA 35 19.22 -78.60 9.65
C LEU QA 35 18.10 -77.88 10.37
N ALA QA 36 17.48 -76.89 9.71
CA ALA QA 36 16.36 -76.17 10.31
C ALA QA 36 15.19 -77.09 10.63
N TRP QA 37 14.88 -78.04 9.74
CA TRP QA 37 13.80 -78.99 10.03
C TRP QA 37 14.11 -79.85 11.25
N SER QA 38 15.37 -80.26 11.41
CA SER QA 38 15.76 -81.05 12.57
C SER QA 38 15.65 -80.23 13.85
N TRP QA 39 15.93 -78.93 13.77
CA TRP QA 39 15.91 -78.06 14.94
C TRP QA 39 14.49 -77.65 15.32
N ARG QA 40 13.74 -77.07 14.40
CA ARG QA 40 12.38 -76.60 14.68
C ARG QA 40 11.48 -76.87 13.48
N PRO QA 41 10.93 -78.07 13.38
CA PRO QA 41 10.05 -78.39 12.24
C PRO QA 41 8.80 -77.52 12.24
N TRP QA 42 8.38 -77.11 11.04
CA TRP QA 42 7.35 -76.09 10.91
C TRP QA 42 6.00 -76.60 10.42
N PHE QA 43 5.91 -77.84 9.97
CA PHE QA 43 4.62 -78.53 9.89
C PHE QA 43 4.54 -79.60 10.97
N GLY RA 4 11.47 -55.83 -36.82
CA GLY RA 4 12.67 -56.34 -36.18
C GLY RA 4 12.39 -57.51 -35.26
N GLY RA 5 13.29 -57.74 -34.31
CA GLY RA 5 13.14 -58.80 -33.34
C GLY RA 5 13.15 -60.20 -33.94
N MET RA 6 12.35 -61.07 -33.33
CA MET RA 6 12.37 -62.51 -33.59
C MET RA 6 11.96 -62.85 -35.01
N THR RA 7 12.80 -63.63 -35.70
CA THR RA 7 12.41 -64.32 -36.93
C THR RA 7 11.61 -65.59 -36.60
N GLU RA 8 11.04 -66.22 -37.63
CA GLU RA 8 10.31 -67.46 -37.40
C GLU RA 8 11.20 -68.57 -36.83
N GLU RA 9 12.44 -68.69 -37.33
CA GLU RA 9 13.30 -69.77 -36.86
C GLU RA 9 13.68 -69.56 -35.40
N GLU RA 10 13.98 -68.32 -35.04
CA GLU RA 10 14.15 -67.97 -33.64
C GLU RA 10 12.88 -68.24 -32.84
N ALA RA 11 11.72 -67.86 -33.38
CA ALA RA 11 10.44 -68.11 -32.72
C ALA RA 11 10.17 -69.59 -32.50
N ARG RA 12 10.44 -70.43 -33.50
CA ARG RA 12 10.23 -71.87 -33.33
C ARG RA 12 11.13 -72.43 -32.24
N ARG RA 13 12.38 -71.98 -32.21
CA ARG RA 13 13.34 -72.42 -31.22
C ARG RA 13 12.96 -71.95 -29.83
N PHE RA 14 12.69 -70.64 -29.70
CA PHE RA 14 12.23 -70.06 -28.44
C PHE RA 14 11.00 -70.77 -27.90
N HIS RA 15 9.99 -70.98 -28.75
CA HIS RA 15 8.76 -71.66 -28.35
C HIS RA 15 9.00 -73.01 -27.71
N GLY RA 16 9.97 -73.78 -28.20
CA GLY RA 16 10.22 -75.09 -27.63
C GLY RA 16 10.67 -75.05 -26.18
N TYR RA 17 11.58 -74.13 -25.84
CA TYR RA 17 11.97 -73.96 -24.45
C TYR RA 17 10.84 -73.36 -23.61
N MET RA 18 10.11 -72.39 -24.17
CA MET RA 18 8.99 -71.77 -23.46
C MET RA 18 7.93 -72.79 -23.07
N VAL RA 19 7.56 -73.67 -24.01
CA VAL RA 19 6.66 -74.79 -23.68
C VAL RA 19 7.27 -75.67 -22.60
N THR RA 20 8.55 -76.01 -22.75
CA THR RA 20 9.20 -76.89 -21.77
C THR RA 20 9.23 -76.28 -20.38
N GLY RA 21 9.55 -74.98 -20.29
CA GLY RA 21 9.48 -74.30 -19.01
C GLY RA 21 8.08 -74.29 -18.40
N THR RA 22 7.09 -73.93 -19.21
CA THR RA 22 5.71 -73.87 -18.73
C THR RA 22 5.23 -75.22 -18.22
N LEU RA 23 5.50 -76.30 -18.96
CA LEU RA 23 5.14 -77.64 -18.47
C LEU RA 23 5.87 -78.00 -17.19
N GLY RA 24 7.18 -77.72 -17.12
CA GLY RA 24 7.92 -78.02 -15.91
C GLY RA 24 7.42 -77.26 -14.70
N TYR RA 25 7.06 -75.99 -14.89
CA TYR RA 25 6.48 -75.19 -13.81
C TYR RA 25 5.15 -75.77 -13.34
N VAL RA 26 4.28 -76.13 -14.29
CA VAL RA 26 3.00 -76.78 -13.95
C VAL RA 26 3.24 -78.08 -13.20
N VAL RA 27 4.23 -78.88 -13.59
CA VAL RA 27 4.51 -80.12 -12.89
C VAL RA 27 4.89 -79.86 -11.43
N VAL RA 28 5.83 -78.95 -11.20
CA VAL RA 28 6.24 -78.63 -9.84
C VAL RA 28 5.08 -78.09 -9.02
N ALA RA 29 4.28 -77.21 -9.61
CA ALA RA 29 3.09 -76.69 -8.93
C ALA RA 29 2.08 -77.80 -8.62
N SER RA 30 1.96 -78.80 -9.49
CA SER RA 30 1.05 -79.90 -9.23
C SER RA 30 1.47 -80.73 -8.01
N VAL RA 31 2.78 -80.96 -7.85
CA VAL RA 31 3.27 -81.60 -6.63
C VAL RA 31 2.97 -80.75 -5.41
N ALA RA 32 3.27 -79.45 -5.50
CA ALA RA 32 2.98 -78.53 -4.39
C ALA RA 32 1.52 -78.56 -3.97
N HIS RA 33 0.59 -78.58 -4.92
CA HIS RA 33 -0.83 -78.65 -4.57
C HIS RA 33 -1.21 -80.01 -3.99
N PHE RA 34 -0.64 -81.09 -4.49
CA PHE RA 34 -0.92 -82.39 -3.89
C PHE RA 34 -0.46 -82.45 -2.44
N LEU RA 35 0.74 -81.94 -2.16
CA LEU RA 35 1.21 -81.83 -0.78
C LEU RA 35 0.32 -80.92 0.04
N ALA RA 36 -0.06 -79.75 -0.51
CA ALA RA 36 -0.94 -78.84 0.20
C ALA RA 36 -2.29 -79.48 0.51
N TRP RA 37 -2.88 -80.18 -0.46
CA TRP RA 37 -4.19 -80.80 -0.22
C TRP RA 37 -4.11 -81.85 0.87
N SER RA 38 -3.14 -82.76 0.78
CA SER RA 38 -2.97 -83.78 1.80
C SER RA 38 -2.60 -83.22 3.16
N TRP RA 39 -2.05 -82.00 3.21
CA TRP RA 39 -1.81 -81.35 4.49
C TRP RA 39 -3.07 -80.69 5.05
N ARG RA 40 -3.69 -79.79 4.28
CA ARG RA 40 -4.90 -79.09 4.74
C ARG RA 40 -5.89 -78.95 3.60
N PRO RA 41 -6.79 -79.92 3.44
CA PRO RA 41 -7.79 -79.85 2.35
C PRO RA 41 -8.67 -78.61 2.48
N TRP RA 42 -9.00 -78.00 1.35
CA TRP RA 42 -9.71 -76.73 1.35
C TRP RA 42 -11.16 -76.80 0.87
N PHE RA 43 -11.58 -77.92 0.27
CA PHE RA 43 -13.00 -78.13 0.00
C PHE RA 43 -13.57 -79.23 0.90
N GLY SA 6 -0.60 -53.90 -40.99
CA GLY SA 6 -1.58 -54.79 -40.39
C GLY SA 6 -1.72 -56.11 -41.13
N MET SA 7 -2.45 -57.04 -40.52
CA MET SA 7 -2.60 -58.39 -41.08
C MET SA 7 -3.22 -58.35 -42.48
N THR SA 8 -2.62 -59.12 -43.39
CA THR SA 8 -3.21 -59.42 -44.68
C THR SA 8 -4.25 -60.53 -44.54
N GLU SA 9 -4.96 -60.79 -45.65
CA GLU SA 9 -6.05 -61.76 -45.62
C GLU SA 9 -5.57 -63.18 -45.32
N GLU SA 10 -4.36 -63.53 -45.76
CA GLU SA 10 -3.79 -64.83 -45.42
C GLU SA 10 -3.34 -64.89 -43.97
N GLU SA 11 -2.72 -63.81 -43.47
CA GLU SA 11 -2.40 -63.73 -42.05
C GLU SA 11 -3.66 -63.81 -41.19
N ALA SA 12 -4.69 -63.04 -41.55
CA ALA SA 12 -5.96 -63.08 -40.83
C ALA SA 12 -6.56 -64.48 -40.76
N ARG SA 13 -6.42 -65.27 -41.83
CA ARG SA 13 -6.94 -66.64 -41.81
C ARG SA 13 -6.19 -67.53 -40.82
N ARG SA 14 -4.86 -67.41 -40.75
CA ARG SA 14 -4.13 -68.18 -39.74
C ARG SA 14 -4.52 -67.76 -38.33
N PHE SA 15 -4.54 -66.44 -38.08
CA PHE SA 15 -4.88 -65.91 -36.77
C PHE SA 15 -6.27 -66.37 -36.33
N HIS SA 16 -7.25 -66.29 -37.22
CA HIS SA 16 -8.61 -66.74 -36.90
C HIS SA 16 -8.67 -68.20 -36.45
N GLY SA 17 -7.90 -69.08 -37.11
CA GLY SA 17 -7.95 -70.49 -36.74
C GLY SA 17 -7.51 -70.74 -35.30
N TYR SA 18 -6.39 -70.14 -34.90
CA TYR SA 18 -5.93 -70.29 -33.53
C TYR SA 18 -6.84 -69.57 -32.55
N MET SA 19 -7.34 -68.38 -32.92
CA MET SA 19 -8.25 -67.63 -32.05
C MET SA 19 -9.52 -68.41 -31.75
N VAL SA 20 -10.12 -69.03 -32.77
CA VAL SA 20 -11.28 -69.90 -32.54
C VAL SA 20 -10.90 -71.08 -31.66
N THR SA 21 -9.77 -71.72 -31.94
CA THR SA 21 -9.33 -72.86 -31.14
C THR SA 21 -9.12 -72.46 -29.68
N GLY SA 22 -8.45 -71.34 -29.45
CA GLY SA 22 -8.24 -70.87 -28.09
C GLY SA 22 -9.53 -70.55 -27.36
N THR SA 23 -10.41 -69.78 -28.02
CA THR SA 23 -11.71 -69.44 -27.44
C THR SA 23 -12.51 -70.68 -27.08
N LEU SA 24 -12.62 -71.64 -28.00
CA LEU SA 24 -13.36 -72.86 -27.71
C LEU SA 24 -12.76 -73.63 -26.54
N GLY SA 25 -11.44 -73.81 -26.54
CA GLY SA 25 -10.80 -74.52 -25.44
C GLY SA 25 -11.02 -73.85 -24.09
N TYR SA 26 -10.92 -72.51 -24.06
CA TYR SA 26 -11.19 -71.76 -22.85
C TYR SA 26 -12.61 -71.99 -22.33
N VAL SA 27 -13.61 -71.91 -23.22
CA VAL SA 27 -14.99 -72.18 -22.86
C VAL SA 27 -15.18 -73.62 -22.38
N VAL SA 28 -14.47 -74.57 -22.99
CA VAL SA 28 -14.54 -75.96 -22.52
C VAL SA 28 -14.06 -76.08 -21.08
N VAL SA 29 -12.87 -75.55 -20.79
CA VAL SA 29 -12.34 -75.62 -19.42
C VAL SA 29 -13.27 -74.91 -18.45
N ALA SA 30 -13.79 -73.74 -18.82
CA ALA SA 30 -14.74 -73.03 -17.98
C ALA SA 30 -16.03 -73.80 -17.76
N SER SA 31 -16.48 -74.58 -18.76
CA SER SA 31 -17.66 -75.41 -18.57
C SER SA 31 -17.43 -76.50 -17.54
N VAL SA 32 -16.24 -77.11 -17.53
CA VAL SA 32 -15.91 -78.07 -16.49
C VAL SA 32 -15.84 -77.40 -15.12
N ALA SA 33 -15.20 -76.23 -15.06
CA ALA SA 33 -15.17 -75.44 -13.82
C ALA SA 33 -16.56 -75.16 -13.27
N HIS SA 34 -17.51 -74.79 -14.13
CA HIS SA 34 -18.87 -74.54 -13.66
C HIS SA 34 -19.60 -75.82 -13.24
N PHE SA 35 -19.41 -76.92 -13.96
CA PHE SA 35 -20.02 -78.17 -13.51
C PHE SA 35 -19.50 -78.58 -12.13
N LEU SA 36 -18.19 -78.46 -11.92
CA LEU SA 36 -17.62 -78.72 -10.61
C LEU SA 36 -18.18 -77.78 -9.55
N ALA SA 37 -18.20 -76.48 -9.84
CA ALA SA 37 -18.79 -75.52 -8.91
C ALA SA 37 -20.25 -75.85 -8.61
N TRP SA 38 -21.03 -76.18 -9.64
CA TRP SA 38 -22.44 -76.49 -9.41
C TRP SA 38 -22.60 -77.72 -8.52
N SER SA 39 -21.83 -78.77 -8.80
CA SER SA 39 -21.90 -79.97 -7.97
C SER SA 39 -21.51 -79.69 -6.52
N TRP SA 40 -20.71 -78.65 -6.29
CA TRP SA 40 -20.23 -78.32 -4.96
C TRP SA 40 -21.17 -77.39 -4.20
N ARG SA 41 -21.58 -76.29 -4.81
CA ARG SA 41 -22.50 -75.33 -4.17
C ARG SA 41 -23.45 -74.75 -5.22
N PRO SA 42 -24.52 -75.48 -5.55
CA PRO SA 42 -25.42 -75.00 -6.61
C PRO SA 42 -26.10 -73.69 -6.21
N TRP SA 43 -26.26 -72.80 -7.20
CA TRP SA 43 -26.60 -71.41 -6.91
C TRP SA 43 -28.02 -71.01 -7.25
N PHE SA 44 -28.80 -71.88 -7.88
CA PHE SA 44 -30.25 -71.66 -7.97
C PHE SA 44 -31.01 -72.71 -7.17
N GLY TA 4 -10.61 -46.27 -48.44
CA GLY TA 4 -11.83 -45.75 -47.86
C GLY TA 4 -12.60 -46.77 -47.04
N GLY TA 5 -13.88 -46.48 -46.78
CA GLY TA 5 -14.75 -47.42 -46.13
C GLY TA 5 -15.22 -48.53 -47.06
N MET TA 6 -16.09 -49.39 -46.51
CA MET TA 6 -16.50 -50.61 -47.19
C MET TA 6 -17.07 -50.32 -48.58
N THR TA 7 -16.60 -51.09 -49.57
CA THR TA 7 -17.26 -51.22 -50.86
C THR TA 7 -18.55 -52.04 -50.73
N GLU TA 8 -19.33 -52.04 -51.81
CA GLU TA 8 -20.58 -52.81 -51.82
C GLU TA 8 -20.32 -54.29 -51.60
N GLU TA 9 -19.26 -54.84 -52.19
CA GLU TA 9 -19.00 -56.26 -52.06
C GLU TA 9 -18.54 -56.63 -50.65
N GLU TA 10 -17.68 -55.79 -50.07
CA GLU TA 10 -17.34 -55.95 -48.66
C GLU TA 10 -18.59 -55.86 -47.78
N ALA TA 11 -19.39 -54.81 -48.01
CA ALA TA 11 -20.62 -54.61 -47.25
C ALA TA 11 -21.60 -55.77 -47.41
N ARG TA 12 -21.65 -56.35 -48.61
CA ARG TA 12 -22.54 -57.49 -48.85
C ARG TA 12 -22.26 -58.64 -47.90
N ARG TA 13 -21.00 -59.07 -47.84
CA ARG TA 13 -20.63 -60.21 -46.99
C ARG TA 13 -20.49 -59.83 -45.53
N PHE TA 14 -20.10 -58.59 -45.23
CA PHE TA 14 -20.20 -58.06 -43.87
C PHE TA 14 -21.62 -58.19 -43.32
N HIS TA 15 -22.60 -57.72 -44.09
CA HIS TA 15 -24.00 -57.78 -43.67
C HIS TA 15 -24.43 -59.21 -43.34
N GLY TA 16 -24.00 -60.19 -44.12
CA GLY TA 16 -24.33 -61.57 -43.80
C GLY TA 16 -23.84 -62.01 -42.43
N TYR TA 17 -22.57 -61.74 -42.14
CA TYR TA 17 -22.03 -62.09 -40.82
C TYR TA 17 -22.69 -61.28 -39.71
N MET TA 18 -22.91 -59.97 -39.94
CA MET TA 18 -23.55 -59.14 -38.93
C MET TA 18 -24.96 -59.61 -38.62
N VAL TA 19 -25.75 -59.93 -39.66
CA VAL TA 19 -27.06 -60.53 -39.44
C VAL TA 19 -26.95 -61.84 -38.67
N THR TA 20 -26.00 -62.68 -39.04
CA THR TA 20 -25.87 -63.99 -38.41
C THR TA 20 -25.48 -63.85 -36.93
N GLY TA 21 -24.50 -62.99 -36.64
CA GLY TA 21 -24.11 -62.75 -35.27
C GLY TA 21 -25.26 -62.23 -34.41
N THR TA 22 -26.02 -61.27 -34.94
CA THR TA 22 -27.20 -60.77 -34.25
C THR TA 22 -28.22 -61.86 -33.97
N LEU TA 23 -28.52 -62.69 -34.97
CA LEU TA 23 -29.46 -63.79 -34.76
C LEU TA 23 -28.95 -64.78 -33.74
N GLY TA 24 -27.65 -65.08 -33.75
CA GLY TA 24 -27.08 -65.92 -32.72
C GLY TA 24 -27.22 -65.33 -31.32
N TYR TA 25 -26.91 -64.04 -31.19
CA TYR TA 25 -27.08 -63.35 -29.91
C TYR TA 25 -28.51 -63.41 -29.41
N VAL TA 26 -29.48 -63.17 -30.29
CA VAL TA 26 -30.90 -63.27 -29.93
C VAL TA 26 -31.29 -64.69 -29.54
N VAL TA 27 -30.75 -65.69 -30.24
CA VAL TA 27 -31.04 -67.09 -29.88
C VAL TA 27 -30.58 -67.41 -28.47
N VAL TA 28 -29.35 -67.03 -28.12
CA VAL TA 28 -28.86 -67.30 -26.77
C VAL TA 28 -29.70 -66.56 -25.72
N ALA TA 29 -29.99 -65.28 -25.97
CA ALA TA 29 -30.84 -64.53 -25.07
C ALA TA 29 -32.24 -65.11 -24.94
N SER TA 30 -32.77 -65.68 -26.03
CA SER TA 30 -34.08 -66.34 -25.96
C SER TA 30 -34.08 -67.53 -25.02
N VAL TA 31 -33.02 -68.34 -25.05
CA VAL TA 31 -32.86 -69.43 -24.08
C VAL TA 31 -32.71 -68.89 -22.67
N ALA TA 32 -31.93 -67.82 -22.51
CA ALA TA 32 -31.76 -67.21 -21.20
C ALA TA 32 -33.09 -66.81 -20.56
N HIS TA 33 -33.94 -66.14 -21.33
CA HIS TA 33 -35.25 -65.74 -20.82
C HIS TA 33 -36.16 -66.92 -20.54
N PHE TA 34 -36.10 -67.96 -21.38
CA PHE TA 34 -36.89 -69.16 -21.11
C PHE TA 34 -36.50 -69.80 -19.79
N LEU TA 35 -35.20 -69.93 -19.53
CA LEU TA 35 -34.73 -70.42 -18.24
C LEU TA 35 -35.11 -69.49 -17.10
N ALA TA 36 -34.93 -68.17 -17.30
CA ALA TA 36 -35.31 -67.21 -16.26
C ALA TA 36 -36.80 -67.25 -15.95
N TRP TA 37 -37.64 -67.32 -16.98
CA TRP TA 37 -39.08 -67.43 -16.74
C TRP TA 37 -39.43 -68.70 -15.98
N SER TA 38 -38.80 -69.82 -16.33
CA SER TA 38 -39.01 -71.06 -15.60
C SER TA 38 -38.60 -70.94 -14.15
N TRP TA 39 -37.55 -70.16 -13.87
CA TRP TA 39 -36.99 -70.03 -12.54
C TRP TA 39 -37.77 -69.06 -11.67
N ARG TA 40 -37.95 -67.82 -12.15
CA ARG TA 40 -38.66 -66.79 -11.41
C ARG TA 40 -39.46 -65.94 -12.39
N PRO TA 41 -40.71 -66.32 -12.68
CA PRO TA 41 -41.51 -65.53 -13.63
C PRO TA 41 -41.86 -64.16 -13.06
N TRP TA 42 -41.96 -63.18 -13.96
CA TRP TA 42 -42.03 -61.79 -13.56
C TRP TA 42 -43.35 -61.09 -13.87
N PHE TA 43 -44.27 -61.74 -14.58
CA PHE TA 43 -45.65 -61.25 -14.65
C PHE TA 43 -46.59 -62.18 -13.90
N GLY UA 4 -23.34 -32.84 -53.69
CA GLY UA 4 -23.21 -34.09 -52.97
C GLY UA 4 -24.53 -34.60 -52.41
N GLY UA 5 -24.44 -35.65 -51.59
CA GLY UA 5 -25.62 -36.25 -51.01
C GLY UA 5 -26.38 -37.20 -51.93
N MET UA 6 -27.41 -37.80 -51.33
CA MET UA 6 -28.19 -38.87 -51.96
C MET UA 6 -28.95 -38.40 -53.20
N THR UA 7 -28.82 -39.16 -54.30
CA THR UA 7 -29.54 -38.91 -55.54
C THR UA 7 -30.98 -39.43 -55.46
N GLU UA 8 -31.77 -39.13 -56.50
CA GLU UA 8 -33.17 -39.55 -56.54
C GLU UA 8 -33.32 -41.06 -56.62
N GLU UA 9 -32.48 -41.75 -57.41
CA GLU UA 9 -32.62 -43.19 -57.52
C GLU UA 9 -32.13 -43.91 -56.27
N GLU UA 10 -31.11 -43.36 -55.61
CA GLU UA 10 -30.77 -43.82 -54.26
C GLU UA 10 -31.93 -43.57 -53.30
N ALA UA 11 -32.50 -42.36 -53.35
CA ALA UA 11 -33.60 -42.01 -52.46
C ALA UA 11 -34.82 -42.90 -52.68
N ARG UA 12 -35.08 -43.30 -53.91
CA ARG UA 12 -36.14 -44.28 -54.19
C ARG UA 12 -35.89 -45.58 -53.45
N ARG UA 13 -34.65 -46.08 -53.51
CA ARG UA 13 -34.30 -47.36 -52.91
C ARG UA 13 -34.30 -47.26 -51.38
N PHE UA 14 -33.69 -46.19 -50.87
CA PHE UA 14 -33.64 -45.92 -49.43
C PHE UA 14 -35.03 -45.77 -48.82
N HIS UA 15 -35.91 -45.02 -49.49
CA HIS UA 15 -37.29 -44.88 -49.02
C HIS UA 15 -38.01 -46.21 -48.86
N GLY UA 16 -37.79 -47.15 -49.79
CA GLY UA 16 -38.45 -48.45 -49.68
C GLY UA 16 -38.11 -49.19 -48.40
N TYR UA 17 -36.82 -49.24 -48.07
CA TYR UA 17 -36.40 -49.86 -46.81
C TYR UA 17 -36.89 -49.07 -45.60
N MET UA 18 -36.78 -47.74 -45.64
CA MET UA 18 -37.26 -46.90 -44.54
C MET UA 18 -38.73 -47.15 -44.22
N VAL UA 19 -39.59 -47.22 -45.24
CA VAL UA 19 -41.00 -47.57 -45.01
C VAL UA 19 -41.13 -48.96 -44.41
N THR UA 20 -40.37 -49.92 -44.92
CA THR UA 20 -40.49 -51.29 -44.45
C THR UA 20 -40.06 -51.42 -42.99
N GLY UA 21 -38.92 -50.82 -42.64
CA GLY UA 21 -38.49 -50.80 -41.25
C GLY UA 21 -39.53 -50.20 -40.32
N THR UA 22 -40.08 -49.06 -40.70
CA THR UA 22 -41.12 -48.41 -39.89
C THR UA 22 -42.34 -49.30 -39.69
N LEU UA 23 -42.80 -49.97 -40.75
CA LEU UA 23 -43.91 -50.89 -40.61
C LEU UA 23 -43.59 -52.06 -39.69
N GLY UA 24 -42.39 -52.63 -39.82
CA GLY UA 24 -41.98 -53.67 -38.87
C GLY UA 24 -42.00 -53.20 -37.44
N TYR UA 25 -41.44 -52.01 -37.18
CA TYR UA 25 -41.44 -51.43 -35.84
C TYR UA 25 -42.86 -51.26 -35.29
N VAL UA 26 -43.77 -50.74 -36.12
CA VAL UA 26 -45.15 -50.52 -35.69
C VAL UA 26 -45.87 -51.85 -35.45
N VAL UA 27 -45.58 -52.87 -36.25
CA VAL UA 27 -46.16 -54.19 -36.01
C VAL UA 27 -45.72 -54.74 -34.65
N VAL UA 28 -44.42 -54.72 -34.38
CA VAL UA 28 -43.91 -55.19 -33.09
C VAL UA 28 -44.53 -54.39 -31.94
N ALA UA 29 -44.53 -53.06 -32.07
CA ALA UA 29 -45.12 -52.21 -31.04
C ALA UA 29 -46.61 -52.47 -30.85
N SER UA 30 -47.33 -52.82 -31.92
CA SER UA 30 -48.74 -53.19 -31.79
C SER UA 30 -48.93 -54.43 -30.94
N VAL UA 31 -48.10 -55.47 -31.16
CA VAL UA 31 -48.17 -56.66 -30.31
C VAL UA 31 -47.84 -56.31 -28.87
N ALA UA 32 -46.81 -55.51 -28.65
CA ALA UA 32 -46.45 -55.08 -27.31
C ALA UA 32 -47.61 -54.40 -26.59
N HIS UA 33 -48.30 -53.49 -27.28
CA HIS UA 33 -49.47 -52.84 -26.67
C HIS UA 33 -50.65 -53.78 -26.48
N PHE UA 34 -50.87 -54.70 -27.42
CA PHE UA 34 -51.94 -55.67 -27.21
C PHE UA 34 -51.68 -56.56 -26.00
N LEU UA 35 -50.43 -57.00 -25.83
CA LEU UA 35 -50.06 -57.74 -24.64
C LEU UA 35 -50.18 -56.87 -23.38
N ALA UA 36 -49.65 -55.65 -23.44
CA ALA UA 36 -49.74 -54.76 -22.28
C ALA UA 36 -51.18 -54.45 -21.91
N TRP UA 37 -52.04 -54.22 -22.91
CA TRP UA 37 -53.46 -54.01 -22.63
C TRP UA 37 -54.08 -55.24 -21.98
N SER UA 38 -53.80 -56.41 -22.53
CA SER UA 38 -54.29 -57.66 -21.94
C SER UA 38 -53.79 -57.83 -20.51
N TRP UA 39 -52.57 -57.38 -20.24
CA TRP UA 39 -52.00 -57.53 -18.90
C TRP UA 39 -52.55 -56.49 -17.92
N ARG UA 40 -52.52 -55.21 -18.27
CA ARG UA 40 -53.00 -54.15 -17.38
C ARG UA 40 -53.64 -53.03 -18.19
N PRO UA 41 -54.97 -53.08 -18.37
CA PRO UA 41 -55.66 -52.00 -19.08
C PRO UA 41 -55.45 -50.65 -18.39
N TRP UA 42 -55.16 -49.62 -19.20
CA TRP UA 42 -54.88 -48.31 -18.64
C TRP UA 42 -56.05 -47.33 -18.73
N PHE UA 43 -57.02 -47.55 -19.62
CA PHE UA 43 -58.31 -46.88 -19.50
C PHE UA 43 -59.33 -47.81 -18.87
N GLY VA 6 -32.35 -22.11 -53.19
CA GLY VA 6 -33.70 -21.59 -53.21
C GLY VA 6 -34.64 -22.37 -54.10
N MET VA 7 -35.67 -22.94 -53.48
CA MET VA 7 -36.64 -23.79 -54.17
C MET VA 7 -37.29 -23.09 -55.37
N THR VA 8 -37.34 -23.78 -56.50
CA THR VA 8 -37.97 -23.27 -57.71
C THR VA 8 -39.49 -23.29 -57.59
N GLU VA 9 -40.15 -22.63 -58.55
CA GLU VA 9 -41.61 -22.66 -58.63
C GLU VA 9 -42.14 -24.08 -58.87
N GLU VA 10 -41.43 -24.88 -59.67
CA GLU VA 10 -41.90 -26.24 -59.94
C GLU VA 10 -41.75 -27.12 -58.71
N GLU VA 11 -40.60 -27.04 -58.04
CA GLU VA 11 -40.42 -27.72 -56.77
C GLU VA 11 -41.42 -27.25 -55.75
N ALA VA 12 -41.66 -25.94 -55.69
CA ALA VA 12 -42.65 -25.38 -54.76
C ALA VA 12 -44.04 -25.97 -54.99
N ARG VA 13 -44.46 -26.10 -56.25
CA ARG VA 13 -45.74 -26.77 -56.53
C ARG VA 13 -45.72 -28.21 -56.06
N ARG VA 14 -44.63 -28.93 -56.31
CA ARG VA 14 -44.54 -30.34 -55.95
C ARG VA 14 -44.49 -30.51 -54.43
N PHE VA 15 -43.74 -29.63 -53.76
CA PHE VA 15 -43.66 -29.60 -52.31
C PHE VA 15 -45.03 -29.33 -51.67
N HIS VA 16 -45.72 -28.30 -52.16
CA HIS VA 16 -47.04 -27.92 -51.63
C HIS VA 16 -48.04 -29.07 -51.62
N GLY VA 17 -48.03 -29.91 -52.67
CA GLY VA 17 -48.99 -31.01 -52.71
C GLY VA 17 -48.86 -31.98 -51.55
N TYR VA 18 -47.63 -32.38 -51.23
CA TYR VA 18 -47.40 -33.23 -50.05
C TYR VA 18 -47.67 -32.49 -48.75
N MET VA 19 -47.20 -31.24 -48.63
CA MET VA 19 -47.42 -30.47 -47.40
C MET VA 19 -48.90 -30.35 -47.05
N VAL VA 20 -49.74 -30.11 -48.05
CA VAL VA 20 -51.19 -30.13 -47.82
C VAL VA 20 -51.66 -31.51 -47.39
N THR VA 21 -51.18 -32.57 -48.07
CA THR VA 21 -51.62 -33.92 -47.75
C THR VA 21 -51.19 -34.32 -46.35
N GLY VA 22 -49.97 -34.00 -45.96
CA GLY VA 22 -49.51 -34.28 -44.60
C GLY VA 22 -50.35 -33.57 -43.55
N THR VA 23 -50.58 -32.27 -43.76
CA THR VA 23 -51.42 -31.49 -42.85
C THR VA 23 -52.82 -32.08 -42.72
N LEU VA 24 -53.45 -32.42 -43.85
CA LEU VA 24 -54.76 -33.05 -43.81
C LEU VA 24 -54.72 -34.36 -43.03
N GLY VA 25 -53.74 -35.23 -43.32
CA GLY VA 25 -53.62 -36.47 -42.59
C GLY VA 25 -53.51 -36.28 -41.10
N TYR VA 26 -52.59 -35.40 -40.67
CA TYR VA 26 -52.40 -35.10 -39.26
C TYR VA 26 -53.69 -34.61 -38.59
N VAL VA 27 -54.38 -33.68 -39.24
CA VAL VA 27 -55.64 -33.16 -38.70
C VAL VA 27 -56.70 -34.26 -38.57
N VAL VA 28 -56.77 -35.16 -39.56
CA VAL VA 28 -57.75 -36.24 -39.51
C VAL VA 28 -57.45 -37.21 -38.35
N VAL VA 29 -56.18 -37.59 -38.20
CA VAL VA 29 -55.78 -38.41 -37.06
C VAL VA 29 -56.09 -37.72 -35.74
N ALA VA 30 -55.78 -36.42 -35.65
CA ALA VA 30 -56.10 -35.66 -34.44
C ALA VA 30 -57.59 -35.59 -34.17
N SER VA 31 -58.42 -35.53 -35.23
CA SER VA 31 -59.86 -35.54 -35.06
C SER VA 31 -60.34 -36.83 -34.40
N VAL VA 32 -59.83 -37.97 -34.86
CA VAL VA 32 -60.15 -39.26 -34.24
C VAL VA 32 -59.71 -39.29 -32.78
N ALA VA 33 -58.51 -38.80 -32.50
CA ALA VA 33 -58.03 -38.72 -31.12
C ALA VA 33 -58.98 -37.91 -30.24
N HIS VA 34 -59.42 -36.75 -30.71
CA HIS VA 34 -60.31 -35.92 -29.90
C HIS VA 34 -61.69 -36.54 -29.74
N PHE VA 35 -62.21 -37.20 -30.78
CA PHE VA 35 -63.48 -37.89 -30.66
C PHE VA 35 -63.41 -39.01 -29.63
N LEU VA 36 -62.32 -39.77 -29.64
CA LEU VA 36 -62.11 -40.78 -28.59
C LEU VA 36 -62.00 -40.14 -27.21
N ALA VA 37 -61.19 -39.08 -27.08
CA ALA VA 37 -61.04 -38.41 -25.80
C ALA VA 37 -62.37 -37.84 -25.29
N TRP VA 38 -63.19 -37.29 -26.19
CA TRP VA 38 -64.50 -36.79 -25.77
C TRP VA 38 -65.40 -37.92 -25.29
N SER VA 39 -65.35 -39.06 -25.96
CA SER VA 39 -66.13 -40.23 -25.52
C SER VA 39 -65.67 -40.69 -24.14
N TRP VA 40 -64.37 -40.67 -23.89
CA TRP VA 40 -63.81 -41.11 -22.63
C TRP VA 40 -64.06 -40.12 -21.50
N ARG VA 41 -63.66 -38.85 -21.69
CA ARG VA 41 -63.78 -37.83 -20.64
C ARG VA 41 -64.11 -36.49 -21.28
N PRO VA 42 -65.39 -36.21 -21.52
CA PRO VA 42 -65.76 -34.92 -22.11
C PRO VA 42 -65.44 -33.76 -21.18
N TRP VA 43 -65.03 -32.63 -21.79
CA TRP VA 43 -64.41 -31.54 -21.04
C TRP VA 43 -65.25 -30.26 -20.99
N PHE VA 44 -66.39 -30.21 -21.66
CA PHE VA 44 -67.35 -29.13 -21.43
C PHE VA 44 -68.65 -29.66 -20.84
N ALA WA 15 -29.51 -3.26 -1.07
CA ALA WA 15 -28.17 -3.07 -1.60
C ALA WA 15 -27.59 -1.72 -1.17
N ALA WA 16 -28.44 -0.87 -0.60
CA ALA WA 16 -27.98 0.31 0.11
C ALA WA 16 -27.29 -0.08 1.42
N THR WA 17 -26.44 0.81 1.91
CA THR WA 17 -25.78 0.65 3.20
C THR WA 17 -26.32 1.69 4.18
N ASP WA 18 -26.83 1.22 5.31
CA ASP WA 18 -27.13 2.10 6.44
C ASP WA 18 -25.85 2.39 7.22
N THR WA 19 -25.67 3.65 7.62
CA THR WA 19 -24.53 4.01 8.46
C THR WA 19 -25.01 4.75 9.70
N VAL WA 20 -24.42 4.40 10.85
CA VAL WA 20 -24.66 5.09 12.11
C VAL WA 20 -23.34 5.75 12.53
N GLN WA 21 -23.39 7.07 12.73
CA GLN WA 21 -22.23 7.78 13.27
C GLN WA 21 -22.20 7.64 14.79
N VAL WA 22 -21.08 7.18 15.33
CA VAL WA 22 -20.92 6.96 16.76
C VAL WA 22 -19.79 7.79 17.35
N GLY WA 23 -19.08 8.57 16.54
CA GLY WA 23 -18.06 9.46 17.07
C GLY WA 23 -18.06 10.82 16.41
N TYR WA 24 -17.04 11.61 16.71
CA TYR WA 24 -16.92 12.97 16.19
C TYR WA 24 -16.78 12.98 14.67
N ARG WA 25 -17.28 14.05 14.05
CA ARG WA 25 -17.02 14.41 12.66
C ARG WA 25 -15.64 13.98 12.17
N GLY WA 26 -15.56 13.33 11.02
CA GLY WA 26 -14.29 13.09 10.38
C GLY WA 26 -13.39 12.06 11.02
N THR WA 27 -13.77 11.50 12.17
CA THR WA 27 -12.95 10.45 12.76
C THR WA 27 -13.21 9.08 12.14
N ALA WA 28 -14.26 8.94 11.32
CA ALA WA 28 -14.70 7.66 10.77
C ALA WA 28 -15.03 6.62 11.84
N MET WA 29 -15.54 7.05 12.99
CA MET WA 29 -16.11 6.13 13.97
C MET WA 29 -17.58 5.93 13.60
N GLU WA 30 -17.83 4.88 12.81
CA GLU WA 30 -19.09 4.67 12.11
C GLU WA 30 -19.40 3.18 12.07
N GLN WA 31 -20.69 2.85 12.13
CA GLN WA 31 -21.16 1.48 11.95
C GLN WA 31 -21.90 1.35 10.63
N ASN WA 32 -21.52 0.37 9.81
CA ASN WA 32 -22.11 0.16 8.51
C ASN WA 32 -22.96 -1.11 8.52
N TYR WA 33 -24.14 -1.04 7.92
CA TYR WA 33 -25.04 -2.18 7.82
C TYR WA 33 -25.57 -2.33 6.41
N ASP WA 34 -25.54 -3.55 5.89
CA ASP WA 34 -26.25 -3.87 4.66
C ASP WA 34 -27.75 -3.84 4.93
N HIS WA 35 -28.46 -2.99 4.18
CA HIS WA 35 -29.85 -2.67 4.54
C HIS WA 35 -30.77 -3.87 4.37
N GLY WA 36 -30.60 -4.63 3.28
CA GLY WA 36 -31.42 -5.81 3.07
C GLY WA 36 -31.18 -6.91 4.09
N ASP WA 37 -29.91 -7.18 4.40
CA ASP WA 37 -29.59 -8.18 5.43
C ASP WA 37 -30.13 -7.78 6.79
N LEU WA 38 -30.00 -6.51 7.17
CA LEU WA 38 -30.46 -6.08 8.48
C LEU WA 38 -31.98 -6.13 8.61
N LYS WA 39 -32.71 -5.68 7.58
CA LYS WA 39 -34.17 -5.86 7.58
C LYS WA 39 -34.56 -7.33 7.75
N THR WA 40 -33.82 -8.24 7.12
CA THR WA 40 -34.11 -9.66 7.25
C THR WA 40 -33.93 -10.15 8.68
N LYS WA 41 -32.75 -9.90 9.26
CA LYS WA 41 -32.50 -10.29 10.65
C LYS WA 41 -33.50 -9.67 11.61
N PHE WA 42 -33.87 -8.41 11.38
CA PHE WA 42 -34.83 -7.73 12.26
C PHE WA 42 -36.22 -8.34 12.18
N ALA WA 43 -36.71 -8.60 10.96
CA ALA WA 43 -38.00 -9.28 10.80
C ALA WA 43 -38.01 -10.66 11.43
N GLN WA 44 -36.91 -11.42 11.30
CA GLN WA 44 -36.80 -12.72 11.94
C GLN WA 44 -36.66 -12.67 13.46
N VAL WA 45 -36.57 -11.49 14.07
CA VAL WA 45 -36.77 -11.36 15.52
C VAL WA 45 -38.19 -10.92 15.85
N LYS WA 46 -38.67 -9.85 15.22
CA LYS WA 46 -39.98 -9.30 15.55
C LYS WA 46 -41.08 -10.34 15.39
N LEU WA 47 -41.17 -10.95 14.20
CA LEU WA 47 -42.24 -11.90 13.93
C LEU WA 47 -42.27 -13.08 14.89
N PRO WA 48 -41.14 -13.72 15.26
CA PRO WA 48 -41.18 -14.74 16.32
C PRO WA 48 -41.23 -14.21 17.76
N GLN WA 49 -41.19 -12.91 18.01
CA GLN WA 49 -41.11 -12.42 19.40
C GLN WA 49 -42.39 -12.75 20.17
N SER WA 50 -42.23 -13.52 21.25
CA SER WA 50 -43.36 -14.10 21.99
C SER WA 50 -44.18 -13.04 22.73
N PRO WA 51 -45.51 -13.06 22.60
CA PRO WA 51 -46.36 -12.08 23.31
C PRO WA 51 -46.57 -12.45 24.77
N PRO WA 52 -46.48 -11.47 25.68
CA PRO WA 52 -46.62 -11.77 27.12
C PRO WA 52 -48.08 -11.74 27.59
N PRO WA 53 -48.50 -12.72 28.38
CA PRO WA 53 -49.79 -12.64 29.08
C PRO WA 53 -49.86 -11.52 30.12
N ALA WA 54 -51.05 -10.95 30.27
CA ALA WA 54 -51.29 -9.84 31.20
C ALA WA 54 -51.38 -10.27 32.67
N GLY WA 55 -51.03 -9.35 33.57
CA GLY WA 55 -50.92 -9.60 35.00
C GLY WA 55 -52.24 -9.71 35.77
N GLU WA 56 -52.12 -9.95 37.09
CA GLU WA 56 -53.25 -9.92 38.03
C GLU WA 56 -52.72 -9.72 39.45
N SER WA 57 -53.65 -9.44 40.39
CA SER WA 57 -53.30 -9.12 41.79
C SER WA 57 -54.25 -9.77 42.81
N PRO WA 58 -54.22 -11.09 42.96
CA PRO WA 58 -55.07 -11.78 43.97
C PRO WA 58 -54.49 -11.73 45.38
N PRO WA 59 -55.32 -11.96 46.40
CA PRO WA 59 -54.85 -12.07 47.79
C PRO WA 59 -54.50 -13.50 48.22
N GLY WA 60 -53.97 -13.59 49.45
CA GLY WA 60 -53.89 -14.83 50.19
C GLY WA 60 -52.52 -15.47 50.37
N PRO WA 61 -52.41 -16.40 51.33
CA PRO WA 61 -51.15 -17.12 51.56
C PRO WA 61 -50.86 -18.19 50.52
N LEU WA 62 -49.54 -18.46 50.34
CA LEU WA 62 -49.04 -19.29 49.24
C LEU WA 62 -49.17 -20.78 49.53
N PRO WA 63 -49.61 -21.57 48.55
CA PRO WA 63 -49.85 -23.00 48.76
C PRO WA 63 -48.68 -23.93 48.49
N TRP WA 64 -47.56 -23.43 47.98
CA TRP WA 64 -46.56 -24.27 47.32
C TRP WA 64 -45.82 -25.18 48.29
N LYS WA 65 -45.44 -26.35 47.78
CA LYS WA 65 -44.76 -27.38 48.53
C LYS WA 65 -43.25 -27.36 48.37
N ASN WA 66 -42.76 -26.97 47.18
CA ASN WA 66 -41.35 -27.12 46.84
C ASN WA 66 -40.92 -25.95 45.97
N VAL WA 67 -41.34 -24.74 46.35
CA VAL WA 67 -40.94 -23.49 45.71
C VAL WA 67 -39.91 -22.80 46.59
N GLN WA 68 -38.78 -22.44 46.00
CA GLN WA 68 -37.59 -22.04 46.74
C GLN WA 68 -37.02 -20.71 46.28
N VAL WA 69 -37.34 -20.27 45.06
CA VAL WA 69 -36.89 -19.00 44.53
C VAL WA 69 -38.04 -18.00 44.42
N LEU WA 70 -39.15 -18.44 43.83
CA LEU WA 70 -40.34 -17.62 43.58
C LEU WA 70 -41.23 -17.47 44.81
N ASN WA 71 -40.63 -17.31 46.01
CA ASN WA 71 -41.39 -17.15 47.24
C ASN WA 71 -42.16 -15.85 47.31
N ASP WA 72 -41.75 -14.82 46.57
CA ASP WA 72 -42.07 -13.44 46.87
C ASP WA 72 -43.14 -12.84 45.95
N ILE WA 73 -43.82 -13.67 45.14
CA ILE WA 73 -44.80 -13.20 44.18
C ILE WA 73 -46.15 -13.86 44.45
N SER WA 74 -47.22 -13.18 44.03
CA SER WA 74 -48.58 -13.70 44.13
C SER WA 74 -48.73 -15.01 43.37
N ILE WA 75 -49.78 -15.76 43.73
CA ILE WA 75 -50.11 -17.02 43.07
C ILE WA 75 -50.42 -16.81 41.59
N ALA WA 76 -51.16 -15.74 41.25
CA ALA WA 76 -51.42 -15.46 39.84
C ALA WA 76 -50.14 -15.12 39.09
N GLU WA 77 -49.27 -14.30 39.69
CA GLU WA 77 -48.00 -13.96 39.08
C GLU WA 77 -47.15 -15.21 38.87
N PHE WA 78 -47.14 -16.10 39.85
CA PHE WA 78 -46.44 -17.37 39.73
C PHE WA 78 -46.96 -18.19 38.54
N ASN WA 79 -48.28 -18.34 38.42
CA ASN WA 79 -48.83 -19.08 37.29
C ASN WA 79 -48.48 -18.43 35.96
N ARG WA 80 -48.60 -17.10 35.90
CA ARG WA 80 -48.24 -16.37 34.69
C ARG WA 80 -46.76 -16.56 34.33
N THR WA 81 -45.89 -16.60 35.34
CA THR WA 81 -44.48 -16.86 35.12
C THR WA 81 -44.24 -18.23 34.50
N MET WA 82 -44.87 -19.27 35.05
CA MET WA 82 -44.71 -20.63 34.51
C MET WA 82 -45.18 -20.74 33.07
N ILE WA 83 -46.23 -20.01 32.70
CA ILE WA 83 -46.63 -19.95 31.30
C ILE WA 83 -45.56 -19.28 30.44
N ALA WA 84 -44.94 -18.22 30.96
CA ALA WA 84 -43.86 -17.56 30.23
C ALA WA 84 -42.65 -18.48 30.07
N MET WA 85 -42.20 -19.13 31.14
CA MET WA 85 -41.05 -20.02 31.07
C MET WA 85 -41.23 -21.11 30.02
N SER WA 86 -42.38 -21.78 30.02
CA SER WA 86 -42.65 -22.80 29.01
C SER WA 86 -42.62 -22.21 27.61
N THR WA 87 -43.25 -21.04 27.41
CA THR WA 87 -43.17 -20.36 26.12
C THR WA 87 -41.73 -20.04 25.74
N TRP WA 88 -40.93 -19.57 26.69
CA TRP WA 88 -39.59 -19.09 26.39
C TRP WA 88 -38.54 -20.19 26.26
N VAL WA 89 -38.74 -21.35 26.87
CA VAL WA 89 -37.77 -22.42 26.86
C VAL WA 89 -38.27 -23.65 26.11
N ALA WA 90 -39.56 -23.96 26.21
CA ALA WA 90 -40.06 -25.29 25.89
C ALA WA 90 -41.20 -25.32 24.87
N GLY WA 91 -41.77 -24.19 24.49
CA GLY WA 91 -43.04 -24.17 23.80
C GLY WA 91 -44.21 -23.87 24.73
N THR WA 92 -45.21 -23.18 24.17
CA THR WA 92 -46.17 -22.40 24.95
C THR WA 92 -46.94 -23.22 25.99
N GLY WA 93 -47.13 -24.52 25.76
CA GLY WA 93 -47.87 -25.35 26.69
C GLY WA 93 -47.10 -26.46 27.37
N ASN WA 94 -45.78 -26.48 27.25
CA ASN WA 94 -44.98 -27.70 27.47
C ASN WA 94 -44.49 -27.80 28.91
N CYS WA 95 -45.43 -27.77 29.86
CA CYS WA 95 -45.06 -27.94 31.27
C CYS WA 95 -44.39 -29.29 31.51
N ALA WA 96 -44.67 -30.29 30.68
CA ALA WA 96 -44.04 -31.60 30.75
C ALA WA 96 -42.53 -31.55 30.49
N TYR WA 97 -42.01 -30.45 29.94
CA TYR WA 97 -40.57 -30.35 29.75
C TYR WA 97 -39.82 -30.36 31.08
N CYS WA 98 -40.36 -29.69 32.10
CA CYS WA 98 -39.72 -29.64 33.39
C CYS WA 98 -40.36 -30.54 34.44
N HIS WA 99 -41.66 -30.78 34.37
CA HIS WA 99 -42.40 -31.35 35.48
C HIS WA 99 -42.84 -32.78 35.22
N ASN WA 100 -43.00 -33.53 36.30
CA ASN WA 100 -43.94 -34.64 36.38
C ASN WA 100 -45.31 -33.99 36.50
N VAL WA 101 -46.06 -33.96 35.40
CA VAL WA 101 -47.30 -33.19 35.35
C VAL WA 101 -48.32 -33.65 36.39
N ALA WA 102 -48.25 -34.91 36.82
CA ALA WA 102 -49.12 -35.36 37.90
C ALA WA 102 -48.77 -34.73 39.24
N ALA WA 103 -47.54 -34.22 39.41
CA ALA WA 103 -47.11 -33.68 40.70
C ALA WA 103 -46.05 -32.61 40.45
N PHE WA 104 -46.51 -31.37 40.20
CA PHE WA 104 -45.60 -30.27 39.89
C PHE WA 104 -44.51 -30.07 40.94
N GLN WA 105 -44.81 -30.38 42.20
CA GLN WA 105 -43.82 -30.23 43.26
C GLN WA 105 -42.67 -31.24 43.17
N ASP WA 106 -42.83 -32.34 42.44
CA ASP WA 106 -41.75 -33.31 42.30
C ASP WA 106 -40.50 -32.69 41.68
N ASP WA 107 -39.34 -33.11 42.19
CA ASP WA 107 -38.06 -32.93 41.53
C ASP WA 107 -37.53 -34.24 40.95
N THR WA 108 -38.36 -35.27 40.89
CA THR WA 108 -37.98 -36.56 40.30
C THR WA 108 -39.09 -37.11 39.44
N LEU WA 109 -38.70 -37.97 38.50
CA LEU WA 109 -39.64 -38.74 37.72
C LEU WA 109 -40.30 -39.81 38.60
N PRO WA 110 -41.43 -40.38 38.16
CA PRO WA 110 -41.99 -41.53 38.88
C PRO WA 110 -40.98 -42.65 39.10
N ASN WA 111 -40.04 -42.82 38.15
CA ASN WA 111 -38.93 -43.76 38.24
C ASN WA 111 -37.91 -43.39 39.32
N GLY WA 112 -38.10 -42.30 40.05
CA GLY WA 112 -37.13 -41.82 41.02
C GLY WA 112 -35.99 -41.00 40.44
N LYS WA 113 -35.72 -41.13 39.15
CA LYS WA 113 -34.63 -40.43 38.51
C LYS WA 113 -34.91 -38.92 38.48
N PRO WA 114 -33.91 -38.07 38.74
CA PRO WA 114 -34.19 -36.64 38.94
C PRO WA 114 -34.63 -35.94 37.66
N LEU WA 115 -35.55 -34.99 37.84
CA LEU WA 115 -36.04 -34.10 36.77
C LEU WA 115 -35.03 -32.98 36.51
N TYR WA 116 -33.96 -33.33 35.79
CA TYR WA 116 -32.79 -32.45 35.72
C TYR WA 116 -33.14 -31.09 35.15
N THR WA 117 -34.05 -31.03 34.17
CA THR WA 117 -34.48 -29.75 33.61
C THR WA 117 -35.11 -28.84 34.65
N LYS WA 118 -35.92 -29.39 35.57
CA LYS WA 118 -36.43 -28.57 36.67
C LYS WA 118 -35.31 -28.12 37.61
N ILE WA 119 -34.33 -29.00 37.87
CA ILE WA 119 -33.20 -28.61 38.70
C ILE WA 119 -32.43 -27.46 38.06
N VAL WA 120 -32.18 -27.57 36.76
CA VAL WA 120 -31.50 -26.50 36.03
C VAL WA 120 -32.32 -25.22 36.02
N ALA WA 121 -33.61 -25.33 35.70
CA ALA WA 121 -34.47 -24.14 35.65
C ALA WA 121 -34.54 -23.40 36.97
N ARG WA 122 -34.54 -24.13 38.10
CA ARG WA 122 -34.46 -23.45 39.39
C ARG WA 122 -33.17 -22.64 39.53
N ARG WA 123 -32.05 -23.18 39.05
CA ARG WA 123 -30.80 -22.43 39.09
C ARG WA 123 -30.81 -21.27 38.11
N MET WA 124 -31.46 -21.45 36.95
CA MET WA 124 -31.59 -20.38 35.95
C MET WA 124 -32.43 -19.21 36.46
N LEU WA 125 -33.42 -19.47 37.31
CA LEU WA 125 -34.15 -18.38 37.95
C LEU WA 125 -33.24 -17.55 38.85
N GLN WA 126 -32.45 -18.20 39.69
CA GLN WA 126 -31.50 -17.48 40.53
C GLN WA 126 -30.49 -16.71 39.70
N MET WA 127 -30.00 -17.32 38.61
CA MET WA 127 -29.08 -16.66 37.70
C MET WA 127 -29.70 -15.40 37.08
N THR WA 128 -30.94 -15.51 36.59
CA THR WA 128 -31.60 -14.37 35.96
C THR WA 128 -31.83 -13.23 36.93
N ARG WA 129 -32.27 -13.53 38.16
CA ARG WA 129 -32.38 -12.50 39.18
C ARG WA 129 -31.02 -11.88 39.50
N ASN WA 130 -29.97 -12.70 39.54
CA ASN WA 130 -28.63 -12.18 39.76
C ASN WA 130 -28.18 -11.25 38.62
N ILE WA 131 -28.44 -11.65 37.37
CA ILE WA 131 -28.12 -10.77 36.23
C ILE WA 131 -28.86 -9.45 36.34
N ASN WA 132 -30.19 -9.51 36.49
CA ASN WA 132 -31.00 -8.30 36.50
C ASN WA 132 -30.75 -7.44 37.73
N GLY WA 133 -30.46 -8.07 38.86
CA GLY WA 133 -30.22 -7.33 40.09
C GLY WA 133 -28.83 -6.76 40.27
N ASN WA 134 -27.80 -7.59 40.10
CA ASN WA 134 -26.44 -7.15 40.38
C ASN WA 134 -25.71 -6.56 39.18
N TYR WA 135 -26.16 -6.81 37.96
CA TYR WA 135 -25.49 -6.33 36.76
C TYR WA 135 -26.34 -5.33 35.98
N SER WA 136 -27.09 -4.49 36.72
CA SER WA 136 -27.83 -3.40 36.10
C SER WA 136 -26.92 -2.42 35.38
N GLN WA 137 -25.65 -2.32 35.79
CA GLN WA 137 -24.70 -1.52 35.01
C GLN WA 137 -24.54 -2.02 33.59
N HIS WA 138 -24.82 -3.30 33.33
CA HIS WA 138 -24.81 -3.82 31.96
C HIS WA 138 -26.19 -3.81 31.32
N VAL WA 139 -27.17 -4.50 31.95
CA VAL WA 139 -28.46 -4.71 31.30
C VAL WA 139 -29.43 -3.56 31.54
N LYS WA 140 -29.08 -2.61 32.41
CA LYS WA 140 -29.82 -1.37 32.67
C LYS WA 140 -31.31 -1.66 32.89
N ASN WA 141 -32.22 -0.99 32.19
CA ASN WA 141 -33.65 -1.27 32.30
C ASN WA 141 -34.20 -2.16 31.21
N THR WA 142 -33.39 -2.58 30.24
CA THR WA 142 -33.84 -3.64 29.33
C THR WA 142 -33.97 -4.96 30.07
N GLY WA 143 -32.93 -5.34 30.83
CA GLY WA 143 -32.91 -6.60 31.54
C GLY WA 143 -32.94 -7.83 30.65
N VAL WA 144 -32.86 -9.01 31.26
CA VAL WA 144 -32.95 -10.27 30.54
C VAL WA 144 -34.09 -11.10 31.09
N THR WA 145 -34.64 -11.96 30.23
CA THR WA 145 -35.52 -13.05 30.63
C THR WA 145 -34.99 -14.33 29.99
N CYS WA 146 -35.64 -15.46 30.31
CA CYS WA 146 -35.26 -16.73 29.71
C CYS WA 146 -35.22 -16.65 28.19
N TYR WA 147 -36.09 -15.83 27.60
CA TYR WA 147 -36.15 -15.71 26.15
C TYR WA 147 -34.87 -15.14 25.55
N THR WA 148 -34.17 -14.28 26.29
CA THR WA 148 -32.99 -13.61 25.75
C THR WA 148 -31.94 -14.60 25.27
N CYS WA 149 -31.65 -15.62 26.07
CA CYS WA 149 -30.75 -16.68 25.65
C CYS WA 149 -31.46 -17.78 24.86
N HIS WA 150 -32.58 -18.26 25.37
CA HIS WA 150 -33.16 -19.50 24.87
C HIS WA 150 -33.88 -19.34 23.52
N MET WA 151 -34.46 -18.17 23.25
CA MET WA 151 -35.19 -17.92 22.00
C MET WA 151 -36.33 -18.91 21.75
N GLY WA 152 -36.93 -19.44 22.81
CA GLY WA 152 -37.96 -20.45 22.65
C GLY WA 152 -37.47 -21.87 22.52
N LYS WA 153 -36.18 -22.12 22.77
CA LYS WA 153 -35.56 -23.41 22.54
C LYS WA 153 -34.73 -23.81 23.75
N PRO WA 154 -34.58 -25.12 23.99
CA PRO WA 154 -33.78 -25.57 25.14
C PRO WA 154 -32.32 -25.15 25.10
N LEU WA 155 -31.70 -25.07 23.92
CA LEU WA 155 -30.28 -24.71 23.83
C LEU WA 155 -30.10 -23.29 23.36
N PRO WA 156 -29.45 -22.43 24.15
CA PRO WA 156 -29.01 -21.13 23.63
C PRO WA 156 -27.93 -21.27 22.57
N ASN WA 157 -27.61 -20.15 21.93
CA ASN WA 157 -26.47 -20.06 21.03
C ASN WA 157 -25.19 -19.74 21.79
N GLY WA 158 -24.07 -20.01 21.15
CA GLY WA 158 -22.77 -19.61 21.68
C GLY WA 158 -22.26 -20.45 22.83
N LEU WA 159 -22.80 -21.65 23.01
CA LEU WA 159 -22.30 -22.56 24.03
C LEU WA 159 -20.84 -22.92 23.74
N TRP WA 160 -20.03 -22.95 24.78
CA TRP WA 160 -18.62 -23.31 24.60
C TRP WA 160 -18.12 -24.16 25.77
N PHE WA 161 -17.07 -24.92 25.47
CA PHE WA 161 -16.50 -25.93 26.37
C PHE WA 161 -14.99 -25.76 26.39
N TYR WA 162 -14.36 -26.37 27.39
CA TYR WA 162 -12.91 -26.47 27.42
C TYR WA 162 -12.37 -27.08 26.14
N SER WA 163 -11.26 -26.51 25.65
CA SER WA 163 -10.60 -26.95 24.44
C SER WA 163 -9.10 -26.88 24.69
N SER WA 164 -8.42 -25.84 24.20
CA SER WA 164 -7.02 -25.64 24.53
C SER WA 164 -6.86 -24.56 25.59
N GLN WA 165 -5.65 -24.51 26.16
CA GLN WA 165 -5.31 -23.53 27.18
C GLN WA 165 -5.44 -22.08 26.70
N THR WA 166 -5.08 -21.81 25.44
CA THR WA 166 -5.09 -20.43 24.93
C THR WA 166 -6.42 -20.00 24.31
N ASP WA 167 -7.49 -20.78 24.45
CA ASP WA 167 -8.80 -20.32 23.98
C ASP WA 167 -9.16 -19.00 24.64
N TYR WA 168 -9.44 -17.98 23.83
CA TYR WA 168 -9.75 -16.66 24.39
C TYR WA 168 -11.10 -16.60 25.13
N LEU WA 169 -12.00 -17.56 24.90
CA LEU WA 169 -13.25 -17.56 25.64
C LEU WA 169 -13.08 -17.75 27.14
N ARG WA 170 -11.92 -18.23 27.59
CA ARG WA 170 -11.66 -18.30 29.02
C ARG WA 170 -11.44 -16.93 29.67
N HIS WA 171 -11.39 -15.86 28.86
CA HIS WA 171 -11.54 -14.51 29.40
C HIS WA 171 -12.88 -14.35 30.10
N TYR WA 172 -13.88 -15.13 29.73
CA TYR WA 172 -15.21 -15.10 30.32
C TYR WA 172 -15.40 -16.10 31.44
N LEU WA 173 -14.33 -16.76 31.88
CA LEU WA 173 -14.44 -17.74 32.95
C LEU WA 173 -13.40 -17.41 34.01
N ASP WA 174 -12.21 -18.00 33.93
CA ASP WA 174 -11.26 -17.92 35.02
C ASP WA 174 -10.18 -16.87 34.81
N ARG WA 175 -9.84 -16.51 33.58
CA ARG WA 175 -8.79 -15.51 33.33
C ARG WA 175 -9.22 -14.10 33.73
N ASP WA 176 -8.20 -13.25 33.92
CA ASP WA 176 -8.37 -11.80 34.01
C ASP WA 176 -7.19 -11.13 33.32
N GLY WA 177 -7.44 -9.94 32.77
CA GLY WA 177 -6.40 -9.14 32.16
C GLY WA 177 -6.27 -9.30 30.66
N ALA WA 178 -6.66 -8.26 29.91
CA ALA WA 178 -6.44 -8.20 28.48
C ALA WA 178 -5.54 -7.06 28.02
N ARG WA 179 -5.12 -6.17 28.92
CA ARG WA 179 -4.40 -4.96 28.52
C ARG WA 179 -2.98 -5.29 28.05
N VAL WA 180 -2.51 -4.55 27.05
CA VAL WA 180 -1.18 -4.74 26.50
C VAL WA 180 -0.47 -3.42 26.24
N ILE WA 181 -1.21 -2.31 26.21
CA ILE WA 181 -0.64 -1.01 25.85
C ILE WA 181 -0.06 -0.33 27.09
N THR WA 182 1.06 0.35 26.90
CA THR WA 182 1.75 1.08 27.97
C THR WA 182 1.13 2.45 28.18
N GLN WA 183 0.88 2.82 29.44
CA GLN WA 183 0.33 4.13 29.78
C GLN WA 183 1.45 5.14 30.04
N GLY WA 184 2.40 5.20 29.13
CA GLY WA 184 3.52 6.12 29.23
C GLY WA 184 4.29 6.12 27.92
N VAL WA 185 5.17 7.10 27.78
CA VAL WA 185 5.96 7.21 26.55
C VAL WA 185 7.08 6.17 26.52
N ALA WA 186 7.90 6.11 27.58
CA ALA WA 186 9.08 5.26 27.55
C ALA WA 186 8.76 3.82 27.96
N PRO WA 187 9.51 2.85 27.45
CA PRO WA 187 9.35 1.46 27.92
C PRO WA 187 9.77 1.29 29.38
N SER WA 188 9.10 0.36 30.05
CA SER WA 188 9.22 0.20 31.49
C SER WA 188 9.07 -1.28 31.83
N ASN WA 189 9.42 -1.63 33.07
CA ASN WA 189 9.09 -2.95 33.61
C ASN WA 189 7.63 -3.11 33.97
N ALA WA 190 6.86 -2.01 34.05
CA ALA WA 190 5.44 -2.12 34.33
C ALA WA 190 4.69 -2.89 33.26
N ASN WA 191 5.05 -2.71 31.98
CA ASN WA 191 4.42 -3.46 30.89
C ASN WA 191 5.48 -4.21 30.09
N ARG WA 192 5.47 -5.54 30.21
CA ARG WA 192 6.28 -6.43 29.39
C ARG WA 192 5.44 -7.29 28.46
N SER WA 193 4.29 -6.77 27.99
CA SER WA 193 3.41 -7.53 27.12
C SER WA 193 4.08 -7.88 25.79
N SER WA 194 3.89 -9.12 25.35
CA SER WA 194 4.36 -9.56 24.04
C SER WA 194 3.44 -9.07 22.92
N THR WA 195 4.01 -8.98 21.72
CA THR WA 195 3.21 -8.83 20.50
C THR WA 195 2.24 -10.01 20.30
N LYS WA 196 2.63 -11.21 20.72
CA LYS WA 196 1.70 -12.34 20.74
C LYS WA 196 0.49 -12.09 21.64
N GLN WA 197 0.70 -11.42 22.76
CA GLN WA 197 -0.42 -11.09 23.63
C GLN WA 197 -1.35 -10.06 22.99
N ALA WA 198 -0.79 -9.10 22.26
CA ALA WA 198 -1.61 -8.19 21.47
C ALA WA 198 -2.41 -8.94 20.40
N GLU WA 199 -1.82 -9.96 19.77
CA GLU WA 199 -2.58 -10.82 18.86
C GLU WA 199 -3.71 -11.56 19.57
N TRP WA 200 -3.48 -12.01 20.80
CA TRP WA 200 -4.52 -12.69 21.55
C TRP WA 200 -5.68 -11.76 21.90
N THR WA 201 -5.37 -10.55 22.36
CA THR WA 201 -6.43 -9.56 22.61
C THR WA 201 -7.15 -9.20 21.32
N TYR WA 202 -6.43 -9.09 20.20
CA TYR WA 202 -7.04 -8.81 18.91
C TYR WA 202 -8.02 -9.91 18.50
N ALA WA 203 -7.64 -11.17 18.68
CA ALA WA 203 -8.56 -12.28 18.44
C ALA WA 203 -9.79 -12.22 19.33
N LEU WA 204 -9.59 -11.98 20.64
CA LEU WA 204 -10.70 -11.77 21.55
C LEU WA 204 -11.63 -10.66 21.10
N MET WA 205 -11.07 -9.54 20.63
CA MET WA 205 -11.86 -8.37 20.28
C MET WA 205 -12.62 -8.53 18.97
N ILE WA 206 -12.09 -9.29 18.03
CA ILE WA 206 -12.87 -9.67 16.84
C ILE WA 206 -14.10 -10.46 17.23
N SER WA 207 -13.95 -11.40 18.18
CA SER WA 207 -15.09 -12.17 18.67
C SER WA 207 -16.18 -11.28 19.28
N GLN WA 208 -15.79 -10.31 20.11
CA GLN WA 208 -16.78 -9.38 20.67
C GLN WA 208 -17.45 -8.54 19.59
N SER WA 209 -16.67 -8.02 18.64
CA SER WA 209 -17.23 -7.25 17.54
C SER WA 209 -18.28 -8.06 16.76
N ARG WA 210 -17.94 -9.30 16.41
CA ARG WA 210 -18.88 -10.16 15.70
C ARG WA 210 -20.09 -10.52 16.56
N SER WA 211 -19.89 -10.71 17.86
CA SER WA 211 -21.00 -11.07 18.74
C SER WA 211 -22.07 -10.00 18.79
N LEU WA 212 -21.71 -8.74 18.55
CA LEU WA 212 -22.68 -7.64 18.53
C LEU WA 212 -23.02 -7.15 17.13
N GLY WA 213 -22.39 -7.68 16.10
CA GLY WA 213 -22.58 -7.12 14.76
C GLY WA 213 -22.13 -5.68 14.64
N VAL WA 214 -21.02 -5.34 15.30
CA VAL WA 214 -20.44 -4.00 15.26
C VAL WA 214 -18.97 -4.14 14.86
N ASN WA 215 -18.33 -3.00 14.61
CA ASN WA 215 -16.89 -2.97 14.39
C ASN WA 215 -16.18 -2.32 15.57
N CYS WA 216 -14.84 -2.32 15.50
CA CYS WA 216 -14.02 -1.82 16.60
C CYS WA 216 -14.35 -0.40 17.01
N THR WA 217 -14.80 0.45 16.07
CA THR WA 217 -15.06 1.84 16.40
C THR WA 217 -16.31 2.03 17.25
N TYR WA 218 -17.10 0.98 17.46
CA TYR WA 218 -18.24 1.08 18.38
C TYR WA 218 -17.78 1.29 19.82
N CYS WA 219 -16.61 0.78 20.17
CA CYS WA 219 -16.08 0.90 21.52
C CYS WA 219 -14.75 1.62 21.60
N HIS WA 220 -14.12 1.98 20.48
CA HIS WA 220 -12.78 2.55 20.52
C HIS WA 220 -12.66 3.69 19.53
N ASN WA 221 -11.78 4.64 19.84
CA ASN WA 221 -11.09 5.42 18.82
C ASN WA 221 -9.77 4.70 18.57
N THR WA 222 -9.63 4.10 17.38
CA THR WA 222 -8.51 3.19 17.16
C THR WA 222 -7.17 3.89 17.02
N ARG WA 223 -7.13 5.22 16.98
CA ARG WA 223 -5.85 5.91 17.16
C ARG WA 223 -5.24 5.64 18.53
N GLN WA 224 -6.07 5.29 19.54
CA GLN WA 224 -5.55 4.85 20.84
C GLN WA 224 -6.58 3.92 21.47
N PHE WA 225 -6.38 2.61 21.24
CA PHE WA 225 -7.30 1.61 21.79
C PHE WA 225 -7.38 1.66 23.31
N ALA WA 226 -6.31 2.08 23.99
CA ALA WA 226 -6.35 2.19 25.44
C ALA WA 226 -7.25 3.30 25.96
N SER WA 227 -7.55 4.32 25.16
CA SER WA 227 -8.26 5.48 25.68
C SER WA 227 -9.71 5.17 25.99
N TRP WA 228 -10.18 5.65 27.15
CA TRP WA 228 -11.59 5.68 27.52
C TRP WA 228 -12.27 7.00 27.18
N ARG WA 229 -11.55 8.12 27.36
CA ARG WA 229 -12.12 9.43 27.05
C ARG WA 229 -12.48 9.56 25.57
N GLU WA 230 -11.63 9.02 24.69
CA GLU WA 230 -11.90 9.09 23.26
C GLU WA 230 -12.88 8.02 22.79
N ALA WA 231 -13.15 6.99 23.60
CA ALA WA 231 -14.04 5.91 23.24
C ALA WA 231 -15.50 6.25 23.55
N PRO WA 232 -16.45 5.74 22.77
CA PRO WA 232 -17.86 5.87 23.12
C PRO WA 232 -18.16 5.24 24.47
N PRO WA 233 -19.25 5.65 25.11
CA PRO WA 233 -19.61 5.09 26.43
C PRO WA 233 -19.90 3.59 26.41
N ALA WA 234 -20.24 3.03 25.25
CA ALA WA 234 -20.46 1.60 25.11
C ALA WA 234 -19.29 0.75 25.59
N ARG WA 235 -18.06 1.28 25.52
CA ARG WA 235 -16.92 0.53 26.06
C ARG WA 235 -17.06 0.24 27.54
N VAL WA 236 -17.63 1.17 28.30
CA VAL WA 236 -17.83 0.94 29.74
C VAL WA 236 -18.88 -0.14 29.97
N THR WA 237 -19.97 -0.11 29.21
CA THR WA 237 -20.96 -1.18 29.27
C THR WA 237 -20.35 -2.54 28.93
N ALA WA 238 -19.57 -2.59 27.86
CA ALA WA 238 -18.87 -3.81 27.47
C ALA WA 238 -18.02 -4.39 28.59
N TYR WA 239 -17.27 -3.55 29.30
CA TYR WA 239 -16.44 -4.07 30.40
C TYR WA 239 -17.26 -4.70 31.50
N HIS WA 240 -18.42 -4.12 31.83
CA HIS WA 240 -19.32 -4.77 32.79
C HIS WA 240 -19.90 -6.07 32.24
N GLY WA 241 -20.03 -6.20 30.92
CA GLY WA 241 -20.44 -7.47 30.36
C GLY WA 241 -19.43 -8.59 30.61
N ILE WA 242 -18.14 -8.25 30.60
CA ILE WA 242 -17.11 -9.23 30.91
C ILE WA 242 -17.22 -9.68 32.37
N LEU WA 243 -17.36 -8.74 33.29
CA LEU WA 243 -17.48 -9.07 34.70
C LEU WA 243 -18.75 -9.89 34.98
N MET WA 244 -19.84 -9.55 34.29
CA MET WA 244 -21.08 -10.33 34.40
C MET WA 244 -20.91 -11.77 33.92
N LEU WA 245 -20.31 -11.97 32.74
CA LEU WA 245 -20.11 -13.33 32.25
C LEU WA 245 -19.23 -14.17 33.16
N ARG WA 246 -18.22 -13.57 33.78
CA ARG WA 246 -17.40 -14.33 34.72
C ARG WA 246 -18.24 -14.82 35.90
N ASP WA 247 -19.11 -13.99 36.43
CA ASP WA 247 -20.02 -14.40 37.50
C ASP WA 247 -21.01 -15.46 37.03
N VAL WA 248 -21.66 -15.22 35.88
CA VAL WA 248 -22.61 -16.17 35.30
C VAL WA 248 -21.95 -17.53 35.06
N ASN WA 249 -20.78 -17.53 34.43
CA ASN WA 249 -20.12 -18.80 34.12
C ASN WA 249 -19.60 -19.51 35.37
N GLN WA 250 -18.88 -18.79 36.24
CA GLN WA 250 -18.23 -19.45 37.37
C GLN WA 250 -19.23 -19.92 38.42
N ASN WA 251 -20.27 -19.13 38.69
CA ASN WA 251 -21.16 -19.42 39.80
C ASN WA 251 -22.45 -20.12 39.42
N TYR WA 252 -22.86 -20.10 38.15
CA TYR WA 252 -24.15 -20.68 37.75
C TYR WA 252 -24.01 -21.75 36.67
N LEU WA 253 -23.40 -21.46 35.53
CA LEU WA 253 -23.40 -22.44 34.44
C LEU WA 253 -22.38 -23.55 34.67
N ALA WA 254 -21.15 -23.20 35.03
CA ALA WA 254 -20.13 -24.24 35.20
C ALA WA 254 -20.41 -25.21 36.34
N PRO WA 255 -20.96 -24.81 37.50
CA PRO WA 255 -21.25 -25.80 38.55
C PRO WA 255 -22.41 -26.73 38.27
N LEU WA 256 -23.14 -26.57 37.18
CA LEU WA 256 -24.22 -27.50 36.83
C LEU WA 256 -23.71 -28.80 36.20
N GLN WA 257 -22.40 -28.99 36.17
CA GLN WA 257 -21.76 -30.19 35.63
C GLN WA 257 -22.36 -31.51 36.10
N PRO WA 258 -22.62 -31.74 37.40
CA PRO WA 258 -23.24 -33.01 37.81
C PRO WA 258 -24.72 -33.13 37.46
N VAL WA 259 -25.39 -32.05 37.09
CA VAL WA 259 -26.83 -32.08 36.88
C VAL WA 259 -27.20 -32.61 35.50
N TYR WA 260 -26.52 -32.19 34.44
CA TYR WA 260 -26.93 -32.55 33.09
C TYR WA 260 -26.66 -34.02 32.77
N PRO WA 261 -27.42 -34.59 31.83
CA PRO WA 261 -26.98 -35.81 31.16
C PRO WA 261 -25.72 -35.57 30.35
N ALA WA 262 -24.93 -36.63 30.19
CA ALA WA 262 -23.64 -36.55 29.51
C ALA WA 262 -23.73 -36.08 28.07
N VAL WA 263 -24.90 -36.15 27.43
CA VAL WA 263 -25.07 -35.59 26.09
C VAL WA 263 -24.93 -34.07 26.06
N ARG WA 264 -25.15 -33.39 27.19
CA ARG WA 264 -24.98 -31.95 27.26
C ARG WA 264 -23.55 -31.49 27.53
N LEU WA 265 -22.68 -32.39 27.99
CA LEU WA 265 -21.35 -32.02 28.46
C LEU WA 265 -20.32 -32.03 27.33
N GLY WA 266 -19.24 -31.28 27.55
CA GLY WA 266 -18.13 -31.25 26.63
C GLY WA 266 -17.29 -32.51 26.68
N ALA WA 267 -16.29 -32.57 25.79
CA ALA WA 267 -15.38 -33.71 25.76
C ALA WA 267 -14.57 -33.85 27.04
N MET WA 268 -14.21 -32.73 27.69
CA MET WA 268 -13.60 -32.78 29.01
C MET WA 268 -14.61 -33.07 30.11
N GLY WA 269 -15.89 -33.22 29.79
CA GLY WA 269 -16.92 -33.41 30.78
C GLY WA 269 -17.38 -32.15 31.47
N ASP WA 270 -17.02 -30.98 30.94
CA ASP WA 270 -17.41 -29.70 31.53
C ASP WA 270 -18.80 -29.28 31.07
N ALA WA 271 -19.45 -28.46 31.90
CA ALA WA 271 -20.75 -27.91 31.59
C ALA WA 271 -20.66 -26.81 30.54
N PRO WA 272 -21.70 -26.66 29.71
CA PRO WA 272 -21.71 -25.58 28.70
C PRO WA 272 -21.72 -24.19 29.34
N LYS WA 273 -20.91 -23.31 28.75
CA LYS WA 273 -20.70 -21.96 29.25
C LYS WA 273 -21.19 -20.94 28.22
N ALA WA 274 -21.49 -19.74 28.69
CA ALA WA 274 -22.00 -18.65 27.85
C ALA WA 274 -20.91 -17.65 27.47
N GLN WA 275 -21.26 -16.82 26.48
CA GLN WA 275 -20.41 -15.75 25.95
C GLN WA 275 -21.32 -14.65 25.42
N CYS WA 276 -20.70 -13.54 25.00
CA CYS WA 276 -21.46 -12.37 24.56
C CYS WA 276 -22.56 -12.71 23.56
N VAL WA 277 -22.24 -13.54 22.56
CA VAL WA 277 -23.21 -13.89 21.52
C VAL WA 277 -24.42 -14.65 22.07
N THR WA 278 -24.30 -15.26 23.25
CA THR WA 278 -25.41 -16.01 23.82
C THR WA 278 -26.63 -15.13 24.07
N CYS WA 279 -26.43 -13.95 24.64
CA CYS WA 279 -27.50 -12.96 24.68
C CYS WA 279 -27.61 -12.17 23.38
N HIS WA 280 -26.50 -11.64 22.89
CA HIS WA 280 -26.57 -10.63 21.83
C HIS WA 280 -26.98 -11.21 20.48
N ASN WA 281 -26.60 -12.45 20.18
CA ASN WA 281 -26.95 -13.12 18.92
C ASN WA 281 -26.68 -12.23 17.69
N GLY WA 282 -25.57 -11.52 17.71
CA GLY WA 282 -25.15 -10.70 16.58
C GLY WA 282 -25.81 -9.35 16.46
N ALA WA 283 -26.48 -8.87 17.50
CA ALA WA 283 -27.16 -7.58 17.48
C ALA WA 283 -26.58 -6.71 18.58
N TYR WA 284 -26.64 -5.39 18.37
CA TYR WA 284 -25.98 -4.46 19.27
C TYR WA 284 -26.61 -4.48 20.67
N LYS WA 285 -27.89 -4.80 20.76
CA LYS WA 285 -28.56 -5.17 21.99
C LYS WA 285 -29.29 -6.48 21.77
N PRO WA 286 -29.47 -7.29 22.80
CA PRO WA 286 -30.28 -8.50 22.63
C PRO WA 286 -31.68 -8.16 22.19
N LEU WA 287 -32.17 -8.90 21.19
CA LEU WA 287 -33.51 -8.73 20.63
C LEU WA 287 -33.73 -7.31 20.13
N TYR WA 288 -32.67 -6.66 19.64
CA TYR WA 288 -32.71 -5.26 19.21
C TYR WA 288 -33.26 -4.33 20.28
N GLY WA 289 -33.04 -4.67 21.55
CA GLY WA 289 -33.50 -3.87 22.66
C GLY WA 289 -34.94 -4.03 23.07
N ALA WA 290 -35.63 -5.07 22.61
CA ALA WA 290 -36.96 -5.39 23.13
C ALA WA 290 -36.93 -5.47 24.65
N GLN WA 291 -37.96 -4.90 25.28
CA GLN WA 291 -38.01 -4.74 26.74
C GLN WA 291 -39.11 -5.64 27.32
N MET WA 292 -38.71 -6.85 27.74
CA MET WA 292 -39.64 -7.82 28.29
C MET WA 292 -39.56 -7.95 29.81
N ALA WA 293 -38.36 -7.80 30.40
CA ALA WA 293 -38.19 -8.02 31.83
C ALA WA 293 -39.08 -7.13 32.69
N LYS WA 294 -39.37 -5.90 32.23
CA LYS WA 294 -40.29 -5.03 32.95
C LYS WA 294 -41.67 -5.64 33.15
N ASP WA 295 -42.07 -6.57 32.29
CA ASP WA 295 -43.38 -7.21 32.42
C ASP WA 295 -43.40 -8.43 33.35
N PHE WA 296 -42.28 -8.84 33.93
CA PHE WA 296 -42.21 -10.08 34.70
C PHE WA 296 -41.47 -9.90 36.01
N PRO WA 297 -42.16 -9.40 37.04
CA PRO WA 297 -41.50 -9.10 38.33
C PRO WA 297 -40.82 -10.29 38.98
N ALA WA 298 -41.25 -11.52 38.69
CA ALA WA 298 -40.57 -12.72 39.14
C ALA WA 298 -39.07 -12.72 38.86
N MET WA 299 -38.61 -11.94 37.90
CA MET WA 299 -37.25 -12.03 37.39
C MET WA 299 -36.39 -10.81 37.69
N TRP WA 300 -36.94 -9.79 38.36
CA TRP WA 300 -36.25 -8.51 38.48
C TRP WA 300 -35.03 -8.58 39.38
N GLY WA 301 -35.13 -9.25 40.52
CA GLY WA 301 -34.08 -9.11 41.51
C GLY WA 301 -33.88 -7.69 42.01
N ARG WA 302 -34.88 -6.82 41.80
CA ARG WA 302 -34.84 -5.43 42.21
C ARG WA 302 -36.10 -5.09 42.99
N ALA WA 303 -35.99 -4.11 43.89
CA ALA WA 303 -37.17 -3.56 44.55
C ALA WA 303 -38.08 -2.79 43.59
N ASP WA 304 -37.53 -2.24 42.51
CA ASP WA 304 -38.36 -1.58 41.50
C ASP WA 304 -37.67 -1.64 40.15
N TRP WA 305 -38.48 -1.72 39.10
CA TRP WA 305 -38.00 -1.67 37.72
C TRP WA 305 -38.35 -0.34 37.10
N ASN WA 306 -37.33 0.49 36.85
CA ASN WA 306 -37.50 1.83 36.30
C ASN WA 306 -38.55 2.63 37.07
N GLY WA 307 -38.47 2.54 38.41
CA GLY WA 307 -39.41 3.18 39.29
C GLY WA 307 -40.71 2.45 39.56
N VAL WA 308 -41.08 1.47 38.74
CA VAL WA 308 -42.27 0.66 39.00
C VAL WA 308 -41.98 -0.31 40.13
N PRO WA 309 -42.70 -0.23 41.26
CA PRO WA 309 -42.32 -1.03 42.43
C PRO WA 309 -42.66 -2.51 42.26
N PHE WA 310 -41.86 -3.33 42.95
CA PHE WA 310 -42.07 -4.77 42.96
C PHE WA 310 -43.40 -5.12 43.64
N PRO WA 311 -44.28 -5.87 42.98
CA PRO WA 311 -45.56 -6.26 43.59
C PRO WA 311 -45.39 -7.43 44.55
N GLY WA 312 -44.81 -7.13 45.71
CA GLY WA 312 -44.49 -8.15 46.68
C GLY WA 312 -45.70 -8.86 47.27
N ILE WA 313 -45.73 -10.18 47.14
CA ILE WA 313 -46.85 -11.02 47.54
C ILE WA 313 -48.18 -10.43 47.04
N PRO XA 98 -21.47 30.85 37.13
CA PRO XA 98 -20.68 31.88 36.47
C PRO XA 98 -20.60 31.68 34.96
N THR XA 99 -21.30 30.67 34.44
CA THR XA 99 -21.19 30.29 33.04
C THR XA 99 -21.79 31.32 32.09
N ALA XA 100 -22.55 32.29 32.60
CA ALA XA 100 -23.01 33.42 31.82
C ALA XA 100 -22.74 34.72 32.59
N TRP XA 101 -22.51 35.79 31.83
CA TRP XA 101 -22.35 37.12 32.39
C TRP XA 101 -23.62 37.59 33.09
N PRO XA 102 -23.51 38.55 34.03
CA PRO XA 102 -24.69 39.15 34.65
C PRO XA 102 -25.62 39.81 33.63
N VAL XA 103 -26.92 39.80 33.96
CA VAL XA 103 -27.95 40.41 33.13
C VAL XA 103 -28.60 41.55 33.93
N ASP XA 104 -28.72 42.71 33.30
CA ASP XA 104 -29.51 43.83 33.82
C ASP XA 104 -30.98 43.48 33.79
N PRO XA 105 -31.65 43.33 34.93
CA PRO XA 105 -33.06 42.89 34.91
C PRO XA 105 -34.02 43.91 34.32
N THR XA 106 -33.62 45.18 34.19
CA THR XA 106 -34.52 46.21 33.69
C THR XA 106 -34.58 46.18 32.16
N THR XA 107 -33.41 46.16 31.51
CA THR XA 107 -33.32 46.15 30.05
C THR XA 107 -33.23 44.74 29.48
N GLY XA 108 -32.85 43.75 30.29
CA GLY XA 108 -32.52 42.43 29.81
C GLY XA 108 -31.19 42.32 29.10
N GLN XA 109 -30.39 43.38 29.06
CA GLN XA 109 -29.10 43.35 28.41
C GLN XA 109 -28.08 42.61 29.28
N THR XA 110 -27.17 41.89 28.63
CA THR XA 110 -26.01 41.38 29.33
C THR XA 110 -25.07 42.51 29.72
N LEU XA 111 -24.52 42.41 30.93
CA LEU XA 111 -23.50 43.33 31.42
C LEU XA 111 -22.15 42.61 31.42
N ILE XA 112 -21.19 43.16 30.68
CA ILE XA 112 -19.82 42.67 30.70
C ILE XA 112 -18.95 43.71 31.38
N ASN XA 113 -18.23 43.29 32.42
CA ASN XA 113 -17.43 44.17 33.27
C ASN XA 113 -18.22 45.41 33.67
N GLY XA 114 -19.48 45.19 34.07
CA GLY XA 114 -20.38 46.21 34.58
C GLY XA 114 -21.07 47.09 33.56
N ARG XA 115 -20.84 46.89 32.26
CA ARG XA 115 -21.35 47.82 31.27
C ARG XA 115 -22.12 47.07 30.19
N PRO XA 116 -23.23 47.62 29.68
CA PRO XA 116 -24.12 46.83 28.83
C PRO XA 116 -23.54 46.53 27.46
N VAL XA 117 -24.00 45.43 26.88
CA VAL XA 117 -23.72 45.04 25.50
C VAL XA 117 -25.02 45.05 24.71
N VAL XA 118 -25.04 45.79 23.60
CA VAL XA 118 -26.14 45.70 22.64
C VAL XA 118 -25.98 44.45 21.78
N GLY XA 119 -26.94 43.55 21.86
CA GLY XA 119 -26.89 42.27 21.18
C GLY XA 119 -27.15 41.11 22.14
N ARG XA 120 -27.29 39.93 21.55
CA ARG XA 120 -27.43 38.70 22.33
C ARG XA 120 -26.05 38.06 22.50
N VAL XA 121 -25.52 38.09 23.72
CA VAL XA 121 -24.16 37.65 23.99
C VAL XA 121 -24.07 36.13 23.96
N PHE XA 122 -23.01 35.61 23.35
CA PHE XA 122 -22.66 34.20 23.43
C PHE XA 122 -21.19 34.08 23.83
N ILE XA 123 -20.86 32.95 24.46
CA ILE XA 123 -19.47 32.68 24.85
C ILE XA 123 -18.74 32.07 23.65
N MET XA 124 -17.68 32.74 23.20
CA MET XA 124 -16.91 32.25 22.07
C MET XA 124 -16.17 30.96 22.41
N ARG XA 125 -16.10 30.05 21.42
CA ARG XA 125 -15.30 28.85 21.53
C ARG XA 125 -14.80 28.47 20.13
N LYS XA 126 -13.68 27.74 20.10
CA LYS XA 126 -13.18 27.19 18.86
C LYS XA 126 -14.01 25.98 18.42
N THR XA 127 -13.83 25.58 17.16
CA THR XA 127 -14.65 24.57 16.49
C THR XA 127 -15.02 23.40 17.39
N ASP XA 128 -16.33 23.23 17.61
CA ASP XA 128 -16.92 22.16 18.42
C ASP XA 128 -16.40 22.11 19.85
N GLY XA 129 -15.87 23.22 20.37
CA GLY XA 129 -15.35 23.24 21.71
C GLY XA 129 -14.06 22.49 21.92
N THR XA 130 -13.35 22.12 20.86
CA THR XA 130 -12.07 21.44 20.99
C THR XA 130 -11.04 22.31 21.69
N VAL XA 131 -10.18 21.67 22.48
CA VAL XA 131 -9.09 22.34 23.20
C VAL XA 131 -7.83 21.52 23.03
N LYS XA 132 -6.72 22.20 22.74
CA LYS XA 132 -5.41 21.56 22.61
C LYS XA 132 -5.06 20.76 23.85
N TYR XA 133 -4.50 19.56 23.65
CA TYR XA 133 -4.03 18.74 24.78
C TYR XA 133 -2.77 19.32 25.40
N PRO XA 134 -2.77 19.63 26.71
CA PRO XA 134 -1.61 20.31 27.29
C PRO XA 134 -0.33 19.49 27.23
N ASN XA 135 -0.40 18.21 27.61
CA ASN XA 135 0.77 17.35 27.77
C ASN XA 135 0.27 15.94 28.02
N VAL XA 136 1.22 14.99 28.09
CA VAL XA 136 0.89 13.59 28.36
C VAL XA 136 0.22 13.42 29.72
N ALA XA 137 0.71 14.11 30.75
CA ALA XA 137 0.16 13.96 32.09
C ALA XA 137 -1.31 14.35 32.16
N ASP XA 138 -1.71 15.40 31.45
CA ASP XA 138 -3.13 15.76 31.38
C ASP XA 138 -3.96 14.71 30.64
N VAL XA 139 -3.44 14.18 29.54
CA VAL XA 139 -4.13 13.11 28.82
C VAL XA 139 -4.30 11.87 29.71
N VAL XA 140 -3.25 11.52 30.46
CA VAL XA 140 -3.31 10.36 31.33
C VAL XA 140 -4.19 10.60 32.56
N ALA XA 141 -4.28 11.86 33.02
CA ALA XA 141 -5.18 12.18 34.13
C ALA XA 141 -6.65 11.94 33.79
N HIS XA 142 -7.03 12.02 32.52
CA HIS XA 142 -8.40 11.70 32.12
C HIS XA 142 -8.66 10.22 31.89
N GLU XA 143 -7.62 9.39 31.81
CA GLU XA 143 -7.82 7.97 31.57
C GLU XA 143 -8.08 7.22 32.87
N ALA XA 144 -8.39 5.93 32.73
CA ALA XA 144 -8.31 5.00 33.86
C ALA XA 144 -6.89 4.95 34.42
N LEU XA 145 -6.78 4.46 35.65
CA LEU XA 145 -5.48 4.20 36.24
C LEU XA 145 -4.73 3.14 35.44
N ALA XA 146 -3.41 3.08 35.65
CA ALA XA 146 -2.61 2.10 34.93
C ALA XA 146 -3.06 0.68 35.27
N PRO XA 147 -3.02 -0.25 34.31
CA PRO XA 147 -3.44 -1.63 34.58
C PRO XA 147 -2.64 -2.27 35.71
N LEU XA 148 -3.29 -3.18 36.44
CA LEU XA 148 -2.63 -3.96 37.46
C LEU XA 148 -1.62 -4.94 36.86
N PRO XA 149 -0.65 -5.39 37.65
CA PRO XA 149 0.33 -6.35 37.15
C PRO XA 149 -0.31 -7.64 36.72
N PRO XA 150 0.29 -8.35 35.76
CA PRO XA 150 -0.30 -9.60 35.26
C PRO XA 150 -0.31 -10.70 36.32
N VAL XA 151 -1.30 -11.58 36.22
CA VAL XA 151 -1.33 -12.84 36.96
C VAL XA 151 -0.53 -13.89 36.18
N VAL XA 152 0.62 -14.29 36.71
CA VAL XA 152 1.51 -15.25 36.06
C VAL XA 152 1.61 -16.51 36.93
N GLY XA 153 1.51 -17.66 36.29
CA GLY XA 153 1.57 -18.93 37.01
C GLY XA 153 2.96 -19.27 37.52
N SER XA 154 2.99 -19.92 38.69
CA SER XA 154 4.24 -20.34 39.30
C SER XA 154 4.96 -21.40 38.46
N SER XA 155 4.19 -22.34 37.90
CA SER XA 155 4.74 -23.50 37.21
C SER XA 155 3.79 -23.89 36.10
N TYR XA 156 4.28 -24.66 35.13
CA TYR XA 156 3.50 -25.06 33.97
C TYR XA 156 3.16 -26.54 34.01
N GLN XA 157 1.87 -26.85 33.90
CA GLN XA 157 1.38 -28.21 33.71
C GLN XA 157 0.92 -28.40 32.26
N GLN XA 158 1.52 -29.37 31.57
CA GLN XA 158 1.11 -29.66 30.20
C GLN XA 158 -0.32 -30.20 30.17
N ALA XA 159 -1.10 -29.71 29.21
CA ALA XA 159 -2.40 -30.29 28.92
C ALA XA 159 -2.24 -31.69 28.34
N PRO XA 160 -3.27 -32.53 28.43
CA PRO XA 160 -3.30 -33.75 27.60
C PRO XA 160 -3.02 -33.41 26.14
N ILE XA 161 -2.35 -34.35 25.44
CA ILE XA 161 -1.92 -34.06 24.07
C ILE XA 161 -3.12 -33.77 23.17
N THR XA 162 -4.27 -34.36 23.45
CA THR XA 162 -5.50 -34.09 22.71
C THR XA 162 -6.05 -32.68 22.93
N ASN XA 163 -5.50 -31.91 23.86
CA ASN XA 163 -5.88 -30.51 24.04
C ASN XA 163 -4.83 -29.54 23.54
N GLN XA 164 -3.80 -30.03 22.87
CA GLN XA 164 -2.71 -29.19 22.36
C GLN XA 164 -2.98 -28.88 20.88
N ARG XA 165 -2.95 -27.59 20.54
CA ARG XA 165 -3.19 -27.19 19.16
C ARG XA 165 -2.00 -27.54 18.27
N ARG XA 166 -2.29 -28.07 17.08
CA ARG XA 166 -1.27 -28.19 16.05
C ARG XA 166 -0.85 -26.85 15.48
N MET XA 167 -1.76 -25.89 15.38
CA MET XA 167 -1.47 -24.59 14.80
C MET XA 167 -1.15 -23.59 15.89
N ARG XA 168 0.08 -23.07 15.88
CA ARG XA 168 0.55 -22.15 16.90
C ARG XA 168 0.22 -20.69 16.62
N GLY XA 169 -0.32 -20.37 15.44
CA GLY XA 169 -0.70 -19.00 15.12
C GLY XA 169 -1.74 -18.46 16.09
N ILE XA 170 -1.49 -17.27 16.65
CA ILE XA 170 -2.25 -16.81 17.81
C ILE XA 170 -3.68 -16.43 17.45
N MET XA 171 -3.93 -15.88 16.27
CA MET XA 171 -5.25 -15.38 15.90
C MET XA 171 -6.13 -16.40 15.16
N ILE XA 172 -5.64 -17.62 14.96
CA ILE XA 172 -6.30 -18.59 14.08
C ILE XA 172 -7.75 -18.85 14.50
N GLN XA 173 -8.03 -18.85 15.80
CA GLN XA 173 -9.39 -19.10 16.28
C GLN XA 173 -10.39 -18.04 15.81
N SER XA 174 -9.97 -16.79 15.65
CA SER XA 174 -10.85 -15.77 15.08
C SER XA 174 -10.78 -15.66 13.57
N THR XA 175 -9.57 -15.73 12.99
CA THR XA 175 -9.43 -15.46 11.56
C THR XA 175 -9.89 -16.63 10.69
N LEU XA 176 -9.77 -17.86 11.17
CA LEU XA 176 -10.17 -19.02 10.40
C LEU XA 176 -11.27 -19.85 11.05
N TRP XA 177 -11.11 -20.25 12.30
CA TRP XA 177 -11.99 -21.27 12.88
C TRP XA 177 -13.40 -20.76 13.20
N ASP XA 178 -13.61 -19.46 13.29
CA ASP XA 178 -14.98 -18.96 13.40
C ASP XA 178 -15.82 -19.31 12.17
N MET XA 179 -15.22 -19.21 10.98
CA MET XA 179 -15.94 -19.48 9.74
C MET XA 179 -15.76 -20.89 9.20
N ASP XA 180 -14.58 -21.49 9.39
CA ASP XA 180 -14.32 -22.85 8.92
C ASP XA 180 -14.91 -23.87 9.87
N ARG XA 181 -15.82 -24.72 9.38
CA ARG XA 181 -16.35 -25.83 10.17
C ARG XA 181 -16.43 -27.13 9.38
N LYS XA 182 -15.58 -27.29 8.36
CA LYS XA 182 -15.37 -28.59 7.72
C LYS XA 182 -14.90 -29.62 8.76
N ARG XA 183 -15.49 -30.82 8.70
CA ARG XA 183 -15.21 -31.85 9.71
C ARG XA 183 -13.76 -32.31 9.71
N SER XA 184 -13.21 -32.65 8.55
CA SER XA 184 -11.82 -33.12 8.50
C SER XA 184 -10.85 -32.05 9.00
N ALA XA 185 -11.01 -30.82 8.53
CA ALA XA 185 -10.14 -29.73 8.99
C ALA XA 185 -10.27 -29.49 10.49
N THR XA 186 -11.49 -29.59 11.01
CA THR XA 186 -11.71 -29.46 12.45
C THR XA 186 -10.98 -30.54 13.25
N ARG XA 187 -11.00 -31.79 12.77
CA ARG XA 187 -10.23 -32.84 13.43
C ARG XA 187 -8.73 -32.55 13.45
N GLN XA 188 -8.19 -32.02 12.35
CA GLN XA 188 -6.74 -31.74 12.30
C GLN XA 188 -6.29 -30.67 13.28
N ARG XA 189 -7.21 -29.95 13.94
CA ARG XA 189 -6.79 -28.82 14.77
C ARG XA 189 -6.02 -29.24 16.02
N TYR XA 190 -6.29 -30.42 16.56
CA TYR XA 190 -5.61 -30.89 17.76
C TYR XA 190 -4.84 -32.17 17.44
N TYR XA 191 -3.81 -32.42 18.25
CA TYR XA 191 -3.08 -33.67 18.13
C TYR XA 191 -3.96 -34.85 18.51
N PRO XA 192 -3.84 -35.98 17.82
CA PRO XA 192 -4.60 -37.18 18.20
C PRO XA 192 -4.02 -37.83 19.46
N ALA XA 193 -4.84 -38.69 20.06
CA ALA XA 193 -4.42 -39.46 21.22
C ALA XA 193 -3.18 -40.29 20.92
N SER XA 194 -2.35 -40.49 21.94
CA SER XA 194 -1.10 -41.20 21.79
C SER XA 194 -0.75 -41.87 23.12
N THR XA 195 -0.55 -43.19 23.08
CA THR XA 195 -0.44 -44.01 24.27
C THR XA 195 0.73 -44.97 24.15
N PRO XA 196 1.51 -45.16 25.22
CA PRO XA 196 2.56 -46.20 25.19
C PRO XA 196 1.94 -47.57 24.89
N ALA XA 197 2.60 -48.31 24.01
CA ALA XA 197 2.00 -49.55 23.49
C ALA XA 197 1.62 -50.53 24.59
N ASN XA 198 2.41 -50.58 25.68
CA ASN XA 198 2.10 -51.48 26.79
C ASN XA 198 0.84 -51.09 27.56
N GLN XA 199 0.40 -49.84 27.47
CA GLN XA 199 -0.84 -49.42 28.13
C GLN XA 199 -2.10 -49.71 27.31
N LEU XA 200 -1.99 -50.21 26.09
CA LEU XA 200 -3.17 -50.56 25.30
C LEU XA 200 -3.74 -51.90 25.74
N FME YA 1 16.76 14.38 34.79
CN FME YA 1 17.40 13.97 35.93
O1 FME YA 1 18.53 13.44 35.95
CA FME YA 1 17.28 14.26 33.45
CB FME YA 1 17.44 12.81 32.99
CG FME YA 1 16.22 11.97 33.27
SD FME YA 1 16.43 10.43 32.43
CE FME YA 1 15.33 9.37 33.29
C FME YA 1 16.38 14.99 32.45
O FME YA 1 15.30 15.49 32.79
N MET YA 2 16.82 15.04 31.21
CA MET YA 2 16.06 15.70 30.14
C MET YA 2 14.72 15.01 29.96
N GLU YA 3 13.64 15.73 30.26
CA GLU YA 3 12.29 15.20 30.05
C GLU YA 3 11.84 15.31 28.59
N TYR YA 4 11.82 16.52 28.04
CA TYR YA 4 11.27 16.71 26.70
C TYR YA 4 12.14 16.08 25.61
N ILE YA 5 13.46 16.23 25.70
CA ILE YA 5 14.35 15.54 24.77
C ILE YA 5 14.24 14.03 24.96
N ASP YA 6 14.12 13.31 23.85
CA ASP YA 6 14.20 11.85 23.85
C ASP YA 6 14.85 11.39 22.55
N GLY YA 7 15.28 10.12 22.57
CA GLY YA 7 16.08 9.59 21.46
C GLY YA 7 15.38 9.60 20.12
N ALA YA 8 14.05 9.48 20.10
CA ALA YA 8 13.32 9.51 18.84
C ALA YA 8 13.30 10.91 18.24
N GLN YA 9 13.18 11.93 19.09
CA GLN YA 9 13.32 13.31 18.64
C GLN YA 9 14.74 13.63 18.18
N ILE YA 10 15.75 13.17 18.91
CA ILE YA 10 17.13 13.38 18.48
C ILE YA 10 17.37 12.74 17.11
N ALA YA 11 16.97 11.48 16.96
CA ALA YA 11 17.14 10.78 15.68
C ALA YA 11 16.45 11.50 14.53
N LEU YA 12 15.26 12.04 14.78
CA LEU YA 12 14.50 12.70 13.72
C LEU YA 12 15.16 13.98 13.22
N TYR YA 13 15.67 14.81 14.11
CA TYR YA 13 16.42 15.99 13.67
C TYR YA 13 17.75 15.64 13.02
N ALA YA 14 18.40 14.54 13.44
CA ALA YA 14 19.55 14.06 12.68
C ALA YA 14 19.16 13.69 11.25
N PHE YA 15 18.02 13.01 11.07
CA PHE YA 15 17.54 12.75 9.72
C PHE YA 15 17.22 14.02 8.93
N TRP YA 16 16.57 15.00 9.55
CA TRP YA 16 16.29 16.25 8.84
C TRP YA 16 17.56 16.94 8.35
N LEU YA 17 18.59 17.01 9.18
CA LEU YA 17 19.84 17.61 8.71
C LEU YA 17 20.45 16.83 7.55
N PHE YA 18 20.49 15.51 7.65
CA PHE YA 18 20.89 14.68 6.51
C PHE YA 18 20.02 14.93 5.29
N PHE YA 19 18.70 14.98 5.47
CA PHE YA 19 17.78 15.07 4.34
C PHE YA 19 17.91 16.40 3.59
N PHE YA 20 17.97 17.51 4.31
CA PHE YA 20 18.20 18.79 3.64
C PHE YA 20 19.57 18.83 2.97
N GLY YA 21 20.59 18.23 3.59
CA GLY YA 21 21.86 18.04 2.91
C GLY YA 21 21.75 17.26 1.62
N LEU YA 22 20.91 16.22 1.60
CA LEU YA 22 20.67 15.45 0.39
C LEU YA 22 19.92 16.24 -0.68
N ILE YA 23 18.91 17.02 -0.30
CA ILE YA 23 18.21 17.83 -1.29
C ILE YA 23 19.15 18.82 -1.95
N ILE YA 24 20.04 19.45 -1.17
CA ILE YA 24 21.05 20.35 -1.74
C ILE YA 24 21.95 19.61 -2.73
N TYR YA 25 22.42 18.42 -2.34
CA TYR YA 25 23.23 17.59 -3.24
C TYR YA 25 22.50 17.29 -4.55
N LEU YA 26 21.24 16.85 -4.45
CA LEU YA 26 20.47 16.50 -5.65
C LEU YA 26 20.24 17.71 -6.55
N ARG YA 27 19.94 18.89 -5.97
CA ARG YA 27 19.76 20.09 -6.78
C ARG YA 27 21.05 20.54 -7.46
N ARG YA 28 22.22 20.34 -6.85
CA ARG YA 28 23.47 20.54 -7.56
C ARG YA 28 23.59 19.62 -8.78
N GLU YA 29 23.25 18.34 -8.61
CA GLU YA 29 23.29 17.40 -9.72
C GLU YA 29 22.30 17.77 -10.83
N ASP YA 30 21.12 18.27 -10.45
CA ASP YA 30 20.12 18.71 -11.42
C ASP YA 30 20.57 19.84 -12.33
N LYS YA 31 21.65 20.54 -11.98
CA LYS YA 31 22.10 21.70 -12.74
C LYS YA 31 23.30 21.43 -13.63
N ARG YA 32 23.72 20.18 -13.79
CA ARG YA 32 24.79 19.86 -14.73
C ARG YA 32 24.40 20.02 -16.19
N GLU YA 33 23.12 20.23 -16.52
CA GLU YA 33 22.71 20.56 -17.87
C GLU YA 33 21.84 21.81 -17.85
N GLY YA 34 21.98 22.63 -18.89
CA GLY YA 34 21.13 23.78 -19.09
C GLY YA 34 21.49 25.03 -18.33
N TYR YA 35 22.50 24.99 -17.48
CA TYR YA 35 22.92 26.12 -16.67
C TYR YA 35 24.28 26.64 -17.12
N PRO YA 36 24.62 27.90 -16.79
CA PRO YA 36 23.79 28.93 -16.16
C PRO YA 36 22.60 29.35 -17.01
N LEU YA 37 21.58 29.87 -16.34
CA LEU YA 37 20.39 30.34 -17.04
C LEU YA 37 20.67 31.63 -17.81
N GLU YA 38 20.00 31.77 -18.95
CA GLU YA 38 19.92 33.06 -19.62
C GLU YA 38 18.87 33.93 -18.94
N SER YA 39 19.09 35.24 -18.95
CA SER YA 39 18.10 36.18 -18.44
C SER YA 39 18.32 37.53 -19.10
N PRO YA 40 17.30 38.39 -19.15
CA PRO YA 40 17.51 39.76 -19.63
C PRO YA 40 18.56 40.52 -18.84
N GLN YA 41 18.70 40.27 -17.54
CA GLN YA 41 19.68 40.92 -16.70
C GLN YA 41 21.04 40.20 -16.68
N GLY YA 42 21.26 39.25 -17.59
CA GLY YA 42 22.47 38.46 -17.61
C GLY YA 42 22.32 37.05 -17.04
N PRO YA 43 23.43 36.32 -16.99
CA PRO YA 43 23.37 34.91 -16.56
C PRO YA 43 23.04 34.75 -15.08
N ARG YA 44 22.34 33.66 -14.76
CA ARG YA 44 21.86 33.38 -13.42
C ARG YA 44 22.10 31.92 -13.08
N ASP YA 45 22.55 31.65 -11.85
CA ASP YA 45 22.87 30.30 -11.40
C ASP YA 45 21.80 29.68 -10.51
N GLY YA 46 20.86 30.46 -9.99
CA GLY YA 46 19.93 30.02 -8.97
C GLY YA 46 20.66 29.62 -7.69
N TRP YA 47 20.00 28.76 -6.91
CA TRP YA 47 20.63 28.21 -5.72
C TRP YA 47 20.13 26.80 -5.42
N PRO YA 48 21.02 25.88 -5.00
CA PRO YA 48 22.48 25.99 -4.93
C PRO YA 48 23.13 26.14 -6.31
N LYS YA 49 24.34 26.68 -6.37
CA LYS YA 49 25.06 26.73 -7.63
C LYS YA 49 25.31 25.32 -8.16
N GLY YA 50 25.11 25.16 -9.47
CA GLY YA 50 25.19 23.84 -10.08
C GLY YA 50 26.58 23.25 -10.01
N ALA YA 51 26.61 21.92 -10.06
CA ALA YA 51 27.85 21.21 -10.38
C ALA YA 51 28.23 21.44 -11.84
N PRO YA 52 29.51 21.33 -12.18
CA PRO YA 52 29.94 21.56 -13.56
C PRO YA 52 29.42 20.51 -14.54
N LYS YA 53 29.43 20.89 -15.82
CA LYS YA 53 29.25 19.94 -16.91
C LYS YA 53 30.24 18.79 -16.80
N LYS YA 54 29.79 17.60 -17.20
CA LYS YA 54 30.48 16.35 -16.96
C LYS YA 54 30.84 15.69 -18.28
N THR YA 55 32.11 15.33 -18.45
CA THR YA 55 32.62 14.75 -19.68
C THR YA 55 32.77 13.24 -19.54
N TYR YA 56 32.27 12.49 -20.52
CA TYR YA 56 32.27 11.03 -20.49
C TYR YA 56 33.31 10.48 -21.47
N VAL YA 57 34.09 9.50 -21.02
CA VAL YA 57 35.03 8.78 -21.88
C VAL YA 57 34.47 7.40 -22.22
N HIS YA 58 34.61 7.01 -23.48
CA HIS YA 58 34.04 5.78 -24.02
C HIS YA 58 35.12 4.76 -24.32
N ARG YA 59 34.75 3.48 -24.18
CA ARG YA 59 35.73 2.38 -24.26
C ARG YA 59 36.40 2.34 -25.63
N ASP YA 60 37.74 2.39 -25.63
CA ASP YA 60 38.50 2.48 -26.87
C ASP YA 60 38.50 1.15 -27.61
N HIS YA 61 38.04 1.17 -28.86
CA HIS YA 61 38.06 0.01 -29.75
C HIS YA 61 39.20 0.05 -30.77
N GLY YA 62 40.04 1.08 -30.75
CA GLY YA 62 41.14 1.19 -31.70
C GLY YA 62 42.27 0.21 -31.46
N SER ZA 2 17.52 37.13 -43.13
CA SER ZA 2 17.74 37.00 -41.69
C SER ZA 2 18.52 35.72 -41.38
N ASP ZA 3 19.42 35.80 -40.40
CA ASP ZA 3 20.01 34.61 -39.80
C ASP ZA 3 19.29 34.16 -38.53
N VAL ZA 4 18.56 35.05 -37.87
CA VAL ZA 4 17.78 34.68 -36.69
C VAL ZA 4 16.57 33.85 -37.10
N LYS ZA 5 16.37 32.73 -36.41
CA LYS ZA 5 15.26 31.82 -36.70
C LYS ZA 5 13.93 32.29 -36.10
N PHE ZA 6 13.97 33.21 -35.14
CA PHE ZA 6 12.75 33.65 -34.47
C PHE ZA 6 12.96 35.02 -33.85
N VAL ZA 7 11.84 35.69 -33.56
CA VAL ZA 7 11.85 36.96 -32.82
C VAL ZA 7 10.78 36.90 -31.74
N PRO ZA 8 10.93 37.70 -30.69
CA PRO ZA 8 9.89 37.76 -29.65
C PRO ZA 8 8.56 38.27 -30.21
N ALA ZA 9 7.47 37.78 -29.64
CA ALA ZA 9 6.15 38.31 -29.97
C ALA ZA 9 5.98 39.76 -29.51
N ASP ZA 10 6.60 40.13 -28.39
CA ASP ZA 10 6.61 41.51 -27.93
C ASP ZA 10 7.74 41.67 -26.92
N ASN ZA 11 7.81 42.85 -26.29
CA ASN ZA 11 8.92 43.21 -25.41
C ASN ZA 11 8.74 42.80 -23.96
N TYR ZA 12 7.62 42.16 -23.60
CA TYR ZA 12 7.39 41.77 -22.21
C TYR ZA 12 8.11 40.47 -21.88
N ASN ZA 13 8.42 40.29 -20.59
CA ASN ZA 13 9.38 39.27 -20.15
C ASN ZA 13 9.01 37.86 -20.60
N GLY ZA 14 7.79 37.42 -20.29
CA GLY ZA 14 7.44 36.02 -20.52
C GLY ZA 14 6.89 35.65 -21.87
N SER ZA 15 7.06 36.53 -22.87
CA SER ZA 15 6.34 36.39 -24.12
C SER ZA 15 6.90 35.26 -24.99
N PRO ZA 16 6.05 34.60 -25.77
CA PRO ZA 16 6.53 33.60 -26.73
C PRO ZA 16 7.38 34.21 -27.84
N ILE ZA 17 8.17 33.34 -28.50
CA ILE ZA 17 8.86 33.67 -29.74
C ILE ZA 17 8.02 33.26 -30.94
N ILE ZA 18 8.26 33.94 -32.06
CA ILE ZA 18 7.58 33.68 -33.32
C ILE ZA 18 8.63 33.33 -34.37
N PRO ZA 19 8.51 32.18 -35.05
CA PRO ZA 19 9.49 31.83 -36.09
C PRO ZA 19 9.47 32.82 -37.25
N THR ZA 20 10.66 33.09 -37.79
CA THR ZA 20 10.78 33.94 -38.98
C THR ZA 20 10.46 33.16 -40.27
N GLY ZA 21 11.14 32.05 -40.49
CA GLY ZA 21 10.94 31.22 -41.68
C GLY ZA 21 9.99 30.06 -41.47
N ASN ZA 22 10.22 28.99 -42.22
CA ASN ZA 22 9.50 27.74 -42.01
C ASN ZA 22 10.03 27.06 -40.75
N PRO ZA 23 9.20 26.89 -39.71
CA PRO ZA 23 9.71 26.33 -38.45
C PRO ZA 23 10.13 24.87 -38.53
N MET ZA 24 9.48 24.06 -39.37
CA MET ZA 24 9.92 22.67 -39.54
C MET ZA 24 11.33 22.58 -40.08
N ILE ZA 25 11.69 23.48 -41.01
CA ILE ZA 25 13.01 23.45 -41.61
C ILE ZA 25 14.03 24.18 -40.73
N ASP ZA 26 13.63 25.32 -40.16
CA ASP ZA 26 14.53 26.07 -39.29
C ASP ZA 26 14.80 25.37 -37.98
N GLY ZA 27 13.85 24.59 -37.47
CA GLY ZA 27 14.00 23.93 -36.19
C GLY ZA 27 13.65 24.83 -35.02
N VAL ZA 28 12.37 25.20 -34.94
CA VAL ZA 28 11.85 26.09 -33.90
C VAL ZA 28 10.66 25.40 -33.26
N GLY ZA 29 10.47 25.64 -31.96
CA GLY ZA 29 9.39 25.02 -31.23
C GLY ZA 29 9.53 23.51 -31.18
N PRO ZA 30 8.41 22.80 -31.34
CA PRO ZA 30 8.48 21.33 -31.31
C PRO ZA 30 9.21 20.71 -32.50
N ALA ZA 31 9.58 21.51 -33.50
CA ALA ZA 31 10.38 21.03 -34.63
C ALA ZA 31 11.88 21.17 -34.40
N SER ZA 32 12.30 21.72 -33.27
CA SER ZA 32 13.70 21.97 -33.00
C SER ZA 32 14.44 20.71 -32.57
N TRP ZA 33 15.77 20.73 -32.72
CA TRP ZA 33 16.64 19.63 -32.34
C TRP ZA 33 17.82 20.18 -31.53
N ALA ZA 34 18.54 19.27 -30.88
CA ALA ZA 34 19.78 19.62 -30.17
C ALA ZA 34 20.88 19.91 -31.17
N GLU ZA 35 21.09 21.19 -31.46
CA GLU ZA 35 21.97 21.60 -32.54
C GLU ZA 35 23.45 21.40 -32.20
N ASP ZA 36 23.79 21.34 -30.91
CA ASP ZA 36 25.14 21.07 -30.43
C ASP ZA 36 25.49 19.59 -30.41
N ARG ZA 37 24.57 18.70 -30.75
CA ARG ZA 37 24.80 17.27 -30.58
C ARG ZA 37 25.92 16.74 -31.48
N ARG ZA 38 26.69 15.80 -30.93
CA ARG ZA 38 27.86 15.23 -31.59
C ARG ZA 38 27.51 14.57 -32.92
N ASP ZA 39 28.21 14.94 -33.98
CA ASP ZA 39 27.92 14.48 -35.34
C ASP ZA 39 28.65 13.17 -35.67
N GLU ZA 40 28.49 12.16 -34.84
CA GLU ZA 40 29.16 10.87 -34.99
C GLU ZA 40 28.15 9.75 -34.75
N PRO ZA 41 28.43 8.55 -35.26
CA PRO ZA 41 27.50 7.43 -35.04
C PRO ZA 41 27.51 6.95 -33.59
N ASP ZA 42 26.36 6.48 -33.14
CA ASP ZA 42 26.28 5.70 -31.92
C ASP ZA 42 26.92 4.32 -32.14
N LEU ZA 43 27.65 3.84 -31.14
CA LEU ZA 43 28.40 2.59 -31.25
C LEU ZA 43 27.90 1.52 -30.28
N THR ZA 44 28.01 0.26 -30.70
CA THR ZA 44 27.78 -0.88 -29.82
C THR ZA 44 28.94 -1.03 -28.83
N TYR ZA 45 28.75 -1.93 -27.85
CA TYR ZA 45 29.81 -2.22 -26.89
C TYR ZA 45 31.11 -2.67 -27.57
N HIS ZA 46 31.02 -3.38 -28.68
CA HIS ZA 46 32.19 -3.80 -29.44
C HIS ZA 46 32.67 -2.77 -30.46
N GLY ZA 47 32.02 -1.61 -30.53
CA GLY ZA 47 32.51 -0.51 -31.34
C GLY ZA 47 32.02 -0.47 -32.77
N SER ZA 48 31.16 -1.39 -33.18
CA SER ZA 48 30.50 -1.30 -34.47
C SER ZA 48 29.40 -0.24 -34.42
N HIS ZA 49 29.00 0.23 -35.60
CA HIS ZA 49 27.89 1.17 -35.68
C HIS ZA 49 26.61 0.53 -35.18
N LYS ZA 50 25.92 1.23 -34.27
CA LYS ZA 50 24.75 0.66 -33.59
C LYS ZA 50 23.53 0.58 -34.52
N ILE ZA 51 23.27 1.62 -35.30
CA ILE ZA 51 22.09 1.67 -36.16
C ILE ZA 51 22.55 1.64 -37.62
N VAL ZA 52 22.08 0.64 -38.36
CA VAL ZA 52 22.55 0.32 -39.70
C VAL ZA 52 21.39 -0.27 -40.51
N PRO ZA 53 21.40 -0.17 -41.83
CA PRO ZA 53 20.38 -0.86 -42.63
C PRO ZA 53 20.55 -2.37 -42.53
N MET ZA 54 19.42 -3.07 -42.50
CA MET ZA 54 19.42 -4.48 -42.11
C MET ZA 54 20.18 -5.36 -43.11
N ARG ZA 55 20.21 -4.98 -44.38
CA ARG ZA 55 21.06 -5.65 -45.37
C ARG ZA 55 22.53 -5.66 -44.96
N LEU ZA 56 22.96 -4.69 -44.15
CA LEU ZA 56 24.35 -4.63 -43.72
C LEU ZA 56 24.67 -5.61 -42.59
N ASP ZA 57 23.68 -6.26 -42.00
CA ASP ZA 57 23.92 -7.31 -41.00
C ASP ZA 57 22.98 -8.48 -41.20
N PRO ZA 58 23.43 -9.55 -41.86
CA PRO ZA 58 22.58 -10.72 -42.10
C PRO ZA 58 22.21 -11.51 -40.84
N THR ZA 59 22.72 -11.11 -39.67
CA THR ZA 59 22.27 -11.69 -38.42
C THR ZA 59 20.80 -11.38 -38.12
N PHE ZA 60 20.26 -10.32 -38.71
CA PHE ZA 60 18.93 -9.84 -38.41
C PHE ZA 60 17.93 -10.28 -39.47
N SER ZA 61 16.74 -10.67 -39.00
CA SER ZA 61 15.65 -11.07 -39.87
C SER ZA 61 14.33 -10.72 -39.18
N ILE ZA 62 13.26 -10.64 -39.97
CA ILE ZA 62 11.93 -10.49 -39.40
C ILE ZA 62 11.55 -11.76 -38.64
N ALA ZA 63 10.87 -11.58 -37.51
CA ALA ZA 63 10.26 -12.72 -36.83
C ALA ZA 63 9.24 -13.39 -37.73
N LYS ZA 64 9.29 -14.73 -37.79
CA LYS ZA 64 8.66 -15.46 -38.88
C LYS ZA 64 7.14 -15.27 -38.96
N GLY ZA 65 6.49 -14.92 -37.85
CA GLY ZA 65 5.08 -14.59 -37.90
C GLY ZA 65 4.74 -13.23 -38.48
N ASP ZA 66 5.69 -12.26 -38.46
CA ASP ZA 66 5.36 -10.88 -38.77
C ASP ZA 66 5.58 -10.55 -40.24
N PRO ZA 67 4.79 -9.60 -40.76
CA PRO ZA 67 5.02 -9.12 -42.14
C PRO ZA 67 6.33 -8.33 -42.25
N ASP ZA 68 7.09 -8.63 -43.30
CA ASP ZA 68 8.16 -7.71 -43.72
C ASP ZA 68 7.52 -6.49 -44.38
N PRO ZA 69 7.72 -5.28 -43.82
CA PRO ZA 69 7.10 -4.08 -44.41
C PRO ZA 69 7.69 -3.64 -45.74
N ARG ZA 70 8.87 -4.12 -46.10
CA ARG ZA 70 9.54 -3.63 -47.31
C ARG ZA 70 8.71 -3.90 -48.56
N GLY ZA 71 8.50 -2.84 -49.35
CA GLY ZA 71 7.59 -2.83 -50.47
C GLY ZA 71 6.27 -2.11 -50.23
N LEU ZA 72 5.84 -1.94 -48.97
CA LEU ZA 72 4.53 -1.37 -48.70
C LEU ZA 72 4.48 0.13 -48.96
N PRO ZA 73 3.31 0.66 -49.31
CA PRO ZA 73 3.15 2.11 -49.49
C PRO ZA 73 2.97 2.86 -48.18
N VAL ZA 74 3.55 4.06 -48.13
CA VAL ZA 74 3.47 4.95 -46.97
C VAL ZA 74 2.48 6.07 -47.26
N ILE ZA 75 1.50 6.23 -46.37
CA ILE ZA 75 0.41 7.18 -46.53
C ILE ZA 75 0.61 8.33 -45.55
N ALA ZA 76 0.82 9.53 -46.10
CA ALA ZA 76 1.03 10.74 -45.30
C ALA ZA 76 -0.27 11.27 -44.70
N ALA ZA 77 -0.13 12.33 -43.90
CA ALA ZA 77 -1.23 12.89 -43.12
C ALA ZA 77 -2.37 13.42 -43.99
N ASP ZA 78 -2.06 13.90 -45.20
CA ASP ZA 78 -3.07 14.32 -46.16
C ASP ZA 78 -3.56 13.17 -47.05
N LYS ZA 79 -3.30 11.92 -46.63
CA LYS ZA 79 -3.80 10.68 -47.24
C LYS ZA 79 -3.21 10.40 -48.62
N GLN ZA 80 -2.19 11.13 -49.05
CA GLN ZA 80 -1.48 10.80 -50.28
C GLN ZA 80 -0.45 9.71 -50.01
N VAL ZA 81 -0.10 8.98 -51.07
CA VAL ZA 81 1.10 8.13 -51.02
C VAL ZA 81 2.35 9.00 -51.06
N ALA ZA 82 3.20 8.85 -50.05
CA ALA ZA 82 4.50 9.52 -50.04
C ALA ZA 82 5.62 8.69 -50.66
N GLY ZA 83 5.47 7.37 -50.73
CA GLY ZA 83 6.53 6.51 -51.19
C GLY ZA 83 6.30 5.08 -50.74
N THR ZA 84 7.32 4.25 -50.95
CA THR ZA 84 7.31 2.87 -50.48
C THR ZA 84 8.56 2.56 -49.65
N VAL ZA 85 8.38 1.66 -48.69
CA VAL ZA 85 9.48 1.21 -47.83
C VAL ZA 85 10.48 0.38 -48.64
N VAL ZA 86 11.71 0.86 -48.73
CA VAL ZA 86 12.78 0.11 -49.37
C VAL ZA 86 13.56 -0.75 -48.37
N GLU ZA 87 13.87 -0.22 -47.19
CA GLU ZA 87 14.76 -0.93 -46.28
C GLU ZA 87 14.39 -0.61 -44.84
N LEU ZA 88 14.81 -1.49 -43.94
CA LEU ZA 88 14.70 -1.33 -42.50
C LEU ZA 88 16.08 -1.06 -41.91
N TRP ZA 89 16.16 -0.16 -40.94
CA TRP ZA 89 17.38 0.05 -40.15
C TRP ZA 89 17.18 -0.49 -38.74
N VAL ZA 90 18.15 -1.26 -38.26
CA VAL ZA 90 18.03 -2.00 -37.01
C VAL ZA 90 19.02 -1.48 -35.98
N ASN ZA 91 18.62 -1.52 -34.72
CA ASN ZA 91 19.50 -1.23 -33.59
C ASN ZA 91 20.19 -2.53 -33.19
N ARG ZA 92 21.52 -2.55 -33.26
CA ARG ZA 92 22.29 -3.76 -32.96
C ARG ZA 92 22.62 -3.94 -31.48
N SER ZA 93 22.33 -2.95 -30.62
CA SER ZA 93 22.53 -3.12 -29.18
C SER ZA 93 21.29 -3.67 -28.50
N GLU ZA 94 20.10 -3.19 -28.87
CA GLU ZA 94 18.83 -3.72 -28.39
C GLU ZA 94 17.97 -3.99 -29.60
N PRO ZA 95 17.94 -5.23 -30.10
CA PRO ZA 95 17.47 -5.51 -31.47
C PRO ZA 95 16.03 -5.10 -31.73
N GLN ZA 96 15.87 -4.08 -32.58
CA GLN ZA 96 14.58 -3.52 -32.96
C GLN ZA 96 14.78 -2.73 -34.25
N VAL ZA 97 13.69 -2.43 -34.93
CA VAL ZA 97 13.72 -1.56 -36.11
C VAL ZA 97 13.60 -0.11 -35.68
N SER ZA 98 14.69 0.65 -35.85
CA SER ZA 98 14.69 2.06 -35.49
C SER ZA 98 14.03 2.93 -36.57
N TYR ZA 99 14.37 2.72 -37.84
CA TYR ZA 99 13.87 3.52 -38.94
C TYR ZA 99 13.43 2.64 -40.08
N TYR ZA 100 12.33 3.02 -40.73
CA TYR ZA 100 12.06 2.59 -42.10
C TYR ZA 100 12.74 3.54 -43.06
N GLU ZA 101 13.17 3.02 -44.21
CA GLU ZA 101 13.72 3.84 -45.28
C GLU ZA 101 12.76 3.83 -46.46
N VAL ZA 102 12.32 5.01 -46.88
CA VAL ZA 102 11.29 5.16 -47.89
C VAL ZA 102 11.90 5.78 -49.14
N GLN ZA 103 11.70 5.11 -50.29
CA GLN ZA 103 11.89 5.75 -51.58
C GLN ZA 103 10.67 6.61 -51.89
N LEU ZA 104 10.87 7.89 -52.12
CA LEU ZA 104 9.76 8.80 -52.35
C LEU ZA 104 9.06 8.50 -53.69
N ALA ZA 105 7.73 8.56 -53.66
CA ALA ZA 105 6.94 8.27 -54.85
C ALA ZA 105 7.12 9.35 -55.92
N SER ZA 106 7.16 10.61 -55.50
CA SER ZA 106 7.40 11.74 -56.38
C SER ZA 106 8.77 12.32 -56.09
N GLY ZA 107 9.60 12.44 -57.12
CA GLY ZA 107 11.03 12.58 -56.94
C GLY ZA 107 11.73 11.24 -56.82
N GLU ZA 108 13.00 11.32 -56.41
CA GLU ZA 108 13.91 10.18 -56.50
C GLU ZA 108 14.59 9.81 -55.18
N ARG ZA 109 14.49 10.64 -54.15
CA ARG ZA 109 15.30 10.50 -52.95
C ARG ZA 109 14.75 9.42 -52.02
N ARG ZA 110 15.64 8.80 -51.25
CA ARG ZA 110 15.25 7.94 -50.14
C ARG ZA 110 15.45 8.68 -48.82
N VAL ZA 111 14.44 8.62 -47.95
CA VAL ZA 111 14.46 9.32 -46.66
C VAL ZA 111 14.14 8.33 -45.54
N LEU ZA 112 14.70 8.60 -44.37
CA LEU ZA 112 14.42 7.80 -43.18
C LEU ZA 112 13.15 8.25 -42.46
N LEU ZA 113 12.49 7.27 -41.84
CA LEU ZA 113 11.20 7.47 -41.18
C LEU ZA 113 11.22 6.70 -39.86
N PRO ZA 114 11.37 7.39 -38.73
CA PRO ZA 114 11.48 6.68 -37.45
C PRO ZA 114 10.20 5.93 -37.11
N THR ZA 115 10.37 4.69 -36.67
CA THR ZA 115 9.23 3.94 -36.14
C THR ZA 115 8.69 4.64 -34.89
N GLY ZA 116 7.39 4.46 -34.64
CA GLY ZA 116 6.70 5.22 -33.63
C GLY ZA 116 6.08 6.51 -34.13
N TYR ZA 117 6.54 7.04 -35.26
CA TYR ZA 117 5.71 7.92 -36.08
C TYR ZA 117 4.84 7.15 -37.06
N VAL ZA 118 5.31 6.01 -37.58
CA VAL ZA 118 4.46 5.13 -38.35
C VAL ZA 118 3.46 4.42 -37.44
N GLN ZA 119 2.31 4.04 -38.02
CA GLN ZA 119 1.47 3.02 -37.41
C GLN ZA 119 0.73 2.25 -38.50
N TRP ZA 120 0.41 0.99 -38.19
CA TRP ZA 120 -0.38 0.10 -39.03
C TRP ZA 120 -1.86 0.47 -38.97
N PRO ZA 121 -2.61 0.27 -40.07
CA PRO ZA 121 -4.02 0.68 -40.10
C PRO ZA 121 -4.86 0.14 -38.97
N ASN ZA 122 -4.61 -1.10 -38.54
CA ASN ZA 122 -5.30 -1.70 -37.41
C ASN ZA 122 -4.32 -2.03 -36.28
N PHE ZA 123 -3.30 -1.19 -36.11
CA PHE ZA 123 -2.27 -1.36 -35.07
C PHE ZA 123 -1.61 -2.73 -35.12
N GLY ZA 124 -1.54 -3.34 -36.31
CA GLY ZA 124 -0.92 -4.63 -36.51
C GLY ZA 124 -1.85 -5.82 -36.49
N LEU ZA 125 -3.09 -5.64 -36.04
CA LEU ZA 125 -3.96 -6.78 -35.75
C LEU ZA 125 -4.38 -7.50 -37.03
N TRP ZA 126 -4.66 -6.74 -38.09
CA TRP ZA 126 -5.06 -7.29 -39.38
C TRP ZA 126 -4.91 -6.23 -40.46
N GLY ZA 127 -4.93 -6.67 -41.72
CA GLY ZA 127 -4.99 -5.77 -42.85
C GLY ZA 127 -3.74 -4.95 -43.08
N ASN ZA 128 -2.57 -5.51 -42.76
CA ASN ZA 128 -1.29 -4.81 -42.76
C ASN ZA 128 -0.74 -4.63 -44.18
N ASP ZA 129 -1.41 -3.77 -44.95
CA ASP ZA 129 -1.07 -3.59 -46.36
C ASP ZA 129 -0.63 -2.17 -46.71
N LYS ZA 130 -0.59 -1.26 -45.73
CA LYS ZA 130 -0.10 0.10 -45.92
C LYS ZA 130 0.34 0.65 -44.58
N LEU ZA 131 1.18 1.70 -44.62
CA LEU ZA 131 1.65 2.36 -43.41
C LEU ZA 131 1.15 3.79 -43.34
N LEU ZA 132 0.72 4.21 -42.15
CA LEU ZA 132 0.19 5.54 -41.91
C LEU ZA 132 1.23 6.43 -41.23
N VAL ZA 133 1.37 7.66 -41.71
CA VAL ZA 133 2.22 8.67 -41.09
C VAL ZA 133 1.36 9.89 -40.79
N LYS ZA 134 0.74 9.87 -39.61
CA LYS ZA 134 -0.21 10.89 -39.17
C LYS ZA 134 0.40 12.29 -39.09
N SER ZA 135 1.73 12.42 -39.01
CA SER ZA 135 2.33 13.68 -38.59
C SER ZA 135 2.64 14.68 -39.70
N ILE ZA 136 2.98 14.24 -40.91
CA ILE ZA 136 3.37 15.18 -41.96
C ILE ZA 136 2.71 14.81 -43.28
N THR ZA 137 2.55 15.82 -44.15
CA THR ZA 137 1.98 15.63 -45.47
C THR ZA 137 3.03 15.13 -46.46
N ALA ZA 138 2.55 14.55 -47.56
CA ALA ZA 138 3.42 13.91 -48.53
C ALA ZA 138 4.36 14.88 -49.23
N ALA ZA 139 3.98 16.15 -49.36
CA ALA ZA 139 4.91 17.17 -49.84
C ALA ZA 139 6.04 17.41 -48.85
N GLN ZA 140 5.73 17.40 -47.56
CA GLN ZA 140 6.75 17.63 -46.53
C GLN ZA 140 7.76 16.48 -46.43
N PHE ZA 141 7.37 15.27 -46.84
CA PHE ZA 141 8.34 14.17 -46.94
C PHE ZA 141 9.56 14.52 -47.79
N ALA ZA 142 9.38 15.38 -48.80
CA ALA ZA 142 10.49 15.74 -49.68
C ALA ZA 142 11.62 16.47 -48.97
N ASN ZA 143 11.37 17.11 -47.84
CA ASN ZA 143 12.38 17.90 -47.14
C ASN ZA 143 12.90 17.25 -45.87
N VAL ZA 144 12.54 16.00 -45.59
CA VAL ZA 144 13.07 15.25 -44.46
C VAL ZA 144 14.59 15.23 -44.51
N PRO ZA 145 15.28 15.59 -43.43
CA PRO ZA 145 16.75 15.74 -43.47
C PRO ZA 145 17.46 14.48 -43.93
N ALA ZA 146 18.58 14.69 -44.63
CA ALA ZA 146 19.33 13.60 -45.26
C ALA ZA 146 20.57 13.23 -44.45
N THR ZA 147 20.81 11.92 -44.31
CA THR ZA 147 22.06 11.43 -43.75
C THR ZA 147 23.19 11.55 -44.75
N LYS ZA 148 24.36 12.01 -44.28
CA LYS ZA 148 25.50 12.23 -45.16
C LYS ZA 148 26.11 10.94 -45.71
N ARG ZA 149 25.73 9.78 -45.18
CA ARG ZA 149 25.98 8.48 -45.80
C ARG ZA 149 24.68 7.69 -45.71
N ASP ZA 150 24.58 6.61 -46.48
CA ASP ZA 150 23.33 5.84 -46.50
C ASP ZA 150 23.50 4.42 -45.98
N ASP ZA 151 24.50 4.21 -45.12
CA ASP ZA 151 24.66 2.98 -44.38
C ASP ZA 151 24.88 3.25 -42.90
N GLN ZA 152 24.87 4.52 -42.50
CA GLN ZA 152 25.34 4.99 -41.20
C GLN ZA 152 24.58 6.27 -40.88
N ILE ZA 153 24.29 6.48 -39.59
CA ILE ZA 153 23.59 7.69 -39.16
C ILE ZA 153 24.24 8.24 -37.91
N THR ZA 154 24.51 9.55 -37.90
CA THR ZA 154 25.10 10.20 -36.73
C THR ZA 154 24.02 10.57 -35.72
N LEU ZA 155 24.46 10.78 -34.47
CA LEU ZA 155 23.54 11.19 -33.41
C LEU ZA 155 22.85 12.52 -33.74
N LEU ZA 156 23.58 13.45 -34.36
CA LEU ZA 156 22.97 14.68 -34.84
C LEU ZA 156 21.91 14.42 -35.90
N GLU ZA 157 22.20 13.56 -36.87
CA GLU ZA 157 21.21 13.22 -37.88
C GLU ZA 157 19.98 12.53 -37.30
N GLU ZA 158 20.18 11.64 -36.31
CA GLU ZA 158 19.03 11.07 -35.62
C GLU ZA 158 18.15 12.14 -34.99
N ASP ZA 159 18.76 13.13 -34.33
CA ASP ZA 159 17.99 14.21 -33.72
C ASP ZA 159 17.24 15.03 -34.75
N LYS ZA 160 17.92 15.43 -35.83
CA LYS ZA 160 17.28 16.22 -36.90
C LYS ZA 160 16.08 15.50 -37.51
N ILE ZA 161 16.23 14.21 -37.81
CA ILE ZA 161 15.13 13.47 -38.42
C ILE ZA 161 13.95 13.34 -37.46
N CYS ZA 162 14.21 12.89 -36.23
CA CYS ZA 162 13.12 12.78 -35.25
C CYS ZA 162 12.44 14.13 -34.99
N ALA ZA 163 13.22 15.20 -34.92
CA ALA ZA 163 12.65 16.53 -34.71
C ALA ZA 163 11.74 16.99 -35.86
N TYR ZA 164 12.07 16.60 -37.09
CA TYR ZA 164 11.24 16.97 -38.24
C TYR ZA 164 9.83 16.38 -38.14
N TYR ZA 165 9.72 15.10 -37.80
CA TYR ZA 165 8.41 14.50 -37.60
C TYR ZA 165 7.74 15.00 -36.31
N ALA ZA 166 8.51 15.30 -35.27
CA ALA ZA 166 7.93 15.79 -34.02
C ALA ZA 166 7.23 17.14 -34.21
N GLY ZA 167 7.77 17.99 -35.08
CA GLY ZA 167 7.15 19.27 -35.40
C GLY ZA 167 5.85 19.16 -36.18
N GLY ZA 168 5.61 18.01 -36.81
CA GLY ZA 168 4.51 17.91 -37.77
C GLY ZA 168 3.14 18.17 -37.19
N HIS ZA 169 2.84 17.62 -36.01
CA HIS ZA 169 1.54 17.83 -35.41
C HIS ZA 169 1.20 19.29 -35.19
N MET ZA 170 2.19 20.14 -34.89
CA MET ZA 170 1.92 21.57 -34.78
C MET ZA 170 1.94 22.29 -36.12
N TYR ZA 171 2.83 21.92 -37.03
CA TYR ZA 171 3.14 22.76 -38.19
C TYR ZA 171 2.79 22.19 -39.55
N ALA ZA 172 2.37 20.93 -39.66
CA ALA ZA 172 2.20 20.33 -40.98
C ALA ZA 172 1.14 21.05 -41.81
N PHE ZA 173 0.07 21.52 -41.17
CA PHE ZA 173 -0.99 22.24 -41.86
C PHE ZA 173 -0.93 23.75 -41.67
N ALA ZA 174 0.16 24.28 -41.12
CA ALA ZA 174 0.30 25.72 -40.92
C ALA ZA 174 0.53 26.43 -42.25
N GLU ZA 175 0.03 27.67 -42.34
CA GLU ZA 175 0.10 28.45 -43.56
C GLU ZA 175 1.52 28.89 -43.87
N ALA AB 2 14.06 33.73 -16.07
CA ALA AB 2 15.29 33.12 -16.57
C ALA AB 2 14.96 31.83 -17.35
N MET AB 3 15.89 31.44 -18.23
CA MET AB 3 15.67 30.34 -19.15
C MET AB 3 16.88 29.42 -19.16
N LEU AB 4 16.63 28.12 -19.36
CA LEU AB 4 17.74 27.21 -19.63
C LEU AB 4 18.46 27.66 -20.90
N SER AB 5 19.75 27.33 -20.98
CA SER AB 5 20.58 27.82 -22.07
C SER AB 5 20.11 27.35 -23.44
N PHE AB 6 19.28 26.31 -23.51
CA PHE AB 6 18.67 25.85 -24.75
C PHE AB 6 17.19 26.16 -24.88
N GLU AB 7 16.58 26.86 -23.91
CA GLU AB 7 15.13 26.90 -23.79
C GLU AB 7 14.44 27.81 -24.81
N LYS AB 8 15.01 28.97 -25.13
CA LYS AB 8 14.26 30.03 -25.79
C LYS AB 8 13.64 29.57 -27.10
N LYS AB 9 14.40 28.79 -27.87
CA LYS AB 9 13.98 28.06 -29.06
C LYS AB 9 12.62 27.36 -28.99
N TYR AB 10 12.26 26.83 -27.82
CA TYR AB 10 11.03 26.06 -27.66
C TYR AB 10 9.80 26.88 -27.27
N ARG AB 11 9.97 28.12 -26.81
CA ARG AB 11 8.87 28.93 -26.27
C ARG AB 11 7.96 29.53 -27.35
N VAL AB 12 7.37 28.65 -28.17
CA VAL AB 12 6.47 29.08 -29.23
C VAL AB 12 5.03 29.15 -28.72
N ARG AB 13 4.20 29.90 -29.45
CA ARG AB 13 2.75 29.81 -29.30
C ARG AB 13 2.22 28.47 -29.80
N GLY AB 14 1.01 28.13 -29.36
CA GLY AB 14 0.32 26.96 -29.85
C GLY AB 14 0.28 25.84 -28.84
N GLY AB 15 -0.54 24.84 -29.16
CA GLY AB 15 -0.79 23.70 -28.30
C GLY AB 15 -1.75 23.94 -27.16
N THR AB 16 -2.29 25.13 -27.00
CA THR AB 16 -3.27 25.37 -25.95
C THR AB 16 -4.57 24.62 -26.26
N LEU AB 17 -5.38 24.44 -25.23
CA LEU AB 17 -6.68 23.80 -25.38
C LEU AB 17 -7.85 24.76 -25.42
N ILE AB 18 -7.86 25.79 -24.55
CA ILE AB 18 -9.00 26.71 -24.44
C ILE AB 18 -8.63 28.13 -24.86
N GLY AB 19 -7.63 28.73 -24.21
CA GLY AB 19 -7.53 30.18 -24.21
C GLY AB 19 -6.97 30.84 -25.45
N GLY AB 20 -6.62 30.08 -26.48
CA GLY AB 20 -5.87 30.64 -27.60
C GLY AB 20 -4.57 31.29 -27.17
N ASP AB 21 -4.25 32.42 -27.79
CA ASP AB 21 -3.03 33.17 -27.49
C ASP AB 21 -3.15 34.07 -26.27
N LEU AB 22 -4.34 34.17 -25.67
CA LEU AB 22 -4.57 35.17 -24.63
C LEU AB 22 -3.74 34.92 -23.37
N PHE AB 23 -3.63 33.67 -22.93
CA PHE AB 23 -2.84 33.32 -21.75
C PHE AB 23 -1.57 32.56 -22.08
N ASP AB 24 -1.19 32.48 -23.36
CA ASP AB 24 -0.11 31.63 -23.84
C ASP AB 24 1.26 32.27 -23.59
N PHE AB 25 1.62 32.38 -22.31
CA PHE AB 25 2.85 33.06 -21.92
C PHE AB 25 3.42 32.41 -20.67
N TRP AB 26 4.63 32.81 -20.31
CA TRP AB 26 5.34 32.29 -19.15
C TRP AB 26 5.46 33.34 -18.05
N PHE AB 27 5.66 32.85 -16.82
CA PHE AB 27 5.93 33.69 -15.66
C PHE AB 27 7.09 33.06 -14.88
N GLY AB 28 8.28 33.61 -15.06
CA GLY AB 28 9.49 32.92 -14.65
C GLY AB 28 9.66 31.62 -15.40
N PRO AB 29 9.90 30.53 -14.67
CA PRO AB 29 9.94 29.22 -15.32
C PRO AB 29 8.56 28.70 -15.71
N PHE AB 30 7.51 29.13 -15.02
CA PHE AB 30 6.20 28.50 -15.14
C PHE AB 30 5.52 28.88 -16.45
N TYR AB 31 4.98 27.89 -17.15
CA TYR AB 31 3.99 28.17 -18.17
C TYR AB 31 2.65 28.51 -17.53
N VAL AB 32 1.94 29.48 -18.09
CA VAL AB 32 0.64 29.87 -17.56
C VAL AB 32 -0.49 29.16 -18.31
N GLY AB 33 -0.96 29.74 -19.40
CA GLY AB 33 -2.13 29.22 -20.09
C GLY AB 33 -3.42 29.37 -19.29
N PHE AB 34 -4.55 29.06 -19.91
CA PHE AB 34 -5.84 29.25 -19.25
C PHE AB 34 -5.97 28.41 -17.99
N PHE AB 35 -5.47 27.18 -18.01
CA PHE AB 35 -5.53 26.34 -16.82
C PHE AB 35 -4.47 26.67 -15.78
N GLY AB 36 -3.44 27.44 -16.15
CA GLY AB 36 -2.62 28.09 -15.14
C GLY AB 36 -3.41 29.10 -14.33
N VAL AB 37 -4.18 29.94 -15.01
CA VAL AB 37 -5.04 30.92 -14.35
C VAL AB 37 -6.05 30.26 -13.44
N THR AB 38 -6.75 29.22 -13.93
CA THR AB 38 -7.71 28.53 -13.08
C THR AB 38 -7.04 27.76 -11.95
N THR AB 39 -5.86 27.18 -12.20
CA THR AB 39 -5.08 26.56 -11.13
C THR AB 39 -4.83 27.52 -9.98
N ILE AB 40 -4.24 28.68 -10.28
CA ILE AB 40 -3.86 29.61 -9.22
C ILE AB 40 -5.09 30.13 -8.49
N PHE AB 41 -6.19 30.36 -9.22
CA PHE AB 41 -7.45 30.69 -8.57
C PHE AB 41 -7.86 29.65 -7.54
N PHE AB 42 -7.97 28.38 -7.96
CA PHE AB 42 -8.38 27.32 -7.04
C PHE AB 42 -7.35 27.08 -5.94
N VAL AB 43 -6.07 27.14 -6.26
CA VAL AB 43 -5.03 26.98 -5.25
C VAL AB 43 -5.13 28.07 -4.19
N THR AB 44 -5.29 29.32 -4.62
CA THR AB 44 -5.34 30.43 -3.67
C THR AB 44 -6.60 30.38 -2.82
N LEU AB 45 -7.77 30.22 -3.44
CA LEU AB 45 -9.01 30.11 -2.70
C LEU AB 45 -8.97 28.94 -1.71
N GLY AB 46 -8.59 27.75 -2.19
CA GLY AB 46 -8.55 26.59 -1.31
C GLY AB 46 -7.58 26.72 -0.15
N THR AB 47 -6.39 27.28 -0.41
CA THR AB 47 -5.41 27.50 0.66
C THR AB 47 -5.88 28.51 1.70
N LEU AB 48 -6.44 29.64 1.26
CA LEU AB 48 -6.92 30.62 2.22
C LEU AB 48 -8.10 30.11 3.04
N LEU AB 49 -8.98 29.30 2.46
CA LEU AB 49 -10.02 28.65 3.25
C LEU AB 49 -9.45 27.61 4.22
N CYS AB 50 -8.38 26.92 3.85
CA CYS AB 50 -7.66 26.08 4.81
C CYS AB 50 -7.11 26.89 5.97
N VAL AB 51 -6.48 28.02 5.68
CA VAL AB 51 -5.97 28.90 6.73
C VAL AB 51 -7.09 29.44 7.60
N TRP AB 52 -8.24 29.76 7.00
CA TRP AB 52 -9.41 30.12 7.80
C TRP AB 52 -9.88 28.99 8.69
N GLY AB 53 -9.91 27.76 8.16
CA GLY AB 53 -10.27 26.62 8.99
C GLY AB 53 -9.31 26.41 10.16
N ALA AB 54 -8.02 26.64 9.94
CA ALA AB 54 -7.04 26.65 11.02
C ALA AB 54 -7.31 27.77 12.02
N ALA AB 55 -7.61 28.98 11.54
CA ALA AB 55 -7.84 30.11 12.43
C ALA AB 55 -9.02 29.89 13.37
N MET AB 56 -10.14 29.37 12.86
CA MET AB 56 -11.27 29.08 13.74
C MET AB 56 -11.13 27.78 14.51
N GLY AB 57 -10.07 27.00 14.27
CA GLY AB 57 -9.81 25.81 15.04
C GLY AB 57 -8.99 26.07 16.30
N PRO AB 58 -8.79 25.03 17.11
CA PRO AB 58 -8.17 25.23 18.43
C PRO AB 58 -6.69 25.62 18.42
N THR AB 59 -5.95 25.39 17.34
CA THR AB 59 -4.52 25.66 17.40
C THR AB 59 -3.98 25.94 16.00
N TRP AB 60 -2.85 26.64 15.96
CA TRP AB 60 -2.06 26.85 14.76
C TRP AB 60 -0.95 25.83 14.56
N ASN AB 61 -0.77 24.90 15.49
CA ASN AB 61 0.23 23.85 15.32
C ASN AB 61 -0.03 23.09 14.01
N LEU AB 62 0.98 23.08 13.14
CA LEU AB 62 0.85 22.54 11.79
C LEU AB 62 0.32 21.11 11.79
N TRP AB 63 0.84 20.27 12.68
CA TRP AB 63 0.44 18.87 12.73
C TRP AB 63 -1.00 18.68 13.18
N GLN AB 64 -1.51 19.59 14.02
CA GLN AB 64 -2.79 19.42 14.70
C GLN AB 64 -3.97 20.09 14.00
N ILE AB 65 -3.72 20.97 13.03
CA ILE AB 65 -4.83 21.59 12.29
C ILE AB 65 -5.71 20.50 11.68
N ASN AB 66 -7.03 20.73 11.73
CA ASN AB 66 -8.00 19.70 11.37
C ASN AB 66 -9.29 20.34 10.86
N ILE AB 67 -9.43 20.45 9.54
CA ILE AB 67 -10.69 20.83 8.91
C ILE AB 67 -11.46 19.55 8.60
N ALA AB 68 -12.51 19.25 9.42
CA ALA AB 68 -13.27 18.00 9.32
C ALA AB 68 -14.48 18.13 8.39
N PRO AB 69 -14.89 17.04 7.76
CA PRO AB 69 -16.16 17.01 7.02
C PRO AB 69 -17.35 17.15 7.94
N PRO AB 70 -18.56 17.32 7.39
CA PRO AB 70 -19.76 17.39 8.22
C PRO AB 70 -20.17 16.06 8.83
N ASP AB 71 -21.08 16.14 9.81
CA ASP AB 71 -21.79 14.97 10.31
C ASP AB 71 -22.57 14.27 9.21
N LEU AB 72 -22.73 12.95 9.38
CA LEU AB 72 -23.45 12.14 8.39
C LEU AB 72 -24.92 12.55 8.26
N LYS AB 73 -25.50 13.14 9.30
CA LYS AB 73 -26.90 13.58 9.24
C LYS AB 73 -27.18 14.57 8.11
N TYR AB 74 -26.18 15.34 7.68
CA TYR AB 74 -26.38 16.27 6.57
C TYR AB 74 -26.49 15.59 5.20
N GLY AB 75 -26.21 14.29 5.12
CA GLY AB 75 -26.36 13.59 3.86
C GLY AB 75 -25.52 14.21 2.76
N LEU AB 76 -26.13 14.40 1.59
CA LEU AB 76 -25.45 15.02 0.47
C LEU AB 76 -25.69 16.53 0.37
N GLY AB 77 -26.24 17.16 1.41
CA GLY AB 77 -26.34 18.60 1.43
C GLY AB 77 -25.04 19.28 1.83
N LEU AB 78 -24.96 20.58 1.53
CA LEU AB 78 -23.90 21.44 2.03
C LEU AB 78 -24.20 21.88 3.46
N ALA AB 79 -23.42 21.39 4.42
CA ALA AB 79 -23.62 21.70 5.83
C ALA AB 79 -23.33 23.17 6.14
N PRO AB 80 -23.67 23.65 7.35
CA PRO AB 80 -23.15 24.94 7.80
C PRO AB 80 -21.64 24.98 7.77
N LEU AB 81 -21.07 26.14 7.42
CA LEU AB 81 -19.64 26.19 7.11
C LEU AB 81 -18.78 25.81 8.30
N ARG AB 82 -19.11 26.28 9.50
CA ARG AB 82 -18.35 25.90 10.69
C ARG AB 82 -18.58 24.44 11.09
N GLU AB 83 -19.69 23.84 10.66
CA GLU AB 83 -20.00 22.45 10.96
C GLU AB 83 -19.47 21.47 9.93
N GLY AB 84 -18.63 21.90 9.00
CA GLY AB 84 -18.12 21.03 7.95
C GLY AB 84 -18.43 21.47 6.54
N GLY AB 85 -19.27 22.49 6.35
CA GLY AB 85 -19.43 23.07 5.02
C GLY AB 85 -18.16 23.66 4.46
N LEU AB 86 -17.26 24.14 5.33
CA LEU AB 86 -15.97 24.65 4.87
C LEU AB 86 -15.13 23.55 4.22
N TRP AB 87 -15.12 22.36 4.82
CA TRP AB 87 -14.47 21.21 4.19
C TRP AB 87 -15.02 20.93 2.81
N GLN AB 88 -16.32 21.10 2.62
CA GLN AB 88 -16.95 20.85 1.32
C GLN AB 88 -16.53 21.88 0.27
N ILE AB 89 -16.39 23.15 0.66
CA ILE AB 89 -15.90 24.15 -0.29
C ILE AB 89 -14.45 23.88 -0.67
N ILE AB 90 -13.60 23.56 0.31
CA ILE AB 90 -12.20 23.25 0.02
C ILE AB 90 -12.10 22.04 -0.91
N THR AB 91 -12.97 21.05 -0.73
CA THR AB 91 -12.97 19.88 -1.60
C THR AB 91 -13.29 20.24 -3.05
N LEU AB 92 -14.25 21.15 -3.27
CA LEU AB 92 -14.49 21.65 -4.62
C LEU AB 92 -13.28 22.39 -5.18
N CYS AB 93 -12.62 23.21 -4.35
CA CYS AB 93 -11.40 23.90 -4.79
C CYS AB 93 -10.30 22.90 -5.15
N ALA AB 94 -10.14 21.86 -4.34
CA ALA AB 94 -9.14 20.83 -4.63
C ALA AB 94 -9.39 20.15 -5.96
N LEU AB 95 -10.63 19.75 -6.23
CA LEU AB 95 -10.98 19.15 -7.51
C LEU AB 95 -10.71 20.11 -8.67
N GLY AB 96 -11.08 21.37 -8.51
CA GLY AB 96 -10.77 22.36 -9.53
C GLY AB 96 -9.27 22.52 -9.77
N ALA AB 97 -8.48 22.57 -8.69
CA ALA AB 97 -7.03 22.68 -8.83
C ALA AB 97 -6.44 21.44 -9.50
N PHE AB 98 -6.81 20.25 -9.03
CA PHE AB 98 -6.20 19.03 -9.56
C PHE AB 98 -6.57 18.79 -11.02
N GLY AB 99 -7.84 19.02 -11.38
CA GLY AB 99 -8.23 18.97 -12.78
C GLY AB 99 -7.54 20.01 -13.65
N SER AB 100 -7.46 21.26 -13.17
CA SER AB 100 -6.73 22.29 -13.91
C SER AB 100 -5.26 21.93 -14.10
N TRP AB 101 -4.64 21.33 -13.09
CA TRP AB 101 -3.25 20.92 -13.20
C TRP AB 101 -3.03 19.88 -14.30
N ALA AB 102 -3.92 18.89 -14.39
CA ALA AB 102 -3.81 17.89 -15.45
C ALA AB 102 -3.99 18.47 -16.84
N LEU AB 103 -4.98 19.36 -17.01
CA LEU AB 103 -5.18 20.00 -18.31
C LEU AB 103 -4.06 20.96 -18.68
N ARG AB 104 -3.51 21.68 -17.70
CA ARG AB 104 -2.33 22.49 -17.96
C ARG AB 104 -1.14 21.65 -18.42
N GLN AB 105 -0.94 20.49 -17.81
CA GLN AB 105 0.11 19.58 -18.27
C GLN AB 105 -0.10 19.12 -19.71
N ALA AB 106 -1.35 18.87 -20.11
CA ALA AB 106 -1.63 18.53 -21.49
C ALA AB 106 -1.27 19.65 -22.47
N GLU AB 107 -1.53 20.91 -22.10
CA GLU AB 107 -1.08 22.02 -22.95
C GLU AB 107 0.44 22.08 -23.07
N ILE AB 108 1.16 21.84 -21.97
CA ILE AB 108 2.61 21.86 -22.02
C ILE AB 108 3.16 20.72 -22.89
N ALA AB 109 2.59 19.52 -22.76
CA ALA AB 109 3.02 18.40 -23.58
C ALA AB 109 2.75 18.64 -25.06
N ARG AB 110 1.57 19.18 -25.38
CA ARG AB 110 1.25 19.52 -26.76
C ARG AB 110 2.21 20.55 -27.35
N LYS AB 111 2.55 21.58 -26.57
CA LYS AB 111 3.49 22.59 -27.05
C LYS AB 111 4.88 22.02 -27.32
N LEU AB 112 5.29 20.99 -26.58
CA LEU AB 112 6.60 20.37 -26.77
C LEU AB 112 6.60 19.18 -27.73
N GLY AB 113 5.44 18.81 -28.28
CA GLY AB 113 5.37 17.67 -29.17
C GLY AB 113 5.49 16.33 -28.49
N MET AB 114 5.20 16.27 -27.19
CA MET AB 114 5.24 15.07 -26.38
C MET AB 114 3.92 14.31 -26.43
N GLY AB 115 3.98 13.02 -26.13
CA GLY AB 115 2.75 12.28 -25.88
C GLY AB 115 2.09 12.68 -24.57
N MET AB 116 0.80 12.33 -24.45
CA MET AB 116 -0.01 12.72 -23.30
C MET AB 116 0.17 11.81 -22.08
N HIS AB 117 1.24 11.02 -22.03
CA HIS AB 117 1.42 10.04 -20.95
C HIS AB 117 1.38 10.65 -19.56
N ILE AB 118 2.00 11.81 -19.36
CA ILE AB 118 2.07 12.42 -18.02
C ILE AB 118 0.71 12.88 -17.51
N PRO AB 119 -0.09 13.66 -18.26
CA PRO AB 119 -1.46 13.94 -17.80
C PRO AB 119 -2.27 12.71 -17.43
N TRP AB 120 -2.25 11.67 -18.26
CA TRP AB 120 -3.01 10.46 -17.97
C TRP AB 120 -2.47 9.70 -16.77
N ALA AB 121 -1.15 9.65 -16.59
CA ALA AB 121 -0.59 9.05 -15.38
C ALA AB 121 -1.06 9.79 -14.13
N TYR AB 122 -1.03 11.12 -14.15
CA TYR AB 122 -1.51 11.90 -13.01
C TYR AB 122 -3.00 11.69 -12.77
N GLY AB 123 -3.78 11.45 -13.83
CA GLY AB 123 -5.16 11.04 -13.68
C GLY AB 123 -5.39 9.85 -12.75
N GLY AB 124 -4.40 8.96 -12.64
CA GLY AB 124 -4.52 7.88 -11.67
C GLY AB 124 -4.56 8.34 -10.23
N ALA AB 125 -3.83 9.41 -9.92
CA ALA AB 125 -3.87 9.98 -8.57
C ALA AB 125 -5.18 10.73 -8.32
N ILE AB 126 -5.63 11.50 -9.32
CA ILE AB 126 -6.91 12.20 -9.20
C ILE AB 126 -8.06 11.22 -9.01
N LEU AB 127 -8.03 10.09 -9.73
CA LEU AB 127 -9.04 9.06 -9.54
C LEU AB 127 -9.10 8.58 -8.10
N ALA AB 128 -7.95 8.33 -7.48
CA ALA AB 128 -7.94 7.88 -6.09
C ALA AB 128 -8.48 8.93 -5.14
N TYR AB 129 -8.09 10.20 -5.33
CA TYR AB 129 -8.65 11.27 -4.52
C TYR AB 129 -10.15 11.40 -4.70
N THR AB 130 -10.61 11.41 -5.95
CA THR AB 130 -12.03 11.52 -6.24
C THR AB 130 -12.82 10.36 -5.67
N THR AB 131 -12.23 9.17 -5.64
CA THR AB 131 -12.88 8.02 -5.00
C THR AB 131 -13.05 8.25 -3.50
N LEU AB 132 -12.03 8.78 -2.82
CA LEU AB 132 -12.10 8.99 -1.39
C LEU AB 132 -13.10 10.07 -0.99
N VAL AB 133 -13.15 11.19 -1.71
CA VAL AB 133 -13.97 12.31 -1.27
C VAL AB 133 -15.27 12.50 -2.04
N VAL AB 134 -15.40 11.96 -3.25
CA VAL AB 134 -16.63 12.04 -4.03
C VAL AB 134 -17.36 10.69 -4.12
N ILE AB 135 -16.73 9.71 -4.76
CA ILE AB 135 -17.48 8.53 -5.20
C ILE AB 135 -17.90 7.67 -4.01
N ARG AB 136 -16.96 7.31 -3.14
CA ARG AB 136 -17.32 6.51 -1.97
C ARG AB 136 -18.28 7.24 -1.03
N PRO AB 137 -18.09 8.53 -0.71
CA PRO AB 137 -19.11 9.24 0.08
C PRO AB 137 -20.48 9.28 -0.59
N PHE AB 138 -20.52 9.49 -1.91
CA PHE AB 138 -21.79 9.49 -2.62
C PHE AB 138 -22.48 8.14 -2.57
N LEU AB 139 -21.73 7.05 -2.78
CA LEU AB 139 -22.32 5.71 -2.68
C LEU AB 139 -22.79 5.39 -1.27
N LEU AB 140 -22.09 5.88 -0.25
CA LEU AB 140 -22.56 5.75 1.12
C LEU AB 140 -23.65 6.75 1.49
N GLY AB 141 -23.86 7.77 0.67
CA GLY AB 141 -24.95 8.71 0.88
C GLY AB 141 -24.70 9.88 1.80
N ALA AB 142 -23.45 10.20 2.12
CA ALA AB 142 -23.15 11.40 2.89
C ALA AB 142 -21.74 11.86 2.59
N TRP AB 143 -21.57 13.18 2.39
CA TRP AB 143 -20.24 13.73 2.21
C TRP AB 143 -19.37 13.57 3.45
N GLY AB 144 -19.99 13.45 4.63
CA GLY AB 144 -19.31 13.19 5.89
C GLY AB 144 -18.43 11.96 5.92
N HIS AB 145 -18.51 11.08 4.93
CA HIS AB 145 -17.58 9.97 4.81
C HIS AB 145 -16.23 10.34 4.24
N GLY AB 146 -16.02 11.57 3.76
CA GLY AB 146 -14.71 11.97 3.31
C GLY AB 146 -13.70 12.06 4.45
N PHE AB 147 -12.42 12.05 4.09
CA PHE AB 147 -11.39 12.17 5.11
C PHE AB 147 -11.14 13.64 5.49
N PRO AB 148 -10.83 13.89 6.77
CA PRO AB 148 -10.56 15.26 7.20
C PRO AB 148 -9.24 15.78 6.66
N TYR AB 149 -9.18 17.09 6.45
CA TYR AB 149 -7.96 17.75 5.98
C TYR AB 149 -7.15 18.19 7.18
N GLY AB 150 -6.12 17.40 7.51
CA GLY AB 150 -5.24 17.61 8.64
C GLY AB 150 -4.14 16.57 8.61
N ILE AB 151 -2.91 17.00 8.85
CA ILE AB 151 -1.74 16.17 8.56
C ILE AB 151 -1.75 14.87 9.35
N PHE AB 152 -2.12 14.92 10.63
CA PHE AB 152 -2.34 13.69 11.36
C PHE AB 152 -3.79 13.28 11.55
N SER AB 153 -4.73 14.22 11.53
CA SER AB 153 -6.12 13.83 11.72
C SER AB 153 -6.65 12.95 10.58
N HIS AB 154 -6.12 13.09 9.37
CA HIS AB 154 -6.48 12.15 8.32
C HIS AB 154 -5.89 10.75 8.54
N LEU AB 155 -4.80 10.63 9.29
CA LEU AB 155 -4.31 9.31 9.66
C LEU AB 155 -5.19 8.65 10.72
N ASP AB 156 -5.82 9.44 11.58
CA ASP AB 156 -6.84 8.89 12.48
C ASP AB 156 -8.03 8.37 11.70
N TRP AB 157 -8.43 9.07 10.65
CA TRP AB 157 -9.49 8.59 9.76
C TRP AB 157 -9.10 7.27 9.09
N VAL AB 158 -7.90 7.20 8.50
CA VAL AB 158 -7.44 5.96 7.88
C VAL AB 158 -7.45 4.81 8.88
N SER AB 159 -6.93 5.05 10.09
CA SER AB 159 -6.97 4.06 11.14
C SER AB 159 -8.38 3.54 11.41
N ASN AB 160 -9.31 4.45 11.70
CA ASN AB 160 -10.67 4.05 12.03
C ASN AB 160 -11.42 3.42 10.86
N VAL AB 161 -11.19 3.87 9.61
CA VAL AB 161 -11.81 3.20 8.48
C VAL AB 161 -11.31 1.76 8.35
N GLY AB 162 -10.00 1.54 8.55
CA GLY AB 162 -9.48 0.19 8.49
C GLY AB 162 -10.14 -0.74 9.48
N TYR AB 163 -10.23 -0.31 10.74
CA TYR AB 163 -10.86 -1.11 11.78
C TYR AB 163 -12.39 -1.16 11.70
N GLN AB 164 -13.03 -0.33 10.87
CA GLN AB 164 -14.44 -0.59 10.58
C GLN AB 164 -14.67 -1.96 9.96
N TYR AB 165 -13.63 -2.55 9.36
CA TYR AB 165 -13.71 -3.87 8.77
C TYR AB 165 -12.89 -4.90 9.54
N LEU AB 166 -12.64 -4.61 10.82
CA LEU AB 166 -11.97 -5.46 11.80
C LEU AB 166 -10.51 -5.77 11.50
N HIS AB 167 -10.19 -6.11 10.25
CA HIS AB 167 -8.82 -6.53 9.92
C HIS AB 167 -8.59 -6.24 8.44
N PHE AB 168 -8.34 -4.96 8.14
CA PHE AB 168 -8.32 -4.47 6.77
C PHE AB 168 -7.23 -5.10 5.91
N HIS AB 169 -6.16 -5.65 6.51
CA HIS AB 169 -5.17 -6.42 5.74
C HIS AB 169 -5.77 -7.54 4.91
N TYR AB 170 -6.91 -8.08 5.32
CA TYR AB 170 -7.56 -9.17 4.60
C TYR AB 170 -8.36 -8.70 3.38
N ASN AB 171 -8.45 -7.40 3.14
CA ASN AB 171 -9.12 -6.89 1.95
C ASN AB 171 -8.33 -7.33 0.71
N PRO AB 172 -8.93 -8.11 -0.19
CA PRO AB 172 -8.16 -8.68 -1.30
C PRO AB 172 -7.62 -7.66 -2.28
N ALA AB 173 -8.36 -6.58 -2.55
CA ALA AB 173 -7.87 -5.51 -3.41
C ALA AB 173 -6.78 -4.70 -2.74
N HIS AB 174 -6.83 -4.60 -1.41
CA HIS AB 174 -5.76 -3.95 -0.66
C HIS AB 174 -4.45 -4.73 -0.74
N MET AB 175 -4.52 -6.06 -0.67
CA MET AB 175 -3.34 -6.90 -0.87
C MET AB 175 -2.69 -6.68 -2.23
N ILE AB 176 -3.50 -6.56 -3.29
CA ILE AB 176 -2.95 -6.28 -4.61
C ILE AB 176 -2.32 -4.88 -4.65
N ALA AB 177 -3.04 -3.87 -4.17
CA ALA AB 177 -2.52 -2.52 -4.16
C ALA AB 177 -1.19 -2.41 -3.41
N VAL AB 178 -1.08 -3.05 -2.24
CA VAL AB 178 0.18 -3.07 -1.51
C VAL AB 178 1.28 -3.72 -2.32
N THR AB 179 0.98 -4.85 -2.95
CA THR AB 179 1.96 -5.55 -3.79
C THR AB 179 2.46 -4.67 -4.93
N PHE AB 180 1.58 -3.90 -5.56
CA PHE AB 180 2.02 -2.92 -6.56
C PHE AB 180 2.93 -1.85 -5.96
N PHE AB 181 2.56 -1.29 -4.82
CA PHE AB 181 3.41 -0.28 -4.18
C PHE AB 181 4.79 -0.82 -3.82
N PHE AB 182 4.85 -2.01 -3.26
CA PHE AB 182 6.14 -2.59 -2.89
C PHE AB 182 6.96 -2.98 -4.11
N THR AB 183 6.33 -3.58 -5.12
CA THR AB 183 7.03 -3.93 -6.35
C THR AB 183 7.52 -2.69 -7.10
N ASN AB 184 6.72 -1.63 -7.13
CA ASN AB 184 7.16 -0.35 -7.71
C ASN AB 184 8.45 0.15 -7.06
N CYS AB 185 8.51 0.15 -5.73
CA CYS AB 185 9.68 0.68 -5.05
C CYS AB 185 10.94 -0.15 -5.32
N LEU AB 186 10.80 -1.47 -5.36
CA LEU AB 186 11.90 -2.33 -5.80
C LEU AB 186 12.33 -1.99 -7.23
N ALA AB 187 11.36 -1.92 -8.15
CA ALA AB 187 11.68 -1.61 -9.54
C ALA AB 187 12.35 -0.25 -9.70
N LEU AB 188 11.93 0.74 -8.92
CA LEU AB 188 12.57 2.05 -8.96
C LEU AB 188 14.01 2.00 -8.46
N ALA AB 189 14.26 1.30 -7.36
CA ALA AB 189 15.62 1.09 -6.89
C ALA AB 189 16.48 0.38 -7.92
N MET AB 190 15.91 -0.62 -8.59
CA MET AB 190 16.65 -1.40 -9.57
C MET AB 190 17.00 -0.58 -10.81
N HIS AB 191 16.01 0.08 -11.41
CA HIS AB 191 16.26 0.91 -12.59
C HIS AB 191 17.17 2.09 -12.27
N GLY AB 192 16.92 2.79 -11.17
CA GLY AB 192 17.79 3.88 -10.78
C GLY AB 192 19.25 3.46 -10.61
N SER AB 193 19.46 2.32 -9.95
CA SER AB 193 20.81 1.81 -9.74
C SER AB 193 21.52 1.42 -11.04
N LEU AB 194 20.80 0.80 -11.97
CA LEU AB 194 21.45 0.36 -13.21
C LEU AB 194 21.89 1.53 -14.08
N ILE AB 195 21.05 2.54 -14.26
CA ILE AB 195 21.45 3.72 -15.03
C ILE AB 195 22.63 4.43 -14.38
N LEU AB 196 22.58 4.62 -13.06
CA LEU AB 196 23.67 5.32 -12.39
C LEU AB 196 24.98 4.54 -12.46
N SER AB 197 24.91 3.21 -12.36
CA SER AB 197 26.13 2.41 -12.31
C SER AB 197 26.80 2.21 -13.66
N VAL AB 198 26.07 2.34 -14.78
CA VAL AB 198 26.75 2.42 -16.07
C VAL AB 198 27.26 3.83 -16.36
N THR AB 199 26.54 4.87 -15.94
CA THR AB 199 26.99 6.23 -16.18
C THR AB 199 28.00 6.72 -15.17
N ASN AB 200 28.14 6.03 -14.04
CA ASN AB 200 29.16 6.33 -13.04
C ASN AB 200 29.87 5.03 -12.65
N PRO AB 201 30.71 4.52 -13.53
CA PRO AB 201 31.51 3.35 -13.21
C PRO AB 201 32.59 3.70 -12.20
N PRO AB 202 33.26 2.70 -11.59
CA PRO AB 202 34.34 3.01 -10.65
C PRO AB 202 35.43 3.83 -11.33
N LYS AB 203 36.07 4.68 -10.54
CA LYS AB 203 37.07 5.61 -11.08
C LYS AB 203 38.11 4.88 -11.91
N GLY AB 204 38.41 5.45 -13.08
CA GLY AB 204 39.34 4.85 -14.02
C GLY AB 204 38.76 3.74 -14.87
N THR AB 205 37.47 3.79 -15.17
CA THR AB 205 36.78 2.78 -15.96
C THR AB 205 35.95 3.46 -17.04
N PRO AB 206 35.88 2.89 -18.24
CA PRO AB 206 35.05 3.50 -19.30
C PRO AB 206 33.58 3.56 -18.91
N THR AB 207 32.89 4.55 -19.46
CA THR AB 207 31.44 4.66 -19.30
C THR AB 207 30.75 3.44 -19.90
N GLY AB 208 29.78 2.90 -19.16
CA GLY AB 208 29.10 1.68 -19.55
C GLY AB 208 28.17 1.88 -20.72
N THR AB 209 27.45 0.80 -21.05
CA THR AB 209 26.66 0.72 -22.27
C THR AB 209 25.30 0.11 -21.97
N SER AB 210 24.39 0.26 -22.93
CA SER AB 210 23.10 -0.41 -22.89
C SER AB 210 23.26 -1.92 -22.72
N GLU AB 211 24.22 -2.51 -23.43
CA GLU AB 211 24.49 -3.95 -23.34
C GLU AB 211 24.85 -4.40 -21.93
N GLN AB 212 25.65 -3.61 -21.20
CA GLN AB 212 25.97 -3.97 -19.82
C GLN AB 212 24.75 -3.96 -18.91
N GLU AB 213 23.92 -2.93 -18.97
CA GLU AB 213 22.74 -2.93 -18.11
C GLU AB 213 21.76 -4.03 -18.50
N ASN AB 214 21.69 -4.35 -19.80
CA ASN AB 214 20.88 -5.47 -20.27
C ASN AB 214 21.41 -6.81 -19.73
N VAL AB 215 22.72 -7.02 -19.78
CA VAL AB 215 23.33 -8.23 -19.19
C VAL AB 215 23.03 -8.32 -17.70
N PHE AB 216 23.28 -7.25 -16.95
CA PHE AB 216 23.08 -7.31 -15.51
C PHE AB 216 21.62 -7.53 -15.14
N PHE AB 217 20.71 -6.79 -15.79
CA PHE AB 217 19.30 -6.94 -15.51
C PHE AB 217 18.82 -8.37 -15.76
N ARG AB 218 19.32 -9.01 -16.82
CA ARG AB 218 18.98 -10.39 -17.10
C ARG AB 218 19.49 -11.34 -16.01
N ASP AB 219 20.67 -11.08 -15.45
CA ASP AB 219 21.11 -11.83 -14.28
C ASP AB 219 20.21 -11.60 -13.06
N LEU AB 220 19.62 -10.42 -12.93
CA LEU AB 220 18.78 -10.15 -11.76
C LEU AB 220 17.42 -10.84 -11.85
N LEU AB 221 16.72 -10.70 -12.98
CA LEU AB 221 15.37 -11.22 -13.10
C LEU AB 221 15.23 -12.46 -13.97
N GLY AB 222 16.27 -12.84 -14.71
CA GLY AB 222 16.19 -13.97 -15.61
C GLY AB 222 15.58 -13.68 -16.96
N TYR AB 223 15.30 -12.42 -17.27
CA TYR AB 223 14.86 -12.01 -18.60
C TYR AB 223 15.32 -10.57 -18.82
N SER AB 224 15.43 -10.18 -20.09
CA SER AB 224 15.80 -8.82 -20.46
C SER AB 224 14.54 -8.03 -20.79
N ILE AB 225 14.34 -6.93 -20.07
CA ILE AB 225 13.13 -6.12 -20.22
C ILE AB 225 13.24 -5.08 -21.34
N GLY AB 226 14.45 -4.59 -21.62
CA GLY AB 226 14.66 -3.54 -22.61
C GLY AB 226 14.38 -2.15 -22.05
N ALA AB 227 14.91 -1.15 -22.76
CA ALA AB 227 14.90 0.22 -22.26
C ALA AB 227 13.50 0.81 -22.18
N ILE AB 228 12.67 0.62 -23.22
CA ILE AB 228 11.29 1.05 -23.14
C ILE AB 228 10.49 0.20 -22.16
N GLY AB 229 10.82 -1.09 -22.05
CA GLY AB 229 10.05 -1.98 -21.22
C GLY AB 229 10.09 -1.64 -19.73
N ILE AB 230 11.25 -1.22 -19.23
CA ILE AB 230 11.35 -0.84 -17.83
C ILE AB 230 10.55 0.41 -17.51
N HIS AB 231 10.46 1.36 -18.45
CA HIS AB 231 9.61 2.53 -18.23
C HIS AB 231 8.12 2.21 -18.34
N ARG AB 232 7.74 1.33 -19.27
CA ARG AB 232 6.38 0.80 -19.25
C ARG AB 232 6.06 0.10 -17.93
N LEU AB 233 6.98 -0.72 -17.44
CA LEU AB 233 6.77 -1.42 -16.18
C LEU AB 233 6.60 -0.45 -15.01
N GLY AB 234 7.49 0.53 -14.90
CA GLY AB 234 7.37 1.50 -13.83
C GLY AB 234 6.06 2.27 -13.85
N LEU AB 235 5.64 2.70 -15.04
CA LEU AB 235 4.34 3.36 -15.17
C LEU AB 235 3.19 2.44 -14.81
N PHE AB 236 3.22 1.21 -15.30
CA PHE AB 236 2.21 0.21 -14.96
C PHE AB 236 2.13 -0.04 -13.45
N LEU AB 237 3.27 -0.24 -12.80
CA LEU AB 237 3.28 -0.50 -11.37
C LEU AB 237 2.79 0.70 -10.55
N ALA AB 238 3.35 1.88 -10.81
CA ALA AB 238 2.98 3.06 -10.04
C ALA AB 238 1.50 3.45 -10.21
N VAL AB 239 1.01 3.46 -11.45
CA VAL AB 239 -0.38 3.83 -11.69
C VAL AB 239 -1.32 2.69 -11.28
N GLY AB 240 -0.96 1.45 -11.57
CA GLY AB 240 -1.73 0.31 -11.09
C GLY AB 240 -1.91 0.28 -9.58
N ALA AB 241 -0.89 0.72 -8.84
CA ALA AB 241 -1.01 0.84 -7.38
C ALA AB 241 -2.15 1.78 -6.98
N ALA AB 242 -2.19 2.97 -7.59
CA ALA AB 242 -3.26 3.92 -7.29
C ALA AB 242 -4.64 3.43 -7.74
N VAL AB 243 -4.72 2.76 -8.88
CA VAL AB 243 -6.02 2.23 -9.34
C VAL AB 243 -6.52 1.13 -8.43
N TRP AB 244 -5.67 0.17 -8.07
CA TRP AB 244 -6.06 -0.84 -7.08
C TRP AB 244 -6.33 -0.25 -5.70
N SER AB 245 -5.67 0.85 -5.34
CA SER AB 245 -6.03 1.56 -4.12
C SER AB 245 -7.46 2.10 -4.18
N ALA AB 246 -7.80 2.77 -5.29
CA ALA AB 246 -9.16 3.25 -5.48
C ALA AB 246 -10.20 2.13 -5.40
N ILE AB 247 -9.91 0.97 -5.99
CA ILE AB 247 -10.80 -0.17 -5.89
C ILE AB 247 -10.95 -0.66 -4.46
N CYS AB 248 -9.83 -0.80 -3.75
CA CYS AB 248 -9.88 -1.38 -2.40
C CYS AB 248 -10.69 -0.55 -1.43
N ILE AB 249 -10.69 0.78 -1.57
CA ILE AB 249 -11.50 1.61 -0.67
C ILE AB 249 -12.95 1.72 -1.12
N VAL AB 250 -13.23 1.73 -2.43
CA VAL AB 250 -14.61 1.85 -2.89
C VAL AB 250 -15.43 0.58 -2.64
N ILE AB 251 -14.79 -0.59 -2.59
CA ILE AB 251 -15.51 -1.80 -2.20
C ILE AB 251 -15.77 -1.89 -0.70
N SER AB 252 -15.02 -1.16 0.12
CA SER AB 252 -15.19 -1.19 1.57
C SER AB 252 -16.30 -0.24 2.00
N GLY AB 253 -17.48 -0.80 2.28
CA GLY AB 253 -18.64 -0.04 2.65
C GLY AB 253 -19.77 -0.06 1.64
N PRO AB 254 -19.55 0.51 0.46
CA PRO AB 254 -20.60 0.43 -0.58
C PRO AB 254 -20.95 -0.99 -0.98
N PHE AB 255 -19.97 -1.88 -1.06
CA PHE AB 255 -20.20 -3.23 -1.56
C PHE AB 255 -19.96 -4.32 -0.53
N TRP AB 256 -18.94 -4.20 0.32
CA TRP AB 256 -18.73 -5.11 1.43
C TRP AB 256 -18.89 -4.36 2.74
N THR AB 257 -19.59 -4.97 3.70
CA THR AB 257 -19.81 -4.34 5.00
C THR AB 257 -19.46 -5.21 6.20
N GLN AB 258 -19.06 -6.45 5.99
CA GLN AB 258 -18.62 -7.32 7.08
C GLN AB 258 -17.13 -7.10 7.34
N GLY AB 259 -16.60 -7.81 8.33
CA GLY AB 259 -15.16 -7.91 8.44
C GLY AB 259 -14.55 -8.41 7.15
N TRP AB 260 -13.36 -7.94 6.80
CA TRP AB 260 -12.68 -8.49 5.64
C TRP AB 260 -12.20 -9.94 5.80
N PRO AB 261 -11.84 -10.43 7.00
CA PRO AB 261 -11.46 -11.85 7.08
C PRO AB 261 -12.55 -12.81 6.59
N GLU AB 262 -13.80 -12.57 6.94
CA GLU AB 262 -14.89 -13.47 6.53
C GLU AB 262 -15.27 -13.35 5.06
N TRP AB 263 -14.70 -12.40 4.31
CA TRP AB 263 -14.82 -12.45 2.85
C TRP AB 263 -14.21 -13.71 2.27
N TRP AB 264 -13.14 -14.22 2.88
CA TRP AB 264 -12.41 -15.39 2.38
C TRP AB 264 -13.17 -16.69 2.54
N ASN AB 265 -14.37 -16.64 3.12
CA ASN AB 265 -15.21 -17.83 3.27
C ASN AB 265 -15.51 -18.51 1.92
N TRP AB 266 -15.54 -17.76 0.82
CA TRP AB 266 -15.76 -18.37 -0.49
C TRP AB 266 -14.64 -19.35 -0.87
N TRP AB 267 -13.40 -19.03 -0.48
CA TRP AB 267 -12.28 -19.90 -0.82
C TRP AB 267 -12.31 -21.20 -0.04
N LEU AB 268 -12.67 -21.14 1.24
CA LEU AB 268 -12.81 -22.33 2.06
C LEU AB 268 -13.94 -23.24 1.60
N ASN AB 269 -14.93 -22.71 0.87
CA ASN AB 269 -16.09 -23.46 0.44
C ASN AB 269 -16.08 -23.87 -1.03
N LEU AB 270 -14.95 -23.77 -1.73
CA LEU AB 270 -14.89 -24.34 -3.06
C LEU AB 270 -15.26 -25.83 -3.01
N PRO AB 271 -16.09 -26.30 -3.94
CA PRO AB 271 -16.67 -27.65 -3.81
C PRO AB 271 -15.65 -28.79 -3.84
N ILE AB 272 -14.49 -28.59 -4.45
CA ILE AB 272 -13.41 -29.57 -4.39
C ILE AB 272 -12.93 -29.86 -2.97
N TRP AB 273 -13.26 -29.02 -2.01
CA TRP AB 273 -12.77 -29.24 -0.64
C TRP AB 273 -13.67 -28.65 0.43
N LYS AB 274 -14.92 -28.36 0.12
CA LYS AB 274 -15.88 -27.80 1.08
C LYS AB 274 -16.03 -28.69 2.31
N THR BB 9 5.27 -1.77 -33.39
CA THR BB 9 4.82 -3.07 -32.91
C THR BB 9 4.54 -4.02 -34.06
N ARG BB 10 4.53 -5.32 -33.74
CA ARG BB 10 4.16 -6.38 -34.67
C ARG BB 10 4.96 -6.33 -35.97
N VAL BB 11 6.18 -5.81 -35.88
CA VAL BB 11 7.26 -6.10 -36.82
C VAL BB 11 8.51 -6.37 -36.00
N GLN BB 12 8.51 -7.48 -35.28
CA GLN BB 12 9.64 -7.87 -34.46
C GLN BB 12 10.79 -8.32 -35.35
N VAL BB 13 12.01 -7.94 -34.98
CA VAL BB 13 13.18 -8.61 -35.54
C VAL BB 13 13.56 -9.79 -34.67
N ARG BB 14 14.22 -10.76 -35.31
CA ARG BB 14 14.71 -11.98 -34.67
C ARG BB 14 16.14 -12.20 -35.14
N THR BB 15 17.05 -12.43 -34.19
CA THR BB 15 18.48 -12.44 -34.46
C THR BB 15 19.06 -13.83 -34.19
N VAL BB 16 19.61 -14.46 -35.23
CA VAL BB 16 19.97 -15.88 -35.16
C VAL BB 16 21.36 -16.04 -34.55
N PRO BB 17 22.46 -15.58 -35.18
CA PRO BB 17 23.70 -15.36 -34.40
C PRO BB 17 23.51 -14.39 -33.26
N GLU BB 18 24.52 -14.36 -32.40
CA GLU BB 18 24.42 -13.83 -31.04
C GLU BB 18 24.34 -12.31 -31.02
N PRO BB 19 23.25 -11.72 -30.53
CA PRO BB 19 23.28 -10.31 -30.13
C PRO BB 19 24.20 -10.10 -28.93
N GLY BB 20 24.63 -8.84 -28.75
CA GLY BB 20 25.72 -8.54 -27.87
C GLY BB 20 27.10 -8.86 -28.41
N ILE BB 21 27.17 -9.48 -29.59
CA ILE BB 21 28.42 -9.70 -30.31
C ILE BB 21 29.51 -10.30 -29.44
N PHE BB 36 15.21 -15.18 -31.19
CA PHE BB 36 16.11 -14.47 -30.30
C PHE BB 36 17.20 -15.43 -29.80
N SER BB 37 18.26 -14.88 -29.22
CA SER BB 37 19.43 -15.66 -28.78
C SER BB 37 20.26 -14.76 -27.87
N TYR BB 38 21.32 -15.33 -27.29
CA TYR BB 38 22.20 -14.54 -26.44
C TYR BB 38 23.65 -15.02 -26.56
N LEU BB 39 24.58 -14.07 -26.38
CA LEU BB 39 26.01 -14.33 -26.47
C LEU BB 39 26.49 -15.26 -25.36
N ALA BB 40 27.33 -16.23 -25.73
CA ALA BB 40 28.29 -16.85 -24.82
C ALA BB 40 29.67 -16.23 -25.02
N GLY BB 41 30.19 -15.59 -23.98
CA GLY BB 41 31.45 -14.88 -24.11
C GLY BB 41 31.88 -14.22 -22.82
N LYS BB 42 32.72 -13.20 -22.94
CA LYS BB 42 33.21 -12.45 -21.79
C LYS BB 42 33.20 -10.95 -22.01
N PHE BB 43 32.88 -10.20 -20.93
CA PHE BB 43 33.14 -8.77 -20.84
C PHE BB 43 34.29 -8.56 -19.86
N GLY BB 44 35.47 -9.06 -20.19
CA GLY BB 44 36.58 -9.10 -19.25
C GLY BB 44 36.47 -10.24 -18.25
N ASP BB 45 36.41 -9.90 -16.96
CA ASP BB 45 36.22 -10.92 -15.93
C ASP BB 45 34.84 -11.57 -15.97
N ALA BB 46 33.85 -10.90 -16.56
CA ALA BB 46 32.46 -11.35 -16.50
C ALA BB 46 32.13 -12.33 -17.61
N GLN BB 47 31.72 -13.55 -17.22
CA GLN BB 47 31.14 -14.51 -18.14
C GLN BB 47 29.74 -14.09 -18.57
N ILE BB 48 29.45 -14.25 -19.87
CA ILE BB 48 28.14 -13.96 -20.44
C ILE BB 48 27.51 -15.26 -20.93
N GLY BB 49 26.17 -15.33 -20.85
CA GLY BB 49 25.43 -16.48 -21.30
C GLY BB 49 24.46 -17.02 -20.27
N PRO BB 50 24.93 -17.93 -19.42
CA PRO BB 50 24.09 -18.41 -18.31
C PRO BB 50 23.77 -17.30 -17.31
N ILE BB 51 22.64 -17.46 -16.62
CA ILE BB 51 22.30 -16.58 -15.51
C ILE BB 51 23.32 -16.77 -14.39
N TYR BB 52 24.03 -15.69 -14.04
CA TYR BB 52 25.21 -15.79 -13.19
C TYR BB 52 24.84 -16.16 -11.76
N LEU BB 53 25.47 -17.22 -11.24
CA LEU BB 53 25.42 -17.55 -9.81
C LEU BB 53 26.76 -17.33 -9.12
N GLY BB 54 27.82 -17.97 -9.59
CA GLY BB 54 29.06 -18.07 -8.86
C GLY BB 54 28.93 -18.80 -7.53
N TRP BB 55 30.02 -18.88 -6.78
CA TRP BB 55 29.99 -19.63 -5.52
C TRP BB 55 28.97 -19.06 -4.53
N ALA BB 56 28.87 -17.75 -4.46
CA ALA BB 56 27.93 -17.14 -3.51
C ALA BB 56 26.48 -17.37 -3.91
N GLY BB 57 26.20 -17.36 -5.21
CA GLY BB 57 24.85 -17.65 -5.68
C GLY BB 57 24.41 -19.09 -5.43
N VAL BB 58 25.30 -20.04 -5.67
CA VAL BB 58 24.99 -21.45 -5.41
C VAL BB 58 24.70 -21.68 -3.93
N LEU BB 59 25.59 -21.19 -3.05
CA LEU BB 59 25.34 -21.34 -1.62
C LEU BB 59 24.07 -20.63 -1.19
N SER BB 60 23.78 -19.46 -1.75
CA SER BB 60 22.55 -18.76 -1.43
C SER BB 60 21.31 -19.59 -1.74
N LEU BB 61 21.30 -20.26 -2.90
CA LEU BB 61 20.17 -21.11 -3.26
C LEU BB 61 20.06 -22.34 -2.35
N ILE BB 62 21.19 -22.95 -1.98
CA ILE BB 62 21.15 -24.08 -1.06
C ILE BB 62 20.60 -23.66 0.30
N PHE BB 63 21.17 -22.62 0.89
CA PHE BB 63 20.69 -22.15 2.19
C PHE BB 63 19.24 -21.69 2.13
N GLY BB 64 18.86 -20.97 1.07
CA GLY BB 64 17.51 -20.49 0.94
C GLY BB 64 16.50 -21.59 0.70
N PHE BB 65 16.87 -22.61 -0.10
CA PHE BB 65 16.01 -23.78 -0.29
C PHE BB 65 15.70 -24.49 1.03
N ILE BB 66 16.71 -24.70 1.88
CA ILE BB 66 16.47 -25.32 3.18
C ILE BB 66 15.55 -24.46 4.05
N ALA BB 67 15.69 -23.14 3.98
CA ALA BB 67 14.75 -22.26 4.70
C ALA BB 67 13.32 -22.43 4.21
N ILE BB 68 13.12 -22.43 2.89
CA ILE BB 68 11.80 -22.64 2.31
C ILE BB 68 11.22 -24.00 2.68
N GLU BB 69 12.05 -25.05 2.62
CA GLU BB 69 11.62 -26.38 3.02
C GLU BB 69 11.20 -26.47 4.48
N ILE BB 70 11.99 -25.90 5.39
CA ILE BB 70 11.60 -25.92 6.80
C ILE BB 70 10.26 -25.22 7.03
N ILE BB 71 10.07 -24.07 6.38
CA ILE BB 71 8.80 -23.35 6.54
C ILE BB 71 7.63 -24.18 6.01
N GLY BB 72 7.75 -24.69 4.79
CA GLY BB 72 6.65 -25.44 4.19
C GLY BB 72 6.34 -26.73 4.90
N LEU BB 73 7.36 -27.48 5.31
CA LEU BB 73 7.14 -28.71 6.06
C LEU BB 73 6.50 -28.45 7.42
N ASN BB 74 6.87 -27.35 8.09
CA ASN BB 74 6.19 -27.00 9.33
C ASN BB 74 4.74 -26.60 9.09
N MET BB 75 4.48 -25.83 8.04
CA MET BB 75 3.10 -25.47 7.69
C MET BB 75 2.27 -26.72 7.40
N TRP BB 76 2.82 -27.62 6.60
CA TRP BB 76 2.12 -28.85 6.21
C TRP BB 76 1.91 -29.78 7.40
N ALA BB 77 2.90 -29.92 8.28
CA ALA BB 77 2.70 -30.64 9.53
C ALA BB 77 1.60 -30.05 10.40
N SER BB 78 1.40 -28.74 10.35
CA SER BB 78 0.39 -28.11 11.21
C SER BB 78 -1.04 -28.39 10.81
N VAL BB 79 -1.28 -28.85 9.57
CA VAL BB 79 -2.58 -29.40 9.21
C VAL BB 79 -2.57 -30.93 9.23
N GLY BB 80 -1.66 -31.53 10.00
CA GLY BB 80 -1.58 -32.97 10.13
C GLY BB 80 -1.23 -33.68 8.85
N TRP BB 81 -0.39 -33.07 8.01
CA TRP BB 81 0.07 -33.60 6.73
C TRP BB 81 -1.02 -33.72 5.67
N ASP BB 82 -2.20 -33.19 5.91
CA ASP BB 82 -3.31 -33.30 4.98
C ASP BB 82 -3.06 -32.42 3.76
N PRO BB 83 -2.85 -33.00 2.57
CA PRO BB 83 -2.48 -32.18 1.41
C PRO BB 83 -3.62 -31.33 0.88
N VAL BB 84 -4.87 -31.73 1.12
CA VAL BB 84 -6.01 -30.90 0.76
C VAL BB 84 -6.08 -29.68 1.68
N GLU BB 85 -5.97 -29.88 2.99
CA GLU BB 85 -5.95 -28.74 3.90
C GLU BB 85 -4.71 -27.88 3.71
N PHE BB 86 -3.60 -28.47 3.26
CA PHE BB 86 -2.39 -27.69 3.02
C PHE BB 86 -2.60 -26.64 1.95
N ILE BB 87 -3.30 -26.98 0.86
CA ILE BB 87 -3.66 -26.01 -0.16
C ILE BB 87 -4.83 -25.14 0.29
N ARG BB 88 -5.89 -25.75 0.84
CA ARG BB 88 -7.07 -25.00 1.25
C ARG BB 88 -6.75 -23.93 2.28
N GLN BB 89 -5.96 -24.26 3.29
CA GLN BB 89 -5.67 -23.35 4.39
C GLN BB 89 -4.37 -22.57 4.23
N LEU BB 90 -3.67 -22.75 3.10
CA LEU BB 90 -2.30 -22.24 2.94
C LEU BB 90 -2.08 -20.82 3.45
N PRO BB 91 -2.87 -19.80 3.10
CA PRO BB 91 -2.55 -18.45 3.56
C PRO BB 91 -2.72 -18.24 5.05
N TRP BB 92 -3.43 -19.11 5.77
CA TRP BB 92 -3.49 -19.04 7.23
C TRP BB 92 -2.37 -19.79 7.94
N LEU BB 93 -1.58 -20.61 7.23
CA LEU BB 93 -0.58 -21.43 7.91
C LEU BB 93 0.62 -20.60 8.31
N ALA BB 94 1.24 -20.97 9.44
CA ALA BB 94 2.37 -20.24 9.99
C ALA BB 94 3.43 -21.20 10.49
N LEU BB 95 4.70 -20.80 10.32
CA LEU BB 95 5.77 -21.22 11.21
C LEU BB 95 6.02 -20.07 12.19
N GLU BB 96 5.78 -20.33 13.48
CA GLU BB 96 5.53 -19.32 14.49
C GLU BB 96 6.73 -19.16 15.43
N PRO BB 97 7.10 -17.94 15.81
CA PRO BB 97 8.26 -17.72 16.69
C PRO BB 97 8.10 -18.35 18.07
N PRO BB 98 9.18 -18.40 18.86
CA PRO BB 98 9.14 -19.05 20.20
C PRO BB 98 8.19 -18.37 21.18
N PRO BB 99 7.87 -19.05 22.28
CA PRO BB 99 7.07 -18.43 23.34
C PRO BB 99 7.84 -17.31 24.05
N PRO BB 100 7.14 -16.32 24.60
CA PRO BB 100 7.83 -15.15 25.17
C PRO BB 100 8.75 -15.41 26.34
N GLN BB 101 8.40 -16.32 27.26
CA GLN BB 101 9.19 -16.49 28.47
C GLN BB 101 10.56 -17.12 28.26
N TYR BB 102 10.83 -17.69 27.08
CA TYR BB 102 12.20 -18.10 26.76
C TYR BB 102 13.16 -16.94 26.56
N GLY BB 103 12.67 -15.72 26.37
CA GLY BB 103 13.56 -14.63 26.03
C GLY BB 103 14.41 -14.94 24.81
N LEU BB 104 15.72 -14.84 24.95
CA LEU BB 104 16.65 -15.15 23.86
C LEU BB 104 17.23 -16.55 23.94
N ARG BB 105 16.80 -17.37 24.90
CA ARG BB 105 17.28 -18.73 25.04
C ARG BB 105 16.77 -19.61 23.89
N VAL BB 106 17.45 -20.72 23.67
CA VAL BB 106 17.01 -21.67 22.63
C VAL BB 106 15.69 -22.32 23.03
N PRO BB 107 14.69 -22.32 22.15
CA PRO BB 107 13.38 -22.86 22.50
C PRO BB 107 13.24 -24.31 22.07
N PRO BB 108 12.19 -25.00 22.53
CA PRO BB 108 11.92 -26.36 22.04
C PRO BB 108 11.69 -26.37 20.53
N LEU BB 109 12.05 -27.49 19.91
CA LEU BB 109 12.01 -27.60 18.46
C LEU BB 109 10.62 -27.34 17.89
N ASN BB 110 9.58 -27.90 18.50
CA ASN BB 110 8.21 -27.66 18.07
C ASN BB 110 7.66 -26.32 18.50
N GLN BB 111 8.32 -25.62 19.41
CA GLN BB 111 7.85 -24.32 19.87
C GLN BB 111 8.84 -23.22 19.51
N GLY BB 112 9.14 -23.09 18.21
CA GLY BB 112 9.97 -22.03 17.68
C GLY BB 112 11.40 -22.41 17.37
N GLY BB 113 11.82 -23.65 17.69
CA GLY BB 113 13.14 -24.08 17.29
C GLY BB 113 13.32 -24.16 15.78
N TRP BB 114 12.31 -24.70 15.09
CA TRP BB 114 12.30 -24.65 13.63
C TRP BB 114 12.22 -23.22 13.10
N TYR BB 115 11.50 -22.34 13.80
CA TYR BB 115 11.41 -20.95 13.36
C TYR BB 115 12.80 -20.29 13.31
N LEU BB 116 13.55 -20.36 14.41
CA LEU BB 116 14.86 -19.73 14.45
C LEU BB 116 15.81 -20.35 13.44
N MET BB 117 15.68 -21.65 13.19
CA MET BB 117 16.52 -22.32 12.20
C MET BB 117 16.21 -21.82 10.79
N ALA BB 118 14.94 -21.70 10.44
CA ALA BB 118 14.57 -21.13 9.14
C ALA BB 118 14.99 -19.68 9.01
N GLY BB 119 14.83 -18.89 10.08
CA GLY BB 119 15.31 -17.51 10.06
C GLY BB 119 16.80 -17.38 9.86
N PHE BB 120 17.58 -18.26 10.48
CA PHE BB 120 19.03 -18.27 10.28
C PHE BB 120 19.41 -18.56 8.83
N PHE BB 121 18.88 -19.64 8.25
CA PHE BB 121 19.24 -19.98 6.89
C PHE BB 121 18.75 -18.97 5.87
N LEU BB 122 17.57 -18.40 6.09
CA LEU BB 122 17.09 -17.30 5.26
C LEU BB 122 18.04 -16.10 5.31
N THR BB 123 18.48 -15.73 6.51
CA THR BB 123 19.37 -14.59 6.66
C THR BB 123 20.72 -14.81 5.96
N VAL BB 124 21.32 -15.98 6.16
CA VAL BB 124 22.54 -16.33 5.43
C VAL BB 124 22.31 -16.29 3.92
N SER BB 125 21.21 -16.89 3.45
CA SER BB 125 20.89 -16.90 2.03
C SER BB 125 20.76 -15.49 1.45
N ILE BB 126 20.14 -14.58 2.18
CA ILE BB 126 20.02 -13.19 1.73
C ILE BB 126 21.39 -12.52 1.63
N ILE BB 127 22.23 -12.69 2.65
CA ILE BB 127 23.57 -12.10 2.64
C ILE BB 127 24.42 -12.67 1.52
N LEU BB 128 24.34 -13.98 1.28
CA LEU BB 128 25.04 -14.57 0.14
C LEU BB 128 24.52 -14.07 -1.21
N TRP BB 129 23.22 -13.78 -1.31
CA TRP BB 129 22.69 -13.15 -2.51
C TRP BB 129 23.20 -11.73 -2.70
N TRP BB 130 23.34 -10.96 -1.62
CA TRP BB 130 23.97 -9.65 -1.71
C TRP BB 130 25.40 -9.73 -2.23
N ILE BB 131 26.19 -10.66 -1.70
CA ILE BB 131 27.55 -10.87 -2.20
C ILE BB 131 27.54 -11.25 -3.68
N ARG BB 132 26.65 -12.15 -4.07
CA ARG BB 132 26.51 -12.52 -5.48
C ARG BB 132 26.24 -11.31 -6.37
N ILE BB 133 25.35 -10.41 -5.93
CA ILE BB 133 25.06 -9.20 -6.70
C ILE BB 133 26.25 -8.24 -6.70
N TYR BB 134 26.89 -8.06 -5.54
CA TYR BB 134 28.05 -7.17 -5.45
C TYR BB 134 29.20 -7.64 -6.34
N ARG BB 135 29.51 -8.94 -6.33
CA ARG BB 135 30.55 -9.47 -7.20
C ARG BB 135 30.21 -9.29 -8.69
N ARG BB 136 28.96 -9.53 -9.07
CA ARG BB 136 28.56 -9.39 -10.46
C ARG BB 136 28.65 -7.95 -10.95
N ALA BB 137 28.25 -6.98 -10.13
CA ALA BB 137 28.41 -5.57 -10.51
C ALA BB 137 29.86 -5.22 -10.79
N ARG BB 138 30.78 -5.63 -9.91
CA ARG BB 138 32.19 -5.39 -10.13
C ARG BB 138 32.73 -6.11 -11.36
N ALA BB 139 32.32 -7.35 -11.59
CA ALA BB 139 32.76 -8.07 -12.78
C ALA BB 139 32.32 -7.40 -14.07
N LEU BB 140 31.09 -6.88 -14.11
CA LEU BB 140 30.63 -6.13 -15.28
C LEU BB 140 31.18 -4.71 -15.35
N GLN BB 141 32.08 -4.34 -14.43
CA GLN BB 141 32.73 -3.02 -14.42
C GLN BB 141 31.70 -1.90 -14.26
N MET BB 142 30.73 -2.13 -13.39
CA MET BB 142 29.65 -1.21 -13.10
C MET BB 142 29.84 -0.60 -11.72
N GLY BB 143 29.26 0.59 -11.53
CA GLY BB 143 29.19 1.17 -10.20
C GLY BB 143 28.45 0.28 -9.22
N SER BB 144 28.65 0.58 -7.94
CA SER BB 144 28.16 -0.24 -6.83
C SER BB 144 26.75 0.14 -6.36
N HIS BB 145 26.01 0.92 -7.15
CA HIS BB 145 24.74 1.48 -6.69
C HIS BB 145 23.71 0.41 -6.34
N LEU BB 146 23.62 -0.65 -7.14
CA LEU BB 146 22.60 -1.67 -6.87
C LEU BB 146 22.81 -2.45 -5.58
N PRO BB 147 24.01 -2.96 -5.26
CA PRO BB 147 24.17 -3.61 -3.95
C PRO BB 147 23.95 -2.70 -2.75
N TRP BB 148 24.25 -1.40 -2.83
CA TRP BB 148 23.90 -0.52 -1.72
C TRP BB 148 22.40 -0.22 -1.64
N ALA BB 149 21.70 -0.23 -2.76
CA ALA BB 149 20.24 -0.16 -2.70
C ALA BB 149 19.66 -1.40 -2.05
N PHE BB 150 20.13 -2.59 -2.47
CA PHE BB 150 19.71 -3.84 -1.85
C PHE BB 150 20.08 -3.89 -0.37
N ALA BB 151 21.24 -3.33 0.00
CA ALA BB 151 21.62 -3.23 1.40
C ALA BB 151 20.63 -2.43 2.25
N SER BB 152 19.98 -1.42 1.67
CA SER BB 152 18.92 -0.72 2.40
C SER BB 152 17.72 -1.62 2.70
N ALA BB 153 17.32 -2.46 1.75
CA ALA BB 153 16.26 -3.43 2.00
C ALA BB 153 16.66 -4.46 3.05
N ILE BB 154 17.88 -4.97 2.96
CA ILE BB 154 18.40 -5.91 3.96
C ILE BB 154 18.47 -5.28 5.34
N PHE BB 155 18.78 -3.98 5.41
CA PHE BB 155 18.76 -3.29 6.70
C PHE BB 155 17.39 -3.35 7.37
N LEU BB 156 16.32 -3.00 6.65
CA LEU BB 156 14.98 -3.11 7.21
C LEU BB 156 14.68 -4.54 7.66
N TYR BB 157 14.95 -5.52 6.79
CA TYR BB 157 14.78 -6.92 7.14
C TYR BB 157 15.48 -7.28 8.45
N SER BB 158 16.73 -6.84 8.61
CA SER BB 158 17.49 -7.16 9.82
C SER BB 158 16.93 -6.53 11.09
N THR BB 159 16.20 -5.41 10.99
CA THR BB 159 15.55 -4.87 12.18
C THR BB 159 14.45 -5.78 12.73
N PHE BB 160 13.92 -6.68 11.92
CA PHE BB 160 13.02 -7.71 12.45
C PHE BB 160 13.75 -8.80 13.21
N PHE BB 161 15.09 -8.78 13.21
CA PHE BB 161 15.90 -9.53 14.15
C PHE BB 161 16.42 -8.66 15.31
N PHE BB 162 16.98 -7.49 14.99
CA PHE BB 162 17.59 -6.65 16.02
C PHE BB 162 16.59 -6.05 17.01
N GLN BB 163 15.40 -5.65 16.56
CA GLN BB 163 14.43 -5.14 17.52
C GLN BB 163 13.94 -6.21 18.49
N PRO BB 164 13.58 -7.43 18.05
CA PRO BB 164 13.34 -8.50 19.02
C PRO BB 164 14.51 -8.78 19.95
N LEU BB 165 15.73 -8.72 19.43
CA LEU BB 165 16.93 -8.81 20.26
C LEU BB 165 17.00 -7.68 21.30
N LEU BB 166 16.80 -6.44 20.86
CA LEU BB 166 16.90 -5.31 21.78
C LEU BB 166 15.81 -5.31 22.85
N VAL BB 167 14.59 -5.76 22.53
CA VAL BB 167 13.59 -5.92 23.59
C VAL BB 167 13.75 -7.22 24.36
N GLY BB 168 14.59 -8.14 23.89
CA GLY BB 168 14.97 -9.29 24.69
C GLY BB 168 14.13 -10.55 24.55
N SER BB 169 13.47 -10.76 23.42
CA SER BB 169 12.71 -12.01 23.26
C SER BB 169 12.48 -12.32 21.78
N TRP BB 170 12.81 -13.54 21.37
CA TRP BB 170 12.55 -13.99 20.02
C TRP BB 170 11.05 -14.15 19.71
N SER BB 171 10.19 -14.22 20.73
CA SER BB 171 8.75 -14.22 20.51
C SER BB 171 8.26 -13.02 19.73
N GLU BB 172 9.01 -11.93 19.71
CA GLU BB 172 8.58 -10.70 19.05
C GLU BB 172 8.88 -10.69 17.55
N MET BB 173 9.51 -11.75 17.05
CA MET BB 173 9.84 -11.88 15.64
C MET BB 173 8.59 -12.13 14.79
N VAL BB 174 8.75 -11.95 13.48
CA VAL BB 174 7.66 -12.05 12.51
C VAL BB 174 7.41 -13.50 12.12
N PRO BB 175 6.20 -14.03 12.31
CA PRO BB 175 5.90 -15.39 11.86
C PRO BB 175 5.97 -15.54 10.35
N PHE BB 176 6.50 -16.68 9.90
CA PHE BB 176 6.51 -17.00 8.48
C PHE BB 176 5.12 -17.48 8.08
N GLY BB 177 4.42 -16.71 7.26
CA GLY BB 177 3.09 -17.05 6.83
C GLY BB 177 2.35 -15.86 6.24
N ILE BB 178 1.51 -16.11 5.24
CA ILE BB 178 0.90 -15.05 4.45
C ILE BB 178 0.01 -14.15 5.30
N PHE BB 179 -1.12 -14.68 5.77
CA PHE BB 179 -1.92 -13.88 6.70
C PHE BB 179 -1.30 -13.75 8.10
N PRO BB 180 -0.61 -14.77 8.63
CA PRO BB 180 0.03 -14.58 9.95
C PRO BB 180 1.01 -13.42 10.05
N HIS BB 181 1.83 -13.15 9.03
CA HIS BB 181 2.72 -12.00 9.15
C HIS BB 181 1.96 -10.68 9.07
N LEU BB 182 0.77 -10.66 8.49
CA LEU BB 182 -0.10 -9.48 8.54
C LEU BB 182 -0.79 -9.34 9.89
N ASP BB 183 -1.16 -10.46 10.53
CA ASP BB 183 -1.59 -10.43 11.92
C ASP BB 183 -0.53 -9.82 12.83
N TRP BB 184 0.74 -10.20 12.64
CA TRP BB 184 1.82 -9.60 13.40
C TRP BB 184 1.94 -8.10 13.13
N THR BB 185 1.85 -7.71 11.87
CA THR BB 185 1.98 -6.30 11.50
C THR BB 185 0.93 -5.43 12.19
N SER BB 186 -0.32 -5.88 12.24
CA SER BB 186 -1.35 -5.17 13.00
C SER BB 186 -1.08 -5.17 14.50
N ALA BB 187 -0.75 -6.34 15.06
CA ALA BB 187 -0.54 -6.43 16.51
C ALA BB 187 0.68 -5.66 16.98
N PHE BB 188 1.70 -5.52 16.14
CA PHE BB 188 2.83 -4.66 16.47
C PHE BB 188 2.40 -3.21 16.65
N SER BB 189 1.62 -2.69 15.71
CA SER BB 189 1.09 -1.34 15.84
C SER BB 189 0.18 -1.19 17.06
N ILE BB 190 -0.63 -2.20 17.36
CA ILE BB 190 -1.46 -2.17 18.56
C ILE BB 190 -0.62 -2.16 19.83
N ARG BB 191 0.33 -3.10 19.95
CA ARG BB 191 1.14 -3.21 21.16
C ARG BB 191 1.87 -1.90 21.47
N TYR BB 192 2.44 -1.26 20.46
CA TYR BB 192 3.20 -0.03 20.66
C TYR BB 192 2.40 1.24 20.45
N GLY BB 193 1.07 1.17 20.60
CA GLY BB 193 0.25 2.35 20.72
C GLY BB 193 0.11 3.19 19.46
N ASN BB 194 -0.14 2.53 18.34
CA ASN BB 194 -0.46 3.13 17.04
C ASN BB 194 0.78 3.66 16.31
N LEU BB 195 1.27 2.87 15.35
CA LEU BB 195 2.47 3.19 14.59
C LEU BB 195 2.32 4.38 13.63
N TYR BB 196 1.10 4.88 13.39
CA TYR BB 196 0.97 6.11 12.61
C TYR BB 196 1.70 7.29 13.23
N TYR BB 197 1.83 7.32 14.55
CA TYR BB 197 2.50 8.41 15.23
C TYR BB 197 4.00 8.21 15.38
N ASN BB 198 4.54 7.11 14.87
CA ASN BB 198 5.99 6.97 14.77
C ASN BB 198 6.46 7.85 13.62
N PRO BB 199 7.31 8.86 13.87
CA PRO BB 199 7.68 9.79 12.79
C PRO BB 199 8.52 9.16 11.69
N PHE BB 200 9.27 8.11 11.99
CA PHE BB 200 10.03 7.42 10.97
C PHE BB 200 9.16 6.50 10.11
N HIS BB 201 8.09 5.96 10.68
CA HIS BB 201 7.07 5.30 9.87
C HIS BB 201 6.41 6.30 8.93
N ALA BB 202 6.04 7.47 9.45
CA ALA BB 202 5.49 8.54 8.61
C ALA BB 202 6.43 8.96 7.48
N LEU BB 203 7.72 9.13 7.79
CA LEU BB 203 8.71 9.41 6.76
C LEU BB 203 8.85 8.28 5.77
N SER BB 204 8.88 7.03 6.25
CA SER BB 204 8.98 5.88 5.35
C SER BB 204 7.81 5.83 4.37
N ILE BB 205 6.61 6.18 4.82
CA ILE BB 205 5.46 6.27 3.92
C ILE BB 205 5.62 7.39 2.90
N ALA BB 206 6.13 8.55 3.33
CA ALA BB 206 6.38 9.64 2.40
C ALA BB 206 7.33 9.24 1.27
N PHE BB 207 8.38 8.49 1.58
CA PHE BB 207 9.27 7.97 0.55
C PHE BB 207 8.65 6.83 -0.26
N LEU BB 208 7.82 6.00 0.35
CA LEU BB 208 7.11 4.97 -0.41
C LEU BB 208 6.15 5.59 -1.42
N TYR BB 209 5.35 6.57 -0.99
CA TYR BB 209 4.49 7.28 -1.93
C TYR BB 209 5.30 8.06 -2.96
N GLY BB 210 6.36 8.74 -2.51
CA GLY BB 210 7.23 9.45 -3.43
C GLY BB 210 7.86 8.57 -4.49
N SER BB 211 8.21 7.33 -4.13
CA SER BB 211 8.68 6.38 -5.13
C SER BB 211 7.63 6.07 -6.19
N ALA BB 212 6.35 6.01 -5.81
CA ALA BB 212 5.30 5.85 -6.81
C ALA BB 212 5.08 7.11 -7.63
N VAL BB 213 5.15 8.28 -6.99
CA VAL BB 213 5.09 9.55 -7.71
C VAL BB 213 6.21 9.66 -8.74
N LEU BB 214 7.45 9.41 -8.33
CA LEU BB 214 8.59 9.51 -9.24
C LEU BB 214 8.54 8.52 -10.40
N PHE BB 215 8.21 7.26 -10.14
CA PHE BB 215 8.22 6.30 -11.25
C PHE BB 215 7.04 6.52 -12.19
N ALA BB 216 5.90 6.98 -11.68
CA ALA BB 216 4.83 7.41 -12.56
C ALA BB 216 5.27 8.58 -13.43
N MET BB 217 5.84 9.62 -12.82
CA MET BB 217 6.30 10.79 -13.56
C MET BB 217 7.38 10.44 -14.56
N HIS BB 218 8.37 9.66 -14.13
CA HIS BB 218 9.51 9.34 -14.98
C HIS BB 218 9.14 8.37 -16.10
N GLY BB 219 8.42 7.30 -15.76
CA GLY BB 219 7.94 6.39 -16.80
C GLY BB 219 7.11 7.09 -17.86
N ALA BB 220 6.16 7.92 -17.44
CA ALA BB 220 5.37 8.70 -18.38
C ALA BB 220 6.21 9.70 -19.17
N THR BB 221 7.21 10.32 -18.53
CA THR BB 221 8.08 11.24 -19.25
C THR BB 221 8.86 10.56 -20.37
N ILE BB 222 9.50 9.43 -20.07
CA ILE BB 222 10.31 8.75 -21.07
C ILE BB 222 9.45 8.17 -22.19
N LEU BB 223 8.29 7.60 -21.85
CA LEU BB 223 7.37 7.17 -22.90
C LEU BB 223 6.85 8.32 -23.73
N ALA BB 224 6.67 9.50 -23.12
CA ALA BB 224 6.22 10.67 -23.89
C ALA BB 224 7.27 11.19 -24.87
N VAL BB 225 8.56 10.91 -24.66
CA VAL BB 225 9.60 11.30 -25.60
C VAL BB 225 10.23 10.11 -26.30
N ALA BB 226 9.66 8.90 -26.14
CA ALA BB 226 10.23 7.72 -26.77
C ALA BB 226 10.25 7.82 -28.29
N ARG BB 227 9.25 8.49 -28.88
CA ARG BB 227 9.27 8.80 -30.30
C ARG BB 227 10.56 9.49 -30.76
N MET BB 228 11.19 10.26 -29.88
CA MET BB 228 12.39 11.01 -30.20
C MET BB 228 13.66 10.35 -29.67
N GLY BB 229 13.60 9.07 -29.33
CA GLY BB 229 14.76 8.36 -28.82
C GLY BB 229 15.09 8.64 -27.38
N GLY BB 230 14.11 9.04 -26.57
CA GLY BB 230 14.34 9.36 -25.18
C GLY BB 230 14.62 8.16 -24.30
N GLU BB 231 14.15 6.97 -24.70
CA GLU BB 231 14.41 5.76 -23.91
C GLU BB 231 15.86 5.29 -23.99
N ARG BB 232 16.62 5.75 -24.98
CA ARG BB 232 18.05 5.54 -25.02
C ARG BB 232 18.74 6.48 -24.03
N GLU BB 233 18.47 6.26 -22.74
CA GLU BB 233 18.85 7.21 -21.69
C GLU BB 233 20.35 7.40 -21.56
N ILE BB 234 21.15 6.37 -21.81
CA ILE BB 234 22.60 6.52 -21.68
C ILE BB 234 23.15 7.43 -22.77
N GLU BB 235 22.66 7.28 -24.00
CA GLU BB 235 23.00 8.25 -25.05
C GLU BB 235 22.54 9.66 -24.68
N GLN BB 236 21.31 9.79 -24.17
CA GLN BB 236 20.81 11.10 -23.77
C GLN BB 236 21.60 11.69 -22.60
N ILE BB 237 22.23 10.87 -21.78
CA ILE BB 237 23.08 11.39 -20.71
C ILE BB 237 24.44 11.83 -21.27
N THR BB 238 25.04 11.00 -22.12
CA THR BB 238 26.36 11.31 -22.66
C THR BB 238 26.31 12.35 -23.78
N ASP BB 239 25.21 12.40 -24.55
CA ASP BB 239 25.09 13.28 -25.72
C ASP BB 239 23.65 13.79 -25.80
N ARG BB 240 23.35 14.81 -24.99
CA ARG BB 240 22.01 15.35 -24.81
C ARG BB 240 21.31 15.61 -26.13
N GLY BB 241 20.20 14.89 -26.36
CA GLY BB 241 19.35 15.12 -27.52
C GLY BB 241 18.16 16.01 -27.19
N THR BB 242 17.36 16.27 -28.22
CA THR BB 242 16.13 17.03 -28.04
C THR BB 242 15.13 16.31 -27.14
N ALA BB 243 15.18 14.98 -27.07
CA ALA BB 243 14.31 14.26 -26.14
C ALA BB 243 14.59 14.60 -24.69
N ALA BB 244 15.88 14.72 -24.33
CA ALA BB 244 16.23 15.17 -22.99
C ALA BB 244 15.80 16.61 -22.74
N GLU BB 245 16.06 17.49 -23.71
CA GLU BB 245 15.69 18.90 -23.58
C GLU BB 245 14.19 19.09 -23.39
N ARG BB 246 13.38 18.36 -24.15
CA ARG BB 246 11.93 18.43 -23.97
C ARG BB 246 11.49 17.87 -22.63
N SER BB 247 12.13 16.80 -22.15
CA SER BB 247 11.83 16.28 -20.82
C SER BB 247 12.12 17.30 -19.73
N MET BB 248 13.25 17.99 -19.82
CA MET BB 248 13.59 19.02 -18.84
C MET BB 248 12.63 20.20 -18.90
N LEU BB 249 12.28 20.65 -20.11
CA LEU BB 249 11.39 21.80 -20.24
C LEU BB 249 9.96 21.50 -19.80
N PHE BB 250 9.46 20.29 -20.05
CA PHE BB 250 8.13 19.96 -19.55
C PHE BB 250 8.02 20.19 -18.05
N TRP BB 251 8.95 19.62 -17.29
CA TRP BB 251 8.88 19.73 -15.83
C TRP BB 251 9.22 21.13 -15.35
N ARG BB 252 10.17 21.80 -15.99
CA ARG BB 252 10.44 23.19 -15.66
C ARG BB 252 9.21 24.07 -15.89
N TRP BB 253 8.54 23.89 -17.02
CA TRP BB 253 7.35 24.69 -17.32
C TRP BB 253 6.16 24.31 -16.43
N CYS BB 254 6.06 23.02 -16.08
CA CYS BB 254 4.98 22.57 -15.21
C CYS BB 254 5.14 23.08 -13.78
N MET BB 255 6.26 22.74 -13.13
CA MET BB 255 6.40 22.97 -11.70
C MET BB 255 7.58 23.88 -11.32
N GLY BB 256 8.27 24.47 -12.30
CA GLY BB 256 9.23 25.52 -12.02
C GLY BB 256 10.65 25.07 -11.78
N PHE BB 257 10.91 23.77 -11.75
CA PHE BB 257 12.27 23.26 -11.62
C PHE BB 257 12.33 21.90 -12.30
N ASN BB 258 13.56 21.45 -12.58
CA ASN BB 258 13.74 20.22 -13.34
C ASN BB 258 15.01 19.52 -12.89
N ALA BB 259 15.05 18.21 -13.16
CA ALA BB 259 16.25 17.40 -13.05
C ALA BB 259 16.96 17.33 -14.40
N THR BB 260 17.94 16.45 -14.51
CA THR BB 260 18.53 16.05 -15.78
C THR BB 260 18.26 14.58 -16.03
N MET BB 261 18.57 14.13 -17.24
CA MET BB 261 18.40 12.72 -17.58
C MET BB 261 19.22 11.80 -16.68
N GLU BB 262 20.40 12.23 -16.23
CA GLU BB 262 21.10 11.46 -15.21
C GLU BB 262 20.45 11.63 -13.83
N SER BB 263 20.34 12.86 -13.35
CA SER BB 263 20.03 13.09 -11.94
C SER BB 263 18.61 12.67 -11.56
N ILE BB 264 17.68 12.56 -12.50
CA ILE BB 264 16.39 11.97 -12.15
C ILE BB 264 16.53 10.55 -11.63
N HIS BB 265 17.56 9.83 -12.09
CA HIS BB 265 17.83 8.49 -11.54
C HIS BB 265 18.43 8.54 -10.14
N ARG BB 266 19.07 9.66 -9.76
CA ARG BB 266 19.50 9.82 -8.38
C ARG BB 266 18.33 10.11 -7.46
N TRP BB 267 17.39 10.97 -7.89
CA TRP BB 267 16.16 11.18 -7.14
C TRP BB 267 15.42 9.86 -6.94
N ALA BB 268 15.29 9.08 -8.01
CA ALA BB 268 14.70 7.75 -7.93
C ALA BB 268 15.42 6.85 -6.93
N TRP BB 269 16.74 6.76 -7.05
CA TRP BB 269 17.53 5.90 -6.17
C TRP BB 269 17.36 6.25 -4.70
N TRP BB 270 17.49 7.54 -4.35
CA TRP BB 270 17.37 7.95 -2.96
C TRP BB 270 15.95 7.78 -2.40
N PHE BB 271 14.92 8.04 -3.19
CA PHE BB 271 13.56 7.85 -2.66
C PHE BB 271 13.26 6.38 -2.36
N ALA BB 272 13.71 5.46 -3.22
CA ALA BB 272 13.55 4.04 -2.92
C ALA BB 272 14.36 3.64 -1.68
N VAL BB 273 15.64 4.01 -1.65
CA VAL BB 273 16.52 3.63 -0.55
C VAL BB 273 16.05 4.19 0.79
N LEU BB 274 15.59 5.45 0.81
CA LEU BB 274 15.14 6.05 2.06
C LEU BB 274 13.85 5.44 2.60
N THR BB 275 13.06 4.77 1.76
CA THR BB 275 11.88 4.06 2.24
C THR BB 275 12.24 3.04 3.31
N THR BB 276 13.14 2.11 2.97
CA THR BB 276 13.51 1.06 3.91
C THR BB 276 14.50 1.53 4.98
N PHE BB 277 15.35 2.50 4.66
CA PHE BB 277 16.25 3.04 5.67
C PHE BB 277 15.52 3.75 6.81
N THR BB 278 14.63 4.70 6.48
CA THR BB 278 13.85 5.34 7.54
C THR BB 278 12.92 4.36 8.23
N GLY BB 279 12.39 3.40 7.48
CA GLY BB 279 11.61 2.32 8.10
C GLY BB 279 12.37 1.56 9.16
N GLY BB 280 13.59 1.14 8.84
CA GLY BB 280 14.38 0.39 9.80
C GLY BB 280 14.67 1.14 11.09
N ILE BB 281 14.97 2.43 10.99
CA ILE BB 281 15.16 3.26 12.18
C ILE BB 281 13.87 3.31 13.01
N GLY BB 282 12.73 3.45 12.35
CA GLY BB 282 11.46 3.46 13.06
C GLY BB 282 11.18 2.18 13.85
N ILE BB 283 11.56 1.03 13.29
CA ILE BB 283 11.40 -0.23 13.99
C ILE BB 283 12.36 -0.34 15.17
N LEU BB 284 13.64 -0.01 14.95
CA LEU BB 284 14.62 -0.08 16.03
C LEU BB 284 14.27 0.83 17.21
N LEU BB 285 13.66 1.99 16.97
CA LEU BB 285 13.24 2.86 18.06
C LEU BB 285 12.06 2.31 18.84
N THR BB 286 11.26 1.43 18.23
CA THR BB 286 10.00 1.00 18.83
C THR BB 286 10.24 -0.07 19.89
N GLY BB 287 9.70 0.15 21.09
CA GLY BB 287 9.88 -0.74 22.20
C GLY BB 287 11.20 -0.59 22.93
N THR BB 288 12.14 0.15 22.37
CA THR BB 288 13.44 0.41 22.98
C THR BB 288 13.52 1.84 23.52
N VAL BB 289 13.07 2.80 22.75
CA VAL BB 289 13.07 4.21 23.15
C VAL BB 289 11.66 4.69 23.44
N VAL BB 290 10.69 4.31 22.61
CA VAL BB 290 9.29 4.70 22.78
C VAL BB 290 8.46 3.43 22.85
N ASP BB 291 7.62 3.32 23.87
CA ASP BB 291 6.70 2.20 24.00
C ASP BB 291 5.27 2.52 23.59
N ASN BB 292 4.91 3.80 23.50
CA ASN BB 292 3.56 4.20 23.05
C ASN BB 292 3.73 5.42 22.16
N TRP BB 293 3.62 5.21 20.85
CA TRP BB 293 3.87 6.28 19.89
C TRP BB 293 2.78 7.37 19.91
N TYR BB 294 1.53 7.01 20.21
CA TYR BB 294 0.50 8.03 20.37
C TYR BB 294 0.79 8.97 21.53
N LEU BB 295 1.27 8.44 22.66
CA LEU BB 295 1.66 9.31 23.76
C LEU BB 295 2.92 10.11 23.44
N TRP BB 296 3.86 9.55 22.69
CA TRP BB 296 4.95 10.36 22.16
C TRP BB 296 4.42 11.46 21.24
N GLY BB 297 3.43 11.14 20.43
CA GLY BB 297 2.76 12.16 19.62
C GLY BB 297 2.11 13.27 20.43
N VAL BB 298 1.45 12.91 21.54
CA VAL BB 298 0.89 13.91 22.44
C VAL BB 298 1.99 14.78 23.04
N LYS BB 299 3.04 14.16 23.55
CA LYS BB 299 4.18 14.91 24.11
C LYS BB 299 4.74 15.92 23.11
N HIS BB 300 4.93 15.51 21.86
CA HIS BB 300 5.55 16.35 20.85
C HIS BB 300 4.56 17.13 19.99
N GLY BB 301 3.27 17.10 20.34
CA GLY BB 301 2.31 17.97 19.67
C GLY BB 301 1.78 17.51 18.33
N LEU BB 302 1.76 16.20 18.08
CA LEU BB 302 1.25 15.66 16.83
C LEU BB 302 -0.25 15.38 16.84
N VAL BB 303 -0.86 15.22 18.01
CA VAL BB 303 -2.19 14.64 18.12
C VAL BB 303 -3.25 15.75 18.11
N ALA BB 304 -4.09 15.74 17.07
CA ALA BB 304 -5.20 16.68 16.98
C ALA BB 304 -6.25 16.42 18.06
N PRO BB 305 -6.79 17.48 18.69
CA PRO BB 305 -7.81 17.28 19.72
C PRO BB 305 -9.20 17.06 19.15
N TYR BB 306 -9.94 16.17 19.80
CA TYR BB 306 -11.36 15.96 19.52
C TYR BB 306 -12.15 16.17 20.80
N PRO BB 307 -13.42 16.56 20.72
CA PRO BB 307 -14.25 16.60 21.93
C PRO BB 307 -14.36 15.22 22.57
N ALA BB 308 -14.42 15.22 23.90
CA ALA BB 308 -14.48 13.96 24.64
C ALA BB 308 -15.73 13.16 24.29
N GLN BB 309 -15.55 11.87 24.03
CA GLN BB 309 -16.67 10.98 23.75
C GLN BB 309 -17.27 10.38 25.01
N ASN BB 310 -16.51 10.35 26.11
CA ASN BB 310 -16.98 9.85 27.39
C ASN BB 310 -16.16 10.54 28.47
N GLN BB 311 -16.67 10.51 29.70
CA GLN BB 311 -15.91 11.02 30.85
C GLN BB 311 -16.05 10.07 32.03
N LEU BB 312 -14.92 9.64 32.58
CA LEU BB 312 -14.92 8.73 33.73
C LEU BB 312 -15.01 9.49 35.04
N THR BB 313 -15.77 8.93 35.99
CA THR BB 313 -15.74 9.36 37.37
C THR BB 313 -14.53 8.73 38.08
N PRO BB 314 -14.11 9.30 39.22
CA PRO BB 314 -12.92 8.77 39.90
C PRO BB 314 -13.04 7.32 40.33
N GLU BB 315 -14.24 6.86 40.68
CA GLU BB 315 -14.43 5.44 40.97
C GLU BB 315 -14.26 4.57 39.73
N GLN BB 316 -14.72 5.06 38.56
CA GLN BB 316 -14.55 4.31 37.32
C GLN BB 316 -13.10 4.23 36.89
N GLN BB 317 -12.29 5.27 37.18
CA GLN BB 317 -10.87 5.20 36.83
C GLN BB 317 -10.16 4.06 37.53
N ASP BB 318 -10.59 3.69 38.74
CA ASP BB 318 -10.08 2.48 39.37
C ASP BB 318 -10.81 1.23 38.91
N LEU BB 319 -12.12 1.33 38.69
CA LEU BB 319 -12.90 0.17 38.27
C LEU BB 319 -12.52 -0.30 36.86
N LEU BB 320 -12.22 0.64 35.96
CA LEU BB 320 -12.04 0.30 34.56
C LEU BB 320 -10.58 0.07 34.17
N ARG BB 321 -9.61 0.30 35.05
CA ARG BB 321 -8.29 -0.22 34.78
C ARG BB 321 -8.33 -1.73 34.81
N GLY BB 322 -7.66 -2.36 33.86
CA GLY BB 322 -7.70 -3.80 33.80
C GLY BB 322 -6.55 -4.47 34.52
N ARG BB 323 -6.08 -5.56 33.94
CA ARG BB 323 -4.78 -6.12 34.24
C ARG BB 323 -4.00 -6.21 32.94
N TYR BB 324 -2.68 -6.12 33.03
CA TYR BB 324 -1.87 -6.59 31.92
C TYR BB 324 -2.09 -8.07 31.73
N GLN BB 325 -2.10 -8.49 30.46
CA GLN BB 325 -2.36 -9.87 30.11
C GLN BB 325 -1.27 -10.79 30.65
N GLY BB 326 -1.70 -11.90 31.25
CA GLY BB 326 -0.80 -12.85 31.88
C GLY BB 326 -0.63 -14.16 31.13
N THR BB 327 -0.34 -15.23 31.86
CA THR BB 327 -0.27 -16.57 31.28
C THR BB 327 -1.66 -17.17 31.09
N ALA BB 328 -1.79 -18.04 30.09
CA ALA BB 328 -2.99 -18.82 29.91
C ALA BB 328 -3.19 -19.84 31.03
N PRO BB 329 -4.44 -20.15 31.39
CA PRO BB 329 -4.71 -21.16 32.41
C PRO BB 329 -4.29 -22.55 31.94
N ASP BB 330 -3.46 -23.21 32.75
CA ASP BB 330 -2.92 -24.53 32.43
C ASP BB 330 -3.69 -25.67 33.09
N SER BB 331 -4.94 -25.42 33.50
CA SER BB 331 -5.79 -26.42 34.13
C SER BB 331 -7.20 -26.27 33.59
N PHE BB 332 -8.03 -27.29 33.83
CA PHE BB 332 -9.44 -27.28 33.44
C PHE BB 332 -10.34 -27.36 34.68
N PRO BB 333 -10.58 -26.23 35.36
CA PRO BB 333 -11.24 -26.25 36.67
C PRO BB 333 -12.62 -26.89 36.64
N SER BB 334 -12.99 -27.53 37.76
CA SER BB 334 -14.20 -28.34 37.78
C SER BB 334 -15.44 -27.59 38.28
N TYR BB 335 -15.29 -26.67 39.24
CA TYR BB 335 -16.42 -25.99 39.89
C TYR BB 335 -17.43 -26.95 40.52
N VAL BB 336 -16.93 -27.97 41.22
CA VAL BB 336 -17.83 -28.98 41.81
C VAL BB 336 -18.78 -28.39 42.84
N VAL BB 337 -18.38 -27.30 43.51
CA VAL BB 337 -19.23 -26.62 44.49
C VAL BB 337 -19.77 -27.58 45.55
N HIS CB 2 -35.86 16.68 -41.62
CA HIS CB 2 -34.79 17.50 -41.08
C HIS CB 2 -33.45 17.17 -41.75
N ARG CB 3 -32.63 18.20 -41.97
CA ARG CB 3 -31.27 18.07 -42.48
C ARG CB 3 -30.25 17.72 -41.39
N ILE CB 4 -30.68 17.51 -40.15
CA ILE CB 4 -29.78 17.30 -39.02
C ILE CB 4 -28.81 16.13 -39.24
N TRP CB 5 -29.25 15.09 -39.98
CA TRP CB 5 -28.38 13.95 -40.28
C TRP CB 5 -27.21 14.31 -41.19
N LEU CB 6 -27.22 15.49 -41.80
CA LEU CB 6 -26.03 15.96 -42.51
C LEU CB 6 -24.96 16.49 -41.56
N MET CB 7 -25.37 17.12 -40.45
CA MET CB 7 -24.42 17.51 -39.43
C MET CB 7 -23.81 16.31 -38.73
N TYR CB 8 -24.64 15.46 -38.12
CA TYR CB 8 -24.17 14.34 -37.31
C TYR CB 8 -24.35 13.03 -38.05
N ASP CB 9 -23.28 12.23 -38.08
CA ASP CB 9 -23.27 10.91 -38.68
C ASP CB 9 -24.34 10.03 -38.05
N PRO CB 10 -25.37 9.64 -38.81
CA PRO CB 10 -26.40 8.74 -38.27
C PRO CB 10 -25.84 7.43 -37.74
N ARG CB 11 -24.77 6.94 -38.39
CA ARG CB 11 -24.12 5.70 -37.98
C ARG CB 11 -23.49 5.80 -36.59
N ARG CB 12 -23.18 7.02 -36.13
CA ARG CB 12 -22.74 7.24 -34.76
C ARG CB 12 -23.90 7.55 -33.82
N VAL CB 13 -24.80 8.44 -34.22
CA VAL CB 13 -25.92 8.85 -33.37
C VAL CB 13 -26.80 7.66 -33.01
N MET CB 14 -27.09 6.79 -33.98
CA MET CB 14 -27.84 5.57 -33.71
C MET CB 14 -27.25 4.78 -32.55
N VAL CB 15 -25.94 4.52 -32.58
CA VAL CB 15 -25.30 3.78 -31.51
C VAL CB 15 -25.33 4.56 -30.19
N ALA CB 16 -25.05 5.86 -30.24
CA ALA CB 16 -25.08 6.68 -29.03
C ALA CB 16 -26.48 6.76 -28.43
N LEU CB 17 -27.51 6.94 -29.27
CA LEU CB 17 -28.88 6.95 -28.79
C LEU CB 17 -29.26 5.61 -28.14
N VAL CB 18 -29.03 4.51 -28.86
CA VAL CB 18 -29.35 3.18 -28.34
C VAL CB 18 -28.64 2.92 -27.02
N GLY CB 19 -27.35 3.29 -26.92
CA GLY CB 19 -26.64 3.16 -25.66
C GLY CB 19 -27.19 4.03 -24.55
N PHE CB 20 -27.60 5.26 -24.87
CA PHE CB 20 -28.22 6.12 -23.88
C PHE CB 20 -29.54 5.54 -23.36
N LEU CB 21 -30.41 5.11 -24.28
CA LEU CB 21 -31.69 4.54 -23.87
C LEU CB 21 -31.51 3.29 -23.00
N ALA CB 22 -30.57 2.42 -23.37
CA ALA CB 22 -30.29 1.24 -22.55
C ALA CB 22 -29.84 1.61 -21.14
N VAL CB 23 -28.95 2.58 -21.01
CA VAL CB 23 -28.49 3.01 -19.69
C VAL CB 23 -29.63 3.61 -18.87
N LEU CB 24 -30.40 4.52 -19.49
CA LEU CB 24 -31.53 5.11 -18.80
C LEU CB 24 -32.56 4.06 -18.38
N ALA CB 25 -32.91 3.15 -19.30
CA ALA CB 25 -33.90 2.11 -18.99
C ALA CB 25 -33.45 1.23 -17.82
N LEU CB 26 -32.20 0.78 -17.82
CA LEU CB 26 -31.70 -0.04 -16.72
C LEU CB 26 -31.68 0.74 -15.40
N VAL CB 27 -31.25 2.00 -15.42
CA VAL CB 27 -31.26 2.81 -14.21
C VAL CB 27 -32.67 2.90 -13.62
N ILE CB 28 -33.67 3.20 -14.45
CA ILE CB 28 -35.04 3.33 -13.94
C ILE CB 28 -35.56 1.99 -13.39
N HIS CB 29 -35.31 0.89 -14.09
CA HIS CB 29 -35.73 -0.41 -13.56
C HIS CB 29 -35.07 -0.72 -12.22
N PHE CB 30 -33.76 -0.51 -12.11
CA PHE CB 30 -33.11 -0.80 -10.83
C PHE CB 30 -33.49 0.19 -9.72
N VAL CB 31 -33.73 1.45 -10.05
CA VAL CB 31 -34.31 2.37 -9.07
C VAL CB 31 -35.65 1.84 -8.55
N LEU CB 32 -36.54 1.46 -9.47
CA LEU CB 32 -37.84 0.94 -9.06
C LEU CB 32 -37.72 -0.37 -8.29
N LEU CB 33 -36.87 -1.27 -8.78
CA LEU CB 33 -36.68 -2.56 -8.11
C LEU CB 33 -36.15 -2.39 -6.69
N SER CB 34 -35.36 -1.33 -6.44
CA SER CB 34 -34.87 -1.02 -5.11
C SER CB 34 -35.89 -0.33 -4.23
N SER CB 35 -36.92 0.28 -4.79
CA SER CB 35 -37.93 0.95 -3.97
C SER CB 35 -38.71 -0.08 -3.15
N GLN CB 36 -39.46 0.43 -2.18
CA GLN CB 36 -40.44 -0.41 -1.49
C GLN CB 36 -41.70 -0.61 -2.34
N ARG CB 37 -42.29 0.48 -2.82
CA ARG CB 37 -43.57 0.41 -3.52
C ARG CB 37 -43.49 -0.40 -4.82
N TYR CB 38 -42.36 -0.39 -5.52
CA TYR CB 38 -42.26 -1.02 -6.84
C TYR CB 38 -41.25 -2.15 -6.91
N SER CB 39 -40.97 -2.83 -5.80
CA SER CB 39 -40.12 -4.02 -5.79
C SER CB 39 -40.92 -5.21 -6.34
N TRP CB 40 -41.18 -5.15 -7.65
CA TRP CB 40 -42.25 -5.95 -8.24
C TRP CB 40 -41.95 -7.45 -8.23
N ILE CB 41 -40.68 -7.85 -8.22
CA ILE CB 41 -40.36 -9.27 -8.24
C ILE CB 41 -40.85 -9.96 -6.96
N GLU CB 42 -40.70 -9.31 -5.81
CA GLU CB 42 -41.23 -9.87 -4.56
C GLU CB 42 -42.70 -9.52 -4.34
N ASN CB 43 -43.11 -8.28 -4.57
CA ASN CB 43 -44.43 -7.81 -4.15
C ASN CB 43 -45.38 -7.47 -5.30
N GLY CB 44 -45.01 -7.80 -6.54
CA GLY CB 44 -45.82 -7.43 -7.70
C GLY CB 44 -47.28 -7.89 -7.65
N THR CB 45 -47.55 -9.01 -6.98
CA THR CB 45 -48.92 -9.51 -6.91
C THR CB 45 -49.81 -8.76 -5.91
N LEU CB 46 -49.27 -7.88 -5.08
CA LEU CB 46 -50.10 -7.05 -4.22
C LEU CB 46 -50.98 -6.08 -5.03
N GLY CB 47 -52.20 -5.85 -4.53
CA GLY CB 47 -53.05 -4.83 -5.08
C GLY CB 47 -52.62 -3.43 -4.68
N ALA CB 48 -53.07 -2.44 -5.47
CA ALA CB 48 -52.56 -1.08 -5.33
C ALA CB 48 -52.86 -0.50 -3.95
N ASP CB 49 -53.97 -0.90 -3.32
CA ASP CB 49 -54.30 -0.48 -1.96
C ASP CB 49 -53.54 -1.25 -0.90
N GLN CB 50 -52.90 -2.37 -1.24
CA GLN CB 50 -52.04 -3.10 -0.33
C GLN CB 50 -50.56 -2.71 -0.44
N ALA CB 51 -50.14 -2.14 -1.57
CA ALA CB 51 -48.74 -1.84 -1.79
C ALA CB 51 -48.22 -0.74 -0.86
N PRO CB 52 -46.92 -0.75 -0.56
CA PRO CB 52 -46.33 0.27 0.31
C PRO CB 52 -46.55 1.69 -0.18
N VAL CB 53 -46.64 2.61 0.78
CA VAL CB 53 -46.69 4.06 0.55
C VAL CB 53 -45.81 4.74 1.60
N GLY CB 54 -45.06 5.75 1.18
CA GLY CB 54 -44.25 6.52 2.11
C GLY CB 54 -45.08 7.30 3.11
N ALA CB 55 -44.41 7.69 4.20
CA ALA CB 55 -45.08 8.34 5.32
C ALA CB 55 -45.67 9.68 4.95
N SER CB 56 -46.84 9.97 5.51
CA SER CB 56 -47.56 11.22 5.25
C SER CB 56 -46.76 12.44 5.71
N FME DB 1 -28.16 38.58 -33.94
CN FME DB 1 -27.32 39.17 -34.86
O1 FME DB 1 -26.11 38.92 -34.96
CA FME DB 1 -27.74 37.60 -32.98
CB FME DB 1 -28.92 37.04 -32.16
CG FME DB 1 -29.72 38.11 -31.45
SD FME DB 1 -28.89 38.57 -29.96
CE FME DB 1 -29.42 37.32 -28.86
C FME DB 1 -27.06 36.37 -33.58
O FME DB 1 -26.20 35.72 -32.99
N HIS DB 2 -27.47 36.05 -34.80
CA HIS DB 2 -27.03 34.84 -35.49
C HIS DB 2 -25.53 34.73 -35.73
N ARG DB 3 -24.82 35.86 -35.68
CA ARG DB 3 -23.37 35.85 -35.83
C ARG DB 3 -22.65 35.16 -34.68
N ILE DB 4 -23.35 34.88 -33.58
CA ILE DB 4 -22.82 33.97 -32.56
C ILE DB 4 -22.43 32.62 -33.17
N TRP DB 5 -23.18 32.15 -34.17
CA TRP DB 5 -22.84 30.90 -34.84
C TRP DB 5 -21.70 31.04 -35.85
N LEU DB 6 -21.28 32.26 -36.16
CA LEU DB 6 -20.00 32.46 -36.83
C LEU DB 6 -18.84 32.31 -35.84
N MET DB 7 -19.08 32.67 -34.58
CA MET DB 7 -18.06 32.53 -33.54
C MET DB 7 -17.86 31.07 -33.13
N TYR DB 8 -18.94 30.29 -33.05
CA TYR DB 8 -18.87 28.92 -32.57
C TYR DB 8 -19.47 27.93 -33.56
N ASP DB 9 -18.77 26.80 -33.74
CA ASP DB 9 -19.28 25.68 -34.52
C ASP DB 9 -20.55 25.14 -33.85
N PRO DB 10 -21.71 25.28 -34.50
CA PRO DB 10 -22.96 24.81 -33.89
C PRO DB 10 -22.98 23.32 -33.63
N ARG DB 11 -22.23 22.54 -34.42
CA ARG DB 11 -22.13 21.09 -34.22
C ARG DB 11 -21.40 20.72 -32.94
N ARG DB 12 -20.57 21.63 -32.41
CA ARG DB 12 -20.01 21.45 -31.07
C ARG DB 12 -20.96 21.94 -29.99
N VAL DB 13 -21.51 23.14 -30.16
CA VAL DB 13 -22.37 23.74 -29.13
C VAL DB 13 -23.58 22.86 -28.82
N MET DB 14 -24.15 22.21 -29.83
CA MET DB 14 -25.30 21.34 -29.57
C MET DB 14 -24.95 20.12 -28.73
N VAL DB 15 -23.75 19.56 -28.92
CA VAL DB 15 -23.28 18.50 -28.02
C VAL DB 15 -23.10 19.04 -26.61
N ALA DB 16 -22.42 20.19 -26.49
CA ALA DB 16 -22.17 20.78 -25.18
C ALA DB 16 -23.46 21.14 -24.45
N LEU DB 17 -24.44 21.68 -25.18
CA LEU DB 17 -25.73 22.03 -24.58
C LEU DB 17 -26.52 20.81 -24.12
N VAL DB 18 -26.65 19.81 -25.00
CA VAL DB 18 -27.39 18.59 -24.64
C VAL DB 18 -26.74 17.89 -23.46
N GLY DB 19 -25.41 17.88 -23.41
CA GLY DB 19 -24.72 17.34 -22.24
C GLY DB 19 -25.04 18.10 -20.97
N PHE DB 20 -25.01 19.43 -21.03
CA PHE DB 20 -25.34 20.25 -19.87
C PHE DB 20 -26.78 20.02 -19.40
N LEU DB 21 -27.75 20.05 -20.32
CA LEU DB 21 -29.14 19.87 -19.93
C LEU DB 21 -29.41 18.48 -19.37
N ALA DB 22 -28.77 17.46 -19.95
CA ALA DB 22 -28.94 16.09 -19.42
C ALA DB 22 -28.40 15.97 -18.00
N VAL DB 23 -27.24 16.54 -17.72
CA VAL DB 23 -26.71 16.53 -16.36
C VAL DB 23 -27.58 17.36 -15.42
N LEU DB 24 -27.97 18.55 -15.85
CA LEU DB 24 -28.83 19.40 -15.02
C LEU DB 24 -30.16 18.72 -14.70
N ALA DB 25 -30.82 18.15 -15.71
CA ALA DB 25 -32.08 17.44 -15.48
C ALA DB 25 -31.89 16.29 -14.50
N LEU DB 26 -30.83 15.50 -14.69
CA LEU DB 26 -30.57 14.35 -13.82
C LEU DB 26 -30.26 14.78 -12.39
N VAL DB 27 -29.51 15.87 -12.20
CA VAL DB 27 -29.27 16.41 -10.87
C VAL DB 27 -30.56 16.87 -10.20
N ILE DB 28 -31.42 17.60 -10.93
CA ILE DB 28 -32.65 18.09 -10.31
C ILE DB 28 -33.58 16.94 -9.94
N HIS DB 29 -33.70 15.92 -10.79
CA HIS DB 29 -34.50 14.76 -10.43
C HIS DB 29 -33.92 14.04 -9.20
N PHE DB 30 -32.60 13.92 -9.12
CA PHE DB 30 -31.98 13.30 -7.96
C PHE DB 30 -32.17 14.12 -6.68
N VAL DB 31 -32.04 15.45 -6.78
CA VAL DB 31 -32.29 16.31 -5.62
C VAL DB 31 -33.71 16.12 -5.09
N LEU DB 32 -34.69 16.08 -5.99
CA LEU DB 32 -36.08 15.89 -5.57
C LEU DB 32 -36.30 14.49 -5.01
N LEU DB 33 -35.79 13.47 -5.69
CA LEU DB 33 -35.98 12.09 -5.25
C LEU DB 33 -35.31 11.83 -3.90
N SER DB 34 -34.25 12.59 -3.59
CA SER DB 34 -33.60 12.51 -2.28
C SER DB 34 -34.33 13.27 -1.19
N SER DB 35 -35.24 14.18 -1.55
CA SER DB 35 -35.96 14.96 -0.55
C SER DB 35 -36.99 14.08 0.18
N GLN DB 36 -37.56 14.62 1.25
CA GLN DB 36 -38.73 14.01 1.85
C GLN DB 36 -40.02 14.36 1.12
N ARG DB 37 -40.24 15.66 0.87
CA ARG DB 37 -41.50 16.12 0.27
C ARG DB 37 -41.71 15.56 -1.14
N TYR DB 38 -40.66 15.42 -1.94
CA TYR DB 38 -40.80 15.02 -3.33
C TYR DB 38 -40.19 13.66 -3.66
N SER DB 39 -40.11 12.76 -2.69
CA SER DB 39 -39.66 11.39 -2.93
C SER DB 39 -40.78 10.59 -3.60
N TRP DB 40 -41.09 10.99 -4.85
CA TRP DB 40 -42.37 10.67 -5.46
C TRP DB 40 -42.56 9.18 -5.76
N ILE DB 41 -41.48 8.42 -5.93
CA ILE DB 41 -41.62 6.99 -6.18
C ILE DB 41 -42.23 6.28 -4.98
N GLU DB 42 -41.86 6.69 -3.77
CA GLU DB 42 -42.47 6.11 -2.57
C GLU DB 42 -43.76 6.82 -2.14
N ASN DB 43 -43.88 8.14 -2.34
CA ASN DB 43 -44.96 8.91 -1.74
C ASN DB 43 -45.77 9.75 -2.72
N GLY DB 44 -45.58 9.54 -4.03
CA GLY DB 44 -46.22 10.39 -5.02
C GLY DB 44 -47.74 10.38 -4.98
N THR DB 45 -48.33 9.31 -4.46
CA THR DB 45 -49.79 9.22 -4.34
C THR DB 45 -50.39 10.03 -3.20
N LEU DB 46 -49.58 10.51 -2.25
CA LEU DB 46 -50.11 11.38 -1.20
C LEU DB 46 -50.64 12.69 -1.77
N GLY DB 47 -51.77 13.14 -1.22
CA GLY DB 47 -52.28 14.45 -1.55
C GLY DB 47 -51.37 15.57 -1.07
N ALA DB 48 -51.56 16.76 -1.65
CA ALA DB 48 -50.66 17.87 -1.38
C ALA DB 48 -50.66 18.27 0.09
N ASP DB 49 -51.80 18.17 0.77
CA ASP DB 49 -51.87 18.43 2.20
C ASP DB 49 -51.31 17.29 3.04
N GLN DB 50 -51.25 16.09 2.47
CA GLN DB 50 -50.64 14.93 3.14
C GLN DB 50 -49.13 14.89 3.02
N ALA DB 51 -48.56 15.47 1.97
CA ALA DB 51 -47.12 15.40 1.73
C ALA DB 51 -46.32 16.07 2.84
N PRO DB 52 -45.10 15.58 3.11
CA PRO DB 52 -44.25 16.18 4.15
C PRO DB 52 -43.99 17.66 3.98
N VAL DB 53 -43.78 18.35 5.10
CA VAL DB 53 -43.31 19.73 5.16
C VAL DB 53 -42.20 19.82 6.21
N GLY DB 54 -41.11 20.52 5.87
CA GLY DB 54 -40.04 20.74 6.83
C GLY DB 54 -40.47 21.59 8.01
N ALA DB 55 -39.65 21.53 9.07
CA ALA DB 55 -40.00 22.13 10.35
C ALA DB 55 -40.18 23.65 10.27
N SER DB 56 -41.17 24.15 11.00
CA SER DB 56 -41.37 25.58 11.22
C SER DB 56 -40.34 26.14 12.21
N ALA DB 57 -40.37 27.46 12.35
CA ALA DB 57 -39.81 28.11 13.53
C ALA DB 57 -40.50 27.61 14.79
N PRO DB 58 -39.78 27.47 15.92
CA PRO DB 58 -40.33 27.02 17.21
C PRO DB 58 -41.57 27.81 17.65
N FME EB 1 -15.31 51.74 -24.23
CN FME EB 1 -14.21 52.08 -24.97
O1 FME EB 1 -13.17 51.40 -25.00
CA FME EB 1 -15.39 50.58 -23.39
CB FME EB 1 -16.65 50.60 -22.51
CG FME EB 1 -16.76 49.43 -21.55
SD FME EB 1 -15.33 49.44 -20.50
CE FME EB 1 -15.57 47.98 -19.57
C FME EB 1 -15.39 49.27 -24.19
O FME EB 1 -14.94 48.20 -23.78
N HIS EB 2 -15.89 49.38 -25.42
CA HIS EB 2 -15.83 48.31 -26.41
C HIS EB 2 -14.43 47.77 -26.71
N ARG EB 3 -13.40 48.60 -26.45
CA ARG EB 3 -12.03 48.20 -26.73
C ARG EB 3 -11.55 47.06 -25.84
N ILE EB 4 -12.26 46.77 -24.75
CA ILE EB 4 -11.99 45.55 -23.98
C ILE EB 4 -12.06 44.31 -24.84
N TRP EB 5 -12.87 44.31 -25.91
CA TRP EB 5 -12.95 43.20 -26.83
C TRP EB 5 -11.79 43.13 -27.82
N LEU EB 6 -11.00 44.20 -27.92
CA LEU EB 6 -9.75 44.13 -28.67
C LEU EB 6 -8.65 43.50 -27.83
N MET EB 7 -8.63 43.81 -26.52
CA MET EB 7 -7.73 43.11 -25.60
C MET EB 7 -8.10 41.65 -25.43
N TYR EB 8 -9.40 41.38 -25.24
CA TYR EB 8 -9.88 40.03 -24.94
C TYR EB 8 -10.85 39.58 -26.04
N ASP EB 9 -10.43 38.59 -26.82
CA ASP EB 9 -11.22 38.04 -27.92
C ASP EB 9 -12.56 37.53 -27.40
N PRO EB 10 -13.65 38.21 -27.76
CA PRO EB 10 -14.93 37.99 -27.06
C PRO EB 10 -15.47 36.57 -27.13
N ARG EB 11 -15.14 35.82 -28.18
CA ARG EB 11 -15.63 34.45 -28.31
C ARG EB 11 -15.19 33.59 -27.13
N ARG EB 12 -14.03 33.90 -26.56
CA ARG EB 12 -13.50 33.17 -25.40
C ARG EB 12 -14.14 33.69 -24.11
N VAL EB 13 -14.26 35.01 -23.98
CA VAL EB 13 -14.80 35.63 -22.76
C VAL EB 13 -16.23 35.18 -22.50
N MET EB 14 -17.06 35.06 -23.53
CA MET EB 14 -18.41 34.54 -23.33
C MET EB 14 -18.40 33.13 -22.73
N VAL EB 15 -17.49 32.28 -23.19
CA VAL EB 15 -17.47 30.90 -22.70
C VAL EB 15 -16.97 30.84 -21.26
N ALA EB 16 -15.95 31.64 -20.93
CA ALA EB 16 -15.48 31.74 -19.55
C ALA EB 16 -16.55 32.36 -18.64
N LEU EB 17 -17.19 33.43 -19.09
CA LEU EB 17 -18.25 34.07 -18.31
C LEU EB 17 -19.40 33.12 -18.02
N VAL EB 18 -19.92 32.47 -19.06
CA VAL EB 18 -21.00 31.50 -18.89
C VAL EB 18 -20.60 30.40 -17.91
N GLY EB 19 -19.39 29.88 -18.05
CA GLY EB 19 -18.91 28.89 -17.09
C GLY EB 19 -18.87 29.41 -15.67
N PHE EB 20 -18.28 30.59 -15.47
CA PHE EB 20 -18.19 31.17 -14.13
C PHE EB 20 -19.58 31.39 -13.52
N LEU EB 21 -20.49 31.99 -14.28
CA LEU EB 21 -21.85 32.22 -13.77
C LEU EB 21 -22.57 30.91 -13.45
N ALA EB 22 -22.39 29.89 -14.28
CA ALA EB 22 -23.02 28.59 -14.02
C ALA EB 22 -22.57 28.00 -12.69
N VAL EB 23 -21.26 27.99 -12.44
CA VAL EB 23 -20.74 27.46 -11.19
C VAL EB 23 -21.18 28.32 -10.00
N LEU EB 24 -21.09 29.64 -10.14
CA LEU EB 24 -21.50 30.54 -9.07
C LEU EB 24 -22.97 30.36 -8.71
N ALA EB 25 -23.85 30.33 -9.72
CA ALA EB 25 -25.27 30.11 -9.48
C ALA EB 25 -25.54 28.80 -8.75
N LEU EB 26 -24.90 27.71 -9.18
CA LEU EB 26 -25.05 26.43 -8.51
C LEU EB 26 -24.60 26.47 -7.06
N VAL EB 27 -23.45 27.09 -6.78
CA VAL EB 27 -22.95 27.18 -5.41
C VAL EB 27 -23.94 27.92 -4.52
N ILE EB 28 -24.43 29.07 -4.97
CA ILE EB 28 -25.42 29.82 -4.19
C ILE EB 28 -26.68 28.99 -3.92
N HIS EB 29 -27.22 28.33 -4.95
CA HIS EB 29 -28.40 27.48 -4.73
C HIS EB 29 -28.15 26.38 -3.72
N PHE EB 30 -27.02 25.66 -3.83
CA PHE EB 30 -26.73 24.60 -2.87
C PHE EB 30 -26.50 25.14 -1.46
N VAL EB 31 -25.90 26.32 -1.31
CA VAL EB 31 -25.80 26.94 0.01
C VAL EB 31 -27.18 27.15 0.60
N LEU EB 32 -28.09 27.75 -0.18
CA LEU EB 32 -29.44 28.04 0.29
C LEU EB 32 -30.23 26.76 0.55
N LEU EB 33 -30.16 25.81 -0.40
CA LEU EB 33 -30.96 24.59 -0.34
C LEU EB 33 -30.75 23.80 0.94
N SER EB 34 -29.58 23.88 1.55
CA SER EB 34 -29.30 23.14 2.77
C SER EB 34 -29.19 24.02 4.01
N SER EB 35 -29.44 25.31 3.90
CA SER EB 35 -29.73 26.11 5.09
C SER EB 35 -31.05 25.67 5.71
N GLN EB 36 -31.29 26.12 6.95
CA GLN EB 36 -32.60 25.89 7.56
C GLN EB 36 -33.67 26.84 7.04
N ARG EB 37 -33.34 28.13 6.92
CA ARG EB 37 -34.34 29.10 6.49
C ARG EB 37 -34.79 28.91 5.03
N TYR EB 38 -33.90 28.48 4.14
CA TYR EB 38 -34.19 28.48 2.71
C TYR EB 38 -34.14 27.10 2.06
N SER EB 39 -34.35 26.03 2.84
CA SER EB 39 -34.44 24.67 2.27
C SER EB 39 -35.79 24.47 1.59
N TRP EB 40 -35.98 25.24 0.51
CA TRP EB 40 -37.29 25.42 -0.12
C TRP EB 40 -37.91 24.13 -0.64
N ILE EB 41 -37.10 23.12 -0.98
CA ILE EB 41 -37.65 21.84 -1.41
C ILE EB 41 -38.46 21.19 -0.30
N GLU EB 42 -38.02 21.33 0.95
CA GLU EB 42 -38.78 20.79 2.08
C GLU EB 42 -39.77 21.79 2.69
N ASN EB 43 -39.41 23.06 2.80
CA ASN EB 43 -40.20 24.01 3.57
C ASN EB 43 -40.68 25.22 2.78
N GLY EB 44 -40.59 25.18 1.44
CA GLY EB 44 -40.91 26.35 0.64
C GLY EB 44 -42.32 26.89 0.82
N THR EB 45 -43.26 26.03 1.23
CA THR EB 45 -44.64 26.46 1.42
C THR EB 45 -44.90 27.18 2.74
N LEU EB 46 -43.95 27.19 3.67
CA LEU EB 46 -44.13 27.96 4.90
C LEU EB 46 -44.17 29.45 4.63
N GLY EB 47 -45.06 30.14 5.33
CA GLY EB 47 -45.10 31.60 5.29
C GLY EB 47 -43.90 32.22 5.98
N ALA EB 48 -43.68 33.50 5.65
CA ALA EB 48 -42.46 34.19 6.07
C ALA EB 48 -42.29 34.22 7.59
N ASP EB 49 -43.39 34.26 8.33
CA ASP EB 49 -43.35 34.23 9.79
C ASP EB 49 -43.12 32.83 10.34
N GLN EB 50 -43.45 31.79 9.59
CA GLN EB 50 -43.20 30.42 9.98
C GLN EB 50 -41.79 29.93 9.64
N ALA EB 51 -41.10 30.63 8.73
CA ALA EB 51 -39.78 30.18 8.30
C ALA EB 51 -38.76 30.28 9.43
N PRO EB 52 -37.81 29.34 9.51
CA PRO EB 52 -36.79 29.37 10.56
C PRO EB 52 -35.95 30.65 10.57
N VAL EB 53 -35.41 30.95 11.74
CA VAL EB 53 -34.41 32.00 11.94
C VAL EB 53 -33.30 31.45 12.83
N GLY EB 54 -32.06 31.73 12.47
CA GLY EB 54 -30.90 31.21 13.18
C GLY EB 54 -30.49 32.00 14.41
N ALA EB 55 -31.43 32.26 15.30
CA ALA EB 55 -31.12 32.89 16.59
C ALA EB 55 -30.23 31.98 17.43
N SER EB 56 -29.21 32.59 18.06
CA SER EB 56 -28.35 31.88 19.00
C SER EB 56 -29.05 31.66 20.33
N FME FB 1 3.22 57.97 -14.02
CN FME FB 1 4.33 57.86 -14.83
O1 FME FB 1 4.91 56.78 -15.03
CA FME FB 1 2.58 56.88 -13.35
CB FME FB 1 1.34 57.37 -12.57
CG FME FB 1 0.75 56.33 -11.66
SD FME FB 1 1.83 56.10 -10.28
CE FME FB 1 0.96 54.89 -9.36
C FME FB 1 2.12 55.75 -14.28
O FME FB 1 2.16 54.56 -13.99
N HIS FB 2 1.68 56.17 -15.47
CA HIS FB 2 1.27 55.29 -16.55
C HIS FB 2 2.37 54.41 -17.14
N ARG FB 3 3.64 54.74 -16.88
CA ARG FB 3 4.74 53.92 -17.38
C ARG FB 3 4.78 52.53 -16.75
N ILE FB 4 4.01 52.30 -15.69
CA ILE FB 4 3.80 50.94 -15.18
C ILE FB 4 3.32 49.98 -16.26
N TRP FB 5 2.52 50.47 -17.22
CA TRP FB 5 2.04 49.65 -18.32
C TRP FB 5 3.06 49.44 -19.42
N LEU FB 6 4.22 50.10 -19.34
CA LEU FB 6 5.36 49.72 -20.16
C LEU FB 6 6.18 48.61 -19.51
N MET FB 7 6.18 48.57 -18.17
CA MET FB 7 6.87 47.51 -17.44
C MET FB 7 6.11 46.19 -17.50
N TYR FB 8 4.79 46.23 -17.33
CA TYR FB 8 3.96 45.03 -17.26
C TYR FB 8 2.94 45.05 -18.38
N ASP FB 9 2.60 43.87 -18.88
CA ASP FB 9 1.57 43.77 -19.91
C ASP FB 9 0.20 44.00 -19.29
N PRO FB 10 -0.51 45.05 -19.67
CA PRO FB 10 -1.84 45.32 -19.08
C PRO FB 10 -2.83 44.18 -19.27
N ARG FB 11 -2.74 43.43 -20.37
CA ARG FB 11 -3.69 42.34 -20.60
C ARG FB 11 -3.60 41.24 -19.54
N ARG FB 12 -2.44 41.06 -18.92
CA ARG FB 12 -2.31 40.04 -17.89
C ARG FB 12 -2.22 40.57 -16.46
N VAL FB 13 -1.84 41.84 -16.26
CA VAL FB 13 -2.11 42.47 -14.97
C VAL FB 13 -3.62 42.51 -14.69
N MET FB 14 -4.42 42.83 -15.71
CA MET FB 14 -5.86 42.91 -15.52
C MET FB 14 -6.47 41.55 -15.20
N VAL FB 15 -5.97 40.48 -15.82
CA VAL FB 15 -6.40 39.13 -15.46
C VAL FB 15 -6.01 38.79 -14.02
N ALA FB 16 -4.77 39.09 -13.65
CA ALA FB 16 -4.32 38.85 -12.28
C ALA FB 16 -5.12 39.65 -11.26
N LEU FB 17 -5.48 40.89 -11.59
CA LEU FB 17 -6.26 41.72 -10.67
C LEU FB 17 -7.69 41.19 -10.50
N VAL FB 18 -8.37 40.90 -11.62
CA VAL FB 18 -9.72 40.35 -11.55
C VAL FB 18 -9.74 39.03 -10.78
N GLY FB 19 -8.74 38.17 -11.02
CA GLY FB 19 -8.64 36.94 -10.26
C GLY FB 19 -8.41 37.17 -8.77
N PHE FB 20 -7.51 38.09 -8.42
CA PHE FB 20 -7.28 38.43 -7.02
C PHE FB 20 -8.55 38.92 -6.33
N LEU FB 21 -9.27 39.84 -6.97
CA LEU FB 21 -10.51 40.35 -6.38
C LEU FB 21 -11.56 39.26 -6.22
N ALA FB 22 -11.69 38.38 -7.21
CA ALA FB 22 -12.62 37.27 -7.09
C ALA FB 22 -12.28 36.34 -5.92
N VAL FB 23 -11.01 36.01 -5.75
CA VAL FB 23 -10.60 35.21 -4.59
C VAL FB 23 -10.89 35.93 -3.28
N LEU FB 24 -10.47 37.19 -3.18
CA LEU FB 24 -10.66 37.96 -1.95
C LEU FB 24 -12.14 38.11 -1.59
N ALA FB 25 -12.98 38.47 -2.57
CA ALA FB 25 -14.41 38.60 -2.31
C ALA FB 25 -15.02 37.31 -1.80
N LEU FB 26 -14.71 36.18 -2.44
CA LEU FB 26 -15.24 34.90 -1.99
C LEU FB 26 -14.74 34.52 -0.60
N VAL FB 27 -13.46 34.76 -0.32
CA VAL FB 27 -12.91 34.49 1.01
C VAL FB 27 -13.66 35.28 2.09
N ILE FB 28 -13.85 36.58 1.88
CA ILE FB 28 -14.51 37.39 2.90
C ILE FB 28 -15.96 36.95 3.12
N HIS FB 29 -16.69 36.65 2.04
CA HIS FB 29 -18.05 36.15 2.22
C HIS FB 29 -18.10 34.82 2.96
N PHE FB 30 -17.22 33.87 2.61
CA PHE FB 30 -17.20 32.60 3.34
C PHE FB 30 -16.78 32.77 4.79
N VAL FB 31 -15.84 33.67 5.07
CA VAL FB 31 -15.48 33.97 6.47
C VAL FB 31 -16.68 34.50 7.24
N LEU FB 32 -17.37 35.51 6.68
CA LEU FB 32 -18.53 36.06 7.36
C LEU FB 32 -19.65 35.04 7.51
N LEU FB 33 -19.90 34.26 6.47
CA LEU FB 33 -20.90 33.21 6.53
C LEU FB 33 -20.53 32.09 7.50
N SER FB 34 -19.24 31.94 7.84
CA SER FB 34 -18.83 31.02 8.88
C SER FB 34 -19.07 31.57 10.28
N SER FB 35 -19.05 32.89 10.43
CA SER FB 35 -19.21 33.51 11.74
C SER FB 35 -20.64 33.28 12.27
N GLN FB 36 -20.83 33.57 13.55
CA GLN FB 36 -22.17 33.59 14.12
C GLN FB 36 -22.87 34.94 13.93
N ARG FB 37 -22.16 36.04 14.19
CA ARG FB 37 -22.78 37.37 14.07
C ARG FB 37 -23.23 37.68 12.65
N TYR FB 38 -22.47 37.24 11.64
CA TYR FB 38 -22.76 37.58 10.25
C TYR FB 38 -23.17 36.36 9.41
N SER FB 39 -23.77 35.36 10.05
CA SER FB 39 -24.35 34.22 9.35
C SER FB 39 -25.65 34.63 8.65
N TRP FB 40 -25.56 35.60 7.73
CA TRP FB 40 -26.72 36.38 7.30
C TRP FB 40 -27.81 35.55 6.64
N ILE FB 41 -27.46 34.41 6.04
CA ILE FB 41 -28.48 33.57 5.42
C ILE FB 41 -29.43 33.00 6.46
N GLU FB 42 -28.91 32.55 7.60
CA GLU FB 42 -29.80 32.07 8.66
C GLU FB 42 -30.35 33.17 9.55
N ASN FB 43 -29.59 34.23 9.81
CA ASN FB 43 -29.98 35.20 10.83
C ASN FB 43 -30.02 36.66 10.36
N GLY FB 44 -29.98 36.91 9.05
CA GLY FB 44 -29.92 38.26 8.54
C GLY FB 44 -31.09 39.15 8.92
N THR FB 45 -32.24 38.57 9.23
CA THR FB 45 -33.42 39.35 9.62
C THR FB 45 -33.40 39.81 11.07
N LEU FB 46 -32.48 39.33 11.90
CA LEU FB 46 -32.34 39.86 13.25
C LEU FB 46 -31.89 41.32 13.25
N GLY FB 47 -32.58 42.13 14.05
CA GLY FB 47 -32.11 43.48 14.32
C GLY FB 47 -30.86 43.51 15.16
N ALA FB 48 -30.16 44.65 15.11
CA ALA FB 48 -28.83 44.75 15.71
C ALA FB 48 -28.84 44.52 17.21
N ASP FB 49 -29.96 44.78 17.89
CA ASP FB 49 -30.09 44.46 19.30
C ASP FB 49 -30.25 42.96 19.56
N GLN FB 50 -30.63 42.18 18.55
CA GLN FB 50 -30.72 40.73 18.67
C GLN FB 50 -29.55 39.98 18.06
N ALA FB 51 -28.72 40.64 17.26
CA ALA FB 51 -27.59 40.00 16.62
C ALA FB 51 -26.61 39.42 17.65
N PRO FB 52 -25.98 38.28 17.34
CA PRO FB 52 -25.00 37.71 18.26
C PRO FB 52 -23.82 38.64 18.52
N VAL FB 53 -23.28 38.56 19.74
CA VAL FB 53 -22.03 39.19 20.11
C VAL FB 53 -21.20 38.19 20.89
N GLY FB 54 -19.97 37.93 20.44
CA GLY FB 54 -19.12 36.98 21.14
C GLY FB 54 -18.40 37.61 22.32
N ALA FB 55 -18.37 36.89 23.43
CA ALA FB 55 -17.61 37.30 24.61
C ALA FB 55 -16.78 36.14 25.16
N SER FB 56 -15.77 36.49 25.96
CA SER FB 56 -15.05 35.49 26.74
C SER FB 56 -15.88 35.01 27.92
N ALA FB 57 -15.49 33.87 28.47
CA ALA FB 57 -16.12 33.36 29.69
C ALA FB 57 -15.91 34.32 30.85
N PRO FB 58 -16.92 34.50 31.71
CA PRO FB 58 -16.73 35.32 32.92
C PRO FB 58 -15.65 34.74 33.83
N ALA FB 59 -14.68 35.58 34.18
CA ALA FB 59 -13.48 35.16 34.91
C ALA FB 59 -13.72 35.02 36.41
N ALA FB 60 -14.84 34.44 36.82
CA ALA FB 60 -15.22 34.37 38.24
C ALA FB 60 -14.24 33.51 39.04
N FME GB 1 20.09 56.72 -3.92
CN FME GB 1 21.12 57.04 -4.77
O1 FME GB 1 21.83 56.18 -5.33
CA FME GB 1 19.70 55.39 -3.56
CB FME GB 1 18.63 55.37 -2.45
CG FME GB 1 18.41 54.03 -1.80
SD FME GB 1 19.34 53.90 -0.29
CE FME GB 1 21.01 53.76 -0.80
C FME GB 1 19.14 54.56 -4.73
O FME GB 1 19.12 53.34 -4.75
N HIS GB 2 18.69 55.28 -5.75
CA HIS GB 2 18.18 54.69 -6.99
C HIS GB 2 19.17 53.73 -7.66
N ARG GB 3 20.44 53.83 -7.27
CA ARG GB 3 21.46 52.82 -7.52
C ARG GB 3 20.95 51.38 -7.38
N ILE GB 4 20.08 51.15 -6.40
CA ILE GB 4 19.53 49.82 -6.15
C ILE GB 4 18.77 49.26 -7.35
N TRP GB 5 18.11 50.12 -8.13
CA TRP GB 5 17.38 49.68 -9.32
C TRP GB 5 18.28 49.35 -10.50
N LEU GB 6 19.58 49.62 -10.40
CA LEU GB 6 20.53 49.09 -11.37
C LEU GB 6 21.03 47.70 -10.99
N MET GB 7 21.06 47.39 -9.69
CA MET GB 7 21.37 46.04 -9.24
C MET GB 7 20.19 45.09 -9.37
N TYR GB 8 18.97 45.58 -9.14
CA TYR GB 8 17.76 44.75 -9.25
C TYR GB 8 16.76 45.38 -10.22
N ASP GB 9 16.20 44.57 -11.10
CA ASP GB 9 15.16 45.01 -12.01
C ASP GB 9 13.90 45.40 -11.22
N PRO GB 10 13.40 46.62 -11.35
CA PRO GB 10 12.15 47.00 -10.67
C PRO GB 10 10.99 46.03 -10.86
N ARG GB 11 10.84 45.46 -12.05
CA ARG GB 11 9.73 44.55 -12.32
C ARG GB 11 9.75 43.34 -11.40
N ARG GB 12 10.94 42.84 -11.09
CA ARG GB 12 11.08 41.67 -10.23
C ARG GB 12 10.88 42.02 -8.76
N VAL GB 13 11.44 43.15 -8.32
CA VAL GB 13 11.31 43.57 -6.92
C VAL GB 13 9.85 43.89 -6.58
N MET GB 14 9.13 44.53 -7.49
CA MET GB 14 7.72 44.83 -7.24
C MET GB 14 6.86 43.58 -7.15
N VAL GB 15 7.14 42.57 -7.99
CA VAL GB 15 6.47 41.29 -7.84
C VAL GB 15 6.79 40.66 -6.49
N ALA GB 16 8.06 40.65 -6.11
CA ALA GB 16 8.47 40.13 -4.81
C ALA GB 16 7.78 40.88 -3.67
N LEU GB 17 7.78 42.21 -3.75
CA LEU GB 17 7.19 43.03 -2.69
C LEU GB 17 5.68 42.84 -2.57
N VAL GB 18 4.97 42.83 -3.71
CA VAL GB 18 3.54 42.58 -3.69
C VAL GB 18 3.22 41.21 -3.10
N GLY GB 19 3.98 40.18 -3.49
CA GLY GB 19 3.76 38.86 -2.92
C GLY GB 19 4.01 38.81 -1.42
N PHE GB 20 5.15 39.35 -0.98
CA PHE GB 20 5.47 39.38 0.44
C PHE GB 20 4.43 40.13 1.26
N LEU GB 21 4.02 41.32 0.82
CA LEU GB 21 3.04 42.10 1.58
C LEU GB 21 1.65 41.47 1.59
N ALA GB 22 1.23 40.88 0.46
CA ALA GB 22 -0.04 40.16 0.43
C ALA GB 22 -0.07 39.02 1.45
N VAL GB 23 0.99 38.22 1.48
CA VAL GB 23 1.03 37.09 2.41
C VAL GB 23 1.13 37.58 3.86
N LEU GB 24 2.03 38.54 4.12
CA LEU GB 24 2.17 39.09 5.46
C LEU GB 24 0.87 39.68 5.99
N ALA GB 25 0.16 40.46 5.17
CA ALA GB 25 -1.11 41.03 5.61
C ALA GB 25 -2.14 39.95 5.93
N LEU GB 26 -2.22 38.92 5.09
CA LEU GB 26 -3.14 37.81 5.36
C LEU GB 26 -2.75 37.01 6.60
N VAL GB 27 -1.44 36.80 6.81
CA VAL GB 27 -0.99 36.16 8.05
C VAL GB 27 -1.47 36.94 9.28
N ILE GB 28 -1.21 38.25 9.31
CA ILE GB 28 -1.53 39.02 10.51
C ILE GB 28 -3.04 39.05 10.75
N HIS GB 29 -3.85 39.27 9.70
CA HIS GB 29 -5.30 39.30 9.90
C HIS GB 29 -5.83 37.96 10.41
N PHE GB 30 -5.39 36.84 9.84
CA PHE GB 30 -5.87 35.55 10.33
C PHE GB 30 -5.38 35.23 11.74
N VAL GB 31 -4.16 35.63 12.09
CA VAL GB 31 -3.69 35.43 13.46
C VAL GB 31 -4.55 36.19 14.45
N LEU GB 32 -4.83 37.46 14.15
CA LEU GB 32 -5.71 38.26 15.01
C LEU GB 32 -7.11 37.67 15.07
N LEU GB 33 -7.65 37.28 13.92
CA LEU GB 33 -9.00 36.74 13.85
C LEU GB 33 -9.13 35.42 14.61
N SER GB 34 -8.04 34.66 14.72
CA SER GB 34 -7.99 33.45 15.52
C SER GB 34 -7.85 33.71 17.02
N SER GB 35 -7.50 34.92 17.44
CA SER GB 35 -7.31 35.18 18.86
C SER GB 35 -8.66 35.39 19.56
N GLN GB 36 -8.62 35.44 20.89
CA GLN GB 36 -9.82 35.82 21.63
C GLN GB 36 -10.00 37.34 21.66
N ARG GB 37 -8.94 38.08 21.99
CA ARG GB 37 -9.06 39.53 22.14
C ARG GB 37 -9.44 40.24 20.83
N TYR GB 38 -8.97 39.75 19.69
CA TYR GB 38 -9.14 40.46 18.42
C TYR GB 38 -9.99 39.72 17.41
N SER GB 39 -10.87 38.81 17.85
CA SER GB 39 -11.80 38.13 16.95
C SER GB 39 -12.93 39.09 16.56
N TRP GB 40 -12.57 40.11 15.78
CA TRP GB 40 -13.40 41.30 15.65
C TRP GB 40 -14.73 41.03 14.95
N ILE GB 41 -14.82 39.98 14.14
CA ILE GB 41 -16.07 39.66 13.46
C ILE GB 41 -17.14 39.25 14.46
N GLU GB 42 -16.77 38.46 15.48
CA GLU GB 42 -17.73 38.14 16.54
C GLU GB 42 -17.82 39.23 17.60
N ASN GB 43 -16.72 39.87 17.96
CA ASN GB 43 -16.67 40.68 19.18
C ASN GB 43 -16.25 42.13 18.97
N GLY GB 44 -16.18 42.59 17.72
CA GLY GB 44 -15.64 43.91 17.45
C GLY GB 44 -16.39 45.06 18.09
N THR GB 45 -17.69 44.86 18.37
CA THR GB 45 -18.50 45.90 19.00
C THR GB 45 -18.33 46.01 20.51
N LEU GB 46 -17.60 45.11 21.16
CA LEU GB 46 -17.25 45.29 22.57
C LEU GB 46 -16.29 46.47 22.75
N GLY GB 47 -16.47 47.20 23.85
CA GLY GB 47 -15.52 48.22 24.24
C GLY GB 47 -14.23 47.64 24.81
N ALA GB 48 -13.21 48.51 24.91
CA ALA GB 48 -11.88 48.07 25.34
C ALA GB 48 -11.90 47.51 26.75
N ASP GB 49 -12.76 48.04 27.63
CA ASP GB 49 -12.96 47.50 28.96
C ASP GB 49 -13.67 46.15 28.95
N GLN GB 50 -14.36 45.80 27.87
CA GLN GB 50 -15.11 44.55 27.77
C GLN GB 50 -14.37 43.45 27.02
N ALA GB 51 -13.32 43.79 26.26
CA ALA GB 51 -12.62 42.80 25.46
C ALA GB 51 -11.85 41.79 26.31
N PRO GB 52 -11.68 40.56 25.80
CA PRO GB 52 -10.89 39.55 26.53
C PRO GB 52 -9.46 39.98 26.84
N VAL GB 53 -8.93 39.47 27.95
CA VAL GB 53 -7.51 39.57 28.28
C VAL GB 53 -7.03 38.21 28.79
N GLY GB 54 -5.85 37.79 28.34
CA GLY GB 54 -5.28 36.54 28.78
C GLY GB 54 -4.99 36.50 30.27
N ALA GB 55 -4.92 35.29 30.80
CA ALA GB 55 -4.72 35.07 32.23
C ALA GB 55 -3.37 35.59 32.71
N SER GB 56 -3.37 36.27 33.86
CA SER GB 56 -2.16 36.75 34.51
C SER GB 56 -1.41 35.62 35.23
N ALA GB 57 -0.28 35.97 35.84
CA ALA GB 57 0.36 35.11 36.83
C ALA GB 57 -0.46 35.05 38.11
N PRO GB 58 -0.59 33.87 38.75
CA PRO GB 58 -1.39 33.71 39.97
C PRO GB 58 -0.85 34.52 41.14
N FME HB 1 38.59 44.48 3.93
CN FME HB 1 39.47 44.15 2.93
O1 FME HB 1 39.32 43.18 2.18
CA FME HB 1 37.39 43.73 4.23
CB FME HB 1 36.66 44.30 5.45
CG FME HB 1 35.78 43.28 6.13
SD FME HB 1 36.82 42.15 6.98
CE FME HB 1 35.70 41.26 7.98
C FME HB 1 36.39 43.69 3.07
O FME HB 1 35.62 42.74 2.88
N HIS HB 2 36.43 44.75 2.27
CA HIS HB 2 35.57 44.89 1.08
C HIS HB 2 35.80 43.85 -0.01
N ARG HB 3 36.95 43.17 0.01
CA ARG HB 3 37.22 42.14 -0.99
C ARG HB 3 36.35 40.90 -0.84
N ILE HB 4 35.60 40.77 0.26
CA ILE HB 4 34.57 39.75 0.37
C ILE HB 4 33.58 39.82 -0.79
N TRP HB 5 33.31 41.01 -1.30
CA TRP HB 5 32.40 41.19 -2.44
C TRP HB 5 33.01 40.82 -3.78
N LEU HB 6 34.31 40.50 -3.82
CA LEU HB 6 34.89 39.84 -4.97
C LEU HB 6 34.71 38.34 -4.90
N MET HB 7 34.69 37.77 -3.69
CA MET HB 7 34.41 36.35 -3.52
C MET HB 7 32.94 36.01 -3.79
N TYR HB 8 32.03 36.88 -3.34
CA TYR HB 8 30.59 36.64 -3.51
C TYR HB 8 29.94 37.80 -4.23
N ASP HB 9 29.05 37.47 -5.16
CA ASP HB 9 28.27 38.49 -5.86
C ASP HB 9 27.34 39.16 -4.87
N PRO HB 10 27.47 40.47 -4.64
CA PRO HB 10 26.60 41.14 -3.65
C PRO HB 10 25.11 41.06 -3.97
N ARG HB 11 24.73 40.93 -5.24
CA ARG HB 11 23.32 40.72 -5.57
C ARG HB 11 22.80 39.41 -4.99
N ARG HB 12 23.60 38.35 -5.07
CA ARG HB 12 23.20 37.06 -4.49
C ARG HB 12 23.18 37.10 -2.96
N VAL HB 13 24.18 37.72 -2.35
CA VAL HB 13 24.27 37.78 -0.89
C VAL HB 13 23.08 38.52 -0.30
N MET HB 14 22.71 39.66 -0.88
CA MET HB 14 21.59 40.43 -0.34
C MET HB 14 20.27 39.66 -0.42
N VAL HB 15 20.05 38.91 -1.50
CA VAL HB 15 18.86 38.06 -1.55
C VAL HB 15 18.91 36.99 -0.47
N ALA HB 16 20.07 36.34 -0.31
CA ALA HB 16 20.23 35.32 0.73
C ALA HB 16 20.04 35.91 2.12
N LEU HB 17 20.58 37.10 2.36
CA LEU HB 17 20.45 37.76 3.65
C LEU HB 17 19.01 38.19 3.94
N VAL HB 18 18.35 38.79 2.95
CA VAL HB 18 16.96 39.22 3.13
C VAL HB 18 16.05 38.03 3.39
N GLY HB 19 16.27 36.92 2.68
CA GLY HB 19 15.55 35.69 2.97
C GLY HB 19 15.85 35.14 4.34
N PHE HB 20 17.11 35.17 4.75
CA PHE HB 20 17.50 34.70 6.08
C PHE HB 20 16.82 35.52 7.18
N LEU HB 21 16.88 36.85 7.08
CA LEU HB 21 16.29 37.70 8.12
C LEU HB 21 14.77 37.56 8.18
N ALA HB 22 14.10 37.42 7.04
CA ALA HB 22 12.66 37.19 7.03
C ALA HB 22 12.28 35.91 7.77
N VAL HB 23 12.94 34.79 7.44
CA VAL HB 23 12.65 33.53 8.12
C VAL HB 23 12.97 33.63 9.60
N LEU HB 24 14.16 34.15 9.93
CA LEU HB 24 14.55 34.27 11.34
C LEU HB 24 13.57 35.11 12.15
N ALA HB 25 13.14 36.25 11.61
CA ALA HB 25 12.17 37.09 12.30
C ALA HB 25 10.84 36.36 12.53
N LEU HB 26 10.35 35.65 11.51
CA LEU HB 26 9.10 34.91 11.65
C LEU HB 26 9.21 33.80 12.69
N VAL HB 27 10.34 33.08 12.70
CA VAL HB 27 10.56 32.04 13.69
C VAL HB 27 10.54 32.61 15.11
N ILE HB 28 11.28 33.70 15.35
CA ILE HB 28 11.34 34.26 16.70
C ILE HB 28 9.98 34.78 17.14
N HIS HB 29 9.25 35.49 16.26
CA HIS HB 29 7.91 35.94 16.63
C HIS HB 29 6.97 34.78 16.93
N PHE HB 30 7.01 33.71 16.13
CA PHE HB 30 6.12 32.57 16.40
C PHE HB 30 6.49 31.83 17.67
N VAL HB 31 7.78 31.71 17.97
CA VAL HB 31 8.21 31.15 19.25
C VAL HB 31 7.63 31.95 20.42
N LEU HB 32 7.79 33.28 20.37
CA LEU HB 32 7.27 34.12 21.45
C LEU HB 32 5.75 34.05 21.54
N LEU HB 33 5.08 34.13 20.39
CA LEU HB 33 3.62 34.10 20.36
C LEU HB 33 3.07 32.76 20.85
N SER HB 34 3.84 31.68 20.71
CA SER HB 34 3.47 30.39 21.29
C SER HB 34 3.66 30.31 22.79
N SER HB 35 4.50 31.16 23.38
CA SER HB 35 4.80 31.06 24.80
C SER HB 35 3.61 31.53 25.63
N GLN HB 36 3.70 31.28 26.95
CA GLN HB 36 2.74 31.89 27.88
C GLN HB 36 3.09 33.34 28.19
N ARG HB 37 4.35 33.61 28.51
CA ARG HB 37 4.73 34.95 28.96
C ARG HB 37 4.62 36.00 27.85
N TYR HB 38 4.87 35.63 26.60
CA TYR HB 38 4.88 36.60 25.50
C TYR HB 38 3.79 36.33 24.46
N SER HB 39 2.66 35.76 24.89
CA SER HB 39 1.49 35.66 24.03
C SER HB 39 0.82 37.03 23.89
N TRP HB 40 1.54 37.99 23.30
CA TRP HB 40 1.22 39.41 23.44
C TRP HB 40 -0.12 39.80 22.83
N ILE HB 41 -0.61 39.06 21.85
CA ILE HB 41 -1.93 39.36 21.28
C ILE HB 41 -3.04 39.11 22.29
N GLU HB 42 -2.93 38.05 23.10
CA GLU HB 42 -3.88 37.84 24.18
C GLU HB 42 -3.57 38.66 25.43
N ASN HB 43 -2.30 38.78 25.81
CA ASN HB 43 -1.95 39.25 27.15
C ASN HB 43 -1.07 40.50 27.17
N GLY HB 44 -0.88 41.15 26.03
CA GLY HB 44 0.10 42.23 25.93
C GLY HB 44 -0.16 43.42 26.83
N THR HB 45 -1.42 43.63 27.24
CA THR HB 45 -1.76 44.74 28.12
C THR HB 45 -1.50 44.47 29.60
N LEU HB 46 -1.13 43.25 29.98
CA LEU HB 46 -0.72 43.00 31.35
C LEU HB 46 0.58 43.71 31.69
N GLY HB 47 0.63 44.26 32.91
CA GLY HB 47 1.88 44.78 33.43
C GLY HB 47 2.90 43.69 33.67
N ALA HB 48 4.16 44.10 33.72
CA ALA HB 48 5.27 43.14 33.70
C ALA HB 48 5.21 42.20 34.91
N ASP HB 49 4.80 42.72 36.07
CA ASP HB 49 4.61 41.89 37.26
C ASP HB 49 3.38 40.99 37.19
N GLN HB 50 2.39 41.33 36.36
CA GLN HB 50 1.25 40.44 36.14
C GLN HB 50 1.52 39.35 35.09
N ALA HB 51 2.48 39.55 34.19
CA ALA HB 51 2.70 38.59 33.13
C ALA HB 51 3.16 37.23 33.68
N PRO HB 52 2.79 36.13 33.02
CA PRO HB 52 3.16 34.79 33.48
C PRO HB 52 4.67 34.62 33.68
N VAL HB 53 5.02 33.76 34.64
CA VAL HB 53 6.38 33.28 34.85
C VAL HB 53 6.34 31.76 35.03
N GLY HB 54 7.23 31.05 34.36
CA GLY HB 54 7.29 29.61 34.50
C GLY HB 54 7.62 29.16 35.92
N ALA HB 55 7.35 27.88 36.19
CA ALA HB 55 7.52 27.33 37.53
C ALA HB 55 8.98 27.40 37.99
N SER HB 56 9.15 27.66 39.29
CA SER HB 56 10.44 27.61 39.96
C SER HB 56 10.79 26.19 40.38
N ALA HB 57 11.96 26.05 41.02
CA ALA HB 57 12.22 24.95 41.93
C ALA HB 57 11.20 24.93 43.07
N PRO HB 58 10.91 23.74 43.64
CA PRO HB 58 9.93 23.65 44.73
C PRO HB 58 10.42 24.29 46.02
N FME IB 1 49.77 27.14 8.09
CN FME IB 1 50.60 27.08 6.99
O1 FME IB 1 50.29 26.49 5.94
CA FME IB 1 48.47 26.54 8.14
CB FME IB 1 47.89 26.55 9.58
CG FME IB 1 47.53 27.94 10.02
SD FME IB 1 47.14 27.89 11.75
CE FME IB 1 45.73 26.87 11.82
C FME IB 1 47.44 27.19 7.22
O FME IB 1 46.35 26.68 6.93
N HIS IB 2 47.82 28.36 6.72
CA HIS IB 2 47.03 29.10 5.72
C HIS IB 2 46.86 28.37 4.40
N ARG IB 3 47.73 27.40 4.12
CA ARG IB 3 47.63 26.65 2.87
C ARG IB 3 46.37 25.79 2.79
N ILE IB 4 45.62 25.68 3.89
CA ILE IB 4 44.26 25.17 3.82
C ILE IB 4 43.41 25.92 2.80
N TRP IB 5 43.67 27.22 2.60
CA TRP IB 5 42.92 27.98 1.60
C TRP IB 5 43.42 27.75 0.17
N LEU IB 6 44.54 27.05 -0.01
CA LEU IB 6 44.88 26.48 -1.31
C LEU IB 6 44.30 25.08 -1.46
N MET IB 7 44.35 24.31 -0.38
CA MET IB 7 43.80 22.95 -0.37
C MET IB 7 42.31 22.94 -0.64
N TYR IB 8 41.59 23.95 -0.13
CA TYR IB 8 40.14 24.08 -0.34
C TYR IB 8 39.80 25.48 -0.83
N ASP IB 9 38.73 25.57 -1.61
CA ASP IB 9 38.20 26.86 -2.06
C ASP IB 9 37.63 27.62 -0.88
N PRO IB 10 38.20 28.78 -0.49
CA PRO IB 10 37.65 29.53 0.65
C PRO IB 10 36.19 29.95 0.49
N ARG IB 11 35.73 30.21 -0.74
CA ARG IB 11 34.33 30.55 -0.95
C ARG IB 11 33.42 29.43 -0.46
N ARG IB 12 33.81 28.19 -0.74
CA ARG IB 12 33.01 27.03 -0.36
C ARG IB 12 33.11 26.76 1.14
N VAL IB 13 34.33 26.77 1.68
CA VAL IB 13 34.54 26.46 3.09
C VAL IB 13 33.84 27.48 3.98
N MET IB 14 33.93 28.76 3.64
CA MET IB 14 33.29 29.80 4.43
C MET IB 14 31.77 29.67 4.46
N VAL IB 15 31.16 29.23 3.36
CA VAL IB 15 29.74 28.92 3.39
C VAL IB 15 29.46 27.69 4.26
N ALA IB 16 30.33 26.67 4.17
CA ALA IB 16 30.18 25.50 5.04
C ALA IB 16 30.29 25.86 6.51
N LEU IB 17 31.25 26.73 6.85
CA LEU IB 17 31.38 27.21 8.23
C LEU IB 17 30.13 27.95 8.70
N VAL IB 18 29.64 28.89 7.89
CA VAL IB 18 28.41 29.60 8.23
C VAL IB 18 27.24 28.64 8.44
N GLY IB 19 27.11 27.64 7.56
CA GLY IB 19 26.05 26.66 7.74
C GLY IB 19 26.20 25.82 8.99
N PHE IB 20 27.44 25.40 9.28
CA PHE IB 20 27.71 24.64 10.49
C PHE IB 20 27.37 25.43 11.75
N LEU IB 21 27.84 26.68 11.82
CA LEU IB 21 27.56 27.51 13.00
C LEU IB 21 26.07 27.80 13.14
N ALA IB 22 25.39 28.08 12.03
CA ALA IB 22 23.94 28.27 12.05
C ALA IB 22 23.22 27.09 12.70
N VAL IB 23 23.47 25.89 12.20
CA VAL IB 23 22.76 24.71 12.69
C VAL IB 23 23.14 24.41 14.14
N LEU IB 24 24.42 24.46 14.47
CA LEU IB 24 24.88 24.20 15.84
C LEU IB 24 24.25 25.16 16.85
N ALA IB 25 24.25 26.46 16.56
CA ALA IB 25 23.63 27.41 17.48
C ALA IB 25 22.14 27.16 17.66
N LEU IB 26 21.43 26.87 16.56
CA LEU IB 26 20.01 26.58 16.66
C LEU IB 26 19.74 25.31 17.45
N VAL IB 27 20.57 24.29 17.27
CA VAL IB 27 20.46 23.07 18.08
C VAL IB 27 20.60 23.39 19.56
N ILE IB 28 21.66 24.12 19.93
CA ILE IB 28 21.90 24.41 21.35
C ILE IB 28 20.79 25.29 21.93
N HIS IB 29 20.36 26.33 21.20
CA HIS IB 29 19.26 27.16 21.71
C HIS IB 29 17.98 26.35 21.92
N PHE IB 30 17.59 25.53 20.94
CA PHE IB 30 16.35 24.79 21.09
C PHE IB 30 16.45 23.68 22.15
N VAL IB 31 17.60 23.04 22.30
CA VAL IB 31 17.81 22.11 23.41
C VAL IB 31 17.63 22.81 24.75
N LEU IB 32 18.26 23.97 24.92
CA LEU IB 32 18.10 24.75 26.15
C LEU IB 32 16.66 25.20 26.35
N LEU IB 33 16.03 25.69 25.28
CA LEU IB 33 14.67 26.21 25.38
C LEU IB 33 13.67 25.15 25.84
N SER IB 34 13.90 23.89 25.46
CA SER IB 34 13.03 22.80 25.87
C SER IB 34 13.50 22.07 27.13
N SER IB 35 14.62 22.45 27.72
CA SER IB 35 14.94 22.02 29.08
C SER IB 35 13.96 22.65 30.08
N GLN IB 36 14.08 22.23 31.34
CA GLN IB 36 13.39 22.94 32.42
C GLN IB 36 14.22 24.08 32.99
N ARG IB 37 15.50 23.83 33.26
CA ARG IB 37 16.33 24.83 33.92
C ARG IB 37 16.53 26.08 33.06
N TYR IB 38 16.66 25.92 31.75
CA TYR IB 38 17.04 26.99 30.85
C TYR IB 38 15.94 27.42 29.88
N SER IB 39 14.68 27.19 30.23
CA SER IB 39 13.55 27.57 29.38
C SER IB 39 13.29 29.07 29.51
N TRP IB 40 14.25 29.85 29.01
CA TRP IB 40 14.42 31.23 29.43
C TRP IB 40 13.25 32.12 29.04
N ILE IB 41 12.50 31.77 27.99
CA ILE IB 41 11.38 32.61 27.57
C ILE IB 41 10.28 32.60 28.62
N GLU IB 42 9.94 31.43 29.18
CA GLU IB 42 8.99 31.37 30.28
C GLU IB 42 9.59 31.78 31.62
N ASN IB 43 10.82 31.39 31.93
CA ASN IB 43 11.32 31.49 33.30
C ASN IB 43 12.61 32.28 33.45
N GLY IB 44 13.00 33.07 32.44
CA GLY IB 44 14.28 33.76 32.47
C GLY IB 44 14.44 34.75 33.62
N THR IB 45 13.34 35.25 34.17
CA THR IB 45 13.41 36.22 35.26
C THR IB 45 13.57 35.60 36.64
N LEU IB 46 13.52 34.29 36.77
CA LEU IB 46 13.83 33.64 38.04
C LEU IB 46 15.31 33.78 38.40
N GLY IB 47 15.57 34.00 39.70
CA GLY IB 47 16.92 33.99 40.20
C GLY IB 47 17.54 32.60 40.18
N ALA IB 48 18.87 32.58 40.22
CA ALA IB 48 19.62 31.35 40.00
C ALA IB 48 19.23 30.26 40.99
N ASP IB 49 18.97 30.64 42.25
CA ASP IB 49 18.53 29.71 43.27
C ASP IB 49 17.07 29.28 43.11
N GLN IB 50 16.24 30.10 42.44
CA GLN IB 50 14.87 29.72 42.14
C GLN IB 50 14.74 28.82 40.91
N ALA IB 51 15.75 28.79 40.04
CA ALA IB 51 15.63 28.03 38.81
C ALA IB 51 15.63 26.52 39.08
N PRO IB 52 14.91 25.75 38.27
CA PRO IB 52 14.83 24.29 38.47
C PRO IB 52 16.19 23.61 38.48
N VAL IB 53 16.25 22.48 39.20
CA VAL IB 53 17.43 21.60 39.27
C VAL IB 53 16.96 20.16 39.21
N GLY IB 54 17.72 19.31 38.52
CA GLY IB 54 17.41 17.89 38.49
C GLY IB 54 17.58 17.20 39.84
N ALA IB 55 16.85 16.10 40.01
CA ALA IB 55 16.83 15.37 41.26
C ALA IB 55 18.18 14.72 41.58
N SER IB 56 18.59 14.80 42.84
CA SER IB 56 19.79 14.13 43.31
C SER IB 56 19.58 12.63 43.44
N ALA IB 57 20.67 11.91 43.70
CA ALA IB 57 20.60 10.57 44.25
C ALA IB 57 19.75 10.55 45.53
N PRO IB 58 18.98 9.48 45.78
CA PRO IB 58 18.09 9.41 46.95
C PRO IB 58 18.84 9.31 48.27
N FME JB 1 55.83 6.95 7.60
CN FME JB 1 56.58 6.63 6.49
O1 FME JB 1 56.08 6.28 5.41
CA FME JB 1 54.39 6.88 7.62
CB FME JB 1 53.83 7.09 9.05
CG FME JB 1 54.42 6.09 10.02
SD FME JB 1 53.46 6.17 11.52
CE FME JB 1 54.11 7.61 12.30
C FME JB 1 53.71 7.92 6.73
O FME JB 1 52.56 7.78 6.33
N HIS JB 2 54.46 8.97 6.41
CA HIS JB 2 53.95 10.05 5.56
C HIS JB 2 53.55 9.59 4.15
N ARG JB 3 54.10 8.45 3.73
CA ARG JB 3 53.77 7.89 2.43
C ARG JB 3 52.30 7.51 2.28
N ILE JB 4 51.56 7.35 3.39
CA ILE JB 4 50.14 7.03 3.31
C ILE JB 4 49.33 8.13 2.63
N TRP JB 5 49.84 9.36 2.60
CA TRP JB 5 49.15 10.44 1.88
C TRP JB 5 49.32 10.34 0.37
N LEU JB 6 50.29 9.56 -0.11
CA LEU JB 6 50.28 9.16 -1.51
C LEU JB 6 49.15 8.17 -1.77
N MET JB 7 48.89 7.30 -0.79
CA MET JB 7 47.86 6.28 -0.92
C MET JB 7 46.46 6.86 -0.87
N TYR JB 8 46.22 7.87 -0.03
CA TYR JB 8 44.91 8.52 0.07
C TYR JB 8 45.04 10.03 -0.09
N ASP JB 9 44.17 10.60 -0.92
CA ASP JB 9 44.12 12.05 -1.13
C ASP JB 9 43.76 12.76 0.16
N PRO JB 10 44.65 13.59 0.71
CA PRO JB 10 44.32 14.28 1.97
C PRO JB 10 43.09 15.18 1.91
N ARG JB 11 42.76 15.73 0.74
CA ARG JB 11 41.53 16.53 0.63
C ARG JB 11 40.28 15.68 0.85
N ARG JB 12 40.34 14.39 0.52
CA ARG JB 12 39.26 13.49 0.90
C ARG JB 12 39.31 13.17 2.40
N VAL JB 13 40.48 12.76 2.89
CA VAL JB 13 40.60 12.24 4.25
C VAL JB 13 40.26 13.29 5.29
N MET JB 14 40.70 14.53 5.08
CA MET JB 14 40.36 15.62 6.00
C MET JB 14 38.85 15.82 6.14
N VAL JB 15 38.10 15.75 5.03
CA VAL JB 15 36.65 15.86 5.13
C VAL JB 15 36.07 14.67 5.87
N ALA JB 16 36.50 13.46 5.52
CA ALA JB 16 36.00 12.26 6.18
C ALA JB 16 36.31 12.27 7.68
N LEU JB 17 37.52 12.69 8.05
CA LEU JB 17 37.90 12.77 9.45
C LEU JB 17 37.02 13.74 10.22
N VAL JB 18 36.87 14.96 9.71
CA VAL JB 18 36.01 15.95 10.36
C VAL JB 18 34.58 15.46 10.49
N GLY JB 19 34.05 14.83 9.44
CA GLY JB 19 32.72 14.25 9.53
C GLY JB 19 32.61 13.14 10.58
N PHE JB 20 33.59 12.24 10.62
CA PHE JB 20 33.62 11.20 11.64
C PHE JB 20 33.67 11.78 13.06
N LEU JB 21 34.57 12.72 13.30
CA LEU JB 21 34.68 13.31 14.63
C LEU JB 21 33.44 14.10 15.02
N ALA JB 22 32.86 14.86 14.10
CA ALA JB 22 31.64 15.60 14.39
C ALA JB 22 30.49 14.68 14.77
N VAL JB 23 30.33 13.57 14.04
CA VAL JB 23 29.30 12.60 14.40
C VAL JB 23 29.58 11.96 15.75
N LEU JB 24 30.80 11.46 15.94
CA LEU JB 24 31.16 10.80 17.20
C LEU JB 24 30.98 11.73 18.40
N ALA JB 25 31.38 12.99 18.26
CA ALA JB 25 31.21 13.95 19.35
C ALA JB 25 29.75 14.16 19.70
N LEU JB 26 28.90 14.33 18.69
CA LEU JB 26 27.47 14.49 18.92
C LEU JB 26 26.86 13.24 19.57
N VAL JB 27 27.24 12.06 19.11
CA VAL JB 27 26.74 10.82 19.69
C VAL JB 27 27.10 10.74 21.18
N ILE JB 28 28.36 10.96 21.53
CA ILE JB 28 28.76 10.87 22.94
C ILE JB 28 28.05 11.91 23.79
N HIS JB 29 27.96 13.15 23.33
CA HIS JB 29 27.26 14.18 24.11
C HIS JB 29 25.79 13.82 24.32
N PHE JB 30 25.09 13.41 23.27
CA PHE JB 30 23.67 13.08 23.44
C PHE JB 30 23.45 11.80 24.24
N VAL JB 31 24.34 10.82 24.14
CA VAL JB 31 24.26 9.66 25.03
C VAL JB 31 24.40 10.07 26.48
N LEU JB 32 25.37 10.94 26.79
CA LEU JB 32 25.52 11.43 28.15
C LEU JB 32 24.34 12.29 28.59
N LEU JB 33 23.88 13.18 27.71
CA LEU JB 33 22.75 14.04 28.02
C LEU JB 33 21.49 13.23 28.29
N SER JB 34 21.33 12.08 27.63
CA SER JB 34 20.23 11.18 27.88
C SER JB 34 20.38 10.33 29.15
N SER JB 35 21.59 10.22 29.70
CA SER JB 35 21.77 9.49 30.94
C SER JB 35 21.25 10.28 32.13
N GLN JB 36 21.11 9.60 33.27
CA GLN JB 36 20.78 10.28 34.51
C GLN JB 36 22.02 10.87 35.19
N ARG JB 37 23.07 10.06 35.33
CA ARG JB 37 24.33 10.50 35.91
C ARG JB 37 24.85 11.80 35.29
N TYR JB 38 24.75 11.95 33.96
CA TYR JB 38 25.43 13.02 33.25
C TYR JB 38 24.48 13.96 32.49
N SER JB 39 23.21 14.03 32.88
CA SER JB 39 22.29 14.97 32.26
C SER JB 39 22.58 16.40 32.71
N TRP JB 40 23.71 16.95 32.26
CA TRP JB 40 24.32 18.11 32.88
C TRP JB 40 23.50 19.39 32.74
N ILE JB 41 22.63 19.48 31.74
CA ILE JB 41 21.82 20.68 31.58
C ILE JB 41 20.83 20.84 32.73
N GLU JB 42 20.18 19.74 33.14
CA GLU JB 42 19.30 19.81 34.31
C GLU JB 42 20.06 19.67 35.64
N ASN JB 43 21.04 18.79 35.72
CA ASN JB 43 21.63 18.43 37.02
C ASN JB 43 23.10 18.79 37.17
N GLY JB 44 23.66 19.58 36.25
CA GLY JB 44 25.10 19.83 36.25
C GLY JB 44 25.63 20.48 37.52
N THR JB 45 24.77 21.20 38.26
CA THR JB 45 25.19 21.86 39.49
C THR JB 45 25.23 20.96 40.71
N LEU JB 46 24.74 19.72 40.61
CA LEU JB 46 24.92 18.76 41.69
C LEU JB 46 26.39 18.40 41.88
N GLY JB 47 26.81 18.35 43.15
CA GLY JB 47 28.11 17.80 43.49
C GLY JB 47 28.19 16.31 43.25
N ALA JB 48 29.44 15.81 43.14
CA ALA JB 48 29.68 14.45 42.67
C ALA JB 48 29.02 13.41 43.58
N ASP JB 49 29.01 13.66 44.89
CA ASP JB 49 28.31 12.79 45.82
C ASP JB 49 26.79 12.89 45.70
N GLN JB 50 26.27 14.04 45.28
CA GLN JB 50 24.84 14.20 45.03
C GLN JB 50 24.39 13.61 43.69
N ALA JB 51 25.28 13.47 42.72
CA ALA JB 51 24.91 12.97 41.41
C ALA JB 51 24.35 11.55 41.49
N PRO JB 52 23.40 11.21 40.61
CA PRO JB 52 22.84 9.85 40.57
C PRO JB 52 23.90 8.77 40.41
N VAL JB 53 23.56 7.56 40.85
CA VAL JB 53 24.36 6.36 40.61
C VAL JB 53 23.41 5.22 40.26
N GLY JB 54 23.79 4.43 39.26
CA GLY JB 54 22.99 3.27 38.88
C GLY JB 54 22.96 2.20 39.97
N ALA JB 55 21.89 1.42 39.96
CA ALA JB 55 21.61 0.47 41.04
C ALA JB 55 22.73 -0.56 41.19
N SER JB 56 23.07 -0.85 42.45
CA SER JB 56 24.10 -1.81 42.83
C SER JB 56 23.51 -3.20 43.09
N ALA JB 57 24.40 -4.17 43.25
CA ALA JB 57 24.01 -5.55 43.57
C ALA JB 57 23.38 -5.65 44.96
N PRO JB 58 22.21 -6.28 45.09
CA PRO JB 58 21.61 -6.48 46.41
C PRO JB 58 22.26 -7.56 47.25
N ALA JB 59 23.24 -8.29 46.71
CA ALA JB 59 23.95 -9.37 47.40
C ALA JB 59 23.05 -10.53 47.83
N ALA JB 60 21.91 -10.71 47.16
CA ALA JB 60 20.97 -11.77 47.51
C ALA JB 60 21.57 -13.15 47.29
N FME KB 1 55.21 -13.32 4.30
CN FME KB 1 55.43 -13.67 2.98
O1 FME KB 1 54.58 -13.51 2.09
CA FME KB 1 53.99 -12.75 4.79
CB FME KB 1 54.06 -12.44 6.29
CG FME KB 1 54.56 -13.59 7.12
SD FME KB 1 53.64 -15.04 6.68
CE FME KB 1 52.11 -14.75 7.47
C FME KB 1 53.61 -11.45 4.08
O FME KB 1 52.45 -11.14 3.81
N HIS KB 2 54.64 -10.66 3.77
CA HIS KB 2 54.49 -9.38 3.08
C HIS KB 2 53.82 -9.50 1.71
N ARG KB 3 53.94 -10.67 1.09
CA ARG KB 3 53.41 -10.87 -0.25
C ARG KB 3 51.88 -10.86 -0.28
N ILE KB 4 51.24 -10.98 0.88
CA ILE KB 4 49.80 -10.74 0.98
C ILE KB 4 49.41 -9.36 0.46
N TRP KB 5 50.29 -8.38 0.62
CA TRP KB 5 50.08 -7.03 0.08
C TRP KB 5 50.24 -6.95 -1.43
N LEU KB 6 50.82 -7.96 -2.08
CA LEU KB 6 50.78 -8.05 -3.53
C LEU KB 6 49.50 -8.71 -4.01
N MET KB 7 49.02 -9.69 -3.26
CA MET KB 7 47.76 -10.35 -3.57
C MET KB 7 46.57 -9.39 -3.42
N TYR KB 8 46.60 -8.51 -2.43
CA TYR KB 8 45.52 -7.54 -2.21
C TYR KB 8 46.02 -6.11 -2.21
N ASP KB 9 45.23 -5.23 -2.80
CA ASP KB 9 45.46 -3.78 -2.73
C ASP KB 9 45.42 -3.31 -1.27
N PRO KB 10 46.52 -2.77 -0.74
CA PRO KB 10 46.50 -2.26 0.63
C PRO KB 10 45.48 -1.15 0.88
N ARG KB 11 45.09 -0.39 -0.15
CA ARG KB 11 44.03 0.61 0.03
C ARG KB 11 42.72 -0.03 0.45
N ARG KB 12 42.31 -1.10 -0.23
CA ARG KB 12 41.06 -1.78 0.12
C ARG KB 12 41.17 -2.55 1.43
N VAL KB 13 42.35 -3.12 1.72
CA VAL KB 13 42.53 -3.82 2.98
C VAL KB 13 42.40 -2.87 4.17
N MET KB 14 43.04 -1.71 4.12
CA MET KB 14 42.96 -0.79 5.24
C MET KB 14 41.57 -0.23 5.45
N VAL KB 15 40.85 0.08 4.36
CA VAL KB 15 39.45 0.47 4.50
C VAL KB 15 38.62 -0.68 5.10
N ALA KB 16 38.87 -1.91 4.64
CA ALA KB 16 38.18 -3.06 5.19
C ALA KB 16 38.49 -3.25 6.67
N LEU KB 17 39.76 -3.13 7.04
CA LEU KB 17 40.17 -3.28 8.44
C LEU KB 17 39.60 -2.19 9.34
N VAL KB 18 39.69 -0.93 8.91
CA VAL KB 18 39.10 0.16 9.69
C VAL KB 18 37.59 -0.02 9.83
N GLY KB 19 36.92 -0.41 8.74
CA GLY KB 19 35.48 -0.65 8.82
C GLY KB 19 35.14 -1.76 9.79
N PHE KB 20 35.86 -2.88 9.71
CA PHE KB 20 35.65 -4.00 10.63
C PHE KB 20 35.88 -3.60 12.09
N LEU KB 21 37.01 -2.95 12.37
CA LEU KB 21 37.32 -2.60 13.76
C LEU KB 21 36.33 -1.58 14.32
N ALA KB 22 35.93 -0.60 13.50
CA ALA KB 22 34.95 0.38 13.95
C ALA KB 22 33.62 -0.28 14.32
N VAL KB 23 33.09 -1.12 13.44
CA VAL KB 23 31.83 -1.82 13.71
C VAL KB 23 31.96 -2.74 14.92
N LEU KB 24 33.03 -3.53 14.98
CA LEU KB 24 33.22 -4.44 16.12
C LEU KB 24 33.34 -3.70 17.44
N ALA KB 25 34.17 -2.66 17.49
CA ALA KB 25 34.30 -1.87 18.71
C ALA KB 25 32.98 -1.26 19.15
N LEU KB 26 32.23 -0.69 18.21
CA LEU KB 26 30.92 -0.13 18.53
C LEU KB 26 29.94 -1.18 19.05
N VAL KB 27 29.90 -2.35 18.40
CA VAL KB 27 29.06 -3.45 18.89
C VAL KB 27 29.43 -3.84 20.32
N ILE KB 28 30.71 -4.04 20.61
CA ILE KB 28 31.09 -4.49 21.95
C ILE KB 28 30.76 -3.44 23.01
N HIS KB 29 31.02 -2.16 22.73
CA HIS KB 29 30.65 -1.12 23.68
C HIS KB 29 29.14 -1.07 23.93
N PHE KB 30 28.32 -1.23 22.88
CA PHE KB 30 26.87 -1.23 23.09
C PHE KB 30 26.40 -2.48 23.84
N VAL KB 31 26.98 -3.64 23.56
CA VAL KB 31 26.65 -4.84 24.34
C VAL KB 31 26.93 -4.63 25.81
N LEU KB 32 28.08 -4.04 26.15
CA LEU KB 32 28.41 -3.77 27.55
C LEU KB 32 27.51 -2.70 28.13
N LEU KB 33 27.30 -1.61 27.39
CA LEU KB 33 26.46 -0.52 27.88
C LEU KB 33 25.03 -0.99 28.11
N SER KB 34 24.56 -1.98 27.35
CA SER KB 34 23.25 -2.58 27.57
C SER KB 34 23.21 -3.56 28.74
N SER KB 35 24.35 -4.12 29.13
CA SER KB 35 24.36 -5.09 30.21
C SER KB 35 24.02 -4.42 31.54
N GLN KB 36 23.81 -5.24 32.56
CA GLN KB 36 23.65 -4.73 33.92
C GLN KB 36 25.00 -4.49 34.60
N ARG KB 37 25.87 -5.49 34.56
CA ARG KB 37 27.18 -5.40 35.21
C ARG KB 37 28.06 -4.28 34.66
N TYR KB 38 27.99 -4.02 33.34
CA TYR KB 38 28.93 -3.09 32.72
C TYR KB 38 28.30 -1.82 32.14
N SER KB 39 27.14 -1.41 32.65
CA SER KB 39 26.50 -0.17 32.21
C SER KB 39 27.22 1.03 32.85
N TRP KB 40 28.44 1.28 32.38
CA TRP KB 40 29.43 2.07 33.11
C TRP KB 40 29.04 3.54 33.25
N ILE KB 41 28.27 4.07 32.31
CA ILE KB 41 27.87 5.49 32.39
C ILE KB 41 27.03 5.74 33.64
N GLU KB 42 26.12 4.83 33.97
CA GLU KB 42 25.33 4.97 35.18
C GLU KB 42 26.02 4.40 36.43
N ASN KB 43 26.70 3.26 36.33
CA ASN KB 43 27.17 2.55 37.51
C ASN KB 43 28.68 2.35 37.57
N GLY KB 44 29.44 3.07 36.75
CA GLY KB 44 30.88 2.86 36.68
C GLY KB 44 31.62 3.07 37.99
N THR KB 45 31.11 3.94 38.87
CA THR KB 45 31.77 4.22 40.13
C THR KB 45 31.54 3.17 41.22
N LEU KB 46 30.68 2.19 40.99
CA LEU KB 46 30.52 1.11 41.96
C LEU KB 46 31.79 0.26 42.07
N GLY KB 47 32.10 -0.15 43.30
CA GLY KB 47 33.16 -1.10 43.52
C GLY KB 47 32.84 -2.48 42.96
N ALA KB 48 33.90 -3.24 42.71
CA ALA KB 48 33.76 -4.51 41.98
C ALA KB 48 32.80 -5.47 42.67
N ASP KB 49 32.84 -5.56 44.00
CA ASP KB 49 31.93 -6.44 44.72
C ASP KB 49 30.54 -5.86 44.94
N GLN KB 50 30.30 -4.60 44.58
CA GLN KB 50 28.94 -4.06 44.54
C GLN KB 50 28.33 -4.03 43.13
N ALA KB 51 29.11 -4.32 42.09
CA ALA KB 51 28.54 -4.37 40.75
C ALA KB 51 27.63 -5.58 40.57
N PRO KB 52 26.58 -5.45 39.75
CA PRO KB 52 25.68 -6.58 39.49
C PRO KB 52 26.39 -7.85 39.04
N VAL KB 53 25.86 -8.99 39.49
CA VAL KB 53 26.24 -10.31 39.00
C VAL KB 53 24.97 -11.06 38.63
N GLY KB 54 25.00 -11.77 37.50
CA GLY KB 54 23.86 -12.55 37.06
C GLY KB 54 23.51 -13.73 37.98
N ALA KB 55 22.34 -14.30 37.70
CA ALA KB 55 21.81 -15.39 38.52
C ALA KB 55 22.70 -16.63 38.49
N SER KB 56 22.95 -17.19 39.67
CA SER KB 56 23.65 -18.47 39.80
C SER KB 56 22.69 -19.66 39.66
N ALA KB 57 23.22 -20.85 39.91
CA ALA KB 57 22.42 -22.08 39.89
C ALA KB 57 21.32 -22.06 40.95
N PRO KB 58 20.20 -22.74 40.69
CA PRO KB 58 19.12 -22.90 41.70
C PRO KB 58 19.45 -23.98 42.73
N ALA KB 59 20.34 -23.63 43.67
CA ALA KB 59 20.63 -24.49 44.80
C ALA KB 59 19.46 -24.64 45.76
N ALA KB 60 18.48 -23.75 45.71
CA ALA KB 60 17.33 -23.82 46.60
C ALA KB 60 16.08 -23.25 45.94
N FME LB 1 48.33 -31.80 -3.02
CN FME LB 1 48.71 -32.05 -4.32
O1 FME LB 1 48.06 -31.65 -5.29
CA FME LB 1 47.15 -31.07 -2.69
CB FME LB 1 46.85 -31.10 -1.17
CG FME LB 1 46.30 -32.44 -0.76
SD FME LB 1 45.87 -32.37 0.96
CE FME LB 1 44.31 -31.57 0.94
C FME LB 1 47.19 -29.60 -3.12
O FME LB 1 46.18 -28.93 -3.30
N HIS LB 2 48.41 -29.11 -3.31
CA HIS LB 2 48.64 -27.72 -3.70
C HIS LB 2 48.00 -27.32 -5.03
N ARG LB 3 47.70 -28.30 -5.88
CA ARG LB 3 47.00 -28.03 -7.14
C ARG LB 3 45.57 -27.55 -6.95
N ILE LB 4 45.01 -27.65 -5.75
CA ILE LB 4 43.72 -27.01 -5.47
C ILE LB 4 43.76 -25.51 -5.73
N TRP LB 5 44.93 -24.89 -5.55
CA TRP LB 5 45.09 -23.46 -5.82
C TRP LB 5 45.18 -23.14 -7.30
N LEU LB 6 45.26 -24.15 -8.17
CA LEU LB 6 45.07 -23.95 -9.59
C LEU LB 6 43.61 -23.95 -10.00
N MET LB 7 42.77 -24.69 -9.27
CA MET LB 7 41.33 -24.64 -9.51
C MET LB 7 40.70 -23.38 -8.94
N TYR LB 8 41.11 -22.98 -7.74
CA TYR LB 8 40.54 -21.81 -7.07
C TYR LB 8 41.62 -20.77 -6.81
N ASP LB 9 41.36 -19.54 -7.22
CA ASP LB 9 42.28 -18.43 -7.00
C ASP LB 9 42.41 -18.18 -5.50
N PRO LB 10 43.60 -18.40 -4.92
CA PRO LB 10 43.73 -18.27 -3.45
C PRO LB 10 43.41 -16.88 -2.95
N ARG LB 11 43.56 -15.87 -3.81
CA ARG LB 11 43.13 -14.51 -3.49
C ARG LB 11 41.65 -14.47 -3.11
N ARG LB 12 40.81 -15.15 -3.87
CA ARG LB 12 39.38 -15.21 -3.58
C ARG LB 12 39.05 -16.13 -2.40
N VAL LB 13 39.68 -17.30 -2.34
CA VAL LB 13 39.41 -18.25 -1.26
C VAL LB 13 39.73 -17.66 0.11
N MET LB 14 40.86 -16.96 0.24
CA MET LB 14 41.25 -16.37 1.52
C MET LB 14 40.24 -15.34 2.03
N VAL LB 15 39.68 -14.51 1.15
CA VAL LB 15 38.65 -13.58 1.61
C VAL LB 15 37.38 -14.32 2.04
N ALA LB 16 36.93 -15.30 1.26
CA ALA LB 16 35.77 -16.08 1.64
C ALA LB 16 35.98 -16.84 2.94
N LEU LB 17 37.16 -17.40 3.14
CA LEU LB 17 37.47 -18.10 4.37
C LEU LB 17 37.42 -17.17 5.58
N VAL LB 18 38.06 -16.01 5.48
CA VAL LB 18 38.05 -15.03 6.58
C VAL LB 18 36.63 -14.57 6.88
N GLY LB 19 35.81 -14.35 5.85
CA GLY LB 19 34.42 -14.01 6.08
C GLY LB 19 33.63 -15.12 6.75
N PHE LB 20 33.82 -16.35 6.30
CA PHE LB 20 33.15 -17.49 6.92
C PHE LB 20 33.53 -17.64 8.40
N LEU LB 21 34.81 -17.54 8.71
CA LEU LB 21 35.24 -17.66 10.11
C LEU LB 21 34.72 -16.52 10.98
N ALA LB 22 34.66 -15.31 10.45
CA ALA LB 22 34.08 -14.19 11.20
C ALA LB 22 32.62 -14.46 11.55
N VAL LB 23 31.82 -14.85 10.57
CA VAL LB 23 30.41 -15.15 10.82
C VAL LB 23 30.25 -16.33 11.78
N LEU LB 24 31.04 -17.39 11.59
CA LEU LB 24 30.95 -18.55 12.47
C LEU LB 24 31.29 -18.19 13.92
N ALA LB 25 32.39 -17.47 14.13
CA ALA LB 25 32.74 -17.05 15.48
C ALA LB 25 31.65 -16.21 16.13
N LEU LB 26 31.10 -15.24 15.38
CA LEU LB 26 30.01 -14.43 15.89
C LEU LB 26 28.79 -15.27 16.28
N VAL LB 27 28.41 -16.22 15.43
CA VAL LB 27 27.29 -17.11 15.76
C VAL LB 27 27.55 -17.88 17.04
N ILE LB 28 28.73 -18.49 17.17
CA ILE LB 28 28.99 -19.31 18.36
C ILE LB 28 29.06 -18.45 19.62
N HIS LB 29 29.70 -17.28 19.55
CA HIS LB 29 29.69 -16.39 20.70
C HIS LB 29 28.29 -15.95 21.07
N PHE LB 30 27.48 -15.59 20.07
CA PHE LB 30 26.12 -15.14 20.35
C PHE LB 30 25.24 -16.25 20.90
N VAL LB 31 25.39 -17.48 20.40
CA VAL LB 31 24.66 -18.61 20.96
C VAL LB 31 25.02 -18.83 22.42
N LEU LB 32 26.30 -18.74 22.76
CA LEU LB 32 26.72 -18.90 24.16
C LEU LB 32 26.26 -17.75 25.02
N LEU LB 33 26.42 -16.51 24.54
CA LEU LB 33 26.06 -15.34 25.33
C LEU LB 33 24.58 -15.33 25.70
N SER LB 34 23.71 -15.79 24.80
CA SER LB 34 22.28 -15.85 25.07
C SER LB 34 21.86 -17.13 25.78
N SER LB 35 22.79 -18.01 26.13
CA SER LB 35 22.46 -19.14 26.99
C SER LB 35 22.37 -18.68 28.45
N GLN LB 36 21.86 -19.57 29.30
CA GLN LB 36 22.00 -19.35 30.74
C GLN LB 36 23.40 -19.68 31.25
N ARG LB 37 23.89 -20.88 30.92
CA ARG LB 37 25.16 -21.34 31.51
C ARG LB 37 26.36 -20.50 31.11
N TYR LB 38 26.38 -19.93 29.90
CA TYR LB 38 27.56 -19.26 29.38
C TYR LB 38 27.34 -17.78 29.09
N SER LB 39 26.40 -17.14 29.78
CA SER LB 39 26.14 -15.71 29.63
C SER LB 39 27.23 -14.90 30.37
N TRP LB 40 28.46 -15.02 29.85
CA TRP LB 40 29.65 -14.71 30.64
C TRP LB 40 29.75 -13.24 31.02
N ILE LB 41 29.12 -12.34 30.28
CA ILE LB 41 29.18 -10.92 30.62
C ILE LB 41 28.48 -10.65 31.95
N GLU LB 42 27.27 -11.18 32.14
CA GLU LB 42 26.58 -11.01 33.42
C GLU LB 42 27.05 -12.01 34.48
N ASN LB 43 27.40 -13.24 34.10
CA ASN LB 43 27.63 -14.29 35.09
C ASN LB 43 29.01 -14.96 35.02
N GLY LB 44 29.94 -14.41 34.26
CA GLY LB 44 31.23 -15.06 34.06
C GLY LB 44 32.05 -15.27 35.31
N THR LB 45 31.83 -14.47 36.35
CA THR LB 45 32.58 -14.59 37.60
C THR LB 45 32.11 -15.74 38.48
N LEU LB 46 30.99 -16.39 38.18
CA LEU LB 46 30.58 -17.58 38.91
C LEU LB 46 31.56 -18.73 38.71
N GLY LB 47 31.82 -19.47 39.80
CA GLY LB 47 32.56 -20.70 39.70
C GLY LB 47 31.78 -21.79 38.98
N ALA LB 48 32.51 -22.81 38.52
CA ALA LB 48 31.92 -23.83 37.66
C ALA LB 48 30.75 -24.54 38.33
N ASP LB 49 30.83 -24.74 39.65
CA ASP LB 49 29.73 -25.33 40.42
C ASP LB 49 28.59 -24.36 40.69
N GLN LB 50 28.84 -23.05 40.59
CA GLN LB 50 27.79 -22.06 40.71
C GLN LB 50 27.08 -21.75 39.39
N ALA LB 51 27.68 -22.08 38.26
CA ALA LB 51 27.07 -21.80 36.97
C ALA LB 51 25.76 -22.57 36.78
N PRO LB 52 24.79 -21.98 36.08
CA PRO LB 52 23.53 -22.68 35.78
C PRO LB 52 23.73 -24.02 35.07
N VAL LB 53 22.76 -24.91 35.26
CA VAL LB 53 22.67 -26.19 34.56
C VAL LB 53 21.21 -26.41 34.13
N GLY LB 54 21.02 -26.91 32.92
CA GLY LB 54 19.69 -27.23 32.45
C GLY LB 54 19.02 -28.32 33.26
N ALA LB 55 17.69 -28.37 33.15
CA ALA LB 55 16.88 -29.30 33.94
C ALA LB 55 17.24 -30.76 33.69
N SER LB 56 17.26 -31.54 34.77
CA SER LB 56 17.39 -32.99 34.72
C SER LB 56 16.16 -33.64 34.07
N ALA LB 57 16.24 -34.94 33.88
CA ALA LB 57 15.12 -35.77 33.44
C ALA LB 57 13.89 -35.55 34.33
N PRO LB 58 12.79 -35.06 33.78
CA PRO LB 58 11.55 -34.94 34.57
C PRO LB 58 10.94 -36.29 34.92
N ALA LB 59 9.99 -36.23 35.86
CA ALA LB 59 9.09 -37.34 36.22
C ALA LB 59 9.83 -38.56 36.76
N ALA LB 60 10.96 -38.35 37.42
CA ALA LB 60 11.70 -39.45 38.04
C ALA LB 60 10.86 -40.15 39.11
N FME MB 1 35.11 -44.76 -11.88
CN FME MB 1 35.12 -44.76 -13.26
O1 FME MB 1 34.58 -43.88 -13.95
CA FME MB 1 34.47 -43.75 -11.08
CB FME MB 1 34.55 -44.06 -9.58
CG FME MB 1 33.62 -45.16 -9.14
SD FME MB 1 31.94 -44.65 -9.44
CE FME MB 1 31.72 -43.36 -8.28
C FME MB 1 35.06 -42.36 -11.28
O FME MB 1 34.39 -41.33 -11.15
N HIS MB 2 36.35 -42.32 -11.60
CA HIS MB 2 37.06 -41.05 -11.81
C HIS MB 2 36.49 -40.22 -12.95
N ARG MB 3 35.85 -40.88 -13.92
CA ARG MB 3 35.24 -40.16 -15.04
C ARG MB 3 34.05 -39.30 -14.65
N ILE MB 4 33.55 -39.43 -13.42
CA ILE MB 4 32.55 -38.48 -12.91
C ILE MB 4 33.08 -37.05 -13.01
N TRP MB 5 34.38 -36.86 -12.80
CA TRP MB 5 35.00 -35.54 -12.92
C TRP MB 5 35.20 -35.10 -14.37
N LEU MB 6 35.00 -36.00 -15.33
CA LEU MB 6 34.93 -35.60 -16.73
C LEU MB 6 33.51 -35.22 -17.14
N MET MB 7 32.50 -35.78 -16.47
CA MET MB 7 31.12 -35.38 -16.72
C MET MB 7 30.77 -34.09 -15.99
N TYR MB 8 31.13 -33.99 -14.72
CA TYR MB 8 30.92 -32.79 -13.93
C TYR MB 8 32.23 -32.08 -13.63
N ASP MB 9 32.24 -30.77 -13.85
CA ASP MB 9 33.35 -29.91 -13.49
C ASP MB 9 33.56 -29.96 -11.98
N PRO MB 10 34.69 -30.50 -11.50
CA PRO MB 10 34.92 -30.55 -10.05
C PRO MB 10 34.87 -29.19 -9.39
N ARG MB 11 35.23 -28.13 -10.11
CA ARG MB 11 35.17 -26.77 -9.57
C ARG MB 11 33.73 -26.38 -9.19
N ARG MB 12 32.74 -26.83 -9.97
CA ARG MB 12 31.35 -26.62 -9.58
C ARG MB 12 30.89 -27.57 -8.49
N VAL MB 13 31.28 -28.86 -8.59
CA VAL MB 13 30.81 -29.86 -7.64
C VAL MB 13 31.24 -29.53 -6.21
N MET MB 14 32.49 -29.13 -6.01
CA MET MB 14 32.99 -28.89 -4.66
C MET MB 14 32.22 -27.79 -3.94
N VAL MB 15 31.80 -26.75 -4.67
CA VAL MB 15 31.00 -25.70 -4.04
C VAL MB 15 29.65 -26.24 -3.57
N ALA MB 16 28.99 -27.03 -4.41
CA ALA MB 16 27.72 -27.64 -4.03
C ALA MB 16 27.89 -28.63 -2.88
N LEU MB 17 28.94 -29.45 -2.93
CA LEU MB 17 29.22 -30.40 -1.86
C LEU MB 17 29.45 -29.69 -0.52
N VAL MB 18 30.35 -28.70 -0.51
CA VAL MB 18 30.59 -27.91 0.70
C VAL MB 18 29.30 -27.25 1.19
N GLY MB 19 28.49 -26.71 0.28
CA GLY MB 19 27.22 -26.13 0.67
C GLY MB 19 26.27 -27.13 1.29
N PHE MB 20 26.16 -28.31 0.69
CA PHE MB 20 25.29 -29.36 1.22
C PHE MB 20 25.74 -29.82 2.61
N LEU MB 21 27.04 -30.07 2.78
CA LEU MB 21 27.57 -30.46 4.08
C LEU MB 21 27.39 -29.35 5.12
N ALA MB 22 27.57 -28.09 4.71
CA ALA MB 22 27.35 -26.97 5.63
C ALA MB 22 25.91 -26.91 6.14
N VAL MB 23 24.93 -26.92 5.25
CA VAL MB 23 23.54 -26.86 5.70
C VAL MB 23 23.16 -28.10 6.51
N LEU MB 24 23.64 -29.27 6.11
CA LEU MB 24 23.29 -30.49 6.83
C LEU MB 24 23.82 -30.48 8.26
N ALA MB 25 25.10 -30.16 8.43
CA ALA MB 25 25.67 -30.07 9.78
C ALA MB 25 24.97 -29.02 10.63
N LEU MB 26 24.67 -27.86 10.05
CA LEU MB 26 23.98 -26.81 10.80
C LEU MB 26 22.56 -27.20 11.19
N VAL MB 27 21.82 -27.85 10.27
CA VAL MB 27 20.49 -28.34 10.62
C VAL MB 27 20.56 -29.30 11.80
N ILE MB 28 21.47 -30.27 11.76
CA ILE MB 28 21.53 -31.28 12.81
C ILE MB 28 21.93 -30.66 14.15
N HIS MB 29 22.92 -29.76 14.15
CA HIS MB 29 23.28 -29.10 15.40
C HIS MB 29 22.15 -28.24 15.97
N PHE MB 30 21.45 -27.48 15.13
CA PHE MB 30 20.30 -26.73 15.63
C PHE MB 30 19.16 -27.63 16.11
N VAL MB 31 18.89 -28.72 15.40
CA VAL MB 31 17.87 -29.67 15.86
C VAL MB 31 18.21 -30.17 17.25
N LEU MB 32 19.44 -30.65 17.45
CA LEU MB 32 19.83 -31.18 18.75
C LEU MB 32 19.82 -30.10 19.83
N LEU MB 33 20.32 -28.91 19.49
CA LEU MB 33 20.35 -27.81 20.44
C LEU MB 33 18.96 -27.38 20.90
N SER MB 34 17.95 -27.52 20.04
CA SER MB 34 16.57 -27.30 20.44
C SER MB 34 15.90 -28.48 21.12
N SER MB 35 16.52 -29.67 21.11
CA SER MB 35 15.89 -30.80 21.78
C SER MB 35 16.01 -30.67 23.29
N GLN MB 36 15.20 -31.45 24.01
CA GLN MB 36 15.40 -31.58 25.45
C GLN MB 36 16.61 -32.43 25.78
N ARG MB 37 16.68 -33.63 25.20
CA ARG MB 37 17.72 -34.60 25.55
C ARG MB 37 19.13 -34.13 25.20
N TYR MB 38 19.30 -33.33 24.14
CA TYR MB 38 20.63 -33.01 23.64
C TYR MB 38 20.97 -31.52 23.62
N SER MB 39 20.29 -30.70 24.44
CA SER MB 39 20.60 -29.27 24.50
C SER MB 39 21.88 -29.07 25.31
N TRP MB 40 23.00 -29.41 24.67
CA TRP MB 40 24.25 -29.68 25.38
C TRP MB 40 24.84 -28.45 26.03
N ILE MB 41 24.59 -27.26 25.49
CA ILE MB 41 25.12 -26.04 26.08
C ILE MB 41 24.54 -25.82 27.49
N GLU MB 42 23.23 -25.97 27.65
CA GLU MB 42 22.65 -25.89 28.99
C GLU MB 42 22.91 -27.15 29.82
N ASN MB 43 22.73 -28.34 29.24
CA ASN MB 43 22.65 -29.56 30.04
C ASN MB 43 23.73 -30.61 29.73
N GLY MB 44 24.78 -30.24 29.00
CA GLY MB 44 25.78 -31.21 28.58
C GLY MB 44 26.51 -31.92 29.72
N THR MB 45 26.59 -31.29 30.89
CA THR MB 45 27.26 -31.90 32.03
C THR MB 45 26.45 -32.98 32.73
N LEU MB 46 25.16 -33.14 32.43
CA LEU MB 46 24.39 -34.22 33.01
C LEU MB 46 24.86 -35.59 32.53
N GLY MB 47 24.86 -36.56 33.43
CA GLY MB 47 25.10 -37.94 33.06
C GLY MB 47 23.96 -38.56 32.28
N ALA MB 48 24.28 -39.65 31.59
CA ALA MB 48 23.36 -40.21 30.59
C ALA MB 48 22.03 -40.63 31.19
N ASP MB 49 22.04 -41.13 32.43
CA ASP MB 49 20.82 -41.52 33.12
C ASP MB 49 20.08 -40.34 33.74
N GLN MB 50 20.72 -39.18 33.86
CA GLN MB 50 20.05 -37.95 34.27
C GLN MB 50 19.40 -37.18 33.13
N ALA MB 51 19.78 -37.45 31.88
CA ALA MB 51 19.28 -36.66 30.77
C ALA MB 51 17.84 -37.02 30.40
N PRO MB 52 17.07 -36.05 29.90
CA PRO MB 52 15.67 -36.29 29.54
C PRO MB 52 15.48 -37.46 28.59
N VAL MB 53 14.37 -38.17 28.78
CA VAL MB 53 13.93 -39.24 27.88
C VAL MB 53 12.44 -39.07 27.63
N GLY MB 54 12.02 -39.30 26.39
CA GLY MB 54 10.60 -39.34 26.07
C GLY MB 54 9.88 -38.01 26.07
N ALA MB 55 10.59 -36.89 26.16
CA ALA MB 55 10.00 -35.56 26.23
C ALA MB 55 9.53 -35.05 24.87
N SER MB 56 8.69 -35.83 24.19
CA SER MB 56 8.28 -35.53 22.82
C SER MB 56 7.00 -34.71 22.71
N ALA MB 57 6.38 -34.35 23.83
CA ALA MB 57 5.10 -33.64 23.78
C ALA MB 57 5.23 -32.31 23.05
N PRO MB 58 4.33 -32.00 22.11
CA PRO MB 58 4.53 -30.83 21.25
C PRO MB 58 4.49 -29.49 21.98
N ALA MB 59 3.66 -29.34 23.01
CA ALA MB 59 3.63 -28.11 23.82
C ALA MB 59 4.14 -28.38 25.23
N ALA MB 60 5.44 -28.58 25.35
CA ALA MB 60 6.08 -28.76 26.64
C ALA MB 60 6.15 -27.47 27.46
N ALA MB 61 6.06 -26.30 26.83
CA ALA MB 61 6.13 -25.02 27.51
C ALA MB 61 4.88 -24.20 27.23
N ALA MB 62 4.59 -23.26 28.15
CA ALA MB 62 3.50 -22.31 27.93
C ALA MB 62 3.73 -21.51 26.66
N GLU MB 63 2.69 -21.39 25.85
CA GLU MB 63 2.77 -20.60 24.62
C GLU MB 63 2.69 -19.10 24.89
N MET MB 64 2.00 -18.69 25.94
CA MET MB 64 1.57 -17.30 26.11
C MET MB 64 1.99 -16.77 27.47
N SER MB 65 2.68 -15.65 27.48
CA SER MB 65 3.26 -15.09 28.71
C SER MB 65 3.77 -13.69 28.39
N PRO MB 66 3.97 -12.84 29.40
CA PRO MB 66 4.79 -11.64 29.20
C PRO MB 66 6.22 -11.99 28.85
N LEU MB 67 6.96 -11.00 28.36
CA LEU MB 67 8.40 -11.13 28.25
C LEU MB 67 9.02 -11.30 29.64
N PRO MB 68 10.18 -11.92 29.73
CA PRO MB 68 10.88 -11.98 31.01
C PRO MB 68 11.19 -10.59 31.53
N PRO MB 69 11.30 -10.45 32.85
CA PRO MB 69 11.52 -9.12 33.44
C PRO MB 69 12.72 -8.39 32.85
N GLY MB 70 12.52 -7.11 32.54
CA GLY MB 70 13.46 -6.40 31.69
C GLY MB 70 14.79 -6.13 32.38
N ARG MB 71 14.76 -5.90 33.69
CA ARG MB 71 15.96 -5.76 34.50
C ARG MB 71 15.77 -6.44 35.85
N FME NB 1 18.51 -51.51 -23.29
CN FME NB 1 18.57 -51.06 -24.59
O1 FME NB 1 18.18 -49.94 -24.95
CA FME NB 1 17.98 -50.73 -22.20
CB FME NB 1 17.88 -51.56 -20.91
CG FME NB 1 17.00 -50.93 -19.87
SD FME NB 1 16.31 -52.23 -18.87
CE FME NB 1 17.63 -52.64 -17.79
C FME NB 1 18.81 -49.48 -21.90
O FME NB 1 18.35 -48.47 -21.36
N HIS NB 2 20.08 -49.54 -22.28
CA HIS NB 2 21.02 -48.44 -22.11
C HIS NB 2 20.77 -47.23 -23.01
N ARG NB 3 19.99 -47.42 -24.08
CA ARG NB 3 19.76 -46.36 -25.03
C ARG NB 3 18.94 -45.21 -24.45
N ILE NB 4 18.34 -45.39 -23.28
CA ILE NB 4 17.78 -44.28 -22.51
C ILE NB 4 18.77 -43.14 -22.33
N TRP NB 5 20.07 -43.45 -22.23
CA TRP NB 5 21.10 -42.43 -22.10
C TRP NB 5 21.53 -41.81 -23.42
N LEU NB 6 21.11 -42.38 -24.54
CA LEU NB 6 21.19 -41.65 -25.80
C LEU NB 6 20.04 -40.67 -25.94
N MET NB 7 18.89 -41.01 -25.36
CA MET NB 7 17.69 -40.17 -25.44
C MET NB 7 17.76 -38.99 -24.48
N TYR NB 8 18.28 -39.18 -23.27
CA TYR NB 8 18.46 -38.11 -22.29
C TYR NB 8 19.94 -37.90 -21.99
N ASP NB 9 20.29 -36.65 -21.70
CA ASP NB 9 21.64 -36.35 -21.21
C ASP NB 9 21.80 -36.86 -19.78
N PRO NB 10 22.63 -37.88 -19.53
CA PRO NB 10 22.82 -38.36 -18.15
C PRO NB 10 23.35 -37.31 -17.20
N ARG NB 11 24.07 -36.31 -17.70
CA ARG NB 11 24.55 -35.22 -16.85
C ARG NB 11 23.41 -34.47 -16.18
N ARG NB 12 22.25 -34.37 -16.83
CA ARG NB 12 21.06 -33.80 -16.23
C ARG NB 12 20.24 -34.80 -15.42
N VAL NB 13 20.09 -36.03 -15.90
CA VAL NB 13 19.32 -37.04 -15.18
C VAL NB 13 19.90 -37.30 -13.79
N MET NB 14 21.22 -37.39 -13.67
CA MET NB 14 21.83 -37.61 -12.36
C MET NB 14 21.56 -36.46 -11.40
N VAL NB 15 21.69 -35.21 -11.87
CA VAL NB 15 21.38 -34.08 -11.00
C VAL NB 15 19.92 -34.11 -10.55
N ALA NB 16 19.00 -34.38 -11.47
CA ALA NB 16 17.59 -34.48 -11.10
C ALA NB 16 17.34 -35.59 -10.10
N LEU NB 17 17.92 -36.77 -10.35
CA LEU NB 17 17.78 -37.89 -9.42
C LEU NB 17 18.34 -37.57 -8.04
N VAL NB 18 19.56 -37.04 -7.98
CA VAL NB 18 20.18 -36.70 -6.70
C VAL NB 18 19.36 -35.65 -5.96
N GLY NB 19 18.88 -34.63 -6.67
CA GLY NB 19 18.03 -33.64 -6.04
C GLY NB 19 16.71 -34.19 -5.54
N PHE NB 20 16.08 -35.06 -6.34
CA PHE NB 20 14.84 -35.71 -5.92
C PHE NB 20 15.03 -36.58 -4.68
N LEU NB 21 16.07 -37.42 -4.66
CA LEU NB 21 16.30 -38.30 -3.53
C LEU NB 21 16.68 -37.51 -2.27
N ALA NB 22 17.49 -36.47 -2.40
CA ALA NB 22 17.82 -35.63 -1.26
C ALA NB 22 16.58 -35.00 -0.63
N VAL NB 23 15.71 -34.42 -1.45
CA VAL NB 23 14.47 -33.84 -0.94
C VAL NB 23 13.57 -34.90 -0.34
N LEU NB 24 13.41 -36.03 -1.02
CA LEU NB 24 12.57 -37.11 -0.49
C LEU NB 24 13.07 -37.63 0.85
N ALA NB 25 14.39 -37.84 0.97
CA ALA NB 25 14.96 -38.24 2.26
C ALA NB 25 14.70 -37.22 3.35
N LEU NB 26 14.85 -35.94 3.04
CA LEU NB 26 14.57 -34.88 4.02
C LEU NB 26 13.10 -34.89 4.45
N VAL NB 27 12.17 -35.03 3.49
CA VAL NB 27 10.74 -35.06 3.82
C VAL NB 27 10.42 -36.23 4.74
N ILE NB 28 10.91 -37.43 4.42
CA ILE NB 28 10.58 -38.59 5.24
C ILE NB 28 11.14 -38.45 6.65
N HIS NB 29 12.38 -37.99 6.79
CA HIS NB 29 12.93 -37.78 8.13
C HIS NB 29 12.16 -36.72 8.91
N PHE NB 30 11.75 -35.64 8.25
CA PHE NB 30 10.96 -34.61 8.94
C PHE NB 30 9.60 -35.14 9.39
N VAL NB 31 8.91 -35.88 8.52
CA VAL NB 31 7.61 -36.45 8.90
C VAL NB 31 7.74 -37.35 10.12
N LEU NB 32 8.75 -38.23 10.11
CA LEU NB 32 8.97 -39.12 11.25
C LEU NB 32 9.35 -38.35 12.51
N LEU NB 33 10.28 -37.40 12.39
CA LEU NB 33 10.68 -36.60 13.55
C LEU NB 33 9.51 -35.80 14.13
N SER NB 34 8.55 -35.41 13.30
CA SER NB 34 7.38 -34.71 13.78
C SER NB 34 6.35 -35.62 14.45
N SER NB 35 6.43 -36.93 14.24
CA SER NB 35 5.50 -37.86 14.86
C SER NB 35 5.80 -38.03 16.35
N GLN NB 36 4.87 -38.68 17.06
CA GLN NB 36 5.14 -39.12 18.43
C GLN NB 36 5.87 -40.46 18.47
N ARG NB 37 5.39 -41.45 17.70
CA ARG NB 37 6.01 -42.78 17.74
C ARG NB 37 7.48 -42.76 17.33
N TYR NB 38 7.84 -41.94 16.34
CA TYR NB 38 9.20 -41.93 15.83
C TYR NB 38 9.96 -40.64 16.12
N SER NB 39 9.59 -39.95 17.19
CA SER NB 39 10.33 -38.78 17.66
C SER NB 39 11.68 -39.20 18.25
N TRP NB 40 12.54 -39.77 17.42
CA TRP NB 40 13.64 -40.61 17.91
C TRP NB 40 14.71 -39.84 18.68
N ILE NB 41 14.84 -38.53 18.45
CA ILE NB 41 15.82 -37.76 19.21
C ILE NB 41 15.42 -37.64 20.67
N GLU NB 42 14.11 -37.47 20.95
CA GLU NB 42 13.65 -37.46 22.33
C GLU NB 42 13.42 -38.87 22.89
N ASN NB 43 12.90 -39.80 22.09
CA ASN NB 43 12.41 -41.08 22.63
C ASN NB 43 13.06 -42.32 22.02
N GLY NB 44 14.15 -42.16 21.28
CA GLY NB 44 14.73 -43.28 20.56
C GLY NB 44 15.21 -44.41 21.45
N THR NB 45 15.54 -44.12 22.70
CA THR NB 45 15.99 -45.14 23.64
C THR NB 45 14.86 -45.99 24.24
N LEU NB 46 13.60 -45.64 24.00
CA LEU NB 46 12.51 -46.51 24.44
C LEU NB 46 12.47 -47.81 23.65
N GLY NB 47 12.24 -48.92 24.37
CA GLY NB 47 11.94 -50.17 23.71
C GLY NB 47 10.59 -50.16 23.03
N ALA NB 48 10.47 -50.99 21.98
CA ALA NB 48 9.30 -50.96 21.11
C ALA NB 48 8.01 -51.27 21.85
N ASP NB 49 8.09 -52.02 22.94
CA ASP NB 49 6.91 -52.32 23.76
C ASP NB 49 6.36 -51.12 24.51
N GLN NB 50 7.15 -50.05 24.68
CA GLN NB 50 6.67 -48.85 25.36
C GLN NB 50 6.81 -47.59 24.52
N ALA NB 51 7.15 -47.71 23.24
CA ALA NB 51 7.05 -46.59 22.31
C ALA NB 51 5.57 -46.21 22.11
N PRO NB 52 5.31 -44.94 21.79
CA PRO NB 52 3.92 -44.50 21.58
C PRO NB 52 3.21 -45.22 20.44
N VAL NB 53 1.88 -45.31 20.57
CA VAL NB 53 0.98 -45.81 19.54
C VAL NB 53 -0.20 -44.85 19.43
N GLY NB 54 -0.66 -44.62 18.21
CA GLY NB 54 -1.76 -43.71 17.96
C GLY NB 54 -3.13 -44.30 18.26
N ALA NB 55 -3.37 -44.57 19.54
CA ALA NB 55 -4.64 -45.10 20.02
C ALA NB 55 -4.93 -44.53 21.40
N SER NB 56 -6.22 -44.49 21.75
CA SER NB 56 -6.63 -44.03 23.07
C SER NB 56 -6.58 -45.17 24.08
N ALA NB 57 -6.22 -44.85 25.32
CA ALA NB 57 -6.09 -45.85 26.37
C ALA NB 57 -7.45 -46.45 26.73
N PRO NB 58 -7.51 -47.77 26.96
CA PRO NB 58 -8.80 -48.42 27.18
C PRO NB 58 -9.45 -48.01 28.49
N ALA NB 59 -10.78 -47.89 28.45
CA ALA NB 59 -11.61 -47.55 29.62
C ALA NB 59 -11.17 -46.26 30.33
N ALA NB 60 -10.41 -45.40 29.65
CA ALA NB 60 -9.86 -44.18 30.23
C ALA NB 60 -9.24 -44.39 31.61
N FME OB 1 1.14 -50.91 -31.17
CN FME OB 1 1.18 -51.58 -32.38
O1 FME OB 1 0.87 -51.05 -33.45
CA FME OB 1 0.72 -49.55 -31.01
CB FME OB 1 0.08 -49.29 -29.62
CG FME OB 1 -0.86 -48.12 -29.65
SD FME OB 1 -1.89 -48.19 -28.21
CE FME OB 1 -3.23 -49.19 -28.76
C FME OB 1 1.85 -48.54 -31.19
O FME OB 1 1.69 -47.31 -31.12
N HIS OB 2 3.03 -49.08 -31.47
CA HIS OB 2 4.29 -48.35 -31.32
C HIS OB 2 4.45 -47.10 -32.19
N ARG OB 3 3.66 -46.99 -33.27
CA ARG OB 3 3.63 -45.77 -34.07
C ARG OB 3 3.23 -44.52 -33.27
N ILE OB 4 2.59 -44.67 -32.11
CA ILE OB 4 2.29 -43.51 -31.28
C ILE OB 4 3.56 -42.73 -30.90
N TRP OB 5 4.69 -43.42 -30.75
CA TRP OB 5 5.96 -42.75 -30.44
C TRP OB 5 6.53 -41.97 -31.62
N LEU OB 6 5.98 -42.15 -32.82
CA LEU OB 6 6.30 -41.25 -33.92
C LEU OB 6 5.58 -39.92 -33.79
N MET OB 7 4.36 -39.94 -33.24
CA MET OB 7 3.57 -38.73 -33.05
C MET OB 7 3.98 -37.92 -31.82
N TYR OB 8 4.49 -38.57 -30.77
CA TYR OB 8 4.96 -37.86 -29.59
C TYR OB 8 6.40 -38.23 -29.24
N ASP OB 9 7.23 -37.21 -29.03
CA ASP OB 9 8.62 -37.38 -28.63
C ASP OB 9 8.69 -37.99 -27.24
N PRO OB 10 9.21 -39.22 -27.11
CA PRO OB 10 9.25 -39.86 -25.78
C PRO OB 10 10.09 -39.10 -24.77
N ARG OB 11 11.05 -38.27 -25.22
CA ARG OB 11 11.74 -37.37 -24.31
C ARG OB 11 10.77 -36.49 -23.55
N ARG OB 12 9.74 -36.00 -24.24
CA ARG OB 12 8.69 -35.20 -23.64
C ARG OB 12 7.68 -36.02 -22.84
N VAL OB 13 7.23 -37.14 -23.41
CA VAL OB 13 6.21 -37.97 -22.77
C VAL OB 13 6.68 -38.51 -21.42
N MET OB 14 7.87 -39.12 -21.37
CA MET OB 14 8.29 -39.76 -20.12
C MET OB 14 8.53 -38.76 -19.00
N VAL OB 15 9.08 -37.58 -19.33
CA VAL OB 15 9.23 -36.54 -18.30
C VAL OB 15 7.89 -36.13 -17.73
N ALA OB 16 6.89 -35.95 -18.60
CA ALA OB 16 5.54 -35.62 -18.12
C ALA OB 16 4.94 -36.76 -17.31
N LEU OB 17 5.10 -38.00 -17.78
CA LEU OB 17 4.55 -39.16 -17.08
C LEU OB 17 5.19 -39.35 -15.71
N VAL OB 18 6.53 -39.35 -15.64
CA VAL OB 18 7.22 -39.49 -14.36
C VAL OB 18 6.84 -38.37 -13.40
N GLY OB 19 6.72 -37.14 -13.91
CA GLY OB 19 6.28 -36.05 -13.06
C GLY OB 19 4.87 -36.24 -12.53
N PHE OB 20 3.95 -36.65 -13.40
CA PHE OB 20 2.57 -36.93 -12.98
C PHE OB 20 2.51 -38.04 -11.94
N LEU OB 21 3.15 -39.18 -12.22
CA LEU OB 21 3.11 -40.31 -11.29
C LEU OB 21 3.70 -39.98 -9.93
N ALA OB 22 4.84 -39.28 -9.89
CA ALA OB 22 5.44 -38.91 -8.61
C ALA OB 22 4.54 -38.00 -7.80
N VAL OB 23 3.95 -36.98 -8.44
CA VAL OB 23 3.06 -36.06 -7.73
C VAL OB 23 1.81 -36.79 -7.24
N LEU OB 24 1.20 -37.61 -8.10
CA LEU OB 24 0.01 -38.36 -7.73
C LEU OB 24 0.26 -39.30 -6.56
N ALA OB 25 1.36 -40.06 -6.61
CA ALA OB 25 1.70 -40.98 -5.53
C ALA OB 25 1.91 -40.24 -4.20
N LEU OB 26 2.60 -39.11 -4.23
CA LEU OB 26 2.79 -38.31 -3.02
C LEU OB 26 1.48 -37.80 -2.47
N VAL OB 27 0.60 -37.28 -3.34
CA VAL OB 27 -0.72 -36.85 -2.90
C VAL OB 27 -1.50 -37.98 -2.23
N ILE OB 28 -1.50 -39.18 -2.84
CA ILE OB 28 -2.25 -40.30 -2.27
C ILE OB 28 -1.68 -40.71 -0.92
N HIS OB 29 -0.35 -40.83 -0.80
CA HIS OB 29 0.23 -41.20 0.48
C HIS OB 29 -0.12 -40.19 1.59
N PHE OB 30 -0.06 -38.90 1.27
CA PHE OB 30 -0.36 -37.90 2.29
C PHE OB 30 -1.85 -37.81 2.62
N VAL OB 31 -2.73 -38.05 1.64
CA VAL OB 31 -4.15 -38.19 1.94
C VAL OB 31 -4.40 -39.34 2.91
N LEU OB 32 -3.71 -40.47 2.72
CA LEU OB 32 -3.84 -41.59 3.64
C LEU OB 32 -3.24 -41.27 5.00
N LEU OB 33 -2.02 -40.72 5.03
CA LEU OB 33 -1.34 -40.41 6.28
C LEU OB 33 -2.13 -39.46 7.16
N SER OB 34 -2.88 -38.52 6.58
CA SER OB 34 -3.67 -37.59 7.36
C SER OB 34 -5.06 -38.10 7.75
N SER OB 35 -5.49 -39.24 7.21
CA SER OB 35 -6.76 -39.82 7.63
C SER OB 35 -6.64 -40.42 9.03
N GLN OB 36 -7.79 -40.70 9.65
CA GLN OB 36 -7.77 -41.46 10.89
C GLN OB 36 -7.37 -42.91 10.65
N ARG OB 37 -8.05 -43.57 9.71
CA ARG OB 37 -7.89 -45.00 9.52
C ARG OB 37 -6.50 -45.39 9.04
N TYR OB 38 -5.84 -44.56 8.23
CA TYR OB 38 -4.58 -44.94 7.59
C TYR OB 38 -3.39 -44.11 8.04
N SER OB 39 -3.44 -43.51 9.23
CA SER OB 39 -2.32 -42.75 9.77
C SER OB 39 -1.22 -43.69 10.27
N TRP OB 40 -0.65 -44.44 9.33
CA TRP OB 40 0.12 -45.64 9.63
C TRP OB 40 1.40 -45.37 10.43
N ILE OB 41 1.96 -44.17 10.35
CA ILE OB 41 3.16 -43.86 11.12
C ILE OB 41 2.88 -43.89 12.62
N GLU OB 42 1.73 -43.36 13.05
CA GLU OB 42 1.35 -43.48 14.45
C GLU OB 42 0.67 -44.80 14.78
N ASN OB 43 -0.20 -45.31 13.90
CA ASN OB 43 -1.10 -46.40 14.27
C ASN OB 43 -0.97 -47.66 13.42
N GLY OB 44 0.11 -47.80 12.64
CA GLY OB 44 0.24 -48.91 11.71
C GLY OB 44 0.23 -50.30 12.33
N THR OB 45 0.60 -50.41 13.61
CA THR OB 45 0.65 -51.71 14.29
C THR OB 45 -0.70 -52.22 14.78
N LEU OB 46 -1.78 -51.43 14.68
CA LEU OB 46 -3.00 -51.73 15.44
C LEU OB 46 -3.67 -53.04 15.06
N GLY OB 47 -3.69 -53.41 13.79
CA GLY OB 47 -4.53 -54.55 13.43
C GLY OB 47 -5.96 -54.17 13.06
N ALA OB 48 -6.46 -54.77 11.98
CA ALA OB 48 -7.58 -54.20 11.21
C ALA OB 48 -8.86 -54.05 12.02
N ASP OB 49 -9.13 -54.99 12.92
CA ASP OB 49 -10.36 -54.95 13.71
C ASP OB 49 -10.41 -53.80 14.70
N GLN OB 50 -9.30 -53.14 14.99
CA GLN OB 50 -9.30 -52.00 15.89
C GLN OB 50 -8.69 -50.74 15.31
N ALA OB 51 -8.43 -50.69 14.00
CA ALA OB 51 -8.22 -49.42 13.33
C ALA OB 51 -9.52 -48.60 13.33
N PRO OB 52 -9.40 -47.27 13.28
CA PRO OB 52 -10.59 -46.41 13.23
C PRO OB 52 -11.48 -46.67 12.02
N VAL OB 53 -12.76 -46.30 12.17
CA VAL OB 53 -13.74 -46.23 11.10
C VAL OB 53 -14.53 -44.94 11.24
N GLY OB 54 -14.77 -44.25 10.13
CA GLY OB 54 -15.59 -43.05 10.17
C GLY OB 54 -17.01 -43.35 10.63
N ALA OB 55 -17.64 -42.34 11.24
CA ALA OB 55 -18.93 -42.51 11.88
C ALA OB 55 -20.01 -42.99 10.90
N SER OB 56 -20.71 -44.05 11.28
CA SER OB 56 -21.90 -44.51 10.57
C SER OB 56 -23.02 -43.48 10.68
N ALA OB 57 -24.04 -43.65 9.83
CA ALA OB 57 -25.14 -42.71 9.61
C ALA OB 57 -25.69 -42.11 10.90
N PRO OB 58 -25.86 -40.78 10.97
CA PRO OB 58 -26.46 -40.16 12.15
C PRO OB 58 -27.80 -40.76 12.56
N ALA OB 59 -28.56 -41.29 11.61
CA ALA OB 59 -29.86 -41.91 11.87
C ALA OB 59 -29.76 -43.18 12.71
N ALA OB 60 -28.55 -43.67 12.99
CA ALA OB 60 -28.37 -44.83 13.86
C ALA OB 60 -28.90 -44.57 15.26
N FME PB 1 -16.96 -38.38 -40.38
CN FME PB 1 -16.61 -37.89 -41.61
O1 FME PB 1 -15.93 -36.86 -41.76
CA FME PB 1 -16.59 -37.80 -39.13
CB FME PB 1 -17.15 -38.61 -37.93
CG FME PB 1 -17.03 -37.88 -36.62
SD FME PB 1 -17.42 -39.03 -35.34
CE FME PB 1 -16.92 -38.18 -33.90
C FME PB 1 -15.07 -37.67 -38.93
O FME PB 1 -14.56 -36.79 -38.24
N HIS PB 2 -14.35 -38.58 -39.56
CA HIS PB 2 -12.89 -38.56 -39.57
C HIS PB 2 -12.25 -37.26 -40.10
N ARG PB 3 -12.99 -36.52 -40.92
CA ARG PB 3 -12.49 -35.26 -41.46
C ARG PB 3 -12.34 -34.17 -40.42
N ILE PB 4 -12.89 -34.36 -39.21
CA ILE PB 4 -12.56 -33.48 -38.09
C ILE PB 4 -11.06 -33.42 -37.85
N TRP PB 5 -10.33 -34.52 -38.10
CA TRP PB 5 -8.88 -34.54 -37.91
C TRP PB 5 -8.11 -33.86 -39.04
N LEU PB 6 -8.78 -33.51 -40.15
CA LEU PB 6 -8.21 -32.55 -41.08
C LEU PB 6 -8.40 -31.13 -40.57
N MET PB 7 -9.53 -30.91 -39.89
CA MET PB 7 -9.88 -29.59 -39.36
C MET PB 7 -9.02 -29.23 -38.14
N TYR PB 8 -8.65 -30.22 -37.31
CA TYR PB 8 -7.80 -30.00 -36.15
C TYR PB 8 -6.60 -30.95 -36.16
N ASP PB 9 -5.48 -30.47 -35.62
CA ASP PB 9 -4.26 -31.26 -35.48
C ASP PB 9 -4.50 -32.47 -34.58
N PRO PB 10 -4.43 -33.68 -35.12
CA PRO PB 10 -4.62 -34.88 -34.30
C PRO PB 10 -3.58 -35.07 -33.21
N ARG PB 11 -2.39 -34.49 -33.35
CA ARG PB 11 -1.38 -34.53 -32.30
C ARG PB 11 -1.80 -33.72 -31.08
N ARG PB 12 -2.33 -32.51 -31.30
CA ARG PB 12 -2.61 -31.58 -30.22
C ARG PB 12 -3.93 -31.88 -29.50
N VAL PB 13 -4.95 -32.33 -30.23
CA VAL PB 13 -6.22 -32.70 -29.60
C VAL PB 13 -6.04 -33.76 -28.53
N MET PB 14 -5.12 -34.71 -28.73
CA MET PB 14 -4.90 -35.75 -27.72
C MET PB 14 -4.40 -35.17 -26.41
N VAL PB 15 -3.46 -34.23 -26.46
CA VAL PB 15 -2.98 -33.56 -25.25
C VAL PB 15 -4.09 -32.80 -24.56
N ALA PB 16 -4.91 -32.09 -25.33
CA ALA PB 16 -6.06 -31.38 -24.77
C ALA PB 16 -7.05 -32.34 -24.11
N LEU PB 17 -7.28 -33.49 -24.74
CA LEU PB 17 -8.26 -34.44 -24.21
C LEU PB 17 -7.80 -35.09 -22.91
N VAL PB 18 -6.57 -35.62 -22.89
CA VAL PB 18 -6.03 -36.25 -21.69
C VAL PB 18 -5.94 -35.25 -20.54
N GLY PB 19 -5.53 -34.02 -20.83
CA GLY PB 19 -5.52 -32.98 -19.80
C GLY PB 19 -6.89 -32.72 -19.21
N PHE PB 20 -7.91 -32.65 -20.06
CA PHE PB 20 -9.28 -32.48 -19.58
C PHE PB 20 -9.75 -33.65 -18.73
N LEU PB 21 -9.57 -34.87 -19.21
CA LEU PB 21 -10.03 -36.05 -18.48
C LEU PB 21 -9.33 -36.21 -17.13
N ALA PB 22 -8.04 -35.92 -17.07
CA ALA PB 22 -7.32 -35.99 -15.80
C ALA PB 22 -7.86 -34.98 -14.78
N VAL PB 23 -8.09 -33.74 -15.21
CA VAL PB 23 -8.63 -32.73 -14.31
C VAL PB 23 -10.03 -33.09 -13.85
N LEU PB 24 -10.89 -33.55 -14.76
CA LEU PB 24 -12.24 -33.94 -14.37
C LEU PB 24 -12.24 -35.11 -13.39
N ALA PB 25 -11.41 -36.13 -13.65
CA ALA PB 25 -11.32 -37.26 -12.74
C ALA PB 25 -10.88 -36.85 -11.35
N LEU PB 26 -9.85 -36.01 -11.25
CA LEU PB 26 -9.40 -35.52 -9.95
C LEU PB 26 -10.48 -34.71 -9.25
N VAL PB 27 -11.15 -33.81 -9.99
CA VAL PB 27 -12.20 -32.99 -9.39
C VAL PB 27 -13.30 -33.85 -8.79
N ILE PB 28 -13.77 -34.87 -9.52
CA ILE PB 28 -14.83 -35.72 -9.00
C ILE PB 28 -14.38 -36.51 -7.77
N HIS PB 29 -13.16 -37.05 -7.79
CA HIS PB 29 -12.67 -37.75 -6.60
C HIS PB 29 -12.58 -36.83 -5.38
N PHE PB 30 -12.08 -35.61 -5.56
CA PHE PB 30 -11.95 -34.70 -4.41
C PHE PB 30 -13.30 -34.16 -3.93
N VAL PB 31 -14.26 -33.95 -4.85
CA VAL PB 31 -15.63 -33.64 -4.41
C VAL PB 31 -16.19 -34.77 -3.56
N LEU PB 32 -16.06 -36.02 -4.02
CA LEU PB 32 -16.53 -37.16 -3.25
C LEU PB 32 -15.80 -37.30 -1.92
N LEU PB 33 -14.47 -37.16 -1.94
CA LEU PB 33 -13.69 -37.37 -0.72
C LEU PB 33 -14.08 -36.38 0.38
N SER PB 34 -14.42 -35.14 0.01
CA SER PB 34 -14.83 -34.15 0.99
C SER PB 34 -16.27 -34.33 1.48
N SER PB 35 -17.10 -35.05 0.74
CA SER PB 35 -18.44 -35.37 1.19
C SER PB 35 -18.40 -36.26 2.44
N GLN PB 36 -19.57 -36.41 3.07
CA GLN PB 36 -19.72 -37.34 4.18
C GLN PB 36 -20.08 -38.75 3.73
N ARG PB 37 -21.07 -38.87 2.83
CA ARG PB 37 -21.49 -40.19 2.36
C ARG PB 37 -20.36 -40.95 1.65
N TYR PB 38 -19.50 -40.25 0.92
CA TYR PB 38 -18.47 -40.90 0.12
C TYR PB 38 -17.05 -40.58 0.57
N SER PB 39 -16.85 -40.28 1.85
CA SER PB 39 -15.51 -40.13 2.42
C SER PB 39 -14.89 -41.51 2.61
N TRP PB 40 -14.65 -42.18 1.47
CA TRP PB 40 -14.43 -43.62 1.44
C TRP PB 40 -13.18 -44.06 2.20
N ILE PB 41 -12.19 -43.18 2.34
CA ILE PB 41 -10.97 -43.55 3.05
C ILE PB 41 -11.23 -43.73 4.54
N GLU PB 42 -12.14 -42.94 5.12
CA GLU PB 42 -12.55 -43.19 6.49
C GLU PB 42 -13.66 -44.22 6.63
N ASN PB 43 -14.69 -44.17 5.78
CA ASN PB 43 -15.91 -44.94 6.00
C ASN PB 43 -16.23 -45.95 4.90
N GLY PB 44 -15.27 -46.26 4.03
CA GLY PB 44 -15.51 -47.18 2.92
C GLY PB 44 -15.94 -48.57 3.33
N THR PB 45 -15.56 -49.01 4.53
CA THR PB 45 -15.94 -50.32 5.03
C THR PB 45 -17.37 -50.41 5.54
N LEU PB 46 -18.09 -49.30 5.65
CA LEU PB 46 -19.50 -49.34 6.00
C LEU PB 46 -20.35 -49.92 4.88
N GLY PB 47 -21.34 -50.74 5.27
CA GLY PB 47 -22.36 -51.16 4.33
C GLY PB 47 -23.28 -50.02 3.92
N ALA PB 48 -23.91 -50.21 2.75
CA ALA PB 48 -24.66 -49.12 2.12
C ALA PB 48 -25.79 -48.60 3.00
N ASP PB 49 -26.43 -49.50 3.74
CA ASP PB 49 -27.52 -49.09 4.63
C ASP PB 49 -27.05 -48.23 5.79
N GLN PB 50 -25.81 -48.37 6.22
CA GLN PB 50 -25.27 -47.63 7.35
C GLN PB 50 -24.35 -46.47 6.95
N ALA PB 51 -24.09 -46.29 5.67
CA ALA PB 51 -23.42 -45.08 5.19
C ALA PB 51 -24.27 -43.83 5.47
N PRO PB 52 -23.62 -42.68 5.67
CA PRO PB 52 -24.36 -41.43 5.92
C PRO PB 52 -25.33 -41.04 4.82
N VAL PB 53 -26.37 -40.29 5.20
CA VAL PB 53 -27.36 -39.70 4.29
C VAL PB 53 -27.66 -38.28 4.74
N GLY PB 54 -27.77 -37.36 3.77
CA GLY PB 54 -28.05 -35.97 4.08
C GLY PB 54 -29.42 -35.75 4.70
N ALA PB 55 -29.56 -34.57 5.32
CA ALA PB 55 -30.78 -34.22 6.06
C ALA PB 55 -32.04 -34.23 5.18
N SER PB 56 -33.16 -34.51 5.81
CA SER PB 56 -34.45 -34.72 5.16
C SER PB 56 -35.49 -33.73 5.69
N ALA PB 57 -36.47 -33.41 4.84
CA ALA PB 57 -37.64 -32.63 5.27
C ALA PB 57 -38.40 -33.35 6.39
N PRO PB 58 -38.78 -32.63 7.46
CA PRO PB 58 -39.43 -33.29 8.60
C PRO PB 58 -40.74 -34.01 8.30
N ALA PB 59 -41.36 -33.78 7.13
CA ALA PB 59 -42.56 -34.51 6.70
C ALA PB 59 -43.71 -34.38 7.71
N ALA PB 60 -43.77 -33.28 8.44
CA ALA PB 60 -44.71 -33.12 9.54
C ALA PB 60 -44.93 -31.63 9.79
N ALA PB 61 -45.56 -31.30 10.92
CA ALA PB 61 -45.76 -29.91 11.31
C ALA PB 61 -44.46 -29.16 11.55
N ALA PB 62 -43.36 -29.88 11.82
CA ALA PB 62 -42.09 -29.27 12.25
C ALA PB 62 -42.26 -28.38 13.48
N GLU PB 63 -43.16 -28.81 14.38
CA GLU PB 63 -43.67 -27.93 15.43
C GLU PB 63 -43.79 -28.63 16.79
N MET PB 64 -43.87 -29.96 16.83
CA MET PB 64 -44.14 -30.72 18.06
C MET PB 64 -43.13 -30.40 19.16
N SER PB 65 -43.63 -29.92 20.30
CA SER PB 65 -42.79 -29.41 21.38
C SER PB 65 -41.88 -30.50 21.97
N PRO PB 66 -40.63 -30.16 22.25
CA PRO PB 66 -39.61 -31.17 22.62
C PRO PB 66 -39.84 -31.80 23.99
N LEU PB 67 -39.01 -32.82 24.27
CA LEU PB 67 -38.91 -33.50 25.57
C LEU PB 67 -37.43 -33.72 25.88
N PRO PB 68 -37.01 -33.59 27.15
CA PRO PB 68 -35.57 -33.60 27.46
C PRO PB 68 -34.97 -34.98 27.29
N PRO PB 69 -33.70 -35.06 26.92
CA PRO PB 69 -32.96 -36.34 26.96
C PRO PB 69 -32.96 -36.94 28.37
N GLY PB 70 -33.31 -38.23 28.44
CA GLY PB 70 -33.38 -38.91 29.71
C GLY PB 70 -32.07 -38.91 30.48
N ARG PB 71 -32.11 -38.48 31.74
CA ARG PB 71 -30.92 -38.25 32.56
C ARG PB 71 -30.01 -39.49 32.63
N FME QB 1 -29.17 -23.36 -44.75
CN FME QB 1 -28.84 -23.07 -46.05
O1 FME QB 1 -27.99 -22.21 -46.37
CA FME QB 1 -28.58 -22.70 -43.61
CB FME QB 1 -29.30 -23.09 -42.30
CG FME QB 1 -29.02 -22.13 -41.17
SD FME QB 1 -30.20 -22.37 -39.87
CE FME QB 1 -29.96 -24.03 -39.39
C FME QB 1 -27.10 -22.99 -43.43
O FME QB 1 -26.35 -22.31 -42.73
N HIS QB 2 -26.64 -24.02 -44.13
CA HIS QB 2 -25.21 -24.38 -44.15
C HIS QB 2 -24.30 -23.29 -44.71
N ARG QB 3 -24.86 -22.34 -45.46
CA ARG QB 3 -24.13 -21.14 -45.86
C ARG QB 3 -23.56 -20.34 -44.68
N ILE QB 4 -24.10 -20.52 -43.47
CA ILE QB 4 -23.51 -19.88 -42.29
C ILE QB 4 -22.08 -20.35 -42.05
N TRP QB 5 -21.72 -21.55 -42.49
CA TRP QB 5 -20.36 -22.06 -42.41
C TRP QB 5 -19.46 -21.61 -43.56
N LEU QB 6 -19.96 -20.73 -44.44
CA LEU QB 6 -19.08 -19.93 -45.28
C LEU QB 6 -18.72 -18.61 -44.62
N MET QB 7 -19.59 -18.05 -43.78
CA MET QB 7 -19.24 -16.90 -42.98
C MET QB 7 -18.25 -17.28 -41.87
N TYR QB 8 -18.66 -18.14 -40.95
CA TYR QB 8 -17.89 -18.47 -39.75
C TYR QB 8 -17.10 -19.74 -39.96
N ASP QB 9 -15.82 -19.72 -39.58
CA ASP QB 9 -14.96 -20.88 -39.66
C ASP QB 9 -15.37 -21.95 -38.65
N PRO QB 10 -15.72 -23.15 -39.10
CA PRO QB 10 -15.92 -24.28 -38.17
C PRO QB 10 -14.84 -24.47 -37.13
N ARG QB 11 -13.57 -24.23 -37.48
CA ARG QB 11 -12.47 -24.39 -36.52
C ARG QB 11 -12.66 -23.48 -35.30
N ARG QB 12 -12.99 -22.21 -35.54
CA ARG QB 12 -13.20 -21.26 -34.46
C ARG QB 12 -14.45 -21.58 -33.66
N VAL QB 13 -15.56 -21.88 -34.34
CA VAL QB 13 -16.85 -21.99 -33.66
C VAL QB 13 -16.95 -23.26 -32.82
N MET QB 14 -16.51 -24.41 -33.35
CA MET QB 14 -16.63 -25.65 -32.60
C MET QB 14 -15.84 -25.65 -31.31
N VAL QB 15 -14.69 -24.96 -31.29
CA VAL QB 15 -13.97 -24.72 -30.04
C VAL QB 15 -14.79 -23.84 -29.10
N ALA QB 16 -15.33 -22.73 -29.62
CA ALA QB 16 -16.13 -21.84 -28.80
C ALA QB 16 -17.41 -22.52 -28.28
N LEU QB 17 -18.01 -23.38 -29.10
CA LEU QB 17 -19.21 -24.11 -28.67
C LEU QB 17 -18.90 -25.07 -27.53
N VAL QB 18 -17.92 -25.96 -27.72
CA VAL QB 18 -17.52 -26.89 -26.69
C VAL QB 18 -17.15 -26.17 -25.40
N GLY QB 19 -16.41 -25.07 -25.52
CA GLY QB 19 -16.06 -24.28 -24.34
C GLY QB 19 -17.28 -23.74 -23.60
N PHE QB 20 -18.23 -23.16 -24.34
CA PHE QB 20 -19.43 -22.60 -23.71
C PHE QB 20 -20.27 -23.67 -23.05
N LEU QB 21 -20.52 -24.79 -23.73
CA LEU QB 21 -21.30 -25.87 -23.15
C LEU QB 21 -20.65 -26.45 -21.91
N ALA QB 22 -19.34 -26.70 -21.97
CA ALA QB 22 -18.63 -27.21 -20.80
C ALA QB 22 -18.73 -26.27 -19.59
N VAL QB 23 -18.55 -24.97 -19.81
CA VAL QB 23 -18.68 -24.01 -18.73
C VAL QB 23 -20.11 -23.96 -18.20
N LEU QB 24 -21.10 -23.92 -19.09
CA LEU QB 24 -22.49 -23.86 -18.65
C LEU QB 24 -22.89 -25.11 -17.87
N ALA QB 25 -22.53 -26.29 -18.38
CA ALA QB 25 -22.84 -27.53 -17.67
C ALA QB 25 -22.23 -27.56 -16.27
N LEU QB 26 -20.97 -27.15 -16.17
CA LEU QB 26 -20.28 -27.16 -14.88
C LEU QB 26 -20.88 -26.16 -13.90
N VAL QB 27 -21.24 -24.96 -14.37
CA VAL QB 27 -21.90 -23.98 -13.51
C VAL QB 27 -23.20 -24.53 -12.95
N ILE QB 28 -24.03 -25.16 -13.78
CA ILE QB 28 -25.30 -25.67 -13.30
C ILE QB 28 -25.11 -26.80 -12.29
N HIS QB 29 -24.20 -27.74 -12.55
CA HIS QB 29 -23.98 -28.81 -11.58
C HIS QB 29 -23.53 -28.29 -10.22
N PHE QB 30 -22.62 -27.32 -10.19
CA PHE QB 30 -22.19 -26.77 -8.90
C PHE QB 30 -23.25 -25.91 -8.23
N VAL QB 31 -24.07 -25.20 -9.00
CA VAL QB 31 -25.22 -24.51 -8.42
C VAL QB 31 -26.16 -25.50 -7.73
N LEU QB 32 -26.45 -26.62 -8.40
CA LEU QB 32 -27.34 -27.62 -7.80
C LEU QB 32 -26.69 -28.30 -6.61
N LEU QB 33 -25.41 -28.66 -6.73
CA LEU QB 33 -24.71 -29.33 -5.64
C LEU QB 33 -24.65 -28.47 -4.38
N SER QB 34 -24.60 -27.15 -4.53
CA SER QB 34 -24.61 -26.24 -3.39
C SER QB 34 -26.00 -26.05 -2.78
N SER QB 35 -27.07 -26.41 -3.48
CA SER QB 35 -28.40 -26.23 -2.92
C SER QB 35 -28.70 -27.29 -1.86
N GLN QB 36 -29.73 -27.02 -1.05
CA GLN QB 36 -30.25 -28.02 -0.13
C GLN QB 36 -31.04 -29.09 -0.88
N ARG QB 37 -31.97 -28.64 -1.72
CA ARG QB 37 -32.86 -29.54 -2.47
C ARG QB 37 -32.11 -30.59 -3.27
N TYR QB 38 -31.02 -30.20 -3.94
CA TYR QB 38 -30.33 -31.05 -4.90
C TYR QB 38 -28.88 -31.37 -4.52
N SER QB 39 -28.55 -31.39 -3.23
CA SER QB 39 -27.21 -31.79 -2.78
C SER QB 39 -27.07 -33.31 -2.88
N TRP QB 40 -27.07 -33.79 -4.13
CA TRP QB 40 -27.37 -35.19 -4.43
C TRP QB 40 -26.30 -36.15 -3.94
N ILE QB 41 -25.07 -35.69 -3.75
CA ILE QB 41 -24.02 -36.57 -3.23
C ILE QB 41 -24.32 -37.00 -1.80
N GLU QB 42 -24.75 -36.06 -0.95
CA GLU QB 42 -25.21 -36.44 0.38
C GLU QB 42 -26.61 -37.05 0.39
N ASN QB 43 -27.55 -36.48 -0.36
CA ASN QB 43 -28.97 -36.77 -0.16
C ASN QB 43 -29.66 -37.42 -1.35
N GLY QB 44 -28.91 -37.89 -2.35
CA GLY QB 44 -29.49 -38.41 -3.58
C GLY QB 44 -30.41 -39.60 -3.40
N THR QB 45 -30.24 -40.37 -2.32
CA THR QB 45 -31.08 -41.54 -2.07
C THR QB 45 -32.38 -41.22 -1.35
N LEU QB 46 -32.61 -39.98 -0.93
CA LEU QB 46 -33.91 -39.60 -0.39
C LEU QB 46 -34.98 -39.58 -1.48
N GLY QB 47 -36.17 -40.05 -1.12
CA GLY QB 47 -37.32 -39.95 -2.00
C GLY QB 47 -37.80 -38.51 -2.16
N ALA QB 48 -38.55 -38.28 -3.23
CA ALA QB 48 -38.94 -36.92 -3.59
C ALA QB 48 -39.70 -36.23 -2.47
N ASP QB 49 -40.55 -36.97 -1.77
CA ASP QB 49 -41.29 -36.42 -0.64
C ASP QB 49 -40.38 -36.10 0.55
N GLN QB 50 -39.27 -36.82 0.68
CA GLN QB 50 -38.32 -36.59 1.77
C GLN QB 50 -37.36 -35.43 1.51
N ALA QB 51 -37.16 -35.03 0.26
CA ALA QB 51 -36.19 -34.00 -0.05
C ALA QB 51 -36.60 -32.64 0.50
N PRO QB 52 -35.62 -31.79 0.85
CA PRO QB 52 -35.92 -30.45 1.36
C PRO QB 52 -36.78 -29.62 0.41
N VAL QB 53 -37.51 -28.66 0.99
CA VAL QB 53 -38.22 -27.63 0.22
C VAL QB 53 -38.06 -26.29 0.94
N GLY QB 54 -37.85 -25.23 0.16
CA GLY QB 54 -37.74 -23.90 0.73
C GLY QB 54 -39.02 -23.44 1.42
N ALA QB 55 -38.86 -22.43 2.27
CA ALA QB 55 -39.96 -21.95 3.11
C ALA QB 55 -41.08 -21.34 2.29
N SER QB 56 -42.32 -21.73 2.61
CA SER QB 56 -43.52 -21.14 2.05
C SER QB 56 -43.86 -19.81 2.74
N ALA QB 57 -44.80 -19.09 2.15
CA ALA QB 57 -45.41 -17.92 2.79
C ALA QB 57 -46.29 -18.33 3.97
N PRO QB 58 -46.18 -17.65 5.12
CA PRO QB 58 -47.10 -17.91 6.24
C PRO QB 58 -48.49 -17.30 6.03
N ALA QB 59 -48.52 -16.13 5.37
CA ALA QB 59 -49.75 -15.39 5.04
C ALA QB 59 -50.56 -14.99 6.27
N ALA QB 60 -49.95 -14.92 7.45
CA ALA QB 60 -50.70 -14.63 8.67
C ALA QB 60 -49.86 -13.85 9.68
N FME RB 1 -35.83 -1.49 -44.57
CN FME RB 1 -35.71 -0.80 -45.75
O1 FME RB 1 -34.88 0.08 -45.94
CA FME RB 1 -34.98 -1.23 -43.43
CB FME RB 1 -35.65 -1.64 -42.10
CG FME RB 1 -36.95 -0.90 -41.91
SD FME RB 1 -37.49 -1.15 -40.24
CE FME RB 1 -36.69 0.14 -39.38
C FME RB 1 -33.64 -1.96 -43.52
O FME RB 1 -32.70 -1.74 -42.76
N HIS RB 2 -33.55 -2.86 -44.50
CA HIS RB 2 -32.37 -3.69 -44.73
C HIS RB 2 -31.07 -2.92 -44.98
N ARG RB 3 -31.20 -1.67 -45.41
CA ARG RB 3 -30.06 -0.80 -45.59
C ARG RB 3 -29.29 -0.54 -44.30
N ILE RB 4 -29.89 -0.83 -43.14
CA ILE RB 4 -29.17 -0.85 -41.87
C ILE RB 4 -27.95 -1.76 -41.90
N TRP RB 5 -27.98 -2.82 -42.70
CA TRP RB 5 -26.83 -3.71 -42.82
C TRP RB 5 -25.74 -3.18 -43.74
N LEU RB 6 -26.07 -2.25 -44.65
CA LEU RB 6 -25.04 -1.52 -45.35
C LEU RB 6 -24.23 -0.65 -44.40
N MET RB 7 -24.88 -0.11 -43.37
CA MET RB 7 -24.19 0.66 -42.34
C MET RB 7 -23.42 -0.22 -41.35
N TYR RB 8 -24.05 -1.26 -40.81
CA TYR RB 8 -23.44 -2.09 -39.78
C TYR RB 8 -23.14 -3.49 -40.30
N ASP RB 9 -21.88 -3.92 -40.11
CA ASP RB 9 -21.33 -5.19 -40.57
C ASP RB 9 -22.08 -6.39 -40.01
N PRO RB 10 -22.81 -7.13 -40.84
CA PRO RB 10 -23.69 -8.20 -40.34
C PRO RB 10 -22.96 -9.26 -39.53
N ARG RB 11 -21.79 -9.68 -40.01
CA ARG RB 11 -20.97 -10.67 -39.31
C ARG RB 11 -20.64 -10.24 -37.88
N ARG RB 12 -20.39 -8.96 -37.67
CA ARG RB 12 -20.08 -8.45 -36.34
C ARG RB 12 -21.33 -8.21 -35.50
N VAL RB 13 -22.44 -7.80 -36.12
CA VAL RB 13 -23.69 -7.61 -35.40
C VAL RB 13 -24.15 -8.89 -34.71
N MET RB 14 -24.04 -10.04 -35.37
CA MET RB 14 -24.46 -11.29 -34.75
C MET RB 14 -23.68 -11.58 -33.47
N VAL RB 15 -22.37 -11.30 -33.46
CA VAL RB 15 -21.57 -11.53 -32.26
C VAL RB 15 -21.96 -10.57 -31.15
N ALA RB 16 -22.22 -9.31 -31.49
CA ALA RB 16 -22.70 -8.34 -30.50
C ALA RB 16 -24.08 -8.71 -29.97
N LEU RB 17 -24.98 -9.13 -30.85
CA LEU RB 17 -26.34 -9.45 -30.46
C LEU RB 17 -26.40 -10.65 -29.51
N VAL RB 18 -25.79 -11.77 -29.89
CA VAL RB 18 -25.75 -12.94 -29.03
C VAL RB 18 -25.10 -12.63 -27.69
N GLY RB 19 -24.02 -11.85 -27.71
CA GLY RB 19 -23.39 -11.45 -26.45
C GLY RB 19 -24.30 -10.65 -25.53
N PHE RB 20 -25.07 -9.71 -26.09
CA PHE RB 20 -26.04 -8.97 -25.30
C PHE RB 20 -27.13 -9.88 -24.74
N LEU RB 21 -27.69 -10.75 -25.58
CA LEU RB 21 -28.77 -11.64 -25.13
C LEU RB 21 -28.29 -12.63 -24.08
N ALA RB 22 -27.07 -13.14 -24.21
CA ALA RB 22 -26.52 -14.04 -23.20
C ALA RB 22 -26.34 -13.36 -21.86
N VAL RB 23 -25.80 -12.14 -21.85
CA VAL RB 23 -25.64 -11.40 -20.61
C VAL RB 23 -27.00 -11.11 -19.97
N LEU RB 24 -27.96 -10.60 -20.76
CA LEU RB 24 -29.26 -10.26 -20.21
C LEU RB 24 -29.98 -11.48 -19.65
N ALA RB 25 -29.93 -12.61 -20.35
CA ALA RB 25 -30.54 -13.84 -19.85
C ALA RB 25 -29.95 -14.26 -18.50
N LEU RB 26 -28.63 -14.25 -18.39
CA LEU RB 26 -27.98 -14.59 -17.12
C LEU RB 26 -28.31 -13.60 -16.02
N VAL RB 27 -28.34 -12.30 -16.33
CA VAL RB 27 -28.68 -11.29 -15.33
C VAL RB 27 -30.08 -11.50 -14.78
N ILE RB 28 -31.07 -11.71 -15.66
CA ILE RB 28 -32.44 -11.93 -15.20
C ILE RB 28 -32.57 -13.23 -14.40
N HIS RB 29 -31.94 -14.32 -14.86
CA HIS RB 29 -32.02 -15.57 -14.10
C HIS RB 29 -31.42 -15.43 -12.71
N PHE RB 30 -30.24 -14.82 -12.60
CA PHE RB 30 -29.63 -14.67 -11.28
C PHE RB 30 -30.35 -13.69 -10.38
N VAL RB 31 -30.94 -12.62 -10.94
CA VAL RB 31 -31.83 -11.77 -10.14
C VAL RB 31 -32.99 -12.58 -9.57
N LEU RB 32 -33.65 -13.37 -10.42
CA LEU RB 32 -34.79 -14.16 -9.95
C LEU RB 32 -34.36 -15.20 -8.94
N LEU RB 33 -33.25 -15.90 -9.22
CA LEU RB 33 -32.76 -16.93 -8.31
C LEU RB 33 -32.42 -16.35 -6.94
N SER RB 34 -31.96 -15.10 -6.90
CA SER RB 34 -31.62 -14.44 -5.64
C SER RB 34 -32.86 -13.99 -4.87
N SER RB 35 -33.98 -13.76 -5.54
CA SER RB 35 -35.21 -13.37 -4.85
C SER RB 35 -35.70 -14.50 -3.95
N GLN RB 36 -36.62 -14.14 -3.04
CA GLN RB 36 -37.36 -15.16 -2.30
C GLN RB 36 -38.41 -15.85 -3.17
N ARG RB 37 -39.29 -15.05 -3.80
CA ARG RB 37 -40.44 -15.62 -4.49
C ARG RB 37 -40.06 -16.56 -5.64
N TYR RB 38 -38.96 -16.28 -6.33
CA TYR RB 38 -38.56 -17.08 -7.48
C TYR RB 38 -37.26 -17.85 -7.30
N SER RB 39 -36.90 -18.17 -6.06
CA SER RB 39 -35.74 -19.03 -5.81
C SER RB 39 -36.10 -20.46 -6.17
N TRP RB 40 -36.26 -20.73 -7.47
CA TRP RB 40 -37.01 -21.89 -7.94
C TRP RB 40 -36.32 -23.21 -7.65
N ILE RB 41 -35.00 -23.23 -7.48
CA ILE RB 41 -34.32 -24.48 -7.20
C ILE RB 41 -34.74 -25.04 -5.85
N GLU RB 42 -34.76 -24.18 -4.82
CA GLU RB 42 -35.22 -24.62 -3.50
C GLU RB 42 -36.74 -24.72 -3.40
N ASN RB 43 -37.49 -23.76 -3.96
CA ASN RB 43 -38.92 -23.65 -3.69
C ASN RB 43 -39.82 -23.76 -4.92
N GLY RB 44 -39.28 -24.21 -6.06
CA GLY RB 44 -40.06 -24.28 -7.28
C GLY RB 44 -41.31 -25.14 -7.20
N THR RB 45 -41.33 -26.14 -6.32
CA THR RB 45 -42.49 -27.01 -6.17
C THR RB 45 -43.64 -26.39 -5.37
N LEU RB 46 -43.44 -25.26 -4.71
CA LEU RB 46 -44.55 -24.60 -4.01
C LEU RB 46 -45.62 -24.12 -5.00
N GLY RB 47 -46.88 -24.24 -4.59
CA GLY RB 47 -47.96 -23.64 -5.34
C GLY RB 47 -47.93 -22.12 -5.29
N ALA RB 48 -48.59 -21.51 -6.29
CA ALA RB 48 -48.51 -20.07 -6.45
C ALA RB 48 -49.06 -19.32 -5.23
N ASP RB 49 -50.02 -19.93 -4.52
CA ASP RB 49 -50.53 -19.37 -3.28
C ASP RB 49 -49.60 -19.57 -2.09
N GLN RB 50 -48.68 -20.52 -2.16
CA GLN RB 50 -47.72 -20.77 -1.10
C GLN RB 50 -46.38 -20.08 -1.29
N ALA RB 51 -46.09 -19.58 -2.50
CA ALA RB 51 -44.83 -18.89 -2.73
C ALA RB 51 -44.76 -17.58 -1.92
N PRO RB 52 -43.56 -17.19 -1.49
CA PRO RB 52 -43.38 -15.93 -0.77
C PRO RB 52 -43.96 -14.72 -1.51
N VAL RB 53 -44.40 -13.73 -0.73
CA VAL RB 53 -44.77 -12.42 -1.21
C VAL RB 53 -44.14 -11.38 -0.30
N GLY RB 54 -43.63 -10.28 -0.88
CA GLY RB 54 -43.17 -9.18 -0.06
C GLY RB 54 -44.26 -8.60 0.82
N ALA RB 55 -43.84 -8.01 1.93
CA ALA RB 55 -44.79 -7.49 2.92
C ALA RB 55 -45.50 -6.25 2.42
N SER RB 56 -46.76 -6.09 2.83
CA SER RB 56 -47.45 -4.81 2.64
C SER RB 56 -46.86 -3.69 3.50
N ALA RB 57 -46.32 -4.03 4.68
CA ALA RB 57 -45.32 -3.22 5.36
C ALA RB 57 -44.60 -4.07 6.39
N PRO RB 58 -43.36 -3.74 6.73
CA PRO RB 58 -42.74 -4.31 7.94
C PRO RB 58 -43.30 -3.70 9.21
N ALA RB 59 -42.99 -4.34 10.34
CA ALA RB 59 -43.53 -3.94 11.65
C ALA RB 59 -42.45 -4.05 12.72
N ALA RB 60 -42.74 -3.44 13.88
CA ALA RB 60 -41.79 -3.37 14.99
C ALA RB 60 -42.53 -3.14 16.29
N ALA RB 61 -41.86 -3.48 17.40
CA ALA RB 61 -42.22 -2.93 18.71
C ALA RB 61 -41.56 -1.57 18.92
N ALA RB 62 -42.23 -0.71 19.70
CA ALA RB 62 -41.85 0.70 19.75
C ALA RB 62 -40.47 0.91 20.32
N GLU RB 63 -40.01 0.03 21.22
CA GLU RB 63 -38.68 0.15 21.81
C GLU RB 63 -37.59 -0.54 20.99
N MET RB 64 -37.95 -1.42 20.07
CA MET RB 64 -36.96 -2.04 19.19
C MET RB 64 -36.55 -1.09 18.07
N SER RB 65 -35.28 -1.19 17.68
CA SER RB 65 -34.75 -0.52 16.50
C SER RB 65 -33.75 -1.43 15.80
N PRO RB 66 -33.79 -1.50 14.46
CA PRO RB 66 -32.80 -2.31 13.74
C PRO RB 66 -31.38 -1.77 13.84
N LEU RB 67 -31.21 -0.44 13.96
CA LEU RB 67 -29.91 0.19 13.99
C LEU RB 67 -29.55 0.68 15.39
N PRO RB 68 -28.29 0.60 15.79
CA PRO RB 68 -27.87 1.17 17.07
C PRO RB 68 -28.12 2.66 17.11
N PRO RB 69 -28.29 3.23 18.30
CA PRO RB 69 -28.38 4.69 18.43
C PRO RB 69 -27.07 5.36 18.07
N GLY RB 70 -27.18 6.48 17.37
CA GLY RB 70 -26.01 7.23 16.98
C GLY RB 70 -26.12 8.72 17.22
N ARG RB 71 -25.72 9.51 16.23
CA ARG RB 71 -25.95 10.95 16.25
C ARG RB 71 -26.31 11.47 14.85
N GLY SB 6 -20.17 10.04 -48.53
CA GLY SB 6 -20.76 9.77 -47.24
C GLY SB 6 -22.26 9.93 -47.21
N MET SB 7 -22.73 10.87 -46.39
CA MET SB 7 -24.15 11.23 -46.34
C MET SB 7 -24.53 12.09 -47.54
N THR SB 8 -25.83 12.05 -47.88
CA THR SB 8 -26.45 12.93 -48.86
C THR SB 8 -27.78 13.39 -48.32
N GLU SB 9 -28.33 14.45 -48.93
CA GLU SB 9 -29.67 14.92 -48.56
C GLU SB 9 -30.73 13.86 -48.81
N GLU SB 10 -30.57 13.03 -49.84
CA GLU SB 10 -31.56 11.98 -50.10
C GLU SB 10 -31.44 10.84 -49.09
N GLU SB 11 -30.22 10.50 -48.69
CA GLU SB 11 -30.03 9.55 -47.61
C GLU SB 11 -30.56 10.10 -46.28
N ALA SB 12 -30.29 11.38 -46.01
CA ALA SB 12 -30.84 12.03 -44.82
C ALA SB 12 -32.37 12.00 -44.81
N ARG SB 13 -33.00 12.30 -45.95
CA ARG SB 13 -34.46 12.24 -46.03
C ARG SB 13 -35.01 10.85 -45.73
N ARG SB 14 -34.50 9.82 -46.41
CA ARG SB 14 -35.03 8.48 -46.21
C ARG SB 14 -34.68 7.92 -44.83
N PHE SB 15 -33.47 8.20 -44.34
CA PHE SB 15 -33.12 7.82 -42.97
C PHE SB 15 -34.04 8.47 -41.96
N HIS SB 16 -34.30 9.77 -42.11
CA HIS SB 16 -35.23 10.47 -41.23
C HIS SB 16 -36.61 9.84 -41.22
N GLY SB 17 -37.10 9.38 -42.37
CA GLY SB 17 -38.39 8.74 -42.43
C GLY SB 17 -38.53 7.55 -41.51
N TYR SB 18 -37.64 6.57 -41.63
CA TYR SB 18 -37.69 5.41 -40.75
C TYR SB 18 -37.34 5.76 -39.31
N MET SB 19 -36.45 6.73 -39.10
CA MET SB 19 -36.09 7.15 -37.75
C MET SB 19 -37.29 7.74 -37.01
N VAL SB 20 -38.07 8.60 -37.67
CA VAL SB 20 -39.31 9.10 -37.09
C VAL SB 20 -40.30 7.95 -36.85
N THR SB 21 -40.38 7.02 -37.79
CA THR SB 21 -41.27 5.87 -37.63
C THR SB 21 -40.87 5.02 -36.43
N GLY SB 22 -39.59 4.69 -36.32
CA GLY SB 22 -39.12 3.93 -35.17
C GLY SB 22 -39.36 4.63 -33.85
N THR SB 23 -39.11 5.94 -33.81
CA THR SB 23 -39.36 6.72 -32.60
C THR SB 23 -40.82 6.68 -32.19
N LEU SB 24 -41.74 6.90 -33.13
CA LEU SB 24 -43.16 6.77 -32.84
C LEU SB 24 -43.51 5.37 -32.33
N GLY SB 25 -43.01 4.34 -33.01
CA GLY SB 25 -43.28 2.98 -32.56
C GLY SB 25 -42.82 2.72 -31.13
N TYR SB 26 -41.62 3.18 -30.80
CA TYR SB 26 -41.10 3.07 -29.44
C TYR SB 26 -41.94 3.85 -28.43
N VAL SB 27 -42.31 5.08 -28.77
CA VAL SB 27 -43.14 5.90 -27.89
C VAL SB 27 -44.54 5.32 -27.72
N VAL SB 28 -45.10 4.70 -28.75
CA VAL SB 28 -46.37 3.98 -28.59
C VAL SB 28 -46.23 2.84 -27.59
N VAL SB 29 -45.23 1.97 -27.77
CA VAL SB 29 -45.04 0.84 -26.86
C VAL SB 29 -44.81 1.33 -25.43
N ALA SB 30 -43.96 2.34 -25.26
CA ALA SB 30 -43.74 2.91 -23.94
C ALA SB 30 -45.01 3.47 -23.31
N SER SB 31 -45.84 4.15 -24.11
CA SER SB 31 -47.10 4.68 -23.61
C SER SB 31 -48.05 3.57 -23.13
N VAL SB 32 -48.12 2.46 -23.87
CA VAL SB 32 -48.91 1.33 -23.41
C VAL SB 32 -48.32 0.71 -22.15
N ALA SB 33 -46.99 0.57 -22.09
CA ALA SB 33 -46.35 0.06 -20.89
C ALA SB 33 -46.62 0.94 -19.66
N HIS SB 34 -46.56 2.26 -19.82
CA HIS SB 34 -46.90 3.14 -18.71
C HIS SB 34 -48.35 3.02 -18.29
N PHE SB 35 -49.27 2.92 -19.24
CA PHE SB 35 -50.67 2.83 -18.85
C PHE SB 35 -51.03 1.47 -18.25
N LEU SB 36 -50.34 0.40 -18.66
CA LEU SB 36 -50.43 -0.85 -17.92
C LEU SB 36 -49.89 -0.71 -16.50
N ALA SB 37 -48.70 -0.13 -16.35
CA ALA SB 37 -48.13 0.07 -15.02
C ALA SB 37 -49.03 0.97 -14.17
N TRP SB 38 -49.56 2.04 -14.76
CA TRP SB 38 -50.47 2.91 -14.03
C TRP SB 38 -51.70 2.15 -13.52
N SER SB 39 -52.30 1.34 -14.38
CA SER SB 39 -53.48 0.57 -14.00
C SER SB 39 -53.18 -0.42 -12.88
N TRP SB 40 -51.96 -0.95 -12.85
CA TRP SB 40 -51.56 -1.89 -11.81
C TRP SB 40 -51.22 -1.20 -10.50
N ARG SB 41 -50.45 -0.11 -10.54
CA ARG SB 41 -49.99 0.53 -9.31
C ARG SB 41 -49.66 2.00 -9.57
N PRO SB 42 -50.66 2.88 -9.49
CA PRO SB 42 -50.43 4.30 -9.80
C PRO SB 42 -49.35 4.93 -8.93
N TRP SB 43 -48.57 5.85 -9.53
CA TRP SB 43 -47.56 6.58 -8.78
C TRP SB 43 -47.99 7.99 -8.37
N PHE SB 44 -49.14 8.47 -8.81
CA PHE SB 44 -49.78 9.64 -8.19
C PHE SB 44 -51.20 9.29 -7.77
N GLY TB 6 -15.79 27.20 -42.34
CA GLY TB 6 -16.66 27.87 -41.38
C GLY TB 6 -18.13 27.85 -41.77
N MET TB 7 -18.87 28.83 -41.26
CA MET TB 7 -20.27 29.02 -41.59
C MET TB 7 -20.42 30.22 -42.52
N THR TB 8 -21.27 30.09 -43.55
CA THR TB 8 -21.77 31.27 -44.25
C THR TB 8 -22.76 32.00 -43.34
N GLU TB 9 -22.94 33.31 -43.61
CA GLU TB 9 -23.91 34.08 -42.83
C GLU TB 9 -25.34 33.58 -43.04
N GLU TB 10 -25.71 33.25 -44.28
CA GLU TB 10 -27.08 32.78 -44.53
C GLU TB 10 -27.35 31.44 -43.85
N GLU TB 11 -26.35 30.56 -43.83
CA GLU TB 11 -26.47 29.31 -43.09
C GLU TB 11 -26.61 29.57 -41.59
N ALA TB 12 -25.79 30.47 -41.05
CA ALA TB 12 -25.91 30.87 -39.66
C ALA TB 12 -27.26 31.49 -39.33
N ARG TB 13 -27.78 32.34 -40.22
CA ARG TB 13 -29.11 32.92 -40.01
C ARG TB 13 -30.20 31.85 -39.93
N ARG TB 14 -30.22 30.91 -40.88
CA ARG TB 14 -31.26 29.88 -40.83
C ARG TB 14 -31.07 28.94 -39.64
N PHE TB 15 -29.81 28.58 -39.32
CA PHE TB 15 -29.56 27.80 -38.11
C PHE TB 15 -30.08 28.50 -36.86
N HIS TB 16 -29.77 29.79 -36.74
CA HIS TB 16 -30.28 30.60 -35.62
C HIS TB 16 -31.79 30.55 -35.50
N GLY TB 17 -32.50 30.52 -36.62
CA GLY TB 17 -33.96 30.38 -36.57
C GLY TB 17 -34.41 29.06 -35.98
N TYR TB 18 -33.83 27.95 -36.46
CA TYR TB 18 -34.14 26.65 -35.87
C TYR TB 18 -33.72 26.58 -34.41
N MET TB 19 -32.55 27.12 -34.09
CA MET TB 19 -32.03 27.07 -32.73
C MET TB 19 -32.91 27.84 -31.74
N VAL TB 20 -33.34 29.05 -32.12
CA VAL TB 20 -34.28 29.79 -31.28
C VAL TB 20 -35.61 29.05 -31.16
N THR TB 21 -36.13 28.53 -32.27
CA THR TB 21 -37.40 27.83 -32.23
C THR TB 21 -37.33 26.57 -31.39
N GLY TB 22 -36.23 25.83 -31.49
CA GLY TB 22 -36.04 24.67 -30.64
C GLY TB 22 -35.94 25.02 -29.17
N THR TB 23 -35.16 26.05 -28.86
CA THR TB 23 -35.00 26.51 -27.48
C THR TB 23 -36.33 26.92 -26.86
N LEU TB 24 -37.09 27.79 -27.55
CA LEU TB 24 -38.38 28.22 -27.02
C LEU TB 24 -39.42 27.11 -27.01
N GLY TB 25 -39.36 26.18 -27.96
CA GLY TB 25 -40.24 25.02 -27.90
C GLY TB 25 -40.01 24.18 -26.65
N TYR TB 26 -38.75 23.89 -26.36
CA TYR TB 26 -38.39 23.17 -25.14
C TYR TB 26 -38.86 23.88 -23.88
N VAL TB 27 -38.65 25.20 -23.81
CA VAL TB 27 -39.12 25.99 -22.67
C VAL TB 27 -40.64 25.93 -22.53
N VAL TB 28 -41.37 25.90 -23.64
CA VAL TB 28 -42.82 25.75 -23.57
C VAL TB 28 -43.22 24.39 -23.02
N VAL TB 29 -42.61 23.31 -23.51
CA VAL TB 29 -42.88 21.98 -22.97
C VAL TB 29 -42.53 21.91 -21.49
N ALA TB 30 -41.39 22.48 -21.10
CA ALA TB 30 -41.02 22.51 -19.69
C ALA TB 30 -41.98 23.33 -18.84
N SER TB 31 -42.50 24.44 -19.38
CA SER TB 31 -43.47 25.24 -18.64
C SER TB 31 -44.77 24.49 -18.38
N VAL TB 32 -45.22 23.67 -19.33
CA VAL TB 32 -46.37 22.82 -19.08
C VAL TB 32 -46.08 21.74 -18.04
N ALA TB 33 -44.88 21.16 -18.08
CA ALA TB 33 -44.48 20.21 -17.04
C ALA TB 33 -44.50 20.84 -15.65
N HIS TB 34 -44.07 22.10 -15.52
CA HIS TB 34 -44.18 22.79 -14.24
C HIS TB 34 -45.61 23.09 -13.84
N PHE TB 35 -46.47 23.43 -14.80
CA PHE TB 35 -47.90 23.58 -14.50
C PHE TB 35 -48.50 22.31 -13.92
N LEU TB 36 -48.18 21.16 -14.52
CA LEU TB 36 -48.65 19.87 -14.00
C LEU TB 36 -48.07 19.57 -12.63
N ALA TB 37 -46.75 19.75 -12.46
CA ALA TB 37 -46.12 19.52 -11.16
C ALA TB 37 -46.68 20.46 -10.09
N TRP TB 38 -46.87 21.74 -10.43
CA TRP TB 38 -47.42 22.69 -9.46
C TRP TB 38 -48.83 22.31 -9.03
N SER TB 39 -49.64 21.82 -9.96
CA SER TB 39 -50.99 21.37 -9.63
C SER TB 39 -50.98 20.13 -8.74
N TRP TB 40 -50.03 19.22 -8.98
CA TRP TB 40 -49.92 18.01 -8.16
C TRP TB 40 -49.43 18.31 -6.75
N ARG TB 41 -48.36 19.09 -6.61
CA ARG TB 41 -47.77 19.31 -5.30
C ARG TB 41 -46.97 20.60 -5.28
N PRO TB 42 -47.61 21.75 -5.06
CA PRO TB 42 -46.91 23.03 -5.17
C PRO TB 42 -45.81 23.18 -4.13
N TRP TB 43 -44.74 23.88 -4.52
CA TRP TB 43 -43.55 24.01 -3.69
C TRP TB 43 -43.46 25.34 -2.94
N PHE TB 44 -44.33 26.31 -3.25
CA PHE TB 44 -44.53 27.46 -2.36
C PHE TB 44 -45.99 27.55 -1.94
N GLY UB 6 -7.50 39.70 -34.62
CA GLY UB 6 -8.80 39.83 -33.97
C GLY UB 6 -9.80 40.64 -34.76
N MET UB 7 -10.92 40.97 -34.13
CA MET UB 7 -11.93 41.82 -34.73
C MET UB 7 -11.46 43.28 -34.81
N THR UB 8 -12.07 44.02 -35.74
CA THR UB 8 -11.87 45.45 -35.84
C THR UB 8 -12.56 46.20 -34.69
N GLU UB 9 -12.21 47.48 -34.54
CA GLU UB 9 -12.90 48.33 -33.58
C GLU UB 9 -14.37 48.49 -33.92
N GLU UB 10 -14.71 48.47 -35.21
CA GLU UB 10 -16.11 48.55 -35.60
C GLU UB 10 -16.88 47.30 -35.17
N GLU UB 11 -16.29 46.13 -35.40
CA GLU UB 11 -16.88 44.89 -34.89
C GLU UB 11 -17.00 44.89 -33.37
N ALA UB 12 -15.98 45.40 -32.68
CA ALA UB 12 -16.05 45.53 -31.23
C ALA UB 12 -17.22 46.40 -30.77
N ARG UB 13 -17.44 47.54 -31.42
CA ARG UB 13 -18.60 48.38 -31.09
C ARG UB 13 -19.92 47.66 -31.38
N ARG UB 14 -19.98 46.88 -32.45
CA ARG UB 14 -21.20 46.12 -32.74
C ARG UB 14 -21.45 45.04 -31.70
N PHE UB 15 -20.43 44.25 -31.40
CA PHE UB 15 -20.56 43.18 -30.40
C PHE UB 15 -20.93 43.74 -29.03
N HIS UB 16 -20.27 44.83 -28.62
CA HIS UB 16 -20.51 45.43 -27.31
C HIS UB 16 -21.96 45.85 -27.11
N GLY UB 17 -22.66 46.21 -28.18
CA GLY UB 17 -24.07 46.55 -28.05
C GLY UB 17 -24.94 45.39 -27.59
N TYR UB 18 -24.74 44.22 -28.20
CA TYR UB 18 -25.44 43.02 -27.75
C TYR UB 18 -25.04 42.62 -26.34
N MET UB 19 -23.76 42.75 -26.01
CA MET UB 19 -23.28 42.38 -24.68
C MET UB 19 -23.94 43.21 -23.59
N VAL UB 20 -24.14 44.51 -23.84
CA VAL UB 20 -24.90 45.35 -22.90
C VAL UB 20 -26.35 44.87 -22.77
N THR UB 21 -27.06 44.70 -23.90
CA THR UB 21 -28.46 44.28 -23.80
C THR UB 21 -28.60 42.88 -23.20
N GLY UB 22 -27.67 41.99 -23.51
CA GLY UB 22 -27.67 40.69 -22.85
C GLY UB 22 -27.50 40.81 -21.35
N THR UB 23 -26.47 41.55 -20.93
CA THR UB 23 -26.22 41.79 -19.51
C THR UB 23 -27.41 42.46 -18.84
N LEU UB 24 -27.95 43.50 -19.45
CA LEU UB 24 -29.12 44.19 -18.91
C LEU UB 24 -30.32 43.26 -18.77
N GLY UB 25 -30.60 42.45 -19.79
CA GLY UB 25 -31.69 41.50 -19.69
C GLY UB 25 -31.49 40.49 -18.57
N TYR UB 26 -30.25 39.99 -18.43
CA TYR UB 26 -29.92 39.09 -17.34
C TYR UB 26 -30.10 39.75 -15.97
N VAL UB 27 -29.57 40.96 -15.81
CA VAL UB 27 -29.76 41.72 -14.57
C VAL UB 27 -31.24 42.00 -14.29
N VAL UB 28 -32.02 42.32 -15.33
CA VAL UB 28 -33.45 42.52 -15.15
C VAL UB 28 -34.12 41.27 -14.62
N VAL UB 29 -33.89 40.12 -15.26
CA VAL UB 29 -34.49 38.86 -14.82
C VAL UB 29 -34.07 38.52 -13.40
N ALA UB 30 -32.80 38.69 -13.08
CA ALA UB 30 -32.33 38.47 -11.71
C ALA UB 30 -32.98 39.43 -10.71
N SER UB 31 -33.14 40.70 -11.09
CA SER UB 31 -33.80 41.66 -10.21
C SER UB 31 -35.24 41.24 -9.88
N VAL UB 32 -35.99 40.79 -10.88
CA VAL UB 32 -37.32 40.25 -10.62
C VAL UB 32 -37.24 39.01 -9.74
N ALA UB 33 -36.32 38.10 -10.06
CA ALA UB 33 -36.12 36.90 -9.25
C ALA UB 33 -35.82 37.22 -7.78
N HIS UB 34 -34.97 38.21 -7.53
CA HIS UB 34 -34.71 38.62 -6.15
C HIS UB 34 -35.92 39.25 -5.47
N PHE UB 35 -36.67 40.09 -6.18
CA PHE UB 35 -37.83 40.70 -5.53
C PHE UB 35 -38.94 39.69 -5.28
N LEU UB 36 -39.11 38.70 -6.16
CA LEU UB 36 -39.97 37.57 -5.85
C LEU UB 36 -39.50 36.82 -4.60
N ALA UB 37 -38.21 36.49 -4.53
CA ALA UB 37 -37.69 35.82 -3.35
C ALA UB 37 -37.86 36.68 -2.09
N TRP UB 38 -37.60 37.97 -2.20
CA TRP UB 38 -37.79 38.87 -1.06
C TRP UB 38 -39.24 38.88 -0.60
N SER UB 39 -40.17 39.02 -1.54
CA SER UB 39 -41.59 39.01 -1.21
C SER UB 39 -42.01 37.72 -0.51
N TRP UB 40 -41.41 36.60 -0.90
CA TRP UB 40 -41.71 35.31 -0.30
C TRP UB 40 -41.04 35.10 1.06
N ARG UB 41 -39.77 35.47 1.20
CA ARG UB 41 -39.06 35.17 2.45
C ARG UB 41 -37.85 36.08 2.60
N PRO UB 42 -38.04 37.28 3.15
CA PRO UB 42 -36.95 38.26 3.21
C PRO UB 42 -35.74 37.75 3.98
N TRP UB 43 -34.55 38.17 3.53
CA TRP UB 43 -33.31 37.78 4.21
C TRP UB 43 -32.75 38.86 5.14
N PHE UB 44 -33.27 40.09 5.08
CA PHE UB 44 -33.02 41.07 6.15
C PHE UB 44 -34.34 41.53 6.75
N GLY VB 6 4.43 46.22 -28.93
CA GLY VB 6 4.02 46.60 -27.59
C GLY VB 6 3.02 47.72 -27.58
N MET VB 7 3.26 48.75 -26.76
CA MET VB 7 2.44 49.95 -26.78
C MET VB 7 3.31 51.19 -26.54
N THR VB 8 2.85 52.31 -27.10
CA THR VB 8 3.47 53.62 -26.94
C THR VB 8 3.12 54.20 -25.57
N GLU VB 9 3.82 55.28 -25.21
CA GLU VB 9 3.38 56.07 -24.05
C GLU VB 9 1.96 56.57 -24.22
N GLU VB 10 1.57 56.97 -25.43
CA GLU VB 10 0.21 57.46 -25.64
C GLU VB 10 -0.81 56.37 -25.33
N GLU VB 11 -0.58 55.16 -25.83
CA GLU VB 11 -1.46 54.04 -25.52
C GLU VB 11 -1.42 53.69 -24.05
N ALA VB 12 -0.24 53.75 -23.43
CA ALA VB 12 -0.13 53.51 -21.99
C ALA VB 12 -0.92 54.54 -21.20
N ARG VB 13 -0.74 55.81 -21.54
CA ARG VB 13 -1.46 56.91 -20.87
C ARG VB 13 -2.96 56.80 -21.08
N ARG VB 14 -3.41 56.39 -22.26
CA ARG VB 14 -4.83 56.16 -22.50
C ARG VB 14 -5.36 55.01 -21.64
N PHE VB 15 -4.66 53.88 -21.62
CA PHE VB 15 -5.07 52.76 -20.78
C PHE VB 15 -5.10 53.14 -19.30
N HIS VB 16 -4.06 53.84 -18.84
CA HIS VB 16 -3.97 54.25 -17.44
C HIS VB 16 -5.17 55.07 -17.00
N GLY VB 17 -5.70 55.93 -17.87
CA GLY VB 17 -6.90 56.67 -17.53
C GLY VB 17 -8.11 55.78 -17.26
N TYR VB 18 -8.36 54.81 -18.14
CA TYR VB 18 -9.43 53.85 -17.89
C TYR VB 18 -9.17 53.03 -16.62
N MET VB 19 -7.93 52.57 -16.42
CA MET VB 19 -7.61 51.77 -15.25
C MET VB 19 -7.82 52.53 -13.94
N VAL VB 20 -7.35 53.77 -13.86
CA VAL VB 20 -7.52 54.57 -12.65
C VAL VB 20 -9.00 54.83 -12.37
N THR VB 21 -9.75 55.23 -13.40
CA THR VB 21 -11.17 55.53 -13.20
C THR VB 21 -11.98 54.27 -12.89
N GLY VB 22 -11.61 53.15 -13.50
CA GLY VB 22 -12.27 51.89 -13.17
C GLY VB 22 -12.03 51.46 -11.73
N THR VB 23 -10.80 51.61 -11.25
CA THR VB 23 -10.48 51.31 -9.86
C THR VB 23 -11.27 52.19 -8.91
N LEU VB 24 -11.24 53.50 -9.11
CA LEU VB 24 -11.94 54.42 -8.22
C LEU VB 24 -13.45 54.22 -8.26
N GLY VB 25 -14.01 53.95 -9.45
CA GLY VB 25 -15.42 53.60 -9.54
C GLY VB 25 -15.79 52.38 -8.72
N TYR VB 26 -14.98 51.32 -8.83
CA TYR VB 26 -15.18 50.12 -8.02
C TYR VB 26 -15.10 50.41 -6.53
N VAL VB 27 -14.13 51.22 -6.11
CA VAL VB 27 -13.99 51.59 -4.70
C VAL VB 27 -15.19 52.41 -4.20
N VAL VB 28 -15.77 53.25 -5.07
CA VAL VB 28 -16.99 53.97 -4.69
C VAL VB 28 -18.15 53.00 -4.46
N VAL VB 29 -18.34 52.04 -5.37
CA VAL VB 29 -19.42 51.07 -5.19
C VAL VB 29 -19.23 50.27 -3.91
N ALA VB 30 -17.99 49.86 -3.60
CA ALA VB 30 -17.71 49.17 -2.36
C ALA VB 30 -17.95 50.05 -1.13
N SER VB 31 -17.63 51.35 -1.24
CA SER VB 31 -17.91 52.27 -0.14
C SER VB 31 -19.40 52.34 0.20
N VAL VB 32 -20.26 52.35 -0.81
CA VAL VB 32 -21.70 52.36 -0.55
C VAL VB 32 -22.17 51.03 0.02
N ALA VB 33 -21.66 49.91 -0.48
CA ALA VB 33 -21.96 48.61 0.12
C ALA VB 33 -21.62 48.55 1.60
N HIS VB 34 -20.47 49.10 1.99
CA HIS VB 34 -20.12 49.15 3.41
C HIS VB 34 -21.04 50.07 4.21
N PHE VB 35 -21.43 51.21 3.64
CA PHE VB 35 -22.42 52.06 4.29
C PHE VB 35 -23.72 51.31 4.56
N LEU VB 36 -24.20 50.55 3.59
CA LEU VB 36 -25.39 49.73 3.80
C LEU VB 36 -25.17 48.65 4.87
N ALA VB 37 -24.04 47.94 4.79
CA ALA VB 37 -23.74 46.91 5.78
C ALA VB 37 -23.62 47.49 7.19
N TRP VB 38 -22.96 48.65 7.31
CA TRP VB 38 -22.83 49.29 8.61
C TRP VB 38 -24.18 49.70 9.20
N SER VB 39 -25.08 50.22 8.36
CA SER VB 39 -26.41 50.58 8.83
C SER VB 39 -27.23 49.37 9.26
N TRP VB 40 -27.03 48.22 8.62
CA TRP VB 40 -27.72 46.99 8.99
C TRP VB 40 -27.15 46.35 10.25
N ARG VB 41 -25.83 46.25 10.36
CA ARG VB 41 -25.22 45.52 11.48
C ARG VB 41 -23.78 45.95 11.68
N PRO VB 42 -23.54 47.01 12.43
CA PRO VB 42 -22.15 47.52 12.61
C PRO VB 42 -21.23 46.48 13.22
N TRP VB 43 -19.97 46.49 12.78
CA TRP VB 43 -18.98 45.55 13.28
C TRP VB 43 -18.08 46.13 14.38
N PHE VB 44 -18.09 47.43 14.61
CA PHE VB 44 -17.51 48.01 15.81
C PHE VB 44 -18.56 48.77 16.61
N GLY WB 6 18.89 46.50 -18.99
CA GLY WB 6 18.54 47.17 -17.75
C GLY WB 6 18.17 48.64 -17.93
N MET WB 7 17.87 49.30 -16.81
CA MET WB 7 17.52 50.72 -16.84
C MET WB 7 18.72 51.58 -17.20
N THR WB 8 18.44 52.76 -17.76
CA THR WB 8 19.34 53.89 -17.61
C THR WB 8 19.28 54.40 -16.17
N GLU WB 9 20.33 55.09 -15.76
CA GLU WB 9 20.32 55.69 -14.41
C GLU WB 9 19.30 56.83 -14.30
N GLU WB 10 18.97 57.50 -15.41
CA GLU WB 10 17.85 58.43 -15.37
C GLU WB 10 16.53 57.74 -15.04
N GLU WB 11 16.28 56.59 -15.66
CA GLU WB 11 15.07 55.84 -15.35
C GLU WB 11 15.09 55.28 -13.93
N ALA WB 12 16.27 54.91 -13.43
CA ALA WB 12 16.38 54.55 -12.02
C ALA WB 12 15.96 55.70 -11.10
N ARG WB 13 16.43 56.91 -11.39
CA ARG WB 13 16.00 58.08 -10.62
C ARG WB 13 14.50 58.32 -10.74
N ARG WB 14 13.97 58.26 -11.96
CA ARG WB 14 12.55 58.52 -12.16
C ARG WB 14 11.69 57.50 -11.43
N PHE WB 15 12.04 56.21 -11.54
CA PHE WB 15 11.33 55.16 -10.83
C PHE WB 15 11.42 55.33 -9.32
N HIS WB 16 12.62 55.66 -8.81
CA HIS WB 16 12.83 55.76 -7.36
C HIS WB 16 11.92 56.78 -6.70
N GLY WB 17 11.61 57.89 -7.38
CA GLY WB 17 10.73 58.88 -6.79
C GLY WB 17 9.32 58.39 -6.57
N TYR WB 18 8.76 57.67 -7.55
CA TYR WB 18 7.46 57.02 -7.34
C TYR WB 18 7.53 55.97 -6.23
N MET WB 19 8.61 55.21 -6.17
CA MET WB 19 8.76 54.18 -5.15
C MET WB 19 8.79 54.77 -3.73
N VAL WB 20 9.51 55.87 -3.54
CA VAL WB 20 9.50 56.56 -2.25
C VAL WB 20 8.10 57.07 -1.89
N THR WB 21 7.41 57.72 -2.82
CA THR WB 21 6.07 58.20 -2.51
C THR WB 21 5.08 57.06 -2.29
N GLY WB 22 5.22 55.96 -3.05
CA GLY WB 22 4.36 54.82 -2.81
C GLY WB 22 4.58 54.20 -1.44
N THR WB 23 5.85 53.99 -1.09
CA THR WB 23 6.19 53.50 0.24
C THR WB 23 5.71 54.44 1.34
N LEU WB 24 5.91 55.75 1.17
CA LEU WB 24 5.47 56.70 2.18
C LEU WB 24 3.95 56.71 2.33
N GLY WB 25 3.22 56.81 1.23
CA GLY WB 25 1.76 56.82 1.30
C GLY WB 25 1.21 55.58 1.95
N TYR WB 26 1.79 54.43 1.62
CA TYR WB 26 1.40 53.16 2.23
C TYR WB 26 1.68 53.14 3.74
N VAL WB 27 2.86 53.60 4.15
CA VAL WB 27 3.19 53.71 5.57
C VAL WB 27 2.28 54.69 6.31
N VAL WB 28 1.87 55.78 5.64
CA VAL WB 28 0.91 56.69 6.25
C VAL WB 28 -0.43 56.01 6.49
N VAL WB 29 -0.96 55.33 5.48
CA VAL WB 29 -2.23 54.61 5.64
C VAL WB 29 -2.13 53.58 6.76
N ALA WB 30 -1.02 52.83 6.80
CA ALA WB 30 -0.82 51.86 7.87
C ALA WB 30 -0.75 52.52 9.25
N SER WB 31 -0.11 53.68 9.33
CA SER WB 31 0.00 54.39 10.61
C SER WB 31 -1.37 54.85 11.12
N VAL WB 32 -2.21 55.39 10.23
CA VAL WB 32 -3.58 55.73 10.62
C VAL WB 32 -4.37 54.49 10.99
N ALA WB 33 -4.24 53.42 10.20
CA ALA WB 33 -4.91 52.17 10.53
C ALA WB 33 -4.52 51.64 11.90
N HIS WB 34 -3.22 51.69 12.24
CA HIS WB 34 -2.80 51.27 13.58
C HIS WB 34 -3.35 52.17 14.67
N PHE WB 35 -3.38 53.49 14.45
CA PHE WB 35 -3.89 54.36 15.49
C PHE WB 35 -5.39 54.23 15.68
N LEU WB 36 -6.14 53.97 14.61
CA LEU WB 36 -7.54 53.58 14.77
C LEU WB 36 -7.67 52.30 15.60
N ALA WB 37 -6.88 51.28 15.27
CA ALA WB 37 -6.93 50.03 16.02
C ALA WB 37 -6.53 50.24 17.48
N TRP WB 38 -5.49 51.04 17.72
CA TRP WB 38 -5.06 51.31 19.10
C TRP WB 38 -6.13 52.02 19.91
N SER WB 39 -6.82 52.99 19.30
CA SER WB 39 -7.88 53.71 20.00
C SER WB 39 -9.06 52.81 20.35
N TRP WB 40 -9.34 51.82 19.52
CA TRP WB 40 -10.47 50.92 19.77
C TRP WB 40 -10.13 49.81 20.74
N ARG WB 41 -8.95 49.22 20.62
CA ARG WB 41 -8.62 48.09 21.47
C ARG WB 41 -7.11 47.95 21.58
N PRO WB 42 -6.47 48.71 22.47
CA PRO WB 42 -5.00 48.71 22.53
C PRO WB 42 -4.43 47.37 22.96
N TRP WB 43 -3.27 47.03 22.38
CA TRP WB 43 -2.66 45.74 22.61
C TRP WB 43 -1.54 45.76 23.65
N PHE WB 44 -1.08 46.93 24.08
CA PHE WB 44 -0.24 47.04 25.28
C PHE WB 44 -0.90 47.93 26.32
N GLY XB 6 32.49 40.55 -13.46
CA GLY XB 6 32.37 40.79 -12.03
C GLY XB 6 32.92 42.13 -11.59
N MET XB 7 32.77 42.42 -10.31
CA MET XB 7 33.15 43.73 -9.76
C MET XB 7 34.64 44.02 -9.93
N THR XB 8 34.95 45.28 -10.22
CA THR XB 8 36.24 45.85 -9.88
C THR XB 8 36.32 46.06 -8.37
N GLU XB 9 37.56 46.18 -7.87
CA GLU XB 9 37.73 46.47 -6.45
C GLU XB 9 37.17 47.84 -6.07
N GLU XB 10 37.10 48.77 -7.03
CA GLU XB 10 36.42 50.04 -6.77
C GLU XB 10 34.94 49.83 -6.50
N GLU XB 11 34.27 49.02 -7.35
CA GLU XB 11 32.87 48.72 -7.11
C GLU XB 11 32.67 48.01 -5.78
N ALA XB 12 33.57 47.06 -5.46
CA ALA XB 12 33.47 46.32 -4.21
C ALA XB 12 33.59 47.24 -3.00
N ARG XB 13 34.54 48.17 -3.03
CA ARG XB 13 34.71 49.13 -1.94
C ARG XB 13 33.50 50.06 -1.83
N ARG XB 14 32.94 50.50 -2.96
CA ARG XB 14 31.73 51.30 -2.92
C ARG XB 14 30.56 50.54 -2.28
N PHE XB 15 30.34 49.30 -2.73
CA PHE XB 15 29.26 48.50 -2.16
C PHE XB 15 29.46 48.22 -0.68
N HIS XB 16 30.69 47.93 -0.28
CA HIS XB 16 30.99 47.70 1.14
C HIS XB 16 30.53 48.86 2.02
N GLY XB 17 30.70 50.10 1.55
CA GLY XB 17 30.23 51.24 2.32
C GLY XB 17 28.73 51.21 2.56
N TYR XB 18 27.95 50.96 1.50
CA TYR XB 18 26.51 50.79 1.66
C TYR XB 18 26.16 49.60 2.55
N MET XB 19 26.83 48.47 2.31
CA MET XB 19 26.53 47.24 3.03
C MET XB 19 26.77 47.36 4.53
N VAL XB 20 27.93 47.93 4.92
CA VAL XB 20 28.20 48.15 6.34
C VAL XB 20 27.23 49.15 6.95
N THR XB 21 26.94 50.24 6.22
CA THR XB 21 26.03 51.25 6.76
C THR XB 21 24.63 50.69 6.96
N GLY XB 22 24.12 49.93 5.99
CA GLY XB 22 22.80 49.36 6.12
C GLY XB 22 22.72 48.33 7.23
N THR XB 23 23.74 47.48 7.35
CA THR XB 23 23.80 46.52 8.44
C THR XB 23 23.75 47.21 9.81
N LEU XB 24 24.60 48.21 10.02
CA LEU XB 24 24.62 48.91 11.30
C LEU XB 24 23.35 49.73 11.53
N GLY XB 25 22.75 50.26 10.47
CA GLY XB 25 21.45 50.90 10.62
C GLY XB 25 20.37 49.93 11.07
N TYR XB 26 20.36 48.74 10.49
CA TYR XB 26 19.41 47.71 10.89
C TYR XB 26 19.63 47.27 12.34
N VAL XB 27 20.89 47.06 12.73
CA VAL XB 27 21.20 46.70 14.12
C VAL XB 27 20.81 47.80 15.10
N VAL XB 28 20.92 49.07 14.69
CA VAL XB 28 20.48 50.18 15.54
C VAL XB 28 18.97 50.18 15.73
N VAL XB 29 18.20 50.02 14.65
CA VAL XB 29 16.75 49.93 14.79
C VAL XB 29 16.35 48.74 15.65
N ALA XB 30 17.00 47.59 15.46
CA ALA XB 30 16.74 46.44 16.32
C ALA XB 30 17.14 46.70 17.77
N SER XB 31 18.16 47.52 18.02
CA SER XB 31 18.49 47.91 19.38
C SER XB 31 17.39 48.72 20.04
N VAL XB 32 16.78 49.66 19.31
CA VAL XB 32 15.65 50.41 19.86
C VAL XB 32 14.45 49.50 20.08
N ALA XB 33 14.18 48.57 19.16
CA ALA XB 33 13.12 47.59 19.39
C ALA XB 33 13.33 46.79 20.67
N HIS XB 34 14.56 46.32 20.91
CA HIS XB 34 14.83 45.60 22.16
C HIS XB 34 14.75 46.50 23.39
N PHE XB 35 15.15 47.76 23.26
CA PHE XB 35 14.97 48.71 24.36
C PHE XB 35 13.50 48.86 24.73
N LEU XB 36 12.63 48.99 23.72
CA LEU XB 36 11.20 49.09 23.96
C LEU XB 36 10.62 47.78 24.52
N ALA XB 37 10.98 46.64 23.92
CA ALA XB 37 10.54 45.36 24.43
C ALA XB 37 10.96 45.12 25.87
N TRP XB 38 12.23 45.43 26.20
CA TRP XB 38 12.68 45.27 27.58
C TRP XB 38 11.93 46.18 28.54
N SER XB 39 11.69 47.42 28.14
CA SER XB 39 10.94 48.35 29.00
C SER XB 39 9.50 47.91 29.21
N TRP XB 40 8.93 47.16 28.26
CA TRP XB 40 7.57 46.67 28.42
C TRP XB 40 7.50 45.39 29.25
N ARG XB 41 8.40 44.43 28.99
CA ARG XB 41 8.34 43.15 29.69
C ARG XB 41 9.70 42.46 29.69
N PRO XB 42 10.53 42.72 30.69
CA PRO XB 42 11.89 42.15 30.70
C PRO XB 42 11.89 40.63 30.71
N TRP XB 43 12.82 40.03 29.97
CA TRP XB 43 12.93 38.59 29.90
C TRP XB 43 13.95 38.00 30.88
N PHE XB 44 14.79 38.83 31.50
CA PHE XB 44 15.55 38.41 32.68
C PHE XB 44 15.22 39.31 33.87
N GLY YB 6 42.34 29.85 -8.87
CA GLY YB 6 42.20 29.84 -7.44
C GLY YB 6 43.02 30.90 -6.73
N MET YB 7 43.11 30.78 -5.41
CA MET YB 7 43.94 31.68 -4.62
C MET YB 7 45.42 31.54 -5.00
N THR YB 8 46.11 32.69 -5.08
CA THR YB 8 47.56 32.67 -4.89
C THR YB 8 47.88 32.42 -3.42
N GLU YB 9 49.12 31.99 -3.16
CA GLU YB 9 49.57 31.87 -1.77
C GLU YB 9 49.73 33.22 -1.08
N GLU YB 10 49.93 34.30 -1.83
CA GLU YB 10 49.91 35.63 -1.23
C GLU YB 10 48.51 36.02 -0.77
N GLU YB 11 47.51 35.81 -1.62
CA GLU YB 11 46.12 36.03 -1.21
C GLU YB 11 45.72 35.12 -0.06
N ALA YB 12 46.15 33.86 -0.09
CA ALA YB 12 45.78 32.91 0.97
C ALA YB 12 46.23 33.39 2.35
N ARG YB 13 47.43 33.96 2.44
CA ARG YB 13 47.90 34.50 3.71
C ARG YB 13 47.14 35.77 4.10
N ARG YB 14 46.82 36.63 3.12
CA ARG YB 14 46.00 37.81 3.42
C ARG YB 14 44.62 37.41 3.91
N PHE YB 15 44.00 36.45 3.23
CA PHE YB 15 42.68 35.94 3.63
C PHE YB 15 42.73 35.34 5.03
N HIS YB 16 43.75 34.53 5.31
CA HIS YB 16 43.91 33.92 6.63
C HIS YB 16 43.99 34.96 7.75
N GLY YB 17 44.58 36.12 7.49
CA GLY YB 17 44.60 37.17 8.50
C GLY YB 17 43.22 37.65 8.91
N TYR YB 18 42.34 37.88 7.94
CA TYR YB 18 40.96 38.23 8.25
C TYR YB 18 40.21 37.07 8.89
N MET YB 19 40.41 35.85 8.41
CA MET YB 19 39.70 34.70 8.96
C MET YB 19 40.05 34.47 10.43
N VAL YB 20 41.33 34.59 10.78
CA VAL YB 20 41.74 34.51 12.18
C VAL YB 20 41.13 35.64 13.01
N THR YB 21 41.13 36.86 12.46
CA THR YB 21 40.63 38.00 13.23
C THR YB 21 39.11 37.94 13.40
N GLY YB 22 38.39 37.45 12.40
CA GLY YB 22 36.97 37.19 12.59
C GLY YB 22 36.71 36.08 13.58
N THR YB 23 37.48 35.00 13.49
CA THR YB 23 37.37 33.91 14.46
C THR YB 23 37.64 34.38 15.88
N LEU YB 24 38.65 35.23 16.06
CA LEU YB 24 38.93 35.79 17.38
C LEU YB 24 37.79 36.68 17.87
N GLY YB 25 37.29 37.56 17.01
CA GLY YB 25 36.15 38.40 17.41
C GLY YB 25 34.94 37.59 17.81
N TYR YB 26 34.64 36.54 17.04
CA TYR YB 26 33.53 35.65 17.35
C TYR YB 26 33.71 34.93 18.69
N VAL YB 27 34.91 34.38 18.93
CA VAL YB 27 35.21 33.76 20.22
C VAL YB 27 35.10 34.76 21.36
N VAL YB 28 35.53 36.01 21.15
CA VAL YB 28 35.37 37.03 22.19
C VAL YB 28 33.90 37.25 22.52
N VAL YB 29 33.06 37.46 21.50
CA VAL YB 29 31.64 37.69 21.75
C VAL YB 29 31.02 36.49 22.45
N ALA YB 30 31.32 35.28 21.97
CA ALA YB 30 30.76 34.08 22.58
C ALA YB 30 31.17 33.93 24.04
N SER YB 31 32.43 34.23 24.36
CA SER YB 31 32.89 34.09 25.74
C SER YB 31 32.28 35.13 26.67
N VAL YB 32 32.05 36.35 26.19
CA VAL YB 32 31.24 37.31 26.95
C VAL YB 32 29.83 36.80 27.15
N ALA YB 33 29.21 36.28 26.09
CA ALA YB 33 27.88 35.70 26.20
C ALA YB 33 27.82 34.58 27.22
N HIS YB 34 28.80 33.68 27.21
CA HIS YB 34 28.85 32.62 28.23
C HIS YB 34 29.00 33.16 29.64
N PHE YB 35 29.83 34.19 29.84
CA PHE YB 35 29.97 34.70 31.20
C PHE YB 35 28.74 35.46 31.66
N LEU YB 36 28.02 36.11 30.75
CA LEU YB 36 26.70 36.63 31.08
C LEU YB 36 25.74 35.52 31.48
N ALA YB 37 25.66 34.47 30.65
CA ALA YB 37 24.81 33.33 30.97
C ALA YB 37 25.21 32.68 32.30
N TRP YB 38 26.52 32.51 32.52
CA TRP YB 38 26.99 31.92 33.77
C TRP YB 38 26.57 32.75 34.98
N SER YB 39 26.74 34.06 34.92
CA SER YB 39 26.38 34.92 36.04
C SER YB 39 24.88 34.89 36.34
N TRP YB 40 24.06 34.65 35.32
CA TRP YB 40 22.62 34.60 35.50
C TRP YB 40 22.15 33.24 36.03
N ARG YB 41 22.71 32.13 35.52
CA ARG YB 41 22.22 30.82 35.91
C ARG YB 41 23.30 29.77 35.66
N PRO YB 42 24.22 29.56 36.62
CA PRO YB 42 25.33 28.63 36.41
C PRO YB 42 24.86 27.22 36.09
N TRP YB 43 25.57 26.55 35.17
CA TRP YB 43 25.26 25.17 34.82
C TRP YB 43 26.11 24.14 35.57
N PHE YB 44 27.16 24.57 36.28
CA PHE YB 44 27.81 23.71 37.27
C PHE YB 44 27.83 24.41 38.62
N GLY ZB 6 47.57 13.66 -7.66
CA GLY ZB 6 48.26 13.26 -6.45
C GLY ZB 6 49.21 14.31 -5.92
N MET ZB 7 50.27 13.86 -5.25
CA MET ZB 7 51.30 14.76 -4.73
C MET ZB 7 52.61 13.99 -4.60
N THR ZB 8 53.71 14.75 -4.49
CA THR ZB 8 55.03 14.18 -4.32
C THR ZB 8 55.23 13.66 -2.90
N GLU ZB 9 56.29 12.85 -2.72
CA GLU ZB 9 56.71 12.47 -1.37
C GLU ZB 9 57.16 13.69 -0.57
N GLU ZB 10 57.62 14.74 -1.25
CA GLU ZB 10 58.02 15.98 -0.57
C GLU ZB 10 56.79 16.71 -0.02
N GLU ZB 11 55.72 16.78 -0.79
CA GLU ZB 11 54.47 17.33 -0.28
C GLU ZB 11 53.88 16.44 0.81
N ALA ZB 12 53.94 15.13 0.63
CA ALA ZB 12 53.40 14.20 1.62
C ALA ZB 12 54.09 14.35 2.97
N ARG ZB 13 55.41 14.47 2.99
CA ARG ZB 13 56.12 14.75 4.23
C ARG ZB 13 55.67 16.05 4.86
N ARG ZB 14 55.49 17.11 4.06
CA ARG ZB 14 55.05 18.39 4.62
C ARG ZB 14 53.65 18.30 5.20
N PHE ZB 15 52.72 17.66 4.47
CA PHE ZB 15 51.36 17.50 4.98
C PHE ZB 15 51.34 16.64 6.24
N HIS ZB 16 52.04 15.51 6.23
CA HIS ZB 16 52.12 14.63 7.39
C HIS ZB 16 52.57 15.36 8.65
N GLY ZB 17 53.56 16.25 8.52
CA GLY ZB 17 54.04 16.97 9.70
C GLY ZB 17 52.97 17.83 10.34
N TYR ZB 18 52.18 18.54 9.53
CA TYR ZB 18 51.03 19.27 10.05
C TYR ZB 18 49.98 18.32 10.62
N MET ZB 19 49.68 17.23 9.90
CA MET ZB 19 48.62 16.32 10.31
C MET ZB 19 48.93 15.64 11.64
N VAL ZB 20 50.17 15.20 11.84
CA VAL ZB 20 50.56 14.65 13.14
C VAL ZB 20 50.47 15.71 14.24
N THR ZB 21 51.04 16.88 13.99
CA THR ZB 21 50.99 17.96 14.99
C THR ZB 21 49.55 18.34 15.33
N GLY ZB 22 48.69 18.46 14.32
CA GLY ZB 22 47.30 18.81 14.56
C GLY ZB 22 46.53 17.73 15.31
N THR ZB 23 46.75 16.47 14.95
CA THR ZB 23 46.18 15.35 15.70
C THR ZB 23 46.61 15.38 17.16
N LEU ZB 24 47.91 15.52 17.41
CA LEU ZB 24 48.40 15.56 18.78
C LEU ZB 24 47.87 16.77 19.54
N GLY ZB 25 47.74 17.92 18.86
CA GLY ZB 25 47.09 19.06 19.48
C GLY ZB 25 45.66 18.78 19.89
N TYR ZB 26 44.89 18.14 19.02
CA TYR ZB 26 43.51 17.78 19.35
C TYR ZB 26 43.44 16.83 20.55
N VAL ZB 27 44.31 15.82 20.59
CA VAL ZB 27 44.34 14.89 21.71
C VAL ZB 27 44.75 15.57 23.01
N VAL ZB 28 45.67 16.53 22.95
CA VAL ZB 28 46.04 17.30 24.13
C VAL ZB 28 44.85 18.10 24.68
N VAL ZB 29 44.13 18.80 23.80
CA VAL ZB 29 42.96 19.56 24.25
C VAL ZB 29 41.88 18.64 24.80
N ALA ZB 30 41.65 17.49 24.14
CA ALA ZB 30 40.73 16.50 24.69
C ALA ZB 30 41.18 15.96 26.03
N SER ZB 31 42.49 15.85 26.25
CA SER ZB 31 42.99 15.43 27.56
C SER ZB 31 42.62 16.42 28.66
N VAL ZB 32 42.74 17.71 28.38
CA VAL ZB 32 42.34 18.72 29.36
C VAL ZB 32 40.83 18.69 29.62
N ALA ZB 33 40.03 18.54 28.57
CA ALA ZB 33 38.59 18.39 28.74
C ALA ZB 33 38.23 17.19 29.61
N HIS ZB 34 38.93 16.06 29.45
CA HIS ZB 34 38.70 14.93 30.34
C HIS ZB 34 39.21 15.18 31.75
N PHE ZB 35 40.33 15.87 31.91
CA PHE ZB 35 40.77 16.27 33.24
C PHE ZB 35 39.71 17.11 33.94
N LEU ZB 36 39.14 18.08 33.23
CA LEU ZB 36 38.11 18.94 33.81
C LEU ZB 36 36.81 18.18 34.08
N ALA ZB 37 36.38 17.33 33.15
CA ALA ZB 37 35.21 16.48 33.38
C ALA ZB 37 35.42 15.51 34.55
N TRP ZB 38 36.61 14.90 34.65
CA TRP ZB 38 36.86 13.98 35.75
C TRP ZB 38 36.76 14.66 37.11
N SER ZB 39 37.39 15.82 37.25
CA SER ZB 39 37.34 16.53 38.52
C SER ZB 39 35.97 17.11 38.83
N TRP ZB 40 35.12 17.30 37.82
CA TRP ZB 40 33.71 17.64 38.06
C TRP ZB 40 32.90 16.43 38.54
N ARG ZB 41 33.01 15.30 37.86
CA ARG ZB 41 32.12 14.18 38.14
C ARG ZB 41 32.73 12.88 37.64
N PRO ZB 42 33.57 12.22 38.44
CA PRO ZB 42 34.27 11.01 37.97
C PRO ZB 42 33.31 9.92 37.54
N TRP ZB 43 33.69 9.18 36.51
CA TRP ZB 43 32.87 8.07 36.03
C TRP ZB 43 33.31 6.70 36.55
N PHE ZB 44 34.47 6.60 37.19
CA PHE ZB 44 34.81 5.42 37.99
C PHE ZB 44 35.14 5.82 39.42
N GLY AC 6 49.63 -2.07 -9.71
CA GLY AC 6 50.24 -3.07 -8.85
C GLY AC 6 51.21 -2.48 -7.84
N MET AC 7 52.03 -3.34 -7.25
CA MET AC 7 53.02 -2.90 -6.27
C MET AC 7 54.26 -3.78 -6.38
N THR AC 8 55.42 -3.22 -6.05
CA THR AC 8 56.65 -4.00 -6.01
C THR AC 8 56.76 -4.76 -4.70
N GLU AC 9 57.54 -5.85 -4.74
CA GLU AC 9 57.81 -6.62 -3.52
C GLU AC 9 58.64 -5.83 -2.52
N GLU AC 10 59.45 -4.87 -2.98
CA GLU AC 10 60.15 -3.98 -2.05
C GLU AC 10 59.19 -3.04 -1.34
N GLU AC 11 58.18 -2.52 -2.05
CA GLU AC 11 57.15 -1.71 -1.40
C GLU AC 11 56.35 -2.52 -0.39
N ALA AC 12 55.97 -3.75 -0.76
CA ALA AC 12 55.24 -4.61 0.16
C ALA AC 12 56.03 -4.89 1.43
N ARG AC 13 57.32 -5.23 1.29
CA ARG AC 13 58.16 -5.42 2.46
C ARG AC 13 58.24 -4.16 3.32
N ARG AC 14 58.29 -2.98 2.69
CA ARG AC 14 58.28 -1.72 3.44
C ARG AC 14 56.95 -1.51 4.15
N PHE AC 15 55.83 -1.66 3.41
CA PHE AC 15 54.51 -1.46 3.99
C PHE AC 15 54.23 -2.44 5.13
N HIS AC 16 54.62 -3.71 4.96
CA HIS AC 16 54.40 -4.72 5.99
C HIS AC 16 55.04 -4.33 7.32
N GLY AC 17 56.20 -3.70 7.30
CA GLY AC 17 56.84 -3.28 8.54
C GLY AC 17 56.02 -2.30 9.36
N TYR AC 18 55.43 -1.29 8.70
CA TYR AC 18 54.53 -0.38 9.39
C TYR AC 18 53.23 -1.06 9.81
N MET AC 19 52.68 -1.91 8.95
CA MET AC 19 51.43 -2.60 9.27
C MET AC 19 51.59 -3.51 10.48
N VAL AC 20 52.70 -4.22 10.58
CA VAL AC 20 52.98 -5.02 11.76
C VAL AC 20 53.22 -4.14 12.99
N THR AC 21 53.96 -3.04 12.83
CA THR AC 21 54.23 -2.16 13.97
C THR AC 21 52.94 -1.52 14.47
N GLY AC 22 52.05 -1.11 13.56
CA GLY AC 22 50.77 -0.56 13.97
C GLY AC 22 49.89 -1.57 14.68
N THR AC 23 49.82 -2.79 14.13
CA THR AC 23 49.09 -3.87 14.77
C THR AC 23 49.61 -4.16 16.17
N LEU AC 24 50.93 -4.22 16.34
CA LEU AC 24 51.51 -4.43 17.67
C LEU AC 24 51.17 -3.30 18.63
N GLY AC 25 51.33 -2.04 18.18
CA GLY AC 25 50.97 -0.92 19.04
C GLY AC 25 49.51 -0.93 19.45
N TYR AC 26 48.62 -1.26 18.52
CA TYR AC 26 47.19 -1.38 18.81
C TYR AC 26 46.90 -2.48 19.83
N VAL AC 27 47.50 -3.66 19.63
CA VAL AC 27 47.36 -4.76 20.59
C VAL AC 27 47.90 -4.40 21.97
N VAL AC 28 49.01 -3.67 22.03
CA VAL AC 28 49.52 -3.20 23.32
C VAL AC 28 48.52 -2.27 24.01
N VAL AC 29 48.03 -1.26 23.29
CA VAL AC 29 47.06 -0.34 23.89
C VAL AC 29 45.80 -1.07 24.34
N ALA AC 30 45.32 -2.02 23.53
CA ALA AC 30 44.19 -2.84 23.95
C ALA AC 30 44.51 -3.69 25.18
N SER AC 31 45.72 -4.24 25.27
CA SER AC 31 46.09 -5.05 26.43
C SER AC 31 46.12 -4.24 27.72
N VAL AC 32 46.60 -3.00 27.66
CA VAL AC 32 46.49 -2.12 28.82
C VAL AC 32 45.04 -1.77 29.13
N ALA AC 33 44.25 -1.47 28.10
CA ALA AC 33 42.83 -1.19 28.30
C ALA AC 33 42.10 -2.35 28.97
N HIS AC 34 42.37 -3.59 28.52
CA HIS AC 34 41.75 -4.75 29.15
C HIS AC 34 42.20 -4.95 30.58
N PHE AC 35 43.50 -4.79 30.86
CA PHE AC 35 43.95 -5.00 32.23
C PHE AC 35 43.44 -3.92 33.18
N LEU AC 36 43.33 -2.69 32.69
CA LEU AC 36 42.63 -1.65 33.45
C LEU AC 36 41.19 -2.06 33.74
N ALA AC 37 40.46 -2.50 32.71
CA ALA AC 37 39.09 -2.94 32.91
C ALA AC 37 39.00 -4.13 33.86
N TRP AC 38 39.90 -5.11 33.69
CA TRP AC 38 39.93 -6.24 34.61
C TRP AC 38 40.13 -5.82 36.05
N SER AC 39 41.04 -4.88 36.29
CA SER AC 39 41.31 -4.43 37.65
C SER AC 39 40.10 -3.74 38.27
N TRP AC 40 39.34 -3.01 37.46
CA TRP AC 40 38.15 -2.32 37.92
C TRP AC 40 36.95 -3.24 38.12
N ARG AC 41 36.76 -4.22 37.24
CA ARG AC 41 35.56 -5.06 37.33
C ARG AC 41 35.76 -6.36 36.58
N PRO AC 42 36.38 -7.37 37.20
CA PRO AC 42 36.68 -8.63 36.48
C PRO AC 42 35.43 -9.29 35.93
N TRP AC 43 35.57 -9.92 34.76
CA TRP AC 43 34.48 -10.68 34.16
C TRP AC 43 34.58 -12.19 34.37
N PHE AC 44 35.69 -12.69 34.90
CA PHE AC 44 35.73 -14.05 35.47
C PHE AC 44 36.15 -13.99 36.94
N GLY BC 6 46.43 -16.59 -13.69
CA GLY BC 6 46.43 -17.73 -12.79
C GLY BC 6 47.73 -17.89 -12.01
N MET BC 7 48.10 -19.13 -11.74
CA MET BC 7 49.32 -19.44 -10.98
C MET BC 7 50.13 -20.52 -11.68
N THR BC 8 51.46 -20.40 -11.57
CA THR BC 8 52.33 -21.52 -11.88
C THR BC 8 52.23 -22.56 -10.78
N GLU BC 9 52.59 -23.81 -11.09
CA GLU BC 9 52.54 -24.85 -10.07
C GLU BC 9 53.49 -24.57 -8.91
N GLU BC 10 54.68 -24.00 -9.17
CA GLU BC 10 55.59 -23.74 -8.06
C GLU BC 10 55.12 -22.57 -7.22
N GLU BC 11 54.32 -21.68 -7.81
CA GLU BC 11 53.69 -20.58 -7.09
C GLU BC 11 52.53 -21.09 -6.23
N ALA BC 12 51.75 -22.01 -6.77
CA ALA BC 12 50.75 -22.74 -5.97
C ALA BC 12 51.39 -23.55 -4.86
N ARG BC 13 52.47 -24.27 -5.17
CA ARG BC 13 53.25 -24.99 -4.17
C ARG BC 13 53.70 -24.08 -3.02
N ARG BC 14 54.23 -22.90 -3.36
CA ARG BC 14 54.67 -21.96 -2.32
C ARG BC 14 53.51 -21.51 -1.44
N PHE BC 15 52.40 -21.09 -2.06
CA PHE BC 15 51.24 -20.65 -1.31
C PHE BC 15 50.73 -21.74 -0.36
N HIS BC 16 50.65 -22.97 -0.86
CA HIS BC 16 50.13 -24.08 -0.06
C HIS BC 16 50.89 -24.25 1.25
N GLY BC 17 52.20 -24.01 1.24
CA GLY BC 17 52.96 -24.10 2.48
C GLY BC 17 52.50 -23.12 3.54
N TYR BC 18 52.34 -21.84 3.14
CA TYR BC 18 51.80 -20.85 4.06
C TYR BC 18 50.39 -21.21 4.50
N MET BC 19 49.56 -21.64 3.55
CA MET BC 19 48.16 -21.94 3.82
C MET BC 19 47.99 -23.07 4.84
N VAL BC 20 48.74 -24.17 4.66
CA VAL BC 20 48.72 -25.26 5.64
C VAL BC 20 49.23 -24.79 7.00
N THR BC 21 50.37 -24.10 7.02
CA THR BC 21 50.95 -23.68 8.29
C THR BC 21 50.06 -22.66 9.01
N GLY BC 22 49.47 -21.72 8.27
CA GLY BC 22 48.57 -20.76 8.89
C GLY BC 22 47.31 -21.39 9.44
N THR BC 23 46.73 -22.35 8.70
CA THR BC 23 45.60 -23.11 9.19
C THR BC 23 45.93 -23.85 10.48
N LEU BC 24 47.00 -24.64 10.47
CA LEU BC 24 47.37 -25.43 11.63
C LEU BC 24 47.76 -24.54 12.82
N GLY BC 25 48.40 -23.40 12.56
CA GLY BC 25 48.66 -22.45 13.63
C GLY BC 25 47.39 -21.92 14.27
N TYR BC 26 46.42 -21.55 13.45
CA TYR BC 26 45.14 -21.06 13.96
C TYR BC 26 44.38 -22.13 14.74
N VAL BC 27 44.41 -23.38 14.27
CA VAL BC 27 43.82 -24.49 15.00
C VAL BC 27 44.52 -24.73 16.34
N VAL BC 28 45.84 -24.56 16.38
CA VAL BC 28 46.59 -24.65 17.64
C VAL BC 28 46.15 -23.56 18.62
N VAL BC 29 46.00 -22.33 18.16
CA VAL BC 29 45.55 -21.25 19.05
C VAL BC 29 44.14 -21.52 19.56
N ALA BC 30 43.25 -21.98 18.68
CA ALA BC 30 41.90 -22.32 19.10
C ALA BC 30 41.87 -23.49 20.08
N SER BC 31 42.76 -24.46 19.89
CA SER BC 31 42.89 -25.56 20.84
C SER BC 31 43.22 -25.07 22.24
N VAL BC 32 44.10 -24.06 22.34
CA VAL BC 32 44.46 -23.50 23.64
C VAL BC 32 43.32 -22.68 24.23
N ALA BC 33 42.60 -21.92 23.40
CA ALA BC 33 41.41 -21.24 23.87
C ALA BC 33 40.37 -22.21 24.44
N HIS BC 34 40.22 -23.38 23.83
CA HIS BC 34 39.34 -24.39 24.40
C HIS BC 34 39.89 -25.01 25.68
N PHE BC 35 41.20 -25.17 25.80
CA PHE BC 35 41.78 -25.59 27.07
C PHE BC 35 41.44 -24.60 28.18
N LEU BC 36 41.55 -23.30 27.89
CA LEU BC 36 41.21 -22.29 28.89
C LEU BC 36 39.72 -22.29 29.22
N ALA BC 37 38.87 -22.30 28.19
CA ALA BC 37 37.42 -22.39 28.42
C ALA BC 37 37.03 -23.65 29.19
N TRP BC 38 37.59 -24.79 28.82
CA TRP BC 38 37.27 -26.04 29.52
C TRP BC 38 37.69 -25.99 30.99
N SER BC 39 38.81 -25.35 31.29
CA SER BC 39 39.23 -25.21 32.68
C SER BC 39 38.31 -24.28 33.46
N TRP BC 40 37.82 -23.21 32.83
CA TRP BC 40 36.97 -22.25 33.51
C TRP BC 40 35.56 -22.78 33.74
N ARG BC 41 34.97 -23.47 32.75
CA ARG BC 41 33.58 -23.90 32.88
C ARG BC 41 33.28 -25.03 31.90
N PRO BC 42 33.62 -26.27 32.22
CA PRO BC 42 33.49 -27.36 31.24
C PRO BC 42 32.05 -27.62 30.84
N TRP BC 43 31.87 -28.02 29.58
CA TRP BC 43 30.54 -28.21 29.00
C TRP BC 43 30.07 -29.66 28.99
N PHE BC 44 30.92 -30.62 29.31
CA PHE BC 44 30.46 -31.97 29.64
C PHE BC 44 30.92 -32.37 31.04
N GLY CC 6 38.41 -28.41 -20.47
CA GLY CC 6 38.08 -29.12 -19.24
C GLY CC 6 39.26 -29.84 -18.62
N MET CC 7 39.07 -31.12 -18.32
CA MET CC 7 40.04 -31.92 -17.57
C MET CC 7 40.31 -33.22 -18.32
N THR CC 8 41.57 -33.66 -18.31
CA THR CC 8 41.95 -34.90 -18.96
C THR CC 8 41.71 -36.09 -18.02
N GLU CC 9 41.67 -37.30 -18.60
CA GLU CC 9 41.34 -38.48 -17.81
C GLU CC 9 42.37 -38.75 -16.71
N GLU CC 10 43.66 -38.70 -17.04
CA GLU CC 10 44.67 -38.96 -16.01
C GLU CC 10 44.68 -37.86 -14.96
N GLU CC 11 44.28 -36.66 -15.36
CA GLU CC 11 44.12 -35.55 -14.43
C GLU CC 11 42.90 -35.73 -13.54
N ALA CC 12 41.83 -36.30 -14.08
CA ALA CC 12 40.68 -36.74 -13.29
C ALA CC 12 41.03 -37.88 -12.33
N ARG CC 13 41.80 -38.86 -12.80
CA ARG CC 13 42.28 -39.92 -11.91
C ARG CC 13 43.03 -39.36 -10.71
N ARG CC 14 43.93 -38.41 -10.95
CA ARG CC 14 44.67 -37.81 -9.85
C ARG CC 14 43.75 -37.13 -8.85
N PHE CC 15 42.85 -36.27 -9.33
CA PHE CC 15 41.90 -35.59 -8.46
C PHE CC 15 41.03 -36.57 -7.68
N HIS CC 16 40.55 -37.62 -8.33
CA HIS CC 16 39.72 -38.62 -7.67
C HIS CC 16 40.40 -39.26 -6.46
N GLY CC 17 41.70 -39.51 -6.55
CA GLY CC 17 42.42 -40.08 -5.42
C GLY CC 17 42.38 -39.22 -4.17
N TYR CC 18 42.52 -37.90 -4.33
CA TYR CC 18 42.35 -36.99 -3.20
C TYR CC 18 40.92 -36.92 -2.70
N MET CC 19 39.93 -36.92 -3.60
CA MET CC 19 38.54 -36.94 -3.17
C MET CC 19 38.21 -38.18 -2.34
N VAL CC 20 38.67 -39.34 -2.79
CA VAL CC 20 38.49 -40.57 -2.01
C VAL CC 20 39.17 -40.43 -0.65
N THR CC 21 40.41 -39.93 -0.64
CA THR CC 21 41.16 -39.82 0.61
C THR CC 21 40.52 -38.82 1.56
N GLY CC 22 40.11 -37.66 1.05
CA GLY CC 22 39.45 -36.68 1.90
C GLY CC 22 38.12 -37.16 2.43
N THR CC 23 37.32 -37.81 1.59
CA THR CC 23 36.05 -38.39 2.05
C THR CC 23 36.28 -39.44 3.14
N LEU CC 24 37.23 -40.34 2.93
CA LEU CC 24 37.55 -41.34 3.96
C LEU CC 24 38.00 -40.68 5.26
N GLY CC 25 38.90 -39.69 5.18
CA GLY CC 25 39.35 -39.01 6.38
C GLY CC 25 38.24 -38.30 7.11
N TYR CC 26 37.33 -37.68 6.36
CA TYR CC 26 36.18 -37.00 6.94
C TYR CC 26 35.21 -37.98 7.60
N VAL CC 27 34.91 -39.09 6.94
CA VAL CC 27 34.06 -40.15 7.52
C VAL CC 27 34.69 -40.76 8.77
N VAL CC 28 36.02 -40.90 8.79
CA VAL CC 28 36.71 -41.37 10.01
C VAL CC 28 36.50 -40.41 11.17
N VAL CC 29 36.76 -39.11 10.96
CA VAL CC 29 36.53 -38.14 12.02
C VAL CC 29 35.08 -38.14 12.47
N ALA CC 30 34.14 -38.25 11.53
CA ALA CC 30 32.73 -38.30 11.88
C ALA CC 30 32.38 -39.55 12.68
N SER CC 31 33.03 -40.68 12.36
CA SER CC 31 32.82 -41.91 13.11
C SER CC 31 33.30 -41.81 14.55
N VAL CC 32 34.46 -41.20 14.78
CA VAL CC 32 34.93 -40.97 16.14
C VAL CC 32 34.01 -40.00 16.87
N ALA CC 33 33.58 -38.93 16.19
CA ALA CC 33 32.63 -37.99 16.78
C ALA CC 33 31.34 -38.67 17.22
N HIS CC 34 30.79 -39.55 16.38
CA HIS CC 34 29.57 -40.27 16.77
C HIS CC 34 29.80 -41.22 17.94
N PHE CC 35 30.92 -41.93 17.96
CA PHE CC 35 31.14 -42.86 19.06
C PHE CC 35 31.43 -42.15 20.38
N LEU CC 36 32.09 -40.99 20.33
CA LEU CC 36 32.14 -40.13 21.52
C LEU CC 36 30.74 -39.72 21.96
N ALA CC 37 29.93 -39.23 21.03
CA ALA CC 37 28.57 -38.83 21.37
C ALA CC 37 27.74 -39.98 21.89
N TRP CC 38 27.87 -41.17 21.29
CA TRP CC 38 27.17 -42.35 21.79
C TRP CC 38 27.58 -42.71 23.21
N SER CC 39 28.88 -42.66 23.51
CA SER CC 39 29.33 -43.02 24.85
C SER CC 39 28.87 -42.00 25.89
N TRP CC 40 28.67 -40.76 25.48
CA TRP CC 40 28.19 -39.71 26.37
C TRP CC 40 26.69 -39.77 26.61
N ARG CC 41 25.89 -40.03 25.57
CA ARG CC 41 24.44 -39.98 25.72
C ARG CC 41 23.75 -40.71 24.57
N PRO CC 42 23.60 -42.03 24.66
CA PRO CC 42 23.08 -42.82 23.53
C PRO CC 42 21.69 -42.37 23.09
N TRP CC 43 21.45 -42.46 21.78
CA TRP CC 43 20.14 -42.09 21.23
C TRP CC 43 19.23 -43.28 20.94
N PHE CC 44 19.74 -44.52 21.04
CA PHE CC 44 18.86 -45.69 21.10
C PHE CC 44 19.19 -46.51 22.35
N GLY DC 6 26.01 -36.04 -29.20
CA GLY DC 6 25.92 -36.58 -27.86
C GLY DC 6 26.79 -37.81 -27.64
N MET DC 7 26.39 -38.65 -26.69
CA MET DC 7 27.07 -39.91 -26.43
C MET DC 7 27.04 -40.82 -27.65
N THR DC 8 28.10 -41.62 -27.79
CA THR DC 8 28.07 -42.79 -28.65
C THR DC 8 27.35 -43.93 -27.95
N GLU DC 9 26.97 -44.96 -28.73
CA GLU DC 9 26.19 -46.06 -28.17
C GLU DC 9 26.97 -46.87 -27.14
N GLU DC 10 28.25 -47.16 -27.39
CA GLU DC 10 29.04 -47.88 -26.39
C GLU DC 10 29.33 -47.01 -25.18
N GLU DC 11 29.49 -45.71 -25.37
CA GLU DC 11 29.66 -44.77 -24.27
C GLU DC 11 28.43 -44.70 -23.38
N ALA DC 12 27.23 -44.76 -23.97
CA ALA DC 12 26.01 -44.95 -23.19
C ALA DC 12 25.97 -46.30 -22.49
N ARG DC 13 26.41 -47.36 -23.18
CA ARG DC 13 26.43 -48.69 -22.57
C ARG DC 13 27.36 -48.77 -21.37
N ARG DC 14 28.51 -48.09 -21.44
CA ARG DC 14 29.40 -48.03 -20.28
C ARG DC 14 28.75 -47.30 -19.12
N PHE DC 15 28.16 -46.13 -19.38
CA PHE DC 15 27.48 -45.37 -18.33
C PHE DC 15 26.38 -46.17 -17.66
N HIS DC 16 25.51 -46.80 -18.47
CA HIS DC 16 24.44 -47.65 -17.95
C HIS DC 16 24.93 -48.70 -16.97
N GLY DC 17 26.10 -49.29 -17.21
CA GLY DC 17 26.66 -50.24 -16.27
C GLY DC 17 26.89 -49.65 -14.88
N TYR DC 18 27.54 -48.48 -14.83
CA TYR DC 18 27.72 -47.80 -13.56
C TYR DC 18 26.39 -47.35 -12.95
N MET DC 19 25.53 -46.76 -13.76
CA MET DC 19 24.25 -46.24 -13.27
C MET DC 19 23.37 -47.33 -12.67
N VAL DC 20 23.26 -48.47 -13.35
CA VAL DC 20 22.48 -49.59 -12.81
C VAL DC 20 23.11 -50.13 -11.53
N THR DC 21 24.42 -50.36 -11.55
CA THR DC 21 25.08 -50.96 -10.40
C THR DC 21 25.06 -50.02 -9.20
N GLY DC 22 25.20 -48.73 -9.44
CA GLY DC 22 25.12 -47.76 -8.35
C GLY DC 22 23.73 -47.65 -7.76
N THR DC 23 22.70 -47.72 -8.60
CA THR DC 23 21.33 -47.76 -8.11
C THR DC 23 21.09 -48.98 -7.22
N LEU DC 24 21.40 -50.17 -7.73
CA LEU DC 24 21.18 -51.39 -6.95
C LEU DC 24 22.05 -51.44 -5.69
N GLY DC 25 23.25 -50.86 -5.74
CA GLY DC 25 24.03 -50.72 -4.52
C GLY DC 25 23.35 -49.86 -3.47
N TYR DC 26 22.82 -48.71 -3.88
CA TYR DC 26 22.10 -47.83 -2.97
C TYR DC 26 20.85 -48.48 -2.39
N VAL DC 27 20.08 -49.19 -3.23
CA VAL DC 27 18.92 -49.94 -2.75
C VAL DC 27 19.32 -51.02 -1.75
N VAL DC 28 20.48 -51.65 -1.93
CA VAL DC 28 20.95 -52.64 -0.96
C VAL DC 28 21.28 -52.00 0.39
N VAL DC 29 21.94 -50.83 0.37
CA VAL DC 29 22.23 -50.14 1.63
C VAL DC 29 20.94 -49.71 2.32
N ALA DC 30 19.99 -49.17 1.56
CA ALA DC 30 18.70 -48.80 2.13
C ALA DC 30 17.93 -49.99 2.68
N SER DC 31 18.06 -51.16 2.05
CA SER DC 31 17.43 -52.37 2.56
C SER DC 31 17.92 -52.74 3.95
N VAL DC 32 19.23 -52.65 4.19
CA VAL DC 32 19.77 -52.92 5.52
C VAL DC 32 19.33 -51.86 6.52
N ALA DC 33 19.30 -50.59 6.10
CA ALA DC 33 18.77 -49.54 6.97
C ALA DC 33 17.36 -49.84 7.45
N HIS DC 34 16.49 -50.32 6.56
CA HIS DC 34 15.14 -50.72 6.96
C HIS DC 34 15.14 -51.97 7.83
N PHE DC 35 16.03 -52.92 7.56
CA PHE DC 35 16.19 -54.06 8.45
C PHE DC 35 16.53 -53.62 9.87
N LEU DC 36 17.44 -52.66 10.01
CA LEU DC 36 17.78 -52.14 11.34
C LEU DC 36 16.65 -51.35 11.97
N ALA DC 37 16.00 -50.47 11.19
CA ALA DC 37 14.86 -49.73 11.71
C ALA DC 37 13.73 -50.65 12.14
N TRP DC 38 13.43 -51.67 11.34
CA TRP DC 38 12.37 -52.62 11.70
C TRP DC 38 12.70 -53.38 12.97
N SER DC 39 13.95 -53.83 13.11
CA SER DC 39 14.37 -54.48 14.35
C SER DC 39 14.29 -53.57 15.56
N TRP DC 40 14.49 -52.26 15.38
CA TRP DC 40 14.39 -51.31 16.49
C TRP DC 40 12.96 -50.94 16.83
N ARG DC 41 12.13 -50.65 15.84
CA ARG DC 41 10.77 -50.19 16.15
C ARG DC 41 9.83 -50.45 14.98
N PRO DC 42 9.25 -51.66 14.89
CA PRO DC 42 8.40 -52.01 13.75
C PRO DC 42 7.22 -51.05 13.57
N TRP DC 43 6.92 -50.72 12.31
CA TRP DC 43 5.83 -49.81 12.00
C TRP DC 43 4.51 -50.51 11.66
N PHE DC 44 4.53 -51.82 11.43
CA PHE DC 44 3.29 -52.60 11.40
C PHE DC 44 3.32 -53.69 12.45
N GLY EC 6 13.86 -37.37 -33.57
CA GLY EC 6 13.12 -37.93 -34.68
C GLY EC 6 13.17 -39.45 -34.73
N MET EC 7 12.10 -40.08 -34.24
CA MET EC 7 12.02 -41.53 -34.23
C MET EC 7 11.90 -42.09 -35.64
N THR EC 8 12.67 -43.14 -35.92
CA THR EC 8 12.29 -44.08 -36.97
C THR EC 8 11.22 -45.04 -36.46
N GLU EC 9 10.53 -45.70 -37.39
CA GLU EC 9 9.59 -46.75 -37.02
C GLU EC 9 10.28 -47.93 -36.36
N GLU EC 10 11.54 -48.19 -36.70
CA GLU EC 10 12.30 -49.26 -36.05
C GLU EC 10 12.59 -48.93 -34.59
N GLU EC 11 13.05 -47.71 -34.33
CA GLU EC 11 13.29 -47.28 -32.96
C GLU EC 11 12.00 -47.22 -32.15
N ALA EC 12 10.92 -46.74 -32.77
CA ALA EC 12 9.63 -46.68 -32.07
C ALA EC 12 9.16 -48.06 -31.65
N ARG EC 13 9.25 -49.04 -32.56
CA ARG EC 13 8.93 -50.42 -32.21
C ARG EC 13 9.78 -50.91 -31.04
N ARG EC 14 11.09 -50.63 -31.10
CA ARG EC 14 12.01 -51.08 -30.06
C ARG EC 14 11.68 -50.44 -28.72
N PHE EC 15 11.51 -49.13 -28.70
CA PHE EC 15 11.19 -48.39 -27.47
C PHE EC 15 9.87 -48.87 -26.85
N HIS EC 16 8.84 -49.08 -27.67
CA HIS EC 16 7.54 -49.54 -27.20
C HIS EC 16 7.62 -50.85 -26.42
N GLY EC 17 8.48 -51.77 -26.83
CA GLY EC 17 8.65 -53.01 -26.08
C GLY EC 17 9.12 -52.80 -24.64
N TYR EC 18 10.05 -51.87 -24.44
CA TYR EC 18 10.46 -51.52 -23.08
C TYR EC 18 9.35 -50.79 -22.33
N MET EC 19 8.68 -49.85 -23.00
CA MET EC 19 7.61 -49.09 -22.36
C MET EC 19 6.47 -49.99 -21.88
N VAL EC 20 6.06 -50.96 -22.71
CA VAL EC 20 5.09 -51.97 -22.26
C VAL EC 20 5.63 -52.78 -21.09
N THR EC 21 6.89 -53.21 -21.18
CA THR EC 21 7.48 -54.04 -20.13
C THR EC 21 7.61 -53.27 -18.81
N GLY EC 22 8.13 -52.05 -18.86
CA GLY EC 22 8.23 -51.24 -17.65
C GLY EC 22 6.89 -50.92 -17.04
N THR EC 23 5.88 -50.64 -17.87
CA THR EC 23 4.52 -50.45 -17.36
C THR EC 23 3.99 -51.70 -16.69
N LEU EC 24 4.20 -52.86 -17.30
CA LEU EC 24 3.77 -54.12 -16.69
C LEU EC 24 4.48 -54.41 -15.38
N GLY EC 25 5.79 -54.16 -15.32
CA GLY EC 25 6.50 -54.29 -14.06
C GLY EC 25 5.97 -53.37 -12.99
N TYR EC 26 5.71 -52.11 -13.34
CA TYR EC 26 5.16 -51.15 -12.41
C TYR EC 26 3.77 -51.57 -11.90
N VAL EC 27 2.90 -51.99 -12.81
CA VAL EC 27 1.57 -52.46 -12.43
C VAL EC 27 1.64 -53.70 -11.53
N VAL EC 28 2.58 -54.62 -11.82
CA VAL EC 28 2.73 -55.81 -10.98
C VAL EC 28 3.13 -55.43 -9.55
N VAL EC 29 4.13 -54.56 -9.40
CA VAL EC 29 4.55 -54.14 -8.06
C VAL EC 29 3.42 -53.44 -7.33
N ALA EC 30 2.73 -52.52 -8.02
CA ALA EC 30 1.57 -51.85 -7.44
C ALA EC 30 0.47 -52.83 -7.05
N SER EC 31 0.29 -53.90 -7.82
CA SER EC 31 -0.70 -54.92 -7.47
C SER EC 31 -0.33 -55.69 -6.20
N VAL EC 32 0.93 -56.08 -6.05
CA VAL EC 32 1.37 -56.70 -4.81
C VAL EC 32 1.25 -55.73 -3.63
N ALA EC 33 1.67 -54.47 -3.83
CA ALA EC 33 1.54 -53.46 -2.79
C ALA EC 33 0.08 -53.27 -2.35
N HIS EC 34 -0.85 -53.25 -3.31
CA HIS EC 34 -2.26 -53.15 -2.92
C HIS EC 34 -2.76 -54.35 -2.15
N PHE EC 35 -2.34 -55.56 -2.53
CA PHE EC 35 -2.83 -56.73 -1.80
C PHE EC 35 -2.20 -56.85 -0.42
N LEU EC 36 -0.95 -56.43 -0.25
CA LEU EC 36 -0.40 -56.29 1.10
C LEU EC 36 -1.20 -55.29 1.92
N ALA EC 37 -1.45 -54.10 1.36
CA ALA EC 37 -2.25 -53.11 2.07
C ALA EC 37 -3.65 -53.61 2.39
N TRP EC 38 -4.30 -54.27 1.43
CA TRP EC 38 -5.64 -54.79 1.66
C TRP EC 38 -5.68 -55.79 2.81
N SER EC 39 -4.76 -56.75 2.82
CA SER EC 39 -4.78 -57.77 3.86
C SER EC 39 -4.38 -57.23 5.22
N TRP EC 40 -3.69 -56.09 5.27
CA TRP EC 40 -3.43 -55.42 6.55
C TRP EC 40 -4.58 -54.54 7.02
N ARG EC 41 -5.24 -53.81 6.12
CA ARG EC 41 -6.30 -52.92 6.57
C ARG EC 41 -7.25 -52.60 5.43
N PRO EC 42 -8.27 -53.44 5.20
CA PRO EC 42 -9.16 -53.26 4.05
C PRO EC 42 -9.87 -51.92 4.07
N TRP EC 43 -10.04 -51.33 2.88
CA TRP EC 43 -10.76 -50.07 2.76
C TRP EC 43 -12.21 -50.22 2.32
N PHE EC 44 -12.66 -51.44 2.00
CA PHE EC 44 -14.09 -51.72 1.84
C PHE EC 44 -14.48 -52.93 2.69
N GLY FC 4 2.03 -28.41 -42.90
CA GLY FC 4 1.32 -29.37 -43.74
C GLY FC 4 -0.07 -29.70 -43.23
N GLY FC 5 -0.33 -30.99 -43.02
CA GLY FC 5 -1.62 -31.42 -42.52
C GLY FC 5 -1.73 -32.93 -42.50
N MET FC 6 -2.97 -33.40 -42.38
CA MET FC 6 -3.28 -34.83 -42.29
C MET FC 6 -3.85 -35.33 -43.60
N THR FC 7 -3.27 -36.41 -44.13
CA THR FC 7 -3.84 -37.05 -45.32
C THR FC 7 -5.02 -37.93 -44.92
N GLU FC 8 -5.98 -38.07 -45.84
CA GLU FC 8 -7.27 -38.66 -45.47
C GLU FC 8 -7.18 -40.13 -45.11
N GLU FC 9 -6.24 -40.89 -45.70
CA GLU FC 9 -6.06 -42.27 -45.26
C GLU FC 9 -5.40 -42.36 -43.88
N GLU FC 10 -4.53 -41.40 -43.55
CA GLU FC 10 -4.03 -41.31 -42.17
C GLU FC 10 -5.14 -40.91 -41.21
N ALA FC 11 -5.97 -39.94 -41.62
CA ALA FC 11 -7.09 -39.51 -40.78
C ALA FC 11 -8.06 -40.64 -40.48
N ARG FC 12 -8.37 -41.47 -41.48
CA ARG FC 12 -9.18 -42.66 -41.20
C ARG FC 12 -8.48 -43.61 -40.23
N ARG FC 13 -7.19 -43.85 -40.40
CA ARG FC 13 -6.48 -44.70 -39.45
C ARG FC 13 -6.52 -44.11 -38.05
N PHE FC 14 -6.22 -42.81 -37.93
CA PHE FC 14 -6.25 -42.13 -36.64
C PHE FC 14 -7.64 -42.14 -36.02
N HIS FC 15 -8.66 -41.81 -36.81
CA HIS FC 15 -10.04 -41.85 -36.32
C HIS FC 15 -10.42 -43.23 -35.81
N GLY FC 16 -10.03 -44.29 -36.53
CA GLY FC 16 -10.37 -45.64 -36.08
C GLY FC 16 -9.79 -45.97 -34.73
N TYR FC 17 -8.53 -45.61 -34.49
CA TYR FC 17 -7.94 -45.74 -33.16
C TYR FC 17 -8.65 -44.86 -32.15
N MET FC 18 -8.77 -43.56 -32.45
CA MET FC 18 -9.34 -42.60 -31.52
C MET FC 18 -10.73 -43.00 -31.03
N VAL FC 19 -11.61 -43.40 -31.96
CA VAL FC 19 -12.94 -43.87 -31.57
C VAL FC 19 -12.85 -45.15 -30.75
N THR FC 20 -11.99 -46.10 -31.15
CA THR FC 20 -11.86 -47.33 -30.38
C THR FC 20 -11.32 -47.07 -28.98
N GLY FC 21 -10.32 -46.20 -28.86
CA GLY FC 21 -9.80 -45.84 -27.54
C GLY FC 21 -10.83 -45.18 -26.66
N THR FC 22 -11.55 -44.20 -27.20
CA THR FC 22 -12.63 -43.53 -26.48
C THR FC 22 -13.65 -44.53 -25.93
N LEU FC 23 -14.09 -45.47 -26.77
CA LEU FC 23 -15.09 -46.43 -26.34
C LEU FC 23 -14.53 -47.43 -25.33
N GLY FC 24 -13.27 -47.83 -25.49
CA GLY FC 24 -12.64 -48.69 -24.49
C GLY FC 24 -12.52 -48.03 -23.13
N TYR FC 25 -12.21 -46.74 -23.11
CA TYR FC 25 -12.21 -45.98 -21.86
C TYR FC 25 -13.59 -45.92 -21.22
N VAL FC 26 -14.62 -45.64 -22.02
CA VAL FC 26 -16.00 -45.63 -21.54
C VAL FC 26 -16.41 -47.00 -21.00
N VAL FC 27 -15.92 -48.07 -21.60
CA VAL FC 27 -16.25 -49.41 -21.13
C VAL FC 27 -15.69 -49.69 -19.73
N VAL FC 28 -14.42 -49.38 -19.49
CA VAL FC 28 -13.89 -49.59 -18.14
C VAL FC 28 -14.51 -48.63 -17.13
N ALA FC 29 -14.82 -47.40 -17.54
CA ALA FC 29 -15.59 -46.50 -16.67
C ALA FC 29 -16.98 -47.05 -16.36
N SER FC 30 -17.60 -47.76 -17.31
CA SER FC 30 -18.87 -48.42 -17.05
C SER FC 30 -18.76 -49.47 -15.95
N VAL FC 31 -17.71 -50.29 -15.99
CA VAL FC 31 -17.50 -51.28 -14.94
C VAL FC 31 -17.18 -50.61 -13.61
N ALA FC 32 -16.41 -49.52 -13.63
CA ALA FC 32 -16.14 -48.77 -12.41
C ALA FC 32 -17.42 -48.26 -11.76
N HIS FC 33 -18.37 -47.74 -12.56
CA HIS FC 33 -19.67 -47.36 -12.02
C HIS FC 33 -20.51 -48.56 -11.59
N PHE FC 34 -20.42 -49.68 -12.32
CA PHE FC 34 -21.09 -50.90 -11.85
C PHE FC 34 -20.61 -51.32 -10.47
N LEU FC 35 -19.30 -51.27 -10.23
CA LEU FC 35 -18.77 -51.62 -8.93
C LEU FC 35 -19.14 -50.59 -7.87
N ALA FC 36 -18.97 -49.30 -8.20
CA ALA FC 36 -19.33 -48.24 -7.26
C ALA FC 36 -20.80 -48.30 -6.88
N TRP FC 37 -21.70 -48.50 -7.85
CA TRP FC 37 -23.13 -48.59 -7.54
C TRP FC 37 -23.46 -49.75 -6.62
N SER FC 38 -22.90 -50.93 -6.88
CA SER FC 38 -23.19 -52.08 -6.03
C SER FC 38 -22.54 -51.99 -4.65
N TRP FC 39 -21.49 -51.17 -4.50
CA TRP FC 39 -20.95 -50.90 -3.16
C TRP FC 39 -21.76 -49.86 -2.39
N ARG FC 40 -22.19 -48.77 -3.05
CA ARG FC 40 -22.88 -47.71 -2.33
C ARG FC 40 -23.69 -46.83 -3.27
N PRO FC 41 -24.91 -47.22 -3.64
CA PRO FC 41 -25.65 -46.48 -4.65
C PRO FC 41 -25.96 -45.05 -4.21
N TRP FC 42 -25.96 -44.14 -5.18
CA TRP FC 42 -26.16 -42.72 -4.91
C TRP FC 42 -27.60 -42.24 -5.17
N PHE FC 43 -28.48 -43.10 -5.68
CA PHE FC 43 -29.92 -42.81 -5.66
C PHE FC 43 -30.67 -43.98 -5.02
N GLY GC 6 -11.62 -20.34 -45.17
CA GLY GC 6 -12.27 -20.65 -46.44
C GLY GC 6 -12.72 -22.09 -46.54
N MET GC 7 -13.89 -22.30 -47.13
CA MET GC 7 -14.45 -23.63 -47.30
C MET GC 7 -15.37 -23.63 -48.51
N THR GC 8 -15.52 -24.79 -49.15
CA THR GC 8 -16.51 -24.91 -50.22
C THR GC 8 -17.91 -25.17 -49.65
N GLU GC 9 -18.92 -24.97 -50.51
CA GLU GC 9 -20.29 -25.33 -50.14
C GLU GC 9 -20.48 -26.83 -50.03
N GLU GC 10 -19.73 -27.62 -50.81
CA GLU GC 10 -19.77 -29.07 -50.68
C GLU GC 10 -19.35 -29.51 -49.29
N GLU GC 11 -18.25 -28.96 -48.79
CA GLU GC 11 -17.83 -29.20 -47.41
C GLU GC 11 -18.80 -28.59 -46.40
N ALA GC 12 -19.27 -27.37 -46.65
CA ALA GC 12 -20.23 -26.75 -45.74
C ALA GC 12 -21.51 -27.58 -45.63
N ARG GC 13 -21.96 -28.17 -46.74
CA ARG GC 13 -23.09 -29.07 -46.71
C ARG GC 13 -22.80 -30.26 -45.80
N ARG GC 14 -21.66 -30.91 -46.01
CA ARG GC 14 -21.28 -32.09 -45.24
C ARG GC 14 -21.06 -31.76 -43.77
N PHE GC 15 -20.41 -30.62 -43.49
CA PHE GC 15 -20.24 -30.16 -42.11
C PHE GC 15 -21.57 -29.93 -41.40
N HIS GC 16 -22.45 -29.13 -42.02
CA HIS GC 16 -23.73 -28.79 -41.40
C HIS GC 16 -24.55 -30.03 -41.07
N GLY GC 17 -24.52 -31.05 -41.94
CA GLY GC 17 -25.18 -32.30 -41.62
C GLY GC 17 -24.71 -32.92 -40.32
N TYR GC 18 -23.40 -33.06 -40.14
CA TYR GC 18 -22.86 -33.55 -38.88
C TYR GC 18 -23.17 -32.61 -37.72
N MET GC 19 -22.95 -31.31 -37.91
CA MET GC 19 -23.20 -30.32 -36.86
C MET GC 19 -24.63 -30.40 -36.32
N VAL GC 20 -25.62 -30.38 -37.22
CA VAL GC 20 -27.01 -30.49 -36.80
C VAL GC 20 -27.32 -31.85 -36.19
N THR GC 21 -26.75 -32.93 -36.73
CA THR GC 21 -26.97 -34.25 -36.16
C THR GC 21 -26.37 -34.37 -34.76
N GLY GC 22 -25.20 -33.78 -34.54
CA GLY GC 22 -24.62 -33.79 -33.20
C GLY GC 22 -25.41 -32.95 -32.22
N THR GC 23 -25.92 -31.80 -32.67
CA THR GC 23 -26.85 -31.01 -31.87
C THR GC 23 -28.09 -31.82 -31.48
N LEU GC 24 -28.67 -32.55 -32.42
CA LEU GC 24 -29.83 -33.38 -32.12
C LEU GC 24 -29.49 -34.49 -31.12
N GLY GC 25 -28.39 -35.21 -31.35
CA GLY GC 25 -27.99 -36.24 -30.40
C GLY GC 25 -27.75 -35.71 -28.99
N TYR GC 26 -27.12 -34.55 -28.89
CA TYR GC 26 -26.92 -33.90 -27.59
C TYR GC 26 -28.25 -33.51 -26.94
N VAL GC 27 -29.15 -32.92 -27.71
CA VAL GC 27 -30.48 -32.56 -27.20
C VAL GC 27 -31.27 -33.79 -26.78
N VAL GC 28 -31.16 -34.90 -27.52
CA VAL GC 28 -31.83 -36.13 -27.13
C VAL GC 28 -31.32 -36.63 -25.78
N VAL GC 29 -30.00 -36.76 -25.62
CA VAL GC 29 -29.44 -37.25 -24.37
C VAL GC 29 -29.86 -36.34 -23.21
N ALA GC 30 -29.72 -35.03 -23.40
CA ALA GC 30 -30.12 -34.08 -22.36
C ALA GC 30 -31.59 -34.18 -21.99
N SER GC 31 -32.45 -34.51 -22.96
CA SER GC 31 -33.87 -34.69 -22.67
C SER GC 31 -34.13 -35.95 -21.83
N VAL GC 32 -33.44 -37.05 -22.13
CA VAL GC 32 -33.53 -38.23 -21.27
C VAL GC 32 -33.00 -37.92 -19.88
N ALA GC 33 -31.89 -37.19 -19.81
CA ALA GC 33 -31.31 -36.80 -18.52
C ALA GC 33 -32.29 -35.97 -17.68
N HIS GC 34 -32.94 -35.00 -18.31
CA HIS GC 34 -33.96 -34.21 -17.59
C HIS GC 34 -35.15 -35.04 -17.14
N PHE GC 35 -35.63 -35.96 -17.99
CA PHE GC 35 -36.78 -36.76 -17.56
C PHE GC 35 -36.42 -37.72 -16.43
N LEU GC 36 -35.21 -38.28 -16.47
CA LEU GC 36 -34.72 -39.06 -15.32
C LEU GC 36 -34.67 -38.19 -14.07
N ALA GC 37 -34.07 -37.01 -14.17
CA ALA GC 37 -34.01 -36.10 -13.01
C ALA GC 37 -35.40 -35.71 -12.53
N TRP GC 38 -36.32 -35.40 -13.45
CA TRP GC 38 -37.68 -35.07 -13.06
C TRP GC 38 -38.35 -36.24 -12.34
N SER GC 39 -38.21 -37.45 -12.88
CA SER GC 39 -38.80 -38.63 -12.26
C SER GC 39 -38.24 -38.87 -10.86
N TRP GC 40 -36.96 -38.59 -10.66
CA TRP GC 40 -36.31 -38.74 -9.36
C TRP GC 40 -36.69 -37.64 -8.37
N ARG GC 41 -36.68 -36.39 -8.80
CA ARG GC 41 -36.93 -35.29 -7.87
C ARG GC 41 -37.37 -34.05 -8.63
N PRO GC 42 -38.67 -33.91 -8.91
CA PRO GC 42 -39.12 -32.79 -9.74
C PRO GC 42 -38.92 -31.45 -9.08
N TRP GC 43 -38.65 -30.44 -9.91
CA TRP GC 43 -38.39 -29.09 -9.42
C TRP GC 43 -39.60 -28.16 -9.52
N PHE GC 44 -40.70 -28.58 -10.13
CA PHE GC 44 -41.99 -27.89 -9.96
C PHE GC 44 -43.04 -28.86 -9.44
N GLY HC 6 -17.17 -4.14 -47.20
CA GLY HC 6 -18.38 -3.66 -47.85
C GLY HC 6 -19.53 -4.64 -47.83
N MET HC 7 -20.75 -4.15 -48.04
CA MET HC 7 -21.96 -4.95 -48.05
C MET HC 7 -22.81 -4.54 -49.25
N THR HC 8 -23.37 -5.53 -49.95
CA THR HC 8 -24.21 -5.24 -51.11
C THR HC 8 -25.69 -5.21 -50.74
N GLU HC 9 -26.48 -4.56 -51.59
CA GLU HC 9 -27.93 -4.68 -51.52
C GLU HC 9 -28.41 -6.12 -51.71
N GLU HC 10 -27.69 -6.90 -52.51
CA GLU HC 10 -28.04 -8.30 -52.75
C GLU HC 10 -27.89 -9.13 -51.48
N GLU HC 11 -26.78 -8.96 -50.77
CA GLU HC 11 -26.62 -9.55 -49.45
C GLU HC 11 -27.62 -8.98 -48.44
N ALA HC 12 -27.75 -7.65 -48.41
CA ALA HC 12 -28.50 -6.99 -47.33
C ALA HC 12 -29.97 -7.41 -47.28
N ARG HC 13 -30.65 -7.47 -48.42
CA ARG HC 13 -32.06 -7.83 -48.40
C ARG HC 13 -32.28 -9.30 -48.00
N ARG HC 14 -31.40 -10.21 -48.44
CA ARG HC 14 -31.50 -11.58 -47.95
C ARG HC 14 -31.16 -11.68 -46.46
N PHE HC 15 -30.12 -10.98 -46.02
CA PHE HC 15 -29.73 -11.02 -44.61
C PHE HC 15 -30.83 -10.49 -43.71
N HIS HC 16 -31.53 -9.43 -44.14
CA HIS HC 16 -32.64 -8.88 -43.38
C HIS HC 16 -33.77 -9.89 -43.20
N GLY HC 17 -34.00 -10.73 -44.22
CA GLY HC 17 -34.95 -11.82 -44.06
C GLY HC 17 -34.60 -12.79 -42.94
N TYR HC 18 -33.33 -13.21 -42.89
CA TYR HC 18 -32.89 -14.09 -41.81
C TYR HC 18 -32.95 -13.43 -40.44
N MET HC 19 -32.44 -12.20 -40.33
CA MET HC 19 -32.48 -11.49 -39.05
C MET HC 19 -33.90 -11.32 -38.53
N VAL HC 20 -34.81 -10.82 -39.36
CA VAL HC 20 -36.18 -10.57 -38.91
C VAL HC 20 -36.86 -11.88 -38.52
N THR HC 21 -36.73 -12.91 -39.36
CA THR HC 21 -37.36 -14.19 -39.04
C THR HC 21 -36.75 -14.81 -37.79
N GLY HC 22 -35.43 -14.76 -37.65
CA GLY HC 22 -34.80 -15.29 -36.45
C GLY HC 22 -35.17 -14.53 -35.19
N THR HC 23 -35.23 -13.20 -35.29
CA THR HC 23 -35.68 -12.38 -34.17
C THR HC 23 -37.10 -12.72 -33.76
N LEU HC 24 -38.01 -12.76 -34.71
CA LEU HC 24 -39.41 -13.06 -34.42
C LEU HC 24 -39.58 -14.48 -33.89
N GLY HC 25 -38.85 -15.44 -34.46
CA GLY HC 25 -38.87 -16.79 -33.93
C GLY HC 25 -38.45 -16.85 -32.47
N TYR HC 26 -37.33 -16.19 -32.15
CA TYR HC 26 -36.86 -16.12 -30.77
C TYR HC 26 -37.90 -15.50 -29.83
N VAL HC 27 -38.48 -14.37 -30.24
CA VAL HC 27 -39.52 -13.71 -29.45
C VAL HC 27 -40.75 -14.58 -29.26
N VAL HC 28 -41.08 -15.42 -30.25
CA VAL HC 28 -42.19 -16.36 -30.10
C VAL HC 28 -41.87 -17.44 -29.08
N VAL HC 29 -40.67 -18.03 -29.16
CA VAL HC 29 -40.26 -19.01 -28.15
C VAL HC 29 -40.26 -18.40 -26.75
N ALA HC 30 -39.74 -17.19 -26.62
CA ALA HC 30 -39.78 -16.49 -25.32
C ALA HC 30 -41.20 -16.22 -24.85
N SER HC 31 -42.10 -15.90 -25.78
CA SER HC 31 -43.51 -15.73 -25.42
C SER HC 31 -44.12 -16.99 -24.82
N VAL HC 32 -43.79 -18.17 -25.37
CA VAL HC 32 -44.27 -19.41 -24.79
C VAL HC 32 -43.64 -19.67 -23.42
N ALA HC 33 -42.34 -19.40 -23.29
CA ALA HC 33 -41.68 -19.51 -21.98
C ALA HC 33 -42.36 -18.65 -20.91
N HIS HC 34 -42.76 -17.43 -21.27
CA HIS HC 34 -43.51 -16.60 -20.33
C HIS HC 34 -44.93 -17.11 -20.08
N PHE HC 35 -45.59 -17.65 -21.11
CA PHE HC 35 -46.86 -18.33 -20.89
C PHE HC 35 -46.73 -19.43 -19.85
N LEU HC 36 -45.69 -20.26 -19.97
CA LEU HC 36 -45.45 -21.32 -19.00
C LEU HC 36 -45.15 -20.76 -17.61
N ALA HC 37 -44.24 -19.78 -17.54
CA ALA HC 37 -43.87 -19.19 -16.24
C ALA HC 37 -45.06 -18.52 -15.57
N TRP HC 38 -45.86 -17.78 -16.34
CA TRP HC 38 -47.04 -17.13 -15.77
C TRP HC 38 -48.03 -18.15 -15.21
N SER HC 39 -48.21 -19.27 -15.93
CA SER HC 39 -49.09 -20.34 -15.46
C SER HC 39 -48.60 -20.96 -14.15
N TRP HC 40 -47.28 -21.02 -13.96
CA TRP HC 40 -46.71 -21.64 -12.76
C TRP HC 40 -46.68 -20.70 -11.57
N ARG HC 41 -46.29 -19.45 -11.76
CA ARG HC 41 -46.16 -18.51 -10.64
C ARG HC 41 -46.24 -17.09 -11.14
N PRO HC 42 -47.45 -16.55 -11.34
CA PRO HC 42 -47.59 -15.20 -11.89
C PRO HC 42 -47.00 -14.13 -10.98
N TRP HC 43 -46.49 -13.07 -11.61
CA TRP HC 43 -45.79 -12.00 -10.90
C TRP HC 43 -46.62 -10.72 -10.74
N PHE HC 44 -47.87 -10.70 -11.22
CA PHE HC 44 -48.81 -9.63 -10.88
C PHE HC 44 -50.15 -10.23 -10.44
C1 MAN IC . -39.08 -39.09 42.63
C2 MAN IC . -40.61 -39.05 42.80
C3 MAN IC . -40.93 -37.94 43.78
C4 MAN IC . -40.21 -38.21 45.11
C5 MAN IC . -38.70 -38.37 44.87
C6 MAN IC . -37.98 -38.79 46.14
O2 MAN IC . -41.11 -40.27 43.35
O3 MAN IC . -42.33 -37.87 44.02
O4 MAN IC . -40.36 -37.07 45.95
O5 MAN IC . -38.44 -39.35 43.84
O6 MAN IC . -36.74 -39.36 45.78
C1 RAM IC . -41.37 -37.22 46.96
C2 RAM IC . -40.76 -37.84 48.20
C3 RAM IC . -39.80 -36.91 48.86
C4 RAM IC . -40.39 -35.56 49.12
C5 RAM IC . -41.06 -34.97 47.86
C6 RAM IC . -41.77 -33.70 48.23
O2 RAM IC . -41.81 -38.16 49.13
O3 RAM IC . -39.37 -37.49 50.13
O4 RAM IC . -39.34 -34.68 49.55
O5 RAM IC . -42.02 -35.91 47.27
C1 MAN JC . -6.49 -24.73 37.30
C2 MAN JC . -7.46 -23.55 37.37
C3 MAN JC . -6.84 -22.39 36.57
C4 MAN JC . -5.49 -22.02 37.19
C5 MAN JC . -4.58 -23.25 37.10
C6 MAN JC . -3.21 -23.01 37.71
O2 MAN JC . -7.69 -23.12 38.73
O3 MAN JC . -7.69 -21.24 36.58
O4 MAN JC . -4.87 -21.00 36.40
O5 MAN JC . -5.22 -24.37 37.78
O6 MAN JC . -3.40 -22.43 38.99
C1 RAM JC . -4.55 -19.84 37.18
C2 RAM JC . -3.24 -19.21 36.69
C3 RAM JC . -3.36 -18.58 35.35
C4 RAM JC . -4.60 -17.73 35.20
C5 RAM JC . -5.83 -18.45 35.74
C6 RAM JC . -6.98 -17.50 35.69
O2 RAM JC . -2.85 -18.19 37.63
O3 RAM JC . -2.21 -17.73 35.11
O4 RAM JC . -4.80 -17.43 33.83
O5 RAM JC . -5.67 -18.85 37.13
MG BCL KC . -58.99 -21.72 -28.17
CHA BCL KC . -59.23 -19.89 -31.09
CHB BCL KC . -56.95 -23.89 -29.82
CHC BCL KC . -59.28 -23.90 -25.60
CHD BCL KC . -61.80 -20.03 -26.95
NA BCL KC . -58.22 -21.85 -30.21
C1A BCL KC . -58.38 -20.95 -31.24
C2A BCL KC . -57.43 -21.24 -32.38
C3A BCL KC . -56.88 -22.63 -32.03
C4A BCL KC . -57.35 -22.84 -30.61
CMA BCL KC . -57.39 -23.72 -32.96
CAA BCL KC . -56.31 -20.21 -32.54
CBA BCL KC . -55.42 -20.51 -33.75
CGA BCL KC . -54.17 -19.71 -33.83
O1A BCL KC . -54.00 -18.78 -34.54
O2A BCL KC . -53.21 -20.16 -33.02
NB BCL KC . -58.29 -23.63 -27.79
C1B BCL KC . -57.33 -24.30 -28.55
C2B BCL KC . -56.82 -25.39 -27.84
C3B BCL KC . -57.47 -25.45 -26.61
C4B BCL KC . -58.39 -24.31 -26.61
CMB BCL KC . -55.75 -26.30 -28.42
CAB BCL KC . -57.22 -26.48 -25.58
OBB BCL KC . -56.47 -27.45 -25.76
CBB BCL KC . -57.86 -26.44 -24.23
NC BCL KC . -60.36 -21.93 -26.53
C1C BCL KC . -60.25 -22.88 -25.56
C2C BCL KC . -61.19 -22.67 -24.43
C3C BCL KC . -61.82 -21.31 -24.75
C4C BCL KC . -61.39 -21.09 -26.18
CMC BCL KC . -62.21 -23.78 -24.29
CAC BCL KC . -61.38 -20.17 -23.79
CBC BCL KC . -62.00 -20.29 -22.42
ND BCL KC . -60.26 -20.27 -28.83
C1D BCL KC . -61.39 -19.66 -28.25
C2D BCL KC . -61.95 -18.72 -29.15
C3D BCL KC . -61.15 -18.75 -30.28
C4D BCL KC . -60.15 -19.69 -30.06
CMD BCL KC . -63.17 -17.88 -28.86
CAD BCL KC . -60.83 -18.10 -31.49
OBD BCL KC . -61.38 -17.14 -32.06
CBD BCL KC . -59.57 -18.78 -32.09
CGD BCL KC . -59.86 -19.20 -33.48
O1D BCL KC . -60.71 -20.00 -33.81
O2D BCL KC . -59.08 -18.62 -34.37
CED BCL KC . -59.29 -18.97 -35.77
C1 BCL KC . -51.93 -19.45 -33.10
C2 BCL KC . -51.09 -19.90 -31.92
C3 BCL KC . -50.17 -20.84 -31.92
C4 BCL KC . -49.82 -21.70 -33.13
C5 BCL KC . -49.27 -21.10 -30.71
C6 BCL KC . -49.16 -22.54 -30.22
C7 BCL KC . -48.13 -22.66 -29.09
C8 BCL KC . -47.78 -24.08 -28.61
C9 BCL KC . -49.02 -24.75 -27.99
C10 BCL KC . -46.63 -24.05 -27.59
C11 BCL KC . -45.37 -24.83 -27.94
C12 BCL KC . -44.75 -24.35 -29.26
C13 BCL KC . -43.34 -23.74 -29.12
C14 BCL KC . -42.76 -23.35 -30.48
C15 BCL KC . -42.29 -24.65 -28.44
C16 BCL KC . -41.64 -24.06 -27.21
C17 BCL KC . -40.99 -25.06 -26.23
C18 BCL KC . -40.88 -24.52 -24.82
C19 BCL KC . -42.36 -24.46 -24.45
C20 BCL KC . -40.11 -23.20 -24.67
MG BCL LC . -46.62 -18.82 -40.66
CHA BCL LC . -49.59 -20.59 -40.76
CHB BCL LC . -46.87 -18.79 -37.27
CHC BCL LC . -43.36 -17.94 -40.47
CHD BCL LC . -46.20 -19.44 -44.07
NA BCL LC . -48.05 -19.63 -39.23
C1A BCL LC . -49.24 -20.29 -39.47
C2A BCL LC . -49.87 -20.73 -38.20
C3A BCL LC . -49.22 -19.79 -37.17
C4A BCL LC . -47.95 -19.40 -37.87
CMA BCL LC . -50.10 -18.58 -36.87
CAA BCL LC . -49.65 -22.23 -37.85
CBA BCL LC . -48.23 -22.81 -37.98
CGA BCL LC . -47.33 -22.52 -36.82
O1A BCL LC . -47.66 -22.46 -35.69
O2A BCL LC . -46.08 -22.26 -37.16
NB BCL LC . -45.29 -18.49 -39.12
C1B BCL LC . -45.63 -18.39 -37.77
C2B BCL LC . -44.58 -17.85 -37.03
C3B BCL LC . -43.51 -17.58 -37.93
C4B BCL LC . -44.02 -17.99 -39.23
CMB BCL LC . -44.67 -17.62 -35.53
CAB BCL LC . -42.17 -17.02 -37.73
OBB BCL LC . -41.51 -16.53 -38.66
CBB BCL LC . -41.49 -17.01 -36.37
NC BCL LC . -45.02 -18.72 -42.06
C1C BCL LC . -43.75 -18.29 -41.78
C2C BCL LC . -42.84 -18.28 -42.94
C3C BCL LC . -43.77 -18.62 -44.11
C4C BCL LC . -45.07 -18.98 -43.42
CMC BCL LC . -42.11 -16.95 -43.10
CAC BCL LC . -43.25 -19.76 -45.03
CBC BCL LC . -41.91 -19.44 -45.68
ND BCL LC . -47.61 -19.83 -42.12
C1D BCL LC . -47.41 -19.92 -43.50
C2D BCL LC . -48.51 -20.55 -44.14
C3D BCL LC . -49.41 -20.82 -43.12
C4D BCL LC . -48.84 -20.39 -41.93
CMD BCL LC . -48.62 -20.84 -45.61
CAD BCL LC . -50.68 -21.35 -42.79
OBD BCL LC . -51.54 -21.92 -43.50
CBD BCL LC . -50.93 -21.13 -41.27
CGD BCL LC . -52.07 -20.24 -41.04
O1D BCL LC . -52.37 -19.29 -41.74
O2D BCL LC . -52.77 -20.55 -39.96
CED BCL LC . -53.76 -19.59 -39.50
C1 BCL LC . -45.14 -21.87 -36.13
C2 BCL LC . -43.92 -21.41 -36.87
C3 BCL LC . -42.64 -21.63 -36.66
C4 BCL LC . -42.09 -22.38 -35.44
C5 BCL LC . -41.55 -21.21 -37.65
C6 BCL LC . -41.83 -21.31 -39.16
C7 BCL LC . -42.66 -22.53 -39.60
C8 BCL LC . -42.53 -23.03 -41.03
C9 BCL LC . -42.65 -21.86 -42.02
C10 BCL LC . -43.58 -24.12 -41.32
C11 BCL LC . -44.99 -23.64 -41.68
C12 BCL LC . -45.91 -24.79 -42.11
C13 BCL LC . -47.30 -24.33 -42.59
C14 BCL LC . -48.14 -23.74 -41.45
C15 BCL LC . -48.09 -25.50 -43.20
C16 BCL LC . -49.17 -25.09 -44.21
C17 BCL LC . -50.26 -26.13 -44.51
C18 BCL LC . -51.35 -25.60 -45.44
C19 BCL LC . -52.47 -26.65 -45.41
C20 BCL LC . -50.87 -25.37 -46.89
C1B LMT MC . -56.67 -16.75 -11.91
C2B LMT MC . -57.39 -16.28 -10.64
C3B LMT MC . -56.43 -16.40 -9.44
C4B LMT MC . -55.90 -17.85 -9.34
C5B LMT MC . -55.28 -18.23 -10.70
C6B LMT MC . -54.80 -19.68 -10.65
O1B LMT MC . -55.67 -15.83 -12.22
O2B LMT MC . -57.77 -14.98 -10.83
O3B LMT MC . -57.02 -15.98 -8.28
O4' LMT MC . -54.92 -17.94 -8.36
O5B LMT MC . -56.16 -18.05 -11.78
O6B LMT MC . -54.52 -20.13 -11.92
C1' LMT MC . -54.57 -13.52 -15.54
C2' LMT MC . -56.06 -13.90 -15.43
C3' LMT MC . -56.39 -14.31 -13.97
C4' LMT MC . -55.46 -15.48 -13.57
C5' LMT MC . -54.05 -14.87 -13.72
C6' LMT MC . -52.95 -15.71 -13.13
O1' LMT MC . -54.18 -13.32 -16.84
O2' LMT MC . -56.84 -12.80 -15.75
O3' LMT MC . -57.70 -14.64 -13.84
O5' LMT MC . -53.78 -14.61 -15.06
O6' LMT MC . -53.12 -15.68 -11.77
C1 LMT MC . -54.31 -12.00 -17.32
C2 LMT MC . -53.55 -11.94 -18.61
C3 LMT MC . -52.06 -12.05 -18.53
C4 LMT MC . -51.50 -12.30 -19.90
C5 LMT MC . -50.03 -12.04 -19.95
C6 LMT MC . -49.29 -12.75 -18.86
C7 LMT MC . -47.82 -12.94 -19.18
C8 LMT MC . -47.59 -14.01 -20.20
C9 LMT MC . -47.23 -13.54 -21.58
C10 LMT MC . -47.95 -14.39 -22.59
C11 LMT MC . -47.35 -14.29 -23.96
C12 LMT MC . -47.01 -12.89 -24.34
C1B LMT NC . -58.05 -6.10 -12.99
C2B LMT NC . -59.41 -6.21 -12.26
C3B LMT NC . -59.90 -4.84 -11.76
C4B LMT NC . -58.78 -4.07 -11.03
C5B LMT NC . -57.56 -4.04 -11.96
C6B LMT NC . -56.43 -3.24 -11.32
O1B LMT NC . -58.21 -5.60 -14.29
O2B LMT NC . -60.31 -6.76 -13.14
O3B LMT NC . -61.03 -4.96 -10.97
O4' LMT NC . -59.17 -2.78 -10.75
O5B LMT NC . -57.13 -5.34 -12.27
O6B LMT NC . -56.01 -3.85 -10.17
C1' LMT NC . -56.47 -6.11 -18.07
C2' LMT NC . -56.69 -7.40 -17.24
C3' LMT NC . -57.66 -7.14 -16.06
C4' LMT NC . -57.20 -5.93 -15.23
C5' LMT NC . -57.03 -4.77 -16.23
C6' LMT NC . -56.69 -3.46 -15.59
O1' LMT NC . -55.46 -6.27 -18.98
O2' LMT NC . -57.25 -8.36 -18.04
O3' LMT NC . -57.75 -8.25 -15.27
O5' LMT NC . -56.05 -5.08 -17.19
O6' LMT NC . -55.51 -3.64 -14.93
C1 LMT NC . -55.84 -6.73 -20.27
C2 LMT NC . -55.01 -7.96 -20.53
C3 LMT NC . -53.52 -7.80 -20.58
C4 LMT NC . -53.13 -7.07 -21.84
C5 LMT NC . -51.64 -7.13 -22.07
C6 LMT NC . -51.23 -6.53 -23.39
C7 LMT NC . -49.73 -6.45 -23.53
C8 LMT NC . -49.06 -7.77 -23.63
C9 LMT NC . -47.60 -7.64 -23.96
C10 LMT NC . -47.05 -8.93 -24.52
C11 LMT NC . -45.63 -8.74 -24.99
C12 LMT NC . -45.15 -9.90 -25.80
MG BCL OC . -63.28 -3.99 -27.80
CHA BCL OC . -63.18 -1.84 -30.49
CHB BCL OC . -61.72 -6.33 -29.72
CHC BCL OC . -64.02 -6.32 -25.46
CHD BCL OC . -65.61 -1.87 -26.27
NA BCL OC . -62.58 -4.05 -29.86
C1A BCL OC . -62.50 -3.01 -30.76
C2A BCL OC . -61.70 -3.37 -31.99
C3A BCL OC . -61.39 -4.85 -31.76
C4A BCL OC . -61.85 -5.12 -30.37
CMA BCL OC . -62.08 -5.76 -32.79
CAA BCL OC . -60.42 -2.55 -32.19
CBA BCL OC . -59.67 -2.86 -33.50
CGA BCL OC . -58.24 -2.41 -33.57
O1A BCL OC . -57.82 -1.56 -34.28
O2A BCL OC . -57.47 -3.12 -32.78
NB BCL OC . -62.99 -6.03 -27.64
C1B BCL OC . -62.18 -6.80 -28.47
C2B BCL OC . -61.90 -8.04 -27.89
C3B BCL OC . -62.57 -8.08 -26.65
C4B BCL OC . -63.24 -6.79 -26.53
CMB BCL OC . -61.01 -9.06 -28.57
CAB BCL OC . -62.69 -9.12 -25.62
OBB BCL OC . -63.43 -9.01 -24.63
CBB BCL OC . -61.89 -10.41 -25.65
NC BCL OC . -64.64 -4.08 -26.13
C1C BCL OC . -64.70 -5.11 -25.25
C2C BCL OC . -65.47 -4.81 -24.02
C3C BCL OC . -65.80 -3.32 -24.19
C4C BCL OC . -65.42 -3.06 -25.63
CMC BCL OC . -66.69 -5.68 -23.85
CAC BCL OC . -65.06 -2.42 -23.17
CBC BCL OC . -65.60 -2.54 -21.77
ND BCL OC . -64.21 -2.24 -28.24
C1D BCL OC . -65.15 -1.47 -27.56
C2D BCL OC . -65.52 -0.32 -28.30
C3D BCL OC . -64.77 -0.41 -29.47
C4D BCL OC . -64.01 -1.57 -29.40
CMD BCL OC . -66.51 0.73 -27.88
CAD BCL OC . -64.33 0.29 -30.62
OBD BCL OC . -64.64 1.43 -31.03
CBD BCL OC . -63.31 -0.59 -31.37
CGD BCL OC . -63.76 -0.82 -32.75
O1D BCL OC . -64.81 -1.32 -33.08
O2D BCL OC . -62.88 -0.41 -33.65
CED BCL OC . -63.22 -0.60 -35.06
C1 BCL OC . -56.03 -2.84 -32.74
C2 BCL OC . -55.50 -3.85 -31.77
C3 BCL OC . -54.72 -4.89 -31.95
C4 BCL OC . -54.04 -5.23 -33.27
C5 BCL OC . -54.47 -5.93 -30.87
C6 BCL OC . -53.23 -5.78 -30.00
C7 BCL OC . -53.32 -6.57 -28.69
C8 BCL OC . -53.33 -8.10 -28.75
C9 BCL OC . -54.76 -8.69 -28.86
C10 BCL OC . -52.71 -8.71 -27.48
C11 BCL OC . -51.22 -8.49 -27.33
C12 BCL OC . -50.42 -8.83 -28.58
C13 BCL OC . -48.92 -8.98 -28.30
C14 BCL OC . -48.27 -7.68 -27.82
C15 BCL OC . -48.19 -9.45 -29.58
C16 BCL OC . -46.78 -9.96 -29.38
C17 BCL OC . -46.08 -10.41 -30.69
C18 BCL OC . -44.77 -11.12 -30.46
C19 BCL OC . -44.04 -11.08 -31.82
C20 BCL OC . -44.92 -12.56 -29.96
MG BCL PC . -50.43 -2.44 -40.35
CHA BCL PC . -53.61 -3.78 -40.23
CHB BCL PC . -50.38 -2.52 -36.96
CHC BCL PC . -47.05 -2.07 -40.44
CHD BCL PC . -50.42 -2.83 -43.82
NA BCL PC . -51.80 -3.12 -38.84
C1A BCL PC . -53.08 -3.60 -38.98
C2A BCL PC . -53.68 -3.97 -37.66
C3A BCL PC . -52.87 -3.07 -36.73
C4A BCL PC . -51.59 -2.92 -37.49
CMA BCL PC . -53.55 -1.71 -36.53
CAA BCL PC . -53.55 -5.47 -37.24
CBA BCL PC . -52.22 -5.94 -36.60
CGA BCL PC . -51.20 -6.69 -37.38
O1A BCL PC . -51.41 -7.70 -37.98
O2A BCL PC . -49.95 -6.26 -37.21
NB BCL PC . -48.92 -2.36 -38.94
C1B BCL PC . -49.12 -2.33 -37.56
C2B BCL PC . -47.92 -2.13 -36.90
C3B BCL PC . -46.91 -1.94 -37.87
C4B BCL PC . -47.60 -2.12 -39.14
CMB BCL PC . -47.84 -2.15 -35.39
CAB BCL PC . -45.48 -1.60 -37.76
OBB BCL PC . -44.76 -1.45 -38.75
CBB BCL PC . -44.77 -1.40 -36.43
NC BCL PC . -48.95 -2.46 -41.91
C1C BCL PC . -47.62 -2.26 -41.71
C2C BCL PC . -46.82 -2.24 -42.97
C3C BCL PC . -47.89 -2.47 -44.05
C4C BCL PC . -49.17 -2.61 -43.26
CMC BCL PC . -46.03 -0.96 -43.13
CAC BCL PC . -47.56 -3.69 -44.94
CBC BCL PC . -46.21 -3.58 -45.61
ND BCL PC . -51.66 -3.23 -41.75
C1D BCL PC . -51.65 -3.14 -43.15
C2D BCL PC . -52.93 -3.39 -43.69
C3D BCL PC . -53.76 -3.64 -42.60
C4D BCL PC . -52.96 -3.55 -41.46
CMD BCL PC . -53.29 -3.37 -45.16
CAD BCL PC . -55.10 -3.73 -42.15
OBD BCL PC . -56.17 -3.76 -42.79
CBD BCL PC . -55.09 -3.78 -40.60
CGD BCL PC . -55.84 -2.68 -40.01
O1D BCL PC . -55.76 -1.51 -40.36
O2D BCL PC . -56.65 -3.04 -39.03
CED BCL PC . -57.29 -2.00 -38.24
C1 BCL PC . -48.84 -7.08 -37.67
C2 BCL PC . -47.61 -6.19 -37.76
C3 BCL PC . -46.51 -6.27 -37.01
C4 BCL PC . -46.33 -7.26 -35.86
C5 BCL PC . -45.28 -5.40 -37.27
C6 BCL PC . -45.01 -4.95 -38.71
C7 BCL PC . -44.73 -6.13 -39.62
C8 BCL PC . -44.83 -6.00 -41.15
C9 BCL PC . -43.91 -4.88 -41.67
C10 BCL PC . -46.28 -5.75 -41.57
C11 BCL PC . -47.31 -6.85 -41.34
C12 BCL PC . -48.72 -6.41 -41.70
C13 BCL PC . -49.81 -7.48 -41.55
C14 BCL PC . -49.56 -8.70 -42.44
C15 BCL PC . -51.17 -6.86 -41.91
C16 BCL PC . -52.34 -7.82 -42.14
C17 BCL PC . -53.69 -7.12 -42.34
C18 BCL PC . -54.81 -7.99 -42.90
C19 BCL PC . -54.55 -8.11 -44.41
C20 BCL PC . -56.21 -7.43 -42.64
MG BCL QC . -50.71 14.62 -38.33
CHA BCL QC . -54.15 14.26 -38.32
CHB BCL QC . -50.79 14.24 -34.93
CHC BCL QC . -47.38 14.09 -38.35
CHD BCL QC . -50.73 14.20 -41.80
NA BCL QC . -52.28 14.26 -36.85
C1A BCL QC . -53.65 14.28 -37.05
C2A BCL QC . -54.40 14.13 -35.76
C3A BCL QC . -53.33 14.49 -34.73
C4A BCL QC . -52.05 14.29 -35.49
CMA BCL QC . -53.48 15.93 -34.22
CAA BCL QC . -54.98 12.71 -35.60
CBA BCL QC . -55.01 11.99 -34.22
CGA BCL QC . -53.70 11.42 -33.81
O1A BCL QC . -53.16 11.64 -32.79
O2A BCL QC . -53.08 10.80 -34.76
NB BCL QC . -49.28 14.25 -36.88
C1B BCL QC . -49.53 14.04 -35.52
C2B BCL QC . -48.37 13.60 -34.87
C3B BCL QC . -47.33 13.53 -35.84
C4B BCL QC . -47.97 13.95 -37.09
CMB BCL QC . -48.35 13.27 -33.38
CAB BCL QC . -45.91 13.18 -35.74
OBB BCL QC . -45.23 12.91 -36.75
CBB BCL QC . -45.17 13.09 -34.42
NC BCL QC . -49.28 14.20 -39.86
C1C BCL QC . -47.93 14.07 -39.63
C2C BCL QC . -47.11 14.13 -40.87
C3C BCL QC . -48.16 14.15 -41.99
C4C BCL QC . -49.48 14.11 -41.22
CMC BCL QC . -46.14 15.30 -40.92
CAC BCL QC . -47.86 13.00 -42.99
CBC BCL QC . -48.77 12.94 -44.20
ND BCL QC . -52.10 14.27 -39.77
C1D BCL QC . -52.01 14.17 -41.17
C2D BCL QC . -53.30 14.03 -41.74
C3D BCL QC . -54.19 14.07 -40.67
C4D BCL QC . -53.43 14.21 -39.52
CMD BCL QC . -53.60 13.88 -43.22
CAD BCL QC . -55.55 14.22 -40.30
OBD BCL QC . -56.60 14.24 -40.99
CBD BCL QC . -55.61 14.35 -38.75
CGD BCL QC . -56.26 15.60 -38.30
O1D BCL QC . -55.97 16.71 -38.67
O2D BCL QC . -57.23 15.39 -37.42
CED BCL QC . -57.78 16.55 -36.74
C1 BCL QC . -51.71 10.42 -34.49
C2 BCL QC . -51.28 9.59 -35.67
C3 BCL QC . -50.05 9.24 -35.91
C4 BCL QC . -48.85 9.60 -35.04
C5 BCL QC . -49.72 8.44 -37.15
C6 BCL QC . -49.67 9.27 -38.41
C7 BCL QC . -50.32 8.57 -39.60
C8 BCL QC . -50.73 9.51 -40.73
C9 BCL QC . -49.59 10.50 -41.04
C10 BCL QC . -52.01 10.28 -40.37
C11 BCL QC . -53.27 9.50 -40.67
C12 BCL QC . -54.54 10.21 -40.19
C13 BCL QC . -55.85 9.67 -40.79
C14 BCL QC . -55.86 8.15 -40.92
C15 BCL QC . -56.10 10.28 -42.19
C16 BCL QC . -57.36 9.80 -42.88
C17 BCL QC . -57.86 10.72 -44.01
C18 BCL QC . -58.63 11.91 -43.48
C19 BCL QC . -60.10 11.44 -43.32
C20 BCL QC . -58.58 13.14 -44.41
MG BCL RC . -63.27 14.19 -24.94
CHA BCL RC . -62.74 16.64 -27.32
CHB BCL RC . -62.41 11.87 -27.29
CHC BCL RC . -64.40 11.75 -22.89
CHD BCL RC . -65.06 16.52 -23.02
NA BCL RC . -62.69 14.28 -27.04
C1A BCL RC . -62.40 15.40 -27.80
C2A BCL RC . -61.69 15.05 -29.08
C3A BCL RC . -61.81 13.52 -29.13
C4A BCL RC . -62.29 13.16 -27.75
CMA BCL RC . -62.77 13.05 -30.21
CAA BCL RC . -60.23 15.51 -29.17
CBA BCL RC . -59.64 15.16 -30.55
CGA BCL RC . -58.16 15.30 -30.73
O1A BCL RC . -57.63 16.07 -31.45
O2A BCL RC . -57.46 14.41 -30.04
NB BCL RC . -63.45 12.13 -25.09
C1B BCL RC . -62.90 11.35 -26.09
C2B BCL RC . -62.91 9.99 -25.72
C3B BCL RC . -63.47 9.90 -24.45
C4B BCL RC . -63.80 11.28 -24.08
CMB BCL RC . -62.37 8.90 -26.62
CAB BCL RC . -63.66 8.65 -23.70
OBB BCL RC . -63.38 7.54 -24.17
CBB BCL RC . -64.20 8.61 -22.29
NC BCL RC . -64.55 14.15 -23.23
C1C BCL RC . -64.83 13.03 -22.50
C2C BCL RC . -65.56 13.31 -21.24
C3C BCL RC . -65.54 14.84 -21.17
C4C BCL RC . -65.12 15.23 -22.57
CMC BCL RC . -66.97 12.72 -21.23
CAC BCL RC . -64.60 15.38 -20.06
CBC BCL RC . -65.15 15.18 -18.67
ND BCL RC . -63.81 16.15 -25.10
C1D BCL RC . -64.53 17.00 -24.26
C2D BCL RC . -64.62 18.30 -24.82
C3D BCL RC . -63.94 18.23 -26.03
C4D BCL RC . -63.47 16.93 -26.16
CMD BCL RC . -65.34 19.47 -24.20
CAD BCL RC . -63.39 18.97 -27.10
OBD BCL RC . -63.50 20.18 -27.38
CBD BCL RC . -62.56 18.01 -27.98
CGD BCL RC . -62.98 18.13 -29.39
O1D BCL RC . -64.07 17.83 -29.81
O2D BCL RC . -62.03 18.59 -30.18
CED BCL RC . -62.32 18.66 -31.60
C1 BCL RC . -56.01 14.42 -30.25
C2 BCL RC . -55.41 13.56 -29.16
C3 BCL RC . -55.11 12.28 -29.27
C4 BCL RC . -55.39 11.45 -30.51
C5 BCL RC . -54.39 11.52 -28.15
C6 BCL RC . -55.10 10.27 -27.60
C7 BCL RC . -54.53 8.97 -28.13
C8 BCL RC . -54.86 7.72 -27.30
C9 BCL RC . -56.37 7.62 -27.04
C10 BCL RC . -54.10 7.67 -25.96
C11 BCL RC . -52.92 6.71 -26.00
C12 BCL RC . -51.64 7.30 -26.59
C13 BCL RC . -50.90 6.33 -27.51
C14 BCL RC . -50.59 4.98 -26.84
C15 BCL RC . -49.57 6.96 -27.95
C16 BCL RC . -49.66 8.24 -28.77
C17 BCL RC . -48.33 8.71 -29.36
C18 BCL RC . -48.39 10.08 -30.03
C19 BCL RC . -49.31 9.94 -31.25
C20 BCL RC . -47.01 10.63 -30.43
MG BCL SC . -47.00 30.58 -33.33
CHA BCL SC . -50.41 31.16 -33.53
CHB BCL SC . -47.48 29.55 -30.12
CHC BCL SC . -43.91 29.21 -33.37
CHD BCL SC . -46.76 31.07 -36.79
NA BCL SC . -48.74 30.36 -32.05
C1A BCL SC . -50.03 30.78 -32.27
C2A BCL SC . -50.91 30.45 -31.11
C3A BCL SC . -49.90 30.35 -29.97
C4A BCL SC . -48.63 30.05 -30.70
CMA BCL SC . -49.81 31.65 -29.17
CAA BCL SC . -51.76 29.18 -31.36
CBA BCL SC . -51.74 28.07 -30.30
CGA BCL SC . -50.54 27.18 -30.27
O1A BCL SC . -49.70 27.20 -29.43
O2A BCL SC . -50.53 26.26 -31.19
NB BCL SC . -45.88 29.49 -31.99
C1B BCL SC . -46.21 29.28 -30.66
C2B BCL SC . -45.11 28.77 -29.95
C3B BCL SC . -44.03 28.67 -30.86
C4B BCL SC . -44.57 29.13 -32.14
CMB BCL SC . -45.18 28.43 -28.47
CAB BCL SC . -42.65 28.21 -30.70
OBB BCL SC . -41.75 28.49 -31.52
CBB BCL SC . -42.21 27.37 -29.54
NC BCL SC . -45.57 30.19 -34.86
C1C BCL SC . -44.34 29.64 -34.64
C2C BCL SC . -43.56 29.46 -35.90
C3C BCL SC . -44.26 30.45 -36.83
C4C BCL SC . -45.65 30.50 -36.21
CMC BCL SC . -42.07 29.74 -35.71
CAC BCL SC . -44.19 30.08 -38.35
CBC BCL SC . -44.91 28.82 -38.73
ND BCL SC . -48.27 30.98 -34.87
C1D BCL SC . -48.06 31.23 -36.23
C2D BCL SC . -49.28 31.62 -36.87
C3D BCL SC . -50.23 31.62 -35.86
C4D BCL SC . -49.61 31.24 -34.68
CMD BCL SC . -49.45 31.93 -38.33
CAD BCL SC . -51.59 31.87 -35.53
OBD BCL SC . -52.55 32.23 -36.25
CBD BCL SC . -51.78 31.62 -34.00
CGD BCL SC . -52.27 32.81 -33.31
O1D BCL SC . -51.72 33.90 -33.31
O2D BCL SC . -53.39 32.61 -32.64
CED BCL SC . -53.82 33.65 -31.73
C1 BCL SC . -49.43 25.30 -31.12
C2 BCL SC . -48.25 25.83 -31.88
C3 BCL SC . -46.98 25.47 -31.76
C4 BCL SC . -46.47 24.47 -30.71
C5 BCL SC . -45.89 25.92 -32.71
C6 BCL SC . -46.35 26.51 -34.05
C7 BCL SC . -47.06 25.45 -34.92
C8 BCL SC . -48.01 26.02 -35.98
C9 BCL SC . -47.28 27.04 -36.86
C10 BCL SC . -49.24 26.68 -35.31
C11 BCL SC . -50.40 26.96 -36.26
C12 BCL SC . -51.66 27.37 -35.49
C13 BCL SC . -52.95 27.43 -36.33
C14 BCL SC . -53.22 26.11 -37.07
C15 BCL SC . -52.88 28.56 -37.37
C16 BCL SC . -54.25 29.04 -37.85
C17 BCL SC . -54.27 30.22 -38.83
C18 BCL SC . -55.62 30.93 -38.91
C19 BCL SC . -56.65 29.87 -39.33
C20 BCL SC . -55.63 32.12 -39.88
C1B LMT TC . -57.33 6.88 -11.32
C2B LMT TC . -56.65 6.26 -10.08
C3B LMT TC . -56.93 4.74 -9.96
C4B LMT TC . -58.44 4.45 -10.15
C5B LMT TC . -58.88 5.11 -11.46
C6B LMT TC . -60.34 4.79 -11.75
O1B LMT TC . -56.63 6.58 -12.50
O2B LMT TC . -55.30 6.49 -10.17
O3B LMT TC . -56.45 4.23 -8.78
O4' LMT TC . -58.66 3.09 -10.22
O5B LMT TC . -58.67 6.50 -11.43
O6B LMT TC . -60.47 3.50 -12.19
C1' LMT TC . -56.28 8.16 -16.37
C2' LMT TC . -56.43 9.16 -15.21
C3' LMT TC . -56.10 8.50 -13.86
C4' LMT TC . -57.02 7.28 -13.67
C5' LMT TC . -56.76 6.38 -14.91
C6' LMT TC . -57.44 5.05 -14.82
O1' LMT TC . -56.73 8.76 -17.51
O2' LMT TC . -55.57 10.21 -15.42
O3' LMT TC . -56.29 9.39 -12.84
O5' LMT TC . -57.14 7.05 -16.10
O6' LMT TC . -57.03 4.30 -15.89
C1 LMT TC . -56.35 8.22 -18.78
C2 LMT TC . -54.93 8.63 -19.08
C3 LMT TC . -54.46 8.33 -20.49
C4 LMT TC . -52.94 8.21 -20.56
C5 LMT TC . -52.51 8.07 -21.99
C6 LMT TC . -51.31 7.15 -22.15
C7 LMT TC . -50.09 7.58 -21.37
C8 LMT TC . -49.63 8.96 -21.74
C9 LMT TC . -49.31 9.16 -23.19
C10 LMT TC . -48.66 10.51 -23.36
C11 LMT TC . -48.50 10.90 -24.79
C12 LMT TC . -47.45 10.11 -25.50
C1B LMT UC . -54.24 28.95 -3.30
C2B LMT UC . -54.22 28.24 -1.92
C3B LMT UC . -54.26 26.70 -2.08
C4B LMT UC . -55.44 26.29 -2.99
C5B LMT UC . -55.31 27.07 -4.31
C6B LMT UC . -56.46 26.69 -5.25
O1B LMT UC . -52.99 28.85 -3.91
O2B LMT UC . -53.09 28.63 -1.27
O3B LMT UC . -54.30 26.08 -0.86
O4' LMT UC . -55.40 24.93 -3.25
O5B LMT UC . -55.27 28.47 -4.13
O6B LMT UC . -57.64 27.22 -4.79
C1' LMT UC . -50.76 30.52 -6.96
C2' LMT UC . -51.98 31.38 -6.54
C3' LMT UC . -52.54 30.87 -5.18
C4' LMT UC . -52.81 29.36 -5.23
C5' LMT UC . -51.52 28.70 -5.78
C6' LMT UC . -51.56 27.19 -5.81
O1' LMT UC . -50.22 30.91 -8.16
O2' LMT UC . -51.56 32.68 -6.38
O3' LMT UC . -53.68 31.56 -4.86
O5' LMT UC . -51.21 29.18 -7.07
O6' LMT UC . -51.66 26.78 -4.50
C1 LMT UC . -48.93 30.38 -8.42
C2 LMT UC . -48.47 30.93 -9.75
C3 LMT UC . -47.12 30.47 -10.25
C4 LMT UC . -47.01 28.97 -10.10
C5 LMT UC . -45.80 28.41 -10.83
C6 LMT UC . -45.78 28.61 -12.31
C7 LMT UC . -45.62 27.29 -13.02
C8 LMT UC . -45.78 27.45 -14.50
C9 LMT UC . -44.61 28.10 -15.18
C10 LMT UC . -45.11 28.85 -16.40
C11 LMT UC . -43.99 29.43 -17.20
C12 LMT UC . -43.38 30.64 -16.55
MG BCL VC . -59.05 31.24 -19.76
CHA BCL VC . -58.04 33.79 -21.87
CHB BCL VC . -58.65 29.07 -22.35
CHC BCL VC . -60.76 28.90 -18.02
CHD BCL VC . -60.19 33.65 -17.49
NA BCL VC . -58.45 31.45 -21.85
C1A BCL VC . -57.96 32.57 -22.49
C2A BCL VC . -57.37 32.23 -23.84
C3A BCL VC . -57.78 30.76 -24.04
C4A BCL VC . -58.28 30.35 -22.68
CMA BCL VC . -58.84 30.58 -25.12
CAA BCL VC . -55.86 32.43 -23.97
CBA BCL VC . -55.38 32.14 -25.41
CGA BCL VC . -53.91 31.97 -25.58
O1A BCL VC . -53.20 32.70 -26.19
O2A BCL VC . -53.43 30.87 -25.01
NB BCL VC . -59.68 29.32 -20.15
C1B BCL VC . -59.29 28.55 -21.24
C2B BCL VC . -59.64 27.20 -21.04
C3B BCL VC . -60.29 27.11 -19.79
C4B BCL VC . -60.27 28.47 -19.26
CMB BCL VC . -59.32 26.12 -22.06
CAB BCL VC . -60.90 25.99 -19.07
OBB BCL VC . -61.68 26.15 -18.12
CBB BCL VC . -60.64 24.55 -19.43
NC BCL VC . -60.31 31.29 -18.03
C1C BCL VC . -60.83 30.17 -17.43
C2C BCL VC . -61.38 30.43 -16.09
C3C BCL VC . -61.03 31.90 -15.85
C4C BCL VC . -60.56 32.36 -17.20
CMC BCL VC . -62.88 30.13 -16.00
CAC BCL VC . -59.99 32.09 -14.71
CBC BCL VC . -60.55 31.82 -13.34
ND BCL VC . -59.10 33.27 -19.65
C1D BCL VC . -59.63 34.15 -18.70
C2D BCL VC . -59.51 35.50 -19.12
C3D BCL VC . -58.89 35.43 -20.37
C4D BCL VC . -58.67 34.09 -20.65
CMD BCL VC . -59.96 36.70 -18.35
CAD BCL VC . -58.23 36.17 -21.38
OBD BCL VC . -58.10 37.39 -21.53
CBD BCL VC . -57.62 35.17 -22.40
CGD BCL VC . -58.07 35.52 -23.76
O1D BCL VC . -59.23 35.60 -24.12
O2D BCL VC . -57.07 35.73 -24.60
CED BCL VC . -57.40 36.06 -25.97
C1 BCL VC . -52.01 30.65 -25.17
C2 BCL VC . -51.66 29.40 -24.38
C3 BCL VC . -51.48 28.20 -24.88
C4 BCL VC . -51.64 27.84 -26.35
C5 BCL VC . -51.00 27.03 -24.03
C6 BCL VC . -51.92 25.80 -23.94
C7 BCL VC . -51.24 24.64 -23.23
C8 BCL VC . -51.92 23.28 -23.40
C9 BCL VC . -53.10 23.15 -22.42
C10 BCL VC . -50.91 22.13 -23.15
C11 BCL VC . -49.84 22.01 -24.22
C12 BCL VC . -49.16 20.63 -24.24
C13 BCL VC . -47.70 20.68 -24.73
C14 BCL VC . -47.53 21.49 -26.02
C15 BCL VC . -47.19 19.24 -24.98
C16 BCL VC . -47.38 18.24 -23.87
C17 BCL VC . -46.49 18.56 -22.64
C18 BCL VC . -46.78 17.65 -21.45
C19 BCL VC . -45.85 18.15 -20.32
C20 BCL VC . -46.57 16.16 -21.72
C1B LMT WC . -48.95 36.38 -0.74
C2B LMT WC . -50.01 36.42 0.38
C3B LMT WC . -50.00 37.78 1.11
C4B LMT WC . -48.56 38.16 1.54
C5B LMT WC . -47.67 38.06 0.29
C6B LMT WC . -46.23 38.44 0.64
O1B LMT WC . -49.33 37.15 -1.84
O2B LMT WC . -51.24 36.17 -0.18
O3B LMT WC . -50.88 37.79 2.16
O4' LMT WC . -48.52 39.44 2.03
O5B LMT WC . -47.70 36.78 -0.27
O6B LMT WC . -46.17 39.74 1.07
C1' LMT WC . -48.56 36.99 -6.00
C2' LMT WC . -49.21 35.75 -5.33
C3' LMT WC . -49.80 36.06 -3.93
C4' LMT WC . -48.75 36.77 -3.08
C5' LMT WC . -48.35 38.02 -3.90
C6' LMT WC . -47.52 39.02 -3.15
O1' LMT WC . -47.82 36.53 -7.06
O2' LMT WC . -50.21 35.26 -6.14
O3' LMT WC . -50.18 34.90 -3.32
O5' LMT WC . -47.68 37.63 -5.09
O6' LMT WC . -46.74 39.65 -4.08
C1 LMT WC . -47.38 37.48 -8.02
C2 LMT WC . -46.86 36.63 -9.17
C3 LMT WC . -45.94 37.31 -10.15
C4 LMT WC . -45.30 36.25 -11.03
C5 LMT WC . -44.29 36.87 -11.95
C6 LMT WC . -43.49 35.86 -12.72
C7 LMT WC . -42.34 36.53 -13.45
C8 LMT WC . -41.48 35.50 -14.12
C9 LMT WC . -40.08 35.93 -14.44
C10 LMT WC . -40.12 37.15 -15.33
C11 LMT WC . -38.73 37.63 -15.64
C12 LMT WC . -38.73 38.87 -16.46
MG BCL XC . -51.52 46.58 -13.25
CHA BCL XC . -50.07 49.10 -15.12
CHB BCL XC . -51.72 44.73 -16.10
CHC BCL XC . -53.49 44.39 -11.62
CHD BCL XC . -52.14 48.92 -10.71
NA BCL XC . -50.98 46.92 -15.34
C1A BCL XC . -50.26 47.97 -15.87
C2A BCL XC . -49.80 47.69 -17.28
C3A BCL XC . -50.54 46.38 -17.62
C4A BCL XC . -51.07 45.93 -16.30
CMA BCL XC . -51.65 46.60 -18.65
CAA BCL XC . -48.28 47.56 -17.47
CBA BCL XC . -47.91 47.25 -18.93
CGA BCL XC . -46.52 46.80 -19.20
O1A BCL XC . -45.71 47.39 -19.83
O2A BCL XC . -46.25 45.58 -18.75
NB BCL XC . -52.52 44.86 -13.79
C1B BCL XC . -52.34 44.17 -14.98
C2B BCL XC . -52.85 42.87 -14.88
C3B BCL XC . -53.39 42.72 -13.60
C4B BCL XC . -53.16 44.00 -12.93
CMB BCL XC . -52.79 41.87 -16.03
CAB BCL XC . -54.00 41.49 -13.09
OBB BCL XC . -53.94 40.40 -13.69
CBB BCL XC . -54.78 41.44 -11.81
NC BCL XC . -52.67 46.66 -11.45
C1C BCL XC . -53.33 45.60 -10.92
C2C BCL XC . -53.82 45.82 -9.54
C3C BCL XC . -53.16 47.16 -9.17
C4C BCL XC . -52.70 47.68 -10.51
CMC BCL XC . -55.34 45.85 -9.44
CAC BCL XC . -52.03 47.01 -8.13
CBC BCL XC . -52.52 46.66 -6.74
ND BCL XC . -51.22 48.57 -12.94
C1D BCL XC . -51.47 49.42 -11.85
C2D BCL XC . -51.00 50.72 -12.10
C3D BCL XC . -50.42 50.68 -13.37
C4D BCL XC . -50.58 49.37 -13.84
CMD BCL XC . -51.10 51.89 -11.15
CAD BCL XC . -49.60 51.35 -14.31
OBD BCL XC . -49.12 52.50 -14.28
CBD BCL XC . -49.31 50.39 -15.48
CGD BCL XC . -49.70 51.02 -16.76
O1D BCL XC . -50.84 51.26 -17.10
O2D BCL XC . -48.67 51.32 -17.52
CED BCL XC . -48.96 51.83 -18.85
C1 BCL XC . -44.94 45.05 -19.10
C2 BCL XC . -44.83 43.66 -18.46
C3 BCL XC . -44.89 42.51 -19.08
C4 BCL XC . -45.16 42.34 -20.57
C5 BCL XC . -44.63 41.19 -18.36
C6 BCL XC . -45.77 40.18 -18.27
C7 BCL XC . -45.34 38.92 -17.51
C8 BCL XC . -46.33 37.76 -17.49
C9 BCL XC . -47.76 38.24 -17.17
C10 BCL XC . -45.91 36.68 -16.47
C11 BCL XC . -44.55 36.06 -16.74
C12 BCL XC . -44.55 35.18 -17.99
C13 BCL XC . -43.15 34.92 -18.58
C14 BCL XC . -42.64 36.13 -19.36
C15 BCL XC . -43.25 33.71 -19.53
C16 BCL XC . -41.99 33.17 -20.19
C17 BCL XC . -41.87 33.50 -21.70
C18 BCL XC . -40.71 32.79 -22.38
C19 BCL XC . -40.42 33.58 -23.67
C20 BCL XC . -41.01 31.32 -22.69
C1B LMT YC . -32.74 41.81 -32.64
C2B LMT YC . -33.43 41.31 -33.92
C3B LMT YC . -32.38 40.80 -34.91
C4B LMT YC . -31.33 41.89 -35.21
C5B LMT YC . -30.81 42.45 -33.87
C6B LMT YC . -29.89 43.63 -34.13
O1B LMT YC . -32.09 40.73 -32.05
O2B LMT YC . -34.30 40.31 -33.56
O3B LMT YC . -32.96 40.31 -36.06
O4' LMT YC . -30.28 41.37 -35.93
O5B LMT YC . -31.83 42.82 -32.96
O6B LMT YC . -30.53 44.56 -34.93
C1' LMT YC . -32.69 41.08 -27.88
C2' LMT YC . -31.36 41.64 -28.46
C3' LMT YC . -31.57 41.95 -29.96
C4' LMT YC . -31.96 40.63 -30.64
C5' LMT YC . -33.29 40.20 -29.96
C6' LMT YC . -33.94 39.00 -30.62
O1' LMT YC . -32.58 40.77 -26.54
O2' LMT YC . -31.01 42.78 -27.79
O3' LMT YC . -30.43 42.45 -30.51
O5' LMT YC . -33.06 39.91 -28.60
O6' LMT YC . -35.13 38.80 -29.97
C1 LMT YC . -31.74 39.69 -26.21
C2 LMT YC . -31.68 39.67 -24.69
C3 LMT YC . -31.00 38.50 -24.05
C4 LMT YC . -31.28 38.53 -22.56
C5 LMT YC . -30.75 37.30 -21.88
C6 LMT YC . -31.55 36.89 -20.67
C7 LMT YC . -30.97 35.63 -20.07
C8 LMT YC . -31.89 35.09 -19.02
C9 LMT YC . -31.53 33.72 -18.53
C10 LMT YC . -32.75 33.10 -17.90
C11 LMT YC . -32.46 31.73 -17.35
C12 LMT YC . -32.07 30.75 -18.42
MG BCL ZC . -40.49 44.29 -27.39
CHA BCL ZC . -43.53 45.91 -26.95
CHB BCL ZC . -40.46 43.68 -24.03
CHC BCL ZC . -37.29 43.27 -27.66
CHD BCL ZC . -40.23 45.75 -30.57
NA BCL ZC . -41.83 44.77 -25.73
C1A BCL ZC . -43.08 45.33 -25.78
C2A BCL ZC . -43.77 45.27 -24.45
C3A BCL ZC . -42.62 44.91 -23.50
C4A BCL ZC . -41.60 44.33 -24.43
CMA BCL ZC . -42.07 46.15 -22.78
CAA BCL ZC . -44.95 44.27 -24.35
CBA BCL ZC . -44.62 42.78 -24.13
CGA BCL ZC . -44.24 41.90 -25.28
O1A BCL ZC . -44.55 42.06 -26.41
O2A BCL ZC . -43.58 40.83 -24.86
NB BCL ZC . -39.06 43.65 -26.04
C1B BCL ZC . -39.31 43.28 -24.73
C2B BCL ZC . -38.25 42.50 -24.23
C3B BCL ZC . -37.31 42.35 -25.25
C4B BCL ZC . -37.85 43.11 -26.37
CMB BCL ZC . -38.25 41.96 -22.80
CAB BCL ZC . -36.03 41.64 -25.32
OBB BCL ZC . -35.16 41.95 -26.14
CBB BCL ZC . -35.69 40.49 -24.41
NC BCL ZC . -38.98 44.52 -28.87
C1C BCL ZC . -37.77 43.89 -28.82
C2C BCL ZC . -37.16 43.69 -30.16
C3C BCL ZC . -38.00 44.62 -31.06
C4C BCL ZC . -39.13 45.04 -30.15
CMC BCL ZC . -35.67 44.00 -30.16
CAC BCL ZC . -38.47 43.94 -32.38
CBC BCL ZC . -37.34 43.49 -33.28
ND BCL ZC . -41.58 45.57 -28.53
C1D BCL ZC . -41.42 46.07 -29.83
C2D BCL ZC . -42.52 46.86 -30.22
C3D BCL ZC . -43.39 46.84 -29.14
C4D BCL ZC . -42.80 46.06 -28.14
CMD BCL ZC . -42.68 47.56 -31.55
CAD BCL ZC . -44.58 47.37 -28.58
OBD BCL ZC . -45.47 48.08 -29.10
CBD BCL ZC . -44.67 46.91 -27.10
CGD BCL ZC . -44.59 48.08 -26.21
O1D BCL ZC . -43.73 48.92 -26.25
O2D BCL ZC . -45.57 48.11 -25.32
CED BCL ZC . -45.52 49.17 -24.32
C1 BCL ZC . -43.21 39.77 -25.80
C2 BCL ZC . -41.82 40.07 -26.34
C3 BCL ZC . -40.78 39.28 -26.20
C4 BCL ZC . -40.79 37.95 -25.46
C5 BCL ZC . -39.42 39.59 -26.83
C6 BCL ZC . -39.37 40.58 -28.01
C7 BCL ZC . -39.85 40.04 -29.36
C8 BCL ZC . -41.35 40.08 -29.63
C9 BCL ZC . -41.68 39.34 -30.93
C10 BCL ZC . -41.86 41.53 -29.70
C11 BCL ZC . -43.36 41.63 -29.89
C12 BCL ZC . -43.91 43.04 -29.59
C13 BCL ZC . -45.42 43.24 -29.81
C14 BCL ZC . -46.19 41.92 -29.67
C15 BCL ZC . -45.73 43.83 -31.19
C16 BCL ZC . -47.22 44.14 -31.40
C17 BCL ZC . -47.51 45.13 -32.55
C18 BCL ZC . -47.30 46.58 -32.13
C19 BCL ZC . -48.67 47.06 -31.60
C20 BCL ZC . -46.83 47.48 -33.28
MG BCL AD . -29.59 56.48 -19.99
CHA BCL AD . -32.38 58.49 -19.49
CHB BCL AD . -30.19 55.07 -16.95
CHC BCL AD . -27.69 53.80 -20.89
CHD BCL AD . -29.45 57.58 -23.30
NA BCL AD . -31.10 56.78 -18.44
C1A BCL AD . -32.14 57.68 -18.41
C2A BCL AD . -32.92 57.61 -17.11
C3A BCL AD . -32.02 56.71 -16.24
C4A BCL AD . -31.08 56.09 -17.23
CMA BCL AD . -31.27 57.52 -15.16
CAA BCL AD . -34.38 57.08 -17.24
CBA BCL AD . -34.70 56.15 -18.44
CGA BCL AD . -34.56 54.67 -18.16
O1A BCL AD . -35.33 53.85 -18.51
O2A BCL AD . -33.47 54.37 -17.54
NB BCL AD . -29.02 54.71 -19.08
C1B BCL AD . -29.39 54.30 -17.81
C2B BCL AD . -28.86 53.02 -17.53
C3B BCL AD . -28.14 52.60 -18.66
C4B BCL AD . -28.27 53.70 -19.62
CMB BCL AD . -29.11 52.30 -16.20
CAB BCL AD . -27.37 51.38 -18.95
OBB BCL AD . -27.15 51.00 -20.11
CBB BCL AD . -26.80 50.51 -17.87
NC BCL AD . -28.72 55.79 -21.83
C1C BCL AD . -27.92 54.69 -21.95
C2C BCL AD . -27.29 54.57 -23.30
C3C BCL AD . -27.63 55.92 -23.94
C4C BCL AD . -28.73 56.44 -23.05
CMC BCL AD . -25.79 54.28 -23.22
CAC BCL AD . -28.01 55.80 -25.45
CBC BCL AD . -29.28 55.01 -25.70
ND BCL AD . -30.63 57.77 -21.16
C1D BCL AD . -30.53 58.11 -22.52
C2D BCL AD . -31.59 58.95 -22.93
C3D BCL AD . -32.35 59.15 -21.78
C4D BCL AD . -31.76 58.44 -20.75
CMD BCL AD . -31.80 59.49 -24.32
CAD BCL AD . -33.49 59.79 -21.23
OBD BCL AD . -34.34 60.53 -21.78
CBD BCL AD . -33.57 59.44 -19.72
CGD BCL AD . -33.58 60.65 -18.87
O1D BCL AD . -32.94 60.79 -17.85
O2D BCL AD . -34.39 61.60 -19.32
CED BCL AD . -34.48 62.82 -18.53
C1 BCL AD . -33.10 52.98 -17.29
C2 BCL AD . -32.48 52.47 -18.58
C3 BCL AD . -32.00 51.26 -18.66
C4 BCL AD . -31.99 50.25 -17.52
C5 BCL AD . -31.38 50.71 -19.96
C6 BCL AD . -31.31 51.64 -21.17
C7 BCL AD . -32.63 51.77 -21.92
C8 BCL AD . -32.58 52.63 -23.20
C9 BCL AD . -31.24 52.42 -23.93
C10 BCL AD . -32.81 54.13 -22.94
C11 BCL AD . -34.26 54.48 -22.65
C12 BCL AD . -34.56 55.96 -22.87
C13 BCL AD . -36.07 56.27 -22.96
C14 BCL AD . -36.68 55.82 -24.29
C15 BCL AD . -36.30 57.79 -22.81
C16 BCL AD . -37.75 58.27 -22.87
C17 BCL AD . -37.95 59.80 -22.78
C18 BCL AD . -38.47 60.48 -24.04
C19 BCL AD . -37.40 60.32 -25.14
C20 BCL AD . -38.80 61.97 -23.84
C1 V7N BD . -26.93 59.32 2.87
C10 V7N BD . -26.65 63.79 -6.64
C11 V7N BD . -26.35 64.30 -7.91
C12 V7N BD . -27.24 64.13 -8.98
C13 V7N BD . -27.07 64.49 -10.33
C14 V7N BD . -28.17 64.55 -11.21
C15 V7N BD . -28.02 64.79 -12.58
C16 V7N BD . -29.03 64.53 -13.52
C17 V7N BD . -28.81 64.64 -14.90
C18 V7N BD . -29.75 64.30 -15.90
C19 V7N BD . -29.34 64.31 -17.25
C2 V7N BD . -27.54 60.67 2.44
C20 V7N BD . -30.12 64.16 -18.39
C21 V7N BD . -29.52 64.06 -19.67
C22 V7N BD . -30.18 63.90 -20.87
C23 V7N BD . -29.42 63.73 -22.14
C24 V7N BD . -28.80 64.97 -22.76
C25 V7N BD . -27.91 64.60 -23.89
C26 V7N BD . -28.25 64.57 -25.19
C27 V7N BD . -27.27 64.18 -26.24
C28 V7N BD . -26.83 65.38 -27.06
C29 V7N BD . -25.81 65.05 -28.09
C3 V7N BD . -26.68 61.47 1.54
C30 V7N BD . -26.80 58.36 1.68
C31 V7N BD . -25.57 59.53 3.49
C33 V7N BD . -24.67 62.79 -0.34
C34 V7N BD . -24.66 64.63 -5.34
C35 V7N BD . -25.73 64.78 -10.88
C36 V7N BD . -31.11 63.87 -15.52
C37 V7N BD . -31.66 63.87 -20.96
C38 V7N BD . -29.63 64.90 -25.66
C39 V7N BD . -25.67 65.76 -29.23
C4 V7N BD . -26.73 61.39 0.17
C40 V7N BD . -24.65 65.41 -30.25
C41 V7N BD . -29.17 58.49 3.37
C43 V7N BD . -26.50 66.94 -29.56
C5 V7N BD . -25.94 62.15 -0.75
C6 V7N BD . -26.40 62.26 -2.06
C7 V7N BD . -25.77 62.96 -3.10
C8 V7N BD . -26.44 63.20 -4.32
C9 V7N BD . -25.92 63.86 -5.44
O32 V7N BD . -27.87 58.79 3.84
O42 V7N BD . -24.05 65.17 -6.25
O44 V7N BD . -23.95 64.29 -30.02
O45 V7N BD . -24.38 66.04 -31.27
MG BCL CD . -40.09 58.62 -5.00
CHA BCL CD . -38.01 60.91 -6.55
CHB BCL CD . -40.79 57.32 -8.07
CHC BCL CD . -42.61 56.85 -3.62
CHD BCL CD . -39.96 60.56 -2.08
NA BCL CD . -39.49 59.11 -7.04
C1A BCL CD . -38.51 60.01 -7.45
C2A BCL CD . -38.19 59.84 -8.91
C3A BCL CD . -39.24 58.82 -9.39
C4A BCL CD . -39.86 58.33 -8.12
CMA BCL CD . -40.27 59.45 -10.32
CAA BCL CD . -36.75 59.35 -9.20
CBA BCL CD . -36.49 59.28 -10.71
CGA BCL CD . -35.24 58.59 -11.14
O1A BCL CD . -34.32 59.12 -11.67
O2A BCL CD . -35.27 57.28 -10.96
NB BCL CD . -41.53 57.33 -5.73
C1B BCL CD . -41.56 56.81 -7.01
C2B BCL CD . -42.43 55.73 -7.09
C3B BCL CD . -43.00 55.54 -5.82
C4B BCL CD . -42.39 56.58 -4.99
CMB BCL CD . -42.67 54.96 -8.38
CAB BCL CD . -43.98 54.50 -5.49
OBB BCL CD . -44.34 53.63 -6.30
CBB BCL CD . -44.62 54.39 -4.14
NC BCL CD . -41.13 58.72 -3.14
C1C BCL CD . -42.09 57.82 -2.75
C2C BCL CD . -42.44 57.92 -1.31
C3C BCL CD . -41.44 58.95 -0.79
C4C BCL CD . -40.87 59.53 -2.06
CMC BCL CD . -43.89 58.31 -1.08
CAC BCL CD . -40.36 58.35 0.15
CBC BCL CD . -40.90 58.04 1.52
ND BCL CD . -39.22 60.36 -4.42
C1D BCL CD . -39.20 61.05 -3.19
C2D BCL CD . -38.37 62.19 -3.26
C3D BCL CD . -37.87 62.20 -4.56
C4D BCL CD . -38.39 61.09 -5.22
CMD BCL CD . -38.12 63.16 -2.14
CAD BCL CD . -36.96 62.81 -5.45
OBD BCL CD . -36.22 63.80 -5.30
CBD BCL CD . -36.98 62.02 -6.79
CGD BCL CD . -37.25 62.94 -7.90
O1D BCL CD . -38.21 63.67 -7.99
O2D BCL CD . -36.32 62.90 -8.84
CED BCL CD . -36.48 63.77 -9.99
C1 BCL CD . -34.14 56.51 -11.49
C2 BCL CD . -34.33 55.08 -11.02
C3 BCL CD . -34.79 54.09 -11.76
C4 BCL CD . -35.24 54.22 -13.21
C5 BCL CD . -34.87 52.66 -11.23
C6 BCL CD . -36.25 52.00 -11.25
C7 BCL CD . -36.26 50.65 -10.53
C8 BCL CD . -37.47 49.78 -10.87
C9 BCL CD . -38.78 50.56 -10.63
C10 BCL CD . -37.48 48.48 -10.03
C11 BCL CD . -36.30 47.53 -10.14
C12 BCL CD . -36.24 46.71 -11.44
C13 BCL CD . -35.43 47.39 -12.55
C14 BCL CD . -36.25 47.62 -13.80
C15 BCL CD . -34.19 46.56 -12.95
C16 BCL CD . -33.30 47.40 -13.86
C17 BCL CD . -31.84 46.95 -13.98
C18 BCL CD . -30.98 47.96 -14.74
C19 BCL CD . -29.56 47.36 -14.75
C20 BCL CD . -30.93 49.36 -14.11
C1B LMT DD . -33.61 51.65 9.20
C2B LMT DD . -32.96 51.32 10.56
C3B LMT DD . -33.25 49.85 10.94
C4B LMT DD . -34.76 49.49 10.80
C5B LMT DD . -35.29 50.03 9.46
C6B LMT DD . -36.80 49.84 9.40
O1B LMT DD . -33.01 50.88 8.21
O2B LMT DD . -31.62 51.55 10.44
O3B LMT DD . -32.76 49.56 12.19
O4' LMT DD . -34.93 48.12 10.83
O5B LMT DD . -34.97 51.38 9.24
O6B LMT DD . -37.13 48.82 8.54
C1' LMT DD . -31.46 50.81 4.42
C2' LMT DD . -30.72 51.78 5.37
C3' LMT DD . -31.17 51.53 6.83
C4' LMT DD . -32.71 51.51 6.97
C5' LMT DD . -33.27 50.60 5.84
C6' LMT DD . -34.77 50.49 5.88
O1' LMT DD . -31.13 51.05 3.10
O2' LMT DD . -29.38 51.54 5.26
O3' LMT DD . -30.66 52.49 7.66
O5' LMT DD . -32.85 51.04 4.57
O6' LMT DD . -35.19 50.32 4.58
C1 LMT DD . -30.97 49.89 2.31
C2 LMT DD . -30.82 50.33 0.87
C3 LMT DD . -30.77 49.22 -0.15
C4 LMT DD . -30.53 49.79 -1.54
C5 LMT DD . -30.46 48.69 -2.56
C6 LMT DD . -30.01 49.19 -3.91
C7 LMT DD . -29.66 48.04 -4.83
C8 LMT DD . -28.99 48.58 -6.06
C9 LMT DD . -28.11 47.61 -6.80
C10 LMT DD . -28.94 46.85 -7.80
C11 LMT DD . -28.18 45.73 -8.44
C12 LMT DD . -28.94 45.10 -9.56
MG BCL ED . -17.00 63.68 -11.21
CHA BCL ED . -19.32 66.09 -10.34
CHB BCL ED . -17.85 62.01 -8.37
CHC BCL ED . -15.57 60.88 -12.48
CHD BCL ED . -16.55 65.26 -14.28
NA BCL ED . -18.43 64.02 -9.61
C1A BCL ED . -19.24 65.11 -9.39
C2A BCL ED . -20.07 64.95 -8.15
C3A BCL ED . -19.28 63.89 -7.39
C4A BCL ED . -18.50 63.22 -8.48
CMA BCL ED . -18.38 64.50 -6.33
CAA BCL ED . -21.53 64.53 -8.42
CBA BCL ED . -21.88 63.68 -9.68
CGA BCL ED . -21.92 62.20 -9.48
O1A BCL ED . -22.65 61.48 -10.09
O2A BCL ED . -20.99 61.67 -8.71
NB BCL ED . -16.78 61.73 -10.57
C1B BCL ED . -17.12 61.25 -9.30
C2B BCL ED . -16.64 59.95 -9.13
C3B BCL ED . -15.95 59.59 -10.30
C4B BCL ED . -16.07 60.74 -11.19
CMB BCL ED . -16.90 59.16 -7.85
CAB BCL ED . -15.21 58.39 -10.68
OBB BCL ED . -14.36 58.38 -11.57
CBB BCL ED . -15.45 57.06 -10.00
NC BCL ED . -16.18 63.16 -13.10
C1C BCL ED . -15.65 61.94 -13.42
C2C BCL ED . -15.10 61.85 -14.79
C3C BCL ED . -15.31 63.27 -15.34
C4C BCL ED . -16.10 63.94 -14.24
CMC BCL ED . -13.66 61.38 -14.82
CAC BCL ED . -16.00 63.25 -16.73
CBC BCL ED . -15.64 64.42 -17.61
ND BCL ED . -17.80 65.27 -12.18
C1D BCL ED . -17.43 65.92 -13.37
C2D BCL ED . -18.05 67.19 -13.47
C3D BCL ED . -18.80 67.33 -12.31
C4D BCL ED . -18.63 66.16 -11.56
CMD BCL ED . -17.88 68.15 -14.63
CAD BCL ED . -19.66 68.17 -11.57
OBD BCL ED . -20.14 69.29 -11.84
CBD BCL ED . -19.98 67.47 -10.21
CGD BCL ED . -19.50 68.25 -9.07
O1D BCL ED . -18.36 68.64 -8.91
O2D BCL ED . -20.45 68.52 -8.18
CED BCL ED . -20.04 69.15 -6.94
C1 BCL ED . -20.72 60.23 -8.62
C2 BCL ED . -20.16 59.81 -9.94
C3 BCL ED . -20.04 58.69 -10.61
C4 BCL ED . -20.31 57.31 -10.03
C5 BCL ED . -19.62 58.71 -12.07
C6 BCL ED . -19.85 60.03 -12.78
C7 BCL ED . -20.11 59.90 -14.28
C8 BCL ED . -20.32 61.25 -14.98
C9 BCL ED . -18.98 61.86 -15.42
C10 BCL ED . -21.09 62.23 -14.08
C11 BCL ED . -21.45 63.61 -14.61
C12 BCL ED . -22.35 64.36 -13.63
C13 BCL ED . -22.32 65.89 -13.74
C14 BCL ED . -22.95 66.57 -12.52
C15 BCL ED . -23.00 66.41 -15.04
C16 BCL ED . -22.79 67.91 -15.31
C17 BCL ED . -23.95 68.87 -14.96
C18 BCL ED . -23.48 70.31 -14.75
C19 BCL ED . -24.77 71.15 -14.66
C20 BCL ED . -22.55 70.83 -15.86
MG BCL FD . -26.01 66.12 4.17
CHA BCL FD . -23.53 68.07 2.79
CHB BCL FD . -27.10 65.45 1.01
CHC BCL FD . -28.82 64.76 5.46
CHD BCL FD . -25.43 67.66 7.26
NA BCL FD . -25.38 66.73 2.17
C1A BCL FD . -24.26 67.45 1.82
C2A BCL FD . -24.00 67.39 0.34
C3A BCL FD . -25.25 66.70 -0.21
C4A BCL FD . -25.96 66.22 1.02
CMA BCL FD . -26.12 67.64 -1.04
CAA BCL FD . -22.71 66.66 -0.05
CBA BCL FD . -22.51 66.68 -1.57
CGA BCL FD . -21.47 65.76 -2.11
O1A BCL FD . -20.47 66.08 -2.64
O2A BCL FD . -21.80 64.48 -2.01
NB BCL FD . -27.73 65.30 3.37
C1B BCL FD . -27.92 64.97 2.03
C2B BCL FD . -29.01 64.12 1.87
C3B BCL FD . -29.55 63.87 3.14
C4B BCL FD . -28.72 64.65 4.06
CMB BCL FD . -29.44 63.59 0.51
CAB BCL FD . -30.71 63.02 3.41
OBB BCL FD . -31.33 62.44 2.51
CBB BCL FD . -31.25 62.80 4.78
NC BCL FD . -26.98 66.22 6.08
C1C BCL FD . -28.10 65.52 6.40
C2C BCL FD . -28.43 65.57 7.85
C3C BCL FD . -27.24 66.32 8.44
C4C BCL FD . -26.54 66.85 7.22
CMC BCL FD . -29.77 66.23 8.13
CAC BCL FD . -26.32 65.42 9.32
CBC BCL FD . -26.95 65.05 10.66
ND BCL FD . -24.77 67.54 4.92
C1D BCL FD . -24.63 68.12 6.18
C2D BCL FD . -23.64 69.12 6.18
C3D BCL FD . -23.16 69.16 4.87
C4D BCL FD . -23.85 68.21 4.15
CMD BCL FD . -23.23 69.95 7.37
CAD BCL FD . -22.12 69.62 4.03
OBD BCL FD . -21.17 70.39 4.27
CBD BCL FD . -22.31 68.98 2.63
CGD BCL FD . -22.42 70.04 1.61
O1D BCL FD . -23.35 70.81 1.50
O2D BCL FD . -21.38 70.08 0.80
CED BCL FD . -21.43 71.05 -0.29
C1 BCL FD . -20.87 63.54 -2.61
C2 BCL FD . -21.41 62.14 -2.35
C3 BCL FD . -22.06 61.39 -3.20
C4 BCL FD . -22.44 61.80 -4.61
C5 BCL FD . -22.42 59.93 -2.88
C6 BCL FD . -23.88 59.53 -3.05
C7 BCL FD . -24.10 58.05 -2.69
C8 BCL FD . -25.44 57.47 -3.14
C9 BCL FD . -26.37 57.24 -1.93
C10 BCL FD . -25.25 56.15 -3.91
C11 BCL FD . -24.56 56.35 -5.24
C12 BCL FD . -24.79 55.20 -6.24
C13 BCL FD . -24.04 53.92 -5.88
C14 BCL FD . -22.85 53.67 -6.81
C15 BCL FD . -25.00 52.72 -5.96
C16 BCL FD . -24.46 51.43 -5.35
C17 BCL FD . -25.50 50.55 -4.63
C18 BCL FD . -24.96 49.19 -4.25
C19 BCL FD . -26.15 48.40 -3.69
C20 BCL FD . -23.81 49.23 -3.23
C1B LMT GD . -26.07 52.60 16.28
C2B LMT GD . -26.83 53.38 17.37
C3B LMT GD . -26.34 52.95 18.76
C4B LMT GD . -26.44 51.42 18.92
C5B LMT GD . -25.76 50.74 17.72
C6B LMT GD . -25.98 49.24 17.80
O1B LMT GD . -24.72 52.98 16.32
O2B LMT GD . -26.62 54.72 17.16
O3B LMT GD . -26.98 53.63 19.75
O4' LMT GD . -25.81 51.02 20.07
O5B LMT GD . -26.21 51.22 16.47
O6B LMT GD . -25.99 48.67 16.55
C1' LMT GD . -22.07 55.24 14.12
C2' LMT GD . -23.52 55.33 13.63
C3' LMT GD . -24.44 54.82 14.77
C4' LMT GD . -24.08 53.35 15.11
C5' LMT GD . -22.54 53.34 15.38
C6' LMT GD . -21.97 51.97 15.71
O1' LMT GD . -21.23 55.73 13.15
O2' LMT GD . -23.84 56.63 13.34
O3' LMT GD . -25.75 54.93 14.38
O5' LMT GD . -21.79 53.87 14.30
O6' LMT GD . -22.62 51.52 16.81
C1 LMT GD . -19.87 55.83 13.52
C2 LMT GD . -19.07 55.29 12.37
C3 LMT GD . -18.48 56.31 11.43
C4 LMT GD . -17.37 55.74 10.54
C5 LMT GD . -17.75 54.81 9.41
C6 LMT GD . -18.10 53.42 9.82
C7 LMT GD . -17.73 52.37 8.79
C8 LMT GD . -18.44 52.57 7.48
C9 LMT GD . -17.50 52.79 6.33
C10 LMT GD . -18.17 53.58 5.25
C11 LMT GD . -17.20 53.92 4.16
C12 LMT GD . -17.65 55.07 3.32
MG BCL HD . -2.52 67.09 -2.76
CHA BCL HD . -4.16 69.82 -1.47
CHB BCL HD . -3.81 65.23 -0.21
CHC BCL HD . -1.59 64.28 -4.40
CHD BCL HD . -1.87 68.92 -5.68
NA BCL HD . -3.84 67.51 -1.09
C1A BCL HD . -4.37 68.72 -0.70
C2A BCL HD . -5.16 68.61 0.56
C3A BCL HD . -4.80 67.19 1.07
C4A BCL HD . -4.18 66.56 -0.14
CMA BCL HD . -3.81 67.25 2.23
CAA BCL HD . -6.67 68.84 0.34
CBA BCL HD . -7.68 67.68 0.40
CGA BCL HD . -7.88 66.80 -0.78
O1A BCL HD . -8.52 67.07 -1.74
O2A BCL HD . -7.39 65.58 -0.58
NB BCL HD . -2.72 65.06 -2.41
C1B BCL HD . -3.16 64.50 -1.22
C2B BCL HD . -2.85 63.13 -1.17
C3B BCL HD . -2.22 62.80 -2.39
C4B BCL HD . -2.14 64.06 -3.13
CMB BCL HD . -3.18 62.26 0.03
CAB BCL HD . -1.74 61.53 -2.93
OBB BCL HD . -0.87 61.47 -3.81
CBB BCL HD . -2.28 60.20 -2.45
NC BCL HD . -1.84 66.67 -4.75
C1C BCL HD . -1.51 65.43 -5.21
C2C BCL HD . -1.01 65.43 -6.61
C3C BCL HD . -0.83 66.93 -6.89
C4C BCL HD . -1.64 67.56 -5.78
CMC BCL HD . 0.26 64.62 -6.78
CAC BCL HD . -1.25 67.32 -8.34
CBC BCL HD . -2.73 67.19 -8.60
ND BCL HD . -2.97 68.93 -3.49
C1D BCL HD . -2.53 69.63 -4.62
C2D BCL HD . -2.83 71.01 -4.53
C3D BCL HD . -3.47 71.17 -3.31
C4D BCL HD . -3.54 69.90 -2.72
CMD BCL HD . -2.51 72.06 -5.56
CAD BCL HD . -3.99 72.08 -2.35
OBD BCL HD . -4.14 73.31 -2.42
CBD BCL HD . -4.40 71.29 -1.09
CGD BCL HD . -3.66 71.70 0.11
O1D BCL HD . -2.45 71.64 0.25
O2D BCL HD . -4.45 72.18 1.07
CED BCL HD . -3.87 72.32 2.39
C1 BCL HD . -7.74 64.46 -1.44
C2 BCL HD . -6.68 64.38 -2.52
C3 BCL HD . -6.84 63.68 -3.63
C4 BCL HD . -8.09 62.90 -3.99
C5 BCL HD . -5.72 63.56 -4.67
C6 BCL HD . -5.03 64.84 -5.16
C7 BCL HD . -5.81 65.59 -6.24
C8 BCL HD . -7.21 66.12 -5.90
C9 BCL HD . -7.86 66.74 -7.15
C10 BCL HD . -7.11 67.11 -4.72
C11 BCL HD . -6.64 68.54 -4.92
C12 BCL HD . -7.77 69.55 -5.13
C13 BCL HD . -7.38 70.98 -4.78
C14 BCL HD . -7.44 71.24 -3.28
C15 BCL HD . -8.36 71.93 -5.51
C16 BCL HD . -8.26 73.41 -5.14
C17 BCL HD . -6.89 74.05 -5.40
C18 BCL HD . -6.72 75.44 -4.82
C19 BCL HD . -7.86 76.30 -5.40
C20 BCL HD . -5.35 76.06 -5.10
C1B LMT ID . -13.80 58.19 21.28
C2B LMT ID . -12.63 57.54 22.04
C3B LMT ID . -13.00 56.13 22.52
C4B LMT ID . -14.35 56.13 23.28
C5B LMT ID . -15.39 56.90 22.43
C6B LMT ID . -16.70 56.98 23.19
O1B LMT ID . -14.01 57.51 20.07
O2B LMT ID . -11.55 57.51 21.20
O3B LMT ID . -12.00 55.55 23.25
O4' LMT ID . -14.79 54.85 23.49
O5B LMT ID . -14.95 58.18 22.06
O6B LMT ID . -17.65 57.65 22.45
C1' LMT ID . -14.14 58.29 15.94
C2' LMT ID . -12.74 58.34 16.62
C3' LMT ID . -12.75 57.77 18.07
C4' LMT ID . -13.94 58.27 18.88
C5' LMT ID . -15.17 57.95 18.01
C6' LMT ID . -16.49 58.15 18.73
O1' LMT ID . -14.18 59.19 14.91
O2' LMT ID . -11.88 57.58 15.86
O3' LMT ID . -11.59 58.11 18.70
O5' LMT ID . -15.14 58.73 16.84
O6' LMT ID . -17.47 57.75 17.87
C1 LMT ID . -14.44 58.71 13.59
C2 LMT ID . -13.14 58.65 12.83
C3 LMT ID . -13.25 58.14 11.41
C4 LMT ID . -11.91 58.16 10.69
C5 LMT ID . -11.97 57.34 9.43
C6 LMT ID . -10.67 57.23 8.70
C7 LMT ID . -10.76 56.15 7.64
C8 LMT ID . -9.40 55.68 7.22
C9 LMT ID . -8.52 56.73 6.61
C10 LMT ID . -7.22 56.08 6.19
C11 LMT ID . -6.21 57.09 5.73
C12 LMT ID . -6.70 57.87 4.55
MG BCL JD . -10.60 69.78 13.26
CHA BCL JD . -7.80 71.32 11.97
CHB BCL JD . -11.90 69.71 10.11
CHC BCL JD . -13.57 68.83 14.55
CHD BCL JD . -9.60 70.77 16.47
NA BCL JD . -9.91 70.46 11.31
C1A BCL JD . -8.67 70.99 10.98
C2A BCL JD . -8.48 71.06 9.49
C3A BCL JD . -9.88 70.70 8.94
C4A BCL JD . -10.62 70.24 10.15
CMA BCL JD . -10.56 71.89 8.27
CAA BCL JD . -7.41 70.13 8.91
CBA BCL JD . -7.26 70.29 7.40
CGA BCL JD . -6.43 69.26 6.69
O1A BCL JD . -5.38 69.44 6.21
O2A BCL JD . -7.03 68.08 6.62
NB BCL JD . -12.47 69.40 12.48
C1B BCL JD . -12.75 69.27 11.12
C2B BCL JD . -13.98 68.63 10.92
C3B BCL JD . -14.52 68.35 12.19
C4B BCL JD . -13.53 68.86 13.14
CMB BCL JD . -14.53 68.32 9.55
CAB BCL JD . -15.81 67.69 12.41
OBB BCL JD . -16.55 67.30 11.48
CBB BCL JD . -16.36 67.42 13.79
NC BCL JD . -11.46 69.83 15.22
C1C BCL JD . -12.68 69.29 15.53
C2C BCL JD . -12.95 69.24 16.99
C3C BCL JD . -11.59 69.64 17.59
C4C BCL JD . -10.85 70.18 16.40
CMC BCL JD . -14.09 70.14 17.42
CAC BCL JD . -10.87 68.48 18.31
CBC BCL JD . -11.46 68.14 19.65
ND BCL JD . -9.07 70.84 14.09
C1D BCL JD . -8.74 71.14 15.41
C2D BCL JD . -7.51 71.84 15.47
C3D BCL JD . -7.07 71.95 14.15
C4D BCL JD . -8.03 71.33 13.36
CMD BCL JD . -6.84 72.34 16.73
CAD BCL JD . -6.00 72.30 13.31
OBD BCL JD . -4.91 72.83 13.56
CBD BCL JD . -6.39 71.91 11.85
CGD BCL JD . -6.26 73.06 10.95
O1D BCL JD . -6.88 74.10 11.05
O2D BCL JD . -5.37 72.88 9.98
CED BCL JD . -5.18 73.95 9.03
C1 BCL JD . -6.33 67.03 5.90
C2 BCL JD . -7.14 65.75 6.12
C3 BCL JD . -7.89 65.17 5.21
C4 BCL JD . -8.10 65.68 3.79
C5 BCL JD . -8.62 63.86 5.51
C6 BCL JD . -10.14 63.89 5.39
C7 BCL JD . -10.79 62.69 6.05
C8 BCL JD . -12.17 62.35 5.46
C9 BCL JD . -13.18 63.44 5.82
C10 BCL JD . -12.69 60.99 5.95
C11 BCL JD . -11.76 59.77 5.92
C12 BCL JD . -10.99 59.55 4.61
C13 BCL JD . -11.78 58.98 3.42
C14 BCL JD . -12.87 57.99 3.83
C15 BCL JD . -10.72 58.25 2.57
C16 BCL JD . -10.77 58.35 1.04
C17 BCL JD . -12.02 57.83 0.28
C18 BCL JD . -12.03 56.35 -0.12
C19 BCL JD . -13.40 56.12 -0.79
C20 BCL JD . -11.82 55.32 0.99
C1B LMT KD . 0.15 62.81 -10.06
C2B LMT KD . -1.10 63.47 -10.70
C3B LMT KD . -1.59 62.64 -11.90
C4B LMT KD . -0.44 62.49 -12.91
C5B LMT KD . 0.72 61.79 -12.18
C6B LMT KD . 1.89 61.63 -13.13
O1B LMT KD . -0.25 61.74 -9.23
O2B LMT KD . -2.08 63.55 -9.73
O3B LMT KD . -2.73 63.17 -12.45
O4' LMT KD . -0.85 61.72 -13.98
O5B LMT KD . 1.14 62.46 -11.00
O6B LMT KD . 2.36 62.87 -13.52
C1' LMT KD . 1.58 58.79 -6.93
C2' LMT KD . 2.51 59.94 -7.36
C3' LMT KD . 1.67 61.16 -7.84
C4' LMT KD . 0.67 60.71 -8.92
C5' LMT KD . -0.13 59.56 -8.27
C6' LMT KD . -1.31 59.06 -9.09
O1' LMT KD . 2.33 57.65 -6.72
O2' LMT KD . 3.27 60.33 -6.29
O3' LMT KD . 2.51 62.12 -8.32
O5' LMT KD . 0.71 58.48 -7.99
O6' LMT KD . -2.20 60.11 -9.16
C1 LMT KD . 1.63 56.54 -6.16
C2 LMT KD . 1.93 56.47 -4.69
C3 LMT KD . 1.51 57.57 -3.78
C4 LMT KD . 0.01 57.65 -3.68
C5 LMT KD . -0.57 56.98 -2.45
C6 LMT KD . -0.42 55.48 -2.37
C7 LMT KD . -1.25 55.00 -1.21
C8 LMT KD . -1.42 53.52 -1.22
C9 LMT KD . -2.39 53.04 -0.18
C10 LMT KD . -2.78 51.60 -0.45
C11 LMT KD . -3.79 51.12 0.55
C12 LMT KD . -4.31 49.77 0.22
C1B LMT LD . 7.17 51.12 30.75
C2B LMT LD . 5.90 50.23 30.87
C3B LMT LD . 5.10 50.61 32.13
C4B LMT LD . 6.01 50.52 33.37
C5B LMT LD . 7.25 51.39 33.11
C6B LMT LD . 8.22 51.28 34.30
O1B LMT LD . 6.89 52.45 30.43
O2B LMT LD . 5.12 50.36 29.74
O3B LMT LD . 3.98 49.82 32.25
O4' LMT LD . 5.35 50.99 34.48
O5B LMT LD . 7.94 51.04 31.93
O6B LMT LD . 7.59 51.62 35.46
C1' LMT LD . 6.71 54.10 26.51
C2' LMT LD . 5.38 53.89 27.30
C3' LMT LD . 5.60 53.73 28.83
C4' LMT LD . 6.75 52.75 29.05
C5' LMT LD . 7.94 53.52 28.45
C6' LMT LD . 9.30 53.07 28.89
O1' LMT LD . 6.55 53.58 25.24
O2' LMT LD . 4.56 54.97 27.09
O3' LMT LD . 4.47 53.28 29.46
O5' LMT LD . 7.84 53.42 27.06
O6' LMT LD . 9.43 53.40 30.23
C1 LMT LD . 7.38 54.12 24.24
C2 LMT LD . 6.93 53.50 22.93
C3 LMT LD . 7.41 54.17 21.67
C4 LMT LD . 6.73 53.53 20.47
C5 LMT LD . 7.15 54.23 19.20
C6 LMT LD . 6.24 53.89 18.05
C7 LMT LD . 6.43 54.80 16.86
C8 LMT LD . 7.68 54.48 16.07
C9 LMT LD . 7.88 55.41 14.92
C10 LMT LD . 8.92 54.85 13.97
C11 LMT LD . 9.22 55.81 12.85
C12 LMT LD . 10.22 55.25 11.89
MG BCL MD . 5.67 67.98 22.04
CHA BCL MD . 8.80 68.85 20.86
CHB BCL MD . 4.41 68.74 18.96
CHC BCL MD . 2.55 67.71 23.29
CHD BCL MD . 6.91 68.21 25.31
NA BCL MD . 6.53 68.73 20.18
C1A BCL MD . 7.87 68.88 19.86
C2A BCL MD . 8.08 69.09 18.38
C3A BCL MD . 6.64 69.23 17.85
C4A BCL MD . 5.78 68.84 19.02
CMA BCL MD . 6.34 70.65 17.39
CAA BCL MD . 8.84 67.97 17.67
CBA BCL MD . 9.00 68.30 16.17
CGA BCL MD . 9.47 67.19 15.29
O1A BCL MD . 10.56 67.10 14.83
O2A BCL MD . 8.53 66.29 15.01
NB BCL MD . 3.77 68.26 21.28
C1B BCL MD . 3.46 68.43 19.94
C2B BCL MD . 2.09 68.27 19.71
C3B BCL MD . 1.49 67.97 20.94
C4B BCL MD . 2.60 67.97 21.91
CMB BCL MD . 1.46 68.43 18.34
CAB BCL MD . 0.06 67.72 21.13
OBB BCL MD . -0.77 67.74 20.21
CBB BCL MD . -0.54 67.40 22.47
NC BCL MD . 4.86 68.00 24.01
C1C BCL MD . 3.55 67.75 24.29
C2C BCL MD . 3.27 67.58 25.74
C3C BCL MD . 4.68 67.47 26.34
C4C BCL MD . 5.55 67.98 25.21
CMC BCL MD . 2.45 68.72 26.32
CAC BCL MD . 5.03 66.04 26.81
CBC BCL MD . 4.28 65.63 28.05
ND BCL MD . 7.43 68.45 22.94
C1D BCL MD . 7.84 68.48 24.28
C2D BCL MD . 9.21 68.80 24.39
C3D BCL MD . 9.66 68.96 23.08
C4D BCL MD . 8.57 68.73 22.24
CMD BCL MD . 9.98 68.93 25.67
CAD BCL MD . 10.78 69.13 22.24
OBD BCL MD . 11.98 69.32 22.53
CBD BCL MD . 10.32 69.06 20.76
CGD BCL MD . 10.75 70.26 20.04
O1D BCL MD . 10.40 71.39 20.30
O2D BCL MD . 11.59 70.00 19.05
CED BCL MD . 12.03 71.12 18.24
C1 BCL MD . 8.98 65.23 14.13
C2 BCL MD . 7.89 64.17 14.06
C3 BCL MD . 6.93 64.08 13.18
C4 BCL MD . 6.67 65.10 12.08
C5 BCL MD . 6.00 62.87 13.09
C6 BCL MD . 4.53 63.12 12.74
C7 BCL MD . 3.60 63.11 13.95
C8 BCL MD . 2.15 62.81 13.55
C9 BCL MD . 1.18 63.88 14.10
C10 BCL MD . 1.71 61.41 14.05
C11 BCL MD . 2.34 60.28 13.24
C12 BCL MD . 1.42 59.84 12.09
C13 BCL MD . 1.97 60.06 10.67
C14 BCL MD . 0.94 59.66 9.61
C15 BCL MD . 3.26 59.25 10.40
C16 BCL MD . 3.65 59.10 8.93
C17 BCL MD . 4.96 58.39 8.58
C18 BCL MD . 6.24 59.16 8.89
C19 BCL MD . 6.17 60.49 8.09
C20 BCL MD . 7.51 58.40 8.54
MG BCL ND . 12.15 65.93 5.77
CHA BCL ND . 10.91 68.56 7.65
CHB BCL ND . 10.58 63.79 7.90
CHC BCL ND . 12.58 63.42 3.51
CHD BCL ND . 13.08 68.23 3.29
NA BCL ND . 10.88 66.18 7.51
C1A BCL ND . 10.59 67.35 8.20
C2A BCL ND . 9.99 67.07 9.55
C3A BCL ND . 10.17 65.55 9.69
C4A BCL ND . 10.46 65.11 8.29
CMA BCL ND . 11.31 65.20 10.63
CAA BCL ND . 8.54 67.54 9.70
CBA BCL ND . 7.42 66.72 9.05
CGA BCL ND . 7.38 66.53 7.57
O1A BCL ND . 7.06 67.36 6.79
O2A BCL ND . 7.61 65.28 7.23
NB BCL ND . 11.64 63.92 5.69
C1B BCL ND . 11.04 63.20 6.71
C2B BCL ND . 10.96 61.84 6.39
C3B BCL ND . 11.53 61.68 5.10
C4B BCL ND . 11.95 63.03 4.71
CMB BCL ND . 10.36 60.82 7.34
CAB BCL ND . 11.69 60.49 4.24
OBB BCL ND . 12.41 60.49 3.24
CBB BCL ND . 11.00 59.18 4.52
NC BCL ND . 12.74 65.85 3.71
C1C BCL ND . 12.87 64.69 2.98
C2C BCL ND . 13.41 64.90 1.62
C3C BCL ND . 13.62 66.42 1.56
C4C BCL ND . 13.09 66.91 2.90
CMC BCL ND . 14.67 64.10 1.34
CAC BCL ND . 12.93 67.10 0.34
CBC BCL ND . 13.55 66.71 -0.99
ND BCL ND . 11.99 67.94 5.45
C1D BCL ND . 12.52 68.78 4.48
C2D BCL ND . 12.40 70.15 4.86
C3D BCL ND . 11.79 70.13 6.11
C4D BCL ND . 11.54 68.80 6.43
CMD BCL ND . 12.87 71.34 4.05
CAD BCL ND . 11.41 70.90 7.23
OBD BCL ND . 11.48 72.13 7.45
CBD BCL ND . 10.84 69.94 8.31
CGD BCL ND . 11.55 70.07 9.60
O1D BCL ND . 12.75 70.18 9.72
O2D BCL ND . 10.74 70.04 10.66
CED BCL ND . 11.34 69.92 11.97
C1 BCL ND . 7.24 64.60 6.01
C2 BCL ND . 8.05 65.24 4.89
C3 BCL ND . 7.85 64.90 3.65
C4 BCL ND . 6.82 63.87 3.20
C5 BCL ND . 8.61 65.55 2.49
C6 BCL ND . 8.71 67.08 2.53
C7 BCL ND . 7.37 67.78 2.73
C8 BCL ND . 7.31 69.27 2.42
C9 BCL ND . 7.49 69.53 0.91
C10 BCL ND . 8.35 70.07 3.24
C11 BCL ND . 7.96 71.52 3.45
C12 BCL ND . 9.09 72.41 3.98
C13 BCL ND . 8.62 73.80 4.45
C14 BCL ND . 7.95 74.60 3.34
C15 BCL ND . 9.82 74.61 5.00
C16 BCL ND . 9.50 75.83 5.86
C17 BCL ND . 9.74 77.20 5.17
C18 BCL ND . 9.51 78.41 6.05
C19 BCL ND . 7.98 78.55 6.23
C20 BCL ND . 10.10 79.70 5.47
MG BCL OD . 20.86 60.93 29.50
CHA BCL OD . 24.06 61.35 28.28
CHB BCL OD . 19.68 62.23 26.58
CHC BCL OD . 17.81 61.28 30.93
CHD BCL OD . 22.20 60.41 32.69
NA BCL OD . 21.78 61.71 27.69
C1A BCL OD . 23.13 61.68 27.34
C2A BCL OD . 23.32 62.03 25.88
C3A BCL OD . 21.94 62.49 25.45
C4A BCL OD . 21.05 62.10 26.58
CMA BCL OD . 21.89 64.00 25.20
CAA BCL OD . 23.84 60.86 25.02
CBA BCL OD . 24.05 61.33 23.57
CGA BCL OD . 24.22 60.25 22.54
O1A BCL OD . 25.18 60.09 21.88
O2A BCL OD . 23.14 59.52 22.36
NB BCL OD . 19.04 61.70 28.89
C1B BCL OD . 18.72 62.06 27.59
C2B BCL OD . 17.33 62.22 27.44
C3B BCL OD . 16.73 61.94 28.66
C4B BCL OD . 17.85 61.62 29.57
CMB BCL OD . 16.70 62.62 26.12
CAB BCL OD . 15.29 62.01 28.92
OBB BCL OD . 14.47 62.42 28.08
CBB BCL OD . 14.68 61.57 30.22
NC BCL OD . 20.13 60.88 31.51
C1C BCL OD . 18.81 60.95 31.86
C2C BCL OD . 18.54 60.61 33.28
C3C BCL OD . 19.92 60.13 33.77
C4C BCL OD . 20.83 60.56 32.65
CMC BCL OD . 17.99 61.78 34.08
CAC BCL OD . 19.97 58.61 34.09
CBC BCL OD . 19.23 58.23 35.34
ND BCL OD . 22.70 60.87 30.34
C1D BCL OD . 23.14 60.70 31.65
C2D BCL OD . 24.55 60.84 31.75
C3D BCL OD . 24.97 61.10 30.45
C4D BCL OD . 23.85 61.10 29.64
CMD BCL OD . 25.36 60.72 33.01
CAD BCL OD . 26.10 61.14 29.59
OBD BCL OD . 27.31 61.07 29.84
CBD BCL OD . 25.59 61.29 28.14
CGD BCL OD . 26.24 62.45 27.50
O1D BCL OD . 26.12 63.60 27.86
O2D BCL OD . 26.99 62.12 26.47
CED BCL OD . 27.66 63.20 25.76
C1 BCL OD . 23.25 58.51 21.31
C2 BCL OD . 21.92 57.78 21.23
C3 BCL OD . 20.95 58.01 20.38
C4 BCL OD . 20.95 59.13 19.34
C5 BCL OD . 19.72 57.10 20.29
C6 BCL OD . 18.36 57.74 20.47
C7 BCL OD . 17.23 56.74 20.21
C8 BCL OD . 15.85 57.37 20.05
C9 BCL OD . 15.24 57.67 21.43
C10 BCL OD . 14.90 56.45 19.25
C11 BCL OD . 15.16 56.46 17.76
C12 BCL OD . 14.20 55.56 16.98
C13 BCL OD . 14.34 55.63 15.45
C14 BCL OD . 13.30 54.76 14.74
C15 BCL OD . 15.74 55.18 14.96
C16 BCL OD . 15.97 55.28 13.45
C17 BCL OD . 17.40 54.97 12.95
C18 BCL OD . 17.71 55.37 11.52
C19 BCL OD . 16.55 54.89 10.63
C20 BCL OD . 19.04 54.79 11.01
MG BCL PD . 26.76 59.64 12.77
CHA BCL PD . 26.61 62.38 14.87
CHB BCL PD . 24.76 57.97 14.95
CHC BCL PD . 26.17 57.32 10.37
CHD BCL PD . 28.30 61.65 10.35
NA BCL PD . 25.79 60.16 14.66
C1A BCL PD . 25.97 61.31 15.41
C2A BCL PD . 25.20 61.23 16.71
C3A BCL PD . 24.85 59.73 16.80
C4A BCL PD . 25.12 59.22 15.42
CMA BCL PD . 25.68 59.02 17.85
CAA BCL PD . 23.98 62.19 16.70
CBA BCL PD . 22.54 61.67 16.42
CGA BCL PD . 22.40 61.02 15.09
O1A BCL PD . 23.11 61.26 14.17
O2A BCL PD . 21.44 60.09 15.12
NB BCL PD . 25.60 57.95 12.64
C1B BCL PD . 24.93 57.35 13.71
C2B BCL PD . 24.48 56.07 13.36
C3B BCL PD . 24.88 55.83 12.03
C4B BCL PD . 25.58 57.05 11.62
CMB BCL PD . 23.72 55.18 14.33
CAB BCL PD . 24.68 54.68 11.14
OBB BCL PD . 25.39 54.49 10.14
CBB BCL PD . 23.59 53.66 11.36
NC BCL PD . 27.16 59.52 10.67
C1C BCL PD . 26.87 58.44 9.89
C2C BCL PD . 27.22 58.63 8.45
C3C BCL PD . 28.01 59.94 8.47
C4C BCL PD . 27.85 60.42 9.89
CMC BCL PD . 27.97 57.46 7.88
CAC BCL PD . 27.52 60.99 7.43
CBC BCL PD . 27.83 60.60 6.00
ND BCL PD . 27.29 61.59 12.58
C1D BCL PD . 28.00 62.28 11.59
C2D BCL PD . 28.32 63.60 12.02
C3D BCL PD . 27.80 63.71 13.29
C4D BCL PD . 27.20 62.49 13.61
CMD BCL PD . 29.06 64.63 11.19
CAD BCL PD . 27.70 64.51 14.45
OBD BCL PD . 28.07 65.68 14.66
CBD BCL PD . 27.00 63.69 15.56
CGD BCL PD . 27.87 63.49 16.73
O1D BCL PD . 29.05 63.26 16.68
O2D BCL PD . 27.22 63.59 17.88
CED BCL PD . 27.84 63.03 19.05
C1 BCL PD . 21.21 59.09 14.07
C2 BCL PD . 21.03 59.85 12.77
C3 BCL PD . 21.05 59.23 11.62
C4 BCL PD . 21.23 57.72 11.44
C5 BCL PD . 20.98 59.99 10.31
C6 BCL PD . 22.33 60.08 9.59
C7 BCL PD . 23.32 60.99 10.32
C8 BCL PD . 23.15 62.47 10.02
C9 BCL PD . 23.90 62.83 8.72
C10 BCL PD . 23.66 63.36 11.17
C11 BCL PD . 23.24 64.82 10.98
C12 BCL PD . 23.23 65.63 12.29
C13 BCL PD . 24.59 66.21 12.72
C14 BCL PD . 24.65 66.48 14.22
C15 BCL PD . 24.85 67.53 11.97
C16 BCL PD . 26.28 68.04 11.99
C17 BCL PD . 26.45 69.54 12.34
C18 BCL PD . 26.27 69.83 13.82
C19 BCL PD . 26.11 71.36 13.94
C20 BCL PD . 27.44 69.35 14.70
C1B LMT QD . 14.34 46.57 38.31
C2B LMT QD . 13.82 45.11 38.45
C3B LMT QD . 12.65 44.84 37.49
C4B LMT QD . 11.56 45.94 37.67
C5B LMT QD . 12.24 47.31 37.62
C6B LMT QD . 11.21 48.42 37.78
O1B LMT QD . 14.82 46.93 37.04
O2B LMT QD . 14.86 44.20 38.27
O3B LMT QD . 12.14 43.58 37.65
O4' LMT QD . 10.61 45.85 36.68
O5B LMT QD . 13.28 47.43 38.58
O6B LMT QD . 10.44 48.51 36.66
C1' LMT QD . 17.93 47.30 34.59
C2' LMT QD . 16.75 46.63 33.93
C3' LMT QD . 15.53 46.65 34.87
C4' LMT QD . 15.82 46.23 36.32
C5' LMT QD . 17.25 46.73 36.73
C6' LMT QD . 17.76 46.12 38.01
O1' LMT QD . 18.96 47.30 33.70
O2' LMT QD . 16.44 47.35 32.80
O3' LMT QD . 14.53 45.86 34.36
O5' LMT QD . 18.24 46.53 35.73
O6' LMT QD . 18.44 47.11 38.69
C1 LMT QD . 19.65 46.09 33.50
C2 LMT QD . 20.15 46.16 32.08
C3 LMT QD . 19.14 45.77 31.05
C4 LMT QD . 19.75 45.65 29.67
C5 LMT QD . 18.79 44.87 28.81
C6 LMT QD . 19.10 44.82 27.35
C7 LMT QD . 18.81 46.15 26.70
C8 LMT QD . 18.62 45.96 25.23
C9 LMT QD . 18.44 47.22 24.44
C10 LMT QD . 19.78 47.80 24.09
C11 LMT QD . 20.52 46.94 23.10
C12 LMT QD . 21.76 47.60 22.60
C1B LMT RD . 23.17 42.30 40.34
C2B LMT RD . 24.29 41.28 40.72
C3B LMT RD . 23.80 39.85 40.45
C4B LMT RD . 22.51 39.60 41.26
C5B LMT RD . 21.50 40.73 40.94
C6B LMT RD . 20.26 40.53 41.80
O1B LMT RD . 22.86 42.25 38.97
O2B LMT RD . 25.45 41.57 40.05
O3B LMT RD . 24.77 38.93 40.71
O4' LMT RD . 21.96 38.38 40.91
O5B LMT RD . 22.03 42.03 41.10
O6B LMT RD . 19.45 41.65 41.74
C1' LMT RD . 24.19 43.64 35.26
C2' LMT RD . 24.90 42.40 35.82
C3' LMT RD . 24.11 41.78 36.99
C4' LMT RD . 23.72 42.86 38.03
C5' LMT RD . 23.00 43.97 37.23
C6' LMT RD . 22.35 45.03 38.07
O1' LMT RD . 25.02 44.26 34.37
O2' LMT RD . 24.99 41.47 34.82
O3' LMT RD . 24.84 40.79 37.58
O5' LMT RD . 23.91 44.55 36.32
O6' LMT RD . 21.19 44.49 38.56
C1 LMT RD . 24.56 45.48 33.84
C2 LMT RD . 25.23 45.59 32.49
C3 LMT RD . 24.73 44.64 31.44
C4 LMT RD . 25.59 44.81 30.20
C5 LMT RD . 25.02 43.98 29.08
C6 LMT RD . 25.95 43.85 27.92
C7 LMT RD . 25.34 42.94 26.89
C8 LMT RD . 26.33 42.68 25.80
C9 LMT RD . 25.84 41.90 24.61
C10 LMT RD . 25.36 42.79 23.47
C11 LMT RD . 24.34 43.82 23.86
C12 LMT RD . 23.86 44.59 22.66
MG BCL SD . 39.11 50.62 17.93
CHA BCL SD . 39.97 52.63 20.58
CHB BCL SD . 37.57 48.52 20.14
CHC BCL SD . 38.61 48.43 15.41
CHD BCL SD . 41.53 52.23 15.96
NA BCL SD . 38.85 50.59 20.08
C1A BCL SD . 39.21 51.57 20.99
C2A BCL SD . 38.49 51.40 22.29
C3A BCL SD . 38.06 49.92 22.23
C4A BCL SD . 38.10 49.64 20.75
CMA BCL SD . 39.00 49.02 23.01
CAA BCL SD . 37.33 52.42 22.48
CBA BCL SD . 35.84 51.97 22.47
CGA BCL SD . 35.34 51.54 21.13
O1A BCL SD . 35.30 50.42 20.79
O2A BCL SD . 34.97 52.55 20.37
NB BCL SD . 38.29 48.73 17.80
C1B BCL SD . 37.53 48.12 18.80
C2B BCL SD . 36.78 47.05 18.26
C3B BCL SD . 37.04 47.01 16.87
C4B BCL SD . 38.02 48.06 16.64
CMB BCL SD . 35.89 46.17 19.12
CAB BCL SD . 36.50 46.16 15.82
OBB BCL SD . 37.13 45.91 14.77
CBB BCL SD . 35.13 45.53 15.91
NC BCL SD . 39.99 50.35 15.99
C1C BCL SD . 39.52 49.45 15.07
C2C BCL SD . 39.78 49.87 13.67
C3C BCL SD . 40.78 51.03 13.84
C4C BCL SD . 40.86 51.19 15.35
CMC BCL SD . 40.33 48.74 12.81
CAC BCL SD . 40.33 52.32 13.10
CBC BCL SD . 40.32 52.18 11.60
ND BCL SD . 40.53 52.05 18.19
C1D BCL SD . 41.36 52.73 17.28
C2D BCL SD . 41.91 53.89 17.88
C3D BCL SD . 41.41 53.91 19.18
C4D BCL SD . 40.60 52.79 19.32
CMD BCL SD . 42.83 54.88 17.20
CAD BCL SD . 41.50 54.51 20.46
OBD BCL SD . 42.11 55.53 20.83
CBD BCL SD . 40.65 53.68 21.44
CGD BCL SD . 41.46 53.09 22.51
O1D BCL SD . 42.50 52.48 22.35
O2D BCL SD . 40.96 53.28 23.73
CED BCL SD . 41.46 52.43 24.79
C1 BCL SD . 34.77 52.44 18.93
C2 BCL SD . 33.70 51.41 18.63
C3 BCL SD . 33.74 50.63 17.57
C4 BCL SD . 32.69 49.58 17.23
C5 BCL SD . 34.91 50.65 16.57
C6 BCL SD . 34.75 51.55 15.33
C7 BCL SD . 35.97 52.43 15.04
C8 BCL SD . 36.12 53.63 15.98
C9 BCL SD . 36.02 54.94 15.18
C10 BCL SD . 37.43 53.56 16.80
C11 BCL SD . 37.51 54.59 17.93
C12 BCL SD . 38.32 55.86 17.63
C13 BCL SD . 38.38 56.83 18.81
C14 BCL SD . 37.10 57.67 18.94
C15 BCL SD . 39.59 57.79 18.66
C16 BCL SD . 39.97 58.59 19.91
C17 BCL SD . 41.40 59.14 19.98
C18 BCL SD . 41.78 59.64 21.37
C19 BCL SD . 43.13 60.35 21.22
C20 BCL SD . 41.88 58.53 22.43
MG BCL TD . 34.64 50.54 35.47
CHA BCL TD . 37.81 50.44 34.13
CHB BCL TD . 33.70 52.52 32.85
CHC BCL TD . 31.71 51.16 37.03
CHD BCL TD . 35.95 49.45 38.53
NA BCL TD . 35.67 51.39 33.74
C1A BCL TD . 36.95 51.12 33.31
C2A BCL TD . 37.19 51.64 31.91
C3A BCL TD . 35.93 52.45 31.62
C4A BCL TD . 35.01 52.09 32.75
CMA BCL TD . 36.19 53.95 31.56
CAA BCL TD . 37.42 50.55 30.85
CBA BCL TD . 37.69 51.16 29.46
CGA BCL TD . 37.64 50.21 28.30
O1A BCL TD . 38.58 49.86 27.67
O2A BCL TD . 36.42 49.79 28.02
NB BCL TD . 32.98 51.72 35.05
C1B BCL TD . 32.73 52.33 33.83
C2B BCL TD . 31.39 52.74 33.75
C3B BCL TD . 30.76 52.37 34.95
C4B BCL TD . 31.81 51.73 35.74
CMB BCL TD . 30.83 53.43 32.53
CAB BCL TD . 29.35 52.62 35.25
OBB BCL TD . 28.57 53.17 34.45
CBB BCL TD . 28.72 52.22 36.55
NC BCL TD . 33.95 50.35 37.48
C1C BCL TD . 32.67 50.60 37.89
C2C BCL TD . 32.39 50.19 39.28
C3C BCL TD . 33.67 49.41 39.65
C4C BCL TD . 34.62 49.81 38.56
CMC BCL TD . 32.13 51.36 40.21
CAC BCL TD . 33.45 47.88 39.75
CBC BCL TD . 32.69 47.45 40.99
ND BCL TD . 36.45 50.05 36.21
C1D BCL TD . 36.89 49.62 37.48
C2D BCL TD . 38.29 49.41 37.49
C3D BCL TD . 38.71 49.71 36.21
C4D BCL TD . 37.60 50.09 35.47
CMD BCL TD . 39.09 48.96 38.69
CAD BCL TD . 39.79 49.64 35.29
OBD BCL TD . 40.98 49.29 35.48
CBD BCL TD . 39.29 50.09 33.90
CGD BCL TD . 40.14 51.16 33.38
O1D BCL TD . 40.28 52.26 33.89
O2D BCL TD . 40.77 50.83 32.27
CED BCL TD . 41.58 51.85 31.62
C1 BCL TD . 36.30 48.88 26.88
C2 BCL TD . 34.86 48.38 26.87
C3 BCL TD . 33.89 48.87 26.13
C4 BCL TD . 34.05 50.04 25.16
C5 BCL TD . 32.49 48.26 26.12
C6 BCL TD . 31.33 49.20 26.43
C7 BCL TD . 30.01 48.44 26.64
C8 BCL TD . 28.76 49.33 26.52
C9 BCL TD . 28.77 50.42 27.61
C10 BCL TD . 27.48 48.50 26.63
C11 BCL TD . 27.23 47.49 25.52
C12 BCL TD . 27.40 48.10 24.13
C13 BCL TD . 26.80 47.24 22.99
C14 BCL TD . 27.45 45.87 22.90
C15 BCL TD . 27.01 47.98 21.66
C16 BCL TD . 26.12 47.58 20.50
C17 BCL TD . 26.52 48.20 19.16
C18 BCL TD . 25.49 47.98 18.04
C19 BCL TD . 26.23 48.38 16.75
C20 BCL TD . 24.20 48.80 18.20
MG BCL UD . 49.95 37.20 21.85
CHA BCL UD . 50.96 39.01 24.60
CHB BCL UD . 47.34 36.01 23.72
CHC BCL UD . 48.49 36.03 19.02
CHD BCL UD . 52.11 39.10 19.86
NA BCL UD . 49.25 37.52 23.88
C1A BCL UD . 49.86 38.24 24.89
C2A BCL UD . 49.30 37.90 26.25
C3A BCL UD . 48.26 36.81 25.94
C4A BCL UD . 48.18 36.82 24.45
CMA BCL UD . 48.70 35.45 26.48
CAA BCL UD . 48.72 39.09 27.03
CBA BCL UD . 47.32 39.65 26.73
CGA BCL UD . 46.90 39.95 25.33
O1A BCL UD . 47.23 40.88 24.69
O2A BCL UD . 46.13 39.06 24.81
NB BCL UD . 48.18 36.21 21.41
C1B BCL UD . 47.25 35.75 22.34
C2B BCL UD . 46.25 34.99 21.71
C3B BCL UD . 46.54 34.97 20.33
C4B BCL UD . 47.77 35.75 20.20
CMB BCL UD . 45.11 34.34 22.49
CAB BCL UD . 45.85 34.35 19.19
OBB BCL UD . 46.42 34.11 18.12
CBB BCL UD . 44.39 33.97 19.24
NC BCL UD . 50.26 37.52 19.76
C1C BCL UD . 49.54 36.93 18.76
C2C BCL UD . 49.97 37.31 17.38
C3C BCL UD . 51.22 38.16 17.66
C4C BCL UD . 51.20 38.33 19.16
CMC BCL UD . 50.23 36.11 16.50
CAC BCL UD . 51.22 39.52 16.90
CBC BCL UD . 51.32 39.36 15.39
ND BCL UD . 51.21 38.75 22.11
C1D BCL UD . 52.12 39.39 21.26
C2D BCL UD . 52.96 40.29 21.98
C3D BCL UD . 52.56 40.19 23.30
C4D BCL UD . 51.51 39.26 23.35
CMD BCL UD . 54.05 41.16 21.38
CAD BCL UD . 52.83 40.56 24.64
OBD BCL UD . 53.67 41.36 25.11
CBD BCL UD . 51.85 39.79 25.57
CGD BCL UD . 52.57 38.95 26.53
O1D BCL UD . 52.64 37.74 26.50
O2D BCL UD . 53.17 39.65 27.48
CED BCL UD . 53.91 38.89 28.47
C1 BCL UD . 45.05 39.05 23.88
C2 BCL UD . 45.66 39.09 22.49
C3 BCL UD . 44.95 38.68 21.47
C4 BCL UD . 43.52 38.17 21.58
C5 BCL UD . 45.50 38.67 20.03
C6 BCL UD . 46.68 39.60 19.72
C7 BCL UD . 46.32 41.09 19.71
C8 BCL UD . 47.59 41.94 19.87
C9 BCL UD . 48.71 41.45 18.92
C10 BCL UD . 48.10 41.96 21.32
C11 BCL UD . 49.08 43.08 21.66
C12 BCL UD . 49.35 43.19 23.17
C13 BCL UD . 49.91 44.55 23.65
C14 BCL UD . 49.02 45.72 23.21
C15 BCL UD . 51.35 44.80 23.15
C16 BCL UD . 51.94 46.16 23.53
C17 BCL UD . 53.44 46.34 23.34
C18 BCL UD . 54.31 45.75 24.45
C19 BCL UD . 54.21 46.71 25.64
C20 BCL UD . 55.78 45.57 24.04
C1B LMT VD . 37.24 22.09 43.12
C2B LMT VD . 37.33 20.64 43.61
C3B LMT VD . 35.94 19.97 43.63
C4B LMT VD . 34.89 20.87 44.34
C5B LMT VD . 34.99 22.30 43.78
C6B LMT VD . 34.01 23.21 44.51
O1B LMT VD . 36.91 22.12 41.77
O2B LMT VD . 38.17 19.97 42.76
O3B LMT VD . 35.99 18.72 44.16
O4' LMT VD . 33.61 20.39 44.14
O5B LMT VD . 36.30 22.82 43.86
O6B LMT VD . 33.97 24.45 43.93
C1' LMT VD . 37.89 23.56 38.08
C2' LMT VD . 38.93 22.59 38.66
C3' LMT VD . 38.28 21.84 39.85
C4' LMT VD . 37.76 22.83 40.89
C5' LMT VD . 36.91 23.90 40.16
C6' LMT VD . 36.37 24.96 41.10
O1' LMT VD . 38.39 24.20 36.97
O2' LMT VD . 39.30 21.69 37.70
O3' LMT VD . 39.18 20.98 40.42
O5' LMT VD . 37.60 24.52 39.09
O6' LMT VD . 36.03 26.04 40.33
C1 LMT VD . 37.42 24.62 36.03
C2 LMT VD . 38.18 25.29 34.91
C3 LMT VD . 37.36 25.79 33.75
C4 LMT VD . 38.29 26.30 32.66
C5 LMT VD . 37.53 27.00 31.57
C6 LMT VD . 38.44 27.67 30.56
C7 LMT VD . 37.65 28.07 29.33
C8 LMT VD . 38.49 28.91 28.41
C9 LMT VD . 39.59 28.16 27.73
C10 LMT VD . 40.22 29.01 26.66
C11 LMT VD . 41.32 28.27 25.97
C12 LMT VD . 42.00 29.06 24.90
MG BCL WD . 45.80 36.38 39.15
CHA BCL WD . 48.77 35.60 37.58
CHB BCL WD . 45.34 38.86 36.85
CHC BCL WD . 43.21 37.52 40.97
CHD BCL WD . 46.86 34.55 41.95
NA BCL WD . 46.96 37.14 37.46
C1A BCL WD . 48.09 36.58 36.90
C2A BCL WD . 48.40 37.18 35.55
C3A BCL WD . 47.38 38.32 35.42
C4A BCL WD . 46.47 38.11 36.60
CMA BCL WD . 48.02 39.69 35.44
CAA BCL WD . 48.34 36.22 34.35
CBA BCL WD . 48.67 36.92 33.03
CGA BCL WD . 48.41 36.18 31.77
O1A BCL WD . 49.24 35.80 31.01
O2A BCL WD . 47.13 36.01 31.52
NB BCL WD . 44.51 37.99 38.99
C1B BCL WD . 44.40 38.82 37.88
C2B BCL WD . 43.22 39.57 37.94
C3B BCL WD . 42.55 39.24 39.13
C4B BCL WD . 43.41 38.22 39.76
CMB BCL WD . 42.82 40.57 36.86
CAB BCL WD . 41.28 39.81 39.58
OBB BCL WD . 40.69 40.72 38.95
CBB BCL WD . 40.57 39.36 40.81
NC BCL WD . 45.16 36.11 41.17
C1C BCL WD . 43.99 36.59 41.67
C2C BCL WD . 43.65 36.06 43.01
C3C BCL WD . 44.67 34.94 43.19
C4C BCL WD . 45.67 35.22 42.10
CMC BCL WD . 43.71 37.12 44.10
CAC BCL WD . 44.06 33.52 43.12
CBC BCL WD . 43.24 33.16 44.34
ND BCL WD . 47.44 35.32 39.69
C1D BCL WD . 47.76 34.59 40.84
C2D BCL WD . 49.02 33.96 40.72
C3D BCL WD . 49.48 34.32 39.45
C4D BCL WD . 48.51 35.13 38.87
CMD BCL WD . 49.68 33.10 41.76
CAD BCL WD . 50.47 34.11 38.47
OBD BCL WD . 51.52 33.43 38.51
CBD BCL WD . 50.08 34.90 37.20
CGD BCL WD . 51.19 35.78 36.80
O1D BCL WD . 51.68 36.66 37.47
O2D BCL WD . 51.64 35.51 35.58
CED BCL WD . 52.69 36.36 35.05
C1 BCL WD . 46.77 35.36 30.26
C2 BCL WD . 45.25 35.26 30.25
C3 BCL WD . 44.46 36.11 29.65
C4 BCL WD . 44.92 37.33 28.86
C5 BCL WD . 42.94 35.93 29.68
C6 BCL WD . 42.15 37.10 30.22
C7 BCL WD . 40.71 36.73 30.53
C8 BCL WD . 39.72 37.89 30.39
C9 BCL WD . 39.72 38.76 31.67
C10 BCL WD . 38.29 37.41 30.08
C11 BCL WD . 37.92 37.60 28.62
C12 BCL WD . 38.62 36.64 27.65
C13 BCL WD . 38.53 37.11 26.19
C14 BCL WD . 37.15 37.64 25.82
C15 BCL WD . 38.92 35.97 25.21
C16 BCL WD . 40.32 35.38 25.34
C17 BCL WD . 41.01 34.84 24.07
C18 BCL WD . 40.46 33.56 23.47
C19 BCL WD . 40.73 32.42 24.47
C20 BCL WD . 41.09 33.21 22.11
MG BCL XD . 52.97 19.61 40.36
CHA BCL XD . 55.77 18.53 38.64
CHB BCL XD . 52.92 22.35 38.35
CHC BCL XD . 50.76 21.05 42.46
CHD BCL XD . 53.73 17.30 42.89
NA BCL XD . 54.22 20.33 38.71
C1A BCL XD . 55.27 19.68 38.09
C2A BCL XD . 55.63 20.34 36.79
C3A BCL XD . 54.85 21.67 36.85
C4A BCL XD . 53.92 21.48 38.00
CMA BCL XD . 55.75 22.87 37.03
CAA BCL XD . 55.30 19.54 35.52
CBA BCL XD . 55.76 20.27 34.26
CGA BCL XD . 55.23 19.76 32.96
O1A BCL XD . 55.86 19.18 32.15
O2A BCL XD . 53.94 20.03 32.78
NB BCL XD . 52.03 21.44 40.44
C1B BCL XD . 52.04 22.39 39.42
C2B BCL XD . 51.07 23.37 39.65
C3B BCL XD . 50.41 23.05 40.85
C4B BCL XD . 51.04 21.81 41.31
CMB BCL XD . 50.84 24.54 38.70
CAB BCL XD . 49.32 23.84 41.44
OBB BCL XD . 48.82 24.81 40.87
CBB BCL XD . 48.74 23.53 42.78
NC BCL XD . 52.36 19.24 42.38
C1C BCL XD . 51.38 19.94 43.03
C2C BCL XD . 51.00 19.35 44.34
C3C BCL XD . 51.77 18.02 44.34
C4C BCL XD . 52.74 18.22 43.21
CMC BCL XD . 51.32 20.24 45.52
CAC BCL XD . 50.87 16.77 44.19
CBC BCL XD . 50.13 16.42 45.46
ND BCL XD . 54.41 18.21 40.73
C1D BCL XD . 54.63 17.33 41.79
C2D BCL XD . 55.80 16.56 41.58
C3D BCL XD . 56.29 16.98 40.36
C4D BCL XD . 55.45 17.96 39.87
CMD BCL XD . 56.33 15.51 42.52
CAD BCL XD . 57.17 16.66 39.30
OBD BCL XD . 58.05 15.77 39.21
CBD BCL XD . 56.92 17.65 38.13
CGD BCL XD . 58.16 18.34 37.78
O1D BCL XD . 58.87 18.95 38.55
O2D BCL XD . 58.47 18.24 36.50
CED BCL XD . 59.71 18.85 36.05
C1 BCL XD . 53.40 19.56 31.51
C2 BCL XD . 51.90 19.81 31.54
C3 BCL XD . 51.28 20.85 31.00
C4 BCL XD . 51.97 22.00 30.29
C5 BCL XD . 49.76 20.94 30.95
C6 BCL XD . 49.11 22.13 31.62
C7 BCL XD . 47.63 22.24 31.25
C8 BCL XD . 46.91 23.53 31.66
C9 BCL XD . 46.39 23.41 33.11
C10 BCL XD . 45.75 23.84 30.70
C11 BCL XD . 46.22 24.29 29.33
C12 BCL XD . 45.12 25.00 28.54
C13 BCL XD . 44.42 24.08 27.53
C14 BCL XD . 45.20 23.96 26.22
C15 BCL XD . 43.02 24.63 27.18
C16 BCL XD . 42.09 24.80 28.36
C17 BCL XD . 40.59 24.90 28.03
C18 BCL XD . 39.73 23.66 28.20
C19 BCL XD . 39.92 22.79 26.95
C20 BCL XD . 38.24 24.01 28.36
MG BCL YD . 56.80 21.66 23.10
CHA BCL YD . 58.32 22.83 25.98
CHB BCL YD . 54.13 20.74 25.00
CHC BCL YD . 55.01 21.16 20.27
CHD BCL YD . 59.21 23.33 21.20
NA BCL YD . 56.31 21.81 25.21
C1A BCL YD . 57.13 22.21 26.26
C2A BCL YD . 56.62 21.72 27.59
C3A BCL YD . 55.35 20.93 27.22
C4A BCL YD . 55.18 21.22 25.76
CMA BCL YD . 55.52 19.43 27.50
CAA BCL YD . 56.32 22.79 28.67
CBA BCL YD . 55.04 23.61 28.48
CGA BCL YD . 54.94 24.45 27.26
O1A BCL YD . 55.86 24.90 26.70
O2A BCL YD . 53.71 24.75 26.96
NB BCL YD . 54.86 21.09 22.68
C1B BCL YD . 53.92 20.68 23.62
C2B BCL YD . 52.77 20.18 22.98
C3B BCL YD . 52.98 20.28 21.59
C4B BCL YD . 54.32 20.85 21.45
CMB BCL YD . 51.59 19.65 23.77
CAB BCL YD . 52.13 19.92 20.44
OBB BCL YD . 52.58 19.88 19.28
CBB BCL YD . 50.67 19.59 20.57
NC BCL YD . 57.07 22.20 21.05
C1C BCL YD . 56.24 21.81 20.03
C2C BCL YD . 56.68 22.27 18.69
C3C BCL YD . 58.07 22.86 18.97
C4C BCL YD . 58.18 22.79 20.48
CMC BCL YD . 56.68 21.15 17.66
CAC BCL YD . 58.27 24.29 18.42
CBC BCL YD . 58.19 24.38 16.91
ND BCL YD . 58.38 22.87 23.46
C1D BCL YD . 59.38 23.41 22.61
C2D BCL YD . 60.43 23.97 23.35
C3D BCL YD . 60.09 23.79 24.69
C4D BCL YD . 58.86 23.12 24.71
CMD BCL YD . 61.66 24.63 22.78
CAD BCL YD . 60.46 24.01 26.04
OBD BCL YD . 61.43 24.61 26.51
CBD BCL YD . 59.39 23.35 26.95
CGD BCL YD . 59.98 22.34 27.82
O1D BCL YD . 60.88 21.58 27.49
O2D BCL YD . 59.46 22.31 29.03
CED BCL YD . 59.66 21.13 29.84
C1 BCL YD . 53.39 25.72 25.92
C2 BCL YD . 53.27 25.03 24.59
C3 BCL YD . 52.31 24.27 24.12
C4 BCL YD . 51.10 23.82 24.92
C5 BCL YD . 52.24 23.78 22.67
C6 BCL YD . 53.34 24.19 21.69
C7 BCL YD . 53.23 25.67 21.29
C8 BCL YD . 54.35 26.24 20.41
C9 BCL YD . 54.62 25.30 19.22
C10 BCL YD . 55.64 26.48 21.20
C11 BCL YD . 55.57 27.55 22.27
C12 BCL YD . 56.94 28.09 22.73
C13 BCL YD . 57.91 27.04 23.28
C14 BCL YD . 57.29 26.15 24.32
C15 BCL YD . 59.16 27.73 23.88
C16 BCL YD . 59.07 28.13 25.37
C17 BCL YD . 60.05 29.20 25.87
C18 BCL YD . 61.51 28.86 25.61
C19 BCL YD . 62.25 29.00 26.96
C20 BCL YD . 62.19 29.76 24.56
MG BCL ZD . 61.08 5.27 22.13
CHA BCL ZD . 62.97 5.77 24.97
CHB BCL ZD . 58.39 4.68 24.15
CHC BCL ZD . 59.05 5.49 19.42
CHD BCL ZD . 63.65 6.70 20.22
NA BCL ZD . 60.75 5.26 24.28
C1A BCL ZD . 61.69 5.42 25.29
C2A BCL ZD . 61.14 4.99 26.64
C3A BCL ZD . 59.71 4.55 26.32
C4A BCL ZD . 59.54 4.89 24.87
CMA BCL ZD . 59.50 3.06 26.58
CAA BCL ZD . 61.22 6.08 27.74
CBA BCL ZD . 60.91 7.51 27.26
CGA BCL ZD . 59.45 7.80 27.14
O1A BCL ZD . 58.62 7.49 27.93
O2A BCL ZD . 59.13 8.45 26.06
NB BCL ZD . 59.03 5.17 21.82
C1B BCL ZD . 58.09 4.79 22.78
C2B BCL ZD . 56.85 4.54 22.17
C3B BCL ZD . 57.00 4.75 20.79
C4B BCL ZD . 58.38 5.15 20.62
CMB BCL ZD . 55.64 4.11 22.98
CAB BCL ZD . 56.05 4.65 19.68
OBB BCL ZD . 56.41 4.51 18.49
CBB BCL ZD . 54.54 4.70 19.87
NC BCL ZD . 61.32 6.01 20.13
C1C BCL ZD . 60.35 5.93 19.17
C2C BCL ZD . 60.82 6.43 17.84
C3C BCL ZD . 62.33 6.49 18.04
C4C BCL ZD . 62.46 6.48 19.54
CMC BCL ZD . 60.38 5.55 16.68
CAC BCL ZD . 62.99 7.70 17.31
CBC BCL ZD . 62.47 9.03 17.80
ND BCL ZD . 62.89 6.12 22.48
C1D BCL ZD . 63.91 6.56 21.62
C2D BCL ZD . 65.11 6.82 22.33
C3D BCL ZD . 64.81 6.53 23.67
C4D BCL ZD . 63.48 6.12 23.71
CMD BCL ZD . 66.39 7.33 21.74
CAD BCL ZD . 65.33 6.37 24.96
OBD BCL ZD . 66.48 6.54 25.41
CBD BCL ZD . 64.19 5.90 25.90
CGD BCL ZD . 64.52 4.65 26.61
O1D BCL ZD . 64.89 3.62 26.10
O2D BCL ZD . 64.38 4.75 27.93
CED BCL ZD . 64.33 3.52 28.70
C1 BCL ZD . 57.72 8.76 25.86
C2 BCL ZD . 57.69 9.60 24.60
C3 BCL ZD . 56.81 9.46 23.65
C4 BCL ZD . 55.64 8.47 23.67
C5 BCL ZD . 56.90 10.28 22.37
C6 BCL ZD . 57.53 9.53 21.18
C7 BCL ZD . 58.98 9.14 21.48
C8 BCL ZD . 59.96 10.31 21.43
C9 BCL ZD . 60.04 10.87 20.01
C10 BCL ZD . 61.37 9.89 21.90
C11 BCL ZD . 61.48 9.40 23.34
C12 BCL ZD . 62.85 9.64 23.98
C13 BCL ZD . 62.94 10.91 24.85
C14 BCL ZD . 62.79 12.21 24.06
C15 BCL ZD . 64.27 10.99 25.62
C16 BCL ZD . 65.55 11.23 24.84
C17 BCL ZD . 66.79 11.51 25.71
C18 BCL ZD . 67.49 10.27 26.23
C19 BCL ZD . 68.33 10.74 27.43
C20 BCL ZD . 68.37 9.56 25.19
MG BCL AE . 57.44 2.04 39.68
CHA BCL AE . 59.87 0.65 37.69
CHB BCL AE . 57.86 4.97 37.99
CHC BCL AE . 55.50 3.58 41.98
CHD BCL AE . 57.76 -0.66 41.89
NA BCL AE . 58.74 2.70 38.07
C1A BCL AE . 59.58 1.92 37.29
C2A BCL AE . 60.07 2.67 36.08
C3A BCL AE . 59.59 4.11 36.35
C4A BCL AE . 58.62 3.95 37.48
CMA BCL AE . 60.74 5.03 36.73
CAA BCL AE . 59.54 2.16 34.73
CBA BCL AE . 60.13 2.97 33.57
CGA BCL AE . 59.54 2.77 32.22
O1A BCL AE . 60.13 2.43 31.26
O2A BCL AE . 58.27 3.14 32.13
NB BCL AE . 56.83 3.99 40.00
C1B BCL AE . 56.98 5.03 39.08
C2B BCL AE . 56.16 6.10 39.41
C3B BCL AE . 55.45 5.77 40.58
C4B BCL AE . 55.91 4.41 40.90
CMB BCL AE . 56.10 7.38 38.58
CAB BCL AE . 54.48 6.64 41.25
OBB BCL AE . 54.16 7.75 40.81
CBB BCL AE . 53.80 6.26 42.53
NC BCL AE . 56.78 1.55 41.66
C1C BCL AE . 55.89 2.30 42.37
C2C BCL AE . 55.38 1.62 43.59
C3C BCL AE . 55.91 0.19 43.42
C4C BCL AE . 56.93 0.34 42.32
CMC BCL AE . 55.84 2.28 44.88
CAC BCL AE . 54.80 -0.84 43.10
CBC BCL AE . 53.92 -1.13 44.29
ND BCL AE . 58.58 0.37 39.82
C1D BCL AE . 58.60 -0.70 40.73
C2D BCL AE . 59.50 -1.70 40.31
C3D BCL AE . 60.04 -1.24 39.12
C4D BCL AE . 59.46 0.00 38.86
CMD BCL AE . 59.78 -2.99 41.05
CAD BCL AE . 60.83 -1.57 38.00
OBD BCL AE . 61.48 -2.59 37.74
CBD BCL AE . 60.76 -0.38 36.99
CGD BCL AE . 62.12 0.06 36.65
O1D BCL AE . 62.95 0.45 37.45
O2D BCL AE . 62.38 0.00 35.36
CED BCL AE . 63.69 0.45 34.91
C1 BCL AE . 57.67 3.20 30.81
C2 BCL AE . 56.21 3.58 31.03
C3 BCL AE . 55.66 4.70 30.61
C4 BCL AE . 56.38 5.81 29.84
C5 BCL AE . 54.17 4.97 30.83
C6 BCL AE . 53.82 6.30 31.49
C7 BCL AE . 52.32 6.40 31.82
C8 BCL AE . 51.83 7.81 32.15
C9 BCL AE . 52.40 8.27 33.51
C10 BCL AE . 50.30 7.87 32.17
C11 BCL AE . 49.60 7.74 30.83
C12 BCL AE . 49.85 8.92 29.90
C13 BCL AE . 49.18 8.73 28.52
C14 BCL AE . 50.03 7.88 27.57
C15 BCL AE . 48.93 10.10 27.86
C16 BCL AE . 48.10 10.05 26.57
C17 BCL AE . 47.56 11.40 26.07
C18 BCL AE . 48.62 12.28 25.41
C19 BCL AE . 48.00 13.69 25.34
C20 BCL AE . 49.05 11.81 24.02
C1B LMT BE . 43.22 -0.09 44.09
C2B LMT BE . 42.44 -1.42 43.94
C3B LMT BE . 40.93 -1.21 44.19
C4B LMT BE . 40.68 -0.43 45.50
C5B LMT BE . 41.59 0.81 45.51
C6B LMT BE . 41.39 1.58 46.81
O1B LMT BE . 42.93 0.80 43.06
O2B LMT BE . 42.67 -1.91 42.68
O3B LMT BE . 40.25 -2.40 44.15
O4' LMT BE . 39.36 -0.05 45.60
O5B LMT BE . 42.94 0.49 45.34
O6B LMT BE . 42.26 2.65 46.87
C1' LMT BE . 44.73 2.59 39.73
C2' LMT BE . 44.69 1.04 39.74
C3' LMT BE . 43.80 0.47 40.87
C4' LMT BE . 43.99 1.19 42.21
C5' LMT BE . 43.90 2.70 41.88
C6' LMT BE . 43.88 3.61 43.08
O1' LMT BE . 45.79 2.99 38.94
O2' LMT BE . 44.16 0.65 38.53
O3' LMT BE . 44.08 -0.87 41.03
O5' LMT BE . 44.96 3.08 41.05
O6' LMT BE . 42.75 3.31 43.81
C1 LMT BE . 46.15 4.35 38.96
C2 LMT BE . 46.72 4.61 37.59
C3 LMT BE . 45.73 4.77 36.48
C4 LMT BE . 46.45 4.92 35.14
C5 LMT BE . 45.49 5.45 34.12
C6 LMT BE . 46.04 5.49 32.72
C7 LMT BE . 45.12 6.29 31.84
C8 LMT BE . 45.49 6.15 30.40
C9 LMT BE . 44.77 7.11 29.50
C10 LMT BE . 44.65 6.51 28.12
C11 LMT BE . 45.96 6.12 27.51
C12 LMT BE . 45.80 5.11 26.44
MG BCL CE . 61.55 -11.52 19.59
CHA BCL CE . 63.39 -11.64 22.52
CHB BCL CE . 58.73 -11.73 21.48
CHC BCL CE . 59.78 -10.25 16.99
CHD BCL CE . 64.49 -10.88 17.83
NA BCL CE . 61.15 -11.66 21.72
C1A BCL CE . 62.05 -11.69 22.77
C2A BCL CE . 61.34 -11.55 24.08
C3A BCL CE . 59.94 -12.06 23.71
C4A BCL CE . 59.88 -11.76 22.25
CMA BCL CE . 59.78 -13.56 23.98
CAA BCL CE . 61.40 -10.09 24.59
CBA BCL CE . 60.14 -9.39 25.18
CGA BCL CE . 59.06 -9.04 24.20
O1A BCL CE . 57.92 -9.23 24.37
O2A BCL CE . 59.50 -8.52 23.08
NB BCL CE . 59.56 -11.02 19.28
C1B BCL CE . 58.52 -11.27 20.16
C2B BCL CE . 57.29 -10.99 19.56
C3B BCL CE . 57.55 -10.55 18.25
C4B BCL CE . 59.00 -10.58 18.11
CMB BCL CE . 55.97 -11.16 20.31
CAB BCL CE . 56.64 -10.14 17.16
OBB BCL CE . 57.04 -9.48 16.19
CBB BCL CE . 55.17 -10.47 17.15
NC BCL CE . 62.07 -10.69 17.69
C1C BCL CE . 61.16 -10.23 16.77
C2C BCL CE . 61.79 -9.73 15.51
C3C BCL CE . 63.29 -9.95 15.76
C4C BCL CE . 63.33 -10.52 17.16
CMC BCL CE . 61.26 -10.44 14.27
CAC BCL CE . 64.12 -8.65 15.57
CBC BCL CE . 64.04 -8.10 14.17
ND BCL CE . 63.52 -11.26 20.04
C1D BCL CE . 64.65 -11.10 19.24
C2D BCL CE . 65.84 -11.17 20.00
C3D BCL CE . 65.42 -11.39 21.31
C4D BCL CE . 64.03 -11.44 21.30
CMD BCL CE . 67.26 -11.01 19.48
CAD BCL CE . 65.81 -11.66 22.66
OBD BCL CE . 66.95 -11.75 23.17
CBD BCL CE . 64.53 -11.82 23.53
CGD BCL CE . 64.48 -13.09 24.24
O1D BCL CE . 64.83 -14.17 23.80
O2D BCL CE . 64.00 -12.98 25.47
CED BCL CE . 63.57 -14.18 26.16
C1 BCL CE . 58.46 -8.17 22.11
C2 BCL CE . 59.19 -7.66 20.88
C3 BCL CE . 58.89 -6.53 20.29
C4 BCL CE . 57.76 -5.60 20.74
C5 BCL CE . 59.66 -6.00 19.08
C6 BCL CE . 61.10 -6.45 18.90
C7 BCL CE . 61.98 -6.00 20.06
C8 BCL CE . 63.36 -6.64 20.21
C9 BCL CE . 63.42 -7.97 19.44
C10 BCL CE . 63.68 -6.87 21.69
C11 BCL CE . 65.02 -7.57 21.99
C12 BCL CE . 65.41 -7.50 23.47
C13 BCL CE . 66.44 -6.41 23.87
C14 BCL CE . 66.04 -5.00 23.42
C15 BCL CE . 67.85 -6.71 23.31
C16 BCL CE . 68.54 -7.94 23.90
C17 BCL CE . 70.02 -8.12 23.49
C18 BCL CE . 70.72 -9.23 24.25
C19 BCL CE . 71.19 -8.60 25.58
C20 BCL CE . 71.91 -9.85 23.51
C1 V7N DE . 52.46 -11.48 35.03
C10 V7N DE . 60.62 -8.28 30.02
C11 V7N DE . 61.63 -7.93 29.09
C12 V7N DE . 62.14 -6.63 29.04
C13 V7N DE . 63.12 -6.15 28.14
C14 V7N DE . 63.65 -4.85 28.33
C15 V7N DE . 64.59 -4.27 27.48
C16 V7N DE . 64.81 -2.88 27.44
C17 V7N DE . 65.71 -2.29 26.55
C18 V7N DE . 66.00 -0.91 26.48
C19 V7N DE . 66.92 -0.49 25.48
C2 V7N DE . 53.92 -11.26 35.46
C20 V7N DE . 67.18 0.83 25.11
C21 V7N DE . 68.12 1.10 24.08
C22 V7N DE . 68.47 2.36 23.63
C23 V7N DE . 69.48 2.51 22.56
C24 V7N DE . 68.90 2.19 21.18
C25 V7N DE . 69.94 2.30 20.12
C26 V7N DE . 70.32 3.44 19.53
C27 V7N DE . 71.39 3.47 18.48
C28 V7N DE . 70.92 3.93 17.12
C29 V7N DE . 72.04 3.93 16.15
C3 V7N DE . 54.86 -11.01 34.34
C30 V7N DE . 52.05 -10.38 34.05
C31 V7N DE . 52.27 -12.84 34.38
C33 V7N DE . 56.75 -13.14 31.84
C34 V7N DE . 60.39 -10.72 29.44
C35 V7N DE . 63.60 -6.97 26.99
C36 V7N DE . 65.36 0.03 27.41
C37 V7N DE . 67.87 3.60 24.19
C38 V7N DE . 69.69 4.74 19.85
C39 V7N DE . 71.90 3.84 14.81
C4 V7N DE . 55.54 -12.01 33.73
C40 V7N DE . 73.06 3.87 13.91
C41 V7N DE . 51.74 -10.16 36.94
C43 V7N DE . 70.58 3.70 14.14
C5 V7N DE . 56.47 -11.95 32.66
C6 V7N DE . 57.15 -10.76 32.37
C7 V7N DE . 58.10 -10.69 31.33
C8 V7N DE . 59.02 -9.64 31.22
C9 V7N DE . 60.01 -9.53 30.22
O32 V7N DE . 51.70 -11.39 36.25
O42 V7N DE . 61.18 -10.78 28.49
O44 V7N DE . 74.26 4.07 14.47
O45 V7N DE . 73.06 3.71 12.68
MG BCL EE . 57.52 -16.11 36.64
CHA BCL EE . 59.48 -17.78 34.36
CHB BCL EE . 58.66 -13.18 35.32
CHC BCL EE . 56.09 -14.45 39.21
CHD BCL EE . 57.26 -19.06 38.52
NA BCL EE . 58.92 -15.59 35.06
C1A BCL EE . 59.54 -16.43 34.16
C2A BCL EE . 60.19 -15.68 33.03
C3A BCL EE . 60.09 -14.22 33.50
C4A BCL EE . 59.14 -14.28 34.66
CMA BCL EE . 61.45 -13.65 33.91
CAA BCL EE . 59.53 -15.90 31.66
CBA BCL EE . 60.23 -15.11 30.56
CGA BCL EE . 59.56 -15.13 29.22
O1A BCL EE . 59.92 -15.73 28.28
O2A BCL EE . 58.50 -14.33 29.18
NB BCL EE . 57.44 -14.12 37.23
C1B BCL EE . 57.86 -13.04 36.46
C2B BCL EE . 57.37 -11.85 36.98
C3B BCL EE . 56.62 -12.15 38.12
C4B BCL EE . 56.68 -13.61 38.24
CMB BCL EE . 57.66 -10.49 36.36
CAB BCL EE . 55.95 -11.15 38.98
OBB BCL EE . 56.04 -9.94 38.79
CBB BCL EE . 55.07 -11.54 40.14
NC BCL EE . 56.82 -16.68 38.59
C1C BCL EE . 56.16 -15.83 39.43
C2C BCL EE . 55.54 -16.51 40.59
C3C BCL EE . 55.69 -18.00 40.21
C4C BCL EE . 56.69 -17.95 39.10
CMC BCL EE . 56.21 -16.15 41.90
CAC BCL EE . 54.34 -18.65 39.82
CBC BCL EE . 53.43 -18.91 41.01
ND BCL EE . 58.22 -18.01 36.53
C1D BCL EE . 58.02 -19.15 37.31
C2D BCL EE . 58.64 -20.28 36.74
C3D BCL EE . 59.24 -19.82 35.58
C4D BCL EE . 58.97 -18.46 35.49
CMD BCL EE . 58.63 -21.67 37.32
CAD BCL EE . 59.96 -20.17 34.41
OBD BCL EE . 60.42 -21.27 34.05
CBD BCL EE . 60.15 -18.90 33.54
CGD BCL EE . 61.56 -18.71 33.23
O1D BCL EE . 62.44 -18.51 34.05
O2D BCL EE . 61.83 -18.80 31.94
CED BCL EE . 63.19 -18.52 31.53
C1 BCL EE . 57.83 -14.22 27.89
C2 BCL EE . 56.59 -13.38 28.14
C3 BCL EE . 56.49 -12.10 27.90
C4 BCL EE . 57.62 -11.22 27.36
C5 BCL EE . 55.18 -11.34 28.08
C6 BCL EE . 55.15 -10.25 29.15
C7 BCL EE . 53.74 -9.70 29.35
C8 BCL EE . 53.65 -8.38 30.11
C9 BCL EE . 54.45 -8.44 31.42
C10 BCL EE . 52.17 -8.04 30.40
C11 BCL EE . 51.31 -7.79 29.18
C12 BCL EE . 51.73 -6.52 28.44
C13 BCL EE . 52.27 -6.74 27.02
C14 BCL EE . 52.83 -5.46 26.42
C15 BCL EE . 51.13 -7.28 26.10
C16 BCL EE . 51.41 -7.36 24.61
C17 BCL EE . 52.64 -8.20 24.24
C18 BCL EE . 53.15 -8.04 22.82
C19 BCL EE . 52.05 -8.58 21.88
C20 BCL EE . 54.47 -8.77 22.58
C1B LMT FE . 36.98 -34.35 36.64
C2B LMT FE . 35.71 -34.81 37.37
C3B LMT FE . 34.67 -33.67 37.44
C4B LMT FE . 35.32 -32.40 38.05
C5B LMT FE . 36.58 -32.10 37.23
C6B LMT FE . 37.27 -30.86 37.78
O1B LMT FE . 36.71 -34.17 35.28
O2B LMT FE . 35.19 -35.88 36.69
O3B LMT FE . 33.54 -34.05 38.12
O4' LMT FE . 34.45 -31.34 37.98
O5B LMT FE . 37.49 -33.18 37.21
O6B LMT FE . 37.73 -31.09 39.05
C1' LMT FE . 37.78 -34.78 31.50
C2' LMT FE . 38.42 -35.85 32.40
C3' LMT FE . 37.74 -35.74 33.79
C4' LMT FE . 37.77 -34.30 34.35
C5' LMT FE . 37.50 -33.27 33.22
C6' LMT FE . 37.80 -31.86 33.64
O1' LMT FE . 38.16 -34.88 30.18
O2' LMT FE . 38.19 -37.08 31.87
O3' LMT FE . 38.32 -36.59 34.67
O5' LMT FE . 38.20 -33.54 32.02
O6' LMT FE . 39.16 -31.80 33.80
C1 LMT FE . 39.23 -34.06 29.75
C2 LMT FE . 39.42 -34.34 28.28
C3 LMT FE . 38.47 -33.65 27.33
C4 LMT FE . 39.02 -32.32 26.86
C5 LMT FE . 37.88 -31.53 26.29
C6 LMT FE . 38.18 -30.58 25.15
C7 LMT FE . 38.98 -29.38 25.59
C8 LMT FE . 40.38 -29.46 25.09
C9 LMT FE . 40.52 -29.30 23.60
C10 LMT FE . 41.95 -29.59 23.21
C11 LMT FE . 42.14 -29.58 21.72
C12 LMT FE . 41.55 -30.78 21.06
MG BCL GE . 53.39 -33.15 31.51
CHA BCL GE . 54.84 -34.90 28.92
CHB BCL GE . 55.12 -30.39 30.48
CHC BCL GE . 52.44 -31.56 34.33
CHD BCL GE . 52.58 -36.20 33.05
NA BCL GE . 54.83 -32.74 29.92
C1A BCL GE . 55.16 -33.56 28.85
C2A BCL GE . 55.94 -32.84 27.79
C3A BCL GE . 56.17 -31.45 28.42
C4A BCL GE . 55.29 -31.47 29.63
CMA BCL GE . 57.63 -31.22 28.79
CAA BCL GE . 55.21 -32.74 26.44
CBA BCL GE . 56.00 -32.04 25.30
CGA BCL GE . 55.20 -31.70 24.08
O1A BCL GE . 55.28 -32.23 23.04
O2A BCL GE . 54.40 -30.68 24.26
NB BCL GE . 53.78 -31.29 32.33
C1B BCL GE . 54.38 -30.23 31.66
C2B BCL GE . 54.15 -29.03 32.33
C3B BCL GE . 53.37 -29.30 33.46
C4B BCL GE . 53.15 -30.76 33.42
CMB BCL GE . 54.69 -27.70 31.84
CAB BCL GE . 52.90 -28.30 34.44
OBB BCL GE . 53.16 -27.10 34.35
CBB BCL GE . 52.07 -28.67 35.64
NC BCL GE . 52.64 -33.80 33.41
C1C BCL GE . 52.25 -32.95 34.40
C2C BCL GE . 51.53 -33.63 35.51
C3C BCL GE . 51.38 -35.07 34.99
C4C BCL GE . 52.31 -35.07 33.79
CMC BCL GE . 52.27 -33.54 36.83
CAC BCL GE . 49.92 -35.44 34.64
CBC BCL GE . 49.06 -35.69 35.87
ND BCL GE . 53.63 -35.12 31.11
C1D BCL GE . 53.27 -36.28 31.81
C2D BCL GE . 53.70 -37.44 31.11
C3D BCL GE . 54.31 -36.97 29.96
C4D BCL GE . 54.27 -35.58 30.00
CMD BCL GE . 53.48 -38.86 31.56
CAD BCL GE . 54.84 -37.32 28.70
OBD BCL GE . 55.01 -38.44 28.17
CBD BCL GE . 55.24 -36.02 27.96
CGD BCL GE . 56.66 -36.08 27.56
O1D BCL GE . 57.58 -36.27 28.32
O2D BCL GE . 56.85 -35.90 26.28
CED BCL GE . 58.22 -35.94 25.78
C1 BCL GE . 53.56 -30.20 23.16
C2 BCL GE . 52.84 -29.03 23.73
C3 BCL GE . 53.16 -27.76 23.70
C4 BCL GE . 54.34 -27.20 22.92
C5 BCL GE . 52.46 -26.71 24.53
C6 BCL GE . 51.26 -25.98 23.94
C7 BCL GE . 50.47 -25.17 24.97
C8 BCL GE . 51.21 -24.04 25.72
C9 BCL GE . 51.85 -24.51 27.04
C10 BCL GE . 50.24 -22.92 26.12
C11 BCL GE . 49.61 -22.08 25.02
C12 BCL GE . 50.56 -21.48 23.99
C13 BCL GE . 49.80 -20.71 22.88
C14 BCL GE . 50.70 -20.21 21.76
C15 BCL GE . 49.01 -19.51 23.46
C16 BCL GE . 47.92 -18.91 22.56
C17 BCL GE . 47.10 -17.75 23.17
C18 BCL GE . 45.96 -18.13 24.10
C19 BCL GE . 44.79 -18.64 23.24
C20 BCL GE . 45.49 -16.97 24.98
MG BCL HE . 57.80 -27.40 15.04
CHA BCL HE . 59.82 -28.45 17.62
CHB BCL HE . 55.19 -27.32 17.23
CHC BCL HE . 56.02 -25.58 12.80
CHD BCL HE . 60.65 -26.90 13.06
NA BCL HE . 57.59 -27.82 17.16
C1A BCL HE . 58.52 -28.34 18.03
C2A BCL HE . 57.91 -28.77 19.34
C3A BCL HE . 56.41 -28.48 19.15
C4A BCL HE . 56.35 -27.80 17.81
CMA BCL HE . 55.57 -29.76 19.17
CAA BCL HE . 58.52 -28.07 20.58
CBA BCL HE . 58.81 -26.58 20.37
CGA BCL HE . 57.60 -25.72 20.48
O1A BCL HE . 56.88 -25.70 21.40
O2A BCL HE . 57.34 -25.06 19.39
NB BCL HE . 55.93 -26.52 15.02
C1B BCL HE . 54.95 -26.72 15.99
C2B BCL HE . 53.71 -26.24 15.54
C3B BCL HE . 53.89 -25.71 14.24
C4B BCL HE . 55.31 -25.93 13.96
CMB BCL HE . 52.45 -26.33 16.40
CAB BCL HE . 52.98 -25.07 13.30
OBB BCL HE . 53.26 -24.91 12.10
CBB BCL HE . 51.63 -24.53 13.72
NC BCL HE . 58.28 -26.38 13.22
C1C BCL HE . 57.37 -25.74 12.42
C2C BCL HE . 57.97 -25.19 11.18
C3C BCL HE . 59.30 -25.96 11.11
C4C BCL HE . 59.49 -26.35 12.56
CMC BCL HE . 57.09 -25.39 9.97
CAC BCL HE . 60.45 -25.16 10.44
CBC BCL HE . 60.92 -23.96 11.24
ND BCL HE . 59.81 -27.57 15.26
C1D BCL HE . 60.88 -27.42 14.38
C2D BCL HE . 62.10 -27.85 14.96
C3D BCL HE . 61.75 -28.27 16.25
C4D BCL HE . 60.39 -28.09 16.39
CMD BCL HE . 63.45 -27.81 14.30
CAD BCL HE . 62.21 -28.94 17.41
OBD BCL HE . 63.34 -29.37 17.72
CBD BCL HE . 61.00 -29.11 18.37
CGD BCL HE . 60.76 -30.51 18.73
O1D BCL HE . 60.75 -31.45 17.95
O2D BCL HE . 60.55 -30.68 20.02
CED BCL HE . 60.04 -31.96 20.46
C1 BCL HE . 56.10 -24.30 19.33
C2 BCL HE . 56.47 -23.08 18.54
C3 BCL HE . 55.82 -22.54 17.54
C4 BCL HE . 54.49 -23.02 16.98
C5 BCL HE . 56.43 -21.36 16.81
C6 BCL HE . 57.54 -21.78 15.84
C7 BCL HE . 58.93 -21.72 16.49
C8 BCL HE . 60.03 -22.44 15.69
C9 BCL HE . 59.87 -22.16 14.19
C10 BCL HE . 59.99 -23.96 15.94
C11 BCL HE . 60.66 -24.42 17.22
C12 BCL HE . 62.18 -24.45 17.11
C13 BCL HE . 62.93 -24.76 18.42
C14 BCL HE . 63.02 -23.55 19.34
C15 BCL HE . 64.35 -25.26 18.09
C16 BCL HE . 65.33 -25.35 19.27
C17 BCL HE . 66.65 -26.10 19.08
C18 BCL HE . 66.55 -27.61 18.91
C19 BCL HE . 65.76 -28.14 20.13
C20 BCL HE . 67.92 -28.32 18.83
C1B LMT IE . 34.09 -43.21 30.82
C2B LMT IE . 33.18 -44.25 30.13
C3B LMT IE . 31.72 -43.77 30.11
C4B LMT IE . 31.26 -43.41 31.53
C5B LMT IE . 32.28 -42.41 32.12
C6B LMT IE . 31.87 -42.00 33.52
O1B LMT IE . 34.22 -42.03 30.07
O2B LMT IE . 33.64 -44.50 28.84
O3B LMT IE . 30.89 -44.68 29.50
O4' LMT IE . 30.01 -42.84 31.53
O5B LMT IE . 33.60 -42.92 32.09
O6B LMT IE . 31.76 -43.11 34.32
C1' LMT IE . 36.85 -40.43 27.16
C2' LMT IE . 35.57 -41.15 26.68
C3' LMT IE . 34.54 -41.35 27.81
C4' LMT IE . 35.20 -41.98 29.05
C5' LMT IE . 36.33 -40.99 29.39
C6' LMT IE . 36.98 -41.25 30.74
O1' LMT IE . 37.85 -40.65 26.26
O2' LMT IE . 34.98 -40.37 25.71
O3' LMT IE . 33.50 -42.14 27.40
O5' LMT IE . 37.31 -41.02 28.39
O6' LMT IE . 38.11 -40.49 30.78
C1 LMT IE . 39.03 -39.88 26.39
C2 LMT IE . 38.92 -38.66 25.49
C3 LMT IE . 39.12 -38.92 24.02
C4 LMT IE . 39.10 -37.61 23.25
C5 LMT IE . 39.39 -37.86 21.79
C6 LMT IE . 39.15 -36.66 20.90
C7 LMT IE . 39.06 -37.10 19.46
C8 LMT IE . 38.56 -35.97 18.61
C9 LMT IE . 37.96 -36.34 17.28
C10 LMT IE . 38.92 -37.15 16.45
C11 LMT IE . 40.18 -36.42 16.12
C12 LMT IE . 41.08 -37.23 15.23
MG BCL JE . 50.85 -41.46 8.53
CHA BCL JE . 52.71 -43.17 10.88
CHB BCL JE . 48.35 -41.20 10.84
CHC BCL JE . 49.39 -39.08 6.61
CHD BCL JE . 53.69 -41.28 6.50
NA BCL JE . 50.62 -42.08 10.60
C1A BCL JE . 51.46 -42.88 11.35
C2A BCL JE . 50.84 -43.27 12.66
C3A BCL JE . 49.38 -42.85 12.49
C4A BCL JE . 49.42 -41.95 11.29
CMA BCL JE . 48.46 -44.06 12.27
CAA BCL JE . 51.54 -42.64 13.89
CBA BCL JE . 50.88 -41.50 14.70
CGA BCL JE . 50.75 -40.11 14.19
O1A BCL JE . 51.53 -39.25 14.37
O2A BCL JE . 49.63 -39.86 13.56
NB BCL JE . 49.17 -40.26 8.71
C1B BCL JE . 48.20 -40.38 9.70
C2B BCL JE . 47.08 -39.60 9.39
C3B BCL JE . 47.33 -38.95 8.16
C4B BCL JE . 48.66 -39.42 7.76
CMB BCL JE . 45.85 -39.56 10.29
CAB BCL JE . 46.55 -37.99 7.36
OBB BCL JE . 46.86 -37.68 6.20
CBB BCL JE . 45.31 -37.31 7.90
NC BCL JE . 51.46 -40.33 6.82
C1C BCL JE . 50.68 -39.44 6.15
C2C BCL JE . 51.38 -38.75 5.03
C3C BCL JE . 52.71 -39.49 4.95
C4C BCL JE . 52.64 -40.45 6.11
CMC BCL JE . 50.59 -38.79 3.73
CAC BCL JE . 53.95 -38.56 5.02
CBC BCL JE . 54.02 -37.60 3.85
ND BCL JE . 52.80 -42.02 8.65
C1D BCL JE . 53.84 -42.00 7.72
C2D BCL JE . 54.96 -42.74 8.18
C3D BCL JE . 54.58 -43.23 9.42
C4D BCL JE . 53.28 -42.79 9.67
CMD BCL JE . 56.26 -42.91 7.44
CAD BCL JE . 54.94 -44.07 10.50
OBD BCL JE . 56.00 -44.70 10.72
CBD BCL JE . 53.75 -44.12 11.49
CGD BCL JE . 53.28 -45.50 11.69
O1D BCL JE . 52.87 -46.23 10.82
O2D BCL JE . 53.34 -45.90 12.96
CED BCL JE . 52.74 -47.18 13.29
C1 BCL JE . 48.86 -38.66 13.36
C2 BCL JE . 49.66 -37.72 12.47
C3 BCL JE . 49.06 -36.73 11.85
C4 BCL JE . 47.57 -36.42 11.96
C5 BCL JE . 49.80 -35.70 10.99
C6 BCL JE . 51.32 -35.82 10.82
C7 BCL JE . 51.70 -36.92 9.84
C8 BCL JE . 53.12 -36.78 9.29
C9 BCL JE . 53.13 -35.87 8.04
C10 BCL JE . 53.72 -38.16 8.94
C11 BCL JE . 54.00 -39.11 10.07
C12 BCL JE . 55.02 -38.62 11.09
C13 BCL JE . 55.46 -39.77 11.99
C14 BCL JE . 54.41 -40.11 13.04
C15 BCL JE . 56.80 -39.44 12.71
C16 BCL JE . 58.01 -40.18 12.18
C17 BCL JE . 58.07 -41.66 12.62
C18 BCL JE . 59.07 -42.49 11.81
C19 BCL JE . 59.10 -43.88 12.46
C20 BCL JE . 60.47 -41.88 11.77
MG BCL KE . 45.92 -48.39 24.82
CHA BCL KE . 47.00 -50.10 22.02
CHB BCL KE . 48.11 -45.92 24.05
CHC BCL KE . 45.33 -47.00 27.84
CHD BCL KE . 44.45 -51.36 25.99
NA BCL KE . 47.39 -48.09 23.24
C1A BCL KE . 47.57 -48.85 22.10
C2A BCL KE . 48.44 -48.14 21.09
C3A BCL KE . 48.92 -46.89 21.84
C4A BCL KE . 48.09 -46.90 23.10
CMA BCL KE . 50.41 -46.92 22.16
CAA BCL KE . 47.77 -47.76 19.76
CBA BCL KE . 48.74 -47.03 18.82
CGA BCL KE . 48.17 -46.36 17.62
O1A BCL KE . 48.33 -46.68 16.50
O2A BCL KE . 47.50 -45.26 17.92
NB BCL KE . 46.66 -46.75 25.83
C1B BCL KE . 47.46 -45.76 25.27
C2B BCL KE . 47.48 -44.62 26.08
C3B BCL KE . 46.68 -44.88 27.20
C4B BCL KE . 46.18 -46.24 27.00
CMB BCL KE . 48.25 -43.36 25.71
CAB BCL KE . 46.46 -43.94 28.31
OBB BCL KE . 46.99 -42.80 28.35
CBB BCL KE . 45.58 -44.25 29.48
NC BCL KE . 45.05 -49.10 26.64
C1C BCL KE . 44.84 -48.31 27.74
C2C BCL KE . 44.01 -48.97 28.79
C3C BCL KE . 43.53 -50.23 28.07
C4C BCL KE . 44.44 -50.31 26.87
CMC BCL KE . 44.78 -49.25 30.07
CAC BCL KE . 42.01 -50.22 27.71
CBC BCL KE . 41.11 -50.37 28.92
ND BCL KE . 45.76 -50.32 24.20
C1D BCL KE . 45.11 -51.44 24.72
C2D BCL KE . 45.22 -52.55 23.85
C3D BCL KE . 45.96 -52.09 22.77
C4D BCL KE . 46.26 -50.75 23.01
CMD BCL KE . 44.65 -53.92 24.10
CAD BCL KE . 46.39 -52.38 21.45
OBD BCL KE . 46.31 -53.43 20.80
CBD BCL KE . 47.06 -51.11 20.86
CGD BCL KE . 48.38 -51.45 20.34
O1D BCL KE . 49.32 -51.83 20.99
O2D BCL KE . 48.47 -51.29 19.02
CED BCL KE . 49.77 -51.50 18.42
C1 BCL KE . 46.97 -44.45 16.82
C2 BCL KE . 46.09 -43.39 17.46
C3 BCL KE . 46.33 -42.10 17.46
C4 BCL KE . 47.54 -41.42 16.83
C5 BCL KE . 45.35 -41.11 18.11
C6 BCL KE . 45.92 -40.18 19.18
C7 BCL KE . 44.83 -39.44 19.93
C8 BCL KE . 45.32 -38.22 20.72
C9 BCL KE . 46.05 -38.65 22.00
C10 BCL KE . 44.13 -37.31 21.09
C11 BCL KE . 43.53 -36.53 19.93
C12 BCL KE . 44.44 -35.42 19.42
C13 BCL KE . 43.88 -34.70 18.18
C14 BCL KE . 44.17 -35.47 16.89
C15 BCL KE . 44.51 -33.31 18.07
C16 BCL KE . 43.83 -32.35 17.10
C17 BCL KE . 44.18 -30.86 17.26
C18 BCL KE . 45.56 -30.51 16.73
C19 BCL KE . 45.83 -29.08 17.25
C20 BCL KE . 45.68 -30.56 15.20
C1B LMT LE . 25.04 -49.78 25.64
C2B LMT LE . 23.56 -49.38 25.41
C3B LMT LE . 23.17 -48.03 26.06
C4B LMT LE . 23.72 -47.96 27.50
C5B LMT LE . 25.23 -48.19 27.39
C6B LMT LE . 25.90 -47.96 28.75
O1B LMT LE . 25.88 -49.24 24.66
O2B LMT LE . 23.36 -49.32 24.04
O3B LMT LE . 21.82 -47.81 26.00
O4' LMT LE . 23.48 -46.73 28.06
O5B LMT LE . 25.51 -49.48 26.93
O6B LMT LE . 27.23 -48.27 28.68
C1' LMT LE . 28.21 -50.53 21.46
C2' LMT LE . 26.91 -51.32 21.71
C3' LMT LE . 25.96 -50.52 22.65
C4' LMT LE . 26.69 -50.15 23.94
C5' LMT LE . 28.00 -49.43 23.51
C6' LMT LE . 28.79 -48.91 24.68
O1' LMT LE . 29.10 -51.34 20.78
O2' LMT LE . 26.27 -51.54 20.52
O3' LMT LE . 24.85 -51.26 22.92
O5' LMT LE . 28.80 -50.27 22.73
O6' LMT LE . 30.10 -48.84 24.27
C1 LMT LE . 29.13 -51.26 19.36
C2 LMT LE . 30.01 -50.09 18.97
C3 LMT LE . 30.29 -49.97 17.49
C4 LMT LE . 31.28 -48.85 17.26
C5 LMT LE . 31.83 -48.90 15.86
C6 LMT LE . 30.97 -48.26 14.80
C7 LMT LE . 31.32 -46.79 14.69
C8 LMT LE . 30.69 -46.22 13.44
C9 LMT LE . 31.39 -46.58 12.16
C10 LMT LE . 30.63 -45.95 11.01
C11 LMT LE . 31.16 -46.38 9.68
C12 LMT LE . 30.39 -45.76 8.55
MG BCL ME . 34.56 -60.35 16.53
CHA BCL ME . 34.97 -61.79 13.43
CHB BCL ME . 37.32 -58.44 15.91
CHC BCL ME . 34.53 -59.32 19.75
CHD BCL ME . 32.41 -62.96 17.42
NA BCL ME . 35.97 -60.19 14.88
C1A BCL ME . 35.88 -60.79 13.63
C2A BCL ME . 36.86 -60.20 12.64
C3A BCL ME . 37.71 -59.25 13.53
C4A BCL ME . 36.97 -59.24 14.84
CMA BCL ME . 39.14 -59.73 13.68
CAA BCL ME . 36.24 -59.46 11.46
CBA BCL ME . 37.30 -58.90 10.48
CGA BCL ME . 36.82 -57.88 9.49
O1A BCL ME . 36.72 -58.05 8.33
O2A BCL ME . 36.54 -56.71 10.03
NB BCL ME . 35.78 -59.14 17.69
C1B BCL ME . 36.79 -58.31 17.19
C2B BCL ME . 37.15 -57.36 18.14
C3B BCL ME . 36.38 -57.57 19.29
C4B BCL ME . 35.51 -58.71 18.95
CMB BCL ME . 38.22 -56.31 17.89
CAB BCL ME . 36.47 -56.79 20.53
OBB BCL ME . 37.28 -55.86 20.67
CBB BCL ME . 35.59 -57.05 21.72
NC BCL ME . 33.64 -61.08 18.32
C1C BCL ME . 33.67 -60.41 19.52
C2C BCL ME . 32.75 -60.98 20.53
C3C BCL ME . 31.91 -61.96 19.71
C4C BCL ME . 32.70 -62.08 18.43
CMC BCL ME . 33.48 -61.64 21.68
CAC BCL ME . 30.45 -61.48 19.51
CBC BCL ME . 29.62 -61.59 20.77
ND BCL ME . 33.84 -62.03 15.67
C1D BCL ME . 32.94 -63.01 16.10
C2D BCL ME . 32.68 -63.96 15.08
C3D BCL ME . 33.45 -63.54 13.99
C4D BCL ME . 34.13 -62.38 14.38
CMD BCL ME . 31.76 -65.14 15.18
CAD BCL ME . 33.70 -63.71 12.61
OBD BCL ME . 33.26 -64.55 11.81
CBD BCL ME . 34.72 -62.63 12.16
CGD BCL ME . 35.90 -63.26 11.57
O1D BCL ME . 36.66 -64.01 12.15
O2D BCL ME . 36.07 -62.95 10.30
CED BCL ME . 37.26 -63.44 9.64
C1 BCL ME . 36.10 -55.64 9.14
C2 BCL ME . 35.71 -54.47 10.05
C3 BCL ME . 36.37 -53.34 10.10
C4 BCL ME . 37.62 -53.02 9.28
C5 BCL ME . 35.96 -52.21 11.04
C6 BCL ME . 37.04 -51.83 12.06
C7 BCL ME . 36.50 -51.45 13.43
C8 BCL ME . 36.41 -49.96 13.78
C9 BCL ME . 36.27 -49.79 15.30
C10 BCL ME . 35.25 -49.27 13.03
C11 BCL ME . 34.96 -47.82 13.37
C12 BCL ME . 36.12 -46.85 13.07
C13 BCL ME . 36.69 -46.94 11.63
C14 BCL ME . 37.83 -45.94 11.41
C15 BCL ME . 35.59 -46.65 10.59
C16 BCL ME . 36.10 -46.64 9.14
C17 BCL ME . 35.09 -46.83 8.01
C18 BCL ME . 35.73 -46.61 6.64
C19 BCL ME . 34.66 -46.96 5.59
C20 BCL ME . 37.00 -47.43 6.41
MG BCL NE . 40.67 -52.75 0.82
CHA BCL NE . 42.19 -55.29 2.66
CHB BCL NE . 38.40 -52.42 3.33
CHC BCL NE . 39.78 -49.72 -0.45
CHD BCL NE . 43.38 -52.79 -1.36
NA BCL NE . 40.37 -53.73 2.76
C1A BCL NE . 41.03 -54.84 3.28
C2A BCL NE . 40.19 -55.54 4.34
C3A BCL NE . 39.06 -54.53 4.59
C4A BCL NE . 39.27 -53.48 3.55
CMA BCL NE . 37.68 -55.19 4.48
CAA BCL NE . 40.90 -55.98 5.64
CBA BCL NE . 41.19 -54.90 6.69
CGA BCL NE . 41.95 -53.69 6.27
O1A BCL NE . 42.84 -53.67 5.49
O2A BCL NE . 41.60 -52.64 6.95
NB BCL NE . 39.33 -51.28 1.37
C1B BCL NE . 38.42 -51.36 2.41
C2B BCL NE . 37.55 -50.26 2.40
C3B BCL NE . 37.91 -49.43 1.32
C4B BCL NE . 39.04 -50.13 0.69
CMB BCL NE . 36.44 -50.10 3.44
CAB BCL NE . 37.36 -48.16 0.83
OBB BCL NE . 37.57 -47.74 -0.32
CBB BCL NE . 36.52 -47.25 1.70
NC BCL NE . 41.49 -51.45 -0.65
C1C BCL NE . 40.89 -50.28 -1.09
C2C BCL NE . 41.63 -49.64 -2.21
C3C BCL NE . 42.51 -50.80 -2.71
C4C BCL NE . 42.55 -51.69 -1.50
CMC BCL NE . 40.73 -49.04 -3.28
CAC BCL NE . 43.89 -50.35 -3.25
CBC BCL NE . 44.82 -49.79 -2.19
ND BCL NE . 42.41 -53.78 0.65
C1D BCL NE . 43.46 -53.71 -0.29
C2D BCL NE . 44.48 -54.63 0.03
C3D BCL NE . 44.05 -55.28 1.18
C4D BCL NE . 42.81 -54.75 1.52
CMD BCL NE . 45.76 -54.83 -0.74
CAD BCL NE . 44.30 -56.34 2.07
OBD BCL NE . 45.24 -57.17 2.08
CBD BCL NE . 43.19 -56.37 3.14
CGD BCL NE . 42.63 -57.73 3.27
O1D BCL NE . 41.51 -58.05 2.92
O2D BCL NE . 43.46 -58.65 3.79
CED BCL NE . 44.42 -58.29 4.81
C1 BCL NE . 42.31 -51.37 6.94
C2 BCL NE . 41.79 -50.52 5.79
C3 BCL NE . 40.59 -50.04 5.57
C4 BCL NE . 39.36 -50.34 6.42
C5 BCL NE . 40.29 -49.06 4.43
C6 BCL NE . 41.17 -49.06 3.19
C7 BCL NE . 42.35 -48.09 3.31
C8 BCL NE . 43.34 -48.07 2.14
C9 BCL NE . 42.63 -47.62 0.85
C10 BCL NE . 44.00 -49.45 1.93
C11 BCL NE . 44.96 -49.90 3.01
C12 BCL NE . 45.25 -51.40 2.95
C13 BCL NE . 46.14 -51.89 4.11
C14 BCL NE . 47.45 -51.10 4.21
C15 BCL NE . 46.46 -53.39 3.91
C16 BCL NE . 47.65 -53.97 4.68
C17 BCL NE . 47.86 -55.49 4.51
C18 BCL NE . 49.27 -55.98 4.82
C19 BCL NE . 50.10 -55.74 3.54
C20 BCL NE . 49.35 -57.45 5.22
C1B LMT OE . 6.99 -61.18 15.80
C2B LMT OE . 6.04 -60.88 16.97
C3B LMT OE . 6.46 -59.57 17.68
C4B LMT OE . 7.95 -59.63 18.09
C5B LMT OE . 8.79 -60.04 16.86
C6B LMT OE . 10.24 -60.22 17.26
O1B LMT OE . 6.81 -60.26 14.77
O2B LMT OE . 4.77 -60.77 16.45
O3B LMT OE . 5.63 -59.29 18.74
O4' LMT OE . 8.37 -58.39 18.53
O5B LMT OE . 8.32 -61.21 16.23
O6B LMT OE . 10.78 -59.03 17.69
C1' LMT OE . 7.48 -59.89 10.67
C2' LMT OE . 7.30 -61.35 11.17
C3' LMT OE . 6.67 -61.33 12.60
C4' LMT OE . 7.51 -60.45 13.55
C5' LMT OE . 7.61 -59.09 12.84
C6' LMT OE . 8.26 -58.02 13.67
O1' LMT OE . 8.14 -59.88 9.47
O2' LMT OE . 6.47 -62.01 10.32
O3' LMT OE . 6.56 -62.60 13.08
O5' LMT OE . 8.28 -59.20 11.61
O6' LMT OE . 7.42 -57.80 14.74
C1 LMT OE . 8.34 -58.60 8.89
C2 LMT OE . 8.73 -58.85 7.45
C3 LMT OE . 9.56 -57.80 6.76
C4 LMT OE . 8.95 -56.43 6.99
C5 LMT OE . 10.01 -55.37 7.17
C6 LMT OE . 10.88 -55.14 5.97
C7 LMT OE . 12.31 -54.96 6.43
C8 LMT OE . 13.19 -54.51 5.31
C9 LMT OE . 13.38 -55.48 4.19
C10 LMT OE . 14.30 -54.83 3.18
C11 LMT OE . 14.39 -55.59 1.90
C12 LMT OE . 13.14 -55.48 1.09
MG BCL PE . 27.61 -60.33 -6.71
CHA BCL PE . 28.46 -63.25 -5.07
CHB BCL PE . 25.56 -59.57 -4.09
CHC BCL PE . 27.47 -57.12 -7.80
CHD BCL PE . 30.12 -60.95 -9.04
NA BCL PE . 27.13 -61.29 -4.82
C1A BCL PE . 27.47 -62.58 -4.41
C2A BCL PE . 26.53 -63.08 -3.33
C3A BCL PE . 25.48 -61.97 -3.23
C4A BCL PE . 26.11 -60.84 -4.00
CMA BCL PE . 24.13 -62.40 -3.78
CAA BCL PE . 27.19 -63.40 -1.98
CBA BCL PE . 28.47 -62.64 -1.60
CGA BCL PE . 28.34 -61.17 -1.35
O1A BCL PE . 27.34 -60.55 -1.29
O2A BCL PE . 29.48 -60.60 -1.13
NB BCL PE . 26.71 -58.60 -6.04
C1B BCL PE . 25.82 -58.51 -4.98
C2B BCL PE . 25.22 -57.23 -4.95
C3B BCL PE . 25.74 -56.49 -6.02
C4B BCL PE . 26.68 -57.39 -6.68
CMB BCL PE . 24.20 -56.86 -3.88
CAB BCL PE . 25.49 -55.12 -6.47
OBB BCL PE . 25.73 -54.74 -7.63
CBB BCL PE . 24.94 -54.04 -5.55
NC BCL PE . 28.67 -59.20 -8.18
C1C BCL PE . 28.40 -57.91 -8.51
C2C BCL PE . 29.25 -57.40 -9.61
C3C BCL PE . 29.74 -58.72 -10.25
C4C BCL PE . 29.61 -59.67 -9.08
CMC BCL PE . 28.51 -56.49 -10.58
CAC BCL PE . 31.15 -58.62 -10.89
CBC BCL PE . 32.27 -58.35 -9.90
ND BCL PE . 29.04 -61.74 -7.00
C1D BCL PE . 29.96 -61.94 -8.04
C2D BCL PE . 30.61 -63.20 -7.90
C3D BCL PE . 30.07 -63.76 -6.74
C4D BCL PE . 29.13 -62.87 -6.24
CMD BCL PE . 31.68 -63.74 -8.82
CAD BCL PE . 30.03 -64.91 -5.92
OBD BCL PE . 30.70 -65.97 -5.97
CBD BCL PE . 28.97 -64.68 -4.81
CGD BCL PE . 27.92 -65.71 -4.87
O1D BCL PE . 27.31 -66.04 -5.85
O2D BCL PE . 27.69 -66.27 -3.68
CED BCL PE . 26.54 -67.16 -3.58
C1 BCL PE . 29.46 -59.15 -0.98
C2 BCL PE . 29.33 -58.53 -2.33
C3 BCL PE . 28.76 -57.41 -2.69
C4 BCL PE . 27.95 -56.50 -1.77
C5 BCL PE . 28.92 -56.87 -4.11
C6 BCL PE . 30.13 -55.94 -4.28
C7 BCL PE . 31.49 -56.60 -4.02
C8 BCL PE . 32.41 -56.86 -5.21
C9 BCL PE . 32.79 -55.53 -5.91
C10 BCL PE . 31.78 -57.82 -6.23
C11 BCL PE . 31.45 -59.22 -5.76
C12 BCL PE . 32.62 -59.91 -5.06
C13 BCL PE . 32.34 -61.41 -4.82
C14 BCL PE . 31.29 -61.63 -3.75
C15 BCL PE . 33.62 -62.15 -4.39
C16 BCL PE . 33.63 -63.63 -4.80
C17 BCL PE . 34.82 -64.48 -4.35
C18 BCL PE . 34.93 -65.80 -5.09
C19 BCL PE . 35.87 -66.69 -4.28
C20 BCL PE . 35.45 -65.64 -6.54
MG BCL QE . 20.34 -67.95 7.69
CHA BCL QE . 20.40 -69.10 4.44
CHB BCL QE . 23.42 -66.59 7.15
CHC BCL QE . 20.60 -67.34 11.00
CHD BCL QE . 17.71 -70.17 8.38
NA BCL QE . 21.72 -67.91 6.00
C1A BCL QE . 21.50 -68.33 4.71
C2A BCL QE . 22.55 -67.83 3.76
C3A BCL QE . 23.59 -67.22 4.70
C4A BCL QE . 22.90 -67.17 6.02
CMA BCL QE . 24.87 -68.05 4.76
CAA BCL QE . 22.06 -66.82 2.71
CBA BCL QE . 23.20 -66.42 1.77
CGA BCL QE . 22.99 -65.24 0.90
O1A BCL QE . 23.00 -65.25 -0.28
O2A BCL QE . 22.90 -64.09 1.55
NB BCL QE . 21.80 -67.16 8.91
C1B BCL QE . 22.96 -66.52 8.46
C2B BCL QE . 23.55 -65.80 9.51
C3B BCL QE . 22.79 -66.00 10.66
C4B BCL QE . 21.68 -66.86 10.23
CMB BCL QE . 24.81 -64.98 9.31
CAB BCL QE . 23.10 -65.44 11.98
OBB BCL QE . 24.08 -64.72 12.19
CBB BCL QE . 22.25 -65.69 13.19
NC BCL QE . 19.32 -68.68 9.42
C1C BCL QE . 19.54 -68.21 10.68
C2C BCL QE . 18.55 -68.71 11.68
C3C BCL QE . 17.50 -69.40 10.79
C4C BCL QE . 18.21 -69.50 9.47
CMC BCL QE . 19.17 -69.63 12.72
CAC BCL QE . 16.16 -68.64 10.73
CBC BCL QE . 15.35 -68.76 11.99
ND BCL QE . 19.28 -69.35 6.67
C1D BCL QE . 18.22 -70.20 7.04
C2D BCL QE . 17.80 -70.99 5.95
C3D BCL QE . 18.62 -70.61 4.89
C4D BCL QE . 19.48 -69.63 5.36
CMD BCL QE . 16.70 -72.02 5.98
CAD BCL QE . 18.87 -70.75 3.51
OBD BCL QE . 18.34 -71.49 2.65
CBD BCL QE . 20.00 -69.76 3.11
CGD BCL QE . 21.06 -70.48 2.40
O1D BCL QE . 21.79 -71.34 2.87
O2D BCL QE . 21.19 -70.10 1.13
CED BCL QE . 22.29 -70.67 0.37
C1 BCL QE . 22.86 -62.90 0.72
C2 BCL QE . 22.66 -61.71 1.65
C3 BCL QE . 23.54 -60.79 1.95
C4 BCL QE . 24.98 -60.76 1.45
C5 BCL QE . 23.18 -59.57 2.80
C6 BCL QE . 23.92 -59.40 4.12
C7 BCL QE . 23.83 -57.97 4.64
C8 BCL QE . 24.75 -57.63 5.81
C9 BCL QE . 24.12 -58.10 7.13
C10 BCL QE . 25.05 -56.12 5.87
C11 BCL QE . 26.07 -55.73 4.79
C12 BCL QE . 25.51 -54.83 3.69
C13 BCL QE . 25.88 -53.33 3.75
C14 BCL QE . 27.35 -53.09 3.38
C15 BCL QE . 25.64 -52.73 5.15
C16 BCL QE . 25.90 -51.23 5.20
C17 BCL QE . 25.64 -50.53 6.55
C18 BCL QE . 24.19 -50.50 7.01
C19 BCL QE . 23.37 -49.79 5.92
C20 BCL QE . 24.00 -49.83 8.38
MG BCL RE . 13.98 -63.91 -14.78
CHA BCL RE . 13.61 -67.19 -13.80
CHB BCL RE . 11.62 -63.05 -12.47
CHC BCL RE . 13.93 -60.80 -16.08
CHD BCL RE . 15.65 -65.01 -17.66
NA BCL RE . 12.76 -65.01 -13.35
C1A BCL RE . 12.81 -66.36 -13.05
C2A BCL RE . 11.94 -66.70 -11.86
C3A BCL RE . 11.10 -65.42 -11.70
C4A BCL RE . 11.88 -64.41 -12.48
CMA BCL RE . 9.69 -65.60 -12.26
CAA BCL RE . 12.70 -67.06 -10.56
CBA BCL RE . 13.49 -65.93 -9.85
CGA BCL RE . 14.65 -65.38 -10.59
O1A BCL RE . 15.25 -65.98 -11.42
O2A BCL RE . 14.68 -64.09 -10.69
NB BCL RE . 12.90 -62.19 -14.39
C1B BCL RE . 12.07 -62.01 -13.29
C2B BCL RE . 11.73 -60.65 -13.15
C3B BCL RE . 12.37 -59.94 -14.20
C4B BCL RE . 13.11 -60.96 -14.94
CMB BCL RE . 10.83 -60.15 -12.03
CAB BCL RE . 12.39 -58.52 -14.55
OBB BCL RE . 12.83 -58.11 -15.63
CBB BCL RE . 11.88 -57.43 -13.62
NC BCL RE . 14.64 -63.05 -16.62
C1C BCL RE . 14.65 -61.71 -16.87
C2C BCL RE . 15.70 -61.30 -17.84
C3C BCL RE . 16.13 -62.64 -18.45
C4C BCL RE . 15.43 -63.65 -17.59
CMC BCL RE . 15.20 -60.29 -18.86
CAC BCL RE . 17.67 -62.85 -18.51
CBC BCL RE . 18.40 -61.84 -19.37
ND BCL RE . 14.47 -65.69 -15.63
C1D BCL RE . 15.27 -66.02 -16.73
C2D BCL RE . 15.59 -67.40 -16.73
C3D BCL RE . 14.96 -67.93 -15.60
C4D BCL RE . 14.30 -66.87 -14.97
CMD BCL RE . 16.44 -68.10 -17.76
CAD BCL RE . 14.68 -69.09 -14.86
OBD BCL RE . 15.08 -70.27 -15.01
CBD BCL RE . 13.71 -68.71 -13.70
CGD BCL RE . 12.44 -69.41 -13.83
O1D BCL RE . 11.72 -69.40 -14.81
O2D BCL RE . 12.11 -70.09 -12.74
CED BCL RE . 10.76 -70.63 -12.67
C1 BCL RE . 14.21 -63.11 -9.73
C2 BCL RE . 14.57 -61.74 -10.31
C3 BCL RE . 15.77 -61.27 -10.49
C4 BCL RE . 17.07 -62.00 -10.16
C5 BCL RE . 15.97 -59.87 -11.10
C6 BCL RE . 15.49 -59.68 -12.56
C7 BCL RE . 16.65 -59.47 -13.54
C8 BCL RE . 17.68 -60.58 -13.51
C9 BCL RE . 18.79 -60.28 -14.55
C10 BCL RE . 17.02 -61.92 -13.84
C11 BCL RE . 17.94 -63.12 -13.69
C12 BCL RE . 17.23 -64.48 -13.71
C13 BCL RE . 18.22 -65.58 -13.29
C14 BCL RE . 19.57 -65.31 -13.86
C15 BCL RE . 17.78 -67.03 -13.63
C16 BCL RE . 18.79 -68.18 -13.37
C17 BCL RE . 18.38 -69.52 -14.00
C18 BCL RE . 19.25 -70.74 -13.70
C19 BCL RE . 20.62 -70.43 -14.35
C20 BCL RE . 18.71 -72.05 -14.26
C1 V7N SE . -7.67 -65.13 -6.75
C10 V7N SE . -1.31 -68.56 -14.31
C11 V7N SE . -0.54 -68.76 -15.46
C12 V7N SE . 0.81 -69.14 -15.34
C13 V7N SE . 1.77 -69.28 -16.35
C14 V7N SE . 2.99 -69.96 -16.08
C15 V7N SE . 4.02 -70.05 -17.01
C16 V7N SE . 5.33 -70.47 -16.69
C17 V7N SE . 6.37 -70.44 -17.62
C18 V7N SE . 7.74 -70.60 -17.28
C19 V7N SE . 8.73 -70.45 -18.27
C2 V7N SE . -7.64 -66.58 -7.29
C20 V7N SE . 10.08 -70.77 -18.16
C21 V7N SE . 11.04 -70.50 -19.16
C22 V7N SE . 12.40 -70.72 -18.98
C23 V7N SE . 13.41 -70.36 -20.02
C24 V7N SE . 12.96 -70.50 -21.46
C25 V7N SE . 14.05 -70.35 -22.44
C26 V7N SE . 14.53 -69.20 -22.93
C27 V7N SE . 15.61 -69.18 -23.97
C28 V7N SE . 14.95 -69.60 -25.26
C29 V7N SE . 15.76 -69.62 -26.50
C3 V7N SE . -7.51 -66.70 -8.77
C30 V7N SE . -6.37 -64.39 -7.03
C31 V7N SE . -8.82 -64.38 -7.39
C33 V7N SE . -7.17 -66.53 -11.78
C34 V7N SE . -3.44 -67.72 -15.41
C35 V7N SE . 1.57 -68.70 -17.69
C36 V7N SE . 8.11 -70.84 -15.86
C37 V7N SE . 12.93 -71.28 -17.72
C38 V7N SE . 14.01 -67.87 -22.53
C39 V7N SE . 16.05 -68.53 -27.24
C4 V7N SE . -6.30 -66.78 -9.41
C40 V7N SE . 16.82 -68.65 -28.49
C41 V7N SE . -6.82 -65.82 -4.58
C43 V7N SE . 15.67 -67.14 -26.88
C5 V7N SE . -6.11 -66.90 -10.82
C6 V7N SE . -4.88 -67.39 -11.26
C7 V7N SE . -4.50 -67.58 -12.60
C8 V7N SE . -3.18 -67.86 -12.92
C9 V7N SE . -2.63 -68.05 -14.21
O32 V7N SE . -7.89 -65.29 -5.33
O42 V7N SE . -3.15 -67.94 -16.58
O44 V7N SE . 17.39 -69.84 -28.73
O45 V7N SE . 16.98 -67.78 -29.36
MG BCL TE . 4.95 -71.72 -1.36
CHA BCL TE . 4.72 -72.45 -4.72
CHB BCL TE . 8.23 -70.96 -1.84
CHC BCL TE . 5.37 -71.57 2.00
CHD BCL TE . 1.92 -73.40 -0.82
NA BCL TE . 6.29 -71.74 -3.07
C1A BCL TE . 5.96 -71.97 -4.40
C2A BCL TE . 7.11 -71.65 -5.31
C3A BCL TE . 8.26 -71.37 -4.34
C4A BCL TE . 7.59 -71.29 -3.01
CMA BCL TE . 9.33 -72.46 -4.37
CAA BCL TE . 6.87 -70.46 -6.27
CBA BCL TE . 8.09 -70.20 -7.17
CGA BCL TE . 8.08 -68.90 -7.90
O1A BCL TE . 7.95 -68.77 -9.07
O2A BCL TE . 8.32 -67.84 -7.12
NB BCL TE . 6.56 -71.40 -0.10
C1B BCL TE . 7.81 -70.93 -0.52
C2B BCL TE . 8.53 -70.43 0.57
C3B BCL TE . 7.75 -70.59 1.73
C4B BCL TE . 6.50 -71.20 1.25
CMB BCL TE . 9.93 -69.84 0.43
CAB BCL TE . 8.17 -70.20 3.07
OBB BCL TE . 9.29 -69.73 3.33
CBB BCL TE . 7.26 -70.32 4.27
NC BCL TE . 3.82 -72.43 0.32
C1C BCL TE . 4.14 -72.15 1.62
C2C BCL TE . 3.07 -72.51 2.58
C3C BCL TE . 1.89 -72.84 1.66
C4C BCL TE . 2.57 -72.99 0.31
CMC BCL TE . 3.44 -73.65 3.51
CAC BCL TE . 0.77 -71.77 1.68
CBC BCL TE . -0.01 -71.75 2.98
ND BCL TE . 3.61 -72.74 -2.48
C1D BCL TE . 2.38 -73.35 -2.18
C2D BCL TE . 1.77 -73.87 -3.34
C3D BCL TE . 2.64 -73.55 -4.38
C4D BCL TE . 3.71 -72.87 -3.83
CMD BCL TE . 0.46 -74.60 -3.39
CAD BCL TE . 2.82 -73.52 -5.78
OBD BCL TE . 2.10 -73.98 -6.70
CBD BCL TE . 4.14 -72.79 -6.09
CGD BCL TE . 4.98 -73.63 -6.97
O1D BCL TE . 5.57 -74.64 -6.61
O2D BCL TE . 5.04 -73.20 -8.22
CED BCL TE . 5.92 -73.91 -9.13
C1 BCL TE . 8.42 -66.56 -7.80
C2 BCL TE . 8.53 -65.49 -6.72
C3 BCL TE . 9.62 -64.83 -6.39
C4 BCL TE . 11.00 -65.05 -7.00
C5 BCL TE . 9.61 -63.68 -5.37
C6 BCL TE . 10.43 -63.87 -4.10
C7 BCL TE . 10.28 -62.67 -3.15
C8 BCL TE . 11.22 -62.63 -1.94
C9 BCL TE . 11.16 -63.96 -1.15
C10 BCL TE . 10.89 -61.46 -1.01
C11 BCL TE . 10.71 -60.08 -1.64
C12 BCL TE . 11.93 -59.61 -2.44
C13 BCL TE . 11.58 -58.49 -3.43
C14 BCL TE . 10.65 -58.99 -4.54
C15 BCL TE . 12.85 -57.94 -4.11
C16 BCL TE . 13.85 -57.15 -3.28
C17 BCL TE . 14.78 -56.33 -4.18
C18 BCL TE . 16.01 -55.75 -3.51
C19 BCL TE . 15.51 -54.77 -2.43
C20 BCL TE . 16.94 -55.04 -4.50
C1B LMT UE . -1.06 -63.26 8.97
C2B LMT UE . -2.55 -63.01 8.64
C3B LMT UE . -3.15 -61.91 9.56
C4B LMT UE . -2.85 -62.22 11.04
C5B LMT UE . -1.32 -62.43 11.17
C6B LMT UE . -0.97 -62.71 12.63
O1B LMT UE . -0.27 -62.20 8.54
O2B LMT UE . -2.61 -62.61 7.32
O3B LMT UE . -4.49 -61.76 9.32
O4' LMT UE . -3.23 -61.16 11.84
O5B LMT UE . -0.88 -63.48 10.34
O6B LMT UE . 0.38 -62.97 12.75
C1' LMT UE . 3.25 -61.80 6.19
C2' LMT UE . 1.88 -61.97 5.46
C3' LMT UE . 0.65 -61.75 6.37
C4' LMT UE . 0.81 -62.51 7.69
C5' LMT UE . 2.11 -61.95 8.28
C6' LMT UE . 2.32 -62.33 9.73
O1' LMT UE . 4.21 -62.55 5.56
O2' LMT UE . 1.81 -61.04 4.44
O3' LMT UE . -0.50 -62.15 5.75
O5' LMT UE . 3.21 -62.37 7.51
O6' LMT UE . 3.55 -61.86 10.08
C1 LMT UE . 4.57 -62.33 4.20
C2 LMT UE . 5.26 -61.00 4.03
C3 LMT UE . 5.95 -60.85 2.69
C4 LMT UE . 6.36 -59.41 2.39
C5 LMT UE . 6.88 -59.33 0.98
C6 LMT UE . 7.06 -57.93 0.48
C7 LMT UE . 7.06 -57.88 -1.04
C8 LMT UE . 7.12 -56.46 -1.49
C9 LMT UE . 6.69 -56.18 -2.91
C10 LMT UE . 7.57 -56.93 -3.88
C11 LMT UE . 7.07 -56.73 -5.29
C12 LMT UE . 7.89 -57.45 -6.31
C1B LMT VE . -21.77 -58.10 -2.65
C2B LMT VE . -23.15 -57.77 -3.27
C3B LMT VE . -23.65 -56.39 -2.82
C4B LMT VE . -23.61 -56.29 -1.27
C5B LMT VE . -22.19 -56.66 -0.82
C6B LMT VE . -22.08 -56.56 0.69
O1B LMT VE . -20.78 -57.25 -3.17
O2B LMT VE . -23.06 -57.85 -4.64
O3B LMT VE . -24.89 -56.10 -3.33
O4' LMT VE . -23.90 -55.01 -0.86
O5B LMT VE . -21.81 -57.95 -1.26
O6B LMT VE . -23.10 -57.25 1.30
C1' LMT VE . -17.59 -56.93 -5.74
C2' LMT VE . -18.96 -56.89 -6.43
C3' LMT VE . -20.05 -56.66 -5.35
C4' LMT VE . -19.98 -57.72 -4.25
C5' LMT VE . -18.50 -57.82 -3.78
C6' LMT VE . -18.28 -58.86 -2.71
O1' LMT VE . -16.58 -57.10 -6.68
O2' LMT VE . -18.98 -55.86 -7.31
O3' LMT VE . -21.28 -56.66 -5.92
O5' LMT VE . -17.59 -58.05 -4.85
O6' LMT VE . -16.95 -59.18 -2.71
C1 LMT VE . -15.44 -56.29 -6.50
C2 LMT VE . -14.51 -56.55 -7.66
C3 LMT VE . -13.17 -55.86 -7.62
C4 LMT VE . -12.45 -56.07 -8.94
C5 LMT VE . -11.00 -55.68 -8.87
C6 LMT VE . -10.35 -55.60 -10.24
C7 LMT VE . -8.87 -55.34 -10.11
C8 LMT VE . -8.34 -54.69 -11.35
C9 LMT VE . -8.53 -55.44 -12.64
C10 LMT VE . -7.85 -54.64 -13.74
C11 LMT VE . -7.69 -55.44 -15.00
C12 LMT VE . -6.87 -54.72 -16.02
MG BCL WE . -11.38 -70.04 -10.03
CHA BCL WE . -11.94 -70.13 -13.45
CHB BCL WE . -8.04 -70.23 -10.68
CHC BCL WE . -10.82 -70.59 -6.76
CHD BCL WE . -14.76 -70.84 -9.52
NA BCL WE . -10.19 -70.19 -11.85
C1A BCL WE . -10.60 -70.07 -13.16
C2A BCL WE . -9.44 -69.88 -14.11
C3A BCL WE . -8.22 -70.05 -13.21
C4A BCL WE . -8.80 -70.14 -11.83
CMA BCL WE . -7.41 -71.29 -13.56
CAA BCL WE . -9.43 -68.54 -14.86
CBA BCL WE . -8.21 -68.44 -15.78
CGA BCL WE . -7.90 -67.10 -16.35
O1A BCL WE . -8.08 -66.77 -17.46
O2A BCL WE . -7.31 -66.30 -15.48
NB BCL WE . -9.71 -70.43 -8.89
C1B BCL WE . -8.39 -70.29 -9.33
C2B BCL WE . -7.52 -70.23 -8.25
C3B BCL WE . -8.27 -70.33 -7.08
C4B BCL WE . -9.65 -70.46 -7.53
CMB BCL WE . -6.02 -70.07 -8.42
CAB BCL WE . -7.71 -70.31 -5.71
OBB BCL WE . -6.50 -70.15 -5.48
CBB BCL WE . -8.56 -70.48 -4.48
NC BCL WE . -12.62 -70.66 -8.39
C1C BCL WE . -12.18 -70.72 -7.10
C2C BCL WE . -13.27 -70.90 -6.12
C3C BCL WE . -14.53 -70.74 -6.98
C4C BCL WE . -13.98 -70.83 -8.38
CMC BCL WE . -13.20 -72.23 -5.40
CAC BCL WE . -15.30 -69.43 -6.70
CBC BCL WE . -16.12 -69.46 -5.43
ND BCL WE . -13.02 -70.41 -11.19
C1D BCL WE . -14.35 -70.73 -10.88
C2D BCL WE . -15.12 -70.89 -12.05
C3D BCL WE . -14.23 -70.67 -13.10
C4D BCL WE . -12.99 -70.39 -12.54
CMD BCL WE . -16.58 -71.23 -12.10
CAD BCL WE . -14.12 -70.44 -14.50
OBD BCL WE . -14.97 -70.50 -15.40
CBD BCL WE . -12.64 -70.07 -14.82
CGD BCL WE . -12.12 -70.96 -15.86
O1D BCL WE . -11.89 -72.15 -15.73
O2D BCL WE . -11.89 -70.34 -17.00
CED BCL WE . -11.31 -71.11 -18.08
C1 BCL WE . -6.85 -64.99 -15.97
C2 BCL WE . -6.50 -64.16 -14.75
C3 BCL WE . -5.30 -63.82 -14.35
C4 BCL WE . -4.00 -64.26 -15.02
C5 BCL WE . -5.08 -62.87 -13.17
C6 BCL WE . -4.61 -63.49 -11.86
C7 BCL WE . -3.14 -63.19 -11.55
C8 BCL WE . -2.74 -63.27 -10.08
C9 BCL WE . -2.98 -64.69 -9.52
C10 BCL WE . -3.51 -62.25 -9.22
C11 BCL WE . -3.43 -60.79 -9.65
C12 BCL WE . -2.04 -60.19 -9.39
C13 BCL WE . -1.16 -60.00 -10.62
C14 BCL WE . 0.25 -59.52 -10.26
C15 BCL WE . -1.79 -58.95 -11.56
C16 BCL WE . -1.03 -58.74 -12.87
C17 BCL WE . -1.72 -57.80 -13.87
C18 BCL WE . -0.94 -57.58 -15.15
C19 BCL WE . -1.70 -56.51 -15.95
C20 BCL WE . -0.78 -58.87 -15.99
MG BCL XE . -0.75 -62.42 -22.84
CHA BCL XE . -1.79 -65.65 -22.26
CHB BCL XE . -2.88 -61.36 -20.39
CHC BCL XE . 0.04 -59.23 -23.61
CHD BCL XE . 0.44 -63.41 -26.00
NA BCL XE . -2.17 -63.41 -21.53
C1A BCL XE . -2.38 -64.77 -21.37
C2A BCL XE . -3.40 -65.06 -20.30
C3A BCL XE . -3.85 -63.66 -19.85
C4A BCL XE . -2.88 -62.74 -20.54
CMA BCL XE . -5.30 -63.38 -20.23
CAA BCL XE . -2.91 -65.93 -19.12
CBA BCL XE . -1.90 -65.28 -18.17
CGA BCL XE . -0.51 -65.03 -18.67
O1A BCL XE . 0.04 -65.60 -19.55
O2A BCL XE . 0.03 -64.06 -17.98
NB BCL XE . -1.37 -60.58 -22.16
C1B BCL XE . -2.15 -60.35 -21.03
C2B BCL XE . -2.12 -59.00 -20.66
C3B BCL XE . -1.25 -58.33 -21.57
C4B BCL XE . -0.83 -59.37 -22.51
CMB BCL XE . -2.92 -58.45 -19.48
CAB BCL XE . -0.80 -56.94 -21.65
OBB BCL XE . -0.34 -56.46 -22.69
CBB BCL XE . -0.84 -56.01 -20.47
NC BCL XE . 0.07 -61.47 -24.57
C1C BCL XE . 0.41 -60.15 -24.62
C2C BCL XE . 1.29 -59.83 -25.77
C3C BCL XE . 0.96 -61.00 -26.71
C4C BCL XE . 0.58 -62.06 -25.71
CMC BCL XE . 1.05 -58.45 -26.37
CAC BCL XE . 2.09 -61.35 -27.76
CBC BCL XE . 3.37 -61.88 -27.15
ND BCL XE . -0.73 -64.11 -23.97
C1D BCL XE . -0.09 -64.44 -25.17
C2D BCL XE . -0.09 -65.85 -25.37
C3D BCL XE . -0.74 -66.38 -24.26
C4D BCL XE . -1.11 -65.32 -23.45
CMD BCL XE . 0.51 -66.56 -26.56
CAD BCL XE . -1.31 -67.55 -23.70
OBD BCL XE . -1.26 -68.74 -24.07
CBD BCL XE . -2.11 -67.13 -22.43
CGD BCL XE . -3.54 -67.46 -22.57
O1D BCL XE . -4.26 -67.10 -23.47
O2D BCL XE . -4.00 -68.21 -21.57
CED BCL XE . -5.44 -68.38 -21.47
C1 BCL XE . 1.40 -63.63 -18.21
C2 BCL XE . 1.44 -62.65 -19.34
C3 BCL XE . 1.72 -61.36 -19.32
C4 BCL XE . 1.92 -60.56 -18.03
C5 BCL XE . 1.94 -60.51 -20.56
C6 BCL XE . 2.44 -61.22 -21.84
C7 BCL XE . 3.81 -61.86 -21.64
C8 BCL XE . 3.97 -63.20 -22.38
C9 BCL XE . 3.63 -63.02 -23.86
C10 BCL XE . 3.09 -64.32 -21.80
C11 BCL XE . 3.40 -65.76 -22.14
C12 BCL XE . 2.56 -66.72 -21.31
C13 BCL XE . 2.96 -68.21 -21.37
C14 BCL XE . 4.40 -68.43 -20.93
C15 BCL XE . 2.77 -68.80 -22.79
C16 BCL XE . 2.74 -70.32 -22.83
C17 BCL XE . 2.31 -70.93 -24.18
C18 BCL XE . 1.96 -72.41 -24.11
C19 BCL XE . 3.22 -73.15 -23.61
C20 BCL XE . 1.50 -73.00 -25.46
MG BCL YE . -16.02 -56.72 -30.04
CHA BCL YE . -17.48 -59.83 -29.67
CHB BCL YE . -17.01 -55.97 -26.87
CHC BCL YE . -14.03 -54.00 -30.11
CHD BCL YE . -14.41 -57.89 -32.93
NA BCL YE . -17.08 -57.81 -28.49
C1A BCL YE . -17.71 -59.04 -28.57
C2A BCL YE . -18.72 -59.23 -27.47
C3A BCL YE . -18.53 -57.98 -26.59
C4A BCL YE . -17.47 -57.20 -27.29
CMA BCL YE . -19.83 -57.19 -26.45
CAA BCL YE . -18.56 -60.54 -26.68
CBA BCL YE . -17.11 -60.97 -26.44
CGA BCL YE . -16.43 -60.28 -25.32
O1A BCL YE . -16.77 -60.34 -24.19
O2A BCL YE . -15.30 -59.69 -25.66
NB BCL YE . -15.52 -55.25 -28.68
C1B BCL YE . -16.17 -55.04 -27.48
C2B BCL YE . -15.88 -53.76 -26.98
C3B BCL YE . -15.01 -53.13 -27.90
C4B BCL YE . -14.82 -54.11 -28.96
CMB BCL YE . -16.46 -53.24 -25.68
CAB BCL YE . -14.35 -51.83 -27.90
OBB BCL YE . -13.89 -51.31 -28.93
CBB BCL YE . -14.19 -51.00 -26.64
NC BCL YE . -14.44 -56.06 -31.32
C1C BCL YE . -13.79 -54.87 -31.19
C2C BCL YE . -12.83 -54.58 -32.27
C3C BCL YE . -13.03 -55.77 -33.23
C4C BCL YE . -13.98 -56.65 -32.48
CMC BCL YE . -13.06 -53.22 -32.91
CAC BCL YE . -11.70 -56.47 -33.61
CBC BCL YE . -10.80 -55.62 -34.47
ND BCL YE . -15.90 -58.47 -31.08
C1D BCL YE . -15.28 -58.82 -32.28
C2D BCL YE . -15.62 -60.12 -32.69
C3D BCL YE . -16.50 -60.59 -31.70
C4D BCL YE . -16.64 -59.57 -30.76
CMD BCL YE . -15.13 -60.83 -33.92
CAD BCL YE . -17.34 -61.64 -31.29
OBD BCL YE . -17.55 -62.75 -31.81
CBD BCL YE . -18.03 -61.23 -29.97
CGD BCL YE . -19.49 -61.28 -30.10
O1D BCL YE . -20.18 -60.41 -30.59
O2D BCL YE . -20.02 -62.39 -29.62
CED BCL YE . -21.47 -62.54 -29.64
C1 BCL YE . -14.49 -59.24 -24.54
C2 BCL YE . -13.46 -58.26 -25.06
C3 BCL YE . -13.51 -56.96 -24.88
C4 BCL YE . -14.63 -56.25 -24.12
C5 BCL YE . -12.42 -56.01 -25.38
C6 BCL YE . -11.43 -56.55 -26.41
C7 BCL YE . -12.08 -56.85 -27.75
C8 BCL YE . -11.31 -57.83 -28.64
C9 BCL YE . -10.11 -57.12 -29.31
C10 BCL YE . -12.25 -58.43 -29.69
C11 BCL YE . -11.73 -59.64 -30.44
C12 BCL YE . -11.66 -60.93 -29.58
C13 BCL YE . -12.93 -61.81 -29.68
C14 BCL YE . -14.01 -61.39 -28.68
C15 BCL YE . -12.55 -63.27 -29.37
C16 BCL YE . -13.66 -64.31 -29.42
C17 BCL YE . -14.40 -64.45 -30.77
C18 BCL YE . -13.51 -65.00 -31.87
C19 BCL YE . -14.31 -64.88 -33.18
C20 BCL YE . -13.09 -66.46 -31.65
MG BCL ZE . -26.82 -62.92 -17.14
CHA BCL ZE . -27.49 -62.54 -20.51
CHB BCL ZE . -23.60 -63.63 -17.97
CHC BCL ZE . -26.28 -63.93 -13.97
CHD BCL ZE . -30.27 -63.21 -16.54
NA BCL ZE . -25.72 -63.08 -19.01
C1A BCL ZE . -26.16 -62.75 -20.29
C2A BCL ZE . -25.03 -62.72 -21.27
C3A BCL ZE . -23.88 -63.34 -20.48
C4A BCL ZE . -24.36 -63.29 -19.07
CMA BCL ZE . -23.56 -64.77 -20.93
CAA BCL ZE . -24.68 -61.30 -21.79
CBA BCL ZE . -23.61 -61.32 -22.87
CGA BCL ZE . -23.02 -60.00 -23.20
O1A BCL ZE . -23.25 -59.37 -24.19
O2A BCL ZE . -22.21 -59.55 -22.26
NB BCL ZE . -25.21 -63.72 -16.13
C1B BCL ZE . -23.92 -63.82 -16.62
C2B BCL ZE . -23.02 -64.14 -15.60
C3B BCL ZE . -23.74 -64.23 -14.41
C4B BCL ZE . -25.14 -63.97 -14.79
CMB BCL ZE . -21.53 -64.35 -15.86
CAB BCL ZE . -23.14 -64.51 -13.10
OBB BCL ZE . -21.92 -64.66 -12.93
CBB BCL ZE . -23.96 -64.66 -11.85
NC BCL ZE . -28.10 -63.50 -15.51
C1C BCL ZE . -27.65 -63.81 -14.26
C2C BCL ZE . -28.74 -63.95 -13.26
C3C BCL ZE . -29.96 -63.48 -14.04
C4C BCL ZE . -29.47 -63.48 -15.46
CMC BCL ZE . -28.88 -65.37 -12.74
CAC BCL ZE . -30.52 -62.11 -13.56
CBC BCL ZE . -31.24 -62.18 -12.24
ND BCL ZE . -28.53 -62.89 -18.23
C1D BCL ZE . -29.89 -63.02 -17.90
C2D BCL ZE . -30.70 -62.93 -19.05
C3D BCL ZE . -29.83 -62.73 -20.11
C4D BCL ZE . -28.54 -62.72 -19.59
CMD BCL ZE . -32.21 -63.02 -19.07
CAD BCL ZE . -29.72 -62.38 -21.48
OBD BCL ZE . -30.59 -62.17 -22.34
CBD BCL ZE . -28.21 -62.26 -21.83
CGD BCL ZE . -27.88 -63.15 -22.95
O1D BCL ZE . -28.06 -64.35 -22.95
O2D BCL ZE . -27.35 -62.51 -23.98
CED BCL ZE . -26.93 -63.32 -25.12
C1 BCL ZE . -21.58 -58.25 -22.43
C2 BCL ZE . -20.83 -58.00 -21.14
C3 BCL ZE . -19.56 -58.23 -20.91
C4 BCL ZE . -18.58 -58.74 -21.95
C5 BCL ZE . -18.95 -58.09 -19.52
C6 BCL ZE . -18.14 -56.83 -19.23
C7 BCL ZE . -17.77 -56.70 -17.75
C8 BCL ZE . -16.84 -57.77 -17.18
C9 BCL ZE . -17.60 -58.76 -16.28
C10 BCL ZE . -15.75 -57.08 -16.36
C11 BCL ZE . -14.65 -56.47 -17.19
C12 BCL ZE . -13.55 -55.81 -16.36
C13 BCL ZE . -12.62 -54.91 -17.18
C14 BCL ZE . -11.88 -55.66 -18.28
C15 BCL ZE . -11.60 -54.30 -16.21
C16 BCL ZE . -12.10 -53.13 -15.38
C17 BCL ZE . -11.83 -53.22 -13.86
C18 BCL ZE . -11.98 -51.90 -13.14
C19 BCL ZE . -11.84 -52.22 -11.64
C20 BCL ZE . -13.31 -51.18 -13.39
MG BCL AF . -28.55 -46.71 -36.04
CHA BCL AF . -30.32 -49.69 -35.91
CHB BCL AF . -29.29 -46.27 -32.76
CHC BCL AF . -25.93 -44.56 -35.80
CHD BCL AF . -27.47 -47.55 -39.24
NA BCL AF . -29.67 -47.85 -34.57
C1A BCL AF . -30.32 -49.06 -34.71
C2A BCL AF . -30.77 -49.60 -33.37
C3A BCL AF . -30.76 -48.34 -32.51
C4A BCL AF . -29.83 -47.43 -33.25
CMA BCL AF . -32.16 -47.73 -32.40
CAA BCL AF . -29.87 -50.74 -32.84
CBA BCL AF . -29.42 -50.71 -31.38
CGA BCL AF . -28.14 -50.00 -31.07
O1A BCL AF . -28.06 -48.93 -30.58
O2A BCL AF . -27.08 -50.74 -31.25
NB BCL AF . -27.68 -45.62 -34.51
C1B BCL AF . -28.25 -45.45 -33.25
C2B BCL AF . -27.65 -44.37 -32.58
C3B BCL AF . -26.66 -43.83 -33.44
C4B BCL AF . -26.72 -44.66 -34.64
CMB BCL AF . -28.06 -43.96 -31.18
CAB BCL AF . -25.72 -42.71 -33.31
OBB BCL AF . -25.08 -42.26 -34.27
CBB BCL AF . -25.46 -42.02 -31.99
NC BCL AF . -26.95 -46.13 -37.35
C1C BCL AF . -25.95 -45.25 -37.02
C2C BCL AF . -24.84 -45.25 -38.01
C3C BCL AF . -25.50 -45.89 -39.23
C4C BCL AF . -26.67 -46.63 -38.60
CMC BCL AF . -24.28 -43.86 -38.27
CAC BCL AF . -24.52 -46.76 -40.08
CBC BCL AF . -24.09 -48.03 -39.40
ND BCL AF . -28.81 -48.26 -37.34
C1D BCL AF . -28.33 -48.50 -38.63
C2D BCL AF . -28.78 -49.75 -39.11
C3D BCL AF . -29.59 -50.27 -38.11
C4D BCL AF . -29.58 -49.35 -37.06
CMD BCL AF . -28.46 -50.35 -40.45
CAD BCL AF . -30.23 -51.43 -37.63
OBD BCL AF . -30.39 -52.54 -38.17
CBD BCL AF . -30.79 -51.13 -36.22
CGD BCL AF . -32.24 -51.32 -36.16
O1D BCL AF . -33.05 -50.50 -35.77
O2D BCL AF . -32.62 -52.51 -36.60
CED BCL AF . -34.04 -52.79 -36.65
C1 BCL AF . -25.76 -50.30 -30.79
C2 BCL AF . -25.09 -49.54 -31.93
C3 BCL AF . -24.80 -48.25 -31.88
C4 BCL AF . -25.11 -47.33 -30.70
C5 BCL AF . -24.12 -47.54 -33.06
C6 BCL AF . -23.32 -48.44 -34.02
C7 BCL AF . -23.86 -48.54 -35.45
C8 BCL AF . -25.13 -49.36 -35.79
C9 BCL AF . -26.42 -48.92 -35.06
C10 BCL AF . -24.88 -50.86 -35.53
C11 BCL AF . -26.15 -51.69 -35.47
C12 BCL AF . -25.84 -53.17 -35.29
C13 BCL AF . -27.06 -54.08 -35.08
C14 BCL AF . -26.65 -55.41 -34.47
C15 BCL AF . -27.75 -54.40 -36.41
C16 BCL AF . -29.17 -54.95 -36.22
C17 BCL AF . -29.81 -55.63 -37.43
C18 BCL AF . -29.12 -56.93 -37.84
C19 BCL AF . -28.37 -56.60 -39.14
C20 BCL AF . -30.08 -58.10 -38.03
MG BCL BF . -40.64 -52.64 -23.09
CHA BCL BF . -41.26 -51.82 -26.38
CHB BCL BF . -37.62 -53.89 -24.07
CHC BCL BF . -40.29 -54.10 -20.06
CHD BCL BF . -44.01 -52.09 -22.36
NA BCL BF . -39.63 -52.85 -25.00
C1A BCL BF . -40.00 -52.33 -26.23
C2A BCL BF . -38.89 -52.47 -27.25
C3A BCL BF . -37.84 -53.30 -26.53
C4A BCL BF . -38.31 -53.32 -25.11
CMA BCL BF . -37.69 -54.70 -27.12
CAA BCL BF . -38.32 -51.13 -27.75
CBA BCL BF . -37.23 -51.36 -28.82
CGA BCL BF . -36.41 -50.17 -29.16
O1A BCL BF . -36.48 -49.56 -30.17
O2A BCL BF . -35.50 -49.90 -28.25
NB BCL BF . -39.22 -53.86 -22.21
C1B BCL BF . -37.96 -54.14 -22.74
C2B BCL BF . -37.13 -54.70 -21.77
C3B BCL BF . -37.85 -54.79 -20.57
C4B BCL BF . -39.18 -54.24 -20.90
CMB BCL BF . -35.69 -55.10 -22.06
CAB BCL BF . -37.31 -55.33 -19.32
OBB BCL BF . -36.17 -55.78 -19.21
CBB BCL BF . -38.13 -55.38 -18.06
NC BCL BF . -41.97 -53.06 -21.47
C1C BCL BF . -41.59 -53.60 -20.27
C2C BCL BF . -42.63 -53.53 -19.23
C3C BCL BF . -43.74 -52.71 -19.90
C4C BCL BF . -43.29 -52.67 -21.34
CMC BCL BF . -43.10 -54.91 -18.77
CAC BCL BF . -43.92 -51.31 -19.26
CBC BCL BF . -44.53 -51.37 -17.88
ND BCL BF . -42.30 -52.13 -24.12
C1D BCL BF . -43.62 -51.86 -23.71
C2D BCL BF . -44.40 -51.36 -24.79
C3D BCL BF . -43.52 -51.32 -25.87
C4D BCL BF . -42.29 -51.79 -25.44
CMD BCL BF . -45.85 -50.98 -24.72
CAD BCL BF . -43.35 -50.91 -27.22
OBD BCL BF . -44.16 -50.41 -28.02
CBD BCL BF . -41.88 -51.16 -27.62
CGD BCL BF . -41.81 -51.95 -28.86
O1D BCL BF . -42.27 -53.05 -29.01
O2D BCL BF . -41.18 -51.32 -29.84
CED BCL BF . -41.01 -52.02 -31.10
C1 BCL BF . -34.56 -48.82 -28.52
C2 BCL BF . -33.88 -48.53 -27.18
C3 BCL BF . -32.61 -48.74 -26.90
C4 BCL BF . -31.58 -49.32 -27.87
C5 BCL BF . -32.04 -48.39 -25.53
C6 BCL BF . -31.50 -49.57 -24.72
C7 BCL BF . -31.30 -49.21 -23.25
C8 BCL BF . -30.24 -50.08 -22.58
C9 BCL BF . -30.71 -51.54 -22.50
C10 BCL BF . -29.91 -49.58 -21.16
C11 BCL BF . -29.52 -48.13 -20.94
C12 BCL BF . -28.48 -47.56 -21.93
C13 BCL BF . -27.13 -48.29 -22.03
C14 BCL BF . -26.50 -48.54 -20.67
C15 BCL BF . -26.17 -47.42 -22.86
C16 BCL BF . -24.73 -47.90 -22.92
C17 BCL BF . -23.86 -47.10 -23.91
C18 BCL BF . -22.37 -47.40 -23.80
C19 BCL BF . -21.87 -46.60 -22.58
C20 BCL BF . -21.58 -47.01 -25.07
C1B LMT CF . -51.85 -26.18 -13.86
C2B LMT CF . -52.75 -24.94 -14.01
C3B LMT CF . -52.05 -23.69 -13.41
C4B LMT CF . -51.57 -23.98 -11.96
C5B LMT CF . -50.77 -25.29 -11.97
C6B LMT CF . -50.29 -25.63 -10.57
O1B LMT CF . -50.68 -26.01 -14.59
O2B LMT CF . -53.00 -24.76 -15.35
O3B LMT CF . -52.84 -22.58 -13.49
O4' LMT CF . -50.77 -22.96 -11.51
O5B LMT CF . -51.51 -26.36 -12.51
O6B LMT CF . -51.34 -26.05 -9.79
C1' LMT CF . -48.17 -27.15 -17.52
C2' LMT CF . -49.26 -26.17 -18.02
C3' LMT CF . -49.98 -25.58 -16.80
C4' LMT CF . -50.53 -26.66 -15.84
C5' LMT CF . -49.45 -27.78 -15.68
C6' LMT CF . -49.97 -28.99 -14.94
O1' LMT CF . -47.43 -27.68 -18.56
O2' LMT CF . -48.70 -25.12 -18.71
O3' LMT CF . -51.02 -24.78 -17.20
O5' LMT CF . -48.88 -28.21 -16.89
O6' LMT CF . -49.10 -30.01 -15.17
C1 LMT CF . -46.38 -26.85 -19.03
C2 LMT CF . -45.08 -27.60 -19.18
C3 LMT CF . -44.77 -28.04 -20.59
C4 LMT CF . -43.33 -28.52 -20.69
C5 LMT CF . -43.04 -28.99 -22.09
C6 LMT CF . -41.81 -29.84 -22.19
C7 LMT CF . -40.56 -29.00 -22.24
C8 LMT CF . -40.09 -28.86 -23.66
C9 LMT CF . -39.22 -29.99 -24.13
C10 LMT CF . -38.81 -29.74 -25.56
C11 LMT CF . -37.62 -30.56 -25.95
C12 LMT CF . -37.93 -32.02 -26.07
MG BCL DF . -38.99 -34.11 -39.38
CHA BCL DF . -41.58 -36.40 -39.38
CHB BCL DF . -39.35 -33.85 -36.02
CHC BCL DF . -35.91 -32.71 -39.22
CHD BCL DF . -38.38 -34.90 -42.74
NA BCL DF . -40.30 -35.05 -37.92
C1A BCL DF . -41.34 -35.93 -38.13
C2A BCL DF . -42.01 -36.32 -36.85
C3A BCL DF . -41.45 -35.29 -35.85
C4A BCL DF . -40.28 -34.71 -36.57
CMA BCL DF . -42.48 -34.22 -35.52
CAA BCL DF . -41.76 -37.79 -36.47
CBA BCL DF . -40.77 -38.17 -35.36
CGA BCL DF . -39.31 -38.03 -35.62
O1A BCL DF . -38.62 -38.82 -36.16
O2A BCL DF . -38.83 -36.95 -35.02
NB BCL DF . -37.78 -33.44 -37.86
C1B BCL DF . -38.17 -33.28 -36.53
C2B BCL DF . -37.25 -32.50 -35.83
C3B BCL DF . -36.21 -32.13 -36.72
C4B BCL DF . -36.60 -32.75 -37.99
CMB BCL DF . -37.44 -32.16 -34.35
CAB BCL DF . -34.99 -31.32 -36.56
OBB BCL DF . -34.17 -31.18 -37.48
CBB BCL DF . -34.65 -30.60 -35.27
NC BCL DF . -37.39 -33.85 -40.78
C1C BCL DF . -36.20 -33.24 -40.49
C2C BCL DF . -35.29 -33.12 -41.66
C3C BCL DF . -36.17 -33.62 -42.81
C4C BCL DF . -37.34 -34.25 -42.09
CMC BCL DF . -34.76 -31.71 -41.86
CAC BCL DF . -35.40 -34.58 -43.78
CBC BCL DF . -35.07 -35.92 -43.15
ND BCL DF . -39.75 -35.41 -40.77
C1D BCL DF . -39.49 -35.56 -42.14
C2D BCL DF . -40.46 -36.41 -42.75
C3D BCL DF . -41.32 -36.78 -41.72
C4D BCL DF . -40.86 -36.16 -40.55
CMD BCL DF . -40.50 -36.81 -44.20
CAD BCL DF . -42.51 -37.48 -41.36
OBD BCL DF . -43.25 -38.20 -42.05
CBD BCL DF . -42.81 -37.19 -39.87
CGD BCL DF . -44.09 -36.49 -39.68
O1D BCL DF . -44.53 -35.63 -40.42
O2D BCL DF . -44.75 -36.89 -38.60
CED BCL DF . -45.81 -36.03 -38.11
C1 BCL DF . -37.41 -36.72 -34.81
C2 BCL DF . -36.82 -36.40 -36.17
C3 BCL DF . -35.54 -36.52 -36.40
C4 BCL DF . -34.52 -36.99 -35.37
C5 BCL DF . -34.94 -36.20 -37.77
C6 BCL DF . -35.63 -36.88 -38.95
C7 BCL DF . -35.70 -38.40 -38.74
C8 BCL DF . -36.60 -39.14 -39.73
C9 BCL DF . -36.07 -38.92 -41.16
C10 BCL DF . -38.06 -38.66 -39.59
C11 BCL DF . -39.10 -39.77 -39.57
C12 BCL DF . -39.20 -40.56 -40.88
C13 BCL DF . -39.81 -41.96 -40.71
C14 BCL DF . -38.87 -42.91 -39.98
C15 BCL DF . -40.15 -42.57 -42.09
C16 BCL DF . -41.28 -41.92 -42.89
C17 BCL DF . -42.16 -42.93 -43.64
C18 BCL DF . -43.01 -43.79 -42.71
C19 BCL DF . -43.95 -44.61 -43.61
C20 BCL DF . -43.83 -43.00 -41.67
MG BCL EF . -51.64 -38.50 -26.96
CHA BCL EF . -52.09 -37.02 -30.06
CHB BCL EF . -49.13 -40.35 -28.31
CHC BCL EF . -51.66 -40.46 -24.21
CHD BCL EF . -54.75 -37.21 -25.95
NA BCL EF . -50.78 -38.66 -28.95
C1A BCL EF . -51.02 -37.87 -30.07
C2A BCL EF . -50.24 -38.39 -31.28
C3A BCL EF . -49.22 -39.35 -30.64
C4A BCL EF . -49.66 -39.46 -29.22
CMA BCL EF . -49.21 -40.70 -31.33
CAA BCL EF . -49.53 -37.35 -32.18
CBA BCL EF . -48.55 -36.42 -31.49
CGA BCL EF . -47.34 -36.08 -32.32
O1A BCL EF . -47.30 -35.98 -33.49
O2A BCL EF . -46.28 -35.93 -31.56
NB BCL EF . -50.62 -40.20 -26.38
C1B BCL EF . -49.50 -40.71 -27.02
C2B BCL EF . -48.81 -41.59 -26.18
C3B BCL EF . -49.49 -41.66 -24.96
C4B BCL EF . -50.65 -40.77 -25.13
CMB BCL EF . -47.54 -42.30 -26.61
CAB BCL EF . -49.08 -42.48 -23.81
OBB BCL EF . -48.09 -43.22 -23.83
CBB BCL EF . -49.82 -42.46 -22.50
NC BCL EF . -53.01 -38.80 -25.34
C1C BCL EF . -52.78 -39.62 -24.27
C2C BCL EF . -53.75 -39.44 -23.17
C3C BCL EF . -54.58 -38.24 -23.63
C4C BCL EF . -54.19 -38.12 -25.08
CMC BCL EF . -54.58 -40.68 -22.89
CAC BCL EF . -54.32 -36.96 -22.80
CBC BCL EF . -54.91 -37.01 -21.42
ND BCL EF . -53.13 -37.38 -27.78
C1D BCL EF . -54.34 -36.90 -27.28
C2D BCL EF . -55.01 -36.11 -28.24
C3D BCL EF . -54.18 -36.12 -29.37
C4D BCL EF . -53.07 -36.88 -29.05
CMD BCL EF . -56.34 -35.43 -28.06
CAD BCL EF . -53.92 -35.50 -30.61
OBD BCL EF . -54.58 -34.65 -31.24
CBD BCL EF . -52.58 -36.06 -31.15
CGD BCL EF . -52.78 -36.61 -32.50
O1D BCL EF . -53.34 -37.66 -32.75
O2D BCL EF . -52.29 -35.83 -33.45
CED BCL EF . -52.18 -36.40 -34.78
C1 BCL EF . -44.98 -35.58 -32.14
C2 BCL EF . -44.06 -35.56 -30.94
C3 BCL EF . -42.89 -36.14 -30.81
C4 BCL EF . -42.15 -36.89 -31.90
C5 BCL EF . -42.17 -36.12 -29.47
C6 BCL EF . -42.20 -37.47 -28.77
C7 BCL EF . -41.86 -37.39 -27.29
C8 BCL EF . -41.23 -38.68 -26.75
C9 BCL EF . -42.27 -39.80 -26.63
C10 BCL EF . -40.55 -38.47 -25.39
C11 BCL EF . -39.03 -38.34 -25.46
C12 BCL EF . -38.50 -37.35 -26.48
C13 BCL EF . -37.03 -37.66 -26.85
C14 BCL EF . -36.08 -37.46 -25.68
C15 BCL EF . -36.61 -36.76 -28.03
C16 BCL EF . -36.48 -35.26 -27.79
C17 BCL EF . -36.95 -34.43 -28.99
C18 BCL EF . -36.14 -34.68 -30.24
C19 BCL EF . -34.84 -33.85 -30.07
C20 BCL EF . -36.85 -34.28 -31.54
C1 V7N FF . -57.65 -7.10 -24.67
C10 V7N FF . -56.61 -8.94 -34.95
C11 V7N FF . -56.33 -9.00 -36.32
C12 V7N FF . -56.10 -10.23 -36.95
C13 V7N FF . -55.78 -10.47 -38.29
C14 V7N FF . -55.72 -11.80 -38.77
C15 V7N FF . -55.37 -12.17 -40.07
C16 V7N FF . -55.02 -13.49 -40.42
C17 V7N FF . -54.63 -13.85 -41.72
C18 V7N FF . -54.21 -15.14 -42.14
C19 V7N FF . -53.83 -15.33 -43.48
C2 V7N FF . -58.74 -7.46 -25.69
C20 V7N FF . -53.23 -16.46 -44.02
C21 V7N FF . -52.87 -16.57 -45.39
C22 V7N FF . -52.37 -17.72 -45.98
C23 V7N FF . -52.02 -17.76 -47.42
C24 V7N FF . -50.53 -17.83 -47.70
C25 V7N FF . -50.25 -17.68 -49.16
C26 V7N FF . -50.10 -16.51 -49.81
C27 V7N FF . -49.84 -16.48 -51.28
C28 V7N FF . -48.39 -16.59 -51.71
C29 V7N FF . -48.28 -16.35 -53.17
C3 V7N FF . -58.64 -6.73 -26.98
C30 V7N FF . -56.32 -7.75 -25.08
C31 V7N FF . -57.46 -5.59 -24.59
C33 V7N FF . -58.16 -5.24 -29.59
C34 V7N FF . -56.99 -6.45 -34.70
C35 V7N FF . -55.48 -9.37 -39.24
C36 V7N FF . -54.21 -16.25 -41.15
C37 V7N FF . -52.16 -18.96 -45.21
C38 V7N FF . -50.17 -15.20 -49.13
C39 V7N FF . -47.20 -15.80 -53.76
C4 V7N FF . -58.11 -7.30 -28.11
C40 V7N FF . -47.16 -15.59 -55.23
C41 V7N FF . -58.31 -9.03 -23.37
C43 V7N FF . -46.01 -15.35 -53.02
C5 V7N FF . -58.01 -6.70 -29.39
C6 V7N FF . -57.75 -7.54 -30.49
C7 V7N FF . -57.62 -7.15 -31.82
C8 V7N FF . -57.09 -8.04 -32.76
C9 V7N FF . -56.89 -7.81 -34.14
O32 V7N FF . -58.11 -7.64 -23.42
O42 V7N FF . -56.90 -6.12 -35.88
O44 V7N FF . -48.17 -16.09 -55.93
O45 V7N FF . -46.28 -15.00 -55.87
C1B LMT GF . -81.50 -18.01 -33.55
C2B LMT GF . -82.16 -19.07 -34.46
C3B LMT GF . -82.09 -18.64 -35.94
C4B LMT GF . -82.65 -17.21 -36.12
C5B LMT GF . -81.89 -16.29 -35.14
C6B LMT GF . -82.41 -14.86 -35.28
O1B LMT GF . -80.10 -18.05 -33.68
O2B LMT GF . -81.53 -20.27 -34.26
O3B LMT GF . -82.72 -19.55 -36.76
O4' LMT GF . -82.45 -16.76 -37.41
O5B LMT GF . -81.99 -16.72 -33.80
O6B LMT GF . -81.88 -14.06 -34.29
C1' LMT GF . -76.72 -16.90 -31.49
C2' LMT GF . -77.89 -17.46 -30.66
C3' LMT GF . -78.92 -18.19 -31.56
C4' LMT GF . -79.33 -17.30 -32.75
C5' LMT GF . -77.99 -16.88 -33.42
C6' LMT GF . -78.16 -16.17 -34.73
O1' LMT GF . -75.89 -16.11 -30.73
O2' LMT GF . -77.40 -18.36 -29.74
O3' LMT GF . -80.03 -18.55 -30.83
O5' LMT GF . -77.24 -16.09 -32.53
O6' LMT GF . -76.91 -15.89 -35.19
C1 LMT GF . -74.81 -15.52 -31.42
C2 LMT GF . -73.77 -15.11 -30.40
C3 LMT GF . -72.62 -14.29 -30.93
C4 LMT GF . -71.64 -14.01 -29.81
C5 LMT GF . -70.85 -12.75 -30.06
C6 LMT GF . -69.52 -13.00 -30.71
C7 LMT GF . -68.83 -11.67 -30.92
C8 LMT GF . -67.37 -11.84 -31.23
C9 LMT GF . -67.04 -12.23 -32.64
C10 LMT GF . -65.58 -11.92 -32.86
C11 LMT GF . -65.14 -12.14 -34.28
C12 LMT GF . -64.89 -13.58 -34.56
MG BCL HF . -62.70 -13.08 -28.81
CHA BCL HF . -59.86 -14.07 -30.46
CHB BCL HF . -62.96 -10.47 -30.99
CHC BCL HF . -65.19 -11.82 -26.92
CHD BCL HF . -61.83 -15.16 -26.13
NA BCL HF . -61.52 -12.37 -30.48
C1A BCL HF . -60.46 -13.01 -31.09
C2A BCL HF . -60.24 -12.51 -32.49
C3A BCL HF . -61.02 -11.18 -32.48
C4A BCL HF . -61.92 -11.33 -31.30
CMA BCL HF . -60.09 -9.98 -32.32
CAA BCL HF . -60.72 -13.50 -33.58
CBA BCL HF . -61.06 -12.91 -34.97
CGA BCL HF . -60.03 -12.02 -35.58
O1A BCL HF . -58.86 -12.12 -35.39
O2A BCL HF . -60.54 -11.03 -36.29
NB BCL HF . -63.88 -11.40 -28.91
C1B BCL HF . -63.86 -10.43 -29.91
C2B BCL HF . -64.84 -9.45 -29.67
C3B BCL HF . -65.50 -9.81 -28.48
C4B BCL HF . -64.88 -11.05 -28.05
CMB BCL HF . -65.05 -8.28 -30.60
CAB BCL HF . -66.58 -9.15 -27.72
OBB BCL HF . -67.31 -9.77 -26.94
CBB BCL HF . -66.85 -7.67 -27.83
NC BCL HF . -63.36 -13.40 -26.79
C1C BCL HF . -64.52 -12.89 -26.30
C2C BCL HF . -64.97 -13.50 -25.03
C3C BCL HF . -64.04 -14.72 -24.92
C4C BCL HF . -62.98 -14.42 -25.95
CMC BCL HF . -64.88 -12.54 -23.85
CAC BCL HF . -64.82 -16.05 -25.12
CBC BCL HF . -64.03 -17.31 -24.81
ND BCL HF . -61.16 -14.30 -28.31
C1D BCL HF . -60.96 -15.19 -27.26
C2D BCL HF . -59.85 -16.03 -27.50
C3D BCL HF . -59.36 -15.64 -28.74
C4D BCL HF . -60.17 -14.61 -29.20
CMD BCL HF . -59.33 -17.09 -26.57
CAD BCL HF . -58.40 -15.89 -29.75
OBD BCL HF . -57.47 -16.72 -29.80
CBD BCL HF . -58.66 -14.91 -30.93
CGD BCL HF . -57.45 -14.15 -31.25
O1D BCL HF . -56.68 -13.69 -30.43
O2D BCL HF . -57.24 -14.00 -32.54
CED BCL HF . -56.08 -13.23 -32.94
C1 BCL HF . -59.53 -10.10 -36.76
C2 BCL HF . -60.24 -8.90 -37.32
C3 BCL HF . -61.19 -8.10 -36.93
C4 BCL HF . -62.10 -8.35 -35.73
C5 BCL HF . -61.51 -6.79 -37.64
C6 BCL HF . -60.85 -5.62 -36.88
C7 BCL HF . -60.32 -4.43 -37.68
C8 BCL HF . -61.27 -3.38 -38.28
C9 BCL HF . -62.64 -3.38 -37.53
C10 BCL HF . -61.48 -3.56 -39.79
C11 BCL HF . -62.27 -2.40 -40.38
C12 BCL HF . -62.31 -2.38 -41.92
C13 BCL HF . -60.96 -1.96 -42.54
C14 BCL HF . -60.65 -0.49 -42.25
C15 BCL HF . -60.97 -2.17 -44.07
C16 BCL HF . -61.93 -1.34 -44.93
C17 BCL HF . -61.94 -1.59 -46.46
C18 BCL HF . -60.63 -1.46 -47.23
C19 BCL HF . -60.07 -0.05 -46.97
C20 BCL HF . -60.78 -1.65 -48.74
C1B LMT IF . -81.74 -14.88 -30.69
C2B LMT IF . -83.18 -14.77 -31.25
C3B LMT IF . -84.24 -15.18 -30.20
C4B LMT IF . -83.86 -16.52 -29.51
C5B LMT IF . -82.42 -16.38 -29.00
C6B LMT IF . -81.99 -17.65 -28.26
O1B LMT IF . -81.41 -13.79 -29.87
O2B LMT IF . -83.38 -13.48 -31.67
O3B LMT IF . -85.50 -15.21 -30.74
O4' LMT IF . -84.70 -16.78 -28.45
O5B LMT IF . -81.53 -16.10 -30.05
O6B LMT IF . -80.63 -17.68 -28.15
C1' LMT IF . -77.91 -12.05 -28.45
C2' LMT IF . -77.69 -13.14 -29.51
C3' LMT IF . -79.03 -13.40 -30.25
C4' LMT IF . -80.14 -13.78 -29.23
C5' LMT IF . -80.12 -12.66 -28.15
C6' LMT IF . -81.22 -12.77 -27.12
O1' LMT IF . -76.73 -11.78 -27.82
O2' LMT IF . -76.76 -12.71 -30.41
O3' LMT IF . -78.84 -14.39 -31.17
O5' LMT IF . -78.87 -12.54 -27.52
O6' LMT IF . -80.86 -13.80 -26.28
C1 LMT IF . -76.23 -10.48 -28.07
C2 LMT IF . -74.73 -10.51 -27.93
C3 LMT IF . -74.02 -9.29 -28.45
C4 LMT IF . -72.55 -9.57 -28.68
C5 LMT IF . -71.88 -8.39 -29.33
C6 LMT IF . -70.62 -8.76 -30.08
C7 LMT IF . -70.21 -7.67 -31.04
C8 LMT IF . -69.22 -8.22 -32.03
C9 LMT IF . -68.70 -7.23 -33.03
C10 LMT IF . -67.59 -7.91 -33.81
C11 LMT IF . -66.97 -6.99 -34.83
C12 LMT IF . -65.69 -7.53 -35.38
C1B LMT JF . -74.63 -29.82 -20.23
C2B LMT JF . -74.39 -30.38 -18.82
C3B LMT JF . -73.87 -31.84 -18.88
C4B LMT JF . -74.75 -32.71 -19.80
C5B LMT JF . -74.86 -31.99 -21.16
C6B LMT JF . -75.71 -32.80 -22.12
O1B LMT JF . -73.41 -29.53 -20.85
O2B LMT JF . -73.50 -29.56 -18.19
O3B LMT JF . -73.74 -32.38 -17.62
O4' LMT JF . -74.17 -33.95 -19.99
O5B LMT JF . -75.39 -30.68 -21.02
O6B LMT JF . -75.88 -32.11 -23.31
C1' LMT JF . -71.78 -27.27 -23.86
C2' LMT JF . -73.17 -26.77 -23.40
C3' LMT JF . -73.50 -27.42 -22.05
C4' LMT JF . -73.42 -28.97 -22.15
C5' LMT JF . -72.07 -29.33 -22.84
C6' LMT JF . -71.88 -30.81 -23.03
O1' LMT JF . -71.41 -26.68 -25.04
O2' LMT JF . -73.12 -25.41 -23.26
O3' LMT JF . -74.74 -27.04 -21.64
O5' LMT JF . -71.90 -28.67 -24.08
O6' LMT JF . -71.34 -30.98 -24.28
C1 LMT JF . -70.03 -26.71 -25.31
C2 LMT JF . -69.84 -25.99 -26.62
C3 LMT JF . -68.43 -25.88 -27.13
C4 LMT JF . -67.69 -24.75 -26.44
C5 LMT JF . -66.45 -24.40 -27.20
C6 LMT JF . -65.68 -23.30 -26.56
C7 LMT JF . -64.97 -22.42 -27.56
C8 LMT JF . -63.98 -23.21 -28.36
C9 LMT JF . -63.58 -22.57 -29.66
C10 LMT JF . -62.54 -23.43 -30.35
C11 LMT JF . -62.17 -22.85 -31.69
C12 LMT JF . -61.10 -23.62 -32.38
C1 V7N KF . -58.55 9.52 -22.63
C10 V7N KF . -58.44 8.78 -33.04
C11 V7N KF . -58.24 8.79 -34.43
C12 V7N KF . -58.34 7.60 -35.16
C13 V7N KF . -58.12 7.44 -36.54
C14 V7N KF . -58.46 6.21 -37.17
C15 V7N KF . -58.20 5.97 -38.52
C16 V7N KF . -58.17 4.67 -39.07
C17 V7N KF . -57.85 4.45 -40.41
C18 V7N KF . -57.68 3.18 -41.02
C19 V7N KF . -57.28 3.15 -42.37
C2 V7N KF . -59.75 9.75 -23.56
C20 V7N KF . -57.10 2.02 -43.16
C21 V7N KF . -56.66 2.12 -44.51
C22 V7N KF . -56.54 1.07 -45.39
C23 V7N KF . -56.06 1.31 -46.78
C24 V7N KF . -54.56 1.57 -46.83
C25 V7N KF . -54.09 2.06 -48.15
C26 V7N KF . -54.07 1.37 -49.31
C27 V7N KF . -53.61 1.98 -50.59
C28 V7N KF . -52.22 1.56 -51.04
C29 V7N KF . -51.92 2.17 -52.36
C3 V7N KF . -59.48 10.52 -24.79
C30 V7N KF . -57.53 8.59 -23.30
C31 V7N KF . -57.89 10.84 -22.29
C33 V7N KF . -58.62 12.08 -27.26
C34 V7N KF . -58.35 11.26 -32.55
C35 V7N KF . -57.48 8.51 -37.36
C36 V7N KF . -57.90 1.95 -40.22
C37 V7N KF . -56.88 -0.33 -45.02
C38 V7N KF . -54.46 -0.05 -49.42
C39 V7N KF . -50.68 2.42 -52.82
C4 V7N KF . -59.16 9.96 -25.98
C40 V7N KF . -50.47 3.00 -54.16
C41 V7N KF . -59.78 7.67 -21.65
C43 V7N KF . -49.45 2.13 -52.05
C5 V7N KF . -58.92 10.64 -27.21
C6 V7N KF . -58.98 9.90 -28.40
C7 V7N KF . -58.81 10.39 -29.69
C8 V7N KF . -58.65 9.52 -30.76
C9 V7N KF . -58.47 9.84 -32.13
O32 V7N KF . -59.09 8.89 -21.46
O42 V7N KF . -58.25 11.67 -33.70
O44 V7N KF . -51.58 3.27 -54.87
O45 V7N KF . -49.40 3.29 -54.70
C1B LMT LF . -79.87 -11.72 -22.24
C2B LMT LF . -80.38 -12.22 -20.87
C3B LMT LF . -79.47 -13.37 -20.36
C4B LMT LF . -79.35 -14.46 -21.43
C5B LMT LF . -78.87 -13.80 -22.73
C6B LMT LF . -78.73 -14.85 -23.82
O1B LMT LF . -78.66 -11.04 -22.06
O2B LMT LF . -80.35 -11.15 -19.99
O3B LMT LF . -79.92 -13.85 -19.15
O4' LMT LF . -78.43 -15.42 -21.04
O5B LMT LF . -79.73 -12.76 -23.15
O6B LMT LF . -78.30 -14.28 -25.00
C1' LMT LF . -76.51 -7.73 -23.15
C2' LMT LF . -77.76 -7.41 -22.32
C3' LMT LF . -78.28 -8.72 -21.66
C4' LMT LF . -78.50 -9.81 -22.73
C5' LMT LF . -77.19 -9.89 -23.57
C6' LMT LF . -77.23 -10.96 -24.63
O1' LMT LF . -75.99 -6.63 -23.78
O2' LMT LF . -77.42 -6.52 -21.33
O3' LMT LF . -79.44 -8.50 -20.99
O5' LMT LF . -76.88 -8.65 -24.16
O6' LMT LF . -78.29 -10.65 -25.44
C1 LMT LF . -74.68 -6.85 -24.31
C2 LMT LF . -74.63 -6.18 -25.65
C3 LMT LF . -73.30 -6.23 -26.37
C4 LMT LF . -72.26 -5.39 -25.66
C5 LMT LF . -71.06 -5.21 -26.56
C6 LMT LF . -70.06 -4.27 -25.97
C7 LMT LF . -69.30 -3.51 -27.02
C8 LMT LF . -68.49 -4.42 -27.89
C9 LMT LF . -67.91 -3.75 -29.11
C10 LMT LF . -67.07 -4.72 -29.88
C11 LMT LF . -66.57 -4.10 -31.15
C12 LMT LF . -65.66 -5.00 -31.92
MG BCL MF . -64.96 5.31 -27.32
CHA BCL MF . -62.51 3.90 -29.27
CHB BCL MF . -64.64 8.16 -29.16
CHC BCL MF . -67.03 6.86 -25.18
CHD BCL MF . -64.49 2.79 -24.95
NA BCL MF . -63.68 5.93 -28.97
C1A BCL MF . -62.84 5.14 -29.72
C2A BCL MF . -62.56 5.74 -31.07
C3A BCL MF . -63.02 7.19 -30.87
C4A BCL MF . -63.86 7.13 -29.64
CMA BCL MF . -61.84 8.15 -30.68
CAA BCL MF . -63.29 5.00 -32.22
CBA BCL MF . -63.58 5.77 -33.52
CGA BCL MF . -62.41 6.52 -34.07
O1A BCL MF . -61.28 6.20 -33.97
O2A BCL MF . -62.77 7.67 -34.59
NB BCL MF . -65.70 7.22 -27.16
C1B BCL MF . -65.47 8.28 -28.05
C2B BCL MF . -66.20 9.41 -27.65
C3B BCL MF . -66.91 9.07 -26.48
C4B BCL MF . -66.58 7.68 -26.22
CMB BCL MF . -66.15 10.70 -28.43
CAB BCL MF . -67.78 9.87 -25.60
OBB BCL MF . -68.61 9.34 -24.84
CBB BCL MF . -67.72 11.37 -25.55
NC BCL MF . -65.61 4.90 -25.33
C1C BCL MF . -66.61 5.60 -24.72
C2C BCL MF . -67.10 4.98 -23.47
C3C BCL MF . -66.49 3.56 -23.55
C4C BCL MF . -65.44 3.73 -24.62
CMC BCL MF . -66.70 5.75 -22.22
CAC BCL MF . -67.57 2.49 -23.82
CBC BCL MF . -67.09 1.05 -23.67
ND BCL MF . -63.73 3.72 -27.07
C1D BCL MF . -63.71 2.69 -26.13
C2D BCL MF . -62.84 1.65 -26.54
C3D BCL MF . -62.33 2.06 -27.77
C4D BCL MF . -62.89 3.29 -28.06
CMD BCL MF . -62.56 0.38 -25.77
CAD BCL MF . -61.47 1.73 -28.84
OBD BCL MF . -60.71 0.76 -29.02
CBD BCL MF . -61.57 2.86 -29.90
CGD BCL MF . -60.24 3.39 -30.25
O1D BCL MF . -59.43 3.81 -29.46
O2D BCL MF . -59.99 3.36 -31.54
CED BCL MF . -58.79 4.03 -32.00
C1 BCL MF . -61.67 8.55 -34.96
C2 BCL MF . -62.25 9.89 -35.35
C3 BCL MF . -63.14 10.64 -34.71
C4 BCL MF . -63.86 10.27 -33.43
C5 BCL MF . -63.48 12.04 -35.18
C6 BCL MF . -62.31 12.99 -35.02
C7 BCL MF . -62.61 14.47 -35.27
C8 BCL MF . -61.33 15.30 -35.38
C9 BCL MF . -60.35 14.91 -34.24
C10 BCL MF . -61.64 16.79 -35.32
C11 BCL MF . -62.44 17.45 -36.41
C12 BCL MF . -61.65 17.64 -37.71
C13 BCL MF . -62.32 18.64 -38.68
C14 BCL MF . -63.83 18.42 -38.78
C15 BCL MF . -61.73 18.50 -40.09
C16 BCL MF . -60.24 18.77 -40.31
C17 BCL MF . -59.66 18.64 -41.73
C18 BCL MF . -60.37 19.41 -42.85
C19 BCL MF . -61.29 18.43 -43.60
C20 BCL MF . -59.40 20.03 -43.85
C1B LMT NF . -83.52 10.76 -26.92
C2B LMT NF . -83.92 10.14 -28.27
C3B LMT NF . -83.91 11.21 -29.37
C4B LMT NF . -84.77 12.42 -28.95
C5B LMT NF . -84.31 12.90 -27.57
C6B LMT NF . -85.16 14.08 -27.11
O1B LMT NF . -82.17 11.11 -26.95
O2B LMT NF . -83.05 9.12 -28.55
O3B LMT NF . -84.28 10.70 -30.59
O4' LMT NF . -84.65 13.45 -29.87
O5B LMT NF . -84.32 11.87 -26.61
O6B LMT NF . -84.94 14.34 -25.79
C1' LMT NF . -78.53 10.17 -25.28
C2' LMT NF . -79.52 8.99 -25.34
C3' LMT NF . -80.72 9.34 -26.26
C4' LMT NF . -81.35 10.68 -25.88
C5' LMT NF . -80.20 11.72 -25.71
C6' LMT NF . -80.69 13.09 -25.34
O1' LMT NF . -77.52 9.87 -24.41
O2' LMT NF . -78.86 7.89 -25.84
O3' LMT NF . -81.65 8.35 -26.21
O5' LMT NF . -79.24 11.29 -24.77
O6' LMT NF . -79.59 13.83 -25.00
C1 LMT NF . -76.45 10.80 -24.31
C2 LMT NF . -75.40 10.39 -25.30
C3 LMT NF . -74.77 11.51 -26.08
C4 LMT NF . -73.31 11.21 -26.35
C5 LMT NF . -72.78 12.11 -27.43
C6 LMT NF . -71.29 12.20 -27.41
C7 LMT NF . -70.75 12.94 -28.62
C8 LMT NF . -70.35 11.99 -29.71
C9 LMT NF . -69.76 12.69 -30.90
C10 LMT NF . -69.05 11.69 -31.78
C11 LMT NF . -68.38 12.37 -32.94
C12 LMT NF . -67.57 11.42 -33.75
C1B LMT OF . -85.09 5.04 -29.60
C2B LMT OF . -86.29 4.20 -30.15
C3B LMT OF . -86.39 4.26 -31.70
C4B LMT OF . -86.28 5.72 -32.20
C5B LMT OF . -84.99 6.30 -31.61
C6B LMT OF . -84.74 7.71 -32.12
O1B LMT OF . -83.86 4.35 -29.73
O2B LMT OF . -86.13 2.90 -29.72
O3B LMT OF . -87.53 3.65 -32.15
O4' LMT OF . -86.21 5.75 -33.58
O5B LMT OF . -85.03 6.29 -30.19
O6B LMT OF . -83.65 8.24 -31.49
C1' LMT OF . -79.89 5.09 -28.48
C2' LMT OF . -81.02 5.55 -27.54
C3' LMT OF . -82.36 4.83 -27.87
C4' LMT OF . -82.69 5.07 -29.36
C5' LMT OF . -81.46 4.52 -30.14
C6' LMT OF . -81.67 4.47 -31.63
O1' LMT OF . -78.79 5.90 -28.27
O2' LMT OF . -80.67 5.26 -26.25
O3' LMT OF . -83.36 5.30 -27.08
O5' LMT OF . -80.30 5.28 -29.84
O6' LMT OF . -80.45 4.20 -32.20
C1 LMT OF . -77.56 5.46 -28.81
C2 LMT OF . -76.52 6.44 -28.30
C3 LMT OF . -75.13 6.32 -28.87
C4 LMT OF . -74.14 7.05 -27.98
C5 LMT OF . -72.89 7.42 -28.72
C6 LMT OF . -71.71 7.59 -27.80
C7 LMT OF . -70.53 8.27 -28.47
C8 LMT OF . -70.18 7.61 -29.75
C9 LMT OF . -68.78 7.90 -30.23
C10 LMT OF . -68.55 7.11 -31.50
C11 LMT OF . -67.27 7.49 -32.18
C12 LMT OF . -67.15 6.86 -33.53
C1 V7N PF . -55.32 25.48 -18.37
C10 V7N PF . -55.55 26.02 -28.86
C11 V7N PF . -55.44 26.20 -30.24
C12 V7N PF . -55.76 25.17 -31.13
C13 V7N PF . -55.67 25.15 -32.54
C14 V7N PF . -56.28 24.10 -33.26
C15 V7N PF . -56.22 23.97 -34.66
C16 V7N PF . -56.54 22.78 -35.33
C17 V7N PF . -56.42 22.64 -36.72
C18 V7N PF . -56.51 21.43 -37.45
C19 V7N PF . -56.34 21.46 -38.85
C2 V7N PF . -56.49 25.93 -19.27
C20 V7N PF . -56.13 20.39 -39.71
C21 V7N PF . -55.95 20.54 -41.11
C22 V7N PF . -55.81 19.50 -42.02
C23 V7N PF . -55.62 19.76 -43.47
C24 V7N PF . -54.14 19.90 -43.85
C25 V7N PF . -53.93 19.94 -45.32
C26 V7N PF . -52.71 20.01 -45.88
C27 V7N PF . -52.54 20.05 -47.37
C28 V7N PF . -51.26 20.77 -47.79
C29 V7N PF . -51.15 20.94 -49.25
C3 V7N PF . -56.12 26.79 -20.41
C30 V7N PF . -54.45 24.47 -19.11
C31 V7N PF . -54.47 26.68 -17.98
C33 V7N PF . -55.00 28.50 -22.65
C34 V7N PF . -54.75 28.28 -28.02
C35 V7N PF . -54.90 26.19 -33.26
C36 V7N PF . -56.78 20.17 -36.72
C37 V7N PF . -55.83 18.08 -41.60
C38 V7N PF . -51.47 20.06 -45.07
C39 V7N PF . -50.06 21.44 -49.86
C4 V7N PF . -55.80 26.31 -21.65
C40 V7N PF . -50.03 21.60 -51.33
C41 V7N PF . -56.73 23.74 -17.43
C43 V7N PF . -48.83 21.86 -49.15
C5 V7N PF . -55.47 27.10 -22.79
C6 V7N PF . -55.58 26.52 -24.06
C7 V7N PF . -55.33 27.14 -25.29
C8 V7N PF . -55.45 26.42 -26.49
C9 V7N PF . -55.24 26.89 -27.79
O32 V7N PF . -55.94 24.89 -17.21
O42 V7N PF . -54.68 28.86 -29.10
O44 V7N PF . -48.97 22.25 -51.85
O45 V7N PF . -50.88 21.21 -52.14
C1B LMT QF . -81.31 10.89 -18.53
C2B LMT QF . -81.82 9.66 -17.74
C3B LMT QF . -82.05 8.45 -18.68
C4B LMT QF . -82.93 8.86 -19.89
C5B LMT QF . -82.27 10.09 -20.54
C6B LMT QF . -83.09 10.54 -21.75
O1B LMT QF . -79.96 10.75 -18.88
O2B LMT QF . -80.89 9.35 -16.78
O3B LMT QF . -82.59 7.38 -18.00
O4' LMT QF . -82.97 7.84 -20.82
O5B LMT QF . -82.12 11.16 -19.65
O6B LMT QF . -82.60 11.73 -22.24
C1' LMT QF . -76.92 13.14 -20.43
C2' LMT QF . -78.04 13.89 -19.69
C3' LMT QF . -78.84 12.90 -18.81
C4' LMT QF . -79.38 11.76 -19.69
C5' LMT QF . -78.14 11.17 -20.42
C6' LMT QF . -78.44 9.95 -21.25
O1' LMT QF . -76.24 13.99 -21.26
O2' LMT QF . -77.48 14.85 -18.88
O3' LMT QF . -79.85 13.56 -18.18
O5' LMT QF . -77.52 12.13 -21.23
O6' LMT QF . -79.08 9.05 -20.44
C1 LMT QF . -74.98 13.52 -21.70
C2 LMT QF . -74.64 14.33 -22.92
C3 LMT QF . -73.35 14.02 -23.60
C4 LMT QF . -72.18 14.57 -22.79
C5 LMT QF . -70.95 14.58 -23.65
C6 LMT QF . -69.77 15.16 -22.93
C7 LMT QF . -68.82 15.87 -23.87
C8 LMT QF . -68.28 14.93 -24.89
C9 LMT QF . -67.64 15.62 -26.06
C10 LMT QF . -67.13 14.59 -27.04
C11 LMT QF . -66.61 15.25 -28.28
C12 LMT QF . -66.17 14.26 -29.31
C1B LMT RF . -77.37 31.25 -13.88
C2B LMT RF . -77.74 30.58 -12.54
C3B LMT RF . -78.09 29.10 -12.74
C4B LMT RF . -79.16 28.95 -13.84
C5B LMT RF . -78.63 29.66 -15.10
C6B LMT RF . -79.63 29.52 -16.24
O1B LMT RF . -76.11 30.82 -14.32
O2B LMT RF . -76.65 30.71 -11.70
O3B LMT RF . -78.48 28.51 -11.56
O4' LMT RF . -79.38 27.62 -14.13
O5B LMT RF . -78.35 31.02 -14.85
O6B LMT RF . -79.29 30.34 -17.29
C1' LMT RF . -72.46 32.51 -15.43
C2' LMT RF . -73.22 33.22 -14.29
C3' LMT RF . -74.29 32.28 -13.71
C4' LMT RF . -75.23 31.82 -14.83
C5' LMT RF . -74.32 31.19 -15.92
C6' LMT RF . -75.06 30.59 -17.08
O1' LMT RF . -71.54 33.36 -16.00
O2' LMT RF . -72.33 33.56 -13.30
O3' LMT RF . -74.99 32.90 -12.72
O5' LMT RF . -73.41 32.14 -16.42
O6' LMT RF . -75.76 29.51 -16.59
C1 LMT RF . -71.15 33.05 -17.32
C2 LMT RF . -69.80 33.70 -17.53
C3 LMT RF . -68.60 32.88 -17.16
C4 LMT RF . -67.31 33.63 -17.45
C5 LMT RF . -66.15 32.73 -17.23
C6 LMT RF . -64.83 33.44 -17.14
C7 LMT RF . -64.38 34.11 -18.42
C8 LMT RF . -63.99 33.10 -19.45
C9 LMT RF . -63.25 33.73 -20.59
C10 LMT RF . -62.90 32.72 -21.66
C11 LMT RF . -62.16 33.37 -22.78
C12 LMT RF . -61.92 32.47 -23.94
MG BCL SF . -62.66 23.41 -23.07
CHA BCL SF . -60.58 21.76 -25.26
CHB BCL SF . -61.73 26.35 -24.53
CHC BCL SF . -64.31 25.06 -20.65
CHD BCL SF . -62.82 20.51 -21.12
NA BCL SF . -61.30 23.96 -24.67
C1A BCL SF . -60.64 23.11 -25.54
C2A BCL SF . -60.18 23.81 -26.77
C3A BCL SF . -60.36 25.29 -26.40
C4A BCL SF . -61.20 25.24 -25.16
CMA BCL SF . -59.03 25.99 -26.15
CAA BCL SF . -60.99 23.38 -28.03
CBA BCL SF . -60.94 24.16 -29.36
CGA BCL SF . -59.75 25.03 -29.61
O1A BCL SF . -58.70 24.67 -30.00
O2A BCL SF . -60.06 26.27 -29.43
NB BCL SF . -62.96 25.40 -22.63
C1B BCL SF . -62.50 26.48 -23.36
C2B BCL SF . -62.94 27.68 -22.78
C3B BCL SF . -63.68 27.35 -21.63
C4B BCL SF . -63.69 25.90 -21.59
CMB BCL SF . -62.60 29.03 -23.36
CAB BCL SF . -64.34 28.17 -20.60
OBB BCL SF . -65.25 27.73 -19.88
CBB BCL SF . -63.96 29.59 -20.34
NC BCL SF . -63.40 22.88 -21.14
C1C BCL SF . -64.19 23.69 -20.39
C2C BCL SF . -64.80 23.02 -19.23
C3C BCL SF . -64.55 21.54 -19.53
C4C BCL SF . -63.51 21.60 -20.62
CMC BCL SF . -64.22 23.50 -17.91
CAC BCL SF . -65.86 20.80 -19.88
CBC BCL SF . -65.74 19.29 -19.99
ND BCL SF . -61.82 21.56 -23.09
C1D BCL SF . -62.08 20.42 -22.33
C2D BCL SF . -61.53 19.26 -22.94
C3D BCL SF . -60.92 19.72 -24.10
C4D BCL SF . -61.12 21.09 -24.15
CMD BCL SF . -61.62 17.86 -22.41
CAD BCL SF . -60.24 19.36 -25.29
OBD BCL SF . -59.86 18.24 -25.69
CBD BCL SF . -59.99 20.65 -26.12
CGD BCL SF . -58.57 20.79 -26.44
O1D BCL SF . -57.65 20.71 -25.64
O2D BCL SF . -58.34 21.04 -27.72
CED BCL SF . -56.96 21.33 -28.11
C1 BCL SF . -59.22 27.39 -29.81
C2 BCL SF . -59.86 28.60 -29.13
C3 BCL SF . -61.10 29.02 -29.31
C4 BCL SF . -62.12 28.42 -30.28
C5 BCL SF . -61.68 30.17 -28.48
C6 BCL SF . -62.43 31.24 -29.27
C7 BCL SF . -61.50 32.07 -30.15
C8 BCL SF . -62.13 32.66 -31.42
C9 BCL SF . -62.23 31.58 -32.53
C10 BCL SF . -61.29 33.85 -31.92
C11 BCL SF . -59.77 33.70 -31.90
C12 BCL SF . -59.05 34.89 -32.54
C13 BCL SF . -57.59 35.01 -32.05
C14 BCL SF . -57.48 35.80 -30.75
C15 BCL SF . -56.72 35.71 -33.12
C16 BCL SF . -57.12 37.11 -33.58
C17 BCL SF . -56.24 37.65 -34.72
C18 BCL SF . -56.65 37.19 -36.11
C19 BCL SF . -55.41 37.34 -37.00
C20 BCL SF . -57.83 37.98 -36.69
C1B LMT TF . -81.99 26.57 -26.34
C2B LMT TF . -82.28 25.41 -27.32
C3B LMT TF . -81.92 25.81 -28.76
C4B LMT TF . -82.57 27.16 -29.14
C5B LMT TF . -82.24 28.19 -28.04
C6B LMT TF . -82.92 29.52 -28.34
O1B LMT TF . -80.61 26.76 -26.27
O2B LMT TF . -81.56 24.32 -26.91
O3B LMT TF . -82.23 24.81 -29.65
O4' LMT TF . -82.08 27.62 -30.34
O5B LMT TF . -82.63 27.73 -26.75
O6B LMT TF . -82.32 30.12 -29.43
C1' LMT TF . -77.34 26.70 -23.77
C2' LMT TF . -78.37 25.59 -23.49
C3' LMT TF . -79.38 25.49 -24.66
C4' LMT TF . -80.01 26.85 -24.98
C5' LMT TF . -78.85 27.88 -25.08
C6' LMT TF . -79.34 29.28 -25.39
O1' LMT TF . -76.53 26.85 -22.69
O2' LMT TF . -77.72 24.39 -23.35
O3' LMT TF . -80.37 24.59 -24.36
O5' LMT TF . -78.07 27.92 -23.91
O6' LMT TF . -78.30 30.14 -25.17
C1 LMT TF . -75.40 27.71 -22.79
C2 LMT TF . -74.30 27.04 -23.59
C3 LMT TF . -72.92 27.47 -23.16
C4 LMT TF . -71.78 26.78 -23.90
C5 LMT TF . -70.49 27.34 -23.38
C6 LMT TF . -69.23 26.77 -23.99
C7 LMT TF . -68.07 27.60 -23.50
C8 LMT TF . -66.77 27.12 -24.08
C9 LMT TF . -66.69 27.11 -25.57
C10 LMT TF . -65.29 26.72 -25.98
C11 LMT TF . -65.20 26.47 -27.45
C12 LMT TF . -63.83 26.03 -27.86
C1B LMT UF . -79.53 31.63 -22.16
C2B LMT UF . -80.52 32.79 -21.98
C3B LMT UF . -81.43 32.55 -20.75
C4B LMT UF . -82.07 31.14 -20.81
C5B LMT UF . -80.95 30.12 -21.06
C6B LMT UF . -81.53 28.71 -21.16
O1B LMT UF . -78.61 31.63 -21.12
O2B LMT UF . -79.79 33.95 -21.83
O3B LMT UF . -82.36 33.55 -20.61
O4' LMT UF . -82.70 30.85 -19.62
O5B LMT UF . -80.20 30.41 -22.21
O6B LMT UF . -80.59 27.84 -21.66
C1' LMT UF . -74.49 31.30 -20.56
C2' LMT UF . -74.96 32.33 -21.62
C3' LMT UF . -76.46 32.63 -21.46
C4' LMT UF . -77.27 31.32 -21.46
C5' LMT UF . -76.65 30.43 -20.37
C6' LMT UF . -77.42 29.15 -20.15
O1' LMT UF . -73.20 30.94 -20.85
O2' LMT UF . -74.25 33.48 -21.44
O3' LMT UF . -76.90 33.45 -22.46
O5' LMT UF . -75.30 30.13 -20.66
O6' LMT UF . -77.48 28.94 -18.79
C1 LMT UF . -72.57 30.08 -19.92
C2 LMT UF . -71.23 29.76 -20.54
C3 LMT UF . -70.23 30.87 -20.63
C4 LMT UF . -69.10 30.41 -21.53
C5 LMT UF . -68.14 31.53 -21.82
C6 LMT UF . -67.34 31.33 -23.07
C7 LMT UF . -66.64 32.62 -23.42
C8 LMT UF . -66.02 32.57 -24.78
C9 LMT UF . -65.42 33.89 -25.19
C10 LMT UF . -65.09 33.87 -26.67
C11 LMT UF . -64.81 35.26 -27.16
C12 LMT UF . -64.66 35.32 -28.65
C1 V7N VF . -49.06 39.96 -12.53
C10 V7N VF . -49.19 41.31 -22.86
C11 V7N VF . -49.01 41.52 -24.23
C12 V7N VF . -49.76 40.86 -25.20
C13 V7N VF . -49.61 41.01 -26.59
C14 V7N VF . -50.29 40.13 -27.46
C15 V7N VF . -50.20 40.14 -28.86
C16 V7N VF . -50.80 39.17 -29.67
C17 V7N VF . -50.66 39.19 -31.06
C18 V7N VF . -51.14 38.21 -31.95
C19 V7N VF . -50.89 38.36 -33.32
C2 V7N VF . -50.08 40.74 -13.38
C20 V7N VF . -51.03 37.37 -34.30
C21 V7N VF . -50.74 37.60 -35.66
C22 V7N VF . -51.08 36.72 -36.68
C23 V7N VF . -50.74 37.03 -38.10
C24 V7N VF . -49.60 36.18 -38.65
C25 V7N VF . -49.23 36.58 -40.02
C26 V7N VF . -48.34 37.55 -40.32
C27 V7N VF . -48.04 37.91 -41.74
C28 V7N VF . -46.69 37.43 -42.23
C29 V7N VF . -46.31 38.10 -43.50
C3 V7N VF . -49.51 41.64 -14.40
C30 V7N VF . -48.32 38.94 -13.40
C31 V7N VF . -48.04 40.91 -11.91
C33 V7N VF . -48.04 43.29 -16.53
C34 V7N VF . -48.35 43.54 -22.13
C35 V7N VF . -48.77 42.08 -27.16
C36 V7N VF . -51.89 37.04 -31.40
C37 V7N VF . -51.76 35.45 -36.41
C38 V7N VF . -47.63 38.32 -39.28
C39 V7N VF . -45.14 37.91 -44.14
C4 V7N VF . -49.37 41.29 -15.71
C40 V7N VF . -44.85 38.64 -45.40
C41 V7N VF . -50.83 38.40 -11.95
C43 V7N VF . -44.08 36.98 -43.67
C5 V7N VF . -48.86 42.09 -16.78
C6 V7N VF . -49.16 41.69 -18.08
C7 V7N VF . -48.78 42.32 -19.28
C8 V7N VF . -49.16 41.76 -20.50
C9 V7N VF . -48.90 42.19 -21.81
O32 V7N VF . -49.82 39.29 -11.51
O42 V7N VF . -48.07 44.42 -21.32
O44 V7N VF . -45.80 39.48 -45.82
O45 V7N VF . -43.83 38.55 -46.09
C1B LMT WF . -75.53 45.95 -14.81
C2B LMT WF . -76.49 44.84 -14.34
C3B LMT WF . -77.04 44.03 -15.53
C4B LMT WF . -77.62 44.98 -16.61
C5B LMT WF . -76.55 46.04 -16.93
C6B LMT WF . -77.06 47.00 -18.00
O1B LMT WF . -74.34 45.39 -15.31
O2B LMT WF . -75.80 44.02 -13.47
O3B LMT WF . -77.94 43.08 -15.14
O4' LMT WF . -77.95 44.28 -17.75
O5B LMT WF . -76.14 46.74 -15.78
O6B LMT WF . -76.08 47.90 -18.33
C1' LMT WF . -70.22 46.05 -15.32
C2' LMT WF . -70.95 46.35 -14.00
C3' LMT WF . -72.37 45.72 -13.99
C4' LMT WF . -73.16 46.17 -15.22
C5' LMT WF . -72.26 45.85 -16.45
C6' LMT WF . -72.93 46.13 -17.77
O1' LMT WF . -69.03 46.75 -15.36
O2' LMT WF . -70.23 45.84 -12.95
O3' LMT WF . -73.04 46.07 -12.86
O5' LMT WF . -71.02 46.53 -16.39
O6' LMT WF . -71.93 46.43 -18.67
C1 LMT WF . -68.23 46.68 -16.53
C2 LMT WF . -67.08 45.72 -16.27
C3 LMT WF . -65.80 46.06 -16.99
C4 LMT WF . -64.72 45.00 -16.82
C5 LMT WF . -63.35 45.63 -16.87
C6 LMT WF . -62.24 44.67 -17.22
C7 LMT WF . -60.91 45.31 -16.92
C8 LMT WF . -59.78 44.56 -17.57
C9 LMT WF . -59.72 44.64 -19.07
C10 LMT WF . -58.35 44.17 -19.51
C11 LMT WF . -58.18 44.23 -21.00
C12 LMT WF . -58.77 43.05 -21.68
C1B LMT XF . -72.25 50.96 -14.44
C2B LMT XF . -72.86 52.26 -15.00
C3B LMT XF . -73.89 52.85 -14.01
C4B LMT XF . -74.93 51.78 -13.62
C5B LMT XF . -74.18 50.52 -13.13
C6B LMT XF . -75.19 49.43 -12.77
O1B LMT XF . -71.38 51.23 -13.39
O2B LMT XF . -71.83 53.14 -15.22
O3B LMT XF . -74.47 53.99 -14.51
O4' LMT XF . -75.75 52.25 -12.62
O5B LMT XF . -73.25 50.05 -14.07
O6B LMT XF . -74.57 48.41 -12.10
C1' LMT XF . -67.86 49.63 -11.86
C2' LMT XF . -68.38 48.96 -13.14
C3' LMT XF . -69.39 49.90 -13.82
C4' LMT XF . -70.57 50.18 -12.87
C5' LMT XF . -69.94 50.69 -11.55
C6' LMT XF . -70.94 51.02 -10.48
O1' LMT XF . -67.01 48.79 -11.19
O2' LMT XF . -67.36 48.73 -14.02
O3' LMT XF . -69.82 49.32 -14.99
O5' LMT XF . -68.98 49.80 -11.00
O6' LMT XF . -71.49 49.82 -10.08
C1 LMT XF . -65.63 49.16 -11.03
C2 LMT XF . -64.91 48.91 -12.34
C3 LMT XF . -63.41 49.00 -12.30
C4 LMT XF . -62.83 48.49 -13.61
C5 LMT XF . -61.38 48.92 -13.73
C6 LMT XF . -60.74 48.53 -15.04
C7 LMT XF . -59.58 49.45 -15.33
C8 LMT XF . -59.00 49.18 -16.68
C9 LMT XF . -58.09 50.29 -17.16
C10 LMT XF . -57.66 50.01 -18.57
C11 LMT XF . -56.94 51.19 -19.16
C12 LMT XF . -56.40 50.92 -20.52
C1B LMT YF . -68.40 48.90 -4.16
C2B LMT YF . -68.76 47.87 -3.07
C3B LMT YF . -69.45 46.62 -3.68
C4B LMT YF . -70.56 47.02 -4.66
C5B LMT YF . -69.95 48.01 -5.67
C6B LMT YF . -70.97 48.40 -6.73
O1B LMT YF . -67.26 48.51 -4.87
O2B LMT YF . -67.62 47.52 -2.40
O3B LMT YF . -69.89 45.76 -2.71
O4' LMT YF . -71.04 45.92 -5.34
O5B LMT YF . -69.46 49.15 -5.02
O6B LMT YF . -70.41 49.32 -7.59
C1' LMT YF . -64.16 50.16 -7.03
C2' LMT YF . -64.80 51.12 -6.02
C3' LMT YF . -65.66 50.31 -5.02
C4' LMT YF . -66.69 49.45 -5.77
C5' LMT YF . -65.92 48.67 -6.88
C6' LMT YF . -66.78 47.73 -7.70
O1' LMT YF . -63.36 50.83 -7.91
O2' LMT YF . -63.80 51.77 -5.34
O3' LMT YF . -66.29 51.16 -4.15
O5' LMT YF . -65.22 49.53 -7.74
O6' LMT YF . -67.73 48.51 -8.32
C1 LMT YF . -62.42 50.03 -8.60
C2 LMT YF . -61.73 50.94 -9.58
C3 LMT YF . -60.69 50.30 -10.46
C4 LMT YF . -59.39 50.09 -9.73
C5 LMT YF . -58.31 49.74 -10.72
C6 LMT YF . -56.96 49.66 -10.09
C7 LMT YF . -55.87 50.12 -11.01
C8 LMT YF . -55.83 49.31 -12.27
C9 LMT YF . -55.03 49.95 -13.36
C10 LMT YF . -54.99 49.04 -14.57
C11 LMT YF . -54.23 49.68 -15.68
C12 LMT YF . -54.09 48.79 -16.87
MG BCL ZF . -56.67 39.98 -17.02
CHA BCL ZF . -54.95 38.20 -19.41
CHB BCL ZF . -55.26 42.83 -18.25
CHC BCL ZF . -57.88 41.66 -14.37
CHD BCL ZF . -57.32 36.98 -15.33
NA BCL ZF . -55.26 40.41 -18.61
C1A BCL ZF . -54.77 39.54 -19.57
C2A BCL ZF . -54.26 40.27 -20.77
C3A BCL ZF . -54.10 41.70 -20.24
C4A BCL ZF . -54.93 41.70 -18.99
CMA BCL ZF . -52.65 42.04 -19.93
CAA BCL ZF . -55.23 40.18 -21.95
CBA BCL ZF . -55.15 41.23 -23.07
CGA BCL ZF . -53.78 41.45 -23.62
O1A BCL ZF . -52.94 40.62 -23.74
O2A BCL ZF . -53.59 42.69 -24.01
NB BCL ZF . -56.57 41.93 -16.37
C1B BCL ZF . -55.96 42.98 -17.05
C2B BCL ZF . -56.17 44.19 -16.36
C3B BCL ZF . -56.93 43.90 -15.22
C4B BCL ZF . -57.17 42.47 -15.28
CMB BCL ZF . -55.64 45.51 -16.87
CAB BCL ZF . -57.40 44.73 -14.10
OBB BCL ZF . -58.35 44.39 -13.37
CBB BCL ZF . -56.78 46.06 -13.77
NC BCL ZF . -57.43 39.40 -15.10
C1C BCL ZF . -58.02 40.28 -14.24
C2C BCL ZF . -58.77 39.61 -13.15
C3C BCL ZF . -58.83 38.15 -13.62
C4C BCL ZF . -57.76 38.13 -14.70
CMC BCL ZF . -58.14 39.79 -11.79
CAC BCL ZF . -60.26 37.74 -14.07
CBC BCL ZF . -60.44 36.26 -14.32
ND BCL ZF . -56.20 38.01 -17.23
C1D BCL ZF . -56.61 36.87 -16.55
C2D BCL ZF . -56.22 35.70 -17.24
C3D BCL ZF . -55.55 36.14 -18.37
C4D BCL ZF . -55.57 37.54 -18.34
CMD BCL ZF . -56.48 34.28 -16.79
CAD BCL ZF . -54.94 35.77 -19.60
OBD BCL ZF . -54.70 34.65 -20.08
CBD BCL ZF . -54.54 37.07 -20.36
CGD BCL ZF . -53.12 37.04 -20.74
O1D BCL ZF . -52.20 36.86 -19.96
O2D BCL ZF . -52.91 37.24 -22.03
CED BCL ZF . -51.53 37.42 -22.45
C1 BCL ZF . -52.30 43.02 -24.59
C2 BCL ZF . -52.23 44.53 -24.61
C3 BCL ZF . -51.95 45.26 -23.55
C4 BCL ZF . -51.66 44.71 -22.17
C5 BCL ZF . -51.92 46.79 -23.63
C6 BCL ZF . -52.99 47.48 -22.79
C7 BCL ZF . -54.39 47.01 -23.17
C8 BCL ZF . -55.52 47.78 -22.47
C9 BCL ZF . -55.53 47.44 -20.97
C10 BCL ZF . -56.90 47.46 -23.08
C11 BCL ZF . -57.44 48.40 -24.17
C12 BCL ZF . -56.59 48.48 -25.43
C13 BCL ZF . -57.31 49.01 -26.70
C14 BCL ZF . -56.42 48.96 -27.94
C15 BCL ZF . -57.76 50.47 -26.47
C16 BCL ZF . -58.57 51.15 -27.57
C17 BCL ZF . -59.20 52.51 -27.20
C18 BCL ZF . -59.99 53.21 -28.31
C19 BCL ZF . -61.12 52.24 -28.74
C20 BCL ZF . -59.14 53.62 -29.51
C1 V7N AG . -39.45 51.69 -5.43
C10 V7N AG . -39.55 54.99 -15.39
C11 V7N AG . -39.35 55.40 -16.72
C12 V7N AG . -40.16 54.90 -17.75
C13 V7N AG . -40.06 55.14 -19.13
C14 V7N AG . -41.08 54.70 -20.01
C15 V7N AG . -41.00 54.84 -21.39
C16 V7N AG . -41.76 54.05 -22.28
C17 V7N AG . -41.62 54.15 -23.67
C18 V7N AG . -42.21 53.27 -24.62
C19 V7N AG . -41.94 53.47 -25.99
C2 V7N AG . -40.27 52.87 -5.99
C20 V7N AG . -42.50 52.79 -27.06
C21 V7N AG . -42.12 53.07 -28.40
C22 V7N AG . -42.80 52.61 -29.52
C23 V7N AG . -42.34 52.95 -30.89
C24 V7N AG . -41.88 51.77 -31.75
C25 V7N AG . -41.41 52.24 -33.07
C26 V7N AG . -40.20 52.77 -33.34
C27 V7N AG . -39.87 53.27 -34.71
C28 V7N AG . -38.84 52.46 -35.50
C29 V7N AG . -38.54 53.17 -36.77
C3 V7N AG . -39.56 53.72 -6.98
C30 V7N AG . -39.15 50.67 -6.52
C31 V7N AG . -38.14 52.21 -4.84
C33 V7N AG . -37.78 55.21 -8.93
C34 V7N AG . -37.91 56.48 -14.18
C35 V7N AG . -38.86 55.79 -19.71
C36 V7N AG . -43.08 52.17 -24.15
C37 V7N AG . -44.01 51.77 -29.41
C38 V7N AG . -39.14 52.88 -32.32
C39 V7N AG . -37.35 53.18 -37.38
C4 V7N AG . -39.56 53.51 -8.33
C40 V7N AG . -37.13 53.93 -38.64
C41 V7N AG . -41.50 50.57 -4.80
C43 V7N AG . -36.17 52.43 -36.88
C5 V7N AG . -38.90 54.31 -9.30
C6 V7N AG . -39.33 54.22 -10.63
C7 V7N AG . -38.80 54.94 -11.72
C8 V7N AG . -39.33 54.78 -13.00
C9 V7N AG . -38.93 55.41 -14.20
O32 V7N AG . -40.27 51.11 -4.40
O42 V7N AG . -37.41 57.05 -15.15
O44 V7N AG . -38.21 54.45 -39.23
O45 V7N AG . -36.05 54.12 -39.21
C1B LMT BG . -58.58 67.94 -3.73
C2B LMT BG . -58.55 69.43 -3.31
C3B LMT BG . -58.95 69.57 -1.82
C4B LMT BG . -60.27 68.84 -1.53
C5B LMT BG . -60.14 67.40 -2.06
C6B LMT BG . -61.44 66.63 -1.82
O1B LMT BG . -57.56 67.26 -3.06
O2B LMT BG . -57.28 69.91 -3.52
O3B LMT BG . -58.99 70.90 -1.45
O4' LMT BG . -60.51 68.79 -0.17
O5B LMT BG . -59.81 67.37 -3.44
O6B LMT BG . -61.34 65.35 -2.30
C1' LMT BG . -54.23 65.17 -3.17
C2' LMT BG . -54.35 65.99 -4.46
C3' LMT BG . -55.57 66.94 -4.33
C4' LMT BG . -56.85 66.26 -3.77
C5' LMT BG . -56.48 65.14 -2.74
C6' LMT BG . -57.64 64.24 -2.40
O1' LMT BG . -53.10 64.39 -3.20
O2' LMT BG . -53.22 66.74 -4.61
O3' LMT BG . -55.86 67.50 -5.54
O5' LMT BG . -55.39 64.35 -3.12
O6' LMT BG . -58.07 63.72 -3.59
C1 LMT BG . -53.12 63.29 -4.09
C2 LMT BG . -51.71 62.75 -4.10
C3 LMT BG . -50.71 63.55 -4.90
C4 LMT BG . -49.44 62.74 -5.08
C5 LMT BG . -48.53 63.42 -6.06
C6 LMT BG . -47.19 62.76 -6.17
C7 LMT BG . -46.35 63.39 -7.26
C8 LMT BG . -46.59 62.76 -8.59
C9 LMT BG . -45.61 63.21 -9.63
C10 LMT BG . -45.64 62.25 -10.80
C11 LMT BG . -44.47 62.49 -11.73
C12 LMT BG . -44.27 61.36 -12.69
C1B LMT CG . -63.02 64.00 -6.46
C2B LMT CG . -63.60 64.68 -5.20
C3B LMT CG . -63.81 63.64 -4.09
C4B LMT CG . -64.63 62.43 -4.61
C5B LMT CG . -63.96 61.93 -5.90
C6B LMT CG . -64.76 60.76 -6.49
O1B LMT CG . -61.73 63.57 -6.19
O2B LMT CG . -62.72 65.64 -4.80
O3B LMT CG . -64.38 64.19 -2.96
O4' LMT CG . -64.66 61.41 -3.69
O5B LMT CG . -63.82 62.95 -6.87
O6B LMT CG . -64.32 60.46 -7.76
C1' LMT CG . -57.81 64.11 -7.25
C2' LMT CG . -58.67 65.39 -7.37
C3' LMT CG . -60.02 65.18 -6.64
C4' LMT CG . -60.71 63.89 -7.12
C5' LMT CG . -59.66 62.76 -7.08
C6' LMT CG . -60.22 61.41 -7.50
O1' LMT CG . -56.61 64.29 -7.90
O2' LMT CG . -58.00 66.45 -6.81
O3' LMT CG . -60.83 66.26 -6.83
O5' LMT CG . -58.53 63.07 -7.87
O6' LMT CG . -59.15 60.60 -7.76
C1 LMT CG . -55.48 63.60 -7.37
C2 LMT CG . -55.56 62.17 -7.83
C3 LMT CG . -54.44 61.26 -7.42
C4 LMT CG . -53.26 61.42 -8.36
C5 LMT CG . -52.05 60.75 -7.79
C6 LMT CG . -51.07 60.32 -8.86
C7 LMT CG . -49.69 60.17 -8.24
C8 LMT CG . -48.81 59.35 -9.14
C9 LMT CG . -48.83 59.75 -10.58
C10 LMT CG . -47.93 58.82 -11.34
C11 LMT CG . -48.05 59.04 -12.82
C12 LMT CG . -47.31 58.00 -13.61
MG BCL DG . -47.01 54.12 -9.63
CHA BCL DG . -45.94 52.40 -12.40
CHB BCL DG . -44.89 56.65 -10.48
CHC BCL DG . -47.69 55.61 -6.69
CHD BCL DG . -48.31 51.14 -8.34
NA BCL DG . -45.58 54.44 -11.23
C1A BCL DG . -45.39 53.65 -12.36
C2A BCL DG . -44.59 54.37 -13.41
C3A BCL DG . -44.08 55.62 -12.65
C4A BCL DG . -44.91 55.64 -11.42
CMA BCL DG . -42.60 55.50 -12.30
CAA BCL DG . -45.42 54.75 -14.65
CBA BCL DG . -44.60 55.11 -15.90
CGA BCL DG . -43.79 56.36 -15.95
O1A BCL DG . -42.70 56.42 -16.36
O2A BCL DG . -44.49 57.44 -15.61
NB BCL DG . -46.38 55.85 -8.70
C1B BCL DG . -45.49 56.79 -9.22
C2B BCL DG . -45.32 57.85 -8.32
C3B BCL DG . -46.11 57.58 -7.19
C4B BCL DG . -46.77 56.32 -7.48
CMB BCL DG . -44.42 59.03 -8.63
CAB BCL DG . -46.29 58.29 -5.91
OBB BCL DG . -47.28 58.10 -5.18
CBB BCL DG . -45.29 59.29 -5.40
NC BCL DG . -47.83 53.44 -7.77
C1C BCL DG . -48.17 54.29 -6.76
C2C BCL DG . -49.00 53.66 -5.71
C3C BCL DG . -49.38 52.32 -6.34
C4C BCL DG . -48.45 52.23 -7.52
CMC BCL DG . -48.27 53.53 -4.37
CAC BCL DG . -50.90 52.26 -6.66
CBC BCL DG . -51.41 50.89 -7.06
ND BCL DG . -47.08 52.17 -10.18
C1D BCL DG . -47.70 51.05 -9.62
C2D BCL DG . -47.61 49.93 -10.48
C3D BCL DG . -46.94 50.40 -11.61
C4D BCL DG . -46.64 51.74 -11.39
CMD BCL DG . -48.16 48.56 -10.20
CAD BCL DG . -46.44 50.06 -12.89
OBD BCL DG . -46.46 48.99 -13.51
CBD BCL DG . -45.77 51.33 -13.50
CGD BCL DG . -44.40 51.04 -13.91
O1D BCL DG . -43.53 50.57 -13.20
O2D BCL DG . -44.15 51.34 -15.18
CED BCL DG . -42.78 51.21 -15.64
C1 BCL DG . -43.97 58.81 -15.79
C2 BCL DG . -42.72 58.98 -14.94
C3 BCL DG . -41.59 59.46 -15.43
C4 BCL DG . -41.39 59.88 -16.88
C5 BCL DG . -40.34 59.63 -14.57
C6 BCL DG . -40.20 61.02 -13.93
C7 BCL DG . -38.81 61.30 -13.35
C8 BCL DG . -37.81 61.84 -14.38
C9 BCL DG . -36.37 61.41 -14.00
C10 BCL DG . -37.89 63.38 -14.49
C11 BCL DG . -36.91 63.94 -15.52
C12 BCL DG . -37.18 65.41 -15.88
C13 BCL DG . -36.45 65.82 -17.17
C14 BCL DG . -34.95 66.03 -16.96
C15 BCL DG . -37.05 67.12 -17.74
C16 BCL DG . -36.63 67.45 -19.18
C17 BCL DG . -37.72 68.12 -20.01
C18 BCL DG . -38.83 67.18 -20.48
C19 BCL DG . -38.29 66.40 -21.68
C20 BCL DG . -40.14 67.89 -20.85
C1B LMT EG . -56.27 63.71 4.01
C2B LMT EG . -57.08 62.61 4.73
C3B LMT EG . -57.78 61.68 3.71
C4B LMT EG . -58.57 62.50 2.66
C5B LMT EG . -57.65 63.59 2.10
C6B LMT EG . -58.41 64.46 1.11
O1B LMT EG . -55.17 63.15 3.37
O2B LMT EG . -56.22 61.91 5.53
O3B LMT EG . -58.56 60.73 4.33
O4' LMT EG . -59.00 61.69 1.64
O5B LMT EG . -57.07 64.40 3.10
O6B LMT EG . -57.58 65.44 0.60
C1' LMT EG . -51.34 64.09 2.15
C2' LMT EG . -51.83 64.91 3.37
C3' LMT EG . -53.10 64.24 3.96
C4' LMT EG . -54.18 64.03 2.87
C5' LMT EG . -53.46 63.34 1.67
C6' LMT EG . -54.39 63.01 0.52
O1' LMT EG . -50.22 64.63 1.58
O2' LMT EG . -50.84 64.92 4.33
O3' LMT EG . -53.60 64.98 4.99
O5' LMT EG . -52.39 64.10 1.19
O6' LMT EG . -54.91 64.20 0.09
C1 LMT EG . -49.60 63.79 0.63
C2 LMT EG . -48.82 64.68 -0.30
C3 LMT EG . -48.02 63.99 -1.38
C4 LMT EG . -46.82 63.30 -0.79
C5 LMT EG . -45.85 62.91 -1.86
C6 LMT EG . -44.58 62.36 -1.32
C7 LMT EG . -43.40 62.65 -2.20
C8 LMT EG . -43.56 62.04 -3.56
C9 LMT EG . -42.57 62.56 -4.56
C10 LMT EG . -42.81 61.89 -5.89
C11 LMT EG . -41.99 62.54 -6.96
C12 LMT EG . -42.13 61.86 -8.28
MG BCL FG . -33.80 64.07 -0.48
CHA BCL FG . -33.12 62.50 -3.46
CHB BCL FG . -31.17 66.16 -1.08
CHC BCL FG . -34.07 65.25 2.67
CHD BCL FG . -35.82 61.36 0.42
NA BCL FG . -32.33 64.24 -2.06
C1A BCL FG . -32.31 63.59 -3.28
C2A BCL FG . -31.52 64.34 -4.30
C3A BCL FG . -30.78 65.39 -3.48
C4A BCL FG . -31.42 65.30 -2.13
CMA BCL FG . -29.29 65.06 -3.36
CAA BCL FG . -32.43 64.90 -5.42
CBA BCL FG . -31.65 65.04 -6.72
CGA BCL FG . -30.85 66.27 -7.01
O1A BCL FG . -31.19 67.37 -6.76
O2A BCL FG . -29.71 65.94 -7.58
NB BCL FG . -32.77 65.47 0.64
C1B BCL FG . -31.71 66.24 0.20
C2B BCL FG . -31.29 67.10 1.22
C3B BCL FG . -32.10 66.86 2.35
C4B BCL FG . -33.05 65.84 1.92
CMB BCL FG . -30.15 68.09 1.04
CAB BCL FG . -32.09 67.42 3.71
OBB BCL FG . -33.09 67.38 4.44
CBB BCL FG . -30.87 68.04 4.32
NC BCL FG . -34.76 63.38 1.29
C1C BCL FG . -34.87 64.12 2.42
C2C BCL FG . -35.80 63.54 3.43
C3C BCL FG . -36.54 62.48 2.61
C4C BCL FG . -35.67 62.33 1.40
CMC BCL FG . -35.07 63.00 4.65
CAC BCL FG . -38.02 62.89 2.32
CBC BCL FG . -38.87 61.78 1.75
ND BCL FG . -34.32 62.27 -1.26
C1D BCL FG . -35.25 61.31 -0.88
C2D BCL FG . -35.49 60.37 -1.91
C3D BCL FG . -34.68 60.79 -2.96
C4D BCL FG . -34.00 61.92 -2.54
CMD BCL FG . -36.44 59.21 -1.84
CAD BCL FG . -34.34 60.58 -4.32
OBD BCL FG . -34.74 59.72 -5.13
CBD BCL FG . -33.31 61.66 -4.73
CGD BCL FG . -32.10 61.04 -5.27
O1D BCL FG . -31.47 60.14 -4.73
O2D BCL FG . -31.71 61.55 -6.43
CED BCL FG . -30.46 61.06 -6.97
C1 BCL FG . -28.72 66.92 -8.01
C2 BCL FG . -28.27 67.73 -6.87
C3 BCL FG . -27.84 68.87 -6.46
C4 BCL FG . -27.16 69.88 -7.36
C5 BCL FG . -27.89 69.29 -5.01
C6 BCL FG . -29.32 69.70 -4.63
C7 BCL FG . -29.55 70.11 -3.19
C8 BCL FG . -28.57 71.13 -2.62
C9 BCL FG . -29.06 71.58 -1.24
C10 BCL FG . -28.45 72.38 -3.53
C11 BCL FG . -27.18 73.20 -3.37
C12 BCL FG . -27.27 74.64 -3.87
C13 BCL FG . -27.44 75.68 -2.75
C14 BCL FG . -28.89 75.76 -2.25
C15 BCL FG . -27.06 77.11 -3.23
C16 BCL FG . -26.76 78.12 -2.12
C17 BCL FG . -26.19 79.46 -2.61
C18 BCL FG . -25.76 80.45 -1.52
C19 BCL FG . -27.03 80.83 -0.73
C20 BCL FG . -25.09 81.72 -2.06
C1B LMT GG . -47.69 76.91 4.92
C2B LMT GG . -49.06 76.18 4.84
C3B LMT GG . -49.78 76.46 3.51
C4B LMT GG . -49.81 77.98 3.21
C5B LMT GG . -48.36 78.49 3.30
C6B LMT GG . -48.31 79.98 2.95
O1B LMT GG . -46.73 76.26 4.15
O2B LMT GG . -48.82 74.84 4.99
O3B LMT GG . -51.03 75.91 3.48
O4' LMT GG . -50.32 78.23 1.96
O5B LMT GG . -47.80 78.26 4.57
O6B LMT GG . -47.03 80.44 3.01
C1' LMT GG . -42.71 75.26 4.14
C2' LMT GG . -43.38 75.25 5.53
C3' LMT GG . -44.92 75.23 5.36
C4' LMT GG . -45.37 76.44 4.52
C5' LMT GG . -44.51 76.42 3.22
C6' LMT GG . -44.86 77.52 2.26
O1' LMT GG . -41.35 75.33 4.30
O2' LMT GG . -42.99 74.15 6.23
O3' LMT GG . -45.54 75.26 6.57
O5' LMT GG . -43.13 76.45 3.50
O6' LMT GG . -43.69 77.87 1.61
C1 LMT GG . -40.54 75.41 3.13
C2 LMT GG . -40.39 74.04 2.50
C3 LMT GG . -39.24 73.21 3.01
C4 LMT GG . -38.80 72.20 1.96
C5 LMT GG . -37.47 71.61 2.36
C6 LMT GG . -36.82 70.72 1.33
C7 LMT GG . -35.39 70.43 1.77
C8 LMT GG . -34.67 69.55 0.79
C9 LMT GG . -34.40 70.16 -0.55
C10 LMT GG . -33.72 69.12 -1.41
C11 LMT GG . -33.69 69.55 -2.84
C12 LMT GG . -33.19 68.47 -3.75
C1 V7N HG . -13.04 63.34 11.33
C10 V7N HG . -11.82 68.67 2.41
C11 V7N HG . -11.46 69.30 1.21
C12 V7N HG . -12.36 69.33 0.15
C13 V7N HG . -12.16 69.87 -1.14
C14 V7N HG . -13.26 69.99 -2.01
C15 V7N HG . -13.17 70.47 -3.32
C16 V7N HG . -14.23 70.40 -4.24
C17 V7N HG . -14.09 70.84 -5.56
C18 V7N HG . -15.05 70.72 -6.59
C19 V7N HG . -14.69 71.17 -7.88
C2 V7N HG . -13.32 64.83 11.06
C20 V7N HG . -15.46 71.05 -9.03
C21 V7N HG . -14.97 71.51 -10.28
C22 V7N HG . -15.67 71.44 -11.47
C23 V7N HG . -15.05 71.95 -12.73
C24 V7N HG . -14.17 70.89 -13.38
C25 V7N HG . -13.22 71.43 -14.39
C26 V7N HG . -13.53 72.01 -15.57
C27 V7N HG . -12.48 72.55 -16.49
C28 V7N HG . -12.13 71.62 -17.64
C29 V7N HG . -11.42 72.34 -18.71
C3 V7N HG . -12.28 65.54 10.28
C30 V7N HG . -13.24 62.53 10.06
C31 V7N HG . -11.61 63.16 11.83
C33 V7N HG . -10.04 66.65 8.54
C34 V7N HG . -9.62 68.84 3.65
C35 V7N HG . -10.83 70.29 -1.61
C36 V7N HG . -16.37 70.13 -6.28
C37 V7N HG . -17.03 70.86 -11.57
C38 V7N HG . -14.90 72.16 -16.09
C39 V7N HG . -10.50 71.79 -19.52
C4 V7N HG . -12.36 65.71 8.93
C40 V7N HG . -9.85 72.61 -20.58
C41 V7N HG . -15.36 63.12 12.01
C43 V7N HG . -10.09 70.38 -19.46
C5 V7N HG . -11.42 66.39 8.11
C6 V7N HG . -11.88 66.84 6.86
C7 V7N HG . -11.13 67.56 5.91
C8 V7N HG . -11.63 67.72 4.62
C9 V7N HG . -11.02 68.41 3.56
O32 V7N HG . -13.99 62.97 12.34
O42 V7N HG . -8.99 69.53 2.84
O44 V7N HG . -10.24 73.88 -20.67
O45 V7N HG . -8.98 72.24 -21.37
C1B LMT IG . -42.12 80.24 4.51
C2B LMT IG . -41.40 81.44 3.87
C3B LMT IG . -41.64 82.71 4.71
C4B LMT IG . -43.15 82.93 4.94
C5B LMT IG . -43.79 81.62 5.46
C6B LMT IG . -45.29 81.80 5.57
O1B LMT IG . -41.52 79.92 5.73
O2B LMT IG . -40.06 81.16 3.80
O3B LMT IG . -41.03 83.81 4.17
O4' LMT IG . -43.36 83.93 5.87
O5B LMT IG . -43.48 80.50 4.65
O6B LMT IG . -45.92 80.59 5.73
C1' LMT IG . -39.23 76.87 7.47
C2' LMT IG . -38.94 77.18 5.99
C3' LMT IG . -39.58 78.52 5.53
C4' LMT IG . -41.07 78.60 5.93
C5' LMT IG . -41.10 78.29 7.46
C6' LMT IG . -42.46 78.49 8.08
O1' LMT IG . -38.93 75.56 7.83
O2' LMT IG . -37.58 77.33 5.81
O3' LMT IG . -39.46 78.65 4.18
O5' LMT IG . -40.64 76.99 7.70
O6' LMT IG . -42.29 78.40 9.43
C1 LMT IG . -37.57 75.16 7.88
C2 LMT IG . -37.35 74.20 6.74
C3 LMT IG . -35.97 73.62 6.60
C4 LMT IG . -35.98 72.66 5.43
C5 LMT IG . -34.65 71.96 5.25
C6 LMT IG . -33.70 72.69 4.35
C7 LMT IG . -32.65 71.71 3.85
C8 LMT IG . -31.97 72.25 2.63
C9 LMT IG . -30.90 73.26 2.92
C10 LMT IG . -29.99 73.37 1.72
C11 LMT IG . -28.79 74.22 2.04
C12 LMT IG . -27.75 74.17 0.97
C1B LMT JG . -39.99 74.13 14.49
C2B LMT JG . -40.93 73.31 15.40
C3B LMT JG . -42.17 72.80 14.64
C4B LMT JG . -42.84 73.97 13.88
C5B LMT JG . -41.76 74.61 12.99
C6B LMT JG . -42.38 75.73 12.17
O1B LMT JG . -39.24 73.28 13.67
O2B LMT JG . -40.21 72.25 15.92
O3B LMT JG . -43.04 72.15 15.48
O4' LMT JG . -43.88 73.50 13.10
O5B LMT JG . -40.67 75.09 13.75
O6B LMT JG . -41.44 76.29 11.34
C1' LMT JG . -35.49 73.26 11.84
C2' LMT JG . -35.54 73.89 13.24
C3' LMT JG . -36.85 73.45 13.96
C4' LMT JG . -38.06 73.83 13.09
C5' LMT JG . -37.81 73.17 11.71
C6' LMT JG . -38.96 73.28 10.75
O1' LMT JG . -34.36 73.67 11.18
O2' LMT JG . -34.47 73.44 13.97
O3' LMT JG . -36.93 74.01 15.20
O5' LMT JG . -36.64 73.69 11.11
O6' LMT JG . -39.27 74.62 10.67
C1 LMT JG . -34.35 73.48 9.78
C2 LMT JG . -32.90 73.29 9.38
C3 LMT JG . -32.42 71.88 9.34
C4 LMT JG . -30.98 71.83 8.87
C5 LMT JG . -30.59 70.40 8.66
C6 LMT JG . -29.12 70.15 8.68
C7 LMT JG . -28.35 70.84 7.59
C8 LMT JG . -28.66 70.26 6.24
C9 LMT JG . -27.66 70.68 5.22
C10 LMT JG . -27.99 70.12 3.86
C11 LMT JG . -26.98 70.58 2.86
C12 LMT JG . -27.22 70.04 1.49
MG BCL KG . -18.65 69.75 8.91
CHA BCL KG . -18.38 68.37 5.77
CHB BCL KG . -15.68 71.33 8.38
CHC BCL KG . -18.63 70.68 12.15
CHD BCL KG . -21.14 67.40 9.67
NA BCL KG . -17.21 69.78 7.29
C1A BCL KG . -17.36 69.26 6.02
C2A BCL KG . -16.50 69.95 5.03
C3A BCL KG . -15.45 70.63 5.93
C4A BCL KG . -16.12 70.63 7.28
CMA BCL KG . -14.14 69.86 5.97
CAA BCL KG . -17.29 70.95 4.20
CBA BCL KG . -16.99 70.88 2.71
CGA BCL KG . -15.55 70.90 2.36
O1A BCL KG . -14.98 70.01 1.85
O2A BCL KG . -14.98 71.99 2.74
NB BCL KG . -17.35 70.83 10.11
C1B BCL KG . -16.16 71.39 9.69
C2B BCL KG . -15.53 72.04 10.78
C3B BCL KG . -16.36 71.86 11.91
C4B BCL KG . -17.51 71.11 11.42
CMB BCL KG . -14.21 72.78 10.65
CAB BCL KG . -16.20 72.25 13.31
OBB BCL KG . -17.17 72.41 14.06
CBB BCL KG . -14.85 72.48 13.94
NC BCL KG . -19.69 69.09 10.66
C1C BCL KG . -19.63 69.75 11.86
C2C BCL KG . -20.63 69.28 12.83
C3C BCL KG . -21.60 68.45 11.97
C4C BCL KG . -20.79 68.25 10.70
CMC BCL KG . -20.01 68.50 13.98
CAC BCL KG . -22.97 69.15 11.78
CBC BCL KG . -24.03 68.29 11.12
ND BCL KG . -19.53 68.16 7.99
C1D BCL KG . -20.63 67.37 8.35
C2D BCL KG . -21.07 66.60 7.24
C3D BCL KG . -20.23 66.95 6.19
C4D BCL KG . -19.33 67.88 6.68
CMD BCL KG . -22.23 65.63 7.24
CAD BCL KG . -19.95 66.79 4.82
OBD BCL KG . -20.49 66.06 3.96
CBD BCL KG . -18.76 67.71 4.45
CGD BCL KG . -17.69 66.95 3.79
O1D BCL KG . -17.03 66.07 4.31
O2D BCL KG . -17.47 67.31 2.54
CED BCL KG . -16.29 66.76 1.88
C1 BCL KG . -13.54 72.10 2.49
C2 BCL KG . -13.09 73.22 3.39
C3 BCL KG . -12.01 73.19 4.14
C4 BCL KG . -11.01 72.05 4.17
C5 BCL KG . -11.71 74.31 5.11
C6 BCL KG . -12.93 75.01 5.70
C7 BCL KG . -12.57 75.84 6.93
C8 BCL KG . -11.35 76.74 6.82
C9 BCL KG . -11.09 77.42 8.17
C10 BCL KG . -11.52 77.80 5.72
C11 BCL KG . -10.22 78.44 5.26
C12 BCL KG . -9.28 77.45 4.54
C13 BCL KG . -8.07 78.12 3.88
C14 BCL KG . -8.39 78.69 2.50
C15 BCL KG . -6.93 77.08 3.73
C16 BCL KG . -5.62 77.59 3.14
C17 BCL KG . -4.50 76.55 2.92
C18 BCL KG . -3.57 76.94 1.77
C19 BCL KG . -2.60 75.77 1.60
C20 BCL KG . -2.83 78.26 2.00
C1B LMT LG . -28.62 85.15 16.51
C2B LMT LG . -29.77 84.53 17.33
C3B LMT LG . -31.07 84.44 16.51
C4B LMT LG . -31.39 85.80 15.84
C5B LMT LG . -30.14 86.23 15.06
C6B LMT LG . -30.41 87.55 14.35
O1B LMT LG . -28.17 84.23 15.56
O2B LMT LG . -29.37 83.28 17.74
O3B LMT LG . -32.12 83.97 17.26
O4' LMT LG . -32.46 85.67 14.97
O5B LMT LG . -29.01 86.35 15.89
O6B LMT LG . -29.27 87.99 13.71
C1' LMT LG . -24.81 82.10 14.44
C2' LMT LG . -25.02 82.22 15.95
C3' LMT LG . -26.47 82.69 16.25
C4' LMT LG . -26.77 84.00 15.49
C5' LMT LG . -26.38 83.76 14.00
C6' LMT LG . -26.70 84.93 13.12
O1' LMT LG . -23.50 81.70 14.19
O2' LMT LG . -24.82 81.00 16.54
O3' LMT LG . -26.63 82.89 17.60
O5' LMT LG . -25.02 83.38 13.86
O6' LMT LG . -25.96 84.79 11.97
C1 LMT LG . -23.12 81.59 12.83
C2 LMT LG . -22.11 80.46 12.76
C3 LMT LG . -22.61 79.09 13.08
C4 LMT LG . -22.03 78.05 12.12
C5 LMT LG . -20.59 77.72 12.37
C6 LMT LG . -20.10 76.65 11.42
C7 LMT LG . -18.66 76.30 11.71
C8 LMT LG . -18.15 75.27 10.75
C9 LMT LG . -18.05 75.69 9.31
C10 LMT LG . -17.31 74.61 8.57
C11 LMT LG . -16.99 75.01 7.15
C12 LMT LG . -18.15 74.82 6.24
C1B LMT MG . -24.33 85.48 19.32
C2B LMT MG . -23.72 86.91 19.48
C3B LMT MG . -23.59 87.30 20.97
C4B LMT MG . -24.91 87.04 21.72
C5B LMT MG . -25.32 85.58 21.47
C6B LMT MG . -26.59 85.24 22.24
O1B LMT MG . -23.37 84.51 19.66
O2B LMT MG . -22.50 86.92 18.85
O3B LMT MG . -23.16 88.59 21.11
O4' LMT MG . -24.74 87.24 23.07
O5B LMT MG . -25.48 85.31 20.09
O6B LMT MG . -26.90 83.92 22.06
C1' LMT MG . -21.12 81.51 18.05
C2' LMT MG . -21.34 82.68 17.08
C3' LMT MG . -21.90 83.89 17.87
C4' LMT MG . -23.15 83.49 18.69
C5' LMT MG . -22.85 82.16 19.44
C6' LMT MG . -24.03 81.64 20.23
O1' LMT MG . -20.55 80.45 17.39
O2' LMT MG . -20.14 83.04 16.54
O3' LMT MG . -22.22 84.90 17.02
O5' LMT MG . -22.39 81.15 18.57
O6' LMT MG . -23.74 80.35 20.58
C1 LMT MG . -20.14 79.38 18.23
C2 LMT MG . -19.52 78.33 17.32
C3 LMT MG . -18.17 78.64 16.75
C4 LMT MG . -17.78 77.49 15.84
C5 LMT MG . -16.38 77.62 15.32
C6 LMT MG . -16.08 76.56 14.30
C7 LMT MG . -14.63 76.53 13.87
C8 LMT MG . -14.23 77.74 13.09
C9 LMT MG . -12.84 77.61 12.53
C10 LMT MG . -12.44 78.90 11.86
C11 LMT MG . -11.00 78.88 11.46
C12 LMT MG . -10.60 80.07 10.64
C1 V7N NG . 1.53 63.03 19.22
C10 V7N NG . 3.89 68.98 11.41
C11 V7N NG . 4.38 69.59 10.24
C12 V7N NG . 3.50 70.12 9.28
C13 V7N NG . 3.84 70.72 8.05
C14 V7N NG . 2.84 71.40 7.32
C15 V7N NG . 3.04 71.98 6.06
C16 V7N NG . 1.98 72.38 5.22
C17 V7N NG . 2.20 72.92 3.96
C18 V7N NG . 1.20 73.14 2.97
C19 V7N NG . 1.60 73.66 1.72
C2 V7N NG . 1.53 64.56 19.06
C20 V7N NG . 0.80 73.84 0.59
C21 V7N NG . 1.32 74.37 -0.61
C22 V7N NG . 0.61 74.56 -1.77
C23 V7N NG . 1.29 75.13 -2.98
C24 V7N NG . 2.12 74.09 -3.72
C25 V7N NG . 2.91 74.69 -4.82
C26 V7N NG . 2.45 74.89 -6.07
C27 V7N NG . 3.31 75.52 -7.13
C28 V7N NG . 3.60 74.60 -8.30
C29 V7N NG . 4.69 75.15 -9.15
C3 V7N NG . 2.17 65.05 17.83
C30 V7N NG . 1.04 62.40 17.92
C31 V7N NG . 2.91 62.50 19.57
C33 V7N NG . 5.74 65.68 16.68
C34 V7N NG . 6.05 68.76 12.69
C35 V7N NG . 5.21 70.65 7.49
C36 V7N NG . -0.20 72.81 3.27
C37 V7N NG . -0.83 74.24 -1.90
C38 V7N NG . 1.08 74.51 -6.48
C39 V7N NG . 5.33 74.43 -10.10
C4 V7N NG . 3.49 65.38 17.78
C40 V7N NG . 6.41 75.01 -10.92
C41 V7N NG . -0.74 63.16 20.11
C43 V7N NG . 4.99 73.02 -10.40
C5 V7N NG . 4.28 65.87 16.70
C6 V7N NG . 3.68 66.56 15.63
C7 V7N NG . 4.42 67.10 14.57
C8 V7N NG . 3.88 67.96 13.61
C9 V7N NG . 4.59 68.55 12.55
O32 V7N NG . 0.61 62.76 20.30
O42 V7N NG . 6.82 69.26 11.87
O44 V7N NG . 6.77 76.27 -10.61
O45 V7N NG . 7.01 74.49 -11.85
C1B LMT OG . -22.12 78.68 25.56
C2B LMT OG . -23.44 78.06 26.10
C3B LMT OG . -24.64 78.37 25.18
C4B LMT OG . -24.69 79.88 24.83
C5B LMT OG . -23.32 80.24 24.23
C6B LMT OG . -23.31 81.69 23.77
O1B LMT OG . -21.55 77.89 24.55
O2B LMT OG . -23.25 76.70 26.22
O3B LMT OG . -25.82 77.92 25.73
O4' LMT OG . -25.68 80.13 23.91
O5B LMT OG . -22.28 80.01 25.15
O6B LMT OG . -22.13 81.96 23.13
C1' LMT OG . -17.96 77.93 22.37
C2' LMT OG . -17.87 78.35 23.85
C3' LMT OG . -19.12 77.85 24.62
C4' LMT OG . -20.38 78.39 23.92
C5' LMT OG . -20.30 77.85 22.48
C6' LMT OG . -21.52 78.12 21.65
O1' LMT OG . -16.96 78.56 21.69
O2' LMT OG . -16.75 77.81 24.41
O3' LMT OG . -19.07 78.26 25.92
O5' LMT OG . -19.17 78.40 21.82
O6' LMT OG . -21.49 79.47 21.36
C1 LMT OG . -16.71 78.16 20.35
C2 LMT OG . -15.74 77.01 20.42
C3 LMT OG . -15.31 76.47 19.08
C4 LMT OG . -14.36 75.31 19.28
C5 LMT OG . -13.67 74.98 17.99
C6 LMT OG . -12.64 73.91 18.16
C7 LMT OG . -11.53 74.01 17.16
C8 LMT OG . -12.03 73.89 15.75
C9 LMT OG . -10.98 74.22 14.74
C10 LMT OG . -11.51 74.09 13.34
C11 LMT OG . -10.49 74.54 12.36
C12 LMT OG . -10.94 74.38 10.95
C1B LMT PG . -5.53 85.85 27.81
C2B LMT PG . -6.80 86.23 28.59
C3B LMT PG . -7.39 87.57 28.11
C4B LMT PG . -6.28 88.65 27.97
C5B LMT PG . -5.14 88.07 27.14
C6B LMT PG . -4.02 89.10 26.98
O1B LMT PG . -5.83 85.33 26.54
O2B LMT PG . -7.71 85.22 28.45
O3B LMT PG . -8.43 87.99 28.90
O4' LMT PG . -6.78 89.77 27.34
O5B LMT PG . -4.62 86.90 27.72
O6B LMT PG . -2.90 88.51 26.45
C1' LMT PG . -4.10 82.57 23.90
C2' LMT PG . -3.88 82.33 25.41
C3' LMT PG . -4.96 83.11 26.19
C4' LMT PG . -4.79 84.61 25.90
C5' LMT PG . -4.94 84.73 24.36
C6' LMT PG . -4.90 86.16 23.88
O1' LMT PG . -3.09 81.97 23.18
O2' LMT PG . -4.03 80.99 25.68
O3' LMT PG . -4.84 82.86 27.52
O5' LMT PG . -3.96 83.98 23.66
O6' LMT PG . -4.20 86.16 22.69
C1 LMT PG . -3.46 81.01 22.19
C2 LMT PG . -3.66 79.69 22.89
C3 LMT PG . -2.47 79.11 23.61
C4 LMT PG . -1.54 78.40 22.63
C5 LMT PG . -2.02 77.02 22.33
C6 LMT PG . -1.60 76.52 20.98
C7 LMT PG . -0.15 76.14 20.98
C8 LMT PG . 0.18 75.36 19.74
C9 LMT PG . -0.01 76.09 18.44
C10 LMT PG . 0.50 75.19 17.35
C11 LMT PG . 0.61 75.90 16.03
C12 LMT PG . -0.72 76.13 15.41
C1B LMT QG . -2.74 85.69 30.01
C2B LMT QG . -1.86 86.97 30.09
C3B LMT QG . -1.45 87.27 31.54
C4B LMT QG . -2.68 87.26 32.48
C5B LMT QG . -3.40 85.92 32.26
C6B LMT QG . -4.60 85.81 33.21
O1B LMT QG . -2.00 84.51 30.17
O2B LMT QG . -0.76 86.76 29.30
O3B LMT QG . -0.75 88.45 31.63
O4' LMT QG . -2.29 87.36 33.79
O5B LMT QG . -3.80 85.75 30.93
O6B LMT QG . -5.22 84.60 33.06
C1' LMT QG . -0.74 81.13 28.21
C2' LMT QG . -0.62 82.42 27.37
C3' LMT QG . -0.84 83.66 28.28
C4' LMT QG . -2.11 83.55 29.13
C5' LMT QG . -2.15 82.12 29.76
C6' LMT QG . -3.38 81.81 30.57
O1' LMT QG . -0.60 80.04 27.40
O2' LMT QG . 0.65 82.47 26.84
O3' LMT QG . -0.90 84.79 27.50
O5' LMT QG . -2.03 81.12 28.77
O6' LMT QG . -3.74 82.96 31.23
C1 LMT QG . -0.73 78.77 28.01
C2 LMT QG . -0.38 77.77 26.94
C3 LMT QG . 1.03 77.81 26.43
C4 LMT QG . 1.22 76.74 25.38
C5 LMT QG . 2.66 76.69 24.96
C6 LMT QG . 2.87 76.11 23.59
C7 LMT QG . 4.32 76.21 23.23
C8 LMT QG . 4.53 75.80 21.80
C9 LMT QG . 4.11 76.82 20.78
C10 LMT QG . 4.43 76.25 19.41
C11 LMT QG . 4.03 77.20 18.32
C12 LMT QG . 4.33 76.63 16.97
MG BCL RG . -2.43 70.86 17.99
CHA BCL RG . -2.62 70.05 14.65
CHB BCL RG . 0.83 71.72 17.48
CHC BCL RG . -2.05 71.18 21.32
CHD BCL RG . -5.37 69.05 18.56
NA BCL RG . -1.09 70.84 16.27
C1A BCL RG . -1.40 70.59 14.95
C2A BCL RG . -0.37 71.10 14.01
C3A BCL RG . 0.78 71.51 14.95
C4A BCL RG . 0.19 71.36 16.31
CMA BCL RG . 2.00 70.61 14.80
CAA BCL RG . -0.89 72.26 13.15
CBA BCL RG . 0.08 73.28 12.53
CGA BCL RG . 1.29 72.71 11.87
O1A BCL RG . 1.43 71.60 11.50
O2A BCL RG . 2.22 73.61 11.74
NB BCL RG . -0.85 71.36 19.23
C1B BCL RG . 0.44 71.68 18.83
C2B BCL RG . 1.24 71.95 19.93
C3B BCL RG . 0.45 71.79 21.09
C4B BCL RG . -0.88 71.44 20.58
CMB BCL RG . 2.71 72.34 19.80
CAB BCL RG . 0.76 71.90 22.52
OBB BCL RG . -0.12 72.06 23.38
CBB BCL RG . 2.17 71.81 23.05
NC BCL RG . -3.53 70.17 19.68
C1C BCL RG . -3.25 70.56 20.96
C2C BCL RG . -4.33 70.23 21.91
C3C BCL RG . -5.47 69.79 21.01
C4C BCL RG . -4.78 69.59 19.68
CMC BCL RG . -3.91 69.18 22.93
CAC BCL RG . -6.65 70.82 20.99
CBC BCL RG . -7.92 70.32 20.33
ND BCL RG . -3.71 69.72 16.90
C1D BCL RG . -4.94 69.13 17.21
C2D BCL RG . -5.59 68.68 16.04
C3D BCL RG . -4.74 69.01 14.99
C4D BCL RG . -3.62 69.63 15.55
CMD BCL RG . -6.93 67.99 15.99
CAD BCL RG . -4.53 68.96 13.59
OBD BCL RG . -5.24 68.50 12.68
CBD BCL RG . -3.18 69.65 13.28
CGD BCL RG . -2.30 68.79 12.48
O1D BCL RG . -2.02 67.64 12.75
O2D BCL RG . -1.81 69.37 11.41
CED BCL RG . -0.74 68.69 10.70
C1 BCL RG . 3.55 73.21 11.30
C2 BCL RG . 4.26 72.78 12.57
C3 BCL RG . 4.52 73.55 13.60
C4 BCL RG . 4.17 75.03 13.70
C5 BCL RG . 5.13 72.99 14.88
C6 BCL RG . 6.51 73.53 15.27
C7 BCL RG . 7.61 73.16 14.28
C8 BCL RG . 9.01 73.53 14.78
C9 BCL RG . 9.08 75.04 15.11
C10 BCL RG . 10.09 73.18 13.73
C11 BCL RG . 11.52 73.11 14.26
C12 BCL RG . 12.61 73.48 13.23
C13 BCL RG . 13.06 74.96 13.29
C14 BCL RG . 12.05 75.93 12.67
C15 BCL RG . 14.41 75.15 12.53
C16 BCL RG . 14.47 74.85 11.04
C17 BCL RG . 15.43 75.75 10.24
C18 BCL RG . 15.80 75.22 8.86
C19 BCL RG . 16.80 76.23 8.26
C20 BCL RG . 14.60 75.05 7.93
C1 V7N SG . 15.81 57.24 26.50
C10 V7N SG . 19.30 63.70 19.03
C11 V7N SG . 19.91 64.40 17.97
C12 V7N SG . 19.16 65.22 17.13
C13 V7N SG . 19.62 65.96 16.02
C14 V7N SG . 18.77 66.89 15.40
C15 V7N SG . 19.12 67.62 14.26
C16 V7N SG . 18.19 68.30 13.46
C17 V7N SG . 18.56 68.99 12.30
C18 V7N SG . 17.68 69.58 11.38
C19 V7N SG . 18.21 70.19 10.23
C2 V7N SG . 16.24 58.72 26.65
C20 V7N SG . 17.49 70.62 9.12
C21 V7N SG . 18.09 71.22 7.98
C22 V7N SG . 17.38 71.77 6.94
C23 V7N SG . 18.08 72.38 5.77
C24 V7N SG . 17.73 71.70 4.47
C25 V7N SG . 18.69 72.03 3.38
C26 V7N SG . 19.85 71.38 3.16
C27 V7N SG . 20.76 71.80 2.06
C28 V7N SG . 20.28 71.40 0.66
C29 V7N SG . 21.21 71.88 -0.41
C3 V7N SG . 17.45 59.10 25.90
C30 V7N SG . 15.33 56.97 25.07
C31 V7N SG . 16.99 56.33 26.80
C33 V7N SG . 19.91 59.43 24.12
C34 V7N SG . 21.35 62.75 20.18
C35 V7N SG . 20.98 65.73 15.46
C36 V7N SG . 16.22 69.53 11.64
C37 V7N SG . 15.90 71.78 6.91
C38 V7N SG . 20.28 70.23 3.97
C39 V7N SG . 21.43 73.17 -0.74
C4 V7N SG . 17.43 59.57 24.62
C40 V7N SG . 22.39 73.52 -1.81
C41 V7N SG . 13.57 57.79 27.21
C43 V7N SG . 20.77 74.36 -0.15
C5 V7N SG . 18.56 59.96 23.84
C6 V7N SG . 18.36 60.88 22.81
C7 V7N SG . 19.35 61.38 21.96
C8 V7N SG . 19.01 62.32 20.98
C9 V7N SG . 19.88 62.93 20.05
O32 V7N SG . 14.75 57.05 27.44
O42 V7N SG . 22.21 63.19 19.42
O44 V7N SG . 22.88 72.52 -2.55
O45 V7N SG . 22.81 74.66 -2.10
C1B LMT TG . -2.60 77.54 35.58
C2B LMT TG . -3.91 77.00 36.21
C3B LMT TG . -5.17 77.63 35.56
C4B LMT TG . -5.02 79.17 35.44
C5B LMT TG . -3.69 79.46 34.74
C6B LMT TG . -3.52 80.96 34.53
O1B LMT TG . -2.32 76.90 34.36
O2B LMT TG . -3.91 75.64 36.06
O3B LMT TG . -6.30 77.28 36.23
O4' LMT TG . -6.06 79.70 34.71
O5B LMT TG . -2.60 78.94 35.43
O6B LMT TG . -2.34 81.23 33.88
C1' LMT TG . 1.06 76.36 31.93
C2' LMT TG . 1.29 76.37 33.46
C3' LMT TG . -0.05 76.08 34.18
C4' LMT TG . -1.05 77.17 33.77
C5' LMT TG . -1.15 77.06 32.23
C6' LMT TG . -2.21 77.94 31.63
O1' LMT TG . 2.24 76.72 31.31
O2' LMT TG . 2.21 75.42 33.79
O3' LMT TG . 0.13 76.05 35.53
O5' LMT TG . 0.09 77.35 31.61
O6' LMT TG . -1.81 79.22 31.86
C1 LMT TG . 2.29 76.71 29.89
C2 LMT TG . 3.11 75.51 29.48
C3 LMT TG . 2.41 74.19 29.51
C4 LMT TG . 3.36 73.05 29.20
C5 LMT TG . 4.00 73.09 27.84
C6 LMT TG . 4.79 71.83 27.64
C7 LMT TG . 5.85 71.92 26.57
C8 LMT TG . 5.29 72.01 25.19
C9 LMT TG . 6.37 72.12 24.16
C10 LMT TG . 5.77 72.20 22.78
C11 LMT TG . 6.85 72.50 21.77
C12 LMT TG . 6.31 72.73 20.41
MG BCL UG . 13.81 66.07 26.40
CHA BCL UG . 13.34 65.75 23.00
CHB BCL UG . 17.18 66.05 25.83
CHC BCL UG . 14.31 65.86 29.72
CHD BCL UG . 10.48 65.10 26.90
NA BCL UG . 15.06 65.88 24.63
C1A BCL UG . 14.66 65.91 23.30
C2A BCL UG . 15.75 66.34 22.40
C3A BCL UG . 17.00 66.19 23.28
C4A BCL UG . 16.44 66.05 24.67
CMA BCL UG . 17.83 64.96 22.91
CAA BCL UG . 15.56 67.79 21.88
CBA BCL UG . 16.87 68.27 21.26
CGA BCL UG . 17.35 67.40 20.15
O1A BCL UG . 16.68 66.77 19.43
O2A BCL UG . 18.31 67.86 19.68
NB BCL UG . 15.48 65.95 27.61
C1B BCL UG . 16.80 65.97 27.19
C2B BCL UG . 17.66 65.91 28.29
C3B BCL UG . 16.86 65.83 29.45
C4B BCL UG . 15.49 65.89 28.97
CMB BCL UG . 19.17 65.95 28.14
CAB BCL UG . 17.19 65.69 30.86
OBB BCL UG . 16.42 66.04 31.76
CBB BCL UG . 18.49 65.07 31.33
NC BCL UG . 12.58 65.51 28.06
C1C BCL UG . 12.98 65.65 29.36
C2C BCL UG . 11.86 65.49 30.32
C3C BCL UG . 10.63 65.54 29.43
C4C BCL UG . 11.22 65.31 28.05
CMC BCL UG . 11.99 64.22 31.15
CAC BCL UG . 9.83 66.85 29.61
CBC BCL UG . 8.50 66.90 28.90
ND BCL UG . 12.25 65.47 25.26
C1D BCL UG . 10.90 65.21 25.55
C2D BCL UG . 10.14 65.09 24.36
C3D BCL UG . 11.03 65.29 23.33
C4D BCL UG . 12.28 65.52 23.89
CMD BCL UG . 8.65 64.80 24.30
CAD BCL UG . 11.18 65.43 21.93
OBD BCL UG . 10.35 65.33 21.01
CBD BCL UG . 12.67 65.76 21.62
CGD BCL UG . 13.22 64.81 20.65
O1D BCL UG . 13.15 63.61 20.71
O2D BCL UG . 13.84 65.40 19.63
CED BCL UG . 14.56 64.53 18.72
C1 BCL UG . 19.67 67.61 19.55
C2 BCL UG . 20.15 68.12 20.88
C3 BCL UG . 21.20 67.82 21.52
C4 BCL UG . 22.20 66.75 21.09
C5 BCL UG . 21.52 68.51 22.83
C6 BCL UG . 21.42 67.62 24.06
C7 BCL UG . 21.86 68.26 25.39
C8 BCL UG . 23.37 68.43 25.61
C9 BCL UG . 23.96 69.73 25.02
C10 BCL UG . 24.10 67.18 25.03
C11 BCL UG . 24.71 67.06 23.66
C12 BCL UG . 25.35 65.69 23.40
C13 BCL UG . 25.88 65.58 21.95
C14 BCL UG . 25.18 64.48 21.16
C15 BCL UG . 27.39 65.31 21.99
C16 BCL UG . 28.25 66.50 22.40
C17 BCL UG . 28.67 67.46 21.27
C18 BCL UG . 30.06 67.23 20.71
C19 BCL UG . 30.31 68.39 19.72
C20 BCL UG . 30.28 65.89 20.00
C1B LMT VG . 14.56 70.11 45.29
C2B LMT VG . 13.14 69.83 45.82
C3B LMT VG . 12.08 70.64 45.05
C4B LMT VG . 12.47 72.13 45.01
C5B LMT VG . 13.90 72.21 44.44
C6B LMT VG . 14.33 73.67 44.31
O1B LMT VG . 14.79 69.47 44.05
O2B LMT VG . 12.91 68.47 45.70
O3B LMT VG . 10.82 70.44 45.57
O4' LMT VG . 11.61 72.84 44.20
O5B LMT VG . 14.83 71.48 45.20
O6B LMT VG . 15.60 73.74 43.78
C1' LMT VG . 17.93 68.45 41.56
C2' LMT VG . 18.28 68.45 43.06
C3' LMT VG . 16.97 68.43 43.88
C4' LMT VG . 16.08 69.62 43.46
C5' LMT VG . 15.94 69.55 41.92
C6' LMT VG . 15.04 70.61 41.34
O1' LMT VG . 19.06 68.46 40.78
O2' LMT VG . 19.01 67.33 43.36
O3' LMT VG . 17.23 68.46 45.22
O5' LMT VG . 17.19 69.63 41.30
O6' LMT VG . 15.70 71.80 41.50
C1 LMT VG . 18.83 68.07 39.44
C2 LMT VG . 20.11 68.32 38.69
C3 LMT VG . 20.13 67.87 37.25
C4 LMT VG . 20.24 66.36 37.17
C5 LMT VG . 20.64 65.93 35.79
C6 LMT VG . 20.87 64.46 35.69
C7 LMT VG . 21.89 64.08 34.65
C8 LMT VG . 21.46 64.53 33.28
C9 LMT VG . 22.57 64.52 32.26
C10 LMT VG . 22.03 64.97 30.92
C11 LMT VG . 23.14 65.12 29.93
C12 LMT VG . 22.68 65.59 28.60
C1B LMT WG . 16.34 78.48 40.03
C2B LMT WG . 17.35 79.56 40.50
C3B LMT WG . 17.49 79.58 42.03
C4B LMT WG . 16.10 79.64 42.71
C5B LMT WG . 15.24 78.50 42.12
C6B LMT WG . 13.85 78.51 42.77
O1B LMT WG . 16.87 77.19 40.19
O2B LMT WG . 18.55 79.30 39.90
O3B LMT WG . 18.32 80.59 42.46
O4' LMT WG . 16.21 79.46 44.07
O5B LMT WG . 15.13 78.60 40.72
O6B LMT WG . 13.08 77.51 42.24
C1' LMT WG . 18.00 73.86 37.96
C2' LMT WG . 18.74 75.17 37.63
C3' LMT WG . 18.50 76.25 38.71
C4' LMT WG . 16.99 76.41 39.02
C5' LMT WG . 16.43 74.98 39.28
C6' LMT WG . 14.98 74.93 39.65
O1' LMT WG . 18.11 72.99 36.91
O2' LMT WG . 20.08 74.90 37.57
O3' LMT WG . 19.00 77.44 38.31
O5' LMT WG . 16.63 74.15 38.15
O6' LMT WG . 14.84 75.67 40.79
C1 LMT WG . 17.63 71.68 37.10
C2 LMT WG . 17.70 71.02 35.74
C3 LMT WG . 19.08 70.82 35.15
C4 LMT WG . 18.94 70.07 33.85
C5 LMT WG . 20.29 69.73 33.25
C6 LMT WG . 20.16 69.18 31.86
C7 LMT WG . 21.48 68.71 31.30
C8 LMT WG . 22.40 69.84 30.97
C9 LMT WG . 23.64 69.37 30.24
C10 LMT WG . 24.45 70.56 29.78
C11 LMT WG . 25.59 70.12 28.89
C12 LMT WG . 26.37 71.28 28.37
C1B LMT XG . 14.94 83.13 38.27
C2B LMT XG . 14.65 84.60 37.87
C3B LMT XG . 15.92 85.30 37.35
C4B LMT XG . 17.09 85.11 38.34
C5B LMT XG . 17.24 83.60 38.55
C6B LMT XG . 18.42 83.32 39.47
O1B LMT XG . 15.02 82.30 37.14
O2B LMT XG . 13.66 84.60 36.92
O3B LMT XG . 15.69 86.63 37.07
O4' LMT XG . 18.26 85.63 37.84
O5B LMT XG . 16.07 83.01 39.08
O6B LMT XG . 18.08 83.60 40.78
C1' LMT XG . 14.50 78.25 36.14
C2' LMT XG . 13.46 78.86 37.12
C3' LMT XG . 13.51 80.41 37.12
C4' LMT XG . 14.96 80.89 37.36
C5' LMT XG . 15.82 80.18 36.29
C6' LMT XG . 17.24 80.65 36.25
O1' LMT XG . 14.55 76.90 36.37
O2' LMT XG . 12.20 78.46 36.74
O3' LMT XG . 12.69 80.90 38.09
O5' LMT XG . 15.78 78.78 36.48
O6' LMT XG . 17.95 79.72 35.54
C1 LMT XG . 15.58 76.11 35.79
C2 LMT XG . 15.29 75.79 34.34
C3 LMT XG . 15.83 74.45 33.92
C4 LMT XG . 15.53 74.05 32.49
C5 LMT XG . 16.06 72.65 32.28
C6 LMT XG . 15.97 72.11 30.87
C7 LMT XG . 16.82 70.86 30.80
C8 LMT XG . 16.72 70.17 29.46
C9 LMT XG . 17.25 70.95 28.29
C10 LMT XG . 17.24 70.05 27.08
C11 LMT XG . 17.36 70.84 25.81
C12 LMT XG . 17.45 69.96 24.60
C1 V7N YG . 28.62 48.30 32.36
C10 V7N YG . 33.23 54.74 25.52
C11 V7N YG . 33.91 55.39 24.49
C12 V7N YG . 33.39 56.54 23.88
C13 V7N YG . 33.97 57.24 22.81
C14 V7N YG . 33.24 58.28 22.20
C15 V7N YG . 33.69 59.03 21.10
C16 V7N YG . 32.90 60.00 20.46
C17 V7N YG . 33.37 60.70 19.34
C18 V7N YG . 32.64 61.63 18.59
C19 V7N YG . 33.25 62.21 17.46
C2 V7N YG . 29.42 49.58 32.66
C20 V7N YG . 32.65 63.01 16.50
C21 V7N YG . 33.39 63.52 15.39
C22 V7N YG . 32.82 64.21 14.34
C23 V7N YG . 33.67 64.70 13.22
C24 V7N YG . 33.81 63.66 12.12
C25 V7N YG . 34.90 63.92 11.14
C26 V7N YG . 35.02 64.98 10.30
C27 V7N YG . 36.19 65.14 9.38
C28 V7N YG . 35.87 64.79 7.94
C29 V7N YG . 36.99 65.16 7.05
C3 V7N YG . 30.67 49.72 31.89
C30 V7N YG . 28.00 48.38 30.96
C31 V7N YG . 29.52 47.08 32.44
C33 V7N YG . 33.11 49.81 30.05
C34 V7N YG . 35.07 53.19 26.33
C35 V7N YG . 35.32 56.91 22.29
C36 V7N YG . 31.25 61.97 18.98
C37 V7N YG . 31.38 64.52 14.27
C38 V7N YG . 34.01 66.06 10.17
C39 V7N YG . 37.33 64.51 5.93
C4 V7N YG . 30.76 50.47 30.75
C40 V7N YG . 38.47 64.97 5.10
C41 V7N YG . 26.67 49.34 33.37
C43 V7N YG . 36.62 63.30 5.42
C5 V7N YG . 31.92 50.68 29.95
C6 V7N YG . 31.90 51.76 29.06
C7 V7N YG . 32.94 52.13 28.19
C8 V7N YG . 32.77 53.22 27.33
C9 V7N YG . 33.68 53.72 26.39
O32 V7N YG . 27.59 48.26 33.36
O42 V7N YG . 35.94 53.50 25.53
O44 V7N YG . 39.12 66.04 5.55
O45 V7N YG . 38.87 64.48 4.03
MG BCL ZG . 28.57 57.16 33.34
CHA BCL ZG . 27.96 57.29 29.96
CHB BCL ZG . 31.87 56.72 32.64
CHC BCL ZG . 29.11 56.46 36.60
CHD BCL ZG . 25.14 56.72 33.90
NA BCL ZG . 29.73 56.99 31.52
C1A BCL ZG . 29.30 57.23 30.22
C2A BCL ZG . 30.44 57.38 29.27
C3A BCL ZG . 31.67 57.04 30.13
C4A BCL ZG . 31.12 56.95 31.52
CMA BCL ZG . 32.32 55.73 29.72
CAA BCL ZG . 30.51 58.77 28.64
CBA BCL ZG . 31.48 58.88 27.47
CGA BCL ZG . 32.86 59.28 27.82
O1A BCL ZG . 33.16 60.34 28.26
O2A BCL ZG . 33.75 58.29 27.76
NB BCL ZG . 30.23 56.65 34.46
C1B BCL ZG . 31.52 56.50 33.98
C2B BCL ZG . 32.38 56.13 35.02
C3B BCL ZG . 31.61 56.05 36.20
C4B BCL ZG . 30.26 56.40 35.79
CMB BCL ZG . 33.87 55.92 34.81
CAB BCL ZG . 31.95 55.66 37.58
OBB BCL ZG . 31.26 56.00 38.54
CBB BCL ZG . 33.17 54.82 37.91
NC BCL ZG . 27.31 56.61 34.98
C1C BCL ZG . 27.75 56.56 36.27
C2C BCL ZG . 26.66 56.50 37.28
C3C BCL ZG . 25.43 56.86 36.44
C4C BCL ZG . 25.94 56.68 35.03
CMC BCL ZG . 26.57 55.15 37.96
CAC BCL ZG . 24.88 58.27 36.79
CBC BCL ZG . 23.54 58.59 36.15
ND BCL ZG . 26.89 56.96 32.22
C1D BCL ZG . 25.54 56.90 32.54
C2D BCL ZG . 24.73 57.06 31.40
C3D BCL ZG . 25.62 57.22 30.34
C4D BCL ZG . 26.90 57.15 30.86
CMD BCL ZG . 23.22 57.07 31.38
CAD BCL ZG . 25.75 57.42 28.94
OBD BCL ZG . 24.89 57.50 28.05
CBD BCL ZG . 27.26 57.51 28.61
CGD BCL ZG . 27.64 56.56 27.55
O1D BCL ZG . 27.33 55.39 27.51
O2D BCL ZG . 28.40 57.09 26.61
CED BCL ZG . 28.91 56.21 25.58
C1 BCL ZG . 35.03 58.67 28.30
C2 BCL ZG . 35.91 57.46 28.29
C3 BCL ZG . 36.81 57.12 27.39
C4 BCL ZG . 37.06 57.89 26.09
C5 BCL ZG . 37.77 55.97 27.60
C6 BCL ZG . 38.76 56.26 28.73
C7 BCL ZG . 39.72 55.11 29.03
C8 BCL ZG . 40.71 54.76 27.92
C9 BCL ZG . 41.42 53.47 28.33
C10 BCL ZG . 41.75 55.89 27.68
C11 BCL ZG . 42.60 55.80 26.40
C12 BCL ZG . 43.96 55.08 26.52
C13 BCL ZG . 45.23 55.95 26.61
C14 BCL ZG . 45.15 57.02 27.69
C15 BCL ZG . 45.50 56.64 25.24
C16 BCL ZG . 46.89 57.30 25.09
C17 BCL ZG . 47.24 58.04 23.79
C18 BCL ZG . 48.06 57.19 22.81
C19 BCL ZG . 48.72 58.17 21.82
C20 BCL ZG . 47.25 56.15 22.04
C1B LMT AH . 33.99 66.59 48.05
C2B LMT AH . 35.03 67.36 48.92
C3B LMT AH . 34.59 67.44 50.39
C4B LMT AH . 33.13 67.92 50.50
C5B LMT AH . 32.28 66.98 49.62
C6B LMT AH . 30.80 67.32 49.74
O1B LMT AH . 34.09 65.22 48.25
O2B LMT AH . 36.23 66.71 48.79
O3B LMT AH . 35.45 68.22 51.13
O4' LMT AH . 32.68 67.86 51.80
O5B LMT AH . 32.69 67.04 48.28
O6B LMT AH . 30.04 66.44 49.00
C1' LMT AH . 34.57 61.89 45.69
C2' LMT AH . 35.67 62.98 45.68
C3' LMT AH . 35.59 63.92 46.91
C4' LMT AH . 34.15 64.43 47.08
C5' LMT AH . 33.30 63.15 47.22
C6' LMT AH . 31.87 63.39 47.65
O1' LMT AH . 34.49 61.34 44.45
O2' LMT AH . 36.90 62.37 45.68
O3' LMT AH . 36.43 64.98 46.75
O5' LMT AH . 33.30 62.45 46.00
O6' LMT AH . 31.90 63.79 48.96
C1 LMT AH . 33.68 60.19 44.31
C2 LMT AH . 33.61 59.89 42.82
C3 LMT AH . 34.92 59.68 42.10
C4 LMT AH . 34.69 58.78 40.91
C5 LMT AH . 35.85 58.86 39.94
C6 LMT AH . 35.72 57.87 38.82
C7 LMT AH . 36.85 58.00 37.81
C8 LMT AH . 36.79 59.29 37.05
C9 LMT AH . 37.58 59.26 35.78
C10 LMT AH . 36.71 58.81 34.64
C11 LMT AH . 37.49 58.71 33.36
C12 LMT AH . 36.65 58.31 32.19
C1B LMT BH . 30.70 71.44 46.97
C2B LMT BH . 31.32 71.95 48.29
C3B LMT BH . 30.42 71.59 49.48
C4B LMT BH . 28.96 72.05 49.22
C5B LMT BH . 28.51 71.51 47.85
C6B LMT BH . 27.10 72.00 47.52
O1B LMT BH . 30.78 70.05 46.90
O2B LMT BH . 32.56 71.37 48.42
O3B LMT BH . 30.92 72.08 50.66
O4' LMT BH . 28.12 71.56 50.20
O5B LMT BH . 29.39 71.89 46.82
O6B LMT BH . 26.23 71.63 48.51
C1' LMT BH . 32.33 67.14 44.31
C2' LMT BH . 33.16 68.44 44.46
C3' LMT BH . 32.72 69.25 45.70
C4' LMT BH . 31.19 69.48 45.67
C5' LMT BH . 30.58 68.07 45.53
C6' LMT BH . 29.07 68.04 45.66
O1' LMT BH . 32.62 66.54 43.12
O2' LMT BH . 34.48 68.10 44.61
O3' LMT BH . 33.38 70.44 45.75
O5' LMT BH . 30.95 67.48 44.30
O6' LMT BH . 28.57 68.62 44.52
C1 LMT BH . 32.38 65.14 43.07
C2 LMT BH . 32.16 64.78 41.62
C3 LMT BH . 32.19 63.31 41.32
C4 LMT BH . 31.87 63.06 39.85
C5 LMT BH . 32.19 61.63 39.50
C6 LMT BH . 32.04 61.32 38.04
C7 LMT BH . 32.73 60.02 37.71
C8 LMT BH . 32.57 59.68 36.27
C9 LMT BH . 33.01 60.74 35.31
C10 LMT BH . 32.81 60.22 33.92
C11 LMT BH . 33.04 61.29 32.89
C12 LMT BH . 32.72 60.85 31.51
C1 V7N CH . 39.51 36.20 36.10
C10 V7N CH . 45.39 42.31 29.96
C11 V7N CH . 46.18 42.91 28.99
C12 V7N CH . 45.85 44.18 28.49
C13 V7N CH . 46.49 44.89 27.46
C14 V7N CH . 46.16 46.25 27.23
C15 V7N CH . 46.66 46.97 26.15
C16 V7N CH . 46.17 48.22 25.77
C17 V7N CH . 46.62 48.87 24.61
C18 V7N CH . 46.05 50.02 24.04
C19 V7N CH . 46.55 50.48 22.80
C2 V7N CH . 40.63 37.17 36.55
C20 V7N CH . 46.18 51.61 22.09
C21 V7N CH . 46.72 51.85 20.80
C22 V7N CH . 46.33 52.84 19.93
C23 V7N CH . 46.93 52.92 18.57
C24 V7N CH . 48.44 53.03 18.52
C25 V7N CH . 48.96 52.86 17.13
C26 V7N CH . 49.04 53.79 16.17
C27 V7N CH . 49.61 53.43 14.83
C28 V7N CH . 49.89 54.63 13.94
C29 V7N CH . 50.81 54.34 12.80
C3 V7N CH . 41.85 37.16 35.72
C30 V7N CH . 38.90 36.65 34.78
C31 V7N CH . 40.07 34.80 35.96
C33 V7N CH . 44.16 36.90 33.76
C34 V7N CH . 46.77 40.26 30.21
C35 V7N CH . 47.47 44.23 26.57
C36 V7N CH . 44.91 50.67 24.71
C37 V7N CH . 45.26 53.81 20.25
C38 V7N CH . 48.59 55.19 16.35
C39 V7N CH . 50.53 53.61 11.70
C4 V7N CH . 42.06 38.00 34.66
C40 V7N CH . 51.55 53.42 10.65
C41 V7N CH . 37.94 37.51 37.41
C43 V7N CH . 49.23 52.95 11.42
C5 V7N CH . 43.23 38.04 33.84
C6 V7N CH . 43.47 39.21 33.11
C7 V7N CH . 44.56 39.44 32.25
C8 V7N CH . 44.60 40.61 31.48
C9 V7N CH . 45.57 41.04 30.56
O32 V7N CH . 38.53 36.25 37.15
O42 V7N CH . 47.03 39.10 30.56
O44 V7N CH . 52.73 54.02 10.85
O45 V7N CH . 51.44 52.77 9.60
C1B LMT DH . 31.52 58.14 52.30
C2B LMT DH . 30.12 57.99 52.94
C3B LMT DH . 29.13 59.05 52.40
C4B LMT DH . 29.75 60.47 52.47
C5B LMT DH . 31.10 60.40 51.74
C6B LMT DH . 31.76 61.77 51.67
O1B LMT DH . 31.54 57.62 51.00
O2B LMT DH . 29.67 56.72 52.69
O3B LMT DH . 27.91 58.98 53.02
O4' LMT DH . 28.93 61.39 51.85
O5B LMT DH . 31.97 59.47 52.33
O6B LMT DH . 32.90 61.70 50.91
C1' LMT DH . 34.17 56.66 48.00
C2' LMT DH . 34.82 56.67 49.39
C3' LMT DH . 33.69 56.63 50.44
C4' LMT DH . 32.72 57.82 50.23
C5' LMT DH . 32.31 57.83 48.72
C6' LMT DH . 31.40 58.97 48.36
O1' LMT DH . 35.06 56.58 46.97
O2' LMT DH . 35.59 55.54 49.53
O3' LMT DH . 34.21 56.68 51.70
O5' LMT DH . 33.44 57.87 47.88
O6' LMT DH . 32.15 60.11 48.47
C1 LMT DH . 34.44 56.32 45.73
C2 LMT DH . 35.47 55.81 44.77
C3 LMT DH . 34.87 55.01 43.64
C4 LMT DH . 35.91 54.31 42.80
C5 LMT DH . 35.18 53.43 41.84
C6 LMT DH . 36.03 52.40 41.17
C7 LMT DH . 37.07 52.96 40.25
C8 LMT DH . 36.40 53.58 39.05
C9 LMT DH . 37.33 53.76 37.90
C10 LMT DH . 36.54 54.15 36.67
C11 LMT DH . 37.40 54.16 35.45
C12 LMT DH . 38.33 55.34 35.41
C1B LMT EH . 50.21 49.17 54.93
C2B LMT EH . 50.12 50.71 55.13
C3B LMT EH . 51.40 51.38 54.63
C4B LMT EH . 52.63 50.76 55.35
C5B LMT EH . 52.55 49.23 55.25
C6B LMT EH . 53.70 48.60 56.03
O1B LMT EH . 50.39 48.77 53.59
O2B LMT EH . 48.99 51.21 54.52
O3B LMT EH . 51.34 52.75 54.78
O4' LMT EH . 53.81 51.21 54.78
O5B LMT EH . 51.30 48.70 55.66
O6B LMT EH . 53.62 47.23 55.98
C1' LMT EH . 48.35 47.33 50.47
C2' LMT EH . 49.40 48.35 50.03
C3' LMT EH . 50.29 48.67 51.25
C4' LMT EH . 49.49 49.07 52.51
C5' LMT EH . 48.17 48.23 52.61
C6' LMT EH . 47.13 48.83 53.54
O1' LMT EH . 47.60 46.93 49.39
O2' LMT EH . 50.17 47.78 49.05
O3' LMT EH . 51.20 49.63 50.94
O5' LMT EH . 47.52 48.03 51.38
O6' LMT EH . 45.93 48.26 53.23
C1 LMT EH . 47.67 45.54 49.12
C2 LMT EH . 47.50 45.36 47.63
C3 LMT EH . 47.98 44.05 47.07
C4 LMT EH . 48.05 44.06 45.55
C5 LMT EH . 48.87 42.90 45.09
C6 LMT EH . 48.82 42.64 43.60
C7 LMT EH . 49.71 43.56 42.81
C8 LMT EH . 49.46 43.31 41.35
C9 LMT EH . 50.12 44.27 40.41
C10 LMT EH . 49.61 43.97 39.02
C11 LMT EH . 50.16 44.92 37.99
C12 LMT EH . 49.65 44.62 36.62
C1B LMT FH . 49.66 55.44 53.33
C2B LMT FH . 48.80 56.47 54.08
C3B LMT FH . 48.75 57.80 53.31
C4B LMT FH . 50.19 58.29 53.01
C5B LMT FH . 50.99 57.15 52.35
C6B LMT FH . 52.44 57.60 52.14
O1B LMT FH . 49.06 55.13 52.11
O2B LMT FH . 47.55 55.94 54.24
O3B LMT FH . 48.00 58.74 53.96
O4' LMT FH . 50.14 59.37 52.15
O5B LMT FH . 50.95 55.96 53.11
O6B LMT FH . 53.23 56.52 51.84
C1' LMT FH . 47.62 52.20 49.64
C2' LMT FH . 46.65 52.55 50.78
C3' LMT FH . 47.14 53.85 51.49
C4' LMT FH . 48.63 53.79 51.89
C5' LMT FH . 49.42 53.21 50.68
C6' LMT FH . 50.90 53.05 50.97
O1' LMT FH . 47.27 51.04 48.98
O2' LMT FH . 45.41 52.79 50.24
O3' LMT FH . 46.37 54.11 52.59
O5' LMT FH . 48.89 51.98 50.24
O6' LMT FH . 51.38 52.15 50.06
C1 LMT FH . 47.94 50.87 47.73
C2 LMT FH . 46.93 50.42 46.69
C3 LMT FH . 46.82 48.94 46.45
C4 LMT FH . 46.13 48.72 45.10
C5 LMT FH . 46.24 47.29 44.64
C6 LMT FH . 45.97 47.16 43.17
C7 LMT FH . 46.30 45.77 42.67
C8 LMT FH . 46.01 45.70 41.20
C9 LMT FH . 46.64 46.79 40.40
C10 LMT FH . 46.33 46.59 38.94
C11 LMT FH . 46.78 47.77 38.15
C12 LMT FH . 46.45 47.67 36.71
C1B LMT GH . 45.08 43.47 56.99
C2B LMT GH . 43.72 43.70 57.71
C3B LMT GH . 43.05 45.01 57.25
C4B LMT GH . 44.06 46.19 57.32
C5B LMT GH . 45.29 45.77 56.51
C6B LMT GH . 46.30 46.92 56.47
O1B LMT GH . 44.89 43.02 55.68
O2B LMT GH . 42.91 42.62 57.43
O3B LMT GH . 41.91 45.27 57.95
O4' LMT GH . 43.51 47.32 56.78
O5B LMT GH . 45.89 44.61 57.03
O6B LMT GH . 47.43 46.53 55.77
C1' LMT GH . 47.20 41.08 52.74
C2' LMT GH . 47.40 40.65 54.20
C3' LMT GH . 46.23 41.10 55.11
C4' LMT GH . 46.04 42.62 54.96
C5' LMT GH . 45.81 42.83 53.44
C6' LMT GH . 45.39 44.23 53.08
O1' LMT GH . 48.37 40.87 52.07
O2' LMT GH . 47.50 39.28 54.25
O3' LMT GH . 46.49 40.78 56.41
O5' LMT GH . 46.96 42.49 52.71
O6' LMT GH . 46.41 45.06 53.45
C1 LMT GH . 48.48 41.26 50.71
C2 LMT GH . 47.57 40.38 49.87
C3 LMT GH . 48.09 40.15 48.48
C4 LMT GH . 47.36 39.00 47.81
C5 LMT GH . 47.82 38.87 46.39
C6 LMT GH . 47.40 37.58 45.77
C7 LMT GH . 48.20 37.25 44.53
C8 LMT GH . 48.00 38.26 43.44
C9 LMT GH . 48.93 38.05 42.28
C10 LMT GH . 48.62 39.02 41.18
C11 LMT GH . 49.59 38.86 40.04
C12 LMT GH . 49.27 39.74 38.88
MG BCL HH . 41.52 44.68 38.23
CHA BCL HH . 40.90 45.47 34.94
CHB BCL HH . 44.58 43.51 37.27
CHC BCL HH . 41.97 43.44 41.33
CHD BCL HH . 38.11 45.00 38.92
NA BCL HH . 42.55 44.49 36.33
C1A BCL HH . 42.18 45.01 35.10
C2A BCL HH . 43.33 45.10 34.16
C3A BCL HH . 44.41 44.24 34.85
C4A BCL HH . 43.89 44.10 36.24
CMA BCL HH . 44.54 42.88 34.19
CAA BCL HH . 43.76 46.56 33.91
CBA BCL HH . 45.20 46.89 33.45
CGA BCL HH . 45.71 46.14 32.27
O1A BCL HH . 45.04 45.73 31.38
O2A BCL HH . 47.01 45.93 32.35
NB BCL HH . 43.03 43.63 39.17
C1B BCL HH . 44.22 43.22 38.59
C2B BCL HH . 44.98 42.49 39.52
C3B BCL HH . 44.25 42.44 40.73
C4B BCL HH . 43.03 43.19 40.46
CMB BCL HH . 46.34 41.91 39.17
CAB BCL HH . 44.55 41.80 42.01
OBB BCL HH . 44.04 42.19 43.08
CBB BCL HH . 45.46 40.60 42.14
NC BCL HH . 40.21 44.24 39.86
C1C BCL HH . 40.66 43.89 41.10
C2C BCL HH . 39.59 43.87 42.13
C3C BCL HH . 38.45 44.63 41.42
C4C BCL HH . 38.89 44.61 39.98
CMC BCL HH . 39.21 42.48 42.58
CAC BCL HH . 38.22 46.05 42.03
CBC BCL HH . 36.96 46.74 41.53
ND BCL HH . 39.83 45.07 37.18
C1D BCL HH . 38.50 45.29 37.58
C2D BCL HH . 37.73 45.77 36.49
C3D BCL HH . 38.61 45.87 35.43
C4D BCL HH . 39.85 45.44 35.87
CMD BCL HH . 36.26 46.10 36.55
CAD BCL HH . 38.79 46.31 34.09
OBD BCL HH . 37.97 46.83 33.30
CBD BCL HH . 40.26 46.07 33.69
CGD BCL HH . 40.34 45.24 32.47
O1D BCL HH . 39.71 44.22 32.28
O2D BCL HH . 41.19 45.69 31.57
CED BCL HH . 41.48 44.83 30.43
C1 BCL HH . 47.56 45.13 31.28
C2 BCL HH . 48.92 44.65 31.73
C3 BCL HH . 49.14 43.72 32.63
C4 BCL HH . 48.05 42.98 33.40
C5 BCL HH . 50.56 43.23 32.96
C6 BCL HH . 50.95 41.93 32.25
C7 BCL HH . 52.36 41.44 32.61
C8 BCL HH . 52.84 40.31 31.70
C9 BCL HH . 51.96 39.05 31.90
C10 BCL HH . 54.33 39.96 31.94
C11 BCL HH . 55.28 41.12 31.68
C12 BCL HH . 56.74 40.72 31.41
C13 BCL HH . 57.05 40.46 29.92
C14 BCL HH . 57.20 38.96 29.63
C15 BCL HH . 58.39 41.10 29.52
C16 BCL HH . 58.71 41.08 28.01
C17 BCL HH . 60.06 41.72 27.62
C18 BCL HH . 60.35 41.77 26.12
C19 BCL HH . 60.58 40.32 25.65
C20 BCL HH . 61.57 42.63 25.77
C1 V7N IH . 46.64 21.10 37.67
C10 V7N IH . 53.65 26.35 31.90
C11 V7N IH . 54.62 26.87 31.03
C12 V7N IH . 54.57 28.22 30.66
C13 V7N IH . 55.42 28.90 29.76
C14 V7N IH . 55.34 30.30 29.67
C15 V7N IH . 56.09 31.04 28.76
C16 V7N IH . 55.77 32.37 28.44
C17 V7N IH . 56.47 33.09 27.46
C18 V7N IH . 56.24 34.43 27.09
C19 V7N IH . 57.01 34.96 26.03
C2 V7N IH . 47.85 21.93 38.11
C20 V7N IH . 56.92 36.23 25.47
C21 V7N IH . 57.75 36.63 24.39
C22 V7N IH . 57.84 37.91 23.91
C23 V7N IH . 58.73 38.23 22.75
C24 V7N IH . 57.97 38.22 21.43
C25 V7N IH . 58.80 38.51 20.22
C26 V7N IH . 59.30 39.71 19.87
C27 V7N IH . 60.12 39.89 18.63
C28 V7N IH . 60.36 38.62 17.85
C29 V7N IH . 61.26 38.85 16.69
C3 V7N IH . 49.07 21.76 37.30
C30 V7N IH . 46.09 21.60 36.34
C31 V7N IH . 47.03 19.64 37.52
C33 V7N IH . 51.31 21.10 35.32
C34 V7N IH . 54.50 23.97 32.09
C35 V7N IH . 56.33 28.17 28.86
C36 V7N IH . 55.20 35.22 27.79
C37 V7N IH . 57.07 39.03 24.48
C38 V7N IH . 59.07 40.93 20.66
C39 V7N IH . 60.93 38.59 15.40
C4 V7N IH . 49.38 22.50 36.20
C40 V7N IH . 61.91 38.85 14.32
C41 V7N IH . 45.26 22.59 38.99
C43 V7N IH . 59.62 38.08 14.98
C5 V7N IH . 50.56 22.37 35.41
C6 V7N IH . 50.98 23.50 34.70
C7 V7N IH . 52.14 23.59 33.90
C8 V7N IH . 52.41 24.77 33.23
C9 V7N IH . 53.51 25.03 32.40
O32 V7N IH . 45.66 21.26 38.71
O42 V7N IH . 55.60 24.13 31.56
O44 V7N IH . 63.11 39.29 14.68
O45 V7N IH . 61.73 38.68 13.10
C1B LMT JH . 60.19 36.35 56.50
C2B LMT JH . 59.86 37.09 57.83
C3B LMT JH . 59.28 38.50 57.57
C4B LMT JH . 60.18 39.27 56.59
C5B LMT JH . 60.26 38.42 55.32
C6B LMT JH . 61.02 39.16 54.22
O1B LMT JH . 59.07 35.69 55.96
O2B LMT JH . 58.97 36.31 58.54
O3B LMT JH . 59.08 39.18 58.74
O4' LMT JH . 59.63 40.50 56.29
O5B LMT JH . 60.84 37.15 55.57
O6B LMT JH . 61.04 38.40 53.07
C1' LMT JH . 58.35 33.30 52.56
C2' LMT JH . 59.83 33.62 52.84
C3' LMT JH . 60.04 34.17 54.28
C4' LMT JH . 59.06 35.32 54.57
C5' LMT JH . 57.65 34.77 54.23
C6' LMT JH . 56.53 35.72 54.60
O1' LMT JH . 58.18 33.05 51.22
O2' LMT JH . 60.57 32.46 52.71
O3' LMT JH . 61.34 34.59 54.40
O5' LMT JH . 57.57 34.44 52.87
O6' LMT JH . 55.36 35.03 54.42
C1 LMT JH . 58.03 31.69 50.83
C2 LMT JH . 57.58 31.70 49.39
C3 LMT JH . 57.08 30.39 48.84
C4 LMT JH . 56.62 30.60 47.40
C5 LMT JH . 56.24 29.29 46.77
C6 LMT JH . 55.87 29.43 45.32
C7 LMT JH . 55.85 28.08 44.64
C8 LMT JH . 55.56 28.26 43.18
C9 LMT JH . 56.46 29.24 42.50
C10 LMT JH . 56.11 29.29 41.03
C11 LMT JH . 56.81 30.44 40.39
C12 LMT JH . 56.47 30.57 38.94
MG BCL KH . 50.83 28.58 40.68
CHA BCL KH . 50.33 29.97 37.59
CHB BCL KH . 53.41 26.77 39.36
CHC BCL KH . 51.07 26.90 43.58
CHD BCL KH . 47.64 29.65 41.64
NA BCL KH . 51.71 28.40 38.71
C1A BCL KH . 51.42 29.15 37.58
C2A BCL KH . 52.53 29.09 36.58
C3A BCL KH . 53.40 27.93 37.08
C4A BCL KH . 52.85 27.65 38.45
CMA BCL KH . 53.27 26.70 36.19
CAA BCL KH . 53.26 30.45 36.51
CBA BCL KH . 54.67 30.53 35.91
CGA BCL KH . 54.89 29.73 34.68
O1A BCL KH . 54.15 29.64 33.77
O2A BCL KH . 56.03 29.09 34.76
NB BCL KH . 52.04 27.06 41.38
C1B BCL KH . 53.06 26.43 40.67
C2B BCL KH . 53.64 25.43 41.46
C3B BCL KH . 52.98 25.42 42.70
C4B BCL KH . 51.99 26.49 42.61
CMB BCL KH . 54.79 24.58 40.96
CAB BCL KH . 53.09 24.56 43.88
OBB BCL KH . 52.69 24.92 45.00
CBB BCL KH . 53.69 23.19 43.82
NC BCL KH . 49.52 28.28 42.34
C1C BCL KH . 49.92 27.68 43.50
C2C BCL KH . 48.95 27.84 44.61
C3C BCL KH . 48.01 28.93 44.08
C4C BCL KH . 48.35 28.95 42.59
CMC BCL KH . 48.26 26.55 44.99
CAC BCL KH . 48.18 30.28 44.82
CBC BCL KH . 47.14 31.34 44.48
ND BCL KH . 49.27 29.53 39.82
C1D BCL KH . 48.06 30.02 40.33
C2D BCL KH . 47.41 30.85 39.39
C3D BCL KH . 48.25 30.89 38.28
C4D BCL KH . 49.34 30.08 38.58
CMD BCL KH . 46.09 31.53 39.60
CAD BCL KH . 48.42 31.35 36.96
OBD BCL KH . 47.67 32.03 36.24
CBD BCL KH . 49.79 30.85 36.44
CGD BCL KH . 49.67 30.18 35.15
O1D BCL KH . 48.98 29.21 34.91
O2D BCL KH . 50.41 30.73 34.20
CED BCL KH . 50.49 30.01 32.93
C1 BCL KH . 56.33 28.24 33.62
C2 BCL KH . 57.60 27.49 33.99
C3 BCL KH . 58.63 27.32 33.21
C4 BCL KH . 58.77 27.87 31.79
C5 BCL KH . 59.80 26.48 33.68
C6 BCL KH . 59.61 25.00 33.41
C7 BCL KH . 60.81 24.14 33.82
C8 BCL KH . 60.66 22.73 33.24
C9 BCL KH . 59.77 21.87 34.17
C10 BCL KH . 62.04 22.07 33.01
C11 BCL KH . 62.66 22.61 31.74
C12 BCL KH . 64.12 22.17 31.53
C13 BCL KH . 64.76 22.97 30.39
C14 BCL KH . 64.20 22.57 29.03
C15 BCL KH . 66.31 22.81 30.41
C16 BCL KH . 67.14 23.64 29.41
C17 BCL KH . 67.54 22.92 28.10
C18 BCL KH . 68.28 23.79 27.10
C19 BCL KH . 68.49 22.91 25.85
C20 BCL KH . 69.62 24.34 27.60
C1B LMT LH . 58.19 29.60 56.15
C2B LMT LH . 58.81 29.70 57.55
C3B LMT LH . 58.03 28.80 58.54
C4B LMT LH . 56.52 29.12 58.49
C5B LMT LH . 56.04 29.12 57.02
C6B LMT LH . 54.59 29.57 56.95
O1B LMT LH . 58.40 28.33 55.60
O2B LMT LH . 60.12 29.32 57.47
O3B LMT LH . 58.54 28.89 59.81
O4' LMT LH . 55.81 28.18 59.20
O5B LMT LH . 56.83 29.92 56.18
O6B LMT LH . 53.76 28.68 57.58
C1' LMT LH . 58.33 26.54 51.84
C2' LMT LH . 58.63 28.06 51.84
C3' LMT LH . 59.04 28.51 53.27
C4' LMT LH . 57.94 28.08 54.27
C5' LMT LH . 57.77 26.56 54.07
C6' LMT LH . 56.93 25.86 55.12
O1' LMT LH . 57.96 26.13 50.58
O2' LMT LH . 59.67 28.30 50.99
O3' LMT LH . 59.23 29.86 53.29
O5' LMT LH . 57.29 26.27 52.78
O6' LMT LH . 55.65 26.35 54.99
C1 LMT LH . 56.81 26.76 50.03
C2 LMT LH . 56.57 26.08 48.70
C3 LMT LH . 57.78 25.81 47.85
C4 LMT LH . 57.33 25.27 46.50
C5 LMT LH . 58.48 25.25 45.53
C6 LMT LH . 58.02 24.94 44.13
C7 LMT LH . 59.00 24.06 43.36
C8 LMT LH . 60.31 24.74 43.12
C9 LMT LH . 61.18 23.95 42.18
C10 LMT LH . 62.53 24.59 42.03
C11 LMT LH . 63.32 23.90 40.96
C12 LMT LH . 64.74 24.37 40.88
C1B LMT MH . 55.11 22.87 59.52
C2B LMT MH . 54.49 22.20 60.77
C3B LMT MH . 52.97 22.47 60.84
C4B LMT MH . 52.66 23.98 60.66
C5B LMT MH . 53.36 24.44 59.38
C6B LMT MH . 53.07 25.92 59.14
O1B LMT MH . 54.79 22.15 58.37
O2B LMT MH . 54.76 20.86 60.71
O3B LMT MH . 52.41 21.96 61.99
O4' LMT MH . 51.30 24.18 60.54
O5B LMT MH . 54.75 24.22 59.41
O6B LMT MH . 53.69 26.68 60.10
C1' LMT MH . 56.37 21.56 54.53
C2' LMT MH . 57.39 21.56 55.69
C3' LMT MH . 56.69 21.40 57.07
C4' LMT MH . 55.55 22.42 57.21
C5' LMT MH . 54.66 22.19 55.96
C6' LMT MH . 53.36 22.93 55.99
O1' LMT MH . 57.00 21.94 53.38
O2' LMT MH . 58.27 20.52 55.51
O3' LMT MH . 57.59 21.56 58.08
O5' LMT MH . 55.37 22.53 54.79
O6' LMT MH . 53.68 24.27 56.02
C1 LMT MH . 56.18 22.23 52.25
C2 LMT MH . 57.13 22.18 51.07
C3 LMT MH . 56.54 22.35 49.70
C4 LMT MH . 55.88 21.08 49.21
C5 LMT MH . 55.92 21.05 47.71
C6 LMT MH . 55.19 19.88 47.14
C7 LMT MH . 55.77 19.41 45.82
C8 LMT MH . 55.76 20.51 44.81
C9 LMT MH . 56.66 20.25 43.64
C10 LMT MH . 56.52 21.36 42.62
C11 LMT MH . 57.47 21.18 41.48
C12 LMT MH . 57.32 22.18 40.40
C1 V7N NH . 51.36 4.95 37.33
C10 V7N NH . 58.85 9.67 31.74
C11 V7N NH . 59.79 10.13 30.81
C12 V7N NH . 59.95 11.50 30.61
C13 V7N NH . 60.81 12.14 29.69
C14 V7N NH . 61.05 13.53 29.81
C15 V7N NH . 61.84 14.23 28.91
C16 V7N NH . 61.85 15.64 28.81
C17 V7N NH . 62.63 16.29 27.85
C18 V7N NH . 62.64 17.67 27.60
C19 V7N NH . 63.47 18.14 26.55
C2 V7N NH . 52.77 5.41 37.78
C20 V7N NH . 63.51 19.44 26.05
C21 V7N NH . 64.37 19.77 24.97
C22 V7N NH . 64.48 21.02 24.40
C23 V7N NH . 65.43 21.25 23.27
C24 V7N NH . 64.76 21.06 21.91
C25 V7N NH . 65.71 20.79 20.79
C26 V7N NH . 66.67 21.63 20.33
C27 V7N NH . 67.59 21.27 19.22
C28 V7N NH . 67.15 21.82 17.87
C29 V7N NH . 68.27 21.80 16.90
C3 V7N NH . 53.85 5.07 36.85
C30 V7N NH . 50.86 5.83 36.19
C31 V7N NH . 51.42 3.50 36.87
C33 V7N NH . 55.85 4.39 34.65
C34 V7N NH . 59.39 7.24 31.49
C35 V7N NH . 61.46 11.39 28.59
C36 V7N NH . 61.80 18.57 28.41
C37 V7N NH . 63.68 22.18 24.87
C38 V7N NH . 66.88 23.01 20.82
C39 V7N NH . 68.13 21.76 15.57
C4 V7N NH . 54.36 5.97 35.95
C40 V7N NH . 69.31 21.77 14.68
C41 V7N NH . 50.37 6.39 39.01
C43 V7N NH . 66.81 21.70 14.88
C5 V7N NH . 55.41 5.75 35.02
C6 V7N NH . 56.02 6.87 34.44
C7 V7N NH . 57.05 6.87 33.50
C8 V7N NH . 57.59 8.09 33.06
C9 V7N NH . 58.61 8.32 32.12
O32 V7N NH . 50.52 5.08 38.49
O42 V7N NH . 59.47 6.08 31.87
O44 V7N NH . 70.50 21.77 15.29
O45 V7N NH . 69.33 21.77 13.44
MG BCL OH . 56.76 11.02 41.03
CHA BCL OH . 56.36 12.71 38.06
CHB BCL OH . 59.04 9.02 39.48
CHC BCL OH . 56.73 8.99 43.73
CHD BCL OH . 53.79 12.49 42.19
NA BCL OH . 57.55 10.89 39.02
C1A BCL OH . 57.35 11.76 37.96
C2A BCL OH . 58.41 11.63 36.93
C3A BCL OH . 59.02 10.26 37.25
C4A BCL OH . 58.58 10.02 38.67
CMA BCL OH . 58.52 9.17 36.32
CAA BCL OH . 59.44 12.77 37.05
CBA BCL OH . 59.73 13.48 35.74
CGA BCL OH . 60.08 12.59 34.60
O1A BCL OH . 59.47 12.46 33.61
O2A BCL OH . 61.16 11.91 34.86
NB BCL OH . 57.72 9.27 41.54
C1B BCL OH . 58.64 8.58 40.74
C2B BCL OH . 59.06 7.41 41.40
C3B BCL OH . 58.40 7.36 42.65
C4B BCL OH . 57.58 8.57 42.70
CMB BCL OH . 60.07 6.46 40.79
CAB BCL OH . 58.42 6.38 43.72
OBB BCL OH . 58.15 6.67 44.90
CBB BCL OH . 58.77 4.93 43.49
NC BCL OH . 55.43 10.75 42.68
C1C BCL OH . 55.71 9.96 43.75
C2C BCL OH . 54.83 10.20 44.92
C3C BCL OH . 54.09 11.48 44.53
C4C BCL OH . 54.37 11.57 43.04
CMC BCL OH . 53.92 9.02 45.21
CAC BCL OH . 54.55 12.70 45.38
CBC BCL OH . 53.69 13.94 45.20
ND BCL OH . 55.32 12.26 40.30
C1D BCL OH . 54.23 12.89 40.89
C2D BCL OH . 53.69 13.89 40.04
C3D BCL OH . 54.49 13.88 38.91
C4D BCL OH . 55.46 12.89 39.09
CMD BCL OH . 52.50 14.76 40.36
CAD BCL OH . 54.76 14.48 37.67
OBD BCL OH . 54.19 15.42 37.08
CBD BCL OH . 55.99 13.78 37.03
CGD BCL OH . 55.67 13.28 35.69
O1D BCL OH . 54.92 12.36 35.44
O2D BCL OH . 56.31 13.93 34.72
CED BCL OH . 56.19 13.39 33.38
C1 BCL OH . 61.63 10.97 33.87
C2 BCL OH . 62.58 10.10 34.65
C3 BCL OH . 62.65 8.80 34.62
C4 BCL OH . 61.86 7.89 33.69
C5 BCL OH . 63.53 8.04 35.58
C6 BCL OH . 63.27 8.38 37.05
C7 BCL OH . 64.56 8.47 37.86
C8 BCL OH . 64.96 7.13 38.50
C9 BCL OH . 64.46 7.08 39.96
C10 BCL OH . 66.48 6.91 38.45
C11 BCL OH . 67.06 6.03 37.34
C12 BCL OH . 66.52 6.32 35.93
C13 BCL OH . 67.12 5.45 34.82
C14 BCL OH . 68.36 6.10 34.21
C15 BCL OH . 66.05 5.20 33.72
C16 BCL OH . 66.33 4.06 32.73
C17 BCL OH . 67.02 4.47 31.41
C18 BCL OH . 67.58 3.33 30.57
C19 BCL OH . 68.80 2.84 31.35
C20 BCL OH . 67.97 3.74 29.15
C1B LMT PH . 68.21 8.30 57.51
C2B LMT PH . 69.17 9.51 57.31
C3B LMT PH . 70.46 9.05 56.59
C4B LMT PH . 71.09 7.85 57.32
C5B LMT PH . 70.00 6.78 57.52
C6B LMT PH . 70.59 5.57 58.27
O1B LMT PH . 67.75 7.79 56.30
O2B LMT PH . 68.53 10.51 56.61
O3B LMT PH . 71.34 10.10 56.44
O4' LMT PH . 72.13 7.32 56.58
O5B LMT PH . 68.87 7.28 58.21
O6B LMT PH . 69.64 4.59 58.40
C1' LMT PH . 64.82 7.53 53.50
C2' LMT PH . 65.87 8.59 53.17
C3' LMT PH . 67.07 8.48 54.15
C4' LMT PH . 66.63 8.38 55.63
C5' LMT PH . 65.40 7.45 55.75
C6' LMT PH . 64.77 7.43 57.12
O1' LMT PH . 63.74 7.68 52.67
O2' LMT PH . 66.34 8.37 51.90
O3' LMT PH . 67.91 9.53 54.00
O5' LMT PH . 64.39 7.78 54.82
O6' LMT PH . 65.55 6.63 57.92
C1 LMT PH . 63.40 6.54 51.90
C2 LMT PH . 62.93 7.02 50.55
C3 LMT PH . 62.69 5.95 49.53
C4 LMT PH . 62.47 6.56 48.15
C5 LMT PH . 62.59 5.50 47.08
C6 LMT PH . 62.29 6.05 45.71
C7 LMT PH . 62.81 5.19 44.59
C8 LMT PH . 64.23 5.47 44.24
C9 LMT PH . 64.70 4.62 43.09
C10 LMT PH . 66.13 4.94 42.76
C11 LMT PH . 66.62 4.09 41.62
C12 LMT PH . 68.07 4.33 41.31
C1B LMT QH . 65.69 13.02 58.13
C2B LMT QH . 66.83 13.72 58.90
C3B LMT QH . 67.83 12.70 59.48
C4B LMT QH . 67.08 11.58 60.27
C5B LMT QH . 65.96 11.03 59.39
C6B LMT QH . 65.18 9.97 60.16
O1B LMT QH . 66.19 12.42 56.96
O2B LMT QH . 67.47 14.57 58.03
O3B LMT QH . 68.80 13.30 60.24
O4' LMT QH . 67.95 10.56 60.59
O5B LMT QH . 65.08 12.04 58.93
O6B LMT QH . 63.94 9.76 59.58
C1' LMT QH . 65.64 12.22 52.86
C2' LMT QH . 66.58 13.36 53.33
C3' LMT QH . 66.96 13.16 54.82
C4' LMT QH . 65.72 12.92 55.71
C5' LMT QH . 64.88 11.81 55.01
C6' LMT QH . 63.65 11.40 55.78
O1' LMT QH . 65.21 12.43 51.57
O2' LMT QH . 67.71 13.34 52.58
O3' LMT QH . 67.67 14.22 55.29
O5' LMT QH . 64.51 12.20 53.71
O6' LMT QH . 63.13 10.32 55.13
C1 LMT QH . 64.67 11.29 50.92
C2 LMT QH . 64.04 11.73 49.62
C3 LMT QH . 63.31 10.66 48.84
C4 LMT QH . 62.79 11.20 47.52
C5 LMT QH . 62.33 10.07 46.63
C6 LMT QH . 61.98 10.49 45.23
C7 LMT QH . 61.92 9.28 44.32
C8 LMT QH . 61.61 9.69 42.91
C9 LMT QH . 62.64 10.55 42.26
C10 LMT QH . 62.17 10.89 40.87
C11 LMT QH . 63.16 11.78 40.17
C12 LMT QH . 62.63 12.30 38.87
C1B LMT RH . 59.80 3.51 58.04
C2B LMT RH . 58.61 4.12 58.82
C3B LMT RH . 58.78 5.63 58.97
C4B LMT RH . 60.17 5.98 59.56
C5B LMT RH . 61.24 5.28 58.71
C6B LMT RH . 62.61 5.55 59.29
O1B LMT RH . 59.73 3.86 56.68
O2B LMT RH . 57.47 3.82 58.14
O3B LMT RH . 57.76 6.19 59.71
O4' LMT RH . 60.38 7.34 59.54
O5B LMT RH . 61.03 3.89 58.59
O6B LMT RH . 63.57 4.79 58.65
C1' LMT RH . 61.01 2.41 53.01
C2' LMT RH . 61.06 1.39 54.17
C3' LMT RH . 60.19 1.90 55.34
C4' LMT RH . 60.66 3.29 55.79
C5' LMT RH . 60.70 4.17 54.50
C6' LMT RH . 61.08 5.60 54.76
O1' LMT RH . 61.78 1.95 51.97
O2' LMT RH . 60.56 0.20 53.72
O3' LMT RH . 60.26 1.01 56.37
O5' LMT RH . 61.56 3.62 53.51
O6' LMT RH . 62.35 5.58 55.30
C1 LMT RH . 61.94 2.83 50.87
C2 LMT RH . 61.58 2.05 49.62
C3 LMT RH . 60.14 2.10 49.24
C4 LMT RH . 59.81 1.19 48.07
C5 LMT RH . 60.43 1.59 46.76
C6 LMT RH . 59.91 0.70 45.67
C7 LMT RH . 60.77 0.66 44.43
C8 LMT RH . 60.62 1.89 43.60
C9 LMT RH . 61.41 1.81 42.32
C10 LMT RH . 61.11 3.00 41.46
C11 LMT RH . 61.68 2.86 40.08
C12 LMT RH . 63.09 3.36 40.00
C1B LMT SH . 73.82 -8.70 53.01
C2B LMT SH . 75.02 -7.72 52.96
C3B LMT SH . 76.20 -8.30 52.15
C4B LMT SH . 76.52 -9.75 52.61
C5B LMT SH . 75.21 -10.54 52.52
C6B LMT SH . 75.46 -12.01 52.88
O1B LMT SH . 73.09 -8.70 51.82
O2B LMT SH . 74.58 -6.56 52.38
O3B LMT SH . 77.31 -7.49 52.22
O4' LMT SH . 77.46 -10.33 51.79
O5B LMT SH . 74.22 -10.00 53.36
O6B LMT SH . 74.27 -12.66 53.07
C1' LMT SH . 69.13 -8.94 50.51
C2' LMT SH . 69.36 -8.18 51.83
C3' LMT SH . 70.86 -7.81 52.00
C4' LMT SH . 71.73 -9.08 51.88
C5' LMT SH . 71.32 -9.74 50.54
C6' LMT SH . 72.16 -10.94 50.18
O1' LMT SH . 67.82 -9.35 50.49
O2' LMT SH . 68.62 -7.03 51.84
O3' LMT SH . 71.07 -7.21 53.21
O5' LMT SH . 69.95 -10.10 50.53
O6' LMT SH . 71.46 -11.65 49.24
C1 LMT SH . 67.37 -10.18 49.43
C2 LMT SH . 67.08 -9.36 48.19
C3 LMT SH . 66.14 -10.05 47.23
C4 LMT SH . 65.83 -9.24 45.99
C5 LMT SH . 64.91 -10.05 45.12
C6 LMT SH . 64.52 -9.41 43.80
C7 LMT SH . 63.87 -10.45 42.92
C8 LMT SH . 63.50 -9.89 41.58
C9 LMT SH . 64.65 -9.40 40.76
C10 LMT SH . 64.13 -9.01 39.40
C11 LMT SH . 65.14 -8.22 38.63
C12 LMT SH . 64.60 -7.73 37.33
MG BCL TH . 59.15 -7.18 38.99
CHA BCL TH . 59.13 -5.07 36.29
CHB BCL TH . 60.92 -9.42 37.12
CHC BCL TH . 58.72 -9.50 41.42
CHD BCL TH . 56.65 -5.26 40.49
NA BCL TH . 59.87 -7.22 36.95
C1A BCL TH . 59.88 -6.17 36.04
C2A BCL TH . 60.90 -6.37 34.97
C3A BCL TH . 61.29 -7.86 35.14
C4A BCL TH . 60.71 -8.22 36.47
CMA BCL TH . 60.71 -8.75 34.05
CAA BCL TH . 62.11 -5.40 35.09
CBA BCL TH . 63.38 -5.87 34.36
CGA BCL TH . 63.10 -6.29 32.96
O1A BCL TH . 62.29 -5.86 32.23
O2A BCL TH . 64.08 -6.81 32.52
NB BCL TH . 59.71 -9.16 39.24
C1B BCL TH . 60.45 -9.93 38.34
C2B BCL TH . 60.65 -11.22 38.85
C3B BCL TH . 60.00 -11.29 40.10
C4B BCL TH . 59.45 -9.96 40.31
CMB BCL TH . 61.45 -12.27 38.10
CAB BCL TH . 59.80 -12.38 41.06
OBB BCL TH . 59.49 -12.19 42.23
CBB BCL TH . 59.97 -13.84 40.67
NC BCL TH . 57.83 -7.37 40.66
C1C BCL TH . 57.97 -8.33 41.62
C2C BCL TH . 57.12 -8.11 42.82
C3C BCL TH . 56.69 -6.64 42.64
C4C BCL TH . 57.02 -6.38 41.19
CMC BCL TH . 55.97 -9.09 42.92
CAC BCL TH . 57.41 -5.71 43.66
CBC BCL TH . 56.89 -4.28 43.68
ND BCL TH . 58.03 -5.57 38.50
C1D BCL TH . 57.15 -4.78 39.24
C2D BCL TH . 56.88 -3.56 38.58
C3D BCL TH . 57.63 -3.60 37.41
C4D BCL TH . 58.30 -4.82 37.40
CMD BCL TH . 55.98 -2.47 39.09
CAD BCL TH . 57.94 -2.95 36.19
OBD BCL TH . 57.52 -1.88 35.71
CBD BCL TH . 59.00 -3.80 35.44
CGD BCL TH . 58.60 -4.02 34.04
O1D BCL TH . 57.52 -4.42 33.67
O2D BCL TH . 59.56 -3.74 33.18
CED BCL TH . 59.32 -4.09 31.79
C1 BCL TH . 64.42 -7.96 31.82
C2 BCL TH . 64.46 -8.94 32.98
C3 BCL TH . 63.98 -10.14 32.95
C4 BCL TH . 63.31 -10.79 31.75
C5 BCL TH . 64.00 -11.01 34.20
C6 BCL TH . 65.34 -11.08 34.91
C7 BCL TH . 65.67 -12.56 35.17
C8 BCL TH . 66.47 -13.41 34.17
C9 BCL TH . 67.96 -13.00 34.14
C10 BCL TH . 65.90 -13.30 32.73
C11 BCL TH . 66.44 -14.09 31.57
C12 BCL TH . 65.58 -13.95 30.31
C13 BCL TH . 65.89 -15.02 29.25
C14 BCL TH . 65.18 -16.34 29.53
C15 BCL TH . 67.41 -15.28 29.19
C16 BCL TH . 67.89 -16.20 28.08
C17 BCL TH . 67.86 -15.56 26.69
C18 BCL TH . 68.61 -16.36 25.65
C19 BCL TH . 70.09 -16.36 26.06
C20 BCL TH . 68.47 -15.76 24.25
C1B LMT UH . 70.18 -13.09 53.08
C2B LMT UH . 71.04 -14.25 53.62
C3B LMT UH . 70.52 -14.74 54.99
C4B LMT UH . 70.33 -13.54 55.96
C5B LMT UH . 69.48 -12.49 55.24
C6B LMT UH . 69.21 -11.29 56.14
O1B LMT UH . 68.92 -13.56 52.69
O2B LMT UH . 71.00 -15.27 52.70
O3B LMT UH . 71.32 -15.72 55.52
O4' LMT UH . 69.70 -13.95 57.12
O5B LMT UH . 70.06 -12.08 54.02
O6B LMT UH . 68.40 -10.39 55.50
C1' LMT UH . 66.62 -14.18 49.34
C2' LMT UH . 68.13 -14.19 49.06
C3' LMT UH . 68.90 -14.29 50.40
C4' LMT UH . 68.45 -13.19 51.40
C5' LMT UH . 66.89 -13.22 51.43
C6' LMT UH . 66.27 -12.18 52.33
O1' LMT UH . 65.92 -14.05 48.16
O2' LMT UH . 68.43 -15.30 48.31
O3' LMT UH . 70.25 -14.19 50.18
O5' LMT UH . 66.34 -13.05 50.14
O6' LMT UH . 66.76 -12.39 53.58
C1 LMT UH . 64.52 -14.22 48.28
C2 LMT UH . 63.92 -13.66 47.01
C3 LMT UH . 64.05 -14.47 45.75
C4 LMT UH . 63.47 -13.65 44.62
C5 LMT UH . 63.29 -14.46 43.37
C6 LMT UH . 64.55 -14.62 42.57
C7 LMT UH . 64.22 -14.51 41.10
C8 LMT UH . 65.45 -14.28 40.25
C9 LMT UH . 66.40 -15.44 40.05
C10 LMT UH . 67.46 -15.47 41.13
C11 LMT UH . 68.54 -16.46 40.79
C12 LMT UH . 69.52 -16.62 41.91
C1B LMT VH . 62.34 -16.51 55.21
C2B LMT VH . 61.40 -16.01 56.33
C3B LMT VH . 61.57 -14.51 56.59
C4B LMT VH . 63.07 -14.15 56.77
C5B LMT VH . 63.83 -14.70 55.55
C6B LMT VH . 65.31 -14.37 55.69
O1B LMT VH . 61.88 -16.13 53.94
O2B LMT VH . 60.11 -16.29 55.95
O3B LMT VH . 60.81 -14.09 57.66
O4' LMT VH . 63.23 -12.78 56.83
O5B LMT VH . 63.66 -16.10 55.41
O6B LMT VH . 65.97 -14.68 54.53
C1' LMT VH . 61.65 -17.67 50.08
C2' LMT VH . 61.25 -18.64 51.22
C3' LMT VH . 60.95 -17.82 52.49
C4' LMT VH . 62.19 -16.99 52.86
C5' LMT VH . 62.53 -16.15 51.61
C6' LMT VH . 63.65 -15.18 51.81
O1' LMT VH . 61.94 -18.37 48.93
O2' LMT VH . 60.12 -19.32 50.85
O3' LMT VH . 60.60 -18.63 53.53
O5' LMT VH . 62.82 -16.97 50.49
O6' LMT VH . 64.72 -15.91 52.23
C1 LMT VH . 62.60 -17.66 47.90
C2 LMT VH . 62.06 -18.19 46.58
C3 LMT VH . 60.72 -17.66 46.18
C4 LMT VH . 60.13 -18.39 45.00
C5 LMT VH . 60.66 -17.98 43.66
C6 LMT VH . 59.82 -18.61 42.58
C7 LMT VH . 60.49 -18.75 41.23
C8 LMT VH . 60.66 -17.44 40.55
C9 LMT VH . 61.34 -17.58 39.21
C10 LMT VH . 61.34 -16.26 38.48
C11 LMT VH . 61.99 -16.36 37.14
C12 LMT VH . 63.48 -16.37 37.23
C1 V7N WH . 49.41 -27.43 30.59
C10 V7N WH . 58.07 -25.31 25.64
C11 V7N WH . 59.13 -25.09 24.73
C12 V7N WH . 60.02 -24.01 24.86
C13 V7N WH . 61.09 -23.70 23.99
C14 V7N WH . 61.82 -22.50 24.20
C15 V7N WH . 62.86 -22.05 23.37
C16 V7N WH . 63.49 -20.79 23.54
C17 V7N WH . 64.49 -20.33 22.66
C18 V7N WH . 65.03 -19.02 22.65
C19 V7N WH . 65.99 -18.69 21.66
C2 V7N WH . 50.90 -27.40 30.97
C20 V7N WH . 66.59 -17.44 21.46
C21 V7N WH . 67.54 -17.22 20.43
C22 V7N WH . 68.17 -16.01 20.16
C23 V7N WH . 69.15 -15.89 19.05
C24 V7N WH . 68.53 -15.30 17.79
C25 V7N WH . 69.48 -15.17 16.65
C26 V7N WH . 70.48 -14.26 16.57
C27 V7N WH . 71.40 -14.21 15.39
C28 V7N WH . 71.00 -15.08 14.21
C29 V7N WH . 72.00 -14.94 13.13
C3 V7N WH . 51.83 -27.24 29.82
C30 V7N WH . 49.11 -26.23 29.71
C31 V7N WH . 49.05 -28.72 29.87
C33 V7N WH . 53.33 -29.53 27.21
C34 V7N WH . 57.36 -27.61 24.88
C35 V7N WH . 61.47 -24.59 22.86
C36 V7N WH . 64.56 -18.03 23.66
C37 V7N WH . 67.91 -14.78 20.94
C38 V7N WH . 70.75 -13.24 17.61
C39 V7N WH . 71.79 -14.46 11.90
C4 V7N WH . 52.39 -28.31 29.20
C40 V7N WH . 72.91 -14.39 10.94
C41 V7N WH . 48.85 -26.14 32.57
C43 V7N WH . 70.48 -13.97 11.41
C5 V7N WH . 53.30 -28.35 28.09
C6 V7N WH . 54.18 -27.29 27.85
C7 V7N WH . 55.12 -27.30 26.80
C8 V7N WH . 56.21 -26.43 26.74
C9 V7N WH . 57.21 -26.43 25.75
O32 V7N WH . 48.70 -27.34 31.84
O42 V7N WH . 58.23 -27.82 24.03
O44 V7N WH . 72.67 -13.81 9.75
O45 V7N WH . 74.06 -14.82 11.11
C1B LMT XH . 67.34 -31.86 51.22
C2B LMT XH . 68.65 -31.22 51.75
C3B LMT XH . 69.84 -32.17 51.50
C4B LMT XH . 69.55 -33.57 52.08
C5B LMT XH . 68.18 -34.03 51.56
C6B LMT XH . 67.83 -35.40 52.13
O1B LMT XH . 67.36 -32.03 49.83
O2B LMT XH . 68.85 -30.00 51.16
O3B LMT XH . 71.01 -31.64 51.99
O4' LMT XH . 70.53 -34.47 51.70
O5B LMT XH . 67.14 -33.10 51.82
O6B LMT XH . 68.72 -36.35 51.71
C1' LMT XH . 66.34 -30.69 46.13
C2' LMT XH . 67.71 -30.20 46.59
C3' LMT XH . 68.13 -30.95 47.88
C4' LMT XH . 67.03 -30.95 48.97
C5' LMT XH . 65.66 -31.22 48.28
C6' LMT XH . 64.49 -31.12 49.22
O1' LMT XH . 65.94 -30.05 44.98
O2' LMT XH . 68.63 -30.48 45.60
O3' LMT XH . 69.28 -30.42 48.39
O5' LMT XH . 65.43 -30.37 47.18
O6' LMT XH . 63.37 -31.45 48.50
C1 LMT XH . 64.91 -30.72 44.25
C2 LMT XH . 64.50 -29.83 43.09
C3 LMT XH . 63.40 -30.39 42.23
C4 LMT XH . 63.09 -29.46 41.07
C5 LMT XH . 61.98 -30.03 40.25
C6 LMT XH . 61.67 -29.25 38.99
C7 LMT XH . 60.81 -30.07 38.07
C8 LMT XH . 60.51 -29.33 36.80
C9 LMT XH . 61.72 -28.95 36.00
C10 LMT XH . 61.27 -28.23 34.75
C11 LMT XH . 62.44 -27.65 34.02
C12 LMT XH . 62.01 -26.77 32.89
C1B LMT YH . 66.37 -35.62 48.20
C2B LMT YH . 67.84 -35.89 47.84
C3B LMT YH . 68.08 -37.41 47.63
C4B LMT YH . 67.51 -38.23 48.81
C5B LMT YH . 66.07 -37.76 49.09
C6B LMT YH . 65.49 -38.52 50.28
O1B LMT YH . 65.55 -35.95 47.12
O2B LMT YH . 68.15 -35.18 46.71
O3B LMT YH . 69.41 -37.68 47.40
O4' LMT YH . 67.50 -39.58 48.49
O5B LMT YH . 66.01 -36.37 49.32
O6B LMT YH . 64.22 -38.07 50.55
C1' LMT YH . 62.87 -34.80 44.30
C2' LMT YH . 64.31 -34.33 44.01
C3' LMT YH . 65.29 -35.05 44.96
C4' LMT YH . 64.86 -34.92 46.44
C5' LMT YH . 63.33 -35.18 46.55
C6' LMT YH . 62.77 -34.94 47.92
O1' LMT YH . 62.02 -34.16 43.43
O2' LMT YH . 64.62 -34.64 42.72
O3' LMT YH . 66.55 -34.56 44.80
O5' LMT YH . 62.58 -34.40 45.63
O6' LMT YH . 63.23 -35.95 48.73
C1 LMT YH . 60.74 -34.73 43.28
C2 LMT YH . 60.15 -34.01 42.08
C3 LMT YH . 60.87 -34.17 40.78
C4 LMT YH . 60.06 -33.52 39.68
C5 LMT YH . 60.59 -33.89 38.32
C6 LMT YH . 59.66 -33.46 37.23
C7 LMT YH . 59.98 -34.08 35.89
C8 LMT YH . 61.31 -33.66 35.35
C9 LMT YH . 61.67 -34.42 34.10
C10 LMT YH . 63.00 -33.93 33.56
C11 LMT YH . 63.54 -34.90 32.55
C12 LMT YH . 64.80 -34.41 31.92
MG BCL ZH . 56.99 -25.34 34.86
CHA BCL ZH . 57.41 -22.95 32.42
CHB BCL ZH . 58.09 -27.67 32.63
CHC BCL ZH . 56.10 -27.75 37.03
CHD BCL ZH . 55.04 -23.07 36.68
NA BCL ZH . 57.63 -25.28 32.78
C1A BCL ZH . 57.85 -24.17 32.01
C2A BCL ZH . 58.73 -24.48 30.82
C3A BCL ZH . 58.74 -26.02 30.81
C4A BCL ZH . 58.15 -26.39 32.13
CMA BCL ZH . 57.91 -26.59 29.67
CAA BCL ZH . 60.13 -23.87 30.97
CBA BCL ZH . 61.27 -24.37 30.06
CGA BCL ZH . 60.86 -24.52 28.63
O1A BCL ZH . 60.31 -23.67 28.02
O2A BCL ZH . 61.14 -25.67 27.99
NB BCL ZH . 57.06 -27.39 34.84
C1B BCL ZH . 57.56 -28.19 33.82
C2B BCL ZH . 57.46 -29.54 34.16
C3B BCL ZH . 56.86 -29.62 35.43
C4B BCL ZH . 56.66 -28.24 35.83
CMB BCL ZH . 57.95 -30.64 33.25
CAB BCL ZH . 56.47 -30.75 36.27
OBB BCL ZH . 56.31 -30.66 37.49
CBB BCL ZH . 56.19 -32.12 35.68
NC BCL ZH . 55.71 -25.40 36.57
C1C BCL ZH . 55.62 -26.49 37.39
C2C BCL ZH . 54.93 -26.20 38.67
C3C BCL ZH . 54.83 -24.67 38.67
C4C BCL ZH . 55.14 -24.34 37.23
CMC BCL ZH . 53.60 -26.91 38.80
CAC BCL ZH . 55.78 -24.03 39.72
CBC BCL ZH . 55.51 -22.56 39.99
ND BCL ZH . 56.29 -23.45 34.62
C1D BCL ZH . 55.59 -22.58 35.46
C2D BCL ZH . 55.55 -21.27 34.93
C3D BCL ZH . 56.25 -21.34 33.74
C4D BCL ZH . 56.68 -22.65 33.58
CMD BCL ZH . 54.87 -20.09 35.57
CAD BCL ZH . 56.72 -20.62 32.61
OBD BCL ZH . 56.57 -19.43 32.29
CBD BCL ZH . 57.55 -21.59 31.73
CGD BCL ZH . 57.10 -21.56 30.33
O1D BCL ZH . 55.95 -21.78 29.97
O2D BCL ZH . 58.05 -21.27 29.46
CED BCL ZH . 57.71 -21.36 28.05
C1 BCL ZH . 61.80 -26.77 28.67
C2 BCL ZH . 61.62 -27.99 27.76
C3 BCL ZH . 61.59 -29.24 28.18
C4 BCL ZH . 61.76 -29.67 29.63
C5 BCL ZH . 61.38 -30.40 27.20
C6 BCL ZH . 61.96 -30.21 25.79
C7 BCL ZH . 62.25 -31.52 25.04
C8 BCL ZH . 61.19 -32.03 24.04
C9 BCL ZH . 59.79 -32.18 24.68
C10 BCL ZH . 61.61 -33.39 23.43
C11 BCL ZH . 62.89 -33.40 22.62
C12 BCL ZH . 63.12 -34.73 21.88
C13 BCL ZH . 64.50 -34.92 21.21
C14 BCL ZH . 65.66 -34.76 22.21
C15 BCL ZH . 64.73 -33.93 20.04
C16 BCL ZH . 66.00 -34.23 19.22
C17 BCL ZH . 66.04 -33.75 17.77
C18 BCL ZH . 67.08 -34.45 16.90
C19 BCL ZH . 68.47 -33.97 17.38
C20 BCL ZH . 66.94 -34.19 15.40
C1 V7N AI . 42.96 -41.85 24.88
C10 V7N AI . 51.86 -40.82 19.41
C11 V7N AI . 52.92 -40.76 18.51
C12 V7N AI . 53.88 -39.75 18.63
C13 V7N AI . 54.98 -39.51 17.79
C14 V7N AI . 55.90 -38.50 18.14
C15 V7N AI . 57.00 -38.13 17.34
C16 V7N AI . 57.81 -37.03 17.62
C17 V7N AI . 58.86 -36.65 16.77
C18 V7N AI . 59.72 -35.55 16.94
C19 V7N AI . 60.68 -35.31 15.93
C2 V7N AI . 44.29 -42.59 25.12
C20 V7N AI . 61.54 -34.23 15.82
C21 V7N AI . 62.43 -34.11 14.71
C22 V7N AI . 63.31 -33.07 14.49
C23 V7N AI . 64.16 -33.08 13.27
C24 V7N AI . 63.51 -32.27 12.16
C25 V7N AI . 64.10 -32.46 10.80
C26 V7N AI . 65.30 -32.04 10.37
C27 V7N AI . 65.74 -32.32 8.97
C28 V7N AI . 66.96 -31.53 8.54
C29 V7N AI . 67.38 -31.76 7.13
C3 V7N AI . 44.99 -43.07 23.91
C30 V7N AI . 43.20 -40.56 24.11
C31 V7N AI . 42.00 -42.73 24.10
C33 V7N AI . 46.26 -43.90 21.28
C34 V7N AI . 50.55 -42.73 18.39
C35 V7N AI . 55.19 -40.29 16.55
C36 V7N AI . 59.61 -34.70 18.15
C37 V7N AI . 63.44 -31.92 15.41
C38 V7N AI . 66.24 -31.26 11.21
C39 V7N AI . 66.77 -31.24 6.05
C4 V7N AI . 45.99 -42.38 23.29
C40 V7N AI . 67.28 -31.53 4.69
C41 V7N AI . 43.26 -40.80 27.05
C43 V7N AI . 65.58 -30.36 6.10
C5 V7N AI . 46.72 -42.79 22.15
C6 V7N AI . 47.92 -42.13 21.86
C7 V7N AI . 48.78 -42.41 20.80
C8 V7N AI . 49.79 -41.52 20.44
C9 V7N AI . 50.73 -41.68 19.42
O32 V7N AI . 42.45 -41.58 26.20
O42 V7N AI . 51.33 -43.05 17.50
O44 V7N AI . 68.42 -32.22 4.61
O45 V7N AI . 66.75 -31.19 3.62
C1B LMT BI . 56.74 -37.13 50.14
C2B LMT BI . 55.91 -36.37 51.20
C3B LMT BI . 56.47 -34.95 51.45
C4B LMT BI . 57.99 -35.01 51.73
C5B LMT BI . 58.65 -35.80 50.59
C6B LMT BI . 60.16 -35.89 50.81
O1B LMT BI . 56.48 -36.62 48.86
O2B LMT BI . 54.61 -36.31 50.75
O3B LMT BI . 55.77 -34.30 52.42
O4' LMT BI . 58.52 -33.75 51.80
O5B LMT BI . 58.11 -37.09 50.44
O6B LMT BI . 60.70 -36.85 50.00
C1' LMT BI . 56.80 -37.69 44.88
C2' LMT BI . 56.80 -38.87 45.85
C3' LMT BI . 56.30 -38.41 47.25
C4' LMT BI . 57.14 -37.21 47.75
C5' LMT BI . 57.15 -36.17 46.59
C6' LMT BI . 57.89 -34.90 46.94
O1' LMT BI . 57.28 -38.05 43.65
O2' LMT BI . 55.94 -39.84 45.38
O3' LMT BI . 56.38 -39.45 48.13
O5' LMT BI . 57.68 -36.71 45.41
O6' LMT BI . 59.21 -35.25 47.03
C1 LMT BI . 57.08 -37.09 42.63
C2 LMT BI . 57.85 -37.58 41.44
C3 LMT BI . 57.75 -36.77 40.17
C4 LMT BI . 56.40 -36.96 39.52
C5 LMT BI . 56.43 -36.40 38.12
C6 LMT BI . 55.16 -36.65 37.38
C7 LMT BI . 55.39 -36.86 35.90
C8 LMT BI . 56.03 -35.65 35.28
C9 LMT BI . 56.63 -35.93 33.93
C10 LMT BI . 57.03 -34.64 33.27
C11 LMT BI . 57.84 -34.89 32.04
C12 LMT BI . 58.48 -33.67 31.49
C1B LMT CI . 61.57 -52.66 41.54
C2B LMT CI . 62.80 -52.28 42.38
C3B LMT CI . 64.09 -52.80 41.72
C4B LMT CI . 63.98 -54.32 41.43
C5B LMT CI . 62.67 -54.56 40.65
C6B LMT CI . 62.50 -56.06 40.39
O1B LMT CI . 61.56 -51.95 40.34
O2B LMT CI . 62.81 -50.91 42.49
O3B LMT CI . 65.19 -52.50 42.47
O4' LMT CI . 65.05 -54.74 40.66
O5B LMT CI . 61.53 -54.05 41.30
O6B LMT CI . 61.33 -56.29 39.70
C1' LMT CI . 59.00 -50.09 37.71
C2' LMT CI . 58.39 -50.30 39.11
C3' LMT CI . 59.49 -50.72 40.12
C4' LMT CI . 60.36 -51.88 39.58
C5' LMT CI . 60.73 -51.56 38.12
C6' LMT CI . 61.59 -52.61 37.47
O1' LMT CI . 58.03 -49.71 36.80
O2' LMT CI . 57.82 -49.14 39.53
O3' LMT CI . 58.92 -51.06 41.31
O5' LMT CI . 59.60 -51.31 37.31
O6' LMT CI . 61.80 -52.23 36.17
C1 LMT CI . 58.52 -49.10 35.61
C2 LMT CI . 57.38 -49.07 34.60
C3 LMT CI . 56.25 -48.15 34.94
C4 LMT CI . 55.16 -48.14 33.87
C5 LMT CI . 55.66 -47.72 32.52
C6 LMT CI . 54.53 -47.36 31.58
C7 LMT CI . 55.04 -47.20 30.17
C8 LMT CI . 54.04 -46.46 29.33
C9 LMT CI . 54.53 -46.02 27.99
C10 LMT CI . 55.74 -45.14 28.15
C11 LMT CI . 55.71 -43.96 27.25
C12 LMT CI . 56.01 -44.32 25.83
C1B LMT DI . 49.58 -55.34 42.01
C2B LMT DI . 48.61 -55.01 43.16
C3B LMT DI . 49.02 -53.70 43.87
C4B LMT DI . 50.51 -53.77 44.28
C5B LMT DI . 51.34 -54.13 43.04
C6B LMT DI . 52.81 -54.24 43.41
O1B LMT DI . 49.39 -54.48 40.92
O2B LMT DI . 47.36 -54.91 42.63
O3B LMT DI . 48.19 -53.42 44.93
O4' LMT DI . 50.93 -52.55 44.76
O5B LMT DI . 50.91 -55.33 42.43
O6B LMT DI . 53.53 -54.78 42.37
C1' LMT DI . 48.85 -54.97 36.77
C2' LMT DI . 48.15 -55.98 37.71
C3' LMT DI . 48.05 -55.41 39.15
C4' LMT DI . 49.46 -55.05 39.63
C5' LMT DI . 49.96 -54.01 38.60
C6' LMT DI . 51.24 -53.31 38.99
O1' LMT DI . 49.07 -55.57 35.56
O2' LMT DI . 46.90 -56.25 37.25
O3' LMT DI . 47.47 -56.32 39.98
O5' LMT DI . 50.11 -54.60 37.33
O6' LMT DI . 52.24 -54.23 38.83
C1 LMT DI . 49.94 -54.93 34.63
C2 LMT DI . 49.11 -54.66 33.39
C3 LMT DI . 48.20 -53.48 33.45
C4 LMT DI . 47.26 -53.43 32.25
C5 LMT DI . 47.89 -53.09 30.94
C6 LMT DI . 46.82 -52.97 29.90
C7 LMT DI . 47.29 -53.08 28.48
C8 LMT DI . 48.12 -51.91 28.05
C9 LMT DI . 48.59 -52.05 26.63
C10 LMT DI . 49.39 -50.84 26.22
C11 LMT DI . 49.98 -51.06 24.85
C12 LMT DI . 50.80 -49.91 24.38
MG BCL EI . 50.98 -41.87 28.77
CHA BCL EI . 51.74 -39.35 26.56
CHB BCL EI . 51.56 -44.10 26.25
CHC BCL EI . 49.69 -44.31 30.70
CHD BCL EI . 49.60 -39.51 30.94
NA BCL EI . 51.53 -41.70 26.68
C1A BCL EI . 51.93 -40.57 26.00
C2A BCL EI . 52.75 -40.90 24.81
C3A BCL EI . 52.39 -42.38 24.56
C4A BCL EI . 51.84 -42.80 25.88
CMA BCL EI . 51.37 -42.55 23.45
CAA BCL EI . 54.24 -40.70 25.07
CBA BCL EI . 54.97 -39.99 23.93
CGA BCL EI . 54.78 -40.62 22.59
O1A BCL EI . 54.23 -40.11 21.68
O2A BCL EI . 55.23 -41.81 22.57
NB BCL EI . 50.64 -43.89 28.52
C1B BCL EI . 50.97 -44.65 27.39
C2B BCL EI . 50.63 -45.99 27.61
C3B BCL EI . 50.07 -46.10 28.89
C4B BCL EI . 50.12 -44.75 29.44
CMB BCL EI . 50.88 -47.06 26.55
CAB BCL EI . 49.50 -47.23 29.62
OBB BCL EI . 49.32 -47.21 30.86
CBB BCL EI . 49.06 -48.50 28.94
NC BCL EI . 49.77 -41.89 30.53
C1C BCL EI . 49.50 -43.03 31.23
C2C BCL EI . 48.91 -42.76 32.56
C3C BCL EI . 49.14 -41.26 32.75
C4C BCL EI . 49.48 -40.82 31.33
CMC BCL EI . 47.45 -43.18 32.66
CAC BCL EI . 50.22 -40.95 33.81
CBC BCL EI . 50.33 -39.50 34.21
ND BCL EI . 50.64 -39.87 28.76
C1D BCL EI . 50.18 -38.99 29.74
C2D BCL EI . 50.39 -37.64 29.36
C3D BCL EI . 51.00 -37.71 28.11
C4D BCL EI . 51.13 -39.05 27.79
CMD BCL EI . 50.01 -36.43 30.17
CAD BCL EI . 51.59 -36.97 27.06
OBD BCL EI . 51.72 -35.74 26.90
CBD BCL EI . 52.13 -37.97 26.01
CGD BCL EI . 51.61 -37.69 24.67
O1D BCL EI . 50.45 -37.83 24.33
O2D BCL EI . 52.52 -37.26 23.82
CED BCL EI . 52.12 -37.08 22.44
C1 BCL EI . 55.08 -42.60 21.36
C2 BCL EI . 55.40 -44.00 21.81
C3 BCL EI . 54.74 -45.09 21.53
C4 BCL EI . 53.53 -45.16 20.59
C5 BCL EI . 55.08 -46.40 22.20
C6 BCL EI . 54.03 -46.85 23.20
C7 BCL EI . 54.58 -47.59 24.40
C8 BCL EI . 55.49 -48.79 24.14
C9 BCL EI . 54.75 -49.85 23.31
C10 BCL EI . 55.98 -49.37 25.48
C11 BCL EI . 57.09 -48.60 26.18
C12 BCL EI . 58.43 -48.67 25.45
C13 BCL EI . 59.05 -50.08 25.48
C14 BCL EI . 60.21 -50.19 26.48
C15 BCL EI . 59.55 -50.50 24.09
C16 BCL EI . 58.50 -50.74 23.02
C17 BCL EI . 58.99 -51.27 21.66
C18 BCL EI . 57.87 -51.42 20.65
C19 BCL EI . 58.48 -52.16 19.43
C20 BCL EI . 57.26 -50.09 20.20
C1 V7N FI . 33.48 -53.49 17.63
C10 V7N FI . 42.19 -54.09 11.81
C11 V7N FI . 43.22 -54.17 10.86
C12 V7N FI . 44.39 -53.42 11.02
C13 V7N FI . 45.51 -53.32 10.16
C14 V7N FI . 46.67 -52.66 10.60
C15 V7N FI . 47.79 -52.44 9.79
C16 V7N FI . 48.86 -51.60 10.16
C17 V7N FI . 49.94 -51.34 9.31
C18 V7N FI . 51.01 -50.46 9.57
C19 V7N FI . 52.00 -50.28 8.58
C2 V7N FI . 34.62 -54.52 17.72
C20 V7N FI . 53.06 -49.37 8.63
C21 V7N FI . 54.01 -49.21 7.58
C22 V7N FI . 55.11 -48.39 7.66
C23 V7N FI . 56.08 -48.26 6.54
C24 V7N FI . 55.94 -46.98 5.74
C25 V7N FI . 56.94 -46.93 4.64
C26 V7N FI . 56.77 -47.44 3.41
C27 V7N FI . 57.85 -47.37 2.38
C28 V7N FI . 57.61 -46.36 1.27
C29 V7N FI . 58.53 -46.63 0.13
C3 V7N FI . 35.15 -55.03 16.44
C30 V7N FI . 34.01 -52.16 17.07
C31 V7N FI . 32.37 -54.01 16.73
C33 V7N FI . 35.97 -55.77 13.59
C34 V7N FI . 40.43 -55.50 10.66
C35 V7N FI . 45.46 -53.86 8.78
C36 V7N FI . 51.08 -49.75 10.87
C37 V7N FI . 55.39 -47.58 8.86
C38 V7N FI . 55.52 -48.12 3.00
C39 V7N FI . 58.40 -46.09 -1.09
C4 V7N FI . 36.18 -54.46 15.76
C40 V7N FI . 59.35 -46.42 -2.16
C41 V7N FI . 33.97 -52.83 19.91
C43 V7N FI . 57.34 -45.13 -1.45
C5 V7N FI . 36.74 -54.94 14.54
C6 V7N FI . 38.08 -54.61 14.27
C7 V7N FI . 38.82 -54.99 13.14
C8 V7N FI . 40.03 -54.37 12.85
C9 V7N FI . 40.90 -54.65 11.77
O32 V7N FI . 33.03 -53.31 18.98
O42 V7N FI . 41.13 -56.00 9.78
O44 V7N FI . 60.40 -47.19 -1.82
O45 V7N FI . 59.29 -46.09 -3.35
C1B LMT GI . 57.93 -54.27 42.21
C2B LMT GI . 58.64 -55.63 42.50
C3B LMT GI . 57.75 -56.55 43.38
C4B LMT GI . 57.24 -55.79 44.62
C5B LMT GI . 56.59 -54.47 44.14
C6B LMT GI . 56.05 -53.69 45.33
O1B LMT GI . 56.88 -54.44 41.32
O2B LMT GI . 58.90 -56.23 41.29
O3B LMT GI . 58.42 -57.70 43.72
O4' LMT GI . 56.29 -56.53 45.29
O5B LMT GI . 57.49 -53.68 43.39
O6B LMT GI . 55.44 -52.54 44.90
C1' LMT GI . 55.71 -53.25 37.45
C2' LMT GI . 56.99 -54.09 37.56
C3' LMT GI . 57.11 -54.77 38.96
C4' LMT GI . 56.95 -53.74 40.08
C5' LMT GI . 55.61 -53.01 39.80
C6' LMT GI . 55.21 -52.00 40.83
O1' LMT GI . 55.83 -52.42 36.36
O2' LMT GI . 56.96 -55.08 36.59
O3' LMT GI . 58.32 -55.39 39.09
O5' LMT GI . 55.66 -52.35 38.55
O6' LMT GI . 55.11 -52.64 42.03
C1 LMT GI . 54.78 -51.50 36.13
C2 LMT GI . 53.68 -52.19 35.37
C3 LMT GI . 53.19 -51.40 34.18
C4 LMT GI . 52.11 -52.15 33.43
C5 LMT GI . 51.71 -51.38 32.20
C6 LMT GI . 52.68 -51.45 31.06
C7 LMT GI . 52.20 -50.58 29.93
C8 LMT GI . 53.08 -50.69 28.73
C9 LMT GI . 52.98 -52.01 28.03
C10 LMT GI . 53.63 -51.92 26.68
C11 LMT GI . 53.46 -53.20 25.92
C12 LMT GI . 53.98 -53.13 24.52
MG BCL HI . 41.52 -55.85 20.99
CHA BCL HI . 42.92 -53.33 19.13
CHB BCL HI . 41.35 -57.73 18.14
CHC BCL HI . 39.74 -58.16 22.67
CHD BCL HI . 40.75 -53.53 23.50
NA BCL HI . 42.04 -55.52 18.91
C1A BCL HI . 42.73 -54.45 18.37
C2A BCL HI . 43.38 -54.80 17.08
C3A BCL HI . 42.65 -56.09 16.67
C4A BCL HI . 41.97 -56.51 17.94
CMA BCL HI . 41.64 -55.85 15.56
CAA BCL HI . 44.89 -55.02 17.26
CBA BCL HI . 45.76 -54.50 16.12
CGA BCL HI . 45.52 -55.10 14.78
O1A BCL HI . 45.39 -54.48 13.79
O2A BCL HI . 45.41 -56.39 14.82
NB BCL HI . 40.66 -57.66 20.49
C1B BCL HI . 40.70 -58.28 19.24
C2B BCL HI . 40.01 -59.51 19.29
C3B BCL HI . 39.51 -59.67 20.59
C4B BCL HI . 39.96 -58.49 21.31
CMB BCL HI . 39.91 -60.42 18.07
CAB BCL HI . 38.69 -60.71 21.22
OBB BCL HI . 38.59 -60.84 22.44
CBB BCL HI . 37.91 -61.72 20.40
NC BCL HI . 40.37 -55.82 22.79
C1C BCL HI . 39.86 -56.95 23.36
C2C BCL HI . 39.31 -56.73 24.72
C3C BCL HI . 39.90 -55.35 25.09
C4C BCL HI . 40.34 -54.83 23.74
CMC BCL HI . 37.80 -56.79 24.76
CAC BCL HI . 41.01 -55.46 26.17
CBC BCL HI . 41.52 -54.13 26.68
ND BCL HI . 41.69 -53.85 21.26
C1D BCL HI . 41.48 -53.03 22.38
C2D BCL HI . 42.05 -51.75 22.19
C3D BCL HI . 42.64 -51.80 20.94
C4D BCL HI . 42.41 -53.07 20.41
CMD BCL HI . 42.00 -50.61 23.17
CAD BCL HI . 43.35 -51.08 19.94
OBD BCL HI . 43.72 -49.89 19.92
CBD BCL HI . 43.62 -52.03 18.75
CGD BCL HI . 43.15 -51.44 17.49
O1D BCL HI . 42.02 -51.04 17.28
O2D BCL HI . 44.07 -51.36 16.55
CED BCL HI . 43.65 -50.95 15.23
C1 BCL HI . 45.07 -57.04 13.55
C2 BCL HI . 44.46 -58.38 13.96
C3 BCL HI . 43.34 -58.88 13.52
C4 BCL HI . 42.45 -58.25 12.47
C5 BCL HI . 42.81 -60.18 14.12
C6 BCL HI . 43.82 -61.31 14.20
C7 BCL HI . 43.18 -62.69 14.07
C8 BCL HI . 43.76 -63.65 13.01
C9 BCL HI . 45.12 -64.19 13.48
C10 BCL HI . 43.91 -63.02 11.60
C11 BCL HI . 42.78 -62.14 11.04
C12 BCL HI . 42.81 -62.00 9.52
C13 BCL HI . 41.72 -61.07 8.96
C14 BCL HI . 40.31 -61.59 9.21
C15 BCL HI . 41.92 -60.88 7.44
C16 BCL HI . 42.08 -62.13 6.58
C17 BCL HI . 42.32 -61.86 5.09
C18 BCL HI . 43.38 -62.77 4.50
C19 BCL HI . 43.62 -62.29 3.06
C20 BCL HI . 42.99 -64.26 4.51
C1B LMT II . 45.90 -71.59 30.53
C2B LMT II . 47.36 -71.84 30.07
C3B LMT II . 47.59 -73.31 29.65
C4B LMT II . 46.99 -74.29 30.69
C5B LMT II . 45.54 -73.88 30.94
C6B LMT II . 44.88 -74.85 31.90
O1B LMT II . 45.02 -71.50 29.45
O2B LMT II . 47.61 -70.99 29.02
O3B LMT II . 48.93 -73.55 29.42
O4' LMT II . 47.04 -75.59 30.21
O5B LMT II . 45.46 -72.57 31.44
O6B LMT II . 43.58 -74.45 32.15
C1' LMT II . 42.32 -68.82 27.72
C2' LMT II . 43.78 -68.71 27.23
C3' LMT II . 44.55 -70.00 27.64
C4' LMT II . 44.47 -70.23 29.15
C5' LMT II . 42.95 -70.21 29.51
C6' LMT II . 42.64 -70.43 30.97
O1' LMT II . 41.63 -67.66 27.50
O2' LMT II . 43.79 -68.58 25.87
O3' LMT II . 45.85 -69.93 27.25
O5' LMT II . 42.36 -68.99 29.14
O6' LMT II . 42.73 -71.78 31.20
C1 LMT II . 40.39 -67.80 26.83
C2 LMT II . 40.59 -67.52 25.36
C3 LMT II . 41.07 -66.14 25.02
C4 LMT II . 41.24 -65.95 23.52
C5 LMT II . 39.93 -66.01 22.80
C6 LMT II . 39.90 -65.15 21.57
C7 LMT II . 40.85 -65.62 20.50
C8 LMT II . 40.81 -64.64 19.36
C9 LMT II . 41.47 -65.09 18.08
C10 LMT II . 40.52 -65.98 17.33
C11 LMT II . 41.07 -66.34 15.97
C12 LMT II . 40.00 -66.84 15.05
C1B LMT JI . 49.00 -68.62 33.11
C2B LMT JI . 50.25 -69.43 33.52
C3B LMT JI . 49.95 -70.93 33.46
C4B LMT JI . 48.67 -71.28 34.26
C5B LMT JI . 47.54 -70.32 33.82
C6B LMT JI . 46.30 -70.59 34.66
O1B LMT JI . 48.70 -68.88 31.77
O2B LMT JI . 51.27 -69.08 32.66
O3B LMT JI . 51.04 -71.68 33.88
O4' LMT JI . 48.29 -72.58 34.01
O5B LMT JI . 47.92 -68.96 33.92
O6B LMT JI . 45.25 -69.81 34.23
C1' LMT JI . 47.59 -66.89 28.27
C2' LMT JI . 49.11 -66.94 28.57
C3' LMT JI . 49.43 -67.96 29.69
C4' LMT JI . 48.52 -67.77 30.91
C5' LMT JI . 47.08 -67.79 30.36
C6' LMT JI . 46.00 -67.78 31.41
O1' LMT JI . 47.29 -65.80 27.48
O2' LMT JI . 49.76 -67.33 27.42
O3' LMT JI . 50.74 -67.85 30.08
O5' LMT JI . 46.88 -66.69 29.49
O6' LMT JI . 44.83 -67.44 30.77
C1 LMT JI . 45.96 -65.77 27.00
C2 LMT JI . 45.81 -64.46 26.27
C3 LMT JI . 44.52 -64.26 25.53
C4 LMT JI . 44.57 -62.94 24.76
C5 LMT JI . 43.54 -62.93 23.67
C6 LMT JI . 43.75 -61.80 22.70
C7 LMT JI . 42.91 -62.03 21.47
C8 LMT JI . 43.03 -60.85 20.55
C9 LMT JI . 44.39 -60.60 19.99
C10 LMT JI . 44.24 -59.53 18.93
C11 LMT JI . 45.48 -59.33 18.12
C12 LMT JI . 46.56 -58.66 18.92
C1 V7N KI . 20.94 -61.10 9.55
C10 V7N KI . 28.97 -62.93 3.52
C11 V7N KI . 29.89 -63.10 2.48
C12 V7N KI . 31.24 -62.71 2.61
C13 V7N KI . 32.26 -62.81 1.65
C14 V7N KI . 33.62 -62.63 2.06
C15 V7N KI . 34.72 -62.67 1.20
C16 V7N KI . 35.96 -62.12 1.56
C17 V7N KI . 37.07 -62.10 0.71
C18 V7N KI . 38.32 -61.53 1.02
C19 V7N KI . 39.35 -61.55 0.05
C2 V7N KI . 22.05 -62.16 9.54
C20 V7N KI . 40.55 -60.85 0.13
C21 V7N KI . 41.56 -60.91 -0.88
C22 V7N KI . 42.80 -60.34 -0.75
C23 V7N KI . 43.82 -60.45 -1.84
C24 V7N KI . 43.41 -59.73 -3.12
C25 V7N KI . 44.55 -59.67 -4.07
C26 V7N KI . 44.70 -58.77 -5.04
C27 V7N KI . 45.90 -58.81 -5.94
C28 V7N KI . 45.68 -58.12 -7.27
C29 V7N KI . 46.71 -58.48 -8.27
C3 V7N KI . 22.92 -62.14 8.33
C30 V7N KI . 21.55 -59.73 9.25
C31 V7N KI . 19.85 -61.41 8.54
C33 V7N KI . 22.63 -63.51 4.80
C34 V7N KI . 26.92 -63.80 2.32
C35 V7N KI . 31.98 -63.10 0.23
C36 V7N KI . 38.54 -60.92 2.36
C37 V7N KI . 43.21 -59.60 0.45
C38 V7N KI . 43.70 -57.71 -5.28
C39 V7N KI . 46.67 -58.07 -9.55
C4 V7N KI . 22.63 -62.91 7.24
C40 V7N KI . 47.72 -58.47 -10.51
C41 V7N KI . 21.29 -60.80 11.93
C43 V7N KI . 45.60 -57.20 -10.09
C5 V7N KI . 23.34 -63.04 6.01
C6 V7N KI . 24.71 -62.76 5.92
C7 V7N KI . 25.42 -62.93 4.73
C8 V7N KI . 26.82 -62.99 4.68
C9 V7N KI . 27.58 -63.22 3.52
O32 V7N KI . 20.40 -61.13 10.88
O42 V7N KI . 27.41 -63.99 1.21
O44 V7N KI . 47.55 -58.07 -11.78
O45 V7N KI . 48.73 -59.14 -10.28
C1B LMT LI . 36.64 -70.25 32.96
C2B LMT LI . 36.72 -69.54 34.32
C3B LMT LI . 38.12 -68.94 34.54
C4B LMT LI . 39.21 -70.02 34.35
C5B LMT LI . 38.98 -70.74 33.01
C6B LMT LI . 39.96 -71.91 32.91
O1B LMT LI . 36.69 -69.32 31.92
O2B LMT LI . 35.76 -68.55 34.34
O3B LMT LI . 38.21 -68.30 35.75
O4' LMT LI . 40.46 -69.45 34.36
O5B LMT LI . 37.66 -71.21 32.82
O6B LMT LI . 39.89 -72.49 31.67
C1' LMT LI . 35.68 -69.01 27.90
C2' LMT LI . 34.84 -70.01 28.70
C3' LMT LI . 35.00 -69.72 30.22
C4' LMT LI . 36.51 -69.77 30.59
C5' LMT LI . 37.20 -68.78 29.64
C6' LMT LI . 38.67 -68.58 29.92
O1' LMT LI . 35.62 -69.24 26.55
O2' LMT LI . 33.52 -69.88 28.37
O3' LMT LI . 34.29 -70.61 30.97
O5' LMT LI . 37.04 -69.17 28.29
O6' LMT LI . 39.29 -69.72 29.48
C1 LMT LI . 35.98 -68.12 25.77
C2 LMT LI . 36.36 -68.65 24.41
C3 LMT LI . 36.69 -67.62 23.37
C4 LMT LI . 35.45 -66.92 22.90
C5 LMT LI . 35.73 -66.14 21.64
C6 LMT LI . 34.50 -65.54 21.05
C7 LMT LI . 34.58 -65.39 19.55
C8 LMT LI . 35.72 -64.51 19.16
C9 LMT LI . 36.03 -64.56 17.69
C10 LMT LI . 37.11 -63.56 17.37
C11 LMT LI . 37.55 -63.68 15.94
C12 LMT LI . 38.80 -62.92 15.66
C1B LMT MI . 34.00 -80.87 21.89
C2B LMT MI . 35.46 -80.96 22.42
C3B LMT MI . 36.07 -82.35 22.17
C4B LMT MI . 35.13 -83.46 22.70
C5B LMT MI . 33.75 -83.24 22.06
C6B LMT MI . 32.78 -84.32 22.51
O1B LMT MI . 33.99 -80.76 20.50
O2B LMT MI . 36.19 -79.99 21.79
O3B LMT MI . 37.34 -82.45 22.71
O4' LMT MI . 35.60 -84.70 22.35
O5B LMT MI . 33.23 -81.96 22.33
O6B LMT MI . 31.51 -84.02 22.08
C1' LMT MI . 31.21 -78.98 18.02
C2' LMT MI . 30.61 -79.43 19.36
C3' LMT MI . 31.71 -79.82 20.38
C4' LMT MI . 32.75 -80.80 19.77
C5' LMT MI . 33.09 -80.32 18.33
C6' LMT MI . 33.99 -81.27 17.57
O1' LMT MI . 30.21 -78.75 17.12
O2' LMT MI . 29.85 -78.41 19.88
O3' LMT MI . 31.10 -80.38 21.46
O5' LMT MI . 31.94 -80.08 17.54
O6' LMT MI . 34.95 -81.70 18.45
C1 LMT MI . 30.56 -78.07 15.92
C2 LMT MI . 30.23 -76.60 16.09
C3 LMT MI . 30.25 -75.81 14.81
C4 LMT MI . 29.50 -74.49 14.96
C5 LMT MI . 29.24 -73.88 13.60
C6 LMT MI . 28.39 -72.64 13.70
C7 LMT MI . 28.15 -71.98 12.35
C8 LMT MI . 29.40 -71.86 11.55
C9 LMT MI . 29.38 -70.68 10.61
C10 LMT MI . 30.70 -70.65 9.86
C11 LMT MI . 30.82 -69.43 9.02
C12 LMT MI . 32.12 -69.39 8.27
MG BCL NI . 28.10 -65.85 12.23
CHA BCL NI . 29.96 -63.48 10.58
CHB BCL NI . 27.41 -67.28 9.22
CHC BCL NI . 25.89 -67.87 13.76
CHD BCL NI . 28.03 -63.76 15.04
NA BCL NI . 28.60 -65.38 10.17
C1A BCL NI . 29.51 -64.45 9.72
C2A BCL NI . 30.04 -64.80 8.38
C3A BCL NI . 29.00 -65.82 7.88
C4A BCL NI . 28.30 -66.24 9.13
CMA BCL NI . 28.02 -65.21 6.89
CAA BCL NI . 31.45 -65.39 8.46
CBA BCL NI . 32.38 -64.93 7.34
CGA BCL NI . 31.81 -65.02 5.97
O1A BCL NI . 31.64 -64.09 5.27
O2A BCL NI . 31.47 -66.23 5.62
NB BCL NI . 26.83 -67.34 11.60
C1B BCL NI . 26.67 -67.79 10.30
C2B BCL NI . 25.71 -68.80 10.25
C3B BCL NI . 25.23 -69.01 11.55
C4B BCL NI . 25.97 -68.07 12.38
CMB BCL NI . 25.35 -69.50 8.95
CAB BCL NI . 24.21 -69.90 12.11
OBB BCL NI . 24.11 -70.15 13.32
CBB BCL NI . 23.19 -70.60 11.24
NC BCL NI . 27.08 -65.79 14.11
C1C BCL NI . 26.33 -66.82 14.58
C2C BCL NI . 25.94 -66.67 16.00
C3C BCL NI . 26.85 -65.53 16.47
C4C BCL NI . 27.32 -64.94 15.16
CMC BCL NI . 24.46 -66.40 16.17
CAC BCL NI . 27.97 -66.03 17.42
CBC BCL NI . 28.75 -64.93 18.11
ND BCL NI . 28.75 -63.98 12.72
C1D BCL NI . 28.80 -63.30 13.94
C2D BCL NI . 29.65 -62.17 13.85
C3D BCL NI . 30.15 -62.19 12.56
C4D BCL NI . 29.59 -63.28 11.91
CMD BCL NI . 29.93 -61.19 14.96
CAD BCL NI . 31.02 -61.57 11.64
OBD BCL NI . 31.72 -60.54 11.75
CBD BCL NI . 31.00 -62.38 10.32
CGD BCL NI . 30.72 -61.52 9.17
O1D BCL NI . 29.74 -60.81 9.04
O2D BCL NI . 31.64 -61.58 8.22
CED BCL NI . 31.36 -60.87 6.98
C1 BCL NI . 30.82 -66.37 4.32
C2 BCL NI . 30.20 -67.75 4.33
C3 BCL NI . 29.24 -68.11 3.52
C4 BCL NI . 28.61 -67.20 2.46
C5 BCL NI . 28.62 -69.51 3.59
C6 BCL NI . 29.01 -70.35 4.80
C7 BCL NI . 28.29 -71.70 4.82
C8 BCL NI . 28.49 -72.53 6.10
C9 BCL NI . 27.95 -71.76 7.32
C10 BCL NI . 29.97 -72.87 6.29
C11 BCL NI . 30.23 -73.91 7.38
C12 BCL NI . 31.72 -74.11 7.67
C13 BCL NI . 32.00 -75.29 8.62
C14 BCL NI . 31.22 -75.20 9.93
C15 BCL NI . 33.51 -75.35 8.96
C16 BCL NI . 34.50 -75.29 7.79
C17 BCL NI . 35.98 -75.37 8.20
C18 BCL NI . 36.93 -75.19 7.03
C19 BCL NI . 38.35 -75.21 7.63
C20 BCL NI . 36.71 -73.90 6.22
C1B LMT OI . 26.48 -83.65 20.87
C2B LMT OI . 26.34 -84.34 22.24
C3B LMT OI . 27.42 -85.42 22.46
C4B LMT OI . 27.56 -86.36 21.24
C5B LMT OI . 27.64 -85.48 19.98
C6B LMT OI . 27.75 -86.35 18.73
O1B LMT OI . 27.63 -82.82 20.89
O2B LMT OI . 26.41 -83.37 23.22
O3B LMT OI . 27.22 -86.12 23.62
O4' LMT OI . 28.69 -87.13 21.33
O5B LMT OI . 26.54 -84.61 19.87
O6B LMT OI . 27.64 -85.58 17.60
C1' LMT OI . 26.61 -80.11 17.82
C2' LMT OI . 27.73 -81.11 17.48
C3' LMT OI . 27.77 -82.26 18.50
C4' LMT OI . 27.80 -81.74 19.94
C5' LMT OI . 26.68 -80.67 20.09
C6' LMT OI . 26.62 -80.07 21.47
O1' LMT OI . 26.69 -79.06 16.94
O2' LMT OI . 27.49 -81.64 16.23
O3' LMT OI . 28.85 -83.06 18.28
O5' LMT OI . 26.84 -79.63 19.14
O6' LMT OI . 25.87 -78.93 21.38
C1 LMT OI . 25.53 -78.28 16.76
C2 LMT OI . 25.94 -77.12 15.87
C3 LMT OI . 24.85 -76.52 15.01
C4 LMT OI . 25.40 -75.41 14.14
C5 LMT OI . 24.71 -75.35 12.81
C6 LMT OI . 25.43 -74.53 11.78
C7 LMT OI . 24.97 -74.86 10.39
C8 LMT OI . 25.75 -74.08 9.39
C9 LMT OI . 25.49 -74.45 7.94
C10 LMT OI . 26.36 -75.61 7.56
C11 LMT OI . 26.24 -75.89 6.08
C12 LMT OI . 27.21 -76.94 5.63
C1 V7N PI . 6.90 -65.37 1.47
C10 V7N PI . 14.34 -67.76 -5.38
C11 V7N PI . 15.27 -67.92 -6.42
C12 V7N PI . 16.65 -67.91 -6.17
C13 V7N PI . 17.66 -68.03 -7.13
C14 V7N PI . 19.01 -68.19 -6.72
C15 V7N PI . 20.08 -68.29 -7.62
C16 V7N PI . 21.42 -68.09 -7.24
C17 V7N PI . 22.47 -68.14 -8.17
C18 V7N PI . 23.83 -67.88 -7.90
C19 V7N PI . 24.76 -67.94 -8.96
C2 V7N PI . 7.53 -66.75 1.18
C20 V7N PI . 26.11 -67.62 -8.89
C21 V7N PI . 26.97 -67.70 -10.02
C22 V7N PI . 28.34 -67.51 -9.95
C23 V7N PI . 29.20 -67.61 -11.16
C24 V7N PI . 29.73 -66.27 -11.66
C25 V7N PI . 30.61 -66.45 -12.83
C26 V7N PI . 30.21 -66.48 -14.12
C27 V7N PI . 31.18 -66.69 -15.23
C28 V7N PI . 31.50 -65.43 -16.03
C29 V7N PI . 32.05 -65.77 -17.36
C3 V7N PI . 7.66 -67.07 -0.26
C30 V7N PI . 7.89 -64.26 1.17
C31 V7N PI . 5.64 -65.19 0.63
C33 V7N PI . 7.96 -67.29 -3.30
C34 V7N PI . 12.20 -68.39 -6.58
C35 V7N PI . 17.38 -67.98 -8.59
C36 V7N PI . 24.24 -67.54 -6.52
C37 V7N PI . 29.02 -67.20 -8.68
C38 V7N PI . 28.79 -66.31 -14.49
C39 V7N PI . 32.09 -64.91 -18.40
C4 V7N PI . 8.81 -66.85 -0.95
C40 V7N PI . 32.64 -65.29 -19.71
C41 V7N PI . 7.67 -65.61 3.76
C43 V7N PI . 31.58 -63.52 -18.31
C5 V7N PI . 9.07 -67.13 -2.32
C6 V7N PI . 10.40 -67.27 -2.71
C7 V7N PI . 10.88 -67.56 -3.98
C8 V7N PI . 12.26 -67.67 -4.18
C9 V7N PI . 12.94 -67.93 -5.38
O32 V7N PI . 6.58 -65.41 2.87
O42 V7N PI . 12.67 -68.61 -7.69
O44 V7N PI . 33.12 -66.54 -19.81
O45 V7N PI . 32.73 -64.60 -20.73
C1B LMT QI . 20.35 -80.03 22.91
C2B LMT QI . 19.98 -79.41 24.28
C3B LMT QI . 21.17 -78.63 24.85
C4B LMT QI . 22.43 -79.53 24.91
C5B LMT QI . 22.65 -80.14 23.51
C6B LMT QI . 23.84 -81.09 23.56
O1B LMT QI . 20.49 -79.00 21.97
O2B LMT QI . 18.90 -78.59 24.08
O3B LMT QI . 20.88 -78.08 26.07
O4' LMT QI . 23.53 -78.80 25.28
O5B LMT QI . 21.51 -80.80 23.00
O6B LMT QI . 23.90 -81.84 22.41
C1' LMT QI . 19.98 -78.33 17.92
C2' LMT QI . 19.17 -79.51 18.46
C3' LMT QI . 19.12 -79.42 20.02
C4' LMT QI . 20.54 -79.36 20.59
C5' LMT QI . 21.26 -78.21 19.84
C6' LMT QI . 22.65 -77.93 20.33
O1' LMT QI . 20.08 -78.37 16.55
O2' LMT QI . 17.89 -79.44 17.97
O3' LMT QI . 18.44 -80.49 20.53
O5' LMT QI . 21.29 -78.42 18.45
O6' LMT QI . 23.41 -79.02 19.97
C1 LMT QI . 20.55 -77.18 15.95
C2 LMT QI . 20.80 -77.52 14.51
C3 LMT QI . 21.26 -76.38 13.63
C4 LMT QI . 20.13 -75.45 13.31
C5 LMT QI . 20.49 -74.57 12.16
C6 LMT QI . 19.35 -73.71 11.71
C7 LMT QI . 19.39 -73.43 10.23
C8 LMT QI . 20.66 -72.72 9.84
C9 LMT QI . 20.94 -72.74 8.37
C10 LMT QI . 22.22 -71.98 8.10
C11 LMT QI . 22.58 -72.05 6.65
C12 LMT QI . 23.82 -71.29 6.32
MG BCL RI . 12.96 -71.61 3.13
CHA BCL RI . 15.21 -69.42 1.72
CHB BCL RI . 12.05 -72.56 -0.01
CHC BCL RI . 10.39 -73.32 4.46
CHD BCL RI . 13.33 -69.94 6.18
NA BCL RI . 13.55 -71.01 1.12
C1A BCL RI . 14.60 -70.19 0.77
C2A BCL RI . 15.05 -70.44 -0.63
C3A BCL RI . 13.88 -71.27 -1.21
C4A BCL RI . 13.10 -71.67 0.00
CMA BCL RI . 13.02 -70.45 -2.18
CAA BCL RI . 16.40 -71.18 -0.68
CBA BCL RI . 16.77 -71.93 -1.96
CGA BCL RI . 16.49 -71.17 -3.20
O1A BCL RI . 16.80 -70.05 -3.40
O2A BCL RI . 15.78 -71.87 -4.02
NB BCL RI . 11.43 -72.75 2.35
C1B BCL RI . 11.22 -73.03 1.01
C2B BCL RI . 10.09 -73.86 0.86
C3B BCL RI . 9.57 -74.10 2.14
C4B BCL RI . 10.45 -73.40 3.05
CMB BCL RI . 9.61 -74.33 -0.50
CAB BCL RI . 8.41 -74.86 2.61
OBB BCL RI . 8.34 -75.33 3.75
CBB BCL RI . 7.21 -75.13 1.72
NC BCL RI . 11.98 -71.59 5.03
C1C BCL RI . 11.04 -72.51 5.38
C2C BCL RI . 10.70 -72.47 6.83
C3C BCL RI . 11.84 -71.62 7.41
C4C BCL RI . 12.40 -70.96 6.17
CMC BCL RI . 9.31 -71.90 7.09
CAC BCL RI . 12.84 -72.50 8.22
CBC BCL RI . 13.87 -71.70 9.00
ND BCL RI . 13.97 -69.98 3.83
C1D BCL RI . 14.14 -69.47 5.11
C2D BCL RI . 15.16 -68.48 5.13
C3D BCL RI . 15.63 -68.41 3.83
C4D BCL RI . 14.89 -69.33 3.07
CMD BCL RI . 15.61 -67.70 6.35
CAD BCL RI . 16.60 -67.85 2.97
OBD BCL RI . 17.49 -67.01 3.18
CBD BCL RI . 16.42 -68.49 1.56
CGD BCL RI . 16.28 -67.45 0.52
O1D BCL RI . 15.53 -66.50 0.58
O2D BCL RI . 17.08 -67.64 -0.52
CED BCL RI . 16.87 -66.78 -1.67
C1 BCL RI . 15.39 -71.19 -5.25
C2 BCL RI . 14.27 -72.04 -5.82
C3 BCL RI . 14.06 -72.09 -7.10
C4 BCL RI . 14.87 -71.32 -8.14
C5 BCL RI . 12.95 -72.93 -7.71
C6 BCL RI . 11.81 -72.17 -8.42
C7 BCL RI . 10.82 -73.09 -9.14
C8 BCL RI . 11.31 -74.09 -10.23
C9 BCL RI . 12.69 -73.72 -10.86
C10 BCL RI . 10.33 -74.14 -11.41
C11 BCL RI . 11.04 -74.78 -12.61
C12 BCL RI . 10.20 -74.83 -13.89
C13 BCL RI . 10.78 -75.77 -14.96
C14 BCL RI . 11.09 -77.16 -14.42
C15 BCL RI . 12.10 -75.19 -15.51
C16 BCL RI . 12.63 -75.88 -16.77
C17 BCL RI . 13.97 -75.40 -17.36
C18 BCL RI . 14.22 -76.03 -18.72
C19 BCL RI . 15.74 -75.96 -18.95
C20 BCL RI . 13.47 -75.33 -19.86
C1B LMT SI . 15.25 -91.55 7.52
C2B LMT SI . 16.42 -92.54 7.41
C3B LMT SI . 16.83 -92.78 5.95
C4B LMT SI . 15.59 -93.18 5.11
C5B LMT SI . 14.52 -92.09 5.31
C6B LMT SI . 13.27 -92.41 4.50
O1B LMT SI . 15.68 -90.23 7.29
O2B LMT SI . 17.47 -92.03 8.15
O3B LMT SI . 17.84 -93.69 5.85
O4' LMT SI . 15.92 -93.25 3.77
O5B LMT SI . 14.18 -91.89 6.67
O6B LMT SI . 12.24 -91.60 4.89
C1' LMT SI . 14.23 -86.32 7.46
C2' LMT SI . 13.52 -87.31 8.39
C3' LMT SI . 14.36 -88.61 8.55
C4' LMT SI . 14.72 -89.19 7.17
C5' LMT SI . 15.37 -88.03 6.38
C6' LMT SI . 15.92 -88.44 5.04
O1' LMT SI . 13.44 -85.21 7.20
O2' LMT SI . 13.36 -86.73 9.64
O3' LMT SI . 13.68 -89.54 9.29
O5' LMT SI . 14.47 -86.96 6.21
O6' LMT SI . 16.42 -87.31 4.44
C1 LMT SI . 14.14 -84.16 6.55
C2 LMT SI . 13.12 -83.27 5.88
C3 LMT SI . 13.69 -82.34 4.84
C4 LMT SI . 12.65 -81.44 4.20
C5 LMT SI . 12.48 -80.15 4.93
C6 LMT SI . 12.75 -78.96 4.04
C7 LMT SI . 11.59 -78.68 3.12
C8 LMT SI . 11.84 -77.39 2.38
C9 LMT SI . 12.95 -77.43 1.37
C10 LMT SI . 12.96 -76.13 0.63
C11 LMT SI . 13.98 -76.10 -0.47
C12 LMT SI . 15.35 -75.78 0.04
C1B LMT TI . 2.56 -85.36 12.42
C2B LMT TI . 2.79 -85.05 13.93
C3B LMT TI . 4.30 -84.92 14.24
C4B LMT TI . 5.08 -86.13 13.71
C5B LMT TI . 4.74 -86.26 12.22
C6B LMT TI . 5.52 -87.41 11.58
O1B LMT TI . 2.77 -84.22 11.65
O2B LMT TI . 2.13 -83.89 14.22
O3B LMT TI . 4.52 -84.70 15.58
O4' LMT TI . 6.43 -85.95 13.85
O5B LMT TI . 3.36 -86.43 11.98
O6B LMT TI . 5.30 -87.45 10.23
C1' LMT TI . 2.00 -82.76 7.84
C2' LMT TI . 0.88 -83.65 8.43
C3' LMT TI . 1.10 -83.77 9.96
C4' LMT TI . 2.51 -84.31 10.26
C5' LMT TI . 3.47 -83.35 9.52
C6' LMT TI . 4.93 -83.63 9.78
O1' LMT TI . 1.92 -82.63 6.48
O2' LMT TI . -0.33 -83.05 8.19
O3' LMT TI . 0.15 -84.59 10.52
O5' LMT TI . 3.25 -83.38 8.13
O6' LMT TI . 5.63 -82.99 8.78
C1 LMT TI . 2.75 -81.61 5.96
C2 LMT TI . 2.97 -81.90 4.49
C3 LMT TI . 3.74 -80.86 3.72
C4 LMT TI . 2.89 -79.63 3.47
C5 LMT TI . 3.51 -78.75 2.42
C6 LMT TI . 2.63 -77.60 2.05
C7 LMT TI . 2.74 -77.19 0.61
C8 LMT TI . 4.13 -76.74 0.28
C9 LMT TI . 4.37 -76.56 -1.20
C10 LMT TI . 5.80 -76.12 -1.43
C11 LMT TI . 6.09 -76.02 -2.89
C12 LMT TI . 7.47 -75.50 -3.17
C1B LMT UI . 8.73 -88.91 9.62
C2B LMT UI . 9.84 -89.99 9.51
C3B LMT UI . 9.36 -91.17 8.65
C4B LMT UI . 8.03 -91.71 9.21
C5B LMT UI . 7.04 -90.53 9.31
C6B LMT UI . 5.71 -91.03 9.88
O1B LMT UI . 8.48 -88.29 8.38
O2B LMT UI . 10.98 -89.43 8.99
O3B LMT UI . 10.32 -92.14 8.55
O4' LMT UI . 7.51 -92.68 8.37
O5B LMT UI . 7.55 -89.47 10.10
O6B LMT UI . 4.74 -90.07 9.77
C1' LMT UI . 8.99 -84.99 6.05
C2' LMT UI . 10.03 -86.09 5.78
C3' LMT UI . 9.59 -87.39 6.50
C4' LMT UI . 9.26 -87.17 7.99
C5' LMT UI . 8.42 -85.87 8.13
C6' LMT UI . 8.15 -85.46 9.55
O1' LMT UI . 9.29 -83.82 5.41
O2' LMT UI . 10.08 -86.31 4.43
O3' LMT UI . 10.54 -88.36 6.36
O5' LMT UI . 9.01 -84.77 7.45
O6' LMT UI . 9.38 -85.38 10.17
C1 LMT UI . 8.28 -82.84 5.48
C2 LMT UI . 8.59 -81.74 4.49
C3 LMT UI . 7.39 -80.98 4.01
C4 LMT UI . 7.71 -79.86 3.05
C5 LMT UI . 8.11 -80.29 1.67
C6 LMT UI . 8.40 -79.10 0.80
C7 LMT UI . 9.04 -79.47 -0.52
C8 LMT UI . 9.70 -78.26 -1.11
C9 LMT UI . 10.34 -78.48 -2.46
C10 LMT UI . 11.11 -77.24 -2.83
C11 LMT UI . 11.56 -77.28 -4.27
C12 LMT UI . 12.23 -76.01 -4.68
C1B LMT VI . -11.53 -89.38 -3.30
C2B LMT VI . -12.56 -90.31 -4.00
C3B LMT VI . -13.93 -90.25 -3.30
C4B LMT VI . -13.78 -90.43 -1.77
C5B LMT VI . -12.72 -89.45 -1.27
C6B LMT VI . -12.54 -89.58 0.23
O1B LMT VI . -11.85 -88.04 -3.55
O2B LMT VI . -12.65 -89.92 -5.32
O3B LMT VI . -14.81 -91.15 -3.84
O4' LMT VI . -14.98 -90.17 -1.14
O5B LMT VI . -11.48 -89.62 -1.93
O6B LMT VI . -11.58 -88.70 0.69
C1' LMT VI . -10.33 -84.43 -4.62
C2' LMT VI . -9.59 -85.60 -5.26
C3' LMT VI . -10.43 -86.89 -5.08
C4' LMT VI . -10.78 -87.12 -3.59
C5' LMT VI . -11.27 -85.77 -2.98
C6' LMT VI . -11.50 -85.87 -1.49
O1' LMT VI . -9.60 -83.28 -4.79
O2' LMT VI . -9.43 -85.35 -6.59
O3' LMT VI . -9.75 -87.97 -5.56
O5' LMT VI . -10.39 -84.70 -3.24
O6' LMT VI . -10.41 -86.53 -0.98
C1 LMT VI . -10.27 -82.04 -4.62
C2 LMT VI . -11.30 -81.90 -5.71
C3 LMT VI . -11.44 -80.53 -6.32
C4 LMT VI . -10.42 -80.28 -7.41
C5 LMT VI . -10.45 -78.84 -7.82
C6 LMT VI . -9.74 -78.53 -9.11
C7 LMT VI . -10.67 -78.70 -10.27
C8 LMT VI . -9.94 -78.47 -11.57
C9 LMT VI . -10.80 -78.70 -12.77
C10 LMT VI . -10.01 -78.50 -14.03
C11 LMT VI . -10.74 -79.05 -15.23
C12 LMT VI . -9.91 -79.04 -16.47
C1B LMT WI . -8.21 -92.34 -2.85
C2B LMT WI . -7.85 -93.83 -2.72
C3B LMT WI . -7.42 -94.41 -4.09
C4B LMT WI . -8.53 -94.14 -5.15
C5B LMT WI . -8.86 -92.64 -5.14
C6B LMT WI . -10.00 -92.37 -6.10
O1B LMT WI . -7.05 -91.57 -3.04
O2B LMT WI . -6.83 -93.95 -1.81
O3B LMT WI . -7.09 -95.73 -4.00
O4' LMT WI . -8.08 -94.50 -6.39
O5B LMT WI . -9.17 -92.12 -3.86
O6B LMT WI . -10.15 -91.01 -6.29
C1' LMT WI . -6.08 -87.50 -3.65
C2' LMT WI . -7.32 -87.80 -2.74
C3' LMT WI . -7.32 -89.27 -2.26
C4' LMT WI . -7.18 -90.22 -3.46
C5' LMT WI . -5.86 -89.79 -4.14
C6' LMT WI . -5.40 -90.73 -5.21
O1' LMT WI . -6.23 -86.31 -4.32
O2' LMT WI . -7.30 -86.99 -1.63
O3' LMT WI . -8.48 -89.53 -1.58
O5' LMT WI . -5.99 -88.49 -4.67
O6' LMT WI . -4.28 -90.18 -5.78
C1 LMT WI . -5.98 -85.13 -3.56
C2 LMT WI . -5.38 -84.08 -4.47
C3 LMT WI . -6.30 -83.00 -4.95
C4 LMT WI . -5.47 -81.93 -5.63
C5 LMT WI . -6.32 -80.82 -6.17
C6 LMT WI . -5.50 -79.66 -6.68
C7 LMT WI . -6.35 -78.72 -7.50
C8 LMT WI . -5.52 -77.54 -7.94
C9 LMT WI . -4.35 -77.85 -8.83
C10 LMT WI . -3.76 -76.53 -9.27
C11 LMT WI . -2.36 -76.67 -9.80
C12 LMT WI . -2.31 -77.23 -11.18
MG BCL XI . -3.20 -72.85 -6.12
CHA BCL XI . -0.44 -71.23 -7.39
CHB BCL XI . -4.43 -73.05 -9.31
CHC BCL XI . -6.10 -74.01 -4.88
CHD BCL XI . -2.35 -71.72 -2.92
NA BCL XI . -2.51 -72.17 -8.07
C1A BCL XI . -1.28 -71.65 -8.39
C2A BCL XI . -0.98 -71.75 -9.85
C3A BCL XI . -2.34 -72.14 -10.45
C4A BCL XI . -3.16 -72.51 -9.25
CMA BCL XI . -2.98 -70.99 -11.22
CAA BCL XI . 0.14 -72.77 -10.15
CBA BCL XI . 0.26 -73.42 -11.54
CGA BCL XI . 0.19 -72.51 -12.71
O1A BCL XI . 0.21 -71.33 -12.67
O2A BCL XI . 0.04 -73.14 -13.84
NB BCL XI . -5.01 -73.43 -6.95
C1B BCL XI . -5.33 -73.43 -8.31
C2B BCL XI . -6.65 -73.87 -8.49
C3B BCL XI . -7.18 -74.16 -7.21
C4B BCL XI . -6.10 -73.88 -6.28
CMB BCL XI . -7.29 -73.99 -9.87
CAB BCL XI . -8.51 -74.60 -6.77
OBB BCL XI . -8.70 -75.14 -5.67
CBB BCL XI . -9.75 -74.42 -7.62
NC BCL XI . -4.11 -72.81 -4.19
C1C BCL XI . -5.24 -73.50 -3.89
C2C BCL XI . -5.50 -73.62 -2.43
C3C BCL XI . -4.19 -73.10 -1.82
C4C BCL XI . -3.52 -72.46 -3.00
CMC BCL XI . -6.74 -72.85 -2.00
CAC BCL XI . -3.40 -74.24 -1.11
CBC BCL XI . -2.21 -73.77 -0.28
ND BCL XI . -1.78 -71.67 -5.30
C1D BCL XI . -1.45 -71.37 -3.97
C2D BCL XI . -0.20 -70.73 -3.89
C3D BCL XI . 0.26 -70.64 -5.19
C4D BCL XI . -0.71 -71.21 -6.01
CMD BCL XI . 0.46 -70.25 -2.62
CAD BCL XI . 1.30 -70.20 -6.04
OBD BCL XI . 2.37 -69.62 -5.78
CBD BCL XI . 0.94 -70.59 -7.50
CGD BCL XI . 1.02 -69.43 -8.39
O1D BCL XI . 0.35 -68.43 -8.30
O2D BCL XI . 1.92 -69.58 -9.36
CED BCL XI . 1.93 -68.57 -10.40
C1 BCL XI . -0.39 -72.45 -15.03
C2 BCL XI . -1.89 -72.43 -14.89
C3 BCL XI . -2.64 -73.50 -15.05
C4 BCL XI . -2.10 -74.88 -15.44
C5 BCL XI . -4.12 -73.51 -14.77
C6 BCL XI . -4.51 -74.29 -13.52
C7 BCL XI . -5.80 -75.07 -13.71
C8 BCL XI . -5.75 -76.22 -14.73
C9 BCL XI . -7.17 -76.74 -15.02
C10 BCL XI . -4.84 -77.39 -14.30
C11 BCL XI . -5.21 -78.30 -13.13
C12 BCL XI . -4.39 -79.60 -13.13
C13 BCL XI . -4.56 -80.51 -11.91
C14 BCL XI . -3.75 -81.81 -12.04
C15 BCL XI . -6.04 -80.87 -11.65
C16 BCL XI . -6.32 -82.03 -10.70
C17 BCL XI . -7.78 -82.23 -10.26
C18 BCL XI . -8.12 -83.66 -9.89
C19 BCL XI . -9.58 -83.62 -9.37
C20 BCL XI . -7.20 -84.28 -8.83
C1B LMT YI . -16.83 -83.82 1.17
C2B LMT YI . -16.57 -83.71 2.70
C3B LMT YI . -15.18 -84.26 3.09
C4B LMT YI . -14.95 -85.67 2.47
C5B LMT YI . -15.19 -85.51 0.96
C6B LMT YI . -14.88 -86.82 0.23
O1B LMT YI . -16.14 -82.82 0.47
O2B LMT YI . -16.67 -82.38 3.04
O3B LMT YI . -15.01 -84.26 4.45
O4' LMT YI . -13.67 -86.09 2.69
O5B LMT YI . -16.50 -85.09 0.68
O6B LMT YI . -14.98 -86.64 -1.12
C1' LMT YI . -16.06 -81.19 -3.36
C2' LMT YI . -17.41 -81.78 -2.92
C3' LMT YI . -17.43 -81.97 -1.38
C4' LMT YI . -16.24 -82.83 -0.94
C5' LMT YI . -14.96 -82.15 -1.53
C6' LMT YI . -13.67 -82.83 -1.16
O1' LMT YI . -16.01 -81.20 -4.72
O2' LMT YI . -18.40 -80.91 -3.29
O3' LMT YI . -18.60 -82.56 -1.02
O5' LMT YI . -15.03 -82.07 -2.93
O6' LMT YI . -13.51 -82.69 0.19
C1 LMT YI . -14.94 -80.52 -5.33
C2 LMT YI . -15.38 -79.09 -5.51
C3 LMT YI . -14.38 -78.23 -6.23
C4 LMT YI . -14.96 -76.86 -6.48
C5 LMT YI . -14.16 -76.16 -7.53
C6 LMT YI . -14.79 -74.89 -7.98
C7 LMT YI . -14.43 -74.56 -9.41
C8 LMT YI . -12.95 -74.51 -9.61
C9 LMT YI . -12.59 -74.23 -11.03
C10 LMT YI . -11.11 -74.31 -11.23
C11 LMT YI . -10.75 -73.99 -12.65
C12 LMT YI . -9.37 -74.45 -13.01
C1 V7N ZI . -21.97 -59.41 -13.67
C10 V7N ZI . -17.27 -63.13 -21.87
C11 V7N ZI . -16.48 -63.41 -23.00
C12 V7N ZI . -15.33 -64.23 -22.98
C13 V7N ZI . -14.48 -64.49 -24.07
C14 V7N ZI . -13.33 -65.31 -23.90
C15 V7N ZI . -12.36 -65.54 -24.88
C16 V7N ZI . -11.21 -66.35 -24.71
C17 V7N ZI . -10.21 -66.42 -25.70
C18 V7N ZI . -8.95 -67.05 -25.54
C19 V7N ZI . -7.97 -66.95 -26.56
C2 V7N ZI . -22.18 -60.78 -14.36
C20 V7N ZI . -6.77 -67.65 -26.65
C21 V7N ZI . -5.80 -67.40 -27.66
C22 V7N ZI . -4.59 -68.05 -27.76
C23 V7N ZI . -3.58 -67.67 -28.80
C24 V7N ZI . -3.86 -68.19 -30.20
C25 V7N ZI . -2.73 -67.97 -31.14
C26 V7N ZI . -2.51 -66.85 -31.85
C27 V7N ZI . -1.37 -66.75 -32.82
C28 V7N ZI . -1.98 -66.74 -34.22
C29 V7N ZI . -1.07 -66.80 -35.40
C3 V7N ZI . -21.91 -60.82 -15.83
C30 V7N ZI . -20.55 -58.90 -13.86
C31 V7N ZI . -22.96 -58.41 -14.23
C33 V7N ZI . -21.35 -60.62 -18.76
C34 V7N ZI . -19.27 -62.15 -23.05
C35 V7N ZI . -14.70 -63.87 -25.40
C36 V7N ZI . -8.64 -67.71 -24.25
C37 V7N ZI . -4.19 -69.10 -26.82
C38 V7N ZI . -3.36 -65.65 -31.74
C39 V7N ZI . -0.51 -65.74 -35.99
C4 V7N ZI . -20.70 -61.10 -16.39
C40 V7N ZI . 0.34 -65.90 -37.19
C41 V7N ZI . -21.36 -60.53 -11.61
C43 V7N ZI . -0.67 -64.35 -35.53
C5 V7N ZI . -20.40 -61.16 -17.78
C6 V7N ZI . -19.17 -61.75 -18.13
C7 V7N ZI . -18.53 -61.99 -19.36
C8 V7N ZI . -19.17 -62.28 -20.58
C9 V7N ZI . -18.56 -62.53 -21.82
O32 V7N ZI . -22.23 -59.64 -12.28
O42 V7N ZI . -19.03 -62.54 -24.20
O44 V7N ZI . 0.52 -67.15 -37.63
O45 V7N ZI . 0.89 -65.00 -37.85
C1B LMT AJ . -24.81 -86.57 -13.66
C2B LMT AJ . -24.65 -87.23 -12.28
C3B LMT AJ . -23.17 -87.29 -11.87
C4B LMT AJ . -22.32 -87.95 -13.00
C5B LMT AJ . -22.64 -87.23 -14.32
C6B LMT AJ . -21.85 -87.87 -15.46
O1B LMT AJ . -24.47 -85.22 -13.59
O2B LMT AJ . -25.38 -86.51 -11.38
O3B LMT AJ . -22.99 -87.91 -10.66
O4' LMT AJ . -20.97 -87.84 -12.72
O5B LMT AJ . -24.01 -87.22 -14.62
O6B LMT AJ . -22.34 -87.46 -16.67
C1' LMT AJ . -25.83 -81.31 -13.90
C2' LMT AJ . -26.57 -82.18 -12.87
C3' LMT AJ . -25.82 -83.52 -12.61
C4' LMT AJ . -25.45 -84.25 -13.91
C5' LMT AJ . -24.81 -83.19 -14.85
C6' LMT AJ . -24.36 -83.75 -16.17
O1' LMT AJ . -26.64 -80.26 -14.24
O2' LMT AJ . -26.65 -81.50 -11.68
O3' LMT AJ . -26.61 -84.35 -11.84
O5' LMT AJ . -25.68 -82.10 -15.08
O6' LMT AJ . -24.26 -82.70 -17.04
C1 LMT AJ . -26.40 -79.00 -13.61
C2 LMT AJ . -25.22 -78.30 -14.25
C3 LMT AJ . -25.37 -76.81 -14.31
C4 LMT AJ . -24.15 -76.10 -14.88
C5 LMT AJ . -24.50 -74.67 -15.19
C6 LMT AJ . -23.35 -73.83 -15.69
C7 LMT AJ . -23.89 -72.59 -16.34
C8 LMT AJ . -22.79 -71.69 -16.81
C9 LMT AJ . -21.75 -72.35 -17.68
C10 LMT AJ . -20.93 -71.26 -18.34
C11 LMT AJ . -19.71 -71.83 -18.99
C12 LMT AJ . -19.27 -71.03 -20.18
C1B LMT BJ . -30.25 -82.85 -13.73
C2B LMT BJ . -31.34 -83.78 -14.31
C3B LMT BJ . -32.32 -84.21 -13.20
C4B LMT BJ . -31.58 -84.75 -11.96
C5B LMT BJ . -30.49 -83.73 -11.57
C6B LMT BJ . -29.71 -84.24 -10.36
O1B LMT BJ . -30.80 -81.63 -13.36
O2B LMT BJ . -31.98 -83.09 -15.30
O3B LMT BJ . -33.25 -85.10 -13.68
O4' LMT BJ . -32.45 -84.92 -10.91
O5B LMT BJ . -29.62 -83.44 -12.63
O6B LMT BJ . -28.58 -83.48 -10.17
C1' LMT BJ . -30.23 -77.55 -14.05
C2' LMT BJ . -30.31 -78.46 -15.30
C3' LMT BJ . -30.89 -79.85 -14.95
C4' LMT BJ . -30.12 -80.46 -13.77
C5' LMT BJ . -30.16 -79.42 -12.63
C6' LMT BJ . -29.56 -79.92 -11.35
O1' LMT BJ . -29.53 -76.43 -14.37
O2' LMT BJ . -31.11 -77.86 -16.23
O3' LMT BJ . -30.80 -80.67 -16.03
O5' LMT BJ . -29.52 -78.23 -13.02
O6' LMT BJ . -30.03 -79.12 -10.35
C1 LMT BJ . -29.69 -75.31 -13.52
C2 LMT BJ . -28.69 -74.30 -14.02
C3 LMT BJ . -28.73 -73.99 -15.48
C4 LMT BJ . -28.01 -72.69 -15.75
C5 LMT BJ . -27.68 -72.55 -17.21
C6 LMT BJ . -27.20 -71.17 -17.55
C7 LMT BJ . -26.50 -71.10 -18.88
C8 LMT BJ . -27.41 -71.45 -20.02
C9 LMT BJ . -27.13 -72.77 -20.68
C10 LMT BJ . -27.95 -72.87 -21.94
C11 LMT BJ . -27.42 -73.93 -22.84
C12 LMT BJ . -28.05 -73.89 -24.20
MG BCL CJ . -19.69 -68.11 -14.20
CHA BCL CJ . -16.68 -67.03 -15.43
CHB BCL CJ . -21.06 -67.45 -17.26
CHC BCL CJ . -22.72 -68.72 -12.90
CHD BCL CJ . -18.43 -67.78 -10.95
NA BCL CJ . -18.95 -67.30 -16.06
C1A BCL CJ . -17.63 -67.05 -16.40
C2A BCL CJ . -17.43 -67.09 -17.87
C3A BCL CJ . -18.86 -66.84 -18.38
C4A BCL CJ . -19.70 -67.26 -17.22
CMA BCL CJ . -19.08 -65.37 -18.70
CAA BCL CJ . -16.89 -68.46 -18.31
CBA BCL CJ . -15.92 -68.39 -19.49
CGA BCL CJ . -16.24 -67.46 -20.59
O1A BCL CJ . -15.68 -66.44 -20.80
O2A BCL CJ . -17.14 -67.91 -21.43
NB BCL CJ . -21.60 -68.10 -14.94
C1B BCL CJ . -21.98 -67.78 -16.25
C2B BCL CJ . -23.37 -67.82 -16.37
C3B BCL CJ . -23.90 -68.19 -15.12
C4B BCL CJ . -22.75 -68.37 -14.26
CMB BCL CJ . -24.08 -67.53 -17.69
CAB BCL CJ . -25.27 -68.38 -14.64
OBB BCL CJ . -25.54 -69.09 -13.66
CBB BCL CJ . -26.44 -67.70 -15.30
NC BCL CJ . -20.47 -68.18 -12.21
C1C BCL CJ . -21.73 -68.62 -11.92
C2C BCL CJ . -21.96 -68.88 -10.49
C3C BCL CJ . -20.54 -68.83 -9.90
C4C BCL CJ . -19.75 -68.19 -11.03
CMC BCL CJ . -22.92 -67.89 -9.85
CAC BCL CJ . -20.04 -70.24 -9.46
CBC BCL CJ . -18.73 -70.24 -8.70
ND BCL CJ . -17.98 -67.47 -13.32
C1D BCL CJ . -17.53 -67.50 -12.00
C2D BCL CJ . -16.14 -67.21 -11.93
C3D BCL CJ . -15.74 -67.02 -13.24
C4D BCL CJ . -16.86 -67.18 -14.04
CMD BCL CJ . -15.32 -67.15 -10.66
CAD BCL CJ . -14.64 -66.81 -14.12
OBD BCL CJ . -13.44 -66.64 -13.88
CBD BCL CJ . -15.17 -66.81 -15.58
CGD BCL CJ . -14.80 -65.56 -16.26
O1D BCL CJ . -14.98 -64.45 -15.84
O2D BCL CJ . -14.24 -65.76 -17.44
CED BCL CJ . -13.97 -64.59 -18.25
C1 BCL CJ . -17.36 -67.14 -22.65
C2 BCL CJ . -18.68 -67.63 -23.20
C3 BCL CJ . -19.82 -67.05 -22.98
C4 BCL CJ . -20.02 -65.80 -22.14
C5 BCL CJ . -21.12 -67.60 -23.57
C6 BCL CJ . -21.84 -68.60 -22.67
C7 BCL CJ . -23.16 -69.03 -23.27
C8 BCL CJ . -23.96 -70.00 -22.40
C9 BCL CJ . -24.14 -69.39 -21.02
C10 BCL CJ . -23.22 -71.31 -22.12
C11 BCL CJ . -22.77 -72.15 -23.29
C12 BCL CJ . -22.44 -73.58 -22.87
C13 BCL CJ . -21.89 -74.47 -24.01
C14 BCL CJ . -20.55 -73.96 -24.54
C15 BCL CJ . -22.88 -74.56 -25.18
C16 BCL CJ . -22.70 -75.76 -26.13
C17 BCL CJ . -23.71 -75.99 -27.27
C18 BCL CJ . -23.72 -75.01 -28.46
C19 BCL CJ . -22.27 -74.56 -28.73
C20 BCL CJ . -24.65 -73.80 -28.28
C1 V7N DJ . -35.06 -50.48 -19.04
C10 V7N DJ . -31.00 -54.20 -27.93
C11 V7N DJ . -30.40 -54.49 -29.17
C12 V7N DJ . -29.47 -55.53 -29.28
C13 V7N DJ . -28.78 -55.89 -30.45
C14 V7N DJ . -27.81 -56.93 -30.38
C15 V7N DJ . -27.03 -57.33 -31.46
C16 V7N DJ . -25.88 -58.11 -31.34
C17 V7N DJ . -25.10 -58.45 -32.45
C18 V7N DJ . -23.89 -59.17 -32.43
C19 V7N DJ . -23.21 -59.38 -33.66
C2 V7N DJ . -35.57 -51.65 -19.91
C20 V7N DJ . -21.97 -60.00 -33.83
C21 V7N DJ . -21.35 -60.14 -35.09
C22 V7N DJ . -20.25 -60.94 -35.31
C23 V7N DJ . -19.62 -61.05 -36.66
C24 V7N DJ . -18.37 -60.19 -36.80
C25 V7N DJ . -17.69 -60.41 -38.10
C26 V7N DJ . -17.94 -59.73 -39.24
C27 V7N DJ . -17.22 -60.03 -40.50
C28 V7N DJ . -16.37 -58.88 -41.02
C29 V7N DJ . -16.07 -59.08 -42.46
C3 V7N DJ . -35.58 -51.40 -21.36
C30 V7N DJ . -33.56 -50.30 -19.25
C31 V7N DJ . -35.77 -49.19 -19.42
C33 V7N DJ . -35.35 -50.67 -24.31
C34 V7N DJ . -32.73 -52.51 -28.65
C35 V7N DJ . -29.00 -55.21 -31.74
C36 V7N DJ . -23.37 -59.69 -31.15
C37 V7N DJ . -19.63 -61.73 -34.23
C38 V7N DJ . -18.95 -58.65 -39.29
C39 V7N DJ . -15.43 -58.20 -43.25
C4 V7N DJ . -34.61 -51.85 -22.19
C40 V7N DJ . -15.20 -58.51 -44.68
C41 V7N DJ . -34.78 -52.07 -17.21
C43 V7N DJ . -14.93 -56.88 -42.79
C5 V7N DJ . -34.54 -51.68 -23.61
C6 V7N DJ . -33.68 -52.52 -24.33
C7 V7N DJ . -33.48 -52.51 -25.71
C8 V7N DJ . -32.40 -53.20 -26.26
C9 V7N DJ . -32.04 -53.30 -27.62
O32 V7N DJ . -35.35 -50.87 -17.69
O42 V7N DJ . -32.49 -52.49 -29.86
O44 V7N DJ . -14.50 -57.62 -45.40
O45 V7N DJ . -15.60 -59.52 -45.29
C1B LMT EJ . -34.70 -77.70 -7.18
C2B LMT EJ . -34.84 -77.70 -5.65
C3B LMT EJ . -33.49 -77.97 -4.97
C4B LMT EJ . -32.82 -79.24 -5.58
C5B LMT EJ . -32.78 -79.05 -7.11
C6B LMT EJ . -32.12 -80.27 -7.76
O1B LMT EJ . -34.04 -76.55 -7.61
O2B LMT EJ . -35.33 -76.47 -5.27
O3B LMT EJ . -33.61 -78.06 -3.61
O4' LMT EJ . -31.54 -79.39 -5.10
O5B LMT EJ . -34.06 -78.85 -7.65
O6B LMT EJ . -32.16 -80.15 -9.13
C1' LMT EJ . -34.09 -73.82 -10.73
C2' LMT EJ . -35.48 -74.31 -10.29
C3' LMT EJ . -35.36 -75.00 -8.90
C4' LMT EJ . -34.30 -76.11 -8.94
C5' LMT EJ . -33.00 -75.46 -9.51
C6' LMT EJ . -31.81 -76.38 -9.54
O1' LMT EJ . -34.12 -73.25 -11.98
O2' LMT EJ . -36.32 -73.23 -10.17
O3' LMT EJ . -36.56 -75.50 -8.51
O5' LMT EJ . -33.23 -74.94 -10.80
O6' LMT EJ . -32.19 -77.47 -10.29
C1 LMT EJ . -32.94 -72.56 -12.32
C2 LMT EJ . -32.88 -72.49 -13.82
C3 LMT EJ . -31.76 -71.69 -14.41
C4 LMT EJ . -31.97 -70.21 -14.16
C5 LMT EJ . -31.13 -69.38 -15.08
C6 LMT EJ . -31.40 -67.93 -14.91
C7 LMT EJ . -31.14 -67.12 -16.16
C8 LMT EJ . -29.72 -67.24 -16.61
C9 LMT EJ . -29.49 -66.79 -18.02
C10 LMT EJ . -28.06 -66.99 -18.40
C11 LMT EJ . -27.85 -66.65 -19.84
C12 LMT EJ . -26.50 -67.01 -20.34
C1B LMT FJ . -45.39 -75.17 -23.07
C2B LMT FJ . -45.26 -76.42 -22.18
C3B LMT FJ . -44.14 -77.34 -22.69
C4B LMT FJ . -44.33 -77.65 -24.20
C5B LMT FJ . -44.54 -76.32 -24.95
C6B LMT FJ . -44.80 -76.60 -26.43
O1B LMT FJ . -44.26 -74.37 -22.93
O2B LMT FJ . -44.98 -75.99 -20.90
O3B LMT FJ . -44.04 -78.49 -21.94
O4' LMT FJ . -43.22 -78.30 -24.70
O5B LMT FJ . -45.57 -75.54 -24.41
O6B LMT FJ . -45.27 -75.47 -27.06
C1' LMT FJ . -42.96 -70.68 -21.67
C2' LMT FJ . -44.06 -71.30 -20.77
C3' LMT FJ . -44.24 -72.79 -21.13
C4' LMT FJ . -44.45 -73.00 -22.64
C5' LMT FJ . -43.34 -72.19 -23.37
C6' LMT FJ . -43.41 -72.31 -24.87
O1' LMT FJ . -42.81 -69.32 -21.42
O2' LMT FJ . -43.66 -71.19 -19.46
O3' LMT FJ . -45.30 -73.32 -20.44
O5' LMT FJ . -43.37 -70.82 -23.01
O6' LMT FJ . -42.78 -71.21 -25.38
C1 LMT FJ . -41.82 -68.70 -22.21
C2 LMT FJ . -41.70 -67.27 -21.76
C3 LMT FJ . -40.85 -66.38 -22.62
C4 LMT FJ . -40.62 -65.04 -21.96
C5 LMT FJ . -40.11 -64.03 -22.94
C6 LMT FJ . -39.63 -62.78 -22.27
C7 LMT FJ . -39.61 -61.60 -23.20
C8 LMT FJ . -38.82 -61.84 -24.44
C9 LMT FJ . -37.35 -62.10 -24.24
C10 LMT FJ . -36.70 -62.00 -25.60
C11 LMT FJ . -35.25 -62.37 -25.56
C12 LMT FJ . -34.67 -62.46 -26.93
C1B LMT GJ . -51.45 -65.90 -14.63
C2B LMT GJ . -51.20 -66.46 -13.21
C3B LMT GJ . -50.14 -67.58 -13.23
C4B LMT GJ . -50.50 -68.65 -14.28
C5B LMT GJ . -50.70 -67.94 -15.63
C6B LMT GJ . -51.07 -68.97 -16.69
O1B LMT GJ . -50.42 -65.05 -15.02
O2B LMT GJ . -50.81 -65.43 -12.42
O3B LMT GJ . -49.93 -68.10 -11.99
O4' LMT GJ . -49.51 -69.60 -14.38
O5B LMT GJ . -51.68 -66.92 -15.58
O6B LMT GJ . -50.89 -68.46 -17.95
C1' LMT GJ . -49.76 -61.90 -17.69
C2' LMT GJ . -51.22 -62.06 -17.21
C3' LMT GJ . -51.27 -62.97 -15.95
C4' LMT GJ . -50.58 -64.32 -16.23
C5' LMT GJ . -49.17 -63.95 -16.77
C6' LMT GJ . -48.31 -65.15 -17.04
O1' LMT GJ . -49.70 -61.19 -18.87
O2' LMT GJ . -51.73 -60.83 -16.89
O3' LMT GJ . -52.56 -63.16 -15.56
O5' LMT GJ . -49.25 -63.20 -17.96
O6' LMT GJ . -48.84 -65.71 -18.17
C1 LMT GJ . -48.65 -61.53 -19.75
C2 LMT GJ . -48.39 -60.33 -20.62
C3 LMT GJ . -47.35 -59.36 -20.14
C4 LMT GJ . -47.15 -58.23 -21.15
C5 LMT GJ . -46.04 -57.35 -20.67
C6 LMT GJ . -46.06 -55.98 -21.25
C7 LMT GJ . -45.83 -55.91 -22.74
C8 LMT GJ . -44.40 -56.22 -23.07
C9 LMT GJ . -44.05 -55.81 -24.47
C10 LMT GJ . -42.65 -56.21 -24.81
C11 LMT GJ . -42.32 -55.81 -26.22
C12 LMT GJ . -40.96 -56.25 -26.65
MG BCL HJ . -34.62 -59.25 -20.78
CHA BCL HJ . -31.46 -58.58 -21.95
CHB BCL HJ . -35.86 -58.09 -23.74
CHC BCL HJ . -37.72 -59.35 -19.47
CHD BCL HJ . -33.32 -59.49 -17.54
NA BCL HJ . -33.74 -58.41 -22.58
C1A BCL HJ . -32.40 -58.34 -22.92
C2A BCL HJ . -32.21 -58.22 -24.40
C3A BCL HJ . -33.60 -57.80 -24.89
C4A BCL HJ . -34.49 -58.13 -23.72
CMA BCL HJ . -33.67 -56.33 -25.23
CAA BCL HJ . -31.72 -59.55 -25.02
CBA BCL HJ . -32.01 -59.82 -26.50
CGA BCL HJ . -31.68 -58.70 -27.44
O1A BCL HJ . -30.69 -58.06 -27.40
O2A BCL HJ . -32.65 -58.47 -28.30
NB BCL HJ . -36.51 -58.78 -21.47
C1B BCL HJ . -36.82 -58.30 -22.74
C2B BCL HJ . -38.21 -58.10 -22.86
C3B BCL HJ . -38.79 -58.45 -21.62
C4B BCL HJ . -37.68 -58.89 -20.79
CMB BCL HJ . -38.85 -57.61 -24.13
CAB BCL HJ . -40.17 -58.40 -21.14
OBB BCL HJ . -40.58 -59.12 -20.21
CBB BCL HJ . -41.20 -57.48 -21.74
NC BCL HJ . -35.40 -59.35 -18.79
C1C BCL HJ . -36.72 -59.56 -18.51
C2C BCL HJ . -36.98 -59.86 -17.09
C3C BCL HJ . -35.58 -60.20 -16.56
C4C BCL HJ . -34.69 -59.62 -17.64
CMC BCL HJ . -37.66 -58.70 -16.36
CAC BCL HJ . -35.42 -61.71 -16.28
CBC BCL HJ . -34.12 -62.08 -15.58
ND BCL HJ . -32.81 -59.02 -19.89
C1D BCL HJ . -32.38 -59.25 -18.58
C2D BCL HJ . -30.96 -59.18 -18.49
C3D BCL HJ . -30.53 -58.90 -19.79
C4D BCL HJ . -31.67 -58.83 -20.59
CMD BCL HJ . -30.15 -59.35 -17.24
CAD BCL HJ . -29.41 -58.79 -20.65
OBD BCL HJ . -28.20 -58.81 -20.39
CBD BCL HJ . -29.93 -58.58 -22.09
CGD BCL HJ . -29.34 -57.38 -22.70
O1D BCL HJ . -29.36 -56.27 -22.21
O2D BCL HJ . -28.77 -57.62 -23.86
CED BCL HJ . -28.26 -56.47 -24.60
C1 BCL HJ . -32.40 -57.37 -29.23
C2 BCL HJ . -33.74 -57.06 -29.88
C3 BCL HJ . -33.91 -56.75 -31.14
C4 BCL HJ . -32.81 -56.64 -32.19
C5 BCL HJ . -35.30 -56.39 -31.68
C6 BCL HJ . -35.97 -55.21 -30.97
C7 BCL HJ . -37.15 -54.63 -31.73
C8 BCL HJ . -36.77 -53.75 -32.92
C9 BCL HJ . -36.38 -52.33 -32.44
C10 BCL HJ . -37.90 -53.68 -33.96
C11 BCL HJ . -37.90 -54.85 -34.93
C12 BCL HJ . -38.58 -54.57 -36.28
C13 BCL HJ . -37.63 -54.01 -37.36
C14 BCL HJ . -37.48 -52.49 -37.27
C15 BCL HJ . -38.18 -54.30 -38.77
C16 BCL HJ . -37.09 -54.41 -39.84
C17 BCL HJ . -37.52 -54.68 -41.30
C18 BCL HJ . -36.32 -54.88 -42.21
C19 BCL HJ . -36.78 -54.57 -43.65
C20 BCL HJ . -35.74 -56.30 -42.15
C1B LMT IJ . -48.16 -71.45 -20.96
C2B LMT IJ . -48.86 -71.97 -22.24
C3B LMT IJ . -50.39 -71.86 -22.11
C4B LMT IJ . -50.88 -72.52 -20.80
C5B LMT IJ . -50.05 -71.93 -19.64
C6B LMT IJ . -50.49 -72.57 -18.33
O1B LMT IJ . -48.32 -70.08 -20.83
O2B LMT IJ . -48.40 -71.23 -23.30
O3B LMT IJ . -51.02 -72.38 -23.22
O4' LMT IJ . -52.22 -72.26 -20.59
O5B LMT IJ . -48.66 -72.11 -19.83
O6B LMT IJ . -49.69 -72.11 -17.30
C1' LMT IJ . -46.40 -66.47 -21.06
C2' LMT IJ . -45.88 -67.51 -22.05
C3' LMT IJ . -46.88 -68.69 -22.12
C4' LMT IJ . -47.14 -69.29 -20.73
C5' LMT IJ . -47.40 -68.11 -19.73
C6' LMT IJ . -47.51 -68.56 -18.28
O1' LMT IJ . -45.52 -65.42 -21.02
O2' LMT IJ . -45.78 -66.93 -23.29
O3' LMT IJ . -46.40 -69.66 -22.95
O5' LMT IJ . -46.42 -67.10 -19.78
O6' LMT IJ . -48.32 -69.65 -18.26
C1 LMT IJ . -46.00 -64.21 -20.47
C2 LMT IJ . -44.99 -63.16 -20.87
C3 LMT IJ . -44.67 -63.07 -22.35
C4 LMT IJ . -44.00 -61.75 -22.63
C5 LMT IJ . -43.73 -61.60 -24.11
C6 LMT IJ . -43.36 -60.19 -24.49
C7 LMT IJ . -43.03 -60.08 -25.97
C8 LMT IJ . -41.61 -60.46 -26.26
C9 LMT IJ . -41.19 -60.10 -27.66
C10 LMT IJ . -39.69 -59.95 -27.71
C11 LMT IJ . -39.24 -59.31 -28.99
C12 LMT IJ . -37.78 -58.97 -28.99
C1 V7N JJ . -45.75 -38.37 -23.24
C10 V7N JJ . -43.14 -41.86 -32.71
C11 V7N JJ . -42.67 -42.10 -34.00
C12 V7N JJ . -41.91 -43.24 -34.29
C13 V7N JJ . -41.32 -43.58 -35.52
C14 V7N JJ . -40.67 -44.83 -35.65
C15 V7N JJ . -40.01 -45.25 -36.81
C16 V7N JJ . -39.11 -46.34 -36.83
C17 V7N JJ . -38.43 -46.70 -38.00
C18 V7N JJ . -37.39 -47.66 -38.06
C19 V7N JJ . -36.77 -47.89 -39.32
C2 V7N JJ . -46.62 -39.24 -24.16
C20 V7N JJ . -35.79 -48.84 -39.60
C21 V7N JJ . -35.23 -49.00 -40.88
C22 V7N JJ . -34.49 -50.08 -41.29
C23 V7N JJ . -33.95 -50.16 -42.68
C24 V7N JJ . -32.43 -50.17 -42.77
C25 V7N JJ . -32.01 -49.99 -44.19
C26 V7N JJ . -31.97 -48.83 -44.88
C27 V7N JJ . -31.57 -48.82 -46.31
C28 V7N JJ . -30.14 -48.41 -46.62
C29 V7N JJ . -29.97 -48.40 -48.09
C3 V7N JJ . -46.62 -38.80 -25.57
C30 V7N JJ . -44.28 -38.62 -23.53
C31 V7N JJ . -46.06 -36.89 -23.46
C33 V7N JJ . -46.23 -37.73 -28.40
C34 V7N JJ . -44.12 -39.55 -33.05
C35 V7N JJ . -41.33 -42.66 -36.67
C36 V7N JJ . -36.97 -48.38 -36.84
C37 V7N JJ . -34.19 -51.22 -40.40
C38 V7N JJ . -32.31 -47.53 -44.26
C39 V7N JJ . -29.17 -47.57 -48.78
C4 V7N JJ . -45.81 -39.36 -26.52
C40 V7N JJ . -29.11 -47.66 -50.25
C41 V7N JJ . -45.77 -40.11 -21.55
C43 V7N JJ . -28.32 -46.52 -48.15
C5 V7N JJ . -45.73 -39.02 -27.90
C6 V7N JJ . -45.14 -39.96 -28.77
C7 V7N JJ . -44.96 -39.80 -30.15
C8 V7N JJ . -44.13 -40.70 -30.83
C9 V7N JJ . -43.79 -40.71 -32.20
O32 V7N JJ . -46.07 -38.77 -21.91
O42 V7N JJ . -43.83 -39.39 -34.25
O44 V7N JJ . -28.27 -46.84 -50.88
O45 V7N JJ . -29.78 -48.42 -50.97
C1B LMT KJ . -64.43 -54.51 -25.89
C2B LMT KJ . -65.92 -54.62 -26.33
C3B LMT KJ . -66.87 -54.90 -25.15
C4B LMT KJ . -66.34 -56.07 -24.28
C5B LMT KJ . -64.89 -55.74 -23.91
C6B LMT KJ . -64.33 -56.84 -23.01
O1B LMT KJ . -64.15 -53.28 -25.30
O2B LMT KJ . -66.24 -53.44 -26.96
O3B LMT KJ . -68.15 -55.10 -25.57
O4' LMT KJ . -67.09 -56.21 -23.15
O5B LMT KJ . -64.07 -55.58 -25.04
O6B LMT KJ . -63.05 -56.54 -22.63
C1' LMT KJ . -61.59 -50.01 -25.90
C2' LMT KJ . -62.52 -50.38 -27.08
C3' LMT KJ . -63.66 -51.33 -26.62
C4' LMT KJ . -63.08 -52.53 -25.87
C5' LMT KJ . -62.19 -51.94 -24.75
C6' LMT KJ . -61.61 -52.95 -23.81
O1' LMT KJ . -60.49 -49.32 -26.37
O2' LMT KJ . -63.07 -49.22 -27.58
O3' LMT KJ . -64.40 -51.74 -27.68
O5' LMT KJ . -61.12 -51.20 -25.31
O6' LMT KJ . -62.66 -53.62 -23.23
C1 LMT KJ . -59.58 -48.86 -25.39
C2 LMT KJ . -58.33 -48.45 -26.12
C3 LMT KJ . -58.46 -47.38 -27.17
C4 LMT KJ . -57.08 -46.96 -27.64
C5 LMT KJ . -57.16 -45.63 -28.35
C6 LMT KJ . -55.86 -45.16 -28.91
C7 LMT KJ . -55.68 -45.58 -30.35
C8 LMT KJ . -54.32 -45.18 -30.83
C9 LMT KJ . -54.07 -45.40 -32.30
C10 LMT KJ . -52.60 -45.18 -32.56
C11 LMT KJ . -52.27 -45.25 -34.03
C12 LMT KJ . -52.56 -43.97 -34.75
MG BCL LJ . -47.44 -46.72 -25.97
CHA BCL LJ . -44.28 -46.76 -27.30
CHB BCL LJ . -48.47 -44.91 -28.68
CHC BCL LJ . -50.41 -46.21 -24.45
CHD BCL LJ . -46.11 -47.69 -22.87
NA BCL LJ . -46.45 -45.93 -27.73
C1A BCL LJ . -45.16 -46.17 -28.16
C2A BCL LJ . -44.99 -45.84 -29.61
C3A BCL LJ . -46.24 -45.02 -29.93
C4A BCL LJ . -47.14 -45.30 -28.76
CMA BCL LJ . -45.95 -43.53 -30.05
CAA BCL LJ . -44.88 -47.10 -30.48
CBA BCL LJ . -44.12 -46.97 -31.81
CGA BCL LJ . -44.71 -46.20 -32.95
O1A BCL LJ . -44.06 -45.76 -33.83
O2A BCL LJ . -46.04 -46.15 -32.94
NB BCL LJ . -49.18 -45.71 -26.47
C1B BCL LJ . -49.41 -45.01 -27.65
C2B BCL LJ . -50.70 -44.48 -27.65
C3B BCL LJ . -51.31 -44.82 -26.42
C4B BCL LJ . -50.31 -45.61 -25.72
CMB BCL LJ . -51.25 -43.68 -28.82
CAB BCL LJ . -52.61 -44.50 -25.84
OBB BCL LJ . -53.13 -45.18 -24.95
CBB BCL LJ . -53.42 -43.30 -26.28
NC BCL LJ . -48.13 -46.87 -23.95
C1C BCL LJ . -49.45 -46.76 -23.60
C2C BCL LJ . -49.73 -47.18 -22.21
C3C BCL LJ . -48.43 -47.87 -21.79
C4C BCL LJ . -47.47 -47.45 -22.89
CMC BCL LJ . -50.14 -46.03 -21.31
CAC BCL LJ . -48.61 -49.41 -21.61
CBC BCL LJ . -47.44 -50.11 -20.95
ND BCL LJ . -45.60 -47.08 -25.19
C1D BCL LJ . -45.19 -47.58 -23.95
C2D BCL LJ . -43.81 -47.90 -23.98
C3D BCL LJ . -43.39 -47.61 -25.27
C4D BCL LJ . -44.48 -47.12 -25.96
CMD BCL LJ . -43.02 -48.46 -22.81
CAD BCL LJ . -42.29 -47.61 -26.17
OBD BCL LJ . -41.10 -47.90 -26.00
CBD BCL LJ . -42.80 -47.13 -27.55
CGD BCL LJ . -41.97 -46.03 -28.07
O1D BCL LJ . -41.68 -45.02 -27.48
O2D BCL LJ . -41.51 -46.27 -29.30
CED BCL LJ . -40.78 -45.19 -29.95
C1 BCL LJ . -46.81 -45.54 -34.04
C2 BCL LJ . -46.45 -44.07 -34.13
C3 BCL LJ . -47.30 -43.10 -34.39
C4 BCL LJ . -48.80 -43.28 -34.60
C5 BCL LJ . -46.80 -41.66 -34.52
C6 BCL LJ . -46.47 -41.18 -35.95
C7 BCL LJ . -47.67 -40.72 -36.80
C8 BCL LJ . -48.05 -39.23 -36.75
C9 BCL LJ . -48.55 -38.78 -35.36
C10 BCL LJ . -49.14 -38.89 -37.79
C11 BCL LJ . -48.60 -38.66 -39.19
C12 BCL LJ . -49.68 -38.36 -40.24
C13 BCL LJ . -49.05 -38.09 -41.62
C14 BCL LJ . -48.29 -36.76 -41.64
C15 BCL LJ . -50.12 -38.09 -42.73
C16 BCL LJ . -49.79 -38.74 -44.08
C17 BCL LJ . -48.55 -38.22 -44.83
C18 BCL LJ . -48.46 -38.53 -46.31
C19 BCL LJ . -48.36 -40.06 -46.43
C20 BCL LJ . -47.27 -37.85 -46.99
C1B LMT MJ . -65.73 -49.65 -19.39
C2B LMT MJ . -65.70 -50.11 -17.92
C3B LMT MJ . -64.61 -51.16 -17.69
C4B LMT MJ . -64.73 -52.32 -18.71
C5B LMT MJ . -64.80 -51.71 -20.12
C6B LMT MJ . -64.99 -52.82 -21.15
O1B LMT MJ . -64.60 -48.87 -19.67
O2B LMT MJ . -65.50 -49.00 -17.13
O3B LMT MJ . -64.59 -51.61 -16.39
O4' LMT MJ . -63.65 -53.16 -18.62
O5B LMT MJ . -65.82 -50.74 -20.27
O6B LMT MJ . -64.97 -52.31 -22.42
C1' LMT MJ . -63.19 -45.97 -22.23
C2' LMT MJ . -64.70 -45.88 -21.97
C3' LMT MJ . -65.10 -46.79 -20.78
C4' LMT MJ . -64.54 -48.21 -20.93
C5' LMT MJ . -63.04 -48.08 -21.30
C6' LMT MJ . -62.36 -49.40 -21.47
O1' LMT MJ . -62.83 -45.25 -23.34
O2' LMT MJ . -65.03 -44.58 -21.68
O3' LMT MJ . -66.46 -46.84 -20.66
O5' LMT MJ . -62.87 -47.32 -22.48
O6' LMT MJ . -61.47 -49.26 -22.49
C1 LMT MJ . -61.43 -45.13 -23.56
C2 LMT MJ . -61.27 -44.65 -24.98
C3 LMT MJ . -59.88 -44.32 -25.44
C4 LMT MJ . -59.41 -43.00 -24.88
C5 LMT MJ . -58.30 -42.45 -25.72
C6 LMT MJ . -57.85 -41.10 -25.26
C7 LMT MJ . -57.25 -40.27 -26.38
C8 LMT MJ . -56.09 -40.95 -27.02
C9 LMT MJ . -55.72 -40.35 -28.35
C10 LMT MJ . -54.51 -41.07 -28.91
C11 LMT MJ . -54.20 -40.59 -30.29
C12 LMT MJ . -53.01 -41.25 -30.89
C1B LMT NJ . -59.85 -59.72 -23.94
C2B LMT NJ . -60.09 -61.18 -24.40
C3B LMT NJ . -61.43 -61.75 -23.89
C4B LMT NJ . -61.66 -61.41 -22.40
C5B LMT NJ . -61.44 -59.90 -22.23
C6B LMT NJ . -61.75 -59.48 -20.80
O1B LMT NJ . -60.62 -58.81 -24.70
O2B LMT NJ . -60.05 -61.19 -25.78
O3B LMT NJ . -61.54 -63.09 -24.15
O4' LMT NJ . -62.94 -61.73 -22.02
O5B LMT NJ . -60.13 -59.57 -22.58
O6B LMT NJ . -61.61 -58.12 -20.67
C1' LMT NJ . -59.45 -55.25 -26.72
C2' LMT NJ . -59.81 -56.51 -27.58
C3' LMT NJ . -60.59 -57.60 -26.78
C4' LMT NJ . -59.90 -57.83 -25.43
C5' LMT NJ . -59.99 -56.44 -24.76
C6' LMT NJ . -59.77 -56.45 -23.27
O1' LMT NJ . -58.38 -54.62 -27.29
O2' LMT NJ . -60.60 -56.10 -28.63
O3' LMT NJ . -60.64 -58.77 -27.48
O5' LMT NJ . -59.06 -55.59 -25.38
O6' LMT NJ . -59.78 -55.15 -22.84
C1 LMT NJ . -58.11 -53.31 -26.82
C2 LMT NJ . -56.67 -52.99 -27.18
C3 LMT NJ . -56.25 -51.56 -27.00
C4 LMT NJ . -54.79 -51.35 -27.39
C5 LMT NJ . -54.51 -49.89 -27.55
C6 LMT NJ . -53.12 -49.59 -28.03
C7 LMT NJ . -53.03 -48.17 -28.53
C8 LMT NJ . -51.64 -47.89 -29.02
C9 LMT NJ . -51.12 -48.84 -30.05
C10 LMT NJ . -49.87 -48.25 -30.65
C11 LMT NJ . -49.20 -49.24 -31.56
C12 LMT NJ . -48.22 -48.60 -32.48
C1 V7N OJ . -53.10 -23.33 -24.75
C10 V7N OJ . -51.69 -26.17 -34.77
C11 V7N OJ . -51.42 -26.34 -36.13
C12 V7N OJ . -50.80 -27.51 -36.56
C13 V7N OJ . -50.37 -27.83 -37.86
C14 V7N OJ . -50.03 -29.16 -38.20
C15 V7N OJ . -49.52 -29.52 -39.45
C16 V7N OJ . -48.89 -30.75 -39.69
C17 V7N OJ . -48.32 -31.06 -40.93
C18 V7N OJ . -47.53 -32.19 -41.19
C19 V7N OJ . -46.96 -32.34 -42.48
C2 V7N OJ . -54.02 -24.03 -25.77
C20 V7N OJ . -46.39 -33.49 -43.01
C21 V7N OJ . -45.82 -33.51 -44.32
C22 V7N OJ . -45.35 -34.65 -44.94
C23 V7N OJ . -44.75 -34.59 -46.30
C24 V7N OJ . -43.26 -34.26 -46.27
C25 V7N OJ . -42.64 -34.46 -47.60
C26 V7N OJ . -41.90 -33.55 -48.26
C27 V7N OJ . -41.32 -33.84 -49.60
C28 V7N OJ . -41.93 -32.93 -50.66
C29 V7N OJ . -41.33 -33.01 -52.01
C3 V7N OJ . -54.05 -23.46 -27.14
C30 V7N OJ . -51.64 -23.60 -25.10
C31 V7N OJ . -53.36 -21.84 -24.76
C33 V7N OJ . -53.66 -22.04 -29.82
C34 V7N OJ . -52.27 -23.70 -34.82
C35 V7N OJ . -50.21 -26.79 -38.90
C36 V7N OJ . -47.29 -33.18 -40.10
C37 V7N OJ . -45.41 -35.96 -44.29
C38 V7N OJ . -41.64 -32.20 -47.70
C39 V7N OJ . -40.16 -32.46 -52.37
C4 V7N OJ . -53.23 -23.90 -28.14
C40 V7N OJ . -39.67 -32.58 -53.77
C41 V7N OJ . -53.31 -25.32 -23.36
C43 V7N OJ . -39.27 -31.69 -51.47
C5 V7N OJ . -53.22 -23.41 -29.48
C6 V7N OJ . -52.75 -24.29 -30.46
C7 V7N OJ . -52.67 -24.04 -31.84
C8 V7N OJ . -52.21 -25.04 -32.70
C9 V7N OJ . -52.06 -24.97 -34.09
O32 V7N OJ . -53.44 -23.91 -23.48
O42 V7N OJ . -52.22 -23.51 -36.04
O44 V7N OJ . -40.44 -33.28 -54.61
O45 V7N OJ . -38.62 -32.11 -54.24
MG BCL PJ . -56.82 -30.65 -28.42
CHA BCL PJ . -53.77 -31.24 -29.93
CHB BCL PJ . -57.39 -28.23 -30.77
CHC BCL PJ . -59.54 -29.70 -26.68
CHD BCL PJ . -55.72 -32.42 -25.61
NA BCL PJ . -55.68 -29.84 -30.10
C1A BCL PJ . -54.51 -30.33 -30.64
C2A BCL PJ . -54.30 -29.88 -32.05
C3A BCL PJ . -55.38 -28.79 -32.22
C4A BCL PJ . -56.22 -28.93 -30.99
CMA BCL PJ . -54.77 -27.39 -32.30
CAA BCL PJ . -54.47 -31.04 -33.04
CBA BCL PJ . -54.62 -30.70 -34.54
CGA BCL PJ . -53.60 -29.72 -34.98
O1A BCL PJ . -52.43 -29.89 -34.88
O2A BCL PJ . -53.97 -28.78 -35.81
NB BCL PJ . -58.23 -29.17 -28.65
C1B BCL PJ . -58.33 -28.29 -29.72
C2B BCL PJ . -59.48 -27.50 -29.59
C3B BCL PJ . -60.13 -27.88 -28.40
C4B BCL PJ . -59.31 -28.96 -27.85
CMB BCL PJ . -59.88 -26.47 -30.63
CAB BCL PJ . -61.32 -27.39 -27.72
OBB BCL PJ . -61.96 -28.06 -26.89
CBB BCL PJ . -61.87 -26.01 -27.96
NC BCL PJ . -57.49 -30.98 -26.43
C1C BCL PJ . -58.72 -30.61 -25.99
C2C BCL PJ . -59.07 -31.16 -24.65
C3C BCL PJ . -57.99 -32.22 -24.44
C4C BCL PJ . -56.97 -31.86 -25.51
CMC BCL PJ . -59.09 -30.09 -23.57
CAC BCL PJ . -58.57 -33.66 -24.53
CBC BCL PJ . -57.61 -34.74 -24.08
ND BCL PJ . -55.11 -31.58 -27.83
C1D BCL PJ . -54.81 -32.36 -26.70
C2D BCL PJ . -53.55 -32.99 -26.86
C3D BCL PJ . -53.09 -32.60 -28.10
C4D BCL PJ . -54.04 -31.75 -28.65
CMD BCL PJ . -52.90 -33.91 -25.85
CAD BCL PJ . -52.05 -32.71 -29.05
OBD BCL PJ . -50.96 -33.33 -29.00
CBD BCL PJ . -52.44 -31.89 -30.31
CGD BCL PJ . -51.36 -30.97 -30.69
O1D BCL PJ . -50.81 -30.20 -29.94
O2D BCL PJ . -51.02 -31.06 -31.96
CED BCL PJ . -50.08 -30.07 -32.47
C1 BCL PJ . -55.36 -28.37 -35.97
C2 BCL PJ . -55.31 -27.05 -36.70
C3 BCL PJ . -56.35 -26.26 -36.78
C4 BCL PJ . -57.71 -26.55 -36.17
C5 BCL PJ . -56.26 -24.92 -37.51
C6 BCL PJ . -56.00 -23.72 -36.58
C7 BCL PJ . -55.63 -22.41 -37.29
C8 BCL PJ . -56.66 -21.70 -38.18
C9 BCL PJ . -58.12 -21.95 -37.68
C10 BCL PJ . -56.52 -22.09 -39.66
C11 BCL PJ . -57.44 -21.30 -40.57
C12 BCL PJ . -56.97 -21.30 -42.03
C13 BCL PJ . -57.99 -20.67 -43.00
C14 BCL PJ . -59.01 -21.68 -43.51
C15 BCL PJ . -57.24 -20.07 -44.19
C16 BCL PJ . -56.30 -20.96 -45.00
C17 BCL PJ . -55.56 -20.23 -46.14
C18 BCL PJ . -56.44 -19.80 -47.29
C19 BCL PJ . -56.98 -21.08 -47.93
C20 BCL PJ . -55.70 -18.96 -48.35
C1B LMT QJ . -74.23 -40.23 -28.41
C2B LMT QJ . -74.36 -41.74 -28.07
C3B LMT QJ . -74.26 -42.60 -29.33
C4B LMT QJ . -75.25 -42.12 -30.41
C5B LMT QJ . -75.02 -40.61 -30.64
C6B LMT QJ . -76.00 -40.07 -31.67
O1B LMT QJ . -72.90 -39.89 -28.70
O2B LMT QJ . -73.35 -42.04 -27.18
O3B LMT QJ . -74.41 -43.94 -29.05
O4' LMT QJ . -75.03 -42.78 -31.61
O5B LMT QJ . -75.10 -39.86 -29.44
O6B LMT QJ . -76.04 -38.70 -31.62
C1' LMT QJ . -70.65 -36.41 -29.48
C2' LMT QJ . -71.98 -36.21 -28.70
C3' LMT QJ . -72.53 -37.54 -28.13
C4' LMT QJ . -72.61 -38.60 -29.25
C5' LMT QJ . -71.20 -38.65 -29.88
C6' LMT QJ . -71.04 -39.72 -30.93
O1' LMT QJ . -70.38 -35.25 -30.17
O2' LMT QJ . -71.77 -35.33 -27.66
O3' LMT QJ . -73.77 -37.33 -27.59
O5' LMT QJ . -70.87 -37.41 -30.46
O6' LMT QJ . -71.16 -40.93 -30.30
C1 LMT QJ . -69.21 -35.21 -30.99
C2 LMT QJ . -68.00 -34.93 -30.13
C3 LMT QJ . -66.80 -34.43 -30.89
C4 LMT QJ . -65.77 -33.81 -29.96
C5 LMT QJ . -64.75 -33.01 -30.74
C6 LMT QJ . -63.99 -32.06 -29.88
C7 LMT QJ . -63.25 -31.00 -30.66
C8 LMT QJ . -61.96 -31.51 -31.22
C9 LMT QJ . -61.23 -30.54 -32.10
C10 LMT QJ . -60.03 -31.24 -32.71
C11 LMT QJ . -59.42 -30.44 -33.82
C12 LMT QJ . -58.52 -31.28 -34.66
C1B LMT RJ . -75.34 -33.49 -28.64
C2B LMT RJ . -76.88 -33.39 -28.80
C3B LMT RJ . -77.60 -33.15 -27.44
C4B LMT RJ . -77.08 -34.14 -26.36
C5B LMT RJ . -75.55 -34.03 -26.34
C6B LMT RJ . -74.95 -34.89 -25.24
O1B LMT RJ . -74.74 -32.23 -28.50
O2B LMT RJ . -77.15 -32.38 -29.68
O3B LMT RJ . -78.95 -33.21 -27.58
O4' LMT RJ . -77.58 -33.77 -25.12
O5B LMT RJ . -74.99 -34.35 -27.59
O6B LMT RJ . -73.58 -34.79 -25.28
C1' LMT RJ . -70.83 -30.71 -28.10
C2' LMT RJ . -70.99 -32.01 -28.90
C3' LMT RJ . -72.46 -32.19 -29.36
C4' LMT RJ . -73.37 -32.17 -28.12
C5' LMT RJ . -73.09 -30.82 -27.42
C6' LMT RJ . -74.01 -30.57 -26.25
O1' LMT RJ . -69.58 -30.66 -27.56
O2' LMT RJ . -70.19 -31.94 -30.01
O3' LMT RJ . -72.60 -33.36 -30.04
O5' LMT RJ . -71.74 -30.74 -26.99
O6' LMT RJ . -73.70 -29.33 -25.75
C1 LMT RJ . -68.84 -29.46 -27.71
C2 LMT RJ . -67.81 -29.64 -28.81
C3 LMT RJ . -67.04 -28.40 -29.17
C4 LMT RJ . -65.86 -28.72 -30.08
C5 LMT RJ . -65.36 -27.48 -30.77
C6 LMT RJ . -64.23 -27.75 -31.76
C7 LMT RJ . -64.08 -26.60 -32.72
C8 LMT RJ . -63.00 -26.90 -33.73
C9 LMT RJ . -63.03 -26.01 -34.95
C10 LMT RJ . -61.87 -26.37 -35.85
C11 LMT RJ . -62.07 -25.83 -37.24
C12 LMT RJ . -60.86 -25.98 -38.09
FE HEC SJ . -43.24 -24.94 36.78
CHA HEC SJ . -42.63 -24.90 40.17
CHB HEC SJ . -46.61 -25.14 37.41
CHC HEC SJ . -43.89 -25.14 33.41
CHD HEC SJ . -39.90 -25.11 36.10
NA HEC SJ . -44.40 -24.99 38.47
C1A HEC SJ . -43.94 -25.02 39.77
C2A HEC SJ . -45.08 -25.19 40.65
C3A HEC SJ . -46.18 -25.25 39.89
C4A HEC SJ . -45.78 -25.12 38.51
CMA HEC SJ . -47.63 -25.43 40.39
CAA HEC SJ . -45.01 -25.27 42.18
CBA HEC SJ . -45.16 -26.72 42.66
CGA HEC SJ . -45.04 -26.76 44.15
O1A HEC SJ . -43.90 -26.95 44.66
O2A HEC SJ . -46.07 -26.59 44.84
NB HEC SJ . -44.94 -25.19 35.64
C1B HEC SJ . -46.23 -25.09 36.09
C2B HEC SJ . -47.10 -24.89 34.96
C3B HEC SJ . -46.34 -24.91 33.84
C4B HEC SJ . -44.97 -25.09 34.26
CMB HEC SJ . -48.63 -24.73 35.11
CAB HEC SJ . -46.65 -24.74 32.33
CBB HEC SJ . -47.89 -23.89 31.97
NC HEC SJ . -42.13 -25.09 35.08
C1C HEC SJ . -42.57 -25.16 33.78
C2C HEC SJ . -41.43 -25.07 32.89
C3C HEC SJ . -40.35 -25.28 33.65
C4C HEC SJ . -40.75 -25.15 35.03
CMC HEC SJ . -41.59 -25.39 31.39
CAC HEC SJ . -38.84 -25.37 33.30
CBC HEC SJ . -38.41 -24.49 32.09
ND HEC SJ . -41.54 -25.06 37.96
C1D HEC SJ . -40.26 -24.97 37.42
C2D HEC SJ . -39.33 -24.69 38.49
C3D HEC SJ . -40.17 -24.62 39.76
C4D HEC SJ . -41.53 -24.87 39.34
CMD HEC SJ . -37.80 -24.49 38.38
CAD HEC SJ . -39.65 -24.35 41.18
CBD HEC SJ . -39.64 -22.84 41.44
CGD HEC SJ . -38.95 -22.56 42.75
O1D HEC SJ . -38.97 -21.38 43.18
O2D HEC SJ . -38.39 -23.50 43.34
FE HEC TJ . -11.59 -3.64 22.34
CHA HEC TJ . -9.69 -3.57 25.20
CHB HEC TJ . -8.74 -3.73 20.45
CHC HEC TJ . -13.46 -3.97 19.47
CHD HEC TJ . -14.43 -3.08 24.11
NA HEC TJ . -9.60 -3.68 22.75
C1A HEC TJ . -9.02 -3.58 24.00
C2A HEC TJ . -7.60 -3.50 23.84
C3A HEC TJ . -7.33 -3.54 22.53
C4A HEC TJ . -8.58 -3.67 21.82
CMA HEC TJ . -5.94 -3.49 21.88
CAA HEC TJ . -6.55 -3.38 24.97
CBA HEC TJ . -6.29 -1.90 25.23
CGA HEC TJ . -5.17 -1.72 26.22
O1A HEC TJ . -4.17 -2.48 26.15
O2A HEC TJ . -5.28 -0.82 27.08
NB HEC TJ . -11.17 -3.75 20.32
C1B HEC TJ . -9.92 -3.91 19.78
C2B HEC TJ . -10.08 -4.31 18.40
C3B HEC TJ . -11.39 -4.35 18.12
C4B HEC TJ . -12.10 -4.02 19.34
CMB HEC TJ . -8.87 -4.57 17.47
CAB HEC TJ . -12.18 -4.73 16.85
CBB HEC TJ . -11.61 -5.93 16.06
NC HEC TJ . -13.56 -3.53 21.87
C1C HEC TJ . -14.15 -3.73 20.63
C2C HEC TJ . -15.57 -3.82 20.80
C3C HEC TJ . -15.83 -3.37 22.05
C4C HEC TJ . -14.58 -3.32 22.76
CMC HEC TJ . -16.52 -3.78 19.58
CAC HEC TJ . -17.18 -3.17 22.80
CBC HEC TJ . -18.36 -4.05 22.36
ND HEC TJ . -11.99 -3.28 24.36
C1D HEC TJ . -13.29 -3.27 24.85
C2D HEC TJ . -13.25 -3.50 26.27
C3D HEC TJ . -11.76 -3.65 26.61
C4D HEC TJ . -11.06 -3.49 25.36
CMD HEC TJ . -14.44 -3.58 27.25
CAD HEC TJ . -11.16 -3.93 28.00
CBD HEC TJ . -11.09 -5.45 28.10
CGD HEC TJ . -10.53 -5.90 29.42
O1D HEC TJ . -9.82 -5.12 30.09
O2D HEC TJ . -10.79 -7.07 29.80
FE HEC UJ . -31.20 -21.37 30.71
CHA HEC UJ . -29.91 -24.43 29.93
CHB HEC UJ . -34.10 -22.87 31.82
CHC HEC UJ . -32.55 -18.29 31.37
CHD HEC UJ . -28.41 -19.81 29.45
NA HEC UJ . -31.87 -23.29 30.87
C1A HEC UJ . -31.18 -24.41 30.45
C2A HEC UJ . -32.04 -25.55 30.66
C3A HEC UJ . -33.19 -25.13 31.17
C4A HEC UJ . -33.11 -23.69 31.32
CMA HEC UJ . -34.41 -26.00 31.55
CAA HEC UJ . -31.65 -27.01 30.33
CBA HEC UJ . -31.98 -27.30 28.86
CGA HEC UJ . -31.65 -28.73 28.54
O1A HEC UJ . -32.37 -29.32 27.69
O2A HEC UJ . -30.69 -29.27 29.12
NB HEC UJ . -33.02 -20.71 31.39
C1B HEC UJ . -34.03 -21.49 31.91
C2B HEC UJ . -34.97 -20.63 32.59
C3B HEC UJ . -34.54 -19.36 32.43
C4B HEC UJ . -33.30 -19.40 31.71
CMB HEC UJ . -36.25 -21.16 33.29
CAB HEC UJ . -35.09 -18.00 32.93
CBB HEC UJ . -35.69 -18.00 34.36
NC HEC UJ . -30.60 -19.43 30.48
C1C HEC UJ . -31.32 -18.30 30.79
C2C HEC UJ . -30.47 -17.13 30.58
C3C HEC UJ . -29.43 -17.56 29.85
C4C HEC UJ . -29.42 -19.00 29.91
CMC HEC UJ . -31.08 -15.71 30.59
CAC HEC UJ . -28.21 -16.81 29.26
CBC HEC UJ . -27.71 -15.64 30.13
ND HEC UJ . -29.46 -22.02 29.79
C1D HEC UJ . -28.40 -21.18 29.45
C2D HEC UJ . -27.27 -21.98 29.07
C3D HEC UJ . -27.73 -23.43 29.21
C4D HEC UJ . -29.11 -23.35 29.67
CMD HEC UJ . -25.89 -21.49 28.61
CAD HEC UJ . -26.94 -24.72 28.94
CBD HEC UJ . -27.50 -25.29 27.64
CGD HEC UJ . -27.29 -26.77 27.59
O1D HEC UJ . -27.90 -27.49 28.41
O2D HEC UJ . -26.51 -27.24 26.72
FE HEC VJ . -24.35 -6.98 26.49
CHA HEC VJ . -26.09 -4.07 26.10
CHB HEC VJ . -21.58 -5.52 25.06
CHC HEC VJ . -22.55 -9.87 26.96
CHD HEC VJ . -27.12 -8.53 27.78
NA HEC VJ . -23.92 -5.15 25.70
C1A HEC VJ . -24.76 -4.08 25.69
C2A HEC VJ . -24.04 -2.93 25.17
C3A HEC VJ . -22.81 -3.33 24.88
C4A HEC VJ . -22.70 -4.74 25.21
CMA HEC VJ . -21.69 -2.44 24.29
CAA HEC VJ . -24.64 -1.53 24.99
CBA HEC VJ . -25.13 -1.33 23.57
CGA HEC VJ . -25.57 0.10 23.37
O1A HEC VJ . -25.48 0.88 24.34
O2A HEC VJ . -25.98 0.43 22.23
NB HEC VJ . -22.44 -7.59 26.06
C1B HEC VJ . -21.43 -6.81 25.52
C2B HEC VJ . -20.20 -7.57 25.55
C3B HEC VJ . -20.48 -8.77 26.06
C4B HEC VJ . -21.89 -8.80 26.40
CMB HEC VJ . -18.86 -7.00 25.02
CAB HEC VJ . -19.58 -10.01 26.36
CBB HEC VJ . -18.18 -9.68 26.92
NC HEC VJ . -24.75 -8.84 27.23
C1C HEC VJ . -23.88 -9.90 27.33
C2C HEC VJ . -24.54 -10.97 28.05
C3C HEC VJ . -25.85 -10.65 28.10
C4C HEC VJ . -25.97 -9.27 27.69
CMC HEC VJ . -23.92 -12.39 28.14
CAC HEC VJ . -27.07 -11.39 28.69
CBC HEC VJ . -26.77 -12.19 29.97
ND HEC VJ . -26.29 -6.39 26.89
C1D HEC VJ . -27.29 -7.22 27.41
C2D HEC VJ . -28.52 -6.49 27.49
C3D HEC VJ . -28.19 -5.09 26.95
C4D HEC VJ . -26.79 -5.13 26.61
CMD HEC VJ . -29.89 -6.99 27.99
CAD HEC VJ . -29.13 -3.88 26.80
CBD HEC VJ . -28.99 -2.95 28.00
CGD HEC VJ . -29.51 -1.60 27.60
O1D HEC VJ . -30.75 -1.40 27.61
O2D HEC VJ . -28.68 -0.72 27.25
C6 V75 WJ . -38.08 -42.61 44.57
C5 V75 WJ . -39.55 -42.26 44.34
C1 V75 WJ . -41.09 -41.51 42.76
C2 V75 WJ . -42.18 -42.47 43.23
C3 V75 WJ . -41.90 -42.90 44.67
O3 V75 WJ . -42.79 -43.93 45.01
C4 V75 WJ . -40.47 -43.38 44.85
O4 V75 WJ . -40.20 -43.63 46.20
C2A V75 WJ . -44.29 -42.20 42.17
C2B V75 WJ . -45.69 -41.61 42.13
C3A V75 WJ . -43.90 -43.52 45.75
C3B V75 WJ . -45.07 -44.48 45.95
O2 V75 WJ . -43.42 -41.83 43.21
O2B V75 WJ . -43.95 -42.97 41.34
O3B V75 WJ . -43.93 -42.43 46.22
O5 V75 WJ . -39.83 -42.07 42.98
O6A V75 WJ . -37.45 -42.03 45.51
O6B V75 WJ . -37.49 -43.44 43.85
C1 NDG XJ . -40.28 -44.91 46.67
C2 NDG XJ . -40.15 -44.90 48.22
C3 NDG XJ . -38.68 -44.71 48.62
C4 NDG XJ . -37.80 -45.75 47.94
C5 NDG XJ . -38.00 -45.70 46.42
C6 NDG XJ . -37.26 -46.83 45.70
C7 NDG XJ . -42.29 -43.83 48.83
C8 NDG XJ . -42.92 -42.61 49.50
O5 NDG XJ . -39.38 -45.85 46.08
O3 NDG XJ . -38.60 -44.82 50.04
O4 NDG XJ . -36.46 -45.41 48.27
O6 NDG XJ . -37.45 -46.78 44.28
O7 NDG XJ . -42.97 -44.74 48.36
N2 NDG XJ . -40.94 -43.83 48.81
C2 0V9 YJ . 4.86 25.39 17.35
C1 0V9 YJ . 3.78 26.10 18.17
N 0V9 YJ . 5.03 22.62 22.52
C3 0V9 YJ . 4.23 24.64 16.18
C4 0V9 YJ . 5.11 24.83 21.37
C5 0V9 YJ . 4.78 24.05 22.64
C10 0V9 YJ . 6.65 27.02 17.64
C11 0V9 YJ . 7.36 28.15 16.96
C12 0V9 YJ . 8.30 27.69 15.85
C13 0V9 YJ . 7.71 27.83 14.46
C14 0V9 YJ . 8.74 27.47 13.42
C15 0V9 YJ . 8.23 27.46 11.99
C16 0V9 YJ . 7.58 28.76 11.54
C17 0V9 YJ . 7.22 28.70 10.06
C18 0V9 YJ . 8.42 28.82 9.19
C19 0V9 YJ . 8.73 29.90 8.45
C20 0V9 YJ . 7.95 31.17 8.39
C21 0V9 YJ . 6.83 31.11 7.37
C22 0V9 YJ . 5.61 31.90 7.83
C23 0V9 YJ . 4.80 32.44 6.66
C24 0V9 YJ . 4.10 31.35 5.89
C25 0V9 YJ . 3.52 31.87 4.60
C30 0V9 YJ . 4.93 23.53 14.20
C31 0V9 YJ . 6.07 22.86 13.51
C32 0V9 YJ . 6.49 23.59 12.25
C33 0V9 YJ . 7.61 22.81 11.56
C34 0V9 YJ . 8.21 23.57 10.39
C35 0V9 YJ . 7.20 23.81 9.28
C36 0V9 YJ . 7.85 24.51 8.11
C37 0V9 YJ . 6.89 24.88 7.00
C38 0V9 YJ . 5.94 25.99 7.41
C39 0V9 YJ . 5.06 26.42 6.25
C40 0V9 YJ . 3.97 27.39 6.71
C41 0V9 YJ . 3.14 27.93 5.57
C42 0V9 YJ . 2.28 26.87 4.91
C43 0V9 YJ . 1.27 27.47 3.96
O4 0V9 YJ . 6.77 26.64 18.82
O5 0V9 YJ . 3.76 23.60 13.87
O2 0V9 YJ . 5.75 26.40 16.83
O3 0V9 YJ . 5.30 24.11 15.39
O1P 0V9 YJ . 2.46 23.03 19.80
O2P 0V9 YJ . 2.22 25.18 21.08
O3P 0V9 YJ . 2.82 25.18 18.63
O4P 0V9 YJ . 4.41 24.33 20.26
P 0V9 YJ . 2.84 24.51 20.05
C1 NDG ZJ . -5.44 -22.57 44.03
C2 NDG ZJ . -4.52 -21.43 44.52
C3 NDG ZJ . -3.08 -21.73 44.12
C4 NDG ZJ . -2.65 -23.05 44.72
C5 NDG ZJ . -3.61 -24.15 44.24
C6 NDG ZJ . -3.35 -25.52 44.86
C7 NDG ZJ . -5.92 -19.39 44.48
C8 NDG ZJ . -6.18 -18.06 43.76
O5 NDG ZJ . -4.97 -23.82 44.55
O3 NDG ZJ . -2.24 -20.67 44.57
O4 NDG ZJ . -1.33 -23.30 44.24
O6 NDG ZJ . -4.14 -26.55 44.26
O7 NDG ZJ . -6.59 -19.75 45.45
N2 NDG ZJ . -4.90 -20.14 43.97
C2 0V9 AK . 19.23 7.96 23.10
C1 0V9 AK . 18.36 7.43 24.26
N 0V9 AK . 15.25 8.95 29.81
C3 0V9 AK . 20.70 8.10 23.50
C4 0V9 AK . 16.12 9.57 27.57
C5 0V9 AK . 15.95 8.48 28.64
C10 0V9 AK . 18.96 7.51 20.74
C11 0V9 AK . 18.81 6.41 19.73
C12 0V9 AK . 18.62 6.92 18.31
C13 0V9 AK . 19.88 6.92 17.47
C14 0V9 AK . 19.61 7.50 16.09
C15 0V9 AK . 20.78 7.44 15.13
C16 0V9 AK . 20.59 8.26 13.87
C17 0V9 AK . 19.54 7.73 12.91
C18 0V9 AK . 18.93 8.80 12.08
C19 0V9 AK . 19.36 9.25 10.89
C20 0V9 AK . 20.58 8.84 10.15
C21 0V9 AK . 21.08 9.97 9.25
C22 0V9 AK . 22.31 9.60 8.43
C23 0V9 AK . 21.97 8.74 7.23
C24 0V9 AK . 23.22 8.41 6.42
C25 0V9 AK . 22.92 7.55 5.22
C30 0V9 AK . 21.80 8.81 21.48
C31 0V9 AK . 22.18 9.99 20.64
C32 0V9 AK . 22.13 9.69 19.15
C33 0V9 AK . 22.80 10.80 18.36
C34 0V9 AK . 22.75 10.55 16.86
C35 0V9 AK . 23.76 11.42 16.13
C36 0V9 AK . 23.56 11.43 14.62
C37 0V9 AK . 23.51 10.07 13.95
C38 0V9 AK . 24.85 9.59 13.44
C39 0V9 AK . 24.72 8.41 12.49
C40 0V9 AK . 26.02 8.14 11.76
C41 0V9 AK . 25.87 7.08 10.68
C42 0V9 AK . 27.13 6.96 9.84
C43 0V9 AK . 27.01 5.92 8.76
O4 0V9 AK . 18.96 8.73 20.56
O5 0V9 AK . 21.89 7.63 21.18
O2 0V9 AK . 19.08 7.03 22.03
O3 0V9 AK . 21.29 9.14 22.70
O1P 0V9 AK . 16.11 6.78 26.10
O2P 0V9 AK . 14.77 8.56 24.96
O3P 0V9 AK . 17.11 8.05 24.21
O4P 0V9 AK . 16.72 9.12 26.39
P 0V9 AK . 16.01 8.13 25.34
C1 CD4 BK . 7.05 19.88 0.68
C2 CD4 BK . 6.96 20.76 -0.57
C3 CD4 BK . 8.13 21.76 -0.58
C4 CD4 BK . 8.00 22.77 -1.72
C5 CD4 BK . 8.30 22.11 -3.08
C6 CD4 BK . 8.68 23.15 -4.14
C7 CD4 BK . 7.59 24.21 -4.30
C8 CD4 BK . 7.69 24.96 -5.64
C9 CD4 BK . 9.12 25.42 -5.95
C10 CD4 BK . 9.12 26.39 -7.14
C11 CD4 BK . 10.56 26.61 -7.60
C12 CD4 BK . 10.70 27.72 -8.65
C13 CD4 BK . 10.73 29.08 -7.92
C14 CD4 BK . 10.88 30.22 -8.89
O1 CD4 BK . 9.96 30.55 -9.60
O2 CD4 BK . 12.08 30.83 -8.94
C15 CD4 BK . 12.32 32.28 -9.05
C16 CD4 BK . 11.96 33.06 -7.79
O3 CD4 BK . 12.65 32.31 -6.76
C17 CD4 BK . 11.84 31.82 -5.81
O4 CD4 BK . 10.68 32.15 -5.78
C18 CD4 BK . 12.37 30.79 -4.86
C19 CD4 BK . 11.16 30.05 -4.29
C20 CD4 BK . 11.61 28.95 -3.33
C21 CD4 BK . 10.37 28.32 -2.70
C22 CD4 BK . 10.77 27.26 -1.67
C23 CD4 BK . 9.59 27.01 -0.73
C24 CD4 BK . 10.02 26.01 0.36
C25 CD4 BK . 9.02 26.00 1.53
C26 CD4 BK . 7.60 25.67 1.08
C27 CD4 BK . 6.74 25.52 2.35
C28 CD4 BK . 11.77 32.84 -10.36
O5 CD4 BK . 12.85 32.36 -11.14
P1 CD4 BK . 13.55 33.03 -12.40
O6 CD4 BK . 13.94 34.56 -12.06
O7 CD4 BK . 12.72 32.90 -13.62
O8 CD4 BK . 14.92 32.20 -12.50
C29 CD4 BK . 15.94 32.42 -11.52
C30 CD4 BK . 15.88 31.34 -10.42
O9 CD4 BK . 16.71 31.71 -9.34
C31 CD4 BK . 16.40 30.00 -10.93
O10 CD4 BK . 16.92 29.32 -9.80
P2 CD4 BK . 16.81 27.73 -9.61
O11 CD4 BK . 17.74 27.26 -8.39
O12 CD4 BK . 17.24 27.06 -10.85
O13 CD4 BK . 15.26 27.42 -9.32
C32 CD4 BK . 14.59 27.84 -8.13
C33 CD4 BK . 14.93 26.84 -7.02
C34 CD4 BK . 15.61 27.52 -5.83
O14 CD4 BK . 15.55 26.54 -4.75
C35 CD4 BK . 15.98 26.85 -3.51
O15 CD4 BK . 16.40 27.94 -3.23
C36 CD4 BK . 15.88 25.75 -2.47
C37 CD4 BK . 16.79 24.59 -2.88
C38 CD4 BK . 16.59 23.37 -1.96
C39 CD4 BK . 17.15 23.56 -0.54
C40 CD4 BK . 16.54 22.47 0.35
C41 CD4 BK . 17.09 22.49 1.77
C42 CD4 BK . 16.41 23.58 2.62
C43 CD4 BK . 17.03 23.68 4.02
C44 CD4 BK . 18.56 23.89 4.03
C45 CD4 BK . 19.00 25.02 3.09
O16 CD4 BK . 13.70 26.23 -6.53
C46 CD4 BK . 13.69 24.90 -6.39
O17 CD4 BK . 14.49 24.21 -6.98
C47 CD4 BK . 12.72 24.34 -5.38
C48 CD4 BK . 12.33 22.86 -5.53
C49 CD4 BK . 13.51 21.93 -5.22
C50 CD4 BK . 13.25 21.13 -3.95
C51 CD4 BK . 12.10 20.13 -4.07
C52 CD4 BK . 12.21 19.13 -2.91
C53 CD4 BK . 10.93 18.30 -2.76
C54 CD4 BK . 11.11 17.28 -1.63
C55 CD4 BK . 9.82 16.48 -1.43
C56 CD4 BK . 10.02 15.34 -0.44
C57 CD4 BK . 9.66 15.74 1.00
C58 CD4 BK . 9.67 14.48 1.87
C59 CD4 BK . 9.34 14.84 3.32
C60 CD4 BK . 5.31 25.10 2.01
C61 CD4 BK . 4.52 26.29 1.47
C62 CD4 BK . 3.11 25.83 1.08
C63 CD4 BK . 18.43 26.36 3.56
C64 CD4 BK . 18.58 27.39 2.44
C65 CD4 BK . 17.45 27.21 1.43
CAD PGW CK . 5.31 21.24 17.46
OAE PGW CK . 4.62 20.00 17.57
OAF PGW CK . 6.85 20.60 15.73
P PGW CK . 9.55 18.54 18.39
C01 PGW CK . 9.87 17.26 14.62
C1 PGW CK . 7.15 15.73 14.09
O01 PGW CK . 7.38 17.00 14.48
C02 PGW CK . 8.51 17.45 15.29
C2 PGW CK . 5.98 15.50 13.17
O02 PGW CK . 7.83 14.80 14.45
C03 PGW CK . 8.57 16.76 16.67
C3 PGW CK . 6.40 15.30 11.71
O03 PGW CK . 10.05 17.87 13.31
C04 PGW CK . 7.31 19.87 17.96
C4 PGW CK . 6.80 13.84 11.45
O04 PGW CK . 9.81 19.98 14.00
C05 PGW CK . 6.77 20.99 17.10
C5 PGW CK . 7.45 13.67 10.08
C06 PGW CK . 4.40 17.18 5.76
C6 PGW CK . 6.50 14.04 8.92
C07 PGW CK . 5.51 18.17 6.12
C7 PGW CK . 7.19 13.64 7.62
C08 PGW CK . 4.97 19.60 6.10
C8 PGW CK . 6.41 13.91 6.33
C09 PGW CK . 4.98 20.16 4.68
C9 PGW CK . 6.05 15.35 6.09
C10 PGW CK . 4.79 15.74 6.04
C11 PGW CK . 4.54 21.63 4.67
O11 PGW CK . 9.68 17.30 17.38
C12 PGW CK . 3.02 21.77 4.82
O12 PGW CK . 8.69 19.69 17.67
C13 PGW CK . 2.63 23.24 4.79
O13 PGW CK . 11.01 19.07 18.79
C14 PGW CK . 1.11 23.39 4.96
O14 PGW CK . 8.85 18.11 19.63
C15 PGW CK . 11.05 19.90 2.42
C16 PGW CK . 11.34 21.29 1.84
C17 PGW CK . 12.03 21.18 0.47
C18 PGW CK . 11.70 22.37 -0.45
C19 PGW CK . 10.03 19.21 13.11
C20 PGW CK . 10.47 19.72 11.75
C21 PGW CK . 9.53 19.31 10.63
C22 PGW CK . 10.19 19.67 9.29
C23 PGW CK . 9.29 19.25 8.12
C24 PGW CK . 10.05 19.38 6.78
C25 PGW CK . 9.24 18.73 5.66
C26 PGW CK . 10.04 18.66 4.35
C27 PGW CK . 10.24 20.03 3.71
C28 PGW CK . 12.76 23.48 -0.46
C29 PGW CK . 13.91 25.34 0.75
C30 PGW CK . 13.03 24.09 0.91
C1 CD4 DK . 27.14 41.68 6.56
C2 CD4 DK . 26.25 40.44 6.43
C3 CD4 DK . 27.15 39.24 6.10
C4 CD4 DK . 26.41 37.90 6.24
C5 CD4 DK . 25.56 37.57 5.01
C6 CD4 DK . 24.94 36.18 5.18
C7 CD4 DK . 24.06 35.81 3.97
C8 CD4 DK . 23.88 34.29 3.89
C9 CD4 DK . 22.91 33.82 4.99
C10 CD4 DK . 23.08 32.32 5.28
C11 CD4 DK . 22.14 31.37 4.52
C12 CD4 DK . 22.27 31.25 2.99
C13 CD4 DK . 23.63 30.70 2.55
C14 CD4 DK . 23.79 30.85 1.06
O1 CD4 DK . 23.63 29.88 0.36
O2 CD4 DK . 24.08 32.02 0.45
C15 CD4 DK . 25.48 32.33 0.32
C16 CD4 DK . 25.74 33.80 -0.04
O3 CD4 DK . 26.12 34.42 1.23
C17 CD4 DK . 27.29 34.10 1.80
O4 CD4 DK . 28.07 33.31 1.30
C18 CD4 DK . 27.64 34.70 3.14
C19 CD4 DK . 29.10 35.16 3.12
C20 CD4 DK . 29.54 35.48 4.56
C21 CD4 DK . 30.95 36.06 4.52
C22 CD4 DK . 31.65 35.98 5.88
C23 CD4 DK . 30.89 36.70 7.02
C24 CD4 DK . 30.47 38.13 6.64
C25 CD4 DK . 31.68 39.00 6.23
C26 CD4 DK . 31.19 40.38 5.77
C27 CD4 DK . 30.91 41.35 6.93
C28 CD4 DK . 26.27 31.38 -0.60
O5 CD4 DK . 25.83 31.16 -1.95
P1 CD4 DK . 26.57 31.86 -3.19
O6 CD4 DK . 26.71 33.44 -2.99
O7 CD4 DK . 25.95 31.50 -4.49
O8 CD4 DK . 28.07 31.31 -3.09
C29 CD4 DK . 28.39 29.92 -3.17
C30 CD4 DK . 29.91 29.74 -3.04
O9 CD4 DK . 30.57 30.58 -3.99
C31 CD4 DK . 30.24 28.28 -3.31
O10 CD4 DK . 29.58 27.49 -2.34
P2 CD4 DK . 29.01 26.02 -2.66
O11 CD4 DK . 27.42 26.10 -2.96
O12 CD4 DK . 29.71 25.45 -3.84
O13 CD4 DK . 29.26 25.11 -1.36
C32 CD4 DK . 28.54 25.34 -0.15
C33 CD4 DK . 28.34 24.03 0.60
C34 CD4 DK . 29.71 23.34 0.71
O14 CD4 DK . 29.52 22.00 1.21
C35 CD4 DK . 30.56 21.16 1.26
O15 CD4 DK . 31.66 21.51 0.94
C36 CD4 DK . 30.30 19.75 1.72
C37 CD4 DK . 31.08 19.38 2.99
C38 CD4 DK . 30.91 20.37 4.14
C39 CD4 DK . 29.44 20.72 4.42
C40 CD4 DK . 29.25 21.02 5.91
C41 CD4 DK . 27.83 21.52 6.18
C42 CD4 DK . 27.35 21.16 7.59
C43 CD4 DK . 26.05 21.91 7.89
C44 CD4 DK . 25.37 21.41 9.18
C45 CD4 DK . 26.33 20.84 10.23
O16 CD4 DK . 27.87 24.34 1.93
C46 CD4 DK . 26.57 24.55 2.18
O17 CD4 DK . 25.74 24.53 1.29
C47 CD4 DK . 26.19 24.90 3.60
C48 CD4 DK . 25.03 25.88 3.73
C49 CD4 DK . 23.78 25.17 4.27
C50 CD4 DK . 22.59 26.14 4.39
C51 CD4 DK . 22.91 27.27 5.37
C52 CD4 DK . 21.71 27.68 6.23
C53 CD4 DK . 21.45 26.65 7.33
C54 CD4 DK . 20.08 26.83 7.97
C55 CD4 DK . 19.87 25.72 9.01
C56 CD4 DK . 18.40 25.49 9.37
C57 CD4 DK . 18.30 24.19 10.17
C58 CD4 DK . 16.85 23.92 10.59
C59 CD4 DK . 16.75 22.53 11.22
C60 CD4 DK . 32.24 41.79 7.53
C61 CD4 DK . 32.05 42.98 8.49
C62 CD4 DK . 31.51 42.49 9.84
C63 CD4 DK . 25.58 20.77 11.56
C64 CD4 DK . 26.36 19.99 12.62
C65 CD4 DK . 25.67 20.14 13.98
C1 MQ8 EK . -13.72 30.51 -15.19
O1 MQ8 EK . -13.94 30.54 -16.41
C2 MQ8 EK . -14.48 29.59 -14.31
C2M MQ8 EK . -15.50 28.73 -14.95
C3 MQ8 EK . -14.25 29.54 -12.97
C4 MQ8 EK . -13.22 30.40 -12.33
O4 MQ8 EK . -12.99 30.35 -11.12
C5 MQ8 EK . -12.46 31.31 -13.20
C6 MQ8 EK . -11.48 32.13 -12.61
C7 MQ8 EK . -10.75 33.00 -13.40
C8 MQ8 EK . -10.97 33.06 -14.78
C9 MQ8 EK . -11.95 32.25 -15.36
C10 MQ8 EK . -12.70 31.36 -14.57
C11 MQ8 EK . -15.01 28.64 -12.06
C12 MQ8 EK . -15.87 29.44 -11.13
C13 MQ8 EK . -15.75 29.41 -9.79
C14 MQ8 EK . -14.67 28.61 -9.16
C15 MQ8 EK . -16.62 30.25 -8.89
C16 MQ8 EK . -17.66 29.51 -8.06
C17 MQ8 EK . -17.12 28.40 -7.23
C18 MQ8 EK . -16.67 28.47 -5.98
C19 MQ8 EK . -16.66 29.74 -5.21
C20 MQ8 EK . -16.10 27.29 -5.27
C21 MQ8 EK . -16.57 25.91 -5.76
C22 MQ8 EK . -15.80 25.37 -6.91
C23 MQ8 EK . -16.30 24.57 -7.87
C24 MQ8 EK . -17.71 24.10 -7.82
C25 MQ8 EK . -15.48 24.05 -9.01
C26 MQ8 EK . -15.34 22.53 -8.99
C27 MQ8 EK . -14.60 21.99 -10.17
C28 MQ8 EK . -14.71 20.74 -10.66
C29 MQ8 EK . -15.60 19.72 -10.06
C30 MQ8 EK . -13.91 20.33 -11.86
C31 MQ8 EK . -12.88 19.22 -11.68
C32 MQ8 EK . -13.37 17.86 -12.04
C33 MQ8 EK . -12.70 16.70 -11.86
C34 MQ8 EK . -11.34 16.67 -11.27
C35 MQ8 EK . -13.24 15.37 -12.28
C36 MQ8 EK . -12.96 14.21 -11.33
C37 MQ8 EK . -12.04 13.20 -11.91
C38 MQ8 EK . -12.42 11.97 -12.31
C39 MQ8 EK . -13.83 11.52 -12.19
C40 MQ8 EK . -11.49 10.95 -12.90
C41 MQ8 EK . -10.07 11.40 -13.19
C42 MQ8 EK . -9.29 10.28 -13.77
C43 MQ8 EK . -9.21 9.98 -15.08
C44 MQ8 EK . -8.44 8.81 -15.60
C45 MQ8 EK . -9.90 10.80 -16.12
C46 MQ8 EK . -8.20 7.75 -14.54
C47 MQ8 EK . -7.76 6.44 -15.07
C48 MQ8 EK . -6.51 6.07 -15.41
C49 MQ8 EK . -6.20 4.72 -15.92
C50 MQ8 EK . -5.34 6.98 -15.27
MG BCL FK . -1.84 11.51 3.40
CHA BCL FK . 1.27 11.02 4.80
CHB BCL FK . -0.72 14.50 2.20
CHC BCL FK . -4.49 11.63 1.28
CHD BCL FK . -2.63 8.17 4.07
NA BCL FK . 0.05 12.57 3.47
C1A BCL FK . 1.19 12.24 4.18
C2A BCL FK . 2.25 13.28 4.05
C3A BCL FK . 1.43 14.50 3.58
C4A BCL FK . 0.21 13.85 2.99
CMA BCL FK . 1.06 15.42 4.73
CAA BCL FK . 3.37 12.93 3.05
CBA BCL FK . 2.89 12.53 1.65
CGA BCL FK . 3.96 12.31 0.63
O1A BCL FK . 5.09 12.57 0.78
O2A BCL FK . 3.49 11.75 -0.45
NB BCL FK . -2.51 12.84 1.96
C1B BCL FK . -1.89 14.04 1.60
C2B BCL FK . -2.61 14.67 0.58
C3B BCL FK . -3.71 13.87 0.27
C4B BCL FK . -3.61 12.72 1.17
CMB BCL FK . -2.21 16.01 -0.01
CAB BCL FK . -4.73 14.15 -0.73
OBB BCL FK . -5.02 15.30 -1.09
CBB BCL FK . -5.50 13.05 -1.40
NC BCL FK . -3.31 10.11 2.76
C1C BCL FK . -4.35 10.40 1.93
C2C BCL FK . -5.40 9.34 1.93
C3C BCL FK . -4.60 8.14 2.44
C4C BCL FK . -3.48 8.81 3.19
CMC BCL FK . -6.59 9.68 2.81
CAC BCL FK . -4.13 7.18 1.31
CBC BCL FK . -3.21 7.83 0.30
ND BCL FK . -0.89 9.88 4.15
C1D BCL FK . -1.38 8.64 4.56
C2D BCL FK . -0.49 8.02 5.48
C3D BCL FK . 0.58 8.90 5.61
C4D BCL FK . 0.31 10.00 4.81
CMD BCL FK . -0.73 6.69 6.15
CAD BCL FK . 1.75 9.21 6.34
OBD BCL FK . 2.32 8.60 7.27
CBD BCL FK . 2.32 10.53 5.79
CGD BCL FK . 2.62 11.45 6.89
O1D BCL FK . 3.72 11.91 7.15
O2D BCL FK . 1.56 11.77 7.62
CED BCL FK . 1.77 12.65 8.75
C1 BCL FK . 4.33 11.51 -1.63
C2 BCL FK . 4.43 12.85 -2.31
C3 BCL FK . 5.51 13.59 -2.35
C4 BCL FK . 6.87 13.20 -1.76
C5 BCL FK . 5.48 14.97 -2.97
C6 BCL FK . 5.36 16.09 -1.95
C7 BCL FK . 4.06 16.01 -1.16
C8 BCL FK . 3.92 17.07 -0.06
C9 BCL FK . 4.78 16.67 1.16
C10 BCL FK . 2.45 17.21 0.34
C11 BCL FK . 2.14 18.36 1.27
C12 BCL FK . 0.63 18.62 1.33
C13 BCL FK . 0.22 19.80 2.21
C14 BCL FK . 0.31 19.47 3.70
C15 BCL FK . -1.23 20.15 1.88
C16 BCL FK . -1.81 21.34 2.62
C17 BCL FK . -1.29 22.71 2.16
C18 BCL FK . -2.17 23.33 1.07
C19 BCL FK . -1.27 24.34 0.32
C20 BCL FK . -3.42 24.01 1.64
C1B LMT GK . -0.90 -3.57 -20.35
C2B LMT GK . -0.78 -2.32 -21.25
C3B LMT GK . -1.14 -1.05 -20.46
C4B LMT GK . -2.50 -1.22 -19.73
C5B LMT GK . -2.46 -2.54 -18.94
C6B LMT GK . -3.78 -2.75 -18.21
O1B LMT GK . 0.07 -3.53 -19.35
O2B LMT GK . 0.51 -2.26 -21.73
O3B LMT GK . -1.12 0.05 -21.26
O4' LMT GK . -2.71 -0.18 -18.87
O5B LMT GK . -2.16 -3.64 -19.76
O6B LMT GK . -3.76 -3.95 -17.53
C1' LMT GK . 3.29 -5.57 -17.77
C2' LMT GK . 3.63 -4.50 -18.82
C3' LMT GK . 2.41 -3.58 -19.07
C4' LMT GK . 1.17 -4.41 -19.42
C5' LMT GK . 1.03 -5.49 -18.32
C6' LMT GK . -0.18 -6.39 -18.48
O1' LMT GK . 4.34 -6.43 -17.67
O2' LMT GK . 4.67 -3.73 -18.36
O3' LMT GK . 2.67 -2.69 -20.06
O5' LMT GK . 2.18 -6.31 -18.25
O6' LMT GK . -0.03 -7.43 -17.61
C1 LMT GK . 4.95 -6.54 -16.40
C2 LMT GK . 4.08 -7.41 -15.54
C3 LMT GK . 4.43 -7.47 -14.08
C4 LMT GK . 5.91 -7.75 -13.93
C5 LMT GK . 6.28 -7.86 -12.48
C6 LMT GK . 7.76 -7.88 -12.24
C7 LMT GK . 8.05 -8.18 -10.79
C8 LMT GK . 9.48 -7.93 -10.48
C9 LMT GK . 9.86 -6.48 -10.42
C10 LMT GK . 11.06 -6.27 -11.32
C11 LMT GK . 11.48 -4.84 -11.33
C12 LMT GK . 12.63 -4.59 -12.24
C1B LMT HK . -18.37 -14.54 -4.62
C2B LMT HK . -18.87 -13.70 -3.41
C3B LMT HK . -19.13 -14.58 -2.16
C4B LMT HK . -19.94 -15.84 -2.52
C5B LMT HK . -19.19 -16.53 -3.67
C6B LMT HK . -19.87 -17.85 -4.01
O1B LMT HK . -17.00 -14.79 -4.51
O2B LMT HK . -17.92 -12.75 -3.14
O3B LMT HK . -19.72 -13.86 -1.15
O4' LMT HK . -20.04 -16.68 -1.44
O5B LMT HK . -19.10 -15.72 -4.80
O6B LMT HK . -19.30 -18.40 -5.14
C1' LMT HK . -13.42 -13.98 -6.40
C2' LMT HK . -14.42 -12.82 -6.39
C3' LMT HK . -15.50 -13.11 -5.31
C4' LMT HK . -16.20 -14.44 -5.63
C5' LMT HK . -15.08 -15.50 -5.81
C6' LMT HK . -15.62 -16.87 -6.12
O1' LMT HK . -12.47 -13.72 -7.36
O2' LMT HK . -13.79 -11.65 -6.08
O3' LMT HK . -16.41 -12.09 -5.27
O5' LMT HK . -14.14 -15.14 -6.80
O6' LMT HK . -16.07 -16.82 -7.41
C1 LMT HK . -11.11 -14.05 -7.11
C2 LMT HK . -10.91 -15.48 -7.56
C3 LMT HK . -9.63 -15.77 -8.31
C4 LMT HK . -8.37 -15.40 -7.54
C5 LMT HK . -7.92 -16.46 -6.57
C6 LMT HK . -6.58 -16.14 -5.97
C7 LMT HK . -5.95 -17.33 -5.28
C8 LMT HK . -6.54 -17.56 -3.93
C9 LMT HK . -6.19 -16.58 -2.86
C10 LMT HK . -4.69 -16.57 -2.64
C11 LMT HK . -4.33 -15.68 -1.48
C12 LMT HK . -2.85 -15.57 -1.27
C1B LMT IK . -10.69 -7.86 -12.44
C2B LMT IK . -10.53 -7.07 -13.75
C3B LMT IK . -10.19 -5.59 -13.46
C4B LMT IK . -11.23 -4.99 -12.50
C5B LMT IK . -11.30 -5.88 -11.25
C6B LMT IK . -12.34 -5.32 -10.29
O1B LMT IK . -9.45 -8.04 -11.81
O2B LMT IK . -9.54 -7.67 -14.50
O3B LMT IK . -10.05 -4.86 -14.61
O4' LMT IK . -10.87 -3.71 -12.13
O5B LMT IK . -11.60 -7.23 -11.57
O6B LMT IK . -12.51 -6.17 -9.23
C1' LMT IK . -6.70 -10.80 -10.49
C2' LMT IK . -6.58 -10.46 -11.98
C3' LMT IK . -7.39 -9.16 -12.26
C4' LMT IK . -8.86 -9.34 -11.84
C5' LMT IK . -8.87 -9.93 -10.41
C6' LMT IK . -10.27 -10.27 -9.93
O1' LMT IK . -5.97 -11.94 -10.20
O2' LMT IK . -5.27 -10.26 -12.30
O3' LMT IK . -7.31 -8.83 -13.58
O5' LMT IK . -8.06 -11.09 -10.26
O6' LMT IK . -10.81 -11.08 -10.91
C1 LMT IK . -5.60 -12.12 -8.84
C2 LMT IK . -4.59 -13.25 -8.80
C3 LMT IK . -4.00 -13.56 -7.44
C4 LMT IK . -3.01 -14.72 -7.54
C5 LMT IK . -2.37 -14.98 -6.20
C6 LMT IK . -1.38 -16.12 -6.21
C7 LMT IK . -0.83 -16.35 -4.81
C8 LMT IK . 0.08 -17.55 -4.78
C9 LMT IK . 0.62 -17.86 -3.41
C10 LMT IK . 1.55 -19.06 -3.53
C11 LMT IK . 2.22 -19.35 -2.21
C12 LMT IK . 3.15 -20.52 -2.30
C10 V7B JK . 0.90 31.29 13.90
C20 V7B JK . -1.22 32.85 3.01
C22 V7B JK . -0.46 30.90 1.64
C28 V7B JK . 3.58 27.85 13.89
C11 V7B JK . -0.14 31.21 12.78
C16 V7B JK . -0.37 30.69 7.00
C18 V7B JK . -1.05 32.65 5.53
C19 V7B JK . -1.77 32.17 4.26
C23 V7B JK . -1.50 32.87 0.52
C29 V7B JK . 3.41 27.02 12.61
C30 V7B JK . 2.38 27.66 11.70
C31 V7B JK . 1.92 26.67 10.63
C32 V7B JK . 0.81 27.31 9.79
C34 V7B JK . -0.67 27.10 7.80
C35 V7B JK . -1.38 26.19 6.80
C36 V7B JK . -2.76 25.81 7.33
C37 V7B JK . -3.40 24.68 6.53
C38 V7B JK . -2.78 23.34 6.88
C39 V7B JK . -3.33 22.24 5.97
C41 V7B JK . -2.61 20.93 6.28
C43 V7B JK . -3.09 28.74 22.08
C44 V7B JK . -4.35 27.90 21.94
C1 V7B JK . 0.20 29.91 18.20
C12 V7B JK . 0.18 31.88 11.44
C13 V7B JK . 0.94 30.90 10.54
C14 V7B JK . 0.96 31.32 9.06
C15 V7B JK . -0.44 31.23 8.43
C17 V7B JK . 0.08 31.70 5.93
C2 V7B JK . -0.06 28.54 18.82
C21 V7B JK . -1.50 32.00 1.78
C3 V7B JK . -1.49 28.47 19.34
C33 V7B JK . 0.21 26.33 8.79
C4 V7B JK . -1.66 29.54 20.41
C40 V7B JK . -4.83 22.04 6.23
C45 V7B JK . -5.53 28.85 21.81
C46 V7B JK . -5.61 29.69 23.08
C47 V7B JK . -4.28 30.42 23.31
C48 V7B JK . -4.29 31.05 24.70
C5 V7B JK . -1.41 30.89 19.73
C6 V7B JK . -1.51 32.02 20.76
C7 V7B JK . 1.89 30.90 16.83
C8 V7B JK . 2.25 30.14 15.54
C9 V7B JK . 2.64 28.71 15.92
O1 V7B JK . 1.56 30.05 17.88
O10 V7B JK . 4.56 28.48 14.08
O2 V7B JK . 0.16 27.53 17.88
O3 V7B JK . -1.74 27.18 19.81
O4 V7B JK . -2.97 29.54 20.93
O49 V7B JK . -4.25 27.10 20.78
O5 V7B JK . -0.61 31.82 21.81
O50 V7B JK . -6.72 28.12 21.64
O51 V7B JK . -6.64 30.63 22.94
O52 V7B JK . -3.20 29.52 23.23
O53 V7B JK . -5.32 32.01 24.79
O6 V7B JK . -0.14 30.90 19.14
O7 V7B JK . 1.17 30.13 14.64
O8 V7B JK . 2.56 27.80 14.85
O9 V7B JK . 1.41 32.32 14.15
C1B LMT KK . -5.71 -0.65 -14.50
C2B LMT KK . -6.96 -0.17 -15.27
C3B LMT KK . -6.60 0.19 -16.73
C4B LMT KK . -5.41 1.17 -16.76
C5B LMT KK . -4.27 0.55 -15.92
C6B LMT KK . -3.05 1.47 -15.93
O1B LMT KK . -5.29 -1.90 -14.95
O2B LMT KK . -7.89 -1.19 -15.22
O3B LMT KK . -7.69 0.67 -17.40
O4' LMT KK . -4.98 1.36 -18.04
O5B LMT KK . -4.67 0.27 -14.60
O6B LMT KK . -1.99 0.88 -15.29
C1' LMT KK . -4.73 -5.80 -13.57
C2' LMT KK . -6.17 -5.46 -14.05
C3' LMT KK . -6.16 -4.14 -14.86
C4' LMT KK . -5.46 -3.01 -14.09
C5' LMT KK . -4.07 -3.58 -13.69
C6' LMT KK . -3.16 -2.60 -12.99
O1' LMT KK . -4.76 -6.86 -12.70
O2' LMT KK . -6.63 -6.47 -14.84
O3' LMT KK . -7.44 -3.76 -15.17
O5' LMT KK . -4.22 -4.70 -12.85
O6' LMT KK . -2.79 -1.67 -13.93
C1 LMT KK . -3.51 -7.48 -12.48
C2 LMT KK . -3.50 -7.95 -11.04
C3 LMT KK . -2.32 -8.79 -10.62
C4 LMT KK . -2.50 -9.28 -9.20
C5 LMT KK . -1.26 -9.93 -8.68
C6 LMT KK . -1.30 -10.21 -7.21
C7 LMT KK . -0.09 -11.01 -6.79
C8 LMT KK . -0.14 -11.29 -5.31
C9 LMT KK . 0.99 -12.15 -4.81
C10 LMT KK . 0.67 -12.62 -3.42
C11 LMT KK . 1.60 -13.72 -2.99
C12 LMT KK . 1.04 -14.51 -1.84
C1B LMT LK . -20.84 -8.26 -4.05
C2B LMT LK . -22.04 -7.48 -4.62
C3B LMT LK . -22.56 -6.48 -3.58
C4B LMT LK . -22.90 -7.22 -2.26
C5B LMT LK . -21.66 -8.04 -1.84
C6B LMT LK . -21.98 -8.84 -0.58
O1B LMT LK . -19.76 -7.40 -3.85
O2B LMT LK . -21.62 -6.82 -5.76
O3B LMT LK . -23.63 -5.76 -4.05
O4' LMT LK . -23.21 -6.32 -1.26
O5B LMT LK . -21.20 -8.91 -2.86
O6B LMT LK . -22.60 -10.02 -0.90
C1' LMT LK . -15.67 -7.25 -4.86
C2' LMT LK . -16.69 -7.06 -6.01
C3' LMT LK . -18.11 -6.73 -5.48
C4' LMT LK . -18.53 -7.77 -4.43
C5' LMT LK . -17.43 -7.69 -3.35
C6' LMT LK . -17.73 -8.54 -2.15
O1' LMT LK . -14.58 -7.92 -5.34
O2' LMT LK . -16.27 -6.04 -6.82
O3' LMT LK . -19.02 -6.72 -6.50
O5' LMT LK . -16.20 -8.11 -3.86
O6' LMT LK . -17.69 -9.84 -2.59
C1 LMT LK . -13.49 -8.09 -4.44
C2 LMT LK . -12.34 -7.32 -5.02
C3 LMT LK . -11.56 -8.02 -6.10
C4 LMT LK . -10.53 -8.91 -5.45
C5 LMT LK . -9.81 -9.71 -6.50
C6 LMT LK . -8.53 -10.34 -6.03
C7 LMT LK . -8.78 -11.64 -5.29
C8 LMT LK . -7.47 -12.30 -5.00
C9 LMT LK . -6.45 -11.42 -4.34
C10 LMT LK . -5.29 -12.28 -3.94
C11 LMT LK . -4.11 -11.44 -3.51
C12 LMT LK . -3.02 -12.26 -2.92
O1D BPH MK . 3.09 17.69 -11.19
CGD BPH MK . 3.04 16.59 -10.68
O2D BPH MK . 4.06 16.11 -9.98
CED BPH MK . 5.16 17.01 -9.70
CBD BPH MK . 1.90 15.67 -10.74
CHA BPH MK . 1.63 14.91 -9.44
C4D BPH MK . 1.69 13.56 -9.81
C3D BPH MK . 2.00 13.30 -11.15
CAD BPH MK . 2.13 14.55 -11.79
OBD BPH MK . 2.37 14.83 -12.98
C2D BPH MK . 2.00 11.92 -11.31
CMD BPH MK . 2.26 11.12 -12.56
C1D BPH MK . 1.69 11.40 -10.03
ND BPH MK . 1.49 12.42 -9.10
CHD BPH MK . 1.54 10.03 -9.62
C4C BPH MK . 1.10 9.56 -8.40
C3C BPH MK . 1.00 8.10 -8.03
CAC BPH MK . 0.36 7.18 -9.10
CBC BPH MK . -0.94 7.71 -9.67
C2C BPH MK . 0.23 8.17 -6.70
CMC BPH MK . 0.66 7.13 -5.69
C1C BPH MK . 0.51 9.57 -6.27
NC BPH MK . 0.96 10.35 -7.29
CHC BPH MK . 0.28 10.06 -4.98
C4B BPH MK . 0.49 11.33 -4.38
C3B BPH MK . 0.38 11.71 -2.97
CAB BPH MK . 0.02 10.88 -1.80
CBB BPH MK . -0.17 9.39 -1.89
OBB BPH MK . -0.15 11.36 -0.67
C2B BPH MK . 0.67 13.07 -2.94
CMB BPH MK . 0.73 14.03 -1.76
C1B BPH MK . 0.94 13.49 -4.26
NB BPH MK . 0.82 12.42 -5.14
CHB BPH MK . 1.26 14.79 -4.68
C4A BPH MK . 1.38 15.34 -5.94
C3A BPH MK . 1.77 16.75 -6.24
CMA BPH MK . 3.23 17.00 -5.87
C2A BPH MK . 1.53 16.84 -7.75
C1A BPH MK . 1.54 15.41 -8.17
NA BPH MK . 1.44 14.57 -7.09
CAA BPH MK . 0.22 17.53 -8.12
CBA BPH MK . 0.24 19.05 -7.91
CGA BPH MK . -1.07 19.72 -8.08
O1A BPH MK . -2.11 19.21 -8.28
O2A BPH MK . -0.93 21.01 -7.91
C1 BPH MK . -2.07 21.91 -7.88
C2 BPH MK . -2.54 22.02 -6.44
C3 BPH MK . -1.80 22.53 -5.47
C4 BPH MK . -0.37 23.05 -5.62
C5 BPH MK . -2.36 22.72 -4.07
C6 BPH MK . -3.86 22.59 -3.95
C7 BPH MK . -4.37 23.06 -2.58
C8 BPH MK . -5.86 22.81 -2.37
C9 BPH MK . -6.71 23.77 -3.23
C10 BPH MK . -6.22 22.94 -0.88
C11 BPH MK . -5.82 21.73 -0.06
C12 BPH MK . -6.79 20.58 -0.26
C13 BPH MK . -6.22 19.20 0.12
C14 BPH MK . -7.23 18.08 -0.10
C15 BPH MK . -5.79 19.20 1.61
C16 BPH MK . -5.16 17.90 2.09
C17 BPH MK . -4.46 17.97 3.46
C18 BPH MK . -3.66 16.73 3.81
C19 BPH MK . -4.65 15.56 3.89
C20 BPH MK . -2.88 16.86 5.12
MG BCL NK . -3.71 0.43 3.82
CHA BCL NK . -5.12 2.76 1.66
CHB BCL NK . -0.92 0.47 1.90
CHC BCL NK . -1.98 -0.95 6.38
CHD BCL NK . -6.39 0.94 6.01
NA BCL NK . -3.12 1.51 2.04
C1A BCL NK . -3.89 2.34 1.23
C2A BCL NK . -3.12 2.76 0.01
C3A BCL NK . -2.03 1.70 -0.04
C4A BCL NK . -1.94 1.25 1.38
CMA BCL NK . -2.40 0.54 -0.96
CAA BCL NK . -2.52 4.17 0.15
CBA BCL NK . -1.98 4.78 -1.14
CGA BCL NK . -3.04 5.30 -2.06
O1A BCL NK . -4.18 5.10 -1.95
O2A BCL NK . -2.58 6.14 -2.95
NB BCL NK . -1.74 -0.11 4.13
C1B BCL NK . -0.75 -0.09 3.17
C2B BCL NK . 0.41 -0.74 3.64
C3B BCL NK . 0.14 -1.19 4.94
C4B BCL NK . -1.24 -0.76 5.22
CMB BCL NK . 1.66 -0.88 2.78
CAB BCL NK . 0.96 -1.92 5.91
OBB BCL NK . 0.47 -2.50 6.90
CBB BCL NK . 2.46 -2.04 5.80
NC BCL NK . -4.13 0.05 5.89
C1C BCL NK . -3.27 -0.54 6.75
C2C BCL NK . -3.92 -0.95 8.03
C3C BCL NK . -5.27 -0.24 7.96
C4C BCL NK . -5.29 0.33 6.57
CMC BCL NK . -4.05 -2.45 8.15
CAC BCL NK . -5.46 0.83 9.06
CBC BCL NK . -5.82 0.23 10.40
ND BCL NK . -5.38 1.58 3.87
C1D BCL NK . -6.43 1.69 4.80
C2D BCL NK . -7.42 2.59 4.35
C3D BCL NK . -6.97 3.05 3.12
C4D BCL NK . -5.75 2.43 2.86
CMD BCL NK . -8.68 2.95 5.09
CAD BCL NK . -7.16 4.02 2.12
OBD BCL NK . -8.05 4.86 1.96
CBD BCL NK . -5.97 3.91 1.12
CGD BCL NK . -6.51 3.79 -0.25
O1D BCL NK . -6.53 2.77 -0.90
O2D BCL NK . -6.97 4.93 -0.72
CED BCL NK . -7.46 4.97 -2.09
C1 BCL NK . -3.53 6.82 -3.83
C2 BCL NK . -3.11 8.28 -3.86
C3 BCL NK . -3.76 9.33 -3.38
C4 BCL NK . -5.13 9.28 -2.71
C5 BCL NK . -3.14 10.73 -3.45
C6 BCL NK . -3.84 11.76 -4.32
C7 BCL NK . -3.05 13.08 -4.36
C8 BCL NK . -3.71 14.26 -5.10
C9 BCL NK . -4.20 13.83 -6.49
C10 BCL NK . -2.73 15.45 -5.22
C11 BCL NK . -2.44 16.20 -3.94
C12 BCL NK . -1.68 17.52 -4.17
C13 BCL NK . -1.41 18.32 -2.88
C14 BCL NK . -2.67 18.93 -2.29
C15 BCL NK . -0.41 19.46 -3.17
C16 BCL NK . 1.06 19.12 -3.01
C17 BCL NK . 2.05 20.16 -3.54
C18 BCL NK . 2.07 21.47 -2.76
C19 BCL NK . 3.13 22.34 -3.44
C20 BCL NK . 2.41 21.29 -1.27
C1B LMT OK . -8.32 13.28 -31.14
C2B LMT OK . -8.33 13.27 -32.69
C3B LMT OK . -9.40 14.22 -33.27
C4B LMT OK . -10.76 14.01 -32.56
C5B LMT OK . -10.52 14.12 -31.05
C6B LMT OK . -11.84 13.98 -30.30
O1B LMT OK . -7.68 14.42 -30.63
O2B LMT OK . -7.07 13.63 -33.11
O3B LMT OK . -9.49 14.10 -34.63
O4' LMT OK . -11.66 14.98 -32.96
O5B LMT OK . -9.61 13.15 -30.61
O6B LMT OK . -11.62 13.90 -28.95
C1' LMT OK . -5.57 15.43 -27.15
C2' LMT OK . -5.29 14.03 -27.74
C3' LMT OK . -5.81 13.91 -29.20
C4' LMT OK . -7.27 14.37 -29.28
C5' LMT OK . -7.28 15.80 -28.67
C6' LMT OK . -8.57 16.54 -28.86
O1' LMT OK . -5.25 15.43 -25.81
O2' LMT OK . -3.92 13.83 -27.74
O3' LMT OK . -5.68 12.62 -29.62
O5' LMT OK . -6.94 15.75 -27.30
O6' LMT OK . -8.38 17.80 -28.36
C1 LMT OK . -5.41 16.64 -25.09
C2 LMT OK . -6.67 16.50 -24.27
C3 LMT OK . -6.72 15.39 -23.27
C4 LMT OK . -5.57 15.53 -22.29
C5 LMT OK . -5.59 14.44 -21.26
C6 LMT OK . -6.06 14.87 -19.90
C7 LMT OK . -6.20 13.67 -19.00
C8 LMT OK . -6.53 14.08 -17.60
C9 LMT OK . -7.61 15.12 -17.48
C10 LMT OK . -8.14 15.09 -16.07
C11 LMT OK . -9.22 16.10 -15.88
C12 LMT OK . -9.90 15.96 -14.55
FE FE PK . 14.95 6.03 -16.74
C1 CD4 QK . 24.86 17.53 9.83
C2 CD4 QK . 25.44 17.49 8.41
C3 CD4 QK . 24.34 17.89 7.41
C4 CD4 QK . 24.78 17.69 5.97
C5 CD4 QK . 24.70 16.20 5.58
C6 CD4 QK . 25.09 16.06 4.11
C7 CD4 QK . 24.65 14.71 3.55
C8 CD4 QK . 24.87 14.70 2.03
C9 CD4 QK . 24.56 13.32 1.45
C10 CD4 QK . 25.09 13.28 0.00
C11 CD4 QK . 24.99 11.87 -0.57
C12 CD4 QK . 25.78 11.83 -1.89
C13 CD4 QK . 25.63 10.47 -2.58
C14 CD4 QK . 26.54 10.41 -3.78
O1 CD4 QK . 26.09 10.59 -4.88
O2 CD4 QK . 27.85 10.19 -3.65
C15 CD4 QK . 28.28 8.81 -3.64
C16 CD4 QK . 29.61 8.64 -2.90
O3 CD4 QK . 29.15 8.08 -1.65
C17 CD4 QK . 29.03 8.88 -0.58
O4 CD4 QK . 29.47 10.01 -0.60
C18 CD4 QK . 28.19 8.38 0.55
C19 CD4 QK . 27.73 9.48 1.50
C20 CD4 QK . 26.68 8.86 2.43
C21 CD4 QK . 26.29 9.77 3.61
C22 CD4 QK . 27.53 10.03 4.45
C23 CD4 QK . 27.19 9.94 5.95
C24 CD4 QK . 26.32 11.10 6.44
C25 CD4 QK . 26.09 10.92 7.94
C26 CD4 QK . 25.23 12.04 8.54
C27 CD4 QK . 24.93 11.71 10.00
C28 CD4 QK . 28.30 8.18 -5.04
O5 CD4 QK . 28.66 9.05 -6.11
P1 CD4 QK . 28.46 8.49 -7.60
O6 CD4 QK . 28.52 9.67 -8.68
O7 CD4 QK . 27.13 7.85 -7.70
O8 CD4 QK . 29.61 7.39 -7.81
C29 CD4 QK . 30.94 7.74 -8.15
C30 CD4 QK . 31.71 6.49 -8.59
O9 CD4 QK . 31.09 5.92 -9.75
C31 CD4 QK . 31.76 5.47 -7.46
O10 CD4 QK . 31.60 4.15 -7.97
P2 CD4 QK . 31.38 2.92 -6.96
O11 CD4 QK . 31.12 1.55 -7.77
O12 CD4 QK . 32.57 2.75 -6.10
O13 CD4 QK . 30.12 3.32 -6.05
C32 CD4 QK . 30.25 3.50 -4.65
C33 CD4 QK . 29.06 4.31 -4.15
C34 CD4 QK . 27.77 3.77 -4.77
O14 CD4 QK . 26.66 3.81 -3.82
C35 CD4 QK . 26.10 4.99 -3.54
O15 CD4 QK . 26.22 5.93 -4.29
C36 CD4 QK . 25.26 5.13 -2.30
C37 CD4 QK . 25.88 6.04 -1.25
C38 CD4 QK . 24.97 6.08 0.00
C39 CD4 QK . 25.30 4.91 0.93
C40 CD4 QK . 24.20 4.67 1.96
C41 CD4 QK . 22.96 4.01 1.32
C42 CD4 QK . 21.98 3.51 2.41
C43 CD4 QK . 22.39 2.15 2.98
C44 CD4 QK . 21.51 1.87 4.22
C45 CD4 QK . 21.74 0.46 4.77
O16 CD4 QK . 28.98 4.31 -2.70
C46 CD4 QK . 29.94 4.91 -1.97
O17 CD4 QK . 30.83 5.54 -2.49
C47 CD4 QK . 29.82 4.89 -0.47
C48 CD4 QK . 30.31 3.58 0.17
C49 CD4 QK . 29.23 2.50 0.08
C50 CD4 QK . 28.09 2.75 1.08
C51 CD4 QK . 28.41 2.27 2.50
C52 CD4 QK . 27.24 2.69 3.38
C53 CD4 QK . 27.52 2.65 4.89
C54 CD4 QK . 27.07 1.34 5.55
C55 CD4 QK . 28.06 0.19 5.36
C56 CD4 QK . 29.38 0.50 6.07
C57 CD4 QK . 30.23 -0.77 6.16
C58 CD4 QK . 31.65 -0.44 6.63
C59 CD4 QK . 31.63 0.34 7.94
C60 CD4 QK . 23.76 12.53 10.55
C61 CD4 QK . 24.23 13.97 10.82
C62 CD4 QK . 23.06 14.78 11.37
C63 CD4 QK . 23.18 0.24 5.24
C64 CD4 QK . 23.26 -1.12 5.94
C65 CD4 QK . 24.71 -1.46 6.29
C1B LMT RK . 16.49 0.99 29.16
C2B LMT RK . 15.35 0.08 29.71
C3B LMT RK . 14.12 0.92 30.13
C4B LMT RK . 14.54 2.11 31.02
C5B LMT RK . 15.69 2.86 30.33
C6B LMT RK . 16.14 4.04 31.19
O1B LMT RK . 16.13 1.50 27.92
O2B LMT RK . 15.02 -0.81 28.71
O3B LMT RK . 13.16 0.14 30.71
O4' LMT RK . 13.48 2.97 31.19
O5B LMT RK . 16.78 2.02 30.06
O6B LMT RK . 17.15 4.73 30.56
C1' LMT RK . 17.72 1.69 24.06
C2' LMT RK . 17.66 0.30 24.73
C3' LMT RK . 16.67 0.33 25.91
C4' LMT RK . 17.10 1.41 26.90
C5' LMT RK . 17.10 2.72 26.08
C6' LMT RK . 17.35 3.94 26.95
O1' LMT RK . 18.74 1.71 23.14
O2' LMT RK . 17.24 -0.62 23.81
O3' LMT RK . 16.63 -0.88 26.54
O5' LMT RK . 18.05 2.67 25.04
O6' LMT RK . 18.04 4.84 26.19
C1 LMT RK . 18.60 2.52 21.99
C2 LMT RK . 18.01 1.66 20.89
C3 LMT RK . 18.79 1.62 19.60
C4 LMT RK . 18.33 2.71 18.64
C5 LMT RK . 19.28 2.81 17.48
C6 LMT RK . 18.75 3.61 16.33
C7 LMT RK . 19.84 3.91 15.33
C8 LMT RK . 20.27 2.68 14.61
C9 LMT RK . 21.58 2.80 13.87
C10 LMT RK . 21.42 3.78 12.72
C11 LMT RK . 22.69 3.86 11.92
C12 LMT RK . 22.59 4.85 10.80
C1M CRT SK . 8.08 -30.67 0.15
O1 CRT SK . 8.29 -29.30 -0.16
C1 CRT SK . 7.22 -28.41 0.20
C2 CRT SK . 6.99 -28.37 1.70
C3 CRT SK . 5.94 -28.79 -0.53
C4 CRT SK . 7.72 -27.04 -0.30
C5 CRT SK . 6.72 -25.95 -0.16
C6 CRT SK . 6.86 -24.94 0.71
C7 CRT SK . 5.93 -23.84 0.88
C8 CRT SK . 4.57 -24.01 0.31
C9 CRT SK . 6.34 -22.74 1.56
C10 CRT SK . 5.55 -21.56 1.84
C11 CRT SK . 6.12 -20.47 2.41
C12 CRT SK . 5.44 -19.20 2.71
C13 CRT SK . 4.07 -19.03 2.18
C14 CRT SK . 6.14 -18.26 3.38
C15 CRT SK . 5.70 -16.93 3.74
C16 CRT SK . 6.57 -16.09 4.34
C17 CRT SK . 6.33 -14.71 4.74
C18 CRT SK . 5.14 -14.03 4.18
C19 CRT SK . 7.23 -14.11 5.55
C20 CRT SK . 7.19 -12.75 6.03
C21 CRT SK . 8.03 -12.20 6.93
C22 CRT SK . 9.07 -12.88 7.67
C23 CRT SK . 10.09 -12.30 8.34
C24 CRT SK . 10.30 -10.83 8.41
C25 CRT SK . 11.05 -13.13 9.06
C26 CRT SK . 12.22 -12.70 9.59
C27 CRT SK . 13.12 -13.56 10.31
C28 CRT SK . 14.36 -13.23 10.74
C29 CRT SK . 14.98 -11.90 10.52
C30 CRT SK . 15.14 -14.21 11.49
C31 CRT SK . 16.48 -14.17 11.70
C32 CRT SK . 17.20 -15.16 12.47
C33 CRT SK . 18.55 -15.13 12.68
C34 CRT SK . 19.38 -14.03 12.11
C35 CRT SK . 19.26 -16.13 13.45
C36 CRT SK . 18.79 -17.14 14.19
C37 CRT SK . 19.67 -18.10 14.91
C38 CRT SK . 20.36 -17.59 16.21
C39 CRT SK . 21.58 -16.74 15.90
C40 CRT SK . 19.36 -16.81 17.04
O2 CRT SK . 20.76 -18.79 16.90
C2M CRT SK . 19.75 -19.59 17.45
MG BCL TK . 3.06 0.69 7.92
CHA BCL TK . 6.19 -0.70 7.72
CHB BCL TK . 3.43 1.81 4.72
CHC BCL TK . -0.16 1.65 7.94
CHD BCL TK . 2.36 -1.42 10.64
NA BCL TK . 4.62 0.52 6.42
C1A BCL TK . 5.91 0.03 6.59
C2A BCL TK . 6.82 0.47 5.49
C3A BCL TK . 5.90 1.26 4.54
C4A BCL TK . 4.57 1.20 5.21
CMA BCL TK . 6.37 2.69 4.34
CAA BCL TK . 7.49 -0.69 4.75
CBA BCL TK . 8.55 -0.26 3.75
CGA BCL TK . 8.88 -1.38 2.83
O1A BCL TK . 9.28 -1.25 1.75
O2A BCL TK . 8.53 -2.52 3.35
NB BCL TK . 1.81 1.57 6.54
C1B BCL TK . 2.16 1.99 5.26
C2B BCL TK . 1.07 2.62 4.63
C3B BCL TK . -0.01 2.60 5.54
C4B BCL TK . 0.50 1.93 6.73
CMB BCL TK . 1.18 3.18 3.22
CAB BCL TK . -1.38 3.13 5.45
OBB BCL TK . -2.17 3.09 6.40
CBB BCL TK . -1.95 3.74 4.19
NC BCL TK . 1.35 0.16 9.09
C1C BCL TK . 0.14 0.78 8.99
C2C BCL TK . -0.61 0.71 10.26
C3C BCL TK . -0.03 -0.57 10.89
C4C BCL TK . 1.32 -0.64 10.21
CMC BCL TK . -0.41 1.92 11.14
CAC BCL TK . -0.90 -1.82 10.67
CBC BCL TK . -2.17 -1.80 11.49
ND BCL TK . 4.01 -0.80 8.94
C1D BCL TK . 3.68 -1.51 10.10
C2D BCL TK . 4.79 -2.25 10.57
C3D BCL TK . 5.82 -1.98 9.67
C4D BCL TK . 5.31 -1.11 8.72
CMD BCL TK . 4.80 -3.14 11.79
CAD BCL TK . 7.19 -2.14 9.38
OBD BCL TK . 8.03 -2.90 9.87
CBD BCL TK . 7.55 -1.16 8.23
CGD BCL TK . 8.39 -0.08 8.74
O1D BCL TK . 9.41 0.29 8.21
O2D BCL TK . 7.94 0.49 9.84
CED BCL TK . 8.58 1.70 10.32
C1 BCL TK . 8.65 -3.70 2.52
C2 BCL TK . 10.11 -4.12 2.46
C3 BCL TK . 10.64 -5.05 3.22
C4 BCL TK . 9.90 -5.83 4.30
C5 BCL TK . 12.11 -5.42 3.08
C6 BCL TK . 12.34 -6.86 2.64
C7 BCL TK . 13.77 -7.08 2.17
C8 BCL TK . 14.28 -8.52 2.28
C9 BCL TK . 15.80 -8.59 2.06
C10 BCL TK . 13.55 -9.41 1.25
C11 BCL TK . 13.87 -10.88 1.36
C12 BCL TK . 13.03 -11.73 0.41
C13 BCL TK . 13.24 -13.24 0.62
C14 BCL TK . 14.61 -13.70 0.14
C15 BCL TK . 12.16 -14.00 -0.16
C16 BCL TK . 11.88 -15.39 0.38
C17 BCL TK . 11.20 -15.33 1.74
C18 BCL TK . 10.60 -16.62 2.26
C19 BCL TK . 9.39 -16.91 1.35
C20 BCL TK . 10.14 -16.52 3.72
O1D BPH UK . 17.91 -9.83 -6.46
CGD BPH UK . 17.31 -8.83 -6.18
O2D BPH UK . 16.39 -8.31 -6.98
CED BPH UK . 15.99 -9.10 -8.12
CBD BPH UK . 17.51 -8.04 -4.94
CHA BPH UK . 16.25 -7.86 -4.08
C4D BPH UK . 16.13 -6.47 -3.96
C3D BPH UK . 17.07 -5.70 -4.64
CAD BPH UK . 17.94 -6.59 -5.29
OBD BPH UK . 18.92 -6.38 -6.02
C2D BPH UK . 16.77 -4.37 -4.40
CMD BPH UK . 17.49 -3.14 -4.90
C1D BPH UK . 15.63 -4.39 -3.57
ND BPH UK . 15.22 -5.69 -3.29
CHD BPH UK . 14.91 -3.27 -3.02
C4C BPH UK . 13.76 -3.29 -2.26
C3C BPH UK . 12.97 -2.06 -1.87
CAC BPH UK . 13.72 -0.95 -1.06
CBC BPH UK . 14.79 -0.20 -1.81
C2C BPH UK . 11.82 -2.66 -1.03
CMC BPH UK . 10.45 -2.12 -1.39
C1C BPH UK . 11.97 -4.11 -1.27
NC BPH UK . 13.03 -4.43 -2.05
CHC BPH UK . 11.02 -5.08 -0.88
C4B BPH UK . 10.92 -6.48 -1.04
C3B BPH UK . 9.89 -7.38 -0.55
CAB BPH UK . 8.71 -7.06 0.23
CBB BPH UK . 7.94 -5.82 -0.06
OBB BPH UK . 8.28 -7.79 1.13
C2B BPH UK . 10.27 -8.64 -0.96
CMB BPH UK . 9.57 -9.96 -0.72
C1B BPH UK . 11.47 -8.52 -1.67
NB BPH UK . 11.88 -7.19 -1.72
CHB BPH UK . 12.18 -9.56 -2.26
C4A BPH UK . 13.42 -9.58 -2.87
C3A BPH UK . 13.97 -10.76 -3.61
CMA BPH UK . 13.14 -11.07 -4.86
C2A BPH UK . 15.40 -10.30 -3.95
C1A BPH UK . 15.33 -8.82 -3.72
NA BPH UK . 14.17 -8.44 -3.11
CAA BPH UK . 16.45 -11.03 -3.10
CBA BPH UK . 16.51 -12.54 -3.40
CGA BPH UK . 17.27 -13.34 -2.40
O1A BPH UK . 17.89 -12.90 -1.50
O2A BPH UK . 17.13 -14.64 -2.58
C1 BPH UK . 17.75 -15.50 -1.59
C2 BPH UK . 17.42 -16.93 -1.97
C3 BPH UK . 16.31 -17.60 -1.81
C4 BPH UK . 15.02 -17.01 -1.27
C5 BPH UK . 16.21 -19.10 -2.10
C6 BPH UK . 15.42 -19.53 -3.32
C7 BPH UK . 15.37 -21.06 -3.41
C8 BPH UK . 14.83 -21.66 -4.72
C9 BPH UK . 13.37 -21.21 -4.97
C10 BPH UK . 14.93 -23.20 -4.68
C11 BPH UK . 15.01 -23.93 -6.00
C12 BPH UK . 15.84 -25.22 -5.91
C13 BPH UK . 17.35 -24.94 -6.01
C14 BPH UK . 17.83 -24.94 -7.47
C15 BPH UK . 18.14 -25.98 -5.17
C16 BPH UK . 19.66 -25.76 -5.04
C17 BPH UK . 20.57 -26.51 -6.03
C18 BPH UK . 21.92 -25.88 -6.26
C19 BPH UK . 21.68 -24.66 -7.17
C20 BPH UK . 22.96 -26.82 -6.89
C1 MQ8 VK . 11.97 13.06 -15.53
O1 MQ8 VK . 11.64 11.92 -15.86
C2 MQ8 VK . 11.32 13.76 -14.39
C2M MQ8 VK . 10.24 13.01 -13.71
C3 MQ8 VK . 11.71 14.99 -14.00
C4 MQ8 VK . 12.78 15.74 -14.71
O4 MQ8 VK . 13.11 16.88 -14.37
C5 MQ8 VK . 13.44 15.06 -15.84
C6 MQ8 VK . 14.46 15.72 -16.53
C7 MQ8 VK . 15.10 15.10 -17.60
C8 MQ8 VK . 14.72 13.81 -17.99
C9 MQ8 VK . 13.70 13.16 -17.30
C10 MQ8 VK . 13.05 13.78 -16.23
C11 MQ8 VK . 11.03 15.69 -12.88
C12 MQ8 VK . 11.53 15.45 -11.49
C13 MQ8 VK . 12.15 16.38 -10.74
C14 MQ8 VK . 12.48 17.73 -11.25
C15 MQ8 VK . 12.62 16.20 -9.34
C16 MQ8 VK . 11.93 15.14 -8.50
C17 MQ8 VK . 10.46 15.24 -8.35
C18 MQ8 VK . 9.73 15.23 -7.21
C19 MQ8 VK . 10.33 15.22 -5.87
C20 MQ8 VK . 8.23 15.18 -7.29
C21 MQ8 VK . 7.40 15.97 -6.31
C22 MQ8 VK . 7.42 17.43 -6.53
C23 MQ8 VK . 7.39 18.42 -5.62
C24 MQ8 VK . 7.37 18.17 -4.16
C25 MQ8 VK . 7.36 19.83 -6.08
C26 MQ8 VK . 5.93 20.35 -6.02
C27 MQ8 VK . 5.76 21.67 -6.66
C28 MQ8 VK . 4.67 22.05 -7.36
C29 MQ8 VK . 3.49 21.16 -7.51
C30 MQ8 VK . 4.57 23.38 -8.00
C31 MQ8 VK . 3.97 24.47 -7.12
C32 MQ8 VK . 3.76 25.71 -7.92
C33 MQ8 VK . 2.60 26.28 -8.25
C34 MQ8 VK . 1.29 25.70 -7.84
C35 MQ8 VK . 2.51 27.53 -9.06
C36 MQ8 VK . 2.34 27.24 -10.54
C37 MQ8 VK . 2.31 28.48 -11.35
C38 MQ8 VK . 1.41 28.74 -12.31
C39 MQ8 VK . 0.33 27.78 -12.67
C40 MQ8 VK . 1.43 30.01 -13.10
C41 MQ8 VK . 2.33 31.11 -12.55
C42 MQ8 VK . 1.85 31.73 -11.29
C43 MQ8 VK . 2.57 31.86 -10.17
C44 MQ8 VK . 2.00 32.52 -8.96
C45 MQ8 VK . 3.98 31.40 -10.06
C46 MQ8 VK . 2.06 31.65 -7.71
C47 MQ8 VK . 1.27 32.25 -6.60
C48 MQ8 VK . 0.54 31.58 -5.70
C49 MQ8 VK . -0.21 32.27 -4.64
C50 MQ8 VK . 0.45 30.09 -5.70
MG BCL WK . 4.82 -8.94 3.57
CHA BCL WK . 2.36 -8.48 1.19
CHB BCL WK . 6.18 -11.32 1.57
CHC BCL WK . 7.76 -8.59 5.24
CHD BCL WK . 3.59 -6.20 5.31
NA BCL WK . 4.32 -9.75 1.62
C1A BCL WK . 3.24 -9.46 0.81
C2A BCL WK . 3.27 -10.25 -0.46
C3A BCL WK . 4.24 -11.39 -0.07
C4A BCL WK . 5.02 -10.79 1.05
CMA BCL WK . 3.49 -12.63 0.40
CAA BCL WK . 3.77 -9.45 -1.67
CBA BCL WK . 5.16 -8.80 -1.53
CGA BCL WK . 5.64 -7.89 -2.61
O1A BCL WK . 4.98 -7.16 -3.23
O2A BCL WK . 6.93 -7.99 -2.73
NB BCL WK . 6.71 -9.78 3.41
C1B BCL WK . 7.05 -10.81 2.56
C2B BCL WK . 8.35 -11.27 2.82
C3B BCL WK . 8.86 -10.48 3.87
C4B BCL WK . 7.78 -9.56 4.22
CMB BCL WK . 8.99 -12.42 2.08
CAB BCL WK . 10.20 -10.61 4.45
OBB BCL WK . 10.85 -11.68 4.40
CBB BCL WK . 10.88 -9.46 5.13
NC BCL WK . 5.57 -7.57 5.03
C1C BCL WK . 6.78 -7.68 5.65
C2C BCL WK . 6.88 -6.88 6.90
C3C BCL WK . 5.52 -6.18 6.97
C4C BCL WK . 4.86 -6.58 5.67
CMC BCL WK . 7.20 -7.71 8.13
CAC BCL WK . 5.61 -4.65 7.18
CBC BCL WK . 6.27 -3.92 6.02
ND BCL WK . 3.36 -7.56 3.30
C1D BCL WK . 2.85 -6.58 4.15
C2D BCL WK . 1.60 -6.11 3.69
C3D BCL WK . 1.33 -6.81 2.52
C4D BCL WK . 2.41 -7.67 2.32
CMD BCL WK . 0.74 -5.06 4.36
CAD BCL WK . 0.34 -7.20 1.60
OBD BCL WK . -0.86 -6.86 1.50
CBD BCL WK . 0.97 -8.19 0.59
CGD BCL WK . 0.09 -9.35 0.41
O1D BCL WK . -0.35 -9.76 -0.64
O2D BCL WK . -0.20 -9.97 1.54
CED BCL WK . -1.06 -11.13 1.45
C1 BCL WK . 7.71 -7.17 -3.66
C2 BCL WK . 8.74 -8.12 -4.19
C3 BCL WK . 8.51 -9.02 -5.12
C4 BCL WK . 7.18 -9.17 -5.85
C5 BCL WK . 9.55 -10.08 -5.49
C6 BCL WK . 9.04 -11.53 -5.60
C7 BCL WK . 8.34 -12.07 -4.35
C8 BCL WK . 9.15 -12.96 -3.41
C9 BCL WK . 9.68 -14.21 -4.14
C10 BCL WK . 8.31 -13.38 -2.19
C11 BCL WK . 7.23 -14.43 -2.44
C12 BCL WK . 6.50 -14.88 -1.16
C13 BCL WK . 5.38 -15.90 -1.40
C14 BCL WK . 4.55 -16.14 -0.13
C15 BCL WK . 5.89 -17.29 -1.87
C16 BCL WK . 6.87 -18.02 -0.97
C17 BCL WK . 7.01 -19.54 -1.17
C18 BCL WK . 7.46 -19.96 -2.56
C19 BCL WK . 7.61 -21.49 -2.51
C20 BCL WK . 8.77 -19.30 -3.00
C6 V75 XK . -4.82 -24.85 40.98
C5 V75 XK . -6.07 -23.99 40.78
C1 V75 XK . -8.13 -23.94 39.73
C2 V75 XK . -8.84 -23.39 40.96
C3 V75 XK . -7.84 -22.62 41.83
O3 V75 XK . -8.46 -22.31 43.04
C4 V75 XK . -6.58 -23.44 42.11
O4 V75 XK . -5.60 -22.62 42.67
C2A V75 XK . -11.14 -23.09 40.55
C2B V75 XK . -12.35 -22.18 40.40
C3A V75 XK . -8.79 -20.96 43.22
C3B V75 XK . -9.65 -20.57 44.42
O2 V75 XK . -9.87 -22.53 40.59
O2B V75 XK . -11.29 -24.27 40.66
O3B V75 XK . -8.41 -20.15 42.45
O5 V75 XK . -7.10 -24.75 40.21
O6A V75 XK . -4.93 -26.06 41.33
O6B V75 XK . -3.68 -24.35 40.78
MG BCL YK . -39.87 -2.95 -17.95
CHA BCL YK . -40.09 -0.82 -20.67
CHB BCL YK . -38.14 -5.13 -19.93
CHC BCL YK . -40.32 -5.36 -15.62
CHD BCL YK . -42.30 -1.03 -16.32
NA BCL YK . -39.25 -2.95 -20.04
C1A BCL YK . -39.33 -1.92 -20.95
C2A BCL YK . -38.43 -2.13 -22.13
C3A BCL YK . -37.97 -3.59 -21.95
C4A BCL YK . -38.43 -3.94 -20.58
CMA BCL YK . -38.58 -4.51 -23.01
CAA BCL YK . -37.24 -1.14 -22.16
CBA BCL YK . -36.69 -0.90 -23.57
CGA BCL YK . -35.24 -0.56 -23.66
O1A BCL YK . -34.45 -0.74 -22.82
O2A BCL YK . -34.88 -0.18 -24.88
NB BCL YK . -39.38 -4.96 -17.82
C1B BCL YK . -38.52 -5.63 -18.68
C2B BCL YK . -38.12 -6.85 -18.11
C3B BCL YK . -38.73 -6.97 -16.84
C4B BCL YK . -39.52 -5.75 -16.70
CMB BCL YK . -37.16 -7.79 -18.84
CAB BCL YK . -38.66 -8.01 -15.81
OBB BCL YK . -39.33 -7.95 -14.76
CBB BCL YK . -37.78 -9.23 -15.91
NC BCL YK . -41.15 -3.17 -16.26
C1C BCL YK . -41.09 -4.21 -15.37
C2C BCL YK . -41.85 -3.97 -14.12
C3C BCL YK . -42.28 -2.50 -14.26
C4C BCL YK . -41.99 -2.22 -15.71
CMC BCL YK . -43.02 -4.92 -13.95
CAC BCL YK . -41.56 -1.53 -13.29
CBC BCL YK . -42.18 -1.53 -11.90
ND BCL YK . -41.00 -1.32 -18.37
C1D BCL YK . -41.90 -0.57 -17.62
C2D BCL YK . -42.31 0.60 -18.31
C3D BCL YK . -41.64 0.56 -19.52
C4D BCL YK . -40.87 -0.59 -19.52
CMD BCL YK . -43.28 1.64 -17.78
CAD BCL YK . -41.29 1.30 -20.67
OBD BCL YK . -41.64 2.43 -21.05
CBD BCL YK . -40.32 0.43 -21.51
CGD BCL YK . -40.86 0.20 -22.86
O1D BCL YK . -41.78 -0.55 -23.12
O2D BCL YK . -40.26 0.91 -23.79
CED BCL YK . -40.72 0.74 -25.16
C1 BCL YK . -33.48 -0.13 -25.25
C2 BCL YK . -33.41 0.47 -26.66
C3 BCL YK . -34.04 0.09 -27.76
C4 BCL YK . -35.01 -1.09 -27.87
C5 BCL YK . -33.85 0.87 -29.06
C6 BCL YK . -33.48 0.04 -30.30
C7 BCL YK . -32.29 -0.89 -30.06
C8 BCL YK . -31.85 -1.71 -31.28
C9 BCL YK . -33.04 -2.47 -31.91
C10 BCL YK . -30.73 -2.68 -30.88
C11 BCL YK . -31.20 -3.89 -30.09
C12 BCL YK . -30.18 -4.45 -29.08
C13 BCL YK . -30.17 -3.87 -27.65
C14 BCL YK . -31.57 -3.81 -27.03
C15 BCL YK . -29.59 -2.45 -27.60
C16 BCL YK . -29.23 -1.87 -26.23
C17 BCL YK . -28.06 -2.51 -25.47
C18 BCL YK . -26.70 -2.34 -26.13
C19 BCL YK . -26.33 -3.66 -26.84
C20 BCL YK . -25.59 -1.98 -25.14
C1B LMT ZK . -32.11 17.63 2.57
C2B LMT ZK . -31.88 18.65 3.72
C3B LMT ZK . -31.50 17.97 5.06
C4B LMT ZK . -32.40 16.75 5.33
C5B LMT ZK . -32.34 15.85 4.09
C6B LMT ZK . -33.11 14.56 4.34
O1B LMT ZK . -30.90 17.23 2.00
O2B LMT ZK . -30.88 19.51 3.32
O3B LMT ZK . -31.51 18.86 6.10
O4' LMT ZK . -31.95 16.05 6.44
O5B LMT ZK . -32.86 16.52 2.97
O6B LMT ZK . -33.15 13.81 3.18
C1' LMT ZK . -28.96 17.11 -1.66
C2' LMT ZK . -29.64 18.46 -1.33
C3' LMT ZK . -30.06 18.50 0.17
C4' LMT ZK . -30.82 17.24 0.59
C5' LMT ZK . -29.98 16.03 0.11
C6' LMT ZK . -30.50 14.69 0.52
O1' LMT ZK . -28.74 17.02 -3.02
O2' LMT ZK . -28.73 19.47 -1.55
O3' LMT ZK . -30.83 19.60 0.40
O5' LMT ZK . -29.84 16.07 -1.29
O6' LMT ZK . -30.20 14.52 1.84
C1 LMT ZK . -27.85 15.98 -3.41
C2 LMT ZK . -27.20 16.41 -4.71
C3 LMT ZK . -26.26 15.41 -5.33
C4 LMT ZK . -25.75 15.95 -6.64
C5 LMT ZK . -25.19 14.87 -7.53
C6 LMT ZK . -26.24 13.96 -8.12
C7 LMT ZK . -25.71 13.31 -9.37
C8 LMT ZK . -26.76 12.48 -10.03
C9 LMT ZK . -26.95 11.11 -9.45
C10 LMT ZK . -28.06 10.43 -10.21
C11 LMT ZK . -28.32 9.05 -9.69
C12 LMT ZK . -29.59 8.47 -10.20
MG BCL AL . -39.34 14.58 -14.88
CHA BCL AL . -38.88 17.14 -17.16
CHB BCL AL . -38.45 12.38 -17.32
CHC BCL AL . -40.45 12.05 -12.93
CHD BCL AL . -41.04 16.83 -12.79
NA BCL AL . -38.78 14.77 -16.97
C1A BCL AL . -38.54 15.93 -17.69
C2A BCL AL . -37.87 15.64 -18.99
C3A BCL AL . -37.96 14.12 -19.11
C4A BCL AL . -38.38 13.69 -17.73
CMA BCL AL . -38.95 13.68 -20.17
CAA BCL AL . -36.41 16.15 -19.02
CBA BCL AL . -35.92 16.44 -20.43
CGA BCL AL . -34.48 16.79 -20.49
O1A BCL AL . -34.04 17.87 -20.63
O2A BCL AL . -33.71 15.72 -20.41
NB BCL AL . -39.51 12.53 -15.11
C1B BCL AL . -38.92 11.80 -16.14
C2B BCL AL . -38.85 10.45 -15.80
C3B BCL AL . -39.44 10.28 -14.54
C4B BCL AL . -39.83 11.65 -14.14
CMB BCL AL . -38.25 9.40 -16.72
CAB BCL AL . -39.57 9.01 -13.83
OBB BCL AL . -39.01 7.97 -14.20
CBB BCL AL . -40.42 8.86 -12.59
NC BCL AL . -40.58 14.47 -13.14
C1C BCL AL . -40.84 13.32 -12.46
C2C BCL AL . -41.43 13.55 -11.11
C3C BCL AL . -41.46 15.08 -11.01
C4C BCL AL . -41.11 15.51 -12.40
CMC BCL AL . -42.79 12.91 -10.95
CAC BCL AL . -40.51 15.66 -9.93
CBC BCL AL . -41.03 15.49 -8.52
ND BCL AL . -39.90 16.53 -14.93
C1D BCL AL . -40.53 17.37 -14.01
C2D BCL AL . -40.56 18.71 -14.46
C3D BCL AL . -39.93 18.70 -15.70
C4D BCL AL . -39.55 17.38 -15.95
CMD BCL AL . -41.17 19.88 -13.72
CAD BCL AL . -39.42 19.48 -16.76
OBD BCL AL . -39.47 20.71 -16.95
CBD BCL AL . -38.75 18.53 -17.78
CGD BCL AL . -39.34 18.70 -19.11
O1D BCL AL . -40.41 18.24 -19.46
O2D BCL AL . -38.61 19.43 -19.93
CED BCL AL . -39.12 19.66 -21.26
C1 BCL AL . -32.27 15.76 -20.67
C2 BCL AL . -32.07 15.38 -22.13
C3 BCL AL . -32.00 16.22 -23.15
C4 BCL AL . -32.10 17.73 -23.05
C5 BCL AL . -31.83 15.74 -24.60
C6 BCL AL . -31.10 14.42 -24.86
C7 BCL AL . -32.03 13.21 -24.94
C8 BCL AL . -31.50 12.01 -25.76
C9 BCL AL . -29.94 11.99 -25.76
C10 BCL AL . -32.03 11.99 -27.21
C11 BCL AL . -31.54 13.06 -28.18
C12 BCL AL . -32.21 13.01 -29.57
C13 BCL AL . -32.00 11.67 -30.34
C14 BCL AL . -30.52 11.31 -30.50
C15 BCL AL . -32.63 11.75 -31.74
C16 BCL AL . -34.16 11.72 -31.85
C17 BCL AL . -34.74 11.81 -33.27
C18 BCL AL . -36.25 11.59 -33.31
C19 BCL AL . -36.65 11.63 -34.80
C20 BCL AL . -37.07 12.60 -32.52
MG BCL BL . -33.11 29.79 -8.64
CHA BCL BL . -31.81 32.39 -10.49
CHB BCL BL . -33.12 27.90 -11.46
CHC BCL BL . -35.03 27.50 -7.05
CHD BCL BL . -33.87 32.07 -6.09
NA BCL BL . -32.55 30.14 -10.71
C1A BCL BL . -31.96 31.27 -11.26
C2A BCL BL . -31.40 30.98 -12.62
C3A BCL BL . -31.96 29.60 -12.95
C4A BCL BL . -32.60 29.15 -11.68
CMA BCL BL . -32.97 29.64 -14.10
CAA BCL BL . -29.87 31.03 -12.65
CBA BCL BL . -29.34 31.06 -14.06
CGA BCL BL . -27.92 31.49 -14.10
O1A BCL BL . -27.55 32.58 -13.83
O2A BCL BL . -27.08 30.54 -14.49
NB BCL BL . -34.00 28.01 -9.18
C1B BCL BL . -33.77 27.32 -10.37
C2B BCL BL . -34.23 26.00 -10.30
C3B BCL BL . -34.81 25.84 -9.01
C4B BCL BL . -34.64 27.13 -8.36
CMB BCL BL . -34.08 25.02 -11.44
CAB BCL BL . -35.46 24.68 -8.37
OBB BCL BL . -36.03 24.77 -7.27
CBB BCL BL . -35.50 23.31 -8.99
NC BCL BL . -34.29 29.81 -6.86
C1C BCL BL . -34.91 28.70 -6.35
C2C BCL BL . -35.36 28.88 -4.94
C3C BCL BL . -34.83 30.27 -4.59
C4C BCL BL . -34.37 30.80 -5.92
CMC BCL BL . -36.86 28.73 -4.78
CAC BCL BL . -33.71 30.26 -3.52
CBC BCL BL . -34.22 30.03 -2.12
ND BCL BL . -32.94 31.80 -8.34
C1D BCL BL . -33.22 32.61 -7.24
C2D BCL BL . -32.78 33.94 -7.46
C3D BCL BL . -32.21 33.92 -8.73
C4D BCL BL . -32.32 32.63 -9.22
CMD BCL BL . -32.91 35.09 -6.50
CAD BCL BL . -31.47 34.66 -9.67
OBD BCL BL . -31.06 35.83 -9.65
CBD BCL BL . -31.18 33.75 -10.89
CGD BCL BL . -31.70 34.37 -12.11
O1D BCL BL . -32.88 34.56 -12.35
O2D BCL BL . -30.76 34.70 -12.98
CED BCL BL . -31.20 35.33 -14.21
C1 BCL BL . -25.71 30.91 -14.77
C2 BCL BL . -25.80 31.74 -16.02
C3 BCL BL . -25.81 31.35 -17.26
C4 BCL BL . -25.64 29.91 -17.73
C5 BCL BL . -26.07 32.34 -18.37
C6 BCL BL . -27.57 32.58 -18.57
C7 BCL BL . -27.91 33.59 -19.66
C8 BCL BL . -27.37 33.31 -21.05
C9 BCL BL . -27.85 34.41 -22.02
C10 BCL BL . -27.83 31.93 -21.55
C11 BCL BL . -27.23 31.55 -22.89
C12 BCL BL . -27.60 30.16 -23.37
C13 BCL BL . -26.48 29.11 -23.23
C14 BCL BL . -26.76 27.84 -24.06
C15 BCL BL . -26.22 28.68 -21.76
C16 BCL BL . -25.28 27.49 -21.58
C17 BCL BL . -24.83 27.13 -20.14
C18 BCL BL . -23.94 25.91 -20.05
C19 BCL BL . -23.26 26.00 -18.67
C20 BCL BL . -22.85 25.81 -21.13
MG BCL CL . -21.75 40.72 -0.76
CHA BCL CL . -19.71 43.11 -2.22
CHB BCL CL . -22.44 39.55 -3.89
CHC BCL CL . -24.32 38.94 0.52
CHD BCL CL . -21.62 42.54 2.22
NA BCL CL . -21.17 41.30 -2.77
C1A BCL CL . -20.22 42.24 -3.15
C2A BCL CL . -19.89 42.15 -4.60
C3A BCL CL . -20.92 41.17 -5.14
C4A BCL CL . -21.53 40.57 -3.90
CMA BCL CL . -21.98 41.85 -6.01
CAA BCL CL . -18.45 41.68 -4.84
CBA BCL CL . -17.90 42.12 -6.18
CGA BCL CL . -16.49 41.68 -6.39
O1A BCL CL . -15.54 42.32 -6.08
O2A BCL CL . -16.43 40.50 -6.93
NB BCL CL . -23.22 39.49 -1.56
C1B BCL CL . -23.22 39.00 -2.86
C2B BCL CL . -24.09 37.91 -2.97
C3B BCL CL . -24.67 37.69 -1.70
C4B BCL CL . -24.09 38.73 -0.85
CMB BCL CL . -24.29 37.18 -4.30
CAB BCL CL . -25.62 36.67 -1.22
OBB BCL CL . -26.17 36.75 -0.12
CBB BCL CL . -26.00 35.45 -2.02
NC BCL CL . -22.82 40.76 1.09
C1C BCL CL . -23.81 39.89 1.43
C2C BCL CL . -24.14 39.89 2.88
C3C BCL CL . -23.16 40.93 3.44
C4C BCL CL . -22.56 41.54 2.20
CMC BCL CL . -25.59 40.21 3.16
CAC BCL CL . -22.09 40.32 4.39
CBC BCL CL . -22.64 39.95 5.74
ND BCL CL . -20.91 42.46 -0.10
C1D BCL CL . -20.86 43.07 1.15
C2D BCL CL . -20.01 44.20 1.14
C3D BCL CL . -19.52 44.27 -0.16
C4D BCL CL . -20.08 43.22 -0.87
CMD BCL CL . -19.72 45.10 2.31
CAD BCL CL . -18.57 44.88 -1.02
OBD BCL CL . -17.75 45.79 -0.80
CBD BCL CL . -18.66 44.20 -2.40
CGD BCL CL . -18.94 45.21 -3.42
O1D BCL CL . -20.03 45.69 -3.67
O2D BCL CL . -17.86 45.59 -4.09
CED BCL CL . -18.03 46.59 -5.14
C1 BCL CL . -15.14 39.93 -7.30
C2 BCL CL . -14.57 40.75 -8.46
C3 BCL CL . -14.67 40.47 -9.74
C4 BCL CL . -15.40 39.27 -10.33
C5 BCL CL . -13.99 41.36 -10.81
C6 BCL CL . -14.00 42.88 -10.60
C7 BCL CL . -15.41 43.47 -10.53
C8 BCL CL . -16.36 43.25 -11.71
C9 BCL CL . -15.68 43.67 -13.04
C10 BCL CL . -17.70 44.02 -11.55
C11 BCL CL . -18.56 43.83 -10.29
C12 BCL CL . -18.16 44.70 -9.09
C13 BCL CL . -19.15 45.80 -8.69
C14 BCL CL . -20.48 45.19 -8.24
C15 BCL CL . -19.41 46.83 -9.81
C16 BCL CL . -18.27 47.77 -10.19
C17 BCL CL . -18.63 48.83 -11.24
C18 BCL CL . -17.56 49.90 -11.37
C19 BCL CL . -18.23 51.08 -12.10
C20 BCL CL . -16.30 49.44 -12.10
C1 CD4 DL . -2.58 37.02 -8.06
C2 CD4 DL . -2.50 35.81 -7.11
C3 CD4 DL . -3.79 35.65 -6.31
C4 CD4 DL . -5.04 35.59 -7.19
C5 CD4 DL . -4.97 34.40 -8.13
C6 CD4 DL . -6.13 34.41 -9.14
C7 CD4 DL . -5.67 34.01 -10.54
C8 CD4 DL . -5.19 35.23 -11.35
C9 CD4 DL . -4.19 34.85 -12.45
C10 CD4 DL . -2.74 34.86 -11.95
C11 CD4 DL . -1.79 34.93 -13.15
C12 CD4 DL . -0.34 35.05 -12.67
C13 CD4 DL . 0.63 35.36 -13.82
C14 CD4 DL . 0.55 36.80 -14.27
O1 CD4 DL . 0.01 37.07 -15.32
O2 CD4 DL . 1.06 37.79 -13.51
C15 CD4 DL . 2.18 38.61 -13.98
C16 CD4 DL . 2.79 39.22 -12.72
O3 CD4 DL . 2.70 40.66 -12.51
C17 CD4 DL . 1.65 41.15 -11.83
O4 CD4 DL . 0.51 41.05 -12.24
C18 CD4 DL . 1.91 41.56 -10.41
C19 CD4 DL . 2.42 42.98 -10.15
C20 CD4 DL . 1.52 44.09 -10.66
C21 CD4 DL . 2.01 45.40 -10.02
C22 CD4 DL . 1.14 46.57 -10.48
C23 CD4 DL . 1.55 47.87 -9.79
C24 CD4 DL . 1.08 47.98 -8.33
C25 CD4 DL . 2.25 48.42 -7.46
C26 CD4 DL . 1.83 48.97 -6.11
C27 CD4 DL . 1.07 47.98 -5.22
C28 CD4 DL . 1.72 39.68 -14.97
O5 CD4 DL . 2.75 40.49 -15.56
P1 CD4 DL . 4.13 40.09 -16.30
O6 CD4 DL . 4.47 41.29 -17.31
O7 CD4 DL . 4.04 38.81 -17.03
O8 CD4 DL . 5.38 40.06 -15.28
C29 CD4 DL . 6.59 40.72 -15.66
C30 CD4 DL . 7.71 40.56 -14.63
O9 CD4 DL . 8.84 41.30 -15.10
C31 CD4 DL . 8.16 39.11 -14.51
O10 CD4 DL . 9.52 39.14 -14.10
P2 CD4 DL . 10.56 37.94 -14.35
O11 CD4 DL . 10.12 37.11 -15.65
O12 CD4 DL . 11.93 38.47 -14.51
O13 CD4 DL . 10.46 37.00 -13.06
C32 CD4 DL . 9.44 36.02 -12.95
C33 CD4 DL . 8.92 35.90 -11.52
C34 CD4 DL . 8.38 34.49 -11.25
O14 CD4 DL . 8.33 34.32 -9.81
C35 CD4 DL . 7.79 33.22 -9.27
O15 CD4 DL . 7.28 32.37 -9.95
C36 CD4 DL . 7.88 33.10 -7.77
C37 CD4 DL . 7.80 31.67 -7.22
C38 CD4 DL . 6.39 31.36 -6.71
C39 CD4 DL . 6.37 29.97 -6.06
C40 CD4 DL . 4.99 29.70 -5.46
C41 CD4 DL . 4.88 28.25 -4.94
C42 CD4 DL . 3.49 28.06 -4.34
C43 CD4 DL . 3.21 26.58 -4.03
C44 CD4 DL . 1.74 26.38 -3.64
C45 CD4 DL . 1.55 26.57 -2.13
O16 CD4 DL . 9.96 36.18 -10.53
C46 CD4 DL . 10.12 37.43 -10.08
O17 CD4 DL . 9.40 38.32 -10.47
C47 CD4 DL . 11.15 37.69 -9.02
C48 CD4 DL . 10.81 36.89 -7.75
C49 CD4 DL . 9.38 37.18 -7.31
C50 CD4 DL . 9.02 36.45 -6.01
C51 CD4 DL . 7.50 36.44 -5.86
C52 CD4 DL . 7.01 35.64 -4.64
C53 CD4 DL . 7.32 36.34 -3.30
C54 CD4 DL . 6.53 35.65 -2.20
C55 CD4 DL . 7.05 36.03 -0.80
C56 CD4 DL . 6.12 35.46 0.28
C57 CD4 DL . 6.84 35.38 1.62
C58 CD4 DL . 5.83 35.33 2.76
C59 CD4 DL . 6.53 35.31 4.11
C60 CD4 DL . 1.13 48.52 -3.79
C61 CD4 DL . 0.24 47.69 -2.85
C62 CD4 DL . -1.22 48.12 -3.00
C63 CD4 DL . 0.24 27.32 -1.85
C64 CD4 DL . 0.49 28.84 -1.87
C65 CD4 DL . -0.84 29.57 -2.09
MG BCL EL . -7.22 45.27 8.09
CHA BCL EL . -4.49 47.03 6.92
CHB BCL EL . -8.36 45.09 4.89
CHC BCL EL . -10.22 44.24 9.26
CHD BCL EL . -6.38 46.25 11.34
NA BCL EL . -6.50 46.01 6.17
C1A BCL EL . -5.30 46.63 5.89
C2A BCL EL . -5.06 46.75 4.42
C3A BCL EL . -6.39 46.29 3.81
C4A BCL EL . -7.13 45.72 4.97
CMA BCL EL . -7.15 47.44 3.15
CAA BCL EL . -3.90 45.88 3.94
CBA BCL EL . -3.40 46.28 2.56
CGA BCL EL . -2.29 45.39 2.13
O1A BCL EL . -1.15 45.61 2.31
O2A BCL EL . -2.72 44.24 1.67
NB BCL EL . -9.04 44.81 7.22
C1B BCL EL . -9.25 44.63 5.86
C2B BCL EL . -10.43 43.92 5.62
C3B BCL EL . -11.04 43.66 6.88
C4B BCL EL . -10.11 44.24 7.86
CMB BCL EL . -10.89 43.57 4.22
CAB BCL EL . -12.28 42.96 7.25
OBB BCL EL . -12.67 42.90 8.42
CBB BCL EL . -13.17 42.28 6.24
NC BCL EL . -8.16 45.28 10.01
C1C BCL EL . -9.38 44.71 10.27
C2C BCL EL . -9.64 44.53 11.72
C3C BCL EL . -8.35 45.02 12.37
C4C BCL EL . -7.61 45.64 11.22
CMC BCL EL . -10.87 45.27 12.19
CAC BCL EL . -7.54 43.91 13.10
CBC BCL EL . -8.08 43.58 14.47
ND BCL EL . -5.79 46.42 8.98
C1D BCL EL . -5.50 46.70 10.32
C2D BCL EL . -4.30 47.43 10.43
C3D BCL EL . -3.84 47.60 9.13
C4D BCL EL . -4.76 46.99 8.29
CMD BCL EL . -3.68 47.91 11.73
CAD BCL EL . -2.76 48.01 8.32
OBD BCL EL . -1.68 48.55 8.62
CBD BCL EL . -3.10 47.68 6.85
CGD BCL EL . -3.00 48.88 6.01
O1D BCL EL . -3.84 49.75 5.92
O2D BCL EL . -1.87 48.95 5.33
CED BCL EL . -1.69 50.06 4.42
C1 BCL EL . -1.71 43.26 1.34
C2 BCL EL . -1.55 43.19 -0.16
C3 BCL EL . -0.77 43.90 -0.94
C4 BCL EL . 0.11 45.04 -0.47
C5 BCL EL . -0.59 43.60 -2.42
C6 BCL EL . -1.67 42.82 -3.14
C7 BCL EL . -2.90 43.68 -3.45
C8 BCL EL . -3.05 43.95 -4.96
C9 BCL EL . -4.16 45.00 -5.21
C10 BCL EL . -3.33 42.67 -5.77
C11 BCL EL . -2.12 42.02 -6.45
C12 BCL EL . -2.34 41.61 -7.92
C13 BCL EL . -2.80 42.71 -8.90
C14 BCL EL . -2.47 42.33 -10.35
C15 BCL EL . -2.19 44.12 -8.64
C16 BCL EL . -2.67 45.20 -9.62
C17 BCL EL . -2.80 46.61 -9.00
C18 BCL EL . -3.30 47.69 -9.95
C19 BCL EL . -2.08 48.19 -10.75
C20 BCL EL . -3.97 48.88 -9.24
MG BCL FL . 8.21 42.50 16.15
CHA BCL FL . 11.33 43.47 15.05
CHB BCL FL . 6.96 43.39 13.10
CHC BCL FL . 5.08 42.34 17.42
CHD BCL FL . 9.47 42.38 19.41
NA BCL FL . 9.06 43.35 14.34
C1A BCL FL . 10.41 43.56 14.05
C2A BCL FL . 10.63 43.88 12.60
C3A BCL FL . 9.20 44.02 12.06
C4A BCL FL . 8.33 43.53 13.18
CMA BCL FL . 8.87 45.46 11.69
CAA BCL FL . 11.42 42.77 11.88
CBA BCL FL . 11.78 43.12 10.44
CGA BCL FL . 12.60 42.07 9.77
O1A BCL FL . 13.40 41.40 10.31
O2A BCL FL . 12.27 41.87 8.52
NB BCL FL . 6.30 42.88 15.42
C1B BCL FL . 6.00 43.08 14.08
C2B BCL FL . 4.63 42.91 13.85
C3B BCL FL . 4.03 42.61 15.09
C4B BCL FL . 5.13 42.61 16.04
CMB BCL FL . 4.01 43.04 12.46
CAB BCL FL . 2.63 42.32 15.46
OBB BCL FL . 2.28 42.21 16.65
CBB BCL FL . 1.53 42.12 14.45
NC BCL FL . 7.40 42.40 18.13
C1C BCL FL . 6.08 42.25 18.40
C2C BCL FL . 5.81 41.89 19.82
C3C BCL FL . 7.22 41.73 20.40
C4C BCL FL . 8.10 42.27 19.30
CMC BCL FL . 4.98 42.93 20.54
CAC BCL FL . 7.59 40.28 20.83
CBC BCL FL . 7.02 39.89 22.16
ND BCL FL . 9.98 42.87 17.07
C1D BCL FL . 10.40 42.74 18.40
C2D BCL FL . 11.78 43.01 18.53
C3D BCL FL . 12.22 43.30 17.25
C4D BCL FL . 11.12 43.21 16.40
CMD BCL FL . 12.57 42.96 19.81
CAD BCL FL . 13.35 43.51 16.42
OBD BCL FL . 14.56 43.58 16.71
CBD BCL FL . 12.86 43.64 14.95
CGD BCL FL . 13.36 44.89 14.37
O1D BCL FL . 12.92 46.00 14.60
O2D BCL FL . 14.37 44.72 13.54
CED BCL FL . 14.93 45.90 12.90
C1 BCL FL . 12.95 40.78 7.82
C2 BCL FL . 12.30 40.65 6.45
C3 BCL FL . 12.68 41.29 5.37
C4 BCL FL . 13.83 42.28 5.31
C5 BCL FL . 11.98 41.03 4.02
C6 BCL FL . 11.80 42.24 3.08
C7 BCL FL . 11.36 41.81 1.69
C8 BCL FL . 10.99 42.89 0.67
C9 BCL FL . 10.64 42.24 -0.70
C10 BCL FL . 12.13 43.92 0.46
C11 BCL FL . 11.72 45.18 -0.33
C12 BCL FL . 12.88 46.16 -0.51
C13 BCL FL . 12.57 47.50 -1.21
C14 BCL FL . 13.84 48.28 -1.54
C15 BCL FL . 11.59 48.38 -0.37
C16 BCL FL . 11.34 49.83 -0.80
C17 BCL FL . 12.13 50.93 -0.04
C18 BCL FL . 11.85 52.37 -0.45
C19 BCL FL . 12.52 52.56 -1.82
C20 BCL FL . 12.39 53.40 0.56
C1 CD4 GL . 3.74 30.82 0.88
C2 CD4 GL . 3.45 31.01 -0.61
C3 CD4 GL . 4.67 31.59 -1.33
C4 CD4 GL . 5.74 30.51 -1.52
C5 CD4 GL . 7.09 31.12 -1.91
C6 CD4 GL . 7.77 31.79 -0.70
C7 CD4 GL . 9.23 32.11 -1.01
C8 CD4 GL . 9.37 33.11 -2.17
C9 CD4 GL . 10.85 33.50 -2.31
C10 CD4 GL . 11.05 34.59 -3.37
C11 CD4 GL . 12.53 34.57 -3.78
C12 CD4 GL . 12.84 35.60 -4.88
C13 CD4 GL . 12.73 37.00 -4.28
C14 CD4 GL . 13.90 37.83 -4.75
O1 CD4 GL . 14.99 37.60 -4.28
O2 CD4 GL . 13.80 38.83 -5.62
C15 CD4 GL . 14.81 39.84 -5.34
C16 CD4 GL . 14.29 40.78 -4.22
O3 CD4 GL . 14.93 42.07 -4.34
C17 CD4 GL . 15.46 42.66 -3.25
O4 CD4 GL . 15.64 42.03 -2.23
C18 CD4 GL . 15.86 44.10 -3.37
C19 CD4 GL . 16.97 44.56 -2.42
C20 CD4 GL . 16.46 44.95 -1.03
C21 CD4 GL . 17.70 45.41 -0.23
C22 CD4 GL . 17.37 46.08 1.11
C23 CD4 GL . 17.03 45.06 2.20
C24 CD4 GL . 16.84 45.83 3.51
C25 CD4 GL . 16.16 44.94 4.56
C26 CD4 GL . 15.73 45.75 5.78
C27 CD4 GL . 14.22 46.08 5.79
C28 CD4 GL . 15.21 40.64 -6.58
O5 CD4 GL . 15.37 39.87 -7.76
P1 CD4 GL . 16.51 38.78 -8.10
O6 CD4 GL . 17.99 39.36 -7.84
O7 CD4 GL . 16.42 38.50 -9.55
O8 CD4 GL . 16.29 37.41 -7.28
C29 CD4 GL . 17.18 36.30 -7.41
C30 CD4 GL . 16.80 35.55 -8.69
O9 CD4 GL . 15.52 34.93 -8.51
C31 CD4 GL . 17.84 34.49 -9.02
O10 CD4 GL . 19.14 35.06 -9.06
P2 CD4 GL . 20.42 34.10 -8.92
O11 CD4 GL . 20.38 33.00 -10.09
O12 CD4 GL . 21.68 34.88 -8.97
O13 CD4 GL . 20.27 33.38 -7.51
C32 CD4 GL . 20.11 34.13 -6.30
C33 CD4 GL . 19.82 33.18 -5.16
C34 CD4 GL . 20.33 33.76 -3.84
O14 CD4 GL . 19.81 32.90 -2.79
C35 CD4 GL . 20.69 32.13 -2.15
O15 CD4 GL . 21.87 32.20 -2.39
C36 CD4 GL . 20.17 31.08 -1.19
C37 CD4 GL . 19.45 31.68 0.02
C38 CD4 GL . 18.71 30.52 0.70
C39 CD4 GL . 17.76 31.01 1.80
C40 CD4 GL . 18.54 31.28 3.08
C41 CD4 GL . 17.60 31.75 4.20
C42 CD4 GL . 16.45 30.81 4.53
C43 CD4 GL . 16.94 29.55 5.27
C44 CD4 GL . 15.80 28.57 5.61
C45 CD4 GL . 15.05 28.01 4.39
O16 CD4 GL . 18.39 32.98 -4.99
C46 CD4 GL . 17.72 32.11 -5.75
O17 CD4 GL . 18.29 31.31 -6.45
C47 CD4 GL . 16.22 32.09 -5.63
C48 CD4 GL . 15.96 31.37 -4.30
C49 CD4 GL . 15.70 32.38 -3.19
C50 CD4 GL . 15.78 31.65 -1.84
C51 CD4 GL . 14.66 32.03 -0.86
C52 CD4 GL . 14.71 33.51 -0.49
C53 CD4 GL . 13.52 33.84 0.43
C54 CD4 GL . 13.15 35.32 0.36
C55 CD4 GL . 11.84 35.64 1.11
C56 CD4 GL . 11.61 34.68 2.29
C57 CD4 GL . 10.28 35.05 2.96
C58 CD4 GL . 9.98 34.10 4.13
C59 CD4 GL . 9.43 32.77 3.61
C60 CD4 GL . 13.72 46.84 4.56
C61 CD4 GL . 14.19 48.30 4.60
C62 CD4 GL . 13.54 49.10 3.48
C63 CD4 GL . 13.73 28.73 4.16
C64 CD4 GL . 13.04 28.20 2.90
C65 CD4 GL . 11.79 29.03 2.61
MG BCL HL . 21.70 33.18 22.30
CHA BCL HL . 24.96 33.23 21.16
CHB BCL HL . 20.82 34.98 19.55
CHC BCL HL . 18.70 33.82 23.73
CHD BCL HL . 22.86 32.05 25.39
NA BCL HL . 22.79 34.01 20.60
C1A BCL HL . 24.10 33.82 20.27
C2A BCL HL . 24.41 34.26 18.88
C3A BCL HL . 23.13 35.01 18.47
C4A BCL HL . 22.15 34.63 19.54
CMA BCL HL . 23.34 36.52 18.39
CAA BCL HL . 24.70 33.09 17.94
CBA BCL HL . 25.46 33.50 16.70
CGA BCL HL . 25.64 32.36 15.77
O1A BCL HL . 26.65 31.79 15.58
O2A BCL HL . 24.49 32.01 15.27
NB BCL HL . 20.04 34.29 21.76
C1B BCL HL . 19.81 34.83 20.50
C2B BCL HL . 18.47 35.17 20.34
C3B BCL HL . 17.79 34.84 21.54
C4B BCL HL . 18.83 34.30 22.41
CMB BCL HL . 17.95 35.78 19.04
CAB BCL HL . 16.38 34.95 21.93
OBB BCL HL . 15.98 34.64 23.07
CBB BCL HL . 15.30 35.47 21.01
NC BCL HL . 20.93 32.99 24.27
C1C BCL HL . 19.62 33.23 24.61
C2C BCL HL . 19.27 32.76 25.98
C3C BCL HL . 20.53 32.00 26.40
C4C BCL HL . 21.54 32.42 25.37
CMC BCL HL . 18.91 33.89 26.91
CAC BCL HL . 20.36 30.46 26.50
CBC BCL HL . 19.69 30.03 27.78
ND BCL HL . 23.49 32.77 23.15
C1D BCL HL . 23.86 32.24 24.39
C2D BCL HL . 25.24 31.98 24.46
C3D BCL HL . 25.74 32.34 23.22
C4D BCL HL . 24.68 32.82 22.46
CMD BCL HL . 25.97 31.40 25.64
CAD BCL HL . 26.85 32.28 22.35
OBD BCL HL . 28.01 31.85 22.54
CBD BCL HL . 26.44 32.88 20.98
CGD BCL HL . 27.33 33.99 20.62
O1D BCL HL . 27.36 35.07 21.16
O2D BCL HL . 28.11 33.73 19.58
CED BCL HL . 29.01 34.77 19.14
C1 BCL HL . 24.44 30.87 14.38
C2 BCL HL . 25.06 31.30 13.07
C3 BCL HL . 24.44 31.81 12.04
C4 BCL HL . 22.94 32.08 11.98
C5 BCL HL . 25.20 32.19 10.77
C6 BCL HL . 26.70 32.51 10.91
C7 BCL HL . 26.99 33.66 11.88
C8 BCL HL . 28.05 34.64 11.40
C9 BCL HL . 29.47 34.08 11.66
C10 BCL HL . 27.86 36.00 12.11
C11 BCL HL . 27.92 35.93 13.62
C12 BCL HL . 27.69 37.30 14.27
C13 BCL HL . 27.95 37.27 15.79
C14 BCL HL . 26.67 37.03 16.59
C15 BCL HL . 28.57 38.60 16.27
C16 BCL HL . 30.11 38.62 16.25
C17 BCL HL . 30.84 38.59 14.89
C18 BCL HL . 32.33 38.80 14.93
C19 BCL HL . 32.57 40.25 15.39
C20 BCL HL . 33.00 38.55 13.58
C10 V7B IL . 9.54 23.21 17.69
C20 V7B IL . 15.97 28.67 11.33
C22 V7B IL . 16.54 29.68 9.10
C28 V7B IL . 12.83 21.59 19.99
C11 V7B IL . 9.96 22.91 16.26
C16 V7B IL . 12.44 25.14 12.00
C18 V7B IL . 14.19 26.96 11.73
C19 V7B IL . 14.75 27.98 10.73
C23 V7B IL . 17.53 30.63 11.19
C29 V7B IL . 13.64 20.32 20.27
C30 V7B IL . 15.10 20.70 20.48
C31 V7B IL . 15.98 20.86 19.26
C32 V7B IL . 16.32 19.54 18.56
C34 V7B IL . 17.51 17.35 19.00
C35 V7B IL . 18.55 17.80 17.98
C36 V7B IL . 19.43 16.62 17.58
C37 V7B IL . 20.39 17.02 16.47
C38 V7B IL . 21.36 15.86 16.25
C39 V7B IL . 22.26 16.11 15.04
C41 V7B IL . 22.95 17.46 15.20
C43 V7B IL . 7.96 23.68 28.07
C44 V7B IL . 8.62 24.47 29.20
C1 V7B IL . 8.55 23.08 22.88
C12 V7B IL . 11.45 23.25 16.10
C13 V7B IL . 11.81 23.52 14.64
C14 V7B IL . 11.12 24.78 14.13
C15 V7B IL . 12.07 25.70 13.37
C17 V7B IL . 13.01 26.23 11.09
C2 V7B IL . 8.55 24.53 23.36
C21 V7B IL . 16.30 29.97 10.57
C3 V7B IL . 8.97 24.59 24.82
C33 V7B IL . 16.86 18.59 19.62
C4 V7B IL . 8.13 23.68 25.72
C40 V7B IL . 23.32 15.02 15.00
C45 V7B IL . 9.90 23.76 29.66
C46 V7B IL . 9.64 22.29 29.96
C47 V7B IL . 8.84 21.64 28.84
C48 V7B IL . 8.41 20.23 29.27
C5 V7B IL . 7.93 22.29 25.09
C6 V7B IL . 6.74 21.54 25.69
C7 V7B IL . 8.95 22.32 20.63
C8 V7B IL . 10.04 23.22 20.03
C9 V7B IL . 11.27 23.20 20.93
O1 V7B IL . 8.11 22.98 21.55
O10 V7B IL . 13.09 22.32 19.09
O2 V7B IL . 9.43 25.28 22.57
O3 V7B IL . 8.88 25.91 25.28
O4 V7B IL . 8.81 23.57 26.96
O49 V7B IL . 8.93 25.77 28.78
O5 V7B IL . 5.54 22.15 25.30
O50 V7B IL . 10.37 24.38 30.82
O51 V7B IL . 10.86 21.62 30.11
O52 V7B IL . 7.71 22.40 28.55
O53 V7B IL . 7.75 19.59 28.22
O6 V7B IL . 7.68 22.37 23.71
O7 V7B IL . 10.37 22.79 18.74
O8 V7B IL . 11.93 21.97 21.00
O9 V7B IL . 8.52 23.78 17.91
MG BCL JL . 31.66 18.88 25.41
CHA BCL JL . 34.65 18.04 23.91
CHB BCL JL . 31.36 21.43 23.17
CHC BCL JL . 29.14 20.16 27.28
CHD BCL JL . 32.51 16.83 28.11
NA BCL JL . 32.89 19.63 23.78
C1A BCL JL . 34.03 19.07 23.25
C2A BCL JL . 34.42 19.67 21.94
C3A BCL JL . 33.47 20.89 21.83
C4A BCL JL . 32.48 20.66 22.94
CMA BCL JL . 34.21 22.21 21.99
CAA BCL JL . 34.23 18.68 20.78
CBA BCL JL . 34.97 19.09 19.51
CGA BCL JL . 34.83 18.11 18.40
O1A BCL JL . 34.58 16.97 18.53
O2A BCL JL . 34.89 18.67 17.23
NB BCL JL . 30.48 20.58 25.30
C1B BCL JL . 30.40 21.42 24.20
C2B BCL JL . 29.23 22.20 24.24
C3B BCL JL . 28.56 21.88 25.44
C4B BCL JL . 29.38 20.84 26.06
CMB BCL JL . 28.87 23.18 23.15
CAB BCL JL . 27.30 22.38 26.03
OBB BCL JL . 26.94 22.06 27.18
CBB BCL JL . 26.35 23.29 25.30
NC BCL JL . 30.97 18.57 27.41
C1C BCL JL . 29.84 19.13 27.93
C2C BCL JL . 29.41 18.52 29.22
C3C BCL JL . 30.34 17.32 29.34
C4C BCL JL . 31.39 17.61 28.31
CMC BCL JL . 29.50 19.47 30.39
CAC BCL JL . 29.64 15.95 29.13
CBC BCL JL . 28.86 15.50 30.35
ND BCL JL . 33.22 17.71 25.95
C1D BCL JL . 33.47 16.89 27.07
C2D BCL JL . 34.69 16.20 26.94
C3D BCL JL . 35.22 16.61 25.71
C4D BCL JL . 34.32 17.51 25.16
CMD BCL JL . 35.28 15.25 27.94
CAD BCL JL . 36.20 16.36 24.73
OBD BCL JL . 37.15 15.55 24.71
CBD BCL JL . 35.94 17.30 23.52
CGD BCL JL . 37.12 18.14 23.27
O1D BCL JL . 37.48 19.07 23.95
O2D BCL JL . 37.78 17.80 22.18
CED BCL JL . 38.95 18.58 21.84
C1 BCL JL . 34.58 17.94 15.99
C2 BCL JL . 34.82 18.95 14.90
C3 BCL JL . 35.83 18.89 14.06
C4 BCL JL . 36.87 17.77 14.05
C5 BCL JL . 36.04 20.03 13.05
C6 BCL JL . 36.83 21.24 13.56
C7 BCL JL . 38.22 20.86 14.09
C8 BCL JL . 39.13 21.92 14.73
C9 BCL JL . 40.44 21.27 15.20
C10 BCL JL . 38.42 22.59 15.93
C11 BCL JL . 37.76 21.65 16.94
C12 BCL JL . 37.56 22.27 18.34
C13 BCL JL . 38.67 22.00 19.38
C14 BCL JL . 38.51 22.90 20.62
C15 BCL JL . 40.11 22.18 18.85
C16 BCL JL . 41.31 21.78 19.68
C17 BCL JL . 42.52 21.29 18.86
C18 BCL JL . 43.19 22.35 17.98
C19 BCL JL . 44.20 21.58 17.11
C20 BCL JL . 43.91 23.45 18.79
MG BCL KL . 36.30 1.76 25.34
CHA BCL KL . 38.93 0.34 23.61
CHB BCL KL . 36.67 4.55 23.43
CHC BCL KL . 34.33 3.45 27.50
CHD BCL KL . 36.59 -0.79 27.72
NA BCL KL . 37.66 2.35 23.74
C1A BCL KL . 38.62 1.58 23.11
C2A BCL KL . 39.05 2.19 21.81
C3A BCL KL . 38.41 3.59 21.85
C4A BCL KL . 37.54 3.54 23.06
CMA BCL KL . 39.46 4.69 21.98
CAA BCL KL . 38.61 1.39 20.59
CBA BCL KL . 39.33 1.87 19.35
CGA BCL KL . 38.82 1.23 18.11
O1A BCL KL . 39.27 0.24 17.64
O2A BCL KL . 37.77 1.90 17.65
NB BCL KL . 35.64 3.71 25.49
C1B BCL KL . 35.80 4.68 24.51
C2B BCL KL . 34.98 5.80 24.78
C3B BCL KL . 34.27 5.52 25.97
C4B BCL KL . 34.73 4.20 26.38
CMB BCL KL . 34.98 7.02 23.89
CAB BCL KL . 33.26 6.29 26.71
OBB BCL KL . 32.77 5.89 27.77
CBB BCL KL . 32.73 7.63 26.24
NC BCL KL . 35.60 1.39 27.32
C1C BCL KL . 34.72 2.20 27.99
C2C BCL KL . 34.14 1.56 29.20
C3C BCL KL . 34.75 0.16 29.18
C4C BCL KL . 35.77 0.25 28.08
CMC BCL KL . 34.45 2.34 30.47
CAC BCL KL . 33.70 -0.97 28.96
CBC BCL KL . 32.87 -1.24 30.19
ND BCL KL . 37.50 0.14 25.66
C1D BCL KL . 37.49 -0.87 26.63
C2D BCL KL . 38.44 -1.87 26.32
C3D BCL KL . 39.06 -1.46 25.15
C4D BCL KL . 38.47 -0.25 24.78
CMD BCL KL . 38.71 -3.11 27.14
CAD BCL KL . 39.94 -1.81 24.11
OBD BCL KL . 40.67 -2.82 23.97
CBD BCL KL . 39.91 -0.70 23.03
CGD BCL KL . 41.26 -0.22 22.74
O1D BCL KL . 41.94 0.46 23.49
O2D BCL KL . 41.71 -0.60 21.56
CED BCL KL . 43.02 -0.14 21.17
C1 BCL KL . 37.17 1.53 16.37
C2 BCL KL . 38.25 1.68 15.36
C3 BCL KL . 38.67 2.63 14.57
C4 BCL KL . 37.95 3.95 14.32
C5 BCL KL . 39.99 2.49 13.82
C6 BCL KL . 41.03 1.64 14.54
C7 BCL KL . 42.39 1.62 13.85
C8 BCL KL . 43.15 2.95 13.83
C9 BCL KL . 44.26 2.90 12.75
C10 BCL KL . 43.77 3.30 15.20
C11 BCL KL . 42.92 4.21 16.09
C12 BCL KL . 43.67 4.73 17.33
C13 BCL KL . 43.71 3.74 18.51
C14 BCL KL . 42.49 3.87 19.41
C15 BCL KL . 44.97 3.94 19.39
C16 BCL KL . 46.18 3.04 19.05
C17 BCL KL . 46.80 3.22 17.66
C18 BCL KL . 47.96 2.33 17.29
C19 BCL KL . 49.19 2.82 18.10
C20 BCL KL . 48.28 2.35 15.80
C2 UYH LL . 20.44 3.25 30.57
C4 UYH LL . 20.11 1.04 31.94
C5 UYH LL . 21.01 0.30 30.83
C6 UYH LL . 20.53 -1.21 30.66
C8 UYH LL . 21.52 2.67 25.85
C9 UYH LL . 21.93 4.21 25.70
O9 UYH LL . 21.00 -0.05 25.48
C10 UYH LL . 21.77 0.51 24.68
O10 UYH LL . 23.68 4.17 23.58
C11 UYH LL . 22.32 -0.27 23.39
C12 UYH LL . 22.23 0.74 22.17
O4 UYH LL . 20.34 0.41 33.24
O2 UYH LL . 20.98 4.61 30.62
C1 UYH LL . 21.34 2.38 29.59
C13 UYH LL . 22.19 -0.13 20.84
C14 UYH LL . 22.54 0.85 19.63
C15 UYH LL . 22.03 0.17 18.28
C16 UYH LL . 22.50 1.06 17.03
C17 UYH LL . 24.11 1.06 16.92
C18 UYH LL . 24.69 -0.42 17.05
C19 UYH LL . 26.11 -0.50 16.32
C20 UYH LL . 25.81 -0.83 14.78
C21 UYH LL . 27.16 -0.96 13.92
C22 UYH LL . 27.85 0.48 13.69
C23 UYH LL . 26.84 1.42 12.87
C24 UYH LL . 27.65 2.56 12.10
C25 UYH LL . 28.18 1.93 10.71
C26 UYH LL . 29.32 2.87 10.07
C27 UYH LL . 30.72 2.62 10.82
C28 UYH LL . 22.49 4.44 23.31
C29 UYH LL . 22.00 4.65 21.81
C3 UYH LL . 20.50 2.59 32.03
C30 UYH LL . 23.28 4.70 20.84
C31 UYH LL . 22.77 5.06 19.36
C32 UYH LL . 24.01 5.03 18.36
C33 UYH LL . 23.53 5.66 16.97
C34 UYH LL . 24.46 5.15 15.77
C35 UYH LL . 25.99 5.50 16.09
C36 UYH LL . 26.88 5.00 14.84
C37 UYH LL . 28.44 5.19 15.18
C38 UYH LL . 28.82 6.74 15.26
C39 UYH LL . 30.40 6.89 15.06
C40 UYH LL . 30.82 6.59 13.54
C41 UYH LL . 30.31 7.79 12.61
C42 UYH LL . 30.73 7.54 11.08
C43 UYH LL . 30.37 8.86 10.25
C44 UYH LL . 30.95 8.74 8.76
C45 UYH LL . 30.84 10.15 8.02
C7 UYH LL . 21.98 2.18 27.29
O1 UYH LL . 21.18 2.91 28.25
O3 UYH LL . 19.54 3.29 32.89
O5 UYH LL . 21.20 -2.06 31.65
O6 UYH LL . 20.86 0.99 29.56
O7 UYH LL . 22.23 1.89 24.84
O8 UYH LL . 21.51 4.66 24.38
C2 0V9 ML . 21.66 -10.03 25.88
C1 0V9 ML . 22.42 -11.19 26.53
N 0V9 ML . 20.89 -14.15 31.10
C3 0V9 ML . 21.22 -8.99 26.91
C4 0V9 ML . 20.55 -14.71 28.70
C5 0V9 ML . 19.98 -14.71 30.13
C10 0V9 ML . 22.97 -10.05 23.76
C11 0V9 ML . 23.56 -9.07 22.80
C12 0V9 ML . 24.62 -9.66 21.88
C13 0V9 ML . 24.67 -8.88 20.59
C14 0V9 ML . 25.52 -9.55 19.51
C15 0V9 ML . 25.31 -8.92 18.15
C16 0V9 ML . 26.07 -9.59 17.02
C17 0V9 ML . 25.58 -10.97 16.62
C18 0V9 ML . 24.27 -10.94 15.92
C19 0V9 ML . 23.75 -11.95 15.22
C20 0V9 ML . 24.36 -13.29 15.05
C21 0V9 ML . 24.67 -13.60 13.58
C22 0V9 ML . 23.37 -13.75 12.79
C23 0V9 ML . 23.58 -14.42 11.44
C24 0V9 ML . 24.56 -13.67 10.56
C25 0V9 ML . 24.75 -14.37 9.23
C30 0V9 ML . 20.04 -7.42 25.49
C31 0V9 ML . 20.28 -6.24 24.61
C32 0V9 ML . 21.55 -6.41 23.80
C33 0V9 ML . 21.71 -5.38 22.69
C34 0V9 ML . 23.11 -5.41 22.13
C35 0V9 ML . 23.27 -4.69 20.80
C36 0V9 ML . 22.88 -5.57 19.63
C37 0V9 ML . 23.18 -4.96 18.27
C38 0V9 ML . 22.09 -4.04 17.77
C39 0V9 ML . 22.36 -3.57 16.35
C40 0V9 ML . 21.32 -2.59 15.87
C41 0V9 ML . 21.75 -1.84 14.62
C42 0V9 ML . 21.77 -2.74 13.40
C43 0V9 ML . 22.56 -2.11 12.27
O4 0V9 ML . 22.85 -11.28 23.63
O5 0V9 ML . 19.06 -8.16 25.55
O2 0V9 ML . 22.54 -9.42 24.91
O3 0V9 ML . 21.13 -7.68 26.30
O1P 0V9 ML . 19.85 -12.16 27.32
O2P 0V9 ML . 20.43 -11.64 29.73
O3P 0V9 ML . 22.12 -11.37 27.89
O4P 0V9 ML . 21.37 -13.59 28.48
P 0V9 ML . 20.86 -12.08 28.50
C1 CD4 NL . 31.76 -8.11 11.87
C2 CD4 NL . 30.77 -8.63 10.82
C3 CD4 NL . 31.47 -9.58 9.83
C4 CD4 NL . 32.73 -8.91 9.26
C5 CD4 NL . 33.25 -9.68 8.03
C6 CD4 NL . 34.66 -9.19 7.69
C7 CD4 NL . 35.23 -9.82 6.41
C8 CD4 NL . 34.43 -9.45 5.16
C9 CD4 NL . 35.33 -9.49 3.91
C10 CD4 NL . 36.41 -8.40 3.98
C11 CD4 NL . 36.94 -7.98 2.60
C12 CD4 NL . 36.00 -6.95 1.98
C13 CD4 NL . 36.26 -6.61 0.50
C14 CD4 NL . 37.57 -5.89 0.25
O1 CD4 NL . 37.71 -4.78 0.68
O2 CD4 NL . 38.54 -6.37 -0.55
C15 CD4 NL . 39.60 -7.23 -0.07
C16 CD4 NL . 40.02 -6.91 1.36
O3 CD4 NL . 40.55 -8.19 1.75
C17 CD4 NL . 41.03 -8.46 2.96
O4 CD4 NL . 40.98 -7.65 3.86
C18 CD4 NL . 41.61 -9.84 3.14
C19 CD4 NL . 42.79 -9.86 4.11
C20 CD4 NL . 43.21 -11.32 4.26
C21 CD4 NL . 44.28 -11.43 5.35
C22 CD4 NL . 44.59 -12.90 5.62
C23 CD4 NL . 45.42 -13.05 6.90
C24 CD4 NL . 46.84 -12.50 6.68
C25 CD4 NL . 47.62 -12.57 8.00
C26 CD4 NL . 47.38 -11.33 8.87
C27 CD4 NL . 48.42 -10.24 8.60
C28 CD4 NL . 40.93 -7.21 -0.86
O5 CD4 NL . 41.02 -6.74 -2.21
P1 CD4 NL . 39.96 -6.82 -3.42
O6 CD4 NL . 40.58 -6.02 -4.68
O7 CD4 NL . 38.68 -6.16 -3.08
O8 CD4 NL . 39.69 -8.36 -3.78
C29 CD4 NL . 38.50 -9.04 -3.39
C30 CD4 NL . 38.64 -10.52 -3.75
O9 CD4 NL . 39.91 -10.98 -3.33
C31 CD4 NL . 38.53 -10.66 -5.28
O10 CD4 NL . 37.33 -11.36 -5.60
P2 CD4 NL . 35.90 -10.62 -5.65
O11 CD4 NL . 36.02 -9.22 -6.44
O12 CD4 NL . 34.89 -11.49 -6.28
O13 CD4 NL . 35.53 -10.32 -4.12
C32 CD4 NL . 34.82 -11.26 -3.31
C33 CD4 NL . 34.39 -10.63 -1.99
C34 CD4 NL . 33.78 -9.23 -2.20
O14 CD4 NL . 32.61 -9.04 -1.35
C35 CD4 NL . 32.75 -8.85 -0.02
O15 CD4 NL . 33.82 -9.00 0.53
C36 CD4 NL . 31.56 -8.42 0.78
C37 CD4 NL . 31.77 -8.63 2.29
C38 CD4 NL . 30.40 -8.60 2.99
C39 CD4 NL . 30.41 -9.39 4.30
C40 CD4 NL . 29.09 -9.20 5.06
C41 CD4 NL . 29.03 -10.10 6.29
C42 CD4 NL . 27.93 -9.68 7.27
C43 CD4 NL . 27.80 -10.72 8.39
C44 CD4 NL . 27.49 -10.14 9.76
C45 CD4 NL . 26.08 -9.53 9.81
O16 CD4 NL . 33.44 -11.49 -1.32
C46 CD4 NL . 33.91 -12.52 -0.59
O17 CD4 NL . 35.03 -12.94 -0.76
C47 CD4 NL . 33.02 -13.15 0.45
C48 CD4 NL . 32.85 -12.21 1.64
C49 CD4 NL . 32.75 -12.99 2.95
C50 CD4 NL . 31.47 -13.83 2.96
C51 CD4 NL . 31.57 -14.98 3.96
C52 CD4 NL . 30.43 -15.99 3.75
C53 CD4 NL . 29.12 -15.44 4.32
C54 CD4 NL . 28.76 -16.09 5.67
C55 CD4 NL . 28.38 -17.57 5.51
C56 CD4 NL . 28.00 -18.15 6.88
C57 CD4 NL . 27.83 -19.67 6.79
C58 CD4 NL . 27.23 -20.22 8.08
C59 CD4 NL . 28.16 -19.94 9.27
C60 CD4 NL . 48.49 -9.20 9.73
C61 CD4 NL . 47.63 -7.95 9.50
C62 CD4 NL . 46.12 -8.23 9.57
C63 CD4 NL . 25.77 -9.02 11.23
C64 CD4 NL . 26.59 -7.76 11.57
C65 CD4 NL . 26.53 -7.50 13.08
MG BCL OL . 35.98 -15.65 22.36
CHA BCL OL . 37.97 -17.41 20.16
CHB BCL OL . 37.08 -12.78 20.91
CHC BCL OL . 34.67 -13.89 24.93
CHD BCL OL . 35.54 -18.57 24.21
NA BCL OL . 37.37 -15.19 20.75
C1A BCL OL . 38.03 -16.07 19.92
C2A BCL OL . 38.64 -15.37 18.75
C3A BCL OL . 38.55 -13.89 19.15
C4A BCL OL . 37.60 -13.91 20.31
CMA BCL OL . 39.91 -13.32 19.52
CAA BCL OL . 37.87 -15.66 17.45
CBA BCL OL . 38.73 -15.39 16.22
CGA BCL OL . 38.01 -15.70 14.97
O1A BCL OL . 37.87 -16.78 14.52
O2A BCL OL . 37.56 -14.62 14.40
NB BCL OL . 35.94 -13.65 22.90
C1B BCL OL . 36.31 -12.60 22.06
C2B BCL OL . 35.78 -11.39 22.52
C3B BCL OL . 35.07 -11.66 23.72
C4B BCL OL . 35.21 -13.11 23.90
CMB BCL OL . 36.02 -10.08 21.78
CAB BCL OL . 34.32 -10.79 24.63
OBB BCL OL . 33.81 -11.20 25.68
CBB BCL OL . 34.10 -9.31 24.37
NC BCL OL . 35.26 -16.17 24.31
C1C BCL OL . 34.65 -15.29 25.15
C2C BCL OL . 33.92 -15.94 26.26
C3C BCL OL . 34.05 -17.43 25.91
C4C BCL OL . 35.06 -17.43 24.80
CMC BCL OL . 34.48 -15.60 27.63
CAC BCL OL . 32.71 -18.11 25.51
CBC BCL OL . 31.84 -18.47 26.69
ND BCL OL . 36.64 -17.57 22.28
C1D BCL OL . 36.33 -18.70 23.03
C2D BCL OL . 36.85 -19.88 22.44
C3D BCL OL . 37.51 -19.44 21.30
C4D BCL OL . 37.37 -18.06 21.24
CMD BCL OL . 36.70 -21.28 22.98
CAD BCL OL . 38.22 -19.83 20.14
OBD BCL OL . 38.57 -20.96 19.75
CBD BCL OL . 38.53 -18.57 19.31
CGD BCL OL . 39.96 -18.50 19.00
O1D BCL OL . 40.82 -18.12 19.75
O2D BCL OL . 40.25 -18.91 17.77
CED BCL OL . 41.64 -18.91 17.38
C1 BCL OL . 37.02 -14.70 13.04
C2 BCL OL . 38.18 -15.08 12.14
C3 BCL OL . 38.82 -14.32 11.29
C4 BCL OL . 38.51 -12.85 11.03
C5 BCL OL . 39.95 -14.92 10.45
C6 BCL OL . 41.31 -15.03 11.13
C7 BCL OL . 41.98 -13.67 11.30
C8 BCL OL . 43.43 -13.69 11.81
C9 BCL OL . 44.36 -14.35 10.77
C10 BCL OL . 43.54 -14.41 13.16
C11 BCL OL . 42.55 -13.97 14.24
C12 BCL OL . 43.05 -14.00 15.70
C13 BCL OL . 43.56 -15.33 16.27
C14 BCL OL . 43.30 -15.43 17.78
C15 BCL OL . 45.08 -15.55 16.04
C16 BCL OL . 45.45 -16.74 15.15
C17 BCL OL . 46.89 -16.78 14.62
C18 BCL OL . 47.05 -17.67 13.41
C19 BCL OL . 48.57 -17.88 13.25
C20 BCL OL . 46.48 -17.10 12.12
MG BCL PL . 29.53 -30.92 16.47
CHA BCL PL . 30.64 -32.78 13.78
CHB BCL PL . 31.51 -28.38 15.40
CHC BCL PL . 29.02 -29.35 19.42
CHD BCL PL . 28.29 -33.87 17.92
NA BCL PL . 30.91 -30.66 14.82
C1A BCL PL . 31.13 -31.50 13.75
C2A BCL PL . 31.97 -30.87 12.68
C3A BCL PL . 32.40 -29.55 13.32
C4A BCL PL . 31.53 -29.45 14.55
CMA BCL PL . 33.88 -29.52 13.68
CAA BCL PL . 31.20 -30.66 11.37
CBA BCL PL . 32.11 -30.33 10.19
CGA BCL PL . 31.35 -30.07 8.94
O1A BCL PL . 31.28 -30.81 8.03
O2A BCL PL . 30.68 -28.94 9.01
NB BCL PL . 30.22 -29.17 17.32
C1B BCL PL . 30.92 -28.18 16.65
C2B BCL PL . 30.93 -26.98 17.39
C3B BCL PL . 30.20 -27.21 18.57
C4B BCL PL . 29.78 -28.61 18.49
CMB BCL PL . 31.63 -25.74 16.89
CAB BCL PL . 29.86 -26.33 19.70
OBB BCL PL . 29.30 -26.75 20.73
CBB BCL PL . 30.14 -24.85 19.70
NC BCL PL . 28.81 -31.53 18.39
C1C BCL PL . 28.58 -30.68 19.43
C2C BCL PL . 27.79 -31.29 20.53
C3C BCL PL . 27.36 -32.64 19.94
C4C BCL PL . 28.26 -32.76 18.72
CMC BCL PL . 28.56 -31.42 21.82
CAC BCL PL . 25.85 -32.73 19.62
CBC BCL PL . 25.01 -33.00 20.84
ND BCL PL . 29.49 -32.90 16.02
C1D BCL PL . 28.91 -34.00 16.64
C2D BCL PL . 29.01 -35.17 15.84
C3D BCL PL . 29.69 -34.75 14.70
C4D BCL PL . 29.96 -33.39 14.84
CMD BCL PL . 28.49 -36.53 16.18
CAD BCL PL . 30.14 -35.13 13.41
OBD BCL PL . 30.06 -36.22 12.81
CBD BCL PL . 30.79 -33.89 12.74
CGD BCL PL . 32.16 -34.22 12.32
O1D BCL PL . 33.09 -34.38 13.06
O2D BCL PL . 32.29 -34.31 11.01
CED BCL PL . 33.60 -34.67 10.50
C1 BCL PL . 29.81 -28.55 7.90
C2 BCL PL . 30.67 -28.16 6.73
C3 BCL PL . 31.16 -26.98 6.45
C4 BCL PL . 31.00 -25.74 7.33
C5 BCL PL . 31.93 -26.76 5.16
C6 BCL PL . 33.45 -26.83 5.24
C7 BCL PL . 34.10 -25.46 5.41
C8 BCL PL . 35.49 -25.45 4.79
C9 BCL PL . 36.46 -26.31 5.61
C10 BCL PL . 36.03 -24.01 4.64
C11 BCL PL . 35.11 -23.14 3.81
C12 BCL PL . 35.85 -22.10 2.99
C13 BCL PL . 34.94 -21.33 2.01
C14 BCL PL . 35.76 -20.61 0.93
C15 BCL PL . 34.04 -20.30 2.73
C16 BCL PL . 32.54 -20.44 2.51
C17 BCL PL . 31.93 -21.57 3.35
C18 BCL PL . 30.42 -21.75 3.28
C19 BCL PL . 29.75 -20.42 3.66
C20 BCL PL . 29.92 -22.87 4.20
MG BCL QL . 18.10 -41.81 8.42
CHA BCL QL . 18.56 -43.41 5.40
CHB BCL QL . 20.85 -39.93 7.74
CHC BCL QL . 18.15 -40.79 11.66
CHD BCL QL . 15.83 -44.32 9.33
NA BCL QL . 19.52 -41.73 6.78
C1A BCL QL . 19.46 -42.39 5.57
C2A BCL QL . 20.40 -41.82 4.56
C3A BCL QL . 21.24 -40.83 5.38
C4A BCL QL . 20.52 -40.78 6.70
CMA BCL QL . 22.67 -41.30 5.56
CAA BCL QL . 19.68 -41.14 3.37
CBA BCL QL . 20.62 -40.51 2.34
CGA BCL QL . 20.03 -40.29 0.98
O1A BCL QL . 18.94 -40.59 0.64
O2A BCL QL . 20.91 -39.73 0.17
NB BCL QL . 19.34 -40.61 9.55
C1B BCL QL . 20.35 -39.80 9.05
C2B BCL QL . 20.78 -38.87 10.00
C3B BCL QL . 20.02 -39.08 11.18
C4B BCL QL . 19.12 -40.19 10.84
CMB BCL QL . 21.88 -37.86 9.72
CAB BCL QL . 20.03 -38.42 12.49
OBB BCL QL . 19.36 -38.83 13.45
CBB BCL QL . 20.87 -37.20 12.79
NC BCL QL . 17.16 -42.48 10.22
C1C BCL QL . 17.24 -41.84 11.43
C2C BCL QL . 16.29 -42.35 12.44
C3C BCL QL . 15.39 -43.27 11.61
C4C BCL QL . 16.18 -43.46 10.34
CMC BCL QL . 16.97 -43.06 13.60
CAC BCL QL . 13.96 -42.72 11.37
CBC BCL QL . 13.05 -42.91 12.56
ND BCL QL . 17.35 -43.52 7.60
C1D BCL QL . 16.40 -44.44 8.03
C2D BCL QL . 16.13 -45.40 7.04
C3D BCL QL . 16.95 -45.06 5.96
C4D BCL QL . 17.66 -43.93 6.33
CMD BCL QL . 15.16 -46.55 7.15
CAD BCL QL . 17.27 -45.31 4.61
OBD BCL QL . 16.83 -46.18 3.83
CBD BCL QL . 18.33 -44.29 4.16
CGD BCL QL . 19.52 -44.97 3.63
O1D BCL QL . 20.41 -45.46 4.30
O2D BCL QL . 19.55 -45.02 2.31
CED BCL QL . 20.71 -45.65 1.70
C1 BCL QL . 20.60 -39.36 -1.22
C2 BCL QL . 21.91 -38.84 -1.76
C3 BCL QL . 22.78 -39.56 -2.44
C4 BCL QL . 22.56 -41.01 -2.83
C5 BCL QL . 24.15 -39.04 -2.88
C6 BCL QL . 24.68 -37.78 -2.19
C7 BCL QL . 24.22 -36.47 -2.82
C8 BCL QL . 24.85 -35.24 -2.16
C9 BCL QL . 23.77 -34.17 -1.90
C10 BCL QL . 25.98 -34.62 -3.02
C11 BCL QL . 27.19 -35.50 -3.34
C12 BCL QL . 28.24 -34.79 -4.22
C13 BCL QL . 29.34 -35.67 -4.83
C14 BCL QL . 28.77 -36.73 -5.77
C15 BCL QL . 30.21 -36.40 -3.76
C16 BCL QL . 31.70 -36.52 -4.15
C17 BCL QL . 32.60 -37.48 -3.34
C18 BCL QL . 32.32 -38.95 -3.60
C19 BCL QL . 33.48 -39.73 -2.95
C20 BCL QL . 32.18 -39.34 -5.07
MG BCL RL . 3.77 -46.57 -0.26
CHA BCL RL . 3.60 -47.60 -3.55
CHB BCL RL . 7.01 -45.67 -0.82
CHC BCL RL . 4.22 -46.27 3.07
CHD BCL RL . 0.77 -48.23 0.35
NA BCL RL . 5.11 -46.66 -1.98
C1A BCL RL . 4.84 -47.08 -3.27
C2A BCL RL . 5.90 -46.62 -4.21
C3A BCL RL . 7.05 -46.24 -3.29
C4A BCL RL . 6.41 -46.18 -1.94
CMA BCL RL . 8.18 -47.26 -3.32
CAA BCL RL . 5.45 -45.47 -5.13
CBA BCL RL . 6.44 -45.19 -6.23
CGA BCL RL . 6.01 -44.00 -7.00
O1A BCL RL . 5.57 -43.04 -6.56
O2A BCL RL . 6.27 -44.10 -8.24
NB BCL RL . 5.38 -46.12 0.96
C1B BCL RL . 6.60 -45.61 0.52
C2B BCL RL . 7.30 -45.02 1.58
C3B BCL RL . 6.54 -45.18 2.75
C4B BCL RL . 5.33 -45.88 2.30
CMB BCL RL . 8.67 -44.37 1.36
CAB BCL RL . 6.78 -44.78 4.14
OBB BCL RL . 6.00 -45.09 5.05
CBB BCL RL . 7.97 -43.96 4.57
NC BCL RL . 2.67 -47.20 1.45
C1C BCL RL . 3.00 -46.88 2.73
C2C BCL RL . 1.90 -47.12 3.70
C3C BCL RL . 0.76 -47.60 2.82
C4C BCL RL . 1.42 -47.78 1.48
CMC BCL RL . 2.28 -48.12 4.78
CAC BCL RL . -0.44 -46.60 2.78
CBC BCL RL . -1.36 -46.74 3.97
ND BCL RL . 2.47 -47.73 -1.32
C1D BCL RL . 1.23 -48.27 -0.99
C2D BCL RL . 0.60 -48.80 -2.14
C3D BCL RL . 1.47 -48.57 -3.19
C4D BCL RL . 2.58 -47.93 -2.65
CMD BCL RL . -0.76 -49.47 -2.17
CAD BCL RL . 1.64 -48.60 -4.58
OBD BCL RL . 0.89 -49.01 -5.48
CBD BCL RL . 3.02 -47.97 -4.92
CGD BCL RL . 3.84 -48.91 -5.70
O1D BCL RL . 4.35 -49.91 -5.27
O2D BCL RL . 3.97 -48.55 -6.96
CED BCL RL . 4.84 -49.37 -7.78
C1 BCL RL . 5.85 -43.08 -9.19
C2 BCL RL . 6.77 -43.31 -10.28
C3 BCL RL . 7.89 -42.93 -10.75
C4 BCL RL . 8.53 -41.60 -10.36
C5 BCL RL . 8.70 -43.71 -11.75
C6 BCL RL . 9.87 -44.35 -10.99
C7 BCL RL . 10.44 -45.66 -11.55
C8 BCL RL . 10.91 -45.69 -13.00
C9 BCL RL . 11.75 -46.95 -13.27
C10 BCL RL . 11.73 -44.42 -13.33
C11 BCL RL . 13.00 -44.12 -12.51
C12 BCL RL . 13.58 -42.72 -12.78
C13 BCL RL . 15.10 -42.58 -12.53
C14 BCL RL . 15.54 -41.11 -12.49
C15 BCL RL . 15.92 -43.31 -13.61
C16 BCL RL . 17.31 -43.77 -13.17
C17 BCL RL . 17.37 -45.00 -12.24
C18 BCL RL . 17.54 -46.39 -12.88
C19 BCL RL . 18.91 -46.39 -13.57
C20 BCL RL . 16.45 -46.80 -13.87
MG BCL SL . -11.55 -43.89 -8.61
CHA BCL SL . -12.17 -44.07 -11.99
CHB BCL SL . -8.23 -44.20 -9.30
CHC BCL SL . -10.96 -44.44 -5.32
CHD BCL SL . -14.96 -44.43 -8.01
NA BCL SL . -10.39 -44.15 -10.42
C1A BCL SL . -10.83 -44.07 -11.73
C2A BCL SL . -9.71 -43.78 -12.68
C3A BCL SL . -8.48 -44.18 -11.84
C4A BCL SL . -9.01 -44.15 -10.44
CMA BCL SL . -7.95 -45.55 -12.22
CAA BCL SL . -9.68 -42.31 -13.11
CBA BCL SL . -8.45 -41.94 -13.91
CGA BCL SL . -8.80 -41.59 -15.32
O1A BCL SL . -9.32 -42.33 -16.08
O2A BCL SL . -8.52 -40.32 -15.60
NB BCL SL . -9.87 -44.32 -7.48
C1B BCL SL . -8.56 -44.26 -7.93
C2B BCL SL . -7.66 -44.25 -6.86
C3B BCL SL . -8.41 -44.35 -5.67
C4B BCL SL . -9.81 -44.37 -6.12
CMB BCL SL . -6.15 -44.17 -7.07
CAB BCL SL . -8.02 -44.40 -4.26
OBB BCL SL . -8.82 -44.67 -3.35
CBB BCL SL . -6.61 -44.13 -3.78
NC BCL SL . -12.78 -44.40 -6.94
C1C BCL SL . -12.33 -44.49 -5.65
C2C BCL SL . -13.42 -44.58 -4.65
C3C BCL SL . -14.67 -44.32 -5.49
C4C BCL SL . -14.16 -44.47 -6.90
CMC BCL SL . -13.44 -45.90 -3.91
CAC BCL SL . -15.32 -42.94 -5.23
CBC BCL SL . -16.10 -42.89 -3.93
ND BCL SL . -13.22 -44.24 -9.72
C1D BCL SL . -14.57 -44.36 -9.38
C2D BCL SL . -15.38 -44.39 -10.54
C3D BCL SL . -14.50 -44.28 -11.60
C4D BCL SL . -13.22 -44.20 -11.07
CMD BCL SL . -16.88 -44.50 -10.56
CAD BCL SL . -14.38 -44.08 -13.00
OBD BCL SL . -15.25 -43.99 -13.89
CBD BCL SL . -12.87 -43.94 -13.34
CGD BCL SL . -12.49 -44.94 -14.35
O1D BCL SL . -12.27 -46.11 -14.12
O2D BCL SL . -12.41 -44.46 -15.56
CED BCL SL . -11.98 -45.37 -16.61
C1 BCL SL . -8.78 -39.77 -16.95
C2 BCL SL . -7.84 -40.48 -17.91
C3 BCL SL . -6.53 -40.30 -18.01
C4 BCL SL . -5.73 -39.30 -17.18
C5 BCL SL . -5.69 -41.14 -18.97
C6 BCL SL . -6.46 -42.03 -19.94
C7 BCL SL . -5.55 -42.98 -20.73
C8 BCL SL . -6.19 -43.56 -21.99
C9 BCL SL . -7.62 -44.02 -21.65
C10 BCL SL . -5.32 -44.70 -22.58
C11 BCL SL . -5.59 -46.14 -22.14
C12 BCL SL . -6.56 -46.92 -23.05
C13 BCL SL . -7.72 -47.61 -22.31
C14 BCL SL . -7.25 -48.66 -21.30
C15 BCL SL . -8.67 -48.29 -23.33
C16 BCL SL . -8.10 -49.29 -24.34
C17 BCL SL . -7.89 -48.74 -25.76
C18 BCL SL . -7.24 -49.69 -26.76
C19 BCL SL . -5.90 -50.16 -26.15
C20 BCL SL . -7.02 -49.06 -28.14
C1 MQ8 TL . -26.61 -17.57 -5.98
O1 MQ8 TL . -26.39 -16.53 -6.62
C2 MQ8 TL . -25.93 -18.84 -6.33
C2M MQ8 TL . -24.98 -18.72 -7.46
C3 MQ8 TL . -26.15 -19.99 -5.63
C4 MQ8 TL . -27.14 -20.02 -4.51
O4 MQ8 TL . -27.37 -21.05 -3.88
C5 MQ8 TL . -27.83 -18.76 -4.16
C6 MQ8 TL . -28.76 -18.75 -3.11
C7 MQ8 TL . -29.42 -17.57 -2.76
C8 MQ8 TL . -29.17 -16.39 -3.47
C9 MQ8 TL . -28.25 -16.40 -4.53
C10 MQ8 TL . -27.58 -17.58 -4.87
C11 MQ8 TL . -25.53 -21.34 -5.90
C12 MQ8 TL . -24.06 -21.50 -6.05
C13 MQ8 TL . -23.08 -21.27 -5.16
C14 MQ8 TL . -23.36 -20.77 -3.79
C15 MQ8 TL . -21.63 -21.53 -5.46
C16 MQ8 TL . -21.32 -22.27 -6.76
C17 MQ8 TL . -19.86 -22.46 -6.98
C18 MQ8 TL . -19.19 -22.33 -8.14
C19 MQ8 TL . -19.86 -21.97 -9.41
C20 MQ8 TL . -17.70 -22.54 -8.22
C21 MQ8 TL . -17.29 -23.93 -8.66
C22 MQ8 TL . -15.82 -24.20 -8.58
C23 MQ8 TL . -14.98 -24.36 -9.61
C24 MQ8 TL . -15.42 -24.27 -11.03
C25 MQ8 TL . -13.51 -24.61 -9.40
C26 MQ8 TL . -13.13 -26.08 -9.32
C27 MQ8 TL . -11.66 -26.31 -9.42
C28 MQ8 TL . -10.98 -26.66 -10.53
C29 MQ8 TL . -11.68 -26.86 -11.83
C30 MQ8 TL . -9.50 -26.84 -10.56
C31 MQ8 TL . -9.00 -28.28 -10.73
C32 MQ8 TL . -8.76 -28.96 -9.43
C33 MQ8 TL . -7.85 -29.93 -9.25
C34 MQ8 TL . -7.01 -30.43 -10.36
C35 MQ8 TL . -7.56 -30.60 -7.94
C36 MQ8 TL . -7.68 -29.63 -6.79
C37 MQ8 TL . -6.64 -29.80 -5.74
C38 MQ8 TL . -6.79 -30.30 -4.51
C39 MQ8 TL . -8.09 -30.79 -3.99
C40 MQ8 TL . -5.62 -30.37 -3.57
C41 MQ8 TL . -4.83 -31.67 -3.60
C42 MQ8 TL . -4.29 -32.04 -4.93
C43 MQ8 TL . -3.05 -31.73 -5.35
C44 MQ8 TL . -2.53 -32.12 -6.70
C45 MQ8 TL . -2.11 -30.96 -4.51
C46 MQ8 TL . -3.31 -33.27 -7.33
C47 MQ8 TL . -2.50 -34.06 -8.31
C48 MQ8 TL . -2.11 -33.68 -9.54
C49 MQ8 TL . -1.30 -34.58 -10.39
C50 MQ8 TL . -2.44 -32.38 -10.15
MG BCL UL . -25.15 -34.41 -14.72
CHA BCL UL . -25.90 -33.66 -18.00
CHB BCL UL . -22.13 -35.58 -15.78
CHC BCL UL . -24.64 -35.74 -11.66
CHD BCL UL . -28.53 -33.99 -13.91
NA BCL UL . -24.19 -34.61 -16.66
C1A BCL UL . -24.61 -34.09 -17.88
C2A BCL UL . -23.56 -34.18 -18.93
C3A BCL UL . -22.42 -34.95 -18.23
C4A BCL UL . -22.87 -35.01 -16.80
CMA BCL UL . -22.25 -36.34 -18.81
CAA BCL UL . -23.09 -32.83 -19.49
CBA BCL UL . -21.97 -32.96 -20.51
CGA BCL UL . -21.66 -31.73 -21.30
O1A BCL UL . -22.30 -30.74 -21.29
O2A BCL UL . -20.62 -31.89 -22.09
NB BCL UL . -23.65 -35.54 -13.87
C1B BCL UL . -22.42 -35.82 -14.44
C2B BCL UL . -21.53 -36.33 -13.49
C3B BCL UL . -22.22 -36.41 -12.25
C4B BCL UL . -23.56 -35.90 -12.55
CMB BCL UL . -20.10 -36.71 -13.84
CAB BCL UL . -21.82 -36.88 -10.92
OBB BCL UL . -22.63 -37.00 -9.98
CBB BCL UL . -20.40 -37.25 -10.58
NC BCL UL . -26.41 -34.84 -13.06
C1C BCL UL . -25.95 -35.26 -11.84
C2C BCL UL . -26.95 -35.14 -10.76
C3C BCL UL . -28.09 -34.38 -11.42
C4C BCL UL . -27.73 -34.46 -12.89
CMC BCL UL . -27.36 -36.48 -10.17
CAC BCL UL . -28.26 -32.93 -10.91
CBC BCL UL . -28.94 -32.86 -9.55
ND BCL UL . -26.88 -33.99 -15.71
C1D BCL UL . -28.18 -33.74 -15.26
C2D BCL UL . -28.99 -33.25 -16.32
C3D BCL UL . -28.15 -33.19 -17.43
C4D BCL UL . -26.90 -33.64 -17.03
CMD BCL UL . -30.44 -32.87 -16.20
CAD BCL UL . -28.05 -32.82 -18.79
OBD BCL UL . -28.89 -32.33 -19.56
CBD BCL UL . -26.61 -33.11 -19.26
CGD BCL UL . -26.61 -34.02 -20.41
O1D BCL UL . -26.91 -35.19 -20.39
O2D BCL UL . -26.24 -33.43 -21.54
CED BCL UL . -26.17 -34.24 -22.74
C1 BCL UL . -20.26 -30.83 -23.03
C2 BCL UL . -19.07 -31.39 -23.81
C3 BCL UL . -19.05 -31.53 -25.12
C4 BCL UL . -20.18 -31.11 -26.06
C5 BCL UL . -17.79 -32.12 -25.81
C6 BCL UL . -17.96 -32.83 -27.17
C7 BCL UL . -18.82 -34.09 -27.12
C8 BCL UL . -19.43 -34.45 -28.49
C9 BCL UL . -20.51 -33.41 -28.85
C10 BCL UL . -19.98 -35.90 -28.49
C11 BCL UL . -20.79 -36.46 -29.66
C12 BCL UL . -22.32 -36.23 -29.63
C13 BCL UL . -23.08 -36.84 -28.44
C14 BCL UL . -24.46 -37.37 -28.87
C15 BCL UL . -23.31 -35.83 -27.31
C16 BCL UL . -23.55 -36.43 -25.91
C17 BCL UL . -22.31 -37.15 -25.34
C18 BCL UL . -22.16 -37.16 -23.82
C19 BCL UL . -23.52 -37.56 -23.23
C20 BCL UL . -21.68 -35.82 -23.25
MG BCL VL . -34.93 -19.98 -18.03
CHA BCL VL . -35.51 -18.49 -21.10
CHB BCL VL . -32.47 -21.83 -19.50
CHC BCL VL . -34.83 -21.96 -15.29
CHD BCL VL . -37.97 -18.67 -16.89
NA BCL VL . -34.15 -20.14 -20.05
C1A BCL VL . -34.44 -19.35 -21.15
C2A BCL VL . -33.47 -19.54 -22.27
C3A BCL VL . -32.66 -20.77 -21.81
C4A BCL VL . -33.04 -20.91 -20.36
CMA BCL VL . -33.01 -22.02 -22.61
CAA BCL VL . -32.59 -18.30 -22.52
CBA BCL VL . -31.49 -18.55 -23.54
CGA BCL VL . -31.02 -17.33 -24.23
O1A BCL VL . -31.69 -16.65 -24.93
O2A BCL VL . -29.73 -17.11 -24.15
NB BCL VL . -33.88 -21.69 -17.49
C1B BCL VL . -32.79 -22.21 -18.20
C2B BCL VL . -32.08 -23.12 -17.40
C3B BCL VL . -32.74 -23.20 -16.15
C4B BCL VL . -33.87 -22.27 -16.26
CMB BCL VL . -30.84 -23.83 -17.91
CAB BCL VL . -32.45 -23.97 -14.93
OBB BCL VL . -33.19 -23.96 -13.93
CBB BCL VL . -31.22 -24.84 -14.78
NC BCL VL . -36.23 -20.29 -16.36
C1C BCL VL . -35.92 -21.09 -15.30
C2C BCL VL . -36.84 -20.89 -14.14
C3C BCL VL . -37.67 -19.68 -14.57
C4C BCL VL . -37.36 -19.58 -16.04
CMC BCL VL . -37.67 -22.12 -13.84
CAC BCL VL . -37.35 -18.38 -13.77
CBC BCL VL . -38.03 -18.33 -12.43
ND BCL VL . -36.46 -18.88 -18.80
C1D BCL VL . -37.60 -18.33 -18.22
C2D BCL VL . -38.26 -17.46 -19.12
C3D BCL VL . -37.49 -17.47 -20.27
C4D BCL VL . -36.42 -18.33 -20.04
CMD BCL VL . -39.53 -16.69 -18.84
CAD BCL VL . -37.28 -16.89 -21.55
OBD BCL VL . -37.92 -16.01 -22.15
CBD BCL VL . -36.03 -17.55 -22.18
CGD BCL VL . -36.38 -18.17 -23.46
O1D BCL VL . -37.07 -19.15 -23.60
O2D BCL VL . -35.88 -17.54 -24.52
CED BCL VL . -36.22 -18.07 -25.82
C1 BCL VL . -29.01 -16.28 -25.08
C2 BCL VL . -28.86 -17.18 -26.28
C3 BCL VL . -29.40 -17.03 -27.47
C4 BCL VL . -30.25 -15.86 -27.91
C5 BCL VL . -29.24 -18.12 -28.53
C6 BCL VL . -30.02 -19.40 -28.17
C7 BCL VL . -31.48 -19.36 -28.63
C8 BCL VL . -32.39 -20.34 -27.87
C9 BCL VL . -31.80 -21.77 -27.89
C10 BCL VL . -33.83 -20.34 -28.42
C11 BCL VL . -34.01 -20.72 -29.89
C12 BCL VL . -34.48 -19.56 -30.79
C13 BCL VL . -34.65 -20.00 -32.26
C14 BCL VL . -33.38 -19.78 -33.06
C15 BCL VL . -35.82 -19.24 -32.96
C16 BCL VL . -36.33 -19.85 -34.27
C17 BCL VL . -35.90 -19.14 -35.57
C18 BCL VL . -36.28 -19.89 -36.85
C19 BCL VL . -35.55 -19.15 -38.00
C20 BCL VL . -37.79 -19.95 -37.13
C1 V7N WL . -34.66 9.46 -12.46
C10 V7N WL . -35.45 10.63 -23.15
C11 V7N WL . -35.48 10.74 -24.55
C12 V7N WL . -35.76 9.61 -25.35
C13 V7N WL . -35.77 9.52 -26.77
C14 V7N WL . -36.02 8.27 -27.37
C15 V7N WL . -35.98 8.02 -28.74
C16 V7N WL . -36.11 6.73 -29.31
C17 V7N WL . -35.96 6.49 -30.67
C18 V7N WL . -35.82 5.21 -31.26
C19 V7N WL . -35.57 5.11 -32.65
C2 V7N WL . -34.69 9.33 -13.99
C20 V7N WL . -35.54 3.94 -33.42
C21 V7N WL . -35.17 3.96 -34.79
C22 V7N WL . -35.11 2.87 -35.63
C23 V7N WL . -34.65 3.02 -37.04
C24 V7N WL . -33.39 2.18 -37.27
C25 V7N WL . -32.49 2.52 -38.41
C26 V7N WL . -32.77 2.81 -39.70
C27 V7N WL . -31.74 3.17 -40.72
C28 V7N WL . -31.62 2.13 -41.81
C29 V7N WL . -31.80 2.73 -43.16
C3 V7N WL . -34.50 10.56 -14.78
C30 V7N WL . -35.83 10.34 -12.03
C31 V7N WL . -34.72 8.09 -11.81
C33 V7N WL . -34.32 12.96 -16.79
C34 V7N WL . -35.06 13.05 -22.48
C35 V7N WL . -35.50 10.70 -27.63
C36 V7N WL . -35.88 4.01 -30.39
C37 V7N WL . -35.51 1.51 -35.20
C38 V7N WL . -34.11 2.67 -40.28
C39 V7N WL . -30.80 3.23 -43.91
C4 V7N WL . -34.80 10.55 -16.11
C40 V7N WL . -31.05 3.81 -45.26
C41 V7N WL . -33.13 10.30 -10.79
C43 V7N WL . -29.39 3.24 -43.49
C5 V7N WL . -34.69 11.56 -17.11
C6 V7N WL . -34.92 11.14 -18.43
C7 V7N WL . -34.88 11.85 -19.64
C8 V7N WL . -35.24 11.17 -20.81
C9 V7N WL . -35.25 11.62 -22.15
O32 V7N WL . -33.42 10.13 -12.17
O42 V7N WL . -35.18 13.58 -23.58
O44 V7N WL . -32.33 3.98 -45.62
O45 V7N WL . -30.20 4.16 -46.08
C2 0V9 XL . -54.79 11.49 -9.85
C1 0V9 XL . -54.54 10.54 -8.68
N 0V9 XL . -53.69 9.71 -5.19
C3 0V9 XL . -54.59 12.96 -9.47
C4 0V9 XL . -55.64 11.26 -4.94
C5 0V9 XL . -55.10 9.83 -4.89
C10 0V9 XL . -54.07 11.55 -12.20
C11 0V9 XL . -53.12 10.88 -13.15
C12 0V9 XL . -52.90 11.64 -14.44
C13 0V9 XL . -52.37 10.70 -15.52
C14 0V9 XL . -51.08 10.00 -15.16
C15 0V9 XL . -49.92 10.94 -14.88
C16 0V9 XL . -49.49 11.73 -16.11
C17 0V9 XL . -48.18 12.46 -15.90
C18 0V9 XL . -47.41 12.65 -17.16
C19 0V9 XL . -46.65 11.73 -17.78
C20 0V9 XL . -46.49 10.32 -17.36
C21 0V9 XL . -46.53 9.35 -18.53
C22 0V9 XL . -45.21 9.30 -19.27
C23 0V9 XL . -45.33 8.52 -20.57
C24 0V9 XL . -44.01 8.45 -21.31
C25 0V9 XL . -44.16 7.84 -22.68
C30 0V9 XL . -52.88 14.61 -9.72
C31 0V9 XL . -51.56 14.88 -10.38
C32 0V9 XL . -51.46 14.29 -11.77
C33 0V9 XL . -50.41 14.97 -12.61
C34 0V9 XL . -49.00 14.70 -12.12
C35 0V9 XL . -48.00 15.60 -12.82
C36 0V9 XL . -46.58 15.31 -12.38
C37 0V9 XL . -45.54 16.13 -13.13
C38 0V9 XL . -45.49 15.83 -14.62
C39 0V9 XL . -44.13 16.20 -15.19
C40 0V9 XL . -44.01 15.82 -16.66
C41 0V9 XL . -42.56 15.86 -17.10
C42 0V9 XL . -42.35 15.26 -18.48
C43 0V9 XL . -43.11 15.99 -19.56
O4 0V9 XL . -54.98 12.33 -12.45
O5 0V9 XL . -53.68 15.41 -9.23
O2 0V9 XL . -53.87 11.13 -10.90
O3 0V9 XL . -53.21 13.29 -9.77
O1P 0V9 XL . -57.68 10.20 -6.49
O2P 0V9 XL . -57.40 12.02 -8.18
O3P 0V9 XL . -55.74 10.14 -8.08
O4P 0V9 XL . -55.86 11.77 -6.24
P 0V9 XL . -56.78 11.11 -7.37
MG BCL YL . -41.43 6.22 -17.20
CHA BCL YL . -39.23 4.80 -19.44
CHB BCL YL . -40.99 9.19 -18.81
CHC BCL YL . -43.03 7.77 -14.65
CHD BCL YL . -41.10 3.39 -15.17
NA BCL YL . -40.22 6.88 -18.88
C1A BCL YL . -39.49 6.10 -19.76
C2A BCL YL . -39.33 6.78 -21.08
C3A BCL YL . -39.60 8.25 -20.72
C4A BCL YL . -40.33 8.15 -19.42
CMA BCL YL . -38.31 9.05 -20.57
CAA BCL YL . -40.29 6.23 -22.15
CBA BCL YL . -39.81 6.39 -23.60
CGA BCL YL . -39.55 7.78 -24.05
O1A BCL YL . -38.49 8.22 -24.29
O2A BCL YL . -40.64 8.54 -24.12
NB BCL YL . -41.90 8.18 -16.75
C1B BCL YL . -41.72 9.27 -17.60
C2B BCL YL . -42.37 10.40 -17.10
C3B BCL YL . -42.98 10.04 -15.88
C4B BCL YL . -42.66 8.62 -15.71
CMB BCL YL . -42.36 11.72 -17.84
CAB BCL YL . -43.75 10.81 -14.92
OBB BCL YL . -44.48 10.27 -14.06
CBB BCL YL . -43.73 12.32 -14.87
NC BCL YL . -41.96 5.66 -15.21
C1C BCL YL . -42.68 6.45 -14.35
C2C BCL YL . -43.20 5.70 -13.16
C3C BCL YL . -42.55 4.32 -13.32
C4C BCL YL . -41.78 4.44 -14.59
CMC BCL YL . -42.89 6.36 -11.84
CAC BCL YL . -43.57 3.15 -13.31
CBC BCL YL . -44.07 2.82 -11.92
ND BCL YL . -40.39 4.48 -17.24
C1D BCL YL . -40.34 3.38 -16.38
C2D BCL YL . -39.50 2.37 -16.88
C3D BCL YL . -39.02 2.86 -18.09
C4D BCL YL . -39.58 4.12 -18.28
CMD BCL YL . -39.21 1.05 -16.20
CAD BCL YL . -38.24 2.59 -19.24
OBD BCL YL . -37.55 1.59 -19.54
CBD BCL YL . -38.34 3.80 -20.20
CGD BCL YL . -37.00 4.29 -20.56
O1D BCL YL . -36.26 4.91 -19.83
O2D BCL YL . -36.65 3.99 -21.80
CED BCL YL . -35.38 4.53 -22.27
C1 BCL YL . -40.40 9.93 -24.49
C2 BCL YL . -41.77 10.56 -24.72
C3 BCL YL . -42.39 11.44 -23.95
C4 BCL YL . -41.84 12.00 -22.65
C5 BCL YL . -43.76 11.97 -24.35
C6 BCL YL . -43.77 13.33 -25.03
C7 BCL YL . -45.11 13.68 -25.69
C8 BCL YL . -45.36 15.17 -25.98
C9 BCL YL . -46.82 15.39 -26.44
C10 BCL YL . -44.40 15.72 -27.06
C11 BCL YL . -44.23 17.23 -26.92
C12 BCL YL . -43.81 17.98 -28.20
C13 BCL YL . -42.56 17.44 -28.91
C14 BCL YL . -41.31 17.54 -28.04
C15 BCL YL . -42.33 18.26 -30.19
C16 BCL YL . -41.19 17.83 -31.11
C17 BCL YL . -40.97 18.66 -32.40
C18 BCL YL . -41.91 18.38 -33.56
C19 BCL YL . -41.69 16.91 -33.98
C20 BCL YL . -41.66 19.31 -34.76
C1 V7N ZL . -30.74 23.17 -7.84
C10 V7N ZL . -30.78 26.59 -17.75
C11 V7N ZL . -30.60 26.97 -19.09
C12 V7N ZL . -31.19 26.22 -20.12
C13 V7N ZL . -31.07 26.41 -21.50
C14 V7N ZL . -31.83 25.59 -22.37
C15 V7N ZL . -31.74 25.58 -23.77
C16 V7N ZL . -32.38 24.62 -24.57
C17 V7N ZL . -32.24 24.53 -25.97
C18 V7N ZL . -32.70 23.42 -26.71
C19 V7N ZL . -32.46 23.32 -28.10
C2 V7N ZL . -31.52 24.22 -8.66
C20 V7N ZL . -33.18 22.56 -29.02
C21 V7N ZL . -32.80 22.43 -30.38
C22 V7N ZL . -33.54 21.77 -31.35
C23 V7N ZL . -33.00 21.61 -32.74
C24 V7N ZL . -32.69 22.85 -33.55
C25 V7N ZL . -31.66 22.49 -34.57
C26 V7N ZL . -31.81 21.76 -35.69
C27 V7N ZL . -30.63 21.44 -36.56
C28 V7N ZL . -30.07 22.62 -37.33
C29 V7N ZL . -30.52 22.69 -38.73
C3 V7N ZL . -30.72 25.18 -9.45
C30 V7N ZL . -31.74 22.13 -7.34
C31 V7N ZL . -29.66 22.49 -8.66
C33 V7N ZL . -28.70 26.74 -11.27
C34 V7N ZL . -29.03 28.07 -16.67
C35 V7N ZL . -30.14 27.41 -22.08
C36 V7N ZL . -33.38 22.32 -25.98
C37 V7N ZL . -34.86 21.17 -31.08
C38 V7N ZL . -33.11 21.21 -36.16
C39 V7N ZL . -29.68 22.58 -39.78
C4 V7N ZL . -30.53 25.02 -10.80
C40 V7N ZL . -30.16 22.66 -41.17
C41 V7N ZL . -29.38 23.17 -5.85
C43 V7N ZL . -28.22 22.35 -39.63
C5 V7N ZL . -29.82 25.87 -11.69
C6 V7N ZL . -30.24 25.83 -13.04
C7 V7N ZL . -29.74 26.53 -14.14
C8 V7N ZL . -30.42 26.43 -15.36
C9 V7N ZL . -30.08 27.03 -16.59
O32 V7N ZL . -30.21 23.90 -6.74
O42 V7N ZL . -28.67 28.69 -17.67
O44 V7N ZL . -31.48 22.75 -41.35
O45 V7N ZL . -29.47 22.65 -42.20
C1B LMT AM . -36.16 28.77 -40.52
C2B LMT AM . -35.26 30.01 -40.67
C3B LMT AM . -35.58 30.72 -42.00
C4B LMT AM . -35.43 29.74 -43.18
C5B LMT AM . -36.27 28.47 -42.87
C6B LMT AM . -36.07 27.44 -43.96
O1B LMT AM . -37.48 29.21 -40.42
O2B LMT AM . -35.50 30.85 -39.61
O3B LMT AM . -34.83 31.85 -42.16
O4' LMT AM . -35.89 30.32 -44.34
O5B LMT AM . -35.98 27.91 -41.60
O6B LMT AM . -34.77 27.04 -44.02
C1' LMT AM . -39.61 26.69 -37.67
C2' LMT AM . -39.72 26.40 -39.20
C3' LMT AM . -38.58 27.06 -40.02
C4' LMT AM . -38.46 28.52 -39.62
C5' LMT AM . -38.10 28.46 -38.13
C6' LMT AM . -37.57 29.74 -37.53
O1' LMT AM . -40.83 26.54 -37.05
O2' LMT AM . -39.66 25.04 -39.42
O3' LMT AM . -38.84 26.96 -41.36
O5' LMT AM . -39.24 28.05 -37.41
O6' LMT AM . -38.43 30.09 -36.51
C1 LMT AM . -41.33 25.23 -36.89
C2 LMT AM . -42.58 25.37 -36.06
C3 LMT AM . -42.41 25.67 -34.60
C4 LMT AM . -42.19 24.36 -33.88
C5 LMT AM . -41.88 24.59 -32.43
C6 LMT AM . -41.66 23.33 -31.62
C7 LMT AM . -40.21 22.86 -31.55
C8 LMT AM . -39.62 22.57 -32.88
C9 LMT AM . -38.25 21.94 -32.84
C10 LMT AM . -37.77 21.66 -34.23
C11 LMT AM . -37.84 22.83 -35.17
C12 LMT AM . -37.08 24.03 -34.66
C2 0V9 BM . -48.75 31.44 -2.51
C1 0V9 BM . -49.93 30.70 -1.84
N 0V9 BM . -51.91 31.88 3.16
C3 0V9 BM . -47.45 31.32 -1.72
C4 0V9 BM . -51.10 30.24 1.46
C5 0V9 BM . -51.67 30.49 2.87
C10 0V9 BM . -48.10 31.66 -4.81
C11 0V9 BM . -46.88 31.07 -5.46
C12 0V9 BM . -46.26 32.00 -6.49
C13 0V9 BM . -45.05 31.32 -7.09
C14 0V9 BM . -44.38 32.11 -8.21
C15 0V9 BM . -43.19 31.36 -8.76
C16 0V9 BM . -42.84 31.74 -10.18
C17 0V9 BM . -41.49 31.18 -10.60
C18 0V9 BM . -41.29 29.81 -10.07
C19 0V9 BM . -41.43 28.66 -10.75
C20 0V9 BM . -41.77 28.52 -12.18
C21 0V9 BM . -40.61 28.00 -13.02
C22 0V9 BM . -41.05 27.74 -14.45
C23 0V9 BM . -39.93 27.24 -15.34
C24 0V9 BM . -40.37 27.21 -16.78
C25 0V9 BM . -39.40 26.46 -17.66
C30 0V9 BM . -46.16 33.33 -2.09
C31 0V9 BM . -45.20 33.97 -3.05
C32 0V9 BM . -44.14 32.99 -3.53
C33 0V9 BM . -43.24 33.67 -4.55
C34 0V9 BM . -42.25 32.70 -5.19
C35 0V9 BM . -40.82 32.86 -4.73
C36 0V9 BM . -39.88 32.55 -5.87
C37 0V9 BM . -38.43 32.68 -5.50
C38 0V9 BM . -37.60 33.28 -6.61
C39 0V9 BM . -37.59 32.44 -7.87
C40 0V9 BM . -36.80 33.10 -8.97
C41 0V9 BM . -36.73 32.27 -10.23
C42 0V9 BM . -35.95 32.97 -11.32
C43 0V9 BM . -35.76 32.12 -12.55
O4 0V9 BM . -48.64 32.74 -5.01
O5 0V9 BM . -46.67 33.80 -1.07
O2 0V9 BM . -48.61 30.85 -3.81
O3 0V9 BM . -46.44 32.03 -2.44
O1P 0V9 BM . -51.75 32.94 0.66
O2P 0V9 BM . -49.33 33.28 0.04
O3P 0V9 BM . -50.76 31.64 -1.22
O4P 0V9 BM . -50.15 31.23 1.15
P 0V9 BM . -50.39 32.42 0.11
MG BCL CM . -37.96 23.22 -12.43
CHA BCL CM . -36.27 21.63 -14.98
CHB BCL CM . -36.63 26.15 -13.52
CHC BCL CM . -38.96 24.69 -9.56
CHD BCL CM . -38.52 20.11 -10.94
NA BCL CM . -36.60 23.78 -14.03
C1A BCL CM . -36.13 22.99 -15.05
C2A BCL CM . -35.69 23.79 -16.22
C3A BCL CM . -35.55 25.20 -15.61
C4A BCL CM . -36.31 25.09 -14.34
CMA BCL CM . -34.08 25.58 -15.38
CAA BCL CM . -36.73 23.72 -17.36
CBA BCL CM . -36.13 23.97 -18.75
CGA BCL CM . -35.33 25.21 -18.90
O1A BCL CM . -34.16 25.25 -19.08
O2A BCL CM . -36.05 26.31 -18.79
NB BCL CM . -37.79 25.11 -11.63
C1B BCL CM . -37.25 26.22 -12.27
C2B BCL CM . -37.42 27.37 -11.49
C3B BCL CM . -38.11 26.99 -10.32
C4B BCL CM . -38.32 25.56 -10.46
CMB BCL CM . -36.93 28.73 -11.94
CAB BCL CM . -38.54 27.75 -9.15
OBB BCL CM . -39.41 27.33 -8.38
CBB BCL CM . -37.94 29.09 -8.79
NC BCL CM . -38.62 22.50 -10.53
C1C BCL CM . -39.07 23.29 -9.52
C2C BCL CM . -39.73 22.55 -8.42
C3C BCL CM . -39.63 21.09 -8.88
C4C BCL CM . -38.85 21.19 -10.16
CMC BCL CM . -39.07 22.80 -7.06
CAC BCL CM . -41.01 20.40 -9.04
CBC BCL CM . -41.60 19.97 -7.73
ND BCL CM . -37.51 21.28 -12.82
C1D BCL CM . -37.79 20.08 -12.17
C2D BCL CM . -37.29 18.98 -12.87
C3D BCL CM . -36.68 19.50 -14.00
C4D BCL CM . -36.82 20.89 -13.93
CMD BCL CM . -37.42 17.54 -12.44
CAD BCL CM . -36.00 19.22 -15.22
OBD BCL CM . -35.65 18.14 -15.71
CBD BCL CM . -35.74 20.56 -15.95
CGD BCL CM . -34.32 20.70 -16.32
O1D BCL CM . -33.46 21.18 -15.61
O2D BCL CM . -34.04 20.25 -17.52
CED BCL CM . -32.70 20.53 -18.02
C1 BCL CM . -35.31 27.57 -18.92
C2 BCL CM . -36.35 28.68 -18.75
C3 BCL CM . -36.60 29.36 -17.66
C4 BCL CM . -35.88 29.17 -16.33
C5 BCL CM . -37.69 30.42 -17.64
C6 BCL CM . -37.19 31.86 -17.73
C7 BCL CM . -38.31 32.87 -17.98
C8 BCL CM . -37.85 34.33 -18.07
C9 BCL CM . -39.05 35.24 -18.45
C10 BCL CM . -36.71 34.54 -19.09
C11 BCL CM . -36.88 34.00 -20.51
C12 BCL CM . -35.63 34.21 -21.37
C13 BCL CM . -35.26 33.03 -22.31
C14 BCL CM . -36.39 32.70 -23.28
C15 BCL CM . -34.90 31.75 -21.52
C16 BCL CM . -33.83 30.89 -22.20
C17 BCL CM . -32.44 31.54 -22.29
C18 BCL CM . -32.03 31.97 -23.69
C19 BCL CM . -31.37 30.76 -24.36
C20 BCL CM . -31.07 33.17 -23.72
C1 V7N DM . -21.28 33.59 -1.73
C10 V7N DM . -21.29 38.58 -10.73
C11 V7N DM . -21.17 39.13 -12.01
C12 V7N DM . -22.09 38.80 -13.02
C13 V7N DM . -22.08 39.24 -14.36
C14 V7N DM . -23.13 38.82 -15.22
C15 V7N DM . -23.20 39.14 -16.59
C16 V7N DM . -24.02 38.46 -17.49
C17 V7N DM . -24.05 38.76 -18.86
C18 V7N DM . -24.71 38.00 -19.85
C19 V7N DM . -24.61 38.41 -21.20
C2 V7N DM . -21.51 35.12 -1.86
C20 V7N DM . -25.26 37.85 -22.30
C21 V7N DM . -25.06 38.32 -23.62
C22 V7N DM . -25.79 37.91 -24.73
C23 V7N DM . -25.49 38.46 -26.08
C24 V7N DM . -24.29 37.80 -26.75
C25 V7N DM . -23.93 38.47 -28.03
C26 V7N DM . -24.50 38.25 -29.22
C27 V7N DM . -24.07 39.02 -30.43
C28 V7N DM . -23.12 38.32 -31.37
C29 V7N DM . -22.76 39.22 -32.48
C3 V7N DM . -20.59 35.89 -2.73
C30 V7N DM . -21.23 32.92 -3.10
C31 V7N DM . -20.00 33.29 -0.97
C33 V7N DM . -18.65 37.30 -4.66
C34 V7N DM . -19.23 39.55 -9.61
C35 V7N DM . -21.01 40.10 -14.90
C36 V7N DM . -25.48 36.80 -19.46
C37 V7N DM . -26.90 36.94 -24.63
C38 V7N DM . -25.58 37.25 -29.44
C39 V7N DM . -21.59 39.22 -33.15
C4 V7N DM . -20.80 36.06 -4.06
C40 V7N DM . -21.32 40.17 -34.24
C41 V7N DM . -22.48 31.78 -0.70
C43 V7N DM . -20.49 38.28 -32.83
C5 V7N DM . -20.01 36.81 -4.99
C6 V7N DM . -20.59 37.04 -6.24
C7 V7N DM . -20.03 37.75 -7.31
C8 V7N DM . -20.82 38.02 -8.44
C9 V7N DM . -20.44 38.71 -9.60
O32 V7N DM . -22.44 33.16 -1.01
O42 V7N DM . -18.74 40.14 -10.57
O44 V7N DM . -22.36 40.92 -34.66
O45 V7N DM . -20.24 40.36 -34.83
MG BCL EM . -28.61 37.01 -4.98
CHA BCL EM . -27.62 35.44 -7.89
CHB BCL EM . -26.47 39.56 -5.75
CHC BCL EM . -28.95 38.20 -1.83
CHD BCL EM . -30.09 34.02 -3.93
NA BCL EM . -27.21 37.40 -6.60
C1A BCL EM . -27.07 36.68 -7.77
C2A BCL EM . -26.43 37.48 -8.85
C3A BCL EM . -25.93 38.73 -8.10
C4A BCL EM . -26.55 38.60 -6.75
CMA BCL EM . -24.41 38.76 -7.99
CAA BCL EM . -27.43 37.76 -10.01
CBA BCL EM . -27.38 39.05 -10.81
CGA BCL EM . -26.06 39.29 -11.42
O1A BCL EM . -25.10 38.62 -11.33
O2A BCL EM . -26.02 40.37 -12.12
NB BCL EM . -27.81 38.61 -3.93
C1B BCL EM . -26.96 39.59 -4.44
C2B BCL EM . -26.69 40.56 -3.48
C3B BCL EM . -27.40 40.21 -2.30
C4B BCL EM . -28.10 38.97 -2.65
CMB BCL EM . -25.78 41.74 -3.74
CAB BCL EM . -27.49 40.84 -0.99
OBB BCL EM . -28.44 40.62 -0.22
CBB BCL EM . -26.44 41.79 -0.46
NC BCL EM . -29.37 36.21 -3.15
C1C BCL EM . -29.51 36.93 -2.00
C2C BCL EM . -30.27 36.21 -0.94
C3C BCL EM . -30.72 34.93 -1.65
C4C BCL EM . -30.02 35.01 -2.98
CMC BCL EM . -29.46 35.96 0.31
CAC BCL EM . -32.26 34.77 -1.77
CBC BCL EM . -32.89 34.30 -0.48
ND BCL EM . -28.80 35.11 -5.69
C1D BCL EM . -29.47 33.99 -5.22
C2D BCL EM . -29.42 32.93 -6.15
C3D BCL EM . -28.69 33.43 -7.23
C4D BCL EM . -28.35 34.74 -6.92
CMD BCL EM . -30.03 31.57 -5.96
CAD BCL EM . -28.18 33.16 -8.52
OBD BCL EM . -28.19 32.12 -9.20
CBD BCL EM . -27.51 34.45 -9.05
CGD BCL EM . -26.15 34.20 -9.54
O1D BCL EM . -25.13 34.30 -8.87
O2D BCL EM . -26.08 33.84 -10.81
CED BCL EM . -24.77 33.72 -11.39
C1 BCL EM . -24.83 41.09 -12.41
C2 BCL EM . -24.65 41.97 -11.19
C3 BCL EM . -23.55 42.55 -10.81
C4 BCL EM . -22.21 42.42 -11.50
C5 BCL EM . -23.54 43.49 -9.59
C6 BCL EM . -24.86 43.72 -8.87
C7 BCL EM . -24.70 44.67 -7.70
C8 BCL EM . -23.96 45.99 -8.03
C9 BCL EM . -23.73 46.80 -6.75
C10 BCL EM . -24.68 46.87 -9.09
C11 BCL EM . -23.70 47.83 -9.75
C12 BCL EM . -23.67 49.28 -9.22
C13 BCL EM . -24.50 50.27 -10.05
C14 BCL EM . -24.02 51.72 -9.85
C15 BCL EM . -26.00 50.22 -9.67
C16 BCL EM . -26.94 50.04 -10.88
C17 BCL EM . -26.92 48.67 -11.57
C18 BCL EM . -26.07 48.55 -12.83
C19 BCL EM . -26.71 49.48 -13.90
C20 BCL EM . -25.92 47.13 -13.37
C2 0V9 FM . -35.95 46.12 6.80
C1 0V9 FM . -35.93 44.76 7.50
N 0V9 FM . -39.21 45.33 12.83
C3 0V9 FM . -34.84 47.06 7.26
C4 0V9 FM . -36.98 44.48 12.09
C5 0V9 FM . -37.78 45.49 12.94
C10 0V9 FM . -36.17 46.94 4.59
C11 0V9 FM . -35.18 47.29 3.52
C12 0V9 FM . -34.90 46.24 2.46
C13 0V9 FM . -33.41 46.16 2.18
C14 0V9 FM . -33.06 45.59 0.82
C15 0V9 FM . -31.56 45.47 0.65
C16 0V9 FM . -31.10 45.19 -0.77
C17 0V9 FM . -29.59 44.97 -0.79
C18 0V9 FM . -28.99 45.11 -2.15
C19 0V9 FM . -28.97 44.22 -3.14
C20 0V9 FM . -29.62 42.89 -3.13
C21 0V9 FM . -30.33 42.62 -4.45
C22 0V9 FM . -29.37 42.26 -5.57
C23 0V9 FM . -30.11 42.12 -6.88
C24 0V9 FM . -29.20 41.67 -8.00
C25 0V9 FM . -29.97 41.47 -9.28
C30 0V9 FM . -32.46 47.08 7.40
C31 0V9 FM . -31.25 46.75 6.59
C32 0V9 FM . -31.55 46.91 5.11
C33 0V9 FM . -30.29 46.99 4.28
C34 0V9 FM . -29.50 45.71 4.25
C35 0V9 FM . -28.14 45.96 3.64
C36 0V9 FM . -27.23 44.76 3.81
C37 0V9 FM . -25.83 45.05 3.28
C38 0V9 FM . -25.71 44.86 1.78
C39 0V9 FM . -24.36 45.35 1.32
C40 0V9 FM . -23.86 44.60 0.09
C41 0V9 FM . -24.33 45.17 -1.22
C42 0V9 FM . -23.52 44.55 -2.34
C43 0V9 FM . -23.91 45.09 -3.68
O4 0V9 FM . -37.21 47.55 4.88
O5 0V9 FM . -32.59 47.87 8.34
O2 0V9 FM . -35.83 45.88 5.39
O3 0V9 FM . -33.58 46.46 6.91
O1P 0V9 FM . -38.41 45.40 8.81
O2P 0V9 FM . -36.92 46.83 10.26
O3P 0V9 FM . -35.97 44.94 8.89
O4P 0V9 FM . -37.43 44.44 10.77
P 0V9 FM . -37.15 45.60 9.70
C1B LMT GM . -42.20 43.74 3.58
C2B LMT GM . -42.02 43.91 5.11
C3B LMT GM . -41.43 42.63 5.77
C4B LMT GM . -42.19 41.39 5.30
C5B LMT GM . -42.10 41.38 3.77
C6B LMT GM . -42.70 40.08 3.22
O1B LMT GM . -40.99 43.95 2.88
O2B LMT GM . -41.22 45.00 5.34
O3B LMT GM . -41.40 42.74 7.14
O4' LMT GM . -41.62 40.23 5.81
O5B LMT GM . -42.75 42.50 3.22
O6B LMT GM . -42.76 40.14 1.85
C1' LMT GM . -39.42 46.78 0.18
C2' LMT GM . -39.16 47.01 1.68
C3' LMT GM . -39.42 45.71 2.49
C4' LMT GM . -40.84 45.19 2.22
C5' LMT GM . -40.92 45.03 0.67
C6' LMT GM . -42.19 44.42 0.16
O1' LMT GM . -39.41 47.99 -0.44
O2' LMT GM . -37.86 47.40 1.86
O3' LMT GM . -39.26 45.92 3.83
O5' LMT GM . -40.74 46.26 0.02
O6' LMT GM . -42.12 43.07 0.37
C1 LMT GM . -39.48 48.02 -1.86
C2 LMT GM . -38.08 47.92 -2.40
C3 LMT GM . -37.99 47.74 -3.89
C4 LMT GM . -36.55 47.55 -4.33
C5 LMT GM . -36.46 46.76 -5.59
C6 LMT GM . -35.09 46.24 -5.87
C7 LMT GM . -35.14 45.18 -6.94
C8 LMT GM . -33.77 44.60 -7.18
C9 LMT GM . -32.67 45.54 -7.61
C10 LMT GM . -33.15 46.41 -8.75
C11 LMT GM . -32.03 47.23 -9.32
C12 LMT GM . -32.49 48.21 -10.34
C1 V7N HM . -9.30 38.94 5.75
C10 V7N HM . -7.45 45.33 -2.25
C11 V7N HM . -7.10 46.07 -3.39
C12 V7N HM . -8.02 46.22 -4.45
C13 V7N HM . -7.83 46.88 -5.68
C14 V7N HM . -8.90 46.85 -6.62
C15 V7N HM . -8.87 47.40 -7.90
C16 V7N HM . -9.93 47.33 -8.82
C17 V7N HM . -9.83 47.83 -10.12
C18 V7N HM . -10.79 47.67 -11.15
C19 V7N HM . -10.51 48.20 -12.43
C2 V7N HM . -8.96 40.44 5.86
C20 V7N HM . -11.33 48.17 -13.57
C21 V7N HM . -10.92 48.72 -14.80
C22 V7N HM . -11.69 48.78 -15.96
C23 V7N HM . -11.15 49.38 -17.20
C24 V7N HM . -10.40 48.41 -18.11
C25 V7N HM . -9.75 49.10 -19.25
C26 V7N HM . -10.35 49.53 -20.39
C27 V7N HM . -9.58 50.25 -21.44
C28 V7N HM . -9.29 49.50 -22.72
C29 V7N HM . -8.79 50.47 -23.74
C3 V7N HM . -7.83 40.98 5.06
C30 V7N HM . -9.59 38.56 4.31
C31 V7N HM . -8.19 38.08 6.31
C33 V7N HM . -5.54 41.95 3.29
C34 V7N HM . -5.20 45.22 -1.10
C35 V7N HM . -6.57 47.57 -6.04
C36 V7N HM . -12.05 46.94 -10.86
C37 V7N HM . -13.07 48.27 -16.01
C38 V7N HM . -11.78 49.31 -20.66
C39 V7N HM . -7.66 50.36 -24.47
C4 V7N HM . -7.99 41.50 3.81
C40 V7N HM . -7.31 51.42 -25.44
C41 V7N HM . -11.04 37.54 6.70
C43 V7N HM . -6.72 49.23 -24.38
C5 V7N HM . -6.98 42.07 2.98
C6 V7N HM . -7.42 42.79 1.85
C7 V7N HM . -6.63 43.48 0.91
C8 V7N HM . -7.25 44.15 -0.15
C9 V7N HM . -6.64 44.90 -1.18
O32 V7N HM . -10.49 38.84 6.55
O42 V7N HM . -4.58 45.99 -1.83
O44 V7N HM . -6.16 51.28 -26.10
O45 V7N HM . -7.97 52.45 -25.70
MG BCL IM . -15.00 45.12 3.74
CHA BCL IM . -14.73 43.98 0.49
CHB BCL IM . -12.05 46.76 3.30
CHC BCL IM . -14.84 45.61 7.08
CHD BCL IM . -17.50 42.73 4.29
NA BCL IM . -13.59 45.30 2.10
C1A BCL IM . -13.73 44.85 0.80
C2A BCL IM . -12.84 45.59 -0.13
C3A BCL IM . -11.80 46.20 0.83
C4A BCL IM . -12.50 46.14 2.15
CMA BCL IM . -10.50 45.39 0.85
CAA BCL IM . -13.61 46.66 -0.93
CBA BCL IM . -13.00 47.08 -2.27
CGA BCL IM . -11.54 47.34 -2.28
O1A BCL IM . -10.75 46.69 -2.87
O2A BCL IM . -11.18 48.36 -1.55
NB BCL IM . -13.64 46.00 5.02
C1B BCL IM . -12.49 46.69 4.63
C2B BCL IM . -11.89 47.30 5.74
C3B BCL IM . -12.67 46.99 6.87
C4B BCL IM . -13.77 46.17 6.36
CMB BCL IM . -10.61 48.11 5.63
CAB BCL IM . -12.54 47.34 8.29
OBB BCL IM . -13.50 47.28 9.08
CBB BCL IM . -11.23 47.79 8.89
NC BCL IM . -16.00 44.27 5.43
C1C BCL IM . -15.83 44.68 6.71
C2C BCL IM . -16.82 44.12 7.67
C3C BCL IM . -17.69 43.24 6.77
C4C BCL IM . -17.05 43.37 5.42
CMC BCL IM . -16.16 43.35 8.81
CAC BCL IM . -19.19 43.63 6.76
CBC BCL IM . -19.92 43.16 7.99
ND BCL IM . -15.94 43.66 2.67
C1D BCL IM . -16.95 42.75 2.98
C2D BCL IM . -17.27 41.95 1.87
C3D BCL IM . -16.43 42.37 0.85
C4D BCL IM . -15.64 43.40 1.36
CMD BCL IM . -18.31 40.86 1.86
CAD BCL IM . -16.14 42.29 -0.54
OBD BCL IM . -16.63 41.57 -1.43
CBD BCL IM . -15.01 43.31 -0.87
CGD BCL IM . -13.87 42.65 -1.50
O1D BCL IM . -12.95 42.13 -0.93
O2D BCL IM . -13.91 42.66 -2.82
CED BCL IM . -12.75 42.15 -3.52
C1 BCL IM . -9.75 48.64 -1.52
C2 BCL IM . -9.45 49.30 -0.17
C3 BCL IM . -9.90 50.48 0.18
C4 BCL IM . -10.78 51.36 -0.69
C5 BCL IM . -9.60 51.07 1.58
C6 BCL IM . -8.32 51.93 1.70
C7 BCL IM . -8.21 53.06 0.67
C8 BCL IM . -7.07 54.07 0.85
C9 BCL IM . -7.37 54.99 2.06
C10 BCL IM . -6.87 54.91 -0.42
C11 BCL IM . -6.37 54.13 -1.64
C12 BCL IM . -7.45 53.93 -2.71
C13 BCL IM . -7.08 52.98 -3.88
C14 BCL IM . -6.73 51.57 -3.40
C15 BCL IM . -5.90 53.52 -4.73
C16 BCL IM . -5.85 52.99 -6.18
C17 BCL IM . -4.66 53.38 -7.05
C18 BCL IM . -4.73 52.78 -8.46
C19 BCL IM . -3.31 52.84 -9.06
C20 BCL IM . -5.74 53.48 -9.37
C1B LMT JM . -9.32 58.07 -21.22
C2B LMT JM . -8.01 58.82 -20.86
C3B LMT JM . -7.80 60.06 -21.75
C4B LMT JM . -8.02 59.71 -23.26
C5B LMT JM . -9.35 58.96 -23.38
C6B LMT JM . -9.62 58.61 -24.83
O1B LMT JM . -10.42 58.81 -20.82
O2B LMT JM . -8.08 59.19 -19.54
O3B LMT JM . -6.57 60.63 -21.53
O4' LMT JM . -8.06 60.87 -24.00
O5B LMT JM . -9.37 57.81 -22.58
O6B LMT JM . -10.66 57.72 -24.93
C1' LMT JM . -13.59 58.76 -18.14
C2' LMT JM . -12.22 58.35 -17.56
C3' LMT JM . -11.06 58.69 -18.53
C4' LMT JM . -11.35 58.19 -19.96
C5' LMT JM . -12.77 58.70 -20.30
C6' LMT JM . -13.18 58.42 -21.73
O1' LMT JM . -14.57 58.26 -17.34
O2' LMT JM . -12.01 59.06 -16.39
O3' LMT JM . -9.89 58.13 -18.07
O5' LMT JM . -13.72 58.16 -19.42
O6' LMT JM . -14.54 58.55 -21.77
C1 LMT JM . -15.90 58.43 -17.80
C2 LMT JM . -16.77 58.22 -16.60
C3 LMT JM . -16.64 56.90 -15.90
C4 LMT JM . -17.08 57.07 -14.46
C5 LMT JM . -16.77 55.88 -13.60
C6 LMT JM . -17.88 54.87 -13.50
C7 LMT JM . -17.93 53.92 -14.67
C8 LMT JM . -16.69 53.11 -14.75
C9 LMT JM . -15.89 53.33 -16.00
C10 LMT JM . -14.52 52.74 -15.79
C11 LMT JM . -13.71 52.76 -17.06
C12 LMT JM . -14.25 51.81 -18.07
C1 V7N KM . 4.16 38.13 12.75
C10 V7N KM . 7.83 45.09 6.13
C11 V7N KM . 8.32 45.85 5.06
C12 V7N KM . 7.49 46.71 4.34
C13 V7N KM . 7.86 47.46 3.20
C14 V7N KM . 6.82 48.03 2.44
C15 V7N KM . 6.98 48.71 1.23
C16 V7N KM . 5.88 49.22 0.50
C17 V7N KM . 6.03 49.80 -0.76
C18 V7N KM . 4.93 50.17 -1.57
C19 V7N KM . 5.15 50.63 -2.87
C2 V7N KM . 5.09 39.28 13.16
C20 V7N KM . 4.28 51.32 -3.71
C21 V7N KM . 4.67 51.56 -5.05
C22 V7N KM . 3.82 52.04 -6.04
C23 V7N KM . 4.30 52.15 -7.44
C24 V7N KM . 5.06 53.42 -7.82
C25 V7N KM . 5.83 53.25 -9.08
C26 V7N KM . 5.35 53.13 -10.33
C27 V7N KM . 6.27 52.99 -11.49
C28 V7N KM . 6.07 54.16 -12.44
C29 V7N KM . 7.27 54.61 -13.19
C3 V7N KM . 6.30 39.51 12.32
C30 V7N KM . 3.74 38.23 11.29
C31 V7N KM . 4.83 36.79 13.01
C33 V7N KM . 8.62 39.88 10.34
C34 V7N KM . 9.94 43.81 6.71
C35 V7N KM . 9.26 47.61 2.77
C36 V7N KM . 3.56 49.97 -1.04
C37 V7N KM . 2.42 52.42 -5.77
C38 V7N KM . 3.91 53.13 -10.68
C39 V7N KM . 7.95 53.92 -14.13
C4 V7N KM . 6.30 40.37 11.26
C40 V7N KM . 9.13 54.53 -14.80
C41 V7N KM . 1.96 37.38 13.46
C43 V7N KM . 7.61 52.56 -14.61
C5 V7N KM . 7.38 40.69 10.39
C6 V7N KM . 7.23 41.80 9.57
C7 V7N KM . 8.14 42.33 8.64
C8 V7N KM . 7.75 43.45 7.88
C9 V7N KM . 8.51 44.12 6.90
O32 V7N KM . 3.02 38.32 13.61
O42 V7N KM . 10.72 44.38 5.94
O44 V7N KM . 9.45 55.78 -14.43
O45 V7N KM . 9.85 54.01 -15.66
C2 0V9 LM . -16.17 53.59 18.88
C1 0V9 LM . -16.99 52.58 19.70
N 0V9 LM . -18.69 51.36 22.49
C3 0V9 LM . -14.67 53.44 19.13
C4 0V9 LM . -20.75 51.58 21.11
C5 0V9 LM . -19.81 50.67 21.90
C10 0V9 LM . -16.88 54.29 16.64
C11 0V9 LM . -17.05 53.78 15.25
C12 0V9 LM . -16.03 54.34 14.27
C13 0V9 LM . -15.79 53.28 13.20
C14 0V9 LM . -14.63 53.58 12.28
C15 0V9 LM . -14.39 52.39 11.36
C16 0V9 LM . -13.44 52.62 10.20
C17 0V9 LM . -13.18 51.31 9.49
C18 0V9 LM . -12.42 51.46 8.23
C19 0V9 LM . -12.91 51.32 6.99
C20 0V9 LM . -14.32 51.02 6.66
C21 0V9 LM . -14.43 50.06 5.49
C22 0V9 LM . -13.77 50.60 4.24
C23 0V9 LM . -14.42 50.04 2.99
C24 0V9 LM . -13.64 50.41 1.74
C25 0V9 LM . -14.48 50.30 0.49
C30 0V9 LM . -13.69 53.27 16.96
C31 0V9 LM . -13.65 52.39 15.75
C32 0V9 LM . -12.46 51.48 15.69
C33 0V9 LM . -12.11 51.12 14.27
C34 0V9 LM . -10.87 50.24 14.24
C35 0V9 LM . -10.39 50.00 12.83
C36 0V9 LM . -8.98 49.48 12.83
C37 0V9 LM . -8.53 49.00 11.47
C38 0V9 LM . -8.59 50.05 10.37
C39 0V9 LM . -8.00 49.47 9.11
C40 0V9 LM . -8.07 50.40 7.92
C41 0V9 LM . -7.29 49.83 6.77
C42 0V9 LM . -7.46 50.65 5.50
C43 0V9 LM . -7.13 52.10 5.74
O4 0V9 LM . -17.01 55.44 17.07
O5 0V9 LM . -13.53 54.49 17.04
O2 0V9 LM . -16.51 53.29 17.51
O3 0V9 LM . -14.08 52.62 18.11
O1P 0V9 LM . -19.31 53.29 18.11
O2P 0V9 LM . -20.31 54.42 20.13
O3P 0V9 LM . -18.11 53.17 20.30
O4P 0V9 LM . -20.13 51.94 19.90
P 0V9 LM . -19.53 53.39 19.64
C2 0V9 MM . 1.37 51.81 27.60
C1 0V9 MM . 0.23 52.06 28.58
N 0V9 MM . -3.24 52.07 32.26
C3 0V9 MM . 1.68 50.31 27.43
C4 0V9 MM . -0.75 51.91 32.47
C5 0V9 MM . -1.98 51.96 31.55
C10 0V9 MM . 1.25 53.71 26.11
C11 0V9 MM . 0.89 54.16 24.73
C12 0V9 MM . 1.50 53.33 23.61
C13 0V9 MM . 1.18 53.99 22.28
C14 0V9 MM . 1.36 53.11 21.06
C15 0V9 MM . 2.56 52.18 21.09
C16 0V9 MM . 2.95 51.70 19.70
C17 0V9 MM . 3.93 50.54 19.75
C18 0V9 MM . 4.84 50.45 18.58
C19 0V9 MM . 4.53 50.13 17.31
C20 0V9 MM . 3.18 49.80 16.79
C21 0V9 MM . 2.77 50.67 15.61
C22 0V9 MM . 3.35 50.17 14.30
C23 0V9 MM . 3.00 51.09 13.15
C24 0V9 MM . 3.43 50.53 11.81
C25 0V9 MM . 3.09 51.47 10.69
C30 0V9 MM . 3.80 50.55 26.17
C31 0V9 MM . 4.98 49.70 25.87
C32 0V9 MM . 5.39 49.95 24.45
C33 0V9 MM . 6.50 49.02 23.99
C34 0V9 MM . 5.94 47.65 23.67
C35 0V9 MM . 6.96 46.74 23.04
C36 0V9 MM . 7.21 47.22 21.62
C37 0V9 MM . 8.13 46.34 20.82
C38 0V9 MM . 8.64 47.16 19.64
C39 0V9 MM . 9.01 46.31 18.45
C40 0V9 MM . 9.28 47.22 17.26
C41 0V9 MM . 9.71 46.47 16.03
C42 0V9 MM . 9.95 47.43 14.88
C43 0V9 MM . 10.94 48.49 15.23
O4 0V9 MM . 1.69 54.39 27.05
O5 0V9 MM . 3.40 51.52 25.51
O2 0V9 MM . 0.97 52.39 26.34
O3 0V9 MM . 3.09 50.07 27.26
O1P 0V9 MM . 2.39 51.32 30.48
O2P 0V9 MM . 0.86 49.56 31.43
O3P 0V9 MM . 0.10 51.02 29.52
O4P 0V9 MM . 0.42 51.99 31.70
P 0V9 MM . 0.97 50.78 30.81
C1B LMT NM . -6.91 55.68 26.67
C2B LMT NM . -7.33 55.49 28.14
C3B LMT NM . -7.26 54.01 28.52
C4B LMT NM . -8.06 53.13 27.53
C5B LMT NM . -7.61 53.47 26.11
C6B LMT NM . -8.45 52.69 25.10
O1B LMT NM . -5.53 55.49 26.54
O2B LMT NM . -6.47 56.24 28.90
O3B LMT NM . -7.66 53.81 29.83
O4' LMT NM . -7.83 51.80 27.78
O5B LMT NM . -7.64 54.86 25.80
O6B LMT NM . -9.74 53.18 25.09
C1' LMT NM . -2.75 56.84 23.86
C2' LMT NM . -4.18 56.97 23.33
C3' LMT NM . -5.23 56.69 24.43
C4' LMT NM . -4.90 55.42 25.27
C5' LMT NM . -3.37 55.37 25.53
C6' LMT NM . -2.91 54.11 26.23
O1' LMT NM . -1.87 57.00 22.84
O2' LMT NM . -4.36 58.24 22.86
O3' LMT NM . -6.46 56.57 23.83
O5' LMT NM . -2.61 55.52 24.36
O6' LMT NM . -4.02 53.51 26.75
C1 LMT NM . -0.64 57.60 23.21
C2 LMT NM . 0.08 57.94 21.91
C3 LMT NM . -0.65 58.87 20.99
C4 LMT NM . 0.16 59.15 19.74
C5 LMT NM . 0.70 57.94 19.04
C6 LMT NM . 0.84 58.17 17.56
C7 LMT NM . 1.44 56.98 16.85
C8 LMT NM . 0.93 56.91 15.45
C9 LMT NM . 1.50 55.79 14.62
C10 LMT NM . 2.80 56.25 14.01
C11 LMT NM . 3.50 55.13 13.29
C12 LMT NM . 4.64 55.63 12.46
MG BCL OM . 0.70 45.92 12.72
CHA BCL OM . 0.48 45.42 9.31
CHB BCL OM . 4.01 46.59 12.31
CHC BCL OM . 1.14 45.58 16.06
CHD BCL OM . -2.48 44.53 13.06
NA BCL OM . 2.05 45.95 11.02
C1A BCL OM . 1.73 45.85 9.68
C2A BCL OM . 2.74 46.51 8.82
C3A BCL OM . 3.96 46.58 9.76
C4A BCL OM . 3.36 46.40 11.11
CMA BCL OM . 4.98 45.50 9.45
CAA BCL OM . 2.24 47.89 8.34
CBA BCL OM . 2.57 48.12 6.87
CGA BCL OM . 4.00 47.95 6.56
O1A BCL OM . 4.45 47.16 5.79
O2A BCL OM . 4.74 48.70 7.30
NB BCL OM . 2.32 46.02 14.00
C1B BCL OM . 3.61 46.39 13.64
C2B BCL OM . 4.42 46.54 14.78
C3B BCL OM . 3.61 46.25 15.91
C4B BCL OM . 2.30 45.93 15.36
CMB BCL OM . 5.88 46.94 14.69
CAB BCL OM . 3.92 46.24 17.34
OBB BCL OM . 3.02 46.34 18.21
CBB BCL OM . 5.31 46.08 17.88
NC BCL OM . -0.49 45.14 14.32
C1C BCL OM . -0.14 45.18 15.64
C2C BCL OM . -1.25 44.83 16.55
C3C BCL OM . -2.42 44.56 15.59
C4C BCL OM . -1.79 44.69 14.23
CMC BCL OM . -0.92 43.65 17.45
CAC BCL OM . -3.63 45.50 15.79
CBC BCL OM . -4.55 45.07 16.91
ND BCL OM . -0.71 45.12 11.49
C1D BCL OM . -1.98 44.61 11.73
C2D BCL OM . -2.61 44.22 10.52
C3D BCL OM . -1.69 44.51 9.51
C4D BCL OM . -0.56 45.05 10.14
CMD BCL OM . -3.98 43.61 10.41
CAD BCL OM . -1.44 44.57 8.12
OBD BCL OM . -2.13 44.16 7.17
CBD BCL OM . -0.06 45.24 7.90
CGD BCL OM . 0.78 44.44 7.00
O1D BCL OM . 1.52 43.54 7.34
O2D BCL OM . 0.67 44.77 5.73
CED BCL OM . 1.54 44.07 4.80
C1 BCL OM . 6.18 48.55 7.17
C2 BCL OM . 6.74 49.37 8.30
C3 BCL OM . 7.85 50.04 8.23
C4 BCL OM . 8.79 50.07 7.04
C5 BCL OM . 8.29 50.91 9.40
C6 BCL OM . 7.80 50.47 10.78
C7 BCL OM . 8.49 51.26 11.89
C8 BCL OM . 9.73 50.63 12.59
C9 BCL OM . 10.33 51.64 13.60
C10 BCL OM . 10.85 50.16 11.64
C11 BCL OM . 10.70 48.74 11.10
C12 BCL OM . 12.02 48.03 10.78
C13 BCL OM . 12.68 48.55 9.50
C14 BCL OM . 12.15 47.84 8.25
C15 BCL OM . 14.20 48.34 9.60
C16 BCL OM . 15.07 49.14 8.61
C17 BCL OM . 16.54 49.28 9.00
C18 BCL OM . 17.38 50.17 8.09
C19 BCL OM . 16.67 51.53 8.01
C20 BCL OM . 17.58 49.57 6.68
C1 V7N PM . 15.74 30.91 18.91
C10 V7N PM . 21.76 37.08 12.94
C11 V7N PM . 22.55 37.80 12.05
C12 V7N PM . 22.06 38.97 11.44
C13 V7N PM . 22.70 39.78 10.47
C14 V7N PM . 22.00 40.88 9.92
C15 V7N PM . 22.46 41.73 8.91
C16 V7N PM . 21.66 42.72 8.31
C17 V7N PM . 22.12 43.53 7.26
C18 V7N PM . 21.30 44.39 6.48
C19 V7N PM . 21.88 45.12 5.41
C2 V7N PM . 16.66 32.13 19.12
C20 V7N PM . 21.27 46.10 4.65
C21 V7N PM . 21.91 46.76 3.57
C22 V7N PM . 21.39 47.84 2.88
C23 V7N PM . 22.13 48.48 1.76
C24 V7N PM . 21.91 47.74 0.45
C25 V7N PM . 22.59 48.33 -0.74
C26 V7N PM . 22.23 49.46 -1.38
C27 V7N PM . 22.98 49.99 -2.56
C28 V7N PM . 24.18 49.13 -2.96
C29 V7N PM . 25.07 49.77 -3.95
C3 V7N PM . 18.02 32.06 18.56
C30 V7N PM . 14.36 31.25 19.46
C31 V7N PM . 15.63 30.54 17.43
C33 V7N PM . 20.66 31.70 16.94
C34 V7N PM . 23.37 35.25 13.63
C35 V7N PM . 24.06 39.47 9.96
C36 V7N PM . 19.86 44.49 6.79
C37 V7N PM . 20.07 48.42 3.22
C38 V7N PM . 21.04 50.25 -0.98
C39 V7N PM . 25.21 49.45 -5.25
C4 V7N PM . 18.34 32.65 17.38
C40 V7N PM . 26.18 50.16 -6.10
C41 V7N PM . 15.59 28.65 19.72
C43 V7N PM . 24.40 48.41 -5.93
C5 V7N PM . 19.62 32.72 16.73
C6 V7N PM . 19.82 33.82 15.88
C7 V7N PM . 20.97 34.15 15.15
C8 V7N PM . 21.00 35.38 14.46
C9 V7N PM . 22.04 35.91 13.67
O32 V7N PM . 16.33 29.86 19.68
O42 V7N PM . 24.39 35.71 13.12
O44 V7N PM . 26.34 49.71 -7.35
O45 V7N PM . 26.87 51.13 -5.78
C1B LMT QM . 28.92 55.17 -0.31
C2B LMT QM . 30.38 54.75 -0.08
C3B LMT QM . 31.37 55.84 -0.55
C4B LMT QM . 31.02 56.31 -1.98
C5B LMT QM . 29.54 56.69 -2.00
C6B LMT QM . 29.15 57.20 -3.37
O1B LMT QM . 28.55 56.17 0.58
O2B LMT QM . 30.55 54.51 1.27
O3B LMT QM . 32.67 55.41 -0.44
O4' LMT QM . 31.78 57.40 -2.32
O5B LMT QM . 28.72 55.61 -1.62
O6B LMT QM . 27.91 57.79 -3.32
C1' LMT QM . 26.13 56.93 3.86
C2' LMT QM . 26.93 55.61 3.92
C3' LMT QM . 28.01 55.55 2.82
C4' LMT QM . 27.44 55.92 1.44
C5' LMT QM . 26.63 57.22 1.61
C6' LMT QM . 26.08 57.77 0.33
O1' LMT QM . 25.09 56.87 4.74
O2' LMT QM . 27.56 55.55 5.14
O3' LMT QM . 28.56 54.30 2.77
O5' LMT QM . 25.60 57.05 2.55
O6' LMT QM . 25.22 58.79 0.67
C1 LMT QM . 24.63 58.12 5.19
C2 LMT QM . 24.00 57.91 6.54
C3 LMT QM . 22.52 57.64 6.57
C4 LMT QM . 22.25 56.15 6.52
C5 LMT QM . 22.12 55.58 7.89
C6 LMT QM . 21.64 54.15 7.97
C7 LMT QM . 20.24 53.94 7.43
C8 LMT QM . 20.26 52.98 6.27
C9 LMT QM . 20.99 53.46 5.05
C10 LMT QM . 21.06 52.35 4.05
C11 LMT QM . 21.76 52.82 2.81
C12 LMT QM . 23.17 53.23 3.09
MG BCL RM . 15.89 39.53 20.08
CHA BCL RM . 15.46 39.87 16.68
CHB BCL RM . 19.21 39.00 19.50
CHC BCL RM . 16.22 38.48 23.27
CHD BCL RM . 12.42 39.25 20.42
NA BCL RM . 17.13 39.42 18.30
C1A BCL RM . 16.77 39.71 16.99
C2A BCL RM . 17.95 40.07 16.17
C3A BCL RM . 19.12 39.52 17.00
C4A BCL RM . 18.51 39.30 18.35
CMA BCL RM . 19.67 38.22 16.44
CAA BCL RM . 17.99 41.59 15.97
CBA BCL RM . 18.25 41.96 14.52
CGA BCL RM . 19.47 41.32 13.95
O1A BCL RM . 19.49 40.52 13.09
O2A BCL RM . 20.51 41.73 14.59
NB BCL RM . 17.45 38.80 21.21
C1B BCL RM . 18.78 38.71 20.81
C2B BCL RM . 19.60 38.30 21.87
C3B BCL RM . 18.76 38.14 23.00
C4B BCL RM . 17.42 38.47 22.53
CMB BCL RM . 21.09 38.11 21.72
CAB BCL RM . 19.06 37.72 24.38
OBB BCL RM . 18.27 37.92 25.31
CBB BCL RM . 20.32 36.99 24.76
NC BCL RM . 14.52 38.93 21.61
C1C BCL RM . 14.89 38.62 22.88
C2C BCL RM . 13.73 38.49 23.81
C3C BCL RM . 12.53 38.79 22.91
C4C BCL RM . 13.15 38.97 21.56
CMC BCL RM . 13.66 37.12 24.47
CAC BCL RM . 11.69 40.02 23.36
CBC BCL RM . 10.76 39.69 24.49
ND BCL RM . 14.27 39.55 18.85
C1D BCL RM . 12.90 39.41 19.09
C2D BCL RM . 12.16 39.46 17.89
C3D BCL RM . 13.11 39.65 16.89
C4D BCL RM . 14.35 39.69 17.51
CMD BCL RM . 10.66 39.35 17.79
CAD BCL RM . 13.32 39.92 15.52
OBD BCL RM . 12.51 40.00 14.57
CBD BCL RM . 14.84 40.13 15.29
CGD BCL RM . 15.33 39.26 14.20
O1D BCL RM . 15.64 38.10 14.33
O2D BCL RM . 15.40 39.86 13.03
CED BCL RM . 15.83 39.05 11.91
C1 BCL RM . 21.79 41.13 14.24
C2 BCL RM . 22.65 41.38 15.45
C3 BCL RM . 23.58 40.59 15.92
C4 BCL RM . 24.00 39.26 15.31
C5 BCL RM . 24.28 40.95 17.22
C6 BCL RM . 23.37 41.48 18.33
C7 BCL RM . 24.10 41.83 19.63
C8 BCL RM . 25.24 42.88 19.62
C9 BCL RM . 24.90 44.03 18.63
C10 BCL RM . 26.65 42.23 19.41
C11 BCL RM . 27.95 43.04 19.45
C12 BCL RM . 28.29 43.89 18.22
C13 BCL RM . 28.22 43.14 16.88
C14 BCL RM . 29.39 42.17 16.72
C15 BCL RM . 28.27 44.13 15.70
C16 BCL RM . 28.10 43.51 14.31
C17 BCL RM . 26.83 42.68 14.06
C18 BCL RM . 26.59 42.37 12.59
C19 BCL RM . 25.20 41.72 12.57
C20 BCL RM . 27.62 41.42 11.95
C1 V7N SM . 25.40 19.42 22.26
C10 V7N SM . 32.82 24.61 17.15
C11 V7N SM . 33.72 25.22 16.27
C12 V7N SM . 33.55 26.56 15.91
C13 V7N SM . 34.30 27.32 14.99
C14 V7N SM . 34.04 28.71 14.87
C15 V7N SM . 34.64 29.54 13.92
C16 V7N SM . 34.21 30.86 13.67
C17 V7N SM . 34.75 31.65 12.65
C18 V7N SM . 34.20 32.88 12.24
C19 V7N SM . 34.72 33.59 11.13
C2 V7N SM . 26.85 19.69 22.73
C20 V7N SM . 34.46 34.91 10.78
C21 V7N SM . 34.92 35.51 9.58
C22 V7N SM . 34.64 36.82 9.22
C23 V7N SM . 35.07 37.37 7.92
C24 V7N SM . 36.56 37.51 7.71
C25 V7N SM . 36.92 38.29 6.51
C26 V7N SM . 37.05 37.78 5.26
C27 V7N SM . 37.47 38.63 4.12
C28 V7N SM . 38.62 37.91 3.41
C29 V7N SM . 39.58 38.69 2.59
C3 V7N SM . 27.93 19.42 21.75
C30 V7N SM . 25.10 20.11 20.95
C31 V7N SM . 25.15 17.92 22.11
C33 V7N SM . 29.96 18.96 19.49
C34 V7N SM . 33.53 22.20 16.87
C35 V7N SM . 35.32 26.70 14.11
C36 V7N SM . 32.98 33.38 12.91
C37 V7N SM . 33.85 37.71 10.11
C38 V7N SM . 36.82 36.35 4.97
C39 V7N SM . 39.71 38.59 1.26
C4 V7N SM . 28.44 20.39 20.94
C40 V7N SM . 40.74 39.41 0.56
C41 V7N SM . 23.20 19.80 23.20
C43 V7N SM . 38.90 37.72 0.39
C5 V7N SM . 29.49 20.27 19.98
C6 V7N SM . 30.08 21.46 19.53
C7 V7N SM . 31.12 21.62 18.61
C8 V7N SM . 31.64 22.89 18.35
C9 V7N SM . 32.66 23.24 17.45
O32 V7N SM . 24.60 19.97 23.31
O42 V7N SM . 34.38 22.34 15.98
O44 V7N SM . 40.95 39.13 -0.73
O45 V7N SM . 41.47 40.28 1.06
C2 0V9 TM . 20.66 40.13 36.97
C1 0V9 TM . 19.23 39.60 37.23
N 0V9 TM . 16.36 41.99 41.27
C3 0V9 TM . 21.69 39.07 36.54
C4 0V9 TM . 15.87 40.36 39.44
C5 0V9 TM . 16.37 40.60 40.88
C10 0V9 TM . 19.92 41.47 34.91
C11 0V9 TM . 20.35 42.73 34.21
C12 0V9 TM . 21.36 42.48 33.11
C13 0V9 TM . 20.66 42.14 31.80
C14 0V9 TM . 21.63 41.77 30.70
C15 0V9 TM . 20.89 41.32 29.45
C16 0V9 TM . 21.76 41.23 28.21
C17 0V9 TM . 20.93 40.84 27.00
C18 0V9 TM . 21.69 40.89 25.73
C19 0V9 TM . 21.26 41.36 24.57
C20 0V9 TM . 19.87 41.81 24.29
C21 0V9 TM . 19.55 41.77 22.80
C22 0V9 TM . 20.08 42.97 22.05
C23 0V9 TM . 19.94 42.80 20.55
C24 0V9 TM . 20.35 44.05 19.81
C25 0V9 TM . 20.05 43.94 18.34
C30 0V9 TM . 20.97 38.60 34.27
C31 0V9 TM . 21.29 38.85 32.83
C32 0V9 TM . 21.69 37.58 32.11
C33 0V9 TM . 21.83 37.78 30.62
C34 0V9 TM . 22.14 36.44 29.97
C35 0V9 TM . 22.43 36.58 28.49
C36 0V9 TM . 23.07 35.32 27.97
C37 0V9 TM . 23.18 35.34 26.46
C38 0V9 TM . 23.81 36.59 25.90
C39 0V9 TM . 23.95 36.47 24.40
C40 0V9 TM . 24.60 37.70 23.78
C41 0V9 TM . 24.78 37.53 22.30
C42 0V9 TM . 25.60 38.66 21.72
C43 0V9 TM . 25.81 38.51 20.23
O4 0V9 TM . 19.03 40.70 34.56
O5 0V9 TM . 20.03 37.98 34.75
O2 0V9 TM . 20.65 41.28 36.08
O3 0V9 TM . 21.92 39.11 35.13
O1P 0V9 TM . 18.08 42.23 37.06
O2P 0V9 TM . 18.42 42.43 39.54
O3P 0V9 TM . 18.68 40.19 38.37
O4P 0V9 TM . 16.48 41.21 38.50
P 0V9 TM . 18.03 41.63 38.49
C1B LMT UM . 28.82 31.60 42.66
C2B LMT UM . 28.24 30.22 43.07
C3B LMT UM . 26.91 29.95 42.36
C4B LMT UM . 25.93 31.13 42.59
C5B LMT UM . 26.64 32.42 42.15
C6B LMT UM . 25.72 33.62 42.37
O1B LMT UM . 29.29 31.56 41.33
O2B LMT UM . 29.16 29.26 42.77
O3B LMT UM . 26.36 28.75 42.72
O4' LMT UM . 24.78 30.97 41.85
O5B LMT UM . 27.88 32.62 42.82
O6B LMT UM . 26.26 34.76 41.81
C1' LMT UM . 32.62 32.35 38.97
C2' LMT UM . 32.82 31.24 40.03
C3' LMT UM . 31.43 30.78 40.57
C4' LMT UM . 30.63 31.98 41.09
C5' LMT UM . 30.62 33.03 39.96
C6' LMT UM . 29.79 34.27 40.26
O1' LMT UM . 33.82 32.83 38.48
O2' LMT UM . 33.45 30.16 39.47
O3' LMT UM . 31.56 29.85 41.55
O5' LMT UM . 31.93 33.42 39.61
O6' LMT UM . 30.10 35.18 39.29
C1 LMT UM . 34.22 32.24 37.26
C2 LMT UM . 35.05 33.24 36.47
C3 LMT UM . 35.22 32.90 35.01
C4 LMT UM . 36.03 33.95 34.26
C5 LMT UM . 36.29 33.49 32.84
C6 LMT UM . 35.05 33.57 31.99
C7 LMT UM . 35.11 32.70 30.76
C8 LMT UM . 36.03 33.23 29.70
C9 LMT UM . 36.28 32.26 28.57
C10 LMT UM . 37.27 32.89 27.61
C11 LMT UM . 37.73 31.93 26.55
C12 LMT UM . 36.64 31.09 25.99
C2 0V9 VM . 31.89 24.75 41.14
C1 0V9 VM . 30.51 24.14 41.40
N 0V9 VM . 26.04 25.52 46.05
C3 0V9 VM . 32.97 23.68 41.03
C4 0V9 VM . 28.22 24.67 45.19
C5 0V9 VM . 26.78 25.10 44.88
C10 0V9 VM . 32.51 26.63 39.76
C11 0V9 VM . 32.76 26.96 38.32
C12 0V9 VM . 33.74 26.02 37.65
C13 0V9 VM . 33.44 25.81 36.17
C14 0V9 VM . 33.39 27.07 35.34
C15 0V9 VM . 32.85 26.81 33.95
C16 0V9 VM . 33.82 26.10 33.02
C17 0V9 VM . 33.14 25.37 31.88
C18 0V9 VM . 33.95 25.32 30.63
C19 0V9 VM . 33.69 26.00 29.49
C20 0V9 VM . 32.59 26.97 29.32
C21 0V9 VM . 32.97 28.20 28.52
C22 0V9 VM . 33.15 27.92 27.04
C23 0V9 VM . 33.21 29.21 26.26
C24 0V9 VM . 33.50 29.00 24.78
C25 0V9 VM . 33.37 30.27 23.99
C30 0V9 VM . 33.64 21.97 39.54
C31 0V9 VM . 33.51 21.38 38.17
C32 0V9 VM . 33.63 22.36 37.01
C33 0V9 VM . 33.72 21.54 35.75
C34 0V9 VM . 33.97 22.33 34.47
C35 0V9 VM . 34.44 21.38 33.38
C36 0V9 VM . 33.32 20.62 32.72
C37 0V9 VM . 33.82 19.82 31.52
C38 0V9 VM . 34.61 20.67 30.55
C39 0V9 VM . 34.57 20.14 29.12
C40 0V9 VM . 35.36 21.03 28.19
C41 0V9 VM . 35.11 20.70 26.72
C42 0V9 VM . 36.15 21.32 25.82
C43 0V9 VM . 36.05 22.83 25.72
O4 0V9 VM . 32.80 27.26 40.77
O5 0V9 VM . 34.30 21.56 40.50
O2 0V9 VM . 31.81 25.45 39.89
O3 0V9 VM . 32.85 23.08 39.74
O1P 0V9 VM . 31.11 25.06 44.13
O2P 0V9 VM . 30.63 22.73 44.97
O3P 0V9 VM . 30.51 23.28 42.51
O4P 0V9 VM . 28.87 24.22 44.04
P 0V9 VM . 30.39 23.70 44.03
MG BCL WM . 28.13 27.09 25.00
CHA BCL WM . 27.74 28.21 21.77
CHB BCL WM . 31.10 25.71 24.06
CHC BCL WM . 28.22 25.40 27.93
CHD BCL WM . 24.76 27.81 25.60
NA BCL WM . 29.22 26.96 23.14
C1A BCL WM . 28.95 27.62 21.95
C2A BCL WM . 30.18 27.78 21.12
C3A BCL WM . 31.10 26.70 21.71
C4A BCL WM . 30.50 26.44 23.05
CMA BCL WM . 31.10 25.43 20.86
CAA BCL WM . 30.77 29.20 21.24
CBA BCL WM . 31.54 29.67 20.00
CGA BCL WM . 32.61 28.73 19.54
O1A BCL WM . 32.55 28.10 18.55
O2A BCL WM . 33.64 28.65 20.36
NB BCL WM . 29.43 25.73 25.86
C1B BCL WM . 30.64 25.32 25.33
C2B BCL WM . 31.32 24.50 26.24
C3B BCL WM . 30.52 24.38 27.40
C4B BCL WM . 29.34 25.18 27.10
CMB BCL WM . 32.67 23.90 25.92
CAB BCL WM . 30.70 23.64 28.64
OBB BCL WM . 30.09 23.93 29.67
CBB BCL WM . 31.65 22.48 28.77
NC BCL WM . 26.69 26.66 26.52
C1C BCL WM . 26.97 25.99 27.68
C2C BCL WM . 25.86 26.03 28.67
C3C BCL WM . 24.79 26.84 27.95
C4C BCL WM . 25.39 27.10 26.60
CMC BCL WM . 25.40 24.64 29.08
CAC BCL WM . 24.37 28.13 28.68
CBC BCL WM . 23.43 27.87 29.83
ND BCL WM . 26.55 27.81 23.94
C1D BCL WM . 25.24 28.11 24.29
C2D BCL WM . 24.54 28.70 23.20
C3D BCL WM . 25.47 28.77 22.17
C4D BCL WM . 26.66 28.24 22.65
CMD BCL WM . 23.09 29.11 23.22
CAD BCL WM . 25.73 29.23 20.85
OBD BCL WM . 24.98 29.77 20.02
CBD BCL WM . 27.22 28.92 20.51
CGD BCL WM . 27.33 28.17 19.27
O1D BCL WM . 27.35 26.95 19.18
O2D BCL WM . 27.41 28.91 18.18
CED BCL WM . 27.63 28.23 16.93
C1 BCL WM . 34.67 27.70 19.93
C2 BCL WM . 35.74 27.70 21.00
C3 BCL WM . 35.86 26.89 22.04
C4 BCL WM . 34.86 25.81 22.41
C5 BCL WM . 37.06 26.98 22.97
C6 BCL WM . 38.18 26.00 22.60
C7 BCL WM . 39.53 26.32 23.27
C8 BCL WM . 40.72 25.62 22.60
C9 BCL WM . 41.73 25.11 23.65
C10 BCL WM . 41.45 26.53 21.58
C11 BCL WM . 40.74 26.78 20.24
C12 BCL WM . 39.90 28.06 20.22
C13 BCL WM . 39.20 28.37 18.89
C14 BCL WM . 38.31 27.22 18.42
C15 BCL WM . 40.19 28.71 17.76
C16 BCL WM . 41.06 29.95 17.95
C17 BCL WM . 42.01 30.25 16.78
C18 BCL WM . 42.81 31.53 16.93
C19 BCL WM . 41.87 32.70 16.62
C20 BCL WM . 44.06 31.57 16.03
C1B LMT XM . 38.77 10.85 45.32
C2B LMT XM . 37.98 9.90 46.24
C3B LMT XM . 36.50 9.80 45.82
C4B LMT XM . 35.89 11.20 45.61
C5B LMT XM . 36.81 11.98 44.65
C6B LMT XM . 36.23 13.36 44.38
O1B LMT XM . 38.97 10.23 44.08
O2B LMT XM . 38.58 8.67 46.17
O3B LMT XM . 35.77 9.05 46.71
O4' LMT XM . 34.63 11.10 45.04
O5B LMT XM . 38.12 12.07 45.16
O6B LMT XM . 36.88 13.94 43.31
C1' LMT XM . 41.61 9.23 41.15
C2' LMT XM . 42.15 8.95 42.55
C3' LMT XM . 40.99 9.06 43.58
C4' LMT XM . 40.23 10.39 43.46
C5' LMT XM . 39.96 10.65 41.95
C6' LMT XM . 39.34 12.00 41.70
O1' LMT XM . 42.60 9.18 40.21
O2' LMT XM . 42.66 7.67 42.60
O3' LMT XM . 41.46 8.92 44.86
O5' LMT XM . 41.13 10.56 41.17
O6' LMT XM . 38.00 11.80 41.61
C1 LMT XM . 42.17 8.88 38.89
C2 LMT XM . 43.40 9.03 38.02
C3 LMT XM . 43.28 8.71 36.56
C4 LMT XM . 42.16 9.49 35.87
C5 LMT XM . 42.33 9.36 34.38
C6 LMT XM . 41.08 9.69 33.59
C7 LMT XM . 40.69 11.15 33.63
C8 LMT XM . 41.83 12.06 33.26
C9 LMT XM . 42.46 11.82 31.92
C10 LMT XM . 43.34 13.01 31.63
C11 LMT XM . 44.56 12.66 30.81
C12 LMT XM . 44.22 11.93 29.57
C1 V7N YM . 30.29 4.73 22.90
C10 V7N YM . 38.72 7.95 17.75
C11 V7N YM . 39.83 8.32 16.97
C12 V7N YM . 40.12 9.68 16.80
C13 V7N YM . 41.16 10.25 16.02
C14 V7N YM . 41.19 11.66 15.90
C15 V7N YM . 42.10 12.40 15.14
C16 V7N YM . 42.05 13.80 15.05
C17 V7N YM . 42.94 14.53 14.24
C18 V7N YM . 42.79 15.90 13.94
C19 V7N YM . 43.75 16.52 13.09
C2 V7N YM . 31.75 4.96 23.33
C20 V7N YM . 43.76 17.84 12.68
C21 V7N YM . 44.76 18.36 11.81
C22 V7N YM . 44.76 19.63 11.28
C23 V7N YM . 45.84 20.08 10.37
C24 V7N YM . 45.49 19.90 8.90
C25 V7N YM . 46.59 20.29 7.99
C26 V7N YM . 46.95 21.56 7.66
C27 V7N YM . 48.09 21.81 6.74
C28 V7N YM . 47.71 21.95 5.28
C29 V7N YM . 48.92 22.02 4.43
C3 V7N YM . 32.79 4.38 22.45
C30 V7N YM . 29.38 5.34 23.97
C31 V7N YM . 29.98 5.35 21.55
C33 V7N YM . 34.58 3.19 20.22
C34 V7N YM . 38.82 5.43 17.47
C35 V7N YM . 42.17 9.43 15.33
C36 V7N YM . 41.66 16.66 14.51
C37 V7N YM . 43.69 20.62 11.58
C38 V7N YM . 46.24 22.76 8.15
C39 V7N YM . 48.97 21.64 3.14
C4 V7N YM . 33.35 5.07 21.42
C40 V7N YM . 50.22 21.73 2.36
C41 V7N YM . 28.92 2.82 22.47
C43 V7N YM . 47.80 21.09 2.40
C5 V7N YM . 34.37 4.62 20.53
C6 V7N YM . 35.17 5.62 19.96
C7 V7N YM . 36.26 5.47 19.10
C8 V7N YM . 37.06 6.58 18.84
C9 V7N YM . 38.20 6.66 18.02
O32 V7N YM . 30.17 3.30 22.90
O42 V7N YM . 39.83 5.36 16.79
O44 V7N YM . 51.25 22.33 2.97
O45 V7N YM . 50.43 21.31 1.23
C2 0V9 ZM . 40.39 4.48 41.25
C1 0V9 ZM . 39.92 5.87 41.72
N 0V9 ZM . 36.32 2.30 45.38
C3 0V9 ZM . 39.37 3.35 41.46
C4 0V9 ZM . 37.24 4.54 44.89
C5 0V9 ZM . 37.50 3.10 45.35
C10 0V9 ZM . 41.99 5.06 39.52
C11 0V9 ZM . 42.31 4.81 38.07
C12 0V9 ZM . 41.26 5.33 37.11
C13 0V9 ZM . 41.71 5.08 35.68
C14 0V9 ZM . 40.71 5.60 34.66
C15 0V9 ZM . 41.24 5.59 33.23
C16 0V9 ZM . 40.21 6.13 32.25
C17 0V9 ZM . 40.79 6.89 31.08
C18 0V9 ZM . 39.79 7.85 30.55
C19 0V9 ZM . 39.85 8.50 29.37
C20 0V9 ZM . 40.96 8.45 28.39
C21 0V9 ZM . 41.65 9.78 28.23
C22 0V9 ZM . 40.78 10.78 27.49
C23 0V9 ZM . 40.74 10.52 26.00
C24 0V9 ZM . 42.00 11.00 25.30
C25 0V9 ZM . 42.21 12.48 25.47
C30 0V9 ZM . 39.38 2.21 39.30
C31 0V9 ZM . 38.81 2.44 37.94
C32 0V9 ZM . 39.69 1.96 36.80
C33 0V9 ZM . 38.91 2.12 35.52
C34 0V9 ZM . 39.47 1.34 34.34
C35 0V9 ZM . 38.70 1.67 33.07
C36 0V9 ZM . 38.69 0.51 32.10
C37 0V9 ZM . 38.56 0.97 30.66
C38 0V9 ZM . 39.86 1.51 30.09
C39 0V9 ZM . 39.77 1.72 28.60
C40 0V9 ZM . 40.98 2.45 28.07
C41 0V9 ZM . 40.89 2.71 26.58
C42 0V9 ZM . 42.17 3.34 26.07
C43 0V9 ZM . 42.02 3.91 24.68
O4 0V9 ZM . 42.72 5.53 40.39
O5 0V9 ZM . 40.30 1.48 39.68
O2 0V9 ZM . 40.71 4.68 39.86
O3 0V9 ZM . 38.72 3.00 40.21
O1P 0V9 ZM . 40.52 6.35 45.10
O2P 0V9 ZM . 40.25 3.97 44.34
O3P 0V9 ZM . 39.28 5.88 42.97
O4P 0V9 ZM . 38.32 5.41 45.09
P 0V9 ZM . 39.72 5.25 44.34
C1B LMT AN . 55.59 22.34 8.93
C2B LMT AN . 55.80 20.87 8.54
C3B LMT AN . 57.30 20.52 8.58
C4B LMT AN . 58.09 21.51 7.69
C5B LMT AN . 57.69 22.95 8.05
C6B LMT AN . 58.37 23.93 7.10
O1B LMT AN . 56.03 22.55 10.24
O2B LMT AN . 55.08 20.08 9.41
O3B LMT AN . 57.53 19.21 8.26
O4' LMT AN . 59.45 21.35 7.87
O5B LMT AN . 56.29 23.17 8.05
O6B LMT AN . 57.79 25.17 7.20
C1' LMT AN . 54.57 23.30 14.08
C2' LMT AN . 54.48 21.83 13.59
C3' LMT AN . 55.31 21.59 12.30
C4' LMT AN . 55.06 22.68 11.25
C5' LMT AN . 55.28 24.02 12.01
C6' LMT AN . 55.31 25.23 11.11
O1' LMT AN . 53.59 23.48 15.03
O2' LMT AN . 54.98 21.02 14.58
O3' LMT AN . 55.01 20.37 11.78
O5' LMT AN . 54.30 24.18 13.00
O6' LMT AN . 55.06 26.32 11.92
C1 LMT AN . 53.61 24.69 15.75
C2 LMT AN . 52.23 24.82 16.34
C3 LMT AN . 51.67 23.60 17.01
C4 LMT AN . 50.43 23.96 17.81
C5 LMT AN . 49.68 22.70 18.15
C6 LMT AN . 48.43 22.91 18.96
C7 LMT AN . 48.74 23.15 20.41
C8 LMT AN . 47.51 22.85 21.23
C9 LMT AN . 47.60 23.13 22.70
C10 LMT AN . 47.84 24.60 22.98
C11 LMT AN . 46.93 25.53 22.22
C12 LMT AN . 45.49 25.31 22.57
MG BCL BN . 35.72 10.64 26.39
CHA BCL BN . 35.61 12.42 23.43
CHB BCL BN . 37.97 8.54 24.92
CHC BCL BN . 35.30 8.49 28.96
CHD BCL BN . 32.81 12.30 27.41
NA BCL BN . 36.62 10.51 24.42
C1A BCL BN . 36.56 11.43 23.38
C2A BCL BN . 37.71 11.28 22.43
C3A BCL BN . 38.20 9.85 22.76
C4A BCL BN . 37.62 9.60 24.11
CMA BCL BN . 37.71 8.84 21.74
CAA BCL BN . 38.79 12.36 22.64
CBA BCL BN . 39.73 12.63 21.45
CGA BCL BN . 40.41 11.47 20.81
O1A BCL BN . 40.20 11.09 19.72
O2A BCL BN . 41.35 10.92 21.55
NB BCL BN . 36.47 8.78 26.86
C1B BCL BN . 37.46 8.11 26.16
C2B BCL BN . 37.88 6.98 26.86
C3B BCL BN . 37.12 6.92 28.05
C4B BCL BN . 36.25 8.09 28.01
CMB BCL BN . 38.96 6.05 26.33
CAB BCL BN . 37.09 5.94 29.15
OBB BCL BN . 36.61 6.22 30.26
CBB BCL BN . 37.65 4.55 29.01
NC BCL BN . 34.26 10.43 27.94
C1C BCL BN . 34.32 9.49 28.93
C2C BCL BN . 33.35 9.73 30.03
C3C BCL BN . 32.58 10.97 29.55
C4C BCL BN . 33.18 11.25 28.20
CMC BCL BN . 32.47 8.53 30.31
CAC BCL BN . 32.68 12.18 30.52
CBC BCL BN . 31.75 12.05 31.71
ND BCL BN . 34.45 12.03 25.62
C1D BCL BN . 33.31 12.66 26.12
C2D BCL BN . 32.80 13.62 25.21
C3D BCL BN . 33.66 13.57 24.12
C4D BCL BN . 34.64 12.62 24.40
CMD BCL BN . 31.59 14.47 25.44
CAD BCL BN . 34.03 14.17 22.89
OBD BCL BN . 33.42 14.98 22.17
CBD BCL BN . 35.43 13.64 22.50
CGD BCL BN . 35.61 13.40 21.05
O1D BCL BN . 36.64 13.56 20.45
O2D BCL BN . 34.53 13.00 20.42
CED BCL BN . 34.65 12.92 18.98
C1 BCL BN . 42.12 9.83 20.94
C2 BCL BN . 43.05 9.30 22.02
C3 BCL BN . 42.73 8.32 22.84
C4 BCL BN . 41.41 7.59 22.83
C5 BCL BN . 43.70 7.83 23.93
C6 BCL BN . 45.20 7.99 23.68
C7 BCL BN . 45.71 7.07 22.56
C8 BCL BN . 47.23 7.00 22.36
C9 BCL BN . 47.90 6.27 23.57
C10 BCL BN . 47.86 8.38 22.17
C11 BCL BN . 47.31 9.26 21.06
C12 BCL BN . 47.36 8.61 19.68
C13 BCL BN . 46.88 9.53 18.55
C14 BCL BN . 45.35 9.59 18.47
C15 BCL BN . 47.42 9.02 17.19
C16 BCL BN . 46.73 7.80 16.58
C17 BCL BN . 47.29 7.32 15.24
C18 BCL BN . 46.47 6.21 14.61
C19 BCL BN . 47.28 5.71 13.40
C20 BCL BN . 45.07 6.65 14.18
C1 V7N CN . 30.54 -10.51 20.86
C10 V7N CN . 39.58 -9.14 15.88
C11 V7N CN . 40.70 -8.93 15.06
C12 V7N CN . 41.35 -7.70 15.06
C13 V7N CN . 42.46 -7.27 14.29
C14 V7N CN . 43.07 -6.03 14.58
C15 V7N CN . 44.14 -5.49 13.86
C16 V7N CN . 44.49 -4.12 13.93
C17 V7N CN . 45.52 -3.56 13.17
C18 V7N CN . 45.75 -2.17 13.02
C19 V7N CN . 46.80 -1.73 12.18
C2 V7N CN . 31.84 -11.30 21.15
C20 V7N CN . 47.22 -0.41 11.99
C21 V7N CN . 48.27 -0.07 11.10
C22 V7N CN . 48.74 1.21 10.87
C23 V7N CN . 49.85 1.47 9.91
C24 V7N CN . 49.37 1.81 8.50
C25 V7N CN . 50.49 1.91 7.53
C26 V7N CN . 51.35 2.94 7.39
C27 V7N CN . 52.46 2.89 6.38
C28 V7N CN . 52.41 3.87 5.22
C29 V7N CN . 53.50 3.55 4.27
C3 V7N CN . 32.65 -11.83 20.02
C30 V7N CN . 30.20 -9.71 22.11
C31 V7N CN . 30.63 -9.57 19.67
C33 V7N CN . 34.09 -12.73 17.48
C34 V7N CN . 38.81 -11.40 15.04
C35 V7N CN . 42.99 -8.09 13.17
C36 V7N CN . 44.88 -1.22 13.73
C37 V7N CN . 48.20 2.39 11.58
C38 V7N CN . 51.26 4.19 8.19
C39 V7N CN . 53.34 3.14 3.00
C4 V7N CN . 33.57 -11.09 19.34
C40 V7N CN . 54.51 2.85 2.14
C41 V7N CN . 29.19 -11.92 19.39
C43 V7N CN . 52.02 2.96 2.36
C5 V7N CN . 34.40 -11.53 18.26
C6 V7N CN . 35.53 -10.74 17.96
C7 V7N CN . 36.49 -10.97 16.95
C8 V7N CN . 37.62 -10.16 16.87
C9 V7N CN . 38.68 -10.23 15.93
O32 V7N CN . 29.53 -11.52 20.71
O42 V7N CN . 39.62 -11.53 14.12
O44 V7N CN . 55.72 3.07 2.67
O45 V7N CN . 54.50 2.43 0.98
C1B LMT DN . 41.61 -10.07 42.49
C2B LMT DN . 40.68 -10.93 43.40
C3B LMT DN . 39.21 -10.79 42.99
C4B LMT DN . 38.81 -9.30 42.85
C5B LMT DN . 39.82 -8.66 41.88
C6B LMT DN . 39.45 -7.20 41.64
O1B LMT DN . 41.76 -10.67 41.23
O2B LMT DN . 41.10 -12.24 43.31
O3B LMT DN . 38.38 -11.46 43.86
O4' LMT DN . 37.54 -9.17 42.35
O5B LMT DN . 41.14 -8.76 42.36
O6B LMT DN . 40.31 -6.63 40.75
C1' LMT DN . 44.56 -11.87 38.45
C2' LMT DN . 44.27 -12.91 39.55
C3' LMT DN . 42.97 -12.51 40.30
C4' LMT DN . 43.06 -11.07 40.85
C5' LMT DN . 43.53 -10.17 39.66
C6' LMT DN . 43.69 -8.71 40.02
O1' LMT DN . 45.73 -12.17 37.79
O2' LMT DN . 44.10 -14.14 38.97
O3' LMT DN . 42.71 -13.37 41.32
O5' LMT DN . 44.75 -10.62 39.10
O6' LMT DN . 44.57 -8.18 39.13
C1 LMT DN . 45.99 -11.42 36.61
C2 LMT DN . 47.38 -11.81 36.19
C3 LMT DN . 48.06 -10.98 35.14
C4 LMT DN . 47.39 -11.12 33.78
C5 LMT DN . 48.01 -10.16 32.81
C6 LMT DN . 47.35 -10.14 31.46
C7 LMT DN . 47.75 -8.88 30.72
C8 LMT DN . 47.15 -8.85 29.33
C9 LMT DN . 47.92 -9.64 28.32
C10 LMT DN . 47.13 -9.72 27.03
C11 LMT DN . 47.95 -10.29 25.93
C12 LMT DN . 47.16 -10.47 24.67
C2 0V9 EN . 40.37 -15.97 38.52
C1 0V9 EN . 40.04 -15.07 39.72
N 0V9 EN . 37.25 -15.75 42.67
C3 0V9 EN . 39.14 -16.66 37.94
C4 0V9 EN . 38.62 -17.69 43.41
C5 0V9 EN . 37.34 -17.20 42.72
C10 0V9 EN . 42.21 -15.45 37.04
C11 0V9 EN . 42.77 -14.44 36.08
C12 0V9 EN . 42.29 -14.62 34.65
C13 0V9 EN . 42.81 -13.48 33.79
C14 0V9 EN . 42.87 -13.82 32.32
C15 0V9 EN . 41.51 -13.99 31.66
C16 0V9 EN . 41.60 -14.62 30.27
C17 0V9 EN . 42.67 -14.01 29.40
C18 0V9 EN . 42.31 -14.04 27.96
C19 0V9 EN . 41.77 -13.02 27.25
C20 0V9 EN . 41.37 -11.70 27.81
C21 0V9 EN . 42.33 -10.60 27.43
C22 0V9 EN . 42.24 -10.23 25.96
C23 0V9 EN . 43.22 -9.13 25.61
C24 0V9 EN . 43.10 -8.69 24.16
C25 0V9 EN . 44.07 -7.58 23.84
C30 0V9 EN . 39.03 -18.56 36.46
C31 0V9 EN . 39.62 -19.13 35.21
C32 0V9 EN . 39.44 -18.19 34.03
C33 0V9 EN . 40.28 -18.66 32.86
C34 0V9 EN . 40.05 -17.84 31.60
C35 0V9 EN . 38.84 -18.30 30.81
C36 0V9 EN . 39.00 -17.88 29.36
C37 0V9 EN . 37.90 -18.42 28.46
C38 0V9 EN . 38.40 -18.72 27.06
C39 0V9 EN . 38.97 -17.48 26.40
C40 0V9 EN . 39.58 -17.78 25.04
C41 0V9 EN . 40.12 -16.52 24.39
C42 0V9 EN . 40.74 -16.81 23.04
C43 0V9 EN . 41.41 -15.61 22.45
O4 0V9 EN . 42.74 -16.48 37.47
O5 0V9 EN . 38.15 -19.01 37.20
O2 0V9 EN . 40.96 -15.12 37.52
O3 0V9 EN . 39.62 -17.37 36.79
O1P 0V9 EN . 41.65 -16.99 41.40
O2P 0V9 EN . 39.64 -18.37 40.73
O3P 0V9 EN . 39.54 -15.84 40.79
O4P 0V9 EN . 39.74 -17.07 42.86
P 0V9 EN . 40.10 -17.21 41.31
MG BCL FN . 37.78 -7.33 24.76
CHA BCL FN . 38.08 -5.13 22.12
CHB BCL FN . 39.34 -9.69 22.85
CHC BCL FN . 36.90 -9.68 27.03
CHD BCL FN . 35.49 -5.14 26.25
NA BCL FN . 38.56 -7.37 22.74
C1A BCL FN . 38.71 -6.32 21.86
C2A BCL FN . 39.73 -6.60 20.81
C3A BCL FN . 39.99 -8.12 20.97
C4A BCL FN . 39.28 -8.45 22.23
CMA BCL FN . 39.41 -8.91 19.79
CAA BCL FN . 41.00 -5.72 20.98
CBA BCL FN . 42.38 -6.23 20.55
CGA BCL FN . 42.43 -6.74 19.15
O1A BCL FN . 41.72 -6.39 18.26
O2A BCL FN . 43.32 -7.69 18.99
NB BCL FN . 38.03 -9.38 24.91
C1B BCL FN . 38.78 -10.16 24.05
C2B BCL FN . 38.89 -11.47 24.56
C3B BCL FN . 38.19 -11.51 25.78
C4B BCL FN . 37.67 -10.17 25.96
CMB BCL FN . 39.67 -12.56 23.84
CAB BCL FN . 37.95 -12.59 26.72
OBB BCL FN . 37.68 -12.39 27.91
CBB BCL FN . 38.00 -14.05 26.32
NC BCL FN . 36.37 -7.40 26.37
C1C BCL FN . 36.26 -8.45 27.25
C2C BCL FN . 35.42 -8.14 28.43
C3C BCL FN . 35.04 -6.68 28.22
C4C BCL FN . 35.61 -6.37 26.86
CMC BCL FN . 34.21 -9.06 28.55
CAC BCL FN . 35.55 -5.72 29.34
CBC BCL FN . 34.69 -5.78 30.58
ND BCL FN . 36.92 -5.55 24.31
C1D BCL FN . 36.05 -4.72 25.01
C2D BCL FN . 35.83 -3.51 24.32
C3D BCL FN . 36.60 -3.60 23.17
C4D BCL FN . 37.24 -4.84 23.20
CMD BCL FN . 34.95 -2.38 24.78
CAD BCL FN . 37.04 -2.94 21.99
OBD BCL FN . 36.74 -1.83 21.53
CBD BCL FN . 38.04 -3.87 21.26
CGD BCL FN . 37.66 -4.09 19.86
O1D BCL FN . 36.94 -4.99 19.46
O2D BCL FN . 38.16 -3.21 19.02
CED BCL FN . 37.95 -3.45 17.61
C1 BCL FN . 43.32 -8.31 17.68
C2 BCL FN . 44.42 -9.36 17.65
C3 BCL FN . 44.52 -10.42 18.43
C4 BCL FN . 43.53 -10.78 19.54
C5 BCL FN . 45.65 -11.45 18.25
C6 BCL FN . 46.17 -11.63 16.81
C7 BCL FN . 47.38 -10.76 16.45
C8 BCL FN . 47.70 -10.74 14.94
C9 BCL FN . 46.49 -10.19 14.14
C10 BCL FN . 48.08 -12.13 14.42
C11 BCL FN . 48.64 -12.16 13.00
C12 BCL FN . 49.26 -13.51 12.63
C13 BCL FN . 49.74 -13.61 11.17
C14 BCL FN . 50.26 -15.01 10.82
C15 BCL FN . 50.86 -12.59 10.82
C16 BCL FN . 52.13 -12.59 11.69
C17 BCL FN . 53.28 -11.77 11.10
C18 BCL FN . 54.61 -11.84 11.87
C19 BCL FN . 54.37 -11.10 13.21
C20 BCL FN . 55.79 -11.22 11.13
C1 V7N GN . 26.40 -24.35 16.19
C10 V7N GN . 35.19 -24.92 10.63
C11 V7N GN . 36.28 -24.93 9.75
C12 V7N GN . 37.40 -24.12 9.98
C13 V7N GN . 38.54 -23.97 9.18
C14 V7N GN . 39.48 -22.96 9.50
C15 V7N GN . 40.63 -22.66 8.77
C16 V7N GN . 41.43 -21.54 9.05
C17 V7N GN . 42.56 -21.19 8.30
C18 V7N GN . 43.32 -20.02 8.47
C19 V7N GN . 44.41 -19.77 7.59
C2 V7N GN . 27.43 -25.52 16.25
C20 V7N GN . 45.32 -18.73 7.66
C21 V7N GN . 46.36 -18.58 6.71
C22 V7N GN . 47.32 -17.60 6.73
C23 V7N GN . 48.35 -17.53 5.65
C24 V7N GN . 47.86 -16.73 4.46
C25 V7N GN . 48.84 -16.78 3.34
C26 V7N GN . 50.00 -16.09 3.25
C27 V7N GN . 50.90 -16.28 2.08
C28 V7N GN . 51.28 -15.03 1.31
C29 V7N GN . 52.16 -15.44 0.19
C3 V7N GN . 27.96 -26.06 14.97
C30 V7N GN . 26.32 -23.77 17.60
C31 V7N GN . 26.79 -23.26 15.22
C33 V7N GN . 28.95 -26.93 12.19
C34 V7N GN . 33.75 -26.71 9.58
C35 V7N GN . 38.80 -24.84 7.99
C36 V7N GN . 42.95 -19.06 9.54
C37 V7N GN . 47.41 -16.58 7.81
C38 V7N GN . 50.46 -15.13 4.28
C39 V7N GN . 51.78 -15.57 -1.09
C4 V7N GN . 29.05 -25.55 14.33
C40 V7N GN . 52.73 -16.01 -2.13
C41 V7N GN . 24.61 -24.78 14.60
C43 V7N GN . 50.41 -15.26 -1.56
C5 V7N GN . 29.65 -26.02 13.11
C6 V7N GN . 30.96 -25.59 12.83
C7 V7N GN . 31.75 -25.93 11.72
C8 V7N GN . 33.06 -25.46 11.64
C9 V7N GN . 34.00 -25.70 10.62
O32 V7N GN . 25.15 -24.98 15.89
O42 V7N GN . 34.52 -27.07 8.68
O44 V7N GN . 54.00 -16.21 -1.73
O45 V7N GN . 52.48 -16.24 -3.32
C1B LMT HN . 57.03 -21.62 2.66
C2B LMT HN . 57.05 -22.99 1.95
C3B LMT HN . 58.47 -23.31 1.44
C4B LMT HN . 59.03 -22.13 0.62
C5B LMT HN . 58.89 -20.85 1.45
C6B LMT HN . 59.41 -19.65 0.66
O1B LMT HN . 57.73 -21.68 3.87
O2B LMT HN . 56.61 -23.94 2.82
O3B LMT HN . 58.51 -24.50 0.76
O4' LMT HN . 60.36 -22.35 0.32
O5B LMT HN . 57.55 -20.62 1.84
O6B LMT HN . 59.22 -18.49 1.36
C1' LMT HN . 57.16 -21.79 7.95
C2' LMT HN . 56.02 -22.41 7.13
C3' LMT HN . 56.39 -22.55 5.64
C4' LMT HN . 57.06 -21.29 5.06
C5' LMT HN . 58.12 -20.82 6.09
C6' LMT HN . 58.89 -19.61 5.63
O1' LMT HN . 56.68 -21.50 9.20
O2' LMT HN . 55.77 -23.66 7.63
O3' LMT HN . 55.26 -22.83 4.93
O5' LMT HN . 57.54 -20.56 7.34
O6' LMT HN . 59.46 -19.06 6.76
C1 LMT HN . 57.60 -21.06 10.17
C2 LMT HN . 56.93 -21.34 11.49
C3 LMT HN . 55.62 -20.65 11.73
C4 LMT HN . 54.95 -21.29 12.91
C5 LMT HN . 53.79 -20.48 13.38
C6 LMT HN . 52.55 -20.75 12.58
C7 LMT HN . 51.64 -19.56 12.53
C8 LMT HN . 51.75 -18.83 11.21
C9 LMT HN . 53.05 -18.12 10.99
C10 LMT HN . 53.13 -17.57 9.58
C11 LMT HN . 53.22 -18.62 8.52
C12 LMT HN . 51.90 -18.86 7.81
MG BCL IN . 34.37 -24.43 20.16
CHA BCL IN . 35.25 -21.97 17.90
CHB BCL IN . 34.94 -26.74 17.71
CHC BCL IN . 32.84 -26.77 22.05
CHD BCL IN . 33.03 -21.97 22.22
NA BCL IN . 34.97 -24.33 18.07
C1A BCL IN . 35.41 -23.21 17.38
C2A BCL IN . 36.26 -23.60 16.22
C3A BCL IN . 35.89 -25.08 16.02
C4A BCL IN . 35.26 -25.45 17.32
CMA BCL IN . 34.91 -25.27 14.87
CAA BCL IN . 37.74 -23.38 16.56
CBA BCL IN . 38.44 -22.65 15.41
CGA BCL IN . 38.28 -23.36 14.12
O1A BCL IN . 37.72 -22.93 13.17
O2A BCL IN . 38.74 -24.57 14.20
NB BCL IN . 33.92 -26.44 19.92
C1B BCL IN . 34.26 -27.23 18.83
C2B BCL IN . 33.88 -28.56 19.05
C3B BCL IN . 33.26 -28.62 20.32
C4B BCL IN . 33.31 -27.25 20.82
CMB BCL IN . 34.14 -29.66 18.03
CAB BCL IN . 32.66 -29.72 21.07
OBB BCL IN . 32.42 -29.66 22.29
CBB BCL IN . 32.28 -31.04 20.43
NC BCL IN . 33.12 -24.37 21.88
C1C BCL IN . 32.62 -25.46 22.52
C2C BCL IN . 31.94 -25.15 23.81
C3C BCL IN . 32.08 -23.62 23.90
C4C BCL IN . 32.72 -23.25 22.58
CMC BCL IN . 30.51 -25.63 23.86
CAC BCL IN . 32.89 -23.13 25.12
CBC BCL IN . 32.08 -23.16 26.41
ND BCL IN . 34.13 -22.42 20.11
C1D BCL IN . 33.63 -21.51 21.03
C2D BCL IN . 33.81 -20.17 20.58
C3D BCL IN . 34.45 -20.28 19.36
C4D BCL IN . 34.61 -21.64 19.10
CMD BCL IN . 33.36 -18.94 21.33
CAD BCL IN . 35.07 -19.58 18.29
OBD BCL IN . 35.18 -18.36 18.08
CBD BCL IN . 35.66 -20.62 17.31
CGD BCL IN . 35.21 -20.37 15.94
O1D BCL IN . 34.19 -20.80 15.44
O2D BCL IN . 36.03 -19.62 15.23
CED BCL IN . 35.71 -19.44 13.83
C1 BCL IN . 38.51 -25.43 13.05
C2 BCL IN . 39.06 -26.77 13.46
C3 BCL IN . 38.54 -27.92 13.12
C4 BCL IN . 37.27 -28.09 12.29
C5 BCL IN . 39.21 -29.23 13.50
C6 BCL IN . 38.37 -30.24 14.27
C7 BCL IN . 38.43 -31.65 13.65
C8 BCL IN . 39.66 -32.55 13.84
C9 BCL IN . 40.32 -32.31 15.21
C10 BCL IN . 40.69 -32.29 12.72
C11 BCL IN . 41.92 -33.20 12.63
C12 BCL IN . 42.72 -33.09 11.32
C13 BCL IN . 43.30 -31.71 10.87
C14 BCL IN . 43.78 -30.83 12.04
C15 BCL IN . 42.30 -30.91 9.99
C16 BCL IN . 42.77 -29.53 9.50
C17 BCL IN . 42.04 -29.00 8.26
C18 BCL IN . 40.52 -28.91 8.43
C19 BCL IN . 40.00 -28.40 7.07
C20 BCL IN . 40.07 -27.99 9.57
C2 0V9 JN . 33.29 -36.77 31.44
C1 0V9 JN . 32.43 -35.73 32.20
N 0V9 JN . 29.53 -34.66 33.98
C3 0V9 JN . 32.43 -37.62 30.50
C4 0V9 JN . 30.57 -35.48 36.09
C5 0V9 JN . 30.38 -34.31 35.10
C10 0V9 JN . 34.98 -36.42 29.66
C11 0V9 JN . 35.12 -35.35 28.64
C12 0V9 JN . 35.61 -35.83 27.28
C13 0V9 JN . 35.21 -34.81 26.23
C14 0V9 JN . 35.85 -35.01 24.88
C15 0V9 JN . 35.45 -33.92 23.90
C16 0V9 JN . 36.49 -33.65 22.83
C17 0V9 JN . 35.97 -32.71 21.77
C18 0V9 JN . 35.60 -31.37 22.32
C19 0V9 JN . 36.15 -30.21 21.95
C20 0V9 JN . 37.17 -30.05 20.88
C21 0V9 JN . 37.49 -28.57 20.65
C22 0V9 JN . 38.48 -28.38 19.51
C23 0V9 JN . 38.96 -26.95 19.44
C24 0V9 JN . 40.09 -26.75 18.45
C25 0V9 JN . 39.67 -27.14 17.05
C30 0V9 JN . 31.90 -37.48 28.16
C31 0V9 JN . 31.80 -36.52 27.01
C32 0V9 JN . 32.29 -37.11 25.70
C33 0V9 JN . 32.11 -36.14 24.54
C34 0V9 JN . 30.70 -36.11 23.99
C35 0V9 JN . 30.57 -35.18 22.80
C36 0V9 JN . 31.32 -35.68 21.59
C37 0V9 JN . 31.18 -34.76 20.38
C38 0V9 JN . 32.42 -34.84 19.52
C39 0V9 JN . 32.35 -33.96 18.29
C40 0V9 JN . 33.71 -33.89 17.63
C41 0V9 JN . 33.69 -33.09 16.34
C42 0V9 JN . 35.00 -33.18 15.60
C43 0V9 JN . 36.12 -32.51 16.37
O4 0V9 JN . 35.38 -37.60 29.64
O5 0V9 JN . 31.85 -38.71 28.17
O2 0V9 JN . 34.27 -35.97 30.75
O3 0V9 JN . 32.10 -36.82 29.34
O1P 0V9 JN . 33.14 -35.85 35.11
O2P 0V9 JN . 32.62 -38.25 34.54
O3P 0V9 JN . 31.66 -36.35 33.19
O4P 0V9 JN . 30.91 -36.69 35.48
P 0V9 JN . 32.19 -36.94 34.54
C1 V7N KN . 17.30 -34.65 9.78
C10 V7N KN . 25.24 -37.34 3.43
C11 V7N KN . 26.21 -37.49 2.43
C12 V7N KN . 27.51 -37.02 2.67
C13 V7N KN . 28.63 -37.03 1.81
C14 V7N KN . 29.88 -36.58 2.32
C15 V7N KN . 31.06 -36.48 1.58
C16 V7N KN . 32.17 -35.75 2.05
C17 V7N KN . 33.36 -35.61 1.31
C18 V7N KN . 34.42 -34.74 1.63
C19 V7N KN . 35.53 -34.67 0.75
C2 V7N KN . 18.05 -35.98 9.55
C20 V7N KN . 36.69 -33.93 0.93
C21 V7N KN . 37.74 -33.92 -0.03
C22 V7N KN . 38.95 -33.28 0.11
C23 V7N KN . 39.97 -33.34 -0.97
C24 V7N KN . 39.76 -32.27 -2.04
C25 V7N KN . 40.69 -32.46 -3.19
C26 V7N KN . 41.95 -31.98 -3.27
C27 V7N KN . 42.80 -32.27 -4.47
C28 V7N KN . 43.07 -31.13 -5.42
C29 V7N KN . 43.86 -31.64 -6.58
C3 V7N KN . 18.22 -36.35 8.11
C30 V7N KN . 17.32 -34.34 11.28
C31 V7N KN . 17.96 -33.50 9.01
C33 V7N KN . 18.72 -36.69 5.09
C34 V7N KN . 23.26 -37.60 1.93
C35 V7N KN . 28.53 -37.44 0.39
C36 V7N KN . 34.35 -33.92 2.85
C37 V7N KN . 39.32 -32.54 1.33
C38 V7N KN . 42.56 -31.15 -2.22
C39 V7N KN . 43.83 -31.13 -7.81
C4 V7N KN . 19.42 -36.24 7.49
C40 V7N KN . 44.65 -31.72 -8.90
C41 V7N KN . 15.04 -33.83 9.52
C43 V7N KN . 43.02 -29.96 -8.21
C5 V7N KN . 19.75 -36.56 6.13
C6 V7N KN . 21.11 -36.72 5.82
C7 V7N KN . 21.67 -37.01 4.56
C8 V7N KN . 23.05 -37.14 4.43
C9 V7N KN . 23.84 -37.37 3.28
O32 V7N KN . 15.96 -34.89 9.34
O42 V7N KN . 22.09 -37.47 1.61
O44 V7N KN . 45.40 -32.78 -8.57
O45 V7N KN . 44.72 -31.33 -10.07
MG BCL LN . 24.91 -38.14 12.90
CHA BCL LN . 26.54 -35.75 11.03
CHB BCL LN . 24.63 -40.01 10.06
CHC BCL LN . 22.66 -40.12 14.48
CHD BCL LN . 24.58 -35.82 15.48
NA BCL LN . 25.49 -37.86 10.82
C1A BCL LN . 26.26 -36.86 10.29
C2A BCL LN . 26.93 -37.28 9.03
C3A BCL LN . 26.08 -38.50 8.61
C4A BCL LN . 25.35 -38.85 9.86
CMA BCL LN . 25.13 -38.15 7.48
CAA BCL LN . 28.40 -37.64 9.28
CBA BCL LN . 29.32 -36.97 8.26
CGA BCL LN . 28.97 -37.31 6.87
O1A BCL LN . 28.55 -36.56 6.06
O2A BCL LN . 29.20 -38.54 6.65
NB BCL LN . 23.78 -39.79 12.36
C1B BCL LN . 23.85 -40.46 11.14
C2B BCL LN . 23.05 -41.61 11.17
C3B BCL LN . 22.46 -41.68 12.44
C4B BCL LN . 22.96 -40.52 13.16
CMB BCL LN . 22.94 -42.53 9.97
CAB BCL LN . 21.53 -42.66 13.02
OBB BCL LN . 21.39 -42.79 14.25
CBB BCL LN . 20.65 -43.56 12.18
NC BCL LN . 23.78 -37.96 14.71
C1C BCL LN . 22.98 -38.95 15.20
C2C BCL LN . 22.49 -38.67 16.58
C3C BCL LN . 23.13 -37.32 16.91
C4C BCL LN . 23.86 -36.97 15.64
CMC BCL LN . 20.97 -38.67 16.68
CAC BCL LN . 24.03 -37.33 18.17
CBC BCL LN . 23.24 -37.38 19.46
ND BCL LN . 25.41 -36.20 13.21
C1D BCL LN . 25.26 -35.35 14.32
C2D BCL LN . 25.87 -34.10 14.08
C3D BCL LN . 26.39 -34.18 12.80
C4D BCL LN . 26.10 -35.45 12.32
CMD BCL LN . 25.90 -32.95 15.05
CAD BCL LN . 27.17 -33.53 11.81
OBD BCL LN . 27.67 -32.39 11.78
CBD BCL LN . 27.37 -34.52 10.62
CGD BCL LN . 26.99 -33.90 9.35
O1D BCL LN . 25.85 -33.76 8.96
O2D BCL LN . 28.01 -33.49 8.64
CED BCL LN . 27.71 -32.94 7.31
C1 BCL LN . 28.96 -39.05 5.30
C2 BCL LN . 28.67 -40.49 5.54
C3 BCL LN . 27.59 -41.11 5.20
C4 BCL LN . 26.43 -40.50 4.42
C5 BCL LN . 27.38 -42.54 5.60
C6 BCL LN . 26.52 -42.74 6.85
C7 BCL LN . 26.69 -44.10 7.53
C8 BCL LN . 26.25 -45.37 6.76
C9 BCL LN . 26.00 -46.49 7.78
C10 BCL LN . 27.32 -45.84 5.76
C11 BCL LN . 26.80 -45.97 4.33
C12 BCL LN . 27.94 -45.79 3.33
C13 BCL LN . 27.91 -46.63 2.03
C14 BCL LN . 26.80 -46.19 1.08
C15 BCL LN . 27.75 -48.16 2.30
C16 BCL LN . 28.55 -48.84 3.41
C17 BCL LN . 30.07 -48.77 3.24
C18 BCL LN . 30.72 -48.04 4.39
C19 BCL LN . 31.56 -46.92 3.74
C20 BCL LN . 31.59 -48.93 5.29
C2 0V9 MN . 49.47 -35.19 2.16
C1 0V9 MN . 50.64 -35.85 1.39
N 0V9 MN . 52.37 -37.51 -3.90
C3 0V9 MN . 48.15 -35.92 1.92
C4 0V9 MN . 52.26 -35.13 -3.16
C5 0V9 MN . 51.59 -36.30 -3.91
C10 0V9 MN . 50.69 -34.32 4.10
C11 0V9 MN . 50.64 -34.33 5.60
C12 0V9 MN . 49.29 -33.92 6.17
C13 0V9 MN . 48.82 -32.57 5.65
C14 0V9 MN . 47.65 -32.06 6.46
C15 0V9 MN . 47.06 -30.75 5.95
C16 0V9 MN . 45.98 -30.21 6.87
C17 0V9 MN . 45.31 -28.94 6.35
C18 0V9 MN . 44.51 -29.18 5.12
C19 0V9 MN . 44.24 -28.27 4.18
C20 0V9 MN . 44.61 -26.83 4.25
C21 0V9 MN . 44.04 -26.03 3.10
C22 0V9 MN . 42.52 -25.96 3.06
C23 0V9 MN . 41.94 -25.28 4.28
C24 0V9 MN . 40.47 -24.96 4.09
C25 0V9 MN . 40.25 -23.91 3.04
C30 0V9 MN . 45.85 -35.67 2.67
C31 0V9 MN . 44.98 -35.02 3.71
C32 0V9 MN . 43.82 -35.89 4.18
C33 0V9 MN . 43.09 -35.22 5.33
C34 0V9 MN . 42.05 -36.14 5.97
C35 0V9 MN . 41.40 -35.58 7.22
C36 0V9 MN . 40.33 -34.53 6.96
C37 0V9 MN . 39.54 -34.24 8.23
C38 0V9 MN . 38.62 -33.04 8.13
C39 0V9 MN . 37.81 -32.86 9.41
C40 0V9 MN . 37.23 -31.48 9.65
C41 0V9 MN . 36.10 -31.06 8.73
C42 0V9 MN . 36.57 -30.30 7.51
C43 0V9 MN . 35.50 -30.24 6.44
O4 0V9 MN . 51.41 -33.66 3.37
O5 0V9 MN . 45.53 -36.40 1.71
O2 0V9 MN . 49.81 -35.24 3.56
O3 0V9 MN . 47.18 -35.36 2.83
O1P 0V9 MN . 50.62 -33.38 -1.37
O2P 0V9 MN . 49.65 -35.71 -1.40
O3P 0V9 MN . 51.16 -34.95 0.46
O4P 0V9 MN . 52.07 -35.26 -1.78
P 0V9 MN . 50.69 -34.89 -1.05
C2 0V9 NN . 20.47 -50.96 21.10
C1 0V9 NN . 20.78 -50.63 22.56
N 0V9 NN . 18.74 -50.56 27.91
C3 0V9 NN . 19.12 -50.37 20.72
C4 0V9 NN . 20.17 -52.10 26.56
C5 0V9 NN . 19.26 -50.86 26.60
C10 0V9 NN . 22.78 -50.85 20.27
C11 0V9 NN . 23.70 -50.07 19.37
C12 0V9 NN . 22.99 -49.26 18.31
C13 0V9 NN . 23.96 -48.63 17.32
C14 0V9 NN . 25.18 -47.99 17.96
C15 0V9 NN . 25.87 -46.97 17.06
C16 0V9 NN . 27.07 -46.34 17.72
C17 0V9 NN . 27.43 -44.96 17.18
C18 0V9 NN . 28.10 -45.01 15.86
C19 0V9 NN . 27.64 -44.56 14.69
C20 0V9 NN . 26.30 -43.96 14.44
C21 0V9 NN . 25.84 -44.08 12.99
C22 0V9 NN . 26.27 -42.94 12.08
C23 0V9 NN . 27.75 -42.87 11.79
C24 0V9 NN . 28.05 -41.78 10.77
C25 0V9 NN . 29.51 -41.73 10.41
C30 0V9 NN . 18.81 -51.13 18.47
C31 0V9 NN . 19.38 -50.89 17.11
C32 0V9 NN . 19.08 -49.49 16.61
C33 0V9 NN . 19.13 -49.44 15.11
C34 0V9 NN . 18.43 -48.20 14.60
C35 0V9 NN . 18.43 -48.19 13.08
C36 0V9 NN . 17.78 -46.93 12.56
C37 0V9 NN . 17.92 -46.84 11.06
C38 0V9 NN . 19.36 -46.81 10.60
C39 0V9 NN . 19.50 -45.94 9.36
C40 0V9 NN . 20.88 -46.00 8.76
C41 0V9 NN . 21.00 -44.98 7.66
C42 0V9 NN . 22.38 -44.97 7.03
C43 0V9 NN . 22.73 -46.32 6.50
O4 0V9 NN . 23.07 -51.81 20.98
O5 0V9 NN . 18.01 -51.97 18.86
O2 0V9 NN . 21.49 -50.36 20.28
O3 0V9 NN . 19.19 -50.13 19.32
O1P 0V9 NN . 20.63 -53.41 23.13
O2P 0V9 NN . 18.45 -53.03 24.34
O3P 0V9 NN . 19.77 -51.10 23.39
O4P 0V9 NN . 20.65 -52.31 25.27
P 0V9 NN . 19.69 -52.54 24.01
C1B LMT ON . 15.92 -55.40 21.59
C2B LMT ON . 14.99 -56.40 22.33
C3B LMT ON . 13.77 -56.75 21.47
C4B LMT ON . 13.05 -55.47 21.01
C5B LMT ON . 14.09 -54.56 20.33
C6B LMT ON . 13.43 -53.25 19.91
O1B LMT ON . 16.62 -56.06 20.57
O2B LMT ON . 15.73 -57.52 22.61
O3B LMT ON . 12.93 -57.62 22.12
O4' LMT ON . 12.05 -55.78 20.11
O5B LMT ON . 15.23 -54.29 21.13
O6B LMT ON . 13.27 -52.44 21.01
C1' LMT ON . 20.13 -55.61 18.43
C2' LMT ON . 19.95 -54.55 19.54
C3' LMT ON . 18.76 -54.90 20.48
C4' LMT ON . 17.49 -55.34 19.71
C5' LMT ON . 17.95 -56.33 18.61
C6' LMT ON . 16.82 -56.92 17.82
O1' LMT ON . 21.09 -55.24 17.51
O2' LMT ON . 21.11 -54.52 20.29
O3' LMT ON . 18.49 -53.80 21.26
O5' LMT ON . 18.88 -55.73 17.74
O6' LMT ON . 17.39 -57.60 16.77
C1 LMT ON . 20.87 -54.01 16.85
C2 LMT ON . 21.76 -53.97 15.62
C3 LMT ON . 22.17 -52.60 15.16
C4 LMT ON . 23.26 -52.69 14.10
C5 LMT ON . 23.95 -51.36 13.91
C6 LMT ON . 24.96 -51.35 12.79
C7 LMT ON . 25.61 -49.99 12.68
C8 LMT ON . 26.66 -49.97 11.62
C9 LMT ON . 27.11 -48.58 11.25
C10 LMT ON . 28.23 -48.63 10.23
C11 LMT ON . 27.88 -49.45 9.03
C12 LMT ON . 28.92 -49.31 7.96
C1 V7N PN . 5.61 -40.41 2.45
C10 V7N PN . 11.85 -43.75 -5.24
C11 V7N PN . 12.71 -43.98 -6.33
C12 V7N PN . 14.08 -44.20 -6.10
C13 V7N PN . 15.10 -44.40 -7.04
C14 V7N PN . 16.44 -44.34 -6.60
C15 V7N PN . 17.58 -44.46 -7.41
C16 V7N PN . 18.88 -44.26 -6.92
C17 V7N PN . 20.01 -44.35 -7.75
C18 V7N PN . 21.34 -44.03 -7.39
C19 V7N PN . 22.36 -44.15 -8.37
C2 V7N PN . 5.69 -41.76 1.70
C20 V7N PN . 23.72 -43.94 -8.20
C21 V7N PN . 24.64 -44.08 -9.28
C22 V7N PN . 26.00 -43.96 -9.21
C23 V7N PN . 26.85 -44.12 -10.42
C24 V7N PN . 26.87 -42.87 -11.28
C25 V7N PN . 27.63 -43.06 -12.56
C26 V7N PN . 28.96 -43.02 -12.71
C27 V7N PN . 29.60 -43.24 -14.03
C28 V7N PN . 30.22 -42.02 -14.67
C29 V7N PN . 30.76 -42.37 -16.00
C3 V7N PN . 5.70 -41.74 0.22
C30 V7N PN . 6.52 -39.37 1.80
C31 V7N PN . 4.18 -39.90 2.52
C33 V7N PN . 5.98 -41.44 -2.86
C34 V7N PN . 9.80 -42.94 -6.49
C35 V7N PN . 14.82 -44.64 -8.48
C36 V7N PN . 21.63 -43.58 -6.01
C37 V7N PN . 26.70 -43.67 -7.93
C38 V7N PN . 29.89 -42.74 -11.58
C39 V7N PN . 30.99 -41.51 -17.00
C4 V7N PN . 6.86 -41.83 -0.50
C40 V7N PN . 31.51 -42.00 -18.30
C41 V7N PN . 6.06 -39.72 4.73
C43 V7N PN . 30.78 -40.05 -16.90
C5 V7N PN . 7.03 -41.86 -1.92
C6 V7N PN . 8.27 -42.35 -2.38
C7 V7N PN . 8.69 -42.47 -3.71
C8 V7N PN . 9.92 -43.07 -3.99
C9 V7N PN . 10.52 -43.26 -5.25
O32 V7N PN . 6.11 -40.75 3.76
O42 V7N PN . 10.26 -42.95 -7.64
O44 V7N PN . 31.69 -41.08 -19.26
O45 V7N PN . 31.80 -43.16 -18.60
C2 0V9 QN . 2.25 -58.27 11.41
C1 0V9 QN . 1.96 -57.38 12.63
N 0V9 QN . -1.04 -57.96 15.21
C3 0V9 QN . 1.17 -58.20 10.33
C4 0V9 QN . 0.24 -59.83 16.25
C5 0V9 QN . -0.93 -59.40 15.34
C10 0V9 QN . 4.08 -58.34 9.78
C11 0V9 QN . 4.81 -57.30 8.99
C12 0V9 QN . 5.05 -57.70 7.54
C13 0V9 QN . 5.30 -56.46 6.72
C14 0V9 QN . 5.55 -56.74 5.25
C15 0V9 QN . 5.63 -55.45 4.45
C16 0V9 QN . 6.84 -55.40 3.53
C17 0V9 QN . 7.17 -53.98 3.14
C18 0V9 QN . 7.82 -53.25 4.25
C19 0V9 QN . 8.81 -52.36 4.15
C20 0V9 QN . 9.37 -51.83 2.89
C21 0V9 QN . 10.89 -51.93 2.85
C22 0V9 QN . 11.46 -51.04 1.76
C23 0V9 QN . 12.94 -51.23 1.58
C24 0V9 QN . 13.50 -50.22 0.60
C25 0V9 QN . 14.96 -50.44 0.34
C30 0V9 QN . 0.93 -57.20 8.19
C31 0V9 QN . 1.80 -56.49 7.18
C32 0V9 QN . 1.12 -55.40 6.40
C33 0V9 QN . 2.05 -54.72 5.42
C34 0V9 QN . 1.36 -53.56 4.72
C35 0V9 QN . 2.24 -52.91 3.68
C36 0V9 QN . 1.45 -52.00 2.77
C37 0V9 QN . 2.33 -51.20 1.83
C38 0V9 QN . 3.27 -51.99 0.95
C39 0V9 QN . 3.93 -51.04 -0.02
C40 0V9 QN . 5.02 -51.68 -0.86
C41 0V9 QN . 5.61 -50.66 -1.83
C42 0V9 QN . 6.50 -51.29 -2.87
C43 0V9 QN . 7.69 -51.98 -2.24
O4 0V9 QN . 3.93 -59.54 9.56
O5 0V9 QN . -0.03 -57.94 8.01
O2 0V9 QN . 3.52 -57.79 10.91
O3 0V9 QN . 1.46 -57.11 9.45
O1P 0V9 QN . 3.49 -59.10 14.63
O2P 0V9 QN . 1.69 -60.65 13.78
O3P 0V9 QN . 1.41 -58.14 13.67
O4P 0V9 QN . 1.42 -59.22 15.81
P 0V9 QN . 2.01 -59.44 14.34
MG BCL RN . 11.45 -46.22 4.07
CHA BCL RN . 13.76 -44.19 2.52
CHB BCL RN . 10.51 -47.32 0.99
CHC BCL RN . 8.68 -47.59 5.46
CHD BCL RN . 11.95 -44.42 7.03
NA BCL RN . 12.06 -45.76 2.04
C1A BCL RN . 13.11 -44.97 1.62
C2A BCL RN . 13.55 -45.34 0.25
C3A BCL RN . 12.32 -46.08 -0.30
C4A BCL RN . 11.57 -46.45 0.95
CMA BCL RN . 11.48 -45.21 -1.23
CAA BCL RN . 14.82 -46.21 0.28
CBA BCL RN . 15.69 -46.08 -0.95
CGA BCL RN . 15.01 -46.16 -2.27
O1A BCL RN . 14.98 -45.30 -3.07
O2A BCL RN . 14.46 -47.34 -2.50
NB BCL RN . 9.82 -47.26 3.35
C1B BCL RN . 9.64 -47.67 2.04
C2B BCL RN . 8.50 -48.49 1.92
C3B BCL RN . 7.93 -48.58 3.22
C4B BCL RN . 8.81 -47.81 4.08
CMB BCL RN . 8.06 -49.09 0.60
CAB BCL RN . 6.73 -49.25 3.70
OBB BCL RN . 6.57 -49.53 4.90
CBB BCL RN . 5.61 -49.67 2.79
NC BCL RN . 10.46 -46.01 5.97
C1C BCL RN . 9.37 -46.74 6.34
C2C BCL RN . 9.03 -46.59 7.78
C3C BCL RN . 10.12 -45.64 8.29
C4C BCL RN . 10.88 -45.29 7.05
CMC BCL RN . 7.63 -46.07 8.00
CAC BCL RN . 11.02 -46.22 9.41
CBC BCL RN . 10.36 -46.19 10.77
ND BCL RN . 12.58 -44.64 4.68
C1D BCL RN . 12.73 -44.01 5.92
C2D BCL RN . 13.70 -42.99 5.85
C3D BCL RN . 14.15 -42.99 4.53
C4D BCL RN . 13.46 -43.99 3.87
CMD BCL RN . 14.11 -42.10 6.99
CAD BCL RN . 15.11 -42.50 3.63
OBD BCL RN . 15.98 -41.62 3.77
CBD BCL RN . 14.94 -43.24 2.28
CGD BCL RN . 14.76 -42.28 1.19
O1D BCL RN . 13.82 -41.51 1.09
O2D BCL RN . 15.71 -42.31 0.28
CED BCL RN . 15.60 -41.36 -0.82
C1 BCL RN . 13.87 -47.51 -3.82
C2 BCL RN . 12.57 -48.30 -3.65
C3 BCL RN . 12.54 -49.59 -3.40
C4 BCL RN . 13.75 -50.47 -3.21
C5 BCL RN . 11.21 -50.35 -3.32
C6 BCL RN . 10.84 -51.05 -4.63
C7 BCL RN . 11.25 -52.52 -4.66
C8 BCL RN . 11.57 -53.04 -6.07
C9 BCL RN . 11.05 -54.48 -6.28
C10 BCL RN . 13.09 -53.00 -6.32
C11 BCL RN . 13.67 -52.16 -7.47
C12 BCL RN . 13.45 -50.65 -7.27
C13 BCL RN . 14.42 -49.74 -8.03
C14 BCL RN . 14.10 -48.25 -7.83
C15 BCL RN . 14.44 -50.03 -9.55
C16 BCL RN . 15.71 -50.67 -10.09
C17 BCL RN . 15.76 -50.96 -11.60
C18 BCL RN . 17.13 -51.36 -12.10
C19 BCL RN . 17.93 -50.06 -12.27
C20 BCL RN . 17.10 -52.13 -13.44
C1B LMT SN . 31.15 -50.94 -16.46
C2B LMT SN . 30.36 -51.54 -17.66
C3B LMT SN . 31.28 -52.38 -18.57
C4B LMT SN . 32.54 -51.59 -18.95
C5B LMT SN . 33.18 -51.07 -17.64
C6B LMT SN . 34.46 -50.32 -17.93
O1B LMT SN . 31.53 -51.96 -15.59
O2B LMT SN . 29.33 -52.30 -17.15
O3B LMT SN . 30.61 -52.88 -19.66
O4' LMT SN . 33.45 -52.39 -19.61
O5B LMT SN . 32.29 -50.26 -16.92
O6B LMT SN . 34.97 -49.78 -16.78
C1' LMT SN . 30.83 -53.32 -11.74
C2' LMT SN . 29.59 -52.89 -12.53
C3' LMT SN . 29.90 -52.75 -14.03
C4' LMT SN . 31.12 -51.83 -14.24
C5' LMT SN . 32.25 -52.39 -13.33
C6' LMT SN . 33.57 -51.68 -13.50
O1' LMT SN . 30.54 -53.35 -10.41
O2' LMT SN . 28.62 -53.87 -12.39
O3' LMT SN . 28.82 -52.24 -14.69
O5' LMT SN . 31.86 -52.36 -11.98
O6' LMT SN . 34.39 -52.12 -12.49
C1 LMT SN . 31.55 -53.75 -9.53
C2 LMT SN . 31.14 -53.22 -8.17
C3 LMT SN . 29.89 -53.82 -7.61
C4 LMT SN . 29.42 -53.10 -6.36
C5 LMT SN . 28.89 -51.73 -6.66
C6 LMT SN . 29.32 -50.67 -5.67
C7 LMT SN . 28.31 -50.47 -4.54
C8 LMT SN . 28.21 -51.63 -3.59
C9 LMT SN . 27.27 -51.36 -2.45
C10 LMT SN . 27.32 -52.53 -1.48
C11 LMT SN . 28.56 -52.55 -0.67
C12 LMT SN . 28.67 -51.37 0.24
C1 V7N TN . -7.28 -39.49 -5.19
C10 V7N TN . -2.70 -43.37 -13.29
C11 V7N TN . -1.93 -43.71 -14.42
C12 V7N TN . -0.72 -44.40 -14.30
C13 V7N TN . 0.16 -44.79 -15.34
C14 V7N TN . 1.34 -45.52 -15.02
C15 V7N TN . 2.30 -45.93 -15.96
C16 V7N TN . 3.61 -46.31 -15.60
C17 V7N TN . 4.58 -46.67 -16.55
C18 V7N TN . 5.97 -46.83 -16.29
C19 V7N TN . 6.84 -47.16 -17.36
C2 V7N TN . -7.50 -40.70 -6.12
C20 V7N TN . 8.22 -47.35 -17.29
C21 V7N TN . 9.00 -47.66 -18.43
C22 V7N TN . 10.37 -47.89 -18.44
C23 V7N TN . 11.07 -48.18 -19.71
C24 V7N TN . 11.74 -46.95 -20.32
C25 V7N TN . 12.36 -47.21 -21.65
C26 V7N TN . 13.51 -47.88 -21.90
C27 V7N TN . 14.00 -48.09 -23.30
C28 V7N TN . 14.91 -47.00 -23.85
C29 V7N TN . 15.24 -47.29 -25.27
C3 V7N TN . -6.83 -40.68 -7.44
C30 V7N TN . -7.18 -39.97 -3.75
C31 V7N TN . -6.07 -38.67 -5.58
C33 V7N TN . -7.55 -39.45 -10.92
C34 V7N TN . -4.36 -42.00 -14.51
C35 V7N TN . -0.09 -44.44 -16.76
C36 V7N TN . 6.47 -46.64 -14.91
C37 V7N TN . 11.18 -47.87 -17.21
C38 V7N TN . 14.38 -48.42 -20.82
C39 V7N TN . 15.41 -46.34 -26.21
C4 V7N TN . -7.50 -40.42 -8.60
C40 V7N TN . 15.73 -46.69 -27.61
C41 V7N TN . -8.76 -37.73 -4.40
C43 V7N TN . 15.28 -44.88 -25.94
C5 V7N TN . -7.01 -40.40 -9.94
C6 V7N TN . -6.01 -41.31 -10.34
C7 V7N TN . -5.45 -41.39 -11.64
C8 V7N TN . -4.51 -42.37 -11.99
C9 V7N TN . -3.86 -42.58 -13.24
O32 V7N TN . -8.50 -38.74 -5.35
O42 V7N TN . -5.38 -41.33 -14.65
O44 V7N TN . 15.85 -48.00 -27.88
O45 V7N TN . 15.92 -45.92 -28.55
C2 0V9 UN . -16.33 -57.24 1.27
C1 0V9 UN . -15.47 -57.40 2.54
N 0V9 UN . -18.07 -61.51 3.14
C3 0V9 UN . -17.39 -56.14 1.39
C4 0V9 UN . -16.64 -60.85 5.06
C5 0V9 UN . -16.83 -61.76 3.84
C10 0V9 UN . -14.82 -57.94 -0.50
C11 0V9 UN . -14.30 -57.52 -1.85
C12 0V9 UN . -13.16 -56.52 -1.79
C13 0V9 UN . -12.41 -56.50 -3.11
C14 0V9 UN . -11.17 -55.62 -3.11
C15 0V9 UN . -11.44 -54.19 -3.55
C16 0V9 UN . -11.04 -53.94 -4.99
C17 0V9 UN . -11.18 -52.48 -5.38
C18 0V9 UN . -10.65 -52.17 -6.73
C19 0V9 UN . -9.39 -51.83 -7.03
C20 0V9 UN . -8.24 -51.82 -6.08
C21 0V9 UN . -6.99 -52.43 -6.68
C22 0V9 UN . -6.20 -51.43 -7.51
C23 0V9 UN . -5.06 -52.11 -8.24
C24 0V9 UN . -4.03 -51.10 -8.72
C25 0V9 UN . -2.93 -51.78 -9.50
C30 0V9 UN . -18.57 -54.78 -0.22
C31 0V9 UN . -18.39 -54.31 -1.63
C32 0V9 UN . -16.93 -54.44 -2.02
C33 0V9 UN . -16.67 -53.94 -3.43
C34 0V9 UN . -16.13 -52.53 -3.45
C35 0V9 UN . -16.03 -52.01 -4.88
C36 0V9 UN . -15.72 -50.53 -4.93
C37 0V9 UN . -15.66 -50.05 -6.37
C38 0V9 UN . -15.40 -48.58 -6.49
C39 0V9 UN . -15.13 -48.18 -7.94
C40 0V9 UN . -13.67 -48.37 -8.28
C41 0V9 UN . -13.37 -48.14 -9.74
C42 0V9 UN . -11.88 -48.23 -9.99
C43 0V9 UN . -11.50 -47.90 -11.41
O4 0V9 UN . -14.78 -59.06 0.02
O5 0V9 UN . -19.29 -54.33 0.68
O2 0V9 UN . -15.42 -56.92 0.20
O3 0V9 UN . -17.78 -55.87 0.03
O1P 0V9 UN . -17.98 -58.98 3.14
O2P 0V9 UN . -17.95 -57.93 5.42
O3P 0V9 UN . -16.17 -57.34 3.75
O4P 0V9 UN . -16.22 -59.57 4.71
P 0V9 UN . -17.22 -58.36 4.34
C1B LMT VN . 17.60 -57.03 -20.61
C2B LMT VN . 19.01 -56.70 -20.08
C3B LMT VN . 19.57 -55.44 -20.77
C4B LMT VN . 19.58 -55.66 -22.30
C5B LMT VN . 18.18 -56.11 -22.75
C6B LMT VN . 18.22 -56.49 -24.23
O1B LMT VN . 16.69 -56.00 -20.28
O2B LMT VN . 18.93 -56.51 -18.72
O3B LMT VN . 20.79 -55.10 -20.27
O4' LMT VN . 19.90 -54.49 -22.94
O5B LMT VN . 17.65 -57.20 -22.00
O6B LMT VN . 19.07 -55.65 -24.92
C1' LMT VN . 13.81 -54.86 -17.61
C2' LMT VN . 14.71 -55.99 -17.09
C3' LMT VN . 15.94 -56.15 -18.00
C4' LMT VN . 15.56 -56.32 -19.49
C5' LMT VN . 14.44 -55.30 -19.83
C6' LMT VN . 13.85 -55.51 -21.19
O1' LMT VN . 12.68 -54.76 -16.83
O2' LMT VN . 15.14 -55.67 -15.82
O3' LMT VN . 16.68 -57.23 -17.60
O5' LMT VN . 13.37 -55.27 -18.89
O6' LMT VN . 12.67 -54.82 -21.22
C1 LMT VN . 11.95 -53.54 -16.87
C2 LMT VN . 12.72 -52.50 -16.08
C3 LMT VN . 11.88 -51.54 -15.26
C4 LMT VN . 11.39 -52.21 -13.99
C5 LMT VN . 10.43 -51.33 -13.23
C6 LMT VN . 9.91 -52.00 -11.99
C7 LMT VN . 8.71 -51.29 -11.40
C8 LMT VN . 9.06 -50.12 -10.52
C9 LMT VN . 9.72 -50.49 -9.22
C10 LMT VN . 9.50 -49.37 -8.22
C11 LMT VN . 9.88 -48.02 -8.72
C12 LMT VN . 9.86 -47.00 -7.63
MG BCL WN . -4.26 -47.36 -4.97
CHA BCL WN . -1.42 -46.03 -6.39
CHB BCL WN . -5.66 -47.43 -8.08
CHC BCL WN . -7.26 -47.99 -3.56
CHD BCL WN . -3.05 -46.44 -1.82
NA BCL WN . -3.60 -46.76 -6.94
C1A BCL WN . -2.34 -46.37 -7.33
C2A BCL WN . -2.11 -46.63 -8.78
C3A BCL WN . -3.54 -46.70 -9.31
C4A BCL WN . -4.34 -47.02 -8.09
CMA BCL WN . -3.99 -45.38 -9.93
CAA BCL WN . -1.33 -47.92 -9.01
CBA BCL WN . -0.25 -47.87 -10.10
CGA BCL WN . -0.73 -47.46 -11.46
O1A BCL WN . -1.21 -46.43 -11.73
O2A BCL WN . -0.50 -48.38 -12.34
NB BCL WN . -6.18 -47.64 -5.68
C1B BCL WN . -6.55 -47.66 -7.02
C2B BCL WN . -7.92 -47.95 -7.14
C3B BCL WN . -8.43 -48.12 -5.84
C4B BCL WN . -7.29 -47.92 -4.96
CMB BCL WN . -8.61 -48.02 -8.48
CAB BCL WN . -9.77 -48.42 -5.33
OBB BCL WN . -9.96 -48.91 -4.22
CBB BCL WN . -11.00 -48.14 -6.13
NC BCL WN . -5.04 -47.20 -2.98
C1C BCL WN . -6.29 -47.62 -2.61
C2C BCL WN . -6.52 -47.61 -1.15
C3C BCL WN . -5.14 -47.23 -0.60
C4C BCL WN . -4.35 -46.90 -1.83
CMC BCL WN . -7.63 -46.68 -0.72
CAC BCL WN . -4.49 -48.31 0.30
CBC BCL WN . -5.07 -48.35 1.69
ND BCL WN . -2.63 -46.41 -4.22
C1D BCL WN . -2.21 -46.14 -2.92
C2D BCL WN . -0.92 -45.56 -2.92
C3D BCL WN . -0.54 -45.48 -4.25
C4D BCL WN . -1.59 -46.01 -5.00
CMD BCL WN . -0.18 -45.13 -1.68
CAD BCL WN . 0.49 -45.16 -5.16
OBD BCL WN . 1.62 -44.69 -4.96
CBD BCL WN . 0.01 -45.51 -6.59
CGD BCL WN . 0.12 -44.35 -7.48
O1D BCL WN . -0.70 -43.45 -7.58
O2D BCL WN . 1.22 -44.34 -8.22
CED BCL WN . 1.37 -43.22 -9.13
C1 BCL WN . -1.02 -48.21 -13.69
C2 BCL WN . -2.44 -48.69 -13.54
C3 BCL WN . -3.56 -48.02 -13.49
C4 BCL WN . -3.68 -46.53 -13.66
C5 BCL WN . -4.88 -48.65 -13.16
C6 BCL WN . -4.84 -50.07 -12.61
C7 BCL WN . -6.22 -50.48 -12.12
C8 BCL WN . -7.37 -50.25 -13.09
C9 BCL WN . -8.68 -50.75 -12.44
C10 BCL WN . -7.15 -50.93 -14.46
C11 BCL WN . -8.29 -50.83 -15.45
C12 BCL WN . -8.09 -49.75 -16.53
C13 BCL WN . -8.06 -48.30 -16.03
C14 BCL WN . -9.36 -47.88 -15.35
C15 BCL WN . -7.80 -47.37 -17.23
C16 BCL WN . -7.36 -45.97 -16.79
C17 BCL WN . -6.25 -45.29 -17.61
C18 BCL WN . -4.82 -45.58 -17.12
C19 BCL WN . -3.88 -44.75 -18.02
C20 BCL WN . -4.37 -47.06 -17.14
C1B LMT XN . -11.04 -60.94 4.71
C2B LMT XN . -12.50 -60.79 5.21
C3B LMT XN . -12.75 -59.37 5.78
C4B LMT XN . -11.65 -58.99 6.80
C5B LMT XN . -10.30 -59.19 6.10
C6B LMT XN . -9.16 -58.77 7.04
O1B LMT XN . -10.83 -60.25 3.51
O2B LMT XN . -13.34 -61.05 4.16
O3B LMT XN . -14.01 -59.26 6.31
O4' LMT XN . -11.78 -57.68 7.19
O5B LMT XN . -10.12 -60.52 5.67
O6B LMT XN . -7.96 -58.83 6.37
C1' LMT XN . -9.79 -60.93 -0.47
C2' LMT XN . -11.31 -60.91 -0.17
C3' LMT XN . -11.58 -60.31 1.25
C4' LMT XN . -10.71 -61.01 2.31
C5' LMT XN . -9.26 -60.94 1.79
C6' LMT XN . -8.20 -61.47 2.73
O1' LMT XN . -9.52 -61.57 -1.66
O2' LMT XN . -11.95 -60.11 -1.09
O3' LMT XN . -12.89 -60.42 1.58
O5' LMT XN . -9.14 -61.64 0.56
O6' LMT XN . -7.95 -60.48 3.63
C1 LMT XN . -9.43 -60.70 -2.79
C2 LMT XN . -8.38 -61.24 -3.74
C3 LMT XN . -7.71 -60.20 -4.60
C4 LMT XN . -6.63 -60.84 -5.46
C5 LMT XN . -5.59 -59.82 -5.86
C6 LMT XN . -6.14 -58.57 -6.49
C7 LMT XN . -5.03 -57.77 -7.12
C8 LMT XN . -5.59 -56.49 -7.67
C9 LMT XN . -4.84 -55.85 -8.80
C10 LMT XN . -5.00 -56.64 -10.07
C11 LMT XN . -4.50 -55.86 -11.25
C12 LMT XN . -4.82 -56.53 -12.55
C1B LMT YN . -30.64 -52.75 -3.48
C2B LMT YN . -31.81 -53.60 -2.96
C3B LMT YN . -32.78 -52.74 -2.14
C4B LMT YN . -32.02 -51.95 -1.04
C5B LMT YN . -30.85 -51.21 -1.71
C6B LMT YN . -30.06 -50.44 -0.65
O1B LMT YN . -31.07 -51.81 -4.41
O2B LMT YN . -32.44 -54.17 -4.03
O3B LMT YN . -33.80 -53.49 -1.61
O4' LMT YN . -32.86 -51.03 -0.44
O5B LMT YN . -30.01 -52.09 -2.41
O6B LMT YN . -28.94 -49.86 -1.22
C1' LMT YN . -31.03 -50.78 -8.40
C2' LMT YN . -32.19 -51.70 -7.99
C3' LMT YN . -32.30 -51.71 -6.45
C4' LMT YN . -30.96 -52.12 -5.79
C5' LMT YN . -29.83 -51.26 -6.44
C6' LMT YN . -28.45 -51.65 -6.00
O1' LMT YN . -30.88 -50.80 -9.76
O2' LMT YN . -33.36 -51.21 -8.52
O3' LMT YN . -33.29 -52.55 -6.05
O5' LMT YN . -29.85 -51.33 -7.85
O6' LMT YN . -28.25 -51.13 -4.75
C1 LMT YN . -30.55 -49.55 -10.34
C2 LMT YN . -30.33 -49.84 -11.80
C3 LMT YN . -30.19 -48.66 -12.71
C4 LMT YN . -28.75 -48.32 -13.04
C5 LMT YN . -27.94 -47.91 -11.86
C6 LMT YN . -26.63 -47.27 -12.27
C7 LMT YN . -25.91 -48.10 -13.29
C8 LMT YN . -24.44 -47.90 -13.15
C9 LMT YN . -23.60 -48.72 -14.08
C10 LMT YN . -23.65 -48.09 -15.45
C11 LMT YN . -22.94 -48.93 -16.46
C12 LMT YN . -23.00 -48.32 -17.83
C1 V7N ZN . -19.51 -32.45 -11.46
C10 V7N ZN . -16.79 -36.24 -20.70
C11 V7N ZN . -16.25 -36.58 -21.96
C12 V7N ZN . -15.38 -37.68 -22.11
C13 V7N ZN . -14.74 -38.07 -23.30
C14 V7N ZN . -13.68 -39.02 -23.22
C15 V7N ZN . -12.91 -39.48 -24.30
C16 V7N ZN . -11.81 -40.34 -24.14
C17 V7N ZN . -11.01 -40.75 -25.22
C18 V7N ZN . -9.76 -41.42 -25.10
C19 V7N ZN . -9.03 -41.74 -26.27
C2 V7N ZN . -20.50 -32.95 -12.53
C20 V7N ZN . -7.95 -42.62 -26.41
C21 V7N ZN . -7.31 -42.81 -27.67
C22 V7N ZN . -6.35 -43.76 -27.99
C23 V7N ZN . -5.76 -43.80 -29.36
C24 V7N ZN . -4.37 -43.19 -29.46
C25 V7N ZN . -3.85 -43.19 -30.85
C26 V7N ZN . -3.17 -44.20 -31.44
C27 V7N ZN . -2.69 -44.12 -32.85
C28 V7N ZN . -1.21 -44.41 -33.06
C29 V7N ZN . -0.94 -44.67 -34.49
C3 V7N ZN . -20.30 -32.47 -13.92
C30 V7N ZN . -18.06 -32.68 -11.88
C31 V7N ZN . -19.71 -30.97 -11.14
C33 V7N ZN . -19.60 -31.53 -16.76
C34 V7N ZN . -17.92 -34.06 -21.34
C35 V7N ZN . -15.10 -37.51 -24.63
C36 V7N ZN . -9.27 -41.74 -23.74
C37 V7N ZN . -5.87 -44.76 -27.02
C38 V7N ZN . -2.87 -45.46 -30.72
C39 V7N ZN . -0.52 -43.75 -35.38
C4 V7N ZN . -19.60 -33.20 -14.84
C40 V7N ZN . -0.29 -44.09 -36.80
C41 V7N ZN . -19.11 -32.98 -9.12
C43 V7N ZN . -0.24 -42.34 -35.02
C5 V7N ZN . -19.35 -32.88 -16.20
C6 V7N ZN . -18.84 -33.91 -17.01
C7 V7N ZN . -18.52 -33.86 -18.37
C8 V7N ZN . -17.95 -34.98 -19.00
C9 V7N ZN . -17.55 -35.11 -20.35
O32 V7N ZN . -19.82 -33.26 -10.31
O42 V7N ZN . -17.59 -34.01 -22.52
O44 V7N ZN . -0.54 -45.36 -37.15
O45 V7N ZN . 0.08 -43.34 -37.70
MG BCL AO . -19.38 -40.87 -12.51
CHA BCL AO . -16.27 -40.42 -13.94
CHB BCL AO . -20.75 -39.76 -15.42
CHC BCL AO . -22.33 -40.53 -10.92
CHD BCL AO . -17.82 -41.13 -9.39
NA BCL AO . -18.58 -40.16 -14.40
C1A BCL AO . -17.27 -40.18 -14.84
C2A BCL AO . -17.19 -40.19 -16.32
C3A BCL AO . -18.57 -39.65 -16.73
C4A BCL AO . -19.39 -39.86 -15.49
CMA BCL AO . -18.52 -38.18 -17.10
CAA BCL AO . -16.91 -41.60 -16.86
CBA BCL AO . -16.07 -41.61 -18.15
CGA BCL AO . -16.56 -40.71 -19.22
O1A BCL AO . -16.01 -39.73 -19.57
O2A BCL AO . -17.69 -41.12 -19.77
NB BCL AO . -21.25 -40.21 -13.05
C1B BCL AO . -21.65 -39.85 -14.34
C2B BCL AO . -23.02 -39.60 -14.37
C3B BCL AO . -23.53 -39.81 -13.07
C4B BCL AO . -22.38 -40.22 -12.29
CMB BCL AO . -23.74 -39.18 -15.65
CAB BCL AO . -24.86 -39.68 -12.51
OBB BCL AO . -25.22 -40.27 -11.47
CBB BCL AO . -25.90 -38.78 -13.11
NC BCL AO . -19.98 -40.84 -10.46
C1C BCL AO . -21.26 -40.71 -10.03
C2C BCL AO . -21.45 -40.96 -8.58
C3C BCL AO . -20.01 -41.20 -8.10
C4C BCL AO . -19.19 -40.98 -9.34
CMC BCL AO . -22.14 -39.81 -7.86
CAC BCL AO . -19.78 -42.59 -7.45
CBC BCL AO . -20.32 -42.67 -6.04
ND BCL AO . -17.48 -40.80 -11.77
C1D BCL AO . -16.95 -40.92 -10.49
C2D BCL AO . -15.55 -40.80 -10.49
C3D BCL AO . -15.21 -40.61 -11.84
C4D BCL AO . -16.39 -40.61 -12.56
CMD BCL AO . -14.67 -40.86 -9.28
CAD BCL AO . -14.15 -40.50 -12.77
OBD BCL AO . -12.92 -40.46 -12.59
CBD BCL AO . -14.75 -40.44 -14.19
CGD BCL AO . -14.22 -39.29 -14.93
O1D BCL AO . -14.59 -38.13 -14.79
O2D BCL AO . -13.28 -39.60 -15.80
CED BCL AO . -12.80 -38.53 -16.65
C1 BCL AO . -18.18 -40.25 -20.85
C2 BCL AO . -19.53 -40.83 -21.29
C3 BCL AO . -20.68 -40.44 -20.79
C4 BCL AO . -20.85 -39.40 -19.70
C5 BCL AO . -22.01 -41.02 -21.29
C6 BCL AO . -21.95 -42.35 -22.03
C7 BCL AO . -23.35 -42.94 -22.25
C8 BCL AO . -24.20 -42.26 -23.33
C9 BCL AO . -25.61 -42.90 -23.39
C10 BCL AO . -23.52 -42.36 -24.71
C11 BCL AO . -23.00 -41.02 -25.22
C12 BCL AO . -22.45 -41.08 -26.66
C13 BCL AO . -23.43 -41.49 -27.76
C14 BCL AO . -22.92 -41.14 -29.15
C15 BCL AO . -24.82 -40.81 -27.57
C16 BCL AO . -25.84 -41.07 -28.66
C17 BCL AO . -27.33 -40.77 -28.43
C18 BCL AO . -27.98 -41.57 -27.31
C19 BCL AO . -27.74 -43.07 -27.60
C20 BCL AO . -29.48 -41.29 -27.14
C2 0V9 BO . -34.32 -46.83 -8.10
C1 0V9 BO . -33.94 -48.18 -7.48
N 0V9 BO . -36.46 -45.43 -2.67
C3 0V9 BO . -34.98 -45.82 -7.15
C4 0V9 BO . -35.16 -47.38 -3.49
C5 0V9 BO . -35.15 -45.93 -2.99
C10 0V9 BO . -32.84 -46.33 -9.96
C11 0V9 BO . -31.56 -45.64 -10.28
C12 0V9 BO . -31.47 -45.08 -11.69
C13 0V9 BO . -30.15 -44.36 -11.84
C14 0V9 BO . -29.77 -44.06 -13.28
C15 0V9 BO . -28.46 -43.30 -13.34
C16 0V9 BO . -27.83 -43.35 -14.71
C17 0V9 BO . -26.61 -42.44 -14.83
C18 0V9 BO . -25.64 -42.70 -13.74
C19 0V9 BO . -24.47 -43.34 -13.85
C20 0V9 BO . -23.91 -43.99 -15.06
C21 0V9 BO . -22.68 -43.24 -15.58
C22 0V9 BO . -21.87 -44.12 -16.48
C23 0V9 BO . -20.60 -43.45 -16.94
C24 0V9 BO . -19.67 -44.43 -17.65
C25 0V9 BO . -20.21 -44.86 -18.98
C30 0V9 BO . -34.58 -43.73 -8.29
C31 0V9 BO . -35.17 -42.73 -9.22
C32 0V9 BO . -34.38 -42.58 -10.52
C33 0V9 BO . -33.02 -41.94 -10.30
C34 0V9 BO . -32.51 -41.29 -11.58
C35 0V9 BO . -31.65 -40.07 -11.31
C36 0V9 BO . -30.83 -39.67 -12.52
C37 0V9 BO . -30.67 -38.16 -12.62
C38 0V9 BO . -30.37 -37.69 -14.03
C39 0V9 BO . -28.96 -38.03 -14.49
C40 0V9 BO . -28.87 -38.24 -15.98
C41 0V9 BO . -27.50 -37.87 -16.53
C42 0V9 BO . -27.25 -38.52 -17.87
C43 0V9 BO . -25.95 -38.08 -18.49
O4 0V9 BO . -33.64 -46.91 -10.70
O5 0V9 BO . -33.44 -43.75 -7.79
O2 0V9 BO . -33.09 -46.30 -8.61
O3 0V9 BO . -35.46 -44.70 -7.92
O1P 0V9 BO . -35.65 -49.91 -4.67
O2P 0V9 BO . -36.78 -48.77 -6.63
O3P 0V9 BO . -34.33 -48.43 -6.16
O4P 0V9 BO . -35.99 -47.52 -4.62
P 0V9 BO . -35.80 -48.72 -5.67
C1B LMT CO . -6.97 -49.15 -37.04
C2B LMT CO . -8.07 -48.47 -37.90
C3B LMT CO . -8.21 -49.13 -39.28
C4B LMT CO . -6.84 -49.30 -39.96
C5B LMT CO . -5.91 -50.01 -38.96
C6B LMT CO . -4.54 -50.26 -39.59
O1B LMT CO . -7.40 -50.40 -36.57
O2B LMT CO . -9.25 -48.52 -37.21
O3B LMT CO . -9.10 -48.44 -40.08
O4' LMT CO . -6.95 -50.07 -41.10
O5B LMT CO . -5.78 -49.29 -37.76
O6B LMT CO . -3.78 -51.05 -38.78
C1' LMT CO . -8.84 -52.52 -33.45
C2' LMT CO . -9.35 -51.07 -33.43
C3' LMT CO . -8.94 -50.35 -34.75
C4' LMT CO . -7.47 -50.59 -35.16
C5' LMT CO . -7.09 -52.07 -34.86
C6' LMT CO . -5.62 -52.37 -35.09
O1' LMT CO . -9.18 -53.19 -32.31
O2' LMT CO . -10.71 -51.08 -33.37
O3' LMT CO . -9.16 -49.01 -34.64
O5' LMT CO . -7.43 -52.46 -33.55
O6' LMT CO . -5.36 -53.53 -34.40
C1 LMT CO . -8.52 -52.83 -31.11
C2 LMT CO . -9.47 -53.11 -29.97
C3 LMT CO . -9.13 -52.49 -28.65
C4 LMT CO . -10.30 -52.60 -27.70
C5 LMT CO . -9.92 -52.18 -26.31
C6 LMT CO . -10.51 -53.04 -25.23
C7 LMT CO . -10.15 -52.52 -23.86
C8 LMT CO . -10.51 -53.54 -22.83
C9 LMT CO . -10.47 -53.12 -21.37
C10 LMT CO . -9.09 -53.30 -20.76
C11 LMT CO . -8.02 -52.38 -21.29
C12 LMT CO . -6.94 -52.15 -20.29
C1B LMT DO . -40.71 -46.10 -9.22
C2B LMT DO . -41.45 -44.81 -8.81
C3B LMT DO . -40.94 -44.30 -7.44
C4B LMT DO . -40.90 -45.43 -6.39
C5B LMT DO . -40.18 -46.64 -7.01
C6B LMT DO . -40.12 -47.79 -6.01
O1B LMT DO . -39.37 -45.82 -9.49
O2B LMT DO . -41.24 -43.88 -9.80
O3B LMT DO . -41.66 -43.22 -7.02
O4' LMT DO . -40.23 -45.02 -5.26
O5B LMT DO . -40.78 -47.06 -8.21
O6B LMT DO . -39.44 -48.86 -6.55
C1' LMT DO . -36.53 -46.47 -12.48
C2' LMT DO . -37.49 -45.27 -12.69
C3' LMT DO . -38.27 -44.92 -11.40
C4' LMT DO . -38.88 -46.18 -10.77
C5' LMT DO . -37.70 -47.17 -10.60
C6' LMT DO . -38.01 -48.39 -9.78
O1' LMT DO . -36.04 -46.89 -13.69
O2' LMT DO . -36.73 -44.18 -13.04
O3' LMT DO . -39.26 -44.01 -11.66
O5' LMT DO . -37.22 -47.55 -11.87
O6' LMT DO . -36.82 -48.90 -9.37
C1 LMT DO . -35.33 -48.10 -13.70
C2 LMT DO . -34.51 -48.10 -14.97
C3 LMT DO . -33.40 -47.10 -15.04
C4 LMT DO . -32.63 -47.22 -16.34
C5 LMT DO . -31.47 -46.26 -16.29
C6 LMT DO . -30.62 -46.19 -17.53
C7 LMT DO . -29.41 -45.34 -17.21
C8 LMT DO . -28.48 -45.21 -18.37
C9 LMT DO . -27.33 -44.29 -18.06
C10 LMT DO . -26.59 -43.89 -19.32
C11 LMT DO . -25.97 -45.05 -20.04
C12 LMT DO . -24.74 -45.52 -19.35
C1 V7N EO . -28.76 -20.57 -14.82
C10 V7N EO . -27.91 -23.28 -24.69
C11 V7N EO . -27.50 -23.58 -26.01
C12 V7N EO . -26.96 -24.83 -26.33
C13 V7N EO . -26.48 -25.26 -27.58
C14 V7N EO . -26.14 -26.63 -27.78
C15 V7N EO . -25.61 -27.14 -28.97
C16 V7N EO . -24.90 -28.37 -29.04
C17 V7N EO . -24.34 -28.86 -30.23
C18 V7N EO . -23.41 -29.93 -30.31
C19 V7N EO . -22.87 -30.30 -31.57
C2 V7N EO . -29.94 -20.31 -15.79
C20 V7N EO . -22.13 -31.44 -31.86
C21 V7N EO . -21.61 -31.73 -33.17
C22 V7N EO . -21.04 -32.93 -33.55
C23 V7N EO . -20.53 -33.12 -34.94
C24 V7N EO . -19.10 -33.65 -34.96
C25 V7N EO . -18.54 -33.88 -36.32
C26 V7N EO . -18.07 -32.94 -37.17
C27 V7N EO . -17.55 -33.34 -38.52
C28 V7N EO . -17.57 -32.20 -39.52
C29 V7N EO . -17.27 -32.59 -40.92
C3 V7N EO . -29.58 -19.73 -17.10
C30 V7N EO . -27.68 -21.41 -15.49
C31 V7N EO . -28.17 -19.26 -14.33
C33 V7N EO . -28.91 -18.63 -19.88
C34 V7N EO . -27.90 -20.75 -24.81
C35 V7N EO . -26.28 -24.31 -28.70
C36 V7N EO . -23.00 -30.62 -29.07
C37 V7N EO . -20.92 -34.08 -32.63
C38 V7N EO . -18.05 -31.49 -36.84
C39 V7N EO . -16.25 -32.09 -41.65
C4 V7N EO . -29.40 -20.49 -18.22
C40 V7N EO . -16.04 -32.52 -43.05
C41 V7N EO . -28.46 -21.69 -12.70
C43 V7N EO . -15.28 -31.09 -41.14
C5 V7N EO . -29.06 -20.07 -19.54
C6 V7N EO . -28.86 -21.07 -20.51
C7 V7N EO . -28.48 -20.91 -21.85
C8 V7N EO . -28.50 -22.00 -22.71
C9 V7N EO . -28.12 -22.02 -24.08
O32 V7N EO . -29.35 -21.33 -13.75
O42 V7N EO . -27.37 -20.62 -25.92
O44 V7N EO . -16.86 -33.48 -43.52
O45 V7N EO . -15.19 -32.10 -43.85
MG BCL FO . -31.52 -28.23 -17.23
CHA BCL FO . -28.49 -28.66 -18.83
CHB BCL FO . -32.50 -26.26 -19.85
CHC BCL FO . -34.19 -27.23 -15.42
CHD BCL FO . -30.10 -29.52 -14.31
NA BCL FO . -30.58 -27.55 -19.06
C1A BCL FO . -29.37 -27.95 -19.60
C2A BCL FO . -29.32 -27.75 -21.06
C3A BCL FO . -30.44 -26.71 -21.28
C4A BCL FO . -31.25 -26.84 -20.04
CMA BCL FO . -29.88 -25.30 -21.43
CAA BCL FO . -29.56 -29.07 -21.81
CBA BCL FO . -28.61 -29.20 -23.00
CGA BCL FO . -28.63 -28.00 -23.87
O1A BCL FO . -27.74 -27.21 -23.95
O2A BCL FO . -29.75 -27.85 -24.52
NB BCL FO . -33.08 -26.92 -17.55
C1B BCL FO . -33.36 -26.25 -18.73
C2B BCL FO . -34.59 -25.59 -18.64
C3B BCL FO . -35.12 -25.84 -17.37
C4B BCL FO . -34.14 -26.70 -16.72
CMB BCL FO . -35.16 -24.78 -19.80
CAB BCL FO . -36.35 -25.39 -16.71
OBB BCL FO . -36.85 -26.00 -15.75
CBB BCL FO . -37.10 -24.15 -17.14
NC BCL FO . -32.04 -28.33 -15.17
C1C BCL FO . -33.25 -27.94 -14.66
C2C BCL FO . -33.47 -28.37 -13.25
C3C BCL FO . -32.19 -29.13 -12.92
C4C BCL FO . -31.36 -28.99 -14.17
CMC BCL FO . -33.72 -27.18 -12.33
CAC BCL FO . -32.43 -30.61 -12.51
CBC BCL FO . -32.94 -30.74 -11.09
ND BCL FO . -29.71 -28.92 -16.65
C1D BCL FO . -29.24 -29.46 -15.44
C2D BCL FO . -27.89 -29.88 -15.56
C3D BCL FO . -27.54 -29.60 -16.88
C4D BCL FO . -28.64 -29.03 -17.49
CMD BCL FO . -27.07 -30.50 -14.46
CAD BCL FO . -26.51 -29.69 -17.86
OBD BCL FO . -25.36 -30.12 -17.79
CBD BCL FO . -27.08 -29.13 -19.19
CGD BCL FO . -26.22 -28.07 -19.73
O1D BCL FO . -26.25 -26.90 -19.41
O2D BCL FO . -25.35 -28.49 -20.63
CED BCL FO . -24.57 -27.47 -21.31
C1 BCL FO . -29.79 -26.64 -25.32
C2 BCL FO . -31.00 -26.74 -26.20
C3 BCL FO . -32.14 -26.10 -26.13
C4 BCL FO . -32.51 -25.12 -25.02
C5 BCL FO . -33.21 -26.25 -27.22
C6 BCL FO . -32.98 -25.41 -28.50
C7 BCL FO . -31.67 -25.69 -29.24
C8 BCL FO . -31.59 -25.45 -30.76
C9 BCL FO . -31.70 -23.94 -31.06
C10 BCL FO . -32.67 -26.23 -31.54
C11 BCL FO . -32.83 -27.68 -31.14
C12 BCL FO . -33.95 -28.39 -31.90
C13 BCL FO . -34.23 -29.77 -31.28
C14 BCL FO . -33.22 -30.83 -31.75
C15 BCL FO . -35.66 -30.27 -31.62
C16 BCL FO . -36.68 -30.02 -30.50
C17 BCL FO . -37.00 -28.54 -30.21
C18 BCL FO . -37.99 -28.22 -29.09
C19 BCL FO . -39.17 -29.20 -29.23
C20 BCL FO . -38.49 -26.77 -29.14
C2 0V9 GO . -46.76 -29.81 -12.06
C1 0V9 GO . -46.43 -31.07 -11.24
N 0V9 GO . -48.26 -30.26 -6.83
C3 0V9 GO . -46.41 -28.58 -11.25
C4 0V9 GO . -49.34 -29.04 -8.70
C5 0V9 GO . -48.14 -29.15 -7.76
C10 0V9 GO . -45.89 -30.76 -14.22
C11 0V9 GO . -44.90 -30.42 -15.29
C12 0V9 GO . -44.28 -31.66 -15.91
C13 0V9 GO . -43.33 -31.38 -17.07
C14 0V9 GO . -41.86 -31.34 -16.69
C15 0V9 GO . -41.42 -30.07 -15.99
C16 0V9 GO . -41.39 -28.85 -16.90
C17 0V9 GO . -40.38 -29.02 -18.03
C18 0V9 GO . -39.94 -27.70 -18.55
C19 0V9 GO . -38.70 -27.38 -18.95
C20 0V9 GO . -37.52 -28.27 -19.00
C21 0V9 GO . -36.86 -28.24 -20.37
C22 0V9 GO . -35.52 -28.93 -20.39
C23 0V9 GO . -34.84 -28.78 -21.73
C24 0V9 GO . -33.74 -29.81 -21.95
C25 0V9 GO . -33.22 -29.77 -23.36
C30 0V9 GO . -46.73 -26.80 -12.90
C31 0V9 GO . -45.98 -25.82 -13.75
C32 0V9 GO . -44.96 -26.47 -14.68
C33 0V9 GO . -44.27 -25.44 -15.56
C34 0V9 GO . -43.29 -24.60 -14.77
C35 0V9 GO . -42.82 -23.34 -15.49
C36 0V9 GO . -41.90 -23.64 -16.65
C37 0V9 GO . -41.18 -22.42 -17.19
C38 0V9 GO . -40.52 -22.78 -18.50
C39 0V9 GO . -39.46 -21.82 -19.00
C40 0V9 GO . -38.89 -22.37 -20.30
C41 0V9 GO . -37.63 -21.66 -20.76
C42 0V9 GO . -37.33 -21.99 -22.21
C43 0V9 GO . -37.18 -23.47 -22.47
O4 0V9 GO . -46.63 -31.75 -14.14
O5 0V9 GO . -47.94 -26.93 -12.74
O2 0V9 GO . -45.91 -29.80 -13.24
O3 0V9 GO . -45.89 -27.55 -12.10
O1P 0V9 GO . -49.12 -31.87 -8.63
O2P 0V9 GO . -49.37 -31.95 -11.13
O3P 0V9 GO . -47.21 -31.20 -10.09
O4P 0V9 GO . -49.23 -29.79 -9.89
P 0V9 GO . -48.78 -31.32 -10.04
C1B LMT HO . -45.48 -37.75 -9.37
C2B LMT HO . -46.25 -36.98 -8.26
C3B LMT HO . -45.30 -36.08 -7.43
C4B LMT HO . -44.01 -36.83 -7.02
C5B LMT HO . -43.44 -37.49 -8.28
C6B LMT HO . -42.11 -38.19 -7.99
O1B LMT HO . -45.02 -36.87 -10.35
O2B LMT HO . -47.24 -36.26 -8.86
O3B LMT HO . -45.95 -35.52 -6.37
O4' LMT HO . -43.09 -35.96 -6.49
O5B LMT HO . -44.37 -38.39 -8.83
O6B LMT HO . -41.62 -38.74 -9.14
C1' LMT HO . -44.58 -36.76 -14.55
C2' LMT HO . -45.59 -35.77 -13.91
C3' LMT HO . -45.42 -35.69 -12.37
C4' LMT HO . -45.39 -37.09 -11.72
C5' LMT HO . -44.28 -37.86 -12.49
C6' LMT HO . -43.95 -39.24 -11.97
O1' LMT HO . -44.95 -37.06 -15.83
O2' LMT HO . -45.35 -34.51 -14.41
O3' LMT HO . -46.42 -34.95 -11.81
O5' LMT HO . -44.64 -37.99 -13.84
O6' LMT HO . -42.59 -39.29 -11.81
C1 LMT HO . -44.62 -36.13 -16.85
C2 LMT HO . -45.02 -36.80 -18.14
C3 LMT HO . -44.57 -36.17 -19.42
C4 LMT HO . -43.10 -36.44 -19.64
C5 LMT HO . -42.64 -35.87 -20.94
C6 LMT HO . -41.17 -36.02 -21.14
C7 LMT HO . -40.78 -35.48 -22.50
C8 LMT HO . -39.30 -35.53 -22.70
C9 LMT HO . -38.60 -34.20 -22.68
C10 LMT HO . -38.44 -33.75 -21.25
C11 LMT HO . -38.04 -32.30 -21.18
C12 LMT HO . -36.81 -32.02 -21.98
C1 V7N IO . -33.84 -5.82 -15.08
C10 V7N IO . -34.17 -6.77 -25.39
C11 V7N IO . -34.06 -6.85 -26.79
C12 V7N IO . -33.86 -8.08 -27.43
C13 V7N IO . -33.68 -8.31 -28.81
C14 V7N IO . -33.61 -9.64 -29.30
C15 V7N IO . -33.37 -9.98 -30.63
C16 V7N IO . -33.02 -11.29 -31.03
C17 V7N IO . -32.70 -11.64 -32.34
C18 V7N IO . -32.25 -12.91 -32.78
C19 V7N IO . -31.93 -13.11 -34.15
C2 V7N IO . -35.06 -5.55 -15.98
C20 V7N IO . -31.47 -14.29 -34.74
C21 V7N IO . -31.16 -14.40 -36.12
C22 V7N IO . -30.88 -15.58 -36.77
C23 V7N IO . -30.53 -15.62 -38.23
C24 V7N IO . -29.20 -16.30 -38.52
C25 V7N IO . -28.94 -16.41 -39.99
C26 V7N IO . -27.76 -16.13 -40.59
C27 V7N IO . -27.60 -16.26 -42.07
C28 V7N IO . -27.34 -14.91 -42.73
C29 V7N IO . -27.21 -14.93 -44.20
C3 V7N IO . -34.91 -4.71 -17.19
C30 V7N IO . -32.58 -6.11 -15.89
C31 V7N IO . -33.60 -4.65 -14.13
C33 V7N IO . -34.31 -3.08 -19.72
C34 V7N IO . -34.67 -4.31 -25.12
C35 V7N IO . -33.53 -7.17 -29.76
C36 V7N IO . -32.10 -14.01 -31.79
C37 V7N IO . -30.89 -16.89 -36.06
C38 V7N IO . -26.56 -15.69 -39.83
C39 V7N IO . -26.19 -15.42 -44.92
C4 V7N IO . -34.57 -5.24 -18.42
C40 V7N IO . -26.19 -15.37 -46.40
C41 V7N IO . -33.31 -7.52 -13.44
C43 V7N IO . -24.96 -16.04 -44.33
C5 V7N IO . -34.43 -4.56 -19.66
C6 V7N IO . -34.43 -5.35 -20.82
C7 V7N IO . -34.35 -4.93 -22.15
C8 V7N IO . -34.46 -5.88 -23.17
C9 V7N IO . -34.42 -5.65 -24.56
O32 V7N IO . -34.24 -7.00 -14.36
O42 V7N IO . -34.81 -4.01 -26.31
O44 V7N IO . -27.27 -14.84 -46.98
O45 V7N IO . -25.29 -15.75 -47.16
MG BCL JO . -39.15 -11.87 -18.97
CHA BCL JO . -36.38 -12.85 -20.81
CHB BCL JO . -39.54 -9.26 -21.13
CHC BCL JO . -41.29 -10.44 -16.77
CHD BCL JO . -38.16 -14.07 -16.45
NA BCL JO . -38.06 -11.16 -20.71
C1A BCL JO . -37.03 -11.79 -21.38
C2A BCL JO . -36.81 -11.22 -22.76
C3A BCL JO . -37.73 -9.97 -22.76
C4A BCL JO . -38.51 -10.11 -21.50
CMA BCL JO . -36.92 -8.69 -22.78
CAA BCL JO . -37.12 -12.25 -23.86
CBA BCL JO . -37.62 -11.80 -25.24
CGA BCL JO . -36.91 -10.64 -25.85
O1A BCL JO . -35.75 -10.44 -25.79
O2A BCL JO . -37.76 -9.81 -26.37
NB BCL JO . -40.22 -10.11 -18.91
C1B BCL JO . -40.30 -9.19 -19.95
C2B BCL JO . -41.25 -8.20 -19.64
C3B BCL JO . -41.80 -8.50 -18.38
C4B BCL JO . -41.11 -9.72 -17.96
CMB BCL JO . -41.57 -7.04 -20.59
CAB BCL JO . -42.80 -7.83 -17.55
OBB BCL JO . -43.41 -8.41 -16.64
CBB BCL JO . -43.18 -6.38 -17.74
NC BCL JO . -39.64 -12.21 -16.91
C1C BCL JO . -40.59 -11.51 -16.21
C2C BCL JO . -40.88 -12.09 -14.87
C3C BCL JO . -39.94 -13.30 -14.81
C4C BCL JO . -39.13 -13.18 -16.07
CMC BCL JO . -40.66 -11.10 -13.74
CAC BCL JO . -40.67 -14.67 -14.69
CBC BCL JO . -41.15 -14.93 -13.28
ND BCL JO . -37.62 -13.17 -18.64
C1D BCL JO . -37.33 -14.04 -17.59
C2D BCL JO . -36.17 -14.78 -17.85
C3D BCL JO . -35.73 -14.38 -19.11
C4D BCL JO . -36.63 -13.40 -19.55
CMD BCL JO . -35.56 -15.81 -16.93
CAD BCL JO . -34.87 -14.65 -20.19
OBD BCL JO . -33.97 -15.49 -20.31
CBD BCL JO . -35.20 -13.67 -21.35
CGD BCL JO . -34.02 -12.88 -21.73
O1D BCL JO . -33.41 -12.14 -21.00
O2D BCL JO . -33.65 -13.07 -22.99
CED BCL JO . -32.52 -12.29 -23.47
C1 BCL JO . -37.34 -8.51 -26.85
C2 BCL JO . -38.61 -7.89 -27.40
C3 BCL JO . -39.70 -7.56 -26.73
C4 BCL JO . -39.90 -7.69 -25.23
C5 BCL JO . -40.92 -7.04 -27.49
C6 BCL JO . -41.49 -8.02 -28.52
C7 BCL JO . -42.75 -7.55 -29.25
C8 BCL JO . -42.61 -6.62 -30.46
C9 BCL JO . -41.56 -7.19 -31.45
C10 BCL JO . -42.22 -5.18 -30.07
C11 BCL JO . -42.74 -4.14 -31.04
C12 BCL JO . -41.70 -3.60 -32.03
C13 BCL JO . -42.22 -2.54 -33.03
C14 BCL JO . -41.14 -2.14 -34.05
C15 BCL JO . -42.71 -1.24 -32.36
C16 BCL JO . -44.21 -0.91 -32.58
C17 BCL JO . -45.18 -1.99 -32.05
C18 BCL JO . -46.66 -1.75 -32.11
C19 BCL JO . -47.01 -0.83 -30.96
C20 BCL JO . -47.49 -3.05 -32.00
C2 0V9 KO . -54.51 -7.45 -12.37
C1 0V9 KO . -54.50 -7.89 -10.89
N 0V9 KO . -53.36 -10.77 -9.69
C3 0V9 KO . -54.07 -5.99 -12.43
C4 0V9 KO . -55.66 -11.70 -9.38
C5 0V9 KO . -54.48 -10.89 -8.78
C10 0V9 KO . -53.81 -8.71 -14.31
C11 0V9 KO . -52.57 -9.23 -14.98
C12 0V9 KO . -52.39 -8.63 -16.37
C13 0V9 KO . -50.93 -8.62 -16.77
C14 0V9 KO . -50.75 -8.08 -18.17
C15 0V9 KO . -49.34 -7.61 -18.49
C16 0V9 KO . -48.28 -8.66 -18.25
C17 0V9 KO . -46.90 -8.12 -18.61
C18 0V9 KO . -46.66 -8.12 -20.08
C19 0V9 KO . -45.83 -8.94 -20.75
C20 0V9 KO . -44.93 -9.96 -20.17
C21 0V9 KO . -43.67 -10.13 -21.00
C22 0V9 KO . -43.84 -11.10 -22.14
C23 0V9 KO . -42.61 -11.13 -23.02
C24 0V9 KO . -42.64 -12.28 -24.01
C25 0V9 KO . -41.45 -12.26 -24.93
C30 0V9 KO . -52.19 -5.79 -13.95
C31 0V9 KO . -50.70 -5.90 -14.03
C32 0V9 KO . -50.11 -5.08 -15.16
C33 0V9 KO . -48.61 -4.98 -15.01
C34 0V9 KO . -47.99 -4.04 -16.04
C35 0V9 KO . -46.48 -3.95 -15.87
C36 0V9 KO . -45.88 -2.75 -16.58
C37 0V9 KO . -45.11 -3.04 -17.84
C38 0V9 KO . -45.92 -3.85 -18.83
C39 0V9 KO . -45.48 -3.68 -20.28
C40 0V9 KO . -43.99 -3.73 -20.54
C41 0V9 KO . -43.78 -3.87 -22.03
C42 0V9 KO . -42.33 -4.00 -22.44
C43 0V9 KO . -42.21 -4.35 -23.91
O4 0V9 KO . -54.94 -8.57 -14.77
O5 0V9 KO . -53.01 -5.51 -14.84
O2 0V9 KO . -53.58 -8.32 -13.02
O3 0V9 KO . -52.65 -5.92 -12.66
O1P 0V9 KO . -54.79 -10.70 -11.90
O2P 0V9 KO . -57.08 -9.75 -12.32
O3P 0V9 KO . -55.57 -8.74 -10.58
O4P 0V9 KO . -56.51 -10.99 -10.23
P 0V9 KO . -56.08 -9.98 -11.41
#